data_8UIK
#
_entry.id   8UIK
#
_cell.length_a   1.00
_cell.length_b   1.00
_cell.length_c   1.00
_cell.angle_alpha   90.00
_cell.angle_beta   90.00
_cell.angle_gamma   90.00
#
_symmetry.space_group_name_H-M   'P 1'
#
loop_
_entity.id
_entity.type
_entity.pdbx_description
1 polymer 'Proliferation-associated protein 2G4'
2 polymer Serbp1
3 polymer '28S rRNA'
4 polymer '5S rRNA'
5 polymer '5.8S rRNA'
6 polymer '60S ribosomal protein L8'
7 polymer 'Large ribosomal subunit protein uL3'
8 polymer '60S ribosomal protein L4'
9 polymer 'Large ribosomal subunit protein uL18'
10 polymer 'Large ribosomal subunit protein eL6'
11 polymer '60S ribosomal protein L7'
12 polymer '60S ribosomal protein L7a'
13 polymer '60S ribosomal protein L9'
14 polymer 'Ribosomal protein uL16-like'
15 polymer '60S ribosomal protein L11'
16 polymer 'Large ribosomal subunit protein eL13'
17 polymer '60S ribosomal protein L14'
18 polymer '60S ribosomal protein L15'
19 polymer '60S ribosomal protein L13a'
20 polymer '60S ribosomal protein L17'
21 polymer '60S ribosomal protein L18'
22 polymer '60S ribosomal protein L19'
23 polymer '60S ribosomal protein L18a'
24 polymer '60S ribosomal protein L21'
25 polymer 'Heparin-binding protein HBp15'
26 polymer '60S ribosomal protein L23'
27 polymer 'Ribosomal protein L24'
28 polymer '60S ribosomal protein L23a'
29 polymer '60S ribosomal protein L26'
30 polymer '60S ribosomal protein L27'
31 polymer '60S ribosomal protein L27a'
32 polymer 'Large ribosomal subunit protein eL29'
33 polymer '60S ribosomal protein L30'
34 polymer '60S ribosomal protein L31'
35 polymer '60S ribosomal protein L32'
36 polymer '60S ribosomal protein L35a'
37 polymer '60S ribosomal protein L34'
38 polymer '60S ribosomal protein L35'
39 polymer '60S ribosomal protein L36'
40 polymer '60S ribosomal protein L37'
41 polymer '60S ribosomal protein L38'
42 polymer '60S ribosomal protein L39'
43 polymer 'Large ribosomal subunit protein eL40'
44 polymer '60S ribosomal protein L41'
45 polymer '60S ribosomal protein L36a'
46 polymer '60S ribosomal protein L37a'
47 polymer '60S ribosomal protein L28'
48 polymer '60S acidic ribosomal protein P0'
49 polymer '60S ribosomal protein L12'
50 polymer '18S rRNA'
51 polymer '40S ribosomal protein SA'
52 polymer '40S ribosomal protein S3a'
53 polymer '40S ribosomal protein S2'
54 polymer 'Small ribosomal subunit protein uS3'
55 polymer 'Small ribosomal subunit protein eS4, X isoform'
56 polymer '40S ribosomal protein S5'
57 polymer '40S ribosomal protein S6'
58 polymer 'Small ribosomal subunit protein eS7'
59 polymer '40S ribosomal protein S8'
60 polymer '40S ribosomal protein S9'
61 polymer '40S ribosomal protein S10'
62 polymer '40S ribosomal protein S11'
63 polymer 'Small ribosomal subunit protein eS12'
64 polymer '40S ribosomal protein S13'
65 polymer 'Small ribosomal subunit protein uS11'
66 polymer 'Small ribosomal subunit protein uS19'
67 polymer 'Small ribosomal subunit protein uS9'
68 polymer '40S ribosomal protein S17'
69 polymer '40S ribosomal protein S18'
70 polymer '40S ribosomal protein S19'
71 polymer '40S ribosomal protein S20'
72 polymer '40S ribosomal protein S21'
73 polymer '40S ribosomal protein S15a'
74 polymer '40S ribosomal protein S23'
75 polymer '40S ribosomal protein S24'
76 polymer 'Small ribosomal subunit protein eS25'
77 polymer '40S ribosomal protein S26'
78 polymer 'Small ribosomal subunit protein eS27'
79 polymer '40S ribosomal protein S28'
80 polymer '40S ribosomal protein S29'
81 polymer 'Small ribosomal subunit protein eS30'
82 polymer 'Ubiquitin-40S ribosomal protein S27a'
83 polymer 'Receptor of activated protein C kinase 1'
84 non-polymer 'MAGNESIUM ION'
85 non-polymer (3beta)-O~3~-[(2R)-2,6-dihydroxy-2-(2-methoxy-2-oxoethyl)-6-methylheptanoyl]cephalotaxine
86 non-polymer 4-{(2R)-2-[(1S,3S,5S)-3,5-dimethyl-2-oxocyclohexyl]-2-hydroxyethyl}piperidine-2,6-dione
87 non-polymer 'ZINC ION'
#
loop_
_entity_poly.entity_id
_entity_poly.type
_entity_poly.pdbx_seq_one_letter_code
_entity_poly.pdbx_strand_id
1 'polypeptide(L)'
;QQEQTIAEDLVVTKYKMGGDIANRVLRSLVEASSSGVSVLSLCEKGDAMIMEETGKIFKKEKEMKKGIAFPTSISVNNCV
CHFSPLKSDQDYILKEGDLVKIDLGVHVDGFIANVAHTFVVDVAQGTQVTGRKADVIKAAHLCAEAALRLVKPGNQNTQV
TEAWNKVAHSFNCTPIEGMLSHQLKQHVIDGEKTIIQNPTDQQKKDHEKAEFEVHEVYAVDVLVSSGEGKAKDAGQRTTI
YKRDPSKQYGLKMKTSRAFFSEVERRFDAMPFTLRAFEDEKKARMGVVECAKHELLQPFNVLYEKEGEFVAQFKFTVLLM
PNGPMRITSGPFEPDLYKSEMEVQDAELKALLQSSA
;
CA
2 'polypeptide(L)' DGFDSRGKREFDRHSGSDRSGLKHEDKRGGSGSHNWGTVKDELTLDEWKAIQNKD CD
3 'polyribonucleotide'
;CGCGACCUCAGAUCAGACGUGGCGACCCGCUGAAUUUAAGCAUAUUAGUCAGCGGAGGAGAAGAAACUAACCAGGAUUCC
CUCAGUAACGGCGAGUGAACAGGGAAGAGCCCAGCGCCGAAUCCCCGCCCCGCGGCGGGGCGCGGGACAUGUGGCGUACG
GAAGACCCGCUCCCCGGCGCCGCUCGUGGGGGGCCCAAGUCCUUCUGAUCGAGGCCCAGCCCGUGGACGGUGUGAGGCCG
GUAGCGGCCCCCGGCGCGCCGGGCCCGGGUCUUCCCGGAGUCGGGUUGCUUGGGAAUGCAGCCCAAAGCGGGUGGUAAAC
UCCAUCUAAGGCUAAAUACCGGCACGAGACCGAUAGUCAACAAGUACCGUAAGGGAAAGUUGAAAAGAACUUUGAAGAGA
GAGUUCAAGAGGGCGUGAAACCGUUAAGAGGUAAACGGGUGGGGUCCGCGCAGUCCGCCCGGAGGAUUCAACCCGGCGGC
GGGUCCGGCCGUGUCGGCGGCCCGGCGGAUCUUUCCCGCGCGGGGGACCGUCCCCCGACCGGCGACCGGCCGCCGCCGGG
CGCAUUUCCACCGCGGCGGUGCGCCGCGACCGGCUCCGGGACGGCUGGGAAGGCCCGGCGGGGAAGGUGGCUCGGGGGCC
CCCGAGUGUUACAGCCCCCCCGGCAGCAGCACUCGCCGAAUCCCGGGGCCGAGGGAGCGAGACCCGUCGCCGCGCUCUCC
CCCCUCGGGGGGCCGGGCCACCCCUCCCACGGCGCGACCGCUCGGGGCGGACUGUCCCCAGUGCGCCCCGGGCGGGUCGC
GCCGUCGGGCCCGGGGGAGGCCACGCGCGCGUCCCCCGAAGAGGGGGACGGCGGAGCGAGCGCACGGGGUCGGCGGCGAC
GUCGGCUACCCACCCGACCCGUCUUGAAACACGGACCAAGGAGUCUAACACGUGCGCGAGUCGGGGGCUCGCACGAAAGC
CGCCGUGGCGCAAUGAAGGUGAAGGCCGGCGCGCUCGCCGGCCGAGGUGGGAUCCCGAGGCCUCUCCAGUCCGCCGAGGG
CGCACCACCGGCCCGUCUCGCCCGCCGCGCCGGGGAGGUGGAGCACGAGCGCACGUGUUAGGACCCGAAAGAUGGUGAAC
UAUGCCUGGGCAGGGCGAAGCCAGAGGAAACUCUGGUGGAGGUCCGUAGCGGUCCUGACGUGCAAAUCGGUCGUCCGACC
UGGGUAUAGGGGCGAAAGACUAAUCGAACCAUCUAGUAGCUGGUUCCCUCCGAAGUUUCCCUCAGGAUAGCUGGCGCUCU
CGCAGACCCGAGCAGUUUUAUCCGGUAAAGCGAAUGAUUAGAGGUCUUGGGGCCGAAACGAUCUCAACCUAUUCUCAAAC
UUUAAAUGGGUAAGAAGCCCGGCUCGCUGGCGUGGAGCCGGGCGUGGAAUGCGAGUGCCUAGUGGGCCACUUUUGGUAAG
CAGAACUGGCGCUGCGGGAUGAACCGAACGCCGGGUUAAGGCGCCCGAUGCCGACGCUCAUCAGACCCCAGAAAAGGUGU
UGGUUGAUAUAGACAGCAGGACGGUGGCCAUGGAAGUCGGAAUCCGCUAAGGAGUGUGUAACAACUCACCUGCCGAAUCA
ACUAGCCCUGAAAAUGGAUGGCGCUGGAGCGUCGGGCCCAUACCCGGCCGUCGCCGGCAGUCGAGAGUGGACGGGAGCGG
CGGCCGGAGCCCCGCGGACGCUACGCCGCGACGAGUAGGAGGGCCGCUGCGGUGAGCCUUGAAGCCUAGGGCGCGGGCCC
GGGUGGAGCCGCCGCAGGUGCAGAUCUUGGUGGUAGUAGCAAAUAUUCAAACGAGAACUUUGAAGGCCGAAGUGGAGAAG
GGUUCCAUGUGAACAGCAGUUGAACAUGGGUCAGUCGGUCCUGAGAGAUGGGCGAGCGCCGUUCCGAAGGGACGGGCGAU
GGCCUCCGUUGCCCUCGGCCGAUCGAAAGGGAGUCGGGUUCAGAUCCCCGAAUCCGGAGUGGCGGAGAUGGGCGCCGCGA
GGCGUCCAGUGCGGUAACGCGACCGAUCCCGGAGAAGCCGGCGGGAGCCCCGGGGAGAGUUCUCUUUUCUUUGUGAAGGG
CAGGGCGCCCUGGAAUGGGUUCGCCCCGAGAGAGGGGCCCGUGCCUUGGAAAGCGUCGCGGUUCCGGCGGCGUCCGGUGA
GCUCUCGCUGGCCCUUGAAAAUCCGGGGGAGAGGGUGUAAAUCUCGCGCCGGGCCGUACCCAUAUCCGCAGCAGGUCUCC
AAGGUGAACAGCCUCUGGCAUGUUGGAACAAUGUAGGUAAGGGAAGUCGGCAAGCCGGAUCCGUAACUUCGGGAUAAGGA
UUGGCUCUAAGGGCUGGGUCGGUCGCGGCCGGCGCCUAGCAGCCGACUUAGAACUGGUGCGGACCAGGGGAAUCCGACUG
UUUAAUUAAAACAAAGCAUCGCGAAGGCCCGCGGCGGGUGUUGACGCGAUGUGAUUUCUGCCCAGUGCUCUGAAUGUCAA
AGUGAAGAAAUUCAAUGAAGCGCGGGUAAACGGCGGGAGUAACUAUGACUCUCUUAAGGUAGCCAAAUGCCUCGUCAUCU
AAUUAGUGACGCGCAUGAAUGGAUGAACGAGAUUCCCACUGUCCCUACCUACUAUCCAGCGAAACCACAGCCAAGGGAAC
GGGCUUGGCGGAAUCAGCGGGGAAAGAAGACCCUGUUGAGCUUGACUCUAGUCUGGCACGGUGAAGAGACAUGAGAACUC
UGAUCGUUUUUUCACUGACCCGGUGAGGCGGGGGGGCGAGCCCCGAGGGGCUCUCGCUUCUGGCGCCAAGCGCCCGGCCG
CGCGCCGGCCGGGCGCGACCCGCUCCGGGGACAGUGCCAGGUGGGGAGUUUGACUGGGGCGGUACACCUGUCAAACGGUA
ACGCAGGUGUCCUAAGGCGAGCUCAGGGAGGACAGAAACCUCCCGUGGAGCAGAAGGGCAAAAGCUCGCUUGAUCUUGAU
UUUCAGUACGAAUACAGACCGUGAAAGCGGGGCCUCACGAUCCUUCUGACCUUUUGGGUUUUAAGCAGGAGGUGUCAGAA
AAGUUACCACAGGGAUAACUGGCUUGUGGCGGCCAAGCGUUCAUAGCGACGUCGCUUUUUGAUCCUUCGAUGUCGGCUCU
UCCUAUCAUUGUGAAGCAGAAUUCACCAAGCGUUGGAUUGUUCACCCACUAAUAGGGAACGUGAGCUGGGUUUAGACCGU
CGUGAGACAGGUUAGUUUUACCCUACUGAUGAUGUGUUGUUGCCAUGGUAAUCCUGCUCAGUACGAGAGGAACCGCAGGU
UCAGACAUUUGGUGUAUGUGCUUGGCUGAGGAGCCAAUGGGGCGAAGCUACCAUCUGUGGGAUUAUGACUGAACGCCUCU
AAGUCAGAAUCCCGCCCAGGCGGAACGAUACGGCAGCGCCGCGGAGCCUCGGUUGGCCUCGGAUAGCCGGUCCCCCGCCG
GGGUCCGGUGCGGAGUGCCCUUCGUCCUGGGAAACGGGGCGCGGCCGGAGAGGCGGCCGCCCCCUCGCCCGUCACGCACC
GCACGUUCGUGGGGAACCUGGCGCUAAACCAUUCGUAGACGACCUGCUUCUGGGUCGGGGUUUCGUACGUAGCAGAGCAG
CUCCCUCGCUGCGAUCUAUUGAAAGUCAGCCCUCGACACAAGGGUUUGU
;
L5
4 'polyribonucleotide'
;GUCUACGGCCAUACCACCCUGAACGCGCCCGAUCUCGUCUGAUCUCGGAAGCUAAGCAGGGUCGGGCCUGGUUAGUACUU
GGAUGGGAGACCGCCUGGGAAUACCGGGUGCUGUAGGCUU
;
L7
5 'polyribonucleotide'
;CGACUCUUAGCGGUGGAUCACUCGGCUCGUGCGUCGAUGAAGAACGCAGCUAGCUGCGAGAAUUAAUGUGAAUUGCAGGA
CACAUUGAUCAUCGACACUUCGAACGCACUUGCGGCCCCGGGUUCCUCCCGGGGCUACGCCUGUCUGAGCGUCGCU
;
L8
6 'polypeptide(L)'
;GRVIRGQRKGAGSVFRAHVKHRKGAARLRAVDFAERHGYIKGIVKDIIHDPGRGAPLAKVVFRDPYRFKKRTELFIAAEG
IHTGQFVYCGKKAQLNIGNVLPVGTMPEGTIVCCLEEKPGDRGKLARASGNYATVISHNPETKKTRVKLPSGSKKVISSA
NRAVVGVVAGGGRIDKPILKAGRAYHKYKAKRNCWPRVRGVAMNPVEHPFGGGNHQHIGKPSTIRRDAPAGRKVGLIAAR
RTGRLRGT
;
LA
7 'polypeptide(L)'
;SHRKFSAPRHGSLGFLPRKRSSRHRGKVKSFPKDDPSKPVHLTAFLGYKAGMTHIVREVDRPGSKVNKKEVVEAVTIVET
PPMVVVGIVGYVETPRGLRTFKTVFAEHISDECKRRFYKNWHKSKKKAFTKYCKKWQDEDGKKQLEKDFSSMKKYCQVIR
VIAHTQMRLLPLRQKKAHLMEIQVNGGTVAEKLDWARERLEQQVPVNQVFGQDEMIDVIGVTKGKGYKGVTSRWHTKKLP
RKTHRGLRKVACIGAWHPARVAFSVARAGQKGYHHRTEINKKIYKIGQGYLIKDGKLIKNNASTDYDLSDKSINPLGGFV
HYGEVTNDFVMLKGCVVGTKKRVLTLRKSLLVQTKRRALEKIDLKFIDTTSKFGHGRFQTMEEKKAFMGPLKKDRIAKEE
GA
;
LB
8 'polypeptide(L)'
;MACARPLISVYSEKGESSGKNVTLPAVFKAPIRPDIVNFVHTNLRKNNRQPYAVSELAGHQTSAESWGTGRAVARIPRVR
GGGTHRSGQGAFGNMCRGGRMFAPTKTWRRWHRRVNTTQKRYAICSALAASALPALVMSKGHRIEEVPELPLVVEDKVEG
YKKTKEAVLLLKKLKAWNDIKKVYASQRMRAGKGKMRNRRRIQRRGPCIIYNEDNGIIKAFRNIPGITLLNVSKLNILKL
APGGHVGRFCIWTESAFRKLDELYGTWRKAASLKSNYNLPMHKMINTDLSRILKSPEIQRALRAPRKKIHRRVLKKNPLK
NLRIMLKLNPYAKTMRRNTILRQARNHKLRVDKAAAAAAALQAKSDEK
;
LC
9 'polypeptide(L)'
;GFVKVVKNKAYFKRYQVKFRRRREGKTDYYARKRLVIQDKNKYNTPKYRMIVRVTNRDIICQIAYARIEGDMIVCAAYAH
ELPKYGVKVGLTNYAAAYCTGLLLARRLLNRFGMDKIYEGQVEVTGDEYNVESIDGQPGAFTCYLDAGLARTTTGNKVFG
ALKGAVDGGLSIPHSTKRFPGYDSESKEFNAEVHRKHIMGQNVADYMRYLMEEDEDAYKKQFSQYIKNSVTPDMMEEMYK
KAHAAIRENPVYEKKPKKEVKKKRWNRPKMSLAQKKDRVAQKKASFLRAQERA
;
LD
10 'polypeptide(L)'
;PHCSRNPVLVRGIGRYSRSAMYSRKAMYKRKYSAAKSKVEKKKKEKVLATVTKPVGGDKNGGTRVVKLRKMPRYYPTEDV
PRKLLSHGKKPFSQHVRKLRASITPGTILIILTGRHRGKRVVFLKQLASGLLLVTGPLVLNRVPLRRTHQKFVIATSTKI
DISNVKIPKHLTDAYFKKKKLRKPRHQEGEIFDTEKEKYEITEQRKIDQKAVDSQILPKIKAIPQLQGYLRSVFALTNGI
YPHKLVF
;
LE
11 'polypeptide(L)'
;NFAELKIKRLRKKFAQKMLRKARRKLIYEKAKHYHKEYRQMYRTEIRMARMARKAGNFYVPAEPKLAFVIRIRGINGVSP
KVRKVLQLLRLRQIFNGTFVKLNKASINMLRIVEPYIAWGYPNLKSVNELIYKRGYGKINKKRIALTDNALIARSLGKYG
IICMEDLIHEIYTVGKRFKEANNFLWPFKLSSPRGGMKKKTTHFVEGGDAGNREDQINRLIRRMN
;
LF
12 'polypeptide(L)'
;KVVNPLFEKRPKNFGIGQDIQPKRDLTRFVKWPRYIRLQRQRAILYKRLKVPPAINQFTQALDRQTATQLLKLAHKYRPE
TKQEKKQRLLARAEKKAAGKGDVPTKRPPVLRAGVNTVTTLVENKKAQLVVIAHDVDPIELVVFLPALCRKMGVPYCIIK
GKARLGRLVHRKTCTTVAFTQVNSEDKGALAKLVEAIRTNYNDRYDEIRRHWGGNVLGPKSVARIAKLEKAKAKELATKL
G
;
LG
13 'polypeptide(L)'
;MKTILSNQTVDIPENVDITLKGRTVIVKGPRGTLRRDFNHINVELSLLGKKKKRLRVDKWWGNRKELATVRTICSHVQNM
IKGVTLGFRYKMRSVYAHFPINVVIQENGSLVEIRNFLGEKYIRRVRMRPGVACSVSQAQKDELILEGNDIELVSNSAAL
IQQATTVKNKDIRKFLDGIYVSEKGTVQQA
;
LH
14 'polypeptide(L)'
;GRRPARCYRYCKNKPYPKSRFCRGVPDAKIRIFDLGRKKAKVDEFPLGGHMVSDEYEQLSSEALEAARICANKYMVKSCG
RDGFHMRVRLHPFHVIRINKMLSCAGADRLQTGMRGAFGKPQGTVARVHIGQVIMSIRTKLQNEEHVIEALRRAKFKFPG
RQKIHISKKWGFTKFNADEFEDMVAKKCLIPDGCGVKYVPSHGPLDKWRVLHS
;
LI
15 'polypeptide(L)'
;QDQGEKENPMRELRIRKLCLNICVGESGDRLTRAAKVLEQLTGQTPVFSKARYTVRSFGIRRNEKIAVHCTVRGAKAEEI
LEKGLKVREYELRKNNFSDTGNFGFGIQEHIDLGIKYDPSIGIYGLDFYVVLGRPGFSIADKKRRTGCIGAKHRISKEEA
MRWFQQKYDGIILPGK
;
LJ
16 'polypeptide(L)'
;APSRNGMVLKPHFHKDWQRRVATWFNQPARKIRRRKARQAKARRIAPRPASGPIRPIVRCPTVRYHTKVRAGRGFSLEEL
RVAGIHKKVARTIGISVDPRRRNKSTESLQANVQRLKEYRSKLILFPRKPSAPKKGDSSAEELKLATQLTGPVMPVRNVY
KKEKARVITEEEKNFKAFASLRMARANARLFGIRAKRAKEAAEQDVEKKK
;
LL
17 'polypeptide(L)'
;VFRRFVEVGRVAYVSFGPHAGKLVAIVDVIDQNRALVDGPCTQVRRQAMPFKCMQLTDFILKFPHSAHQKYVRQAWQKAD
INTKWAATRWAKKIEARERKAKMTDFDRFKVMKAKKMRNRIIKNEVKKLQKAALLKASP
;
LM
18 'polypeptide(L)'
;GAYKYIQELWRKKQSDVMRFLLRVRCWQYRQLSALHRAPRPTRPDKARRLGYKAKQGYVIYRIRVRRGGRKRPVPKGATY
GKPVHHGVNQLKFARSLQSVAEERAGRHCGALRVLNSYWVGEDSTYKFFEVILIDPFHKAIRRNPDTQWITKPVHKHREM
RGLTSAGRKSRGLGKGHKFHHTIGGSRRAAWRRRNTLQLHRYR
;
LN
19 'polypeptide(L)'
;EVQVLVLDGRGHLLGRLAAIVAKQVLLGRKVVVVRCEGINISGNFYRNKLKYLAFLRKRMNTNPSRGPYHFRAPSRIFWR
TVRGMLPHKTKRGQAALDRLKVFDGIPPPYDKKKRMVVPAALKVVRLKPTRKFAYLGRLAHEVGWKYQAVTATLEEKRKE
KAKIHYRKKKQLMRLRKQAEKNVEKKIDKYTEVLKTHGLLV
;
LO
20 'polypeptide(L)'
;VRYSLDPENPTKSCKSRGSNLRVHFKNTRETAQAIKGMHIRKATKYLKDVTLQKQCVPFRRYNGGVGRCAQAKQWGWTQG
RWPKKSAEFLLHMLKNAESNAELKGLDVDSLVIEHIQVNKAPKMRRRTYRAHGRINPYMSSPCHIEMILTEKE
;
LP
21 'polypeptide(L)'
;GVDIRHNKDRKVRRKEPKSQDIYLRLLVKLYRFLARRTNSTFNQVVLKRLFMSRTNRPPLSLSRMIRKMKLPGRENKTAV
VVGTITDDVRVQEVPKLKVCALRVTSRARSRILRAGGKILTFDQLALDSPKGCGTVLLSGPRKGREVYRHFGKAPGTPHS
HTKPYVRSKGRKFERARGRRASRGYKN
;
LQ
22 'polypeptide(L)'
;SMLRLQKRLASSVLRCGKKKVWLDPNETNEIANANSRQQIRKLIKDGLIIRKPVTVHSRARCRKNTLARRKGRHMGIGKR
KGTANARMPEKVTWMRRMRILRRLLRRYRESKKIDRHMYHSLYLKVKGNVFKNKRILMEHIHKLKADKARKKLLADQAEA
RRSKTKEARKRREERLQAKKEEIIKTL
;
LR
23 'polypeptide(L)'
;KASGTLREYKVVGRCLPTPKCHTPPLYRMRIFAPNHVVAKSRFWYFVSQLKKMKKSSGEIVYCGQVFEKSPLRVKNFGIW
LRYDSRSGTHNMYREYRDLTTAGAVTQCYRDMGARHRARAHSIQIMKVEEIAASKCRRPAVKQFHDSKIKFPLPHRVLRR
QHKPRFTTKRPNTFF
;
LS
24 'polypeptide(L)'
;TNTKGKRRGTRYMFSRPFRKHGVVPLATYMRIYKKGDIVDIKGMGTVQKGMPHKCYHGKTGRVYNVTQHAVGIVVNKQVK
GKILAKRINVRIEHIKHSKSRDSFLKRVKENDQKKKEAKEKGTWVQLKRQPAPPREAHFVRTNGKEPELLEPIPYEFMA
;
LT
25 'polypeptide(L)'
;QVLKFTLDCTHPVEDGIMDAANFEQFLQERIKVNGKAGNLGGGVVTIERSKSKITVTSEVPFSKRYLKYLTKKYLKKNNL
RDWLRVVANSKESYELRYFQI
;
LU
26 'polypeptide(L)'
;SGAKFRISLGLPVGAVINCADNTGAKNLYIISVKGIKGRLNRLPAAGVGDMVMATVKKGKPELRKKVHPAVVIRQRKSYR
RKDGVFLYFEDNAGVIVNNKGEMKGSAITGPVAKECADLWPRIASNAGSIA
;
LV
27 'polypeptide(L)'
;MKVELCSFSGYKIYPGHGRRYARTDGKVFQFLNAKCESAFLSKRNPRQINWTVLYRRKHKKGQSEEIQKKRTRRAVKFQR
AITGASLADIMAKRNQKPEVRKAQREQAIRAAKEAKKAKQASKK
;
LW
28 'polypeptide(L)'
;KKKIRTSPTFRRPKTLRLRRQPKYPRKSAPRRNKLDHYAIIKFPLTTESAMKKIEDNNTLVFIVDVKANKHQIKQAVKKL
YDIDVAKVNTLIRPDGEKKAYVRLAPDYDALDVANKIGII
;
LX
29 'polypeptide(L)'
;MKFNPFVTSDRSKNRKRHFNAPSHIRRKIMSSPLSKELRQKYNVRSMPIRKDDEVQVVRGHYKGQQIGKVVQVYRKKYVI
YIERVQREKANGTTVHVGIHPSKVVITRLKLDKDRKKILERKAKSRQVGKEKGK
;
LY
30 'polypeptide(L)'
;GKFMKPGKVVLVLAGRYSGRKAVIVKNIDDGTSDRPYSHALVAGIDRYPRKVTAAMGKKKIAKRSKIKSFVKVYNYNHLM
PTRYSVDIPLDKTVVNKDVFRDPALKRKARREAKVKFEERYKTGKNKWFFQKLRF
;
LZ
31 'polypeptide(L)'
;PSRLRKTRKLRGHVSHGHGRIGKHRKHPGGRGNAGGLHHHRINFDKYHPGYFGKVGMKHYHLKRNQSFCPTVNLDKLWTL
VSEQTRVNAAKNKTGAAPIIDVVRSGYYKVLGKGKLPKQPVIVKAKFFSRRAEEKIKSVGGACVLVA
;
La
32 'polypeptide(L)'
;AKSKNHTTHNQSRKWHRNGIKKPRSQRYESLKGVDPKFLRNMRFAKKHNKKGLKKMQANNAKAMSARAEAIKALVKPKEV
KPKIPKGVSRKLDRLAYIAHPKLGKRARARIAKGLRLCRPK
;
Lb
33 'polypeptide(L)'
;KSLESINSRLQLVMKSGKYVLGYKQTLKMIRQGKAKLVILANNCPALRKSEIEYYAMLAKTGVHHYSGNNIELGTACGKY
YRVCTLAIIDPGDSDIIR
;
Lc
34 'polypeptide(L)'
;NEVVTREYTINIHKRIHGVGFKKRAPRALKEIRKFAMKEMGTPDVRIDTRLNKAVWAKGIRNVPYRIRVRLSRKRNEDED
SPNKLYTLVTYVPVTTFKNLQTVNVDE
;
Ld
35 'polypeptide(L)'
;AALRPLVKPKIVKKRTKKFIRHQSDRYVKIKRNWRKPRGIDNRVRRRFKGQILMPNIGYGSNKKTKHMLPSGFRKFLVHN
VKELEVLLMCNKSYCAEIAHNVSSKNRKAIVERAAQLAIRVTNPNARL
;
Le
36 'polypeptide(L)'
;SGRLWSKAIFAGYKRGLRNQREHTALLKIEGVYARDETEFYLGKRCAYVYKAKNNTVTPGGKPNKTRVIWGKVTRAHGNS
GMVRAKFRSNLPAKAIGHRIRVMLYPSRI
;
Lf
37 'polypeptide(L)'
;VQRLTYRRRLSYNTASNKTRLSRTPGNRIVYLYTKKVGKAPKSACGVCPGRLRGVRAVRPKVLMRLSKTKKHVSRAYGGS
MCAKCVRDRIKRAFLIEEQKIVVKVLKAQAQSQK
;
Lg
38 'polypeptide(L)'
;AKIKARDLRGKKKEELLKQLDDLKVELSQLRVAKVTGGAASKLSKIRVVRKSIARVLTVINQTQKENLRKFYKGKKYKPL
DLRPKKTRAMRRRLNKHEENLKTKKQQRKERLYPLRKYAVKA
;
Lh
39 'polypeptide(L)'
;ALRYPMAVGLNKGHKVTKNVSKPRHSRRRGRLTKHTKFVRDMIREVCGFAPYERRAMELLKVSKDKRALKFIKKRVGTHI
RAKRKREELSNVLAAMRKAAAK
;
Li
40 'polypeptide(L)'
;TKGTSSFGKRRNKTHTLCRRCGSKAYHLQKSTCGKCGYPAKRKRKYNWSAKAKRRNTTGTGRMRHLKIVYRRFRHGFREG
TTPKPK
;
Lj
41 'polypeptide(L)' PRKIEEIKDFLLTARRKDAKSVKIKKNKDNVKFKVRCSRYLYTLVITDKEKAEKLKQSLPPGLAVKELK Lk
42 'polypeptide(L)' SSHKTFRIKRFLAKKQKQNRPIPQWIRMKTGNKIRYNSKRRHWRRTKLGL Ll
43 'polypeptide(L)' IIEPSLRQLAQKYNCDKMICRKCYARLHPRAVNCRKKKCGHTNNLRPKKKVK Lm
44 'polypeptide(L)' MRAKWRKKRMRRLKRKRRKMRQRS Ln
45 'polypeptide(L)'
;VNVPKTRRTFCKKCGKHQPHKVTQYKKGKDSLYAQGKRRYDRKQSGYGGQTKPIFRKKAKTTKKIVLRLECVEPNCRSKR
MLAIKRCKHFELGGDKKRKGQVIQF
;
Lo
46 'polypeptide(L)'
;AKRTKKVGIVGKYGTRYGASLRKMVKKIEISQHAKYTCSFCGKTKMKRRAVGIWHCGSCMKTVAGGAWTYNTTSAVTVKS
AIRRLKELKDQ
;
Lp
47 'polypeptide(L)'
;SAHLQWMVVRNCSSFLIKRNKQTYSTEPNNLKARNSFRYNGLIHRKTVGVEPAADGKGVVVVIKRRSGQRKPATSYVRTT
INKNARATLSSIRHMIRKNKYRPDLRMAAIRRASAILRSQKPVMV
;
Lr
48 'polypeptide(L)'
;DRATWKSNYFLKIIQLLDDYPKCFIVGADNVGSKQMQQIRMSLRGKAVVLMGKNTMMRKAIRGHLENNPALEKLLPHIRG
NVGFVFTKEDLTEIRDMLLANKVPAAARAGAIAPCEVTVPAQNTGLGPEKTSFFQALGITTKISRGTIEILSDVQLIKTG
DKVGASEATLLNMLNISPFSFGLVIQQVFDNGSIYN
;
Ls
49 'polypeptide(L)'
;PNEIKVVYLRCTGGEVGATSALAPKIGPLGLSPKKVGDDIAKATGDWKGLRITVKLTIQNRQAQIEVVPSASALIIKALK
EITFDEIVNIARQMRHRSLARELSGTIKEILGTAQSVGCNVDGRHPHDIIDDINSGAVECP
;
Lt
50 'polyribonucleotide'
;UACCUGGUUGAUCCUGCCAGUAGCAUAUGCUUGUCUCAAAGAUUAAGCCAUGCAUGUCUAAGUACGCACGGCCGGUACAG
UGAAACUGCGAAUGGCUCAUUAAAUCAGUUAUGGUUCCUUUGGUCGCUCGCUCCUCUCCCACUUGGAUAACUGUGGUAAU
UCUAGAGCUAAUACAUGCCGACGGGCGCUGACCCCCUUCGCGGGGGGGAUGCGUGCAUUUAUCAGUGGUGACUCUAGAUA
ACCUCGGGCCGAUCGCACGCCCCCCGUGGCGGCGACGACCCAUUCGAACGUCUGCCCUAUCAACUUUCGAUGGUAGUCGC
CGUGCCUACCAUGGUGACCACGGGUGACGGGGAAUCAGGGUUCGAUUCCGGAGAGGGAGCCUGAGAAACGGCUACCACAU
CCAAGGAAGGCAGCAGGCGCGCAAAUUACCCACUCCCGACCCGGGGAGGUAGUGACGAAAAAUAACAAUACAGGACUCUU
UCGAGGCCCUGUAAUUGGAAUGAGUCCACUUUAAAUCCUUUAACGAGGAUCCAUUGGAGGGCAAGUCUGGUGCCAGCAGC
CGCGGUAAUUCCAGCUCCAAUAGCGUAUAUUAAAGUUGCUGCAGUUAAAAAGCUCGUAGUUGGAUCUUGGGAGCGGGCGU
CCCCGCCCUCUCGGCCGGGGCCCGAAGCGUUUACUUUGAAAAAAUUAGAGUGUUCAAAGCAGGCCCGAGCCGCCUGGAUA
CCGCAGCUAGGAAUAAUGGAAUAGGACCGCGGUUCUAUUUUGUUGGUUUUCGGAACUGAGGCCAUGAUUAAGAGGGACGG
CCGGGGGCAUUCGUAUUGCGCCGCUAGAGGUGAAAUUCUUGGACCGGCGCAAGACGGACCAGAGCGAAAGCAUUUGCCAA
GAAUGUUUUCAUUAAUCAAGAACGAAAGUCGGAGGUUCGAAGACGAUCAGAUACCGUCGUAGUUCCGACCAUAAACGAUG
CCGACCGGCGAUGCGGCGGCGUUAUUCCCAUGACCCGCCGGGCAGCUUCCGGGAAACCAAAGUCUUUGGGUUCCGGGGGG
AGUAUGGUUGCAAAGCUGAAACUUAAAGGAAUUGACGGAAGGGCACCACCAGGAGUGGAGCCUGCGGCUUAAUUUGACUC
AACACGGGAAACCUCACCCGGCCCGGACACGGACAGGAUUGACAGAUUGAUAGCUCUUUCUCGAUUCCGUGGGUGGUGGU
GCAUGGCCGUUCUUAGUUGGUGGAGCGAUUUGUCUGGUUAAUUCCGAUAACGAACGAGACUCUGGCAUGCUAACUAGUUA
CGCGACCCCCGAGCGGUCGGCGUCCCCCAACUUCUUAGAGGGACAAGUGGCGUUCAGCCACCCGAGAUUGAGCAAUAACA
GGUCUGUGAUGCCCUUAGAUGUCCGGGGCUGCACGCGCGCUACACUGACUGGCUCAGCGUGUGCCUACCCUACGCCGGCA
GGCGCGGGUAACCCGUUGAACCCCAUUCGUGAUGGGGAUCGGGGAUUGCAAUUAUUCCCCAUGAACGAGGAAUUCCCAGU
AAGUGCGGGUCAUAAGCUUGCGUUGAUUAAGUCCCUGCCCUUUGUACACACCGCCCGUCGCUACUACCGAUUGGAUGGUU
UAGUGAGGCCCUCGGAUCGGCCCCGCCGGGGUCGGCCCACGGCCCUGGCGGAGCGCUGAGAAGACGGUCGAACUUGACUA
UCUAGAGGAAGUAAAAGUCGUAACAAGGUUUCCGUAGGUGAACCUGCGGAAGGAUCAUUA
;
S2
51 'polypeptide(L)'
;GALDVLQMKEEDVLKFLAAGTHLGGTNLDFQMEQYIYKRKSDGIYIINLKRTWEKLLLAARAIVAIENPADVSVISSRNT
GQRAVLKFAAATGATPIAGRFTPGTFTNQIQAAFREPRLLVVTDPRADHQPLTEASYVNLPTIALCNTDSPLRYVDIAIP
CNNKGAHSVGLMWWMLAREVLRMRGTISREHPWEVMPDLYFYRDPEEIEKEEQAAAEKAVT
;
SA
52 'polypeptide(L)'
;VVDPFSKKDWYDVKAPAMFNIRNIGKTLVTRTQGTKIASDGLKGRVFEVSLADLQNDEVAFRKFKLITEDVQGKNCLTNF
HGMDLTRDKMCSMVKKWQTMIEAHVDVKTTDGYLLRLFCVGFTKKRNNQIRKTSYAQHQQVRQIRKKMMEIMTREVQTND
LKEVVNKLIPDSIGKDIEKACQSIYPLHDVFVRKVKMLKKPKFELGKLMELHGE
;
SB
53 'polypeptide(L)'
;EWMPVTKLGRLVKDMKIKSLEEIYLFSLPIKESEIIDFFLGASLKDEVLKIMPVQKQTRAGQRTRFKAFVAIGDYNGHVG
LGVKCSKEVATAIRGAIILAKLSIVPVRRGYWGNKIGKPHTVPCKVTGRCGSVLVRLIPAPRGTGIVSAPVPKKLLMMAG
IDDCYTSARGCTATLGNFAKATFDAISKTYSYLTPDLWKETVFTKSPYQEFTDHLVKTHTRV
;
SC
54 'polypeptide(L)'
;MAVQISKKRKFVADGIFKAELNEFLTRELAEDGYSGVEVRVTPTRTEIIILATRTQNVLGEKGRRIRELTAVVQKRFGFP
EGSVELYAEKVATRGLCAIAQAESLRYKLLGGLAVRRACYGVLRFIMESGAKGCEVVVSGKLRGQRAKSMKFVDGLMIHS
GDPVNYYVDTAVRHVLLRQGVLGIKVKIMLPWDPTGKIGPKKPLPDHVSIVEPKDEILPTTPISEQK
;
SD
55 'polypeptide(L)'
;ARGPKKHLKRVAAPKHWMLDKLTGVFAPRPSTGPHKLRECLPLIIFLRNRLKYALTGDEVKKICMQRFIKIDGKVRTDIT
YPAGFMDVISIDKTGENFRLIYDTKGRFAVHRITPEEAKYKLCKVRKIFVGTKGIPHLVTHDARTIRYPDPLIKVNDTIQ
IDLETGKITDFIKFDTGNLCMVTGGANLGRIGVITNRERHPGSFDVVHVKDANGNSFATRLSNIFVIGKGNKPWISLPRG
KGIRLTIAEERDKRLAAKQSSG
;
SE
56 'polypeptide(L)'
;DIKLFGKWSTDDVQINDISLQDYIAVKEKYAKYLPHSAGRYAAKRFRKAQCPIVERLTNSMMMHGRNNGKKLMTVRIVKH
AFEIIHLLTGENPLQVLVNAIINSGPREDSTRIGRAGTVRRQAVDVSPLRRVNQAIWLLCTGAREAAFRNIKTIAECLAD
ELINAAKGSSNSYAIKKKDELERVAKSNR
;
SF
57 'polypeptide(L)'
;MKLNISFPATGCQKLIEVDDERKLRTFYEKRMATEVAADALGEEWKGYVVRISGGNDKQGFPMKQGVLTHGRVRLLLSKG
HSCYRPRRTGERKRKSVRGCIVDANLSVLNLVIVKKGEKDIPGLTDTTVPRRLGPKRASRIRKLFNLSKEDDVRQYVVRK
PLNKEGKKPRTKAPKIQRLVTPRVLQHKRRRIALKKQRTKKNKEEAAEYAKLLAKRMKEAKEKRQEQIAKRRRLSSL
;
SG
58 'polypeptide(L)'
;SAKIVKPNGEKPDEFESGISQALLELEMNSDLKAQLRELNITAAKEIEVGGGRKAIIIFVPVPQLKSFQKIQVRLVRELE
KKFSGKHVVFIAQRRILPKPTRKSRTKNKQKRPRSRTLTAVHDAILEDLVFPSEIVGKRIRVKLDGSRLIKVHLDKAQQN
NVEHKVETFSGVYKKLTGKDVNFEFPEFQ
;
SH
59 'polypeptide(L)'
;GISRDNWHKRRKTGGKRKPYHKKRKYELGRPAANTKIGPRRIHTVRVRGGNKKYRALRLDVGNFSWGSECCTRKTRIIDV
VYNASNNELVRTKTLVKNCIVLIDSTPYRQWYESHYALPLGRKKGAKLTPEEEEILNKKRSKKIQKKYDERKKNAKISSL
LEEQFQQGKLLACIASRPGQCGRADGYVLEGKELEFYLRKIKARKG
;
SI
60 'polypeptide(L)'
;PVARSWVCRKTYVTPRRPFEKSRLDQELKLIGEYGLRNKREVWRVKFTLAKIRKAARELLTLDEKDPRRLFEGNALLRRL
VRIGVLDEGKMKLDYILGLKIEDFLERRLQTQVFKLGLAKSIHHARVLIRQRHIRVRKQVVNIPSFIVRLDSQKHIDFSL
RSPYGGGRPGRVKRKNAKKGQGGAG
;
SJ
61 'polypeptide(L)'
;MLMPKKNRIAIYELLFKEGVMVAKKDVHMPKHPELADKNVPNLHVMKAMQSLKSRGYVKEQFAWRHFYWYLTNEGIQYLR
DYLHLPPEIVPATLRRSR
;
SK
62 'polypeptide(L)'
;ADIQTERAYQKQPTIFQNKKRVLLGETGKEKLPRYYKNIGLGFKTPKEAIEGTYIDKKCPFTGNVSIRGRILSGVVTKMK
MQRTIVIRRDYLHYIRKYNRFEKRHKNMSVHLSPCFRDVQIGDIVTVGECRPLSKTVRFNVLKVTKAAGTKKQ
;
SL
63 'polypeptide(L)'
;VMDVNTALQEVLKTALIHDGLARGIREAAKALDKRQAHLCVLASNCDEPMYVKLVEALCAEHQINLIKVDDNKKLGEWVG
LCKIDREGKPRKVVGCSCVVVKDYGKESQAKDVIEEYFKCKK
;
SM
64 'polypeptide(L)'
;GRMHAPGKGLSQSALPYRRSVPTWLKLTSDDVKEQIYKLAKKGLTPSQIGVILRDSHGVAQVRFVTGNKILRILKSKGLA
PDLPEDLYHLIKKAVAVRKHLERNRKDKDAKFRLILIESRIHRLARYYKTKRVLPPNWKYESSTASALVA
;
SN
65 'polypeptide(L)'
;EQVISLGPQVAEGENVFGVCHIFASFNDTFVHVTDLSGKETICRVTGGMKVKADRDESSPYAAMLAAQDVAQRCKELGIT
ALHIKLRATGGNRTKTPGPGAQSALRALARSGMKIGRIEDVTPIPSDSTRRKGGRRGRRL
;
SO
66 'polypeptide(L)'
;TYRGVDLDQLLDMSYEQLMQLYSARQRRRLNRGLRRKQHSLLKRLRKAKKEAPPMEKPEVVKTHLRDMIILPEMVGSMVG
VYNGKTFNQVEIKPEMIGHYLGEFSITYKPVKHGRPGIGAT
;
SP
67 'polypeptide(L)'
;SKGPLQSVQVFGRKKTATAVAHCKRGNGLIKVNGRPLEMIEPRTLQYKLLEPVLLLGKERFAGVDIRVRVKGGGHVAQIY
AIRQSISKALVAYYQKYVDEASKKEIKDILIQYDRTLLVADPRRCESKKFGGPGARARYQKSYR
;
SQ
68 'polypeptide(L)'
;MGRVRTKTVKKAARVIIEKYYTRLGNDFHTNKRVCEEIAIIPSKKLRNKIAGYVTHLMKRIQRGPVRGISIKLQEEERER
RDNYVPEVSALDQEIIEVDPDTKEMLKLLDFGSLSNLQVTQPTVGMNFKTPRGPV
;
SR
69 'polypeptide(L)'
;MSLVIPEKFQHILRVLNTNIDGRRKIAFAITAIKGVGRRYAHVVLRKADIDLTKRAGELTEDEVERVITIMQNPRQYKIP
DWFLNRQKDVKDGKYSQVLANGLDNKLREDLERLKKIRAHRGLRHFWGLRVRGQHTKTTGRRGRT
;
SS
70 'polypeptide(L)'
;PGVTVKDVNQQEFVRALAAFLKKSGKLKVPEWVDTVKLAKHKELAPYDENWFYTRAASTARHLYLRGGAGVGSMTKIYGG
RQRNGVMPSHFSRGSKSVARRVLQALEGLKMVEKDQDGGRKLTPQGQRDLDRIAGQVAAANKK
;
ST
71 'polypeptide(L)'
;AIHRIRITLTSRNVKSLEKVCADLIRGAKEKNLKVKGPVRMPTKTLRITTRKTPCGEGSKTWDRFQMRIHKRLIDLHSPS
EIVKQITSISIEPGVEVEVTIADA
;
SU
72 'polypeptide(L)'
;MQNDAGEFVDLYVPRKCSASNRIIGAKDHASIQMNVAEVDKVTGRFNGQFKTYAICGAIRRMGESDDSILRLAKADGIVS
KNF
;
SV
73 'polypeptide(L)'
;VRMNVLADALKSINNAEKRGKRQVLIRPCSKVIVRFLTVMMKHGYIGEFEIIDDHRAGKIVVNLTGRLNKCGVISPRFDV
QLKDLEKWQNNLLPSRQFGFIVLTTSAGIMDHEEARRKHTGGKILGFFF
;
SW
74 'polypeptide(L)'
;GKCRGLRTARKLRSHRRDQKWHDKQYKKAHLGTALKANPFGGASHAKGIVLEKVGVEAKQPNSAIRKCVRVQLIKNGKKI
TAFVPNDGCLNFIEENDEVLVAGFGRKGHAVGDIPGVRFKVVKVANVSLLALYKGKKERPR
;
SX
75 'polypeptide(L)'
;NDTVTIRTRKFMTNRLLQRKQMVIDVLHPGKATVPKTEIREKLAKMYKTTPDVIFVFGFRTHFGGGKTTGFGMIYDSLDY
AKKNEPKHRLARHGLYEKKKTSRKQRKERKNRMKKVRGTAKANVGAGKKPK
;
SY
76 'polypeptide(L)' RDKLNNLVLFDKATYDKLCKEVPNYKLITPAVVSERLKIRGSLARAALQELLSKGLIKLVSKHRAQVIYTRNTKG SZ
77 'polypeptide(L)'
;TKKRRNNGRAKKGRGHVQPIRCTNCARCVPKDKAIKKFVIRNIVEAAAVRDISEASVFDAYVLPKLYVKLHYCVSCAIHS
KVVRNRSREARKDRTPPPRFRP
;
Sa
78 'polypeptide(L)'
;PLAKDLLHPSPEEEKRKHKKKRLVQSPNSYFMDVKCPGCYKITTVFSHAQTVVLCVGCSTVLCQPTGGKARLTEGCSFRR
KQH
;
Sb
79 'polypeptide(L)' RVQPIKLARVTKVLGRTGSQGQCTQVRVEFMDDTSRSIIRNVKGPVREGDVLTLLESEREARRL Sc
80 'polypeptide(L)' GHQQLYWSHPRKFGQGSRSCRVCSNRHGLIRKYGLNMCRQCFRQYAKDIGFIKLD Sd
81 'polypeptide(L)' VHGSLARAGKVRGQTPKVAKQEKKKKKTGRAKRRMQYNRRFVNVVPTFGKKKGPNANS Se
82 'polypeptide(L)' YTTPKKNKHKRKKVKLAVLKYYKVDENGKISRLRRECPSDECGAGVFMASHFDRHYCGKCCLTYCFN Sf
83 'polypeptide(L)'
;TEQMTLRGTLKGHNGWVTQIATTPQFPDMILSASRDKTIIMWKLTRDETNYGIPQRALRGHSHFVSDVVISSDGQFALSG
SWDGTLRLWDLTTGTTTRRFVGHTKDVLSVAFSSDNRQIVSGSRDKTIKLWNTLGVCKYTVQDESHSEWVSCVRFSPNSS
NPIIVSCGWDKLVKVWNLANCKLKTNHIGHTGYLNTVTVSPDGSLCASGGKDGQAMLWDLNEGKHLYTLDGGDIINALCF
SPNRYWLCAATGPSIKIWDLEGKIIVDELKQEVISTSSKAEPPQCTSLAWSADGQTLFAGYTDNLVRVWQVTI
;
Sg
#
loop_
_chem_comp.id
_chem_comp.type
_chem_comp.name
_chem_comp.formula
3HE non-polymer 4-{(2R)-2-[(1S,3S,5S)-3,5-dimethyl-2-oxocyclohexyl]-2-hydroxyethyl}piperidine-2,6-dione 'C15 H23 N O4'
A RNA linking ADENOSINE-5'-MONOPHOSPHATE 'C10 H14 N5 O7 P'
C RNA linking CYTIDINE-5'-MONOPHOSPHATE 'C9 H14 N3 O8 P'
G RNA linking GUANOSINE-5'-MONOPHOSPHATE 'C10 H14 N5 O8 P'
HMT non-polymer (3beta)-O~3~-[(2R)-2,6-dihydroxy-2-(2-methoxy-2-oxoethyl)-6-methylheptanoyl]cephalotaxine 'C29 H39 N O9'
MG non-polymer 'MAGNESIUM ION' 'Mg 2'
U RNA linking URIDINE-5'-MONOPHOSPHATE 'C9 H13 N2 O9 P'
ZN non-polymer 'ZINC ION' 'Zn 2'
#
# COMPACT_ATOMS: atom_id res chain seq x y z
N GLN A 1 10.65 -52.70 108.19
CA GLN A 1 11.24 -53.26 109.40
C GLN A 1 11.08 -52.33 110.58
N GLN A 2 10.90 -51.04 110.30
CA GLN A 2 10.78 -50.02 111.34
C GLN A 2 9.36 -49.92 111.90
N GLU A 3 8.40 -50.65 111.34
CA GLU A 3 7.06 -50.67 111.89
C GLU A 3 7.06 -51.39 113.24
N GLN A 4 6.10 -51.02 114.09
CA GLN A 4 6.00 -51.58 115.43
C GLN A 4 4.88 -52.60 115.47
N THR A 5 5.23 -53.85 115.74
CA THR A 5 4.25 -54.92 115.90
C THR A 5 3.90 -55.07 117.38
N ILE A 6 3.23 -56.17 117.73
CA ILE A 6 2.87 -56.44 119.11
C ILE A 6 3.99 -57.14 119.88
N ALA A 7 5.14 -57.37 119.25
CA ALA A 7 6.22 -58.14 119.87
C ALA A 7 6.86 -57.42 121.06
N GLU A 8 6.58 -56.14 121.26
CA GLU A 8 7.20 -55.37 122.34
C GLU A 8 6.25 -55.31 123.53
N ASP A 9 6.83 -55.43 124.73
CA ASP A 9 6.03 -55.50 125.96
C ASP A 9 5.25 -54.20 126.18
N LEU A 10 5.88 -53.05 125.92
CA LEU A 10 5.20 -51.78 126.12
C LEU A 10 4.06 -51.60 125.11
N VAL A 11 4.23 -52.12 123.90
CA VAL A 11 3.15 -52.08 122.91
C VAL A 11 1.97 -52.93 123.36
N VAL A 12 2.25 -54.05 124.03
CA VAL A 12 1.17 -54.89 124.55
C VAL A 12 0.41 -54.13 125.64
N THR A 13 1.13 -53.46 126.53
CA THR A 13 0.48 -52.77 127.65
C THR A 13 -0.40 -51.63 127.17
N LYS A 14 0.05 -50.88 126.16
CA LYS A 14 -0.77 -49.79 125.64
C LYS A 14 -1.95 -50.32 124.84
N TYR A 15 -1.81 -51.49 124.21
CA TYR A 15 -2.97 -52.13 123.61
C TYR A 15 -3.91 -52.66 124.69
N LYS A 16 -3.36 -53.06 125.84
CA LYS A 16 -4.20 -53.46 126.96
C LYS A 16 -5.03 -52.29 127.45
N MET A 17 -4.40 -51.12 127.68
CA MET A 17 -5.17 -49.96 128.09
C MET A 17 -6.02 -49.44 126.94
N GLY A 18 -5.60 -49.69 125.69
CA GLY A 18 -6.47 -49.37 124.56
C GLY A 18 -7.75 -50.18 124.59
N GLY A 19 -7.65 -51.46 124.96
CA GLY A 19 -8.85 -52.24 125.18
C GLY A 19 -9.64 -51.78 126.39
N ASP A 20 -8.94 -51.43 127.47
CA ASP A 20 -9.62 -50.98 128.67
C ASP A 20 -10.34 -49.66 128.43
N ILE A 21 -9.70 -48.74 127.72
CA ILE A 21 -10.33 -47.44 127.46
C ILE A 21 -11.50 -47.59 126.49
N ALA A 22 -11.38 -48.52 125.53
CA ALA A 22 -12.48 -48.73 124.60
C ALA A 22 -13.66 -49.39 125.29
N ASN A 23 -13.40 -50.34 126.18
CA ASN A 23 -14.48 -51.01 126.89
C ASN A 23 -15.21 -50.07 127.85
N ARG A 24 -14.45 -49.26 128.58
CA ARG A 24 -15.06 -48.43 129.62
C ARG A 24 -15.93 -47.33 129.05
N VAL A 25 -15.67 -46.91 127.81
CA VAL A 25 -16.50 -45.85 127.23
C VAL A 25 -17.78 -46.43 126.63
N LEU A 26 -17.73 -47.68 126.17
CA LEU A 26 -18.99 -48.36 125.87
C LEU A 26 -19.82 -48.54 127.13
N ARG A 27 -19.17 -48.92 128.23
CA ARG A 27 -19.88 -49.09 129.50
C ARG A 27 -20.53 -47.80 129.93
N SER A 28 -19.81 -46.68 129.83
CA SER A 28 -20.38 -45.39 130.20
C SER A 28 -21.54 -45.02 129.29
N LEU A 29 -21.42 -45.29 127.99
CA LEU A 29 -22.46 -44.89 127.05
C LEU A 29 -23.71 -45.75 127.19
N VAL A 30 -23.55 -47.07 127.39
CA VAL A 30 -24.72 -47.94 127.48
C VAL A 30 -25.51 -47.66 128.75
N GLU A 31 -24.82 -47.31 129.85
CA GLU A 31 -25.55 -46.97 131.06
C GLU A 31 -26.19 -45.60 130.96
N ALA A 32 -25.60 -44.70 130.17
CA ALA A 32 -26.17 -43.38 129.97
C ALA A 32 -27.30 -43.37 128.95
N SER A 33 -27.53 -44.48 128.26
CA SER A 33 -28.59 -44.56 127.26
C SER A 33 -29.92 -44.77 127.97
N SER A 34 -30.85 -43.83 127.78
CA SER A 34 -32.18 -43.93 128.36
C SER A 34 -33.15 -43.22 127.43
N SER A 35 -34.44 -43.50 127.61
CA SER A 35 -35.45 -42.92 126.76
C SER A 35 -35.51 -41.40 126.93
N GLY A 36 -35.85 -40.72 125.85
CA GLY A 36 -35.93 -39.26 125.88
C GLY A 36 -34.60 -38.56 126.04
N VAL A 37 -33.57 -38.99 125.32
CA VAL A 37 -32.28 -38.31 125.31
C VAL A 37 -31.95 -37.93 123.88
N SER A 38 -30.97 -37.03 123.75
CA SER A 38 -30.54 -36.52 122.45
C SER A 38 -29.37 -37.34 121.94
N VAL A 39 -29.48 -37.81 120.69
CA VAL A 39 -28.38 -38.56 120.10
C VAL A 39 -27.16 -37.67 119.90
N LEU A 40 -27.38 -36.40 119.59
CA LEU A 40 -26.26 -35.46 119.62
C LEU A 40 -25.63 -35.46 121.00
N SER A 41 -26.46 -35.31 122.04
CA SER A 41 -25.96 -35.26 123.43
C SER A 41 -25.08 -36.47 123.74
N LEU A 42 -25.41 -37.63 123.17
CA LEU A 42 -24.57 -38.80 123.34
C LEU A 42 -23.24 -38.64 122.61
N CYS A 43 -23.22 -37.87 121.52
CA CYS A 43 -22.01 -37.79 120.70
C CYS A 43 -20.93 -36.94 121.35
N GLU A 44 -21.26 -35.73 121.82
CA GLU A 44 -20.22 -34.91 122.43
C GLU A 44 -19.78 -35.47 123.77
N LYS A 45 -20.70 -36.01 124.57
CA LYS A 45 -20.26 -36.65 125.81
C LYS A 45 -19.37 -37.85 125.50
N GLY A 46 -19.63 -38.53 124.39
CA GLY A 46 -18.72 -39.57 123.95
C GLY A 46 -17.39 -39.02 123.47
N ASP A 47 -17.41 -37.91 122.74
CA ASP A 47 -16.14 -37.30 122.34
C ASP A 47 -15.47 -36.59 123.50
N ALA A 48 -16.27 -36.02 124.41
CA ALA A 48 -15.68 -35.39 125.60
C ALA A 48 -14.89 -36.40 126.40
N MET A 49 -15.57 -37.38 126.99
CA MET A 49 -14.87 -38.13 128.00
C MET A 49 -13.88 -39.12 127.38
N ILE A 50 -13.83 -39.19 126.04
CA ILE A 50 -12.68 -39.78 125.37
C ILE A 50 -11.47 -38.87 125.52
N MET A 51 -11.69 -37.57 125.31
CA MET A 51 -10.57 -36.65 125.21
C MET A 51 -9.90 -36.37 126.56
N GLU A 52 -10.66 -36.14 127.64
CA GLU A 52 -9.93 -35.81 128.87
C GLU A 52 -9.30 -37.05 129.50
N GLU A 53 -9.85 -38.23 129.26
CA GLU A 53 -9.17 -39.41 129.79
C GLU A 53 -7.90 -39.71 129.00
N THR A 54 -7.87 -39.40 127.70
CA THR A 54 -6.65 -39.60 126.93
C THR A 54 -5.59 -38.56 127.27
N GLY A 55 -6.01 -37.37 127.69
CA GLY A 55 -5.04 -36.38 128.12
C GLY A 55 -4.53 -36.64 129.53
N LYS A 56 -5.37 -37.23 130.38
CA LYS A 56 -5.01 -37.43 131.78
C LYS A 56 -4.16 -38.67 132.02
N ILE A 57 -4.06 -39.58 131.04
CA ILE A 57 -3.30 -40.80 131.22
C ILE A 57 -1.84 -40.55 130.85
N PHE A 58 -0.96 -41.34 131.47
CA PHE A 58 0.47 -41.36 131.16
C PHE A 58 1.10 -39.97 131.34
N LYS A 59 1.07 -39.49 132.59
CA LYS A 59 1.62 -38.19 132.92
C LYS A 59 3.11 -38.10 132.64
N LYS A 60 3.81 -39.23 132.63
CA LYS A 60 5.26 -39.26 132.44
C LYS A 60 5.67 -39.19 130.97
N GLU A 61 4.72 -39.23 130.04
CA GLU A 61 5.03 -39.15 128.60
C GLU A 61 3.96 -38.28 127.94
N LYS A 62 4.30 -37.00 127.71
CA LYS A 62 3.41 -36.05 127.07
C LYS A 62 4.01 -35.53 125.77
N GLU A 63 4.64 -36.42 125.00
CA GLU A 63 5.20 -36.07 123.71
C GLU A 63 4.55 -36.80 122.54
N MET A 64 4.11 -38.04 122.74
CA MET A 64 3.56 -38.84 121.65
C MET A 64 2.19 -38.31 121.23
N LYS A 65 1.69 -38.84 120.12
CA LYS A 65 0.46 -38.36 119.50
C LYS A 65 -0.64 -39.40 119.66
N LYS A 66 -1.76 -38.98 120.25
CA LYS A 66 -2.89 -39.85 120.54
C LYS A 66 -4.17 -39.15 120.12
N GLY A 67 -5.26 -39.91 120.01
CA GLY A 67 -6.52 -39.32 119.64
C GLY A 67 -7.56 -40.37 119.29
N ILE A 68 -8.57 -39.94 118.55
CA ILE A 68 -9.71 -40.78 118.19
C ILE A 68 -9.38 -41.54 116.91
N ALA A 69 -9.58 -42.86 116.94
CA ALA A 69 -9.36 -43.68 115.76
C ALA A 69 -10.61 -43.89 114.93
N PHE A 70 -11.79 -43.70 115.53
CA PHE A 70 -13.06 -43.75 114.81
C PHE A 70 -14.10 -43.00 115.63
N PRO A 71 -14.82 -42.06 115.04
CA PRO A 71 -15.69 -41.18 115.83
C PRO A 71 -16.92 -41.91 116.34
N THR A 72 -17.62 -41.23 117.25
CA THR A 72 -18.85 -41.78 117.83
C THR A 72 -19.95 -41.73 116.78
N SER A 73 -20.27 -42.88 116.19
CA SER A 73 -21.33 -42.99 115.20
C SER A 73 -22.44 -43.86 115.77
N ILE A 74 -23.66 -43.33 115.77
CA ILE A 74 -24.81 -43.98 116.39
C ILE A 74 -25.94 -44.03 115.37
N SER A 75 -26.47 -45.23 115.13
CA SER A 75 -27.56 -45.43 114.17
C SER A 75 -28.67 -46.22 114.85
N VAL A 76 -29.91 -45.73 114.73
CA VAL A 76 -31.04 -46.29 115.46
C VAL A 76 -32.07 -46.82 114.46
N ASN A 77 -32.06 -48.14 114.27
CA ASN A 77 -33.16 -48.89 113.66
C ASN A 77 -33.41 -48.59 112.19
N ASN A 78 -32.70 -47.63 111.61
CA ASN A 78 -32.92 -47.34 110.20
C ASN A 78 -31.65 -47.11 109.40
N CYS A 79 -30.50 -46.87 110.03
CA CYS A 79 -29.25 -46.64 109.32
C CYS A 79 -28.30 -47.78 109.58
N VAL A 80 -27.50 -48.13 108.56
CA VAL A 80 -26.50 -49.18 108.72
C VAL A 80 -25.39 -48.72 109.65
N CYS A 81 -24.68 -47.66 109.26
CA CYS A 81 -23.55 -47.16 110.04
C CYS A 81 -23.18 -45.79 109.49
N HIS A 82 -22.14 -45.19 110.08
CA HIS A 82 -21.59 -43.90 109.66
C HIS A 82 -22.63 -42.79 109.77
N PHE A 83 -23.15 -42.59 110.98
CA PHE A 83 -24.10 -41.53 111.25
C PHE A 83 -23.67 -40.76 112.48
N SER A 84 -23.38 -39.47 112.32
CA SER A 84 -23.00 -38.57 113.40
C SER A 84 -23.39 -37.15 113.02
N PRO A 85 -24.58 -36.69 113.41
CA PRO A 85 -25.09 -35.42 112.88
C PRO A 85 -24.40 -34.22 113.49
N LEU A 86 -24.33 -33.14 112.70
CA LEU A 86 -23.80 -31.88 113.19
C LEU A 86 -24.82 -31.21 114.11
N LYS A 87 -24.37 -30.15 114.79
CA LYS A 87 -25.27 -29.36 115.61
C LYS A 87 -26.32 -28.64 114.76
N SER A 88 -26.05 -28.45 113.48
CA SER A 88 -27.04 -27.86 112.58
C SER A 88 -28.13 -28.85 112.19
N ASP A 89 -27.79 -30.13 112.08
CA ASP A 89 -28.77 -31.13 111.66
C ASP A 89 -29.79 -31.38 112.76
N GLN A 90 -30.93 -31.93 112.35
CA GLN A 90 -32.01 -32.22 113.29
C GLN A 90 -31.58 -33.32 114.26
N ASP A 91 -32.11 -33.24 115.47
CA ASP A 91 -31.77 -34.18 116.52
C ASP A 91 -32.75 -35.35 116.55
N TYR A 92 -32.24 -36.52 116.89
CA TYR A 92 -33.05 -37.72 117.06
C TYR A 92 -33.22 -37.97 118.56
N ILE A 93 -34.48 -38.10 118.99
CA ILE A 93 -34.82 -38.36 120.38
C ILE A 93 -34.97 -39.86 120.55
N LEU A 94 -34.29 -40.42 121.55
CA LEU A 94 -34.28 -41.86 121.78
C LEU A 94 -35.54 -42.24 122.55
N LYS A 95 -36.40 -43.05 121.91
CA LYS A 95 -37.66 -43.47 122.50
C LYS A 95 -37.49 -44.81 123.22
N GLU A 96 -38.60 -45.45 123.56
CA GLU A 96 -38.57 -46.72 124.24
C GLU A 96 -38.32 -47.87 123.25
N GLY A 97 -37.63 -48.89 123.74
CA GLY A 97 -37.50 -50.15 123.02
C GLY A 97 -36.71 -50.10 121.73
N ASP A 98 -36.08 -48.96 121.44
CA ASP A 98 -35.28 -48.85 120.23
C ASP A 98 -33.95 -49.57 120.40
N LEU A 99 -33.39 -49.98 119.26
CA LEU A 99 -32.08 -50.61 119.18
C LEU A 99 -31.11 -49.60 118.58
N VAL A 100 -30.06 -49.28 119.33
CA VAL A 100 -29.05 -48.32 118.88
C VAL A 100 -27.73 -49.04 118.70
N LYS A 101 -27.04 -48.73 117.61
CA LYS A 101 -25.74 -49.32 117.28
C LYS A 101 -24.66 -48.26 117.44
N ILE A 102 -23.68 -48.53 118.30
CA ILE A 102 -22.64 -47.57 118.64
C ILE A 102 -21.35 -47.99 117.96
N ASP A 103 -20.58 -47.00 117.48
CA ASP A 103 -19.28 -47.24 116.88
C ASP A 103 -18.27 -46.27 117.48
N LEU A 104 -17.08 -46.77 117.80
CA LEU A 104 -16.06 -45.96 118.45
C LEU A 104 -14.68 -46.55 118.19
N GLY A 105 -13.67 -45.68 118.16
CA GLY A 105 -12.29 -46.12 118.07
C GLY A 105 -11.32 -45.08 118.59
N VAL A 106 -10.29 -45.52 119.32
CA VAL A 106 -9.28 -44.63 119.88
C VAL A 106 -7.90 -45.07 119.41
N HIS A 107 -7.06 -44.10 119.07
CA HIS A 107 -5.72 -44.38 118.57
C HIS A 107 -4.68 -43.78 119.50
N VAL A 108 -3.62 -44.55 119.73
CA VAL A 108 -2.48 -44.11 120.53
C VAL A 108 -1.21 -44.44 119.75
N ASP A 109 -0.40 -43.42 119.47
CA ASP A 109 0.84 -43.56 118.70
C ASP A 109 0.59 -44.17 117.32
N GLY A 110 -0.60 -43.95 116.77
CA GLY A 110 -0.99 -44.57 115.53
C GLY A 110 -1.54 -45.97 115.66
N PHE A 111 -1.64 -46.51 116.87
CA PHE A 111 -2.14 -47.86 117.10
C PHE A 111 -3.60 -47.80 117.51
N ILE A 112 -4.42 -48.61 116.85
CA ILE A 112 -5.87 -48.43 116.84
C ILE A 112 -6.49 -49.34 117.88
N ALA A 113 -7.43 -48.79 118.66
CA ALA A 113 -8.27 -49.55 119.58
C ALA A 113 -9.72 -49.29 119.20
N ASN A 114 -10.29 -50.19 118.41
CA ASN A 114 -11.60 -50.01 117.81
C ASN A 114 -12.58 -51.05 118.35
N VAL A 115 -13.84 -50.63 118.53
CA VAL A 115 -14.85 -51.50 119.10
C VAL A 115 -16.22 -50.92 118.76
N ALA A 116 -17.24 -51.79 118.73
CA ALA A 116 -18.61 -51.36 118.54
C ALA A 116 -19.55 -52.35 119.21
N HIS A 117 -20.58 -51.81 119.87
CA HIS A 117 -21.56 -52.63 120.58
C HIS A 117 -22.96 -52.19 120.19
N THR A 118 -23.86 -53.16 120.08
CA THR A 118 -25.25 -52.92 119.72
C THR A 118 -26.16 -53.42 120.85
N PHE A 119 -27.17 -52.63 121.19
CA PHE A 119 -28.06 -52.99 122.30
C PHE A 119 -29.39 -52.29 122.14
N VAL A 120 -30.41 -52.82 122.81
CA VAL A 120 -31.75 -52.25 122.83
C VAL A 120 -31.87 -51.40 124.10
N VAL A 121 -32.62 -50.31 123.99
CA VAL A 121 -32.71 -49.32 125.06
C VAL A 121 -33.88 -49.64 125.98
N ASP A 122 -33.74 -49.25 127.24
CA ASP A 122 -34.82 -49.21 128.23
C ASP A 122 -35.53 -50.56 128.36
N VAL A 123 -34.74 -51.61 128.49
CA VAL A 123 -35.26 -52.95 128.72
C VAL A 123 -35.56 -53.09 130.21
N ALA A 124 -36.79 -53.46 130.53
CA ALA A 124 -37.26 -53.49 131.91
C ALA A 124 -36.64 -54.66 132.65
N GLN A 125 -37.06 -54.85 133.90
CA GLN A 125 -36.51 -55.88 134.78
C GLN A 125 -37.36 -57.14 134.64
N GLY A 126 -36.73 -58.24 134.22
CA GLY A 126 -37.41 -59.50 134.07
C GLY A 126 -38.16 -59.67 132.77
N THR A 127 -38.19 -58.66 131.91
CA THR A 127 -38.90 -58.78 130.64
C THR A 127 -38.04 -59.51 129.61
N GLN A 128 -38.71 -60.21 128.70
CA GLN A 128 -38.07 -61.01 127.67
C GLN A 128 -38.41 -60.41 126.32
N VAL A 129 -37.41 -59.86 125.64
CA VAL A 129 -37.62 -59.22 124.34
C VAL A 129 -37.75 -60.30 123.28
N THR A 130 -38.85 -60.25 122.52
CA THR A 130 -39.12 -61.22 121.47
C THR A 130 -39.65 -60.50 120.24
N GLY A 131 -39.37 -61.08 119.08
CA GLY A 131 -39.79 -60.51 117.82
C GLY A 131 -38.76 -60.83 116.75
N ARG A 132 -38.89 -60.14 115.62
CA ARG A 132 -37.87 -60.26 114.58
C ARG A 132 -36.62 -59.47 114.90
N LYS A 133 -36.67 -58.59 115.91
CA LYS A 133 -35.47 -58.00 116.46
C LYS A 133 -34.81 -58.89 117.51
N ALA A 134 -35.46 -59.99 117.89
CA ALA A 134 -34.93 -60.89 118.91
C ALA A 134 -33.88 -61.84 118.37
N ASP A 135 -33.61 -61.83 117.07
CA ASP A 135 -32.68 -62.77 116.46
C ASP A 135 -31.46 -62.12 115.82
N VAL A 136 -31.55 -60.85 115.42
CA VAL A 136 -30.49 -60.25 114.61
C VAL A 136 -29.23 -60.02 115.44
N ILE A 137 -29.35 -59.28 116.53
CA ILE A 137 -28.17 -58.96 117.33
C ILE A 137 -27.63 -60.21 118.00
N LYS A 138 -28.49 -61.16 118.32
CA LYS A 138 -28.00 -62.46 118.78
C LYS A 138 -27.16 -63.13 117.70
N ALA A 139 -27.71 -63.25 116.49
CA ALA A 139 -26.99 -63.86 115.39
C ALA A 139 -25.68 -63.13 115.11
N ALA A 140 -25.67 -61.82 115.28
CA ALA A 140 -24.43 -61.06 115.16
C ALA A 140 -23.42 -61.49 116.22
N HIS A 141 -23.91 -61.86 117.41
CA HIS A 141 -22.99 -62.29 118.45
C HIS A 141 -22.48 -63.70 118.23
N LEU A 142 -23.28 -64.59 117.63
CA LEU A 142 -22.71 -65.87 117.24
C LEU A 142 -21.70 -65.72 116.10
N CYS A 143 -21.84 -64.69 115.27
CA CYS A 143 -20.79 -64.38 114.31
C CYS A 143 -19.50 -64.01 115.01
N ALA A 144 -19.58 -63.16 116.03
CA ALA A 144 -18.39 -62.74 116.76
C ALA A 144 -17.78 -63.90 117.54
N GLU A 145 -18.62 -64.72 118.17
CA GLU A 145 -18.11 -65.88 118.89
C GLU A 145 -17.51 -66.89 117.94
N ALA A 146 -18.11 -67.05 116.75
CA ALA A 146 -17.50 -67.89 115.73
C ALA A 146 -16.18 -67.31 115.25
N ALA A 147 -16.14 -65.98 115.06
CA ALA A 147 -14.90 -65.33 114.65
C ALA A 147 -13.83 -65.44 115.73
N LEU A 148 -14.22 -65.27 116.99
CA LEU A 148 -13.27 -65.37 118.09
C LEU A 148 -12.66 -66.77 118.17
N ARG A 149 -13.49 -67.81 117.97
CA ARG A 149 -12.98 -69.17 117.92
C ARG A 149 -12.20 -69.46 116.65
N LEU A 150 -12.26 -68.57 115.66
CA LEU A 150 -11.62 -68.83 114.37
C LEU A 150 -10.36 -68.01 114.15
N VAL A 151 -10.25 -66.83 114.74
CA VAL A 151 -9.12 -65.94 114.44
C VAL A 151 -7.83 -66.61 114.93
N LYS A 152 -7.01 -67.07 113.98
CA LYS A 152 -5.83 -67.87 114.28
C LYS A 152 -4.98 -67.99 113.02
N PRO A 153 -3.65 -67.99 113.13
CA PRO A 153 -2.82 -68.27 111.96
C PRO A 153 -3.08 -69.67 111.43
N GLY A 154 -3.49 -69.75 110.16
CA GLY A 154 -3.82 -71.02 109.56
C GLY A 154 -5.18 -71.03 108.89
N ASN A 155 -6.07 -70.16 109.36
CA ASN A 155 -7.40 -70.05 108.78
C ASN A 155 -7.44 -69.01 107.68
N GLN A 156 -8.50 -69.07 106.88
CA GLN A 156 -8.65 -68.19 105.73
C GLN A 156 -9.80 -67.21 105.96
N ASN A 157 -9.68 -66.04 105.32
CA ASN A 157 -10.73 -65.03 105.42
C ASN A 157 -12.01 -65.51 104.75
N THR A 158 -11.89 -66.24 103.64
CA THR A 158 -13.08 -66.77 102.96
C THR A 158 -13.84 -67.74 103.84
N GLN A 159 -13.15 -68.41 104.77
CA GLN A 159 -13.84 -69.23 105.75
C GLN A 159 -14.74 -68.38 106.64
N VAL A 160 -14.26 -67.19 107.04
CA VAL A 160 -15.07 -66.27 107.84
C VAL A 160 -16.32 -65.86 107.08
N THR A 161 -16.18 -65.56 105.79
CA THR A 161 -17.31 -65.16 104.96
C THR A 161 -18.38 -66.25 104.93
N GLU A 162 -17.96 -67.49 104.63
CA GLU A 162 -18.91 -68.59 104.59
C GLU A 162 -19.44 -68.95 105.97
N ALA A 163 -18.61 -68.79 107.01
CA ALA A 163 -19.09 -69.01 108.37
C ALA A 163 -20.18 -68.01 108.74
N TRP A 164 -20.00 -66.75 108.37
CA TRP A 164 -21.00 -65.74 108.68
C TRP A 164 -22.23 -65.90 107.78
N ASN A 165 -22.05 -66.48 106.60
CA ASN A 165 -23.19 -66.74 105.73
C ASN A 165 -24.10 -67.80 106.31
N LYS A 166 -23.52 -68.89 106.84
CA LYS A 166 -24.34 -70.02 107.27
C LYS A 166 -25.08 -69.72 108.56
N VAL A 167 -24.48 -68.94 109.46
CA VAL A 167 -25.18 -68.57 110.70
C VAL A 167 -26.32 -67.61 110.40
N ALA A 168 -26.11 -66.69 109.45
CA ALA A 168 -27.17 -65.78 109.05
C ALA A 168 -28.32 -66.56 108.41
N HIS A 169 -28.01 -67.50 107.52
CA HIS A 169 -29.04 -68.35 106.95
C HIS A 169 -29.59 -69.33 107.97
N SER A 170 -28.84 -69.64 109.02
CA SER A 170 -29.41 -70.39 110.13
C SER A 170 -30.44 -69.55 110.87
N PHE A 171 -30.26 -68.24 110.89
CA PHE A 171 -31.23 -67.32 111.47
C PHE A 171 -32.21 -66.78 110.44
N ASN A 172 -32.18 -67.33 109.22
CA ASN A 172 -33.06 -66.90 108.12
C ASN A 172 -32.91 -65.41 107.83
N CYS A 173 -31.69 -64.89 107.96
CA CYS A 173 -31.40 -63.49 107.71
C CYS A 173 -30.17 -63.40 106.81
N THR A 174 -29.91 -62.19 106.32
CA THR A 174 -28.75 -61.96 105.48
C THR A 174 -28.01 -60.71 105.95
N PRO A 175 -26.68 -60.71 105.84
CA PRO A 175 -25.92 -59.53 106.27
C PRO A 175 -26.10 -58.37 105.31
N ILE A 176 -25.66 -57.20 105.77
CA ILE A 176 -25.67 -56.01 104.92
C ILE A 176 -24.67 -56.21 103.79
N GLU A 177 -24.91 -55.55 102.66
CA GLU A 177 -24.20 -55.84 101.43
C GLU A 177 -22.76 -55.33 101.52
N GLY A 178 -21.80 -56.26 101.54
CA GLY A 178 -20.39 -55.98 101.30
C GLY A 178 -19.71 -54.86 102.04
N MET A 179 -19.51 -55.01 103.35
CA MET A 179 -18.70 -54.07 104.11
C MET A 179 -17.25 -54.54 104.12
N LEU A 180 -16.39 -53.77 104.77
CA LEU A 180 -14.95 -54.01 104.71
C LEU A 180 -14.38 -54.11 106.11
N SER A 181 -13.81 -55.27 106.43
CA SER A 181 -13.09 -55.48 107.68
C SER A 181 -11.60 -55.63 107.34
N HIS A 182 -10.76 -54.94 108.11
CA HIS A 182 -9.42 -54.62 107.65
C HIS A 182 -8.36 -55.18 108.59
N GLN A 183 -7.18 -55.42 108.03
CA GLN A 183 -5.98 -55.66 108.82
C GLN A 183 -5.51 -54.34 109.42
N LEU A 184 -5.02 -54.40 110.65
CA LEU A 184 -4.79 -53.20 111.44
C LEU A 184 -3.33 -53.12 111.87
N LYS A 185 -2.77 -51.92 111.79
CA LYS A 185 -1.39 -51.66 112.19
C LYS A 185 -1.23 -50.17 112.42
N GLN A 186 0.00 -49.76 112.71
CA GLN A 186 0.27 -48.37 113.04
C GLN A 186 0.06 -47.46 111.85
N HIS A 187 -0.55 -46.29 112.11
CA HIS A 187 -0.74 -45.21 111.16
C HIS A 187 -1.67 -45.57 110.00
N VAL A 188 -2.26 -46.76 110.01
CA VAL A 188 -3.09 -47.23 108.89
C VAL A 188 -4.43 -47.73 109.42
N ILE A 189 -5.51 -47.30 108.79
CA ILE A 189 -6.84 -47.86 109.04
C ILE A 189 -7.38 -48.62 107.83
N ASP A 190 -6.68 -48.58 106.69
CA ASP A 190 -7.17 -49.20 105.46
C ASP A 190 -6.25 -50.33 105.04
N GLY A 191 -5.90 -51.20 105.98
CA GLY A 191 -5.01 -52.33 105.72
C GLY A 191 -5.42 -53.18 104.54
N GLU A 192 -4.44 -53.51 103.69
CA GLU A 192 -4.74 -54.13 102.40
C GLU A 192 -5.36 -55.51 102.57
N LYS A 193 -4.86 -56.30 103.52
CA LYS A 193 -5.37 -57.65 103.72
C LYS A 193 -6.71 -57.59 104.45
N THR A 194 -7.79 -57.56 103.68
CA THR A 194 -9.10 -57.27 104.23
C THR A 194 -10.02 -58.48 104.15
N ILE A 195 -11.10 -58.42 104.93
CA ILE A 195 -12.13 -59.46 104.96
C ILE A 195 -13.47 -58.77 104.71
N ILE A 196 -14.31 -59.39 103.89
CA ILE A 196 -15.61 -58.85 103.51
C ILE A 196 -16.69 -59.82 103.96
N GLN A 197 -17.87 -59.29 104.26
CA GLN A 197 -18.99 -60.14 104.59
C GLN A 197 -20.16 -59.76 103.70
N ASN A 198 -20.90 -60.78 103.27
CA ASN A 198 -21.93 -60.66 102.24
C ASN A 198 -21.45 -60.00 100.95
N PRO A 199 -20.39 -60.46 100.32
CA PRO A 199 -20.13 -60.10 98.93
C PRO A 199 -21.21 -60.54 97.95
N THR A 200 -21.34 -59.75 96.89
CA THR A 200 -22.00 -60.12 95.65
C THR A 200 -20.92 -60.46 94.62
N ASP A 201 -21.36 -60.79 93.40
CA ASP A 201 -20.46 -61.35 92.39
C ASP A 201 -19.26 -60.46 92.12
N GLN A 202 -19.43 -59.14 92.23
CA GLN A 202 -18.32 -58.22 92.03
C GLN A 202 -17.25 -58.39 93.10
N GLN A 203 -17.67 -58.58 94.35
CA GLN A 203 -16.73 -58.49 95.47
C GLN A 203 -15.78 -59.68 95.51
N LYS A 204 -16.30 -60.91 95.35
CA LYS A 204 -15.42 -62.08 95.42
C LYS A 204 -14.39 -62.07 94.31
N LYS A 205 -14.81 -61.73 93.08
CA LYS A 205 -13.86 -61.67 91.98
C LYS A 205 -12.93 -60.46 92.08
N ASP A 206 -13.24 -59.50 92.95
CA ASP A 206 -12.35 -58.38 93.24
C ASP A 206 -11.67 -58.53 94.59
N HIS A 207 -11.82 -59.68 95.25
CA HIS A 207 -11.19 -59.93 96.55
C HIS A 207 -9.94 -60.79 96.37
N GLU A 208 -9.16 -60.87 97.45
CA GLU A 208 -7.90 -61.59 97.44
C GLU A 208 -7.94 -62.77 98.39
N LYS A 209 -7.15 -63.78 98.06
CA LYS A 209 -6.97 -64.97 98.90
C LYS A 209 -5.82 -64.69 99.88
N ALA A 210 -6.08 -64.89 101.17
CA ALA A 210 -5.11 -64.51 102.18
C ALA A 210 -5.31 -65.35 103.44
N GLU A 211 -4.21 -65.59 104.14
CA GLU A 211 -4.20 -66.39 105.36
C GLU A 211 -3.72 -65.53 106.53
N PHE A 212 -4.38 -65.68 107.68
CA PHE A 212 -4.06 -64.86 108.84
C PHE A 212 -2.63 -65.11 109.30
N GLU A 213 -1.90 -64.04 109.56
CA GLU A 213 -0.51 -64.11 110.01
C GLU A 213 -0.40 -63.62 111.44
N VAL A 214 0.73 -63.93 112.06
CA VAL A 214 0.91 -63.73 113.49
C VAL A 214 1.34 -62.30 113.78
N HIS A 215 1.10 -61.88 115.04
CA HIS A 215 1.51 -60.56 115.55
C HIS A 215 0.93 -59.42 114.73
N GLU A 216 -0.33 -59.56 114.31
CA GLU A 216 -1.01 -58.52 113.57
C GLU A 216 -2.33 -58.20 114.27
N VAL A 217 -2.83 -56.99 114.02
CA VAL A 217 -4.08 -56.56 114.60
C VAL A 217 -5.21 -56.73 113.58
N TYR A 218 -6.44 -56.86 114.08
CA TYR A 218 -7.59 -57.04 113.21
C TYR A 218 -8.81 -56.40 113.85
N ALA A 219 -9.48 -55.52 113.11
CA ALA A 219 -10.76 -54.95 113.53
C ALA A 219 -11.86 -55.81 112.96
N VAL A 220 -12.23 -56.85 113.68
CA VAL A 220 -13.22 -57.82 113.22
C VAL A 220 -14.61 -57.24 113.46
N ASP A 221 -15.41 -57.18 112.40
CA ASP A 221 -16.73 -56.56 112.43
C ASP A 221 -17.75 -57.50 111.80
N VAL A 222 -18.94 -57.54 112.41
CA VAL A 222 -20.09 -58.27 111.89
C VAL A 222 -21.24 -57.31 111.75
N LEU A 223 -21.87 -57.28 110.58
CA LEU A 223 -23.00 -56.41 110.28
C LEU A 223 -24.05 -57.23 109.54
N VAL A 224 -25.14 -57.55 110.23
CA VAL A 224 -26.21 -58.36 109.67
C VAL A 224 -27.52 -57.58 109.75
N SER A 225 -28.47 -57.98 108.92
CA SER A 225 -29.77 -57.35 108.87
C SER A 225 -30.86 -58.42 108.88
N SER A 226 -32.06 -58.01 109.30
CA SER A 226 -33.18 -58.95 109.39
C SER A 226 -33.94 -59.11 108.08
N GLY A 227 -33.63 -58.32 107.06
CA GLY A 227 -34.41 -58.34 105.83
C GLY A 227 -33.66 -58.76 104.60
N GLU A 228 -33.38 -57.81 103.71
CA GLU A 228 -32.76 -58.11 102.43
C GLU A 228 -31.26 -57.84 102.40
N GLY A 229 -30.75 -56.97 103.28
CA GLY A 229 -29.33 -56.72 103.33
C GLY A 229 -28.82 -55.74 102.30
N LYS A 230 -29.69 -55.00 101.63
CA LYS A 230 -29.31 -54.00 100.65
C LYS A 230 -29.48 -52.61 101.26
N ALA A 231 -28.48 -51.75 101.06
CA ALA A 231 -28.46 -50.43 101.67
C ALA A 231 -28.20 -49.38 100.61
N LYS A 232 -28.64 -48.16 100.89
CA LYS A 232 -28.54 -47.05 99.95
C LYS A 232 -28.51 -45.75 100.75
N ASP A 233 -28.63 -44.63 100.04
CA ASP A 233 -28.62 -43.30 100.65
C ASP A 233 -29.95 -42.62 100.42
N ALA A 234 -30.28 -41.67 101.32
CA ALA A 234 -31.50 -40.89 101.22
C ALA A 234 -31.20 -39.40 101.23
N GLY A 235 -30.03 -39.01 100.71
CA GLY A 235 -29.67 -37.61 100.62
C GLY A 235 -29.44 -36.92 101.95
N GLN A 236 -28.87 -37.61 102.91
CA GLN A 236 -28.47 -37.02 104.17
C GLN A 236 -26.96 -36.78 104.16
N ARG A 237 -26.54 -35.64 104.69
CA ARG A 237 -25.17 -35.18 104.52
C ARG A 237 -24.17 -36.14 105.14
N THR A 238 -23.14 -36.47 104.37
CA THR A 238 -22.04 -37.28 104.89
C THR A 238 -21.19 -36.44 105.83
N THR A 239 -20.88 -36.99 106.99
CA THR A 239 -20.10 -36.29 108.00
C THR A 239 -18.74 -36.92 108.25
N ILE A 240 -18.65 -38.24 108.21
CA ILE A 240 -17.39 -38.93 108.49
C ILE A 240 -16.54 -38.96 107.22
N TYR A 241 -15.33 -38.41 107.30
CA TYR A 241 -14.36 -38.46 106.22
C TYR A 241 -13.02 -38.90 106.80
N LYS A 242 -12.20 -39.51 105.96
CA LYS A 242 -10.82 -39.82 106.32
C LYS A 242 -9.90 -39.34 105.21
N ARG A 243 -8.76 -38.76 105.62
CA ARG A 243 -7.81 -38.22 104.66
C ARG A 243 -6.91 -39.33 104.14
N ASP A 244 -6.74 -39.39 102.81
CA ASP A 244 -5.86 -40.36 102.20
C ASP A 244 -4.49 -39.73 101.99
N PRO A 245 -3.42 -40.27 102.57
CA PRO A 245 -2.08 -39.69 102.36
C PRO A 245 -1.48 -40.02 100.99
N SER A 246 -2.18 -40.75 100.13
CA SER A 246 -1.59 -41.16 98.86
C SER A 246 -1.69 -40.06 97.81
N LYS A 247 -2.90 -39.67 97.46
CA LYS A 247 -3.07 -38.66 96.42
C LYS A 247 -2.91 -37.25 96.98
N GLN A 248 -2.45 -36.35 96.12
CA GLN A 248 -2.19 -34.96 96.50
C GLN A 248 -2.59 -34.04 95.36
N TYR A 249 -3.44 -33.07 95.65
CA TYR A 249 -3.89 -32.09 94.68
C TYR A 249 -3.62 -30.69 95.20
N GLY A 250 -3.40 -29.76 94.27
CA GLY A 250 -3.24 -28.37 94.66
C GLY A 250 -4.55 -27.66 94.83
N LEU A 251 -4.98 -27.48 96.08
CA LEU A 251 -6.26 -26.82 96.34
C LEU A 251 -6.17 -25.34 96.01
N LYS A 252 -7.15 -24.85 95.26
CA LYS A 252 -7.21 -23.45 94.86
C LYS A 252 -8.09 -22.63 95.79
N MET A 253 -8.59 -23.23 96.86
CA MET A 253 -9.49 -22.58 97.81
C MET A 253 -8.75 -22.33 99.11
N LYS A 254 -8.80 -21.09 99.60
CA LYS A 254 -8.05 -20.72 100.79
C LYS A 254 -8.57 -21.46 102.03
N THR A 255 -9.89 -21.51 102.19
CA THR A 255 -10.44 -22.17 103.38
C THR A 255 -10.28 -23.68 103.29
N SER A 256 -10.36 -24.25 102.09
CA SER A 256 -10.12 -25.68 101.94
C SER A 256 -8.70 -26.04 102.33
N ARG A 257 -7.74 -25.19 101.96
CA ARG A 257 -6.36 -25.40 102.37
C ARG A 257 -6.22 -25.33 103.89
N ALA A 258 -6.85 -24.32 104.50
CA ALA A 258 -6.83 -24.21 105.96
C ALA A 258 -7.57 -25.37 106.61
N PHE A 259 -8.70 -25.78 106.02
CA PHE A 259 -9.43 -26.93 106.54
C PHE A 259 -8.62 -28.21 106.40
N PHE A 260 -7.97 -28.41 105.26
CA PHE A 260 -7.16 -29.60 105.06
C PHE A 260 -5.93 -29.59 105.97
N SER A 261 -5.31 -28.42 106.15
CA SER A 261 -4.19 -28.32 107.08
C SER A 261 -4.63 -28.61 108.50
N GLU A 262 -5.83 -28.15 108.87
CA GLU A 262 -6.39 -28.48 110.17
C GLU A 262 -6.65 -29.98 110.29
N VAL A 263 -7.15 -30.59 109.21
CA VAL A 263 -7.47 -32.02 109.25
C VAL A 263 -6.22 -32.85 109.48
N GLU A 264 -5.15 -32.57 108.73
CA GLU A 264 -3.93 -33.33 108.89
C GLU A 264 -3.21 -33.03 110.20
N ARG A 265 -3.47 -31.87 110.81
CA ARG A 265 -2.80 -31.54 112.06
C ARG A 265 -3.39 -32.32 113.23
N ARG A 266 -4.71 -32.49 113.27
CA ARG A 266 -5.38 -33.13 114.39
C ARG A 266 -5.77 -34.58 114.10
N PHE A 267 -6.21 -34.88 112.88
CA PHE A 267 -6.73 -36.19 112.49
C PHE A 267 -5.97 -36.71 111.28
N ASP A 268 -4.64 -36.69 111.38
CA ASP A 268 -3.70 -36.89 110.28
C ASP A 268 -4.06 -38.02 109.32
N ALA A 269 -4.53 -39.15 109.84
CA ALA A 269 -4.93 -40.27 108.99
C ALA A 269 -6.26 -40.89 109.35
N MET A 270 -6.75 -40.72 110.57
CA MET A 270 -7.93 -41.43 111.03
C MET A 270 -9.21 -40.71 110.61
N PRO A 271 -10.34 -41.43 110.52
CA PRO A 271 -11.60 -40.78 110.17
C PRO A 271 -12.02 -39.79 111.24
N PHE A 272 -12.65 -38.70 110.81
CA PHE A 272 -13.07 -37.67 111.73
C PHE A 272 -14.53 -37.33 111.55
N THR A 273 -14.98 -36.27 112.21
CA THR A 273 -16.37 -35.85 112.16
C THR A 273 -16.40 -34.32 112.15
N LEU A 274 -17.26 -33.76 111.31
CA LEU A 274 -17.31 -32.32 111.11
C LEU A 274 -17.79 -31.55 112.33
N ARG A 275 -18.30 -32.25 113.36
CA ARG A 275 -18.67 -31.58 114.60
C ARG A 275 -17.47 -30.99 115.33
N ALA A 276 -16.25 -31.39 114.96
CA ALA A 276 -15.05 -30.96 115.65
C ALA A 276 -14.55 -29.60 115.19
N PHE A 277 -15.41 -28.78 114.58
CA PHE A 277 -15.00 -27.47 114.08
C PHE A 277 -15.85 -26.36 114.68
N GLU A 280 -17.49 -25.06 111.86
CA GLU A 280 -18.56 -25.78 111.18
C GLU A 280 -18.96 -25.08 109.88
N LYS A 281 -19.00 -23.75 109.93
CA LYS A 281 -19.27 -22.97 108.74
C LYS A 281 -18.22 -23.15 107.68
N LYS A 282 -16.96 -23.08 108.10
CA LYS A 282 -15.83 -23.15 107.18
C LYS A 282 -15.59 -24.58 106.71
N ALA A 283 -15.75 -25.55 107.61
CA ALA A 283 -15.51 -26.95 107.26
C ALA A 283 -16.52 -27.44 106.23
N ARG A 284 -17.78 -27.03 106.36
CA ARG A 284 -18.81 -27.53 105.47
C ARG A 284 -18.62 -27.06 104.04
N MET A 285 -17.85 -26.01 103.82
CA MET A 285 -17.57 -25.58 102.45
C MET A 285 -16.30 -26.24 101.91
N GLY A 286 -15.26 -26.33 102.75
CA GLY A 286 -14.01 -26.92 102.31
C GLY A 286 -14.12 -28.40 102.04
N VAL A 287 -15.11 -29.07 102.64
CA VAL A 287 -15.26 -30.51 102.47
C VAL A 287 -15.52 -30.86 101.00
N VAL A 288 -16.40 -30.09 100.34
CA VAL A 288 -16.83 -30.46 99.00
C VAL A 288 -15.69 -30.25 97.99
N GLU A 289 -14.73 -29.39 98.31
CA GLU A 289 -13.60 -29.20 97.41
C GLU A 289 -12.53 -30.28 97.62
N CYS A 290 -12.28 -30.65 98.88
CA CYS A 290 -11.32 -31.72 99.13
C CYS A 290 -11.88 -33.10 98.81
N ALA A 291 -13.20 -33.23 98.70
CA ALA A 291 -13.81 -34.49 98.28
C ALA A 291 -14.05 -34.59 96.79
N LYS A 292 -14.24 -33.44 96.11
CA LYS A 292 -14.35 -33.44 94.66
C LYS A 292 -13.07 -33.97 94.02
N HIS A 293 -11.93 -33.56 94.54
CA HIS A 293 -10.64 -34.05 94.09
C HIS A 293 -10.16 -35.24 94.89
N GLU A 294 -11.02 -35.79 95.75
CA GLU A 294 -10.85 -37.09 96.38
C GLU A 294 -9.67 -37.14 97.34
N LEU A 295 -9.31 -36.00 97.94
CA LEU A 295 -8.31 -36.02 98.99
C LEU A 295 -8.80 -36.75 100.23
N LEU A 296 -10.11 -36.73 100.47
CA LEU A 296 -10.72 -37.41 101.60
C LEU A 296 -11.73 -38.42 101.10
N GLN A 297 -11.73 -39.61 101.71
CA GLN A 297 -12.67 -40.65 101.35
C GLN A 297 -13.94 -40.52 102.19
N PRO A 298 -15.10 -40.29 101.59
CA PRO A 298 -16.33 -40.15 102.38
C PRO A 298 -16.82 -41.48 102.91
N PHE A 299 -17.62 -41.39 103.97
CA PHE A 299 -18.30 -42.54 104.57
C PHE A 299 -19.79 -42.18 104.59
N ASN A 300 -20.48 -42.47 103.50
CA ASN A 300 -21.86 -42.08 103.33
C ASN A 300 -22.78 -42.86 104.27
N VAL A 301 -23.95 -42.31 104.51
CA VAL A 301 -24.96 -42.98 105.32
C VAL A 301 -25.63 -44.05 104.47
N LEU A 302 -25.65 -45.28 104.97
CA LEU A 302 -26.29 -46.39 104.30
C LEU A 302 -27.61 -46.68 105.02
N TYR A 303 -28.71 -46.56 104.30
CA TYR A 303 -30.05 -46.69 104.88
C TYR A 303 -30.71 -47.98 104.41
N GLU A 304 -31.61 -48.48 105.23
CA GLU A 304 -32.44 -49.63 104.89
C GLU A 304 -33.89 -49.17 104.71
N LYS A 305 -34.75 -50.13 104.36
CA LYS A 305 -36.17 -49.81 104.20
C LYS A 305 -36.82 -49.54 105.55
N GLU A 306 -37.99 -48.92 105.51
CA GLU A 306 -38.71 -48.56 106.73
C GLU A 306 -39.13 -49.82 107.49
N GLY A 307 -38.83 -49.86 108.78
CA GLY A 307 -39.13 -51.00 109.60
C GLY A 307 -38.07 -52.07 109.63
N GLU A 308 -37.10 -52.02 108.72
CA GLU A 308 -36.02 -52.99 108.72
C GLU A 308 -35.07 -52.74 109.90
N PHE A 309 -34.64 -53.82 110.53
CA PHE A 309 -33.76 -53.76 111.69
C PHE A 309 -32.41 -54.36 111.31
N VAL A 310 -31.34 -53.76 111.85
CA VAL A 310 -29.97 -54.15 111.54
C VAL A 310 -29.23 -54.43 112.83
N ALA A 311 -28.16 -55.21 112.71
CA ALA A 311 -27.34 -55.61 113.85
C ALA A 311 -25.87 -55.42 113.52
N GLN A 312 -25.06 -55.19 114.56
CA GLN A 312 -23.65 -54.89 114.35
C GLN A 312 -22.86 -55.23 115.60
N PHE A 313 -21.59 -55.56 115.41
CA PHE A 313 -20.63 -55.75 116.48
C PHE A 313 -19.24 -55.66 115.89
N LYS A 314 -18.33 -54.93 116.55
CA LYS A 314 -16.95 -54.90 116.10
C LYS A 314 -16.03 -54.68 117.29
N PHE A 315 -14.76 -55.04 117.09
CA PHE A 315 -13.79 -55.11 118.18
C PHE A 315 -12.38 -55.20 117.59
N THR A 316 -11.39 -55.11 118.47
CA THR A 316 -9.97 -55.16 118.11
C THR A 316 -9.31 -56.38 118.73
N VAL A 317 -8.56 -57.14 117.92
CA VAL A 317 -7.94 -58.38 118.38
C VAL A 317 -6.43 -58.34 118.11
N LEU A 318 -5.68 -59.02 118.96
CA LEU A 318 -4.28 -59.33 118.73
C LEU A 318 -4.12 -60.83 118.70
N LEU A 319 -3.43 -61.35 117.66
CA LEU A 319 -3.25 -62.78 117.49
C LEU A 319 -1.87 -63.15 118.04
N MET A 320 -1.84 -63.54 119.30
CA MET A 320 -0.65 -64.15 119.86
C MET A 320 -0.46 -65.55 119.27
N PRO A 321 0.78 -66.04 119.24
CA PRO A 321 0.98 -67.41 118.74
C PRO A 321 0.25 -68.46 119.56
N ASN A 322 0.06 -68.21 120.86
CA ASN A 322 -0.63 -69.15 121.74
C ASN A 322 -2.14 -68.97 121.71
N GLY A 323 -2.66 -68.00 120.98
CA GLY A 323 -4.09 -67.80 120.88
C GLY A 323 -4.48 -66.34 120.84
N PRO A 324 -5.59 -66.03 120.17
CA PRO A 324 -6.08 -64.66 120.13
C PRO A 324 -6.66 -64.23 121.46
N MET A 325 -6.67 -62.91 121.68
CA MET A 325 -7.31 -62.36 122.86
C MET A 325 -8.06 -61.09 122.46
N ARG A 326 -9.22 -60.91 123.07
CA ARG A 326 -10.14 -59.81 122.76
C ARG A 326 -9.96 -58.70 123.80
N ILE A 327 -9.33 -57.59 123.40
CA ILE A 327 -9.14 -56.49 124.35
C ILE A 327 -10.46 -55.81 124.65
N THR A 328 -11.38 -55.76 123.68
CA THR A 328 -12.58 -54.94 123.78
C THR A 328 -13.81 -55.82 123.63
N SER A 329 -14.62 -55.90 124.69
CA SER A 329 -15.80 -56.75 124.73
C SER A 329 -17.05 -55.95 125.06
N GLY A 330 -18.20 -56.44 124.59
CA GLY A 330 -19.46 -55.75 124.79
C GLY A 330 -20.33 -56.39 125.84
N PRO A 331 -21.10 -55.55 126.56
CA PRO A 331 -21.96 -56.03 127.68
C PRO A 331 -23.28 -56.65 127.22
N PHE A 332 -23.23 -57.94 126.89
CA PHE A 332 -24.39 -58.68 126.42
C PHE A 332 -24.68 -59.83 127.37
N GLU A 333 -25.97 -60.16 127.52
CA GLU A 333 -26.36 -61.28 128.35
C GLU A 333 -27.43 -62.12 127.66
N PRO A 334 -27.19 -63.41 127.46
CA PRO A 334 -28.22 -64.28 126.87
C PRO A 334 -29.23 -64.80 127.89
N ASP A 335 -29.05 -64.54 129.19
CA ASP A 335 -30.06 -64.92 130.16
C ASP A 335 -31.33 -64.11 129.97
N LEU A 336 -31.20 -62.81 129.70
CA LEU A 336 -32.34 -61.93 129.49
C LEU A 336 -32.74 -61.84 128.02
N TYR A 337 -32.45 -62.88 127.24
CA TYR A 337 -32.65 -62.83 125.80
C TYR A 337 -32.90 -64.23 125.28
N LYS A 338 -33.66 -64.33 124.20
CA LYS A 338 -33.92 -65.59 123.51
C LYS A 338 -34.30 -65.27 122.08
N SER A 339 -34.71 -66.29 121.33
CA SER A 339 -35.17 -66.12 119.96
C SER A 339 -36.20 -67.18 119.66
N GLU A 340 -36.85 -67.05 118.50
CA GLU A 340 -37.87 -68.00 118.10
C GLU A 340 -37.31 -69.24 117.42
N MET A 341 -35.98 -69.34 117.29
CA MET A 341 -35.36 -70.47 116.63
C MET A 341 -33.88 -70.52 116.99
N GLU A 342 -33.29 -71.68 116.73
CA GLU A 342 -31.91 -71.99 117.09
C GLU A 342 -31.20 -72.52 115.85
N VAL A 343 -29.90 -72.77 115.97
CA VAL A 343 -29.12 -73.29 114.86
C VAL A 343 -29.27 -74.80 114.79
N GLN A 344 -29.40 -75.32 113.57
CA GLN A 344 -29.54 -76.74 113.32
C GLN A 344 -28.29 -77.38 112.75
N ASP A 345 -27.19 -76.63 112.63
CA ASP A 345 -25.95 -77.14 112.04
C ASP A 345 -24.99 -77.59 113.13
N ALA A 346 -24.32 -78.72 112.89
CA ALA A 346 -23.44 -79.31 113.91
C ALA A 346 -22.11 -78.57 114.03
N GLU A 347 -21.60 -78.03 112.92
CA GLU A 347 -20.32 -77.32 112.98
C GLU A 347 -20.41 -76.08 113.86
N LEU A 348 -21.54 -75.38 113.81
CA LEU A 348 -21.72 -74.23 114.69
C LEU A 348 -21.74 -74.67 116.15
N LYS A 349 -22.38 -75.81 116.43
CA LYS A 349 -22.38 -76.35 117.79
C LYS A 349 -20.99 -76.75 118.22
N ALA A 350 -20.18 -77.28 117.29
CA ALA A 350 -18.82 -77.68 117.62
C ALA A 350 -17.98 -76.46 117.99
N LEU A 351 -18.09 -75.37 117.25
CA LEU A 351 -17.25 -74.20 117.51
C LEU A 351 -17.71 -73.45 118.76
N LEU A 352 -19.02 -73.39 119.00
CA LEU A 352 -19.49 -72.69 120.19
C LEU A 352 -19.17 -73.47 121.46
N GLN A 353 -19.18 -74.80 121.40
CA GLN A 353 -18.81 -75.60 122.56
C GLN A 353 -17.33 -75.46 122.87
N SER A 354 -16.50 -75.36 121.83
CA SER A 354 -15.07 -75.13 122.03
C SER A 354 -14.85 -73.71 122.53
N SER A 355 -14.31 -73.58 123.73
CA SER A 355 -14.10 -72.27 124.34
C SER A 355 -12.72 -71.73 123.97
N ALA A 356 -12.31 -70.65 124.64
CA ALA A 356 -11.00 -70.07 124.40
C ALA A 356 -10.12 -70.17 125.64
N THR B 44 53.97 59.57 -106.14
CA THR B 44 53.07 58.64 -105.47
C THR B 44 53.16 57.24 -106.06
N LEU B 45 52.30 56.34 -105.57
CA LEU B 45 52.30 54.97 -106.04
C LEU B 45 51.75 54.87 -107.47
N ASP B 46 50.66 55.59 -107.75
CA ASP B 46 50.02 55.50 -109.05
C ASP B 46 50.95 55.98 -110.17
N GLU B 47 51.65 57.09 -109.94
CA GLU B 47 52.60 57.57 -110.95
C GLU B 47 53.80 56.63 -111.08
N TRP B 48 54.13 55.90 -110.01
CA TRP B 48 55.18 54.88 -110.12
C TRP B 48 54.79 53.80 -111.10
N LYS B 49 53.56 53.30 -111.01
CA LYS B 49 53.11 52.27 -111.95
C LYS B 49 53.02 52.83 -113.37
N ALA B 50 52.61 54.09 -113.50
CA ALA B 50 52.42 54.68 -114.82
C ALA B 50 53.74 54.86 -115.57
N ILE B 51 54.85 55.04 -114.85
CA ILE B 51 56.15 55.23 -115.49
C ILE B 51 56.99 53.96 -115.49
N GLN B 52 56.55 52.91 -114.80
CA GLN B 52 57.30 51.66 -114.76
C GLN B 52 56.74 50.61 -115.71
N ASN B 53 55.44 50.66 -116.02
CA ASN B 53 54.87 49.71 -116.97
C ASN B 53 55.43 49.89 -118.37
N LYS B 54 55.89 51.09 -118.71
CA LYS B 54 56.50 51.33 -120.01
C LYS B 54 57.79 50.53 -120.16
N ASP B 55 58.59 50.45 -119.11
CA ASP B 55 59.83 49.69 -119.14
C ASP B 55 59.81 48.56 -118.12
N GLY F 1 -27.53 -6.94 19.75
CA GLY F 1 -28.59 -7.46 20.58
C GLY F 1 -28.56 -6.93 22.00
N ARG F 2 -27.51 -6.17 22.31
CA ARG F 2 -27.29 -5.66 23.65
C ARG F 2 -27.58 -4.16 23.68
N VAL F 3 -28.16 -3.71 24.80
CA VAL F 3 -28.51 -2.30 24.96
C VAL F 3 -27.25 -1.46 24.98
N ILE F 4 -27.23 -0.40 24.19
CA ILE F 4 -26.04 0.40 23.97
C ILE F 4 -25.88 1.42 25.09
N ARG F 5 -24.68 1.98 25.20
CA ARG F 5 -24.46 3.09 26.12
C ARG F 5 -25.22 4.31 25.61
N GLY F 6 -25.72 5.10 26.52
CA GLY F 6 -26.63 6.19 26.16
C GLY F 6 -28.06 5.75 26.28
N GLN F 7 -28.37 4.56 25.75
CA GLN F 7 -29.64 3.93 26.08
C GLN F 7 -29.68 3.59 27.56
N ARG F 8 -28.56 3.12 28.12
CA ARG F 8 -28.48 2.81 29.54
C ARG F 8 -28.49 4.06 30.41
N LYS F 9 -28.22 5.23 29.83
CA LYS F 9 -28.12 6.46 30.62
C LYS F 9 -29.46 6.88 31.20
N GLY F 10 -30.55 6.66 30.48
CA GLY F 10 -31.85 7.05 30.98
C GLY F 10 -32.40 6.16 32.06
N ALA F 11 -31.76 5.02 32.31
CA ALA F 11 -32.22 4.09 33.34
C ALA F 11 -31.88 4.56 34.74
N GLY F 12 -31.06 5.59 34.90
CA GLY F 12 -30.75 6.05 36.24
C GLY F 12 -29.41 5.61 36.79
N SER F 13 -29.43 4.50 37.54
CA SER F 13 -28.54 4.19 38.66
C SER F 13 -27.10 4.66 38.54
N VAL F 14 -26.37 4.22 37.51
CA VAL F 14 -24.95 4.53 37.48
C VAL F 14 -24.70 5.94 36.92
N PHE F 15 -25.60 6.44 36.08
CA PHE F 15 -25.41 7.71 35.41
C PHE F 15 -26.14 8.86 36.10
N ARG F 16 -26.64 8.64 37.32
CA ARG F 16 -27.26 9.71 38.08
C ARG F 16 -26.22 10.75 38.48
N ALA F 17 -26.69 11.98 38.67
CA ALA F 17 -25.79 13.08 39.00
C ALA F 17 -25.25 12.92 40.42
N HIS F 18 -24.03 13.45 40.64
CA HIS F 18 -23.37 13.40 41.93
C HIS F 18 -23.71 14.69 42.67
N VAL F 19 -24.80 14.65 43.43
CA VAL F 19 -25.35 15.85 44.06
C VAL F 19 -25.19 15.78 45.57
N LYS F 20 -24.17 15.07 46.05
CA LYS F 20 -23.98 14.93 47.48
C LYS F 20 -23.56 16.25 48.12
N HIS F 21 -22.56 16.91 47.55
CA HIS F 21 -21.97 18.09 48.15
C HIS F 21 -22.42 19.40 47.50
N ARG F 22 -23.46 19.36 46.68
CA ARG F 22 -23.96 20.58 46.06
C ARG F 22 -24.65 21.45 47.11
N LYS F 23 -24.54 22.76 46.92
CA LYS F 23 -24.96 23.73 47.93
C LYS F 23 -26.45 24.05 47.86
N GLY F 24 -27.19 23.47 46.92
CA GLY F 24 -28.61 23.72 46.80
C GLY F 24 -28.97 24.18 45.40
N ALA F 25 -30.28 24.28 45.18
CA ALA F 25 -30.76 24.78 43.91
C ALA F 25 -30.52 26.28 43.81
N ALA F 26 -29.86 26.71 42.73
CA ALA F 26 -29.56 28.11 42.51
C ALA F 26 -30.73 28.75 41.79
N ARG F 27 -31.52 29.55 42.50
CA ARG F 27 -32.74 30.09 41.92
C ARG F 27 -33.12 31.36 42.66
N LEU F 28 -33.92 32.18 41.98
CA LEU F 28 -34.40 33.42 42.58
C LEU F 28 -35.43 33.12 43.67
N ARG F 29 -35.81 34.17 44.39
CA ARG F 29 -36.86 34.01 45.39
C ARG F 29 -38.22 34.01 44.71
N ALA F 30 -39.20 33.41 45.39
CA ALA F 30 -40.54 33.33 44.84
C ALA F 30 -41.15 34.73 44.74
N VAL F 31 -41.84 34.98 43.63
CA VAL F 31 -42.47 36.28 43.43
C VAL F 31 -43.61 36.45 44.43
N ASP F 32 -43.63 37.59 45.10
CA ASP F 32 -44.66 37.89 46.09
C ASP F 32 -45.07 39.34 45.92
N PHE F 33 -45.81 39.86 46.90
CA PHE F 33 -46.32 41.23 46.79
C PHE F 33 -45.19 42.24 46.78
N ALA F 34 -44.16 42.02 47.59
CA ALA F 34 -43.05 42.96 47.66
C ALA F 34 -42.34 43.07 46.32
N GLU F 35 -42.13 41.95 45.64
CA GLU F 35 -41.43 41.94 44.36
C GLU F 35 -42.35 42.28 43.19
N ARG F 36 -43.65 42.43 43.43
CA ARG F 36 -44.60 42.73 42.37
C ARG F 36 -45.04 44.19 42.37
N HIS F 37 -45.05 44.85 43.53
CA HIS F 37 -45.48 46.24 43.62
C HIS F 37 -44.38 47.19 44.07
N GLY F 38 -43.29 46.69 44.63
CA GLY F 38 -42.21 47.54 45.08
C GLY F 38 -40.86 46.90 44.91
N TYR F 39 -40.02 46.96 45.94
CA TYR F 39 -38.75 46.25 45.94
C TYR F 39 -38.45 45.77 47.35
N ILE F 40 -37.68 44.69 47.43
CA ILE F 40 -37.24 44.14 48.70
C ILE F 40 -35.71 44.13 48.71
N LYS F 41 -35.13 44.48 49.85
CA LYS F 41 -33.70 44.68 49.97
C LYS F 41 -33.09 43.51 50.73
N GLY F 42 -32.03 42.95 50.16
CA GLY F 42 -31.33 41.85 50.80
C GLY F 42 -29.84 42.03 50.67
N ILE F 43 -29.11 41.54 51.68
CA ILE F 43 -27.67 41.74 51.79
C ILE F 43 -26.97 40.45 51.40
N VAL F 44 -26.01 40.55 50.48
CA VAL F 44 -25.19 39.40 50.11
C VAL F 44 -24.30 39.04 51.29
N LYS F 45 -24.46 37.82 51.80
CA LYS F 45 -23.72 37.36 52.96
C LYS F 45 -22.48 36.57 52.60
N ASP F 46 -22.60 35.61 51.67
CA ASP F 46 -21.47 34.77 51.33
C ASP F 46 -21.55 34.41 49.86
N ILE F 47 -20.39 34.12 49.28
CA ILE F 47 -20.27 33.64 47.91
C ILE F 47 -19.51 32.32 47.95
N ILE F 48 -20.13 31.27 47.42
CA ILE F 48 -19.66 29.91 47.61
C ILE F 48 -19.45 29.25 46.26
N HIS F 49 -18.73 28.13 46.28
CA HIS F 49 -18.47 27.33 45.09
C HIS F 49 -19.37 26.11 45.11
N ASP F 50 -20.28 26.02 44.14
CA ASP F 50 -21.15 24.87 44.02
C ASP F 50 -20.47 23.83 43.14
N PRO F 51 -20.20 22.62 43.65
CA PRO F 51 -19.49 21.62 42.86
C PRO F 51 -20.23 21.23 41.59
N GLY F 52 -19.49 21.08 40.51
CA GLY F 52 -20.00 20.56 39.26
C GLY F 52 -20.61 21.59 38.32
N ARG F 53 -20.77 22.83 38.77
CA ARG F 53 -21.38 23.87 37.96
C ARG F 53 -20.58 25.15 38.04
N GLY F 54 -19.27 25.07 37.82
CA GLY F 54 -18.39 26.12 38.28
C GLY F 54 -18.73 27.50 37.76
N ALA F 55 -19.39 28.23 38.66
CA ALA F 55 -19.88 29.59 38.61
C ALA F 55 -20.30 29.90 40.03
N PRO F 56 -19.85 31.00 40.62
CA PRO F 56 -20.15 31.25 42.03
C PRO F 56 -21.65 31.38 42.30
N LEU F 57 -22.06 30.92 43.48
CA LEU F 57 -23.40 31.14 43.98
C LEU F 57 -23.35 32.21 45.07
N ALA F 58 -24.44 32.96 45.18
CA ALA F 58 -24.54 34.04 46.15
C ALA F 58 -25.56 33.68 47.21
N LYS F 59 -25.16 33.76 48.48
CA LYS F 59 -26.05 33.52 49.60
C LYS F 59 -26.56 34.87 50.09
N VAL F 60 -27.77 35.23 49.67
CA VAL F 60 -28.36 36.53 49.97
C VAL F 60 -29.44 36.34 51.02
N VAL F 61 -29.39 37.16 52.08
CA VAL F 61 -30.31 37.05 53.19
C VAL F 61 -31.34 38.16 53.09
N PHE F 62 -32.61 37.80 53.13
CA PHE F 62 -33.72 38.73 53.03
C PHE F 62 -34.52 38.73 54.32
N ARG F 63 -35.41 39.72 54.43
CA ARG F 63 -36.31 39.85 55.57
C ARG F 63 -37.70 39.43 55.15
N ASP F 64 -38.30 38.51 55.90
CA ASP F 64 -39.65 38.08 55.60
C ASP F 64 -40.62 39.20 55.96
N PRO F 65 -41.41 39.71 55.02
CA PRO F 65 -42.30 40.84 55.31
C PRO F 65 -43.58 40.47 56.02
N TYR F 66 -43.84 39.19 56.23
CA TYR F 66 -45.07 38.73 56.87
C TYR F 66 -44.87 38.19 58.26
N ARG F 67 -43.77 37.48 58.50
CA ARG F 67 -43.45 36.95 59.82
C ARG F 67 -42.02 37.33 60.17
N PHE F 68 -41.73 37.40 61.46
CA PHE F 68 -40.41 37.80 61.93
C PHE F 68 -39.43 36.66 61.68
N LYS F 69 -38.74 36.72 60.55
CA LYS F 69 -37.77 35.69 60.19
C LYS F 69 -36.85 36.26 59.12
N LYS F 70 -35.71 35.59 58.94
CA LYS F 70 -34.75 35.94 57.91
C LYS F 70 -34.68 34.81 56.90
N ARG F 71 -34.89 35.13 55.63
CA ARG F 71 -34.90 34.13 54.58
C ARG F 71 -33.59 34.20 53.80
N THR F 72 -33.02 33.03 53.53
CA THR F 72 -31.76 32.92 52.80
C THR F 72 -32.04 32.41 51.40
N GLU F 73 -31.52 33.12 50.40
CA GLU F 73 -31.67 32.74 49.00
C GLU F 73 -30.32 32.30 48.46
N LEU F 74 -30.35 31.77 47.24
CA LEU F 74 -29.19 31.17 46.59
C LEU F 74 -29.06 31.66 45.15
N PHE F 75 -29.07 32.97 44.98
CA PHE F 75 -28.97 33.57 43.66
C PHE F 75 -27.68 33.13 42.97
N ILE F 76 -27.72 33.08 41.64
CA ILE F 76 -26.51 32.89 40.86
C ILE F 76 -25.75 34.20 40.83
N ALA F 77 -24.47 34.15 41.19
CA ALA F 77 -23.70 35.37 41.42
C ALA F 77 -23.40 36.07 40.10
N ALA F 78 -24.10 37.18 39.85
CA ALA F 78 -23.73 38.04 38.74
C ALA F 78 -22.36 38.64 39.01
N GLU F 79 -21.52 38.67 37.98
CA GLU F 79 -20.14 39.05 38.18
C GLU F 79 -20.04 40.51 38.58
N GLY F 80 -19.25 40.78 39.62
CA GLY F 80 -19.09 42.10 40.19
C GLY F 80 -19.69 42.26 41.57
N ILE F 81 -20.64 41.39 41.94
CA ILE F 81 -21.21 41.49 43.28
C ILE F 81 -20.21 40.99 44.31
N HIS F 82 -20.39 41.44 45.55
CA HIS F 82 -19.48 41.11 46.64
C HIS F 82 -20.27 41.02 47.93
N THR F 83 -19.67 40.40 48.93
CA THR F 83 -20.31 40.29 50.23
C THR F 83 -20.48 41.65 50.86
N GLY F 84 -21.52 41.79 51.69
CA GLY F 84 -21.79 43.07 52.30
C GLY F 84 -22.40 44.09 51.38
N GLN F 85 -22.90 43.67 50.23
CA GLN F 85 -23.55 44.56 49.28
C GLN F 85 -25.04 44.24 49.22
N PHE F 86 -25.86 45.27 49.34
CA PHE F 86 -27.30 45.10 49.27
C PHE F 86 -27.74 44.92 47.82
N VAL F 87 -28.55 43.90 47.57
CA VAL F 87 -29.21 43.72 46.28
C VAL F 87 -30.70 43.94 46.48
N TYR F 88 -31.37 44.39 45.42
CA TYR F 88 -32.76 44.79 45.50
C TYR F 88 -33.55 44.05 44.43
N CYS F 89 -34.60 43.35 44.85
CA CYS F 89 -35.45 42.60 43.95
C CYS F 89 -36.85 43.21 43.96
N GLY F 90 -37.39 43.45 42.78
CA GLY F 90 -38.74 43.96 42.68
C GLY F 90 -38.92 44.76 41.40
N LYS F 91 -40.15 45.26 41.23
CA LYS F 91 -40.46 46.09 40.08
C LYS F 91 -39.76 47.44 40.16
N LYS F 92 -39.69 48.01 41.36
CA LYS F 92 -39.16 49.35 41.56
C LYS F 92 -37.65 49.38 41.74
N ALA F 93 -36.98 48.23 41.77
CA ALA F 93 -35.53 48.21 41.89
C ALA F 93 -34.88 48.79 40.64
N GLN F 94 -33.76 49.47 40.84
CA GLN F 94 -33.09 50.16 39.75
C GLN F 94 -31.95 49.31 39.18
N LEU F 95 -31.46 49.75 38.02
CA LEU F 95 -30.47 49.01 37.26
C LEU F 95 -29.11 49.07 37.94
N ASN F 96 -28.77 48.01 38.66
CA ASN F 96 -27.42 47.82 39.16
C ASN F 96 -27.06 46.34 39.00
N ILE F 97 -25.77 46.08 38.97
CA ILE F 97 -25.30 44.71 38.79
C ILE F 97 -25.66 43.92 40.05
N GLY F 98 -26.65 43.05 39.94
CA GLY F 98 -27.07 42.25 41.07
C GLY F 98 -28.55 42.31 41.35
N ASN F 99 -29.18 43.43 40.97
CA ASN F 99 -30.61 43.61 41.23
C ASN F 99 -31.44 42.69 40.33
N VAL F 100 -32.64 42.38 40.81
CA VAL F 100 -33.58 41.50 40.10
C VAL F 100 -34.84 42.29 39.84
N LEU F 101 -35.15 42.55 38.57
CA LEU F 101 -36.33 43.31 38.22
C LEU F 101 -36.90 42.75 36.91
N PRO F 102 -38.21 42.86 36.70
CA PRO F 102 -38.81 42.29 35.48
C PRO F 102 -38.27 42.95 34.23
N VAL F 103 -38.14 42.15 33.17
CA VAL F 103 -37.60 42.65 31.91
C VAL F 103 -38.50 43.66 31.23
N GLY F 104 -39.76 43.77 31.66
CA GLY F 104 -40.63 44.80 31.12
C GLY F 104 -40.18 46.20 31.46
N THR F 105 -39.61 46.38 32.65
CA THR F 105 -39.21 47.69 33.16
C THR F 105 -37.72 47.94 32.97
N MET F 106 -37.13 47.43 31.89
CA MET F 106 -35.71 47.58 31.65
C MET F 106 -35.49 48.13 30.25
N PRO F 107 -34.50 49.00 30.05
CA PRO F 107 -34.31 49.63 28.74
C PRO F 107 -33.93 48.60 27.69
N GLU F 108 -34.22 48.93 26.43
CA GLU F 108 -34.08 47.94 25.37
C GLU F 108 -32.65 47.83 24.87
N GLY F 109 -31.68 47.73 25.78
CA GLY F 109 -30.32 47.44 25.39
C GLY F 109 -29.54 46.65 26.41
N THR F 110 -30.20 46.21 27.47
CA THR F 110 -29.49 45.66 28.61
C THR F 110 -29.36 44.15 28.49
N ILE F 111 -28.51 43.59 29.32
CA ILE F 111 -28.30 42.15 29.39
C ILE F 111 -28.78 41.66 30.75
N VAL F 112 -29.11 40.38 30.84
CA VAL F 112 -29.61 39.80 32.07
C VAL F 112 -28.79 38.55 32.40
N CYS F 113 -28.97 38.06 33.62
CA CYS F 113 -28.17 36.97 34.15
C CYS F 113 -28.98 35.70 34.35
N CYS F 114 -30.05 35.76 35.15
CA CYS F 114 -30.86 34.58 35.46
C CYS F 114 -32.27 34.85 34.97
N LEU F 115 -32.49 34.61 33.68
CA LEU F 115 -33.76 34.94 33.07
C LEU F 115 -34.82 33.92 33.46
N GLU F 116 -36.07 34.36 33.45
CA GLU F 116 -37.21 33.50 33.74
C GLU F 116 -37.86 33.10 32.42
N GLU F 117 -38.03 31.79 32.23
CA GLU F 117 -38.68 31.32 31.01
C GLU F 117 -40.18 31.59 31.04
N LYS F 118 -40.80 31.45 32.22
CA LYS F 118 -42.22 31.67 32.39
C LYS F 118 -42.44 32.71 33.50
N PRO F 119 -43.49 33.51 33.40
CA PRO F 119 -43.66 34.59 34.38
C PRO F 119 -44.13 34.11 35.74
N GLY F 120 -43.20 33.74 36.60
CA GLY F 120 -43.55 33.34 37.95
C GLY F 120 -42.65 32.27 38.55
N ASP F 121 -41.94 31.52 37.71
CA ASP F 121 -40.98 30.56 38.21
C ASP F 121 -39.72 31.30 38.64
N ARG F 122 -38.67 30.55 38.96
CA ARG F 122 -37.39 31.16 39.28
C ARG F 122 -36.56 31.24 37.99
N GLY F 123 -35.28 31.58 38.12
CA GLY F 123 -34.46 31.78 36.94
C GLY F 123 -34.20 30.49 36.19
N LYS F 124 -34.20 30.57 34.87
CA LYS F 124 -34.05 29.38 34.04
C LYS F 124 -33.03 29.55 32.92
N LEU F 125 -32.82 30.76 32.44
CA LEU F 125 -32.00 30.98 31.25
C LEU F 125 -30.72 31.74 31.58
N ALA F 126 -29.71 31.51 30.75
CA ALA F 126 -28.42 32.21 30.82
C ALA F 126 -27.70 31.99 32.14
N ARG F 127 -27.86 30.80 32.74
CA ARG F 127 -27.33 30.55 34.07
C ARG F 127 -25.88 30.07 34.08
N ALA F 128 -25.35 29.58 32.96
CA ALA F 128 -23.99 29.07 32.95
C ALA F 128 -22.99 30.21 33.08
N SER F 129 -21.77 29.86 33.46
CA SER F 129 -20.76 30.85 33.82
C SER F 129 -20.43 31.76 32.65
N GLY F 130 -20.42 33.06 32.91
CA GLY F 130 -20.06 34.05 31.90
C GLY F 130 -21.04 34.15 30.75
N ASN F 131 -22.32 33.99 31.01
CA ASN F 131 -23.34 33.99 29.97
C ASN F 131 -24.41 35.03 30.29
N TYR F 132 -24.86 35.74 29.25
CA TYR F 132 -25.84 36.79 29.41
C TYR F 132 -26.89 36.68 28.32
N ALA F 133 -28.05 37.26 28.58
CA ALA F 133 -29.12 37.34 27.61
C ALA F 133 -29.51 38.80 27.44
N THR F 134 -29.44 39.29 26.21
CA THR F 134 -29.76 40.69 25.94
C THR F 134 -31.26 40.91 25.86
N VAL F 135 -31.69 42.08 26.29
CA VAL F 135 -33.08 42.50 26.17
C VAL F 135 -33.18 43.40 24.95
N ILE F 136 -33.96 42.98 23.96
CA ILE F 136 -33.94 43.62 22.66
C ILE F 136 -35.03 44.67 22.53
N SER F 137 -36.29 44.30 22.76
CA SER F 137 -37.40 45.22 22.56
C SER F 137 -38.64 44.65 23.20
N HIS F 138 -39.42 45.53 23.85
CA HIS F 138 -40.75 45.19 24.33
C HIS F 138 -41.79 45.95 23.53
N ASN F 139 -43.04 45.50 23.67
CA ASN F 139 -44.20 46.28 23.29
C ASN F 139 -45.11 46.29 24.51
N PRO F 140 -45.47 47.46 25.05
CA PRO F 140 -46.36 47.48 26.22
C PRO F 140 -47.68 46.79 25.98
N GLU F 141 -48.21 46.86 24.76
CA GLU F 141 -49.37 46.08 24.40
C GLU F 141 -48.99 44.61 24.34
N THR F 142 -49.95 43.75 24.70
CA THR F 142 -49.86 42.28 24.80
C THR F 142 -48.66 41.81 25.62
N LYS F 143 -48.02 42.72 26.35
CA LYS F 143 -47.05 42.43 27.41
C LYS F 143 -46.04 41.36 27.03
N LYS F 144 -45.23 41.66 26.03
CA LYS F 144 -44.18 40.75 25.57
C LYS F 144 -42.89 41.52 25.37
N THR F 145 -41.77 40.82 25.57
CA THR F 145 -40.45 41.33 25.23
C THR F 145 -39.70 40.27 24.45
N ARG F 146 -38.83 40.73 23.56
CA ARG F 146 -37.95 39.86 22.78
C ARG F 146 -36.56 39.91 23.38
N VAL F 147 -35.96 38.74 23.60
CA VAL F 147 -34.65 38.65 24.21
C VAL F 147 -33.75 37.78 23.34
N LYS F 148 -32.44 37.98 23.48
CA LYS F 148 -31.44 37.24 22.75
C LYS F 148 -30.71 36.32 23.73
N LEU F 149 -31.01 35.03 23.64
CA LEU F 149 -30.42 34.03 24.52
C LEU F 149 -28.96 33.80 24.17
N PRO F 150 -28.18 33.21 25.10
CA PRO F 150 -26.76 33.00 24.81
C PRO F 150 -26.46 32.12 23.61
N SER F 151 -27.42 31.34 23.12
CA SER F 151 -27.20 30.56 21.91
C SER F 151 -27.38 31.37 20.64
N GLY F 152 -27.74 32.64 20.75
CA GLY F 152 -28.11 33.43 19.60
C GLY F 152 -29.56 33.30 19.19
N SER F 153 -30.31 32.41 19.83
CA SER F 153 -31.73 32.27 19.54
C SER F 153 -32.51 33.43 20.14
N LYS F 154 -33.53 33.87 19.41
CA LYS F 154 -34.38 34.98 19.84
C LYS F 154 -35.70 34.43 20.33
N LYS F 155 -36.05 34.74 21.57
CA LYS F 155 -37.23 34.21 22.23
C LYS F 155 -38.09 35.36 22.74
N VAL F 156 -39.40 35.23 22.56
CA VAL F 156 -40.36 36.20 23.07
C VAL F 156 -40.90 35.68 24.40
N ILE F 157 -40.83 36.52 25.43
CA ILE F 157 -41.25 36.15 26.78
C ILE F 157 -42.08 37.28 27.36
N SER F 158 -42.84 36.95 28.41
CA SER F 158 -43.69 37.94 29.05
C SER F 158 -42.85 39.01 29.73
N SER F 159 -43.39 40.22 29.79
CA SER F 159 -42.68 41.34 30.39
C SER F 159 -42.56 41.23 31.90
N ALA F 160 -43.26 40.29 32.53
CA ALA F 160 -43.17 40.09 33.96
C ALA F 160 -42.02 39.19 34.37
N ASN F 161 -41.21 38.75 33.41
CA ASN F 161 -40.10 37.83 33.69
C ASN F 161 -39.00 38.58 34.42
N ARG F 162 -38.78 38.24 35.69
CA ARG F 162 -37.70 38.84 36.45
C ARG F 162 -36.36 38.21 36.06
N ALA F 163 -35.31 39.00 36.18
CA ALA F 163 -33.97 38.52 35.85
C ALA F 163 -32.95 39.35 36.59
N VAL F 164 -31.77 38.78 36.76
CA VAL F 164 -30.66 39.44 37.43
C VAL F 164 -29.89 40.27 36.42
N VAL F 165 -29.52 41.48 36.80
CA VAL F 165 -28.81 42.39 35.91
C VAL F 165 -27.33 42.06 35.94
N GLY F 166 -26.72 41.94 34.76
CA GLY F 166 -25.32 41.63 34.64
C GLY F 166 -25.09 40.25 34.05
N VAL F 167 -23.83 39.84 34.06
CA VAL F 167 -23.45 38.52 33.58
C VAL F 167 -23.01 37.69 34.79
N VAL F 168 -23.21 36.38 34.69
CA VAL F 168 -22.91 35.49 35.80
C VAL F 168 -21.40 35.29 35.87
N ALA F 169 -20.85 35.30 37.08
CA ALA F 169 -19.42 35.18 37.28
C ALA F 169 -18.93 33.80 36.85
N GLY F 170 -17.63 33.70 36.67
CA GLY F 170 -17.00 32.52 36.11
C GLY F 170 -16.32 32.78 34.79
N GLY F 171 -16.57 33.94 34.17
CA GLY F 171 -15.81 34.46 33.05
C GLY F 171 -15.44 33.48 31.95
N GLY F 172 -14.27 33.66 31.36
CA GLY F 172 -13.79 32.76 30.34
C GLY F 172 -13.21 31.49 30.91
N ARG F 173 -14.08 30.64 31.48
CA ARG F 173 -13.62 29.40 32.08
C ARG F 173 -13.08 28.44 31.02
N ILE F 174 -13.73 28.39 29.86
CA ILE F 174 -13.37 27.42 28.82
C ILE F 174 -12.10 27.80 28.07
N ASP F 175 -11.51 28.96 28.37
CA ASP F 175 -10.29 29.38 27.67
C ASP F 175 -9.11 28.48 28.04
N LYS F 176 -8.98 28.12 29.31
CA LYS F 176 -7.85 27.31 29.76
C LYS F 176 -8.06 25.86 29.34
N PRO F 177 -7.12 25.25 28.61
CA PRO F 177 -7.26 23.84 28.29
C PRO F 177 -7.12 22.97 29.52
N ILE F 178 -7.85 21.85 29.53
CA ILE F 178 -7.84 20.95 30.68
C ILE F 178 -6.47 20.33 30.86
N LEU F 179 -5.76 20.09 29.75
CA LEU F 179 -4.33 19.77 29.71
C LEU F 179 -3.99 18.38 30.21
N LYS F 180 -4.95 17.65 30.77
CA LYS F 180 -4.63 16.39 31.42
C LYS F 180 -5.86 15.52 31.45
N ALA F 181 -5.65 14.21 31.32
CA ALA F 181 -6.74 13.27 31.55
C ALA F 181 -7.22 13.35 33.00
N GLY F 182 -6.29 13.51 33.94
CA GLY F 182 -6.66 13.56 35.33
C GLY F 182 -7.46 14.80 35.70
N ARG F 183 -7.13 15.94 35.11
CA ARG F 183 -7.89 17.16 35.38
C ARG F 183 -9.32 17.03 34.88
N ALA F 184 -9.51 16.35 33.74
CA ALA F 184 -10.85 16.05 33.27
C ALA F 184 -11.56 15.07 34.19
N TYR F 185 -10.83 14.08 34.70
CA TYR F 185 -11.42 13.09 35.60
C TYR F 185 -11.97 13.75 36.85
N HIS F 186 -11.21 14.68 37.42
CA HIS F 186 -11.68 15.40 38.59
C HIS F 186 -12.84 16.33 38.25
N LYS F 187 -12.86 16.85 37.02
CA LYS F 187 -13.93 17.76 36.62
C LYS F 187 -15.26 17.03 36.53
N TYR F 188 -15.28 15.86 35.92
CA TYR F 188 -16.53 15.12 35.75
C TYR F 188 -16.86 14.24 36.95
N LYS F 189 -15.92 14.01 37.86
CA LYS F 189 -16.25 13.27 39.08
C LYS F 189 -17.24 14.06 39.93
N ALA F 190 -17.16 15.39 39.90
CA ALA F 190 -18.16 16.21 40.59
C ALA F 190 -19.47 16.27 39.83
N LYS F 191 -19.45 16.14 38.50
CA LYS F 191 -20.67 16.32 37.71
C LYS F 191 -21.51 15.06 37.66
N ARG F 192 -21.01 14.02 36.99
CA ARG F 192 -21.74 12.78 36.76
C ARG F 192 -20.82 11.79 36.06
N ASN F 193 -21.31 10.55 35.91
CA ASN F 193 -20.53 9.47 35.30
C ASN F 193 -20.74 9.48 33.80
N CYS F 194 -19.98 10.34 33.11
CA CYS F 194 -20.08 10.43 31.68
C CYS F 194 -18.76 10.61 30.95
N TRP F 195 -17.64 10.71 31.66
CA TRP F 195 -16.46 11.28 31.01
C TRP F 195 -15.74 10.36 30.03
N PRO F 196 -15.20 9.18 30.45
CA PRO F 196 -14.38 8.43 29.50
C PRO F 196 -15.25 7.83 28.41
N ARG F 197 -15.21 8.44 27.24
CA ARG F 197 -16.11 8.10 26.16
C ARG F 197 -15.39 7.18 25.18
N VAL F 198 -15.92 5.99 25.02
CA VAL F 198 -15.38 5.03 24.08
C VAL F 198 -16.05 5.25 22.73
N ARG F 199 -15.22 5.36 21.70
CA ARG F 199 -15.74 5.54 20.36
C ARG F 199 -16.54 4.31 19.93
N GLY F 200 -17.66 4.54 19.26
CA GLY F 200 -18.50 3.44 18.83
C GLY F 200 -17.81 2.52 17.85
N VAL F 201 -16.90 3.07 17.04
CA VAL F 201 -16.15 2.24 16.10
C VAL F 201 -15.24 1.27 16.84
N ALA F 202 -14.80 1.64 18.05
CA ALA F 202 -13.98 0.74 18.84
C ALA F 202 -14.79 -0.37 19.48
N MET F 203 -16.09 -0.17 19.66
CA MET F 203 -16.94 -1.16 20.29
C MET F 203 -17.20 -2.32 19.34
N ASN F 204 -17.77 -3.38 19.89
CA ASN F 204 -18.21 -4.53 19.12
C ASN F 204 -19.59 -4.27 18.54
N PRO F 205 -20.02 -5.02 17.52
CA PRO F 205 -21.31 -4.71 16.89
C PRO F 205 -22.52 -4.92 17.77
N VAL F 206 -22.38 -5.60 18.91
CA VAL F 206 -23.52 -5.81 19.80
C VAL F 206 -24.01 -4.49 20.38
N GLU F 207 -23.10 -3.70 20.94
CA GLU F 207 -23.48 -2.55 21.75
C GLU F 207 -23.31 -1.23 21.03
N HIS F 208 -23.16 -1.25 19.70
CA HIS F 208 -23.16 -0.01 18.94
C HIS F 208 -23.43 -0.33 17.49
N PRO F 209 -24.22 0.49 16.78
CA PRO F 209 -24.35 0.30 15.33
C PRO F 209 -23.04 0.44 14.60
N PHE F 210 -22.14 1.29 15.08
CA PHE F 210 -20.89 1.55 14.39
C PHE F 210 -19.82 0.51 14.67
N GLY F 211 -20.09 -0.43 15.57
CA GLY F 211 -19.07 -1.36 16.00
C GLY F 211 -18.73 -2.40 14.96
N GLY F 212 -17.69 -3.17 15.25
CA GLY F 212 -17.29 -4.26 14.40
C GLY F 212 -16.48 -3.83 13.20
N GLY F 213 -16.15 -4.81 12.37
CA GLY F 213 -15.37 -4.58 11.17
C GLY F 213 -13.89 -4.75 11.39
N ASN F 214 -13.21 -5.24 10.36
CA ASN F 214 -11.77 -5.46 10.44
C ASN F 214 -10.98 -4.16 10.38
N HIS F 215 -11.60 -3.07 9.96
CA HIS F 215 -11.03 -1.73 10.10
C HIS F 215 -11.98 -0.89 10.94
N GLN F 216 -11.42 0.09 11.65
CA GLN F 216 -12.24 1.00 12.46
C GLN F 216 -12.89 2.02 11.54
N HIS F 217 -14.00 1.62 10.94
CA HIS F 217 -14.77 2.47 10.05
C HIS F 217 -16.25 2.38 10.42
N ILE F 218 -16.97 3.45 10.13
CA ILE F 218 -18.37 3.53 10.51
C ILE F 218 -19.22 2.58 9.68
N GLY F 219 -18.99 2.53 8.37
CA GLY F 219 -19.69 1.63 7.48
C GLY F 219 -20.98 2.15 6.89
N LYS F 220 -21.73 2.93 7.65
CA LYS F 220 -22.98 3.55 7.24
C LYS F 220 -22.85 5.04 7.45
N PRO F 221 -23.68 5.85 6.77
CA PRO F 221 -23.63 7.30 6.98
C PRO F 221 -23.85 7.65 8.45
N SER F 222 -22.93 8.45 8.99
CA SER F 222 -22.99 8.77 10.42
C SER F 222 -24.17 9.68 10.74
N THR F 223 -24.64 10.47 9.77
CA THR F 223 -25.84 11.25 9.98
C THR F 223 -27.04 10.32 10.01
N ILE F 224 -27.91 10.50 11.00
CA ILE F 224 -29.04 9.63 11.22
C ILE F 224 -30.30 10.47 11.34
N ARG F 225 -31.45 9.87 11.00
CA ARG F 225 -32.71 10.59 10.96
C ARG F 225 -33.16 10.97 12.36
N ARG F 226 -34.13 11.89 12.40
CA ARG F 226 -34.66 12.34 13.69
C ARG F 226 -35.55 11.28 14.31
N ASP F 227 -36.34 10.56 13.51
CA ASP F 227 -37.29 9.59 13.99
C ASP F 227 -36.70 8.20 14.15
N ALA F 228 -35.38 8.09 14.16
CA ALA F 228 -34.75 6.79 14.33
C ALA F 228 -35.05 6.23 15.72
N PRO F 229 -35.25 4.92 15.85
CA PRO F 229 -35.54 4.35 17.16
C PRO F 229 -34.36 4.48 18.10
N ALA F 230 -34.66 4.54 19.39
CA ALA F 230 -33.61 4.60 20.40
C ALA F 230 -32.76 3.34 20.33
N GLY F 231 -31.45 3.51 20.50
CA GLY F 231 -30.50 2.45 20.25
C GLY F 231 -29.98 2.41 18.83
N ARG F 232 -30.50 3.26 17.95
CA ARG F 232 -30.00 3.39 16.59
C ARG F 232 -29.49 4.78 16.28
N LYS F 233 -30.18 5.83 16.75
CA LYS F 233 -29.76 7.19 16.43
C LYS F 233 -28.50 7.51 17.25
N VAL F 234 -27.37 7.18 16.66
CA VAL F 234 -26.06 7.55 17.19
C VAL F 234 -25.29 8.29 16.11
N GLY F 235 -24.40 9.17 16.53
CA GLY F 235 -23.69 9.99 15.58
C GLY F 235 -24.27 11.37 15.46
N LEU F 236 -24.35 11.89 14.24
CA LEU F 236 -24.86 13.23 13.99
C LEU F 236 -26.37 13.14 13.79
N ILE F 237 -27.12 13.47 14.83
CA ILE F 237 -28.57 13.27 14.82
C ILE F 237 -29.23 14.42 14.08
N ALA F 238 -29.97 14.09 13.03
CA ALA F 238 -30.78 15.05 12.27
C ALA F 238 -29.94 16.23 11.78
N ALA F 239 -28.75 15.92 11.28
CA ALA F 239 -27.80 16.96 10.90
C ALA F 239 -28.28 17.67 9.64
N ARG F 240 -28.47 18.99 9.75
CA ARG F 240 -28.83 19.78 8.57
C ARG F 240 -27.68 19.85 7.59
N ARG F 241 -26.45 19.82 8.09
CA ARG F 241 -25.26 19.87 7.25
C ARG F 241 -24.09 19.31 8.05
N THR F 242 -23.01 19.02 7.34
CA THR F 242 -21.78 18.54 7.95
C THR F 242 -20.61 19.27 7.31
N GLY F 243 -19.40 19.00 7.79
CA GLY F 243 -18.19 19.55 7.19
C GLY F 243 -17.45 20.45 8.16
N ARG F 244 -16.99 21.60 7.66
CA ARG F 244 -16.14 22.50 8.42
C ARG F 244 -16.82 23.77 8.88
N LEU F 245 -18.03 24.06 8.40
CA LEU F 245 -18.81 25.22 8.82
C LEU F 245 -18.04 26.52 8.55
N ARG F 246 -17.79 26.77 7.27
CA ARG F 246 -17.08 27.97 6.84
C ARG F 246 -18.07 28.99 6.31
N GLY F 247 -18.01 30.21 6.85
CA GLY F 247 -18.85 31.28 6.36
C GLY F 247 -19.60 32.04 7.43
N THR F 248 -19.99 31.36 8.51
CA THR F 248 -20.76 31.99 9.57
C THR F 248 -20.34 31.48 10.94
N SER G 1 15.89 -39.33 6.83
CA SER G 1 15.84 -38.89 5.45
C SER G 1 16.86 -37.80 5.23
N HIS G 2 18.07 -38.20 4.81
CA HIS G 2 19.10 -37.26 4.38
C HIS G 2 19.44 -36.28 5.50
N ARG G 3 20.10 -36.82 6.53
CA ARG G 3 20.41 -36.09 7.76
C ARG G 3 21.13 -34.76 7.52
N LYS G 4 21.54 -34.50 6.28
CA LYS G 4 21.87 -33.21 5.69
C LYS G 4 23.21 -32.66 6.13
N PHE G 5 23.87 -33.27 7.11
CA PHE G 5 25.20 -32.83 7.52
C PHE G 5 25.91 -34.06 8.08
N SER G 6 26.75 -34.68 7.26
CA SER G 6 27.43 -35.90 7.66
C SER G 6 28.38 -35.61 8.81
N ALA G 7 28.46 -36.55 9.75
CA ALA G 7 29.34 -36.43 10.88
C ALA G 7 29.72 -37.83 11.34
N PRO G 8 30.98 -38.05 11.72
CA PRO G 8 31.38 -39.37 12.22
C PRO G 8 30.62 -39.75 13.47
N ARG G 9 30.33 -41.04 13.59
CA ARG G 9 29.57 -41.53 14.73
C ARG G 9 30.40 -41.45 16.01
N HIS G 10 29.70 -41.33 17.14
CA HIS G 10 30.34 -41.20 18.44
C HIS G 10 30.63 -42.58 19.01
N GLY G 11 31.86 -42.79 19.46
CA GLY G 11 32.22 -44.05 20.07
C GLY G 11 32.44 -45.15 19.07
N SER G 12 33.22 -46.17 19.44
CA SER G 12 33.51 -47.29 18.57
C SER G 12 32.58 -48.45 18.90
N LEU G 13 32.03 -49.09 17.86
CA LEU G 13 31.22 -50.27 18.04
C LEU G 13 32.04 -51.54 18.20
N GLY G 14 33.36 -51.44 18.13
CA GLY G 14 34.21 -52.58 18.39
C GLY G 14 34.51 -52.82 19.85
N PHE G 15 33.96 -51.97 20.72
CA PHE G 15 34.20 -52.06 22.17
C PHE G 15 32.91 -52.06 22.96
N LEU G 16 31.79 -52.54 22.41
CA LEU G 16 30.58 -52.06 23.08
C LEU G 16 29.67 -53.11 23.69
N PRO G 17 30.17 -54.14 24.33
CA PRO G 17 29.60 -54.49 25.63
C PRO G 17 30.27 -53.58 26.65
N ARG G 18 29.59 -52.52 27.06
CA ARG G 18 30.23 -51.50 27.89
C ARG G 18 30.00 -51.83 29.38
N LYS G 19 30.40 -53.04 29.72
CA LYS G 19 30.15 -53.62 31.03
C LYS G 19 31.41 -53.60 31.86
N ARG G 20 31.23 -53.78 33.17
CA ARG G 20 32.36 -54.08 34.02
C ARG G 20 33.02 -55.36 33.54
N SER G 21 34.34 -55.36 33.50
CA SER G 21 35.07 -56.55 33.08
C SER G 21 34.82 -57.68 34.05
N SER G 22 34.62 -58.88 33.52
CA SER G 22 34.41 -60.05 34.35
C SER G 22 35.65 -60.47 35.10
N ARG G 23 36.80 -59.89 34.79
CA ARG G 23 38.05 -60.19 35.45
C ARG G 23 38.69 -58.89 35.92
N HIS G 24 39.44 -58.98 37.02
CA HIS G 24 40.19 -57.83 37.51
C HIS G 24 41.62 -57.84 37.02
N ARG G 25 42.21 -59.02 36.82
CA ARG G 25 43.60 -59.12 36.43
C ARG G 25 43.81 -58.63 34.99
N GLY G 26 42.99 -59.12 34.06
CA GLY G 26 43.17 -58.79 32.67
C GLY G 26 43.92 -59.86 31.93
N LYS G 27 43.21 -60.69 31.18
CA LYS G 27 43.83 -61.85 30.54
C LYS G 27 44.39 -61.47 29.16
N VAL G 28 45.36 -62.26 28.72
CA VAL G 28 46.13 -61.93 27.53
C VAL G 28 45.29 -62.05 26.27
N LYS G 29 44.56 -63.17 26.13
CA LYS G 29 43.64 -63.48 25.05
C LYS G 29 44.34 -63.79 23.72
N SER G 30 45.65 -63.55 23.65
CA SER G 30 46.43 -63.91 22.47
C SER G 30 47.92 -63.88 22.77
N PHE G 31 48.56 -65.02 22.73
CA PHE G 31 49.99 -65.05 22.96
C PHE G 31 50.74 -65.02 21.64
N PRO G 32 51.99 -64.55 21.63
CA PRO G 32 52.74 -64.47 20.38
C PRO G 32 52.92 -65.84 19.74
N LYS G 33 52.88 -65.86 18.41
CA LYS G 33 52.93 -67.10 17.66
C LYS G 33 54.25 -67.82 17.88
N ASP G 34 54.18 -69.05 18.36
CA ASP G 34 55.37 -69.82 18.68
C ASP G 34 56.06 -70.31 17.41
N ASP G 35 57.39 -70.34 17.46
CA ASP G 35 58.18 -70.94 16.39
C ASP G 35 59.36 -71.65 17.04
N PRO G 36 59.68 -72.87 16.61
CA PRO G 36 60.74 -73.63 17.30
C PRO G 36 62.14 -73.07 17.11
N SER G 37 62.35 -72.18 16.14
CA SER G 37 63.70 -71.68 15.89
C SER G 37 64.22 -70.84 17.05
N LYS G 38 63.35 -70.06 17.67
CA LYS G 38 63.76 -69.15 18.72
C LYS G 38 64.13 -69.93 19.99
N PRO G 39 64.94 -69.34 20.86
CA PRO G 39 65.22 -69.97 22.15
C PRO G 39 64.00 -69.92 23.07
N VAL G 40 63.99 -70.80 24.06
CA VAL G 40 62.87 -70.90 24.98
C VAL G 40 62.81 -69.64 25.84
N HIS G 41 61.62 -69.03 25.90
CA HIS G 41 61.45 -67.78 26.62
C HIS G 41 60.00 -67.64 27.05
N LEU G 42 59.79 -66.80 28.07
CA LEU G 42 58.45 -66.45 28.48
C LEU G 42 57.92 -65.32 27.60
N THR G 43 56.59 -65.20 27.57
CA THR G 43 55.93 -64.25 26.68
C THR G 43 55.14 -63.18 27.40
N ALA G 44 55.05 -63.21 28.73
CA ALA G 44 54.24 -62.26 29.46
C ALA G 44 54.77 -62.13 30.88
N PHE G 45 54.26 -61.11 31.58
CA PHE G 45 54.65 -60.82 32.94
C PHE G 45 53.53 -60.05 33.61
N LEU G 46 53.57 -60.02 34.95
CA LEU G 46 52.58 -59.31 35.74
C LEU G 46 53.25 -58.15 36.46
N GLY G 47 52.69 -56.95 36.29
CA GLY G 47 53.23 -55.77 36.93
C GLY G 47 52.12 -54.98 37.61
N TYR G 48 52.53 -54.08 38.48
CA TYR G 48 51.62 -53.26 39.26
C TYR G 48 51.90 -51.79 39.00
N LYS G 49 50.86 -51.05 38.65
CA LYS G 49 51.00 -49.64 38.31
C LYS G 49 51.35 -48.86 39.56
N ALA G 50 52.59 -48.36 39.62
CA ALA G 50 53.05 -47.61 40.78
C ALA G 50 52.74 -46.12 40.66
N GLY G 51 52.83 -45.58 39.46
CA GLY G 51 52.65 -44.16 39.26
C GLY G 51 53.33 -43.73 37.98
N MET G 52 53.38 -42.42 37.78
CA MET G 52 53.96 -41.84 36.58
C MET G 52 54.88 -40.69 36.96
N THR G 53 55.80 -40.39 36.04
CA THR G 53 56.71 -39.26 36.15
C THR G 53 57.07 -38.84 34.75
N HIS G 54 58.10 -37.99 34.62
CA HIS G 54 58.58 -37.62 33.30
C HIS G 54 60.10 -37.65 33.30
N ILE G 55 60.67 -37.89 32.13
CA ILE G 55 62.10 -38.05 31.96
C ILE G 55 62.58 -37.15 30.83
N VAL G 56 63.86 -36.81 30.87
CA VAL G 56 64.49 -35.99 29.85
C VAL G 56 65.54 -36.83 29.15
N ARG G 57 65.45 -36.92 27.82
CA ARG G 57 66.35 -37.74 27.05
C ARG G 57 66.71 -37.04 25.75
N GLU G 58 67.86 -37.45 25.19
CA GLU G 58 68.25 -37.02 23.87
C GLU G 58 67.63 -37.93 22.82
N VAL G 59 67.32 -37.36 21.65
CA VAL G 59 66.56 -38.04 20.62
C VAL G 59 67.45 -38.23 19.39
N ASP G 60 67.54 -39.46 18.91
CA ASP G 60 68.22 -39.77 17.66
C ASP G 60 67.15 -40.18 16.65
N ARG G 61 66.56 -39.19 16.00
CA ARG G 61 65.55 -39.41 14.97
C ARG G 61 65.91 -38.52 13.78
N PRO G 62 66.73 -39.02 12.86
CA PRO G 62 67.21 -38.18 11.76
C PRO G 62 66.06 -37.70 10.87
N GLY G 63 66.18 -36.47 10.40
CA GLY G 63 65.17 -35.86 9.56
C GLY G 63 64.05 -35.16 10.31
N SER G 64 64.02 -35.27 11.64
CA SER G 64 62.97 -34.68 12.45
C SER G 64 63.43 -33.36 13.05
N LYS G 65 62.46 -32.60 13.54
CA LYS G 65 62.76 -31.32 14.20
C LYS G 65 63.33 -31.51 15.60
N VAL G 66 63.29 -32.72 16.15
CA VAL G 66 63.84 -33.00 17.46
C VAL G 66 65.07 -33.88 17.37
N ASN G 67 65.72 -33.91 16.20
CA ASN G 67 66.93 -34.71 16.04
C ASN G 67 68.08 -34.08 16.81
N LYS G 68 68.77 -34.90 17.61
CA LYS G 68 69.89 -34.46 18.43
C LYS G 68 69.50 -33.28 19.33
N LYS G 69 68.28 -33.35 19.86
CA LYS G 69 67.76 -32.31 20.74
C LYS G 69 67.28 -32.90 22.06
N GLU G 70 66.61 -32.07 22.86
CA GLU G 70 66.12 -32.47 24.17
C GLU G 70 64.59 -32.49 24.16
N VAL G 71 64.02 -33.63 24.51
CA VAL G 71 62.58 -33.74 24.73
C VAL G 71 62.36 -34.38 26.08
N VAL G 72 61.18 -34.11 26.65
CA VAL G 72 60.75 -34.74 27.90
C VAL G 72 59.44 -35.45 27.64
N GLU G 73 59.33 -36.68 28.12
CA GLU G 73 58.19 -37.53 27.86
C GLU G 73 57.67 -38.10 29.16
N ALA G 74 56.34 -38.18 29.28
CA ALA G 74 55.73 -38.83 30.43
C ALA G 74 56.03 -40.31 30.42
N VAL G 75 56.26 -40.88 31.60
CA VAL G 75 56.61 -42.29 31.73
C VAL G 75 55.83 -42.89 32.89
N THR G 76 55.38 -44.13 32.72
CA THR G 76 54.67 -44.87 33.76
C THR G 76 55.60 -45.89 34.39
N ILE G 77 55.62 -45.94 35.71
CA ILE G 77 56.46 -46.87 36.46
C ILE G 77 55.59 -48.06 36.86
N VAL G 78 56.01 -49.25 36.46
CA VAL G 78 55.29 -50.48 36.77
C VAL G 78 56.19 -51.34 37.64
N GLU G 79 55.83 -51.47 38.92
CA GLU G 79 56.63 -52.27 39.84
C GLU G 79 56.42 -53.75 39.56
N THR G 80 57.50 -54.44 39.21
CA THR G 80 57.43 -55.86 38.83
C THR G 80 58.42 -56.66 39.67
N PRO G 81 58.01 -57.11 40.85
CA PRO G 81 58.81 -58.11 41.56
C PRO G 81 58.78 -59.42 40.81
N PRO G 82 59.83 -60.25 40.95
CA PRO G 82 59.91 -61.47 40.16
C PRO G 82 58.76 -62.43 40.46
N MET G 83 58.31 -63.14 39.43
CA MET G 83 57.27 -64.14 39.58
C MET G 83 57.86 -65.47 40.02
N VAL G 84 57.00 -66.33 40.58
CA VAL G 84 57.38 -67.66 41.01
C VAL G 84 56.56 -68.66 40.21
N VAL G 85 57.25 -69.55 39.49
CA VAL G 85 56.58 -70.57 38.71
C VAL G 85 56.16 -71.70 39.65
N VAL G 86 54.88 -72.07 39.59
CA VAL G 86 54.35 -73.11 40.47
C VAL G 86 53.71 -74.26 39.71
N GLY G 87 53.48 -74.14 38.41
CA GLY G 87 52.81 -75.20 37.69
C GLY G 87 52.95 -75.03 36.20
N ILE G 88 52.69 -76.13 35.49
CA ILE G 88 52.78 -76.19 34.04
C ILE G 88 51.47 -76.73 33.50
N VAL G 89 50.92 -76.07 32.48
CA VAL G 89 49.70 -76.50 31.82
C VAL G 89 50.04 -76.94 30.40
N GLY G 90 49.45 -78.04 29.97
CA GLY G 90 49.60 -78.54 28.61
C GLY G 90 48.30 -78.40 27.85
N TYR G 91 48.40 -77.95 26.60
CA TYR G 91 47.24 -77.76 25.75
C TYR G 91 47.40 -78.59 24.49
N VAL G 92 46.29 -79.16 24.01
CA VAL G 92 46.27 -79.98 22.82
C VAL G 92 45.34 -79.32 21.81
N GLU G 93 45.80 -79.23 20.56
CA GLU G 93 45.02 -78.61 19.50
C GLU G 93 43.97 -79.58 18.99
N THR G 94 42.70 -79.24 19.20
CA THR G 94 41.55 -80.03 18.81
C THR G 94 40.77 -79.29 17.74
N PRO G 95 39.96 -80.01 16.94
CA PRO G 95 39.12 -79.31 15.95
C PRO G 95 38.03 -78.44 16.58
N ARG G 96 37.84 -78.51 17.90
CA ARG G 96 36.93 -77.61 18.60
C ARG G 96 37.66 -76.49 19.32
N GLY G 97 38.98 -76.39 19.16
CA GLY G 97 39.77 -75.35 19.78
C GLY G 97 40.89 -75.96 20.59
N LEU G 98 41.48 -75.13 21.44
CA LEU G 98 42.52 -75.59 22.36
C LEU G 98 41.87 -76.18 23.60
N ARG G 99 42.41 -77.30 24.07
CA ARG G 99 41.88 -78.00 25.23
C ARG G 99 42.97 -78.19 26.27
N THR G 100 42.63 -77.94 27.53
CA THR G 100 43.59 -78.14 28.61
C THR G 100 43.83 -79.63 28.78
N PHE G 101 45.03 -80.08 28.42
CA PHE G 101 45.34 -81.50 28.45
C PHE G 101 45.66 -81.97 29.87
N LYS G 102 46.65 -81.35 30.50
CA LYS G 102 47.09 -81.77 31.82
C LYS G 102 47.69 -80.58 32.54
N THR G 103 47.70 -80.66 33.87
CA THR G 103 48.30 -79.63 34.71
C THR G 103 49.12 -80.32 35.80
N VAL G 104 50.37 -79.90 35.95
CA VAL G 104 51.26 -80.41 36.98
C VAL G 104 51.70 -79.23 37.83
N PHE G 105 51.34 -79.24 39.11
CA PHE G 105 51.72 -78.19 40.03
C PHE G 105 52.97 -78.60 40.80
N ALA G 106 53.78 -77.62 41.15
CA ALA G 106 55.01 -77.90 41.87
C ALA G 106 54.73 -78.12 43.35
N GLU G 107 55.68 -78.78 44.01
CA GLU G 107 55.65 -78.90 45.45
C GLU G 107 56.02 -77.55 46.08
N HIS G 108 55.71 -77.41 47.37
CA HIS G 108 56.00 -76.20 48.14
C HIS G 108 55.42 -74.95 47.48
N ILE G 109 54.09 -74.93 47.37
CA ILE G 109 53.41 -73.72 46.90
C ILE G 109 53.38 -72.71 48.03
N SER G 110 53.78 -71.48 47.75
CA SER G 110 53.92 -70.48 48.79
C SER G 110 52.56 -70.07 49.34
N ASP G 111 52.59 -69.49 50.54
CA ASP G 111 51.35 -69.13 51.23
C ASP G 111 50.58 -68.05 50.48
N GLU G 112 51.30 -67.08 49.91
CA GLU G 112 50.64 -66.01 49.17
C GLU G 112 49.93 -66.55 47.94
N CYS G 113 50.52 -67.54 47.27
CA CYS G 113 49.84 -68.17 46.15
C CYS G 113 48.63 -68.95 46.59
N LYS G 114 48.73 -69.64 47.73
CA LYS G 114 47.62 -70.46 48.21
C LYS G 114 46.42 -69.62 48.59
N ARG G 115 46.62 -68.33 48.88
CA ARG G 115 45.51 -67.46 49.22
C ARG G 115 44.56 -67.28 48.05
N ARG G 116 45.06 -67.40 46.81
CA ARG G 116 44.22 -67.21 45.64
C ARG G 116 43.12 -68.25 45.56
N PHE G 117 43.34 -69.44 46.12
CA PHE G 117 42.34 -70.50 46.07
C PHE G 117 41.24 -70.33 47.11
N TYR G 118 41.36 -69.38 48.03
CA TYR G 118 40.41 -69.20 49.11
C TYR G 118 39.79 -67.81 49.05
N LYS G 119 38.47 -67.74 49.12
CA LYS G 119 37.80 -66.45 49.24
C LYS G 119 37.78 -65.94 50.66
N ASN G 120 38.07 -66.79 51.64
CA ASN G 120 38.18 -66.39 53.05
C ASN G 120 39.37 -67.14 53.64
N TRP G 121 40.54 -66.51 53.58
CA TRP G 121 41.75 -67.12 54.10
C TRP G 121 41.77 -67.16 55.63
N HIS G 122 40.94 -66.34 56.28
CA HIS G 122 40.95 -66.27 57.74
C HIS G 122 40.41 -67.56 58.34
N LYS G 123 39.20 -67.96 57.95
CA LYS G 123 38.57 -69.15 58.52
C LYS G 123 39.09 -70.45 57.93
N SER G 124 39.72 -70.40 56.75
CA SER G 124 40.17 -71.61 56.09
C SER G 124 41.32 -72.25 56.85
N LYS G 125 41.43 -73.58 56.71
CA LYS G 125 42.49 -74.34 57.32
C LYS G 125 43.66 -74.59 56.38
N LYS G 126 43.77 -73.77 55.32
CA LYS G 126 44.88 -73.78 54.36
C LYS G 126 45.18 -75.19 53.86
N LYS G 127 44.13 -75.91 53.50
CA LYS G 127 44.24 -77.31 53.13
C LYS G 127 44.55 -77.53 51.66
N ALA G 128 44.58 -76.48 50.84
CA ALA G 128 44.79 -76.64 49.41
C ALA G 128 46.17 -77.21 49.12
N PHE G 129 46.21 -78.16 48.18
CA PHE G 129 47.42 -78.83 47.71
C PHE G 129 48.16 -79.58 48.81
N THR G 130 47.51 -79.86 49.93
CA THR G 130 48.18 -80.57 51.02
C THR G 130 48.37 -82.05 50.68
N LYS G 131 47.39 -82.66 50.02
CA LYS G 131 47.54 -84.04 49.58
C LYS G 131 48.19 -84.16 48.21
N TYR G 132 48.11 -83.11 47.39
CA TYR G 132 48.80 -83.13 46.10
C TYR G 132 50.31 -83.08 46.27
N CYS G 133 50.79 -82.31 47.25
CA CYS G 133 52.22 -82.23 47.48
C CYS G 133 52.80 -83.53 48.02
N LYS G 134 51.97 -84.41 48.57
CA LYS G 134 52.45 -85.71 49.01
C LYS G 134 52.84 -86.58 47.82
N LYS G 135 52.18 -86.39 46.67
CA LYS G 135 52.48 -87.21 45.50
C LYS G 135 53.83 -86.89 44.90
N TRP G 136 54.47 -85.80 45.31
CA TRP G 136 55.84 -85.51 44.89
C TRP G 136 56.87 -86.30 45.68
N GLN G 137 56.46 -87.03 46.70
CA GLN G 137 57.38 -87.76 47.56
C GLN G 137 57.20 -89.26 47.54
N ASP G 138 55.97 -89.77 47.58
CA ASP G 138 55.76 -91.20 47.48
C ASP G 138 56.08 -91.67 46.07
N GLU G 139 56.42 -92.96 45.93
CA GLU G 139 56.96 -93.46 44.67
C GLU G 139 55.90 -93.48 43.58
N ASP G 140 54.70 -94.00 43.89
CA ASP G 140 53.68 -94.10 42.86
C ASP G 140 53.15 -92.73 42.45
N GLY G 141 53.19 -91.75 43.35
CA GLY G 141 52.91 -90.38 42.93
C GLY G 141 53.93 -89.86 41.94
N LYS G 142 55.21 -90.19 42.17
CA LYS G 142 56.26 -89.72 41.27
C LYS G 142 56.18 -90.43 39.92
N LYS G 143 55.79 -91.71 39.91
CA LYS G 143 55.59 -92.41 38.65
C LYS G 143 54.46 -91.78 37.84
N GLN G 144 53.37 -91.41 38.52
CA GLN G 144 52.27 -90.74 37.83
C GLN G 144 52.69 -89.38 37.31
N LEU G 145 53.48 -88.64 38.08
CA LEU G 145 53.95 -87.34 37.63
C LEU G 145 54.85 -87.46 36.40
N GLU G 146 55.74 -88.45 36.40
CA GLU G 146 56.56 -88.69 35.22
C GLU G 146 55.73 -89.13 34.04
N LYS G 147 54.70 -89.96 34.29
CA LYS G 147 53.79 -90.35 33.23
C LYS G 147 53.03 -89.15 32.68
N ASP G 148 52.63 -88.24 33.57
CA ASP G 148 51.90 -87.06 33.12
C ASP G 148 52.78 -86.13 32.28
N PHE G 149 54.05 -85.99 32.67
CA PHE G 149 54.97 -85.17 31.88
C PHE G 149 55.26 -85.82 30.53
N SER G 150 55.44 -87.14 30.51
CA SER G 150 55.67 -87.85 29.25
C SER G 150 54.44 -87.74 28.35
N SER G 151 53.25 -87.84 28.93
CA SER G 151 52.03 -87.64 28.15
C SER G 151 51.93 -86.22 27.61
N MET G 152 52.31 -85.24 28.43
CA MET G 152 52.28 -83.85 27.98
C MET G 152 53.31 -83.63 26.89
N LYS G 153 54.47 -84.27 26.99
CA LYS G 153 55.52 -84.09 25.99
C LYS G 153 55.10 -84.62 24.63
N LYS G 154 54.39 -85.74 24.60
CA LYS G 154 54.06 -86.40 23.34
C LYS G 154 52.72 -85.97 22.75
N TYR G 155 51.85 -85.32 23.54
CA TYR G 155 50.51 -85.02 23.08
C TYR G 155 50.15 -83.55 23.05
N CYS G 156 50.86 -82.69 23.77
CA CYS G 156 50.51 -81.28 23.83
C CYS G 156 51.28 -80.50 22.77
N GLN G 157 50.66 -79.42 22.28
CA GLN G 157 51.27 -78.55 21.29
C GLN G 157 51.80 -77.26 21.88
N VAL G 158 51.03 -76.62 22.75
CA VAL G 158 51.42 -75.37 23.41
C VAL G 158 51.32 -75.58 24.91
N ILE G 159 52.41 -75.28 25.62
CA ILE G 159 52.43 -75.43 27.06
C ILE G 159 52.61 -74.05 27.70
N ARG G 160 52.10 -73.92 28.93
CA ARG G 160 52.16 -72.66 29.65
C ARG G 160 52.57 -72.93 31.09
N VAL G 161 53.15 -71.93 31.73
CA VAL G 161 53.58 -72.00 33.12
C VAL G 161 52.67 -71.13 33.96
N ILE G 162 52.23 -71.65 35.10
CA ILE G 162 51.46 -70.88 36.05
C ILE G 162 52.43 -70.18 36.98
N ALA G 163 52.41 -68.86 36.98
CA ALA G 163 53.33 -68.06 37.78
C ALA G 163 52.54 -67.10 38.65
N HIS G 164 52.87 -67.07 39.93
CA HIS G 164 52.24 -66.17 40.88
C HIS G 164 53.23 -65.10 41.30
N THR G 165 52.75 -63.87 41.40
CA THR G 165 53.59 -62.77 41.85
C THR G 165 53.75 -62.81 43.36
N GLN G 166 54.77 -62.12 43.85
CA GLN G 166 55.09 -62.09 45.27
C GLN G 166 54.52 -60.80 45.85
N MET G 167 53.35 -60.91 46.47
CA MET G 167 52.67 -59.73 47.00
C MET G 167 53.19 -59.29 48.36
N ARG G 168 54.05 -60.09 49.00
CA ARG G 168 54.64 -59.67 50.26
C ARG G 168 55.67 -58.57 50.07
N LEU G 169 56.23 -58.43 48.87
CA LEU G 169 57.24 -57.42 48.59
C LEU G 169 56.63 -56.09 48.16
N LEU G 170 55.36 -56.05 47.90
CA LEU G 170 54.63 -54.87 47.47
C LEU G 170 54.08 -54.11 48.67
N PRO G 171 53.95 -52.79 48.57
CA PRO G 171 53.43 -52.01 49.70
C PRO G 171 51.92 -51.97 49.80
N LEU G 172 51.21 -52.84 49.08
CA LEU G 172 49.75 -52.81 49.10
C LEU G 172 49.22 -53.52 50.34
N ARG G 173 47.96 -53.24 50.66
CA ARG G 173 47.30 -53.96 51.74
C ARG G 173 47.04 -55.41 51.36
N GLN G 174 46.81 -55.67 50.09
CA GLN G 174 46.51 -57.02 49.62
C GLN G 174 47.71 -57.94 49.81
N LYS G 175 47.42 -59.19 50.19
CA LYS G 175 48.43 -60.23 50.26
C LYS G 175 48.13 -61.41 49.33
N LYS G 176 46.93 -61.46 48.77
CA LYS G 176 46.54 -62.56 47.88
C LYS G 176 47.27 -62.41 46.55
N ALA G 177 48.10 -63.40 46.22
CA ALA G 177 48.90 -63.33 45.01
C ALA G 177 48.03 -63.50 43.77
N HIS G 178 48.55 -63.02 42.63
CA HIS G 178 47.85 -63.10 41.35
C HIS G 178 48.44 -64.25 40.54
N LEU G 179 47.63 -65.27 40.28
CA LEU G 179 48.04 -66.36 39.41
C LEU G 179 47.84 -65.99 37.96
N MET G 180 48.67 -66.55 37.09
CA MET G 180 48.61 -66.23 35.68
C MET G 180 49.26 -67.34 34.89
N GLU G 181 48.72 -67.61 33.71
CA GLU G 181 49.27 -68.58 32.78
C GLU G 181 50.08 -67.84 31.72
N ILE G 182 51.37 -68.14 31.64
CA ILE G 182 52.28 -67.50 30.69
C ILE G 182 52.72 -68.54 29.68
N GLN G 183 52.53 -68.25 28.40
CA GLN G 183 52.91 -69.20 27.37
C GLN G 183 54.43 -69.24 27.21
N VAL G 184 54.97 -70.44 27.05
CA VAL G 184 56.40 -70.65 26.87
C VAL G 184 56.63 -70.96 25.41
N ASN G 185 57.22 -70.00 24.69
CA ASN G 185 57.44 -70.09 23.26
C ASN G 185 58.86 -70.54 22.95
N GLY G 186 59.12 -70.77 21.67
CA GLY G 186 60.48 -70.91 21.19
C GLY G 186 61.15 -72.26 21.43
N GLY G 187 60.66 -73.31 20.80
CA GLY G 187 61.38 -74.57 20.84
C GLY G 187 60.43 -75.72 20.58
N THR G 188 61.00 -76.92 20.67
CA THR G 188 60.19 -78.13 20.63
C THR G 188 59.41 -78.25 21.94
N VAL G 189 58.39 -79.10 21.92
CA VAL G 189 57.56 -79.29 23.11
C VAL G 189 58.38 -79.90 24.23
N ALA G 190 59.30 -80.80 23.90
CA ALA G 190 60.17 -81.39 24.92
C ALA G 190 61.10 -80.35 25.51
N GLU G 191 61.65 -79.47 24.67
CA GLU G 191 62.60 -78.48 25.16
C GLU G 191 61.95 -77.48 26.10
N LYS G 192 60.75 -77.01 25.75
CA LYS G 192 60.07 -76.06 26.62
C LYS G 192 59.52 -76.73 27.87
N LEU G 193 59.23 -78.03 27.79
CA LEU G 193 58.81 -78.75 28.98
C LEU G 193 59.95 -78.95 29.96
N ASP G 194 61.14 -79.26 29.44
CA ASP G 194 62.32 -79.35 30.30
C ASP G 194 62.68 -78.00 30.88
N TRP G 195 62.50 -76.93 30.11
CA TRP G 195 62.73 -75.58 30.61
C TRP G 195 61.78 -75.26 31.76
N ALA G 196 60.50 -75.60 31.60
CA ALA G 196 59.53 -75.32 32.64
C ALA G 196 59.76 -76.19 33.87
N ARG G 197 60.14 -77.46 33.65
CA ARG G 197 60.38 -78.36 34.77
C ARG G 197 61.53 -77.88 35.64
N GLU G 198 62.61 -77.40 35.01
CA GLU G 198 63.73 -76.86 35.77
C GLU G 198 63.34 -75.55 36.46
N ARG G 199 62.42 -74.81 35.87
CA ARG G 199 61.99 -73.52 36.40
C ARG G 199 60.87 -73.63 37.43
N LEU G 200 60.39 -74.84 37.71
CA LEU G 200 59.39 -75.02 38.74
C LEU G 200 59.96 -74.62 40.10
N GLU G 201 59.12 -73.95 40.90
CA GLU G 201 59.44 -73.43 42.23
C GLU G 201 60.45 -72.29 42.18
N GLN G 202 60.93 -71.89 41.01
CA GLN G 202 62.01 -70.94 40.90
C GLN G 202 61.47 -69.52 40.74
N GLN G 203 62.38 -68.57 40.63
CA GLN G 203 62.06 -67.15 40.53
C GLN G 203 62.39 -66.65 39.14
N VAL G 204 61.44 -65.95 38.52
CA VAL G 204 61.65 -65.41 37.18
C VAL G 204 61.68 -63.89 37.26
N PRO G 205 62.85 -63.26 37.21
CA PRO G 205 62.90 -61.80 37.21
C PRO G 205 62.41 -61.23 35.89
N VAL G 206 62.06 -59.95 35.92
CA VAL G 206 61.54 -59.29 34.73
C VAL G 206 62.61 -59.12 33.66
N ASN G 207 63.89 -59.24 34.02
CA ASN G 207 64.95 -59.10 33.02
C ASN G 207 64.90 -60.22 32.00
N GLN G 208 64.61 -61.45 32.44
CA GLN G 208 64.63 -62.59 31.54
C GLN G 208 63.41 -62.66 30.63
N VAL G 209 62.41 -61.82 30.86
CA VAL G 209 61.22 -61.78 30.02
C VAL G 209 61.24 -60.59 29.07
N PHE G 210 61.58 -59.41 29.57
CA PHE G 210 61.57 -58.19 28.78
C PHE G 210 62.94 -57.54 28.81
N GLY G 211 63.27 -56.83 27.72
CA GLY G 211 64.55 -56.18 27.58
C GLY G 211 64.41 -54.68 27.40
N GLN G 212 65.57 -54.02 27.39
CA GLN G 212 65.61 -52.57 27.24
C GLN G 212 65.19 -52.16 25.84
N ASP G 213 64.52 -51.00 25.77
CA ASP G 213 63.97 -50.38 24.55
C ASP G 213 63.33 -51.41 23.61
N GLU G 214 62.36 -52.13 24.14
CA GLU G 214 61.52 -53.01 23.34
C GLU G 214 60.07 -52.61 23.54
N MET G 215 59.26 -52.84 22.51
CA MET G 215 57.87 -52.39 22.50
C MET G 215 56.98 -53.54 22.91
N ILE G 216 56.24 -53.34 23.99
CA ILE G 216 55.43 -54.41 24.59
C ILE G 216 53.96 -54.00 24.54
N ASP G 217 53.09 -54.88 25.03
CA ASP G 217 51.67 -54.61 25.15
C ASP G 217 51.29 -54.58 26.62
N VAL G 218 50.30 -53.77 26.96
CA VAL G 218 49.82 -53.63 28.32
C VAL G 218 48.37 -54.08 28.37
N ILE G 219 48.09 -55.08 29.20
CA ILE G 219 46.75 -55.63 29.37
C ILE G 219 46.27 -55.24 30.76
N GLY G 220 45.07 -54.67 30.84
CA GLY G 220 44.55 -54.31 32.15
C GLY G 220 43.12 -53.85 32.05
N VAL G 221 42.55 -53.56 33.21
CA VAL G 221 41.20 -53.04 33.33
C VAL G 221 41.29 -51.56 33.66
N THR G 222 40.58 -50.73 32.89
CA THR G 222 40.70 -49.29 33.03
C THR G 222 40.05 -48.82 34.33
N LYS G 223 40.15 -47.52 34.59
CA LYS G 223 39.58 -46.94 35.80
C LYS G 223 38.07 -46.96 35.74
N GLY G 224 37.45 -47.32 36.86
CA GLY G 224 36.00 -47.32 36.94
C GLY G 224 35.47 -45.92 37.20
N LYS G 225 34.39 -45.58 36.51
CA LYS G 225 33.73 -44.28 36.69
C LYS G 225 32.29 -44.41 37.15
N GLY G 226 31.79 -45.63 37.32
CA GLY G 226 30.42 -45.83 37.75
C GLY G 226 29.43 -45.54 36.66
N TYR G 227 28.16 -45.41 37.07
CA TYR G 227 27.10 -45.04 36.15
C TYR G 227 27.38 -43.67 35.56
N LYS G 228 27.23 -43.55 34.24
CA LYS G 228 27.50 -42.31 33.56
C LYS G 228 26.49 -42.10 32.44
N GLY G 229 26.25 -40.82 32.12
CA GLY G 229 25.33 -40.47 31.07
C GLY G 229 25.99 -40.49 29.70
N VAL G 230 25.18 -40.23 28.68
CA VAL G 230 25.64 -40.34 27.30
C VAL G 230 26.72 -39.29 27.01
N THR G 231 26.62 -38.11 27.62
CA THR G 231 27.56 -37.04 27.34
C THR G 231 28.97 -37.39 27.82
N SER G 232 29.07 -38.13 28.92
CA SER G 232 30.36 -38.54 29.43
C SER G 232 30.77 -39.94 29.01
N ARG G 233 29.85 -40.71 28.44
CA ARG G 233 30.13 -42.09 28.04
C ARG G 233 30.49 -42.19 26.56
N TRP G 234 29.68 -41.60 25.69
CA TRP G 234 29.92 -41.60 24.25
C TRP G 234 30.31 -40.23 23.73
N HIS G 235 30.46 -39.24 24.61
CA HIS G 235 30.93 -37.90 24.26
C HIS G 235 30.04 -37.26 23.19
N THR G 236 28.73 -37.48 23.31
CA THR G 236 27.79 -36.88 22.38
C THR G 236 27.67 -35.38 22.65
N LYS G 237 27.10 -34.67 21.68
CA LYS G 237 26.93 -33.23 21.80
C LYS G 237 25.93 -32.89 22.89
N LYS G 238 26.27 -31.90 23.70
CA LYS G 238 25.34 -31.42 24.72
C LYS G 238 24.21 -30.64 24.04
N LEU G 239 22.98 -30.92 24.45
CA LEU G 239 21.84 -30.25 23.88
C LEU G 239 21.81 -28.77 24.32
N PRO G 240 21.11 -27.92 23.57
CA PRO G 240 21.09 -26.49 23.91
C PRO G 240 20.54 -26.24 25.31
N ARG G 241 20.86 -25.04 25.82
CA ARG G 241 20.55 -24.71 27.21
C ARG G 241 19.05 -24.72 27.47
N LYS G 242 18.26 -24.22 26.52
CA LYS G 242 16.81 -24.15 26.68
C LYS G 242 16.15 -25.45 26.25
N THR G 243 16.54 -26.54 26.90
CA THR G 243 15.97 -27.86 26.64
C THR G 243 15.16 -28.27 27.86
N HIS G 244 13.94 -28.77 27.63
CA HIS G 244 12.96 -28.89 28.69
C HIS G 244 13.37 -29.94 29.72
N ARG G 245 13.49 -31.20 29.29
CA ARG G 245 13.68 -32.28 30.24
C ARG G 245 15.15 -32.62 30.48
N GLY G 246 16.07 -31.89 29.89
CA GLY G 246 17.49 -32.09 30.12
C GLY G 246 18.33 -31.95 28.87
N LEU G 247 19.54 -31.41 29.05
CA LEU G 247 20.44 -31.17 27.94
C LEU G 247 21.59 -32.17 27.85
N ARG G 248 21.82 -32.98 28.87
CA ARG G 248 22.85 -34.00 28.83
C ARG G 248 22.30 -35.35 28.37
N LYS G 249 21.58 -35.34 27.25
CA LYS G 249 20.97 -36.54 26.70
C LYS G 249 21.25 -36.62 25.21
N VAL G 250 20.85 -37.74 24.60
CA VAL G 250 20.81 -37.90 23.15
C VAL G 250 19.37 -37.70 22.71
N ALA G 251 19.17 -36.82 21.73
CA ALA G 251 17.82 -36.37 21.40
C ALA G 251 17.00 -37.47 20.75
N CYS G 252 17.42 -37.95 19.59
CA CYS G 252 16.66 -38.94 18.83
C CYS G 252 17.40 -40.27 18.91
N ILE G 253 16.85 -41.20 19.69
CA ILE G 253 17.44 -42.55 19.80
C ILE G 253 16.75 -43.39 18.74
N GLY G 254 17.25 -43.28 17.51
CA GLY G 254 16.70 -44.09 16.44
C GLY G 254 15.48 -43.48 15.80
N ALA G 255 15.26 -43.82 14.53
CA ALA G 255 14.13 -43.31 13.79
C ALA G 255 12.86 -44.09 14.18
N TRP G 256 11.75 -43.76 13.51
CA TRP G 256 10.49 -44.43 13.82
C TRP G 256 10.54 -45.90 13.43
N HIS G 257 10.95 -46.19 12.19
CA HIS G 257 10.57 -47.53 11.75
C HIS G 257 11.71 -48.46 11.35
N PRO G 258 12.78 -48.54 12.15
CA PRO G 258 13.26 -49.86 12.55
C PRO G 258 12.41 -50.46 13.65
N ALA G 259 11.49 -49.68 14.22
CA ALA G 259 10.48 -50.05 15.20
C ALA G 259 11.06 -50.45 16.54
N ARG G 260 12.37 -50.38 16.72
CA ARG G 260 13.03 -50.73 17.96
C ARG G 260 14.15 -49.73 18.20
N VAL G 261 15.00 -50.02 19.19
CA VAL G 261 16.19 -49.21 19.46
C VAL G 261 17.40 -50.02 19.02
N ALA G 262 18.22 -49.44 18.16
CA ALA G 262 19.38 -50.16 17.66
C ALA G 262 20.45 -50.27 18.74
N PHE G 263 21.32 -51.26 18.58
CA PHE G 263 22.43 -51.44 19.51
C PHE G 263 23.52 -50.40 19.31
N SER G 264 23.47 -49.61 18.25
CA SER G 264 24.50 -48.64 17.91
C SER G 264 24.19 -47.25 18.42
N VAL G 265 23.13 -47.08 19.19
CA VAL G 265 22.71 -45.79 19.70
C VAL G 265 23.35 -45.56 21.07
N ALA G 266 23.87 -44.36 21.28
CA ALA G 266 24.48 -44.03 22.57
C ALA G 266 23.46 -44.07 23.69
N ARG G 267 23.77 -44.83 24.74
CA ARG G 267 22.90 -44.97 25.89
C ARG G 267 23.71 -44.81 27.17
N ALA G 268 23.03 -44.35 28.22
CA ALA G 268 23.68 -44.21 29.51
C ALA G 268 23.95 -45.59 30.12
N GLY G 269 24.90 -45.62 31.04
CA GLY G 269 25.24 -46.86 31.71
C GLY G 269 26.63 -46.79 32.30
N GLN G 270 27.18 -47.97 32.58
CA GLN G 270 28.51 -48.06 33.18
C GLN G 270 29.55 -47.50 32.23
N LYS G 271 30.46 -46.69 32.78
CA LYS G 271 31.62 -46.19 32.06
C LYS G 271 32.85 -46.56 32.86
N GLY G 272 33.86 -47.09 32.18
CA GLY G 272 35.09 -47.48 32.83
C GLY G 272 35.02 -48.88 33.40
N TYR G 273 36.13 -49.29 33.99
CA TYR G 273 36.35 -50.67 34.43
C TYR G 273 36.13 -51.65 33.29
N HIS G 274 36.70 -51.33 32.13
CA HIS G 274 36.64 -52.18 30.96
C HIS G 274 38.00 -52.79 30.70
N HIS G 275 37.99 -54.04 30.21
CA HIS G 275 39.22 -54.70 29.80
C HIS G 275 39.71 -54.08 28.50
N ARG G 276 40.97 -53.65 28.47
CA ARG G 276 41.51 -52.99 27.30
C ARG G 276 42.93 -53.50 27.02
N THR G 277 43.27 -53.57 25.74
CA THR G 277 44.59 -53.95 25.28
C THR G 277 45.23 -52.73 24.62
N GLU G 278 46.42 -52.36 25.10
CA GLU G 278 47.17 -51.26 24.51
C GLU G 278 48.50 -51.79 24.02
N ILE G 279 48.81 -51.51 22.76
CA ILE G 279 49.98 -52.06 22.11
C ILE G 279 51.02 -50.95 21.94
N ASN G 280 52.26 -51.37 21.69
CA ASN G 280 53.38 -50.48 21.35
C ASN G 280 53.66 -49.48 22.47
N LYS G 281 53.89 -50.01 23.67
CA LYS G 281 54.29 -49.24 24.83
C LYS G 281 55.77 -49.52 25.07
N LYS G 282 56.63 -48.58 24.68
CA LYS G 282 58.06 -48.81 24.71
C LYS G 282 58.60 -48.80 26.14
N ILE G 283 59.57 -49.67 26.40
CA ILE G 283 60.23 -49.75 27.70
C ILE G 283 61.40 -48.79 27.69
N TYR G 284 61.41 -47.84 28.63
CA TYR G 284 62.51 -46.88 28.70
C TYR G 284 63.60 -47.33 29.66
N LYS G 285 63.25 -48.10 30.68
CA LYS G 285 64.22 -48.57 31.65
C LYS G 285 63.68 -49.80 32.36
N ILE G 286 64.58 -50.56 32.96
CA ILE G 286 64.24 -51.68 33.82
C ILE G 286 65.07 -51.55 35.07
N GLY G 287 64.43 -51.19 36.18
CA GLY G 287 65.17 -50.94 37.40
C GLY G 287 65.73 -52.20 38.01
N GLN G 288 66.76 -52.01 38.84
CA GLN G 288 67.43 -53.13 39.49
C GLN G 288 66.81 -53.49 40.84
N GLY G 289 66.12 -52.56 41.48
CA GLY G 289 65.57 -52.79 42.79
C GLY G 289 66.59 -52.57 43.88
N TYR G 290 66.11 -52.64 45.13
CA TYR G 290 66.97 -52.39 46.27
C TYR G 290 67.80 -53.62 46.59
N LEU G 291 69.10 -53.39 46.81
CA LEU G 291 70.04 -54.46 47.13
C LEU G 291 70.76 -54.14 48.42
N ILE G 292 71.06 -55.18 49.19
CA ILE G 292 71.85 -55.05 50.43
C ILE G 292 72.97 -56.08 50.34
N LYS G 293 74.11 -55.66 49.80
CA LYS G 293 75.37 -56.38 49.97
C LYS G 293 76.29 -55.68 50.94
N ASP G 294 76.04 -54.41 51.21
CA ASP G 294 76.74 -53.55 52.15
C ASP G 294 75.69 -52.57 52.65
N GLY G 295 76.13 -51.40 53.13
CA GLY G 295 75.22 -50.28 53.22
C GLY G 295 74.44 -50.15 51.92
N LYS G 296 73.11 -50.22 52.01
CA LYS G 296 72.29 -50.47 50.83
C LYS G 296 72.39 -49.33 49.82
N LEU G 297 72.21 -49.68 48.55
CA LEU G 297 72.51 -48.80 47.44
C LEU G 297 71.28 -48.60 46.55
N ILE G 298 71.11 -47.39 46.05
CA ILE G 298 69.98 -47.05 45.18
C ILE G 298 70.48 -46.35 43.92
N LYS G 299 71.80 -46.35 43.71
CA LYS G 299 72.35 -45.72 42.51
C LYS G 299 71.88 -46.42 41.24
N ASN G 300 71.64 -47.73 41.31
CA ASN G 300 71.11 -48.47 40.17
C ASN G 300 69.71 -48.02 39.79
N ASN G 301 69.00 -47.35 40.71
CA ASN G 301 67.70 -46.74 40.42
C ASN G 301 67.93 -45.43 39.68
N ALA G 302 66.93 -44.53 39.70
CA ALA G 302 66.86 -43.48 38.69
C ALA G 302 67.99 -42.46 38.80
N SER G 303 69.20 -42.91 38.49
CA SER G 303 70.35 -42.07 38.18
C SER G 303 70.93 -42.61 36.89
N THR G 304 71.09 -41.73 35.89
CA THR G 304 71.19 -42.24 34.52
C THR G 304 72.41 -41.75 33.76
N ASP G 305 73.59 -41.84 34.36
CA ASP G 305 74.89 -41.67 33.70
C ASP G 305 75.11 -40.19 33.33
N TYR G 306 74.09 -39.37 33.48
CA TYR G 306 74.19 -37.94 33.28
C TYR G 306 73.74 -37.16 34.50
N ASP G 307 73.20 -37.84 35.51
CA ASP G 307 72.84 -37.24 36.79
C ASP G 307 73.82 -37.58 37.89
N LEU G 308 74.20 -38.86 37.99
CA LEU G 308 75.16 -39.34 38.98
C LEU G 308 74.72 -38.98 40.40
N SER G 309 73.42 -39.01 40.62
CA SER G 309 72.84 -38.76 41.94
C SER G 309 72.58 -40.08 42.65
N ASP G 310 72.17 -39.99 43.91
CA ASP G 310 71.89 -41.14 44.74
C ASP G 310 70.40 -41.25 45.05
N LYS G 311 69.56 -40.94 44.07
CA LYS G 311 68.12 -40.93 44.27
C LYS G 311 67.47 -42.16 43.68
N SER G 312 66.34 -42.55 44.25
CA SER G 312 65.59 -43.72 43.81
C SER G 312 64.61 -43.32 42.72
N ILE G 313 63.74 -44.25 42.33
CA ILE G 313 62.64 -43.92 41.44
C ILE G 313 61.47 -43.32 42.21
N ASN G 314 61.42 -43.55 43.53
CA ASN G 314 60.33 -43.01 44.33
C ASN G 314 60.42 -41.50 44.39
N PRO G 315 59.36 -40.77 44.10
CA PRO G 315 59.38 -39.32 44.27
C PRO G 315 59.49 -38.93 45.72
N LEU G 316 59.83 -37.66 45.94
CA LEU G 316 59.86 -37.13 47.30
C LEU G 316 58.48 -37.25 47.94
N GLY G 317 58.43 -37.85 49.12
CA GLY G 317 57.16 -38.12 49.76
C GLY G 317 56.47 -39.37 49.28
N GLY G 318 57.11 -40.19 48.46
CA GLY G 318 56.55 -41.43 47.99
C GLY G 318 55.55 -41.24 46.86
N PHE G 319 55.28 -42.34 46.17
CA PHE G 319 54.25 -42.33 45.13
C PHE G 319 52.89 -42.08 45.76
N VAL G 320 52.10 -41.22 45.13
CA VAL G 320 50.79 -40.91 45.66
C VAL G 320 49.87 -42.10 45.47
N HIS G 321 49.21 -42.51 46.55
CA HIS G 321 48.21 -43.58 46.62
C HIS G 321 48.79 -44.96 46.34
N TYR G 322 50.10 -45.11 46.16
CA TYR G 322 50.69 -46.42 45.95
C TYR G 322 51.63 -46.83 47.07
N GLY G 323 52.67 -46.03 47.34
CA GLY G 323 53.69 -46.44 48.28
C GLY G 323 55.09 -46.20 47.73
N GLU G 324 56.06 -47.00 48.19
CA GLU G 324 57.43 -46.88 47.72
C GLU G 324 57.81 -48.13 46.95
N VAL G 325 58.56 -47.93 45.86
CA VAL G 325 58.96 -49.02 44.98
C VAL G 325 60.32 -49.53 45.43
N THR G 326 60.37 -50.78 45.86
CA THR G 326 61.59 -51.37 46.42
C THR G 326 62.29 -52.30 45.43
N ASN G 327 61.55 -53.19 44.79
CA ASN G 327 62.14 -54.19 43.91
C ASN G 327 62.18 -53.64 42.48
N ASP G 328 62.48 -54.51 41.52
CA ASP G 328 62.66 -54.09 40.13
C ASP G 328 61.37 -53.55 39.55
N PHE G 329 61.50 -52.57 38.66
CA PHE G 329 60.38 -51.93 38.03
C PHE G 329 60.66 -51.79 36.53
N VAL G 330 59.58 -51.60 35.77
CA VAL G 330 59.66 -51.37 34.34
C VAL G 330 59.04 -50.01 34.06
N MET G 331 59.79 -49.12 33.41
CA MET G 331 59.31 -47.80 33.07
C MET G 331 58.86 -47.81 31.62
N LEU G 332 57.60 -47.49 31.38
CA LEU G 332 57.01 -47.48 30.05
C LEU G 332 56.87 -46.05 29.56
N LYS G 333 56.71 -45.90 28.25
CA LYS G 333 56.52 -44.59 27.65
C LYS G 333 55.04 -44.24 27.61
N GLY G 334 54.70 -43.10 28.17
CA GLY G 334 53.33 -42.63 28.13
C GLY G 334 52.47 -43.19 29.24
N CYS G 335 51.17 -43.01 29.06
CA CYS G 335 50.18 -43.47 30.03
C CYS G 335 49.94 -44.96 29.87
N VAL G 336 49.21 -45.51 30.84
CA VAL G 336 48.88 -46.94 30.85
C VAL G 336 47.56 -47.10 31.60
N VAL G 337 46.72 -48.02 31.10
CA VAL G 337 45.37 -48.17 31.65
C VAL G 337 45.40 -48.57 33.11
N GLY G 338 44.29 -48.34 33.80
CA GLY G 338 44.14 -48.74 35.18
C GLY G 338 44.53 -47.64 36.15
N THR G 339 44.00 -47.75 37.36
CA THR G 339 44.29 -46.82 38.43
C THR G 339 45.67 -47.11 39.00
N LYS G 340 46.03 -46.41 40.07
CA LYS G 340 47.22 -46.77 40.81
C LYS G 340 47.01 -48.11 41.51
N LYS G 341 48.11 -48.73 41.92
CA LYS G 341 48.18 -50.08 42.50
C LYS G 341 47.23 -51.06 41.82
N ARG G 342 47.16 -51.03 40.50
CA ARG G 342 46.33 -51.92 39.72
C ARG G 342 47.21 -52.87 38.94
N VAL G 343 46.90 -54.16 38.99
CA VAL G 343 47.77 -55.17 38.38
C VAL G 343 47.66 -55.09 36.87
N LEU G 344 48.81 -55.01 36.20
CA LEU G 344 48.88 -54.94 34.75
C LEU G 344 49.57 -56.17 34.21
N THR G 345 49.08 -56.65 33.07
CA THR G 345 49.75 -57.73 32.33
C THR G 345 50.56 -57.10 31.21
N LEU G 346 51.85 -57.39 31.18
CA LEU G 346 52.74 -56.95 30.12
C LEU G 346 53.11 -58.18 29.30
N ARG G 347 52.76 -58.15 28.01
CA ARG G 347 53.03 -59.28 27.13
C ARG G 347 53.78 -58.80 25.91
N LYS G 348 54.53 -59.72 25.30
CA LYS G 348 55.35 -59.39 24.14
C LYS G 348 54.47 -59.00 22.96
N SER G 349 54.99 -58.11 22.12
CA SER G 349 54.25 -57.64 20.96
C SER G 349 54.10 -58.75 19.93
N LEU G 350 52.89 -58.87 19.37
CA LEU G 350 52.65 -59.86 18.33
C LEU G 350 53.24 -59.47 17.00
N LEU G 351 53.35 -58.17 16.72
CA LEU G 351 53.82 -57.70 15.43
C LEU G 351 55.33 -57.80 15.33
N VAL G 352 55.84 -57.61 14.11
CA VAL G 352 57.27 -57.55 13.85
C VAL G 352 57.66 -56.07 13.87
N GLN G 353 58.57 -55.71 14.78
CA GLN G 353 58.95 -54.31 14.98
C GLN G 353 60.15 -54.01 14.09
N THR G 354 59.92 -53.23 13.03
CA THR G 354 60.98 -52.84 12.12
C THR G 354 60.98 -51.36 11.78
N LYS G 355 59.98 -50.60 12.23
CA LYS G 355 59.95 -49.18 11.94
C LYS G 355 60.98 -48.43 12.77
N ARG G 356 61.36 -47.25 12.29
CA ARG G 356 62.39 -46.46 12.96
C ARG G 356 61.92 -45.96 14.32
N ARG G 357 60.61 -45.77 14.49
CA ARG G 357 60.08 -45.37 15.79
C ARG G 357 60.35 -46.44 16.85
N ALA G 358 60.15 -47.69 16.49
CA ALA G 358 60.57 -48.80 17.34
C ALA G 358 62.06 -49.05 17.15
N LEU G 359 62.60 -50.00 17.92
CA LEU G 359 64.01 -50.40 17.90
C LEU G 359 64.96 -49.21 17.92
N GLU G 360 64.55 -48.11 18.56
CA GLU G 360 65.38 -46.93 18.71
C GLU G 360 66.01 -46.98 20.10
N LYS G 361 67.34 -46.90 20.14
CA LYS G 361 68.04 -46.96 21.42
C LYS G 361 67.68 -45.77 22.28
N ILE G 362 67.39 -46.03 23.56
CA ILE G 362 66.92 -45.02 24.49
C ILE G 362 67.93 -44.92 25.63
N ASP G 363 68.49 -43.72 25.82
CA ASP G 363 69.32 -43.42 26.98
C ASP G 363 68.78 -42.16 27.63
N LEU G 364 68.21 -42.31 28.81
CA LEU G 364 67.64 -41.18 29.53
C LEU G 364 68.75 -40.32 30.12
N LYS G 365 68.51 -39.01 30.12
CA LYS G 365 69.48 -38.09 30.70
C LYS G 365 69.05 -37.57 32.07
N PHE G 366 67.77 -37.62 32.38
CA PHE G 366 67.26 -37.15 33.65
C PHE G 366 65.93 -37.83 33.93
N ILE G 367 65.71 -38.20 35.19
CA ILE G 367 64.45 -38.80 35.63
C ILE G 367 63.92 -37.96 36.77
N ASP G 368 62.74 -37.39 36.58
CA ASP G 368 62.17 -36.47 37.56
C ASP G 368 61.66 -37.24 38.77
N THR G 369 62.09 -36.82 39.96
CA THR G 369 61.64 -37.41 41.21
C THR G 369 61.13 -36.36 42.17
N THR G 370 60.59 -35.26 41.64
CA THR G 370 59.97 -34.25 42.49
C THR G 370 58.72 -34.82 43.14
N SER G 371 58.28 -34.16 44.21
CA SER G 371 57.10 -34.63 44.92
C SER G 371 55.86 -34.49 44.04
N LYS G 372 55.13 -35.59 43.89
CA LYS G 372 53.90 -35.60 43.12
C LYS G 372 52.69 -35.33 43.98
N PHE G 373 52.88 -35.07 45.27
CA PHE G 373 51.80 -34.70 46.19
C PHE G 373 51.56 -33.20 46.21
N GLY G 374 51.87 -32.52 45.12
CA GLY G 374 51.75 -31.09 45.05
C GLY G 374 52.66 -30.56 43.97
N HIS G 375 52.90 -29.25 44.02
CA HIS G 375 53.84 -28.61 43.10
C HIS G 375 55.24 -28.76 43.68
N GLY G 376 55.73 -30.00 43.66
CA GLY G 376 57.06 -30.31 44.13
C GLY G 376 58.15 -29.60 43.35
N ARG G 377 59.09 -28.98 44.06
CA ARG G 377 60.14 -28.22 43.41
C ARG G 377 61.54 -28.73 43.76
N PHE G 378 61.65 -29.78 44.55
CA PHE G 378 62.94 -30.34 44.93
C PHE G 378 63.03 -31.78 44.48
N GLN G 379 64.22 -32.18 44.02
CA GLN G 379 64.40 -33.51 43.45
C GLN G 379 64.70 -34.57 44.51
N THR G 380 65.63 -34.28 45.42
CA THR G 380 66.01 -35.21 46.47
C THR G 380 65.87 -34.54 47.83
N MET G 381 65.77 -35.36 48.86
CA MET G 381 65.65 -34.84 50.22
C MET G 381 66.92 -34.09 50.63
N GLU G 382 68.08 -34.60 50.24
CA GLU G 382 69.33 -33.95 50.61
C GLU G 382 69.50 -32.62 49.88
N GLU G 383 68.92 -32.50 48.68
CA GLU G 383 69.00 -31.25 47.94
C GLU G 383 68.11 -30.18 48.58
N LYS G 384 66.89 -30.57 48.98
CA LYS G 384 66.00 -29.64 49.65
C LYS G 384 66.59 -29.18 50.98
N LYS G 385 67.19 -30.09 51.73
CA LYS G 385 67.75 -29.75 53.03
C LYS G 385 68.94 -28.81 52.89
N ALA G 386 69.87 -29.14 51.99
CA ALA G 386 71.04 -28.30 51.78
C ALA G 386 70.69 -26.98 51.14
N PHE G 387 69.49 -26.84 50.60
CA PHE G 387 69.07 -25.58 50.00
C PHE G 387 68.41 -24.67 51.03
N MET G 388 67.36 -25.16 51.68
CA MET G 388 66.62 -24.33 52.62
C MET G 388 67.38 -24.08 53.91
N GLY G 389 68.41 -24.87 54.20
CA GLY G 389 69.18 -24.71 55.41
C GLY G 389 68.44 -25.28 56.61
N PRO G 390 68.99 -25.06 57.80
CA PRO G 390 68.32 -25.56 59.01
C PRO G 390 67.00 -24.84 59.25
N LEU G 391 66.07 -25.57 59.85
CA LEU G 391 64.75 -25.05 60.18
C LEU G 391 64.57 -25.03 61.69
N LYS G 392 63.39 -24.60 62.13
CA LYS G 392 63.12 -24.51 63.56
C LYS G 392 63.12 -25.88 64.21
N LYS G 393 62.54 -26.88 63.54
CA LYS G 393 62.47 -28.22 64.11
C LYS G 393 63.86 -28.82 64.26
N ASP G 394 64.74 -28.59 63.28
CA ASP G 394 66.12 -29.06 63.41
C ASP G 394 66.87 -28.28 64.50
N ARG G 395 66.58 -26.99 64.61
CA ARG G 395 67.28 -26.15 65.59
C ARG G 395 66.96 -26.60 67.02
N ILE G 396 65.69 -26.84 67.31
CA ILE G 396 65.31 -27.28 68.65
C ILE G 396 65.79 -28.71 68.92
N ALA G 397 65.86 -29.54 67.87
CA ALA G 397 66.39 -30.89 68.04
C ALA G 397 67.87 -30.87 68.38
N LYS G 398 68.64 -29.99 67.73
CA LYS G 398 70.06 -29.87 68.04
C LYS G 398 70.28 -29.26 69.42
N GLU G 399 69.42 -28.32 69.82
CA GLU G 399 69.54 -27.72 71.14
C GLU G 399 69.21 -28.72 72.24
N GLU G 400 68.19 -29.55 72.01
CA GLU G 400 67.79 -30.54 73.01
C GLU G 400 68.69 -31.77 73.01
N GLY G 401 69.45 -32.00 71.94
CA GLY G 401 70.32 -33.14 71.87
C GLY G 401 71.72 -32.86 72.37
N ALA G 402 72.16 -31.61 72.20
CA ALA G 402 73.49 -31.15 72.62
C ALA G 402 74.61 -32.03 72.06
N MET H 1 -85.79 -82.44 20.13
CA MET H 1 -85.81 -83.85 19.76
C MET H 1 -85.15 -84.71 20.84
N ALA H 2 -85.12 -86.01 20.61
CA ALA H 2 -84.51 -86.96 21.53
C ALA H 2 -83.60 -87.91 20.77
N CYS H 3 -82.44 -88.27 21.33
CA CYS H 3 -81.74 -87.97 22.59
C CYS H 3 -82.55 -88.29 23.84
N ALA H 4 -82.84 -89.58 24.03
CA ALA H 4 -83.65 -90.02 25.16
C ALA H 4 -82.98 -89.67 26.49
N ARG H 5 -83.81 -89.30 27.46
CA ARG H 5 -83.34 -88.85 28.75
C ARG H 5 -83.81 -89.81 29.85
N PRO H 6 -82.91 -90.28 30.70
CA PRO H 6 -83.31 -91.26 31.73
C PRO H 6 -84.07 -90.59 32.86
N LEU H 7 -84.59 -91.43 33.75
CA LEU H 7 -85.40 -91.00 34.89
C LEU H 7 -84.60 -91.26 36.16
N ILE H 8 -83.90 -90.25 36.64
CA ILE H 8 -83.05 -90.39 37.80
C ILE H 8 -83.85 -90.03 39.06
N SER H 9 -83.43 -90.59 40.18
CA SER H 9 -84.21 -90.57 41.41
C SER H 9 -83.69 -89.51 42.37
N VAL H 10 -84.55 -89.15 43.33
CA VAL H 10 -84.24 -88.17 44.37
C VAL H 10 -83.88 -88.91 45.63
N TYR H 11 -82.72 -88.57 46.21
CA TYR H 11 -82.22 -89.25 47.39
C TYR H 11 -82.64 -88.49 48.64
N SER H 12 -83.14 -89.22 49.63
CA SER H 12 -83.65 -88.59 50.84
C SER H 12 -82.50 -88.11 51.71
N GLU H 13 -82.86 -87.62 52.89
CA GLU H 13 -81.87 -87.12 53.84
C GLU H 13 -80.91 -88.22 54.27
N LYS H 14 -81.43 -89.43 54.48
CA LYS H 14 -80.64 -90.54 54.99
C LYS H 14 -79.68 -91.10 53.95
N GLY H 15 -79.77 -90.69 52.69
CA GLY H 15 -78.93 -91.19 51.64
C GLY H 15 -79.53 -92.31 50.80
N GLU H 16 -80.71 -92.77 51.16
CA GLU H 16 -81.42 -93.78 50.39
C GLU H 16 -82.45 -93.12 49.47
N SER H 17 -82.85 -93.86 48.45
CA SER H 17 -83.77 -93.31 47.45
C SER H 17 -85.16 -93.12 48.05
N SER H 18 -85.72 -91.93 47.86
CA SER H 18 -87.03 -91.60 48.40
C SER H 18 -88.18 -92.17 47.59
N GLY H 19 -87.90 -92.76 46.43
CA GLY H 19 -88.93 -93.31 45.58
C GLY H 19 -89.50 -92.33 44.57
N LYS H 20 -89.13 -91.07 44.62
CA LYS H 20 -89.56 -90.08 43.64
C LYS H 20 -88.42 -89.81 42.68
N ASN H 21 -88.77 -89.65 41.40
CA ASN H 21 -87.79 -89.50 40.34
C ASN H 21 -88.04 -88.22 39.56
N VAL H 22 -86.97 -87.69 38.98
CA VAL H 22 -87.03 -86.53 38.10
C VAL H 22 -86.38 -86.91 36.78
N THR H 23 -87.06 -86.64 35.68
CA THR H 23 -86.46 -86.88 34.37
C THR H 23 -85.29 -85.94 34.16
N LEU H 24 -84.27 -86.44 33.48
CA LEU H 24 -83.04 -85.69 33.31
C LEU H 24 -83.29 -84.45 32.46
N PRO H 25 -82.97 -83.25 32.94
CA PRO H 25 -83.12 -82.06 32.11
C PRO H 25 -82.23 -82.12 30.89
N ALA H 26 -82.69 -81.49 29.81
CA ALA H 26 -81.97 -81.56 28.54
C ALA H 26 -80.61 -80.88 28.60
N VAL H 27 -80.39 -80.00 29.58
CA VAL H 27 -79.10 -79.31 29.69
C VAL H 27 -77.97 -80.29 29.96
N PHE H 28 -78.27 -81.47 30.52
CA PHE H 28 -77.24 -82.47 30.73
C PHE H 28 -76.92 -83.26 29.48
N LYS H 29 -77.76 -83.18 28.45
CA LYS H 29 -77.46 -83.75 27.16
C LYS H 29 -76.89 -82.73 26.18
N ALA H 30 -76.67 -81.50 26.63
CA ALA H 30 -76.17 -80.41 25.80
C ALA H 30 -74.73 -80.72 25.38
N PRO H 31 -74.25 -80.16 24.27
CA PRO H 31 -72.88 -80.46 23.83
C PRO H 31 -71.85 -80.01 24.86
N ILE H 32 -70.82 -80.83 25.02
CA ILE H 32 -69.71 -80.54 25.92
C ILE H 32 -68.60 -79.94 25.09
N ARG H 33 -68.25 -78.69 25.37
CA ARG H 33 -67.25 -77.95 24.59
C ARG H 33 -66.20 -77.40 25.54
N PRO H 34 -65.20 -78.21 25.89
CA PRO H 34 -64.14 -77.72 26.79
C PRO H 34 -63.39 -76.51 26.25
N ASP H 35 -63.25 -76.40 24.92
CA ASP H 35 -62.59 -75.22 24.36
C ASP H 35 -63.44 -73.97 24.55
N ILE H 36 -64.76 -74.09 24.44
CA ILE H 36 -65.64 -72.97 24.72
C ILE H 36 -65.60 -72.63 26.20
N VAL H 37 -65.67 -73.66 27.06
CA VAL H 37 -65.65 -73.44 28.51
C VAL H 37 -64.33 -72.79 28.93
N ASN H 38 -63.22 -73.30 28.39
CA ASN H 38 -61.92 -72.70 28.71
C ASN H 38 -61.83 -71.27 28.22
N PHE H 39 -62.36 -71.00 27.03
CA PHE H 39 -62.32 -69.64 26.48
C PHE H 39 -63.16 -68.69 27.32
N VAL H 40 -64.37 -69.10 27.69
CA VAL H 40 -65.25 -68.24 28.49
C VAL H 40 -64.68 -68.05 29.88
N HIS H 41 -64.19 -69.14 30.50
CA HIS H 41 -63.63 -69.03 31.84
C HIS H 41 -62.39 -68.15 31.85
N THR H 42 -61.55 -68.26 30.82
CA THR H 42 -60.34 -67.45 30.76
C THR H 42 -60.66 -65.97 30.69
N ASN H 43 -61.65 -65.60 29.87
CA ASN H 43 -62.02 -64.20 29.72
C ASN H 43 -62.86 -63.67 30.86
N LEU H 44 -63.71 -64.50 31.46
CA LEU H 44 -64.53 -64.05 32.58
C LEU H 44 -63.73 -63.94 33.87
N ARG H 45 -62.66 -64.72 34.04
CA ARG H 45 -61.87 -64.63 35.25
C ARG H 45 -61.04 -63.35 35.31
N LYS H 46 -60.95 -62.59 34.22
CA LYS H 46 -60.26 -61.31 34.25
C LYS H 46 -61.16 -60.17 34.72
N ASN H 47 -62.46 -60.40 34.87
CA ASN H 47 -63.39 -59.32 35.16
C ASN H 47 -63.41 -58.92 36.62
N ASN H 48 -62.96 -59.78 37.53
CA ASN H 48 -62.87 -59.43 38.94
C ASN H 48 -61.52 -58.83 39.31
N ARG H 49 -60.65 -58.64 38.34
CA ARG H 49 -59.30 -58.16 38.61
C ARG H 49 -59.33 -56.71 39.09
N GLN H 50 -58.36 -56.37 39.93
CA GLN H 50 -58.10 -55.05 40.46
C GLN H 50 -56.89 -54.45 39.78
N PRO H 51 -56.96 -53.18 39.38
CA PRO H 51 -55.85 -52.56 38.64
C PRO H 51 -54.59 -52.46 39.48
N TYR H 52 -53.45 -52.58 38.81
CA TYR H 52 -52.16 -52.30 39.41
C TYR H 52 -51.34 -51.46 38.45
N ALA H 53 -50.55 -50.55 39.01
CA ALA H 53 -49.72 -49.66 38.22
C ALA H 53 -48.63 -49.09 39.11
N VAL H 54 -47.57 -48.62 38.48
CA VAL H 54 -46.52 -47.92 39.20
C VAL H 54 -46.83 -46.43 39.20
N SER H 55 -46.20 -45.70 40.12
CA SER H 55 -46.44 -44.26 40.21
C SER H 55 -45.95 -43.57 38.94
N GLU H 56 -46.73 -42.60 38.48
CA GLU H 56 -46.35 -41.84 37.29
C GLU H 56 -45.13 -40.96 37.55
N LEU H 57 -44.86 -40.62 38.81
CA LEU H 57 -43.69 -39.84 39.18
C LEU H 57 -42.51 -40.71 39.57
N ALA H 58 -42.61 -42.02 39.43
CA ALA H 58 -41.53 -42.91 39.86
C ALA H 58 -40.29 -42.69 39.02
N GLY H 59 -39.22 -42.21 39.67
CA GLY H 59 -37.95 -42.01 39.02
C GLY H 59 -37.81 -40.71 38.28
N HIS H 60 -38.86 -39.90 38.18
CA HIS H 60 -38.81 -38.66 37.43
C HIS H 60 -38.86 -37.42 38.30
N GLN H 61 -38.78 -37.58 39.61
CA GLN H 61 -38.64 -36.44 40.52
C GLN H 61 -37.17 -36.22 40.86
N THR H 62 -36.38 -36.00 39.82
CA THR H 62 -34.93 -35.96 39.98
C THR H 62 -34.29 -34.67 39.46
N SER H 63 -34.74 -34.17 38.31
CA SER H 63 -34.15 -33.00 37.65
C SER H 63 -32.66 -33.23 37.36
N ALA H 64 -32.40 -34.19 36.49
CA ALA H 64 -31.04 -34.59 36.13
C ALA H 64 -30.69 -34.08 34.74
N GLU H 65 -29.47 -33.58 34.60
CA GLU H 65 -28.94 -33.12 33.32
C GLU H 65 -28.01 -34.19 32.73
N SER H 66 -27.71 -34.04 31.44
CA SER H 66 -27.07 -35.08 30.66
C SER H 66 -25.55 -35.03 30.68
N TRP H 67 -24.94 -34.12 31.45
CA TRP H 67 -23.52 -34.14 31.75
C TRP H 67 -22.64 -33.83 30.53
N GLY H 68 -23.25 -33.64 29.36
CA GLY H 68 -22.50 -33.43 28.15
C GLY H 68 -21.85 -34.69 27.63
N THR H 69 -20.97 -34.52 26.65
CA THR H 69 -20.23 -35.61 26.06
C THR H 69 -18.72 -35.45 26.14
N GLY H 70 -18.21 -34.33 26.63
CA GLY H 70 -16.78 -34.12 26.73
C GLY H 70 -16.12 -34.76 27.92
N ARG H 71 -16.89 -35.39 28.80
CA ARG H 71 -16.36 -36.11 29.94
C ARG H 71 -16.41 -37.60 29.66
N ALA H 72 -15.46 -38.35 30.22
CA ALA H 72 -15.31 -39.75 29.87
C ALA H 72 -16.32 -40.64 30.59
N VAL H 73 -17.60 -40.27 30.50
CA VAL H 73 -18.69 -41.06 31.06
C VAL H 73 -19.82 -41.09 30.04
N ALA H 74 -20.74 -42.04 30.21
CA ALA H 74 -21.83 -42.21 29.29
C ALA H 74 -22.77 -41.01 29.33
N ARG H 75 -23.54 -40.84 28.26
CA ARG H 75 -24.37 -39.66 28.06
C ARG H 75 -25.72 -39.75 28.74
N ILE H 76 -25.90 -40.70 29.67
CA ILE H 76 -27.13 -40.79 30.46
C ILE H 76 -27.27 -39.54 31.30
N PRO H 77 -28.49 -39.03 31.53
CA PRO H 77 -28.64 -37.93 32.50
C PRO H 77 -28.13 -38.31 33.88
N ARG H 78 -27.48 -37.35 34.52
CA ARG H 78 -26.89 -37.54 35.84
C ARG H 78 -27.43 -36.51 36.81
N VAL H 79 -27.62 -36.91 38.06
CA VAL H 79 -28.16 -36.03 39.07
C VAL H 79 -27.18 -34.89 39.34
N ARG H 80 -27.70 -33.67 39.45
CA ARG H 80 -26.89 -32.51 39.74
C ARG H 80 -26.62 -32.41 41.24
N GLY H 81 -25.66 -31.57 41.60
CA GLY H 81 -25.33 -31.37 42.99
C GLY H 81 -23.84 -31.48 43.26
N GLY H 82 -23.45 -32.38 44.15
CA GLY H 82 -22.05 -32.60 44.44
C GLY H 82 -21.73 -32.94 45.87
N GLY H 83 -22.72 -32.86 46.75
CA GLY H 83 -22.51 -33.08 48.16
C GLY H 83 -23.03 -34.38 48.74
N THR H 84 -23.49 -35.31 47.90
CA THR H 84 -24.07 -36.56 48.38
C THR H 84 -23.66 -37.69 47.45
N HIS H 85 -24.09 -38.90 47.81
CA HIS H 85 -23.84 -40.06 46.95
C HIS H 85 -24.63 -39.95 45.65
N ARG H 86 -25.84 -39.42 45.72
CA ARG H 86 -26.71 -39.35 44.55
C ARG H 86 -26.14 -38.45 43.46
N SER H 87 -25.27 -37.52 43.80
CA SER H 87 -24.74 -36.59 42.81
C SER H 87 -23.90 -37.31 41.77
N GLY H 88 -24.17 -37.03 40.50
CA GLY H 88 -23.47 -37.66 39.41
C GLY H 88 -23.98 -39.03 39.03
N GLN H 89 -24.99 -39.55 39.73
CA GLN H 89 -25.53 -40.87 39.42
C GLN H 89 -26.56 -40.77 38.30
N GLY H 90 -26.63 -41.83 37.49
CA GLY H 90 -27.54 -41.83 36.38
C GLY H 90 -28.98 -41.82 36.82
N ALA H 91 -29.85 -41.29 35.96
CA ALA H 91 -31.26 -41.15 36.27
C ALA H 91 -32.07 -41.21 34.98
N PHE H 92 -33.39 -41.32 35.15
CA PHE H 92 -34.39 -41.23 34.08
C PHE H 92 -34.37 -42.41 33.12
N GLY H 93 -33.45 -43.35 33.29
CA GLY H 93 -33.31 -44.49 32.39
C GLY H 93 -33.73 -45.78 33.08
N ASN H 94 -34.31 -46.69 32.30
CA ASN H 94 -34.65 -48.00 32.85
C ASN H 94 -33.42 -48.79 33.23
N MET H 95 -32.28 -48.50 32.61
CA MET H 95 -31.03 -49.16 32.94
C MET H 95 -30.37 -48.61 34.20
N CYS H 96 -30.89 -47.52 34.76
CA CYS H 96 -30.27 -46.83 35.87
C CYS H 96 -30.93 -47.23 37.19
N ARG H 97 -30.10 -47.41 38.21
CA ARG H 97 -30.63 -47.64 39.55
C ARG H 97 -31.33 -46.38 40.05
N GLY H 98 -32.54 -46.54 40.56
CA GLY H 98 -33.34 -45.40 40.93
C GLY H 98 -34.04 -44.71 39.78
N GLY H 99 -33.97 -45.29 38.58
CA GLY H 99 -34.62 -44.71 37.42
C GLY H 99 -36.01 -45.28 37.17
N ARG H 100 -36.65 -44.74 36.15
CA ARG H 100 -38.01 -45.14 35.81
C ARG H 100 -38.00 -46.38 34.94
N MET H 101 -38.88 -47.32 35.26
CA MET H 101 -38.97 -48.56 34.51
C MET H 101 -39.43 -48.30 33.07
N PHE H 102 -39.06 -49.20 32.17
CA PHE H 102 -39.44 -49.06 30.78
C PHE H 102 -40.94 -49.27 30.63
N ALA H 103 -41.60 -48.32 29.97
CA ALA H 103 -43.04 -48.37 29.71
C ALA H 103 -43.79 -48.63 31.01
N PRO H 104 -43.88 -47.64 31.90
CA PRO H 104 -44.49 -47.89 33.21
C PRO H 104 -45.92 -48.40 33.07
N THR H 105 -46.26 -49.36 33.92
CA THR H 105 -47.59 -49.95 33.89
C THR H 105 -48.62 -48.88 34.19
N LYS H 106 -49.66 -48.80 33.37
CA LYS H 106 -50.70 -47.80 33.50
C LYS H 106 -52.02 -48.46 33.85
N THR H 107 -52.86 -47.74 34.57
CA THR H 107 -54.11 -48.32 35.05
C THR H 107 -55.09 -48.59 33.92
N TRP H 108 -55.00 -47.87 32.80
CA TRP H 108 -55.90 -48.10 31.68
C TRP H 108 -55.31 -49.22 30.81
N ARG H 109 -55.46 -50.45 31.30
CA ARG H 109 -54.86 -51.60 30.66
C ARG H 109 -55.89 -52.58 30.10
N ARG H 110 -57.17 -52.22 30.14
CA ARG H 110 -58.26 -53.11 29.72
C ARG H 110 -58.20 -54.44 30.49
N TRP H 111 -58.39 -54.32 31.80
CA TRP H 111 -58.36 -55.49 32.67
C TRP H 111 -59.53 -56.44 32.40
N HIS H 112 -60.62 -55.94 31.86
CA HIS H 112 -61.87 -56.68 31.76
C HIS H 112 -62.14 -57.07 30.31
N ARG H 113 -62.71 -58.25 30.13
CA ARG H 113 -63.16 -58.73 28.84
C ARG H 113 -64.64 -59.05 28.91
N ARG H 114 -65.33 -58.84 27.80
CA ARG H 114 -66.75 -59.14 27.71
C ARG H 114 -66.96 -60.29 26.73
N VAL H 115 -67.90 -61.17 27.05
CA VAL H 115 -68.22 -62.31 26.21
C VAL H 115 -69.69 -62.21 25.81
N ASN H 116 -69.99 -62.70 24.62
CA ASN H 116 -71.37 -62.74 24.14
C ASN H 116 -72.22 -63.57 25.09
N THR H 117 -73.44 -63.12 25.36
CA THR H 117 -74.28 -63.79 26.34
C THR H 117 -74.67 -65.19 25.88
N THR H 118 -74.63 -65.45 24.56
CA THR H 118 -74.89 -66.79 24.08
C THR H 118 -73.70 -67.71 24.30
N GLN H 119 -72.49 -67.16 24.21
CA GLN H 119 -71.30 -67.96 24.51
C GLN H 119 -71.23 -68.31 25.98
N LYS H 120 -71.58 -67.37 26.86
CA LYS H 120 -71.53 -67.63 28.29
C LYS H 120 -72.55 -68.70 28.69
N ARG H 121 -73.74 -68.65 28.08
CA ARG H 121 -74.72 -69.69 28.35
C ARG H 121 -74.28 -71.03 27.77
N TYR H 122 -73.57 -71.01 26.65
CA TYR H 122 -73.00 -72.23 26.09
C TYR H 122 -72.00 -72.87 27.05
N ALA H 123 -71.15 -72.04 27.66
CA ALA H 123 -70.16 -72.58 28.60
C ALA H 123 -70.83 -73.16 29.84
N ILE H 124 -71.94 -72.56 30.28
CA ILE H 124 -72.68 -73.11 31.40
C ILE H 124 -73.30 -74.45 31.02
N CYS H 125 -73.89 -74.53 29.83
CA CYS H 125 -74.55 -75.77 29.40
C CYS H 125 -73.55 -76.89 29.24
N SER H 126 -72.37 -76.60 28.68
CA SER H 126 -71.33 -77.62 28.57
C SER H 126 -70.82 -78.05 29.93
N ALA H 127 -70.71 -77.10 30.87
CA ALA H 127 -70.26 -77.44 32.21
C ALA H 127 -71.28 -78.29 32.94
N LEU H 128 -72.57 -77.98 32.78
CA LEU H 128 -73.62 -78.77 33.42
C LEU H 128 -73.68 -80.18 32.84
N ALA H 129 -73.55 -80.29 31.52
CA ALA H 129 -73.61 -81.60 30.88
C ALA H 129 -72.44 -82.47 31.31
N ALA H 130 -71.25 -81.88 31.46
CA ALA H 130 -70.07 -82.62 31.85
C ALA H 130 -70.02 -82.94 33.34
N SER H 131 -70.92 -82.38 34.13
CA SER H 131 -70.99 -82.73 35.55
C SER H 131 -71.88 -83.94 35.80
N ALA H 132 -72.48 -84.51 34.76
CA ALA H 132 -73.32 -85.69 34.88
C ALA H 132 -72.67 -86.92 34.28
N LEU H 133 -71.40 -86.83 33.87
CA LEU H 133 -70.65 -87.97 33.35
C LEU H 133 -69.63 -88.40 34.40
N PRO H 134 -69.71 -89.64 34.89
CA PRO H 134 -68.78 -90.05 35.96
C PRO H 134 -67.31 -89.98 35.55
N ALA H 135 -66.98 -90.24 34.29
CA ALA H 135 -65.58 -90.21 33.87
C ALA H 135 -64.99 -88.82 34.00
N LEU H 136 -65.74 -87.79 33.61
CA LEU H 136 -65.19 -86.44 33.66
C LEU H 136 -65.11 -85.93 35.10
N VAL H 137 -66.08 -86.28 35.94
CA VAL H 137 -66.06 -85.83 37.33
C VAL H 137 -64.89 -86.48 38.07
N MET H 138 -64.69 -87.78 37.86
CA MET H 138 -63.55 -88.45 38.48
C MET H 138 -62.23 -87.91 37.93
N SER H 139 -62.20 -87.57 36.64
CA SER H 139 -60.99 -87.01 36.06
C SER H 139 -60.65 -85.65 36.66
N LYS H 140 -61.66 -84.95 37.19
CA LYS H 140 -61.38 -83.76 37.98
C LYS H 140 -60.89 -84.12 39.38
N GLY H 141 -61.00 -85.38 39.77
CA GLY H 141 -60.51 -85.80 41.07
C GLY H 141 -61.48 -85.47 42.18
N HIS H 142 -62.72 -85.94 42.07
CA HIS H 142 -63.77 -85.60 43.01
C HIS H 142 -64.27 -86.80 43.80
N ARG H 143 -63.53 -87.90 43.78
CA ARG H 143 -63.72 -89.03 44.72
C ARG H 143 -65.17 -89.50 44.78
N ILE H 144 -65.82 -89.56 43.62
CA ILE H 144 -67.20 -90.08 43.56
C ILE H 144 -67.08 -91.58 43.28
N GLU H 145 -66.86 -92.34 44.34
CA GLU H 145 -66.77 -93.79 44.25
C GLU H 145 -67.99 -94.50 44.81
N GLU H 146 -68.48 -94.08 45.98
CA GLU H 146 -69.69 -94.63 46.55
C GLU H 146 -70.88 -93.71 46.39
N VAL H 147 -70.73 -92.61 45.65
CA VAL H 147 -71.87 -91.73 45.38
C VAL H 147 -72.83 -92.44 44.42
N PRO H 148 -74.10 -92.59 44.77
CA PRO H 148 -75.04 -93.24 43.85
C PRO H 148 -75.77 -92.22 42.98
N GLU H 149 -75.97 -92.60 41.72
CA GLU H 149 -76.72 -91.78 40.77
C GLU H 149 -76.10 -90.39 40.63
N LEU H 150 -74.91 -90.38 40.02
CA LEU H 150 -74.02 -89.21 39.97
C LEU H 150 -74.70 -87.86 39.83
N PRO H 151 -75.69 -87.65 38.93
CA PRO H 151 -76.43 -86.39 39.04
C PRO H 151 -77.24 -86.45 40.32
N LEU H 152 -76.72 -85.77 41.34
CA LEU H 152 -77.10 -86.04 42.73
C LEU H 152 -78.13 -85.00 43.15
N VAL H 153 -79.38 -85.44 43.28
CA VAL H 153 -80.47 -84.57 43.69
C VAL H 153 -81.01 -85.09 45.02
N VAL H 154 -81.30 -84.17 45.93
CA VAL H 154 -81.82 -84.50 47.25
C VAL H 154 -83.12 -83.74 47.46
N GLU H 155 -83.82 -84.09 48.54
CA GLU H 155 -85.08 -83.45 48.83
C GLU H 155 -84.86 -82.00 49.27
N ASP H 156 -85.94 -81.22 49.18
CA ASP H 156 -85.87 -79.80 49.52
C ASP H 156 -85.74 -79.56 51.02
N LYS H 157 -85.87 -80.59 51.84
CA LYS H 157 -85.67 -80.44 53.28
C LYS H 157 -84.25 -79.98 53.60
N VAL H 158 -83.29 -80.31 52.73
CA VAL H 158 -81.91 -79.87 52.93
C VAL H 158 -81.81 -78.36 52.89
N GLU H 159 -82.62 -77.72 52.04
CA GLU H 159 -82.59 -76.26 51.94
C GLU H 159 -82.94 -75.56 53.25
N GLY H 160 -83.63 -76.25 54.16
CA GLY H 160 -84.00 -75.67 55.43
C GLY H 160 -83.04 -76.02 56.55
N TYR H 161 -81.84 -76.48 56.19
CA TYR H 161 -80.83 -76.78 57.19
C TYR H 161 -80.38 -75.52 57.91
N LYS H 162 -80.04 -75.67 59.19
CA LYS H 162 -79.63 -74.55 60.01
C LYS H 162 -78.36 -74.78 60.82
N LYS H 163 -77.85 -76.01 60.87
CA LYS H 163 -76.65 -76.32 61.65
C LYS H 163 -75.62 -76.97 60.75
N THR H 164 -74.34 -76.79 61.09
CA THR H 164 -73.29 -77.44 60.33
C THR H 164 -73.22 -78.92 60.65
N LYS H 165 -73.64 -79.32 61.85
CA LYS H 165 -73.58 -80.72 62.24
C LYS H 165 -74.45 -81.59 61.34
N GLU H 166 -75.66 -81.13 61.03
CA GLU H 166 -76.51 -81.90 60.14
C GLU H 166 -76.02 -81.83 58.70
N ALA H 167 -75.35 -80.73 58.32
CA ALA H 167 -74.77 -80.64 56.98
C ALA H 167 -73.66 -81.67 56.80
N VAL H 168 -72.82 -81.85 57.81
CA VAL H 168 -71.81 -82.91 57.76
C VAL H 168 -72.48 -84.28 57.68
N LEU H 169 -73.56 -84.47 58.44
CA LEU H 169 -74.27 -85.74 58.42
C LEU H 169 -74.84 -86.03 57.04
N LEU H 170 -75.41 -85.02 56.39
CA LEU H 170 -75.96 -85.21 55.05
C LEU H 170 -74.87 -85.60 54.06
N LEU H 171 -73.72 -84.91 54.13
CA LEU H 171 -72.61 -85.23 53.24
C LEU H 171 -72.07 -86.62 53.51
N LYS H 172 -72.03 -87.03 54.77
CA LYS H 172 -71.55 -88.37 55.10
C LYS H 172 -72.51 -89.44 54.59
N LYS H 173 -73.81 -89.25 54.79
CA LYS H 173 -74.77 -90.25 54.35
C LYS H 173 -74.95 -90.26 52.83
N LEU H 174 -74.59 -89.17 52.16
CA LEU H 174 -74.60 -89.13 50.70
C LEU H 174 -73.30 -89.65 50.10
N LYS H 175 -72.37 -90.11 50.93
CA LYS H 175 -71.05 -90.59 50.54
C LYS H 175 -70.23 -89.54 49.79
N ALA H 176 -70.59 -88.26 49.93
CA ALA H 176 -69.82 -87.18 49.36
C ALA H 176 -68.83 -86.58 50.35
N TRP H 177 -68.75 -87.13 51.56
CA TRP H 177 -67.82 -86.62 52.56
C TRP H 177 -66.36 -86.89 52.19
N ASN H 178 -66.11 -87.89 51.35
CA ASN H 178 -64.72 -88.19 50.96
C ASN H 178 -64.10 -87.05 50.17
N ASP H 179 -64.91 -86.25 49.47
CA ASP H 179 -64.39 -85.03 48.86
C ASP H 179 -63.86 -84.07 49.90
N ILE H 180 -64.60 -83.89 51.00
CA ILE H 180 -64.18 -82.96 52.03
C ILE H 180 -62.90 -83.44 52.71
N LYS H 181 -62.78 -84.76 52.89
CA LYS H 181 -61.53 -85.31 53.41
C LYS H 181 -60.37 -85.02 52.47
N LYS H 182 -60.61 -85.06 51.16
CA LYS H 182 -59.59 -84.69 50.21
C LYS H 182 -59.24 -83.21 50.31
N VAL H 183 -60.24 -82.36 50.53
CA VAL H 183 -59.98 -80.93 50.70
C VAL H 183 -59.17 -80.71 51.98
N TYR H 184 -59.52 -81.40 53.06
CA TYR H 184 -58.77 -81.29 54.31
C TYR H 184 -57.32 -81.74 54.12
N ALA H 185 -57.10 -82.83 53.38
CA ALA H 185 -55.75 -83.30 53.14
C ALA H 185 -55.01 -82.37 52.19
N SER H 186 -55.72 -81.57 51.41
CA SER H 186 -55.09 -80.67 50.46
C SER H 186 -54.81 -79.28 51.04
N GLN H 187 -55.20 -79.02 52.27
CA GLN H 187 -54.93 -77.72 52.88
C GLN H 187 -53.44 -77.59 53.18
N ARG H 188 -52.77 -76.70 52.47
CA ARG H 188 -51.34 -76.51 52.64
C ARG H 188 -51.04 -75.02 52.44
N MET H 189 -49.76 -74.67 52.48
CA MET H 189 -49.34 -73.30 52.27
C MET H 189 -48.98 -73.07 50.81
N ARG H 190 -49.18 -71.83 50.37
CA ARG H 190 -48.88 -71.48 48.99
C ARG H 190 -47.36 -71.41 48.77
N ALA H 191 -46.98 -71.36 47.50
CA ALA H 191 -45.58 -71.23 47.10
C ALA H 191 -45.38 -69.87 46.48
N GLY H 192 -44.60 -69.01 47.15
CA GLY H 192 -44.18 -67.75 46.57
C GLY H 192 -44.71 -66.55 47.34
N LYS H 193 -44.93 -65.46 46.61
CA LYS H 193 -45.33 -64.20 47.20
C LYS H 193 -46.82 -64.11 47.48
N GLY H 194 -47.59 -65.13 47.13
CA GLY H 194 -48.99 -65.15 47.50
C GLY H 194 -49.19 -65.16 49.01
N LYS H 195 -48.27 -65.79 49.74
CA LYS H 195 -48.31 -65.75 51.19
C LYS H 195 -48.15 -64.32 51.69
N MET H 196 -47.35 -63.53 51.00
CA MET H 196 -47.13 -62.14 51.36
C MET H 196 -48.31 -61.26 51.00
N ARG H 197 -49.08 -61.65 49.99
CA ARG H 197 -50.16 -60.83 49.45
C ARG H 197 -51.54 -61.39 49.80
N ASN H 198 -51.68 -61.92 51.01
CA ASN H 198 -52.92 -62.36 51.66
C ASN H 198 -53.47 -63.67 51.10
N ARG H 199 -52.88 -64.26 50.08
CA ARG H 199 -53.30 -65.57 49.60
C ARG H 199 -52.39 -66.65 50.18
N ARG H 200 -52.44 -66.80 51.50
CA ARG H 200 -51.51 -67.66 52.21
C ARG H 200 -51.86 -69.13 52.06
N ARG H 201 -53.04 -69.52 52.53
CA ARG H 201 -53.45 -70.92 52.53
C ARG H 201 -54.27 -71.24 51.29
N ILE H 202 -53.92 -72.34 50.64
CA ILE H 202 -54.65 -72.81 49.47
C ILE H 202 -55.13 -74.23 49.74
N GLN H 203 -56.17 -74.62 49.02
CA GLN H 203 -56.77 -75.94 49.18
C GLN H 203 -57.47 -76.33 47.88
N ARG H 204 -58.08 -77.50 47.91
CA ARG H 204 -58.79 -78.03 46.75
C ARG H 204 -60.19 -77.41 46.67
N ARG H 205 -61.03 -77.97 45.82
CA ARG H 205 -62.41 -77.55 45.68
C ARG H 205 -63.33 -78.72 45.98
N GLY H 206 -64.33 -78.50 46.83
CA GLY H 206 -65.27 -79.53 47.18
C GLY H 206 -66.46 -79.54 46.24
N PRO H 207 -67.47 -80.33 46.58
CA PRO H 207 -68.67 -80.38 45.74
C PRO H 207 -69.45 -79.09 45.79
N CYS H 208 -70.17 -78.80 44.71
CA CYS H 208 -71.07 -77.67 44.65
C CYS H 208 -72.45 -78.09 45.14
N ILE H 209 -72.99 -77.33 46.08
CA ILE H 209 -74.37 -77.52 46.52
C ILE H 209 -75.20 -76.48 45.81
N ILE H 210 -76.08 -76.93 44.92
CA ILE H 210 -76.88 -76.05 44.09
C ILE H 210 -78.31 -76.10 44.61
N TYR H 211 -78.71 -75.04 45.31
CA TYR H 211 -80.02 -74.94 45.92
C TYR H 211 -80.93 -74.07 45.06
N ASN H 212 -82.20 -74.01 45.46
CA ASN H 212 -83.18 -73.14 44.84
C ASN H 212 -83.65 -72.03 45.76
N GLU H 213 -83.89 -72.33 47.03
CA GLU H 213 -84.31 -71.34 48.01
C GLU H 213 -83.35 -71.36 49.18
N ASP H 214 -82.82 -70.18 49.53
CA ASP H 214 -81.88 -70.05 50.64
C ASP H 214 -82.70 -69.92 51.92
N ASN H 215 -83.04 -71.06 52.52
CA ASN H 215 -83.73 -71.10 53.80
C ASN H 215 -82.79 -71.46 54.95
N GLY H 216 -81.53 -71.04 54.87
CA GLY H 216 -80.53 -71.34 55.87
C GLY H 216 -79.46 -72.31 55.42
N ILE H 217 -79.57 -72.86 54.21
CA ILE H 217 -78.59 -73.83 53.73
C ILE H 217 -77.22 -73.18 53.55
N ILE H 218 -77.17 -71.90 53.19
CA ILE H 218 -75.90 -71.20 53.06
C ILE H 218 -75.17 -71.16 54.40
N LYS H 219 -75.91 -70.84 55.47
CA LYS H 219 -75.29 -70.78 56.79
C LYS H 219 -74.96 -72.17 57.31
N ALA H 220 -75.77 -73.18 57.00
CA ALA H 220 -75.49 -74.54 57.45
C ALA H 220 -74.19 -75.04 56.85
N PHE H 221 -74.01 -74.84 55.54
CA PHE H 221 -72.73 -75.08 54.88
C PHE H 221 -71.89 -73.82 55.03
N ARG H 222 -70.85 -73.68 54.21
CA ARG H 222 -69.90 -72.57 54.10
C ARG H 222 -68.86 -72.61 55.21
N ASN H 223 -69.02 -73.44 56.23
CA ASN H 223 -67.92 -73.73 57.15
C ASN H 223 -67.22 -75.02 56.81
N ILE H 224 -67.78 -75.80 55.89
CA ILE H 224 -67.11 -76.98 55.33
C ILE H 224 -66.13 -76.49 54.28
N PRO H 225 -64.84 -76.80 54.41
CA PRO H 225 -63.86 -76.30 53.43
C PRO H 225 -64.07 -76.94 52.07
N GLY H 226 -64.12 -76.11 51.03
CA GLY H 226 -64.30 -76.55 49.67
C GLY H 226 -65.73 -76.50 49.18
N ILE H 227 -66.70 -76.49 50.08
CA ILE H 227 -68.11 -76.47 49.70
C ILE H 227 -68.49 -75.07 49.27
N THR H 228 -69.12 -74.96 48.11
CA THR H 228 -69.62 -73.68 47.60
C THR H 228 -71.06 -73.82 47.16
N LEU H 229 -71.86 -72.79 47.43
CA LEU H 229 -73.27 -72.75 47.12
C LEU H 229 -73.47 -71.98 45.81
N LEU H 230 -74.58 -72.29 45.12
CA LEU H 230 -74.68 -71.78 43.77
C LEU H 230 -75.97 -71.03 43.41
N ASN H 231 -77.11 -71.37 44.02
CA ASN H 231 -78.37 -70.68 43.74
C ASN H 231 -78.75 -70.77 42.27
N VAL H 232 -79.22 -71.94 41.82
CA VAL H 232 -79.38 -72.35 40.43
C VAL H 232 -79.87 -71.24 39.51
N SER H 233 -80.71 -70.33 40.03
CA SER H 233 -81.21 -69.22 39.21
C SER H 233 -80.07 -68.33 38.72
N LYS H 234 -78.96 -68.26 39.45
CA LYS H 234 -77.78 -67.50 39.04
C LYS H 234 -76.58 -68.45 39.09
N LEU H 235 -76.38 -69.20 38.01
CA LEU H 235 -75.24 -70.11 37.93
C LEU H 235 -73.99 -69.37 37.49
N ASN H 236 -72.84 -69.87 37.94
CA ASN H 236 -71.55 -69.23 37.71
C ASN H 236 -70.63 -70.24 37.04
N ILE H 237 -70.07 -69.85 35.89
CA ILE H 237 -69.09 -70.71 35.23
C ILE H 237 -67.79 -70.77 36.03
N LEU H 238 -67.44 -69.66 36.68
CA LEU H 238 -66.23 -69.62 37.49
C LEU H 238 -66.28 -70.57 38.68
N LYS H 239 -67.47 -70.97 39.11
CA LYS H 239 -67.63 -71.96 40.17
C LYS H 239 -68.00 -73.34 39.65
N LEU H 240 -68.56 -73.43 38.45
CA LEU H 240 -68.92 -74.72 37.88
C LEU H 240 -67.77 -75.38 37.15
N ALA H 241 -66.81 -74.60 36.65
CA ALA H 241 -65.59 -75.11 36.03
C ALA H 241 -64.44 -74.35 36.65
N PRO H 242 -64.00 -74.75 37.85
CA PRO H 242 -63.13 -73.87 38.65
C PRO H 242 -61.82 -73.48 37.98
N GLY H 243 -61.18 -74.39 37.28
CA GLY H 243 -59.91 -74.06 36.64
C GLY H 243 -60.02 -73.97 35.14
N GLY H 244 -61.24 -73.83 34.64
CA GLY H 244 -61.49 -73.95 33.22
C GLY H 244 -61.68 -75.38 32.76
N HIS H 245 -61.67 -76.35 33.66
CA HIS H 245 -61.87 -77.74 33.34
C HIS H 245 -63.29 -78.15 33.70
N VAL H 246 -63.97 -78.82 32.77
CA VAL H 246 -65.33 -79.27 33.02
C VAL H 246 -65.30 -80.50 33.92
N GLY H 247 -66.42 -80.71 34.62
CA GLY H 247 -66.56 -81.91 35.41
C GLY H 247 -66.47 -81.71 36.91
N ARG H 248 -67.06 -80.63 37.41
CA ARG H 248 -67.11 -80.42 38.85
C ARG H 248 -68.25 -81.21 39.47
N PHE H 249 -67.95 -81.88 40.59
CA PHE H 249 -68.97 -82.61 41.32
C PHE H 249 -69.99 -81.63 41.90
N CYS H 250 -71.26 -81.83 41.58
CA CYS H 250 -72.34 -80.96 42.02
C CYS H 250 -73.42 -81.79 42.69
N ILE H 251 -73.93 -81.29 43.81
CA ILE H 251 -75.04 -81.90 44.52
C ILE H 251 -76.24 -80.96 44.38
N TRP H 252 -77.30 -81.44 43.76
CA TRP H 252 -78.49 -80.65 43.51
C TRP H 252 -79.54 -80.88 44.58
N THR H 253 -80.49 -79.96 44.65
CA THR H 253 -81.72 -80.14 45.40
C THR H 253 -82.85 -80.39 44.40
N GLU H 254 -83.94 -80.99 44.90
CA GLU H 254 -85.04 -81.36 44.02
C GLU H 254 -85.68 -80.14 43.38
N SER H 255 -85.85 -79.05 44.14
CA SER H 255 -86.43 -77.83 43.59
C SER H 255 -85.52 -77.23 42.52
N ALA H 256 -84.22 -77.22 42.78
CA ALA H 256 -83.27 -76.67 41.80
C ALA H 256 -83.26 -77.51 40.53
N PHE H 257 -83.33 -78.84 40.69
CA PHE H 257 -83.30 -79.72 39.52
C PHE H 257 -84.51 -79.51 38.63
N ARG H 258 -85.69 -79.38 39.22
CA ARG H 258 -86.90 -79.21 38.43
C ARG H 258 -86.93 -77.85 37.74
N LYS H 259 -86.20 -76.87 38.27
CA LYS H 259 -86.14 -75.56 37.65
C LYS H 259 -85.14 -75.49 36.50
N LEU H 260 -84.33 -76.54 36.31
CA LEU H 260 -83.32 -76.51 35.26
C LEU H 260 -83.96 -76.50 33.88
N ASP H 261 -85.05 -77.24 33.70
CA ASP H 261 -85.73 -77.26 32.42
C ASP H 261 -86.31 -75.89 32.09
N GLU H 262 -86.89 -75.22 33.08
CA GLU H 262 -87.42 -73.89 32.84
C GLU H 262 -86.32 -72.85 32.67
N LEU H 263 -85.14 -73.12 33.23
CA LEU H 263 -84.04 -72.16 33.16
C LEU H 263 -83.40 -72.15 31.78
N TYR H 264 -83.17 -73.33 31.19
CA TYR H 264 -82.43 -73.45 29.95
C TYR H 264 -83.20 -74.09 28.81
N GLY H 265 -84.24 -74.87 29.10
CA GLY H 265 -85.11 -75.33 28.03
C GLY H 265 -84.64 -76.63 27.41
N THR H 266 -85.61 -77.39 26.91
CA THR H 266 -85.35 -78.54 26.08
C THR H 266 -85.10 -78.06 24.64
N TRP H 267 -84.60 -78.94 23.78
CA TRP H 267 -84.40 -78.57 22.38
C TRP H 267 -85.71 -78.34 21.64
N ARG H 268 -86.84 -78.73 22.23
CA ARG H 268 -88.14 -78.59 21.58
C ARG H 268 -89.06 -77.61 22.29
N LYS H 269 -88.59 -76.92 23.33
CA LYS H 269 -89.31 -75.80 23.90
C LYS H 269 -88.30 -74.82 24.47
N ALA H 270 -88.47 -73.54 24.16
CA ALA H 270 -87.51 -72.53 24.59
C ALA H 270 -87.58 -72.35 26.10
N ALA H 271 -86.49 -71.80 26.65
CA ALA H 271 -86.43 -71.55 28.08
C ALA H 271 -87.45 -70.48 28.48
N SER H 272 -88.26 -70.79 29.49
CA SER H 272 -89.31 -69.88 29.92
C SER H 272 -88.80 -68.79 30.86
N LEU H 273 -87.56 -68.87 31.33
CA LEU H 273 -86.99 -67.89 32.24
C LEU H 273 -85.85 -67.11 31.61
N LYS H 274 -85.70 -67.17 30.29
CA LYS H 274 -84.67 -66.40 29.60
C LYS H 274 -85.15 -65.68 28.36
N SER H 275 -86.39 -65.90 27.91
CA SER H 275 -87.10 -65.05 26.96
C SER H 275 -86.55 -65.12 25.54
N ASN H 276 -85.39 -65.74 25.36
CA ASN H 276 -84.85 -65.98 24.02
C ASN H 276 -84.18 -67.34 23.89
N TYR H 277 -83.79 -67.98 24.98
CA TYR H 277 -82.77 -69.02 24.92
C TYR H 277 -83.34 -70.36 24.49
N ASN H 278 -82.54 -71.09 23.72
CA ASN H 278 -82.76 -72.50 23.43
C ASN H 278 -81.42 -73.20 23.48
N LEU H 279 -81.45 -74.49 23.77
CA LEU H 279 -80.22 -75.23 23.98
C LEU H 279 -79.41 -75.28 22.68
N PRO H 280 -78.08 -75.24 22.76
CA PRO H 280 -77.26 -75.33 21.56
C PRO H 280 -77.42 -76.70 20.91
N MET H 281 -77.36 -76.71 19.59
CA MET H 281 -77.60 -77.93 18.82
C MET H 281 -76.31 -78.72 18.64
N HIS H 282 -76.48 -80.02 18.36
CA HIS H 282 -75.36 -80.92 18.19
C HIS H 282 -74.94 -80.97 16.74
N LYS H 283 -73.64 -80.82 16.49
CA LYS H 283 -73.10 -81.00 15.15
C LYS H 283 -72.67 -82.44 14.90
N MET H 284 -72.76 -83.30 15.90
CA MET H 284 -72.55 -84.74 15.76
C MET H 284 -73.54 -85.42 16.69
N ILE H 285 -74.58 -86.00 16.12
CA ILE H 285 -75.68 -86.53 16.94
C ILE H 285 -75.21 -87.74 17.74
N ASN H 286 -74.54 -88.68 17.10
CA ASN H 286 -74.08 -89.91 17.74
C ASN H 286 -72.56 -89.93 17.69
N THR H 287 -71.93 -89.55 18.80
CA THR H 287 -70.47 -89.51 18.87
C THR H 287 -69.90 -90.83 19.40
N ASP H 288 -70.33 -91.94 18.82
CA ASP H 288 -69.84 -93.27 19.19
C ASP H 288 -69.07 -93.79 17.99
N LEU H 289 -67.78 -93.43 17.94
CA LEU H 289 -66.96 -93.78 16.78
C LEU H 289 -66.82 -95.28 16.63
N SER H 290 -66.71 -96.01 17.73
CA SER H 290 -66.58 -97.46 17.66
C SER H 290 -67.83 -98.09 17.04
N ARG H 291 -69.01 -97.60 17.43
CA ARG H 291 -70.24 -98.15 16.86
C ARG H 291 -70.40 -97.77 15.40
N ILE H 292 -70.04 -96.54 15.04
CA ILE H 292 -70.22 -96.08 13.67
C ILE H 292 -69.31 -96.85 12.71
N LEU H 293 -68.04 -97.00 13.08
CA LEU H 293 -67.07 -97.64 12.19
C LEU H 293 -67.29 -99.13 12.07
N LYS H 294 -67.96 -99.76 13.04
CA LYS H 294 -68.25 -101.18 12.98
C LYS H 294 -69.66 -101.47 12.48
N SER H 295 -70.40 -100.43 12.07
CA SER H 295 -71.73 -100.65 11.53
C SER H 295 -71.63 -101.41 10.21
N PRO H 296 -72.54 -102.35 9.95
CA PRO H 296 -72.47 -103.12 8.71
C PRO H 296 -72.57 -102.27 7.45
N GLU H 297 -73.27 -101.14 7.50
CA GLU H 297 -73.39 -100.28 6.32
C GLU H 297 -72.03 -99.73 5.90
N ILE H 298 -71.25 -99.26 6.88
CA ILE H 298 -69.91 -98.74 6.57
C ILE H 298 -68.98 -99.87 6.13
N GLN H 299 -69.07 -101.02 6.80
CA GLN H 299 -68.13 -102.10 6.56
C GLN H 299 -68.23 -102.63 5.13
N ARG H 300 -69.45 -102.77 4.59
CA ARG H 300 -69.59 -103.29 3.24
C ARG H 300 -69.11 -102.29 2.19
N ALA H 301 -69.14 -101.00 2.52
CA ALA H 301 -68.67 -99.99 1.58
C ALA H 301 -67.15 -99.85 1.59
N LEU H 302 -66.48 -100.41 2.59
CA LEU H 302 -65.04 -100.29 2.70
C LEU H 302 -64.35 -101.21 1.70
N ARG H 303 -63.03 -101.15 1.69
CA ARG H 303 -62.19 -102.07 0.94
C ARG H 303 -61.33 -102.86 1.92
N ALA H 304 -60.69 -103.89 1.41
CA ALA H 304 -59.88 -104.75 2.27
C ALA H 304 -58.68 -103.98 2.83
N PRO H 305 -58.32 -104.21 4.08
CA PRO H 305 -57.17 -103.51 4.65
C PRO H 305 -55.85 -104.08 4.17
N ARG H 306 -54.85 -103.19 4.08
CA ARG H 306 -53.50 -103.58 3.67
C ARG H 306 -52.64 -103.61 4.92
N LYS H 307 -52.67 -104.75 5.62
CA LYS H 307 -51.97 -104.88 6.89
C LYS H 307 -50.54 -105.37 6.77
N LYS H 308 -50.11 -105.78 5.58
CA LYS H 308 -48.74 -106.24 5.40
C LYS H 308 -47.80 -105.06 5.34
N ILE H 309 -46.71 -105.13 6.11
CA ILE H 309 -45.71 -104.08 6.14
C ILE H 309 -44.63 -104.40 5.11
N HIS H 310 -44.38 -103.47 4.20
CA HIS H 310 -43.43 -103.64 3.11
C HIS H 310 -42.16 -102.88 3.44
N ARG H 311 -41.26 -103.53 4.18
CA ARG H 311 -40.00 -102.90 4.55
C ARG H 311 -39.09 -102.83 3.33
N ARG H 312 -38.03 -102.02 3.45
CA ARG H 312 -37.13 -101.82 2.33
C ARG H 312 -36.34 -103.09 2.05
N VAL H 313 -36.06 -103.33 0.78
CA VAL H 313 -35.35 -104.52 0.33
C VAL H 313 -33.89 -104.13 0.08
N LEU H 314 -32.98 -104.97 0.55
CA LEU H 314 -31.56 -104.74 0.31
C LEU H 314 -31.23 -105.13 -1.12
N LYS H 315 -30.68 -104.20 -1.88
CA LYS H 315 -30.37 -104.45 -3.29
C LYS H 315 -29.15 -105.35 -3.35
N LYS H 316 -29.39 -106.65 -3.44
CA LYS H 316 -28.31 -107.58 -3.74
C LYS H 316 -27.94 -107.45 -5.20
N ASN H 317 -26.65 -107.32 -5.47
CA ASN H 317 -26.20 -106.98 -6.81
C ASN H 317 -26.30 -108.17 -7.74
N PRO H 318 -27.01 -108.07 -8.86
CA PRO H 318 -26.82 -109.04 -9.94
C PRO H 318 -25.45 -108.83 -10.57
N LEU H 319 -25.07 -109.77 -11.44
CA LEU H 319 -23.73 -109.89 -12.01
C LEU H 319 -22.72 -110.29 -10.94
N LYS H 320 -23.17 -110.37 -9.69
CA LYS H 320 -22.38 -110.92 -8.59
C LYS H 320 -23.16 -111.92 -7.75
N ASN H 321 -24.49 -111.87 -7.76
CA ASN H 321 -25.34 -112.83 -7.08
C ASN H 321 -26.07 -113.61 -8.17
N LEU H 322 -25.80 -114.91 -8.25
CA LEU H 322 -26.35 -115.70 -9.34
C LEU H 322 -27.86 -115.81 -9.26
N ARG H 323 -28.39 -116.11 -8.07
CA ARG H 323 -29.83 -116.32 -7.93
C ARG H 323 -30.61 -115.02 -8.08
N ILE H 324 -30.02 -113.89 -7.68
CA ILE H 324 -30.63 -112.59 -7.96
C ILE H 324 -30.65 -112.34 -9.45
N MET H 325 -29.58 -112.71 -10.15
CA MET H 325 -29.54 -112.59 -11.61
C MET H 325 -30.58 -113.47 -12.27
N LEU H 326 -30.77 -114.69 -11.76
CA LEU H 326 -31.76 -115.60 -12.34
C LEU H 326 -33.17 -115.12 -12.05
N LYS H 327 -33.39 -114.50 -10.90
CA LYS H 327 -34.71 -113.99 -10.57
C LYS H 327 -35.12 -112.86 -11.52
N LEU H 328 -34.17 -111.99 -11.87
CA LEU H 328 -34.43 -110.92 -12.81
C LEU H 328 -34.38 -111.36 -14.25
N ASN H 329 -33.64 -112.42 -14.57
CA ASN H 329 -33.47 -112.90 -15.92
C ASN H 329 -33.23 -114.40 -15.90
N PRO H 330 -34.28 -115.21 -16.00
CA PRO H 330 -34.10 -116.66 -15.88
C PRO H 330 -33.22 -117.27 -16.95
N TYR H 331 -33.08 -116.61 -18.10
CA TYR H 331 -32.25 -117.17 -19.15
C TYR H 331 -30.77 -117.02 -18.85
N ALA H 332 -30.40 -116.18 -17.87
CA ALA H 332 -29.00 -115.98 -17.55
C ALA H 332 -28.34 -117.28 -17.09
N LYS H 333 -29.12 -118.23 -16.57
CA LYS H 333 -28.54 -119.51 -16.16
C LYS H 333 -28.05 -120.30 -17.37
N THR H 334 -28.87 -120.39 -18.41
CA THR H 334 -28.49 -121.18 -19.57
C THR H 334 -27.44 -120.47 -20.41
N MET H 335 -27.37 -119.15 -20.35
CA MET H 335 -26.24 -118.45 -20.95
C MET H 335 -24.96 -118.79 -20.22
N ARG H 336 -25.00 -118.80 -18.88
CA ARG H 336 -23.81 -119.12 -18.11
C ARG H 336 -23.45 -120.59 -18.23
N ARG H 337 -24.44 -121.47 -18.28
CA ARG H 337 -24.16 -122.89 -18.46
C ARG H 337 -23.55 -123.15 -19.83
N ASN H 338 -24.05 -122.47 -20.86
CA ASN H 338 -23.52 -122.66 -22.21
C ASN H 338 -22.07 -122.21 -22.30
N THR H 339 -21.75 -121.05 -21.72
CA THR H 339 -20.40 -120.53 -21.86
C THR H 339 -19.41 -121.29 -21.00
N ILE H 340 -19.84 -121.85 -19.87
CA ILE H 340 -18.94 -122.69 -19.08
C ILE H 340 -18.64 -123.97 -19.83
N LEU H 341 -19.66 -124.58 -20.43
CA LEU H 341 -19.45 -125.77 -21.24
C LEU H 341 -18.61 -125.45 -22.48
N ARG H 342 -18.87 -124.31 -23.11
CA ARG H 342 -18.11 -123.93 -24.30
C ARG H 342 -16.66 -123.62 -23.97
N GLN H 343 -16.42 -122.89 -22.88
CA GLN H 343 -15.05 -122.55 -22.52
C GLN H 343 -14.27 -123.77 -22.06
N ALA H 344 -14.93 -124.70 -21.36
CA ALA H 344 -14.27 -125.95 -21.00
C ALA H 344 -13.94 -126.77 -22.24
N ARG H 345 -14.85 -126.80 -23.21
CA ARG H 345 -14.61 -127.54 -24.46
C ARG H 345 -13.46 -126.93 -25.24
N ASN H 346 -13.41 -125.60 -25.34
CA ASN H 346 -12.34 -124.95 -26.07
C ASN H 346 -11.00 -125.12 -25.38
N HIS H 347 -11.00 -125.07 -24.04
CA HIS H 347 -9.76 -125.27 -23.29
C HIS H 347 -9.23 -126.69 -23.49
N LYS H 348 -10.13 -127.67 -23.51
CA LYS H 348 -9.71 -129.05 -23.76
C LYS H 348 -9.13 -129.21 -25.16
N LEU H 349 -9.74 -128.54 -26.15
CA LEU H 349 -9.25 -128.63 -27.51
C LEU H 349 -7.85 -128.03 -27.65
N ARG H 350 -7.61 -126.89 -27.00
CA ARG H 350 -6.30 -126.26 -27.10
C ARG H 350 -5.24 -127.04 -26.35
N VAL H 351 -5.61 -127.66 -25.22
CA VAL H 351 -4.67 -128.50 -24.49
C VAL H 351 -4.27 -129.70 -25.34
N ASP H 352 -5.25 -130.33 -25.98
CA ASP H 352 -4.95 -131.48 -26.83
C ASP H 352 -4.13 -131.09 -28.04
N LYS H 353 -4.44 -129.94 -28.65
CA LYS H 353 -3.71 -129.50 -29.83
C LYS H 353 -2.25 -129.23 -29.51
N ALA H 354 -1.97 -128.56 -28.39
CA ALA H 354 -0.59 -128.33 -28.00
C ALA H 354 0.12 -129.63 -27.67
N ALA H 355 -0.55 -130.54 -26.95
CA ALA H 355 0.05 -131.82 -26.64
C ALA H 355 0.29 -132.65 -27.90
N ALA H 356 -0.65 -132.62 -28.84
CA ALA H 356 -0.48 -133.35 -30.09
C ALA H 356 0.68 -132.78 -30.90
N ALA H 357 0.82 -131.46 -30.92
CA ALA H 357 1.96 -130.85 -31.61
C ALA H 357 3.28 -131.24 -30.96
N ALA H 358 3.29 -131.32 -29.62
CA ALA H 358 4.49 -131.75 -28.91
C ALA H 358 4.85 -133.20 -29.26
N ALA H 359 3.85 -134.08 -29.33
CA ALA H 359 4.10 -135.45 -29.71
C ALA H 359 4.57 -135.54 -31.16
N ALA H 360 3.99 -134.72 -32.04
CA ALA H 360 4.40 -134.73 -33.45
C ALA H 360 5.84 -134.28 -33.63
N LEU H 361 6.25 -133.23 -32.91
CA LEU H 361 7.62 -132.74 -33.05
C LEU H 361 8.62 -133.74 -32.47
N GLN H 362 8.27 -134.40 -31.38
CA GLN H 362 9.14 -135.43 -30.82
C GLN H 362 9.28 -136.61 -31.77
N ALA H 363 8.17 -137.03 -32.39
CA ALA H 363 8.22 -138.13 -33.34
C ALA H 363 8.99 -137.75 -34.59
N LYS H 364 8.83 -136.52 -35.07
CA LYS H 364 9.52 -136.09 -36.29
C LYS H 364 10.96 -135.66 -36.02
N SER H 365 11.37 -135.55 -34.77
CA SER H 365 12.77 -135.30 -34.44
C SER H 365 13.52 -136.59 -34.11
N ASP H 366 12.84 -137.54 -33.47
CA ASP H 366 13.43 -138.80 -33.05
C ASP H 366 12.88 -139.96 -33.86
N GLU H 367 12.62 -139.75 -35.15
CA GLU H 367 12.13 -140.82 -36.01
C GLU H 367 13.22 -141.79 -36.43
N LYS H 368 14.49 -141.38 -36.33
CA LYS H 368 15.65 -142.20 -36.69
C LYS H 368 15.54 -142.75 -38.11
N GLY I 1 -14.23 -32.34 -72.94
CA GLY I 1 -13.99 -32.93 -71.63
C GLY I 1 -13.69 -31.90 -70.56
N PHE I 2 -14.72 -31.13 -70.18
CA PHE I 2 -14.55 -30.14 -69.14
C PHE I 2 -15.69 -30.05 -68.13
N VAL I 3 -16.82 -30.70 -68.37
CA VAL I 3 -17.94 -30.72 -67.45
C VAL I 3 -18.00 -32.10 -66.80
N LYS I 4 -18.11 -32.13 -65.48
CA LYS I 4 -18.24 -33.39 -64.78
C LYS I 4 -19.48 -34.15 -65.26
N VAL I 5 -19.30 -35.42 -65.59
CA VAL I 5 -20.39 -36.21 -66.17
C VAL I 5 -21.39 -36.55 -65.08
N VAL I 6 -22.63 -36.10 -65.26
CA VAL I 6 -23.67 -36.36 -64.26
C VAL I 6 -24.03 -37.84 -64.23
N LYS I 7 -24.23 -38.43 -65.40
CA LYS I 7 -24.65 -39.83 -65.49
C LYS I 7 -23.42 -40.73 -65.62
N ASN I 8 -22.64 -40.77 -64.56
CA ASN I 8 -21.46 -41.64 -64.51
C ASN I 8 -21.89 -43.01 -63.99
N LYS I 9 -20.92 -43.85 -63.66
CA LYS I 9 -21.22 -45.19 -63.15
C LYS I 9 -21.95 -45.12 -61.82
N ALA I 10 -21.55 -44.18 -60.96
CA ALA I 10 -22.18 -44.07 -59.64
C ALA I 10 -23.63 -43.60 -59.76
N TYR I 11 -23.94 -42.83 -60.80
CA TYR I 11 -25.31 -42.35 -60.98
C TYR I 11 -26.26 -43.51 -61.21
N PHE I 12 -25.89 -44.44 -62.11
CA PHE I 12 -26.75 -45.59 -62.37
C PHE I 12 -26.70 -46.61 -61.25
N LYS I 13 -25.62 -46.60 -60.47
CA LYS I 13 -25.46 -47.60 -59.41
C LYS I 13 -26.52 -47.44 -58.33
N ARG I 14 -26.84 -46.20 -57.98
CA ARG I 14 -27.84 -45.92 -56.95
C ARG I 14 -29.04 -45.17 -57.51
N TYR I 15 -29.33 -45.37 -58.79
CA TYR I 15 -30.52 -44.80 -59.41
C TYR I 15 -31.70 -45.73 -59.14
N GLN I 16 -32.70 -45.25 -58.42
CA GLN I 16 -33.91 -46.01 -58.19
C GLN I 16 -34.92 -45.71 -59.28
N VAL I 17 -35.45 -46.74 -59.89
CA VAL I 17 -36.36 -46.62 -61.01
C VAL I 17 -37.79 -46.62 -60.48
N LYS I 18 -38.61 -45.72 -61.01
CA LYS I 18 -39.99 -45.59 -60.56
C LYS I 18 -40.81 -46.80 -60.99
N PHE I 19 -42.09 -46.79 -60.64
CA PHE I 19 -42.99 -47.85 -61.09
C PHE I 19 -43.09 -47.82 -62.61
N ARG I 20 -43.30 -49.00 -63.19
CA ARG I 20 -43.26 -49.12 -64.65
C ARG I 20 -44.34 -48.27 -65.30
N ARG I 21 -45.56 -48.27 -64.75
CA ARG I 21 -46.63 -47.48 -65.34
C ARG I 21 -46.47 -46.00 -65.02
N ARG I 22 -45.79 -45.66 -63.93
CA ARG I 22 -45.44 -44.27 -63.70
C ARG I 22 -44.36 -43.81 -64.68
N ARG I 23 -43.40 -44.68 -64.99
CA ARG I 23 -42.38 -44.35 -65.98
C ARG I 23 -43.01 -44.12 -67.35
N GLU I 24 -43.99 -44.95 -67.71
CA GLU I 24 -44.71 -44.77 -68.97
C GLU I 24 -45.67 -43.60 -68.94
N GLY I 25 -45.89 -42.99 -67.78
CA GLY I 25 -46.81 -41.87 -67.67
C GLY I 25 -48.26 -42.23 -67.93
N LYS I 26 -48.71 -43.35 -67.41
CA LYS I 26 -50.09 -43.79 -67.60
C LYS I 26 -50.88 -43.90 -66.31
N THR I 27 -50.23 -44.13 -65.17
CA THR I 27 -50.92 -44.35 -63.91
C THR I 27 -50.49 -43.30 -62.90
N ASP I 28 -51.46 -42.64 -62.29
CA ASP I 28 -51.21 -41.69 -61.21
C ASP I 28 -51.41 -42.45 -59.90
N TYR I 29 -50.30 -42.86 -59.28
CA TYR I 29 -50.38 -43.72 -58.11
C TYR I 29 -50.86 -42.95 -56.88
N TYR I 30 -50.65 -41.64 -56.84
CA TYR I 30 -51.20 -40.85 -55.75
C TYR I 30 -52.72 -40.88 -55.76
N ALA I 31 -53.32 -40.74 -56.94
CA ALA I 31 -54.77 -40.78 -57.07
C ALA I 31 -55.29 -42.21 -57.02
N ARG I 32 -54.53 -43.17 -57.55
CA ARG I 32 -54.99 -44.55 -57.60
C ARG I 32 -55.17 -45.14 -56.20
N LYS I 33 -54.24 -44.82 -55.29
CA LYS I 33 -54.32 -45.37 -53.94
C LYS I 33 -55.60 -44.96 -53.25
N ARG I 34 -56.03 -43.71 -53.42
CA ARG I 34 -57.30 -43.29 -52.85
C ARG I 34 -58.48 -43.84 -53.64
N LEU I 35 -58.24 -44.24 -54.89
CA LEU I 35 -59.35 -44.62 -55.76
C LEU I 35 -59.71 -46.10 -55.65
N VAL I 36 -58.72 -46.97 -55.47
CA VAL I 36 -58.92 -48.39 -55.61
C VAL I 36 -58.88 -49.15 -54.30
N ILE I 37 -58.52 -48.50 -53.20
CA ILE I 37 -58.31 -49.19 -51.93
C ILE I 37 -59.60 -49.19 -51.13
N GLN I 38 -60.07 -50.37 -50.79
CA GLN I 38 -61.25 -50.54 -49.94
C GLN I 38 -60.84 -50.46 -48.47
N ASP I 39 -61.74 -49.92 -47.65
CA ASP I 39 -61.52 -49.88 -46.22
C ASP I 39 -61.39 -51.30 -45.68
N LYS I 40 -60.52 -51.46 -44.67
CA LYS I 40 -60.14 -52.79 -44.23
C LYS I 40 -61.30 -53.53 -43.56
N ASN I 41 -62.21 -52.83 -42.91
CA ASN I 41 -63.34 -53.50 -42.27
C ASN I 41 -64.51 -53.66 -43.22
N LYS I 42 -64.21 -54.14 -44.43
CA LYS I 42 -65.21 -54.61 -45.38
C LYS I 42 -64.77 -56.00 -45.83
N TYR I 43 -63.45 -56.16 -45.92
CA TYR I 43 -62.71 -57.42 -46.03
C TYR I 43 -62.86 -58.11 -47.37
N ASN I 44 -63.88 -57.80 -48.15
CA ASN I 44 -63.91 -58.27 -49.53
C ASN I 44 -64.70 -57.38 -50.46
N THR I 45 -65.26 -56.26 -49.99
CA THR I 45 -66.20 -55.51 -50.81
C THR I 45 -65.45 -54.83 -51.94
N PRO I 46 -65.75 -55.14 -53.19
CA PRO I 46 -65.01 -54.53 -54.31
C PRO I 46 -65.28 -53.04 -54.39
N LYS I 47 -64.24 -52.30 -54.77
CA LYS I 47 -64.34 -50.86 -54.97
C LYS I 47 -64.43 -50.62 -56.48
N TYR I 48 -65.64 -50.74 -57.00
CA TYR I 48 -65.86 -50.59 -58.43
C TYR I 48 -65.58 -49.16 -58.86
N ARG I 49 -64.87 -49.01 -59.96
CA ARG I 49 -64.54 -47.70 -60.51
C ARG I 49 -64.76 -47.72 -62.01
N MET I 50 -65.30 -46.62 -62.52
CA MET I 50 -65.47 -46.45 -63.95
C MET I 50 -64.22 -45.80 -64.53
N ILE I 51 -63.57 -46.48 -65.46
CA ILE I 51 -62.34 -46.02 -66.07
C ILE I 51 -62.67 -45.44 -67.43
N VAL I 52 -62.51 -44.13 -67.58
CA VAL I 52 -62.78 -43.45 -68.84
C VAL I 52 -61.46 -42.93 -69.38
N ARG I 53 -61.11 -43.36 -70.60
CA ARG I 53 -59.88 -42.95 -71.27
C ARG I 53 -60.24 -42.50 -72.68
N VAL I 54 -59.99 -41.23 -72.97
CA VAL I 54 -60.30 -40.66 -74.28
C VAL I 54 -59.04 -40.73 -75.12
N THR I 55 -59.07 -41.56 -76.16
CA THR I 55 -57.97 -41.76 -77.07
C THR I 55 -58.17 -40.88 -78.30
N ASN I 56 -57.12 -40.77 -79.13
CA ASN I 56 -57.20 -39.92 -80.31
C ASN I 56 -58.22 -40.42 -81.31
N ARG I 57 -58.46 -41.72 -81.36
CA ARG I 57 -59.45 -42.30 -82.26
C ARG I 57 -60.51 -43.14 -81.55
N ASP I 58 -60.49 -43.19 -80.23
CA ASP I 58 -61.39 -44.10 -79.51
C ASP I 58 -61.72 -43.50 -78.15
N ILE I 59 -62.80 -44.01 -77.56
CA ILE I 59 -63.15 -43.76 -76.17
C ILE I 59 -63.30 -45.10 -75.49
N ILE I 60 -62.64 -45.28 -74.34
CA ILE I 60 -62.63 -46.54 -73.61
C ILE I 60 -63.32 -46.32 -72.28
N CYS I 61 -64.35 -47.13 -72.01
CA CYS I 61 -65.07 -47.09 -70.75
C CYS I 61 -65.07 -48.48 -70.14
N GLN I 62 -64.48 -48.62 -68.96
CA GLN I 62 -64.37 -49.89 -68.28
C GLN I 62 -64.78 -49.73 -66.83
N ILE I 63 -65.31 -50.80 -66.26
CA ILE I 63 -65.61 -50.89 -64.83
C ILE I 63 -64.75 -51.98 -64.24
N ALA I 64 -64.02 -51.67 -63.16
CA ALA I 64 -63.05 -52.59 -62.63
C ALA I 64 -62.96 -52.46 -61.12
N TYR I 65 -62.39 -53.49 -60.50
CA TYR I 65 -62.03 -53.46 -59.10
C TYR I 65 -60.65 -54.06 -58.94
N ALA I 66 -59.95 -53.66 -57.88
CA ALA I 66 -58.55 -53.99 -57.72
C ALA I 66 -58.37 -55.27 -56.89
N ARG I 67 -57.47 -56.13 -57.35
CA ARG I 67 -57.03 -57.30 -56.62
C ARG I 67 -55.51 -57.35 -56.63
N ILE I 68 -54.95 -58.33 -55.92
CA ILE I 68 -53.50 -58.43 -55.80
C ILE I 68 -52.86 -58.74 -57.14
N GLU I 69 -53.44 -59.67 -57.90
CA GLU I 69 -52.88 -60.03 -59.19
C GLU I 69 -53.16 -59.00 -60.27
N GLY I 70 -53.99 -58.03 -60.00
CA GLY I 70 -54.30 -57.00 -60.98
C GLY I 70 -55.73 -56.54 -60.82
N ASP I 71 -56.12 -55.61 -61.69
CA ASP I 71 -57.49 -55.14 -61.73
C ASP I 71 -58.31 -56.06 -62.62
N MET I 72 -59.46 -56.50 -62.11
CA MET I 72 -60.37 -57.35 -62.87
C MET I 72 -61.43 -56.47 -63.54
N ILE I 73 -61.58 -56.65 -64.85
CA ILE I 73 -62.56 -55.89 -65.63
C ILE I 73 -63.84 -56.71 -65.68
N VAL I 74 -64.89 -56.25 -65.00
CA VAL I 74 -66.15 -56.97 -65.02
C VAL I 74 -66.82 -56.85 -66.39
N CYS I 75 -66.78 -55.66 -66.98
CA CYS I 75 -67.32 -55.44 -68.32
C CYS I 75 -66.78 -54.10 -68.83
N ALA I 76 -66.62 -54.01 -70.14
CA ALA I 76 -66.03 -52.84 -70.76
C ALA I 76 -66.79 -52.48 -72.03
N ALA I 77 -66.90 -51.19 -72.30
CA ALA I 77 -67.53 -50.68 -73.51
C ALA I 77 -66.57 -49.76 -74.23
N TYR I 78 -66.61 -49.80 -75.56
CA TYR I 78 -65.70 -49.02 -76.39
C TYR I 78 -66.49 -48.21 -77.40
N ALA I 79 -65.90 -47.11 -77.84
CA ALA I 79 -66.52 -46.28 -78.87
C ALA I 79 -66.35 -46.85 -80.26
N HIS I 80 -65.46 -47.82 -80.47
CA HIS I 80 -65.29 -48.39 -81.79
C HIS I 80 -66.38 -49.39 -82.15
N GLU I 81 -67.24 -49.76 -81.20
CA GLU I 81 -68.42 -50.56 -81.50
C GLU I 81 -69.68 -49.71 -81.62
N LEU I 82 -69.55 -48.39 -81.50
CA LEU I 82 -70.70 -47.51 -81.74
C LEU I 82 -71.31 -47.65 -83.15
N PRO I 83 -70.54 -47.82 -84.23
CA PRO I 83 -71.19 -48.02 -85.55
C PRO I 83 -72.08 -49.24 -85.64
N LYS I 84 -72.14 -50.10 -84.62
CA LYS I 84 -73.11 -51.19 -84.63
C LYS I 84 -74.53 -50.67 -84.70
N TYR I 85 -74.81 -49.53 -84.08
CA TYR I 85 -76.12 -48.90 -84.15
C TYR I 85 -75.94 -47.41 -84.37
N GLY I 86 -76.61 -46.87 -85.38
CA GLY I 86 -76.69 -45.44 -85.58
C GLY I 86 -75.36 -44.77 -85.90
N VAL I 87 -74.81 -44.07 -84.90
CA VAL I 87 -73.64 -43.23 -85.12
C VAL I 87 -72.46 -44.07 -85.56
N LYS I 88 -71.94 -43.77 -86.75
CA LYS I 88 -70.77 -44.44 -87.29
C LYS I 88 -69.58 -43.51 -87.49
N VAL I 89 -69.80 -42.19 -87.41
CA VAL I 89 -68.76 -41.21 -87.63
C VAL I 89 -68.81 -40.21 -86.48
N GLY I 90 -67.73 -39.46 -86.34
CA GLY I 90 -67.64 -38.50 -85.25
C GLY I 90 -67.56 -39.12 -83.89
N LEU I 91 -66.75 -40.16 -83.73
CA LEU I 91 -66.44 -40.68 -82.40
C LEU I 91 -65.56 -39.68 -81.67
N THR I 92 -65.24 -40.01 -80.41
CA THR I 92 -64.37 -39.20 -79.56
C THR I 92 -64.87 -37.77 -79.43
N ASN I 93 -66.18 -37.60 -79.37
CA ASN I 93 -66.77 -36.32 -79.02
C ASN I 93 -67.58 -36.49 -77.74
N TYR I 94 -68.19 -35.40 -77.27
CA TYR I 94 -68.99 -35.46 -76.06
C TYR I 94 -70.18 -36.37 -76.25
N ALA I 95 -70.82 -36.33 -77.42
CA ALA I 95 -71.99 -37.16 -77.68
C ALA I 95 -71.63 -38.64 -77.68
N ALA I 96 -70.51 -39.01 -78.31
CA ALA I 96 -70.09 -40.40 -78.30
C ALA I 96 -69.63 -40.83 -76.92
N ALA I 97 -69.11 -39.89 -76.12
CA ALA I 97 -68.78 -40.21 -74.73
C ALA I 97 -70.01 -40.57 -73.94
N TYR I 98 -71.11 -39.83 -74.15
CA TYR I 98 -72.37 -40.18 -73.52
C TYR I 98 -72.87 -41.53 -74.02
N CYS I 99 -72.73 -41.78 -75.32
CA CYS I 99 -73.24 -43.04 -75.89
C CYS I 99 -72.49 -44.23 -75.33
N THR I 100 -71.17 -44.15 -75.25
CA THR I 100 -70.40 -45.28 -74.72
C THR I 100 -70.57 -45.39 -73.21
N GLY I 101 -70.78 -44.27 -72.51
CA GLY I 101 -71.08 -44.34 -71.10
C GLY I 101 -72.44 -44.96 -70.83
N LEU I 102 -73.44 -44.60 -71.64
CA LEU I 102 -74.74 -45.23 -71.55
C LEU I 102 -74.65 -46.71 -71.91
N LEU I 103 -73.83 -47.04 -72.91
CA LEU I 103 -73.66 -48.43 -73.31
C LEU I 103 -73.04 -49.25 -72.18
N LEU I 104 -72.04 -48.69 -71.49
CA LEU I 104 -71.40 -49.43 -70.42
C LEU I 104 -72.37 -49.70 -69.28
N ALA I 105 -73.19 -48.72 -68.93
CA ALA I 105 -74.17 -48.91 -67.86
C ALA I 105 -75.18 -49.99 -68.24
N ARG I 106 -75.72 -49.92 -69.45
CA ARG I 106 -76.72 -50.89 -69.87
C ARG I 106 -76.12 -52.29 -69.98
N ARG I 107 -74.89 -52.39 -70.49
CA ARG I 107 -74.22 -53.68 -70.59
C ARG I 107 -73.94 -54.26 -69.21
N LEU I 108 -73.51 -53.42 -68.27
CA LEU I 108 -73.23 -53.89 -66.91
C LEU I 108 -74.49 -54.37 -66.23
N LEU I 109 -75.58 -53.60 -66.33
CA LEU I 109 -76.83 -53.98 -65.70
C LEU I 109 -77.40 -55.25 -66.33
N ASN I 110 -77.25 -55.41 -67.63
CA ASN I 110 -77.70 -56.63 -68.30
C ASN I 110 -76.93 -57.84 -67.82
N ARG I 111 -75.62 -57.68 -67.59
CA ARG I 111 -74.82 -58.79 -67.06
C ARG I 111 -75.30 -59.21 -65.69
N PHE I 112 -75.70 -58.24 -64.85
CA PHE I 112 -76.19 -58.51 -63.52
C PHE I 112 -77.69 -58.74 -63.47
N GLY I 113 -78.37 -58.65 -64.61
CA GLY I 113 -79.81 -58.84 -64.64
C GLY I 113 -80.59 -57.77 -63.92
N MET I 114 -80.22 -56.50 -64.10
CA MET I 114 -80.90 -55.36 -63.48
C MET I 114 -81.19 -54.29 -64.52
N ASP I 115 -81.79 -54.69 -65.65
CA ASP I 115 -82.22 -53.71 -66.64
C ASP I 115 -83.58 -53.12 -66.29
N LYS I 116 -84.56 -53.98 -66.01
CA LYS I 116 -85.93 -53.52 -65.78
C LYS I 116 -86.01 -52.62 -64.56
N ILE I 117 -85.39 -53.04 -63.47
CA ILE I 117 -85.14 -52.13 -62.36
C ILE I 117 -83.95 -51.26 -62.70
N TYR I 118 -83.97 -50.01 -62.26
CA TYR I 118 -82.95 -49.02 -62.59
C TYR I 118 -82.84 -48.83 -64.11
N GLU I 119 -83.95 -48.36 -64.69
CA GLU I 119 -83.93 -48.03 -66.11
C GLU I 119 -83.18 -46.73 -66.38
N GLY I 120 -83.14 -45.84 -65.40
CA GLY I 120 -82.50 -44.55 -65.59
C GLY I 120 -83.38 -43.59 -66.36
N GLN I 121 -82.77 -42.47 -66.77
CA GLN I 121 -83.46 -41.44 -67.52
C GLN I 121 -83.53 -41.86 -68.98
N VAL I 122 -84.66 -42.43 -69.39
CA VAL I 122 -84.84 -42.84 -70.78
C VAL I 122 -84.84 -41.61 -71.68
N GLU I 123 -85.66 -40.61 -71.34
CA GLU I 123 -85.57 -39.31 -71.98
C GLU I 123 -84.30 -38.61 -71.48
N VAL I 124 -83.66 -37.88 -72.37
CA VAL I 124 -82.36 -37.28 -72.07
C VAL I 124 -82.53 -35.78 -71.89
N THR I 125 -82.28 -35.31 -70.67
CA THR I 125 -82.15 -33.90 -70.38
C THR I 125 -80.88 -33.70 -69.56
N GLY I 126 -80.24 -32.54 -69.75
CA GLY I 126 -78.93 -32.34 -69.17
C GLY I 126 -78.92 -32.12 -67.67
N ASP I 127 -80.08 -32.10 -67.02
CA ASP I 127 -80.13 -31.75 -65.60
C ASP I 127 -79.58 -32.89 -64.75
N GLU I 128 -79.47 -32.61 -63.45
CA GLU I 128 -78.91 -33.58 -62.52
C GLU I 128 -79.85 -34.76 -62.32
N TYR I 129 -79.32 -35.97 -62.48
CA TYR I 129 -80.07 -37.18 -62.17
C TYR I 129 -79.18 -38.15 -61.43
N ASN I 130 -79.67 -38.68 -60.32
CA ASN I 130 -78.97 -39.69 -59.54
C ASN I 130 -79.95 -40.82 -59.26
N VAL I 131 -79.58 -42.04 -59.67
CA VAL I 131 -80.46 -43.18 -59.46
C VAL I 131 -80.55 -43.49 -57.97
N GLU I 132 -81.67 -44.08 -57.57
CA GLU I 132 -81.93 -44.41 -56.18
C GLU I 132 -82.26 -45.89 -56.06
N SER I 133 -81.70 -46.54 -55.04
CA SER I 133 -81.97 -47.95 -54.80
C SER I 133 -83.43 -48.15 -54.41
N ILE I 134 -84.02 -49.21 -54.93
CA ILE I 134 -85.42 -49.54 -54.66
C ILE I 134 -85.45 -50.57 -53.55
N ASP I 135 -86.22 -50.29 -52.50
CA ASP I 135 -86.36 -51.23 -51.40
C ASP I 135 -87.06 -52.50 -51.86
N GLY I 136 -86.57 -53.64 -51.37
CA GLY I 136 -87.08 -54.92 -51.80
C GLY I 136 -86.47 -55.44 -53.08
N GLN I 137 -85.58 -54.69 -53.70
CA GLN I 137 -84.89 -55.05 -54.93
C GLN I 137 -83.39 -54.94 -54.67
N PRO I 138 -82.56 -55.63 -55.46
CA PRO I 138 -81.12 -55.49 -55.29
C PRO I 138 -80.68 -54.05 -55.47
N GLY I 139 -79.71 -53.63 -54.65
CA GLY I 139 -79.31 -52.24 -54.64
C GLY I 139 -78.68 -51.82 -55.95
N ALA I 140 -78.78 -50.53 -56.24
CA ALA I 140 -78.21 -49.99 -57.46
C ALA I 140 -76.69 -50.16 -57.46
N PHE I 141 -76.15 -50.47 -58.63
CA PHE I 141 -74.71 -50.64 -58.77
C PHE I 141 -74.02 -49.30 -58.56
N THR I 142 -73.12 -49.24 -57.59
CA THR I 142 -72.39 -48.02 -57.28
C THR I 142 -70.93 -48.17 -57.70
N CYS I 143 -70.38 -47.09 -58.26
CA CYS I 143 -68.99 -47.04 -58.66
C CYS I 143 -68.58 -45.58 -58.74
N TYR I 144 -67.28 -45.36 -58.85
CA TYR I 144 -66.72 -44.02 -58.86
C TYR I 144 -65.96 -43.78 -60.15
N LEU I 145 -65.85 -42.52 -60.54
CA LEU I 145 -65.18 -42.18 -61.78
C LEU I 145 -63.67 -42.16 -61.61
N ASP I 146 -62.97 -42.75 -62.56
CA ASP I 146 -61.52 -42.75 -62.61
C ASP I 146 -61.12 -41.93 -63.83
N ALA I 147 -60.98 -40.62 -63.63
CA ALA I 147 -60.68 -39.72 -64.74
C ALA I 147 -59.25 -39.90 -65.25
N GLY I 148 -58.37 -40.46 -64.44
CA GLY I 148 -56.98 -40.63 -64.86
C GLY I 148 -56.20 -39.33 -64.81
N LEU I 149 -55.37 -39.09 -65.82
CA LEU I 149 -54.56 -37.88 -65.89
C LEU I 149 -55.26 -36.74 -66.61
N ALA I 150 -56.48 -36.96 -67.10
CA ALA I 150 -57.19 -35.90 -67.80
C ALA I 150 -57.55 -34.77 -66.85
N ARG I 151 -57.28 -33.54 -67.27
CA ARG I 151 -57.64 -32.39 -66.47
C ARG I 151 -59.16 -32.26 -66.41
N THR I 152 -59.68 -32.13 -65.19
CA THR I 152 -61.13 -32.14 -64.97
C THR I 152 -61.72 -30.74 -64.98
N THR I 153 -61.43 -29.97 -66.02
CA THR I 153 -62.10 -28.69 -66.18
C THR I 153 -63.53 -28.92 -66.62
N THR I 154 -64.34 -27.87 -66.50
CA THR I 154 -65.76 -27.95 -66.84
C THR I 154 -65.93 -28.35 -68.31
N GLY I 155 -66.74 -29.37 -68.55
CA GLY I 155 -67.00 -29.82 -69.89
C GLY I 155 -65.94 -30.74 -70.45
N ASN I 156 -65.58 -31.76 -69.70
CA ASN I 156 -64.63 -32.77 -70.15
C ASN I 156 -65.40 -34.01 -70.59
N LYS I 157 -64.86 -34.69 -71.61
CA LYS I 157 -65.55 -35.85 -72.16
C LYS I 157 -65.62 -37.00 -71.16
N VAL I 158 -64.74 -37.04 -70.17
CA VAL I 158 -64.84 -38.07 -69.14
C VAL I 158 -66.10 -37.85 -68.30
N PHE I 159 -66.52 -36.60 -68.13
CA PHE I 159 -67.78 -36.32 -67.45
C PHE I 159 -68.96 -36.57 -68.37
N GLY I 160 -68.77 -36.45 -69.68
CA GLY I 160 -69.81 -36.86 -70.62
C GLY I 160 -70.08 -38.35 -70.52
N ALA I 161 -69.02 -39.15 -70.40
CA ALA I 161 -69.19 -40.57 -70.16
C ALA I 161 -69.79 -40.83 -68.79
N LEU I 162 -69.46 -39.97 -67.82
CA LEU I 162 -70.05 -40.09 -66.49
C LEU I 162 -71.55 -39.84 -66.54
N LYS I 163 -71.99 -38.83 -67.29
CA LYS I 163 -73.41 -38.54 -67.40
C LYS I 163 -74.15 -39.66 -68.12
N GLY I 164 -73.50 -40.29 -69.09
CA GLY I 164 -74.12 -41.42 -69.78
C GLY I 164 -74.38 -42.59 -68.86
N ALA I 165 -73.46 -42.82 -67.92
CA ALA I 165 -73.63 -43.93 -66.98
C ALA I 165 -74.75 -43.67 -66.00
N VAL I 166 -74.76 -42.47 -65.40
CA VAL I 166 -75.79 -42.17 -64.40
C VAL I 166 -77.16 -42.10 -65.05
N ASP I 167 -77.23 -41.76 -66.33
CA ASP I 167 -78.47 -41.90 -67.07
C ASP I 167 -78.78 -43.36 -67.36
N GLY I 168 -77.75 -44.18 -67.53
CA GLY I 168 -77.97 -45.61 -67.73
C GLY I 168 -78.54 -46.29 -66.50
N GLY I 169 -78.14 -45.85 -65.31
CA GLY I 169 -78.67 -46.42 -64.09
C GLY I 169 -77.64 -46.66 -63.01
N LEU I 170 -76.39 -46.28 -63.27
CA LEU I 170 -75.33 -46.43 -62.27
C LEU I 170 -75.36 -45.27 -61.29
N SER I 171 -75.11 -45.57 -60.02
CA SER I 171 -75.16 -44.57 -58.95
C SER I 171 -73.73 -44.13 -58.64
N ILE I 172 -73.23 -43.22 -59.46
CA ILE I 172 -71.89 -42.65 -59.29
C ILE I 172 -72.05 -41.29 -58.60
N PRO I 173 -71.45 -41.08 -57.44
CA PRO I 173 -71.51 -39.75 -56.82
C PRO I 173 -70.79 -38.72 -57.68
N HIS I 174 -71.45 -37.59 -57.90
CA HIS I 174 -70.93 -36.55 -58.76
C HIS I 174 -71.73 -35.27 -58.51
N SER I 175 -71.31 -34.19 -59.15
CA SER I 175 -72.02 -32.93 -59.12
C SER I 175 -71.96 -32.31 -60.50
N THR I 176 -72.93 -31.45 -60.80
CA THR I 176 -73.05 -30.83 -62.11
C THR I 176 -72.13 -29.65 -62.31
N LYS I 177 -71.13 -29.46 -61.43
CA LYS I 177 -70.17 -28.38 -61.62
C LYS I 177 -69.32 -28.61 -62.86
N ARG I 178 -68.90 -29.84 -63.09
CA ARG I 178 -68.05 -30.18 -64.24
C ARG I 178 -68.87 -30.68 -65.43
N PHE I 179 -69.85 -29.90 -65.84
CA PHE I 179 -70.66 -30.19 -67.02
C PHE I 179 -70.70 -28.96 -67.92
N PRO I 180 -70.87 -29.16 -69.23
CA PRO I 180 -70.79 -28.00 -70.15
C PRO I 180 -71.80 -26.91 -69.87
N GLY I 181 -72.96 -27.24 -69.29
CA GLY I 181 -73.94 -26.21 -68.98
C GLY I 181 -73.62 -25.36 -67.77
N TYR I 182 -72.60 -25.72 -67.01
CA TYR I 182 -72.24 -24.97 -65.81
C TYR I 182 -71.63 -23.62 -66.19
N ASP I 183 -71.92 -22.61 -65.38
CA ASP I 183 -71.44 -21.26 -65.62
C ASP I 183 -70.39 -20.91 -64.56
N SER I 184 -69.23 -20.43 -65.02
CA SER I 184 -68.13 -20.16 -64.10
C SER I 184 -68.39 -18.93 -63.24
N GLU I 185 -68.88 -17.85 -63.85
CA GLU I 185 -69.10 -16.61 -63.12
C GLU I 185 -70.48 -16.50 -62.51
N SER I 186 -71.43 -17.33 -62.95
CA SER I 186 -72.77 -17.32 -62.40
C SER I 186 -73.01 -18.44 -61.38
N LYS I 187 -72.14 -19.45 -61.34
CA LYS I 187 -72.26 -20.59 -60.44
C LYS I 187 -73.62 -21.27 -60.60
N GLU I 188 -74.11 -21.31 -61.83
CA GLU I 188 -75.43 -21.83 -62.13
C GLU I 188 -75.33 -22.85 -63.26
N PHE I 189 -76.13 -23.90 -63.16
CA PHE I 189 -76.21 -24.93 -64.17
C PHE I 189 -77.39 -24.67 -65.07
N ASN I 190 -77.16 -24.64 -66.38
CA ASN I 190 -78.21 -24.35 -67.34
C ASN I 190 -79.03 -25.58 -67.71
N ALA I 191 -78.40 -26.76 -67.72
CA ALA I 191 -79.01 -28.06 -68.00
C ALA I 191 -79.53 -28.20 -69.43
N GLU I 192 -79.39 -27.18 -70.27
CA GLU I 192 -79.83 -27.22 -71.65
C GLU I 192 -78.69 -27.26 -72.64
N VAL I 193 -77.67 -26.40 -72.45
CA VAL I 193 -76.47 -26.48 -73.26
C VAL I 193 -75.77 -27.81 -73.02
N HIS I 194 -75.87 -28.34 -71.80
CA HIS I 194 -75.36 -29.69 -71.54
C HIS I 194 -76.13 -30.73 -72.36
N ARG I 195 -77.45 -30.57 -72.48
CA ARG I 195 -78.21 -31.50 -73.30
C ARG I 195 -77.86 -31.34 -74.77
N LYS I 196 -77.64 -30.11 -75.23
CA LYS I 196 -77.20 -29.89 -76.60
C LYS I 196 -75.86 -30.56 -76.87
N HIS I 197 -74.94 -30.48 -75.90
CA HIS I 197 -73.67 -31.16 -76.03
C HIS I 197 -73.85 -32.67 -76.07
N ILE I 198 -74.77 -33.19 -75.25
CA ILE I 198 -75.03 -34.63 -75.23
C ILE I 198 -75.59 -35.09 -76.56
N MET I 199 -76.52 -34.32 -77.14
CA MET I 199 -77.05 -34.63 -78.46
C MET I 199 -76.15 -34.16 -79.59
N GLY I 200 -74.96 -33.65 -79.27
CA GLY I 200 -74.00 -33.29 -80.29
C GLY I 200 -74.35 -32.05 -81.09
N GLN I 201 -75.19 -31.16 -80.55
CA GLN I 201 -75.60 -29.98 -81.30
C GLN I 201 -74.45 -28.98 -81.47
N ASN I 202 -73.44 -29.01 -80.60
CA ASN I 202 -72.30 -28.11 -80.78
C ASN I 202 -71.57 -28.43 -82.07
N VAL I 203 -71.41 -29.71 -82.38
CA VAL I 203 -70.83 -30.11 -83.67
C VAL I 203 -71.76 -29.68 -84.80
N ALA I 204 -73.07 -29.87 -84.62
CA ALA I 204 -74.03 -29.50 -85.65
C ALA I 204 -73.98 -28.01 -85.95
N ASP I 205 -73.85 -27.19 -84.93
CA ASP I 205 -73.72 -25.76 -85.16
C ASP I 205 -72.40 -25.41 -85.82
N TYR I 206 -71.33 -26.15 -85.51
CA TYR I 206 -70.06 -25.92 -86.19
C TYR I 206 -70.15 -26.27 -87.66
N MET I 207 -70.80 -27.39 -87.99
CA MET I 207 -70.93 -27.77 -89.39
C MET I 207 -71.71 -26.71 -90.17
N ARG I 208 -72.84 -26.27 -89.63
CA ARG I 208 -73.62 -25.25 -90.32
C ARG I 208 -72.99 -23.87 -90.23
N TYR I 209 -72.04 -23.66 -89.32
CA TYR I 209 -71.25 -22.44 -89.35
C TYR I 209 -70.18 -22.50 -90.42
N LEU I 210 -69.66 -23.70 -90.70
CA LEU I 210 -68.60 -23.83 -91.71
C LEU I 210 -69.17 -23.75 -93.12
N MET I 211 -70.38 -24.26 -93.34
CA MET I 211 -71.00 -24.15 -94.66
C MET I 211 -71.19 -22.70 -95.06
N GLU I 212 -71.63 -21.86 -94.13
CA GLU I 212 -71.79 -20.45 -94.44
C GLU I 212 -70.45 -19.74 -94.58
N GLU I 213 -69.42 -20.23 -93.90
CA GLU I 213 -68.12 -19.56 -93.93
C GLU I 213 -67.33 -19.92 -95.18
N ASP I 214 -66.99 -21.19 -95.34
CA ASP I 214 -66.17 -21.63 -96.46
C ASP I 214 -66.45 -23.10 -96.75
N GLU I 215 -66.71 -23.41 -98.02
CA GLU I 215 -67.03 -24.78 -98.39
C GLU I 215 -65.82 -25.69 -98.26
N ASP I 216 -64.67 -25.25 -98.79
CA ASP I 216 -63.47 -26.10 -98.78
C ASP I 216 -62.96 -26.33 -97.36
N ALA I 217 -63.06 -25.31 -96.50
CA ALA I 217 -62.71 -25.50 -95.10
C ALA I 217 -63.64 -26.51 -94.43
N TYR I 218 -64.93 -26.45 -94.78
CA TYR I 218 -65.89 -27.41 -94.24
C TYR I 218 -65.58 -28.82 -94.70
N LYS I 219 -65.21 -28.98 -95.98
CA LYS I 219 -64.89 -30.31 -96.50
C LYS I 219 -63.63 -30.86 -95.84
N LYS I 220 -62.64 -30.00 -95.60
CA LYS I 220 -61.42 -30.45 -94.95
C LYS I 220 -61.68 -30.90 -93.52
N GLN I 221 -62.54 -30.18 -92.80
CA GLN I 221 -62.80 -30.50 -91.40
C GLN I 221 -63.65 -31.76 -91.26
N PHE I 222 -64.87 -31.73 -91.80
CA PHE I 222 -65.79 -32.86 -91.70
C PHE I 222 -65.78 -33.69 -92.99
N SER I 223 -64.63 -34.28 -93.28
CA SER I 223 -64.49 -35.04 -94.52
C SER I 223 -65.27 -36.35 -94.46
N GLN I 224 -65.11 -37.11 -93.37
CA GLN I 224 -65.82 -38.38 -93.25
C GLN I 224 -67.28 -38.19 -92.89
N TYR I 225 -67.65 -37.02 -92.37
CA TYR I 225 -69.06 -36.72 -92.16
C TYR I 225 -69.80 -36.66 -93.49
N ILE I 226 -69.14 -36.16 -94.53
CA ILE I 226 -69.73 -36.11 -95.86
C ILE I 226 -70.03 -37.52 -96.36
N LYS I 227 -69.15 -38.47 -96.05
CA LYS I 227 -69.45 -39.86 -96.33
C LYS I 227 -70.66 -40.31 -95.53
N ASN I 228 -71.60 -40.95 -96.22
CA ASN I 228 -72.92 -41.35 -95.72
C ASN I 228 -73.79 -40.16 -95.33
N SER I 229 -73.35 -38.93 -95.62
CA SER I 229 -74.18 -37.73 -95.58
C SER I 229 -74.78 -37.51 -94.19
N VAL I 230 -73.89 -37.25 -93.23
CA VAL I 230 -74.31 -36.85 -91.89
C VAL I 230 -74.36 -35.32 -91.89
N THR I 231 -75.49 -34.79 -92.35
CA THR I 231 -75.69 -33.34 -92.36
C THR I 231 -75.91 -32.81 -90.95
N PRO I 232 -75.72 -31.49 -90.73
CA PRO I 232 -75.94 -30.92 -89.40
C PRO I 232 -77.32 -31.19 -88.81
N ASP I 233 -78.36 -31.31 -89.66
CA ASP I 233 -79.67 -31.71 -89.17
C ASP I 233 -79.62 -33.15 -88.69
N MET I 234 -80.76 -33.67 -88.21
CA MET I 234 -81.00 -35.07 -87.86
C MET I 234 -79.85 -35.73 -87.09
N MET I 235 -79.00 -34.92 -86.47
CA MET I 235 -77.95 -35.47 -85.63
C MET I 235 -78.48 -35.77 -84.24
N GLU I 236 -79.38 -34.92 -83.73
CA GLU I 236 -80.11 -35.24 -82.53
C GLU I 236 -80.93 -36.50 -82.72
N GLU I 237 -81.54 -36.66 -83.90
CA GLU I 237 -82.32 -37.84 -84.19
C GLU I 237 -81.47 -39.09 -84.19
N MET I 238 -80.35 -39.07 -84.91
CA MET I 238 -79.50 -40.26 -85.01
C MET I 238 -78.87 -40.63 -83.68
N TYR I 239 -78.62 -39.64 -82.82
CA TYR I 239 -78.16 -39.96 -81.48
C TYR I 239 -79.29 -40.52 -80.63
N LYS I 240 -80.52 -40.04 -80.85
CA LYS I 240 -81.68 -40.63 -80.20
C LYS I 240 -81.89 -42.07 -80.63
N LYS I 241 -81.71 -42.36 -81.93
CA LYS I 241 -81.78 -43.74 -82.40
C LYS I 241 -80.67 -44.58 -81.77
N ALA I 242 -79.47 -44.01 -81.64
CA ALA I 242 -78.38 -44.74 -80.99
C ALA I 242 -78.71 -45.05 -79.54
N HIS I 243 -79.29 -44.07 -78.83
CA HIS I 243 -79.64 -44.29 -77.43
C HIS I 243 -80.70 -45.38 -77.28
N ALA I 244 -81.72 -45.35 -78.14
CA ALA I 244 -82.79 -46.35 -78.05
C ALA I 244 -82.27 -47.74 -78.34
N ALA I 245 -81.37 -47.86 -79.32
CA ALA I 245 -80.81 -49.17 -79.65
C ALA I 245 -79.90 -49.68 -78.53
N ILE I 246 -79.22 -48.77 -77.83
CA ILE I 246 -78.37 -49.18 -76.73
C ILE I 246 -79.19 -49.82 -75.63
N ARG I 247 -80.30 -49.19 -75.26
CA ARG I 247 -81.18 -49.75 -74.23
C ARG I 247 -81.80 -51.07 -74.69
N GLU I 248 -82.02 -51.21 -75.99
CA GLU I 248 -82.68 -52.41 -76.50
C GLU I 248 -81.76 -53.63 -76.40
N ASN I 249 -80.50 -53.48 -76.79
CA ASN I 249 -79.57 -54.60 -76.84
C ASN I 249 -78.18 -54.12 -76.46
N PRO I 250 -77.79 -54.23 -75.19
CA PRO I 250 -76.44 -53.83 -74.80
C PRO I 250 -75.46 -54.99 -74.76
N VAL I 251 -75.95 -56.22 -75.00
CA VAL I 251 -75.10 -57.39 -74.89
C VAL I 251 -74.01 -57.35 -75.95
N TYR I 252 -72.77 -57.61 -75.53
CA TYR I 252 -71.64 -57.59 -76.44
C TYR I 252 -71.39 -58.99 -77.01
N GLU I 253 -70.89 -59.01 -78.24
CA GLU I 253 -70.51 -60.23 -78.92
C GLU I 253 -69.14 -60.05 -79.53
N LYS I 254 -68.39 -61.15 -79.62
CA LYS I 254 -67.06 -61.15 -80.19
C LYS I 254 -67.07 -61.92 -81.51
N LYS I 255 -66.36 -61.39 -82.50
CA LYS I 255 -66.21 -62.08 -83.77
C LYS I 255 -65.11 -63.12 -83.65
N PRO I 256 -65.40 -64.42 -83.79
CA PRO I 256 -64.37 -65.44 -83.58
C PRO I 256 -63.44 -65.53 -84.79
N LYS I 257 -62.14 -65.50 -84.53
CA LYS I 257 -61.13 -65.61 -85.58
C LYS I 257 -60.06 -66.59 -85.11
N LYS I 258 -60.04 -67.77 -85.71
CA LYS I 258 -59.06 -68.80 -85.38
C LYS I 258 -58.19 -69.22 -86.55
N GLU I 259 -58.46 -68.74 -87.76
CA GLU I 259 -57.66 -69.07 -88.94
C GLU I 259 -56.42 -68.17 -88.93
N VAL I 260 -55.51 -68.47 -88.00
CA VAL I 260 -54.31 -67.68 -87.77
C VAL I 260 -53.12 -68.63 -87.69
N LYS I 261 -52.05 -68.30 -88.41
CA LYS I 261 -50.87 -69.15 -88.48
C LYS I 261 -49.89 -68.73 -87.38
N LYS I 262 -48.66 -69.25 -87.46
CA LYS I 262 -47.61 -68.97 -86.49
C LYS I 262 -46.55 -68.08 -87.12
N LYS I 263 -46.98 -67.10 -87.91
CA LYS I 263 -46.03 -66.19 -88.53
C LYS I 263 -45.50 -65.21 -87.47
N ARG I 264 -44.18 -65.17 -87.34
CA ARG I 264 -43.51 -64.31 -86.38
C ARG I 264 -43.00 -63.07 -87.10
N TRP I 265 -43.41 -61.90 -86.62
CA TRP I 265 -43.00 -60.64 -87.24
C TRP I 265 -41.82 -60.01 -86.54
N ASN I 266 -41.59 -60.32 -85.27
CA ASN I 266 -40.47 -59.74 -84.54
C ASN I 266 -39.20 -60.54 -84.79
N ARG I 267 -38.08 -59.96 -84.41
CA ARG I 267 -36.80 -60.65 -84.50
C ARG I 267 -36.53 -61.39 -83.20
N PRO I 268 -36.24 -62.69 -83.25
CA PRO I 268 -35.95 -63.42 -82.03
C PRO I 268 -34.61 -63.02 -81.44
N LYS I 269 -34.48 -63.21 -80.12
CA LYS I 269 -33.27 -62.84 -79.42
C LYS I 269 -32.11 -63.72 -79.86
N MET I 270 -30.97 -63.10 -80.11
CA MET I 270 -29.79 -63.85 -80.54
C MET I 270 -29.24 -64.70 -79.40
N SER I 271 -28.80 -65.90 -79.74
CA SER I 271 -28.27 -66.83 -78.75
C SER I 271 -26.91 -66.37 -78.25
N LEU I 272 -26.48 -66.97 -77.14
CA LEU I 272 -25.17 -66.65 -76.59
C LEU I 272 -24.05 -67.02 -77.53
N ALA I 273 -24.16 -68.20 -78.16
CA ALA I 273 -23.11 -68.66 -79.08
C ALA I 273 -23.02 -67.76 -80.30
N GLN I 274 -24.15 -67.21 -80.75
CA GLN I 274 -24.12 -66.25 -81.86
C GLN I 274 -23.37 -64.99 -81.48
N LYS I 275 -23.56 -64.52 -80.25
CA LYS I 275 -22.88 -63.30 -79.80
C LYS I 275 -21.38 -63.51 -79.74
N LYS I 276 -20.93 -64.65 -79.23
CA LYS I 276 -19.51 -64.94 -79.19
C LYS I 276 -18.93 -65.06 -80.60
N ASP I 277 -19.67 -65.71 -81.50
CA ASP I 277 -19.21 -65.84 -82.87
C ASP I 277 -19.15 -64.49 -83.57
N ARG I 278 -20.14 -63.63 -83.32
CA ARG I 278 -20.15 -62.30 -83.94
C ARG I 278 -18.95 -61.48 -83.48
N VAL I 279 -18.62 -61.56 -82.19
CA VAL I 279 -17.44 -60.87 -81.68
C VAL I 279 -16.17 -61.49 -82.28
N ALA I 280 -16.12 -62.82 -82.37
CA ALA I 280 -14.95 -63.48 -82.93
C ALA I 280 -14.77 -63.13 -84.41
N GLN I 281 -15.87 -63.04 -85.15
CA GLN I 281 -15.78 -62.62 -86.55
C GLN I 281 -15.32 -61.17 -86.65
N LYS I 282 -15.82 -60.30 -85.77
CA LYS I 282 -15.39 -58.90 -85.78
C LYS I 282 -13.92 -58.78 -85.42
N LYS I 283 -13.45 -59.58 -84.45
CA LYS I 283 -12.05 -59.55 -84.08
C LYS I 283 -11.16 -60.01 -85.22
N ALA I 284 -11.55 -61.10 -85.89
CA ALA I 284 -10.75 -61.62 -86.98
C ALA I 284 -10.72 -60.66 -88.16
N SER I 285 -11.86 -60.05 -88.49
CA SER I 285 -11.92 -59.14 -89.62
C SER I 285 -11.05 -57.91 -89.40
N PHE I 286 -11.01 -57.40 -88.17
CA PHE I 286 -10.18 -56.24 -87.88
C PHE I 286 -8.70 -56.56 -88.06
N LEU I 287 -8.27 -57.75 -87.59
CA LEU I 287 -6.87 -58.14 -87.74
C LEU I 287 -6.53 -58.35 -89.21
N ARG I 288 -7.44 -58.93 -89.98
CA ARG I 288 -7.21 -59.10 -91.41
C ARG I 288 -7.05 -57.76 -92.11
N ALA I 289 -7.91 -56.79 -91.77
CA ALA I 289 -7.78 -55.45 -92.34
C ALA I 289 -6.48 -54.79 -91.90
N GLN I 290 -6.10 -54.98 -90.63
CA GLN I 290 -4.82 -54.44 -90.16
C GLN I 290 -3.65 -55.09 -90.88
N GLU I 291 -3.72 -56.40 -91.11
CA GLU I 291 -2.68 -57.09 -91.86
C GLU I 291 -2.64 -56.60 -93.30
N ARG I 292 -3.81 -56.32 -93.88
CA ARG I 292 -3.85 -55.81 -95.25
C ARG I 292 -3.17 -54.44 -95.34
N ALA I 293 -3.39 -53.59 -94.35
CA ALA I 293 -2.83 -52.24 -94.28
C ALA I 293 -3.19 -51.40 -95.52
N PRO J 1 -34.02 -143.95 -3.55
CA PRO J 1 -32.98 -142.97 -3.22
C PRO J 1 -31.81 -143.02 -4.20
N HIS J 2 -31.86 -142.20 -5.23
CA HIS J 2 -30.84 -142.16 -6.27
C HIS J 2 -29.90 -140.98 -6.04
N CYS J 3 -28.78 -140.99 -6.76
CA CYS J 3 -27.83 -139.89 -6.69
C CYS J 3 -28.38 -138.67 -7.42
N SER J 4 -27.55 -137.63 -7.50
CA SER J 4 -28.01 -136.33 -7.99
C SER J 4 -28.48 -136.39 -9.44
N ARG J 5 -27.94 -137.30 -10.24
CA ARG J 5 -28.28 -137.45 -11.66
C ARG J 5 -28.07 -136.16 -12.43
N ASN J 6 -27.26 -135.25 -11.90
CA ASN J 6 -27.05 -133.92 -12.45
C ASN J 6 -25.72 -133.39 -11.94
N PRO J 7 -24.62 -133.70 -12.62
CA PRO J 7 -23.30 -133.34 -12.08
C PRO J 7 -23.12 -131.84 -12.06
N VAL J 8 -22.84 -131.30 -10.88
CA VAL J 8 -22.61 -129.87 -10.75
C VAL J 8 -21.25 -129.54 -11.37
N LEU J 9 -21.22 -128.51 -12.20
CA LEU J 9 -19.99 -128.04 -12.81
C LEU J 9 -19.54 -126.70 -12.26
N VAL J 10 -20.48 -125.86 -11.85
CA VAL J 10 -20.21 -124.62 -11.14
C VAL J 10 -21.28 -124.47 -10.07
N ARG J 11 -20.88 -124.02 -8.89
CA ARG J 11 -21.79 -123.90 -7.75
C ARG J 11 -23.07 -123.16 -8.13
N GLY J 12 -24.19 -123.84 -7.99
CA GLY J 12 -25.48 -123.28 -8.35
C GLY J 12 -25.93 -123.53 -9.77
N ILE J 13 -25.09 -124.14 -10.61
CA ILE J 13 -25.43 -124.44 -11.99
C ILE J 13 -25.20 -125.92 -12.24
N GLY J 14 -26.23 -126.60 -12.75
CA GLY J 14 -26.09 -127.98 -13.13
C GLY J 14 -25.58 -128.15 -14.55
N ARG J 15 -25.08 -129.35 -14.84
CA ARG J 15 -24.62 -129.65 -16.19
C ARG J 15 -25.78 -129.62 -17.18
N TYR J 16 -26.92 -130.19 -16.80
CA TYR J 16 -28.00 -130.45 -17.74
C TYR J 16 -29.13 -129.45 -17.56
N SER J 17 -29.81 -129.17 -18.66
CA SER J 17 -30.88 -128.19 -18.67
C SER J 17 -32.17 -128.80 -18.14
N ARG J 18 -33.25 -128.01 -18.20
CA ARG J 18 -34.53 -128.47 -17.68
C ARG J 18 -35.07 -129.65 -18.49
N SER J 19 -35.04 -129.53 -19.82
CA SER J 19 -35.55 -130.61 -20.66
C SER J 19 -34.62 -131.83 -20.63
N ALA J 20 -33.31 -131.58 -20.56
CA ALA J 20 -32.36 -132.69 -20.45
C ALA J 20 -32.57 -133.47 -19.17
N MET J 21 -32.83 -132.77 -18.07
CA MET J 21 -33.09 -133.46 -16.81
C MET J 21 -34.48 -134.09 -16.78
N TYR J 22 -35.42 -133.52 -17.55
CA TYR J 22 -36.73 -134.15 -17.70
C TYR J 22 -36.59 -135.52 -18.34
N SER J 23 -35.74 -135.63 -19.36
CA SER J 23 -35.52 -136.92 -20.00
C SER J 23 -34.78 -137.88 -19.09
N ARG J 24 -33.79 -137.39 -18.34
CA ARG J 24 -33.00 -138.26 -17.48
C ARG J 24 -33.84 -138.82 -16.33
N LYS J 25 -34.68 -137.98 -15.73
CA LYS J 25 -35.55 -138.44 -14.65
C LYS J 25 -36.70 -139.30 -15.15
N ALA J 26 -36.94 -139.34 -16.45
CA ALA J 26 -38.10 -140.00 -17.05
C ALA J 26 -39.40 -139.50 -16.42
N MET J 27 -39.52 -138.18 -16.32
CA MET J 27 -40.73 -137.58 -15.78
C MET J 27 -41.92 -137.71 -16.72
N TYR J 28 -41.70 -138.16 -17.97
CA TYR J 28 -42.82 -138.36 -18.88
C TYR J 28 -43.73 -139.48 -18.42
N LYS J 29 -43.19 -140.47 -17.68
CA LYS J 29 -43.99 -141.57 -17.18
C LYS J 29 -44.24 -141.50 -15.67
N ARG J 30 -43.56 -140.61 -14.96
CA ARG J 30 -43.87 -140.36 -13.55
C ARG J 30 -44.76 -139.12 -13.42
N LYS J 31 -45.95 -139.22 -14.00
CA LYS J 31 -46.94 -138.16 -13.96
C LYS J 31 -48.09 -138.60 -13.07
N TYR J 32 -48.27 -137.92 -11.94
CA TYR J 32 -49.23 -138.32 -10.93
C TYR J 32 -50.31 -137.26 -10.80
N SER J 33 -51.57 -137.68 -10.88
CA SER J 33 -52.70 -136.75 -10.84
C SER J 33 -53.13 -136.47 -9.40
N ALA J 34 -53.47 -137.51 -8.65
CA ALA J 34 -53.91 -137.37 -7.27
C ALA J 34 -53.64 -138.69 -6.56
N ALA J 35 -54.19 -138.83 -5.36
CA ALA J 35 -54.03 -140.06 -4.58
C ALA J 35 -54.86 -141.19 -5.16
N VAL J 47 -49.41 -134.71 18.04
CA VAL J 47 -50.13 -135.77 18.74
C VAL J 47 -49.18 -136.49 19.71
N LEU J 48 -49.64 -136.75 20.92
CA LEU J 48 -50.96 -136.40 21.44
C LEU J 48 -50.82 -135.36 22.56
N ALA J 49 -51.91 -134.67 22.86
CA ALA J 49 -51.87 -133.57 23.82
C ALA J 49 -52.27 -134.00 25.23
N THR J 50 -53.41 -134.67 25.36
CA THR J 50 -53.92 -135.09 26.66
C THR J 50 -53.93 -136.60 26.76
N VAL J 51 -53.85 -137.10 27.99
CA VAL J 51 -53.87 -138.52 28.27
C VAL J 51 -54.96 -138.80 29.30
N THR J 52 -55.40 -140.06 29.33
CA THR J 52 -56.38 -140.53 30.30
C THR J 52 -55.68 -141.42 31.31
N LYS J 53 -55.90 -141.14 32.59
CA LYS J 53 -55.20 -141.87 33.64
C LYS J 53 -56.18 -142.57 34.56
N PRO J 54 -55.79 -143.68 35.17
CA PRO J 54 -56.68 -144.37 36.11
C PRO J 54 -56.98 -143.52 37.34
N VAL J 55 -58.10 -143.85 37.97
CA VAL J 55 -58.69 -142.96 38.98
C VAL J 55 -57.92 -143.02 40.28
N GLY J 56 -57.89 -144.18 40.93
CA GLY J 56 -57.43 -144.27 42.30
C GLY J 56 -58.49 -143.78 43.27
N GLY J 57 -59.63 -144.46 43.29
CA GLY J 57 -60.76 -144.02 44.09
C GLY J 57 -60.65 -144.36 45.56
N ASP J 58 -61.76 -144.77 46.17
CA ASP J 58 -63.06 -144.97 45.55
C ASP J 58 -63.90 -143.69 45.57
N LYS J 59 -64.93 -143.67 44.72
CA LYS J 59 -65.89 -142.57 44.56
C LYS J 59 -65.21 -141.30 44.03
N ASN J 60 -63.92 -141.41 43.69
CA ASN J 60 -63.18 -140.47 42.86
C ASN J 60 -63.47 -140.73 41.37
N GLY J 61 -64.52 -141.51 41.09
CA GLY J 61 -64.88 -141.99 39.76
C GLY J 61 -64.75 -140.99 38.64
N GLY J 62 -64.28 -141.45 37.48
CA GLY J 62 -63.98 -140.58 36.38
C GLY J 62 -62.49 -140.52 36.11
N THR J 63 -62.05 -141.22 35.07
CA THR J 63 -60.64 -141.26 34.73
C THR J 63 -60.13 -139.86 34.41
N ARG J 64 -59.08 -139.45 35.13
CA ARG J 64 -58.60 -138.07 35.02
C ARG J 64 -58.01 -137.80 33.64
N VAL J 65 -58.51 -136.74 33.01
CA VAL J 65 -57.92 -136.28 31.76
C VAL J 65 -56.78 -135.33 32.09
N VAL J 66 -55.56 -135.71 31.71
CA VAL J 66 -54.37 -134.94 32.03
C VAL J 66 -53.70 -134.53 30.73
N LYS J 67 -53.48 -133.23 30.57
CA LYS J 67 -52.77 -132.70 29.41
C LYS J 67 -51.35 -132.33 29.80
N LEU J 68 -50.38 -132.87 29.07
CA LEU J 68 -49.01 -132.44 29.25
C LEU J 68 -48.84 -131.01 28.75
N ARG J 69 -47.77 -130.36 29.21
CA ARG J 69 -47.47 -128.97 28.86
C ARG J 69 -48.62 -128.05 29.28
N LYS J 70 -48.78 -127.94 30.59
CA LYS J 70 -49.80 -127.06 31.16
C LYS J 70 -49.47 -125.59 30.86
N MET J 71 -50.47 -124.75 31.05
CA MET J 71 -50.32 -123.32 30.78
C MET J 71 -49.35 -122.70 31.79
N PRO J 72 -48.66 -121.62 31.40
CA PRO J 72 -47.66 -121.03 32.29
C PRO J 72 -48.26 -120.45 33.55
N ARG J 73 -47.46 -120.48 34.62
CA ARG J 73 -47.84 -119.89 35.90
C ARG J 73 -47.51 -118.41 36.00
N TYR J 74 -46.85 -117.84 35.00
CA TYR J 74 -46.31 -116.49 35.13
C TYR J 74 -45.98 -115.94 33.76
N TYR J 75 -46.37 -114.69 33.53
CA TYR J 75 -45.99 -113.94 32.35
C TYR J 75 -45.16 -112.73 32.76
N PRO J 76 -44.10 -112.42 32.03
CA PRO J 76 -43.33 -111.21 32.35
C PRO J 76 -44.13 -109.96 32.05
N THR J 77 -43.69 -108.85 32.65
CA THR J 77 -44.39 -107.59 32.45
C THR J 77 -44.33 -107.14 31.01
N GLU J 78 -43.19 -107.36 30.34
CA GLU J 78 -43.04 -107.05 28.93
C GLU J 78 -42.35 -108.22 28.25
N ASP J 79 -42.51 -108.29 26.93
CA ASP J 79 -41.88 -109.33 26.14
C ASP J 79 -41.19 -108.71 24.93
N VAL J 80 -40.41 -109.52 24.24
CA VAL J 80 -39.64 -109.09 23.07
C VAL J 80 -40.22 -109.77 21.83
N PRO J 81 -40.46 -109.05 20.75
CA PRO J 81 -40.94 -109.69 19.52
C PRO J 81 -39.91 -110.63 18.93
N ARG J 82 -40.39 -111.61 18.18
CA ARG J 82 -39.49 -112.59 17.58
C ARG J 82 -38.80 -112.00 16.37
N LYS J 83 -37.74 -112.68 15.94
CA LYS J 83 -36.88 -112.19 14.87
C LYS J 83 -37.50 -112.47 13.51
N LEU J 84 -36.92 -111.85 12.49
CA LEU J 84 -37.23 -112.17 11.11
C LEU J 84 -36.36 -113.33 10.64
N LEU J 85 -36.87 -114.06 9.66
CA LEU J 85 -36.19 -115.26 9.17
C LEU J 85 -35.01 -114.88 8.28
N SER J 86 -33.93 -115.64 8.39
CA SER J 86 -32.64 -115.23 7.85
C SER J 86 -32.20 -115.96 6.60
N HIS J 87 -32.64 -117.20 6.39
CA HIS J 87 -32.39 -118.03 5.21
C HIS J 87 -30.94 -118.47 5.05
N GLY J 88 -30.04 -118.00 5.90
CA GLY J 88 -28.66 -118.46 5.90
C GLY J 88 -28.22 -118.77 7.30
N LYS J 89 -26.97 -118.41 7.60
CA LYS J 89 -26.45 -118.37 8.97
C LYS J 89 -26.50 -119.74 9.64
N LYS J 90 -25.86 -120.71 8.98
CA LYS J 90 -25.80 -122.06 9.52
C LYS J 90 -24.96 -122.08 10.80
N PRO J 91 -25.29 -122.96 11.74
CA PRO J 91 -24.48 -123.07 12.96
C PRO J 91 -23.10 -123.61 12.66
N PHE J 92 -22.20 -123.42 13.63
CA PHE J 92 -20.78 -123.72 13.43
C PHE J 92 -20.54 -125.20 13.12
N SER J 93 -21.41 -126.09 13.60
CA SER J 93 -21.22 -127.51 13.36
C SER J 93 -21.37 -127.89 11.90
N GLN J 94 -22.10 -127.10 11.11
CA GLN J 94 -22.34 -127.42 9.71
C GLN J 94 -21.74 -126.39 8.78
N HIS J 95 -20.70 -125.69 9.22
CA HIS J 95 -19.95 -124.82 8.33
C HIS J 95 -19.04 -125.65 7.44
N VAL J 96 -18.55 -125.02 6.38
CA VAL J 96 -17.64 -125.67 5.44
C VAL J 96 -16.22 -125.43 5.91
N ARG J 97 -15.48 -126.51 6.14
CA ARG J 97 -14.13 -126.42 6.70
C ARG J 97 -13.13 -126.22 5.56
N LYS J 98 -12.61 -125.00 5.46
CA LYS J 98 -11.62 -124.68 4.44
C LYS J 98 -10.22 -124.93 4.98
N LEU J 99 -9.38 -125.54 4.16
CA LEU J 99 -7.99 -125.82 4.51
C LEU J 99 -7.10 -125.29 3.40
N ARG J 100 -6.00 -124.66 3.79
CA ARG J 100 -5.08 -124.09 2.81
C ARG J 100 -4.45 -125.18 1.96
N ALA J 101 -4.19 -124.86 0.69
CA ALA J 101 -3.63 -125.83 -0.23
C ALA J 101 -2.19 -126.20 0.11
N SER J 102 -1.51 -125.38 0.91
CA SER J 102 -0.12 -125.63 1.28
C SER J 102 0.00 -126.45 2.56
N ILE J 103 -1.11 -126.81 3.19
CA ILE J 103 -1.10 -127.65 4.39
C ILE J 103 -1.65 -129.01 4.00
N THR J 104 -0.78 -130.02 4.00
CA THR J 104 -1.12 -131.39 3.65
C THR J 104 -0.55 -132.31 4.71
N PRO J 105 -1.12 -133.51 4.87
CA PRO J 105 -0.62 -134.46 5.88
C PRO J 105 0.88 -134.69 5.83
N GLY J 106 1.56 -134.43 6.94
CA GLY J 106 3.00 -134.55 7.03
C GLY J 106 3.76 -133.25 6.87
N THR J 107 3.08 -132.17 6.52
CA THR J 107 3.75 -130.88 6.35
C THR J 107 4.22 -130.34 7.70
N ILE J 108 5.43 -129.80 7.73
CA ILE J 108 5.96 -129.20 8.94
C ILE J 108 5.39 -127.80 9.09
N LEU J 109 4.81 -127.52 10.25
CA LEU J 109 4.22 -126.22 10.55
C LEU J 109 5.04 -125.49 11.60
N ILE J 110 4.83 -124.18 11.70
CA ILE J 110 5.50 -123.34 12.68
C ILE J 110 4.42 -122.63 13.48
N ILE J 111 4.33 -122.94 14.77
CA ILE J 111 3.32 -122.34 15.63
C ILE J 111 3.75 -120.92 15.97
N LEU J 112 2.84 -119.97 15.81
CA LEU J 112 3.14 -118.57 16.01
C LEU J 112 2.51 -117.97 17.27
N THR J 113 1.59 -118.67 17.93
CA THR J 113 0.74 -118.04 18.92
C THR J 113 0.87 -118.63 20.31
N GLY J 114 0.79 -119.94 20.46
CA GLY J 114 0.62 -120.55 21.76
C GLY J 114 1.89 -120.51 22.61
N ARG J 115 1.83 -121.22 23.72
CA ARG J 115 3.00 -121.37 24.58
C ARG J 115 4.09 -122.19 23.91
N HIS J 116 3.78 -122.86 22.80
CA HIS J 116 4.75 -123.56 21.95
C HIS J 116 5.16 -122.70 20.77
N ARG J 117 5.30 -121.40 21.02
CA ARG J 117 5.57 -120.41 20.00
C ARG J 117 6.88 -120.72 19.26
N GLY J 118 6.84 -120.64 17.95
CA GLY J 118 8.03 -120.79 17.15
C GLY J 118 8.53 -122.21 16.98
N LYS J 119 7.90 -123.18 17.65
CA LYS J 119 8.29 -124.58 17.48
C LYS J 119 7.82 -125.09 16.12
N ARG J 120 8.50 -126.14 15.65
CA ARG J 120 8.18 -126.77 14.39
C ARG J 120 7.58 -128.14 14.64
N VAL J 121 6.38 -128.37 14.10
CA VAL J 121 5.64 -129.60 14.32
C VAL J 121 5.13 -130.14 13.00
N VAL J 122 4.84 -131.43 12.98
CA VAL J 122 4.27 -132.08 11.81
C VAL J 122 2.75 -132.04 11.91
N PHE J 123 2.09 -132.19 10.77
CA PHE J 123 0.66 -131.95 10.66
C PHE J 123 -0.05 -133.24 10.27
N LEU J 124 -0.96 -133.69 11.11
CA LEU J 124 -1.81 -134.85 10.84
C LEU J 124 -3.12 -134.35 10.20
N LYS J 125 -4.14 -135.20 10.18
CA LYS J 125 -5.41 -134.86 9.56
C LYS J 125 -6.02 -133.61 10.18
N GLN J 126 -6.89 -132.95 9.40
CA GLN J 126 -7.65 -131.81 9.89
C GLN J 126 -8.95 -132.30 10.52
N LEU J 127 -9.19 -131.85 11.75
CA LEU J 127 -10.30 -132.38 12.54
C LEU J 127 -11.63 -131.82 12.02
N ALA J 128 -12.72 -132.30 12.64
CA ALA J 128 -14.06 -131.96 12.16
C ALA J 128 -14.41 -130.49 12.36
N SER J 129 -13.73 -129.79 13.26
CA SER J 129 -13.97 -128.38 13.50
C SER J 129 -12.99 -127.48 12.77
N GLY J 130 -12.24 -128.03 11.82
CA GLY J 130 -11.28 -127.25 11.07
C GLY J 130 -9.97 -127.02 11.78
N LEU J 131 -9.87 -127.38 13.05
CA LEU J 131 -8.62 -127.25 13.78
C LEU J 131 -7.63 -128.30 13.31
N LEU J 132 -6.39 -127.88 13.04
CA LEU J 132 -5.37 -128.82 12.62
C LEU J 132 -4.92 -129.66 13.81
N LEU J 133 -4.87 -130.96 13.61
CA LEU J 133 -4.32 -131.87 14.62
C LEU J 133 -2.84 -132.04 14.33
N VAL J 134 -2.00 -131.39 15.14
CA VAL J 134 -0.56 -131.46 14.96
C VAL J 134 0.04 -132.12 16.19
N THR J 135 1.15 -132.81 15.98
CA THR J 135 2.01 -133.20 17.08
C THR J 135 3.45 -132.96 16.68
N GLY J 136 4.21 -132.34 17.56
CA GLY J 136 5.63 -132.48 17.50
C GLY J 136 5.92 -133.88 17.98
N PRO J 137 6.97 -134.48 17.47
CA PRO J 137 7.36 -135.78 18.03
C PRO J 137 7.90 -135.57 19.43
N LEU J 138 7.00 -135.53 20.41
CA LEU J 138 7.19 -134.96 21.74
C LEU J 138 8.56 -135.19 22.33
N VAL J 139 9.16 -136.35 22.03
CA VAL J 139 10.55 -136.61 22.37
C VAL J 139 11.49 -135.61 21.71
N LEU J 140 11.05 -134.90 20.69
CA LEU J 140 11.89 -133.91 19.98
C LEU J 140 11.68 -132.50 20.51
N ASN J 141 10.45 -131.99 20.45
CA ASN J 141 10.20 -130.57 20.76
C ASN J 141 9.09 -130.36 21.78
N ARG J 142 8.71 -131.41 22.51
CA ARG J 142 7.76 -131.30 23.64
C ARG J 142 6.43 -130.69 23.22
N VAL J 143 5.90 -131.11 22.08
CA VAL J 143 4.58 -130.72 21.61
C VAL J 143 3.74 -131.98 21.47
N PRO J 144 2.81 -132.22 22.40
CA PRO J 144 2.02 -133.45 22.35
C PRO J 144 0.97 -133.44 21.25
N LEU J 145 0.10 -134.45 21.25
CA LEU J 145 -1.04 -134.44 20.33
C LEU J 145 -1.92 -133.26 20.68
N ARG J 146 -1.90 -132.21 19.85
CA ARG J 146 -2.54 -130.95 20.17
C ARG J 146 -3.34 -130.47 18.97
N ARG J 147 -4.28 -129.60 19.24
CA ARG J 147 -5.00 -128.88 18.19
C ARG J 147 -4.37 -127.51 17.97
N THR J 148 -4.58 -126.99 16.77
CA THR J 148 -4.12 -125.65 16.43
C THR J 148 -4.99 -125.12 15.30
N HIS J 149 -4.91 -123.82 15.09
CA HIS J 149 -5.70 -123.15 14.06
C HIS J 149 -4.81 -122.88 12.84
N GLN J 150 -5.35 -123.17 11.65
CA GLN J 150 -4.59 -123.01 10.43
C GLN J 150 -4.23 -121.55 10.14
N LYS J 151 -4.91 -120.61 10.78
CA LYS J 151 -4.61 -119.20 10.60
C LYS J 151 -3.42 -118.75 11.44
N PHE J 152 -2.96 -119.58 12.38
CA PHE J 152 -1.91 -119.19 13.30
C PHE J 152 -0.66 -120.06 13.14
N VAL J 153 -0.47 -120.64 11.96
CA VAL J 153 0.71 -121.43 11.66
C VAL J 153 1.27 -120.96 10.32
N ILE J 154 2.56 -121.23 10.13
CA ILE J 154 3.24 -121.01 8.87
C ILE J 154 3.53 -122.37 8.25
N ALA J 155 2.91 -122.65 7.12
CA ALA J 155 3.09 -123.94 6.45
C ALA J 155 4.39 -123.89 5.66
N THR J 156 5.38 -124.67 6.12
CA THR J 156 6.63 -124.77 5.39
C THR J 156 6.45 -125.64 4.16
N SER J 157 7.51 -125.76 3.37
CA SER J 157 7.49 -126.53 2.13
C SER J 157 8.17 -127.89 2.28
N THR J 158 8.43 -128.33 3.50
CA THR J 158 9.08 -129.60 3.77
C THR J 158 8.07 -130.54 4.39
N LYS J 159 7.87 -131.70 3.76
CA LYS J 159 6.86 -132.65 4.18
C LYS J 159 7.46 -134.04 4.32
N ILE J 160 6.83 -134.85 5.17
CA ILE J 160 7.18 -136.25 5.34
C ILE J 160 5.98 -137.09 4.96
N ASP J 161 6.22 -138.21 4.29
CA ASP J 161 5.13 -139.06 3.83
C ASP J 161 4.54 -139.80 5.02
N ILE J 162 3.47 -139.24 5.60
CA ILE J 162 2.79 -139.86 6.73
C ILE J 162 1.59 -140.68 6.27
N SER J 163 1.51 -140.99 4.97
CA SER J 163 0.54 -141.97 4.52
C SER J 163 0.86 -143.34 5.13
N ASN J 164 -0.11 -144.24 5.03
CA ASN J 164 -0.06 -145.59 5.60
C ASN J 164 0.32 -145.57 7.08
N VAL J 165 0.08 -144.46 7.75
CA VAL J 165 0.25 -144.31 9.18
C VAL J 165 -1.14 -144.24 9.81
N LYS J 166 -1.39 -145.11 10.79
CA LYS J 166 -2.74 -145.29 11.34
C LYS J 166 -2.99 -144.25 12.41
N ILE J 167 -3.64 -143.16 12.04
CA ILE J 167 -4.14 -142.22 13.05
C ILE J 167 -5.34 -142.84 13.75
N PRO J 168 -5.34 -142.93 15.07
CA PRO J 168 -6.46 -143.58 15.77
C PRO J 168 -7.77 -142.85 15.55
N LYS J 169 -8.86 -143.62 15.54
CA LYS J 169 -10.17 -143.04 15.27
C LYS J 169 -10.72 -142.25 16.45
N HIS J 170 -10.22 -142.49 17.66
CA HIS J 170 -10.69 -141.76 18.84
C HIS J 170 -9.86 -140.51 19.09
N LEU J 171 -9.69 -139.70 18.04
CA LEU J 171 -8.94 -138.46 18.08
C LEU J 171 -9.78 -137.30 17.57
N THR J 172 -11.01 -137.22 18.08
CA THR J 172 -11.95 -136.18 17.69
C THR J 172 -11.76 -134.93 18.53
N ASP J 173 -12.57 -133.91 18.24
CA ASP J 173 -12.51 -132.68 19.03
C ASP J 173 -13.03 -132.89 20.44
N ALA J 174 -14.01 -133.80 20.61
CA ALA J 174 -14.50 -134.11 21.94
C ALA J 174 -13.40 -134.71 22.81
N TYR J 175 -12.49 -135.45 22.19
CA TYR J 175 -11.32 -135.96 22.92
C TYR J 175 -10.44 -134.81 23.38
N PHE J 176 -10.22 -133.82 22.53
CA PHE J 176 -9.26 -132.76 22.80
C PHE J 176 -9.87 -131.56 23.52
N LYS J 177 -11.18 -131.53 23.70
CA LYS J 177 -11.82 -130.37 24.31
C LYS J 177 -11.43 -130.25 25.78
N LYS J 178 -11.30 -129.01 26.23
CA LYS J 178 -10.95 -128.75 27.62
C LYS J 178 -12.07 -129.19 28.55
N LYS J 179 -11.69 -129.53 29.78
CA LYS J 179 -12.62 -129.97 30.81
C LYS J 179 -12.70 -128.94 31.92
N LYS J 180 -13.65 -129.15 32.83
CA LYS J 180 -13.87 -128.25 33.95
C LYS J 180 -14.30 -129.06 35.16
N LEU J 181 -14.10 -128.46 36.34
CA LEU J 181 -14.62 -129.02 37.58
C LEU J 181 -15.50 -128.05 38.35
N ARG J 182 -15.10 -126.78 38.43
CA ARG J 182 -15.87 -125.80 39.19
C ARG J 182 -17.19 -125.49 38.50
N LYS J 183 -18.26 -125.41 39.27
CA LYS J 183 -18.27 -125.64 40.72
C LYS J 183 -19.50 -126.44 41.14
N PRO J 184 -19.29 -127.68 41.58
CA PRO J 184 -20.41 -128.53 42.01
C PRO J 184 -20.80 -128.23 43.46
N ARG J 185 -22.01 -127.69 43.63
CA ARG J 185 -22.58 -127.40 44.95
C ARG J 185 -21.68 -126.48 45.78
N HIS J 186 -21.13 -125.45 45.14
CA HIS J 186 -20.36 -124.44 45.85
C HIS J 186 -20.60 -123.10 45.16
N GLN J 187 -21.13 -122.13 45.91
CA GLN J 187 -21.51 -120.83 45.37
C GLN J 187 -20.67 -119.69 45.94
N GLU J 188 -20.65 -119.56 47.27
CA GLU J 188 -19.92 -118.46 47.91
C GLU J 188 -18.43 -118.77 47.94
N GLY J 189 -17.63 -117.85 47.42
CA GLY J 189 -16.19 -118.05 47.40
C GLY J 189 -15.49 -117.53 48.64
N GLU J 190 -15.22 -118.42 49.58
CA GLU J 190 -14.44 -118.11 50.77
C GLU J 190 -13.29 -119.09 50.98
N ILE J 191 -13.49 -120.36 50.68
CA ILE J 191 -12.45 -121.38 50.74
C ILE J 191 -12.14 -121.80 49.31
N PHE J 192 -10.89 -121.58 48.89
CA PHE J 192 -10.50 -121.87 47.52
C PHE J 192 -10.13 -123.34 47.36
N ASP J 193 -10.60 -123.95 46.27
CA ASP J 193 -10.31 -125.35 45.99
C ASP J 193 -8.83 -125.47 45.64
N THR J 194 -8.06 -126.12 46.52
CA THR J 194 -6.64 -126.32 46.29
C THR J 194 -6.34 -127.41 45.27
N GLU J 195 -7.34 -128.21 44.90
CA GLU J 195 -7.17 -129.25 43.91
C GLU J 195 -7.51 -128.71 42.51
N LYS J 196 -7.32 -129.57 41.50
CA LYS J 196 -7.67 -129.35 40.10
C LYS J 196 -6.84 -128.27 39.42
N GLU J 197 -5.96 -127.57 40.15
CA GLU J 197 -5.11 -126.57 39.50
C GLU J 197 -4.06 -127.21 38.62
N LYS J 198 -3.70 -128.46 38.87
CA LYS J 198 -2.74 -129.19 38.05
C LYS J 198 -3.55 -130.12 37.13
N TYR J 199 -3.67 -129.72 35.87
CA TYR J 199 -4.29 -130.58 34.87
C TYR J 199 -3.48 -131.86 34.72
N GLU J 200 -4.16 -132.99 34.76
CA GLU J 200 -3.50 -134.29 34.79
C GLU J 200 -3.43 -134.87 33.39
N ILE J 201 -2.23 -135.22 32.95
CA ILE J 201 -2.06 -135.90 31.67
C ILE J 201 -2.60 -137.31 31.81
N THR J 202 -3.70 -137.58 31.11
CA THR J 202 -4.36 -138.88 31.21
C THR J 202 -3.44 -139.98 30.68
N GLU J 203 -3.44 -141.13 31.37
CA GLU J 203 -2.68 -142.27 30.88
C GLU J 203 -3.20 -142.74 29.53
N GLN J 204 -4.46 -142.44 29.22
CA GLN J 204 -4.94 -142.61 27.86
C GLN J 204 -4.15 -141.73 26.90
N ARG J 205 -4.03 -140.44 27.22
CA ARG J 205 -3.34 -139.49 26.33
C ARG J 205 -1.92 -139.90 26.04
N LYS J 206 -1.26 -140.54 27.02
CA LYS J 206 0.09 -141.06 26.77
C LYS J 206 0.06 -142.22 25.79
N ILE J 207 -1.03 -142.98 25.78
CA ILE J 207 -1.11 -144.16 24.91
C ILE J 207 -1.22 -143.75 23.45
N ASP J 208 -2.10 -142.78 23.14
CA ASP J 208 -2.19 -142.30 21.76
C ASP J 208 -0.90 -141.61 21.34
N GLN J 209 -0.29 -140.85 22.24
CA GLN J 209 0.94 -140.14 21.91
C GLN J 209 2.05 -141.13 21.56
N LYS J 210 2.17 -142.21 22.33
CA LYS J 210 3.16 -143.23 22.01
C LYS J 210 2.82 -143.95 20.71
N ALA J 211 1.55 -144.18 20.45
CA ALA J 211 1.14 -144.91 19.26
C ALA J 211 1.45 -144.12 17.98
N VAL J 212 1.13 -142.83 17.98
CA VAL J 212 1.37 -142.02 16.79
C VAL J 212 2.86 -141.78 16.59
N ASP J 213 3.57 -141.47 17.67
CA ASP J 213 4.99 -141.15 17.56
C ASP J 213 5.82 -142.36 17.12
N SER J 214 5.45 -143.55 17.60
CA SER J 214 6.23 -144.74 17.27
C SER J 214 6.20 -145.07 15.78
N GLN J 215 5.21 -144.57 15.05
CA GLN J 215 5.14 -144.77 13.61
C GLN J 215 5.42 -143.50 12.81
N ILE J 216 5.55 -142.35 13.47
CA ILE J 216 5.91 -141.12 12.78
C ILE J 216 7.37 -140.72 12.99
N LEU J 217 8.04 -141.29 13.98
CA LEU J 217 9.45 -141.01 14.22
C LEU J 217 10.36 -141.74 13.22
N PRO J 218 10.13 -143.02 12.88
CA PRO J 218 10.98 -143.63 11.85
C PRO J 218 10.96 -142.90 10.52
N LYS J 219 9.85 -142.26 10.16
CA LYS J 219 9.83 -141.49 8.92
C LYS J 219 10.67 -140.22 9.05
N ILE J 220 10.67 -139.61 10.23
CA ILE J 220 11.44 -138.38 10.43
C ILE J 220 12.94 -138.68 10.42
N LYS J 221 13.34 -139.74 11.11
CA LYS J 221 14.76 -140.09 11.19
C LYS J 221 15.32 -140.60 9.87
N ALA J 222 14.46 -140.88 8.89
CA ALA J 222 14.95 -141.32 7.58
C ALA J 222 15.71 -140.20 6.87
N ILE J 223 15.04 -139.09 6.60
CA ILE J 223 15.71 -137.98 5.92
C ILE J 223 16.68 -137.30 6.88
N PRO J 224 17.89 -136.96 6.45
CA PRO J 224 18.92 -136.50 7.39
C PRO J 224 18.57 -135.18 8.06
N GLN J 225 19.04 -135.05 9.30
CA GLN J 225 18.90 -133.88 10.18
C GLN J 225 17.55 -133.21 10.09
N LEU J 226 16.48 -133.98 10.03
CA LEU J 226 15.17 -133.41 10.26
C LEU J 226 14.87 -133.31 11.75
N GLN J 227 15.33 -134.27 12.54
CA GLN J 227 15.12 -134.22 13.99
C GLN J 227 15.82 -133.01 14.59
N GLY J 228 16.98 -132.63 14.05
CA GLY J 228 17.59 -131.37 14.46
C GLY J 228 16.76 -130.17 14.04
N TYR J 229 16.15 -130.24 12.86
CA TYR J 229 15.25 -129.19 12.40
C TYR J 229 14.02 -129.09 13.29
N LEU J 230 13.46 -130.23 13.68
CA LEU J 230 12.26 -130.23 14.51
C LEU J 230 12.56 -129.79 15.93
N ARG J 231 13.78 -130.04 16.42
CA ARG J 231 14.14 -129.63 17.77
C ARG J 231 14.27 -128.11 17.87
N SER J 232 14.77 -127.47 16.81
CA SER J 232 15.00 -126.04 16.84
C SER J 232 13.68 -125.26 16.78
N VAL J 233 13.76 -123.98 17.13
CA VAL J 233 12.61 -123.10 17.07
C VAL J 233 12.84 -122.06 15.97
N PHE J 234 11.80 -121.29 15.67
CA PHE J 234 11.85 -120.29 14.63
C PHE J 234 12.05 -118.91 15.25
N ALA J 235 12.87 -118.10 14.59
CA ALA J 235 13.19 -116.77 15.10
C ALA J 235 13.46 -115.84 13.94
N LEU J 236 13.34 -114.54 14.20
CA LEU J 236 13.57 -113.51 13.20
C LEU J 236 14.87 -112.80 13.52
N THR J 237 15.94 -113.20 12.84
CA THR J 237 17.23 -112.52 12.93
C THR J 237 17.10 -111.11 12.34
N ASN J 238 17.93 -110.18 12.82
CA ASN J 238 17.90 -108.76 12.40
C ASN J 238 18.30 -108.56 10.92
N GLY J 239 18.46 -109.67 10.23
CA GLY J 239 18.73 -109.74 8.81
C GLY J 239 17.44 -109.98 8.04
N ILE J 240 17.10 -111.25 7.81
CA ILE J 240 15.99 -111.68 6.98
C ILE J 240 14.65 -111.02 7.34
N TYR J 241 13.75 -110.94 6.36
CA TYR J 241 12.40 -110.42 6.52
C TYR J 241 11.40 -111.45 6.05
N PRO J 242 10.25 -111.56 6.72
CA PRO J 242 9.30 -112.64 6.39
C PRO J 242 8.78 -112.59 4.97
N HIS J 243 8.64 -111.41 4.37
CA HIS J 243 8.13 -111.35 2.99
C HIS J 243 9.16 -111.86 2.00
N LYS J 244 10.45 -111.71 2.29
CA LYS J 244 11.49 -112.26 1.42
C LYS J 244 11.70 -113.74 1.66
N LEU J 245 11.37 -114.23 2.85
CA LEU J 245 11.62 -115.62 3.19
C LEU J 245 10.71 -116.55 2.40
N VAL J 246 11.27 -117.67 1.97
CA VAL J 246 10.52 -118.75 1.33
C VAL J 246 10.43 -119.89 2.34
N PHE J 247 9.21 -120.22 2.74
CA PHE J 247 9.01 -121.29 3.70
C PHE J 247 8.77 -122.61 2.98
N ASN K 1 -69.31 -126.14 4.74
CA ASN K 1 -68.85 -125.19 3.73
C ASN K 1 -67.35 -124.95 3.86
N PHE K 2 -66.73 -125.60 4.86
CA PHE K 2 -65.29 -125.47 5.05
C PHE K 2 -64.54 -126.07 3.87
N ALA K 3 -64.98 -127.24 3.39
CA ALA K 3 -64.32 -127.88 2.27
C ALA K 3 -64.52 -127.10 0.97
N GLU K 4 -65.72 -126.55 0.78
CA GLU K 4 -65.99 -125.79 -0.44
C GLU K 4 -65.13 -124.53 -0.49
N LEU K 5 -64.96 -123.84 0.64
CA LEU K 5 -64.10 -122.67 0.66
C LEU K 5 -62.64 -123.08 0.49
N LYS K 6 -62.25 -124.23 1.05
CA LYS K 6 -60.87 -124.68 0.95
C LYS K 6 -60.49 -125.01 -0.49
N ILE K 7 -61.35 -125.76 -1.19
CA ILE K 7 -61.04 -126.13 -2.56
C ILE K 7 -61.09 -124.91 -3.47
N LYS K 8 -62.01 -123.98 -3.21
CA LYS K 8 -62.05 -122.75 -4.00
C LYS K 8 -60.80 -121.91 -3.77
N ARG K 9 -60.33 -121.86 -2.52
CA ARG K 9 -59.06 -121.20 -2.25
C ARG K 9 -57.90 -121.93 -2.93
N LEU K 10 -57.91 -123.26 -2.88
CA LEU K 10 -56.86 -124.04 -3.53
C LEU K 10 -56.90 -123.86 -5.05
N ARG K 11 -58.10 -123.75 -5.61
CA ARG K 11 -58.23 -123.51 -7.04
C ARG K 11 -57.65 -122.16 -7.43
N LYS K 12 -57.90 -121.14 -6.61
CA LYS K 12 -57.36 -119.81 -6.90
C LYS K 12 -55.84 -119.78 -6.82
N LYS K 13 -55.27 -120.43 -5.81
CA LYS K 13 -53.82 -120.43 -5.65
C LYS K 13 -53.14 -121.16 -6.80
N PHE K 14 -53.72 -122.27 -7.25
CA PHE K 14 -53.14 -123.00 -8.38
C PHE K 14 -53.17 -122.18 -9.65
N ALA K 15 -54.27 -121.44 -9.87
CA ALA K 15 -54.37 -120.60 -11.06
C ALA K 15 -53.33 -119.49 -11.06
N GLN K 16 -53.09 -118.89 -9.89
CA GLN K 16 -52.04 -117.88 -9.78
C GLN K 16 -50.67 -118.48 -10.05
N LYS K 17 -50.41 -119.67 -9.52
CA LYS K 17 -49.12 -120.32 -9.74
C LYS K 17 -48.91 -120.64 -11.21
N MET K 18 -49.94 -121.10 -11.89
CA MET K 18 -49.81 -121.41 -13.32
C MET K 18 -49.63 -120.14 -14.14
N LEU K 19 -50.30 -119.05 -13.75
CA LEU K 19 -50.08 -117.78 -14.41
C LEU K 19 -48.65 -117.30 -14.21
N ARG K 20 -48.13 -117.45 -12.99
CA ARG K 20 -46.75 -117.06 -12.71
C ARG K 20 -45.77 -117.90 -13.51
N LYS K 21 -46.04 -119.20 -13.64
CA LYS K 21 -45.17 -120.06 -14.45
C LYS K 21 -45.22 -119.67 -15.92
N ALA K 22 -46.41 -119.28 -16.41
CA ALA K 22 -46.52 -118.85 -17.80
C ALA K 22 -45.75 -117.57 -18.05
N ARG K 23 -45.78 -116.63 -17.11
CA ARG K 23 -45.01 -115.40 -17.25
C ARG K 23 -43.52 -115.67 -17.22
N ARG K 24 -43.08 -116.60 -16.38
CA ARG K 24 -41.66 -116.93 -16.32
C ARG K 24 -41.18 -117.56 -17.62
N LYS K 25 -42.00 -118.42 -18.23
CA LYS K 25 -41.63 -119.01 -19.51
C LYS K 25 -41.54 -117.95 -20.60
N LEU K 26 -42.43 -116.97 -20.56
CA LEU K 26 -42.38 -115.87 -21.54
C LEU K 26 -41.11 -115.05 -21.39
N ILE K 27 -40.77 -114.69 -20.15
CA ILE K 27 -39.59 -113.88 -19.91
C ILE K 27 -38.33 -114.63 -20.32
N TYR K 28 -38.28 -115.93 -20.03
CA TYR K 28 -37.15 -116.75 -20.44
C TYR K 28 -37.04 -116.79 -21.97
N GLU K 29 -38.17 -116.99 -22.65
CA GLU K 29 -38.13 -117.12 -24.10
C GLU K 29 -37.85 -115.78 -24.76
N LYS K 30 -38.34 -114.68 -24.19
CA LYS K 30 -38.07 -113.37 -24.76
C LYS K 30 -36.61 -112.99 -24.62
N ALA K 31 -35.98 -113.39 -23.51
CA ALA K 31 -34.55 -113.18 -23.37
C ALA K 31 -33.78 -113.99 -24.40
N LYS K 32 -34.26 -115.19 -24.72
CA LYS K 32 -33.65 -116.00 -25.77
C LYS K 32 -33.71 -115.29 -27.11
N HIS K 33 -34.86 -114.70 -27.43
CA HIS K 33 -35.00 -114.00 -28.71
C HIS K 33 -34.12 -112.76 -28.75
N TYR K 34 -34.01 -112.04 -27.63
CA TYR K 34 -33.15 -110.85 -27.60
C TYR K 34 -31.69 -111.22 -27.79
N HIS K 35 -31.26 -112.34 -27.20
CA HIS K 35 -29.89 -112.79 -27.41
C HIS K 35 -29.65 -113.14 -28.87
N LYS K 36 -30.63 -113.77 -29.51
CA LYS K 36 -30.52 -114.05 -30.94
C LYS K 36 -30.46 -112.76 -31.74
N GLU K 37 -31.27 -111.77 -31.36
CA GLU K 37 -31.27 -110.51 -32.07
C GLU K 37 -29.94 -109.77 -31.90
N TYR K 38 -29.40 -109.74 -30.68
CA TYR K 38 -28.12 -109.07 -30.46
C TYR K 38 -27.01 -109.73 -31.25
N ARG K 39 -27.00 -111.06 -31.29
CA ARG K 39 -25.98 -111.77 -32.07
C ARG K 39 -26.12 -111.45 -33.55
N GLN K 40 -27.36 -111.34 -34.05
CA GLN K 40 -27.57 -111.04 -35.46
C GLN K 40 -27.07 -109.65 -35.82
N MET K 41 -27.35 -108.65 -34.97
CA MET K 41 -26.90 -107.30 -35.25
C MET K 41 -25.39 -107.17 -35.19
N TYR K 42 -24.76 -107.84 -34.22
CA TYR K 42 -23.31 -107.78 -34.11
C TYR K 42 -22.63 -108.42 -35.30
N ARG K 43 -23.14 -109.57 -35.76
CA ARG K 43 -22.53 -110.24 -36.91
C ARG K 43 -22.87 -109.53 -38.21
N THR K 44 -24.03 -108.86 -38.27
CA THR K 44 -24.40 -108.16 -39.49
C THR K 44 -23.46 -106.99 -39.77
N GLU K 45 -23.09 -106.24 -38.75
CA GLU K 45 -22.24 -105.08 -38.97
C GLU K 45 -20.84 -105.50 -39.42
N ILE K 46 -20.34 -106.62 -38.90
CA ILE K 46 -19.07 -107.16 -39.39
C ILE K 46 -19.21 -107.62 -40.83
N ARG K 47 -20.28 -108.36 -41.12
CA ARG K 47 -20.48 -108.90 -42.47
C ARG K 47 -20.68 -107.78 -43.49
N MET K 48 -21.41 -106.73 -43.11
CA MET K 48 -21.61 -105.59 -44.00
C MET K 48 -20.28 -104.94 -44.38
N ALA K 49 -19.43 -104.71 -43.39
CA ALA K 49 -18.15 -104.07 -43.66
C ALA K 49 -17.20 -105.03 -44.39
N ARG K 50 -17.35 -106.32 -44.14
CA ARG K 50 -16.45 -107.30 -44.75
C ARG K 50 -16.58 -107.31 -46.26
N MET K 51 -17.80 -107.39 -46.77
CA MET K 51 -17.96 -107.54 -48.22
C MET K 51 -17.87 -106.20 -48.94
N ALA K 52 -17.95 -105.08 -48.22
CA ALA K 52 -17.62 -103.80 -48.84
C ALA K 52 -16.12 -103.70 -49.07
N ARG K 53 -15.32 -104.15 -48.10
CA ARG K 53 -13.87 -104.16 -48.27
C ARG K 53 -13.46 -105.12 -49.37
N LYS K 54 -14.17 -106.25 -49.49
CA LYS K 54 -13.90 -107.20 -50.57
C LYS K 54 -14.17 -106.56 -51.93
N ALA K 55 -15.24 -105.78 -52.04
CA ALA K 55 -15.57 -105.15 -53.32
C ALA K 55 -14.74 -103.91 -53.59
N GLY K 56 -14.02 -103.40 -52.60
CA GLY K 56 -13.19 -102.23 -52.77
C GLY K 56 -13.80 -100.94 -52.27
N ASN K 57 -15.10 -100.92 -52.00
CA ASN K 57 -15.76 -99.72 -51.50
C ASN K 57 -15.60 -99.63 -49.98
N PHE K 58 -16.32 -98.70 -49.37
CA PHE K 58 -16.36 -98.56 -47.92
C PHE K 58 -17.78 -98.77 -47.44
N TYR K 59 -17.91 -99.32 -46.24
CA TYR K 59 -19.19 -99.41 -45.55
C TYR K 59 -19.15 -98.48 -44.36
N VAL K 60 -20.04 -97.49 -44.35
CA VAL K 60 -20.18 -96.57 -43.23
C VAL K 60 -21.25 -97.12 -42.29
N PRO K 61 -20.95 -97.35 -41.02
CA PRO K 61 -21.98 -97.77 -40.08
C PRO K 61 -22.92 -96.60 -39.79
N ALA K 62 -24.09 -96.95 -39.25
CA ALA K 62 -25.08 -95.93 -38.95
C ALA K 62 -24.58 -95.04 -37.82
N GLU K 63 -24.89 -93.76 -37.91
CA GLU K 63 -24.61 -92.87 -36.79
C GLU K 63 -25.39 -93.39 -35.58
N PRO K 64 -24.73 -93.58 -34.44
CA PRO K 64 -25.40 -94.20 -33.30
C PRO K 64 -26.60 -93.38 -32.83
N LYS K 65 -27.68 -94.09 -32.51
CA LYS K 65 -28.90 -93.45 -32.05
C LYS K 65 -28.99 -93.37 -30.54
N LEU K 66 -28.05 -93.96 -29.82
CA LEU K 66 -28.09 -93.99 -28.36
C LEU K 66 -26.79 -93.43 -27.82
N ALA K 67 -26.89 -92.53 -26.85
CA ALA K 67 -25.74 -91.93 -26.19
C ALA K 67 -25.93 -91.96 -24.69
N PHE K 68 -24.86 -92.25 -23.96
CA PHE K 68 -24.84 -92.17 -22.51
C PHE K 68 -24.10 -90.90 -22.11
N VAL K 69 -24.78 -90.01 -21.40
CA VAL K 69 -24.27 -88.67 -21.11
C VAL K 69 -24.02 -88.58 -19.62
N ILE K 70 -22.78 -88.28 -19.25
CA ILE K 70 -22.36 -88.21 -17.85
C ILE K 70 -21.92 -86.79 -17.53
N ARG K 71 -22.52 -86.20 -16.50
CA ARG K 71 -22.11 -84.89 -16.04
C ARG K 71 -20.82 -85.00 -15.26
N ILE K 72 -19.83 -84.18 -15.60
CA ILE K 72 -18.51 -84.27 -15.00
C ILE K 72 -18.09 -82.96 -14.35
N ARG K 73 -19.03 -82.04 -14.11
CA ARG K 73 -18.70 -80.78 -13.47
C ARG K 73 -19.73 -80.47 -12.39
N GLY K 74 -19.30 -79.68 -11.41
CA GLY K 74 -20.13 -79.37 -10.27
C GLY K 74 -21.30 -78.45 -10.55
N ILE K 75 -21.89 -77.89 -9.49
CA ILE K 75 -23.10 -77.11 -9.58
C ILE K 75 -22.86 -75.64 -9.30
N ASN K 76 -21.60 -75.21 -9.23
CA ASN K 76 -21.26 -73.84 -8.93
C ASN K 76 -20.76 -73.13 -10.18
N GLY K 77 -21.16 -71.87 -10.34
CA GLY K 77 -20.73 -71.08 -11.47
C GLY K 77 -21.25 -71.58 -12.81
N VAL K 78 -22.52 -71.95 -12.88
CA VAL K 78 -23.12 -72.51 -14.09
C VAL K 78 -23.96 -71.43 -14.74
N SER K 79 -23.75 -71.21 -16.03
CA SER K 79 -24.51 -70.22 -16.78
C SER K 79 -25.96 -70.67 -16.91
N PRO K 80 -26.91 -69.72 -17.01
CA PRO K 80 -28.33 -70.10 -16.98
C PRO K 80 -28.76 -71.03 -18.11
N LYS K 81 -28.22 -70.84 -19.31
CA LYS K 81 -28.58 -71.71 -20.42
C LYS K 81 -28.02 -73.11 -20.23
N VAL K 82 -26.77 -73.20 -19.76
CA VAL K 82 -26.16 -74.50 -19.51
C VAL K 82 -26.89 -75.22 -18.38
N ARG K 83 -27.26 -74.48 -17.33
CA ARG K 83 -27.96 -75.07 -16.21
C ARG K 83 -29.31 -75.63 -16.64
N LYS K 84 -30.03 -74.91 -17.50
CA LYS K 84 -31.36 -75.33 -17.92
C LYS K 84 -31.30 -76.63 -18.72
N VAL K 85 -30.30 -76.78 -19.59
CA VAL K 85 -30.21 -77.99 -20.40
C VAL K 85 -29.85 -79.19 -19.53
N LEU K 86 -29.00 -78.99 -18.52
CA LEU K 86 -28.63 -80.09 -17.64
C LEU K 86 -29.83 -80.59 -16.85
N GLN K 87 -30.71 -79.69 -16.43
CA GLN K 87 -31.96 -80.12 -15.81
C GLN K 87 -32.84 -80.86 -16.80
N LEU K 88 -32.84 -80.42 -18.06
CA LEU K 88 -33.61 -81.11 -19.08
C LEU K 88 -33.03 -82.48 -19.41
N LEU K 89 -31.72 -82.65 -19.23
CA LEU K 89 -31.10 -83.95 -19.38
C LEU K 89 -31.11 -84.75 -18.09
N ARG K 90 -31.70 -84.20 -17.02
CA ARG K 90 -31.78 -84.82 -15.70
C ARG K 90 -30.42 -85.05 -15.06
N LEU K 91 -29.40 -84.30 -15.48
CA LEU K 91 -28.08 -84.36 -14.85
C LEU K 91 -27.98 -83.19 -13.87
N ARG K 92 -28.59 -83.36 -12.71
CA ARG K 92 -28.59 -82.35 -11.68
C ARG K 92 -27.46 -82.55 -10.67
N GLN K 93 -26.58 -83.51 -10.88
CA GLN K 93 -25.50 -83.81 -9.95
C GLN K 93 -24.26 -84.19 -10.75
N ILE K 94 -23.11 -84.06 -10.12
CA ILE K 94 -21.87 -84.49 -10.76
C ILE K 94 -21.79 -86.02 -10.72
N PHE K 95 -21.35 -86.61 -11.83
CA PHE K 95 -21.36 -88.06 -12.03
C PHE K 95 -22.77 -88.63 -11.82
N ASN K 96 -23.68 -88.18 -12.67
CA ASN K 96 -25.10 -88.51 -12.60
C ASN K 96 -25.63 -88.87 -13.97
N GLY K 97 -24.94 -89.81 -14.64
CA GLY K 97 -25.19 -90.05 -16.04
C GLY K 97 -26.59 -90.56 -16.34
N THR K 98 -26.99 -90.39 -17.60
CA THR K 98 -28.29 -90.81 -18.07
C THR K 98 -28.19 -91.16 -19.55
N PHE K 99 -29.19 -91.89 -20.04
CA PHE K 99 -29.26 -92.27 -21.44
C PHE K 99 -29.99 -91.21 -22.25
N VAL K 100 -29.52 -90.98 -23.48
CA VAL K 100 -30.07 -89.95 -24.35
C VAL K 100 -30.29 -90.53 -25.74
N LYS K 101 -31.49 -90.37 -26.26
CA LYS K 101 -31.78 -90.72 -27.65
C LYS K 101 -31.22 -89.64 -28.55
N LEU K 102 -30.49 -90.05 -29.59
CA LEU K 102 -29.74 -89.12 -30.42
C LEU K 102 -30.54 -88.73 -31.65
N ASN K 103 -30.73 -87.43 -31.84
CA ASN K 103 -31.24 -86.85 -33.08
C ASN K 103 -30.67 -85.45 -33.19
N LYS K 104 -31.19 -84.66 -34.14
CA LYS K 104 -30.69 -83.31 -34.31
C LYS K 104 -31.00 -82.44 -33.09
N ALA K 105 -32.18 -82.61 -32.51
CA ALA K 105 -32.54 -81.82 -31.33
C ALA K 105 -31.65 -82.16 -30.15
N SER K 106 -31.47 -83.45 -29.87
CA SER K 106 -30.70 -83.86 -28.71
C SER K 106 -29.22 -83.54 -28.86
N ILE K 107 -28.68 -83.71 -30.07
CA ILE K 107 -27.26 -83.46 -30.29
C ILE K 107 -26.92 -81.99 -30.04
N ASN K 108 -27.82 -81.09 -30.46
CA ASN K 108 -27.58 -79.67 -30.25
C ASN K 108 -27.64 -79.31 -28.77
N MET K 109 -28.52 -79.96 -28.01
CA MET K 109 -28.53 -79.76 -26.56
C MET K 109 -27.24 -80.26 -25.92
N LEU K 110 -26.76 -81.43 -26.35
CA LEU K 110 -25.50 -81.94 -25.83
C LEU K 110 -24.33 -81.03 -26.21
N ARG K 111 -24.42 -80.41 -27.38
CA ARG K 111 -23.37 -79.49 -27.81
C ARG K 111 -23.34 -78.25 -26.94
N ILE K 112 -24.50 -77.77 -26.51
CA ILE K 112 -24.56 -76.56 -25.69
C ILE K 112 -23.92 -76.80 -24.34
N VAL K 113 -24.26 -77.91 -23.69
CA VAL K 113 -23.52 -78.28 -22.49
C VAL K 113 -22.32 -79.14 -22.90
N GLU K 114 -21.32 -78.51 -23.49
CA GLU K 114 -20.13 -79.26 -23.86
C GLU K 114 -19.18 -79.44 -22.68
N PRO K 115 -18.74 -78.36 -22.01
CA PRO K 115 -17.71 -78.55 -20.98
C PRO K 115 -18.21 -79.17 -19.68
N TYR K 116 -19.50 -79.46 -19.56
CA TYR K 116 -20.06 -80.00 -18.33
C TYR K 116 -20.37 -81.48 -18.40
N ILE K 117 -20.36 -82.09 -19.59
CA ILE K 117 -20.70 -83.49 -19.74
C ILE K 117 -19.57 -84.21 -20.47
N ALA K 118 -19.54 -85.52 -20.30
CA ALA K 118 -18.63 -86.41 -21.00
C ALA K 118 -19.47 -87.57 -21.53
N TRP K 119 -19.87 -87.51 -22.79
CA TRP K 119 -20.82 -88.46 -23.34
C TRP K 119 -20.18 -89.28 -24.45
N GLY K 120 -20.91 -90.30 -24.87
CA GLY K 120 -20.42 -91.20 -25.89
C GLY K 120 -21.43 -92.27 -26.19
N TYR K 121 -21.02 -93.27 -26.94
CA TYR K 121 -21.94 -94.29 -27.44
C TYR K 121 -21.71 -95.59 -26.67
N PRO K 122 -22.62 -95.97 -25.77
CA PRO K 122 -22.44 -97.20 -25.02
C PRO K 122 -22.66 -98.43 -25.89
N ASN K 123 -22.06 -99.53 -25.47
CA ASN K 123 -22.22 -100.82 -26.11
C ASN K 123 -23.18 -101.68 -25.29
N LEU K 124 -23.33 -102.94 -25.71
CA LEU K 124 -24.28 -103.82 -25.04
C LEU K 124 -23.91 -104.08 -23.60
N LYS K 125 -22.62 -104.33 -23.32
CA LYS K 125 -22.21 -104.60 -21.96
C LYS K 125 -22.47 -103.40 -21.06
N SER K 126 -22.15 -102.20 -21.53
CA SER K 126 -22.35 -101.00 -20.71
C SER K 126 -23.81 -100.82 -20.34
N VAL K 127 -24.72 -101.09 -21.27
CA VAL K 127 -26.14 -101.04 -20.96
C VAL K 127 -26.50 -102.11 -19.93
N ASN K 128 -25.93 -103.30 -20.07
CA ASN K 128 -26.25 -104.39 -19.16
C ASN K 128 -25.82 -104.07 -17.73
N GLU K 129 -24.57 -103.62 -17.55
CA GLU K 129 -24.07 -103.39 -16.20
C GLU K 129 -24.73 -102.17 -15.56
N LEU K 130 -25.08 -101.16 -16.37
CA LEU K 130 -25.73 -99.99 -15.82
C LEU K 130 -27.14 -100.31 -15.31
N ILE K 131 -27.92 -101.06 -16.10
CA ILE K 131 -29.29 -101.36 -15.72
C ILE K 131 -29.31 -102.31 -14.53
N TYR K 132 -28.39 -103.26 -14.48
CA TYR K 132 -28.44 -104.26 -13.41
C TYR K 132 -27.83 -103.72 -12.12
N LYS K 133 -26.62 -103.16 -12.18
CA LYS K 133 -25.93 -102.76 -10.95
C LYS K 133 -26.52 -101.48 -10.37
N ARG K 134 -26.78 -100.48 -11.21
CA ARG K 134 -27.24 -99.18 -10.73
C ARG K 134 -28.65 -98.84 -11.18
N GLY K 135 -29.43 -99.83 -11.59
CA GLY K 135 -30.78 -99.58 -12.07
C GLY K 135 -31.70 -99.22 -10.93
N TYR K 136 -32.24 -98.00 -10.94
CA TYR K 136 -33.23 -97.58 -9.97
C TYR K 136 -34.42 -97.01 -10.73
N GLY K 137 -35.62 -97.42 -10.35
CA GLY K 137 -36.83 -97.06 -11.06
C GLY K 137 -37.54 -95.88 -10.41
N LYS K 138 -38.26 -95.12 -11.23
CA LYS K 138 -39.03 -93.97 -10.78
C LYS K 138 -40.49 -94.41 -10.68
N ILE K 139 -40.85 -95.00 -9.56
CA ILE K 139 -42.20 -95.48 -9.32
C ILE K 139 -42.86 -94.58 -8.28
N ASN K 140 -43.91 -93.88 -8.69
CA ASN K 140 -44.67 -92.97 -7.82
C ASN K 140 -43.75 -91.91 -7.21
N LYS K 141 -42.93 -91.29 -8.06
CA LYS K 141 -41.99 -90.24 -7.68
C LYS K 141 -40.99 -90.72 -6.62
N LYS K 142 -40.72 -92.02 -6.59
CA LYS K 142 -39.78 -92.60 -5.64
C LYS K 142 -38.69 -93.34 -6.39
N ARG K 143 -37.48 -93.32 -5.83
CA ARG K 143 -36.34 -94.00 -6.44
C ARG K 143 -36.28 -95.41 -5.88
N ILE K 144 -37.11 -96.28 -6.44
CA ILE K 144 -37.21 -97.66 -6.00
C ILE K 144 -36.22 -98.50 -6.77
N ALA K 145 -35.38 -99.24 -6.04
CA ALA K 145 -34.41 -100.12 -6.67
C ALA K 145 -35.12 -101.27 -7.39
N LEU K 146 -34.69 -101.55 -8.61
CA LEU K 146 -35.27 -102.63 -9.40
C LEU K 146 -34.72 -103.96 -8.92
N THR K 147 -35.46 -104.61 -8.01
CA THR K 147 -35.10 -105.92 -7.50
C THR K 147 -36.06 -107.01 -7.96
N ASP K 148 -37.19 -106.66 -8.57
CA ASP K 148 -38.16 -107.60 -9.07
C ASP K 148 -38.60 -107.15 -10.45
N ASN K 149 -39.03 -108.12 -11.27
CA ASN K 149 -39.61 -107.77 -12.56
C ASN K 149 -40.99 -107.16 -12.42
N ALA K 150 -41.65 -107.36 -11.28
CA ALA K 150 -42.98 -106.80 -11.09
C ALA K 150 -42.96 -105.28 -11.03
N LEU K 151 -41.83 -104.70 -10.61
CA LEU K 151 -41.71 -103.25 -10.60
C LEU K 151 -41.76 -102.68 -12.01
N ILE K 152 -41.09 -103.35 -12.95
CA ILE K 152 -41.12 -102.90 -14.34
C ILE K 152 -42.49 -103.13 -14.96
N ALA K 153 -43.07 -104.31 -14.72
CA ALA K 153 -44.31 -104.67 -15.38
C ALA K 153 -45.48 -103.81 -14.91
N ARG K 154 -45.47 -103.42 -13.63
CA ARG K 154 -46.58 -102.61 -13.12
C ARG K 154 -46.62 -101.24 -13.77
N SER K 155 -45.46 -100.62 -13.95
CA SER K 155 -45.40 -99.25 -14.46
C SER K 155 -45.14 -99.17 -15.96
N LEU K 156 -44.58 -100.22 -16.57
CA LEU K 156 -44.26 -100.20 -17.99
C LEU K 156 -44.89 -101.35 -18.77
N GLY K 157 -45.75 -102.15 -18.16
CA GLY K 157 -46.31 -103.29 -18.87
C GLY K 157 -47.25 -102.91 -19.98
N LYS K 158 -47.84 -101.71 -19.91
CA LYS K 158 -48.74 -101.26 -20.97
C LYS K 158 -48.02 -101.08 -22.28
N TYR K 159 -46.72 -100.83 -22.26
CA TYR K 159 -45.91 -100.67 -23.46
C TYR K 159 -45.22 -101.96 -23.88
N GLY K 160 -45.46 -103.06 -23.19
CA GLY K 160 -44.85 -104.33 -23.51
C GLY K 160 -43.59 -104.65 -22.74
N ILE K 161 -43.01 -103.68 -22.04
CA ILE K 161 -41.82 -103.92 -21.22
C ILE K 161 -42.27 -104.51 -19.89
N ILE K 162 -41.86 -105.74 -19.62
CA ILE K 162 -42.31 -106.44 -18.42
C ILE K 162 -41.16 -107.06 -17.62
N CYS K 163 -39.92 -106.97 -18.08
CA CYS K 163 -38.80 -107.48 -17.29
C CYS K 163 -37.55 -106.69 -17.65
N MET K 164 -36.42 -107.13 -17.09
CA MET K 164 -35.15 -106.45 -17.32
C MET K 164 -34.76 -106.50 -18.79
N GLU K 165 -34.95 -107.65 -19.44
CA GLU K 165 -34.48 -107.83 -20.80
C GLU K 165 -35.18 -106.88 -21.76
N ASP K 166 -36.48 -106.66 -21.59
CA ASP K 166 -37.18 -105.66 -22.38
C ASP K 166 -36.63 -104.28 -22.13
N LEU K 167 -36.40 -103.94 -20.86
CA LEU K 167 -35.88 -102.62 -20.52
C LEU K 167 -34.52 -102.40 -21.14
N ILE K 168 -33.64 -103.41 -21.08
CA ILE K 168 -32.35 -103.30 -21.74
C ILE K 168 -32.51 -103.27 -23.25
N HIS K 169 -33.44 -104.06 -23.78
CA HIS K 169 -33.70 -104.04 -25.22
C HIS K 169 -34.19 -102.66 -25.67
N GLU K 170 -35.09 -102.06 -24.90
CA GLU K 170 -35.62 -100.76 -25.30
C GLU K 170 -34.56 -99.69 -25.20
N ILE K 171 -33.70 -99.76 -24.18
CA ILE K 171 -32.63 -98.77 -24.05
C ILE K 171 -31.58 -98.95 -25.14
N TYR K 172 -31.18 -100.20 -25.41
CA TYR K 172 -30.06 -100.43 -26.31
C TYR K 172 -30.44 -100.11 -27.76
N THR K 173 -31.38 -100.86 -28.33
CA THR K 173 -31.94 -100.50 -29.62
C THR K 173 -33.14 -99.59 -29.36
N VAL K 174 -33.02 -98.33 -29.75
CA VAL K 174 -34.01 -97.32 -29.40
C VAL K 174 -35.30 -97.66 -30.13
N GLY K 175 -36.28 -98.13 -29.38
CA GLY K 175 -37.55 -98.55 -29.93
C GLY K 175 -38.62 -97.48 -29.83
N LYS K 176 -39.87 -97.92 -29.97
CA LYS K 176 -40.98 -96.97 -30.00
C LYS K 176 -41.18 -96.29 -28.66
N ARG K 177 -40.97 -97.03 -27.56
CA ARG K 177 -41.24 -96.51 -26.22
C ARG K 177 -39.96 -96.25 -25.44
N PHE K 178 -38.94 -95.71 -26.11
CA PHE K 178 -37.69 -95.39 -25.43
C PHE K 178 -37.89 -94.28 -24.40
N LYS K 179 -38.70 -93.27 -24.73
CA LYS K 179 -38.90 -92.15 -23.82
C LYS K 179 -39.54 -92.59 -22.52
N GLU K 180 -40.55 -93.46 -22.61
CA GLU K 180 -41.20 -93.97 -21.41
C GLU K 180 -40.25 -94.86 -20.61
N ALA K 181 -39.49 -95.71 -21.31
CA ALA K 181 -38.54 -96.58 -20.63
C ALA K 181 -37.41 -95.78 -20.00
N ASN K 182 -36.90 -94.77 -20.70
CA ASN K 182 -35.83 -93.95 -20.15
C ASN K 182 -36.31 -93.13 -18.97
N ASN K 183 -37.49 -92.51 -19.08
CA ASN K 183 -37.99 -91.69 -17.98
C ASN K 183 -38.36 -92.53 -16.77
N PHE K 184 -38.70 -93.80 -16.98
CA PHE K 184 -38.93 -94.69 -15.86
C PHE K 184 -37.65 -94.90 -15.06
N LEU K 185 -36.51 -94.95 -15.75
CA LEU K 185 -35.23 -95.12 -15.08
C LEU K 185 -34.85 -93.82 -14.37
N TRP K 186 -34.56 -93.93 -13.08
CA TRP K 186 -33.94 -92.82 -12.37
C TRP K 186 -32.56 -92.56 -12.95
N PRO K 187 -32.12 -91.31 -13.01
CA PRO K 187 -30.75 -91.03 -13.49
C PRO K 187 -29.72 -91.77 -12.68
N PHE K 188 -28.73 -92.33 -13.38
CA PHE K 188 -27.78 -93.23 -12.76
C PHE K 188 -26.79 -92.44 -11.91
N LYS K 189 -26.70 -92.80 -10.63
CA LYS K 189 -25.79 -92.14 -9.70
C LYS K 189 -24.49 -92.93 -9.71
N LEU K 190 -23.59 -92.53 -10.61
CA LEU K 190 -22.32 -93.22 -10.79
C LEU K 190 -21.28 -92.66 -9.82
N SER K 191 -20.33 -93.53 -9.45
CA SER K 191 -19.29 -93.16 -8.52
C SER K 191 -18.20 -92.35 -9.23
N SER K 192 -17.25 -91.86 -8.45
CA SER K 192 -16.10 -91.17 -9.01
C SER K 192 -15.28 -92.16 -9.84
N PRO K 193 -14.62 -91.70 -10.90
CA PRO K 193 -13.86 -92.61 -11.76
C PRO K 193 -12.66 -93.19 -11.03
N ARG K 194 -12.64 -94.51 -10.87
CA ARG K 194 -11.51 -95.19 -10.27
C ARG K 194 -10.32 -95.13 -11.22
N GLY K 195 -9.23 -94.52 -10.76
CA GLY K 195 -8.06 -94.31 -11.59
C GLY K 195 -7.90 -92.90 -12.11
N GLY K 196 -8.78 -91.98 -11.73
CA GLY K 196 -8.67 -90.60 -12.15
C GLY K 196 -9.23 -90.37 -13.53
N MET K 197 -9.24 -89.10 -13.93
CA MET K 197 -9.73 -88.71 -15.24
C MET K 197 -8.76 -87.86 -16.03
N LYS K 198 -7.65 -87.42 -15.44
CA LYS K 198 -6.49 -86.82 -16.08
C LYS K 198 -6.73 -85.41 -16.60
N LYS K 199 -7.99 -84.99 -16.69
CA LYS K 199 -8.38 -83.61 -16.94
C LYS K 199 -9.90 -83.48 -16.87
N LYS K 200 -10.41 -82.37 -16.35
CA LYS K 200 -11.85 -82.18 -16.25
C LYS K 200 -12.35 -81.00 -17.06
N THR K 201 -11.51 -80.00 -17.33
CA THR K 201 -11.96 -78.73 -17.87
C THR K 201 -11.72 -78.56 -19.36
N THR K 202 -11.13 -79.53 -20.04
CA THR K 202 -10.86 -79.44 -21.47
C THR K 202 -11.52 -80.60 -22.21
N HIS K 203 -11.63 -80.44 -23.52
CA HIS K 203 -12.33 -81.42 -24.35
C HIS K 203 -11.50 -82.70 -24.48
N PHE K 204 -12.21 -83.81 -24.76
CA PHE K 204 -11.55 -85.10 -24.86
C PHE K 204 -10.54 -85.15 -26.00
N VAL K 205 -10.79 -84.40 -27.08
CA VAL K 205 -9.87 -84.42 -28.21
C VAL K 205 -8.62 -83.59 -27.97
N GLU K 206 -8.55 -82.84 -26.88
CA GLU K 206 -7.37 -82.09 -26.50
C GLU K 206 -6.85 -82.54 -25.15
N GLY K 207 -6.93 -83.85 -24.89
CA GLY K 207 -6.39 -84.41 -23.67
C GLY K 207 -7.25 -84.23 -22.44
N GLY K 208 -8.54 -83.94 -22.61
CA GLY K 208 -9.43 -83.77 -21.48
C GLY K 208 -10.50 -84.83 -21.40
N ASP K 209 -11.66 -84.48 -20.83
CA ASP K 209 -12.75 -85.45 -20.69
C ASP K 209 -14.05 -84.95 -21.27
N ALA K 210 -14.25 -83.64 -21.29
CA ALA K 210 -15.51 -83.08 -21.75
C ALA K 210 -15.73 -83.38 -23.22
N GLY K 211 -16.99 -83.47 -23.62
CA GLY K 211 -17.33 -83.64 -25.01
C GLY K 211 -17.50 -85.09 -25.42
N ASN K 212 -17.59 -85.27 -26.73
CA ASN K 212 -17.91 -86.57 -27.31
C ASN K 212 -16.65 -87.41 -27.44
N ARG K 213 -16.63 -88.55 -26.74
CA ARG K 213 -15.72 -89.64 -27.01
C ARG K 213 -16.55 -90.78 -27.58
N GLU K 214 -16.18 -91.28 -28.76
CA GLU K 214 -17.09 -92.14 -29.51
C GLU K 214 -17.40 -93.42 -28.75
N ASP K 215 -16.40 -94.28 -28.56
CA ASP K 215 -16.60 -95.52 -27.84
C ASP K 215 -15.78 -95.59 -26.56
N GLN K 216 -15.02 -94.55 -26.24
CA GLN K 216 -14.25 -94.53 -25.00
C GLN K 216 -15.11 -94.21 -23.79
N ILE K 217 -16.40 -93.91 -23.97
CA ILE K 217 -17.32 -93.84 -22.84
C ILE K 217 -17.50 -95.21 -22.21
N ASN K 218 -17.22 -96.28 -22.95
CA ASN K 218 -17.29 -97.62 -22.38
C ASN K 218 -16.22 -97.81 -21.32
N ARG K 219 -15.01 -97.32 -21.59
CA ARG K 219 -13.95 -97.38 -20.58
C ARG K 219 -14.32 -96.55 -19.35
N LEU K 220 -14.90 -95.37 -19.57
CA LEU K 220 -15.30 -94.53 -18.45
C LEU K 220 -16.41 -95.19 -17.64
N ILE K 221 -17.30 -95.91 -18.31
CA ILE K 221 -18.41 -96.58 -17.61
C ILE K 221 -17.87 -97.69 -16.71
N ARG K 222 -16.89 -98.46 -17.19
CA ARG K 222 -16.33 -99.54 -16.38
C ARG K 222 -15.67 -99.00 -15.12
N ARG K 223 -14.95 -97.89 -15.24
CA ARG K 223 -14.25 -97.33 -14.08
C ARG K 223 -15.22 -96.69 -13.10
N MET K 224 -16.31 -96.11 -13.59
CA MET K 224 -17.19 -95.32 -12.75
C MET K 224 -18.35 -96.11 -12.15
N ASN K 225 -18.55 -97.36 -12.56
CA ASN K 225 -19.63 -98.16 -12.00
C ASN K 225 -19.19 -99.60 -11.79
N LYS L 1 -55.46 66.52 81.33
CA LYS L 1 -55.02 67.28 82.50
C LYS L 1 -54.31 66.36 83.50
N VAL L 2 -54.56 65.06 83.37
CA VAL L 2 -53.98 64.06 84.25
C VAL L 2 -53.23 62.97 83.48
N VAL L 3 -53.22 63.05 82.13
CA VAL L 3 -52.60 62.01 81.33
C VAL L 3 -51.09 61.97 81.57
N ASN L 4 -50.57 60.77 81.70
CA ASN L 4 -49.14 60.57 81.94
C ASN L 4 -48.39 61.00 80.69
N PRO L 5 -47.39 61.89 80.80
CA PRO L 5 -46.61 62.26 79.61
C PRO L 5 -45.83 61.12 79.00
N LEU L 6 -45.60 60.03 79.73
CA LEU L 6 -44.84 58.91 79.20
C LEU L 6 -45.57 58.22 78.05
N PHE L 7 -46.89 58.21 78.08
CA PHE L 7 -47.65 57.59 77.01
C PHE L 7 -47.53 58.40 75.73
N GLU L 8 -47.50 57.68 74.62
CA GLU L 8 -47.41 58.31 73.30
C GLU L 8 -47.74 57.26 72.25
N LYS L 9 -48.20 57.74 71.09
CA LYS L 9 -48.46 56.84 69.97
C LYS L 9 -47.14 56.41 69.35
N ARG L 10 -47.04 55.14 68.98
CA ARG L 10 -45.91 54.61 68.24
C ARG L 10 -46.44 53.83 67.05
N PRO L 11 -47.00 54.52 66.06
CA PRO L 11 -47.58 53.83 64.91
C PRO L 11 -46.51 53.20 64.04
N LYS L 12 -46.88 52.11 63.38
CA LYS L 12 -46.01 51.43 62.43
C LYS L 12 -46.65 51.50 61.06
N ASN L 13 -45.86 51.87 60.06
CA ASN L 13 -46.33 51.92 58.69
C ASN L 13 -45.95 50.63 57.99
N PHE L 14 -46.94 50.00 57.35
CA PHE L 14 -46.78 48.68 56.75
C PHE L 14 -46.43 48.76 55.28
N GLY L 15 -45.72 49.80 54.86
CA GLY L 15 -45.23 49.87 53.50
C GLY L 15 -44.20 48.78 53.23
N ILE L 16 -43.94 48.57 51.94
CA ILE L 16 -43.04 47.49 51.52
C ILE L 16 -41.65 47.75 52.08
N GLY L 17 -41.09 46.74 52.74
CA GLY L 17 -39.79 46.84 53.35
C GLY L 17 -39.77 47.40 54.75
N GLN L 18 -40.88 47.92 55.22
CA GLN L 18 -41.02 48.48 56.56
C GLN L 18 -41.51 47.37 57.50
N ASP L 19 -42.03 47.76 58.67
CA ASP L 19 -42.50 46.82 59.69
C ASP L 19 -43.37 45.72 59.08
N ILE L 20 -43.27 44.52 59.67
CA ILE L 20 -43.92 43.36 59.10
C ILE L 20 -45.44 43.55 59.07
N GLN L 21 -46.08 42.92 58.09
CA GLN L 21 -47.49 43.17 57.84
C GLN L 21 -48.36 42.60 58.95
N PRO L 22 -49.47 43.26 59.27
CA PRO L 22 -50.36 42.74 60.31
C PRO L 22 -51.08 41.50 59.83
N LYS L 23 -51.54 40.70 60.79
CA LYS L 23 -52.25 39.46 60.50
C LYS L 23 -53.65 39.78 60.00
N ARG L 24 -53.73 40.10 58.72
CA ARG L 24 -54.99 40.43 58.09
C ARG L 24 -55.70 39.18 57.60
N ASP L 25 -56.99 39.31 57.32
CA ASP L 25 -57.80 38.18 56.89
C ASP L 25 -57.37 37.71 55.52
N LEU L 26 -57.20 36.40 55.36
CA LEU L 26 -56.69 35.83 54.12
C LEU L 26 -57.62 34.76 53.56
N THR L 27 -58.92 34.83 53.87
CA THR L 27 -59.86 33.81 53.42
C THR L 27 -59.93 33.70 51.90
N ARG L 28 -59.54 34.74 51.18
CA ARG L 28 -59.55 34.66 49.73
C ARG L 28 -58.42 33.81 49.20
N PHE L 29 -57.32 33.70 49.94
CA PHE L 29 -56.12 33.01 49.49
C PHE L 29 -55.74 31.87 50.43
N VAL L 30 -56.72 31.14 50.93
CA VAL L 30 -56.49 30.00 51.80
C VAL L 30 -56.43 28.74 50.95
N LYS L 31 -55.45 27.89 51.24
CA LYS L 31 -55.36 26.57 50.61
C LYS L 31 -56.48 25.71 51.18
N TRP L 32 -57.61 25.67 50.49
CA TRP L 32 -58.77 24.95 50.97
C TRP L 32 -58.62 23.45 50.74
N PRO L 33 -59.32 22.64 51.51
CA PRO L 33 -59.34 21.20 51.24
C PRO L 33 -59.92 20.88 49.87
N ARG L 34 -59.73 19.63 49.44
CA ARG L 34 -60.20 19.22 48.12
C ARG L 34 -61.72 19.27 48.04
N TYR L 35 -62.41 18.86 49.11
CA TYR L 35 -63.87 18.81 49.06
C TYR L 35 -64.47 20.21 49.06
N ILE L 36 -63.82 21.16 49.73
CA ILE L 36 -64.29 22.54 49.69
C ILE L 36 -64.01 23.15 48.32
N ARG L 37 -62.84 22.88 47.76
CA ARG L 37 -62.53 23.35 46.43
C ARG L 37 -63.48 22.75 45.40
N LEU L 38 -63.89 21.50 45.61
CA LEU L 38 -64.76 20.82 44.65
C LEU L 38 -66.15 21.43 44.65
N GLN L 39 -66.74 21.62 45.83
CA GLN L 39 -68.13 22.08 45.89
C GLN L 39 -68.24 23.54 45.47
N ARG L 40 -67.20 24.34 45.73
CA ARG L 40 -67.22 25.73 45.28
C ARG L 40 -67.04 25.83 43.78
N GLN L 41 -66.18 25.00 43.20
CA GLN L 41 -66.02 24.99 41.76
C GLN L 41 -67.25 24.45 41.05
N ARG L 42 -67.99 23.55 41.70
CA ARG L 42 -69.24 23.05 41.11
C ARG L 42 -70.28 24.16 41.04
N ALA L 43 -70.37 24.99 42.07
CA ALA L 43 -71.30 26.12 42.04
C ALA L 43 -70.92 27.11 40.95
N ILE L 44 -69.62 27.35 40.77
CA ILE L 44 -69.16 28.26 39.72
C ILE L 44 -69.44 27.67 38.34
N LEU L 45 -69.26 26.34 38.20
CA LEU L 45 -69.53 25.68 36.93
C LEU L 45 -71.00 25.82 36.54
N TYR L 46 -71.90 25.71 37.51
CA TYR L 46 -73.31 25.91 37.24
C TYR L 46 -73.60 27.34 36.81
N LYS L 47 -72.94 28.31 37.44
CA LYS L 47 -73.12 29.70 37.06
C LYS L 47 -72.46 30.03 35.73
N ARG L 48 -71.58 29.17 35.24
CA ARG L 48 -70.80 29.43 34.03
C ARG L 48 -71.33 28.70 32.81
N LEU L 49 -71.71 27.45 32.95
CA LEU L 49 -72.12 26.64 31.81
C LEU L 49 -73.49 27.09 31.30
N LYS L 50 -73.91 26.50 30.19
CA LYS L 50 -75.22 26.77 29.61
C LYS L 50 -76.20 25.77 30.21
N VAL L 51 -76.84 26.18 31.30
CA VAL L 51 -77.78 25.31 32.01
C VAL L 51 -79.06 25.19 31.21
N PRO L 52 -79.50 23.98 30.89
CA PRO L 52 -80.74 23.83 30.14
C PRO L 52 -81.93 24.32 30.94
N PRO L 53 -83.00 24.72 30.26
CA PRO L 53 -84.18 25.23 30.99
C PRO L 53 -84.81 24.21 31.91
N ALA L 54 -84.70 22.92 31.61
CA ALA L 54 -85.28 21.90 32.47
C ALA L 54 -84.59 21.83 33.82
N ILE L 55 -83.39 22.39 33.95
CA ILE L 55 -82.69 22.44 35.23
C ILE L 55 -82.75 23.86 35.76
N ASN L 56 -82.76 24.84 34.85
CA ASN L 56 -82.76 26.23 35.26
C ASN L 56 -84.11 26.67 35.82
N GLN L 57 -85.17 25.90 35.58
CA GLN L 57 -86.48 26.24 36.12
C GLN L 57 -86.51 26.19 37.64
N PHE L 58 -85.62 25.43 38.25
CA PHE L 58 -85.57 25.33 39.71
C PHE L 58 -84.83 26.49 40.36
N THR L 59 -84.13 27.31 39.57
CA THR L 59 -83.56 28.53 40.13
C THR L 59 -84.61 29.59 40.39
N GLN L 60 -85.78 29.48 39.75
CA GLN L 60 -86.90 30.38 40.00
C GLN L 60 -87.76 29.75 41.07
N ALA L 61 -87.46 30.06 42.32
CA ALA L 61 -88.18 29.51 43.46
C ALA L 61 -89.16 30.53 44.02
N LEU L 62 -89.94 30.09 45.01
CA LEU L 62 -90.93 30.95 45.62
C LEU L 62 -90.27 32.06 46.42
N ASP L 63 -90.91 33.23 46.43
CA ASP L 63 -90.42 34.36 47.19
C ASP L 63 -90.66 34.12 48.69
N ARG L 64 -89.90 34.83 49.52
CA ARG L 64 -89.91 34.60 50.96
C ARG L 64 -91.29 34.84 51.57
N GLN L 65 -91.98 35.90 51.14
CA GLN L 65 -93.25 36.25 51.80
C GLN L 65 -94.36 35.27 51.43
N THR L 66 -94.29 34.64 50.25
CA THR L 66 -95.31 33.68 49.87
C THR L 66 -94.95 32.27 50.27
N ALA L 67 -93.66 31.96 50.37
CA ALA L 67 -93.26 30.66 50.92
C ALA L 67 -93.65 30.54 52.38
N THR L 68 -93.62 31.66 53.11
CA THR L 68 -93.95 31.63 54.53
C THR L 68 -95.41 31.22 54.74
N GLN L 69 -96.32 31.75 53.92
CA GLN L 69 -97.71 31.34 54.02
C GLN L 69 -97.89 29.89 53.62
N LEU L 70 -97.12 29.43 52.62
CA LEU L 70 -97.26 28.06 52.15
C LEU L 70 -96.89 27.05 53.23
N LEU L 71 -95.76 27.27 53.92
CA LEU L 71 -95.40 26.40 55.03
C LEU L 71 -96.37 26.56 56.20
N LYS L 72 -96.92 27.76 56.38
CA LYS L 72 -97.93 27.95 57.43
C LYS L 72 -99.16 27.11 57.17
N LEU L 73 -99.63 27.09 55.92
CA LEU L 73 -100.76 26.25 55.56
C LEU L 73 -100.41 24.77 55.66
N ALA L 74 -99.22 24.40 55.21
CA ALA L 74 -98.82 23.00 55.21
C ALA L 74 -98.48 22.48 56.60
N HIS L 75 -98.26 23.38 57.57
CA HIS L 75 -98.01 22.95 58.94
C HIS L 75 -99.26 22.38 59.59
N LYS L 76 -100.44 22.91 59.22
CA LYS L 76 -101.67 22.42 59.81
C LYS L 76 -102.01 21.02 59.31
N TYR L 77 -101.50 20.63 58.15
CA TYR L 77 -101.74 19.32 57.59
C TYR L 77 -100.51 18.43 57.67
N ARG L 78 -99.70 18.61 58.70
CA ARG L 78 -98.51 17.81 58.98
C ARG L 78 -98.88 16.36 59.15
N PRO L 79 -98.15 15.43 58.52
CA PRO L 79 -98.42 14.01 58.75
C PRO L 79 -98.14 13.60 60.19
N GLU L 80 -98.86 12.57 60.62
CA GLU L 80 -98.75 12.09 61.98
C GLU L 80 -97.38 11.47 62.25
N THR L 81 -96.83 11.76 63.42
CA THR L 81 -95.62 11.08 63.86
C THR L 81 -95.98 9.75 64.52
N LYS L 82 -94.95 8.96 64.82
CA LYS L 82 -95.15 7.65 65.43
C LYS L 82 -95.74 7.78 66.83
N GLN L 83 -95.37 8.83 67.56
CA GLN L 83 -95.86 9.00 68.92
C GLN L 83 -97.37 9.23 68.94
N GLU L 84 -97.85 10.17 68.11
CA GLU L 84 -99.28 10.42 68.09
C GLU L 84 -100.04 9.32 67.37
N LYS L 85 -99.37 8.58 66.48
CA LYS L 85 -100.04 7.46 65.82
C LYS L 85 -100.34 6.36 66.83
N LYS L 86 -99.37 5.99 67.67
CA LYS L 86 -99.64 4.98 68.68
C LYS L 86 -100.65 5.47 69.71
N GLN L 87 -100.72 6.78 69.95
CA GLN L 87 -101.78 7.32 70.79
C GLN L 87 -103.13 7.18 70.12
N ARG L 88 -103.20 7.42 68.81
CA ARG L 88 -104.44 7.23 68.08
C ARG L 88 -104.80 5.75 67.96
N LEU L 89 -103.79 4.89 67.82
CA LEU L 89 -104.05 3.46 67.72
C LEU L 89 -104.65 2.91 69.02
N LEU L 90 -104.12 3.33 70.16
CA LEU L 90 -104.70 2.91 71.44
C LEU L 90 -106.07 3.55 71.67
N ALA L 91 -106.24 4.80 71.23
CA ALA L 91 -107.53 5.46 71.37
C ALA L 91 -108.59 4.78 70.53
N ARG L 92 -108.23 4.37 69.31
CA ARG L 92 -109.15 3.60 68.47
C ARG L 92 -109.41 2.23 69.09
N ALA L 93 -108.39 1.63 69.69
CA ALA L 93 -108.56 0.33 70.33
C ALA L 93 -109.52 0.42 71.51
N GLU L 94 -109.38 1.47 72.33
CA GLU L 94 -110.29 1.65 73.46
C GLU L 94 -111.69 2.01 72.98
N LYS L 95 -111.80 2.83 71.93
CA LYS L 95 -113.10 3.21 71.41
C LYS L 95 -113.84 2.01 70.83
N LYS L 96 -113.12 1.15 70.09
CA LYS L 96 -113.77 -0.02 69.53
C LYS L 96 -114.04 -1.09 70.59
N ALA L 97 -113.24 -1.11 71.65
CA ALA L 97 -113.53 -2.01 72.77
C ALA L 97 -114.80 -1.57 73.49
N ALA L 98 -114.99 -0.26 73.65
CA ALA L 98 -116.20 0.27 74.29
C ALA L 98 -116.35 1.72 73.84
N GLY L 99 -117.42 2.00 73.10
CA GLY L 99 -118.41 1.03 72.66
C GLY L 99 -118.99 1.30 71.29
N LYS L 100 -118.38 2.22 70.55
CA LYS L 100 -118.93 2.65 69.26
C LYS L 100 -118.90 1.51 68.24
N GLY L 101 -117.74 0.88 68.08
CA GLY L 101 -117.60 -0.18 67.09
C GLY L 101 -116.60 0.16 65.99
N ASP L 102 -117.09 0.32 64.76
CA ASP L 102 -116.21 0.63 63.65
C ASP L 102 -115.64 2.04 63.77
N VAL L 103 -116.52 3.04 63.74
CA VAL L 103 -116.18 4.45 63.91
C VAL L 103 -115.08 4.86 62.93
N PRO L 104 -115.38 5.03 61.64
CA PRO L 104 -114.35 5.53 60.71
C PRO L 104 -113.83 6.91 61.09
N THR L 105 -114.70 7.77 61.62
CA THR L 105 -114.34 9.07 62.18
C THR L 105 -113.64 9.99 61.17
N LYS L 106 -114.00 9.85 59.89
CA LYS L 106 -113.63 10.75 58.80
C LYS L 106 -112.14 11.13 58.84
N ARG L 107 -111.31 10.11 58.51
CA ARG L 107 -109.85 10.17 58.47
C ARG L 107 -109.36 11.50 57.91
N PRO L 108 -108.54 12.24 58.67
CA PRO L 108 -108.29 13.63 58.35
C PRO L 108 -107.39 13.78 57.13
N PRO L 109 -107.51 14.88 56.40
CA PRO L 109 -106.59 15.12 55.28
C PRO L 109 -105.16 15.30 55.77
N VAL L 110 -104.22 14.85 54.95
CA VAL L 110 -102.81 14.83 55.33
C VAL L 110 -101.97 15.13 54.11
N LEU L 111 -100.84 15.80 54.34
CA LEU L 111 -99.90 16.10 53.26
C LEU L 111 -99.28 14.82 52.74
N ARG L 112 -99.28 14.65 51.43
CA ARG L 112 -98.69 13.47 50.80
C ARG L 112 -97.26 13.79 50.38
N ALA L 113 -96.32 12.95 50.81
CA ALA L 113 -94.91 13.18 50.61
C ALA L 113 -94.32 12.12 49.70
N GLY L 114 -93.11 12.37 49.22
CA GLY L 114 -92.42 11.45 48.34
C GLY L 114 -92.69 11.75 46.88
N VAL L 115 -91.66 11.62 46.04
CA VAL L 115 -91.83 11.93 44.62
C VAL L 115 -92.75 10.92 43.95
N ASN L 116 -92.66 9.64 44.34
CA ASN L 116 -93.48 8.62 43.70
C ASN L 116 -94.95 8.77 44.06
N THR L 117 -95.25 9.12 45.32
CA THR L 117 -96.63 9.36 45.71
C THR L 117 -97.18 10.59 45.01
N VAL L 118 -96.40 11.66 44.93
CA VAL L 118 -96.86 12.88 44.28
C VAL L 118 -97.08 12.65 42.79
N THR L 119 -96.17 11.92 42.15
CA THR L 119 -96.28 11.67 40.71
C THR L 119 -97.55 10.89 40.38
N THR L 120 -97.90 9.92 41.21
CA THR L 120 -99.14 9.18 41.00
C THR L 120 -100.36 10.09 41.17
N LEU L 121 -100.31 10.98 42.17
CA LEU L 121 -101.44 11.89 42.41
C LEU L 121 -101.63 12.85 41.25
N VAL L 122 -100.54 13.35 40.67
CA VAL L 122 -100.64 14.25 39.53
C VAL L 122 -101.23 13.54 38.33
N GLU L 123 -100.80 12.30 38.08
CA GLU L 123 -101.31 11.53 36.95
C GLU L 123 -102.80 11.26 37.10
N ASN L 124 -103.25 11.00 38.31
CA ASN L 124 -104.66 10.75 38.57
C ASN L 124 -105.44 12.02 38.83
N LYS L 125 -104.80 13.18 38.73
CA LYS L 125 -105.40 14.50 38.94
C LYS L 125 -105.97 14.66 40.36
N LYS L 126 -105.46 13.89 41.31
CA LYS L 126 -105.95 13.93 42.68
C LYS L 126 -105.26 14.98 43.53
N ALA L 127 -104.25 15.67 42.99
CA ALA L 127 -103.53 16.68 43.73
C ALA L 127 -104.10 18.05 43.43
N GLN L 128 -104.12 18.92 44.44
CA GLN L 128 -104.58 20.29 44.27
C GLN L 128 -103.43 21.29 44.25
N LEU L 129 -102.24 20.89 44.68
CA LEU L 129 -101.06 21.74 44.68
C LEU L 129 -99.85 20.87 44.94
N VAL L 130 -98.78 21.10 44.18
CA VAL L 130 -97.54 20.34 44.30
C VAL L 130 -96.42 21.29 44.66
N VAL L 131 -95.67 20.98 45.71
CA VAL L 131 -94.53 21.76 46.15
C VAL L 131 -93.28 20.95 45.88
N ILE L 132 -92.36 21.52 45.11
CA ILE L 132 -91.14 20.84 44.68
C ILE L 132 -89.94 21.57 45.26
N ALA L 133 -89.04 20.83 45.89
CA ALA L 133 -87.77 21.41 46.32
C ALA L 133 -86.91 21.76 45.11
N HIS L 134 -86.02 22.73 45.30
CA HIS L 134 -85.18 23.21 44.20
C HIS L 134 -83.78 22.62 44.21
N ASP L 135 -83.38 21.91 45.27
CA ASP L 135 -82.00 21.47 45.43
C ASP L 135 -81.95 19.97 45.65
N VAL L 136 -82.67 19.21 44.84
CA VAL L 136 -82.57 17.75 44.87
C VAL L 136 -81.25 17.38 44.19
N ASP L 137 -80.29 16.87 44.98
CA ASP L 137 -78.92 16.73 44.48
C ASP L 137 -78.81 15.84 43.25
N PRO L 138 -79.42 14.65 43.18
CA PRO L 138 -79.57 14.01 41.87
C PRO L 138 -80.75 14.61 41.14
N ILE L 139 -80.55 15.72 40.42
CA ILE L 139 -81.70 16.46 39.90
C ILE L 139 -82.15 15.76 38.64
N GLU L 140 -82.84 14.64 38.85
CA GLU L 140 -83.55 13.90 37.82
C GLU L 140 -84.87 13.37 38.32
N LEU L 141 -85.09 13.34 39.62
CA LEU L 141 -86.35 12.86 40.18
C LEU L 141 -87.47 13.87 40.02
N VAL L 142 -87.16 15.13 39.74
CA VAL L 142 -88.20 16.15 39.65
C VAL L 142 -88.04 17.02 38.41
N VAL L 143 -87.16 16.63 37.48
CA VAL L 143 -87.01 17.42 36.26
C VAL L 143 -88.27 17.35 35.42
N PHE L 144 -88.94 16.20 35.42
CA PHE L 144 -90.17 16.01 34.66
C PHE L 144 -91.40 16.57 35.37
N LEU L 145 -91.31 16.81 36.67
CA LEU L 145 -92.51 17.16 37.43
C LEU L 145 -93.16 18.47 37.01
N PRO L 146 -92.44 19.59 36.81
CA PRO L 146 -93.12 20.79 36.31
C PRO L 146 -93.81 20.59 34.97
N ALA L 147 -93.21 19.80 34.07
CA ALA L 147 -93.88 19.49 32.81
C ALA L 147 -95.10 18.61 33.06
N LEU L 148 -94.97 17.63 33.97
CA LEU L 148 -96.10 16.77 34.27
C LEU L 148 -97.22 17.53 34.96
N CYS L 149 -96.87 18.49 35.81
CA CYS L 149 -97.89 19.28 36.50
C CYS L 149 -98.66 20.16 35.53
N ARG L 150 -97.98 20.73 34.52
CA ARG L 150 -98.66 21.61 33.57
C ARG L 150 -99.66 20.85 32.73
N LYS L 151 -99.26 19.70 32.18
CA LYS L 151 -100.17 18.95 31.30
C LYS L 151 -101.39 18.45 32.06
N MET L 152 -101.17 17.92 33.26
CA MET L 152 -102.29 17.44 34.07
C MET L 152 -103.09 18.56 34.71
N GLY L 153 -102.61 19.80 34.62
CA GLY L 153 -103.36 20.95 35.08
C GLY L 153 -103.25 21.27 36.55
N VAL L 154 -102.51 20.48 37.32
CA VAL L 154 -102.33 20.75 38.74
C VAL L 154 -101.40 21.93 38.91
N PRO L 155 -101.71 22.89 39.80
CA PRO L 155 -100.76 23.97 40.06
C PRO L 155 -99.57 23.46 40.85
N TYR L 156 -98.38 23.91 40.45
CA TYR L 156 -97.15 23.52 41.11
C TYR L 156 -96.32 24.74 41.43
N CYS L 157 -95.57 24.65 42.52
CA CYS L 157 -94.64 25.70 42.93
C CYS L 157 -93.30 25.05 43.27
N ILE L 158 -92.25 25.87 43.22
CA ILE L 158 -90.91 25.44 43.58
C ILE L 158 -90.49 26.24 44.82
N ILE L 159 -90.19 25.53 45.89
CA ILE L 159 -89.84 26.16 47.15
C ILE L 159 -88.36 25.92 47.44
N LYS L 160 -87.79 26.80 48.25
CA LYS L 160 -86.36 26.78 48.54
C LYS L 160 -86.10 25.86 49.73
N GLY L 161 -85.35 24.80 49.49
CA GLY L 161 -84.91 23.94 50.57
C GLY L 161 -85.70 22.67 50.75
N LYS L 162 -85.11 21.53 50.38
CA LYS L 162 -85.71 20.24 50.67
C LYS L 162 -85.64 19.91 52.16
N ALA L 163 -84.79 20.60 52.92
CA ALA L 163 -84.75 20.40 54.36
C ALA L 163 -86.03 20.92 55.01
N ARG L 164 -86.58 22.00 54.48
CA ARG L 164 -87.83 22.54 55.01
C ARG L 164 -88.98 21.55 54.82
N LEU L 165 -89.05 20.93 53.64
CA LEU L 165 -90.07 19.92 53.41
C LEU L 165 -89.81 18.68 54.24
N GLY L 166 -88.53 18.36 54.48
CA GLY L 166 -88.22 17.21 55.32
C GLY L 166 -88.71 17.39 56.75
N ARG L 167 -88.52 18.58 57.31
CA ARG L 167 -89.08 18.88 58.62
C ARG L 167 -90.60 18.85 58.58
N LEU L 168 -91.18 19.26 57.45
CA LEU L 168 -92.63 19.27 57.29
C LEU L 168 -93.20 17.86 57.39
N VAL L 169 -92.42 16.84 57.03
CA VAL L 169 -92.88 15.46 57.04
C VAL L 169 -92.14 14.64 58.09
N HIS L 170 -91.44 15.30 59.03
CA HIS L 170 -90.69 14.63 60.10
C HIS L 170 -89.65 13.68 59.53
N ARG L 171 -88.82 14.20 58.63
CA ARG L 171 -87.73 13.44 58.05
C ARG L 171 -86.56 14.36 57.81
N LYS L 172 -85.44 13.79 57.38
CA LYS L 172 -84.27 14.60 57.07
C LYS L 172 -84.49 15.46 55.84
N THR L 173 -85.09 14.88 54.80
CA THR L 173 -85.19 15.57 53.51
C THR L 173 -86.35 14.98 52.73
N CYS L 174 -87.26 15.84 52.27
CA CYS L 174 -88.36 15.43 51.41
C CYS L 174 -88.22 16.13 50.07
N THR L 175 -88.39 15.37 48.99
CA THR L 175 -88.24 15.94 47.65
C THR L 175 -89.44 16.80 47.29
N THR L 176 -90.63 16.21 47.26
CA THR L 176 -91.86 16.93 46.97
C THR L 176 -92.93 16.57 47.97
N VAL L 177 -93.85 17.50 48.19
CA VAL L 177 -95.08 17.25 48.92
C VAL L 177 -96.23 17.73 48.07
N ALA L 178 -97.41 17.15 48.28
CA ALA L 178 -98.57 17.47 47.48
C ALA L 178 -99.76 17.74 48.39
N PHE L 179 -100.68 18.57 47.91
CA PHE L 179 -101.86 18.95 48.66
C PHE L 179 -103.07 18.20 48.10
N THR L 180 -103.54 17.21 48.84
CA THR L 180 -104.81 16.56 48.56
C THR L 180 -105.94 17.42 49.10
N GLN L 181 -107.13 16.85 49.27
CA GLN L 181 -108.26 17.57 49.82
C GLN L 181 -107.89 18.29 51.12
N VAL L 182 -108.57 19.40 51.37
CA VAL L 182 -108.20 20.35 52.42
C VAL L 182 -109.49 20.74 53.16
N ASN L 183 -109.37 20.99 54.46
CA ASN L 183 -110.50 21.38 55.28
C ASN L 183 -111.12 22.69 54.77
N SER L 184 -112.39 22.90 55.13
CA SER L 184 -113.15 24.02 54.61
C SER L 184 -112.56 25.35 55.08
N GLU L 185 -112.07 25.40 56.31
CA GLU L 185 -111.55 26.66 56.84
C GLU L 185 -110.30 27.10 56.10
N ASP L 186 -109.54 26.17 55.56
CA ASP L 186 -108.33 26.48 54.80
C ASP L 186 -108.56 26.47 53.29
N LYS L 187 -109.81 26.29 52.84
CA LYS L 187 -110.08 26.28 51.41
C LYS L 187 -109.78 27.63 50.77
N GLY L 188 -110.15 28.72 51.44
CA GLY L 188 -109.87 30.04 50.91
C GLY L 188 -108.38 30.34 50.88
N ALA L 189 -107.65 29.96 51.93
CA ALA L 189 -106.22 30.18 51.97
C ALA L 189 -105.51 29.37 50.88
N LEU L 190 -105.94 28.13 50.67
CA LEU L 190 -105.37 27.33 49.59
C LEU L 190 -105.69 27.93 48.23
N ALA L 191 -106.92 28.43 48.05
CA ALA L 191 -107.31 29.03 46.78
C ALA L 191 -106.51 30.30 46.51
N LYS L 192 -106.27 31.10 47.55
CA LYS L 192 -105.49 32.33 47.37
C LYS L 192 -104.03 32.01 47.08
N LEU L 193 -103.52 30.88 47.60
CA LEU L 193 -102.15 30.49 47.29
C LEU L 193 -102.04 29.95 45.88
N VAL L 194 -103.04 29.20 45.42
CA VAL L 194 -102.99 28.60 44.10
C VAL L 194 -103.00 29.67 43.02
N GLU L 195 -103.76 30.75 43.25
CA GLU L 195 -103.85 31.83 42.26
C GLU L 195 -102.50 32.45 41.98
N ALA L 196 -101.75 32.76 43.04
CA ALA L 196 -100.41 33.33 42.84
C ALA L 196 -99.43 32.29 42.32
N ILE L 197 -99.57 31.04 42.77
CA ILE L 197 -98.67 29.98 42.33
C ILE L 197 -98.88 29.69 40.85
N ARG L 198 -100.14 29.65 40.41
CA ARG L 198 -100.43 29.44 39.00
C ARG L 198 -99.87 30.58 38.15
N THR L 199 -99.99 31.81 38.65
CA THR L 199 -99.57 32.98 37.89
C THR L 199 -98.08 32.96 37.59
N ASN L 200 -97.29 32.41 38.51
CA ASN L 200 -95.84 32.45 38.37
C ASN L 200 -95.26 31.20 37.75
N TYR L 201 -95.96 30.07 37.82
CA TYR L 201 -95.39 28.81 37.35
C TYR L 201 -96.19 28.16 36.23
N ASN L 202 -97.49 27.95 36.43
CA ASN L 202 -98.25 27.15 35.48
C ASN L 202 -98.52 27.89 34.18
N ASP L 203 -98.92 29.16 34.27
CA ASP L 203 -99.37 29.87 33.07
C ASP L 203 -98.20 30.22 32.17
N ARG L 204 -97.05 30.58 32.74
CA ARG L 204 -95.90 31.01 31.95
C ARG L 204 -94.93 29.88 31.65
N TYR L 205 -95.43 28.65 31.49
CA TYR L 205 -94.55 27.54 31.18
C TYR L 205 -93.90 27.69 29.81
N ASP L 206 -94.49 28.50 28.94
CA ASP L 206 -93.93 28.69 27.60
C ASP L 206 -92.59 29.40 27.65
N GLU L 207 -92.45 30.42 28.49
CA GLU L 207 -91.17 31.10 28.62
C GLU L 207 -90.22 30.36 29.57
N ILE L 208 -90.77 29.56 30.49
CA ILE L 208 -89.93 28.71 31.32
C ILE L 208 -89.23 27.67 30.47
N ARG L 209 -89.92 27.16 29.44
CA ARG L 209 -89.34 26.14 28.58
C ARG L 209 -88.14 26.67 27.79
N ARG L 210 -88.09 27.98 27.54
CA ARG L 210 -87.03 28.56 26.73
C ARG L 210 -86.01 29.35 27.54
N HIS L 211 -86.20 29.52 28.84
CA HIS L 211 -85.31 30.36 29.64
C HIS L 211 -84.09 29.55 30.04
N TRP L 212 -83.05 29.61 29.22
CA TRP L 212 -81.78 29.01 29.58
C TRP L 212 -81.11 29.82 30.69
N GLY L 213 -80.22 29.15 31.41
CA GLY L 213 -79.56 29.76 32.55
C GLY L 213 -78.04 29.69 32.42
N GLY L 214 -77.38 30.27 33.43
CA GLY L 214 -75.93 30.30 33.43
C GLY L 214 -75.40 31.19 32.33
N ASN L 215 -74.27 30.78 31.75
CA ASN L 215 -73.60 31.50 30.67
C ASN L 215 -73.29 32.94 31.04
N VAL L 216 -72.84 33.14 32.28
CA VAL L 216 -72.33 34.43 32.72
C VAL L 216 -70.87 34.22 33.13
N LEU L 217 -70.02 35.17 32.74
CA LEU L 217 -68.59 35.01 32.97
C LEU L 217 -68.22 35.47 34.38
N GLY L 218 -66.96 35.26 34.73
CA GLY L 218 -66.45 35.66 36.01
C GLY L 218 -66.37 37.17 36.13
N PRO L 219 -66.40 37.69 37.36
CA PRO L 219 -66.32 39.15 37.54
C PRO L 219 -65.04 39.75 36.99
N LYS L 220 -63.92 39.03 37.10
CA LYS L 220 -62.67 39.54 36.55
C LYS L 220 -62.75 39.63 35.03
N SER L 221 -63.29 38.60 34.38
CA SER L 221 -63.45 38.62 32.93
C SER L 221 -64.47 39.67 32.50
N VAL L 222 -65.56 39.80 33.27
CA VAL L 222 -66.57 40.81 32.95
C VAL L 222 -65.99 42.21 33.09
N ALA L 223 -65.23 42.45 34.16
CA ALA L 223 -64.65 43.76 34.38
C ALA L 223 -63.65 44.11 33.29
N ARG L 224 -62.81 43.15 32.88
CA ARG L 224 -61.84 43.41 31.83
C ARG L 224 -62.53 43.72 30.50
N ILE L 225 -63.58 42.95 30.16
CA ILE L 225 -64.30 43.17 28.91
C ILE L 225 -64.99 44.53 28.93
N ALA L 226 -65.63 44.87 30.05
CA ALA L 226 -66.26 46.18 30.17
C ALA L 226 -65.24 47.30 30.14
N LYS L 227 -64.04 47.04 30.67
CA LYS L 227 -62.98 48.04 30.60
C LYS L 227 -62.52 48.25 29.16
N LEU L 228 -62.42 47.16 28.38
CA LEU L 228 -62.04 47.29 26.98
C LEU L 228 -63.09 48.06 26.19
N GLU L 229 -64.37 47.75 26.43
CA GLU L 229 -65.43 48.45 25.71
C GLU L 229 -65.47 49.93 26.06
N LYS L 230 -65.28 50.26 27.34
CA LYS L 230 -65.25 51.66 27.74
C LYS L 230 -64.00 52.36 27.21
N ALA L 231 -62.88 51.63 27.14
CA ALA L 231 -61.64 52.21 26.63
C ALA L 231 -61.67 52.46 25.14
N LYS L 232 -62.65 51.92 24.41
CA LYS L 232 -62.82 52.27 23.02
C LYS L 232 -64.03 53.16 22.78
N ALA L 233 -65.09 53.05 23.59
CA ALA L 233 -66.25 53.90 23.40
C ALA L 233 -65.98 55.34 23.80
N LYS L 234 -64.99 55.57 24.67
CA LYS L 234 -64.72 56.92 25.14
C LYS L 234 -64.15 57.82 24.06
N GLU L 235 -63.51 57.24 23.04
CA GLU L 235 -63.05 58.03 21.89
C GLU L 235 -63.95 57.88 20.68
N LEU L 236 -64.74 56.80 20.60
CA LEU L 236 -65.74 56.69 19.54
C LEU L 236 -66.83 57.74 19.71
N ALA L 237 -67.16 58.07 20.97
CA ALA L 237 -68.10 59.16 21.23
C ALA L 237 -67.52 60.50 20.78
N THR L 238 -66.21 60.71 20.97
CA THR L 238 -65.58 61.91 20.44
C THR L 238 -65.53 61.90 18.92
N LYS L 239 -65.51 60.71 18.32
CA LYS L 239 -65.47 60.62 16.85
C LYS L 239 -66.79 61.08 16.24
N LEU L 240 -67.91 60.58 16.76
CA LEU L 240 -69.21 60.92 16.20
C LEU L 240 -69.74 62.19 16.86
N GLY L 241 -70.31 63.08 16.05
CA GLY L 241 -70.87 64.33 16.56
C GLY L 241 -69.82 65.34 16.99
N MET M 1 23.41 -82.27 -30.85
CA MET M 1 24.25 -83.32 -31.43
C MET M 1 25.36 -83.74 -30.48
N LYS M 2 25.58 -85.05 -30.38
CA LYS M 2 26.67 -85.61 -29.61
C LYS M 2 27.48 -86.53 -30.53
N THR M 3 28.68 -86.10 -30.88
CA THR M 3 29.51 -86.86 -31.82
C THR M 3 29.95 -88.16 -31.19
N ILE M 4 29.89 -89.24 -31.98
CA ILE M 4 30.15 -90.58 -31.45
C ILE M 4 31.61 -90.70 -31.00
N LEU M 5 32.54 -90.29 -31.84
CA LEU M 5 33.96 -90.48 -31.56
C LEU M 5 34.73 -89.34 -32.19
N SER M 6 35.39 -88.53 -31.35
CA SER M 6 36.23 -87.44 -31.80
C SER M 6 37.61 -87.68 -31.22
N ASN M 7 38.53 -88.18 -32.06
CA ASN M 7 39.84 -88.57 -31.60
C ASN M 7 40.91 -88.00 -32.53
N GLN M 8 42.11 -87.82 -31.97
CA GLN M 8 43.28 -87.49 -32.77
C GLN M 8 44.51 -87.89 -31.99
N THR M 9 45.57 -88.23 -32.72
CA THR M 9 46.75 -88.86 -32.14
C THR M 9 47.96 -87.95 -32.26
N VAL M 10 48.90 -88.11 -31.33
CA VAL M 10 50.18 -87.44 -31.37
C VAL M 10 51.25 -88.49 -31.60
N ASP M 11 52.38 -88.05 -32.14
CA ASP M 11 53.51 -88.93 -32.41
C ASP M 11 54.62 -88.62 -31.42
N ILE M 12 55.02 -89.61 -30.65
CA ILE M 12 56.09 -89.48 -29.67
C ILE M 12 57.41 -89.83 -30.35
N PRO M 13 58.39 -88.94 -30.35
CA PRO M 13 59.68 -89.28 -30.96
C PRO M 13 60.39 -90.39 -30.20
N GLU M 14 61.52 -90.80 -30.78
CA GLU M 14 62.24 -92.00 -30.33
C GLU M 14 62.92 -91.81 -28.99
N ASN M 15 63.48 -90.62 -28.74
CA ASN M 15 64.29 -90.41 -27.55
C ASN M 15 63.49 -90.02 -26.32
N VAL M 16 62.17 -89.98 -26.42
CA VAL M 16 61.30 -89.55 -25.32
C VAL M 16 60.34 -90.68 -25.00
N ASP M 17 60.21 -90.99 -23.72
CA ASP M 17 59.34 -92.05 -23.24
C ASP M 17 58.12 -91.45 -22.53
N ILE M 18 56.94 -91.98 -22.83
CA ILE M 18 55.70 -91.52 -22.23
C ILE M 18 55.10 -92.66 -21.41
N THR M 19 54.80 -92.38 -20.15
CA THR M 19 54.17 -93.34 -19.25
C THR M 19 52.83 -92.78 -18.82
N LEU M 20 51.78 -93.61 -18.91
CA LEU M 20 50.43 -93.20 -18.56
C LEU M 20 50.00 -93.86 -17.26
N LYS M 21 49.47 -93.05 -16.34
CA LYS M 21 48.89 -93.54 -15.08
C LYS M 21 47.50 -92.92 -15.01
N GLY M 22 46.52 -93.59 -15.62
CA GLY M 22 45.22 -92.96 -15.79
C GLY M 22 45.35 -91.82 -16.78
N ARG M 23 44.83 -90.66 -16.42
CA ARG M 23 45.03 -89.44 -17.20
C ARG M 23 46.19 -88.61 -16.66
N THR M 24 47.34 -89.25 -16.47
CA THR M 24 48.55 -88.58 -16.01
C THR M 24 49.67 -88.93 -16.96
N VAL M 25 50.09 -87.98 -17.78
CA VAL M 25 51.12 -88.22 -18.78
C VAL M 25 52.46 -87.84 -18.17
N ILE M 26 53.36 -88.81 -18.07
CA ILE M 26 54.72 -88.60 -17.58
C ILE M 26 55.65 -88.72 -18.76
N VAL M 27 56.32 -87.62 -19.12
CA VAL M 27 57.19 -87.56 -20.27
C VAL M 27 58.63 -87.47 -19.77
N LYS M 28 59.51 -88.29 -20.36
CA LYS M 28 60.84 -88.54 -19.82
C LYS M 28 61.90 -88.34 -20.89
N GLY M 29 61.88 -87.19 -21.56
CA GLY M 29 62.84 -86.90 -22.59
C GLY M 29 64.23 -86.64 -22.03
N PRO M 30 65.18 -86.35 -22.93
CA PRO M 30 66.57 -86.19 -22.50
C PRO M 30 66.82 -85.00 -21.60
N ARG M 31 65.97 -83.98 -21.61
CA ARG M 31 66.21 -82.78 -20.83
C ARG M 31 65.57 -82.81 -19.45
N GLY M 32 64.92 -83.90 -19.09
CA GLY M 32 64.33 -84.00 -17.77
C GLY M 32 63.05 -84.82 -17.83
N THR M 33 62.19 -84.59 -16.85
CA THR M 33 60.92 -85.29 -16.75
C THR M 33 59.80 -84.29 -16.53
N LEU M 34 58.71 -84.47 -17.26
CA LEU M 34 57.53 -83.62 -17.16
C LEU M 34 56.32 -84.48 -16.83
N ARG M 35 55.47 -83.97 -15.93
CA ARG M 35 54.32 -84.73 -15.45
C ARG M 35 53.20 -83.76 -15.13
N ARG M 36 52.01 -84.03 -15.68
CA ARG M 36 50.84 -83.23 -15.39
C ARG M 36 49.61 -84.08 -15.68
N ASP M 37 48.63 -84.03 -14.78
CA ASP M 37 47.45 -84.87 -14.92
C ASP M 37 46.33 -84.11 -15.65
N PHE M 38 45.45 -84.88 -16.27
CA PHE M 38 44.31 -84.36 -17.00
C PHE M 38 43.01 -84.92 -16.44
N ASN M 39 42.96 -85.08 -15.11
CA ASN M 39 41.79 -85.65 -14.46
C ASN M 39 40.56 -84.76 -14.55
N HIS M 40 40.72 -83.49 -14.93
CA HIS M 40 39.59 -82.59 -15.07
C HIS M 40 38.88 -82.75 -16.42
N ILE M 41 39.42 -83.56 -17.33
CA ILE M 41 38.80 -83.83 -18.62
C ILE M 41 38.56 -85.32 -18.74
N ASN M 42 37.33 -85.70 -19.08
CA ASN M 42 36.94 -87.10 -19.17
C ASN M 42 37.23 -87.61 -20.59
N VAL M 43 38.47 -88.02 -20.79
CA VAL M 43 38.92 -88.59 -22.05
C VAL M 43 39.65 -89.90 -21.77
N GLU M 44 39.86 -90.67 -22.83
CA GLU M 44 40.54 -91.96 -22.73
C GLU M 44 41.89 -91.84 -23.44
N LEU M 45 42.97 -92.02 -22.68
CA LEU M 45 44.31 -92.00 -23.23
C LEU M 45 44.83 -93.42 -23.42
N SER M 46 45.63 -93.61 -24.47
CA SER M 46 46.15 -94.93 -24.76
C SER M 46 47.39 -94.80 -25.63
N LEU M 47 48.41 -95.60 -25.31
CA LEU M 47 49.60 -95.72 -26.14
C LEU M 47 49.34 -96.78 -27.22
N LEU M 48 49.66 -96.45 -28.46
CA LEU M 48 49.24 -97.27 -29.59
C LEU M 48 50.30 -98.29 -30.00
N GLY M 49 51.47 -97.84 -30.38
CA GLY M 49 52.48 -98.71 -30.96
C GLY M 49 53.65 -98.99 -30.04
N LYS M 50 54.28 -100.14 -30.25
CA LYS M 50 55.55 -100.49 -29.63
C LYS M 50 56.73 -100.15 -30.52
N LYS M 51 56.47 -99.62 -31.71
CA LYS M 51 57.50 -99.29 -32.69
C LYS M 51 57.53 -97.82 -33.08
N LYS M 52 56.40 -97.10 -32.93
CA LYS M 52 56.29 -95.71 -33.35
C LYS M 52 55.76 -94.80 -32.25
N LYS M 53 55.18 -95.37 -31.19
CA LYS M 53 54.80 -94.63 -29.98
C LYS M 53 53.82 -93.50 -30.30
N ARG M 54 52.63 -93.90 -30.70
CA ARG M 54 51.53 -92.96 -30.87
C ARG M 54 50.68 -92.90 -29.60
N LEU M 55 50.22 -91.71 -29.25
CA LEU M 55 49.33 -91.50 -28.12
C LEU M 55 47.98 -91.04 -28.64
N ARG M 56 46.92 -91.76 -28.30
CA ARG M 56 45.59 -91.50 -28.81
C ARG M 56 44.66 -91.08 -27.67
N VAL M 57 43.87 -90.04 -27.91
CA VAL M 57 42.87 -89.57 -26.97
C VAL M 57 41.54 -89.51 -27.69
N ASP M 58 40.48 -89.97 -27.03
CA ASP M 58 39.16 -90.07 -27.61
C ASP M 58 38.14 -89.31 -26.76
N LYS M 59 36.92 -89.20 -27.27
CA LYS M 59 35.93 -88.40 -26.56
C LYS M 59 34.61 -89.11 -26.29
N TRP M 60 34.14 -89.96 -27.21
CA TRP M 60 33.07 -90.91 -26.89
C TRP M 60 31.79 -90.28 -26.37
N TRP M 61 30.99 -89.68 -27.25
CA TRP M 61 29.74 -88.98 -26.93
C TRP M 61 29.96 -87.71 -26.13
N GLY M 62 30.65 -86.74 -26.71
CA GLY M 62 30.76 -85.42 -26.14
C GLY M 62 30.11 -84.39 -27.05
N ASN M 63 29.67 -83.29 -26.45
CA ASN M 63 29.15 -82.17 -27.23
C ASN M 63 30.32 -81.34 -27.71
N ARG M 64 30.06 -80.20 -28.35
CA ARG M 64 31.16 -79.43 -28.93
C ARG M 64 31.99 -78.71 -27.88
N LYS M 65 31.44 -78.50 -26.68
CA LYS M 65 32.22 -77.86 -25.62
C LYS M 65 33.34 -78.77 -25.13
N GLU M 66 33.03 -80.04 -24.90
CA GLU M 66 34.04 -81.00 -24.49
C GLU M 66 34.68 -81.73 -25.67
N LEU M 67 34.24 -81.46 -26.90
CA LEU M 67 34.99 -81.89 -28.07
C LEU M 67 36.20 -81.02 -28.31
N ALA M 68 36.19 -79.78 -27.83
CA ALA M 68 37.31 -78.89 -28.00
C ALA M 68 38.50 -79.27 -27.13
N THR M 69 38.29 -80.13 -26.14
CA THR M 69 39.37 -80.52 -25.23
C THR M 69 40.27 -81.59 -25.82
N VAL M 70 39.89 -82.21 -26.93
CA VAL M 70 40.75 -83.23 -27.55
C VAL M 70 42.01 -82.58 -28.10
N ARG M 71 41.86 -81.47 -28.83
CA ARG M 71 43.02 -80.75 -29.33
C ARG M 71 43.82 -80.12 -28.20
N THR M 72 43.15 -79.69 -27.13
CA THR M 72 43.84 -79.07 -26.01
C THR M 72 44.77 -80.06 -25.31
N ILE M 73 44.26 -81.28 -25.05
CA ILE M 73 45.08 -82.30 -24.39
C ILE M 73 46.25 -82.68 -25.27
N CYS M 74 46.00 -82.86 -26.57
CA CYS M 74 47.08 -83.20 -27.49
C CYS M 74 48.12 -82.09 -27.54
N SER M 75 47.67 -80.83 -27.69
CA SER M 75 48.60 -79.71 -27.78
C SER M 75 49.43 -79.57 -26.50
N HIS M 76 48.83 -79.87 -25.35
CA HIS M 76 49.59 -79.86 -24.10
C HIS M 76 50.66 -80.94 -24.11
N VAL M 77 50.32 -82.13 -24.62
CA VAL M 77 51.29 -83.23 -24.65
C VAL M 77 52.42 -82.92 -25.63
N GLN M 78 52.10 -82.34 -26.78
CA GLN M 78 53.15 -81.98 -27.72
C GLN M 78 54.08 -80.92 -27.16
N ASN M 79 53.58 -80.10 -26.24
CA ASN M 79 54.46 -79.15 -25.56
C ASN M 79 55.33 -79.86 -24.52
N MET M 80 54.83 -80.94 -23.93
CA MET M 80 55.65 -81.74 -23.04
C MET M 80 56.82 -82.36 -23.80
N ILE M 81 56.53 -82.97 -24.95
CA ILE M 81 57.58 -83.57 -25.76
C ILE M 81 58.58 -82.52 -26.22
N LYS M 82 58.07 -81.37 -26.67
CA LYS M 82 58.94 -80.28 -27.10
C LYS M 82 59.78 -79.77 -25.94
N GLY M 83 59.20 -79.67 -24.75
CA GLY M 83 59.94 -79.17 -23.61
C GLY M 83 61.05 -80.11 -23.16
N VAL M 84 60.77 -81.42 -23.16
CA VAL M 84 61.76 -82.38 -22.65
C VAL M 84 62.78 -82.77 -23.71
N THR M 85 62.53 -82.52 -24.99
CA THR M 85 63.49 -82.85 -26.03
C THR M 85 64.16 -81.63 -26.64
N LEU M 86 63.61 -80.45 -26.45
CA LEU M 86 64.24 -79.22 -26.92
C LEU M 86 64.37 -78.16 -25.84
N GLY M 87 63.40 -78.05 -24.95
CA GLY M 87 63.38 -76.99 -23.97
C GLY M 87 62.77 -75.72 -24.54
N PHE M 88 62.28 -74.87 -23.64
CA PHE M 88 61.63 -73.63 -24.01
C PHE M 88 62.51 -72.46 -23.60
N ARG M 89 62.78 -71.56 -24.55
CA ARG M 89 63.65 -70.42 -24.34
C ARG M 89 62.90 -69.16 -24.75
N TYR M 90 62.57 -68.31 -23.78
CA TYR M 90 61.88 -67.06 -24.04
C TYR M 90 62.85 -65.90 -23.85
N LYS M 91 62.87 -65.00 -24.83
CA LYS M 91 63.77 -63.86 -24.82
C LYS M 91 62.97 -62.57 -24.66
N MET M 92 63.34 -61.76 -23.67
CA MET M 92 62.69 -60.49 -23.41
C MET M 92 63.68 -59.35 -23.59
N ARG M 93 63.28 -58.34 -24.35
CA ARG M 93 64.08 -57.15 -24.57
C ARG M 93 63.48 -56.00 -23.76
N SER M 94 64.29 -55.40 -22.89
CA SER M 94 63.83 -54.29 -22.07
C SER M 94 64.02 -52.99 -22.83
N VAL M 95 62.93 -52.31 -23.11
CA VAL M 95 62.96 -51.06 -23.86
C VAL M 95 62.81 -49.90 -22.87
N TYR M 96 63.51 -48.81 -23.13
CA TYR M 96 63.43 -47.64 -22.26
C TYR M 96 63.86 -46.41 -23.05
N ALA M 97 63.21 -45.28 -22.76
CA ALA M 97 63.50 -44.03 -23.44
C ALA M 97 64.69 -43.30 -22.81
N HIS M 98 64.60 -43.00 -21.51
CA HIS M 98 65.65 -42.27 -20.82
C HIS M 98 66.32 -43.12 -19.74
N PHE M 99 65.57 -43.65 -18.79
CA PHE M 99 66.16 -44.34 -17.65
C PHE M 99 66.50 -45.77 -18.04
N PRO M 100 67.76 -46.18 -17.99
CA PRO M 100 68.12 -47.56 -18.36
C PRO M 100 67.72 -48.53 -17.27
N ILE M 101 67.08 -49.62 -17.67
CA ILE M 101 66.61 -50.63 -16.71
C ILE M 101 67.76 -51.58 -16.39
N ASN M 102 68.14 -51.63 -15.11
CA ASN M 102 69.17 -52.54 -14.65
C ASN M 102 68.51 -53.80 -14.11
N VAL M 103 68.86 -54.94 -14.70
CA VAL M 103 68.32 -56.23 -14.29
C VAL M 103 69.44 -57.01 -13.65
N VAL M 104 69.25 -57.42 -12.39
CA VAL M 104 70.22 -58.20 -11.64
C VAL M 104 69.61 -59.56 -11.36
N ILE M 105 70.31 -60.62 -11.73
CA ILE M 105 69.82 -61.98 -11.56
C ILE M 105 70.43 -62.54 -10.28
N GLN M 106 69.58 -62.91 -9.34
CA GLN M 106 70.00 -63.45 -8.05
C GLN M 106 70.13 -64.97 -8.17
N GLU M 107 70.17 -65.67 -7.04
CA GLU M 107 70.61 -67.05 -6.91
C GLU M 107 70.07 -67.96 -8.02
N ASN M 108 70.99 -68.70 -8.65
CA ASN M 108 70.74 -69.71 -9.67
C ASN M 108 69.72 -69.30 -10.72
N GLY M 109 69.64 -68.00 -11.02
CA GLY M 109 68.67 -67.51 -11.98
C GLY M 109 67.23 -67.73 -11.59
N SER M 110 66.93 -67.64 -10.29
CA SER M 110 65.56 -67.83 -9.81
C SER M 110 64.91 -66.55 -9.32
N LEU M 111 65.70 -65.56 -8.92
CA LEU M 111 65.20 -64.27 -8.47
C LEU M 111 65.75 -63.19 -9.38
N VAL M 112 64.87 -62.36 -9.92
CA VAL M 112 65.23 -61.29 -10.85
C VAL M 112 64.93 -59.96 -10.19
N GLU M 113 65.92 -59.08 -10.16
CA GLU M 113 65.78 -57.77 -9.52
C GLU M 113 65.86 -56.70 -10.61
N ILE M 114 64.73 -56.05 -10.86
CA ILE M 114 64.66 -54.93 -11.80
C ILE M 114 64.86 -53.65 -11.00
N ARG M 115 65.96 -52.95 -11.26
CA ARG M 115 66.39 -51.87 -10.36
C ARG M 115 65.90 -50.50 -10.79
N ASN M 116 66.38 -50.02 -11.93
CA ASN M 116 66.11 -48.65 -12.37
C ASN M 116 65.05 -48.61 -13.47
N PHE M 117 63.84 -49.03 -13.15
CA PHE M 117 62.74 -48.96 -14.11
C PHE M 117 62.10 -47.59 -14.01
N LEU M 118 62.11 -46.85 -15.11
CA LEU M 118 61.48 -45.53 -15.22
C LEU M 118 62.01 -44.53 -14.19
N GLY M 119 63.20 -44.77 -13.65
CA GLY M 119 63.81 -43.84 -12.72
C GLY M 119 63.32 -43.92 -11.30
N GLU M 120 62.41 -44.84 -10.98
CA GLU M 120 61.94 -44.95 -9.60
C GLU M 120 63.02 -45.59 -8.72
N LYS M 121 62.87 -45.37 -7.41
CA LYS M 121 63.77 -45.96 -6.44
C LYS M 121 63.24 -47.29 -5.89
N TYR M 122 62.04 -47.69 -6.27
CA TYR M 122 61.50 -48.97 -5.85
C TYR M 122 62.27 -50.11 -6.51
N ILE M 123 62.49 -51.18 -5.76
CA ILE M 123 63.19 -52.36 -6.24
C ILE M 123 62.17 -53.47 -6.44
N ARG M 124 62.14 -54.02 -7.65
CA ARG M 124 61.23 -55.11 -7.99
C ARG M 124 61.97 -56.42 -7.93
N ARG M 125 61.47 -57.36 -7.12
CA ARG M 125 62.09 -58.66 -6.95
C ARG M 125 61.08 -59.73 -7.37
N VAL M 126 61.18 -60.16 -8.62
CA VAL M 126 60.26 -61.14 -9.19
C VAL M 126 60.87 -62.52 -9.05
N ARG M 127 60.12 -63.44 -8.45
CA ARG M 127 60.59 -64.79 -8.20
C ARG M 127 60.12 -65.72 -9.32
N MET M 128 61.07 -66.42 -9.94
CA MET M 128 60.73 -67.34 -11.02
C MET M 128 60.09 -68.61 -10.46
N ARG M 129 59.30 -69.25 -11.29
CA ARG M 129 58.69 -70.52 -10.92
C ARG M 129 59.77 -71.60 -10.85
N PRO M 130 59.53 -72.64 -10.05
CA PRO M 130 60.52 -73.74 -9.97
C PRO M 130 60.71 -74.40 -11.33
N GLY M 131 61.96 -74.74 -11.63
CA GLY M 131 62.31 -75.30 -12.92
C GLY M 131 62.51 -74.29 -14.02
N VAL M 132 62.45 -73.00 -13.71
CA VAL M 132 62.65 -71.93 -14.69
C VAL M 132 63.87 -71.13 -14.26
N ALA M 133 64.79 -70.90 -15.20
CA ALA M 133 66.02 -70.16 -14.92
C ALA M 133 66.12 -68.98 -15.87
N CYS M 134 66.41 -67.81 -15.31
CA CYS M 134 66.57 -66.59 -16.07
C CYS M 134 68.05 -66.19 -16.09
N SER M 135 68.50 -65.66 -17.22
CA SER M 135 69.88 -65.25 -17.38
C SER M 135 69.95 -64.00 -18.23
N VAL M 136 71.05 -63.26 -18.08
CA VAL M 136 71.31 -62.09 -18.90
C VAL M 136 72.07 -62.54 -20.15
N SER M 137 71.54 -62.19 -21.31
CA SER M 137 72.12 -62.64 -22.56
C SER M 137 73.51 -62.05 -22.78
N GLN M 138 74.40 -62.86 -23.33
CA GLN M 138 75.73 -62.42 -23.70
C GLN M 138 75.81 -61.98 -25.16
N ALA M 139 74.70 -62.03 -25.89
CA ALA M 139 74.67 -61.62 -27.30
C ALA M 139 74.23 -60.17 -27.46
N GLN M 140 73.03 -59.84 -26.99
CA GLN M 140 72.46 -58.51 -27.18
C GLN M 140 72.71 -57.64 -25.94
N LYS M 141 72.27 -56.39 -26.04
CA LYS M 141 72.58 -55.42 -25.00
C LYS M 141 71.73 -55.66 -23.76
N ASP M 142 70.41 -55.56 -23.91
CA ASP M 142 69.50 -55.73 -22.78
C ASP M 142 68.46 -56.82 -23.07
N GLU M 143 68.90 -58.07 -22.94
CA GLU M 143 68.03 -59.16 -23.31
C GLU M 143 68.04 -60.22 -22.23
N LEU M 144 66.86 -60.60 -21.78
CA LEU M 144 66.68 -61.57 -20.72
C LEU M 144 66.32 -62.91 -21.33
N ILE M 145 67.05 -63.94 -20.95
CA ILE M 145 66.86 -65.28 -21.47
C ILE M 145 66.23 -66.13 -20.38
N LEU M 146 65.03 -66.64 -20.64
CA LEU M 146 64.33 -67.52 -19.72
C LEU M 146 64.38 -68.95 -20.26
N GLU M 147 64.79 -69.88 -19.41
CA GLU M 147 64.98 -71.26 -19.80
C GLU M 147 64.16 -72.18 -18.90
N GLY M 148 63.73 -73.30 -19.45
CA GLY M 148 63.00 -74.27 -18.66
C GLY M 148 62.38 -75.32 -19.56
N ASN M 149 61.66 -76.23 -18.91
CA ASN M 149 61.00 -77.35 -19.59
C ASN M 149 59.51 -77.14 -19.76
N ASP M 150 58.81 -76.69 -18.72
CA ASP M 150 57.38 -76.47 -18.80
C ASP M 150 57.10 -75.14 -19.50
N ILE M 151 56.35 -75.20 -20.59
CA ILE M 151 56.02 -73.97 -21.32
C ILE M 151 55.15 -73.07 -20.47
N GLU M 152 54.24 -73.65 -19.69
CA GLU M 152 53.39 -72.86 -18.82
C GLU M 152 54.21 -72.14 -17.75
N LEU M 153 55.18 -72.84 -17.16
CA LEU M 153 56.00 -72.22 -16.13
C LEU M 153 56.93 -71.17 -16.70
N VAL M 154 57.52 -71.43 -17.86
CA VAL M 154 58.45 -70.48 -18.47
C VAL M 154 57.73 -69.20 -18.86
N SER M 155 56.58 -69.33 -19.53
CA SER M 155 55.85 -68.16 -19.99
C SER M 155 55.22 -67.41 -18.82
N ASN M 156 54.79 -68.12 -17.78
CA ASN M 156 54.24 -67.43 -16.61
C ASN M 156 55.30 -66.60 -15.91
N SER M 157 56.53 -67.11 -15.82
CA SER M 157 57.62 -66.32 -15.29
C SER M 157 57.92 -65.12 -16.17
N ALA M 158 57.85 -65.31 -17.49
CA ALA M 158 58.03 -64.20 -18.42
C ALA M 158 56.91 -63.17 -18.26
N ALA M 159 55.68 -63.63 -18.07
CA ALA M 159 54.58 -62.71 -17.83
C ALA M 159 54.75 -61.98 -16.52
N LEU M 160 55.28 -62.66 -15.51
CA LEU M 160 55.49 -62.03 -14.20
C LEU M 160 56.46 -60.88 -14.30
N ILE M 161 57.54 -61.04 -15.05
CA ILE M 161 58.49 -59.95 -15.26
C ILE M 161 57.84 -58.83 -16.06
N GLN M 162 57.12 -59.20 -17.12
CA GLN M 162 56.51 -58.19 -17.98
C GLN M 162 55.44 -57.39 -17.24
N GLN M 163 54.64 -58.05 -16.42
CA GLN M 163 53.65 -57.34 -15.64
C GLN M 163 54.27 -56.55 -14.49
N ALA M 164 55.44 -56.97 -14.01
CA ALA M 164 56.11 -56.23 -12.94
C ALA M 164 56.55 -54.86 -13.42
N THR M 165 57.11 -54.78 -14.62
CA THR M 165 57.55 -53.51 -15.20
C THR M 165 56.40 -52.96 -16.02
N THR M 166 55.51 -52.21 -15.36
CA THR M 166 54.38 -51.58 -16.02
C THR M 166 54.29 -50.14 -15.55
N VAL M 167 53.71 -49.29 -16.40
CA VAL M 167 53.62 -47.87 -16.15
C VAL M 167 52.23 -47.53 -15.64
N LYS M 168 52.16 -46.73 -14.58
CA LYS M 168 50.91 -46.39 -13.94
C LYS M 168 50.69 -44.88 -13.95
N ASN M 169 49.42 -44.49 -14.07
CA ASN M 169 48.99 -43.10 -14.01
C ASN M 169 49.66 -42.24 -15.07
N LYS M 170 49.91 -42.84 -16.24
CA LYS M 170 50.50 -42.12 -17.36
C LYS M 170 49.99 -42.75 -18.64
N ASP M 171 50.27 -42.09 -19.76
CA ASP M 171 49.96 -42.66 -21.06
C ASP M 171 50.76 -43.94 -21.26
N ILE M 172 50.14 -44.91 -21.92
CA ILE M 172 50.76 -46.20 -22.15
C ILE M 172 51.25 -46.24 -23.60
N ARG M 173 50.56 -45.51 -24.47
CA ARG M 173 51.03 -45.39 -25.85
C ARG M 173 52.34 -44.61 -25.92
N LYS M 174 52.47 -43.56 -25.11
CA LYS M 174 53.78 -43.04 -24.76
C LYS M 174 54.28 -43.79 -23.53
N PHE M 175 55.53 -43.54 -23.14
CA PHE M 175 56.15 -44.21 -22.00
C PHE M 175 56.11 -45.72 -22.19
N LEU M 176 56.79 -46.18 -23.24
CA LEU M 176 56.78 -47.58 -23.62
C LEU M 176 57.78 -48.41 -22.82
N ASP M 177 58.33 -47.88 -21.75
CA ASP M 177 59.37 -48.58 -21.00
C ASP M 177 58.81 -49.84 -20.35
N GLY M 178 59.67 -50.83 -20.21
CA GLY M 178 59.30 -52.09 -19.61
C GLY M 178 60.11 -53.21 -20.22
N ILE M 179 59.82 -54.42 -19.74
CA ILE M 179 60.45 -55.63 -20.26
C ILE M 179 59.37 -56.45 -20.95
N TYR M 180 59.52 -56.64 -22.26
CA TYR M 180 58.55 -57.37 -23.07
C TYR M 180 59.23 -58.57 -23.70
N VAL M 181 58.54 -59.71 -23.68
CA VAL M 181 59.06 -60.90 -24.33
C VAL M 181 59.11 -60.68 -25.83
N SER M 182 60.28 -60.87 -26.42
CA SER M 182 60.49 -60.57 -27.84
C SER M 182 60.11 -61.75 -28.71
N GLU M 183 60.76 -62.89 -28.55
CA GLU M 183 60.47 -64.07 -29.32
C GLU M 183 60.40 -65.28 -28.41
N LYS M 184 59.53 -66.22 -28.77
CA LYS M 184 59.34 -67.46 -28.04
C LYS M 184 59.96 -68.58 -28.85
N GLY M 185 61.15 -69.02 -28.43
CA GLY M 185 61.85 -70.06 -29.16
C GLY M 185 62.19 -71.26 -28.31
N THR M 186 63.02 -72.15 -28.83
CA THR M 186 63.42 -73.36 -28.14
C THR M 186 64.93 -73.38 -27.94
N VAL M 187 65.42 -74.46 -27.35
CA VAL M 187 66.84 -74.71 -27.24
C VAL M 187 67.18 -75.95 -28.05
N GLN M 188 68.45 -76.05 -28.43
CA GLN M 188 69.06 -77.17 -29.16
C GLN M 188 68.59 -77.23 -30.62
N GLN M 189 67.59 -76.43 -30.98
CA GLN M 189 67.18 -76.13 -32.35
C GLN M 189 67.11 -77.38 -33.23
N ALA M 190 66.21 -78.29 -32.87
CA ALA M 190 65.99 -79.49 -33.66
C ALA M 190 64.50 -79.69 -33.94
N GLY N 1 7.45 -31.18 -24.77
CA GLY N 1 6.08 -30.74 -25.03
C GLY N 1 5.20 -31.87 -25.53
N ARG N 2 5.78 -33.04 -25.72
CA ARG N 2 5.06 -34.22 -26.20
C ARG N 2 5.26 -35.37 -25.23
N ARG N 3 4.20 -36.15 -25.04
CA ARG N 3 4.26 -37.30 -24.17
C ARG N 3 5.09 -38.42 -24.80
N PRO N 4 5.62 -39.33 -23.99
CA PRO N 4 6.25 -40.52 -24.56
C PRO N 4 5.23 -41.33 -25.35
N ALA N 5 5.71 -41.99 -26.40
CA ALA N 5 4.82 -42.75 -27.27
C ALA N 5 4.17 -43.92 -26.57
N ARG N 6 4.71 -44.35 -25.43
CA ARG N 6 4.12 -45.48 -24.71
C ARG N 6 2.75 -45.16 -24.14
N CYS N 7 2.39 -43.88 -24.05
CA CYS N 7 1.06 -43.52 -23.57
C CYS N 7 0.00 -43.78 -24.62
N TYR N 8 0.36 -43.75 -25.90
CA TYR N 8 -0.57 -43.94 -27.01
C TYR N 8 -0.15 -45.08 -27.91
N ARG N 9 0.45 -46.12 -27.33
CA ARG N 9 0.97 -47.22 -28.14
C ARG N 9 -0.15 -48.11 -28.67
N TYR N 10 -1.11 -48.46 -27.82
CA TYR N 10 -2.10 -49.45 -28.16
C TYR N 10 -3.38 -48.80 -28.70
N CYS N 11 -4.10 -49.55 -29.53
CA CYS N 11 -5.36 -49.10 -30.11
C CYS N 11 -6.49 -49.50 -29.16
N LYS N 12 -6.99 -48.52 -28.40
CA LYS N 12 -8.07 -48.82 -27.47
C LYS N 12 -9.10 -47.70 -27.43
N ASN N 13 -9.26 -46.95 -28.51
CA ASN N 13 -10.06 -45.74 -28.41
C ASN N 13 -10.97 -45.51 -29.61
N LYS N 14 -11.42 -46.57 -30.29
CA LYS N 14 -12.59 -46.50 -31.16
C LYS N 14 -12.50 -45.40 -32.22
N PRO N 15 -11.79 -45.64 -33.35
CA PRO N 15 -11.16 -44.55 -34.13
C PRO N 15 -11.89 -43.22 -34.18
N TYR N 16 -11.15 -42.16 -33.83
CA TYR N 16 -11.69 -40.83 -33.57
C TYR N 16 -10.98 -39.88 -34.52
N PRO N 17 -11.45 -39.77 -35.76
CA PRO N 17 -10.73 -39.03 -36.78
C PRO N 17 -11.08 -37.54 -36.78
N LYS N 18 -10.31 -36.79 -37.56
CA LYS N 18 -10.62 -35.38 -37.80
C LYS N 18 -11.87 -35.30 -38.67
N SER N 19 -12.87 -34.59 -38.20
CA SER N 19 -14.15 -34.50 -38.88
C SER N 19 -14.84 -33.23 -38.44
N ARG N 20 -16.14 -33.11 -38.76
CA ARG N 20 -16.90 -31.95 -38.33
C ARG N 20 -17.21 -31.97 -36.84
N PHE N 21 -16.98 -33.09 -36.16
CA PHE N 21 -17.15 -33.17 -34.71
C PHE N 21 -15.83 -32.91 -33.99
N CYS N 22 -14.77 -33.61 -34.38
CA CYS N 22 -13.44 -33.40 -33.80
C CYS N 22 -12.78 -32.26 -34.56
N ARG N 23 -12.69 -31.10 -33.92
CA ARG N 23 -12.12 -29.92 -34.53
C ARG N 23 -10.96 -29.41 -33.67
N GLY N 24 -10.13 -28.58 -34.28
CA GLY N 24 -8.95 -28.08 -33.62
C GLY N 24 -7.76 -29.00 -33.65
N VAL N 25 -7.74 -29.96 -34.56
CA VAL N 25 -6.62 -30.91 -34.63
C VAL N 25 -5.40 -30.20 -35.21
N PRO N 26 -4.25 -30.25 -34.55
CA PRO N 26 -3.02 -29.76 -35.18
C PRO N 26 -2.64 -30.63 -36.36
N ASP N 27 -1.98 -30.01 -37.33
CA ASP N 27 -1.59 -30.72 -38.55
C ASP N 27 -0.59 -31.82 -38.23
N ALA N 28 -0.71 -32.94 -38.94
CA ALA N 28 0.17 -34.07 -38.71
C ALA N 28 1.60 -33.73 -39.10
N LYS N 29 2.54 -34.42 -38.46
CA LYS N 29 3.95 -34.14 -38.69
C LYS N 29 4.46 -34.68 -40.01
N ILE N 30 3.74 -35.61 -40.64
CA ILE N 30 4.13 -36.17 -41.93
C ILE N 30 3.20 -35.60 -42.99
N ARG N 31 3.80 -35.00 -44.02
CA ARG N 31 3.07 -34.43 -45.13
C ARG N 31 3.44 -35.04 -46.47
N ILE N 32 4.71 -35.38 -46.66
CA ILE N 32 5.17 -35.98 -47.91
C ILE N 32 5.12 -37.49 -47.75
N PHE N 33 4.37 -38.16 -48.60
CA PHE N 33 4.18 -39.59 -48.51
C PHE N 33 4.89 -40.38 -49.61
N ASP N 34 5.21 -39.74 -50.73
CA ASP N 34 5.94 -40.37 -51.82
C ASP N 34 7.24 -39.63 -52.04
N LEU N 35 8.33 -40.40 -52.19
CA LEU N 35 9.66 -39.84 -52.33
C LEU N 35 10.42 -40.58 -53.41
N GLY N 36 11.54 -39.98 -53.83
CA GLY N 36 12.35 -40.58 -54.86
C GLY N 36 11.80 -40.25 -56.25
N ARG N 37 11.89 -41.24 -57.14
CA ARG N 37 11.40 -41.09 -58.50
C ARG N 37 9.96 -41.56 -58.55
N LYS N 38 9.04 -40.60 -58.42
CA LYS N 38 7.62 -40.89 -58.54
C LYS N 38 7.15 -40.97 -59.97
N LYS N 39 8.07 -40.97 -60.94
CA LYS N 39 7.72 -40.94 -62.35
C LYS N 39 8.22 -42.14 -63.13
N ALA N 40 9.00 -43.03 -62.52
CA ALA N 40 9.39 -44.28 -63.18
C ALA N 40 8.15 -45.10 -63.47
N LYS N 41 8.05 -45.63 -64.69
CA LYS N 41 6.72 -46.03 -65.13
C LYS N 41 6.24 -47.33 -64.52
N VAL N 42 6.72 -48.49 -64.98
CA VAL N 42 6.47 -49.72 -64.25
C VAL N 42 7.74 -50.56 -64.27
N ASP N 43 8.62 -50.28 -65.23
CA ASP N 43 9.65 -51.22 -65.62
C ASP N 43 11.05 -50.80 -65.19
N GLU N 44 11.23 -49.55 -64.77
CA GLU N 44 12.52 -49.14 -64.25
C GLU N 44 12.75 -49.69 -62.85
N PHE N 45 11.69 -49.86 -62.06
CA PHE N 45 11.78 -50.35 -60.69
C PHE N 45 10.93 -51.60 -60.56
N PRO N 46 11.47 -52.78 -60.87
CA PRO N 46 10.69 -54.02 -60.81
C PRO N 46 10.77 -54.78 -59.48
N LEU N 47 11.41 -54.24 -58.46
CA LEU N 47 11.57 -54.93 -57.18
C LEU N 47 10.87 -54.13 -56.10
N GLY N 48 9.90 -54.76 -55.44
CA GLY N 48 9.15 -54.08 -54.39
C GLY N 48 9.40 -54.65 -53.01
N GLY N 49 9.96 -53.84 -52.12
CA GLY N 49 10.24 -54.25 -50.75
C GLY N 49 9.25 -53.60 -49.80
N HIS N 50 8.82 -54.37 -48.81
CA HIS N 50 7.80 -53.93 -47.86
C HIS N 50 8.31 -54.07 -46.44
N MET N 51 7.79 -53.24 -45.55
CA MET N 51 7.97 -53.41 -44.11
C MET N 51 6.60 -53.66 -43.51
N VAL N 52 6.35 -54.90 -43.10
CA VAL N 52 5.10 -55.27 -42.47
C VAL N 52 5.30 -55.24 -40.96
N SER N 53 4.20 -55.13 -40.23
CA SER N 53 4.24 -54.91 -38.79
C SER N 53 3.50 -56.04 -38.08
N ASP N 54 4.25 -56.87 -37.35
CA ASP N 54 3.66 -57.97 -36.58
C ASP N 54 3.24 -57.48 -35.20
N GLU N 55 2.47 -56.39 -35.17
CA GLU N 55 1.91 -55.84 -33.94
C GLU N 55 0.69 -55.02 -34.29
N TYR N 56 -0.36 -55.15 -33.49
CA TYR N 56 -1.56 -54.32 -33.64
C TYR N 56 -1.38 -53.12 -32.72
N GLU N 57 -0.97 -51.99 -33.29
CA GLU N 57 -0.58 -50.83 -32.50
C GLU N 57 -0.80 -49.57 -33.33
N GLN N 58 -0.73 -48.43 -32.64
CA GLN N 58 -0.79 -47.12 -33.28
C GLN N 58 0.64 -46.61 -33.49
N LEU N 59 0.92 -46.14 -34.69
CA LEU N 59 2.19 -45.49 -35.01
C LEU N 59 1.96 -43.99 -35.10
N SER N 60 2.72 -43.23 -34.32
CA SER N 60 2.56 -41.79 -34.33
C SER N 60 3.00 -41.21 -35.67
N SER N 61 2.41 -40.07 -36.02
CA SER N 61 2.77 -39.41 -37.27
C SER N 61 4.23 -39.00 -37.28
N GLU N 62 4.75 -38.58 -36.13
CA GLU N 62 6.15 -38.21 -36.03
C GLU N 62 7.06 -39.41 -36.28
N ALA N 63 6.69 -40.59 -35.78
CA ALA N 63 7.46 -41.79 -36.05
C ALA N 63 7.45 -42.13 -37.53
N LEU N 64 6.31 -41.95 -38.20
CA LEU N 64 6.24 -42.20 -39.63
C LEU N 64 7.12 -41.22 -40.39
N GLU N 65 7.14 -39.96 -39.97
CA GLU N 65 8.00 -38.98 -40.62
C GLU N 65 9.47 -39.28 -40.36
N ALA N 66 9.82 -39.64 -39.12
CA ALA N 66 11.21 -39.93 -38.80
C ALA N 66 11.72 -41.14 -39.55
N ALA N 67 10.91 -42.20 -39.62
CA ALA N 67 11.31 -43.39 -40.37
C ALA N 67 11.40 -43.09 -41.86
N ARG N 68 10.53 -42.21 -42.35
CA ARG N 68 10.59 -41.81 -43.75
C ARG N 68 11.89 -41.07 -44.06
N ILE N 69 12.32 -40.18 -43.16
CA ILE N 69 13.56 -39.44 -43.37
C ILE N 69 14.75 -40.39 -43.35
N CYS N 70 14.75 -41.34 -42.42
CA CYS N 70 15.89 -42.23 -42.26
C CYS N 70 16.05 -43.13 -43.48
N ALA N 71 14.94 -43.68 -43.98
CA ALA N 71 15.02 -44.54 -45.16
C ALA N 71 15.38 -43.75 -46.40
N ASN N 72 14.84 -42.54 -46.54
CA ASN N 72 15.10 -41.73 -47.73
C ASN N 72 16.56 -41.32 -47.80
N LYS N 73 17.15 -40.96 -46.66
CA LYS N 73 18.55 -40.52 -46.66
C LYS N 73 19.49 -41.67 -47.02
N TYR N 74 19.20 -42.88 -46.55
CA TYR N 74 20.04 -44.02 -46.89
C TYR N 74 19.84 -44.43 -48.34
N MET N 75 18.58 -44.45 -48.81
CA MET N 75 18.31 -44.81 -50.19
C MET N 75 18.98 -43.84 -51.16
N VAL N 76 18.96 -42.55 -50.83
CA VAL N 76 19.65 -41.56 -51.64
C VAL N 76 21.15 -41.83 -51.62
N LYS N 77 21.70 -42.11 -50.43
CA LYS N 77 23.14 -42.33 -50.30
C LYS N 77 23.57 -43.60 -51.04
N SER N 78 22.78 -44.67 -50.93
CA SER N 78 23.17 -45.96 -51.48
C SER N 78 22.89 -46.07 -52.98
N CYS N 79 21.63 -45.89 -53.38
CA CYS N 79 21.21 -46.14 -54.74
C CYS N 79 21.07 -44.86 -55.57
N GLY N 80 21.42 -43.71 -55.03
CA GLY N 80 21.26 -42.46 -55.74
C GLY N 80 19.89 -41.85 -55.54
N ARG N 81 19.81 -40.55 -55.79
CA ARG N 81 18.56 -39.82 -55.56
C ARG N 81 17.49 -40.16 -56.59
N ASP N 82 17.85 -40.80 -57.70
CA ASP N 82 16.90 -41.10 -58.77
C ASP N 82 16.87 -42.59 -59.09
N GLY N 83 17.19 -43.45 -58.13
CA GLY N 83 17.20 -44.87 -58.38
C GLY N 83 16.24 -45.64 -57.49
N PHE N 84 15.25 -44.96 -56.93
CA PHE N 84 14.30 -45.59 -56.03
C PHE N 84 13.03 -44.76 -55.96
N HIS N 85 11.96 -45.41 -55.50
CA HIS N 85 10.71 -44.74 -55.21
C HIS N 85 10.19 -45.28 -53.90
N MET N 86 9.82 -44.38 -52.98
CA MET N 86 9.33 -44.76 -51.67
C MET N 86 7.90 -44.25 -51.50
N ARG N 87 7.12 -45.00 -50.73
CA ARG N 87 5.73 -44.63 -50.47
C ARG N 87 5.33 -45.22 -49.12
N VAL N 88 5.20 -44.37 -48.11
CA VAL N 88 4.67 -44.84 -46.83
C VAL N 88 3.16 -45.04 -46.99
N ARG N 89 2.67 -46.15 -46.44
CA ARG N 89 1.30 -46.59 -46.65
C ARG N 89 0.46 -46.47 -45.38
N LEU N 90 0.73 -45.46 -44.59
CA LEU N 90 -0.02 -45.22 -43.35
C LEU N 90 -0.26 -43.73 -43.21
N HIS N 91 -1.52 -43.33 -43.17
CA HIS N 91 -1.86 -41.94 -42.98
C HIS N 91 -2.43 -41.75 -41.58
N PRO N 92 -1.92 -40.80 -40.81
CA PRO N 92 -2.36 -40.66 -39.42
C PRO N 92 -3.75 -40.05 -39.31
N PHE N 93 -4.78 -40.90 -39.44
CA PHE N 93 -6.16 -40.46 -39.42
C PHE N 93 -6.83 -40.64 -38.06
N HIS N 94 -6.12 -41.15 -37.07
CA HIS N 94 -6.64 -41.26 -35.72
C HIS N 94 -6.06 -40.15 -34.86
N VAL N 95 -6.90 -39.52 -34.06
CA VAL N 95 -6.52 -38.36 -33.27
C VAL N 95 -6.46 -38.79 -31.80
N ILE N 96 -5.32 -38.56 -31.18
CA ILE N 96 -5.14 -38.81 -29.76
C ILE N 96 -5.47 -37.53 -29.00
N ARG N 97 -5.94 -37.69 -27.77
CA ARG N 97 -6.36 -36.56 -26.95
C ARG N 97 -5.58 -36.53 -25.65
N ILE N 98 -5.38 -35.33 -25.11
CA ILE N 98 -4.67 -35.14 -23.85
C ILE N 98 -5.55 -34.32 -22.92
N ASN N 99 -5.63 -34.75 -21.66
CA ASN N 99 -6.35 -34.01 -20.63
C ASN N 99 -5.31 -33.20 -19.86
N LYS N 100 -5.08 -31.97 -20.32
CA LYS N 100 -4.04 -31.14 -19.75
C LYS N 100 -4.37 -30.74 -18.32
N MET N 101 -3.32 -30.64 -17.50
CA MET N 101 -3.48 -30.28 -16.09
C MET N 101 -2.89 -28.90 -15.82
N GLY N 113 -9.99 -31.61 -10.81
CA GLY N 113 -9.38 -32.93 -10.85
C GLY N 113 -9.70 -33.70 -12.11
N MET N 114 -10.40 -34.82 -11.95
CA MET N 114 -10.83 -35.64 -13.08
C MET N 114 -12.19 -35.21 -13.63
N ARG N 115 -12.77 -34.14 -13.11
CA ARG N 115 -14.05 -33.65 -13.60
C ARG N 115 -13.88 -33.07 -15.00
N GLY N 116 -14.76 -33.45 -15.92
CA GLY N 116 -14.66 -32.99 -17.29
C GLY N 116 -13.38 -33.46 -17.94
N ALA N 117 -13.06 -34.74 -17.76
CA ALA N 117 -11.75 -35.26 -18.11
C ALA N 117 -11.51 -35.37 -19.61
N PHE N 118 -12.56 -35.23 -20.44
CA PHE N 118 -12.38 -35.40 -21.87
C PHE N 118 -11.40 -34.37 -22.42
N GLY N 119 -10.35 -34.87 -23.06
CA GLY N 119 -9.24 -34.03 -23.45
C GLY N 119 -9.33 -33.49 -24.86
N LYS N 120 -8.55 -32.47 -25.12
CA LYS N 120 -8.41 -31.82 -26.41
C LYS N 120 -7.42 -32.58 -27.28
N PRO N 121 -7.56 -32.49 -28.60
CA PRO N 121 -6.63 -33.18 -29.49
C PRO N 121 -5.20 -32.65 -29.35
N GLN N 122 -4.23 -33.56 -29.49
CA GLN N 122 -2.83 -33.18 -29.40
C GLN N 122 -1.95 -33.78 -30.48
N GLY N 123 -2.45 -34.70 -31.30
CA GLY N 123 -1.63 -35.29 -32.34
C GLY N 123 -2.44 -36.27 -33.14
N THR N 124 -1.77 -36.91 -34.09
CA THR N 124 -2.40 -37.88 -34.96
C THR N 124 -1.53 -39.12 -35.05
N VAL N 125 -2.17 -40.29 -35.01
CA VAL N 125 -1.49 -41.57 -35.11
C VAL N 125 -2.16 -42.42 -36.17
N ALA N 126 -1.45 -43.44 -36.63
CA ALA N 126 -1.96 -44.37 -37.63
C ALA N 126 -2.09 -45.74 -37.00
N ARG N 127 -3.29 -46.33 -37.08
CA ARG N 127 -3.54 -47.64 -36.51
C ARG N 127 -3.13 -48.72 -37.50
N VAL N 128 -2.34 -49.69 -37.03
CA VAL N 128 -1.73 -50.70 -37.88
C VAL N 128 -2.16 -52.09 -37.39
N HIS N 129 -2.40 -52.98 -38.33
CA HIS N 129 -2.82 -54.35 -38.03
C HIS N 129 -1.67 -55.32 -38.23
N ILE N 130 -1.94 -56.59 -37.88
CA ILE N 130 -0.88 -57.60 -37.88
C ILE N 130 -0.36 -57.85 -39.29
N GLY N 131 -1.24 -57.92 -40.27
CA GLY N 131 -0.78 -57.97 -41.64
C GLY N 131 -1.02 -56.64 -42.32
N GLN N 132 0.01 -55.82 -42.43
CA GLN N 132 -0.15 -54.46 -42.95
C GLN N 132 1.19 -53.85 -43.30
N VAL N 133 1.29 -53.26 -44.49
CA VAL N 133 2.53 -52.68 -44.98
C VAL N 133 2.64 -51.25 -44.46
N ILE N 134 3.75 -50.94 -43.80
CA ILE N 134 4.02 -49.58 -43.34
C ILE N 134 4.64 -48.74 -44.44
N MET N 135 5.75 -49.20 -45.00
CA MET N 135 6.45 -48.49 -46.06
C MET N 135 6.74 -49.45 -47.20
N SER N 136 6.78 -48.90 -48.40
CA SER N 136 7.09 -49.68 -49.60
C SER N 136 8.14 -48.93 -50.42
N ILE N 137 9.17 -49.64 -50.85
CA ILE N 137 10.22 -49.06 -51.67
C ILE N 137 10.35 -49.93 -52.92
N ARG N 138 10.26 -49.32 -54.09
CA ARG N 138 10.49 -50.00 -55.35
C ARG N 138 11.75 -49.43 -55.99
N THR N 139 12.61 -50.31 -56.49
CA THR N 139 13.89 -49.91 -57.07
C THR N 139 14.32 -50.99 -58.05
N LYS N 140 15.57 -50.91 -58.50
CA LYS N 140 16.10 -51.87 -59.44
C LYS N 140 16.20 -53.25 -58.80
N LEU N 141 16.46 -54.25 -59.63
CA LEU N 141 16.60 -55.61 -59.12
C LEU N 141 17.90 -55.77 -58.34
N GLN N 142 18.96 -55.07 -58.74
CA GLN N 142 20.27 -55.22 -58.13
C GLN N 142 20.41 -54.47 -56.81
N ASN N 143 19.34 -53.85 -56.31
CA ASN N 143 19.38 -53.10 -55.06
C ASN N 143 18.63 -53.80 -53.94
N GLU N 144 18.48 -55.13 -54.01
CA GLU N 144 17.75 -55.86 -52.98
C GLU N 144 18.43 -55.75 -51.62
N GLU N 145 19.76 -55.78 -51.61
CA GLU N 145 20.50 -55.66 -50.37
C GLU N 145 20.34 -54.27 -49.76
N HIS N 146 20.29 -53.24 -50.60
CA HIS N 146 20.17 -51.88 -50.10
C HIS N 146 18.77 -51.61 -49.56
N VAL N 147 17.73 -52.11 -50.23
CA VAL N 147 16.37 -51.84 -49.78
C VAL N 147 16.08 -52.57 -48.47
N ILE N 148 16.67 -53.76 -48.29
CA ILE N 148 16.49 -54.49 -47.04
C ILE N 148 17.14 -53.73 -45.89
N GLU N 149 18.34 -53.20 -46.11
CA GLU N 149 19.02 -52.45 -45.06
C GLU N 149 18.28 -51.15 -44.73
N ALA N 150 17.81 -50.43 -45.76
CA ALA N 150 17.12 -49.16 -45.53
C ALA N 150 15.85 -49.37 -44.72
N LEU N 151 15.10 -50.44 -45.02
CA LEU N 151 13.94 -50.77 -44.20
C LEU N 151 14.37 -51.20 -42.80
N ARG N 152 15.53 -51.86 -42.69
CA ARG N 152 16.01 -52.25 -41.36
C ARG N 152 16.38 -51.04 -40.53
N ARG N 153 16.98 -50.02 -41.15
CA ARG N 153 17.29 -48.79 -40.43
C ARG N 153 16.01 -48.06 -40.02
N ALA N 154 15.01 -48.04 -40.89
CA ALA N 154 13.76 -47.37 -40.59
C ALA N 154 12.97 -48.09 -39.50
N LYS N 155 13.21 -49.38 -39.32
CA LYS N 155 12.49 -50.16 -38.32
C LYS N 155 12.76 -49.65 -36.91
N PHE N 156 13.93 -49.04 -36.68
CA PHE N 156 14.32 -48.63 -35.34
C PHE N 156 13.55 -47.43 -34.84
N LYS N 157 12.77 -46.76 -35.68
CA LYS N 157 11.99 -45.60 -35.28
C LYS N 157 10.55 -45.96 -34.92
N PHE N 158 10.27 -47.25 -34.74
CA PHE N 158 8.92 -47.71 -34.48
C PHE N 158 8.87 -48.53 -33.20
N PRO N 159 7.75 -48.48 -32.47
CA PRO N 159 7.68 -49.16 -31.17
C PRO N 159 7.74 -50.68 -31.25
N GLY N 160 6.85 -51.29 -32.04
CA GLY N 160 6.66 -52.73 -32.02
C GLY N 160 7.70 -53.50 -32.81
N ARG N 161 7.28 -54.67 -33.30
CA ARG N 161 8.13 -55.54 -34.09
C ARG N 161 7.68 -55.50 -35.55
N GLN N 162 8.64 -55.33 -36.45
CA GLN N 162 8.37 -55.23 -37.88
C GLN N 162 9.20 -56.25 -38.64
N LYS N 163 8.67 -56.69 -39.78
CA LYS N 163 9.35 -57.63 -40.64
C LYS N 163 9.64 -56.99 -41.99
N ILE N 164 10.73 -57.40 -42.61
CA ILE N 164 11.12 -56.93 -43.93
C ILE N 164 10.80 -58.03 -44.94
N HIS N 165 10.00 -57.70 -45.94
CA HIS N 165 9.51 -58.68 -46.90
C HIS N 165 9.78 -58.19 -48.31
N ILE N 166 10.27 -59.09 -49.16
CA ILE N 166 10.46 -58.82 -50.58
C ILE N 166 9.28 -59.44 -51.30
N SER N 167 8.32 -58.60 -51.68
CA SER N 167 7.10 -59.09 -52.31
C SER N 167 7.37 -59.56 -53.73
N LYS N 168 6.57 -60.50 -54.19
CA LYS N 168 6.68 -61.01 -55.54
C LYS N 168 5.90 -60.17 -56.56
N LYS N 169 5.18 -59.15 -56.11
CA LYS N 169 4.50 -58.27 -57.03
C LYS N 169 5.51 -57.39 -57.76
N TRP N 170 5.23 -57.11 -59.03
CA TRP N 170 6.11 -56.27 -59.83
C TRP N 170 5.92 -54.82 -59.41
N GLY N 171 6.93 -54.27 -58.73
CA GLY N 171 6.84 -52.88 -58.31
C GLY N 171 5.70 -52.67 -57.33
N PHE N 172 4.93 -51.62 -57.57
CA PHE N 172 3.81 -51.26 -56.71
C PHE N 172 2.48 -51.77 -57.24
N THR N 173 2.50 -52.61 -58.27
CA THR N 173 1.28 -53.18 -58.81
C THR N 173 0.81 -54.34 -57.93
N LYS N 174 -0.31 -54.95 -58.32
CA LYS N 174 -0.86 -56.09 -57.60
C LYS N 174 -0.67 -57.39 -58.38
N PHE N 175 0.22 -57.41 -59.35
CA PHE N 175 0.45 -58.57 -60.20
C PHE N 175 1.85 -59.10 -59.98
N ASN N 176 1.95 -60.44 -59.90
CA ASN N 176 3.22 -61.09 -59.59
C ASN N 176 4.23 -60.86 -60.69
N ALA N 177 5.51 -60.80 -60.30
CA ALA N 177 6.57 -60.43 -61.23
C ALA N 177 6.79 -61.48 -62.32
N ASP N 178 6.59 -62.77 -61.99
CA ASP N 178 6.86 -63.82 -62.95
C ASP N 178 5.92 -63.73 -64.15
N GLU N 179 4.63 -63.52 -63.90
CA GLU N 179 3.64 -63.46 -64.96
C GLU N 179 3.32 -62.03 -65.40
N PHE N 180 3.99 -61.02 -64.82
CA PHE N 180 3.70 -59.64 -65.20
C PHE N 180 4.13 -59.36 -66.64
N GLU N 181 5.31 -59.83 -67.03
CA GLU N 181 5.89 -59.40 -68.29
C GLU N 181 5.09 -59.91 -69.48
N ASP N 182 4.78 -61.21 -69.49
CA ASP N 182 4.00 -61.76 -70.59
C ASP N 182 2.57 -61.23 -70.58
N MET N 183 2.05 -60.87 -69.39
CA MET N 183 0.73 -60.25 -69.33
C MET N 183 0.72 -58.91 -70.04
N VAL N 184 1.79 -58.14 -69.89
CA VAL N 184 1.94 -56.90 -70.65
C VAL N 184 2.09 -57.23 -72.13
N ALA N 185 2.80 -58.30 -72.45
CA ALA N 185 3.00 -58.69 -73.84
C ALA N 185 1.67 -59.06 -74.51
N LYS N 186 0.82 -59.82 -73.81
CA LYS N 186 -0.49 -60.15 -74.35
C LYS N 186 -1.53 -59.06 -74.07
N LYS N 187 -1.08 -57.89 -73.62
CA LYS N 187 -1.87 -56.66 -73.63
C LYS N 187 -3.10 -56.75 -72.73
N CYS N 188 -2.92 -57.29 -71.52
CA CYS N 188 -3.90 -57.14 -70.45
C CYS N 188 -3.52 -56.07 -69.44
N LEU N 189 -2.36 -55.42 -69.63
CA LEU N 189 -1.92 -54.35 -68.75
C LEU N 189 -1.35 -53.23 -69.60
N ILE N 190 -1.79 -52.00 -69.36
CA ILE N 190 -1.31 -50.82 -70.07
C ILE N 190 -0.46 -50.02 -69.08
N PRO N 191 0.82 -49.79 -69.36
CA PRO N 191 1.65 -49.01 -68.43
C PRO N 191 1.29 -47.54 -68.49
N ASP N 192 0.94 -46.98 -67.33
CA ASP N 192 0.67 -45.55 -67.21
C ASP N 192 0.98 -45.12 -65.78
N GLY N 193 1.63 -43.96 -65.66
CA GLY N 193 2.00 -43.51 -64.33
C GLY N 193 2.98 -44.46 -63.68
N CYS N 194 2.90 -44.53 -62.35
CA CYS N 194 3.74 -45.46 -61.59
C CYS N 194 3.17 -46.87 -61.54
N GLY N 195 1.99 -47.09 -62.11
CA GLY N 195 1.37 -48.41 -62.08
C GLY N 195 0.91 -48.88 -63.44
N VAL N 196 -0.05 -49.82 -63.47
CA VAL N 196 -0.57 -50.36 -64.71
C VAL N 196 -2.08 -50.24 -64.70
N LYS N 197 -2.66 -50.26 -65.90
CA LYS N 197 -4.10 -50.21 -66.09
C LYS N 197 -4.55 -51.57 -66.61
N TYR N 198 -5.19 -52.35 -65.74
CA TYR N 198 -5.71 -53.65 -66.14
C TYR N 198 -6.81 -53.49 -67.17
N VAL N 199 -6.75 -54.29 -68.22
CA VAL N 199 -7.71 -54.25 -69.32
C VAL N 199 -8.49 -55.55 -69.35
N PRO N 200 -9.70 -55.57 -68.81
CA PRO N 200 -10.52 -56.77 -68.88
C PRO N 200 -11.07 -56.96 -70.29
N SER N 201 -11.40 -58.20 -70.61
CA SER N 201 -11.97 -58.52 -71.92
C SER N 201 -13.50 -58.52 -71.86
N HIS N 202 -14.09 -57.47 -71.30
CA HIS N 202 -15.55 -57.34 -71.34
C HIS N 202 -16.00 -55.90 -71.55
N GLY N 203 -15.19 -55.09 -72.22
CA GLY N 203 -15.59 -53.74 -72.55
C GLY N 203 -16.25 -53.66 -73.90
N PRO N 204 -16.44 -52.45 -74.43
CA PRO N 204 -16.85 -52.32 -75.82
C PRO N 204 -15.73 -52.74 -76.76
N LEU N 205 -16.12 -53.20 -77.96
CA LEU N 205 -15.12 -53.62 -78.93
C LEU N 205 -14.32 -52.47 -79.49
N ASP N 206 -14.83 -51.23 -79.38
CA ASP N 206 -14.08 -50.08 -79.85
C ASP N 206 -12.78 -49.91 -79.09
N LYS N 207 -12.81 -50.13 -77.78
CA LYS N 207 -11.59 -50.04 -76.99
C LYS N 207 -10.61 -51.14 -77.36
N TRP N 208 -11.12 -52.33 -77.71
CA TRP N 208 -10.24 -53.41 -78.11
C TRP N 208 -9.60 -53.14 -79.46
N ARG N 209 -10.35 -52.51 -80.37
CA ARG N 209 -9.82 -52.27 -81.70
C ARG N 209 -9.01 -50.99 -81.81
N VAL N 210 -9.18 -50.04 -80.89
CA VAL N 210 -8.20 -48.96 -80.81
C VAL N 210 -6.95 -49.45 -80.08
N LEU N 211 -7.08 -50.50 -79.28
CA LEU N 211 -5.94 -51.30 -78.90
C LEU N 211 -5.56 -52.20 -80.09
N HIS N 212 -4.40 -52.83 -80.02
CA HIS N 212 -3.87 -53.65 -81.11
C HIS N 212 -3.77 -52.83 -82.40
N SER N 213 -3.36 -51.58 -82.25
CA SER N 213 -3.29 -50.64 -83.36
C SER N 213 -2.31 -49.52 -83.03
N GLN O 1 -33.45 -38.31 -104.61
CA GLN O 1 -34.74 -38.50 -105.27
C GLN O 1 -35.63 -39.37 -104.39
N ASP O 2 -36.00 -40.56 -104.88
CA ASP O 2 -36.92 -41.41 -104.13
C ASP O 2 -36.26 -42.00 -102.89
N GLN O 3 -34.93 -42.08 -102.88
CA GLN O 3 -34.21 -42.61 -101.72
C GLN O 3 -34.39 -41.70 -100.50
N GLY O 4 -34.37 -40.39 -100.71
CA GLY O 4 -34.54 -39.46 -99.61
C GLY O 4 -35.96 -38.96 -99.44
N GLU O 5 -36.82 -39.19 -100.42
CA GLU O 5 -38.20 -38.70 -100.38
C GLU O 5 -39.16 -39.75 -99.80
N LYS O 6 -38.83 -40.25 -98.62
CA LYS O 6 -39.70 -41.18 -97.90
C LYS O 6 -39.96 -40.75 -96.47
N GLU O 7 -38.96 -40.18 -95.80
CA GLU O 7 -39.06 -39.78 -94.40
C GLU O 7 -39.07 -38.27 -94.22
N ASN O 8 -38.99 -37.51 -95.31
CA ASN O 8 -38.87 -36.05 -95.22
C ASN O 8 -40.01 -35.34 -94.50
N PRO O 9 -41.30 -35.64 -94.75
CA PRO O 9 -42.36 -34.72 -94.29
C PRO O 9 -42.43 -34.52 -92.78
N MET O 10 -41.84 -35.41 -91.98
CA MET O 10 -41.86 -35.26 -90.53
C MET O 10 -40.52 -34.94 -89.92
N ARG O 11 -39.43 -35.12 -90.66
CA ARG O 11 -38.14 -34.61 -90.23
C ARG O 11 -37.96 -33.16 -90.64
N GLU O 12 -38.99 -32.54 -91.19
CA GLU O 12 -38.95 -31.15 -91.62
C GLU O 12 -38.80 -30.26 -90.39
N LEU O 13 -38.00 -29.22 -90.54
CA LEU O 13 -37.61 -28.35 -89.44
C LEU O 13 -38.46 -27.10 -89.47
N ARG O 14 -39.38 -26.97 -88.51
CA ARG O 14 -40.25 -25.81 -88.41
C ARG O 14 -39.74 -24.89 -87.30
N ILE O 15 -40.48 -23.80 -87.07
CA ILE O 15 -40.08 -22.79 -86.10
C ILE O 15 -41.14 -22.75 -84.99
N ARG O 16 -40.70 -23.01 -83.77
CA ARG O 16 -41.54 -22.95 -82.58
C ARG O 16 -41.55 -21.51 -82.05
N LYS O 17 -41.95 -21.34 -80.78
CA LYS O 17 -42.06 -20.04 -80.13
C LYS O 17 -40.88 -19.12 -80.42
N LEU O 18 -41.17 -17.83 -80.53
CA LEU O 18 -40.17 -16.83 -80.86
C LEU O 18 -39.44 -16.27 -79.63
N CYS O 19 -40.13 -16.18 -78.49
CA CYS O 19 -39.50 -15.94 -77.19
C CYS O 19 -38.64 -14.69 -77.18
N LEU O 20 -39.28 -13.55 -77.38
CA LEU O 20 -38.62 -12.26 -77.36
C LEU O 20 -38.85 -11.58 -76.01
N ASN O 21 -37.78 -10.98 -75.48
CA ASN O 21 -37.83 -10.37 -74.16
C ASN O 21 -37.03 -9.07 -74.18
N ILE O 22 -37.39 -8.16 -73.30
CA ILE O 22 -36.60 -6.95 -73.04
C ILE O 22 -36.46 -6.80 -71.53
N CYS O 23 -35.24 -6.50 -71.09
CA CYS O 23 -34.91 -6.49 -69.67
C CYS O 23 -34.33 -5.13 -69.31
N VAL O 24 -35.06 -4.37 -68.51
CA VAL O 24 -34.59 -3.11 -67.98
C VAL O 24 -34.25 -3.31 -66.50
N GLY O 25 -33.41 -2.42 -65.98
CA GLY O 25 -32.86 -2.59 -64.66
C GLY O 25 -33.71 -2.14 -63.50
N GLU O 26 -34.92 -1.63 -63.76
CA GLU O 26 -35.75 -1.14 -62.67
C GLU O 26 -37.21 -1.20 -63.10
N SER O 27 -38.09 -1.17 -62.11
CA SER O 27 -39.52 -1.13 -62.35
C SER O 27 -39.98 0.31 -62.55
N GLY O 28 -41.29 0.48 -62.71
CA GLY O 28 -41.85 1.81 -62.80
C GLY O 28 -42.46 2.13 -64.15
N ASP O 29 -42.56 3.43 -64.46
CA ASP O 29 -43.18 3.85 -65.70
C ASP O 29 -42.35 3.42 -66.91
N ARG O 30 -41.02 3.46 -66.79
CA ARG O 30 -40.15 3.11 -67.90
C ARG O 30 -40.21 1.64 -68.25
N LEU O 31 -40.78 0.81 -67.37
CA LEU O 31 -41.01 -0.59 -67.69
C LEU O 31 -42.41 -0.81 -68.28
N THR O 32 -43.39 -0.01 -67.87
CA THR O 32 -44.73 -0.14 -68.42
C THR O 32 -44.75 0.17 -69.92
N ARG O 33 -44.03 1.23 -70.33
CA ARG O 33 -43.93 1.52 -71.76
C ARG O 33 -43.06 0.50 -72.48
N ALA O 34 -42.15 -0.16 -71.74
CA ALA O 34 -41.45 -1.29 -72.32
C ALA O 34 -42.41 -2.44 -72.62
N ALA O 35 -43.37 -2.68 -71.73
CA ALA O 35 -44.42 -3.64 -72.03
C ALA O 35 -45.29 -3.16 -73.18
N LYS O 36 -45.54 -1.84 -73.26
CA LYS O 36 -46.39 -1.30 -74.30
C LYS O 36 -45.77 -1.48 -75.68
N VAL O 37 -44.48 -1.19 -75.82
CA VAL O 37 -43.83 -1.34 -77.13
C VAL O 37 -43.76 -2.81 -77.52
N LEU O 38 -43.56 -3.70 -76.54
CA LEU O 38 -43.63 -5.13 -76.82
C LEU O 38 -45.03 -5.55 -77.25
N GLU O 39 -46.05 -4.99 -76.61
CA GLU O 39 -47.42 -5.24 -77.03
C GLU O 39 -47.66 -4.71 -78.44
N GLN O 40 -47.17 -3.51 -78.73
CA GLN O 40 -47.36 -2.93 -80.05
C GLN O 40 -46.66 -3.76 -81.13
N LEU O 41 -45.54 -4.39 -80.78
CA LEU O 41 -44.79 -5.17 -81.75
C LEU O 41 -45.51 -6.47 -82.08
N THR O 42 -46.04 -7.15 -81.06
CA THR O 42 -46.64 -8.47 -81.25
C THR O 42 -48.17 -8.44 -81.27
N GLY O 43 -48.81 -7.32 -80.94
CA GLY O 43 -50.26 -7.29 -80.87
C GLY O 43 -50.82 -8.29 -79.88
N GLN O 44 -50.18 -8.40 -78.72
CA GLN O 44 -50.44 -9.51 -77.81
C GLN O 44 -49.92 -9.12 -76.44
N THR O 45 -50.77 -9.22 -75.42
CA THR O 45 -50.45 -8.71 -74.10
C THR O 45 -49.25 -9.44 -73.51
N PRO O 46 -48.21 -8.73 -73.11
CA PRO O 46 -47.01 -9.40 -72.58
C PRO O 46 -47.19 -9.75 -71.11
N VAL O 47 -46.18 -10.44 -70.57
CA VAL O 47 -46.18 -10.85 -69.18
C VAL O 47 -44.88 -10.41 -68.54
N PHE O 48 -44.94 -10.13 -67.24
CA PHE O 48 -43.80 -9.61 -66.50
C PHE O 48 -42.98 -10.75 -65.91
N SER O 49 -41.72 -10.44 -65.61
CA SER O 49 -40.82 -11.37 -64.94
C SER O 49 -40.17 -10.67 -63.77
N LYS O 50 -39.88 -11.43 -62.72
CA LYS O 50 -39.33 -10.88 -61.50
C LYS O 50 -37.90 -11.35 -61.28
N ALA O 51 -37.20 -10.64 -60.41
CA ALA O 51 -35.87 -11.05 -60.00
C ALA O 51 -35.96 -12.20 -59.00
N ARG O 52 -34.82 -12.81 -58.73
CA ARG O 52 -34.76 -13.93 -57.81
C ARG O 52 -33.87 -13.71 -56.60
N TYR O 53 -32.79 -12.93 -56.74
CA TYR O 53 -32.00 -12.52 -55.59
C TYR O 53 -31.70 -11.03 -55.72
N THR O 54 -31.00 -10.50 -54.73
CA THR O 54 -30.60 -9.10 -54.71
C THR O 54 -29.08 -9.05 -54.69
N VAL O 55 -28.50 -8.46 -55.73
CA VAL O 55 -27.05 -8.42 -55.89
C VAL O 55 -26.48 -7.02 -55.76
N ARG O 56 -27.31 -5.97 -55.89
CA ARG O 56 -27.02 -4.54 -55.64
C ARG O 56 -25.76 -4.02 -56.34
N SER O 57 -25.22 -4.76 -57.30
CA SER O 57 -24.06 -4.25 -58.02
C SER O 57 -24.46 -3.21 -59.06
N PHE O 58 -25.73 -3.21 -59.45
CA PHE O 58 -26.28 -2.29 -60.43
C PHE O 58 -27.65 -1.75 -60.03
N GLY O 59 -28.15 -2.12 -58.86
CA GLY O 59 -29.46 -1.67 -58.42
C GLY O 59 -30.53 -2.69 -58.73
N ILE O 60 -30.97 -3.42 -57.71
CA ILE O 60 -31.89 -4.53 -57.91
C ILE O 60 -32.49 -4.91 -56.57
N ARG O 61 -33.63 -5.58 -56.59
CA ARG O 61 -34.22 -6.17 -55.40
C ARG O 61 -35.03 -7.39 -55.81
N ARG O 62 -35.08 -8.37 -54.92
CA ARG O 62 -35.80 -9.60 -55.20
C ARG O 62 -37.30 -9.33 -55.34
N ASN O 63 -37.94 -10.04 -56.26
CA ASN O 63 -39.37 -9.96 -56.54
C ASN O 63 -39.80 -8.60 -57.07
N GLU O 64 -38.84 -7.80 -57.55
CA GLU O 64 -39.18 -6.57 -58.26
C GLU O 64 -39.73 -6.92 -59.65
N LYS O 65 -40.08 -5.89 -60.41
CA LYS O 65 -40.46 -6.05 -61.81
C LYS O 65 -39.27 -5.60 -62.65
N ILE O 66 -38.64 -6.54 -63.34
CA ILE O 66 -37.42 -6.29 -64.09
C ILE O 66 -37.69 -6.26 -65.59
N ALA O 67 -38.29 -7.33 -66.12
CA ALA O 67 -38.35 -7.54 -67.55
C ALA O 67 -39.76 -7.96 -67.96
N VAL O 68 -40.06 -7.73 -69.23
CA VAL O 68 -41.32 -8.13 -69.82
C VAL O 68 -41.00 -8.93 -71.07
N HIS O 69 -41.80 -9.97 -71.33
CA HIS O 69 -41.47 -10.89 -72.42
C HIS O 69 -42.73 -11.51 -72.98
N CYS O 70 -42.60 -12.07 -74.17
CA CYS O 70 -43.67 -12.80 -74.83
C CYS O 70 -43.07 -14.02 -75.53
N THR O 71 -43.92 -15.02 -75.77
CA THR O 71 -43.61 -16.11 -76.68
C THR O 71 -44.64 -16.10 -77.79
N VAL O 72 -44.16 -16.06 -79.03
CA VAL O 72 -45.01 -15.90 -80.21
C VAL O 72 -44.90 -17.15 -81.07
N ARG O 73 -46.03 -17.65 -81.54
CA ARG O 73 -46.09 -18.87 -82.32
C ARG O 73 -46.93 -18.66 -83.57
N GLY O 74 -46.77 -19.56 -84.53
CA GLY O 74 -47.56 -19.52 -85.74
C GLY O 74 -47.10 -18.47 -86.72
N ALA O 75 -48.02 -17.99 -87.56
CA ALA O 75 -47.66 -17.08 -88.64
C ALA O 75 -47.03 -15.80 -88.12
N LYS O 76 -47.55 -15.28 -87.01
CA LYS O 76 -47.03 -14.03 -86.46
C LYS O 76 -45.58 -14.19 -86.01
N ALA O 77 -45.19 -15.41 -85.60
CA ALA O 77 -43.82 -15.64 -85.17
C ALA O 77 -42.83 -15.45 -86.31
N GLU O 78 -43.17 -15.94 -87.52
CA GLU O 78 -42.25 -15.82 -88.64
C GLU O 78 -42.08 -14.37 -89.07
N GLU O 79 -43.15 -13.57 -88.98
CA GLU O 79 -43.06 -12.19 -89.44
C GLU O 79 -42.17 -11.36 -88.54
N ILE O 80 -42.33 -11.49 -87.22
CA ILE O 80 -41.47 -10.75 -86.29
C ILE O 80 -40.03 -11.21 -86.45
N LEU O 81 -39.82 -12.51 -86.69
CA LEU O 81 -38.48 -12.99 -87.01
C LEU O 81 -37.98 -12.39 -88.32
N GLU O 82 -38.85 -12.28 -89.32
CA GLU O 82 -38.48 -11.66 -90.59
C GLU O 82 -38.11 -10.19 -90.40
N LYS O 83 -38.85 -9.49 -89.53
CA LYS O 83 -38.50 -8.10 -89.23
C LYS O 83 -37.14 -8.01 -88.56
N GLY O 84 -36.90 -8.86 -87.55
CA GLY O 84 -35.64 -8.81 -86.85
C GLY O 84 -34.45 -9.19 -87.72
N LEU O 85 -34.64 -10.18 -88.58
CA LEU O 85 -33.59 -10.58 -89.50
C LEU O 85 -33.28 -9.47 -90.50
N LYS O 86 -34.30 -8.71 -90.90
CA LYS O 86 -34.09 -7.56 -91.78
C LYS O 86 -33.28 -6.48 -91.07
N VAL O 87 -33.50 -6.31 -89.77
CA VAL O 87 -32.67 -5.39 -88.99
C VAL O 87 -31.22 -5.85 -89.01
N ARG O 88 -31.00 -7.14 -88.82
CA ARG O 88 -29.66 -7.69 -88.73
C ARG O 88 -29.04 -7.94 -90.10
N GLU O 89 -29.73 -7.59 -91.18
CA GLU O 89 -29.24 -7.77 -92.56
C GLU O 89 -28.92 -9.23 -92.86
N TYR O 90 -29.66 -10.14 -92.21
CA TYR O 90 -29.59 -11.57 -92.50
C TYR O 90 -28.20 -12.14 -92.25
N GLU O 91 -27.54 -11.68 -91.18
CA GLU O 91 -26.26 -12.25 -90.77
C GLU O 91 -26.26 -12.51 -89.27
N LEU O 92 -26.02 -13.76 -88.90
CA LEU O 92 -25.78 -14.17 -87.52
C LEU O 92 -24.45 -14.91 -87.55
N ARG O 93 -23.42 -14.33 -86.94
CA ARG O 93 -22.08 -14.57 -87.46
C ARG O 93 -21.55 -15.98 -87.22
N LYS O 94 -21.23 -16.39 -85.99
CA LYS O 94 -20.64 -17.71 -85.80
C LYS O 94 -21.40 -18.58 -84.82
N ASN O 95 -21.64 -18.11 -83.58
CA ASN O 95 -22.06 -18.98 -82.50
C ASN O 95 -23.35 -18.53 -81.84
N ASN O 96 -24.19 -17.78 -82.56
CA ASN O 96 -25.52 -17.50 -82.04
C ASN O 96 -26.40 -18.74 -82.02
N PHE O 97 -25.99 -19.81 -82.70
CA PHE O 97 -26.73 -21.05 -82.74
C PHE O 97 -26.25 -21.95 -81.61
N SER O 98 -27.15 -22.29 -80.69
CA SER O 98 -26.82 -23.21 -79.61
C SER O 98 -26.75 -24.64 -80.15
N ASP O 99 -26.02 -25.49 -79.43
CA ASP O 99 -25.86 -26.88 -79.83
C ASP O 99 -27.15 -27.68 -79.70
N THR O 100 -28.17 -27.14 -79.04
CA THR O 100 -29.43 -27.84 -78.87
C THR O 100 -30.43 -27.57 -79.99
N GLY O 101 -30.05 -26.78 -80.99
CA GLY O 101 -30.86 -26.63 -82.18
C GLY O 101 -31.61 -25.33 -82.33
N ASN O 102 -31.34 -24.32 -81.50
CA ASN O 102 -32.01 -23.03 -81.60
C ASN O 102 -30.98 -21.91 -81.56
N PHE O 103 -31.40 -20.73 -81.98
CA PHE O 103 -30.51 -19.58 -82.02
C PHE O 103 -31.24 -18.34 -81.55
N GLY O 104 -30.60 -17.20 -81.67
CA GLY O 104 -31.19 -15.93 -81.26
C GLY O 104 -30.21 -14.80 -81.46
N PHE O 105 -30.73 -13.58 -81.34
CA PHE O 105 -29.93 -12.38 -81.55
C PHE O 105 -30.64 -11.22 -80.85
N GLY O 106 -29.96 -10.08 -80.82
CA GLY O 106 -30.48 -8.90 -80.16
C GLY O 106 -30.69 -7.76 -81.13
N ILE O 107 -31.65 -6.90 -80.79
CA ILE O 107 -31.95 -5.70 -81.56
C ILE O 107 -31.64 -4.50 -80.67
N GLN O 108 -30.92 -3.52 -81.22
CA GLN O 108 -30.53 -2.36 -80.43
C GLN O 108 -31.61 -1.30 -80.38
N GLU O 109 -32.31 -1.09 -81.51
CA GLU O 109 -33.38 -0.10 -81.58
C GLU O 109 -34.56 -0.71 -82.31
N HIS O 110 -35.75 -0.50 -81.77
CA HIS O 110 -36.97 -1.07 -82.34
C HIS O 110 -37.66 -0.16 -83.33
N ILE O 111 -37.32 1.13 -83.34
CA ILE O 111 -38.12 2.11 -84.07
C ILE O 111 -37.94 2.00 -85.58
N ASP O 112 -36.92 1.30 -86.06
CA ASP O 112 -36.75 1.11 -87.50
C ASP O 112 -37.93 0.35 -88.09
N LEU O 113 -38.24 -0.81 -87.51
CA LEU O 113 -39.53 -1.48 -87.72
C LEU O 113 -39.72 -2.41 -86.54
N GLY O 114 -40.93 -2.44 -86.00
CA GLY O 114 -42.17 -1.96 -86.58
C GLY O 114 -42.58 -0.56 -86.18
N ILE O 115 -43.43 -0.49 -85.16
CA ILE O 115 -44.25 0.67 -84.80
C ILE O 115 -43.50 2.00 -84.85
N LYS O 116 -44.20 3.05 -85.29
CA LYS O 116 -43.59 4.35 -85.42
C LYS O 116 -43.28 4.96 -84.05
N TYR O 117 -42.40 5.96 -84.06
CA TYR O 117 -42.03 6.64 -82.83
C TYR O 117 -43.22 7.39 -82.25
N ASP O 118 -43.51 7.13 -80.99
CA ASP O 118 -44.35 7.99 -80.17
C ASP O 118 -43.50 8.56 -79.06
N PRO O 119 -43.59 9.86 -78.77
CA PRO O 119 -42.62 10.47 -77.83
C PRO O 119 -42.67 9.90 -76.43
N SER O 120 -43.77 9.25 -76.04
CA SER O 120 -43.90 8.73 -74.69
C SER O 120 -43.16 7.41 -74.47
N ILE O 121 -42.65 6.78 -75.54
CA ILE O 121 -41.88 5.56 -75.40
C ILE O 121 -40.40 5.90 -75.49
N GLY O 122 -39.55 4.94 -75.14
CA GLY O 122 -38.12 5.13 -75.07
C GLY O 122 -37.40 4.62 -76.30
N ILE O 123 -36.18 4.12 -76.06
CA ILE O 123 -35.30 3.65 -77.13
C ILE O 123 -35.02 2.17 -76.90
N TYR O 124 -35.99 1.48 -76.30
CA TYR O 124 -35.82 0.09 -75.93
C TYR O 124 -35.64 -0.80 -77.16
N GLY O 125 -34.48 -1.44 -77.26
CA GLY O 125 -34.27 -2.48 -78.24
C GLY O 125 -34.82 -3.80 -77.74
N LEU O 126 -34.58 -4.85 -78.53
CA LEU O 126 -35.22 -6.15 -78.29
C LEU O 126 -34.17 -7.22 -78.01
N ASP O 127 -34.65 -8.47 -77.89
CA ASP O 127 -33.78 -9.63 -77.72
C ASP O 127 -34.57 -10.83 -78.24
N PHE O 128 -34.25 -11.27 -79.45
CA PHE O 128 -34.96 -12.36 -80.10
C PHE O 128 -34.26 -13.68 -79.80
N TYR O 129 -35.05 -14.75 -79.64
CA TYR O 129 -34.46 -16.08 -79.56
C TYR O 129 -35.49 -17.09 -80.07
N VAL O 130 -35.38 -17.44 -81.34
CA VAL O 130 -36.32 -18.36 -81.96
C VAL O 130 -35.93 -19.79 -81.62
N VAL O 131 -36.93 -20.58 -81.24
CA VAL O 131 -36.74 -21.99 -80.92
C VAL O 131 -37.18 -22.81 -82.11
N LEU O 132 -36.32 -23.69 -82.60
CA LEU O 132 -36.61 -24.52 -83.74
C LEU O 132 -37.17 -25.86 -83.30
N GLY O 133 -37.84 -26.55 -84.21
CA GLY O 133 -38.43 -27.83 -83.88
C GLY O 133 -38.92 -28.55 -85.11
N ARG O 134 -39.13 -29.85 -84.94
CA ARG O 134 -39.77 -30.71 -85.91
C ARG O 134 -41.13 -31.17 -85.37
N PRO O 135 -42.03 -31.63 -86.23
CA PRO O 135 -43.27 -32.25 -85.72
C PRO O 135 -42.95 -33.45 -84.85
N GLY O 136 -43.75 -33.62 -83.80
CA GLY O 136 -43.50 -34.63 -82.80
C GLY O 136 -42.72 -34.15 -81.59
N PHE O 137 -42.29 -32.89 -81.59
CA PHE O 137 -41.59 -32.35 -80.43
C PHE O 137 -42.51 -32.12 -79.24
N SER O 138 -43.83 -32.07 -79.47
CA SER O 138 -44.78 -31.78 -78.41
C SER O 138 -44.90 -32.91 -77.40
N ILE O 139 -44.36 -34.10 -77.69
CA ILE O 139 -44.45 -35.21 -76.76
C ILE O 139 -43.64 -34.97 -75.50
N ALA O 140 -42.65 -34.08 -75.56
CA ALA O 140 -41.92 -33.71 -74.35
C ALA O 140 -42.77 -32.84 -73.43
N ASP O 141 -43.59 -31.98 -74.01
CA ASP O 141 -44.45 -31.08 -73.25
C ASP O 141 -45.80 -31.68 -72.92
N LYS O 142 -46.07 -32.91 -73.36
CA LYS O 142 -47.35 -33.54 -73.10
C LYS O 142 -47.49 -33.86 -71.61
N LYS O 143 -48.72 -34.19 -71.22
CA LYS O 143 -49.02 -34.57 -69.84
C LYS O 143 -49.14 -36.09 -69.68
N ARG O 144 -49.94 -36.73 -70.51
CA ARG O 144 -50.14 -38.18 -70.44
C ARG O 144 -49.22 -38.87 -71.45
N ARG O 145 -48.47 -39.86 -70.97
CA ARG O 145 -47.54 -40.65 -71.79
C ARG O 145 -46.51 -39.75 -72.48
N THR O 146 -45.71 -39.06 -71.68
CA THR O 146 -44.66 -38.20 -72.19
C THR O 146 -43.46 -39.05 -72.61
N GLY O 147 -42.36 -38.40 -72.94
CA GLY O 147 -41.15 -39.11 -73.28
C GLY O 147 -40.17 -38.24 -74.03
N CYS O 148 -38.95 -38.75 -74.17
CA CYS O 148 -37.92 -38.09 -74.94
C CYS O 148 -38.22 -38.23 -76.43
N ILE O 149 -37.53 -37.41 -77.24
CA ILE O 149 -37.81 -37.38 -78.67
C ILE O 149 -36.93 -38.32 -79.49
N GLY O 150 -35.92 -38.93 -78.88
CA GLY O 150 -35.05 -39.77 -79.68
C GLY O 150 -33.85 -39.00 -80.21
N ALA O 151 -32.76 -39.73 -80.44
CA ALA O 151 -31.49 -39.09 -80.78
C ALA O 151 -31.52 -38.47 -82.17
N LYS O 152 -31.98 -39.22 -83.16
CA LYS O 152 -31.92 -38.73 -84.53
C LYS O 152 -33.04 -37.78 -84.88
N HIS O 153 -33.99 -37.56 -83.98
CA HIS O 153 -35.04 -36.57 -84.19
C HIS O 153 -34.65 -35.19 -83.68
N ARG O 154 -33.55 -35.07 -82.95
CA ARG O 154 -33.16 -33.79 -82.40
C ARG O 154 -32.63 -32.87 -83.50
N ILE O 155 -32.27 -31.65 -83.10
CA ILE O 155 -31.70 -30.66 -84.00
C ILE O 155 -30.32 -30.29 -83.48
N SER O 156 -29.31 -30.47 -84.32
CA SER O 156 -27.96 -30.05 -83.97
C SER O 156 -27.72 -28.63 -84.46
N LYS O 157 -26.57 -28.07 -84.06
CA LYS O 157 -26.22 -26.73 -84.50
C LYS O 157 -26.07 -26.67 -86.02
N GLU O 158 -25.46 -27.71 -86.60
CA GLU O 158 -25.28 -27.75 -88.05
C GLU O 158 -26.62 -27.78 -88.77
N GLU O 159 -27.60 -28.50 -88.23
CA GLU O 159 -28.93 -28.50 -88.84
C GLU O 159 -29.60 -27.14 -88.73
N ALA O 160 -29.42 -26.46 -87.59
CA ALA O 160 -30.02 -25.15 -87.40
C ALA O 160 -29.43 -24.12 -88.36
N MET O 161 -28.11 -24.15 -88.55
CA MET O 161 -27.48 -23.25 -89.52
C MET O 161 -27.92 -23.58 -90.93
N ARG O 162 -28.03 -24.86 -91.26
CA ARG O 162 -28.41 -25.25 -92.62
C ARG O 162 -29.82 -24.79 -92.95
N TRP O 163 -30.75 -24.94 -92.00
CA TRP O 163 -32.11 -24.46 -92.21
C TRP O 163 -32.14 -22.95 -92.40
N PHE O 164 -31.30 -22.23 -91.65
CA PHE O 164 -31.22 -20.79 -91.81
C PHE O 164 -30.72 -20.43 -93.20
N GLN O 165 -29.73 -21.17 -93.71
CA GLN O 165 -29.16 -20.87 -95.02
C GLN O 165 -30.18 -21.07 -96.13
N GLN O 166 -30.93 -22.18 -96.10
CA GLN O 166 -31.83 -22.50 -97.20
C GLN O 166 -33.16 -21.76 -97.13
N LYS O 167 -33.46 -21.10 -96.02
CA LYS O 167 -34.75 -20.43 -95.86
C LYS O 167 -34.64 -18.92 -96.00
N TYR O 168 -33.72 -18.29 -95.28
CA TYR O 168 -33.56 -16.84 -95.30
C TYR O 168 -32.36 -16.36 -96.10
N ASP O 169 -31.59 -17.28 -96.69
CA ASP O 169 -30.36 -16.94 -97.42
C ASP O 169 -29.41 -16.11 -96.56
N GLY O 170 -29.24 -16.54 -95.31
CA GLY O 170 -28.42 -15.80 -94.38
C GLY O 170 -26.93 -16.06 -94.56
N ILE O 171 -26.14 -15.29 -93.83
CA ILE O 171 -24.68 -15.38 -93.86
C ILE O 171 -24.20 -15.76 -92.46
N ILE O 172 -23.46 -16.86 -92.38
CA ILE O 172 -22.98 -17.41 -91.11
C ILE O 172 -21.50 -17.76 -91.27
N LEU O 173 -20.78 -17.76 -90.14
CA LEU O 173 -19.38 -18.15 -90.01
C LEU O 173 -18.47 -17.28 -90.87
N PRO O 174 -18.28 -16.02 -90.53
CA PRO O 174 -17.32 -15.19 -91.28
C PRO O 174 -15.90 -15.69 -91.11
N GLY O 175 -15.08 -15.45 -92.13
CA GLY O 175 -13.70 -15.86 -92.11
C GLY O 175 -12.79 -14.92 -91.35
N LYS O 176 -12.90 -14.92 -90.03
CA LYS O 176 -12.06 -14.09 -89.18
C LYS O 176 -11.24 -14.94 -88.21
N ALA P 1 -46.01 -42.77 7.81
CA ALA P 1 -45.46 -43.57 6.72
C ALA P 1 -46.36 -44.76 6.42
N PRO P 2 -47.23 -44.62 5.43
CA PRO P 2 -48.13 -45.72 5.07
C PRO P 2 -47.35 -46.89 4.52
N SER P 3 -47.73 -48.11 4.93
CA SER P 3 -46.95 -49.27 4.53
C SER P 3 -47.35 -49.78 3.15
N ARG P 4 -48.54 -50.35 3.02
CA ARG P 4 -49.00 -50.76 1.70
C ARG P 4 -50.37 -50.22 1.35
N ASN P 5 -51.37 -50.50 2.18
CA ASN P 5 -52.76 -50.22 1.83
C ASN P 5 -53.60 -50.25 3.10
N GLY P 6 -54.32 -49.18 3.35
CA GLY P 6 -55.16 -49.11 4.54
C GLY P 6 -55.89 -47.80 4.57
N MET P 7 -56.64 -47.60 5.66
CA MET P 7 -57.34 -46.34 5.86
C MET P 7 -56.34 -45.22 6.14
N VAL P 8 -56.72 -44.01 5.76
CA VAL P 8 -55.95 -42.81 6.10
C VAL P 8 -56.49 -42.35 7.45
N LEU P 9 -55.92 -42.90 8.52
CA LEU P 9 -56.40 -42.62 9.86
C LEU P 9 -55.86 -41.31 10.37
N LYS P 10 -56.67 -40.63 11.20
CA LYS P 10 -56.29 -39.38 11.84
C LYS P 10 -56.59 -39.51 13.32
N PRO P 11 -55.73 -40.20 14.07
CA PRO P 11 -55.96 -40.32 15.52
C PRO P 11 -55.79 -38.98 16.20
N HIS P 12 -56.69 -38.69 17.13
CA HIS P 12 -56.68 -37.41 17.82
C HIS P 12 -55.91 -37.47 19.13
N PHE P 13 -54.66 -37.93 19.05
CA PHE P 13 -53.80 -38.10 20.22
C PHE P 13 -52.59 -37.17 20.16
N HIS P 14 -52.81 -35.94 19.71
CA HIS P 14 -51.76 -34.93 19.64
C HIS P 14 -51.85 -33.91 20.77
N LYS P 15 -52.67 -34.16 21.79
CA LYS P 15 -53.09 -33.11 22.70
C LYS P 15 -52.80 -33.44 24.16
N ASP P 16 -51.77 -34.25 24.42
CA ASP P 16 -51.39 -34.64 25.78
C ASP P 16 -52.58 -35.27 26.51
N TRP P 17 -53.07 -36.36 25.94
CA TRP P 17 -54.31 -36.98 26.40
C TRP P 17 -54.15 -37.74 27.71
N GLN P 18 -52.92 -38.10 28.09
CA GLN P 18 -52.73 -38.98 29.23
C GLN P 18 -53.14 -38.32 30.54
N ARG P 19 -53.03 -36.99 30.63
CA ARG P 19 -53.41 -36.31 31.87
C ARG P 19 -54.93 -36.31 32.05
N ARG P 20 -55.69 -36.24 30.97
CA ARG P 20 -57.15 -36.31 31.04
C ARG P 20 -57.59 -37.66 30.48
N VAL P 21 -57.59 -38.66 31.35
CA VAL P 21 -58.10 -39.99 31.04
C VAL P 21 -59.06 -40.38 32.14
N ALA P 22 -60.29 -40.72 31.77
CA ALA P 22 -61.32 -41.13 32.72
C ALA P 22 -61.39 -42.64 32.73
N THR P 23 -61.09 -43.24 33.88
CA THR P 23 -61.18 -44.67 34.06
C THR P 23 -62.44 -45.00 34.86
N TRP P 24 -63.08 -46.11 34.51
CA TRP P 24 -64.38 -46.48 35.07
C TRP P 24 -64.27 -47.58 36.11
N PHE P 25 -63.23 -47.56 36.94
CA PHE P 25 -63.09 -48.57 37.97
C PHE P 25 -64.09 -48.41 39.10
N ASN P 26 -64.73 -47.25 39.20
CA ASN P 26 -65.77 -47.01 40.19
C ASN P 26 -67.16 -47.18 39.61
N GLN P 27 -67.27 -47.72 38.40
CA GLN P 27 -68.58 -47.96 37.81
C GLN P 27 -69.43 -48.93 38.63
N PRO P 28 -68.94 -50.10 39.07
CA PRO P 28 -69.78 -50.92 39.96
C PRO P 28 -70.06 -50.26 41.30
N ALA P 29 -69.10 -49.49 41.82
CA ALA P 29 -69.31 -48.81 43.09
C ALA P 29 -70.32 -47.68 42.96
N ARG P 30 -70.32 -46.99 41.83
CA ARG P 30 -71.32 -45.95 41.59
C ARG P 30 -72.72 -46.56 41.48
N LYS P 31 -72.84 -47.69 40.78
CA LYS P 31 -74.15 -48.33 40.63
C LYS P 31 -74.71 -48.77 41.97
N ILE P 32 -73.83 -49.24 42.87
CA ILE P 32 -74.28 -49.61 44.21
C ILE P 32 -74.76 -48.38 44.97
N ARG P 33 -74.03 -47.27 44.86
CA ARG P 33 -74.41 -46.06 45.57
C ARG P 33 -75.73 -45.50 45.06
N ARG P 34 -75.91 -45.50 43.74
CA ARG P 34 -77.19 -45.05 43.17
C ARG P 34 -78.32 -45.99 43.57
N ARG P 35 -78.04 -47.29 43.64
CA ARG P 35 -79.04 -48.25 44.08
C ARG P 35 -79.46 -47.98 45.52
N LYS P 36 -78.49 -47.73 46.40
CA LYS P 36 -78.82 -47.45 47.80
C LYS P 36 -79.56 -46.13 47.94
N ALA P 37 -79.19 -45.13 47.14
CA ALA P 37 -79.87 -43.85 47.19
C ALA P 37 -81.30 -43.96 46.68
N ARG P 38 -81.52 -44.81 45.67
CA ARG P 38 -82.87 -45.03 45.17
C ARG P 38 -83.74 -45.68 46.22
N GLN P 39 -83.21 -46.68 46.92
CA GLN P 39 -83.98 -47.36 47.96
C GLN P 39 -84.23 -46.42 49.14
N ALA P 40 -83.23 -45.60 49.49
CA ALA P 40 -83.42 -44.66 50.59
C ALA P 40 -84.48 -43.62 50.26
N LYS P 41 -84.50 -43.13 49.02
CA LYS P 41 -85.53 -42.20 48.60
C LYS P 41 -86.90 -42.86 48.60
N ALA P 42 -86.98 -44.10 48.11
CA ALA P 42 -88.26 -44.80 48.04
C ALA P 42 -88.83 -45.05 49.43
N ARG P 43 -87.96 -45.32 50.41
CA ARG P 43 -88.44 -45.45 51.78
C ARG P 43 -88.86 -44.11 52.36
N ARG P 44 -88.23 -43.02 51.90
CA ARG P 44 -88.58 -41.70 52.40
C ARG P 44 -90.00 -41.31 52.00
N ILE P 45 -90.32 -41.44 50.72
CA ILE P 45 -91.67 -41.20 50.23
C ILE P 45 -92.40 -42.55 50.33
N ALA P 46 -93.05 -42.77 51.48
CA ALA P 46 -93.45 -44.14 51.83
C ALA P 46 -94.52 -44.69 50.90
N PRO P 47 -95.71 -44.05 50.73
CA PRO P 47 -96.68 -44.63 49.79
C PRO P 47 -96.62 -44.01 48.40
N ARG P 48 -95.89 -42.92 48.25
CA ARG P 48 -95.79 -42.26 46.96
C ARG P 48 -95.03 -43.15 45.98
N PRO P 49 -95.37 -43.09 44.68
CA PRO P 49 -94.99 -44.19 43.79
C PRO P 49 -93.54 -44.22 43.34
N ALA P 50 -92.60 -43.94 44.26
CA ALA P 50 -91.22 -44.41 44.19
C ALA P 50 -90.43 -43.95 42.98
N SER P 51 -91.05 -43.21 42.06
CA SER P 51 -90.39 -42.79 40.84
C SER P 51 -90.77 -41.37 40.45
N GLY P 52 -91.15 -40.56 41.44
CA GLY P 52 -91.56 -39.20 41.17
C GLY P 52 -92.97 -39.14 40.64
N PRO P 53 -93.34 -38.00 40.07
CA PRO P 53 -94.71 -37.79 39.61
C PRO P 53 -95.01 -38.52 38.30
N ILE P 54 -96.19 -38.29 37.76
CA ILE P 54 -96.61 -38.89 36.50
C ILE P 54 -96.31 -37.90 35.38
N ARG P 55 -95.61 -38.35 34.37
CA ARG P 55 -95.24 -37.57 33.20
C ARG P 55 -96.25 -37.79 32.08
N PRO P 56 -96.45 -36.82 31.21
CA PRO P 56 -97.50 -36.93 30.20
C PRO P 56 -97.04 -37.68 28.96
N ILE P 57 -98.02 -37.99 28.11
CA ILE P 57 -97.74 -38.56 26.79
C ILE P 57 -97.24 -37.46 25.88
N VAL P 58 -96.13 -37.68 25.21
CA VAL P 58 -95.45 -36.63 24.46
C VAL P 58 -94.83 -37.24 23.21
N ARG P 59 -94.90 -36.50 22.10
CA ARG P 59 -94.42 -36.96 20.81
C ARG P 59 -93.06 -36.36 20.50
N CYS P 60 -92.16 -37.18 19.97
CA CYS P 60 -90.80 -36.72 19.72
C CYS P 60 -90.76 -35.75 18.54
N PRO P 61 -89.96 -34.69 18.62
CA PRO P 61 -90.04 -33.57 17.67
C PRO P 61 -89.12 -33.66 16.45
N THR P 62 -89.19 -34.76 15.71
CA THR P 62 -88.50 -34.80 14.43
C THR P 62 -89.19 -35.81 13.53
N VAL P 63 -89.00 -35.62 12.22
CA VAL P 63 -89.55 -36.55 11.23
C VAL P 63 -88.99 -37.95 11.43
N ARG P 64 -87.76 -38.04 11.92
CA ARG P 64 -87.20 -39.35 12.24
C ARG P 64 -87.95 -40.02 13.38
N TYR P 65 -88.38 -39.24 14.38
CA TYR P 65 -88.91 -39.80 15.61
C TYR P 65 -90.37 -39.44 15.89
N HIS P 66 -91.06 -38.77 14.97
CA HIS P 66 -92.42 -38.35 15.28
C HIS P 66 -93.42 -39.50 15.27
N THR P 67 -93.05 -40.67 14.77
CA THR P 67 -93.95 -41.81 14.78
C THR P 67 -93.96 -42.53 16.12
N LYS P 68 -93.09 -42.17 17.04
CA LYS P 68 -93.05 -42.76 18.36
C LYS P 68 -93.46 -41.73 19.41
N VAL P 69 -93.98 -42.22 20.52
CA VAL P 69 -94.46 -41.37 21.61
C VAL P 69 -93.71 -41.75 22.88
N ARG P 70 -93.51 -40.78 23.76
CA ARG P 70 -92.69 -40.97 24.94
C ARG P 70 -93.26 -40.14 26.08
N ALA P 71 -92.49 -40.03 27.16
CA ALA P 71 -92.90 -39.30 28.35
C ALA P 71 -92.19 -37.95 28.38
N GLY P 72 -92.96 -36.87 28.42
CA GLY P 72 -92.41 -35.53 28.44
C GLY P 72 -92.04 -35.09 29.84
N ARG P 73 -91.69 -33.80 29.94
CA ARG P 73 -91.29 -33.26 31.24
C ARG P 73 -92.47 -33.15 32.18
N GLY P 74 -93.60 -32.64 31.71
CA GLY P 74 -94.74 -32.47 32.59
C GLY P 74 -95.95 -31.98 31.82
N PHE P 75 -97.08 -32.00 32.53
CA PHE P 75 -98.34 -31.57 31.93
C PHE P 75 -98.37 -30.06 31.74
N SER P 76 -98.97 -29.64 30.65
CA SER P 76 -99.12 -28.22 30.35
C SER P 76 -100.26 -27.64 31.17
N LEU P 77 -100.29 -26.30 31.24
CA LEU P 77 -101.32 -25.63 32.02
C LEU P 77 -102.68 -25.79 31.38
N GLU P 78 -102.73 -25.83 30.05
CA GLU P 78 -104.01 -26.05 29.35
C GLU P 78 -104.57 -27.42 29.67
N GLU P 79 -103.72 -28.45 29.70
CA GLU P 79 -104.18 -29.79 30.04
C GLU P 79 -104.70 -29.84 31.47
N LEU P 80 -104.02 -29.15 32.39
CA LEU P 80 -104.49 -29.10 33.78
C LEU P 80 -105.78 -28.30 33.90
N ARG P 81 -105.93 -27.26 33.09
CA ARG P 81 -107.09 -26.38 33.23
C ARG P 81 -108.38 -27.12 32.87
N VAL P 82 -108.38 -27.84 31.75
CA VAL P 82 -109.58 -28.57 31.36
C VAL P 82 -109.76 -29.82 32.23
N ALA P 83 -108.67 -30.41 32.72
CA ALA P 83 -108.81 -31.53 33.65
C ALA P 83 -109.37 -31.09 34.99
N GLY P 84 -109.31 -29.81 35.32
CA GLY P 84 -109.95 -29.30 36.52
C GLY P 84 -109.09 -29.27 37.76
N ILE P 85 -107.78 -29.30 37.63
CA ILE P 85 -106.88 -29.28 38.78
C ILE P 85 -106.00 -28.03 38.70
N HIS P 86 -105.80 -27.41 39.86
CA HIS P 86 -105.01 -26.19 39.94
C HIS P 86 -103.55 -26.48 39.61
N LYS P 87 -102.87 -25.51 39.01
CA LYS P 87 -101.47 -25.68 38.64
C LYS P 87 -100.54 -25.64 39.84
N LYS P 88 -101.02 -25.21 41.01
CA LYS P 88 -100.23 -25.24 42.23
C LYS P 88 -100.50 -26.46 43.08
N VAL P 89 -101.69 -27.05 42.97
CA VAL P 89 -102.02 -28.28 43.70
C VAL P 89 -101.51 -29.52 42.98
N ALA P 90 -101.34 -29.46 41.65
CA ALA P 90 -100.95 -30.64 40.89
C ALA P 90 -99.58 -31.15 41.30
N ARG P 91 -98.64 -30.24 41.56
CA ARG P 91 -97.31 -30.66 42.02
C ARG P 91 -97.37 -31.35 43.37
N THR P 92 -98.20 -30.85 44.27
CA THR P 92 -98.34 -31.46 45.59
C THR P 92 -98.99 -32.84 45.50
N ILE P 93 -99.93 -33.02 44.58
CA ILE P 93 -100.59 -34.32 44.43
C ILE P 93 -99.79 -35.30 43.57
N GLY P 94 -98.70 -34.84 42.96
CA GLY P 94 -97.81 -35.73 42.23
C GLY P 94 -98.05 -35.75 40.73
N ILE P 95 -98.16 -34.59 40.10
CA ILE P 95 -98.52 -34.51 38.70
C ILE P 95 -97.47 -33.78 37.84
N SER P 96 -96.65 -32.91 38.43
CA SER P 96 -95.50 -32.31 37.75
C SER P 96 -95.93 -31.48 36.53
N VAL P 97 -96.58 -30.36 36.83
CA VAL P 97 -96.94 -29.41 35.79
C VAL P 97 -95.68 -28.89 35.09
N ASP P 98 -95.77 -28.73 33.77
CA ASP P 98 -94.74 -28.06 32.97
C ASP P 98 -95.34 -26.80 32.37
N PRO P 99 -95.01 -25.61 32.87
CA PRO P 99 -95.72 -24.41 32.43
C PRO P 99 -95.37 -23.95 31.03
N ARG P 100 -94.17 -24.23 30.54
CA ARG P 100 -93.69 -23.66 29.29
C ARG P 100 -94.01 -24.52 28.07
N ARG P 101 -94.84 -25.55 28.22
CA ARG P 101 -95.26 -26.37 27.10
C ARG P 101 -96.63 -25.92 26.63
N ARG P 102 -96.78 -25.69 25.34
CA ARG P 102 -98.05 -25.29 24.75
C ARG P 102 -98.56 -26.40 23.84
N ASN P 103 -99.89 -26.50 23.76
CA ASN P 103 -100.55 -27.55 22.99
C ASN P 103 -100.99 -26.99 21.64
N LYS P 104 -100.48 -27.57 20.56
CA LYS P 104 -100.89 -27.19 19.21
C LYS P 104 -101.96 -28.10 18.64
N SER P 105 -102.06 -29.33 19.12
CA SER P 105 -103.02 -30.31 18.64
C SER P 105 -104.07 -30.54 19.70
N THR P 106 -105.34 -30.55 19.31
CA THR P 106 -106.38 -30.94 20.24
C THR P 106 -106.27 -32.41 20.60
N GLU P 107 -105.94 -33.26 19.62
CA GLU P 107 -105.90 -34.70 19.86
C GLU P 107 -104.86 -35.06 20.91
N SER P 108 -103.71 -34.39 20.90
CA SER P 108 -102.72 -34.59 21.96
C SER P 108 -103.25 -34.08 23.29
N LEU P 109 -104.05 -33.02 23.27
CA LEU P 109 -104.60 -32.48 24.52
C LEU P 109 -105.59 -33.44 25.15
N GLN P 110 -106.49 -34.03 24.34
CA GLN P 110 -107.47 -34.96 24.91
C GLN P 110 -106.79 -36.21 25.45
N ALA P 111 -105.73 -36.68 24.78
CA ALA P 111 -105.01 -37.85 25.26
C ALA P 111 -104.35 -37.57 26.61
N ASN P 112 -103.83 -36.37 26.80
CA ASN P 112 -103.16 -36.05 28.06
C ASN P 112 -104.17 -35.83 29.18
N VAL P 113 -105.29 -35.18 28.89
CA VAL P 113 -106.26 -34.94 29.94
C VAL P 113 -107.04 -36.20 30.28
N GLN P 114 -107.19 -37.12 29.33
CA GLN P 114 -107.70 -38.45 29.68
C GLN P 114 -106.72 -39.16 30.61
N ARG P 115 -105.42 -39.00 30.35
CA ARG P 115 -104.40 -39.54 31.23
C ARG P 115 -104.49 -38.92 32.62
N LEU P 116 -104.81 -37.62 32.69
CA LEU P 116 -104.91 -36.96 33.99
C LEU P 116 -106.11 -37.49 34.78
N LYS P 117 -107.26 -37.64 34.13
CA LYS P 117 -108.46 -38.07 34.84
C LYS P 117 -108.34 -39.50 35.35
N GLU P 118 -107.73 -40.38 34.56
CA GLU P 118 -107.57 -41.76 35.01
C GLU P 118 -106.52 -41.87 36.11
N TYR P 119 -105.51 -40.99 36.10
CA TYR P 119 -104.58 -40.95 37.23
C TYR P 119 -105.27 -40.42 38.48
N ARG P 120 -106.14 -39.42 38.32
CA ARG P 120 -106.90 -38.90 39.45
C ARG P 120 -107.81 -39.97 40.05
N SER P 121 -108.42 -40.80 39.19
CA SER P 121 -109.25 -41.89 39.67
C SER P 121 -108.41 -42.94 40.40
N LYS P 122 -107.23 -43.24 39.88
CA LYS P 122 -106.39 -44.26 40.50
C LYS P 122 -105.75 -43.77 41.79
N LEU P 123 -105.57 -42.46 41.92
CA LEU P 123 -104.84 -41.93 43.06
C LEU P 123 -105.66 -42.02 44.34
N ILE P 124 -105.02 -42.48 45.41
CA ILE P 124 -105.61 -42.49 46.74
C ILE P 124 -104.91 -41.44 47.60
N LEU P 125 -105.68 -40.67 48.34
CA LEU P 125 -105.19 -39.49 49.03
C LEU P 125 -105.38 -39.65 50.53
N PHE P 126 -104.30 -39.44 51.27
CA PHE P 126 -104.30 -39.54 52.73
C PHE P 126 -104.71 -38.20 53.34
N PRO P 127 -105.52 -38.21 54.39
CA PRO P 127 -105.86 -36.96 55.07
C PRO P 127 -104.66 -36.37 55.76
N ARG P 128 -104.67 -35.04 55.91
CA ARG P 128 -103.57 -34.36 56.57
C ARG P 128 -103.43 -34.81 58.02
N LYS P 129 -104.55 -34.90 58.73
CA LYS P 129 -104.58 -35.51 60.04
C LYS P 129 -105.35 -36.82 59.97
N PRO P 130 -104.70 -37.97 60.18
CA PRO P 130 -105.43 -39.25 60.07
C PRO P 130 -106.53 -39.40 61.10
N SER P 131 -106.48 -38.65 62.20
CA SER P 131 -107.56 -38.71 63.18
C SER P 131 -108.86 -38.11 62.62
N ALA P 132 -108.77 -37.09 61.77
CA ALA P 132 -109.92 -36.39 61.23
C ALA P 132 -109.83 -36.31 59.71
N PRO P 133 -110.34 -37.33 59.00
CA PRO P 133 -110.39 -37.25 57.54
C PRO P 133 -111.46 -36.29 57.08
N LYS P 134 -111.08 -35.33 56.25
CA LYS P 134 -112.02 -34.34 55.73
C LYS P 134 -112.58 -34.74 54.36
N LYS P 135 -111.70 -34.84 53.36
CA LYS P 135 -112.10 -35.28 52.02
C LYS P 135 -111.04 -36.17 51.39
N GLY P 136 -110.19 -36.79 52.18
CA GLY P 136 -109.10 -37.56 51.64
C GLY P 136 -109.55 -38.80 50.88
N ASP P 137 -110.06 -39.79 51.60
CA ASP P 137 -110.49 -41.05 50.99
C ASP P 137 -111.22 -41.89 52.05
N SER P 138 -111.87 -42.94 51.57
CA SER P 138 -112.45 -43.92 52.46
C SER P 138 -111.33 -44.74 53.10
N SER P 139 -111.38 -44.86 54.43
CA SER P 139 -110.31 -45.53 55.16
C SER P 139 -110.27 -47.02 54.84
N ALA P 140 -111.38 -47.59 54.39
CA ALA P 140 -111.42 -49.02 54.08
C ALA P 140 -110.47 -49.36 52.94
N GLU P 141 -110.46 -48.55 51.88
CA GLU P 141 -109.56 -48.81 50.76
C GLU P 141 -108.26 -48.05 50.87
N GLU P 142 -108.22 -46.96 51.64
CA GLU P 142 -106.96 -46.27 51.89
C GLU P 142 -106.02 -47.14 52.71
N LEU P 143 -106.56 -48.03 53.53
CA LEU P 143 -105.72 -48.86 54.40
C LEU P 143 -104.99 -49.93 53.60
N LYS P 144 -105.74 -50.83 52.95
CA LYS P 144 -105.11 -51.98 52.30
C LYS P 144 -104.49 -51.60 50.96
N LEU P 145 -105.21 -50.86 50.13
CA LEU P 145 -104.78 -50.62 48.76
C LEU P 145 -103.59 -49.69 48.66
N ALA P 146 -103.18 -49.05 49.76
CA ALA P 146 -102.05 -48.15 49.74
C ALA P 146 -100.76 -48.96 49.71
N THR P 147 -100.15 -49.04 48.53
CA THR P 147 -98.84 -49.67 48.38
C THR P 147 -97.99 -48.79 47.47
N GLN P 148 -96.68 -48.86 47.67
CA GLN P 148 -95.75 -48.11 46.84
C GLN P 148 -95.71 -48.71 45.45
N LEU P 149 -96.02 -47.90 44.44
CA LEU P 149 -96.03 -48.37 43.06
C LEU P 149 -94.61 -48.36 42.52
N THR P 150 -94.03 -49.54 42.33
CA THR P 150 -92.70 -49.63 41.76
C THR P 150 -92.73 -49.32 40.27
N GLY P 151 -91.61 -48.82 39.75
CA GLY P 151 -91.53 -48.41 38.38
C GLY P 151 -92.19 -47.07 38.16
N PRO P 152 -92.28 -46.63 36.92
CA PRO P 152 -92.92 -45.35 36.64
C PRO P 152 -94.43 -45.43 36.72
N VAL P 153 -95.05 -44.32 37.14
CA VAL P 153 -96.49 -44.19 37.04
C VAL P 153 -96.86 -44.30 35.57
N MET P 154 -98.13 -44.67 35.32
CA MET P 154 -98.56 -45.52 34.21
C MET P 154 -97.74 -45.32 32.95
N PRO P 155 -97.03 -46.35 32.51
CA PRO P 155 -95.98 -46.15 31.49
C PRO P 155 -96.56 -45.77 30.14
N VAL P 156 -95.77 -45.02 29.38
CA VAL P 156 -96.17 -44.54 28.07
C VAL P 156 -95.83 -45.60 27.04
N ARG P 157 -96.85 -46.12 26.38
CA ARG P 157 -96.70 -47.16 25.38
C ARG P 157 -96.99 -46.61 24.00
N ASN P 158 -96.60 -47.37 22.99
CA ASN P 158 -96.90 -47.06 21.60
C ASN P 158 -98.07 -47.92 21.16
N VAL P 159 -99.18 -47.29 20.79
CA VAL P 159 -100.39 -47.99 20.40
C VAL P 159 -100.44 -48.05 18.88
N TYR P 160 -100.47 -49.27 18.34
CA TYR P 160 -100.53 -49.49 16.91
C TYR P 160 -101.91 -50.00 16.55
N LYS P 161 -102.61 -49.27 15.67
CA LYS P 161 -103.95 -49.68 15.27
C LYS P 161 -103.87 -50.86 14.31
N LYS P 162 -104.62 -51.92 14.60
CA LYS P 162 -104.64 -53.10 13.76
C LYS P 162 -105.62 -52.88 12.62
N GLU P 163 -105.10 -52.71 11.41
CA GLU P 163 -105.95 -52.46 10.25
C GLU P 163 -106.60 -53.75 9.79
N LYS P 164 -107.92 -53.69 9.57
CA LYS P 164 -108.67 -54.85 9.10
C LYS P 164 -108.44 -55.03 7.61
N ALA P 165 -108.10 -56.26 7.21
CA ALA P 165 -107.91 -56.56 5.79
C ALA P 165 -109.21 -56.37 5.03
N ARG P 166 -109.13 -55.73 3.87
CA ARG P 166 -110.30 -55.38 3.08
C ARG P 166 -110.02 -55.64 1.61
N VAL P 167 -111.03 -55.37 0.79
CA VAL P 167 -110.92 -55.51 -0.66
C VAL P 167 -110.51 -54.17 -1.25
N ILE P 168 -109.48 -54.18 -2.10
CA ILE P 168 -109.03 -52.95 -2.72
C ILE P 168 -110.07 -52.49 -3.72
N THR P 169 -110.59 -51.28 -3.52
CA THR P 169 -111.51 -50.70 -4.49
C THR P 169 -110.75 -50.31 -5.76
N GLU P 170 -111.49 -50.22 -6.86
CA GLU P 170 -110.86 -49.95 -8.15
C GLU P 170 -110.20 -48.58 -8.17
N GLU P 171 -110.82 -47.58 -7.55
CA GLU P 171 -110.21 -46.26 -7.47
C GLU P 171 -108.98 -46.26 -6.57
N GLU P 172 -108.89 -47.21 -5.63
CA GLU P 172 -107.68 -47.37 -4.84
C GLU P 172 -106.59 -48.06 -5.63
N LYS P 173 -106.96 -48.98 -6.53
CA LYS P 173 -105.98 -49.58 -7.43
C LYS P 173 -105.50 -48.58 -8.48
N ASN P 174 -106.40 -47.73 -8.97
CA ASN P 174 -106.06 -46.73 -9.97
C ASN P 174 -105.61 -45.44 -9.29
N PHE P 175 -104.53 -45.55 -8.53
CA PHE P 175 -103.90 -44.41 -7.88
C PHE P 175 -102.40 -44.45 -8.17
N LYS P 176 -101.88 -43.36 -8.70
CA LYS P 176 -100.47 -43.26 -9.08
C LYS P 176 -99.72 -42.65 -7.91
N ALA P 177 -99.17 -43.51 -7.04
CA ALA P 177 -98.46 -43.03 -5.87
C ALA P 177 -97.17 -42.32 -6.25
N PHE P 178 -96.40 -42.92 -7.17
CA PHE P 178 -95.13 -42.29 -7.56
C PHE P 178 -95.36 -41.00 -8.33
N ALA P 179 -96.35 -41.00 -9.23
CA ALA P 179 -96.63 -39.79 -10.00
C ALA P 179 -97.11 -38.67 -9.10
N SER P 180 -97.95 -38.98 -8.13
CA SER P 180 -98.47 -37.96 -7.23
C SER P 180 -97.36 -37.36 -6.36
N LEU P 181 -96.41 -38.20 -5.93
CA LEU P 181 -95.27 -37.69 -5.16
C LEU P 181 -94.42 -36.75 -5.99
N ARG P 182 -94.14 -37.14 -7.25
CA ARG P 182 -93.30 -36.30 -8.10
C ARG P 182 -94.00 -35.01 -8.47
N MET P 183 -95.31 -35.09 -8.76
CA MET P 183 -96.06 -33.87 -9.08
C MET P 183 -96.15 -32.94 -7.89
N ALA P 184 -96.31 -33.50 -6.69
CA ALA P 184 -96.40 -32.67 -5.49
C ALA P 184 -95.07 -31.99 -5.18
N ARG P 185 -93.96 -32.68 -5.40
CA ARG P 185 -92.66 -32.06 -5.23
C ARG P 185 -92.48 -30.90 -6.22
N ALA P 186 -92.93 -31.09 -7.46
CA ALA P 186 -92.84 -30.03 -8.44
C ALA P 186 -93.74 -28.86 -8.07
N ASN P 187 -94.96 -29.14 -7.60
CA ASN P 187 -95.89 -28.08 -7.25
C ASN P 187 -95.36 -27.24 -6.09
N ALA P 188 -94.78 -27.90 -5.09
CA ALA P 188 -94.20 -27.16 -3.97
C ALA P 188 -92.98 -26.37 -4.40
N ARG P 189 -92.19 -26.92 -5.31
CA ARG P 189 -90.98 -26.24 -5.77
C ARG P 189 -91.31 -24.99 -6.56
N LEU P 190 -92.29 -25.06 -7.46
CA LEU P 190 -92.61 -23.98 -8.38
C LEU P 190 -93.86 -23.20 -7.97
N PHE P 191 -94.23 -23.25 -6.69
CA PHE P 191 -95.43 -22.54 -6.26
C PHE P 191 -95.22 -21.03 -6.30
N GLY P 192 -94.10 -20.55 -5.76
CA GLY P 192 -93.88 -19.11 -5.71
C GLY P 192 -93.64 -18.49 -7.06
N ILE P 193 -92.89 -19.17 -7.93
CA ILE P 193 -92.57 -18.62 -9.24
C ILE P 193 -93.81 -18.57 -10.12
N ARG P 194 -94.66 -19.60 -10.03
CA ARG P 194 -95.90 -19.61 -10.80
C ARG P 194 -96.81 -18.44 -10.41
N ALA P 195 -96.88 -18.13 -9.11
CA ALA P 195 -97.67 -17.01 -8.66
C ALA P 195 -97.13 -15.69 -9.20
N LYS P 196 -95.81 -15.55 -9.23
CA LYS P 196 -95.20 -14.34 -9.78
C LYS P 196 -95.49 -14.20 -11.27
N ARG P 197 -95.40 -15.30 -12.01
CA ARG P 197 -95.70 -15.26 -13.44
C ARG P 197 -97.17 -14.95 -13.69
N ALA P 198 -98.06 -15.53 -12.88
CA ALA P 198 -99.48 -15.21 -13.00
C ALA P 198 -99.75 -13.77 -12.63
N LYS P 199 -99.02 -13.24 -11.64
CA LYS P 199 -99.17 -11.84 -11.28
C LYS P 199 -98.76 -10.92 -12.42
N GLU P 200 -97.61 -11.20 -13.05
CA GLU P 200 -97.14 -10.34 -14.13
C GLU P 200 -98.02 -10.44 -15.36
N ALA P 201 -98.56 -11.63 -15.66
CA ALA P 201 -99.51 -11.75 -16.75
C ALA P 201 -100.78 -10.97 -16.46
N ALA P 202 -101.15 -10.87 -15.17
CA ALA P 202 -102.27 -10.02 -14.80
C ALA P 202 -101.98 -8.55 -15.07
N GLU P 203 -100.74 -8.11 -14.77
CA GLU P 203 -100.39 -6.73 -15.05
C GLU P 203 -100.26 -6.47 -16.55
N GLN P 204 -100.04 -7.52 -17.34
CA GLN P 204 -100.13 -7.38 -18.78
C GLN P 204 -101.59 -7.32 -19.22
N ASP P 205 -102.47 -7.99 -18.47
CA ASP P 205 -103.89 -8.04 -18.84
C ASP P 205 -104.59 -6.71 -18.58
N VAL P 206 -104.14 -5.96 -17.57
CA VAL P 206 -104.78 -4.70 -17.21
C VAL P 206 -104.34 -3.62 -18.20
N GLU P 207 -103.40 -3.95 -19.08
CA GLU P 207 -102.99 -3.02 -20.12
C GLU P 207 -102.88 -3.69 -21.49
N LYS P 208 -103.61 -4.80 -21.71
CA LYS P 208 -103.52 -5.50 -22.98
C LYS P 208 -103.99 -4.65 -24.16
N LYS P 209 -104.98 -3.78 -23.92
CA LYS P 209 -105.49 -2.87 -24.94
C LYS P 209 -105.21 -1.44 -24.51
N LYS P 210 -104.58 -0.68 -25.40
CA LYS P 210 -104.25 0.71 -25.11
C LYS P 210 -104.41 1.59 -26.35
N VAL Q 1 41.35 -99.77 -20.67
CA VAL Q 1 40.16 -98.96 -20.51
C VAL Q 1 39.24 -99.16 -21.71
N PHE Q 2 37.93 -99.28 -21.43
CA PHE Q 2 36.90 -99.51 -22.44
C PHE Q 2 37.19 -100.81 -23.22
N ARG Q 3 37.12 -101.91 -22.48
CA ARG Q 3 37.40 -103.22 -23.05
C ARG Q 3 36.25 -103.74 -23.90
N ARG Q 4 35.01 -103.45 -23.53
CA ARG Q 4 33.84 -103.95 -24.24
C ARG Q 4 33.04 -102.77 -24.80
N PHE Q 5 32.70 -102.86 -26.08
CA PHE Q 5 31.97 -101.82 -26.77
C PHE Q 5 30.60 -102.31 -27.19
N VAL Q 6 29.77 -101.37 -27.63
CA VAL Q 6 28.52 -101.69 -28.29
C VAL Q 6 28.80 -101.78 -29.78
N GLU Q 7 28.51 -102.94 -30.37
CA GLU Q 7 28.80 -103.16 -31.77
C GLU Q 7 27.89 -104.27 -32.28
N VAL Q 8 27.82 -104.38 -33.61
CA VAL Q 8 26.98 -105.39 -34.22
C VAL Q 8 27.54 -106.77 -33.91
N GLY Q 9 26.75 -107.59 -33.22
CA GLY Q 9 27.18 -108.90 -32.79
C GLY Q 9 27.58 -108.98 -31.33
N ARG Q 10 27.64 -107.84 -30.64
CA ARG Q 10 27.95 -107.85 -29.21
C ARG Q 10 26.79 -108.45 -28.44
N VAL Q 11 27.09 -109.40 -27.55
CA VAL Q 11 26.08 -110.08 -26.76
C VAL Q 11 25.95 -109.36 -25.43
N ALA Q 12 24.75 -108.85 -25.16
CA ALA Q 12 24.46 -108.09 -23.95
C ALA Q 12 23.53 -108.89 -23.04
N TYR Q 13 23.59 -108.56 -21.75
CA TYR Q 13 22.76 -109.20 -20.74
C TYR Q 13 21.71 -108.19 -20.28
N VAL Q 14 20.44 -108.52 -20.48
CA VAL Q 14 19.37 -107.62 -20.09
C VAL Q 14 19.21 -107.71 -18.57
N SER Q 15 19.37 -106.56 -17.91
CA SER Q 15 19.32 -106.54 -16.45
C SER Q 15 17.90 -106.35 -15.92
N PHE Q 16 17.16 -105.39 -16.48
CA PHE Q 16 15.77 -105.21 -16.09
C PHE Q 16 14.87 -105.08 -17.31
N GLY Q 17 13.60 -104.78 -17.10
CA GLY Q 17 12.66 -104.65 -18.18
C GLY Q 17 11.85 -105.92 -18.37
N PRO Q 18 11.11 -106.00 -19.47
CA PRO Q 18 10.26 -107.18 -19.69
C PRO Q 18 11.04 -108.46 -19.93
N HIS Q 19 12.30 -108.38 -20.34
CA HIS Q 19 13.12 -109.55 -20.64
C HIS Q 19 14.35 -109.60 -19.75
N ALA Q 20 14.15 -109.34 -18.46
CA ALA Q 20 15.28 -109.34 -17.53
C ALA Q 20 15.85 -110.75 -17.38
N GLY Q 21 17.18 -110.81 -17.29
CA GLY Q 21 17.85 -112.09 -17.14
C GLY Q 21 18.09 -112.86 -18.42
N LYS Q 22 17.80 -112.28 -19.57
CA LYS Q 22 18.01 -112.93 -20.86
C LYS Q 22 19.26 -112.38 -21.54
N LEU Q 23 19.79 -113.17 -22.46
CA LEU Q 23 20.95 -112.80 -23.25
C LEU Q 23 20.47 -112.42 -24.66
N VAL Q 24 20.82 -111.22 -25.10
CA VAL Q 24 20.44 -110.73 -26.41
C VAL Q 24 21.70 -110.34 -27.17
N ALA Q 25 21.58 -110.30 -28.49
CA ALA Q 25 22.67 -109.93 -29.39
C ALA Q 25 22.31 -108.65 -30.11
N ILE Q 26 23.23 -107.69 -30.12
CA ILE Q 26 22.99 -106.40 -30.76
C ILE Q 26 23.07 -106.58 -32.28
N VAL Q 27 21.97 -106.30 -32.96
CA VAL Q 27 21.92 -106.40 -34.41
C VAL Q 27 22.16 -105.04 -35.07
N ASP Q 28 21.59 -103.98 -34.52
CA ASP Q 28 21.77 -102.64 -35.05
C ASP Q 28 21.50 -101.65 -33.92
N VAL Q 29 21.99 -100.43 -34.10
CA VAL Q 29 21.86 -99.38 -33.09
C VAL Q 29 21.07 -98.23 -33.69
N ILE Q 30 20.14 -97.70 -32.90
CA ILE Q 30 19.29 -96.58 -33.29
C ILE Q 30 19.48 -95.46 -32.29
N ASP Q 31 19.72 -94.24 -32.80
CA ASP Q 31 19.67 -92.99 -32.06
C ASP Q 31 20.25 -93.01 -30.64
N GLN Q 32 21.41 -93.66 -30.47
CA GLN Q 32 22.30 -93.50 -29.31
C GLN Q 32 21.67 -93.85 -27.97
N ASN Q 33 20.41 -94.29 -27.97
CA ASN Q 33 19.74 -94.64 -26.73
C ASN Q 33 19.15 -96.04 -26.83
N ARG Q 34 18.70 -96.41 -28.02
CA ARG Q 34 18.09 -97.69 -28.29
C ARG Q 34 19.00 -98.52 -29.20
N ALA Q 35 18.59 -99.76 -29.45
CA ALA Q 35 19.31 -100.64 -30.34
C ALA Q 35 18.37 -101.72 -30.83
N LEU Q 36 18.73 -102.33 -31.95
CA LEU Q 36 18.03 -103.50 -32.46
C LEU Q 36 18.69 -104.74 -31.90
N VAL Q 37 17.96 -105.49 -31.07
CA VAL Q 37 18.51 -106.68 -30.44
C VAL Q 37 17.59 -107.86 -30.69
N ASP Q 38 18.16 -109.05 -30.54
CA ASP Q 38 17.53 -110.28 -31.01
C ASP Q 38 18.15 -111.43 -30.22
N GLY Q 39 17.36 -112.05 -29.36
CA GLY Q 39 17.73 -113.32 -28.79
C GLY Q 39 16.97 -114.45 -29.45
N PRO Q 40 17.60 -115.12 -30.39
CA PRO Q 40 16.88 -116.16 -31.15
C PRO Q 40 16.86 -117.49 -30.41
N CYS Q 41 17.89 -117.74 -29.62
CA CYS Q 41 17.98 -118.95 -28.81
C CYS Q 41 17.70 -118.70 -27.33
N THR Q 42 17.57 -117.44 -26.93
CA THR Q 42 17.20 -117.08 -25.57
C THR Q 42 15.78 -116.57 -25.47
N GLN Q 43 14.96 -116.79 -26.51
CA GLN Q 43 13.53 -116.47 -26.51
C GLN Q 43 13.30 -114.98 -26.25
N VAL Q 44 13.97 -114.14 -27.04
CA VAL Q 44 13.74 -112.70 -27.06
C VAL Q 44 13.66 -112.32 -28.53
N ARG Q 45 12.45 -112.13 -29.04
CA ARG Q 45 12.30 -111.83 -30.45
C ARG Q 45 12.79 -110.41 -30.76
N ARG Q 46 13.12 -110.19 -32.02
CA ARG Q 46 13.77 -108.95 -32.43
C ARG Q 46 12.89 -107.75 -32.17
N GLN Q 47 13.47 -106.73 -31.55
CA GLN Q 47 12.75 -105.54 -31.11
C GLN Q 47 13.78 -104.47 -30.75
N ALA Q 48 13.28 -103.30 -30.38
CA ALA Q 48 14.13 -102.21 -29.93
C ALA Q 48 14.21 -102.21 -28.41
N MET Q 49 15.43 -102.15 -27.88
CA MET Q 49 15.64 -102.16 -26.45
C MET Q 49 16.62 -101.05 -26.08
N PRO Q 50 16.31 -100.23 -25.09
CA PRO Q 50 17.21 -99.14 -24.73
C PRO Q 50 18.51 -99.64 -24.12
N PHE Q 51 19.55 -98.81 -24.23
CA PHE Q 51 20.87 -99.18 -23.74
C PHE Q 51 20.95 -99.20 -22.22
N LYS Q 52 19.95 -98.67 -21.51
CA LYS Q 52 20.00 -98.64 -20.06
C LYS Q 52 19.71 -100.00 -19.44
N CYS Q 53 19.10 -100.93 -20.19
CA CYS Q 53 18.82 -102.26 -19.68
C CYS Q 53 19.93 -103.26 -20.00
N MET Q 54 20.97 -102.85 -20.70
CA MET Q 54 21.98 -103.78 -21.20
C MET Q 54 23.23 -103.72 -20.35
N GLN Q 55 23.79 -104.90 -20.07
CA GLN Q 55 25.11 -105.03 -19.47
C GLN Q 55 25.95 -105.87 -20.42
N LEU Q 56 26.90 -105.23 -21.09
CA LEU Q 56 27.63 -105.89 -22.16
C LEU Q 56 28.52 -107.00 -21.63
N THR Q 57 28.54 -108.12 -22.36
CA THR Q 57 29.40 -109.25 -22.06
C THR Q 57 30.60 -109.24 -23.02
N ASP Q 58 31.41 -110.28 -22.96
CA ASP Q 58 32.61 -110.39 -23.77
C ASP Q 58 32.42 -111.27 -25.00
N PHE Q 59 31.18 -111.59 -25.35
CA PHE Q 59 30.90 -112.43 -26.50
C PHE Q 59 30.46 -111.56 -27.66
N ILE Q 60 31.23 -111.60 -28.74
CA ILE Q 60 30.94 -110.82 -29.94
C ILE Q 60 30.68 -111.80 -31.08
N LEU Q 61 29.46 -111.76 -31.62
CA LEU Q 61 29.10 -112.60 -32.76
C LEU Q 61 29.48 -111.92 -34.06
N LYS Q 62 29.69 -112.73 -35.09
CA LYS Q 62 30.14 -112.26 -36.39
C LYS Q 62 29.00 -112.42 -37.39
N PHE Q 63 28.30 -111.31 -37.65
CA PHE Q 63 27.30 -111.24 -38.71
C PHE Q 63 27.11 -109.78 -39.09
N PRO Q 64 26.76 -109.50 -40.34
CA PRO Q 64 26.56 -108.10 -40.74
C PRO Q 64 25.37 -107.47 -40.06
N HIS Q 65 25.36 -106.14 -40.06
CA HIS Q 65 24.29 -105.39 -39.40
C HIS Q 65 22.96 -105.62 -40.08
N SER Q 66 21.91 -105.69 -39.29
CA SER Q 66 20.53 -105.91 -39.76
C SER Q 66 20.43 -107.20 -40.58
N ALA Q 67 21.16 -108.23 -40.18
CA ALA Q 67 20.96 -109.55 -40.74
C ALA Q 67 19.68 -110.16 -40.19
N HIS Q 68 19.17 -111.15 -40.90
CA HIS Q 68 17.90 -111.77 -40.52
C HIS Q 68 18.07 -112.56 -39.22
N GLN Q 69 16.92 -112.94 -38.65
CA GLN Q 69 16.93 -113.76 -37.45
C GLN Q 69 17.63 -115.09 -37.69
N LYS Q 70 17.50 -115.64 -38.89
CA LYS Q 70 18.11 -116.94 -39.18
C LYS Q 70 19.62 -116.89 -39.07
N TYR Q 71 20.25 -115.83 -39.60
CA TYR Q 71 21.70 -115.76 -39.58
C TYR Q 71 22.22 -115.41 -38.19
N VAL Q 72 21.45 -114.62 -37.42
CA VAL Q 72 21.81 -114.39 -36.03
C VAL Q 72 21.72 -115.69 -35.24
N ARG Q 73 20.69 -116.50 -35.51
CA ARG Q 73 20.56 -117.79 -34.85
C ARG Q 73 21.70 -118.72 -35.19
N GLN Q 74 22.08 -118.78 -36.48
CA GLN Q 74 23.17 -119.67 -36.89
C GLN Q 74 24.48 -119.22 -36.27
N ALA Q 75 24.73 -117.91 -36.20
CA ALA Q 75 25.90 -117.41 -35.52
C ALA Q 75 25.83 -117.66 -34.01
N TRP Q 76 24.62 -117.72 -33.47
CA TRP Q 76 24.47 -118.02 -32.04
C TRP Q 76 24.70 -119.49 -31.76
N GLN Q 77 24.15 -120.38 -32.60
CA GLN Q 77 24.30 -121.81 -32.38
C GLN Q 77 25.75 -122.25 -32.55
N LYS Q 78 26.36 -121.87 -33.67
CA LYS Q 78 27.79 -122.12 -33.84
C LYS Q 78 28.57 -121.26 -32.85
N ALA Q 79 29.57 -121.87 -32.19
CA ALA Q 79 30.25 -121.26 -31.06
C ALA Q 79 29.23 -120.84 -29.99
N ASP Q 80 28.60 -121.87 -29.42
CA ASP Q 80 27.41 -121.71 -28.60
C ASP Q 80 27.65 -120.76 -27.44
N ILE Q 81 26.73 -119.80 -27.27
CA ILE Q 81 26.83 -118.85 -26.17
C ILE Q 81 26.25 -119.44 -24.90
N ASN Q 82 25.18 -120.24 -25.01
CA ASN Q 82 24.54 -120.82 -23.84
C ASN Q 82 25.44 -121.77 -23.08
N THR Q 83 26.53 -122.23 -23.68
CA THR Q 83 27.52 -123.05 -23.00
C THR Q 83 28.71 -122.22 -22.50
N LYS Q 84 29.14 -121.22 -23.27
CA LYS Q 84 30.21 -120.34 -22.80
C LYS Q 84 29.73 -119.52 -21.62
N TRP Q 85 28.72 -118.69 -21.81
CA TRP Q 85 27.89 -118.22 -20.71
C TRP Q 85 27.25 -119.44 -20.05
N ALA Q 86 26.87 -119.30 -18.78
CA ALA Q 86 26.32 -120.43 -18.03
C ALA Q 86 27.34 -121.55 -17.96
N ALA Q 87 28.30 -121.43 -17.01
CA ALA Q 87 29.70 -121.86 -16.98
C ALA Q 87 30.65 -120.75 -17.41
N THR Q 88 30.16 -119.51 -17.46
CA THR Q 88 31.03 -118.37 -17.19
C THR Q 88 30.89 -117.98 -15.73
N ARG Q 89 31.84 -117.18 -15.24
CA ARG Q 89 31.82 -116.81 -13.83
C ARG Q 89 30.64 -115.90 -13.50
N TRP Q 90 30.28 -115.03 -14.44
CA TRP Q 90 29.14 -114.13 -14.23
C TRP Q 90 27.85 -114.92 -14.07
N ALA Q 91 27.62 -115.92 -14.93
CA ALA Q 91 26.34 -116.61 -14.93
C ALA Q 91 26.21 -117.56 -13.75
N LYS Q 92 27.28 -118.24 -13.37
CA LYS Q 92 27.19 -119.07 -12.18
C LYS Q 92 27.08 -118.22 -10.92
N LYS Q 93 27.44 -116.94 -11.03
CA LYS Q 93 27.25 -116.03 -9.90
C LYS Q 93 25.81 -115.59 -9.77
N ILE Q 94 25.14 -115.31 -10.89
CA ILE Q 94 23.75 -114.84 -10.79
C ILE Q 94 22.83 -116.02 -10.50
N GLU Q 95 23.26 -117.24 -10.83
CA GLU Q 95 22.49 -118.42 -10.47
C GLU Q 95 22.57 -118.65 -8.98
N ALA Q 96 23.77 -118.52 -8.41
CA ALA Q 96 23.96 -118.74 -6.98
C ALA Q 96 23.14 -117.75 -6.16
N ARG Q 97 23.05 -116.51 -6.64
CA ARG Q 97 22.14 -115.54 -6.02
C ARG Q 97 20.68 -116.00 -6.16
N GLU Q 98 20.34 -116.61 -7.28
CA GLU Q 98 18.97 -117.05 -7.50
C GLU Q 98 18.61 -118.22 -6.58
N ARG Q 99 19.47 -119.23 -6.50
CA ARG Q 99 19.14 -120.40 -5.69
C ARG Q 99 19.22 -120.09 -4.20
N LYS Q 100 20.03 -119.11 -3.82
CA LYS Q 100 20.04 -118.68 -2.42
C LYS Q 100 18.72 -118.04 -2.04
N ALA Q 101 18.11 -117.29 -2.95
CA ALA Q 101 16.82 -116.68 -2.66
C ALA Q 101 15.72 -117.72 -2.57
N LYS Q 102 15.85 -118.82 -3.32
CA LYS Q 102 14.80 -119.83 -3.37
C LYS Q 102 14.92 -120.89 -2.28
N MET Q 103 15.94 -120.82 -1.43
CA MET Q 103 16.10 -121.83 -0.38
C MET Q 103 14.95 -121.74 0.62
N THR Q 104 14.58 -122.89 1.16
CA THR Q 104 13.47 -122.98 2.10
C THR Q 104 13.99 -122.83 3.53
N ASP Q 105 13.09 -122.98 4.50
CA ASP Q 105 13.48 -122.81 5.89
C ASP Q 105 14.33 -123.98 6.38
N PHE Q 106 14.00 -125.20 5.93
CA PHE Q 106 14.84 -126.34 6.26
C PHE Q 106 16.22 -126.21 5.63
N ASP Q 107 16.28 -125.71 4.39
CA ASP Q 107 17.57 -125.50 3.75
C ASP Q 107 18.38 -124.43 4.47
N ARG Q 108 17.70 -123.42 5.02
CA ARG Q 108 18.39 -122.41 5.81
C ARG Q 108 18.94 -123.01 7.10
N PHE Q 109 18.22 -123.98 7.67
CA PHE Q 109 18.71 -124.65 8.87
C PHE Q 109 19.94 -125.47 8.57
N LYS Q 110 19.91 -126.24 7.47
CA LYS Q 110 21.07 -127.06 7.10
C LYS Q 110 22.28 -126.21 6.77
N VAL Q 111 22.06 -125.08 6.10
CA VAL Q 111 23.15 -124.17 5.78
C VAL Q 111 23.75 -123.60 7.05
N MET Q 112 22.91 -123.22 8.01
CA MET Q 112 23.41 -122.68 9.26
C MET Q 112 24.26 -123.69 10.00
N LYS Q 113 23.82 -124.96 10.03
CA LYS Q 113 24.64 -126.01 10.63
C LYS Q 113 25.93 -126.22 9.85
N ALA Q 114 25.85 -126.23 8.53
CA ALA Q 114 27.05 -126.41 7.71
C ALA Q 114 28.01 -125.25 7.87
N LYS Q 115 27.49 -124.02 7.85
CA LYS Q 115 28.34 -122.84 8.04
C LYS Q 115 28.90 -122.81 9.45
N LYS Q 116 28.14 -123.30 10.43
CA LYS Q 116 28.62 -123.38 11.80
C LYS Q 116 29.85 -124.27 11.90
N MET Q 117 29.78 -125.47 11.32
CA MET Q 117 30.90 -126.38 11.39
C MET Q 117 32.05 -125.93 10.49
N ARG Q 118 31.72 -125.32 9.35
CA ARG Q 118 32.75 -124.80 8.47
C ARG Q 118 33.59 -123.73 9.17
N ASN Q 119 32.92 -122.79 9.84
CA ASN Q 119 33.64 -121.67 10.45
C ASN Q 119 34.48 -122.12 11.64
N ARG Q 120 34.04 -123.17 12.34
CA ARG Q 120 34.82 -123.68 13.45
C ARG Q 120 36.17 -124.22 12.98
N ILE Q 121 36.17 -124.94 11.87
CA ILE Q 121 37.40 -125.57 11.40
C ILE Q 121 38.36 -124.54 10.82
N ILE Q 122 37.85 -123.55 10.08
CA ILE Q 122 38.71 -122.50 9.55
C ILE Q 122 39.34 -121.70 10.69
N LYS Q 123 38.55 -121.33 11.69
CA LYS Q 123 39.08 -120.57 12.81
C LYS Q 123 40.09 -121.40 13.60
N ASN Q 124 39.89 -122.71 13.67
CA ASN Q 124 40.88 -123.57 14.31
C ASN Q 124 42.18 -123.57 13.54
N GLU Q 125 42.11 -123.64 12.21
CA GLU Q 125 43.33 -123.64 11.42
C GLU Q 125 43.98 -122.26 11.36
N VAL Q 126 43.18 -121.19 11.39
CA VAL Q 126 43.74 -119.85 11.42
C VAL Q 126 44.51 -119.64 12.72
N LYS Q 127 43.92 -120.05 13.86
CA LYS Q 127 44.61 -119.93 15.14
C LYS Q 127 45.87 -120.79 15.16
N LYS Q 128 45.79 -121.99 14.60
CA LYS Q 128 46.98 -122.84 14.52
C LYS Q 128 48.06 -122.22 13.66
N LEU Q 129 47.67 -121.61 12.53
CA LEU Q 129 48.65 -120.95 11.67
C LEU Q 129 49.22 -119.71 12.34
N GLN Q 130 48.40 -118.97 13.08
CA GLN Q 130 48.90 -117.80 13.79
C GLN Q 130 49.90 -118.19 14.87
N LYS Q 131 49.60 -119.25 15.62
CA LYS Q 131 50.52 -119.71 16.66
C LYS Q 131 51.76 -120.36 16.05
N ALA Q 132 51.66 -120.89 14.83
CA ALA Q 132 52.83 -121.41 14.15
C ALA Q 132 53.71 -120.29 13.60
N ALA Q 133 53.09 -119.25 13.03
CA ALA Q 133 53.85 -118.14 12.49
C ALA Q 133 54.40 -117.22 13.57
N LEU Q 134 53.89 -117.33 14.79
CA LEU Q 134 54.45 -116.54 15.89
C LEU Q 134 55.81 -117.07 16.35
N LEU Q 135 56.14 -118.31 16.00
CA LEU Q 135 57.42 -118.91 16.41
C LEU Q 135 58.53 -118.34 15.54
N LYS Q 136 58.96 -117.13 15.90
CA LYS Q 136 60.00 -116.42 15.17
C LYS Q 136 60.97 -115.82 16.19
N ALA Q 137 62.21 -116.30 16.19
CA ALA Q 137 63.22 -115.83 17.14
C ALA Q 137 64.57 -115.65 16.44
N SER Q 138 64.56 -115.05 15.25
CA SER Q 138 65.77 -114.85 14.48
C SER Q 138 66.01 -113.37 14.24
N PRO Q 139 67.28 -112.93 14.19
CA PRO Q 139 67.59 -111.53 13.93
C PRO Q 139 67.43 -111.15 12.46
N GLY R 1 -94.65 6.12 40.80
CA GLY R 1 -94.78 6.24 39.37
C GLY R 1 -93.69 7.08 38.75
N ALA R 2 -92.86 7.68 39.60
CA ALA R 2 -91.79 8.54 39.13
C ALA R 2 -90.60 7.76 38.59
N TYR R 3 -90.42 6.50 39.01
CA TYR R 3 -89.27 5.73 38.58
C TYR R 3 -89.31 5.46 37.08
N LYS R 4 -90.51 5.32 36.51
CA LYS R 4 -90.63 5.17 35.07
C LYS R 4 -90.15 6.42 34.35
N TYR R 5 -90.48 7.59 34.88
CA TYR R 5 -90.03 8.84 34.26
C TYR R 5 -88.52 8.97 34.31
N ILE R 6 -87.91 8.62 35.43
CA ILE R 6 -86.45 8.69 35.55
C ILE R 6 -85.81 7.67 34.62
N GLN R 7 -86.40 6.48 34.51
CA GLN R 7 -85.86 5.46 33.63
C GLN R 7 -85.94 5.89 32.17
N GLU R 8 -87.06 6.49 31.75
CA GLU R 8 -87.17 6.97 30.38
C GLU R 8 -86.29 8.19 30.15
N LEU R 9 -86.08 9.01 31.18
CA LEU R 9 -85.18 10.14 31.06
C LEU R 9 -83.74 9.69 30.82
N TRP R 10 -83.31 8.62 31.51
CA TRP R 10 -81.96 8.13 31.33
C TRP R 10 -81.76 7.44 29.99
N ARG R 11 -82.83 7.08 29.31
CA ARG R 11 -82.73 6.54 27.96
C ARG R 11 -82.57 7.61 26.90
N LYS R 12 -82.27 8.84 27.32
CA LYS R 12 -82.13 10.00 26.46
C LYS R 12 -80.81 10.70 26.73
N LYS R 13 -79.72 9.93 26.74
CA LYS R 13 -78.41 10.43 27.13
C LYS R 13 -77.87 11.52 26.20
N GLN R 14 -78.43 11.68 25.01
CA GLN R 14 -77.99 12.70 24.08
C GLN R 14 -78.82 13.97 24.16
N SER R 15 -79.80 14.03 25.04
CA SER R 15 -80.63 15.22 25.16
C SER R 15 -79.84 16.34 25.83
N ASP R 16 -80.36 17.56 25.69
CA ASP R 16 -79.68 18.73 26.24
C ASP R 16 -79.59 18.66 27.75
N VAL R 17 -80.68 18.22 28.41
CA VAL R 17 -80.69 18.15 29.87
C VAL R 17 -79.77 17.04 30.36
N MET R 18 -79.74 15.90 29.66
CA MET R 18 -78.93 14.79 30.13
C MET R 18 -77.46 14.95 29.75
N ARG R 19 -77.18 15.59 28.62
CA ARG R 19 -75.79 15.86 28.27
C ARG R 19 -75.14 16.80 29.26
N PHE R 20 -75.87 17.82 29.71
CA PHE R 20 -75.34 18.75 30.69
C PHE R 20 -75.11 18.05 32.03
N LEU R 21 -76.06 17.22 32.45
CA LEU R 21 -75.95 16.53 33.74
C LEU R 21 -74.78 15.56 33.73
N LEU R 22 -74.62 14.80 32.65
CA LEU R 22 -73.54 13.82 32.59
C LEU R 22 -72.17 14.51 32.54
N ARG R 23 -72.08 15.63 31.83
CA ARG R 23 -70.80 16.33 31.74
C ARG R 23 -70.39 16.92 33.08
N VAL R 24 -71.33 17.56 33.78
CA VAL R 24 -71.03 18.16 35.07
C VAL R 24 -70.67 17.09 36.08
N ARG R 25 -71.44 16.01 36.12
CA ARG R 25 -71.18 14.92 37.06
C ARG R 25 -69.85 14.24 36.76
N CYS R 26 -69.54 14.04 35.48
CA CYS R 26 -68.26 13.43 35.13
C CYS R 26 -67.10 14.32 35.56
N TRP R 27 -67.27 15.64 35.49
CA TRP R 27 -66.22 16.54 35.97
C TRP R 27 -66.01 16.37 37.46
N GLN R 28 -67.10 16.29 38.23
CA GLN R 28 -66.98 16.13 39.68
C GLN R 28 -66.34 14.79 40.04
N TYR R 29 -66.75 13.73 39.36
CA TYR R 29 -66.18 12.41 39.64
C TYR R 29 -64.70 12.39 39.31
N ARG R 30 -64.29 13.06 38.23
CA ARG R 30 -62.88 13.10 37.85
C ARG R 30 -62.05 13.82 38.89
N GLN R 31 -62.61 14.83 39.56
CA GLN R 31 -61.86 15.56 40.56
C GLN R 31 -61.75 14.80 41.87
N LEU R 32 -62.61 13.80 42.09
CA LEU R 32 -62.56 12.99 43.29
C LEU R 32 -61.48 11.92 43.14
N SER R 33 -61.44 10.98 44.07
CA SER R 33 -60.47 9.91 44.03
C SER R 33 -60.94 8.81 43.08
N ALA R 34 -60.14 7.75 42.96
CA ALA R 34 -60.52 6.62 42.12
C ALA R 34 -61.44 5.66 42.88
N LEU R 35 -61.02 5.21 44.05
CA LEU R 35 -61.85 4.42 44.93
C LEU R 35 -62.57 5.37 45.87
N HIS R 36 -63.87 5.57 45.64
CA HIS R 36 -64.64 6.53 46.40
C HIS R 36 -65.94 5.91 46.88
N ARG R 37 -66.45 6.40 48.00
CA ARG R 37 -67.69 5.91 48.59
C ARG R 37 -68.79 6.92 48.30
N ALA R 38 -69.85 6.46 47.66
CA ALA R 38 -70.98 7.34 47.38
C ALA R 38 -71.96 7.30 48.54
N PRO R 39 -72.36 8.45 49.08
CA PRO R 39 -73.33 8.45 50.20
C PRO R 39 -74.70 7.91 49.82
N ARG R 40 -75.04 7.93 48.53
CA ARG R 40 -76.31 7.41 48.05
C ARG R 40 -76.15 7.11 46.57
N PRO R 41 -76.97 6.22 46.01
CA PRO R 41 -76.86 5.92 44.57
C PRO R 41 -77.18 7.15 43.74
N THR R 42 -76.37 7.37 42.71
CA THR R 42 -76.61 8.49 41.80
C THR R 42 -77.87 8.26 40.97
N ARG R 43 -78.14 7.01 40.61
CA ARG R 43 -79.33 6.62 39.86
C ARG R 43 -80.12 5.65 40.72
N PRO R 44 -81.01 6.15 41.59
CA PRO R 44 -81.73 5.25 42.50
C PRO R 44 -82.63 4.26 41.78
N ASP R 45 -83.17 4.64 40.63
CA ASP R 45 -84.04 3.73 39.89
C ASP R 45 -83.24 2.55 39.32
N LYS R 46 -82.03 2.82 38.82
CA LYS R 46 -81.22 1.75 38.27
C LYS R 46 -80.62 0.90 39.38
N ALA R 47 -80.27 1.52 40.51
CA ALA R 47 -79.71 0.77 41.62
C ALA R 47 -80.71 -0.24 42.16
N ARG R 48 -81.96 0.19 42.41
CA ARG R 48 -82.95 -0.71 42.96
C ARG R 48 -83.44 -1.72 41.94
N ARG R 49 -83.26 -1.45 40.65
CA ARG R 49 -83.55 -2.45 39.64
C ARG R 49 -82.50 -3.54 39.63
N LEU R 50 -81.25 -3.19 39.93
CA LEU R 50 -80.18 -4.17 40.01
C LEU R 50 -80.17 -4.95 41.31
N GLY R 51 -80.85 -4.45 42.34
CA GLY R 51 -80.95 -5.19 43.59
C GLY R 51 -80.79 -4.36 44.85
N TYR R 52 -80.52 -3.07 44.69
CA TYR R 52 -80.34 -2.19 45.84
C TYR R 52 -81.67 -1.94 46.53
N LYS R 53 -81.63 -1.84 47.86
CA LYS R 53 -82.78 -1.44 48.65
C LYS R 53 -82.31 -0.44 49.70
N ALA R 54 -83.09 0.61 49.90
CA ALA R 54 -82.72 1.68 50.82
C ALA R 54 -82.90 1.20 52.26
N LYS R 55 -81.94 0.41 52.71
CA LYS R 55 -81.90 -0.05 54.09
C LYS R 55 -80.45 -0.15 54.52
N GLN R 56 -80.23 -0.23 55.83
CA GLN R 56 -78.88 -0.33 56.37
C GLN R 56 -78.22 -1.61 55.91
N GLY R 57 -76.93 -1.50 55.56
CA GLY R 57 -76.16 -2.61 55.05
C GLY R 57 -75.88 -2.54 53.57
N TYR R 58 -76.63 -1.74 52.82
CA TYR R 58 -76.37 -1.52 51.41
C TYR R 58 -75.55 -0.26 51.26
N VAL R 59 -74.39 -0.36 50.60
CA VAL R 59 -73.51 0.78 50.38
C VAL R 59 -73.17 0.86 48.91
N ILE R 60 -72.89 2.08 48.46
CA ILE R 60 -72.57 2.37 47.07
C ILE R 60 -71.15 2.89 47.00
N TYR R 61 -70.33 2.27 46.16
CA TYR R 61 -68.95 2.69 45.93
C TYR R 61 -68.79 3.08 44.47
N ARG R 62 -68.25 4.26 44.24
CA ARG R 62 -68.02 4.77 42.90
C ARG R 62 -66.60 4.46 42.48
N ILE R 63 -66.45 3.83 41.32
CA ILE R 63 -65.15 3.40 40.84
C ILE R 63 -64.83 4.13 39.55
N ARG R 64 -63.54 4.37 39.32
CA ARG R 64 -63.05 5.02 38.12
C ARG R 64 -61.96 4.16 37.52
N VAL R 65 -62.21 3.61 36.33
CA VAL R 65 -61.27 2.72 35.66
C VAL R 65 -60.78 3.40 34.39
N ARG R 66 -59.48 3.34 34.17
CA ARG R 66 -58.91 3.83 32.92
C ARG R 66 -59.40 2.97 31.77
N ARG R 67 -59.80 3.62 30.68
CA ARG R 67 -60.48 2.94 29.59
C ARG R 67 -59.57 2.85 28.37
N GLY R 68 -59.72 1.76 27.63
CA GLY R 68 -58.94 1.48 26.45
C GLY R 68 -58.66 0.00 26.36
N GLY R 69 -57.72 -0.35 25.48
CA GLY R 69 -57.30 -1.73 25.33
C GLY R 69 -56.28 -2.12 26.37
N ARG R 70 -55.76 -3.33 26.21
CA ARG R 70 -54.79 -3.90 27.13
C ARG R 70 -53.47 -4.11 26.39
N LYS R 71 -52.51 -3.22 26.61
CA LYS R 71 -51.18 -3.40 26.06
C LYS R 71 -50.50 -4.57 26.74
N ARG R 72 -49.85 -5.42 25.95
CA ARG R 72 -49.15 -6.57 26.51
C ARG R 72 -47.97 -6.10 27.34
N PRO R 73 -47.86 -6.49 28.60
CA PRO R 73 -46.78 -5.99 29.47
C PRO R 73 -45.46 -6.73 29.24
N VAL R 74 -44.86 -6.48 28.09
CA VAL R 74 -43.58 -7.10 27.74
C VAL R 74 -42.52 -6.00 27.62
N PRO R 75 -41.29 -6.25 28.05
CA PRO R 75 -40.26 -5.20 27.97
C PRO R 75 -39.93 -4.84 26.53
N LYS R 76 -40.05 -3.54 26.22
CA LYS R 76 -39.74 -3.00 24.90
C LYS R 76 -40.56 -3.64 23.80
N GLY R 77 -41.74 -4.13 24.14
CA GLY R 77 -42.62 -4.74 23.16
C GLY R 77 -42.02 -5.95 22.46
N ALA R 78 -41.29 -6.78 23.20
CA ALA R 78 -40.60 -7.93 22.64
C ALA R 78 -41.25 -9.20 23.17
N THR R 79 -42.14 -9.77 22.37
CA THR R 79 -42.70 -11.09 22.64
C THR R 79 -41.98 -12.08 21.75
N TYR R 80 -41.31 -13.06 22.36
CA TYR R 80 -40.36 -13.90 21.65
C TYR R 80 -41.08 -15.11 21.05
N GLY R 81 -41.11 -15.20 19.74
CA GLY R 81 -41.50 -16.41 19.04
C GLY R 81 -42.85 -16.26 18.36
N LYS R 82 -42.99 -16.95 17.21
CA LYS R 82 -44.25 -17.14 16.49
C LYS R 82 -44.96 -15.83 16.21
N PRO R 83 -44.59 -15.12 15.13
CA PRO R 83 -45.11 -13.76 14.88
C PRO R 83 -46.62 -13.57 15.02
N VAL R 84 -47.39 -14.67 15.10
CA VAL R 84 -48.79 -14.57 15.49
C VAL R 84 -48.91 -13.95 16.87
N HIS R 85 -47.99 -14.28 17.78
CA HIS R 85 -47.99 -13.76 19.13
C HIS R 85 -47.13 -12.51 19.28
N HIS R 86 -46.86 -11.80 18.19
CA HIS R 86 -46.11 -10.56 18.24
C HIS R 86 -46.97 -9.36 18.62
N GLY R 87 -48.28 -9.55 18.77
CA GLY R 87 -49.17 -8.44 19.04
C GLY R 87 -48.92 -7.82 20.40
N VAL R 88 -48.81 -6.49 20.43
CA VAL R 88 -48.57 -5.75 21.65
C VAL R 88 -49.64 -4.69 21.90
N ASN R 89 -50.00 -3.92 20.87
CA ASN R 89 -50.76 -2.69 21.06
C ASN R 89 -52.27 -2.87 20.94
N GLN R 90 -52.73 -3.58 19.92
CA GLN R 90 -54.15 -3.64 19.63
C GLN R 90 -54.86 -4.79 20.35
N LEU R 91 -54.28 -5.29 21.44
CA LEU R 91 -54.91 -6.37 22.19
C LEU R 91 -56.04 -5.83 23.05
N LYS R 92 -56.93 -6.75 23.46
CA LYS R 92 -58.10 -6.38 24.23
C LYS R 92 -58.29 -7.34 25.39
N PHE R 93 -58.76 -6.82 26.51
CA PHE R 93 -59.01 -7.63 27.69
C PHE R 93 -60.27 -8.47 27.51
N ALA R 94 -60.31 -9.63 28.15
CA ALA R 94 -61.43 -10.53 28.01
C ALA R 94 -62.66 -10.07 28.79
N ARG R 95 -62.46 -9.39 29.90
CA ARG R 95 -63.56 -8.91 30.73
C ARG R 95 -63.77 -7.41 30.51
N SER R 96 -65.03 -7.00 30.56
CA SER R 96 -65.39 -5.61 30.34
C SER R 96 -64.84 -4.73 31.46
N LEU R 97 -64.76 -3.43 31.18
CA LEU R 97 -64.30 -2.49 32.19
C LEU R 97 -65.25 -2.40 33.36
N GLN R 98 -66.53 -2.73 33.14
CA GLN R 98 -67.47 -2.79 34.26
C GLN R 98 -67.07 -3.90 35.23
N SER R 99 -66.67 -5.06 34.71
CA SER R 99 -66.26 -6.16 35.57
C SER R 99 -65.00 -5.79 36.35
N VAL R 100 -64.11 -5.00 35.75
CA VAL R 100 -62.93 -4.54 36.46
C VAL R 100 -63.33 -3.61 37.60
N ALA R 101 -64.32 -2.73 37.36
CA ALA R 101 -64.73 -1.77 38.38
C ALA R 101 -65.33 -2.46 39.59
N GLU R 102 -66.20 -3.45 39.37
CA GLU R 102 -66.75 -4.21 40.48
C GLU R 102 -65.65 -4.99 41.20
N GLU R 103 -64.69 -5.51 40.45
CA GLU R 103 -63.63 -6.31 41.04
C GLU R 103 -62.72 -5.45 41.91
N ARG R 104 -62.46 -4.21 41.49
CA ARG R 104 -61.67 -3.30 42.32
C ARG R 104 -62.43 -2.91 43.59
N ALA R 105 -63.75 -2.75 43.48
CA ALA R 105 -64.55 -2.42 44.66
C ALA R 105 -64.53 -3.55 45.68
N GLY R 106 -64.76 -4.78 45.21
CA GLY R 106 -64.78 -5.91 46.13
C GLY R 106 -63.41 -6.22 46.71
N ARG R 107 -62.36 -6.01 45.93
CA ARG R 107 -61.01 -6.24 46.43
C ARG R 107 -60.68 -5.29 47.58
N HIS R 108 -61.09 -4.04 47.46
CA HIS R 108 -60.84 -3.06 48.52
C HIS R 108 -61.64 -3.38 49.77
N CYS R 109 -62.96 -3.36 49.65
CA CYS R 109 -63.85 -3.71 50.77
C CYS R 109 -64.13 -5.21 50.76
N GLY R 110 -63.12 -5.98 51.19
CA GLY R 110 -63.23 -7.43 51.17
C GLY R 110 -64.25 -7.97 52.15
N ALA R 111 -64.62 -7.20 53.17
CA ALA R 111 -65.60 -7.66 54.14
C ALA R 111 -67.02 -7.65 53.59
N LEU R 112 -67.26 -6.96 52.48
CA LEU R 112 -68.58 -6.84 51.90
C LEU R 112 -68.70 -7.74 50.67
N ARG R 113 -69.92 -7.83 50.15
CA ARG R 113 -70.23 -8.66 48.99
C ARG R 113 -70.78 -7.81 47.87
N VAL R 114 -70.19 -7.92 46.69
CA VAL R 114 -70.62 -7.15 45.53
C VAL R 114 -71.91 -7.74 44.99
N LEU R 115 -72.91 -6.88 44.77
CA LEU R 115 -74.17 -7.31 44.19
C LEU R 115 -74.24 -7.03 42.69
N ASN R 116 -74.06 -5.77 42.29
CA ASN R 116 -74.17 -5.36 40.90
C ASN R 116 -73.55 -3.97 40.78
N SER R 117 -73.49 -3.48 39.54
CA SER R 117 -72.97 -2.15 39.27
C SER R 117 -73.56 -1.61 37.99
N TYR R 118 -73.56 -0.29 37.87
CA TYR R 118 -74.14 0.39 36.72
C TYR R 118 -73.19 1.51 36.28
N TRP R 119 -73.65 2.33 35.34
CA TRP R 119 -72.81 3.28 34.62
C TRP R 119 -73.30 4.69 34.87
N VAL R 120 -72.38 5.61 35.15
CA VAL R 120 -72.75 6.97 35.56
C VAL R 120 -72.03 8.04 34.75
N GLY R 121 -71.72 7.77 33.49
CA GLY R 121 -71.10 8.78 32.65
C GLY R 121 -69.59 8.64 32.63
N GLU R 122 -68.97 8.47 31.46
CA GLU R 122 -67.59 8.04 31.57
C GLU R 122 -66.54 9.13 31.44
N ASP R 123 -66.06 9.40 30.23
CA ASP R 123 -64.97 10.33 29.93
C ASP R 123 -64.48 10.09 28.52
N SER R 124 -63.38 10.74 28.13
CA SER R 124 -62.54 10.16 27.08
C SER R 124 -61.58 9.12 27.64
N THR R 125 -61.03 9.34 28.82
CA THR R 125 -59.98 8.50 29.37
C THR R 125 -60.36 7.80 30.67
N TYR R 126 -61.63 7.86 31.06
CA TYR R 126 -62.10 7.22 32.29
C TYR R 126 -63.47 6.63 32.06
N LYS R 127 -63.82 5.64 32.87
CA LYS R 127 -65.17 5.11 32.91
C LYS R 127 -65.58 5.01 34.37
N PHE R 128 -66.72 5.61 34.71
CA PHE R 128 -67.18 5.68 36.09
C PHE R 128 -68.34 4.71 36.29
N PHE R 129 -68.22 3.85 37.29
CA PHE R 129 -69.26 2.92 37.67
C PHE R 129 -69.49 3.01 39.16
N GLU R 130 -70.74 2.79 39.57
CA GLU R 130 -71.08 2.72 40.97
C GLU R 130 -71.50 1.29 41.29
N VAL R 131 -70.89 0.70 42.32
CA VAL R 131 -71.06 -0.70 42.67
C VAL R 131 -71.90 -0.79 43.92
N ILE R 132 -72.88 -1.68 43.91
CA ILE R 132 -73.77 -1.91 45.05
C ILE R 132 -73.17 -3.04 45.89
N LEU R 133 -72.77 -2.71 47.12
CA LEU R 133 -72.20 -3.66 48.05
C LEU R 133 -73.23 -4.00 49.12
N ILE R 134 -73.10 -5.19 49.70
CA ILE R 134 -73.97 -5.64 50.77
C ILE R 134 -73.10 -6.10 51.93
N ASP R 135 -73.38 -5.61 53.13
CA ASP R 135 -72.68 -6.06 54.32
C ASP R 135 -73.34 -7.34 54.84
N PRO R 136 -72.72 -8.50 54.66
CA PRO R 136 -73.40 -9.77 54.95
C PRO R 136 -73.55 -10.06 56.43
N PHE R 137 -73.01 -9.23 57.31
CA PHE R 137 -73.09 -9.47 58.75
C PHE R 137 -73.94 -8.45 59.48
N HIS R 138 -74.58 -7.53 58.74
CA HIS R 138 -75.54 -6.62 59.35
C HIS R 138 -76.86 -7.33 59.57
N LYS R 139 -77.49 -7.07 60.72
CA LYS R 139 -78.68 -7.81 61.10
C LYS R 139 -79.87 -7.51 60.19
N ALA R 140 -79.89 -6.34 59.55
CA ALA R 140 -80.97 -6.04 58.62
C ALA R 140 -80.89 -6.90 57.37
N ILE R 141 -79.74 -7.50 57.09
CA ILE R 141 -79.58 -8.40 55.96
C ILE R 141 -79.69 -9.87 56.39
N ARG R 142 -79.10 -10.21 57.54
CA ARG R 142 -79.11 -11.60 57.99
C ARG R 142 -80.52 -12.03 58.41
N ARG R 143 -81.27 -11.14 59.03
CA ARG R 143 -82.58 -11.50 59.56
C ARG R 143 -83.69 -11.46 58.52
N ASN R 144 -83.37 -11.13 57.28
CA ASN R 144 -84.37 -11.01 56.23
C ASN R 144 -84.14 -12.07 55.17
N PRO R 145 -85.14 -12.89 54.83
CA PRO R 145 -85.01 -13.77 53.67
C PRO R 145 -85.05 -12.96 52.39
N ASP R 146 -84.88 -13.63 51.24
CA ASP R 146 -84.73 -13.03 49.91
C ASP R 146 -83.42 -12.26 49.80
N THR R 147 -82.66 -12.18 50.90
CA THR R 147 -81.32 -11.63 50.88
C THR R 147 -80.37 -12.40 51.80
N GLN R 148 -80.81 -13.50 52.40
CA GLN R 148 -79.91 -14.34 53.19
C GLN R 148 -78.91 -15.09 52.32
N TRP R 149 -79.17 -15.19 51.02
CA TRP R 149 -78.29 -15.95 50.14
C TRP R 149 -76.91 -15.31 50.06
N ILE R 150 -76.85 -13.98 50.03
CA ILE R 150 -75.58 -13.28 49.88
C ILE R 150 -74.68 -13.50 51.09
N THR R 151 -75.25 -13.84 52.24
CA THR R 151 -74.46 -14.11 53.43
C THR R 151 -73.86 -15.51 53.44
N LYS R 152 -74.23 -16.36 52.50
CA LYS R 152 -73.70 -17.72 52.47
C LYS R 152 -72.22 -17.70 52.12
N PRO R 153 -71.44 -18.66 52.64
CA PRO R 153 -69.99 -18.67 52.35
C PRO R 153 -69.66 -18.85 50.88
N VAL R 154 -70.51 -19.53 50.12
CA VAL R 154 -70.25 -19.76 48.69
C VAL R 154 -70.34 -18.48 47.87
N HIS R 155 -70.92 -17.42 48.44
CA HIS R 155 -71.17 -16.19 47.69
C HIS R 155 -70.18 -15.08 48.04
N LYS R 156 -69.00 -15.42 48.55
CA LYS R 156 -68.00 -14.42 48.86
C LYS R 156 -67.13 -14.16 47.62
N HIS R 157 -66.91 -12.89 47.33
CA HIS R 157 -66.11 -12.45 46.17
C HIS R 157 -66.67 -13.03 44.87
N ARG R 158 -67.95 -12.74 44.62
CA ARG R 158 -68.57 -13.17 43.37
C ARG R 158 -67.91 -12.49 42.18
N GLU R 159 -67.50 -11.23 42.35
CA GLU R 159 -66.92 -10.47 41.26
C GLU R 159 -65.58 -11.03 40.78
N MET R 160 -64.89 -11.81 41.61
CA MET R 160 -63.61 -12.37 41.23
C MET R 160 -63.72 -13.75 40.61
N ARG R 161 -64.93 -14.29 40.55
CA ARG R 161 -65.19 -15.52 39.82
C ARG R 161 -66.16 -15.30 38.67
N GLY R 162 -66.58 -14.06 38.43
CA GLY R 162 -67.47 -13.78 37.32
C GLY R 162 -68.91 -14.15 37.54
N LEU R 163 -69.39 -14.13 38.78
CA LEU R 163 -70.78 -14.45 39.07
C LEU R 163 -71.69 -13.24 39.10
N THR R 164 -71.15 -12.03 39.01
CA THR R 164 -71.96 -10.83 38.95
C THR R 164 -72.50 -10.65 37.53
N SER R 165 -73.36 -9.66 37.32
CA SER R 165 -73.95 -9.45 36.01
C SER R 165 -72.90 -9.08 34.98
N ALA R 166 -72.02 -8.14 35.32
CA ALA R 166 -71.00 -7.72 34.37
C ALA R 166 -69.92 -8.77 34.21
N GLY R 167 -69.56 -9.45 35.29
CA GLY R 167 -68.57 -10.51 35.20
C GLY R 167 -69.03 -11.71 34.41
N ARG R 168 -70.33 -12.04 34.50
CA ARG R 168 -70.85 -13.21 33.81
C ARG R 168 -70.95 -12.98 32.31
N LYS R 169 -71.10 -11.72 31.89
CA LYS R 169 -71.28 -11.41 30.47
C LYS R 169 -70.06 -11.80 29.63
N SER R 170 -68.89 -11.92 30.26
CA SER R 170 -67.66 -12.23 29.54
C SER R 170 -67.34 -13.72 29.51
N ARG R 171 -68.16 -14.57 30.13
CA ARG R 171 -67.88 -15.99 30.17
C ARG R 171 -68.48 -16.75 29.01
N GLY R 172 -69.32 -16.11 28.18
CA GLY R 172 -69.92 -16.81 27.08
C GLY R 172 -71.03 -17.76 27.46
N LEU R 173 -71.63 -17.59 28.62
CA LEU R 173 -72.72 -18.45 29.04
C LEU R 173 -74.01 -18.08 28.31
N GLY R 174 -74.94 -19.03 28.30
CA GLY R 174 -76.23 -18.80 27.68
C GLY R 174 -76.77 -20.03 26.99
N LYS R 175 -78.05 -20.01 26.64
CA LYS R 175 -78.69 -21.10 25.94
C LYS R 175 -78.72 -20.80 24.45
N GLY R 176 -78.49 -21.82 23.64
CA GLY R 176 -78.70 -21.69 22.23
C GLY R 176 -77.54 -22.21 21.43
N HIS R 177 -77.63 -22.02 20.12
CA HIS R 177 -76.60 -22.43 19.19
C HIS R 177 -75.39 -21.52 19.20
N LYS R 178 -75.51 -20.34 19.82
CA LYS R 178 -74.41 -19.39 19.87
C LYS R 178 -73.47 -19.63 21.04
N PHE R 179 -73.87 -20.46 22.01
CA PHE R 179 -73.13 -20.63 23.25
C PHE R 179 -72.80 -22.10 23.48
N HIS R 180 -72.27 -22.75 22.45
CA HIS R 180 -71.82 -24.13 22.58
C HIS R 180 -70.48 -24.26 23.27
N HIS R 181 -69.75 -23.15 23.45
CA HIS R 181 -68.47 -23.21 24.14
C HIS R 181 -68.62 -23.54 25.61
N THR R 182 -69.79 -23.30 26.20
CA THR R 182 -70.04 -23.48 27.62
C THR R 182 -71.17 -24.47 27.87
N ILE R 183 -71.17 -25.59 27.13
CA ILE R 183 -72.21 -26.59 27.34
C ILE R 183 -72.03 -27.31 28.67
N GLY R 184 -70.82 -27.32 29.21
CA GLY R 184 -70.57 -27.92 30.50
C GLY R 184 -70.73 -27.00 31.69
N GLY R 185 -71.23 -25.79 31.48
CA GLY R 185 -71.35 -24.81 32.53
C GLY R 185 -70.25 -23.77 32.56
N SER R 186 -69.17 -23.99 31.81
CA SER R 186 -68.07 -23.05 31.68
C SER R 186 -67.24 -23.47 30.47
N ARG R 187 -66.42 -22.55 29.99
CA ARG R 187 -65.57 -22.86 28.85
C ARG R 187 -64.57 -23.95 29.18
N ARG R 188 -63.99 -23.90 30.37
CA ARG R 188 -63.06 -24.95 30.78
C ARG R 188 -63.79 -26.26 31.03
N ALA R 189 -65.01 -26.20 31.58
CA ALA R 189 -65.76 -27.41 31.87
C ALA R 189 -66.13 -28.14 30.59
N ALA R 190 -66.57 -27.40 29.57
CA ALA R 190 -66.88 -28.02 28.29
C ALA R 190 -65.63 -28.55 27.61
N TRP R 191 -64.52 -27.80 27.71
CA TRP R 191 -63.27 -28.26 27.12
C TRP R 191 -62.79 -29.55 27.77
N ARG R 192 -62.84 -29.62 29.09
CA ARG R 192 -62.39 -30.82 29.79
C ARG R 192 -63.27 -32.02 29.45
N ARG R 193 -64.58 -31.82 29.41
CA ARG R 193 -65.50 -32.91 29.10
C ARG R 193 -65.32 -33.40 27.67
N ARG R 194 -65.07 -32.49 26.73
CA ARG R 194 -64.89 -32.90 25.34
C ARG R 194 -63.52 -33.52 25.09
N ASN R 195 -62.50 -33.10 25.84
CA ASN R 195 -61.14 -33.57 25.63
C ASN R 195 -60.71 -34.68 26.58
N THR R 196 -61.63 -35.21 27.38
CA THR R 196 -61.31 -36.33 28.25
C THR R 196 -61.60 -37.64 27.55
N LEU R 197 -60.63 -38.53 27.54
CA LEU R 197 -60.78 -39.84 26.91
C LEU R 197 -61.44 -40.79 27.91
N GLN R 198 -62.61 -41.31 27.54
CA GLN R 198 -63.38 -42.19 28.42
C GLN R 198 -62.99 -43.62 28.11
N LEU R 199 -62.23 -44.25 28.99
CA LEU R 199 -61.77 -45.61 28.83
C LEU R 199 -62.60 -46.50 29.77
N HIS R 200 -63.66 -47.08 29.22
CA HIS R 200 -64.57 -47.90 30.00
C HIS R 200 -63.88 -49.17 30.46
N ARG R 201 -64.50 -49.83 31.44
CA ARG R 201 -63.98 -51.10 31.91
C ARG R 201 -64.05 -52.17 30.82
N TYR R 202 -65.17 -52.23 30.11
CA TYR R 202 -65.35 -53.15 28.99
C TYR R 202 -65.30 -52.35 27.70
N ARG R 203 -64.40 -52.71 26.81
CA ARG R 203 -64.25 -52.01 25.54
C ARG R 203 -64.29 -52.99 24.36
N GLU S 1 16.96 -98.97 11.92
CA GLU S 1 16.94 -100.03 12.93
C GLU S 1 17.32 -99.48 14.30
N VAL S 2 17.69 -100.38 15.21
CA VAL S 2 18.06 -99.97 16.56
C VAL S 2 19.41 -99.26 16.57
N GLN S 3 20.35 -99.73 15.75
CA GLN S 3 21.71 -99.24 15.82
C GLN S 3 21.82 -97.82 15.26
N VAL S 4 22.87 -97.12 15.67
CA VAL S 4 23.13 -95.78 15.17
C VAL S 4 23.67 -95.87 13.74
N LEU S 5 23.14 -95.02 12.87
CA LEU S 5 23.55 -94.98 11.48
C LEU S 5 24.67 -93.96 11.32
N VAL S 6 25.82 -94.41 10.86
CA VAL S 6 27.01 -93.56 10.71
C VAL S 6 27.21 -93.31 9.22
N LEU S 7 27.15 -92.05 8.81
CA LEU S 7 27.28 -91.67 7.42
C LEU S 7 28.59 -90.92 7.21
N ASP S 8 29.33 -91.30 6.17
CA ASP S 8 30.52 -90.57 5.78
C ASP S 8 30.13 -89.40 4.90
N GLY S 9 30.62 -88.21 5.24
CA GLY S 9 30.22 -87.02 4.51
C GLY S 9 30.96 -86.74 3.23
N ARG S 10 32.07 -87.43 2.98
CA ARG S 10 32.87 -87.15 1.79
C ARG S 10 32.15 -87.62 0.53
N GLY S 11 32.09 -86.75 -0.47
CA GLY S 11 31.48 -87.08 -1.74
C GLY S 11 29.98 -86.97 -1.77
N HIS S 12 29.36 -86.52 -0.69
CA HIS S 12 27.90 -86.43 -0.61
C HIS S 12 27.46 -84.98 -0.80
N LEU S 13 26.39 -84.80 -1.56
CA LEU S 13 25.85 -83.47 -1.80
C LEU S 13 25.07 -82.99 -0.59
N LEU S 14 25.20 -81.69 -0.29
CA LEU S 14 24.72 -81.16 0.98
C LEU S 14 23.21 -81.30 1.12
N GLY S 15 22.46 -80.83 0.14
CA GLY S 15 21.01 -80.88 0.23
C GLY S 15 20.46 -82.29 0.16
N ARG S 16 21.04 -83.12 -0.71
CA ARG S 16 20.53 -84.48 -0.87
C ARG S 16 20.86 -85.35 0.34
N LEU S 17 22.02 -85.13 0.96
CA LEU S 17 22.34 -85.85 2.18
C LEU S 17 21.43 -85.43 3.33
N ALA S 18 21.09 -84.14 3.38
CA ALA S 18 20.18 -83.66 4.42
C ALA S 18 18.80 -84.27 4.26
N ALA S 19 18.34 -84.43 3.00
CA ALA S 19 17.01 -84.97 2.76
C ALA S 19 16.89 -86.40 3.27
N ILE S 20 17.91 -87.22 3.03
CA ILE S 20 17.91 -88.58 3.55
C ILE S 20 18.00 -88.58 5.06
N VAL S 21 18.87 -87.72 5.61
CA VAL S 21 19.07 -87.68 7.06
C VAL S 21 17.83 -87.18 7.78
N ALA S 22 17.20 -86.13 7.26
CA ALA S 22 16.05 -85.54 7.94
C ALA S 22 14.89 -86.52 8.02
N LYS S 23 14.65 -87.28 6.96
CA LYS S 23 13.59 -88.28 7.00
C LYS S 23 13.94 -89.40 7.97
N GLN S 24 15.18 -89.87 7.94
CA GLN S 24 15.59 -90.95 8.85
C GLN S 24 15.49 -90.52 10.30
N VAL S 25 15.94 -89.30 10.60
CA VAL S 25 15.94 -88.83 11.98
C VAL S 25 14.53 -88.55 12.47
N LEU S 26 13.57 -88.34 11.57
CA LEU S 26 12.18 -88.18 11.98
C LEU S 26 11.54 -89.52 12.32
N LEU S 27 12.01 -90.60 11.70
CA LEU S 27 11.46 -91.93 11.93
C LEU S 27 12.13 -92.65 13.08
N GLY S 28 12.95 -91.96 13.88
CA GLY S 28 13.79 -92.61 14.86
C GLY S 28 15.21 -92.59 14.32
N ARG S 29 15.92 -93.73 14.41
CA ARG S 29 17.13 -93.95 13.61
C ARG S 29 18.19 -92.88 13.88
N LYS S 30 18.74 -92.90 15.08
CA LYS S 30 19.84 -92.02 15.45
C LYS S 30 20.93 -92.03 14.40
N VAL S 31 21.28 -90.84 13.90
CA VAL S 31 22.15 -90.69 12.73
C VAL S 31 23.37 -89.86 13.13
N VAL S 32 24.55 -90.34 12.76
CA VAL S 32 25.79 -89.62 12.94
C VAL S 32 26.41 -89.37 11.58
N VAL S 33 26.76 -88.11 11.29
CA VAL S 33 27.39 -87.73 10.04
C VAL S 33 28.78 -87.21 10.36
N VAL S 34 29.80 -87.98 9.99
CA VAL S 34 31.18 -87.60 10.24
C VAL S 34 31.78 -87.08 8.94
N ARG S 35 32.93 -86.42 9.06
CA ARG S 35 33.65 -85.82 7.93
C ARG S 35 32.75 -84.88 7.14
N CYS S 36 32.07 -83.99 7.86
CA CYS S 36 31.19 -83.03 7.23
C CYS S 36 31.96 -82.00 6.39
N GLU S 37 33.28 -81.90 6.58
CA GLU S 37 34.07 -80.99 5.75
C GLU S 37 34.29 -81.53 4.36
N GLY S 38 34.02 -82.81 4.11
CA GLY S 38 34.12 -83.39 2.80
C GLY S 38 32.85 -83.33 1.99
N ILE S 39 31.79 -82.72 2.52
CA ILE S 39 30.54 -82.62 1.79
C ILE S 39 30.70 -81.66 0.62
N ASN S 40 30.17 -82.05 -0.53
CA ASN S 40 30.24 -81.23 -1.73
C ASN S 40 28.92 -80.51 -1.95
N ILE S 41 28.99 -79.35 -2.59
CA ILE S 41 27.82 -78.60 -3.02
C ILE S 41 27.95 -78.34 -4.51
N SER S 42 26.86 -78.50 -5.24
CA SER S 42 26.90 -78.34 -6.69
C SER S 42 27.09 -76.87 -7.06
N GLY S 43 27.49 -76.65 -8.32
CA GLY S 43 27.80 -75.33 -8.79
C GLY S 43 29.25 -74.94 -8.52
N ASN S 44 29.71 -73.92 -9.23
CA ASN S 44 31.07 -73.47 -9.05
C ASN S 44 31.27 -72.90 -7.65
N PHE S 45 32.53 -72.87 -7.21
CA PHE S 45 32.80 -72.52 -5.83
C PHE S 45 32.46 -71.08 -5.52
N TYR S 46 32.73 -70.16 -6.47
CA TYR S 46 32.50 -68.75 -6.20
C TYR S 46 31.03 -68.46 -5.94
N ARG S 47 30.14 -69.04 -6.75
CA ARG S 47 28.72 -68.77 -6.57
C ARG S 47 28.18 -69.43 -5.31
N ASN S 48 28.84 -70.49 -4.82
CA ASN S 48 28.46 -71.06 -3.54
C ASN S 48 28.95 -70.20 -2.38
N LYS S 49 30.14 -69.61 -2.52
CA LYS S 49 30.61 -68.66 -1.52
C LYS S 49 29.73 -67.41 -1.49
N LEU S 50 29.26 -66.98 -2.66
CA LEU S 50 28.36 -65.84 -2.72
C LEU S 50 27.06 -66.12 -2.00
N LYS S 51 26.58 -67.37 -2.07
CA LYS S 51 25.35 -67.74 -1.37
C LYS S 51 25.53 -67.61 0.14
N TYR S 52 26.67 -68.04 0.66
CA TYR S 52 26.91 -67.93 2.09
C TYR S 52 27.14 -66.48 2.50
N LEU S 53 27.89 -65.72 1.68
CA LEU S 53 28.13 -64.32 2.02
C LEU S 53 26.83 -63.52 2.03
N ALA S 54 25.86 -63.91 1.20
CA ALA S 54 24.53 -63.33 1.33
C ALA S 54 23.87 -63.75 2.64
N PHE S 55 24.06 -65.01 3.05
CA PHE S 55 23.54 -65.47 4.33
C PHE S 55 24.22 -64.75 5.48
N LEU S 56 25.51 -64.43 5.33
CA LEU S 56 26.21 -63.63 6.34
C LEU S 56 25.60 -62.25 6.45
N ARG S 57 25.13 -61.69 5.34
CA ARG S 57 24.58 -60.35 5.35
C ARG S 57 23.28 -60.27 6.14
N LYS S 58 22.46 -61.33 6.09
CA LYS S 58 21.18 -61.32 6.78
C LYS S 58 21.37 -61.32 8.27
N ARG S 59 21.22 -60.16 8.90
CA ARG S 59 21.38 -60.07 10.35
C ARG S 59 20.45 -58.97 10.86
N MET S 60 20.05 -59.10 12.12
CA MET S 60 19.12 -58.15 12.73
C MET S 60 19.87 -56.87 13.00
N ASN S 61 19.59 -55.83 12.19
CA ASN S 61 20.34 -54.58 12.31
C ASN S 61 20.08 -53.85 13.62
N THR S 62 18.96 -54.13 14.28
CA THR S 62 18.70 -53.54 15.59
C THR S 62 19.60 -54.17 16.65
N ASN S 63 19.74 -55.49 16.64
CA ASN S 63 20.63 -56.20 17.56
C ASN S 63 21.06 -57.49 16.90
N PRO S 64 22.25 -57.51 16.29
CA PRO S 64 22.70 -58.73 15.62
C PRO S 64 22.92 -59.89 16.58
N SER S 65 23.08 -59.63 17.87
CA SER S 65 23.23 -60.71 18.84
C SER S 65 22.00 -61.61 18.86
N ARG S 66 20.81 -61.02 18.76
CA ARG S 66 19.59 -61.81 18.65
C ARG S 66 19.41 -62.37 17.24
N GLY S 67 20.13 -61.81 16.27
CA GLY S 67 19.89 -62.12 14.87
C GLY S 67 20.30 -63.53 14.51
N PRO S 68 20.23 -63.85 13.22
CA PRO S 68 20.58 -65.20 12.77
C PRO S 68 22.00 -65.56 13.16
N TYR S 69 22.19 -66.78 13.61
CA TYR S 69 23.49 -67.27 14.07
C TYR S 69 24.15 -68.00 12.91
N HIS S 70 25.13 -67.35 12.29
CA HIS S 70 25.79 -67.89 11.12
C HIS S 70 26.92 -68.81 11.57
N PHE S 71 26.59 -70.08 11.76
CA PHE S 71 27.59 -71.06 12.15
C PHE S 71 28.60 -71.28 11.03
N ARG S 72 29.86 -71.42 11.40
CA ARG S 72 30.95 -71.46 10.43
C ARG S 72 31.47 -72.87 10.16
N ALA S 73 31.49 -73.74 11.16
CA ALA S 73 32.05 -75.06 10.98
C ALA S 73 31.20 -75.89 10.02
N PRO S 74 31.84 -76.73 9.19
CA PRO S 74 31.06 -77.56 8.25
C PRO S 74 30.05 -78.48 8.93
N SER S 75 30.38 -78.99 10.12
CA SER S 75 29.43 -79.82 10.85
C SER S 75 28.20 -79.02 11.21
N ARG S 76 28.39 -77.77 11.67
CA ARG S 76 27.26 -76.93 12.03
C ARG S 76 26.53 -76.41 10.81
N ILE S 77 27.24 -76.21 9.69
CA ILE S 77 26.59 -75.79 8.45
C ILE S 77 25.65 -76.87 7.95
N PHE S 78 26.12 -78.13 7.95
CA PHE S 78 25.25 -79.23 7.58
C PHE S 78 24.12 -79.42 8.58
N TRP S 79 24.41 -79.24 9.87
CA TRP S 79 23.38 -79.36 10.88
C TRP S 79 22.27 -78.34 10.69
N ARG S 80 22.64 -77.10 10.36
CA ARG S 80 21.62 -76.09 10.09
C ARG S 80 20.85 -76.40 8.82
N THR S 81 21.49 -77.00 7.82
CA THR S 81 20.79 -77.40 6.61
C THR S 81 19.73 -78.43 6.91
N VAL S 82 20.06 -79.43 7.73
CA VAL S 82 19.06 -80.42 8.14
C VAL S 82 17.99 -79.76 9.00
N ARG S 83 18.39 -78.81 9.86
CA ARG S 83 17.43 -78.13 10.71
C ARG S 83 16.42 -77.33 9.90
N GLY S 84 16.84 -76.78 8.76
CA GLY S 84 15.91 -76.04 7.92
C GLY S 84 14.85 -76.91 7.29
N MET S 85 15.04 -78.23 7.29
CA MET S 85 14.09 -79.16 6.71
C MET S 85 13.37 -80.01 7.74
N LEU S 86 13.68 -79.83 9.01
CA LEU S 86 12.91 -80.43 10.09
C LEU S 86 11.88 -79.43 10.60
N PRO S 87 10.80 -79.90 11.23
CA PRO S 87 9.90 -78.97 11.92
C PRO S 87 10.43 -78.62 13.31
N HIS S 88 11.54 -77.88 13.33
CA HIS S 88 12.32 -77.71 14.54
C HIS S 88 11.64 -76.86 15.60
N LYS S 89 10.53 -76.21 15.28
CA LYS S 89 9.81 -75.39 16.24
C LYS S 89 8.76 -76.18 17.01
N THR S 90 8.65 -77.48 16.77
CA THR S 90 7.78 -78.36 17.53
C THR S 90 8.62 -79.39 18.26
N LYS S 91 8.03 -80.02 19.28
CA LYS S 91 8.76 -80.99 20.08
C LYS S 91 9.18 -82.20 19.25
N ARG S 92 8.34 -82.61 18.31
CA ARG S 92 8.69 -83.73 17.44
C ARG S 92 9.91 -83.40 16.58
N GLY S 93 9.96 -82.19 16.03
CA GLY S 93 11.12 -81.78 15.27
C GLY S 93 12.35 -81.61 16.15
N GLN S 94 12.16 -81.08 17.36
CA GLN S 94 13.28 -80.89 18.27
C GLN S 94 13.84 -82.24 18.74
N ALA S 95 12.97 -83.20 18.99
CA ALA S 95 13.44 -84.55 19.34
C ALA S 95 14.17 -85.19 18.16
N ALA S 96 13.66 -84.98 16.95
CA ALA S 96 14.35 -85.47 15.77
C ALA S 96 15.72 -84.81 15.61
N LEU S 97 15.78 -83.51 15.84
CA LEU S 97 17.05 -82.78 15.76
C LEU S 97 18.05 -83.30 16.77
N ASP S 98 17.58 -83.71 17.95
CA ASP S 98 18.48 -84.22 18.97
C ASP S 98 19.10 -85.56 18.56
N ARG S 99 18.38 -86.36 17.77
CA ARG S 99 18.87 -87.65 17.36
C ARG S 99 20.00 -87.56 16.34
N LEU S 100 20.24 -86.40 15.76
CA LEU S 100 21.26 -86.22 14.74
C LEU S 100 22.52 -85.65 15.38
N LYS S 101 23.66 -86.28 15.09
CA LYS S 101 24.96 -85.82 15.54
C LYS S 101 25.84 -85.57 14.34
N VAL S 102 26.48 -84.40 14.30
CA VAL S 102 27.31 -84.00 13.17
C VAL S 102 28.72 -83.73 13.68
N PHE S 103 29.71 -84.12 12.89
CA PHE S 103 31.10 -84.03 13.33
C PHE S 103 31.98 -83.53 12.20
N ASP S 104 33.03 -82.81 12.59
CA ASP S 104 34.10 -82.42 11.68
C ASP S 104 35.23 -83.42 11.82
N GLY S 105 35.73 -83.91 10.69
CA GLY S 105 36.65 -85.03 10.77
C GLY S 105 35.93 -86.26 11.24
N ILE S 106 36.67 -87.17 11.88
CA ILE S 106 36.08 -88.38 12.44
C ILE S 106 36.54 -88.55 13.88
N PRO S 107 35.74 -88.14 14.86
CA PRO S 107 36.16 -88.23 16.27
C PRO S 107 36.27 -89.68 16.71
N PRO S 108 37.05 -89.96 17.76
CA PRO S 108 37.35 -91.33 18.11
C PRO S 108 36.35 -92.02 19.02
N PRO S 109 35.03 -91.83 18.83
CA PRO S 109 34.13 -92.98 19.05
C PRO S 109 33.74 -93.65 17.75
N TYR S 110 34.06 -93.03 16.62
CA TYR S 110 33.59 -93.47 15.31
C TYR S 110 34.70 -93.78 14.31
N ASP S 111 35.95 -93.48 14.63
CA ASP S 111 37.04 -93.80 13.71
C ASP S 111 37.27 -95.30 13.62
N LYS S 112 36.86 -96.05 14.65
CA LYS S 112 36.97 -97.50 14.66
C LYS S 112 35.68 -98.18 14.26
N LYS S 113 34.87 -97.52 13.42
CA LYS S 113 33.58 -98.05 13.02
C LYS S 113 33.41 -97.93 11.51
N LYS S 114 32.75 -98.92 10.92
CA LYS S 114 32.41 -98.85 9.51
C LYS S 114 31.40 -97.74 9.28
N ARG S 115 31.58 -97.00 8.20
CA ARG S 115 30.76 -95.82 7.89
C ARG S 115 29.95 -96.08 6.64
N MET S 116 28.65 -95.84 6.73
CA MET S 116 27.75 -96.07 5.61
C MET S 116 27.93 -94.98 4.55
N VAL S 117 27.17 -95.10 3.47
CA VAL S 117 27.21 -94.15 2.37
C VAL S 117 25.83 -94.16 1.72
N VAL S 118 25.37 -92.97 1.33
CA VAL S 118 24.06 -92.83 0.70
C VAL S 118 24.25 -92.60 -0.80
N PRO S 119 24.01 -93.62 -1.64
CA PRO S 119 24.18 -93.40 -3.09
C PRO S 119 23.28 -92.32 -3.66
N ALA S 120 22.05 -92.20 -3.17
CA ALA S 120 21.12 -91.20 -3.70
C ALA S 120 21.57 -89.78 -3.43
N ALA S 121 22.55 -89.57 -2.54
CA ALA S 121 23.10 -88.25 -2.26
C ALA S 121 24.56 -88.16 -2.67
N LEU S 122 25.08 -89.14 -3.39
CA LEU S 122 26.49 -89.14 -3.77
C LEU S 122 26.72 -88.23 -4.96
N LYS S 123 27.84 -87.49 -4.92
CA LYS S 123 28.14 -86.56 -6.00
C LYS S 123 28.39 -87.28 -7.32
N VAL S 124 29.04 -88.45 -7.26
CA VAL S 124 29.47 -89.13 -8.48
C VAL S 124 28.27 -89.60 -9.30
N VAL S 125 27.15 -89.90 -8.65
CA VAL S 125 25.98 -90.38 -9.38
C VAL S 125 24.87 -89.34 -9.51
N ARG S 126 24.92 -88.26 -8.74
CA ARG S 126 23.90 -87.22 -8.83
C ARG S 126 24.35 -86.00 -9.62
N LEU S 127 25.59 -85.98 -10.09
CA LEU S 127 26.15 -84.83 -10.77
C LEU S 127 26.83 -85.27 -12.06
N LYS S 128 26.64 -84.48 -13.11
CA LYS S 128 27.33 -84.75 -14.36
C LYS S 128 28.83 -84.57 -14.16
N PRO S 129 29.67 -85.37 -14.82
CA PRO S 129 31.12 -85.24 -14.62
C PRO S 129 31.68 -83.89 -15.02
N THR S 130 31.10 -83.24 -16.02
CA THR S 130 31.58 -81.94 -16.47
C THR S 130 30.84 -80.79 -15.79
N ARG S 131 30.77 -80.85 -14.46
CA ARG S 131 30.15 -79.79 -13.67
C ARG S 131 31.05 -79.47 -12.49
N LYS S 132 30.95 -78.23 -12.02
CA LYS S 132 31.80 -77.77 -10.93
C LYS S 132 31.10 -77.96 -9.59
N PHE S 133 31.89 -78.23 -8.56
CA PHE S 133 31.38 -78.45 -7.23
C PHE S 133 32.26 -77.72 -6.22
N ALA S 134 31.68 -77.43 -5.07
CA ALA S 134 32.36 -76.71 -4.00
C ALA S 134 32.54 -77.62 -2.80
N TYR S 135 33.74 -77.61 -2.23
CA TYR S 135 34.03 -78.36 -1.01
C TYR S 135 33.54 -77.56 0.19
N LEU S 136 32.78 -78.21 1.07
CA LEU S 136 32.28 -77.53 2.26
C LEU S 136 33.41 -77.13 3.18
N GLY S 137 34.46 -77.95 3.25
CA GLY S 137 35.59 -77.63 4.11
C GLY S 137 36.31 -76.37 3.68
N ARG S 138 36.57 -76.25 2.38
CA ARG S 138 37.21 -75.04 1.88
C ARG S 138 36.28 -73.83 1.99
N LEU S 139 34.99 -74.04 1.73
CA LEU S 139 34.03 -72.95 1.84
C LEU S 139 33.94 -72.43 3.28
N ALA S 140 33.91 -73.35 4.24
CA ALA S 140 33.80 -72.95 5.64
C ALA S 140 35.06 -72.23 6.11
N HIS S 141 36.24 -72.73 5.73
CA HIS S 141 37.48 -72.12 6.17
C HIS S 141 37.60 -70.69 5.66
N GLU S 142 37.20 -70.45 4.43
CA GLU S 142 37.27 -69.12 3.85
C GLU S 142 36.21 -68.17 4.38
N VAL S 143 35.19 -68.70 5.07
CA VAL S 143 34.13 -67.86 5.60
C VAL S 143 34.29 -67.59 7.09
N GLY S 144 35.22 -68.26 7.76
CA GLY S 144 35.47 -67.97 9.16
C GLY S 144 35.82 -69.17 10.02
N TRP S 145 35.80 -70.36 9.45
CA TRP S 145 36.23 -71.54 10.20
C TRP S 145 37.72 -71.45 10.50
N LYS S 146 38.09 -71.82 11.72
CA LYS S 146 39.46 -71.70 12.20
C LYS S 146 40.18 -73.02 12.34
N TYR S 147 39.56 -74.13 11.98
CA TYR S 147 40.13 -75.44 12.28
C TYR S 147 40.24 -76.31 11.03
N GLN S 148 40.43 -75.70 9.87
CA GLN S 148 40.66 -76.50 8.67
C GLN S 148 42.02 -77.17 8.71
N ALA S 149 43.01 -76.54 9.33
CA ALA S 149 44.36 -77.06 9.32
C ALA S 149 44.54 -78.16 10.36
N VAL S 150 44.05 -77.96 11.59
CA VAL S 150 44.22 -78.94 12.63
C VAL S 150 43.40 -80.19 12.33
N THR S 151 42.19 -80.02 11.78
CA THR S 151 41.40 -81.17 11.36
C THR S 151 42.09 -81.94 10.24
N ALA S 152 42.76 -81.23 9.34
CA ALA S 152 43.50 -81.90 8.27
C ALA S 152 44.63 -82.76 8.82
N THR S 153 45.39 -82.22 9.78
CA THR S 153 46.49 -82.98 10.36
C THR S 153 45.99 -84.19 11.14
N LEU S 154 44.91 -84.02 11.90
CA LEU S 154 44.36 -85.14 12.66
C LEU S 154 43.76 -86.19 11.74
N GLU S 155 43.16 -85.75 10.64
CA GLU S 155 42.63 -86.69 9.66
C GLU S 155 43.76 -87.47 9.00
N GLU S 156 44.91 -86.83 8.81
CA GLU S 156 46.08 -87.55 8.31
C GLU S 156 46.56 -88.58 9.33
N LYS S 157 46.51 -88.24 10.61
CA LYS S 157 46.87 -89.20 11.65
C LYS S 157 45.90 -90.38 11.67
N ARG S 158 44.60 -90.09 11.54
CA ARG S 158 43.61 -91.15 11.54
C ARG S 158 43.78 -92.09 10.35
N LYS S 159 44.06 -91.52 9.18
CA LYS S 159 44.25 -92.34 7.99
C LYS S 159 45.46 -93.27 8.13
N GLU S 160 46.54 -92.76 8.72
CA GLU S 160 47.73 -93.58 8.92
C GLU S 160 47.44 -94.76 9.84
N LYS S 161 46.72 -94.51 10.93
CA LYS S 161 46.34 -95.60 11.83
C LYS S 161 45.37 -96.55 11.16
N ALA S 162 44.42 -96.01 10.38
CA ALA S 162 43.49 -96.85 9.66
C ALA S 162 44.19 -97.71 8.63
N LYS S 163 45.23 -97.17 7.97
CA LYS S 163 45.99 -97.93 7.00
C LYS S 163 46.67 -99.13 7.65
N ILE S 164 47.29 -98.92 8.83
CA ILE S 164 47.96 -100.02 9.54
C ILE S 164 46.94 -101.11 9.88
N HIS S 165 45.74 -100.70 10.30
CA HIS S 165 44.70 -101.68 10.61
C HIS S 165 44.30 -102.47 9.37
N TYR S 166 44.24 -101.81 8.22
CA TYR S 166 43.86 -102.49 7.00
C TYR S 166 44.89 -103.54 6.59
N ARG S 167 46.18 -103.24 6.75
CA ARG S 167 47.22 -104.24 6.49
C ARG S 167 47.07 -105.42 7.45
N LYS S 168 46.75 -105.14 8.71
CA LYS S 168 46.48 -106.21 9.67
C LYS S 168 45.28 -107.05 9.25
N LYS S 169 44.23 -106.40 8.78
CA LYS S 169 43.05 -107.12 8.31
C LYS S 169 43.36 -107.94 7.06
N LYS S 170 44.16 -107.37 6.15
CA LYS S 170 44.52 -108.09 4.93
C LYS S 170 45.37 -109.32 5.24
N GLN S 171 46.29 -109.20 6.20
CA GLN S 171 47.10 -110.35 6.60
C GLN S 171 46.23 -111.45 7.18
N LEU S 172 45.21 -111.08 7.96
CA LEU S 172 44.29 -112.07 8.50
C LEU S 172 43.50 -112.77 7.39
N MET S 173 43.07 -112.01 6.39
CA MET S 173 42.33 -112.60 5.28
C MET S 173 43.21 -113.53 4.46
N ARG S 174 44.47 -113.16 4.26
CA ARG S 174 45.40 -114.05 3.57
C ARG S 174 45.62 -115.33 4.37
N LEU S 175 45.73 -115.22 5.69
CA LEU S 175 45.88 -116.39 6.53
C LEU S 175 44.64 -117.27 6.47
N ARG S 176 43.45 -116.66 6.48
CA ARG S 176 42.22 -117.43 6.46
C ARG S 176 42.07 -118.22 5.15
N LYS S 177 42.40 -117.59 4.03
CA LYS S 177 42.30 -118.29 2.75
C LYS S 177 43.42 -119.30 2.58
N GLN S 178 44.58 -119.06 3.22
CA GLN S 178 45.57 -120.13 3.33
C GLN S 178 45.05 -121.27 4.17
N ALA S 179 44.32 -120.95 5.25
CA ALA S 179 43.74 -121.99 6.10
C ALA S 179 42.71 -122.81 5.34
N GLU S 180 41.88 -122.16 4.52
CA GLU S 180 40.95 -122.88 3.67
C GLU S 180 41.70 -123.82 2.73
N LYS S 181 42.85 -123.38 2.21
CA LYS S 181 43.69 -124.23 1.38
C LYS S 181 44.47 -125.25 2.20
N ASN S 182 44.39 -125.20 3.52
CA ASN S 182 45.10 -126.16 4.35
C ASN S 182 44.19 -127.24 4.92
N VAL S 183 42.92 -126.94 5.13
CA VAL S 183 41.93 -127.92 5.57
C VAL S 183 40.76 -127.88 4.58
N GLU S 184 40.80 -128.76 3.58
CA GLU S 184 39.69 -128.92 2.64
C GLU S 184 38.98 -130.26 2.74
N LYS S 185 39.71 -131.35 2.96
CA LYS S 185 39.07 -132.65 3.02
C LYS S 185 38.18 -132.82 4.23
N LYS S 186 38.40 -132.02 5.26
CA LYS S 186 37.49 -131.94 6.40
C LYS S 186 36.42 -130.87 6.16
N ILE S 187 36.41 -130.26 4.99
CA ILE S 187 35.60 -129.07 4.75
C ILE S 187 34.63 -129.33 3.59
N ASP S 188 34.99 -130.27 2.73
CA ASP S 188 34.25 -130.50 1.48
C ASP S 188 32.79 -130.80 1.75
N LYS S 189 32.50 -131.62 2.77
CA LYS S 189 31.12 -131.99 3.04
C LYS S 189 30.28 -130.80 3.48
N TYR S 190 30.90 -129.69 3.89
CA TYR S 190 30.16 -128.48 4.25
C TYR S 190 30.20 -127.41 3.16
N THR S 191 31.31 -127.30 2.43
CA THR S 191 31.35 -126.41 1.28
C THR S 191 30.39 -126.88 0.19
N GLU S 192 30.22 -128.20 0.05
CA GLU S 192 29.25 -128.73 -0.90
C GLU S 192 27.83 -128.30 -0.53
N VAL S 193 27.51 -128.29 0.75
CA VAL S 193 26.18 -127.85 1.20
C VAL S 193 25.98 -126.39 0.86
N LEU S 194 26.99 -125.56 1.11
CA LEU S 194 26.87 -124.14 0.83
C LEU S 194 26.77 -123.87 -0.68
N LYS S 195 27.52 -124.62 -1.48
CA LYS S 195 27.55 -124.39 -2.92
C LYS S 195 26.19 -124.64 -3.56
N THR S 196 25.52 -125.72 -3.17
CA THR S 196 24.24 -126.05 -3.78
C THR S 196 23.11 -125.18 -3.27
N HIS S 197 23.32 -124.44 -2.19
CA HIS S 197 22.27 -123.62 -1.61
C HIS S 197 22.50 -122.12 -1.79
N GLY S 198 23.45 -121.73 -2.63
CA GLY S 198 23.55 -120.34 -3.03
C GLY S 198 24.81 -119.62 -2.62
N LEU S 199 25.27 -119.84 -1.40
CA LEU S 199 26.49 -119.20 -0.96
C LEU S 199 27.70 -119.88 -1.60
N LEU S 200 28.84 -119.19 -1.56
CA LEU S 200 30.13 -119.76 -1.95
C LEU S 200 30.12 -120.24 -3.40
N VAL S 201 30.02 -119.28 -4.31
CA VAL S 201 30.19 -119.55 -5.74
C VAL S 201 31.51 -120.27 -5.99
N VAL T 1 -12.23 -71.08 67.31
CA VAL T 1 -12.36 -70.51 65.99
C VAL T 1 -11.81 -71.47 64.95
N ARG T 2 -12.54 -71.65 63.85
CA ARG T 2 -12.17 -72.61 62.82
C ARG T 2 -10.94 -72.12 62.07
N TYR T 3 -9.78 -72.65 62.42
CA TYR T 3 -8.58 -72.42 61.63
C TYR T 3 -8.68 -73.17 60.31
N SER T 4 -7.87 -72.74 59.35
CA SER T 4 -7.60 -73.57 58.18
C SER T 4 -6.46 -74.50 58.50
N LEU T 5 -6.45 -75.67 57.85
CA LEU T 5 -5.37 -76.65 57.99
C LEU T 5 -5.23 -77.10 59.44
N ASP T 6 -6.26 -77.81 59.90
CA ASP T 6 -6.27 -78.31 61.27
C ASP T 6 -5.10 -79.27 61.48
N PRO T 7 -4.49 -79.26 62.68
CA PRO T 7 -3.33 -80.11 62.92
C PRO T 7 -3.69 -81.58 62.95
N GLU T 8 -2.67 -82.41 62.70
CA GLU T 8 -2.89 -83.85 62.67
C GLU T 8 -3.25 -84.40 64.05
N ASN T 9 -2.81 -83.74 65.12
CA ASN T 9 -3.18 -84.16 66.46
C ASN T 9 -3.30 -82.95 67.38
N PRO T 10 -4.51 -82.55 67.75
CA PRO T 10 -4.69 -81.41 68.65
C PRO T 10 -4.40 -81.75 70.11
N THR T 11 -3.29 -82.45 70.35
CA THR T 11 -2.79 -82.75 71.68
C THR T 11 -1.37 -82.25 71.88
N LYS T 12 -0.55 -82.22 70.84
CA LYS T 12 0.80 -81.68 70.88
C LYS T 12 0.95 -80.50 69.94
N SER T 13 -0.10 -79.68 69.83
CA SER T 13 -0.09 -78.53 68.95
C SER T 13 -0.71 -77.33 69.65
N CYS T 14 -0.13 -76.16 69.44
CA CYS T 14 -0.63 -74.91 70.00
C CYS T 14 -0.95 -73.93 68.87
N LYS T 15 -1.94 -73.08 69.10
CA LYS T 15 -2.45 -72.19 68.08
C LYS T 15 -2.41 -70.75 68.55
N SER T 16 -2.28 -69.84 67.59
CA SER T 16 -2.36 -68.40 67.84
C SER T 16 -2.80 -67.72 66.56
N ARG T 17 -3.46 -66.57 66.72
CA ARG T 17 -3.97 -65.85 65.56
C ARG T 17 -4.18 -64.39 65.95
N GLY T 18 -4.32 -63.55 64.93
CA GLY T 18 -4.64 -62.16 65.12
C GLY T 18 -5.49 -61.67 63.97
N SER T 19 -6.38 -60.74 64.26
CA SER T 19 -7.34 -60.25 63.28
C SER T 19 -7.24 -58.74 63.17
N ASN T 20 -7.34 -58.24 61.93
CA ASN T 20 -7.30 -56.82 61.62
C ASN T 20 -6.02 -56.17 62.14
N LEU T 21 -4.91 -56.87 61.99
CA LEU T 21 -3.63 -56.36 62.45
C LEU T 21 -3.13 -55.28 61.49
N ARG T 22 -2.78 -54.11 62.03
CA ARG T 22 -2.41 -52.96 61.21
C ARG T 22 -0.97 -53.08 60.72
N VAL T 23 -0.73 -54.11 59.91
CA VAL T 23 0.56 -54.33 59.26
C VAL T 23 0.30 -54.44 57.78
N HIS T 24 1.30 -54.07 56.98
CA HIS T 24 1.19 -54.23 55.55
C HIS T 24 1.12 -55.70 55.19
N PHE T 25 0.13 -56.06 54.37
CA PHE T 25 -0.12 -57.46 54.07
C PHE T 25 1.03 -58.08 53.28
N LYS T 26 1.58 -57.32 52.33
CA LYS T 26 2.65 -57.86 51.48
C LYS T 26 3.92 -58.13 52.28
N ASN T 27 4.29 -57.21 53.18
CA ASN T 27 5.47 -57.45 54.01
C ASN T 27 5.25 -58.59 54.98
N THR T 28 4.04 -58.70 55.55
CA THR T 28 3.76 -59.77 56.49
C THR T 28 3.72 -61.12 55.80
N ARG T 29 3.21 -61.16 54.57
CA ARG T 29 3.18 -62.41 53.83
C ARG T 29 4.59 -62.91 53.53
N GLU T 30 5.49 -62.01 53.14
CA GLU T 30 6.85 -62.42 52.83
C GLU T 30 7.60 -62.83 54.10
N THR T 31 7.35 -62.13 55.21
CA THR T 31 7.97 -62.52 56.47
C THR T 31 7.45 -63.86 56.97
N ALA T 32 6.15 -64.10 56.80
CA ALA T 32 5.57 -65.37 57.21
C ALA T 32 6.15 -66.53 56.42
N GLN T 33 6.30 -66.36 55.12
CA GLN T 33 6.86 -67.43 54.28
C GLN T 33 8.30 -67.74 54.69
N ALA T 34 9.06 -66.72 55.08
CA ALA T 34 10.45 -66.94 55.45
C ALA T 34 10.57 -67.80 56.70
N ILE T 35 9.73 -67.54 57.70
CA ILE T 35 9.84 -68.22 58.98
C ILE T 35 9.06 -69.53 59.04
N LYS T 36 8.33 -69.88 57.98
CA LYS T 36 7.54 -71.09 58.00
C LYS T 36 8.45 -72.33 58.02
N GLY T 37 8.10 -73.29 58.86
CA GLY T 37 8.86 -74.51 59.00
C GLY T 37 10.04 -74.42 59.95
N MET T 38 10.31 -73.24 60.49
CA MET T 38 11.45 -73.08 61.39
C MET T 38 11.12 -73.59 62.78
N HIS T 39 12.17 -73.86 63.55
CA HIS T 39 12.04 -74.03 64.98
C HIS T 39 11.65 -72.69 65.61
N ILE T 40 10.97 -72.77 66.76
CA ILE T 40 10.49 -71.55 67.41
C ILE T 40 11.64 -70.68 67.86
N ARG T 41 12.69 -71.29 68.41
CA ARG T 41 13.85 -70.51 68.86
C ARG T 41 14.59 -69.91 67.68
N LYS T 42 14.73 -70.67 66.59
CA LYS T 42 15.38 -70.16 65.40
C LYS T 42 14.56 -69.03 64.77
N ALA T 43 13.23 -69.19 64.75
CA ALA T 43 12.37 -68.14 64.21
C ALA T 43 12.41 -66.88 65.07
N THR T 44 12.47 -67.05 66.39
CA THR T 44 12.55 -65.89 67.28
C THR T 44 13.87 -65.14 67.08
N LYS T 45 14.97 -65.88 66.95
CA LYS T 45 16.26 -65.23 66.70
C LYS T 45 16.29 -64.60 65.31
N TYR T 46 15.64 -65.24 64.34
CA TYR T 46 15.64 -64.71 62.98
C TYR T 46 14.87 -63.40 62.89
N LEU T 47 13.71 -63.32 63.55
CA LEU T 47 12.91 -62.11 63.51
C LEU T 47 13.59 -60.97 64.28
N LYS T 48 14.35 -61.31 65.33
CA LYS T 48 15.13 -60.29 66.01
C LYS T 48 16.24 -59.75 65.12
N ASP T 49 16.86 -60.64 64.33
CA ASP T 49 17.92 -60.21 63.42
C ASP T 49 17.38 -59.29 62.33
N VAL T 50 16.20 -59.61 61.79
CA VAL T 50 15.65 -58.79 60.72
C VAL T 50 15.19 -57.43 61.27
N THR T 51 14.87 -57.36 62.56
CA THR T 51 14.67 -56.05 63.18
C THR T 51 15.99 -55.31 63.31
N LEU T 52 17.07 -56.03 63.56
CA LEU T 52 18.41 -55.45 63.66
C LEU T 52 19.10 -55.35 62.31
N GLN T 53 18.43 -55.73 61.23
CA GLN T 53 18.98 -55.67 59.87
C GLN T 53 20.27 -56.47 59.75
N LYS T 54 20.30 -57.64 60.37
CA LYS T 54 21.40 -58.58 60.22
C LYS T 54 21.06 -59.75 59.32
N GLN T 55 19.81 -60.20 59.33
CA GLN T 55 19.30 -61.16 58.38
C GLN T 55 18.11 -60.55 57.66
N CYS T 56 17.89 -60.95 56.42
CA CYS T 56 16.85 -60.36 55.60
C CYS T 56 15.81 -61.41 55.24
N VAL T 57 14.59 -60.94 54.98
CA VAL T 57 13.56 -61.81 54.42
C VAL T 57 13.58 -61.60 52.90
N PRO T 58 13.39 -62.65 52.11
CA PRO T 58 13.36 -62.46 50.66
C PRO T 58 11.95 -62.16 50.17
N PHE T 59 11.86 -61.17 49.29
CA PHE T 59 10.59 -60.79 48.68
C PHE T 59 10.45 -61.58 47.39
N ARG T 60 9.61 -62.61 47.41
CA ARG T 60 9.52 -63.56 46.31
C ARG T 60 8.34 -63.29 45.38
N ARG T 61 7.17 -62.98 45.93
CA ARG T 61 6.00 -62.72 45.11
C ARG T 61 5.71 -61.23 44.95
N TYR T 62 5.69 -60.49 46.06
CA TYR T 62 5.43 -59.05 46.03
C TYR T 62 6.77 -58.30 46.04
N ASN T 63 7.45 -58.37 44.90
CA ASN T 63 8.81 -57.85 44.77
C ASN T 63 8.92 -56.75 43.73
N GLY T 64 7.83 -56.10 43.38
CA GLY T 64 7.88 -55.03 42.40
C GLY T 64 8.61 -53.81 42.91
N GLY T 65 9.79 -53.55 42.36
CA GLY T 65 10.58 -52.41 42.77
C GLY T 65 11.44 -52.63 44.00
N VAL T 66 11.35 -53.80 44.63
CA VAL T 66 12.15 -54.07 45.82
C VAL T 66 13.61 -54.19 45.45
N GLY T 67 14.47 -53.48 46.17
CA GLY T 67 15.87 -53.48 45.87
C GLY T 67 16.57 -54.75 46.34
N ARG T 68 17.84 -54.86 45.95
CA ARG T 68 18.64 -56.02 46.26
C ARG T 68 19.42 -55.82 47.55
N CYS T 69 19.88 -56.93 48.12
CA CYS T 69 20.73 -56.89 49.30
C CYS T 69 21.63 -58.11 49.30
N ALA T 70 22.74 -58.00 50.03
CA ALA T 70 23.68 -59.10 50.11
C ALA T 70 23.15 -60.24 50.95
N GLN T 71 22.30 -59.93 51.94
CA GLN T 71 21.77 -60.94 52.85
C GLN T 71 20.72 -61.83 52.21
N ALA T 72 20.28 -61.52 51.00
CA ALA T 72 19.31 -62.33 50.28
C ALA T 72 19.95 -63.47 49.50
N LYS T 73 21.15 -63.89 49.89
CA LYS T 73 21.81 -65.02 49.26
C LYS T 73 21.77 -66.29 50.10
N GLN T 74 21.50 -66.18 51.40
CA GLN T 74 21.22 -67.37 52.20
C GLN T 74 20.02 -68.11 51.65
N TRP T 75 18.91 -67.39 51.47
CA TRP T 75 17.86 -67.85 50.58
C TRP T 75 18.33 -67.71 49.15
N GLY T 76 17.92 -68.63 48.29
CA GLY T 76 18.38 -68.52 46.92
C GLY T 76 17.50 -67.53 46.19
N TRP T 77 17.94 -66.29 46.14
CA TRP T 77 17.14 -65.18 45.64
C TRP T 77 18.06 -63.98 45.45
N THR T 78 17.48 -62.86 45.08
CA THR T 78 18.29 -61.70 44.74
C THR T 78 17.88 -60.45 45.49
N GLN T 79 16.58 -60.25 45.74
CA GLN T 79 16.08 -59.04 46.38
C GLN T 79 15.43 -59.39 47.71
N GLY T 80 15.77 -58.63 48.75
CA GLY T 80 15.18 -58.83 50.06
C GLY T 80 15.07 -57.50 50.78
N ARG T 81 14.31 -57.52 51.88
CA ARG T 81 14.09 -56.34 52.68
C ARG T 81 14.01 -56.77 54.15
N TRP T 82 13.84 -55.78 55.03
CA TRP T 82 13.82 -56.01 56.47
C TRP T 82 12.55 -55.39 57.05
N PRO T 83 11.41 -56.06 56.92
CA PRO T 83 10.18 -55.47 57.45
C PRO T 83 10.18 -55.45 58.96
N LYS T 84 10.38 -54.28 59.55
CA LYS T 84 10.46 -54.19 61.00
C LYS T 84 9.11 -54.43 61.64
N LYS T 85 8.07 -53.77 61.14
CA LYS T 85 6.74 -53.88 61.76
C LYS T 85 6.20 -55.30 61.67
N SER T 86 6.40 -55.97 60.53
CA SER T 86 5.98 -57.35 60.40
C SER T 86 6.76 -58.24 61.35
N ALA T 87 8.03 -57.91 61.59
CA ALA T 87 8.83 -58.68 62.53
C ALA T 87 8.30 -58.57 63.94
N GLU T 88 7.95 -57.36 64.37
CA GLU T 88 7.43 -57.17 65.73
C GLU T 88 6.09 -57.86 65.91
N PHE T 89 5.20 -57.74 64.92
CA PHE T 89 3.88 -58.33 65.05
C PHE T 89 3.94 -59.85 65.05
N LEU T 90 4.79 -60.43 64.21
CA LEU T 90 4.95 -61.88 64.22
C LEU T 90 5.71 -62.35 65.45
N LEU T 91 6.53 -61.49 66.04
CA LEU T 91 7.19 -61.84 67.29
C LEU T 91 6.19 -61.84 68.45
N HIS T 92 5.24 -60.90 68.44
CA HIS T 92 4.22 -60.87 69.47
C HIS T 92 3.34 -62.11 69.39
N MET T 93 3.00 -62.54 68.18
CA MET T 93 2.16 -63.72 68.04
C MET T 93 2.93 -65.00 68.35
N LEU T 94 4.24 -65.01 68.10
CA LEU T 94 5.06 -66.14 68.50
C LEU T 94 5.13 -66.24 70.02
N LYS T 95 5.21 -65.10 70.71
CA LYS T 95 5.09 -65.10 72.17
C LYS T 95 3.73 -65.64 72.59
N ASN T 96 2.66 -65.18 71.93
CA ASN T 96 1.32 -65.66 72.28
C ASN T 96 1.18 -67.15 72.04
N ALA T 97 1.73 -67.64 70.93
CA ALA T 97 1.68 -69.07 70.65
C ALA T 97 2.49 -69.86 71.67
N GLU T 98 3.64 -69.33 72.09
CA GLU T 98 4.44 -70.00 73.11
C GLU T 98 3.72 -69.98 74.46
N SER T 99 3.01 -68.89 74.76
CA SER T 99 2.24 -68.83 75.99
C SER T 99 1.13 -69.87 76.00
N ASN T 100 0.42 -70.01 74.88
CA ASN T 100 -0.59 -71.06 74.78
C ASN T 100 0.05 -72.43 74.84
N ALA T 101 1.28 -72.55 74.36
CA ALA T 101 2.01 -73.81 74.43
C ALA T 101 2.28 -74.21 75.87
N GLU T 102 2.70 -73.24 76.69
CA GLU T 102 2.96 -73.53 78.10
C GLU T 102 1.66 -73.81 78.85
N LEU T 103 0.58 -73.12 78.47
CA LEU T 103 -0.69 -73.28 79.17
C LEU T 103 -1.23 -74.70 79.01
N LYS T 104 -1.14 -75.25 77.80
CA LYS T 104 -1.71 -76.56 77.54
C LYS T 104 -0.76 -77.71 77.85
N GLY T 105 0.46 -77.42 78.29
CA GLY T 105 1.32 -78.45 78.84
C GLY T 105 2.16 -79.23 77.87
N LEU T 106 3.03 -78.55 77.12
CA LEU T 106 4.02 -79.21 76.28
C LEU T 106 5.28 -78.37 76.25
N ASP T 107 6.39 -78.99 75.88
CA ASP T 107 7.66 -78.27 75.88
C ASP T 107 7.68 -77.21 74.79
N VAL T 108 8.32 -76.09 75.10
CA VAL T 108 8.46 -75.00 74.15
C VAL T 108 9.80 -75.03 73.43
N ASP T 109 10.67 -75.96 73.79
CA ASP T 109 11.98 -76.09 73.15
C ASP T 109 11.95 -76.99 71.92
N SER T 110 10.80 -77.55 71.59
CA SER T 110 10.68 -78.48 70.47
C SER T 110 9.49 -78.12 69.60
N LEU T 111 9.19 -76.83 69.48
CA LEU T 111 8.04 -76.35 68.74
C LEU T 111 8.48 -75.87 67.36
N VAL T 112 7.71 -76.24 66.34
CA VAL T 112 8.01 -75.88 64.96
C VAL T 112 6.76 -75.33 64.31
N ILE T 113 6.92 -74.21 63.60
CA ILE T 113 5.80 -73.56 62.92
C ILE T 113 5.45 -74.38 61.69
N GLU T 114 4.48 -75.29 61.83
CA GLU T 114 4.13 -76.13 60.70
C GLU T 114 3.21 -75.43 59.72
N HIS T 115 2.40 -74.49 60.20
CA HIS T 115 1.46 -73.78 59.34
C HIS T 115 1.39 -72.34 59.79
N ILE T 116 1.57 -71.42 58.86
CA ILE T 116 1.41 -69.99 59.10
C ILE T 116 0.72 -69.39 57.87
N GLN T 117 -0.19 -68.47 58.10
CA GLN T 117 -1.02 -67.95 57.03
C GLN T 117 -1.32 -66.49 57.27
N VAL T 118 -1.23 -65.69 56.21
CA VAL T 118 -1.56 -64.27 56.25
C VAL T 118 -2.68 -64.02 55.26
N ASN T 119 -3.79 -63.50 55.75
CA ASN T 119 -4.95 -63.19 54.92
C ASN T 119 -5.09 -61.68 54.77
N LYS T 120 -5.99 -61.28 53.89
CA LYS T 120 -6.33 -59.87 53.75
C LYS T 120 -7.45 -59.52 54.73
N ALA T 121 -7.34 -58.36 55.34
CA ALA T 121 -8.34 -57.83 56.26
C ALA T 121 -9.11 -56.71 55.60
N PRO T 122 -10.29 -56.35 56.12
CA PRO T 122 -11.03 -55.23 55.56
C PRO T 122 -10.21 -53.95 55.57
N LYS T 123 -10.12 -53.31 54.41
CA LYS T 123 -9.33 -52.10 54.28
C LYS T 123 -9.98 -50.94 55.02
N MET T 124 -9.17 -50.17 55.73
CA MET T 124 -9.61 -48.92 56.32
C MET T 124 -9.24 -47.77 55.40
N ARG T 125 -10.17 -46.85 55.20
CA ARG T 125 -10.06 -45.84 54.16
C ARG T 125 -9.58 -44.53 54.75
N ARG T 126 -8.60 -43.92 54.07
CA ARG T 126 -8.16 -42.56 54.36
C ARG T 126 -8.24 -41.76 53.08
N ARG T 127 -7.72 -40.54 53.11
CA ARG T 127 -7.93 -39.58 52.04
C ARG T 127 -6.62 -38.90 51.69
N THR T 128 -6.40 -38.71 50.39
CA THR T 128 -5.28 -37.91 49.91
C THR T 128 -5.81 -36.90 48.91
N TYR T 129 -5.07 -35.80 48.76
CA TYR T 129 -5.51 -34.66 47.98
C TYR T 129 -4.56 -34.48 46.80
N ARG T 130 -5.13 -34.45 45.60
CA ARG T 130 -4.36 -34.47 44.37
C ARG T 130 -4.45 -33.11 43.68
N ALA T 131 -3.91 -33.05 42.45
CA ALA T 131 -3.61 -31.78 41.80
C ALA T 131 -4.81 -30.88 41.55
N HIS T 132 -5.74 -31.31 40.69
CA HIS T 132 -6.80 -30.42 40.25
C HIS T 132 -8.06 -30.62 41.08
N GLY T 133 -7.90 -30.44 42.39
CA GLY T 133 -9.01 -30.60 43.31
C GLY T 133 -9.62 -31.97 43.30
N ARG T 134 -8.80 -33.01 43.26
CA ARG T 134 -9.27 -34.38 43.16
C ARG T 134 -8.98 -35.13 44.46
N ILE T 135 -9.91 -36.00 44.84
CA ILE T 135 -9.78 -36.82 46.04
C ILE T 135 -9.41 -38.23 45.60
N ASN T 136 -8.37 -38.78 46.20
CA ASN T 136 -7.96 -40.14 45.90
C ASN T 136 -7.81 -40.94 47.18
N PRO T 137 -8.07 -42.24 47.13
CA PRO T 137 -7.99 -43.05 48.35
C PRO T 137 -6.57 -43.17 48.89
N TYR T 138 -6.49 -43.40 50.19
CA TYR T 138 -5.24 -43.66 50.90
C TYR T 138 -5.40 -44.90 51.78
N MET T 139 -5.96 -45.95 51.19
CA MET T 139 -6.41 -47.10 51.95
C MET T 139 -5.23 -47.85 52.58
N SER T 140 -5.51 -48.50 53.70
CA SER T 140 -4.56 -49.38 54.37
C SER T 140 -4.86 -50.83 53.99
N SER T 141 -3.89 -51.70 54.26
CA SER T 141 -4.01 -53.13 53.96
C SER T 141 -3.67 -53.93 55.19
N PRO T 142 -4.55 -53.97 56.19
CA PRO T 142 -4.32 -54.81 57.36
C PRO T 142 -4.44 -56.29 56.99
N CYS T 143 -4.05 -57.15 57.92
CA CYS T 143 -3.97 -58.57 57.65
C CYS T 143 -4.40 -59.39 58.85
N HIS T 144 -5.06 -60.51 58.57
CA HIS T 144 -5.28 -61.56 59.57
C HIS T 144 -4.13 -62.56 59.49
N ILE T 145 -3.63 -62.97 60.64
CA ILE T 145 -2.56 -63.95 60.71
C ILE T 145 -3.02 -65.10 61.60
N GLU T 146 -2.44 -66.28 61.36
CA GLU T 146 -2.66 -67.44 62.20
C GLU T 146 -1.48 -68.37 62.05
N MET T 147 -1.17 -69.10 63.12
CA MET T 147 -0.08 -70.07 63.08
C MET T 147 -0.42 -71.24 63.96
N ILE T 148 0.03 -72.42 63.55
CA ILE T 148 -0.10 -73.64 64.33
C ILE T 148 1.30 -74.20 64.53
N LEU T 149 1.69 -74.41 65.79
CA LEU T 149 3.00 -74.92 66.13
C LEU T 149 2.84 -76.31 66.72
N THR T 150 3.66 -77.26 66.25
CA THR T 150 3.60 -78.62 66.73
C THR T 150 4.90 -79.00 67.41
N GLU T 151 4.80 -79.93 68.35
CA GLU T 151 5.95 -80.46 69.06
C GLU T 151 6.55 -81.61 68.26
N LYS T 152 7.87 -81.62 68.13
CA LYS T 152 8.56 -82.69 67.43
C LYS T 152 9.96 -82.81 68.00
N GLU T 153 10.52 -84.02 67.93
CA GLU T 153 11.94 -84.27 68.14
C GLU T 153 12.29 -85.71 67.80
N GLY U 1 -23.73 -82.27 -4.04
CA GLY U 1 -24.68 -81.20 -4.20
C GLY U 1 -25.56 -81.37 -5.43
N VAL U 2 -26.80 -80.90 -5.33
CA VAL U 2 -27.77 -80.95 -6.42
C VAL U 2 -28.42 -79.59 -6.53
N ASP U 3 -28.61 -79.11 -7.77
CA ASP U 3 -29.14 -77.76 -7.98
C ASP U 3 -30.66 -77.75 -8.01
N ILE U 4 -31.28 -78.28 -6.97
CA ILE U 4 -32.74 -78.27 -6.82
C ILE U 4 -33.11 -77.17 -5.84
N ARG U 5 -34.10 -76.37 -6.21
CA ARG U 5 -34.60 -75.34 -5.32
C ARG U 5 -35.45 -75.97 -4.23
N HIS U 6 -35.32 -75.47 -3.01
CA HIS U 6 -36.02 -76.02 -1.85
C HIS U 6 -37.10 -75.11 -1.31
N ASN U 7 -37.45 -74.04 -2.03
CA ASN U 7 -38.43 -73.09 -1.51
C ASN U 7 -39.85 -73.62 -1.60
N LYS U 8 -40.15 -74.46 -2.59
CA LYS U 8 -41.47 -75.05 -2.75
C LYS U 8 -41.52 -76.49 -2.26
N ASP U 9 -40.52 -76.91 -1.48
CA ASP U 9 -40.49 -78.29 -0.98
C ASP U 9 -41.66 -78.58 -0.07
N ARG U 10 -42.04 -77.62 0.77
CA ARG U 10 -43.08 -77.80 1.77
C ARG U 10 -44.39 -77.27 1.23
N LYS U 11 -45.31 -78.18 0.90
CA LYS U 11 -46.64 -77.76 0.45
C LYS U 11 -47.42 -77.17 1.61
N VAL U 12 -48.05 -76.03 1.38
CA VAL U 12 -48.82 -75.33 2.40
C VAL U 12 -50.27 -75.75 2.25
N ARG U 13 -50.72 -76.64 3.12
CA ARG U 13 -52.09 -77.12 3.09
C ARG U 13 -52.47 -77.61 4.48
N ARG U 14 -53.77 -77.71 4.72
CA ARG U 14 -54.28 -78.15 6.01
C ARG U 14 -54.28 -79.67 6.08
N LYS U 15 -53.58 -80.22 7.07
CA LYS U 15 -53.63 -81.65 7.33
C LYS U 15 -54.57 -82.02 8.46
N GLU U 16 -54.95 -81.05 9.29
CA GLU U 16 -55.91 -81.24 10.37
C GLU U 16 -56.54 -79.90 10.67
N PRO U 17 -57.77 -79.86 11.21
CA PRO U 17 -58.39 -78.57 11.50
C PRO U 17 -57.62 -77.83 12.58
N LYS U 18 -57.55 -76.51 12.42
CA LYS U 18 -56.92 -75.67 13.44
C LYS U 18 -57.76 -75.61 14.70
N SER U 19 -59.07 -75.82 14.57
CA SER U 19 -59.97 -75.76 15.72
C SER U 19 -59.73 -76.92 16.67
N GLN U 20 -59.94 -76.64 17.96
CA GLN U 20 -59.88 -77.66 19.00
C GLN U 20 -61.26 -78.20 19.33
N ASP U 21 -62.27 -77.90 18.51
CA ASP U 21 -63.62 -78.42 18.69
C ASP U 21 -63.60 -79.94 18.68
N ILE U 22 -63.89 -80.55 19.83
CA ILE U 22 -63.78 -82.00 19.94
C ILE U 22 -64.81 -82.71 19.08
N TYR U 23 -65.99 -82.09 18.89
CA TYR U 23 -66.99 -82.70 18.02
C TYR U 23 -66.55 -82.68 16.57
N LEU U 24 -65.91 -81.59 16.14
CA LEU U 24 -65.36 -81.55 14.79
C LEU U 24 -64.21 -82.53 14.63
N ARG U 25 -63.37 -82.67 15.65
CA ARG U 25 -62.27 -83.62 15.60
C ARG U 25 -62.78 -85.05 15.53
N LEU U 26 -63.96 -85.31 16.12
CA LEU U 26 -64.51 -86.65 16.09
C LEU U 26 -64.98 -87.05 14.70
N LEU U 27 -65.72 -86.17 14.03
CA LEU U 27 -66.16 -86.52 12.69
C LEU U 27 -65.07 -86.27 11.65
N VAL U 28 -63.99 -85.58 12.03
CA VAL U 28 -62.78 -85.61 11.20
C VAL U 28 -62.16 -87.00 11.26
N LYS U 29 -62.15 -87.61 12.45
CA LYS U 29 -61.68 -88.99 12.58
C LYS U 29 -62.51 -89.94 11.74
N LEU U 30 -63.84 -89.77 11.77
CA LEU U 30 -64.71 -90.64 11.00
C LEU U 30 -64.45 -90.50 9.51
N TYR U 31 -64.34 -89.27 9.03
CA TYR U 31 -64.15 -89.07 7.59
C TYR U 31 -62.70 -89.22 7.16
N ARG U 32 -61.75 -89.20 8.10
CA ARG U 32 -60.39 -89.62 7.77
C ARG U 32 -60.35 -91.10 7.47
N PHE U 33 -61.06 -91.90 8.26
CA PHE U 33 -61.15 -93.33 8.02
C PHE U 33 -61.92 -93.62 6.73
N LEU U 34 -63.00 -92.89 6.48
CA LEU U 34 -63.80 -93.12 5.29
C LEU U 34 -63.05 -92.73 4.02
N ALA U 35 -62.29 -91.63 4.08
CA ALA U 35 -61.48 -91.24 2.93
C ALA U 35 -60.37 -92.25 2.66
N ARG U 36 -59.77 -92.78 3.72
CA ARG U 36 -58.64 -93.69 3.54
C ARG U 36 -59.10 -95.06 3.05
N ARG U 37 -60.19 -95.59 3.62
CA ARG U 37 -60.59 -96.97 3.39
C ARG U 37 -61.67 -97.12 2.34
N THR U 38 -62.03 -96.06 1.63
CA THR U 38 -62.97 -96.15 0.51
C THR U 38 -62.33 -95.56 -0.73
N ASN U 39 -62.81 -96.01 -1.89
CA ASN U 39 -62.38 -95.49 -3.17
C ASN U 39 -63.15 -94.25 -3.60
N SER U 40 -64.20 -93.89 -2.86
CA SER U 40 -65.00 -92.73 -3.22
C SER U 40 -64.24 -91.45 -2.93
N THR U 41 -64.23 -90.53 -3.89
CA THR U 41 -63.57 -89.25 -3.73
C THR U 41 -64.46 -88.21 -3.08
N PHE U 42 -65.73 -88.52 -2.84
CA PHE U 42 -66.59 -87.61 -2.09
C PHE U 42 -66.08 -87.43 -0.67
N ASN U 43 -65.63 -88.52 -0.04
CA ASN U 43 -65.12 -88.43 1.31
C ASN U 43 -63.85 -87.60 1.37
N GLN U 44 -63.01 -87.68 0.33
CA GLN U 44 -61.80 -86.87 0.30
C GLN U 44 -62.13 -85.39 0.24
N VAL U 45 -63.13 -85.01 -0.55
CA VAL U 45 -63.54 -83.61 -0.62
C VAL U 45 -64.14 -83.16 0.70
N VAL U 46 -64.97 -84.01 1.31
CA VAL U 46 -65.58 -83.67 2.59
C VAL U 46 -64.51 -83.58 3.68
N LEU U 47 -63.58 -84.52 3.70
CA LEU U 47 -62.52 -84.49 4.69
C LEU U 47 -61.66 -83.24 4.55
N LYS U 48 -61.30 -82.89 3.32
CA LYS U 48 -60.51 -81.68 3.09
C LYS U 48 -61.31 -80.43 3.43
N ARG U 49 -62.62 -80.45 3.22
CA ARG U 49 -63.44 -79.31 3.58
C ARG U 49 -63.59 -79.17 5.09
N LEU U 50 -63.51 -80.29 5.82
CA LEU U 50 -63.61 -80.22 7.28
C LEU U 50 -62.40 -79.52 7.89
N PHE U 51 -61.23 -79.69 7.27
CA PHE U 51 -60.03 -79.03 7.75
C PHE U 51 -60.10 -77.53 7.60
N MET U 52 -60.97 -77.03 6.74
CA MET U 52 -60.91 -75.65 6.28
C MET U 52 -61.27 -74.67 7.39
N SER U 53 -60.99 -73.40 7.14
CA SER U 53 -61.30 -72.32 8.05
C SER U 53 -62.72 -71.81 7.78
N ARG U 54 -63.17 -70.90 8.64
CA ARG U 54 -64.53 -70.39 8.50
C ARG U 54 -64.70 -69.57 7.23
N THR U 55 -63.71 -68.74 6.91
CA THR U 55 -63.79 -67.94 5.69
C THR U 55 -63.73 -68.80 4.44
N ASN U 56 -63.22 -70.03 4.55
CA ASN U 56 -63.25 -70.99 3.46
C ASN U 56 -64.47 -71.90 3.51
N ARG U 57 -65.34 -71.70 4.49
CA ARG U 57 -66.61 -72.43 4.59
C ARG U 57 -67.74 -71.42 4.74
N PRO U 58 -68.04 -70.67 3.68
CA PRO U 58 -69.08 -69.65 3.79
C PRO U 58 -70.45 -70.28 3.98
N PRO U 59 -71.36 -69.60 4.66
CA PRO U 59 -72.71 -70.15 4.84
C PRO U 59 -73.44 -70.27 3.52
N LEU U 60 -74.30 -71.28 3.44
CA LEU U 60 -75.09 -71.57 2.25
C LEU U 60 -76.52 -71.16 2.54
N SER U 61 -77.00 -70.13 1.84
CA SER U 61 -78.36 -69.65 2.05
C SER U 61 -79.38 -70.69 1.60
N LEU U 62 -80.56 -70.63 2.21
CA LEU U 62 -81.61 -71.57 1.87
C LEU U 62 -82.08 -71.39 0.43
N SER U 63 -82.19 -70.15 -0.03
CA SER U 63 -82.65 -69.90 -1.38
C SER U 63 -81.66 -70.39 -2.42
N ARG U 64 -80.36 -70.24 -2.14
CA ARG U 64 -79.35 -70.79 -3.04
C ARG U 64 -79.38 -72.31 -3.05
N MET U 65 -79.58 -72.93 -1.88
CA MET U 65 -79.65 -74.39 -1.82
C MET U 65 -80.88 -74.91 -2.55
N ILE U 66 -82.00 -74.18 -2.46
CA ILE U 66 -83.19 -74.55 -3.21
C ILE U 66 -82.94 -74.43 -4.71
N ARG U 67 -82.24 -73.37 -5.12
CA ARG U 67 -81.90 -73.19 -6.52
C ARG U 67 -81.10 -74.35 -7.07
N LYS U 68 -80.01 -74.71 -6.38
CA LYS U 68 -79.11 -75.74 -6.90
C LYS U 68 -79.70 -77.13 -6.82
N MET U 69 -80.69 -77.36 -5.96
CA MET U 69 -81.35 -78.66 -5.87
C MET U 69 -82.62 -78.74 -6.70
N LYS U 70 -83.09 -77.63 -7.26
CA LYS U 70 -84.21 -77.68 -8.19
C LYS U 70 -83.79 -78.11 -9.58
N LEU U 71 -82.49 -78.08 -9.86
CA LEU U 71 -82.00 -78.36 -11.21
C LEU U 71 -82.33 -79.81 -11.60
N PRO U 72 -82.57 -80.06 -12.89
CA PRO U 72 -83.09 -81.36 -13.32
C PRO U 72 -82.13 -82.49 -12.99
N GLY U 73 -82.70 -83.66 -12.68
CA GLY U 73 -81.91 -84.82 -12.36
C GLY U 73 -81.40 -84.88 -10.94
N ARG U 74 -81.77 -83.93 -10.10
CA ARG U 74 -81.34 -83.90 -8.70
C ARG U 74 -82.50 -84.16 -7.75
N GLU U 75 -83.55 -84.84 -8.22
CA GLU U 75 -84.64 -85.22 -7.36
C GLU U 75 -84.25 -86.40 -6.49
N ASN U 76 -84.72 -86.39 -5.24
CA ASN U 76 -84.43 -87.45 -4.26
C ASN U 76 -82.93 -87.61 -4.04
N LYS U 77 -82.23 -86.50 -3.92
CA LYS U 77 -80.82 -86.47 -3.59
C LYS U 77 -80.60 -85.63 -2.34
N THR U 78 -79.56 -85.95 -1.58
CA THR U 78 -79.28 -85.27 -0.32
C THR U 78 -78.25 -84.18 -0.56
N ALA U 79 -78.64 -82.94 -0.25
CA ALA U 79 -77.71 -81.83 -0.34
C ALA U 79 -76.70 -81.89 0.80
N VAL U 80 -75.43 -81.73 0.48
CA VAL U 80 -74.35 -81.78 1.46
C VAL U 80 -73.59 -80.47 1.40
N VAL U 81 -73.46 -79.79 2.53
CA VAL U 81 -72.66 -78.58 2.64
C VAL U 81 -71.82 -78.68 3.91
N VAL U 82 -70.51 -78.49 3.76
CA VAL U 82 -69.60 -78.50 4.93
C VAL U 82 -69.57 -77.07 5.44
N GLY U 83 -70.55 -76.73 6.25
CA GLY U 83 -70.69 -75.38 6.74
C GLY U 83 -72.04 -75.16 7.37
N THR U 84 -72.52 -73.92 7.30
CA THR U 84 -73.77 -73.52 7.91
C THR U 84 -74.82 -73.31 6.84
N ILE U 85 -76.00 -73.88 7.06
CA ILE U 85 -77.17 -73.56 6.26
C ILE U 85 -77.91 -72.43 6.93
N THR U 86 -78.19 -71.39 6.17
CA THR U 86 -78.70 -70.16 6.71
C THR U 86 -80.01 -69.80 6.03
N ASP U 87 -80.97 -69.34 6.83
CA ASP U 87 -82.29 -69.00 6.32
C ASP U 87 -82.23 -67.82 5.35
N ASP U 88 -83.08 -67.86 4.34
CA ASP U 88 -83.23 -66.78 3.38
C ASP U 88 -84.69 -66.33 3.44
N VAL U 89 -84.93 -65.15 4.03
CA VAL U 89 -86.28 -64.63 4.18
C VAL U 89 -86.90 -64.21 2.86
N ARG U 90 -86.13 -64.15 1.78
CA ARG U 90 -86.63 -63.75 0.48
C ARG U 90 -87.28 -64.90 -0.28
N VAL U 91 -87.24 -66.12 0.24
CA VAL U 91 -87.92 -67.25 -0.36
C VAL U 91 -89.21 -67.50 0.40
N GLN U 92 -90.24 -67.92 -0.31
CA GLN U 92 -91.57 -68.09 0.27
C GLN U 92 -91.97 -69.55 0.42
N GLU U 93 -91.84 -70.35 -0.63
CA GLU U 93 -92.22 -71.76 -0.60
C GLU U 93 -90.96 -72.61 -0.52
N VAL U 94 -90.88 -73.45 0.49
CA VAL U 94 -89.73 -74.32 0.72
C VAL U 94 -90.14 -75.75 0.36
N PRO U 95 -89.47 -76.40 -0.57
CA PRO U 95 -89.81 -77.78 -0.93
C PRO U 95 -89.22 -78.76 0.06
N LYS U 96 -89.64 -80.02 -0.09
CA LYS U 96 -89.12 -81.11 0.74
C LYS U 96 -87.64 -81.30 0.44
N LEU U 97 -86.80 -81.08 1.43
CA LEU U 97 -85.34 -81.12 1.27
C LEU U 97 -84.72 -82.09 2.25
N LYS U 98 -83.98 -83.06 1.72
CA LYS U 98 -83.14 -83.94 2.52
C LYS U 98 -81.73 -83.38 2.48
N VAL U 99 -81.17 -83.07 3.65
CA VAL U 99 -79.97 -82.26 3.69
C VAL U 99 -79.10 -82.67 4.87
N CYS U 100 -77.78 -82.51 4.71
CA CYS U 100 -76.82 -82.71 5.78
C CYS U 100 -75.86 -81.53 5.82
N ALA U 101 -75.63 -80.99 7.02
CA ALA U 101 -74.76 -79.82 7.17
C ALA U 101 -74.09 -79.84 8.53
N LEU U 102 -72.97 -79.12 8.62
CA LEU U 102 -72.28 -78.97 9.89
C LEU U 102 -73.13 -78.20 10.90
N ARG U 103 -73.80 -77.15 10.44
CA ARG U 103 -74.64 -76.32 11.29
C ARG U 103 -75.84 -75.85 10.48
N VAL U 104 -76.98 -75.74 11.15
CA VAL U 104 -78.20 -75.22 10.53
C VAL U 104 -78.79 -74.17 11.45
N THR U 105 -79.09 -72.99 10.89
CA THR U 105 -79.70 -71.91 11.65
C THR U 105 -81.09 -72.33 12.12
N SER U 106 -81.44 -71.90 13.34
CA SER U 106 -82.67 -72.36 13.99
C SER U 106 -83.90 -72.04 13.16
N ARG U 107 -83.98 -70.85 12.60
CA ARG U 107 -85.12 -70.52 11.74
C ARG U 107 -85.07 -71.30 10.44
N ALA U 108 -83.87 -71.48 9.88
CA ALA U 108 -83.74 -72.32 8.69
C ALA U 108 -84.10 -73.77 8.99
N ARG U 109 -83.69 -74.27 10.16
CA ARG U 109 -84.03 -75.63 10.54
C ARG U 109 -85.53 -75.80 10.70
N SER U 110 -86.20 -74.82 11.32
CA SER U 110 -87.64 -74.91 11.49
C SER U 110 -88.36 -74.90 10.16
N ARG U 111 -87.90 -74.08 9.21
CA ARG U 111 -88.54 -73.99 7.91
C ARG U 111 -88.39 -75.28 7.13
N ILE U 112 -87.24 -75.93 7.23
CA ILE U 112 -87.00 -77.17 6.51
C ILE U 112 -87.90 -78.28 7.05
N LEU U 113 -87.97 -78.40 8.38
CA LEU U 113 -88.81 -79.42 9.00
C LEU U 113 -90.29 -79.15 8.77
N ARG U 114 -90.69 -77.88 8.74
CA ARG U 114 -92.08 -77.55 8.47
C ARG U 114 -92.49 -77.99 7.07
N ALA U 115 -91.60 -77.83 6.10
CA ALA U 115 -91.87 -78.29 4.75
C ALA U 115 -91.93 -79.81 4.66
N GLY U 116 -91.39 -80.51 5.65
CA GLY U 116 -91.39 -81.96 5.65
C GLY U 116 -90.05 -82.60 5.38
N GLY U 117 -88.97 -81.82 5.35
CA GLY U 117 -87.66 -82.36 5.04
C GLY U 117 -87.00 -83.03 6.22
N LYS U 118 -85.78 -83.48 5.99
CA LYS U 118 -84.99 -84.18 6.99
C LYS U 118 -83.60 -83.56 7.03
N ILE U 119 -83.10 -83.31 8.25
CA ILE U 119 -81.78 -82.74 8.44
C ILE U 119 -80.88 -83.79 9.06
N LEU U 120 -79.72 -84.00 8.47
CA LEU U 120 -78.70 -84.89 8.98
C LEU U 120 -77.48 -84.11 9.41
N THR U 121 -76.67 -84.74 10.25
CA THR U 121 -75.32 -84.28 10.52
C THR U 121 -74.35 -85.24 9.85
N PHE U 122 -73.06 -84.94 9.96
CA PHE U 122 -72.07 -85.65 9.18
C PHE U 122 -71.70 -87.01 9.75
N ASP U 123 -72.38 -87.48 10.79
CA ASP U 123 -72.25 -88.85 11.24
C ASP U 123 -73.34 -89.75 10.65
N GLN U 124 -74.60 -89.30 10.69
CA GLN U 124 -75.67 -90.08 10.10
C GLN U 124 -75.65 -90.03 8.58
N LEU U 125 -74.97 -89.04 7.99
CA LEU U 125 -74.71 -89.10 6.56
C LEU U 125 -73.77 -90.25 6.23
N ALA U 126 -72.76 -90.47 7.08
CA ALA U 126 -71.86 -91.59 6.89
C ALA U 126 -72.60 -92.91 7.01
N LEU U 127 -73.55 -93.01 7.94
CA LEU U 127 -74.33 -94.22 8.08
C LEU U 127 -75.31 -94.40 6.92
N ASP U 128 -75.82 -93.29 6.37
CA ASP U 128 -76.75 -93.39 5.24
C ASP U 128 -76.01 -93.77 3.97
N SER U 129 -75.09 -92.91 3.52
CA SER U 129 -74.32 -93.13 2.30
C SER U 129 -72.85 -92.97 2.63
N PRO U 130 -72.19 -94.04 3.09
CA PRO U 130 -70.75 -93.94 3.42
C PRO U 130 -69.89 -93.52 2.24
N LYS U 131 -70.23 -93.97 1.03
CA LYS U 131 -69.50 -93.55 -0.16
C LYS U 131 -69.98 -92.22 -0.70
N GLY U 132 -71.00 -91.61 -0.09
CA GLY U 132 -71.55 -90.38 -0.59
C GLY U 132 -72.40 -90.52 -1.82
N CYS U 133 -72.99 -91.70 -2.04
CA CYS U 133 -73.83 -91.91 -3.20
C CYS U 133 -75.12 -91.10 -3.09
N GLY U 134 -75.54 -90.54 -4.23
CA GLY U 134 -76.77 -89.78 -4.27
C GLY U 134 -76.70 -88.43 -3.58
N THR U 135 -75.52 -87.84 -3.45
CA THR U 135 -75.35 -86.57 -2.77
C THR U 135 -75.15 -85.45 -3.79
N VAL U 136 -75.52 -84.25 -3.38
CA VAL U 136 -75.28 -83.03 -4.15
C VAL U 136 -74.41 -82.15 -3.28
N LEU U 137 -73.10 -82.18 -3.52
CA LEU U 137 -72.14 -81.46 -2.70
C LEU U 137 -72.15 -79.99 -3.09
N LEU U 138 -72.72 -79.15 -2.23
CA LEU U 138 -72.84 -77.72 -2.47
C LEU U 138 -71.84 -76.95 -1.60
N SER U 139 -71.64 -75.69 -1.97
CA SER U 139 -70.78 -74.80 -1.21
C SER U 139 -71.34 -73.39 -1.31
N GLY U 140 -71.18 -72.63 -0.23
CA GLY U 140 -71.61 -71.26 -0.21
C GLY U 140 -70.70 -70.39 -1.06
N PRO U 141 -71.09 -69.15 -1.32
CA PRO U 141 -70.25 -68.26 -2.13
C PRO U 141 -68.95 -67.91 -1.42
N ARG U 142 -67.84 -68.45 -1.93
CA ARG U 142 -66.55 -68.23 -1.27
C ARG U 142 -66.12 -66.78 -1.33
N LYS U 143 -66.32 -66.13 -2.48
CA LYS U 143 -65.88 -64.76 -2.68
C LYS U 143 -66.98 -63.74 -2.38
N GLY U 144 -68.01 -64.14 -1.64
CA GLY U 144 -68.95 -63.16 -1.15
C GLY U 144 -68.55 -62.69 0.22
N ARG U 145 -67.83 -61.58 0.28
CA ARG U 145 -67.27 -61.04 1.51
C ARG U 145 -66.81 -59.63 1.25
N GLU U 146 -66.80 -58.81 2.30
CA GLU U 146 -66.40 -57.41 2.14
C GLU U 146 -64.94 -57.29 1.77
N VAL U 147 -64.10 -58.24 2.18
CA VAL U 147 -62.67 -58.14 1.90
C VAL U 147 -62.40 -58.27 0.41
N TYR U 148 -63.26 -58.96 -0.34
CA TYR U 148 -63.00 -59.16 -1.75
C TYR U 148 -63.40 -57.96 -2.59
N ARG U 149 -64.19 -57.04 -2.06
CA ARG U 149 -64.40 -55.77 -2.73
C ARG U 149 -63.13 -54.95 -2.75
N HIS U 150 -62.37 -54.98 -1.65
CA HIS U 150 -61.12 -54.24 -1.56
C HIS U 150 -59.99 -54.91 -2.31
N PHE U 151 -60.04 -56.23 -2.48
CA PHE U 151 -58.95 -56.94 -3.12
C PHE U 151 -58.94 -56.69 -4.62
N GLY U 152 -57.77 -56.90 -5.22
CA GLY U 152 -57.61 -56.70 -6.65
C GLY U 152 -56.54 -55.70 -6.97
N LYS U 153 -56.68 -55.01 -8.10
CA LYS U 153 -55.74 -53.95 -8.44
C LYS U 153 -55.92 -52.75 -7.52
N ALA U 154 -54.94 -51.87 -7.53
CA ALA U 154 -55.00 -50.70 -6.67
C ALA U 154 -56.11 -49.76 -7.16
N PRO U 155 -56.84 -49.12 -6.24
CA PRO U 155 -57.95 -48.25 -6.67
C PRO U 155 -57.49 -47.08 -7.55
N GLY U 156 -56.31 -46.54 -7.29
CA GLY U 156 -55.82 -45.42 -8.07
C GLY U 156 -55.09 -45.84 -9.33
N THR U 157 -55.58 -46.88 -9.99
CA THR U 157 -55.01 -47.37 -11.23
C THR U 157 -56.12 -47.64 -12.21
N PRO U 158 -55.88 -47.46 -13.51
CA PRO U 158 -56.90 -47.77 -14.51
C PRO U 158 -56.75 -49.18 -15.08
N HIS U 159 -57.86 -49.90 -15.23
CA HIS U 159 -59.20 -49.50 -14.84
C HIS U 159 -59.66 -50.43 -13.73
N SER U 160 -59.32 -50.09 -12.50
CA SER U 160 -59.62 -50.93 -11.35
C SER U 160 -60.89 -50.42 -10.67
N HIS U 161 -61.84 -51.33 -10.44
CA HIS U 161 -63.09 -51.01 -9.77
C HIS U 161 -63.10 -51.51 -8.33
N THR U 162 -61.98 -51.41 -7.64
CA THR U 162 -61.86 -51.95 -6.29
C THR U 162 -62.20 -50.90 -5.25
N LYS U 163 -62.71 -51.37 -4.12
CA LYS U 163 -63.17 -50.48 -3.06
C LYS U 163 -61.99 -49.96 -2.27
N PRO U 164 -61.83 -48.64 -2.13
CA PRO U 164 -60.79 -48.11 -1.25
C PRO U 164 -61.21 -48.20 0.21
N TYR U 165 -60.20 -48.20 1.08
CA TYR U 165 -60.43 -48.21 2.52
C TYR U 165 -60.64 -46.77 2.98
N VAL U 166 -61.87 -46.42 3.32
CA VAL U 166 -62.23 -45.08 3.74
C VAL U 166 -62.83 -45.15 5.14
N ARG U 167 -62.49 -44.17 5.97
CA ARG U 167 -63.07 -44.10 7.31
C ARG U 167 -64.54 -43.72 7.26
N SER U 168 -64.92 -42.85 6.33
CA SER U 168 -66.31 -42.44 6.19
C SER U 168 -66.62 -42.25 4.71
N LYS U 169 -67.91 -42.26 4.39
CA LYS U 169 -68.39 -42.08 3.03
C LYS U 169 -69.09 -40.74 2.91
N GLY U 170 -68.73 -39.98 1.88
CA GLY U 170 -69.31 -38.68 1.66
C GLY U 170 -68.56 -37.95 0.55
N ARG U 171 -69.02 -36.73 0.27
CA ARG U 171 -68.41 -35.96 -0.80
C ARG U 171 -67.02 -35.49 -0.44
N LYS U 172 -66.74 -35.27 0.84
CA LYS U 172 -65.43 -34.83 1.25
C LYS U 172 -64.42 -35.95 1.33
N PHE U 173 -64.86 -37.21 1.32
CA PHE U 173 -64.00 -38.34 1.60
C PHE U 173 -63.65 -39.04 0.29
N GLU U 174 -62.47 -38.74 -0.23
CA GLU U 174 -61.86 -39.42 -1.38
C GLU U 174 -62.78 -39.37 -2.61
N ARG U 175 -63.10 -38.14 -3.03
CA ARG U 175 -63.77 -37.91 -4.29
C ARG U 175 -63.16 -36.73 -5.04
N ALA U 176 -62.04 -36.23 -4.57
CA ALA U 176 -61.35 -35.07 -5.12
C ALA U 176 -60.32 -35.53 -6.15
N ARG U 177 -59.31 -34.71 -6.42
CA ARG U 177 -58.25 -34.96 -7.39
C ARG U 177 -57.82 -36.42 -7.44
N GLY U 178 -57.82 -36.98 -8.64
CA GLY U 178 -57.59 -38.39 -8.84
C GLY U 178 -58.85 -39.18 -9.13
N ARG U 179 -60.02 -38.57 -9.01
CA ARG U 179 -61.28 -39.26 -9.23
C ARG U 179 -62.23 -38.53 -10.15
N ARG U 180 -61.86 -37.35 -10.66
CA ARG U 180 -62.67 -36.65 -11.65
C ARG U 180 -61.77 -35.74 -12.46
N ALA U 181 -62.10 -35.60 -13.74
CA ALA U 181 -61.24 -34.84 -14.65
C ALA U 181 -61.19 -33.36 -14.32
N SER U 182 -62.19 -32.84 -13.62
CA SER U 182 -62.14 -31.44 -13.20
C SER U 182 -61.14 -31.19 -12.08
N ARG U 183 -60.63 -32.25 -11.46
CA ARG U 183 -59.63 -32.13 -10.39
C ARG U 183 -58.48 -33.07 -10.76
N GLY U 184 -57.48 -32.54 -11.47
CA GLY U 184 -56.27 -33.28 -11.75
C GLY U 184 -56.41 -34.29 -12.88
N TYR U 185 -57.05 -35.41 -12.58
CA TYR U 185 -57.18 -36.51 -13.53
C TYR U 185 -58.31 -37.42 -13.06
N LYS U 186 -58.63 -38.43 -13.88
CA LYS U 186 -59.73 -39.33 -13.59
C LYS U 186 -59.27 -40.77 -13.40
N ASN U 187 -58.47 -41.29 -14.32
CA ASN U 187 -57.98 -42.69 -14.39
C ASN U 187 -58.99 -43.77 -14.02
N SER V 1 7.03 -35.04 84.56
CA SER V 1 6.37 -35.53 83.36
C SER V 1 6.26 -34.44 82.31
N MET V 2 5.15 -33.70 82.34
CA MET V 2 4.86 -32.64 81.39
C MET V 2 4.58 -31.35 82.15
N LEU V 3 5.29 -30.28 81.79
CA LEU V 3 5.24 -29.03 82.53
C LEU V 3 4.91 -27.85 81.62
N ARG V 4 4.10 -28.05 80.59
CA ARG V 4 3.73 -26.95 79.72
C ARG V 4 2.83 -25.95 80.44
N LEU V 5 1.95 -26.44 81.30
CA LEU V 5 1.10 -25.54 82.10
C LEU V 5 1.94 -24.71 83.05
N GLN V 6 2.94 -25.33 83.70
CA GLN V 6 3.73 -24.62 84.70
C GLN V 6 4.62 -23.57 84.07
N LYS V 7 5.17 -23.85 82.88
CA LYS V 7 6.00 -22.86 82.21
C LYS V 7 5.19 -21.64 81.79
N ARG V 8 3.96 -21.86 81.31
CA ARG V 8 3.11 -20.75 80.93
C ARG V 8 2.71 -19.92 82.14
N LEU V 9 2.34 -20.57 83.24
CA LEU V 9 1.97 -19.84 84.45
C LEU V 9 3.16 -19.09 85.02
N ALA V 10 4.34 -19.71 85.04
CA ALA V 10 5.53 -19.04 85.55
C ALA V 10 5.90 -17.83 84.69
N SER V 11 5.74 -17.96 83.37
CA SER V 11 5.97 -16.81 82.49
C SER V 11 4.95 -15.71 82.75
N SER V 12 3.70 -16.07 82.99
CA SER V 12 2.67 -15.07 83.26
C SER V 12 2.91 -14.38 84.59
N VAL V 13 3.31 -15.13 85.61
CA VAL V 13 3.45 -14.55 86.94
C VAL V 13 4.80 -13.86 87.13
N LEU V 14 5.79 -14.17 86.30
CA LEU V 14 7.06 -13.44 86.32
C LEU V 14 7.08 -12.27 85.37
N ARG V 15 6.03 -12.11 84.56
CA ARG V 15 5.93 -11.04 83.56
C ARG V 15 7.09 -11.06 82.58
N CYS V 16 7.57 -12.27 82.25
CA CYS V 16 8.62 -12.47 81.27
C CYS V 16 8.18 -13.52 80.27
N GLY V 17 8.92 -13.64 79.19
CA GLY V 17 8.61 -14.64 78.19
C GLY V 17 8.96 -16.04 78.66
N LYS V 18 8.53 -17.02 77.87
CA LYS V 18 8.81 -18.41 78.21
C LYS V 18 10.28 -18.76 78.07
N LYS V 19 11.05 -17.94 77.33
CA LYS V 19 12.48 -18.20 77.22
C LYS V 19 13.17 -18.04 78.57
N LYS V 20 12.81 -17.02 79.34
CA LYS V 20 13.51 -16.69 80.57
C LYS V 20 13.13 -17.59 81.73
N VAL V 21 12.04 -18.35 81.62
CA VAL V 21 11.62 -19.23 82.71
C VAL V 21 12.56 -20.41 82.80
N TRP V 22 13.02 -20.70 84.01
CA TRP V 22 13.91 -21.84 84.27
C TRP V 22 13.23 -22.72 85.31
N LEU V 23 12.64 -23.82 84.85
CA LEU V 23 12.14 -24.84 85.76
C LEU V 23 13.26 -25.77 86.15
N ASP V 24 13.36 -26.10 87.43
CA ASP V 24 14.46 -26.92 87.90
C ASP V 24 14.35 -28.32 87.32
N PRO V 25 15.33 -28.80 86.57
CA PRO V 25 15.23 -30.15 86.00
C PRO V 25 15.27 -31.24 87.04
N ASN V 26 15.95 -31.01 88.17
CA ASN V 26 16.01 -32.05 89.20
C ASN V 26 14.69 -32.16 89.95
N GLU V 27 14.07 -31.05 90.29
CA GLU V 27 12.81 -31.05 91.03
C GLU V 27 11.65 -30.87 90.06
N THR V 28 11.48 -31.86 89.18
CA THR V 28 10.35 -31.86 88.26
C THR V 28 9.08 -32.35 88.93
N ASN V 29 9.19 -33.28 89.88
CA ASN V 29 8.01 -33.80 90.57
C ASN V 29 7.32 -32.72 91.40
N GLU V 30 8.10 -31.88 92.07
CA GLU V 30 7.51 -30.78 92.83
C GLU V 30 6.82 -29.78 91.92
N ILE V 31 7.45 -29.46 90.78
CA ILE V 31 6.84 -28.53 89.84
C ILE V 31 5.61 -29.16 89.19
N ALA V 32 5.66 -30.46 88.91
CA ALA V 32 4.49 -31.15 88.37
C ALA V 32 3.35 -31.12 89.37
N ASN V 33 3.66 -31.13 90.67
CA ASN V 33 2.65 -30.92 91.69
C ASN V 33 2.01 -29.55 91.54
N ALA V 34 2.83 -28.53 91.23
CA ALA V 34 2.32 -27.17 91.10
C ALA V 34 1.37 -27.06 89.92
N ASN V 35 0.22 -26.44 90.15
CA ASN V 35 -0.80 -26.34 89.11
C ASN V 35 -1.51 -25.00 89.06
N SER V 36 -1.06 -24.01 89.82
CA SER V 36 -1.80 -22.75 89.94
C SER V 36 -0.85 -21.64 90.31
N ARG V 37 -1.31 -20.41 90.11
CA ARG V 37 -0.64 -19.29 90.75
C ARG V 37 -0.90 -19.33 92.25
N GLN V 38 -0.05 -18.64 93.01
CA GLN V 38 0.14 -18.75 94.45
C GLN V 38 0.77 -20.09 94.82
N GLN V 39 0.97 -20.97 93.85
CA GLN V 39 1.78 -22.17 93.96
C GLN V 39 3.05 -22.07 93.14
N ILE V 40 2.96 -21.46 91.96
CA ILE V 40 4.16 -21.06 91.23
C ILE V 40 4.90 -19.97 91.99
N ARG V 41 4.15 -19.05 92.62
CA ARG V 41 4.77 -18.00 93.41
C ARG V 41 5.55 -18.57 94.58
N LYS V 42 5.01 -19.63 95.20
CA LYS V 42 5.77 -20.33 96.24
C LYS V 42 7.02 -20.97 95.65
N LEU V 43 6.91 -21.54 94.45
CA LEU V 43 8.06 -22.17 93.82
C LEU V 43 9.12 -21.14 93.41
N ILE V 44 8.68 -19.94 93.01
CA ILE V 44 9.64 -18.89 92.71
C ILE V 44 10.32 -18.42 93.98
N LYS V 45 9.56 -18.31 95.07
CA LYS V 45 10.10 -17.76 96.31
C LYS V 45 11.15 -18.67 96.92
N ASP V 46 10.96 -19.99 96.86
CA ASP V 46 11.93 -20.91 97.43
C ASP V 46 13.00 -21.35 96.45
N GLY V 47 12.96 -20.86 95.21
CA GLY V 47 14.08 -21.01 94.29
C GLY V 47 13.97 -22.09 93.25
N LEU V 48 12.85 -22.81 93.18
CA LEU V 48 12.72 -23.88 92.19
C LEU V 48 12.50 -23.32 90.78
N ILE V 49 11.88 -22.15 90.67
CA ILE V 49 11.67 -21.48 89.40
C ILE V 49 12.30 -20.10 89.49
N ILE V 50 13.16 -19.75 88.52
CA ILE V 50 13.81 -18.45 88.48
C ILE V 50 13.72 -17.89 87.08
N ARG V 51 13.87 -16.58 86.98
CA ARG V 51 13.89 -15.88 85.71
C ARG V 51 15.34 -15.71 85.26
N LYS V 52 15.67 -16.24 84.09
CA LYS V 52 17.03 -16.16 83.59
C LYS V 52 17.36 -14.75 83.15
N PRO V 53 18.61 -14.33 83.29
CA PRO V 53 18.99 -12.96 82.90
C PRO V 53 18.91 -12.76 81.40
N VAL V 54 18.71 -11.52 81.00
CA VAL V 54 18.64 -11.16 79.59
C VAL V 54 19.98 -11.42 78.94
N THR V 55 19.96 -12.10 77.79
CA THR V 55 21.20 -12.38 77.07
C THR V 55 21.87 -11.08 76.65
N VAL V 56 23.20 -11.04 76.78
CA VAL V 56 23.94 -9.80 76.67
C VAL V 56 23.96 -9.33 75.23
N HIS V 57 23.55 -8.08 75.01
CA HIS V 57 23.73 -7.38 73.73
C HIS V 57 24.46 -6.09 74.09
N SER V 58 25.79 -6.15 74.11
CA SER V 58 26.60 -5.03 74.54
C SER V 58 26.69 -3.97 73.47
N ARG V 59 27.10 -2.77 73.89
CA ARG V 59 27.34 -1.66 72.98
C ARG V 59 28.75 -1.11 73.14
N ALA V 60 29.66 -1.89 73.71
CA ALA V 60 31.05 -1.46 73.82
C ALA V 60 31.70 -1.34 72.45
N ARG V 61 31.34 -2.23 71.53
CA ARG V 61 31.82 -2.13 70.15
C ARG V 61 31.33 -0.83 69.51
N CYS V 62 30.06 -0.50 69.73
CA CYS V 62 29.48 0.69 69.10
C CYS V 62 30.04 1.97 69.72
N ARG V 63 30.25 1.96 71.04
CA ARG V 63 30.78 3.16 71.70
C ARG V 63 32.20 3.45 71.23
N LYS V 64 33.02 2.42 71.03
CA LYS V 64 34.38 2.64 70.56
C LYS V 64 34.39 3.06 69.09
N ASN V 65 33.45 2.55 68.30
CA ASN V 65 33.35 2.99 66.91
C ASN V 65 32.82 4.42 66.83
N THR V 66 31.86 4.77 67.68
CA THR V 66 31.37 6.15 67.71
C THR V 66 32.47 7.11 68.14
N LEU V 67 33.32 6.69 69.08
CA LEU V 67 34.46 7.51 69.47
C LEU V 67 35.42 7.69 68.30
N ALA V 68 35.66 6.63 67.53
CA ALA V 68 36.52 6.74 66.35
C ALA V 68 35.89 7.66 65.31
N ARG V 69 34.59 7.53 65.08
CA ARG V 69 33.92 8.39 64.11
C ARG V 69 33.93 9.85 64.55
N ARG V 70 33.77 10.07 65.86
CA ARG V 70 33.85 11.43 66.39
C ARG V 70 35.23 12.02 66.17
N LYS V 71 36.28 11.20 66.32
CA LYS V 71 37.63 11.66 66.01
C LYS V 71 37.79 11.93 64.51
N GLY V 72 37.02 11.26 63.67
CA GLY V 72 37.07 11.49 62.25
C GLY V 72 37.26 10.23 61.42
N ARG V 73 37.52 9.11 62.08
CA ARG V 73 37.73 7.87 61.37
C ARG V 73 36.43 7.34 60.80
N HIS V 74 36.55 6.35 59.91
CA HIS V 74 35.45 5.64 59.28
C HIS V 74 34.52 6.54 58.48
N MET V 75 34.90 7.79 58.22
CA MET V 75 34.08 8.67 57.40
C MET V 75 34.52 8.63 55.94
N GLY V 76 35.74 9.05 55.66
CA GLY V 76 36.42 8.95 54.38
C GLY V 76 35.57 9.39 53.21
N ILE V 77 35.83 8.79 52.06
CA ILE V 77 35.03 9.01 50.85
C ILE V 77 34.43 7.67 50.45
N GLY V 78 35.11 6.59 50.80
CA GLY V 78 34.66 5.25 50.53
C GLY V 78 33.82 4.63 51.63
N LYS V 79 33.44 5.40 52.65
CA LYS V 79 32.57 4.91 53.71
C LYS V 79 31.25 5.67 53.75
N ARG V 80 30.92 6.39 52.68
CA ARG V 80 29.66 7.10 52.58
C ARG V 80 28.90 6.58 51.37
N LYS V 81 27.65 6.19 51.59
CA LYS V 81 26.81 5.65 50.53
C LYS V 81 25.65 6.56 50.16
N GLY V 82 25.43 7.63 50.90
CA GLY V 82 24.36 8.56 50.59
C GLY V 82 24.87 9.86 50.02
N THR V 83 24.00 10.60 49.34
CA THR V 83 24.36 11.87 48.75
C THR V 83 24.75 12.86 49.84
N ALA V 84 25.53 13.88 49.44
CA ALA V 84 25.92 14.92 50.40
C ALA V 84 24.70 15.63 50.96
N ASN V 85 23.68 15.86 50.11
CA ASN V 85 22.42 16.41 50.61
C ASN V 85 21.70 15.41 51.51
N ALA V 86 21.80 14.11 51.21
CA ALA V 86 21.15 13.13 52.06
C ALA V 86 21.86 13.01 53.40
N ARG V 87 23.19 13.04 53.41
CA ARG V 87 23.93 12.94 54.66
C ARG V 87 23.71 14.18 55.52
N MET V 88 23.67 15.35 54.90
CA MET V 88 23.43 16.60 55.62
C MET V 88 22.71 17.55 54.68
N PRO V 89 21.41 17.78 54.91
CA PRO V 89 20.62 18.58 53.97
C PRO V 89 21.11 20.01 53.86
N GLU V 90 21.03 20.56 52.65
CA GLU V 90 21.40 21.95 52.45
C GLU V 90 20.39 22.89 53.06
N LYS V 91 19.11 22.51 53.08
CA LYS V 91 18.10 23.32 53.74
C LYS V 91 18.37 23.43 55.24
N VAL V 92 18.76 22.31 55.87
CA VAL V 92 19.08 22.33 57.29
C VAL V 92 20.32 23.17 57.54
N THR V 93 21.34 23.02 56.71
CA THR V 93 22.57 23.80 56.86
C THR V 93 22.28 25.28 56.71
N TRP V 94 21.48 25.64 55.71
CA TRP V 94 21.10 27.04 55.51
C TRP V 94 20.24 27.55 56.66
N MET V 95 19.31 26.72 57.14
CA MET V 95 18.41 27.14 58.21
C MET V 95 19.18 27.41 59.50
N ARG V 96 20.14 26.54 59.83
CA ARG V 96 20.97 26.78 61.00
C ARG V 96 21.83 28.01 60.83
N ARG V 97 22.32 28.24 59.61
CA ARG V 97 23.14 29.41 59.34
C ARG V 97 22.34 30.70 59.51
N MET V 98 21.11 30.71 59.02
CA MET V 98 20.28 31.91 59.14
C MET V 98 19.93 32.21 60.59
N ARG V 99 19.60 31.17 61.36
CA ARG V 99 19.25 31.40 62.76
C ARG V 99 20.43 31.93 63.55
N ILE V 100 21.65 31.47 63.22
CA ILE V 100 22.84 31.97 63.91
C ILE V 100 23.08 33.42 63.58
N LEU V 101 23.04 33.77 62.29
CA LEU V 101 23.34 35.14 61.88
C LEU V 101 22.25 36.10 62.33
N ARG V 102 20.98 35.70 62.22
CA ARG V 102 19.90 36.57 62.65
C ARG V 102 19.91 36.75 64.16
N ARG V 103 20.34 35.72 64.90
CA ARG V 103 20.53 35.87 66.34
C ARG V 103 21.65 36.86 66.64
N LEU V 104 22.73 36.82 65.85
CA LEU V 104 23.82 37.75 66.03
C LEU V 104 23.34 39.20 65.84
N LEU V 105 22.59 39.44 64.76
CA LEU V 105 22.19 40.80 64.43
C LEU V 105 21.21 41.35 65.45
N ARG V 106 20.33 40.49 65.98
CA ARG V 106 19.40 40.93 67.02
C ARG V 106 20.15 41.32 68.29
N ARG V 107 21.13 40.53 68.69
CA ARG V 107 21.90 40.84 69.89
C ARG V 107 22.73 42.10 69.71
N TYR V 108 23.30 42.29 68.51
CA TYR V 108 24.09 43.49 68.24
C TYR V 108 23.22 44.74 68.24
N ARG V 109 22.02 44.64 67.66
CA ARG V 109 21.11 45.79 67.67
C ARG V 109 20.62 46.10 69.07
N GLU V 110 20.35 45.07 69.88
CA GLU V 110 19.91 45.29 71.24
C GLU V 110 21.02 45.87 72.11
N SER V 111 22.27 45.50 71.84
CA SER V 111 23.41 46.05 72.56
C SER V 111 23.93 47.33 71.96
N LYS V 112 23.23 47.89 70.96
CA LYS V 112 23.52 49.18 70.35
C LYS V 112 24.89 49.24 69.68
N LYS V 113 25.44 48.08 69.29
CA LYS V 113 26.62 48.10 68.42
C LYS V 113 26.25 48.62 67.04
N ILE V 114 25.08 48.24 66.53
CA ILE V 114 24.58 48.71 65.26
C ILE V 114 23.17 49.27 65.47
N ASP V 115 22.77 50.15 64.55
CA ASP V 115 21.47 50.78 64.62
C ASP V 115 20.44 49.98 63.83
N ARG V 116 19.23 50.52 63.71
CA ARG V 116 18.19 49.85 62.93
C ARG V 116 18.58 49.77 61.46
N HIS V 117 19.12 50.86 60.91
CA HIS V 117 19.48 50.90 59.49
C HIS V 117 20.64 49.96 59.20
N MET V 118 21.64 49.91 60.09
CA MET V 118 22.71 48.94 59.92
C MET V 118 22.20 47.53 60.08
N TYR V 119 21.26 47.32 61.00
CA TYR V 119 20.65 45.99 61.16
C TYR V 119 19.91 45.58 59.91
N HIS V 120 19.09 46.48 59.35
CA HIS V 120 18.25 46.13 58.20
C HIS V 120 19.09 45.87 56.97
N SER V 121 20.13 46.66 56.74
CA SER V 121 21.00 46.45 55.58
C SER V 121 21.71 45.10 55.68
N LEU V 122 22.22 44.78 56.86
CA LEU V 122 22.88 43.49 57.05
C LEU V 122 21.89 42.35 57.05
N TYR V 123 20.68 42.57 57.56
CA TYR V 123 19.66 41.52 57.58
C TYR V 123 19.28 41.11 56.17
N LEU V 124 19.18 42.08 55.26
CA LEU V 124 18.93 41.74 53.87
C LEU V 124 20.13 41.06 53.24
N LYS V 125 21.34 41.44 53.69
CA LYS V 125 22.55 40.85 53.13
C LYS V 125 22.73 39.40 53.55
N VAL V 126 22.45 39.09 54.82
CA VAL V 126 22.58 37.70 55.26
C VAL V 126 21.54 36.83 54.56
N LYS V 127 20.34 37.35 54.34
CA LYS V 127 19.34 36.64 53.55
C LYS V 127 19.80 36.48 52.11
N GLY V 128 20.60 37.42 51.61
CA GLY V 128 21.15 37.34 50.28
C GLY V 128 22.36 36.46 50.13
N ASN V 129 22.81 35.83 51.22
CA ASN V 129 23.93 34.89 51.22
C ASN V 129 25.22 35.58 50.75
N VAL V 130 25.64 36.58 51.51
CA VAL V 130 26.93 37.22 51.30
C VAL V 130 27.93 36.91 52.41
N PHE V 131 27.46 36.41 53.55
CA PHE V 131 28.31 36.10 54.69
C PHE V 131 28.34 34.59 54.90
N LYS V 132 29.53 34.02 54.83
CA LYS V 132 29.67 32.58 54.90
C LYS V 132 29.30 32.04 56.29
N ASN V 133 29.67 32.75 57.34
CA ASN V 133 29.43 32.26 58.69
C ASN V 133 29.37 33.45 59.64
N LYS V 134 29.41 33.17 60.94
CA LYS V 134 29.32 34.20 61.97
C LYS V 134 30.59 35.03 62.04
N ARG V 135 31.75 34.39 61.84
CA ARG V 135 33.02 35.09 62.01
C ARG V 135 33.19 36.21 61.00
N ILE V 136 33.00 35.91 59.71
CA ILE V 136 33.27 36.92 58.70
C ILE V 136 32.18 37.98 58.68
N LEU V 137 31.00 37.68 59.21
CA LEU V 137 30.01 38.73 59.42
C LEU V 137 30.49 39.71 60.48
N MET V 138 31.10 39.21 61.54
CA MET V 138 31.63 40.08 62.58
C MET V 138 32.74 40.99 62.04
N GLU V 139 33.63 40.43 61.21
CA GLU V 139 34.69 41.25 60.64
C GLU V 139 34.13 42.33 59.72
N HIS V 140 33.07 42.01 58.98
CA HIS V 140 32.43 43.02 58.14
C HIS V 140 31.79 44.11 58.98
N ILE V 141 31.25 43.75 60.15
CA ILE V 141 30.65 44.74 61.03
C ILE V 141 31.71 45.70 61.56
N HIS V 142 32.87 45.15 61.96
CA HIS V 142 33.95 46.00 62.47
C HIS V 142 34.46 46.95 61.41
N LYS V 143 34.58 46.48 60.17
CA LYS V 143 34.97 47.37 59.08
C LYS V 143 33.93 48.46 58.85
N LEU V 144 32.65 48.10 58.89
CA LEU V 144 31.59 49.09 58.71
C LEU V 144 31.58 50.09 59.85
N LYS V 145 31.81 49.63 61.08
CA LYS V 145 31.89 50.56 62.21
C LYS V 145 33.13 51.44 62.11
N ALA V 146 34.22 50.89 61.56
CA ALA V 146 35.46 51.65 61.46
C ALA V 146 35.34 52.80 60.48
N ASP V 147 34.79 52.54 59.28
CA ASP V 147 34.68 53.61 58.30
C ASP V 147 33.61 54.62 58.70
N LYS V 148 32.55 54.16 59.36
CA LYS V 148 31.53 55.07 59.86
C LYS V 148 32.13 56.03 60.88
N ALA V 149 32.98 55.52 61.77
CA ALA V 149 33.67 56.38 62.72
C ALA V 149 34.67 57.28 62.02
N ARG V 150 35.34 56.77 60.98
CA ARG V 150 36.29 57.59 60.24
C ARG V 150 35.59 58.75 59.55
N LYS V 151 34.44 58.49 58.92
CA LYS V 151 33.66 59.58 58.33
C LYS V 151 33.06 60.48 59.41
N LYS V 152 32.87 59.95 60.62
CA LYS V 152 32.25 60.73 61.68
C LYS V 152 33.15 61.89 62.10
N LEU V 153 34.43 61.63 62.31
CA LEU V 153 35.33 62.69 62.76
C LEU V 153 35.56 63.72 61.67
N LEU V 154 35.63 63.28 60.41
CA LEU V 154 35.82 64.23 59.32
C LEU V 154 34.61 65.15 59.17
N ALA V 155 33.41 64.60 59.34
CA ALA V 155 32.21 65.43 59.29
C ALA V 155 32.14 66.36 60.50
N ASP V 156 32.57 65.89 61.66
CA ASP V 156 32.53 66.72 62.86
C ASP V 156 33.51 67.88 62.76
N GLN V 157 34.73 67.62 62.30
CA GLN V 157 35.73 68.68 62.23
C GLN V 157 35.40 69.70 61.15
N ALA V 158 34.81 69.25 60.04
CA ALA V 158 34.42 70.17 58.98
C ALA V 158 33.29 71.07 59.45
N GLU V 159 32.33 70.51 60.19
CA GLU V 159 31.25 71.32 60.77
C GLU V 159 31.81 72.30 61.79
N ALA V 160 32.79 71.87 62.59
CA ALA V 160 33.39 72.75 63.58
C ALA V 160 34.09 73.93 62.91
N ARG V 161 34.81 73.68 61.82
CA ARG V 161 35.39 74.78 61.05
C ARG V 161 34.30 75.63 60.41
N ARG V 162 33.23 75.00 59.95
CA ARG V 162 32.10 75.75 59.41
C ARG V 162 31.47 76.63 60.48
N SER V 163 31.27 76.09 61.67
CA SER V 163 30.68 76.86 62.76
C SER V 163 31.66 77.88 63.33
N LYS V 164 32.96 77.71 63.10
CA LYS V 164 33.92 78.72 63.55
C LYS V 164 34.01 79.89 62.59
N THR V 165 33.49 79.77 61.37
CA THR V 165 33.56 80.86 60.40
C THR V 165 32.26 81.66 60.38
N LYS V 166 31.11 80.98 60.31
CA LYS V 166 29.84 81.72 60.24
C LYS V 166 29.53 82.42 61.55
N GLU V 167 29.86 81.79 62.68
CA GLU V 167 29.62 82.43 63.98
C GLU V 167 30.48 83.69 64.14
N ALA V 168 31.74 83.64 63.67
CA ALA V 168 32.59 84.82 63.72
C ALA V 168 32.03 85.93 62.84
N ARG V 169 31.66 85.60 61.60
CA ARG V 169 31.05 86.59 60.73
C ARG V 169 29.61 86.89 61.10
N LYS V 170 29.00 86.08 61.97
CA LYS V 170 27.69 86.44 62.52
C LYS V 170 27.81 87.68 63.40
N ARG V 171 28.58 87.57 64.48
CA ARG V 171 28.70 88.64 65.46
C ARG V 171 29.53 89.82 64.97
N ARG V 172 30.24 89.67 63.85
CA ARG V 172 31.03 90.76 63.31
C ARG V 172 30.21 91.72 62.46
N GLU V 173 28.91 91.48 62.32
CA GLU V 173 28.03 92.35 61.55
C GLU V 173 27.19 93.28 62.41
N GLU V 174 26.68 92.82 63.56
CA GLU V 174 26.00 93.75 64.45
C GLU V 174 26.96 94.77 65.05
N ARG V 175 28.24 94.40 65.21
CA ARG V 175 29.23 95.38 65.62
C ARG V 175 29.43 96.43 64.53
N LEU V 176 29.29 96.02 63.26
CA LEU V 176 29.41 96.98 62.16
C LEU V 176 28.26 97.97 62.18
N GLN V 177 27.03 97.47 62.28
CA GLN V 177 25.87 98.36 62.33
C GLN V 177 25.76 99.08 63.67
N ALA V 178 26.34 98.53 64.74
CA ALA V 178 26.47 99.31 65.96
C ALA V 178 27.33 100.54 65.73
N LYS V 179 28.42 100.38 64.98
CA LYS V 179 29.21 101.53 64.55
C LYS V 179 28.42 102.42 63.59
N LYS V 180 27.56 101.82 62.76
CA LYS V 180 26.79 102.62 61.81
C LYS V 180 25.68 103.40 62.50
N GLU V 181 24.98 102.77 63.43
CA GLU V 181 23.83 103.39 64.07
C GLU V 181 24.17 104.09 65.39
N GLU V 182 25.45 104.14 65.77
CA GLU V 182 25.83 104.91 66.95
C GLU V 182 25.74 106.42 66.70
N ILE V 183 25.68 106.83 65.45
CA ILE V 183 25.60 108.25 65.11
C ILE V 183 24.16 108.75 65.17
N ILE V 184 23.22 107.98 64.63
CA ILE V 184 21.83 108.43 64.57
C ILE V 184 21.16 108.39 65.95
N LYS V 185 21.66 107.58 66.88
CA LYS V 185 21.07 107.54 68.21
C LYS V 185 21.33 108.83 69.00
N THR V 186 22.34 109.60 68.61
CA THR V 186 22.60 110.92 69.18
C THR V 186 22.35 112.04 68.18
N LEU V 187 21.92 111.72 66.96
CA LEU V 187 21.64 112.69 65.91
C LEU V 187 22.84 113.60 65.62
N LYS W 1 -4.22 -80.68 -29.36
CA LYS W 1 -3.98 -82.11 -29.34
C LYS W 1 -2.99 -82.48 -28.24
N ALA W 2 -3.25 -83.59 -27.55
CA ALA W 2 -2.36 -84.13 -26.54
C ALA W 2 -1.41 -85.13 -27.21
N SER W 3 -0.72 -85.94 -26.42
CA SER W 3 0.25 -86.88 -26.98
C SER W 3 0.25 -88.14 -26.11
N GLY W 4 1.30 -88.93 -26.26
CA GLY W 4 1.39 -90.28 -25.72
C GLY W 4 2.41 -91.03 -26.54
N THR W 5 2.03 -92.18 -27.09
CA THR W 5 2.74 -92.77 -28.22
C THR W 5 1.77 -92.75 -29.39
N LEU W 6 2.09 -91.95 -30.41
CA LEU W 6 1.15 -91.71 -31.49
C LEU W 6 1.00 -92.96 -32.36
N ARG W 7 -0.11 -93.00 -33.08
CA ARG W 7 -0.37 -94.02 -34.08
C ARG W 7 -0.76 -93.35 -35.39
N GLU W 8 -0.50 -94.02 -36.50
CA GLU W 8 -0.79 -93.48 -37.81
C GLU W 8 -2.15 -93.98 -38.28
N TYR W 9 -3.06 -93.05 -38.56
CA TYR W 9 -4.41 -93.36 -38.98
C TYR W 9 -4.60 -92.91 -40.42
N LYS W 10 -5.22 -93.78 -41.23
CA LYS W 10 -5.65 -93.42 -42.57
C LYS W 10 -7.12 -93.05 -42.48
N VAL W 11 -7.42 -91.76 -42.59
CA VAL W 11 -8.77 -91.24 -42.47
C VAL W 11 -9.26 -90.84 -43.85
N VAL W 12 -10.39 -91.42 -44.26
CA VAL W 12 -11.00 -91.13 -45.55
C VAL W 12 -12.34 -90.48 -45.30
N GLY W 13 -12.54 -89.28 -45.87
CA GLY W 13 -13.76 -88.54 -45.66
C GLY W 13 -14.23 -87.89 -46.94
N ARG W 14 -15.48 -87.45 -46.93
CA ARG W 14 -16.09 -86.84 -48.10
C ARG W 14 -17.22 -85.93 -47.65
N CYS W 15 -17.63 -85.04 -48.55
CA CYS W 15 -18.79 -84.22 -48.29
C CYS W 15 -20.06 -85.05 -48.40
N LEU W 16 -21.16 -84.49 -47.89
CA LEU W 16 -22.45 -85.15 -48.03
C LEU W 16 -22.89 -85.10 -49.50
N PRO W 17 -23.56 -86.14 -49.98
CA PRO W 17 -24.12 -86.06 -51.33
C PRO W 17 -25.29 -85.10 -51.39
N THR W 18 -25.06 -83.93 -51.96
CA THR W 18 -26.08 -82.91 -52.18
C THR W 18 -26.69 -83.08 -53.56
N PRO W 19 -27.88 -82.52 -53.81
CA PRO W 19 -28.43 -82.57 -55.17
C PRO W 19 -27.78 -81.55 -56.10
N LYS W 20 -26.46 -81.44 -56.02
CA LYS W 20 -25.59 -80.73 -56.94
C LYS W 20 -24.44 -81.61 -57.41
N CYS W 21 -23.91 -82.47 -56.54
CA CYS W 21 -22.97 -83.52 -56.89
C CYS W 21 -23.45 -84.79 -56.22
N HIS W 22 -23.92 -85.75 -57.02
CA HIS W 22 -24.46 -86.98 -56.45
C HIS W 22 -23.39 -87.77 -55.72
N THR W 23 -22.19 -87.86 -56.31
CA THR W 23 -21.05 -88.54 -55.68
C THR W 23 -19.94 -87.52 -55.49
N PRO W 24 -19.81 -86.93 -54.31
CA PRO W 24 -18.68 -86.02 -54.07
C PRO W 24 -17.38 -86.81 -54.00
N PRO W 25 -16.25 -86.17 -54.30
CA PRO W 25 -14.98 -86.90 -54.31
C PRO W 25 -14.56 -87.31 -52.91
N LEU W 26 -13.78 -88.39 -52.84
CA LEU W 26 -13.29 -88.93 -51.58
C LEU W 26 -11.87 -88.42 -51.32
N TYR W 27 -11.63 -87.95 -50.11
CA TYR W 27 -10.34 -87.41 -49.71
C TYR W 27 -9.74 -88.26 -48.61
N ARG W 28 -8.42 -88.42 -48.64
CA ARG W 28 -7.72 -89.28 -47.71
C ARG W 28 -6.58 -88.50 -47.05
N MET W 29 -6.40 -88.70 -45.75
CA MET W 29 -5.31 -88.06 -45.03
C MET W 29 -4.64 -89.07 -44.12
N ARG W 30 -3.36 -88.82 -43.83
CA ARG W 30 -2.63 -89.56 -42.81
C ARG W 30 -2.56 -88.67 -41.56
N ILE W 31 -3.14 -89.16 -40.47
CA ILE W 31 -3.22 -88.40 -39.23
C ILE W 31 -2.49 -89.18 -38.14
N PHE W 32 -1.63 -88.49 -37.40
CA PHE W 32 -0.93 -89.07 -36.27
C PHE W 32 -1.58 -88.51 -35.00
N ALA W 33 -2.34 -89.35 -34.32
CA ALA W 33 -3.10 -88.94 -33.14
C ALA W 33 -3.04 -90.05 -32.10
N PRO W 34 -3.24 -89.71 -30.82
CA PRO W 34 -3.27 -90.76 -29.79
C PRO W 34 -4.34 -91.81 -30.00
N ASN W 35 -5.51 -91.43 -30.51
CA ASN W 35 -6.60 -92.39 -30.70
C ASN W 35 -7.43 -91.95 -31.90
N HIS W 36 -8.42 -92.78 -32.25
CA HIS W 36 -9.21 -92.51 -33.44
C HIS W 36 -10.14 -91.32 -33.26
N VAL W 37 -10.54 -91.03 -32.02
CA VAL W 37 -11.39 -89.86 -31.78
C VAL W 37 -10.65 -88.58 -32.12
N VAL W 38 -9.38 -88.48 -31.68
CA VAL W 38 -8.57 -87.33 -32.04
C VAL W 38 -8.24 -87.34 -33.51
N ALA W 39 -8.02 -88.52 -34.09
CA ALA W 39 -7.67 -88.61 -35.51
C ALA W 39 -8.80 -88.08 -36.38
N LYS W 40 -10.04 -88.41 -36.05
CA LYS W 40 -11.17 -87.87 -36.79
C LYS W 40 -11.28 -86.36 -36.62
N SER W 41 -11.02 -85.86 -35.41
CA SER W 41 -11.10 -84.43 -35.17
C SER W 41 -10.02 -83.68 -35.94
N ARG W 42 -8.80 -84.20 -35.95
CA ARG W 42 -7.72 -83.54 -36.68
C ARG W 42 -7.94 -83.64 -38.19
N PHE W 43 -8.58 -84.71 -38.66
CA PHE W 43 -8.88 -84.83 -40.08
C PHE W 43 -9.79 -83.69 -40.53
N TRP W 44 -10.83 -83.41 -39.74
CA TRP W 44 -11.75 -82.33 -40.09
C TRP W 44 -11.05 -80.98 -40.02
N TYR W 45 -10.14 -80.82 -39.08
CA TYR W 45 -9.39 -79.56 -38.96
C TYR W 45 -8.53 -79.33 -40.19
N PHE W 46 -7.91 -80.39 -40.71
CA PHE W 46 -7.02 -80.23 -41.85
C PHE W 46 -7.79 -80.04 -43.15
N VAL W 47 -8.85 -80.83 -43.36
CA VAL W 47 -9.59 -80.69 -44.61
C VAL W 47 -10.35 -79.37 -44.65
N SER W 48 -10.80 -78.86 -43.49
CA SER W 48 -11.46 -77.57 -43.46
C SER W 48 -10.49 -76.45 -43.85
N GLN W 49 -9.20 -76.64 -43.56
CA GLN W 49 -8.21 -75.68 -44.02
C GLN W 49 -7.97 -75.81 -45.52
N LEU W 50 -7.95 -77.04 -46.02
CA LEU W 50 -7.59 -77.27 -47.42
C LEU W 50 -8.77 -77.05 -48.35
N LYS W 51 -9.89 -77.72 -48.08
CA LYS W 51 -11.09 -77.60 -48.88
C LYS W 51 -12.22 -77.02 -48.04
N LYS W 52 -13.37 -76.80 -48.69
CA LYS W 52 -14.53 -76.21 -48.03
C LYS W 52 -15.43 -77.33 -47.52
N MET W 53 -14.94 -78.01 -46.47
CA MET W 53 -15.67 -79.11 -45.86
C MET W 53 -15.72 -78.91 -44.35
N LYS W 54 -16.86 -79.23 -43.76
CA LYS W 54 -17.05 -79.16 -42.33
C LYS W 54 -17.51 -80.52 -41.82
N LYS W 55 -17.50 -80.69 -40.50
CA LYS W 55 -17.99 -81.93 -39.91
C LYS W 55 -19.47 -82.11 -40.20
N SER W 56 -20.26 -81.04 -40.12
CA SER W 56 -21.68 -81.13 -40.40
C SER W 56 -21.93 -81.45 -41.87
N SER W 57 -21.26 -80.75 -42.77
CA SER W 57 -21.37 -81.00 -44.20
C SER W 57 -20.25 -81.93 -44.67
N GLY W 58 -20.21 -83.11 -44.04
CA GLY W 58 -19.22 -84.11 -44.40
C GLY W 58 -19.41 -85.33 -43.54
N GLU W 59 -18.64 -86.38 -43.87
CA GLU W 59 -18.71 -87.62 -43.11
C GLU W 59 -17.43 -88.40 -43.32
N ILE W 60 -17.02 -89.12 -42.27
CA ILE W 60 -15.91 -90.06 -42.38
C ILE W 60 -16.44 -91.35 -43.00
N VAL W 61 -15.72 -91.87 -43.97
CA VAL W 61 -16.06 -93.17 -44.57
C VAL W 61 -15.07 -94.26 -44.19
N TYR W 62 -13.92 -93.91 -43.61
CA TYR W 62 -12.97 -94.90 -43.13
C TYR W 62 -12.05 -94.24 -42.12
N CYS W 63 -11.74 -94.96 -41.04
CA CYS W 63 -10.76 -94.49 -40.07
C CYS W 63 -10.18 -95.73 -39.38
N GLY W 64 -8.99 -96.13 -39.80
CA GLY W 64 -8.35 -97.29 -39.23
C GLY W 64 -6.86 -97.04 -39.05
N GLN W 65 -6.29 -97.70 -38.07
CA GLN W 65 -4.86 -97.56 -37.80
C GLN W 65 -4.05 -98.15 -38.93
N VAL W 66 -2.94 -97.50 -39.25
CA VAL W 66 -2.02 -97.96 -40.27
C VAL W 66 -0.86 -98.64 -39.56
N PHE W 67 -0.87 -99.96 -39.53
CA PHE W 67 0.22 -100.69 -38.92
C PHE W 67 1.50 -100.52 -39.72
N GLU W 68 2.63 -100.57 -39.02
CA GLU W 68 3.91 -100.34 -39.66
C GLU W 68 4.25 -101.46 -40.64
N LYS W 69 4.78 -101.09 -41.79
CA LYS W 69 5.09 -102.08 -42.82
C LYS W 69 6.28 -102.95 -42.41
N SER W 70 7.34 -102.33 -41.89
CA SER W 70 8.54 -103.05 -41.46
C SER W 70 8.94 -102.57 -40.08
N PRO W 71 8.25 -103.03 -39.03
CA PRO W 71 8.59 -102.59 -37.67
C PRO W 71 9.89 -103.18 -37.15
N LEU W 72 10.51 -104.11 -37.87
CA LEU W 72 11.75 -104.74 -37.43
C LEU W 72 12.98 -104.20 -38.15
N ARG W 73 12.82 -103.14 -38.96
CA ARG W 73 13.90 -102.61 -39.77
C ARG W 73 14.15 -101.15 -39.41
N VAL W 74 15.41 -100.80 -39.19
CA VAL W 74 15.79 -99.44 -38.86
C VAL W 74 15.77 -98.61 -40.15
N LYS W 75 15.06 -97.49 -40.12
CA LYS W 75 14.99 -96.61 -41.28
C LYS W 75 15.09 -95.16 -40.82
N ASN W 76 15.59 -94.32 -41.71
CA ASN W 76 15.68 -92.89 -41.46
C ASN W 76 14.44 -92.21 -42.00
N PHE W 77 13.82 -91.38 -41.18
CA PHE W 77 12.59 -90.69 -41.53
C PHE W 77 12.84 -89.21 -41.70
N GLY W 78 12.23 -88.61 -42.71
CA GLY W 78 12.29 -87.18 -42.90
C GLY W 78 10.92 -86.55 -42.77
N ILE W 79 10.77 -85.61 -41.84
CA ILE W 79 9.48 -85.02 -41.53
C ILE W 79 9.50 -83.57 -41.96
N TRP W 80 8.70 -83.22 -42.95
CA TRP W 80 8.43 -81.84 -43.30
C TRP W 80 7.27 -81.35 -42.47
N LEU W 81 7.46 -80.21 -41.80
CA LEU W 81 6.46 -79.70 -40.89
C LEU W 81 6.42 -78.19 -40.94
N ARG W 82 5.30 -77.63 -40.51
CA ARG W 82 5.18 -76.20 -40.25
C ARG W 82 4.66 -76.03 -38.84
N TYR W 83 5.07 -74.93 -38.21
CA TYR W 83 4.66 -74.62 -36.85
C TYR W 83 4.83 -73.12 -36.64
N ASP W 84 4.12 -72.60 -35.64
CA ASP W 84 4.21 -71.19 -35.30
C ASP W 84 4.85 -71.02 -33.93
N SER W 85 5.83 -70.14 -33.85
CA SER W 85 6.48 -69.81 -32.59
C SER W 85 5.74 -68.62 -31.97
N ARG W 86 6.36 -67.99 -30.97
CA ARG W 86 5.81 -66.74 -30.45
C ARG W 86 5.85 -65.64 -31.49
N SER W 87 6.77 -65.73 -32.45
CA SER W 87 6.78 -64.90 -33.64
C SER W 87 6.01 -65.64 -34.74
N GLY W 88 6.16 -65.22 -35.99
CA GLY W 88 5.47 -65.86 -37.10
C GLY W 88 5.84 -67.33 -37.26
N THR W 89 5.10 -67.98 -38.15
CA THR W 89 5.25 -69.41 -38.36
C THR W 89 6.37 -69.71 -39.35
N HIS W 90 6.92 -70.92 -39.24
CA HIS W 90 8.05 -71.35 -40.05
C HIS W 90 7.84 -72.78 -40.53
N ASN W 91 8.47 -73.11 -41.65
CA ASN W 91 8.52 -74.47 -42.17
C ASN W 91 9.86 -75.07 -41.82
N MET W 92 9.86 -76.30 -41.31
CA MET W 92 11.09 -76.97 -40.91
C MET W 92 11.11 -78.39 -41.46
N TYR W 93 12.32 -78.92 -41.63
CA TYR W 93 12.54 -80.28 -42.07
C TYR W 93 13.43 -80.97 -41.05
N ARG W 94 12.96 -82.09 -40.51
CA ARG W 94 13.64 -82.80 -39.44
C ARG W 94 13.84 -84.25 -39.82
N GLU W 95 14.89 -84.86 -39.29
CA GLU W 95 15.22 -86.24 -39.59
C GLU W 95 15.38 -87.04 -38.29
N TYR W 96 14.89 -88.26 -38.31
CA TYR W 96 14.95 -89.13 -37.15
C TYR W 96 15.16 -90.57 -37.60
N ARG W 97 15.62 -91.40 -36.67
CA ARG W 97 15.74 -92.83 -36.88
C ARG W 97 14.78 -93.55 -35.94
N ASP W 98 13.96 -94.43 -36.50
CA ASP W 98 13.06 -95.23 -35.68
C ASP W 98 12.58 -96.42 -36.48
N LEU W 99 12.03 -97.41 -35.77
CA LEU W 99 11.47 -98.59 -36.41
C LEU W 99 10.11 -98.30 -37.03
N THR W 100 9.32 -97.44 -36.41
CA THR W 100 7.96 -97.16 -36.85
C THR W 100 7.81 -95.70 -37.23
N THR W 101 6.96 -95.44 -38.23
CA THR W 101 6.70 -94.06 -38.65
C THR W 101 6.03 -93.27 -37.54
N ALA W 102 5.06 -93.87 -36.86
CA ALA W 102 4.34 -93.17 -35.80
C ALA W 102 5.27 -92.85 -34.63
N GLY W 103 6.21 -93.74 -34.35
CA GLY W 103 7.21 -93.42 -33.34
C GLY W 103 8.12 -92.28 -33.76
N ALA W 104 8.47 -92.22 -35.05
CA ALA W 104 9.30 -91.13 -35.55
C ALA W 104 8.59 -89.79 -35.41
N VAL W 105 7.29 -89.75 -35.74
CA VAL W 105 6.52 -88.53 -35.55
C VAL W 105 6.39 -88.20 -34.07
N THR W 106 6.27 -89.23 -33.23
CA THR W 106 6.27 -89.00 -31.79
C THR W 106 7.58 -88.40 -31.32
N GLN W 107 8.71 -88.90 -31.86
CA GLN W 107 10.01 -88.30 -31.55
C GLN W 107 10.05 -86.84 -31.98
N CYS W 108 9.43 -86.51 -33.12
CA CYS W 108 9.40 -85.13 -33.58
C CYS W 108 8.62 -84.25 -32.63
N TYR W 109 7.48 -84.75 -32.12
CA TYR W 109 6.66 -83.95 -31.21
C TYR W 109 7.40 -83.65 -29.91
N ARG W 110 8.13 -84.64 -29.38
CA ARG W 110 8.93 -84.39 -28.20
C ARG W 110 10.09 -83.45 -28.51
N ASP W 111 10.71 -83.61 -29.67
CA ASP W 111 11.88 -82.82 -30.02
C ASP W 111 11.50 -81.36 -30.30
N MET W 112 10.37 -81.14 -30.98
CA MET W 112 9.92 -79.78 -31.21
C MET W 112 9.56 -79.08 -29.92
N GLY W 113 8.96 -79.82 -28.98
CA GLY W 113 8.69 -79.25 -27.67
C GLY W 113 9.95 -78.95 -26.89
N ALA W 114 10.96 -79.82 -27.01
CA ALA W 114 12.18 -79.65 -26.23
C ALA W 114 13.06 -78.53 -26.77
N ARG W 115 13.13 -78.39 -28.10
CA ARG W 115 14.06 -77.45 -28.71
C ARG W 115 13.40 -76.13 -29.11
N HIS W 116 12.08 -76.07 -29.22
CA HIS W 116 11.43 -74.85 -29.67
C HIS W 116 10.19 -74.50 -28.84
N ARG W 117 9.93 -75.22 -27.74
CA ARG W 117 8.79 -74.99 -26.87
C ARG W 117 7.47 -75.06 -27.61
N ALA W 118 7.43 -75.78 -28.73
CA ALA W 118 6.21 -75.90 -29.52
C ALA W 118 5.29 -76.94 -28.91
N ARG W 119 4.05 -76.54 -28.66
CA ARG W 119 3.04 -77.46 -28.18
C ARG W 119 2.36 -78.13 -29.35
N ALA W 120 1.77 -79.30 -29.10
CA ALA W 120 1.25 -80.13 -30.19
C ALA W 120 0.17 -79.43 -31.00
N HIS W 121 -0.50 -78.43 -30.41
CA HIS W 121 -1.48 -77.67 -31.17
C HIS W 121 -0.85 -76.67 -32.12
N SER W 122 0.47 -76.50 -32.08
CA SER W 122 1.16 -75.62 -33.00
C SER W 122 1.71 -76.36 -34.21
N ILE W 123 2.31 -77.53 -33.99
CA ILE W 123 2.93 -78.27 -35.08
C ILE W 123 1.86 -78.87 -35.99
N GLN W 124 2.05 -78.70 -37.29
CA GLN W 124 1.25 -79.38 -38.30
C GLN W 124 2.19 -80.22 -39.15
N ILE W 125 2.07 -81.54 -39.05
CA ILE W 125 2.92 -82.43 -39.83
C ILE W 125 2.42 -82.45 -41.27
N MET W 126 3.32 -82.15 -42.20
CA MET W 126 2.95 -82.05 -43.61
C MET W 126 3.30 -83.30 -44.40
N LYS W 127 4.50 -83.84 -44.25
CA LYS W 127 4.91 -85.02 -45.00
C LYS W 127 5.88 -85.83 -44.16
N VAL W 128 5.68 -87.15 -44.13
CA VAL W 128 6.63 -88.07 -43.52
C VAL W 128 7.04 -89.08 -44.57
N GLU W 129 8.34 -89.23 -44.78
CA GLU W 129 8.88 -90.15 -45.76
C GLU W 129 10.02 -90.95 -45.17
N GLU W 130 10.11 -92.21 -45.58
CA GLU W 130 11.32 -92.99 -45.36
C GLU W 130 12.34 -92.61 -46.43
N ILE W 131 13.52 -92.20 -45.99
CA ILE W 131 14.55 -91.70 -46.90
C ILE W 131 15.77 -92.59 -46.81
N ALA W 132 16.48 -92.72 -47.92
CA ALA W 132 17.70 -93.51 -47.95
C ALA W 132 18.79 -92.83 -47.13
N ALA W 133 19.74 -93.64 -46.66
CA ALA W 133 20.81 -93.10 -45.83
C ALA W 133 21.70 -92.14 -46.57
N SER W 134 21.75 -92.21 -47.91
CA SER W 134 22.56 -91.30 -48.69
C SER W 134 21.89 -89.97 -48.94
N LYS W 135 20.59 -89.86 -48.69
CA LYS W 135 19.85 -88.62 -48.86
C LYS W 135 19.62 -87.88 -47.56
N CYS W 136 20.20 -88.36 -46.46
CA CYS W 136 20.04 -87.70 -45.17
C CYS W 136 20.83 -86.41 -45.12
N ARG W 137 20.28 -85.41 -44.44
CA ARG W 137 20.91 -84.10 -44.36
C ARG W 137 21.39 -83.73 -42.96
N ARG W 138 20.95 -84.45 -41.93
CA ARG W 138 21.33 -84.10 -40.57
C ARG W 138 22.52 -84.91 -40.12
N PRO W 139 23.59 -84.27 -39.64
CA PRO W 139 24.75 -85.04 -39.15
C PRO W 139 24.43 -85.93 -37.96
N ALA W 140 23.46 -85.55 -37.13
CA ALA W 140 23.10 -86.37 -35.98
C ALA W 140 22.49 -87.70 -36.41
N VAL W 141 21.90 -87.75 -37.60
CA VAL W 141 21.43 -89.00 -38.16
C VAL W 141 22.50 -89.67 -39.02
N LYS W 142 23.33 -88.88 -39.70
CA LYS W 142 24.33 -89.43 -40.60
C LYS W 142 25.42 -90.20 -39.86
N GLN W 143 25.70 -89.82 -38.60
CA GLN W 143 26.79 -90.46 -37.87
C GLN W 143 26.48 -91.90 -37.48
N PHE W 144 25.23 -92.34 -37.62
CA PHE W 144 24.87 -93.73 -37.40
C PHE W 144 24.87 -94.55 -38.69
N HIS W 145 25.25 -93.95 -39.81
CA HIS W 145 25.34 -94.67 -41.08
C HIS W 145 26.74 -95.23 -41.26
N ASP W 146 27.10 -96.14 -40.36
CA ASP W 146 28.40 -96.78 -40.38
C ASP W 146 28.20 -98.27 -40.12
N SER W 147 28.83 -99.12 -40.93
CA SER W 147 28.61 -100.55 -40.85
C SER W 147 29.45 -101.24 -39.78
N LYS W 148 30.47 -100.57 -39.25
CA LYS W 148 31.32 -101.17 -38.22
C LYS W 148 31.25 -100.35 -36.94
N ILE W 149 30.02 -99.98 -36.55
CA ILE W 149 29.83 -99.03 -35.47
C ILE W 149 30.34 -99.61 -34.16
N LYS W 150 30.96 -98.75 -33.35
CA LYS W 150 31.57 -99.18 -32.09
C LYS W 150 31.65 -97.99 -31.16
N PHE W 151 31.02 -98.10 -30.00
CA PHE W 151 31.13 -97.06 -28.98
C PHE W 151 30.81 -97.68 -27.63
N PRO W 152 31.52 -97.31 -26.57
CA PRO W 152 31.20 -97.83 -25.25
C PRO W 152 30.22 -96.91 -24.53
N LEU W 153 29.70 -97.41 -23.40
CA LEU W 153 28.89 -96.59 -22.53
C LEU W 153 29.79 -96.06 -21.43
N PRO W 154 30.31 -94.84 -21.56
CA PRO W 154 31.45 -94.42 -20.73
C PRO W 154 31.14 -94.28 -19.25
N HIS W 155 30.11 -93.51 -18.93
CA HIS W 155 29.79 -93.14 -17.56
C HIS W 155 28.46 -93.79 -17.19
N ARG W 156 28.52 -95.04 -16.75
CA ARG W 156 27.32 -95.79 -16.40
C ARG W 156 26.89 -95.39 -14.99
N VAL W 157 26.04 -94.36 -14.92
CA VAL W 157 25.55 -93.88 -13.65
C VAL W 157 24.62 -94.91 -13.04
N LEU W 158 24.59 -94.98 -11.71
CA LEU W 158 23.80 -95.96 -10.99
C LEU W 158 22.39 -95.44 -10.79
N ARG W 159 21.40 -96.26 -11.16
CA ARG W 159 20.00 -95.85 -11.10
C ARG W 159 19.25 -96.45 -9.93
N ARG W 160 19.69 -97.59 -9.40
CA ARG W 160 19.09 -98.19 -8.22
C ARG W 160 19.63 -97.52 -6.96
N GLN W 161 19.41 -96.20 -6.87
CA GLN W 161 20.03 -95.40 -5.82
C GLN W 161 19.40 -95.67 -4.47
N HIS W 162 18.13 -96.07 -4.43
CA HIS W 162 17.41 -96.26 -3.18
C HIS W 162 17.24 -97.72 -2.81
N LYS W 163 17.79 -98.64 -3.59
CA LYS W 163 17.77 -100.07 -3.28
C LYS W 163 19.18 -100.61 -3.42
N PRO W 164 19.99 -100.55 -2.35
CA PRO W 164 19.70 -100.06 -1.01
C PRO W 164 19.87 -98.54 -0.88
N ARG W 165 19.23 -97.93 0.11
CA ARG W 165 19.46 -96.50 0.35
C ARG W 165 20.77 -96.24 1.05
N PHE W 166 21.21 -97.16 1.93
CA PHE W 166 22.47 -97.04 2.64
C PHE W 166 23.31 -98.29 2.37
N THR W 167 24.61 -98.08 2.12
CA THR W 167 25.50 -99.18 1.80
C THR W 167 26.92 -98.85 2.24
N THR W 168 27.72 -99.89 2.42
CA THR W 168 29.12 -99.70 2.75
C THR W 168 29.92 -99.19 1.56
N LYS W 169 29.72 -99.81 0.40
CA LYS W 169 30.59 -99.60 -0.76
C LYS W 169 30.03 -98.53 -1.68
N ARG W 170 30.91 -97.66 -2.16
CA ARG W 170 30.51 -96.66 -3.13
C ARG W 170 30.34 -97.32 -4.50
N PRO W 171 29.40 -96.83 -5.31
CA PRO W 171 29.09 -97.49 -6.58
C PRO W 171 30.21 -97.38 -7.59
N ASN W 172 30.24 -98.34 -8.51
CA ASN W 172 31.14 -98.32 -9.66
C ASN W 172 30.49 -97.55 -10.79
N THR W 173 31.32 -97.02 -11.69
CA THR W 173 30.80 -96.28 -12.84
C THR W 173 31.37 -96.85 -14.13
N PHE W 174 32.61 -97.32 -14.10
CA PHE W 174 33.22 -97.96 -15.25
C PHE W 174 32.82 -99.42 -15.25
N PHE W 175 32.09 -99.83 -16.28
CA PHE W 175 31.75 -101.24 -16.45
C PHE W 175 32.19 -101.72 -17.83
N THR X 1 -29.78 -40.96 -18.88
CA THR X 1 -28.79 -40.31 -19.72
C THR X 1 -29.45 -39.84 -21.01
N ASN X 2 -29.95 -40.80 -21.78
CA ASN X 2 -30.50 -40.51 -23.09
C ASN X 2 -31.98 -40.13 -22.97
N THR X 3 -32.47 -39.50 -24.03
CA THR X 3 -33.83 -38.99 -24.02
C THR X 3 -34.83 -40.14 -24.04
N LYS X 4 -36.06 -39.82 -23.66
CA LYS X 4 -37.19 -40.76 -23.73
C LYS X 4 -38.06 -40.47 -24.95
N GLY X 5 -37.44 -40.06 -26.05
CA GLY X 5 -38.19 -39.73 -27.24
C GLY X 5 -38.86 -40.94 -27.86
N LYS X 6 -39.91 -40.68 -28.63
CA LYS X 6 -40.68 -41.76 -29.22
C LYS X 6 -39.95 -42.43 -30.38
N ARG X 7 -38.98 -41.77 -30.99
CA ARG X 7 -38.29 -42.30 -32.15
C ARG X 7 -36.78 -42.20 -32.01
N ARG X 8 -36.28 -42.32 -30.79
CA ARG X 8 -34.84 -42.27 -30.56
C ARG X 8 -34.20 -43.59 -30.96
N GLY X 9 -33.11 -43.53 -31.72
CA GLY X 9 -32.40 -44.73 -32.11
C GLY X 9 -32.97 -45.45 -33.30
N THR X 10 -34.02 -44.93 -33.92
CA THR X 10 -34.64 -45.54 -35.09
C THR X 10 -34.12 -44.96 -36.39
N ARG X 11 -32.85 -44.53 -36.42
CA ARG X 11 -32.28 -43.94 -37.62
C ARG X 11 -32.22 -44.97 -38.75
N TYR X 12 -31.81 -46.19 -38.45
CA TYR X 12 -31.74 -47.24 -39.46
C TYR X 12 -32.96 -48.14 -39.47
N MET X 13 -33.63 -48.27 -38.32
CA MET X 13 -34.76 -49.20 -38.23
C MET X 13 -35.93 -48.73 -39.09
N PHE X 14 -36.27 -47.45 -39.02
CA PHE X 14 -37.38 -46.90 -39.79
C PHE X 14 -36.97 -46.40 -41.15
N SER X 15 -35.68 -46.43 -41.48
CA SER X 15 -35.22 -46.03 -42.80
C SER X 15 -35.63 -47.06 -43.83
N ARG X 16 -35.80 -46.61 -45.06
CA ARG X 16 -36.17 -47.51 -46.15
C ARG X 16 -34.95 -48.29 -46.63
N PRO X 17 -35.16 -49.50 -47.15
CA PRO X 17 -34.05 -50.26 -47.73
C PRO X 17 -33.50 -49.56 -48.95
N PHE X 18 -32.24 -49.87 -49.27
CA PHE X 18 -31.54 -49.19 -50.34
C PHE X 18 -32.27 -49.36 -51.67
N ARG X 19 -32.43 -48.24 -52.38
CA ARG X 19 -33.12 -48.21 -53.67
C ARG X 19 -34.54 -48.76 -53.57
N LYS X 20 -35.21 -48.44 -52.46
CA LYS X 20 -36.61 -48.82 -52.29
C LYS X 20 -37.45 -47.67 -51.74
N HIS X 21 -36.97 -46.43 -51.85
CA HIS X 21 -37.73 -45.28 -51.42
C HIS X 21 -38.84 -44.98 -52.42
N GLY X 22 -39.79 -44.15 -52.00
CA GLY X 22 -40.79 -43.68 -52.92
C GLY X 22 -42.20 -44.16 -52.64
N VAL X 23 -42.98 -44.35 -53.70
CA VAL X 23 -44.38 -44.73 -53.55
C VAL X 23 -44.48 -46.10 -52.91
N VAL X 24 -45.34 -46.21 -51.90
CA VAL X 24 -45.59 -47.51 -51.28
C VAL X 24 -46.29 -48.41 -52.29
N PRO X 25 -45.79 -49.62 -52.52
CA PRO X 25 -46.49 -50.54 -53.42
C PRO X 25 -47.89 -50.81 -52.92
N LEU X 26 -48.85 -50.85 -53.85
CA LEU X 26 -50.25 -50.89 -53.44
C LEU X 26 -50.66 -52.24 -52.88
N ALA X 27 -49.94 -53.32 -53.20
CA ALA X 27 -50.35 -54.65 -52.73
C ALA X 27 -50.38 -54.71 -51.22
N THR X 28 -49.57 -53.89 -50.55
CA THR X 28 -49.63 -53.80 -49.10
C THR X 28 -50.95 -53.20 -48.61
N TYR X 29 -51.70 -52.55 -49.51
CA TYR X 29 -53.02 -52.02 -49.18
C TYR X 29 -54.13 -53.00 -49.47
N MET X 30 -53.99 -53.82 -50.52
CA MET X 30 -55.06 -54.76 -50.83
C MET X 30 -54.91 -56.08 -50.08
N ARG X 31 -53.99 -56.18 -49.13
CA ARG X 31 -54.00 -57.32 -48.22
C ARG X 31 -55.24 -57.26 -47.35
N ILE X 32 -55.74 -58.44 -46.97
CA ILE X 32 -56.95 -58.55 -46.17
C ILE X 32 -56.57 -59.17 -44.84
N TYR X 33 -56.98 -58.52 -43.74
CA TYR X 33 -56.64 -58.96 -42.39
C TYR X 33 -57.94 -59.27 -41.65
N LYS X 34 -58.18 -60.56 -41.41
CA LYS X 34 -59.31 -60.98 -40.63
C LYS X 34 -59.05 -60.75 -39.15
N LYS X 35 -60.03 -61.08 -38.32
CA LYS X 35 -59.86 -61.06 -36.87
C LYS X 35 -59.25 -62.39 -36.44
N GLY X 36 -58.13 -62.30 -35.73
CA GLY X 36 -57.49 -63.49 -35.18
C GLY X 36 -56.31 -64.02 -35.96
N ASP X 37 -55.96 -63.43 -37.09
CA ASP X 37 -54.78 -63.89 -37.81
C ASP X 37 -53.53 -63.30 -37.19
N ILE X 38 -52.39 -63.86 -37.58
CA ILE X 38 -51.10 -63.53 -36.99
C ILE X 38 -50.31 -62.71 -37.99
N VAL X 39 -49.88 -61.51 -37.59
CA VAL X 39 -49.21 -60.58 -38.49
C VAL X 39 -47.92 -60.09 -37.85
N ASP X 40 -46.88 -59.94 -38.66
CA ASP X 40 -45.65 -59.29 -38.24
C ASP X 40 -45.82 -57.79 -38.23
N ILE X 41 -45.15 -57.12 -37.29
CA ILE X 41 -45.16 -55.66 -37.21
C ILE X 41 -43.80 -55.17 -37.66
N LYS X 42 -43.79 -54.43 -38.77
CA LYS X 42 -42.54 -53.91 -39.32
C LYS X 42 -42.34 -52.44 -38.97
N GLY X 43 -43.24 -51.57 -39.40
CA GLY X 43 -43.07 -50.16 -39.13
C GLY X 43 -42.25 -49.43 -40.18
N MET X 44 -42.70 -49.43 -41.42
CA MET X 44 -42.01 -48.71 -42.48
C MET X 44 -42.08 -47.20 -42.20
N GLY X 45 -41.05 -46.49 -42.64
CA GLY X 45 -40.91 -45.08 -42.34
C GLY X 45 -41.50 -44.13 -43.35
N THR X 46 -41.93 -44.62 -44.51
CA THR X 46 -42.54 -43.75 -45.51
C THR X 46 -43.84 -43.14 -45.00
N VAL X 47 -44.66 -43.94 -44.34
CA VAL X 47 -45.93 -43.49 -43.76
C VAL X 47 -45.72 -43.31 -42.26
N GLN X 48 -45.80 -42.08 -41.79
CA GLN X 48 -45.58 -41.77 -40.39
C GLN X 48 -46.85 -41.89 -39.55
N LYS X 49 -48.01 -42.04 -40.18
CA LYS X 49 -49.26 -42.15 -39.44
C LYS X 49 -49.49 -43.59 -39.01
N GLY X 50 -49.93 -43.77 -37.77
CA GLY X 50 -50.16 -45.10 -37.25
C GLY X 50 -48.91 -45.92 -37.07
N MET X 51 -47.76 -45.28 -36.90
CA MET X 51 -46.50 -46.01 -36.82
C MET X 51 -46.39 -46.72 -35.48
N PRO X 52 -45.97 -47.99 -35.47
CA PRO X 52 -45.73 -48.67 -34.21
C PRO X 52 -44.50 -48.12 -33.50
N HIS X 53 -44.47 -48.32 -32.19
CA HIS X 53 -43.33 -47.86 -31.41
C HIS X 53 -42.11 -48.72 -31.71
N LYS X 54 -40.94 -48.19 -31.34
CA LYS X 54 -39.68 -48.86 -31.65
C LYS X 54 -39.52 -50.18 -30.89
N CYS X 55 -40.32 -50.43 -29.86
CA CYS X 55 -40.25 -51.69 -29.13
C CYS X 55 -41.11 -52.77 -29.77
N TYR X 56 -41.93 -52.43 -30.76
CA TYR X 56 -42.77 -53.41 -31.43
C TYR X 56 -42.30 -53.74 -32.83
N HIS X 57 -41.29 -53.05 -33.35
CA HIS X 57 -40.74 -53.37 -34.65
C HIS X 57 -40.11 -54.75 -34.61
N GLY X 58 -40.53 -55.62 -35.53
CA GLY X 58 -40.03 -56.97 -35.59
C GLY X 58 -40.78 -57.98 -34.76
N LYS X 59 -41.71 -57.53 -33.91
CA LYS X 59 -42.51 -58.44 -33.11
C LYS X 59 -43.73 -58.89 -33.89
N THR X 60 -44.34 -59.97 -33.42
CA THR X 60 -45.48 -60.60 -34.08
C THR X 60 -46.64 -60.70 -33.11
N GLY X 61 -47.81 -60.27 -33.55
CA GLY X 61 -48.99 -60.30 -32.70
C GLY X 61 -50.20 -60.87 -33.41
N ARG X 62 -51.36 -60.78 -32.78
CA ARG X 62 -52.60 -61.32 -33.33
C ARG X 62 -53.60 -60.19 -33.46
N VAL X 63 -54.23 -60.11 -34.64
CA VAL X 63 -55.21 -59.06 -34.90
C VAL X 63 -56.47 -59.33 -34.11
N TYR X 64 -56.95 -58.34 -33.37
CA TYR X 64 -58.19 -58.45 -32.62
C TYR X 64 -59.25 -57.44 -33.04
N ASN X 65 -58.91 -56.46 -33.88
CA ASN X 65 -59.86 -55.46 -34.32
C ASN X 65 -59.41 -54.92 -35.67
N VAL X 66 -60.37 -54.58 -36.52
CA VAL X 66 -60.10 -54.07 -37.85
C VAL X 66 -60.89 -52.78 -38.04
N THR X 67 -60.20 -51.72 -38.44
CA THR X 67 -60.79 -50.41 -38.69
C THR X 67 -60.58 -50.05 -40.16
N GLN X 68 -60.90 -48.80 -40.51
CA GLN X 68 -60.88 -48.38 -41.90
C GLN X 68 -59.49 -48.47 -42.51
N HIS X 69 -58.47 -48.02 -41.77
CA HIS X 69 -57.10 -48.01 -42.27
C HIS X 69 -56.14 -48.83 -41.44
N ALA X 70 -56.45 -49.11 -40.18
CA ALA X 70 -55.53 -49.80 -39.28
C ALA X 70 -56.21 -51.03 -38.71
N VAL X 71 -55.44 -51.79 -37.94
CA VAL X 71 -55.95 -52.96 -37.23
C VAL X 71 -55.47 -52.87 -35.79
N GLY X 72 -56.17 -53.61 -34.91
CA GLY X 72 -55.77 -53.73 -33.54
C GLY X 72 -55.00 -55.03 -33.34
N ILE X 73 -53.81 -54.93 -32.77
CA ILE X 73 -52.90 -56.06 -32.63
C ILE X 73 -52.68 -56.30 -31.14
N VAL X 74 -52.79 -57.56 -30.73
CA VAL X 74 -52.42 -57.99 -29.38
C VAL X 74 -51.01 -58.57 -29.49
N VAL X 75 -50.02 -57.82 -29.01
CA VAL X 75 -48.63 -58.17 -29.16
C VAL X 75 -47.98 -58.27 -27.79
N ASN X 76 -47.19 -59.33 -27.58
CA ASN X 76 -46.56 -59.57 -26.29
C ASN X 76 -45.32 -58.69 -26.16
N LYS X 77 -45.30 -57.87 -25.12
CA LYS X 77 -44.18 -57.01 -24.82
C LYS X 77 -43.58 -57.42 -23.49
N GLN X 78 -42.26 -57.59 -23.45
CA GLN X 78 -41.55 -57.96 -22.24
C GLN X 78 -41.07 -56.69 -21.57
N VAL X 79 -41.80 -56.27 -20.54
CA VAL X 79 -41.28 -55.31 -19.57
C VAL X 79 -40.46 -56.10 -18.57
N LYS X 80 -39.77 -55.40 -17.67
CA LYS X 80 -38.70 -55.95 -16.84
C LYS X 80 -38.94 -57.36 -16.35
N GLY X 81 -40.00 -57.56 -15.56
CA GLY X 81 -40.15 -58.83 -14.88
C GLY X 81 -41.19 -59.76 -15.44
N LYS X 82 -42.15 -59.23 -16.18
CA LYS X 82 -43.29 -60.00 -16.64
C LYS X 82 -43.61 -59.64 -18.07
N ILE X 83 -44.20 -60.59 -18.79
CA ILE X 83 -44.68 -60.36 -20.15
C ILE X 83 -46.17 -60.08 -20.08
N LEU X 84 -46.60 -58.96 -20.65
CA LEU X 84 -48.00 -58.61 -20.70
C LEU X 84 -48.38 -58.23 -22.12
N ALA X 85 -49.59 -58.59 -22.51
CA ALA X 85 -50.05 -58.43 -23.87
C ALA X 85 -50.54 -57.00 -24.07
N LYS X 86 -49.82 -56.23 -24.88
CA LYS X 86 -50.22 -54.88 -25.21
C LYS X 86 -51.12 -54.89 -26.45
N ARG X 87 -52.04 -53.94 -26.48
CA ARG X 87 -52.96 -53.77 -27.61
C ARG X 87 -52.61 -52.46 -28.30
N ILE X 88 -52.15 -52.54 -29.54
CA ILE X 88 -51.71 -51.36 -30.28
C ILE X 88 -52.50 -51.26 -31.58
N ASN X 89 -52.69 -50.03 -32.04
CA ASN X 89 -53.32 -49.75 -33.32
C ASN X 89 -52.22 -49.39 -34.31
N VAL X 90 -52.15 -50.11 -35.41
CA VAL X 90 -51.08 -49.96 -36.39
C VAL X 90 -51.69 -50.00 -37.77
N ARG X 91 -51.33 -49.02 -38.61
CA ARG X 91 -51.87 -48.98 -39.95
C ARG X 91 -51.28 -50.11 -40.80
N ILE X 92 -52.02 -50.49 -41.85
CA ILE X 92 -51.66 -51.66 -42.64
C ILE X 92 -50.38 -51.50 -43.43
N GLU X 93 -49.81 -50.29 -43.49
CA GLU X 93 -48.51 -50.13 -44.12
C GLU X 93 -47.43 -50.88 -43.37
N HIS X 94 -47.55 -50.93 -42.04
CA HIS X 94 -46.49 -51.39 -41.16
C HIS X 94 -46.56 -52.88 -40.85
N ILE X 95 -47.54 -53.60 -41.39
CA ILE X 95 -47.71 -55.01 -41.05
C ILE X 95 -47.79 -55.84 -42.32
N LYS X 96 -47.57 -57.14 -42.15
CA LYS X 96 -47.78 -58.13 -43.19
C LYS X 96 -48.11 -59.45 -42.51
N HIS X 97 -48.74 -60.34 -43.26
CA HIS X 97 -49.15 -61.62 -42.70
C HIS X 97 -47.94 -62.45 -42.30
N SER X 98 -48.06 -63.16 -41.18
CA SER X 98 -47.01 -64.06 -40.72
C SER X 98 -47.19 -65.39 -41.44
N LYS X 99 -46.31 -65.67 -42.39
CA LYS X 99 -46.44 -66.91 -43.15
C LYS X 99 -45.95 -68.12 -42.36
N SER X 100 -45.46 -67.93 -41.14
CA SER X 100 -45.24 -69.06 -40.25
C SER X 100 -46.54 -69.77 -39.94
N ARG X 101 -47.60 -69.00 -39.69
CA ARG X 101 -48.91 -69.59 -39.46
C ARG X 101 -49.47 -70.20 -40.73
N ASP X 102 -49.31 -69.52 -41.87
CA ASP X 102 -49.84 -70.03 -43.13
C ASP X 102 -49.22 -71.38 -43.49
N SER X 103 -47.96 -71.59 -43.11
CA SER X 103 -47.36 -72.92 -43.26
C SER X 103 -48.00 -73.92 -42.31
N PHE X 104 -48.40 -73.46 -41.12
CA PHE X 104 -49.00 -74.36 -40.14
C PHE X 104 -50.40 -74.79 -40.57
N LEU X 105 -51.22 -73.86 -41.03
CA LEU X 105 -52.56 -74.22 -41.49
C LEU X 105 -52.50 -75.12 -42.71
N LYS X 106 -51.51 -74.90 -43.58
CA LYS X 106 -51.32 -75.79 -44.71
C LYS X 106 -50.98 -77.21 -44.23
N ARG X 107 -50.16 -77.32 -43.19
CA ARG X 107 -49.84 -78.63 -42.65
C ARG X 107 -51.06 -79.27 -41.99
N VAL X 108 -51.87 -78.48 -41.29
CA VAL X 108 -53.04 -79.02 -40.61
C VAL X 108 -54.03 -79.58 -41.62
N LYS X 109 -54.34 -78.81 -42.66
CA LYS X 109 -55.24 -79.30 -43.71
C LYS X 109 -54.65 -80.50 -44.42
N GLU X 110 -53.34 -80.47 -44.68
CA GLU X 110 -52.67 -81.62 -45.28
C GLU X 110 -52.77 -82.82 -44.35
N ASN X 111 -52.55 -82.61 -43.05
CA ASN X 111 -52.60 -83.72 -42.09
C ASN X 111 -53.98 -84.37 -42.07
N ASP X 112 -55.03 -83.56 -42.11
CA ASP X 112 -56.39 -84.12 -42.13
C ASP X 112 -56.65 -84.89 -43.41
N GLN X 113 -56.12 -84.41 -44.54
CA GLN X 113 -56.28 -85.15 -45.79
C GLN X 113 -55.59 -86.51 -45.72
N LYS X 114 -54.46 -86.58 -45.03
CA LYS X 114 -53.76 -87.86 -44.93
C LYS X 114 -54.46 -88.82 -43.98
N LYS X 115 -55.01 -88.30 -42.88
CA LYS X 115 -55.78 -89.15 -41.99
C LYS X 115 -57.03 -89.68 -42.69
N LYS X 116 -57.70 -88.83 -43.47
CA LYS X 116 -58.92 -89.27 -44.16
C LYS X 116 -58.62 -90.33 -45.21
N GLU X 117 -57.57 -90.15 -46.02
CA GLU X 117 -57.21 -91.18 -46.99
C GLU X 117 -56.79 -92.46 -46.27
N ALA X 118 -56.02 -92.33 -45.19
CA ALA X 118 -55.57 -93.52 -44.48
C ALA X 118 -56.75 -94.27 -43.86
N LYS X 119 -57.80 -93.54 -43.49
CA LYS X 119 -59.01 -94.18 -43.00
C LYS X 119 -59.68 -95.00 -44.09
N GLU X 120 -59.75 -94.46 -45.31
CA GLU X 120 -60.39 -95.20 -46.41
C GLU X 120 -59.51 -96.35 -46.89
N LYS X 121 -58.19 -96.14 -46.93
CA LYS X 121 -57.31 -97.17 -47.47
C LYS X 121 -57.02 -98.25 -46.44
N GLY X 122 -57.05 -97.92 -45.15
CA GLY X 122 -56.73 -98.85 -44.10
C GLY X 122 -55.28 -98.82 -43.65
N THR X 123 -54.39 -98.24 -44.46
CA THR X 123 -52.99 -98.14 -44.11
C THR X 123 -52.79 -97.09 -43.03
N TRP X 124 -51.61 -97.11 -42.42
CA TRP X 124 -51.23 -96.16 -41.39
C TRP X 124 -49.96 -95.44 -41.83
N VAL X 125 -49.95 -94.11 -41.63
CA VAL X 125 -48.85 -93.27 -42.06
C VAL X 125 -48.48 -92.35 -40.90
N GLN X 126 -47.20 -91.99 -40.82
CA GLN X 126 -46.75 -91.08 -39.78
C GLN X 126 -47.27 -89.67 -40.03
N LEU X 127 -47.68 -89.01 -38.97
CA LEU X 127 -48.27 -87.67 -39.03
C LEU X 127 -47.40 -86.61 -38.38
N LYS X 128 -46.69 -86.95 -37.32
CA LYS X 128 -45.80 -86.00 -36.65
C LYS X 128 -44.48 -85.86 -37.41
N ARG X 129 -43.70 -84.86 -37.02
CA ARG X 129 -42.40 -84.60 -37.62
C ARG X 129 -41.31 -85.15 -36.71
N GLN X 130 -40.51 -86.06 -37.24
CA GLN X 130 -39.41 -86.58 -36.44
C GLN X 130 -38.14 -85.80 -36.74
N PRO X 131 -37.44 -85.31 -35.73
CA PRO X 131 -36.35 -84.33 -35.94
C PRO X 131 -35.02 -84.91 -36.38
N ALA X 132 -34.90 -85.16 -37.69
CA ALA X 132 -33.64 -85.46 -38.38
C ALA X 132 -32.87 -86.60 -37.72
N PRO X 133 -33.29 -87.84 -37.93
CA PRO X 133 -32.64 -88.98 -37.26
C PRO X 133 -31.21 -89.16 -37.75
N PRO X 134 -30.44 -90.08 -37.12
CA PRO X 134 -29.11 -90.40 -37.65
C PRO X 134 -29.11 -90.93 -39.08
N ARG X 135 -27.94 -91.18 -39.64
CA ARG X 135 -27.76 -91.15 -41.09
C ARG X 135 -27.59 -92.52 -41.73
N GLU X 136 -28.35 -93.52 -41.28
CA GLU X 136 -28.84 -94.60 -42.15
C GLU X 136 -27.72 -95.29 -42.94
N ALA X 137 -26.94 -96.10 -42.22
CA ALA X 137 -25.75 -96.79 -42.73
C ALA X 137 -25.84 -97.21 -44.20
N HIS X 138 -24.83 -96.85 -44.98
CA HIS X 138 -24.86 -97.04 -46.42
C HIS X 138 -23.49 -97.50 -46.90
N PHE X 139 -23.31 -97.48 -48.22
CA PHE X 139 -22.07 -97.86 -48.87
C PHE X 139 -21.55 -96.68 -49.68
N VAL X 140 -20.22 -96.57 -49.77
CA VAL X 140 -19.57 -95.49 -50.50
C VAL X 140 -18.66 -96.13 -51.53
N ARG X 141 -19.12 -96.22 -52.77
CA ARG X 141 -18.31 -96.80 -53.83
C ARG X 141 -17.13 -95.89 -54.17
N THR X 142 -15.96 -96.49 -54.35
CA THR X 142 -14.81 -95.75 -54.85
C THR X 142 -14.78 -95.68 -56.37
N ASN X 143 -15.60 -96.48 -57.05
CA ASN X 143 -15.69 -96.49 -58.51
C ASN X 143 -14.35 -96.76 -59.18
N GLY X 144 -13.51 -97.58 -58.55
CA GLY X 144 -12.20 -97.88 -59.10
C GLY X 144 -11.19 -96.76 -58.96
N LYS X 145 -11.50 -95.71 -58.19
CA LYS X 145 -10.62 -94.58 -58.01
C LYS X 145 -10.18 -94.50 -56.55
N GLU X 146 -8.88 -94.32 -56.35
CA GLU X 146 -8.32 -94.09 -55.03
C GLU X 146 -8.86 -92.77 -54.47
N PRO X 147 -9.02 -92.67 -53.15
CA PRO X 147 -9.44 -91.40 -52.54
C PRO X 147 -8.26 -90.45 -52.40
N GLU X 148 -8.39 -89.25 -52.99
CA GLU X 148 -7.26 -88.35 -53.16
C GLU X 148 -6.60 -88.00 -51.84
N LEU X 149 -5.26 -88.00 -51.84
CA LEU X 149 -4.48 -87.70 -50.64
C LEU X 149 -4.26 -86.20 -50.53
N LEU X 150 -4.49 -85.67 -49.33
CA LEU X 150 -4.37 -84.25 -49.03
C LEU X 150 -3.35 -84.04 -47.92
N GLU X 151 -2.49 -83.04 -48.07
CA GLU X 151 -1.52 -82.66 -47.06
C GLU X 151 -1.61 -81.17 -46.80
N PRO X 152 -1.30 -80.73 -45.59
CA PRO X 152 -1.23 -79.28 -45.32
C PRO X 152 -0.16 -78.61 -46.17
N ILE X 153 -0.47 -77.39 -46.61
CA ILE X 153 0.43 -76.64 -47.49
C ILE X 153 1.50 -75.94 -46.65
N PRO X 154 2.70 -75.74 -47.17
CA PRO X 154 3.72 -75.02 -46.41
C PRO X 154 3.35 -73.56 -46.21
N TYR X 155 3.85 -72.99 -45.12
CA TYR X 155 3.59 -71.58 -44.84
C TYR X 155 4.40 -70.71 -45.79
N GLU X 156 3.83 -69.56 -46.11
CA GLU X 156 4.52 -68.57 -46.94
C GLU X 156 3.95 -67.19 -46.61
N PHE X 157 4.76 -66.17 -46.82
CA PHE X 157 4.37 -64.80 -46.50
C PHE X 157 3.60 -64.21 -47.67
N MET X 158 2.27 -64.16 -47.55
CA MET X 158 1.45 -63.66 -48.64
C MET X 158 1.50 -62.14 -48.72
N ALA X 159 1.13 -61.46 -47.63
CA ALA X 159 1.09 -60.01 -47.63
C ALA X 159 1.49 -59.45 -46.27
N GLN Y 1 33.95 13.02 102.26
CA GLN Y 1 32.55 12.87 102.64
C GLN Y 1 31.96 11.59 102.05
N VAL Y 2 32.65 11.04 101.05
CA VAL Y 2 32.23 9.81 100.38
C VAL Y 2 33.02 8.69 101.02
N LEU Y 3 33.58 8.97 102.19
CA LEU Y 3 34.42 8.00 102.89
C LEU Y 3 33.55 6.89 103.48
N LYS Y 4 34.19 5.99 104.23
CA LYS Y 4 33.55 4.90 104.95
C LYS Y 4 32.76 3.98 103.99
N PHE Y 5 33.53 3.30 103.14
CA PHE Y 5 33.00 2.18 102.36
C PHE Y 5 33.51 0.90 103.02
N THR Y 6 32.58 0.15 103.61
CA THR Y 6 32.93 -0.97 104.46
C THR Y 6 32.79 -2.29 103.71
N LEU Y 7 33.75 -3.18 103.94
CA LEU Y 7 33.79 -4.50 103.28
C LEU Y 7 33.92 -5.57 104.36
N ASP Y 8 32.77 -6.08 104.82
CA ASP Y 8 32.77 -7.16 105.80
C ASP Y 8 33.27 -8.43 105.12
N CYS Y 9 34.23 -9.10 105.76
CA CYS Y 9 34.72 -10.41 105.31
C CYS Y 9 34.94 -11.25 106.57
N THR Y 10 33.89 -11.94 107.01
CA THR Y 10 33.95 -12.70 108.24
C THR Y 10 33.71 -14.19 108.03
N HIS Y 11 32.67 -14.55 107.29
CA HIS Y 11 32.34 -15.97 107.10
C HIS Y 11 33.45 -16.74 106.38
N PRO Y 12 34.02 -16.27 105.26
CA PRO Y 12 35.17 -17.02 104.71
C PRO Y 12 36.38 -17.01 105.62
N VAL Y 13 36.60 -15.93 106.36
CA VAL Y 13 37.75 -15.86 107.26
C VAL Y 13 37.59 -16.86 108.41
N GLU Y 14 36.42 -16.86 109.04
CA GLU Y 14 36.19 -17.79 110.14
C GLU Y 14 36.13 -19.23 109.65
N ASP Y 15 35.73 -19.45 108.40
CA ASP Y 15 35.75 -20.80 107.84
C ASP Y 15 37.18 -21.27 107.59
N GLY Y 16 38.09 -20.34 107.34
CA GLY Y 16 39.46 -20.68 107.05
C GLY Y 16 39.77 -20.94 105.59
N ILE Y 17 38.81 -20.72 104.69
CA ILE Y 17 39.09 -20.92 103.28
C ILE Y 17 40.06 -19.85 102.77
N MET Y 18 39.93 -18.63 103.27
CA MET Y 18 40.84 -17.56 102.90
C MET Y 18 40.83 -16.49 103.98
N ASP Y 19 41.96 -15.80 104.11
CA ASP Y 19 42.15 -14.75 105.10
C ASP Y 19 42.09 -13.39 104.42
N ALA Y 20 42.03 -12.33 105.23
CA ALA Y 20 41.84 -10.99 104.70
C ALA Y 20 43.13 -10.18 104.61
N ALA Y 21 44.26 -10.71 105.07
CA ALA Y 21 45.52 -9.99 104.90
C ALA Y 21 45.91 -9.90 103.43
N ASN Y 22 45.75 -11.00 102.70
CA ASN Y 22 46.04 -10.97 101.27
C ASN Y 22 44.96 -10.21 100.50
N PHE Y 23 43.78 -10.03 101.08
CA PHE Y 23 42.79 -9.13 100.50
C PHE Y 23 43.35 -7.71 100.45
N GLU Y 24 43.96 -7.27 101.54
CA GLU Y 24 44.42 -5.90 101.59
C GLU Y 24 45.60 -5.67 100.66
N GLN Y 25 46.56 -6.59 100.67
CA GLN Y 25 47.69 -6.48 99.75
C GLN Y 25 47.29 -6.67 98.30
N PHE Y 26 46.09 -7.20 98.04
CA PHE Y 26 45.49 -7.21 96.70
C PHE Y 26 44.80 -5.89 96.41
N LEU Y 27 44.20 -5.27 97.42
CA LEU Y 27 43.47 -4.03 97.22
C LEU Y 27 44.44 -2.86 97.10
N GLN Y 28 45.43 -2.78 98.00
CA GLN Y 28 46.18 -1.55 98.24
C GLN Y 28 47.08 -1.12 97.08
N GLU Y 29 46.94 -1.77 95.93
CA GLU Y 29 47.57 -1.33 94.70
C GLU Y 29 46.63 -1.39 93.51
N ARG Y 30 45.45 -1.98 93.65
CA ARG Y 30 44.53 -2.17 92.54
C ARG Y 30 43.37 -1.20 92.54
N ILE Y 31 43.22 -0.36 93.56
CA ILE Y 31 42.32 0.78 93.44
C ILE Y 31 42.96 1.78 92.49
N LYS Y 32 42.20 2.18 91.47
CA LYS Y 32 42.64 3.20 90.55
C LYS Y 32 42.00 4.52 90.92
N VAL Y 33 42.82 5.53 91.20
CA VAL Y 33 42.36 6.88 91.47
C VAL Y 33 42.83 7.75 90.31
N ASN Y 34 41.86 8.37 89.64
CA ASN Y 34 42.11 9.16 88.44
C ASN Y 34 42.83 8.36 87.35
N GLY Y 35 42.55 7.06 87.29
CA GLY Y 35 43.07 6.21 86.23
C GLY Y 35 44.41 5.57 86.49
N LYS Y 36 45.04 5.83 87.63
CA LYS Y 36 46.36 5.29 87.93
C LYS Y 36 46.27 4.31 89.10
N ALA Y 37 46.85 3.13 88.92
CA ALA Y 37 46.91 2.13 89.96
C ALA Y 37 48.14 2.32 90.83
N GLY Y 38 48.10 1.74 92.02
CA GLY Y 38 49.23 1.81 92.93
C GLY Y 38 49.36 3.13 93.64
N ASN Y 39 49.80 3.08 94.90
CA ASN Y 39 50.07 4.18 95.82
C ASN Y 39 48.83 5.00 96.18
N LEU Y 40 47.66 4.66 95.64
CA LEU Y 40 46.38 5.26 96.02
C LEU Y 40 46.39 6.77 95.79
N GLY Y 41 47.14 7.21 94.77
CA GLY Y 41 47.29 8.63 94.45
C GLY Y 41 48.21 9.36 95.41
N GLY Y 42 48.47 8.74 96.56
CA GLY Y 42 49.27 9.31 97.61
C GLY Y 42 48.37 9.87 98.70
N GLY Y 43 48.13 9.07 99.73
CA GLY Y 43 47.22 9.43 100.81
C GLY Y 43 45.85 9.94 100.40
N VAL Y 44 45.44 9.73 99.15
CA VAL Y 44 44.18 10.30 98.68
C VAL Y 44 43.00 9.55 99.27
N VAL Y 45 43.07 8.22 99.34
CA VAL Y 45 42.08 7.42 100.04
C VAL Y 45 42.83 6.43 100.93
N THR Y 46 42.14 5.94 101.96
CA THR Y 46 42.78 5.14 102.99
C THR Y 46 42.09 3.79 103.13
N ILE Y 47 42.88 2.78 103.47
CA ILE Y 47 42.40 1.43 103.71
C ILE Y 47 42.98 0.91 105.02
N GLU Y 48 42.16 0.16 105.78
CA GLU Y 48 42.57 -0.46 107.04
C GLU Y 48 41.57 -1.52 107.43
N ARG Y 49 42.01 -2.42 108.32
CA ARG Y 49 41.20 -3.56 108.76
C ARG Y 49 41.00 -3.53 110.26
N SER Y 50 39.81 -3.94 110.70
CA SER Y 50 39.64 -4.46 112.07
C SER Y 50 39.72 -5.99 112.06
N LYS Y 51 40.77 -6.50 111.41
CA LYS Y 51 41.17 -7.90 111.37
C LYS Y 51 40.17 -8.81 110.66
N SER Y 52 38.99 -8.30 110.32
CA SER Y 52 38.07 -9.04 109.48
C SER Y 52 37.28 -8.17 108.51
N LYS Y 53 37.46 -6.85 108.54
CA LYS Y 53 36.55 -5.94 107.86
C LYS Y 53 37.33 -4.80 107.23
N ILE Y 54 37.19 -4.63 105.93
CA ILE Y 54 37.98 -3.67 105.16
C ILE Y 54 37.18 -2.38 105.02
N THR Y 55 37.80 -1.27 105.37
CA THR Y 55 37.16 0.04 105.27
C THR Y 55 37.99 0.92 104.36
N VAL Y 56 37.34 1.56 103.39
CA VAL Y 56 37.99 2.17 102.23
C VAL Y 56 37.62 3.66 102.23
N THR Y 57 37.65 4.28 103.41
CA THR Y 57 37.45 5.72 103.55
C THR Y 57 38.18 6.50 102.46
N SER Y 58 37.45 7.42 101.83
CA SER Y 58 37.91 8.09 100.63
C SER Y 58 37.58 9.57 100.69
N GLU Y 59 38.44 10.37 100.07
CA GLU Y 59 38.16 11.77 99.77
C GLU Y 59 38.05 11.96 98.26
N VAL Y 60 37.35 11.04 97.62
CA VAL Y 60 37.06 11.10 96.18
C VAL Y 60 35.60 10.74 95.96
N PRO Y 61 35.00 11.22 94.84
CA PRO Y 61 33.71 10.66 94.40
C PRO Y 61 33.75 9.18 94.05
N PHE Y 62 34.91 8.56 94.30
CA PHE Y 62 35.13 7.12 94.26
C PHE Y 62 33.92 6.34 94.76
N SER Y 63 33.48 5.38 93.96
CA SER Y 63 32.18 4.75 94.12
C SER Y 63 32.26 3.50 95.00
N LYS Y 64 31.10 2.89 95.24
CA LYS Y 64 31.00 1.65 95.98
C LYS Y 64 30.99 0.42 95.08
N ARG Y 65 30.44 0.54 93.87
CA ARG Y 65 30.46 -0.57 92.93
C ARG Y 65 31.87 -0.93 92.49
N TYR Y 66 32.82 -0.01 92.66
CA TYR Y 66 34.22 -0.35 92.46
C TYR Y 66 34.66 -1.41 93.45
N LEU Y 67 34.24 -1.30 94.71
CA LEU Y 67 34.59 -2.33 95.70
C LEU Y 67 34.01 -3.68 95.32
N LYS Y 68 32.76 -3.69 94.85
CA LYS Y 68 32.15 -4.95 94.40
C LYS Y 68 32.90 -5.50 93.19
N TYR Y 69 33.29 -4.63 92.27
CA TYR Y 69 34.05 -5.08 91.10
C TYR Y 69 35.42 -5.63 91.50
N LEU Y 70 36.11 -4.93 92.41
CA LEU Y 70 37.42 -5.41 92.84
C LEU Y 70 37.31 -6.69 93.67
N THR Y 71 36.28 -6.78 94.51
CA THR Y 71 36.07 -7.99 95.29
C THR Y 71 35.79 -9.17 94.38
N LYS Y 72 34.92 -8.99 93.38
CA LYS Y 72 34.62 -10.07 92.45
C LYS Y 72 35.85 -10.46 91.66
N LYS Y 73 36.73 -9.49 91.36
CA LYS Y 73 38.00 -9.81 90.73
C LYS Y 73 38.85 -10.70 91.62
N TYR Y 74 38.83 -10.44 92.94
CA TYR Y 74 39.61 -11.25 93.86
C TYR Y 74 39.07 -12.68 93.90
N LEU Y 75 37.74 -12.85 94.03
CA LEU Y 75 37.20 -14.18 94.20
C LEU Y 75 37.49 -15.08 93.00
N LYS Y 76 37.48 -14.51 91.80
CA LYS Y 76 37.86 -15.27 90.62
C LYS Y 76 39.35 -15.60 90.64
N LYS Y 77 40.17 -14.69 91.18
CA LYS Y 77 41.62 -14.88 91.19
C LYS Y 77 42.01 -16.08 92.04
N ASN Y 78 41.37 -16.25 93.19
CA ASN Y 78 41.67 -17.32 94.12
C ASN Y 78 40.60 -18.40 94.14
N ASN Y 79 39.88 -18.56 93.02
CA ASN Y 79 38.95 -19.66 92.81
C ASN Y 79 37.92 -19.76 93.93
N LEU Y 80 37.23 -18.64 94.17
CA LEU Y 80 36.31 -18.55 95.30
C LEU Y 80 34.86 -18.35 94.91
N ARG Y 81 34.57 -17.65 93.82
CA ARG Y 81 33.17 -17.33 93.53
C ARG Y 81 32.47 -18.48 92.82
N ASP Y 82 32.60 -19.68 93.36
CA ASP Y 82 31.70 -20.78 93.06
C ASP Y 82 30.81 -21.12 94.24
N TRP Y 83 31.27 -20.84 95.46
CA TRP Y 83 30.44 -20.89 96.65
C TRP Y 83 30.31 -19.54 97.34
N LEU Y 84 31.18 -18.58 97.01
CA LEU Y 84 31.15 -17.25 97.61
C LEU Y 84 30.32 -16.29 96.77
N ARG Y 85 29.86 -15.21 97.40
CA ARG Y 85 28.97 -14.26 96.76
C ARG Y 85 28.99 -12.95 97.51
N VAL Y 86 29.13 -11.84 96.78
CA VAL Y 86 29.21 -10.51 97.36
C VAL Y 86 27.84 -9.84 97.26
N VAL Y 87 27.26 -9.50 98.41
CA VAL Y 87 25.98 -8.82 98.47
C VAL Y 87 26.12 -7.56 99.32
N ALA Y 88 25.12 -6.70 99.23
CA ALA Y 88 25.08 -5.47 100.01
C ALA Y 88 24.08 -5.63 101.14
N ASN Y 89 24.55 -5.54 102.37
CA ASN Y 89 23.67 -5.64 103.53
C ASN Y 89 23.04 -4.30 103.89
N SER Y 90 23.79 -3.21 103.73
CA SER Y 90 23.29 -1.87 104.00
C SER Y 90 24.06 -0.89 103.12
N LYS Y 91 23.72 0.39 103.24
CA LYS Y 91 24.49 1.43 102.59
C LYS Y 91 25.90 1.46 103.18
N GLU Y 92 26.84 1.95 102.38
CA GLU Y 92 28.25 2.15 102.72
C GLU Y 92 28.92 0.90 103.32
N SER Y 93 28.31 -0.27 103.15
CA SER Y 93 28.85 -1.49 103.71
C SER Y 93 28.65 -2.63 102.72
N TYR Y 94 29.63 -3.52 102.65
CA TYR Y 94 29.57 -4.71 101.80
C TYR Y 94 29.92 -5.93 102.62
N GLU Y 95 29.27 -7.05 102.33
CA GLU Y 95 29.56 -8.31 102.99
C GLU Y 95 29.49 -9.39 101.93
N LEU Y 96 30.46 -10.30 101.94
CA LEU Y 96 30.47 -11.43 101.03
C LEU Y 96 30.15 -12.71 101.80
N ARG Y 97 29.12 -13.42 101.35
CA ARG Y 97 28.62 -14.60 102.04
C ARG Y 97 28.58 -15.80 101.11
N TYR Y 98 27.96 -16.89 101.56
CA TYR Y 98 27.88 -18.09 100.76
C TYR Y 98 26.57 -18.16 99.97
N PHE Y 99 26.46 -19.20 99.15
CA PHE Y 99 25.27 -19.48 98.38
C PHE Y 99 24.32 -20.32 99.25
N GLN Y 100 23.33 -20.97 98.64
CA GLN Y 100 22.41 -21.84 99.35
C GLN Y 100 23.17 -22.93 100.11
N ILE Y 101 22.61 -23.33 101.25
CA ILE Y 101 23.22 -24.32 102.11
C ILE Y 101 22.41 -25.61 102.13
N SER Z 1 64.76 -31.32 6.84
CA SER Z 1 63.38 -30.84 6.84
C SER Z 1 62.81 -30.82 8.24
N GLY Z 2 61.68 -31.51 8.42
CA GLY Z 2 61.02 -31.55 9.72
C GLY Z 2 59.78 -30.69 9.77
N ALA Z 3 58.61 -31.34 9.77
CA ALA Z 3 57.36 -30.60 9.80
C ALA Z 3 57.10 -30.03 11.20
N LYS Z 4 56.20 -29.06 11.26
CA LYS Z 4 55.84 -28.47 12.54
C LYS Z 4 55.03 -29.44 13.37
N PHE Z 5 55.33 -29.50 14.67
CA PHE Z 5 54.57 -30.34 15.58
C PHE Z 5 53.22 -29.68 15.87
N ARG Z 6 52.36 -30.44 16.55
CA ARG Z 6 51.05 -29.93 16.94
C ARG Z 6 51.17 -29.04 18.15
N ILE Z 7 50.38 -27.96 18.15
CA ILE Z 7 50.38 -26.99 19.24
C ILE Z 7 48.93 -26.72 19.64
N SER Z 8 48.76 -26.23 20.86
CA SER Z 8 47.44 -25.78 21.30
C SER Z 8 47.00 -24.60 20.45
N LEU Z 9 45.78 -24.68 19.92
CA LEU Z 9 45.36 -23.69 18.91
C LEU Z 9 44.91 -22.39 19.56
N GLY Z 10 43.81 -22.43 20.31
CA GLY Z 10 43.36 -21.30 21.08
C GLY Z 10 43.13 -20.01 20.32
N LEU Z 11 42.75 -20.11 19.04
CA LEU Z 11 42.42 -18.92 18.23
C LEU Z 11 41.40 -19.32 17.18
N PRO Z 12 40.12 -19.35 17.54
CA PRO Z 12 39.09 -19.81 16.60
C PRO Z 12 38.80 -18.80 15.49
N VAL Z 13 37.77 -19.09 14.71
CA VAL Z 13 37.46 -18.29 13.53
C VAL Z 13 37.11 -16.86 13.92
N GLY Z 14 36.35 -16.68 15.00
CA GLY Z 14 35.91 -15.35 15.34
C GLY Z 14 36.93 -14.43 15.96
N ALA Z 15 38.18 -14.89 16.11
CA ALA Z 15 39.19 -14.13 16.84
C ALA Z 15 39.59 -12.86 16.11
N VAL Z 16 39.97 -11.85 16.89
CA VAL Z 16 40.48 -10.58 16.37
C VAL Z 16 41.83 -10.35 17.00
N ILE Z 17 42.90 -10.66 16.27
CA ILE Z 17 44.26 -10.44 16.73
C ILE Z 17 44.73 -9.11 16.16
N ASN Z 18 45.77 -8.54 16.77
CA ASN Z 18 46.29 -7.25 16.33
C ASN Z 18 47.44 -7.44 15.36
N CYS Z 19 47.49 -6.57 14.35
CA CYS Z 19 48.55 -6.66 13.35
C CYS Z 19 49.86 -6.17 13.93
N ALA Z 20 50.92 -6.96 13.79
CA ALA Z 20 52.20 -6.68 14.42
C ALA Z 20 53.23 -6.11 13.45
N ASP Z 21 52.85 -5.79 12.23
CA ASP Z 21 53.77 -5.27 11.23
C ASP Z 21 53.39 -3.84 10.86
N ASN Z 22 54.20 -3.25 9.97
CA ASN Z 22 54.06 -1.85 9.60
C ASN Z 22 53.22 -1.65 8.35
N THR Z 23 52.28 -2.56 8.06
CA THR Z 23 51.43 -2.40 6.89
C THR Z 23 50.51 -1.19 7.02
N GLY Z 24 49.98 -0.95 8.21
CA GLY Z 24 49.01 0.11 8.43
C GLY Z 24 47.72 -0.38 9.05
N ALA Z 25 47.47 -1.68 9.06
CA ALA Z 25 46.34 -2.23 9.77
C ALA Z 25 46.69 -2.42 11.24
N LYS Z 26 45.68 -2.29 12.10
CA LYS Z 26 45.86 -2.49 13.53
C LYS Z 26 45.11 -3.70 14.06
N ASN Z 27 44.27 -4.33 13.25
CA ASN Z 27 43.50 -5.49 13.65
C ASN Z 27 43.66 -6.56 12.58
N LEU Z 28 43.31 -7.80 12.95
CA LEU Z 28 43.27 -8.90 11.98
C LEU Z 28 42.14 -9.83 12.42
N TYR Z 29 40.95 -9.61 11.89
CA TYR Z 29 39.80 -10.45 12.20
C TYR Z 29 39.90 -11.71 11.34
N ILE Z 30 40.25 -12.83 11.98
CA ILE Z 30 40.35 -14.08 11.26
C ILE Z 30 38.97 -14.47 10.72
N ILE Z 31 38.95 -15.11 9.56
CA ILE Z 31 37.72 -15.68 9.02
C ILE Z 31 37.83 -17.17 8.74
N SER Z 32 39.02 -17.72 8.55
CA SER Z 32 39.23 -19.15 8.34
C SER Z 32 40.70 -19.44 8.49
N VAL Z 33 41.02 -20.72 8.60
CA VAL Z 33 42.39 -21.19 8.77
C VAL Z 33 42.72 -22.15 7.64
N LYS Z 34 43.85 -21.93 6.98
CA LYS Z 34 44.27 -22.80 5.89
C LYS Z 34 44.60 -24.19 6.40
N GLY Z 35 44.27 -25.20 5.61
CA GLY Z 35 44.58 -26.57 5.96
C GLY Z 35 43.61 -27.23 6.90
N ILE Z 36 42.49 -26.59 7.22
CA ILE Z 36 41.51 -27.14 8.14
C ILE Z 36 40.49 -27.93 7.33
N LYS Z 37 40.47 -29.24 7.51
CA LYS Z 37 39.47 -30.07 6.84
C LYS Z 37 38.09 -29.77 7.37
N GLY Z 38 37.92 -29.78 8.69
CA GLY Z 38 36.69 -29.39 9.32
C GLY Z 38 35.99 -30.56 10.00
N ARG Z 39 34.96 -30.21 10.77
CA ARG Z 39 34.11 -31.17 11.44
C ARG Z 39 32.80 -30.49 11.75
N LEU Z 40 31.78 -31.29 12.05
CA LEU Z 40 30.47 -30.73 12.33
C LEU Z 40 30.51 -29.89 13.59
N ASN Z 41 30.12 -28.62 13.46
CA ASN Z 41 30.02 -27.61 14.50
C ASN Z 41 31.37 -27.15 15.03
N ARG Z 42 32.47 -27.74 14.60
CA ARG Z 42 33.77 -27.38 15.15
C ARG Z 42 34.30 -26.11 14.48
N LEU Z 43 34.72 -25.15 15.28
CA LEU Z 43 35.28 -23.92 14.76
C LEU Z 43 36.72 -24.12 14.32
N PRO Z 44 37.08 -23.78 13.09
CA PRO Z 44 38.49 -23.85 12.69
C PRO Z 44 39.34 -22.90 13.52
N ALA Z 45 40.44 -23.41 14.05
CA ALA Z 45 41.30 -22.65 14.94
C ALA Z 45 42.74 -22.73 14.47
N ALA Z 46 43.53 -21.73 14.85
CA ALA Z 46 44.91 -21.62 14.41
C ALA Z 46 45.82 -21.39 15.60
N GLY Z 47 47.08 -21.82 15.45
CA GLY Z 47 48.09 -21.56 16.44
C GLY Z 47 49.20 -20.69 15.89
N VAL Z 48 50.35 -20.65 16.56
CA VAL Z 48 51.47 -19.87 16.06
C VAL Z 48 52.08 -20.56 14.86
N GLY Z 49 52.31 -19.82 13.79
CA GLY Z 49 52.86 -20.36 12.57
C GLY Z 49 51.82 -20.82 11.57
N ASP Z 50 50.55 -20.87 11.94
CA ASP Z 50 49.50 -21.24 11.02
C ASP Z 50 49.20 -20.09 10.07
N MET Z 51 48.76 -20.44 8.86
CA MET Z 51 48.39 -19.46 7.85
C MET Z 51 46.87 -19.30 7.86
N VAL Z 52 46.40 -18.10 8.15
CA VAL Z 52 44.97 -17.82 8.23
C VAL Z 52 44.61 -16.78 7.17
N MET Z 53 43.32 -16.68 6.90
CA MET Z 53 42.77 -15.63 6.05
C MET Z 53 42.01 -14.67 6.94
N ALA Z 54 42.42 -13.41 6.94
CA ALA Z 54 41.88 -12.44 7.88
C ALA Z 54 41.55 -11.14 7.17
N THR Z 55 40.57 -10.43 7.71
CA THR Z 55 40.18 -9.11 7.23
C THR Z 55 40.43 -8.11 8.34
N VAL Z 56 41.12 -7.01 8.03
CA VAL Z 56 41.36 -6.00 9.05
C VAL Z 56 40.07 -5.26 9.33
N LYS Z 57 39.84 -4.95 10.61
CA LYS Z 57 38.64 -4.24 11.02
C LYS Z 57 38.87 -2.75 11.23
N LYS Z 58 40.07 -2.35 11.60
CA LYS Z 58 40.44 -0.95 11.66
C LYS Z 58 41.88 -0.80 11.22
N GLY Z 59 42.17 0.32 10.60
CA GLY Z 59 43.50 0.59 10.10
C GLY Z 59 43.43 1.43 8.84
N LYS Z 60 44.45 1.26 8.01
CA LYS Z 60 44.54 2.01 6.77
C LYS Z 60 43.39 1.60 5.84
N PRO Z 61 42.71 2.57 5.21
CA PRO Z 61 41.37 2.30 4.66
C PRO Z 61 41.29 1.25 3.56
N GLU Z 62 42.21 1.22 2.60
CA GLU Z 62 42.08 0.31 1.48
C GLU Z 62 42.49 -1.11 1.81
N LEU Z 63 43.00 -1.37 3.01
CA LEU Z 63 43.21 -2.72 3.48
C LEU Z 63 42.02 -3.28 4.23
N ARG Z 64 40.96 -2.48 4.40
CA ARG Z 64 39.89 -2.86 5.32
C ARG Z 64 38.93 -3.88 4.70
N LYS Z 65 38.26 -3.51 3.62
CA LYS Z 65 37.24 -4.37 3.03
C LYS Z 65 37.84 -5.36 2.03
N LYS Z 66 38.87 -6.08 2.46
CA LYS Z 66 39.51 -7.11 1.66
C LYS Z 66 39.81 -8.29 2.55
N VAL Z 67 40.18 -9.41 1.94
CA VAL Z 67 40.55 -10.62 2.66
C VAL Z 67 42.02 -10.89 2.36
N HIS Z 68 42.87 -10.76 3.36
CA HIS Z 68 44.29 -10.97 3.17
C HIS Z 68 44.75 -12.26 3.84
N PRO Z 69 45.69 -12.98 3.25
CA PRO Z 69 46.35 -14.07 3.98
C PRO Z 69 47.13 -13.51 5.15
N ALA Z 70 47.18 -14.28 6.23
CA ALA Z 70 47.87 -13.84 7.43
C ALA Z 70 48.49 -15.04 8.12
N VAL Z 71 49.57 -14.77 8.86
CA VAL Z 71 50.29 -15.79 9.61
C VAL Z 71 50.30 -15.37 11.07
N VAL Z 72 49.83 -16.25 11.95
CA VAL Z 72 49.82 -15.95 13.37
C VAL Z 72 51.24 -16.15 13.92
N ILE Z 73 51.79 -15.09 14.49
CA ILE Z 73 53.16 -15.11 15.01
C ILE Z 73 53.21 -15.09 16.53
N ARG Z 74 52.09 -14.85 17.20
CA ARG Z 74 52.05 -14.74 18.65
C ARG Z 74 50.66 -15.13 19.12
N GLN Z 75 50.59 -15.84 20.25
CA GLN Z 75 49.31 -16.27 20.79
C GLN Z 75 49.38 -16.27 22.31
N ARG Z 76 48.21 -16.14 22.93
CA ARG Z 76 48.11 -16.14 24.38
C ARG Z 76 47.88 -17.52 24.97
N LYS Z 77 47.40 -18.47 24.16
CA LYS Z 77 47.20 -19.84 24.64
C LYS Z 77 48.56 -20.52 24.80
N SER Z 78 48.87 -20.92 26.03
CA SER Z 78 50.12 -21.60 26.29
C SER Z 78 50.13 -22.96 25.58
N TYR Z 79 51.24 -23.27 24.94
CA TYR Z 79 51.37 -24.49 24.17
C TYR Z 79 52.67 -25.19 24.51
N ARG Z 80 52.65 -26.52 24.49
CA ARG Z 80 53.83 -27.32 24.80
C ARG Z 80 54.81 -27.27 23.65
N ARG Z 81 56.08 -27.04 23.96
CA ARG Z 81 57.12 -26.91 22.96
C ARG Z 81 57.94 -28.18 22.80
N LYS Z 82 57.50 -29.29 23.42
CA LYS Z 82 58.08 -30.62 23.29
C LYS Z 82 59.43 -30.73 23.97
N ASP Z 83 59.97 -29.62 24.48
CA ASP Z 83 61.13 -29.65 25.36
C ASP Z 83 60.74 -29.42 26.82
N GLY Z 84 59.46 -29.42 27.13
CA GLY Z 84 58.97 -29.32 28.49
C GLY Z 84 58.42 -27.97 28.86
N VAL Z 85 58.67 -26.92 28.10
CA VAL Z 85 58.22 -25.58 28.46
C VAL Z 85 56.83 -25.35 27.89
N PHE Z 86 56.01 -24.62 28.65
CA PHE Z 86 54.70 -24.16 28.22
C PHE Z 86 54.83 -22.65 28.01
N LEU Z 87 54.81 -22.22 26.77
CA LEU Z 87 55.11 -20.84 26.41
C LEU Z 87 53.84 -20.13 25.94
N TYR Z 88 53.62 -18.94 26.47
CA TYR Z 88 52.54 -18.08 26.01
C TYR Z 88 53.04 -16.64 25.97
N PHE Z 89 52.40 -15.82 25.15
CA PHE Z 89 52.89 -14.50 24.83
C PHE Z 89 52.01 -13.43 25.47
N GLU Z 90 52.43 -12.18 25.27
CA GLU Z 90 51.70 -11.05 25.82
C GLU Z 90 50.36 -10.85 25.12
N ASP Z 91 50.28 -11.13 23.83
CA ASP Z 91 49.05 -10.90 23.07
C ASP Z 91 49.05 -11.78 21.84
N ASN Z 92 47.86 -11.95 21.26
CA ASN Z 92 47.70 -12.66 20.00
C ASN Z 92 47.96 -11.69 18.86
N ALA Z 93 48.98 -11.95 18.06
CA ALA Z 93 49.36 -11.05 16.98
C ALA Z 93 49.67 -11.85 15.73
N GLY Z 94 49.57 -11.18 14.59
CA GLY Z 94 49.87 -11.77 13.30
C GLY Z 94 50.16 -10.70 12.28
N VAL Z 95 50.75 -11.12 11.16
CA VAL Z 95 51.14 -10.21 10.09
C VAL Z 95 50.43 -10.63 8.81
N ILE Z 96 50.50 -9.75 7.81
CA ILE Z 96 49.82 -9.96 6.54
C ILE Z 96 50.85 -10.39 5.50
N VAL Z 97 50.60 -11.53 4.86
CA VAL Z 97 51.48 -12.10 3.85
C VAL Z 97 50.66 -12.40 2.60
N ASN Z 98 51.33 -12.93 1.57
CA ASN Z 98 50.67 -13.42 0.37
C ASN Z 98 50.60 -14.94 0.44
N ASN Z 99 50.17 -15.56 -0.67
CA ASN Z 99 50.07 -17.01 -0.72
C ASN Z 99 51.44 -17.67 -0.63
N LYS Z 100 52.49 -16.99 -1.07
CA LYS Z 100 53.83 -17.56 -1.08
C LYS Z 100 54.55 -17.41 0.25
N GLY Z 101 53.97 -16.72 1.22
CA GLY Z 101 54.63 -16.47 2.49
C GLY Z 101 55.43 -15.18 2.54
N GLU Z 102 55.33 -14.35 1.52
CA GLU Z 102 56.05 -13.08 1.47
C GLU Z 102 55.30 -12.04 2.28
N MET Z 103 55.91 -11.55 3.35
CA MET Z 103 55.24 -10.57 4.20
C MET Z 103 55.02 -9.27 3.44
N LYS Z 104 53.83 -8.69 3.59
CA LYS Z 104 53.51 -7.44 2.90
C LYS Z 104 54.30 -6.28 3.48
N GLY Z 105 54.49 -6.26 4.80
CA GLY Z 105 55.21 -5.20 5.46
C GLY Z 105 56.71 -5.41 5.38
N SER Z 106 57.44 -4.68 6.24
CA SER Z 106 58.89 -4.75 6.25
C SER Z 106 59.49 -4.89 7.63
N ALA Z 107 58.70 -4.83 8.71
CA ALA Z 107 59.22 -4.97 10.05
C ALA Z 107 58.14 -5.57 10.94
N ILE Z 108 58.56 -6.16 12.05
CA ILE Z 108 57.66 -6.80 13.00
C ILE Z 108 57.90 -6.22 14.37
N THR Z 109 56.83 -5.81 15.04
CA THR Z 109 56.92 -5.27 16.39
C THR Z 109 56.71 -6.40 17.39
N GLY Z 110 57.68 -6.58 18.29
CA GLY Z 110 57.60 -7.60 19.30
C GLY Z 110 58.27 -8.89 18.86
N PRO Z 111 58.29 -9.88 19.73
CA PRO Z 111 58.93 -11.15 19.39
C PRO Z 111 58.11 -11.95 18.39
N VAL Z 112 58.69 -13.06 17.95
CA VAL Z 112 58.04 -13.99 17.03
C VAL Z 112 58.23 -15.39 17.59
N ALA Z 113 57.16 -16.18 17.61
CA ALA Z 113 57.26 -17.55 18.10
C ALA Z 113 58.22 -18.35 17.23
N LYS Z 114 58.97 -19.25 17.87
CA LYS Z 114 59.99 -20.02 17.16
C LYS Z 114 59.37 -20.95 16.13
N GLU Z 115 58.16 -21.44 16.39
CA GLU Z 115 57.50 -22.31 15.43
C GLU Z 115 57.16 -21.56 14.15
N CYS Z 116 56.71 -20.31 14.29
CA CYS Z 116 56.44 -19.49 13.11
C CYS Z 116 57.72 -19.16 12.35
N ALA Z 117 58.80 -18.87 13.08
CA ALA Z 117 60.07 -18.54 12.45
C ALA Z 117 60.64 -19.72 11.68
N ASP Z 118 60.54 -20.92 12.24
CA ASP Z 118 61.06 -22.11 11.56
C ASP Z 118 60.25 -22.45 10.32
N LEU Z 119 58.93 -22.26 10.37
CA LEU Z 119 58.09 -22.59 9.23
C LEU Z 119 58.28 -21.59 8.09
N TRP Z 120 58.15 -20.30 8.38
CA TRP Z 120 58.23 -19.27 7.35
C TRP Z 120 59.56 -18.56 7.44
N PRO Z 121 60.47 -18.73 6.48
CA PRO Z 121 61.77 -18.07 6.58
C PRO Z 121 61.71 -16.57 6.38
N ARG Z 122 60.70 -16.07 5.68
CA ARG Z 122 60.59 -14.64 5.43
C ARG Z 122 59.96 -13.88 6.58
N ILE Z 123 59.49 -14.57 7.61
CA ILE Z 123 59.06 -13.92 8.84
C ILE Z 123 60.22 -13.74 9.80
N ALA Z 124 61.05 -14.78 9.94
CA ALA Z 124 62.20 -14.70 10.82
C ALA Z 124 63.22 -13.68 10.35
N SER Z 125 63.24 -13.41 9.04
CA SER Z 125 64.17 -12.41 8.51
C SER Z 125 63.88 -11.03 9.08
N ASN Z 126 62.60 -10.66 9.17
CA ASN Z 126 62.21 -9.36 9.68
C ASN Z 126 61.95 -9.36 11.18
N ALA Z 127 62.04 -10.52 11.84
CA ALA Z 127 61.67 -10.62 13.24
C ALA Z 127 62.67 -9.90 14.13
N GLY Z 128 62.15 -9.11 15.06
CA GLY Z 128 63.02 -8.43 16.01
C GLY Z 128 63.72 -9.40 16.94
N SER Z 129 62.99 -10.37 17.47
CA SER Z 129 63.56 -11.41 18.31
C SER Z 129 62.71 -12.66 18.20
N ILE Z 130 63.30 -13.80 18.53
CA ILE Z 130 62.64 -15.09 18.45
C ILE Z 130 62.51 -15.64 19.86
N ALA Z 131 61.29 -15.92 20.29
CA ALA Z 131 61.05 -16.45 21.63
C ALA Z 131 60.15 -17.67 21.56
N MET AA 1 73.46 -26.46 34.10
CA MET AA 1 72.46 -26.56 35.15
C MET AA 1 72.22 -25.20 35.80
N LYS AA 2 71.65 -24.27 35.04
CA LYS AA 2 71.40 -22.92 35.51
C LYS AA 2 70.18 -22.90 36.42
N VAL AA 3 70.30 -22.24 37.56
CA VAL AA 3 69.23 -22.14 38.55
C VAL AA 3 68.81 -20.69 38.64
N GLU AA 4 67.52 -20.44 38.41
CA GLU AA 4 67.00 -19.07 38.32
C GLU AA 4 66.83 -18.47 39.71
N LEU AA 5 66.74 -17.13 39.73
CA LEU AA 5 66.57 -16.38 40.96
C LEU AA 5 65.18 -15.74 40.99
N CYS AA 6 64.42 -16.00 42.05
CA CYS AA 6 63.13 -15.36 42.20
C CYS AA 6 63.31 -13.88 42.46
N SER AA 7 62.58 -13.05 41.71
CA SER AA 7 62.85 -11.61 41.71
C SER AA 7 62.22 -10.91 42.90
N PHE AA 8 60.89 -11.01 43.04
CA PHE AA 8 60.17 -10.22 44.03
C PHE AA 8 60.58 -10.54 45.46
N SER AA 9 61.18 -11.70 45.71
CA SER AA 9 61.50 -12.09 47.07
C SER AA 9 62.98 -12.36 47.31
N GLY AA 10 63.76 -12.62 46.28
CA GLY AA 10 65.13 -13.06 46.47
C GLY AA 10 65.25 -14.54 46.75
N TYR AA 11 64.17 -15.30 46.67
CA TYR AA 11 64.22 -16.74 46.81
C TYR AA 11 65.05 -17.35 45.68
N LYS AA 12 65.28 -18.65 45.79
CA LYS AA 12 65.83 -19.45 44.70
C LYS AA 12 64.90 -20.61 44.43
N ILE AA 13 64.83 -21.03 43.17
CA ILE AA 13 63.84 -22.01 42.75
C ILE AA 13 64.43 -22.94 41.70
N TYR AA 14 63.92 -24.17 41.65
CA TYR AA 14 64.27 -25.08 40.58
C TYR AA 14 63.69 -24.56 39.27
N PRO AA 15 64.37 -24.76 38.15
CA PRO AA 15 63.79 -24.34 36.86
C PRO AA 15 62.49 -25.03 36.52
N GLY AA 16 62.30 -26.27 36.99
CA GLY AA 16 61.15 -27.07 36.59
C GLY AA 16 59.81 -26.53 37.05
N HIS AA 17 59.79 -25.68 38.09
CA HIS AA 17 58.56 -25.13 38.61
C HIS AA 17 58.72 -23.63 38.84
N GLY AA 18 57.59 -22.94 38.98
CA GLY AA 18 57.58 -21.50 38.97
C GLY AA 18 57.38 -21.00 37.56
N ARG AA 19 56.64 -19.90 37.40
CA ARG AA 19 56.23 -19.42 36.10
C ARG AA 19 56.85 -18.05 35.83
N ARG AA 20 57.29 -17.85 34.59
CA ARG AA 20 57.99 -16.64 34.20
C ARG AA 20 57.02 -15.46 34.10
N TYR AA 21 57.56 -14.32 33.65
CA TYR AA 21 56.81 -13.09 33.47
C TYR AA 21 57.59 -12.13 32.60
N ALA AA 22 56.97 -11.60 31.54
CA ALA AA 22 57.71 -10.78 30.57
C ALA AA 22 56.87 -9.57 30.17
N ARG AA 23 57.22 -8.41 30.71
CA ARG AA 23 56.71 -7.16 30.16
C ARG AA 23 57.30 -6.95 28.76
N THR AA 24 56.55 -6.23 27.93
CA THR AA 24 56.81 -6.27 26.49
C THR AA 24 58.11 -5.57 26.10
N ASP AA 25 58.63 -4.67 26.94
CA ASP AA 25 59.79 -3.88 26.54
C ASP AA 25 61.11 -4.63 26.67
N GLY AA 26 61.08 -5.95 26.86
CA GLY AA 26 62.24 -6.78 26.62
C GLY AA 26 62.66 -7.76 27.70
N LYS AA 27 62.60 -7.34 28.97
CA LYS AA 27 63.08 -8.18 30.04
C LYS AA 27 61.98 -9.12 30.53
N VAL AA 28 62.41 -10.31 30.96
CA VAL AA 28 61.52 -11.37 31.43
C VAL AA 28 61.82 -11.58 32.91
N PHE AA 29 60.79 -11.51 33.74
CA PHE AA 29 60.93 -11.63 35.19
C PHE AA 29 60.91 -13.11 35.61
N GLN AA 30 60.91 -13.33 36.93
CA GLN AA 30 60.76 -14.66 37.49
C GLN AA 30 60.10 -14.57 38.86
N PHE AA 31 59.06 -15.36 39.06
CA PHE AA 31 58.35 -15.47 40.33
C PHE AA 31 58.47 -16.90 40.86
N LEU AA 32 58.24 -17.06 42.16
CA LEU AA 32 58.28 -18.40 42.74
C LEU AA 32 57.02 -19.18 42.39
N ASN AA 33 55.85 -18.54 42.40
CA ASN AA 33 54.59 -19.19 42.06
C ASN AA 33 53.59 -18.10 41.71
N ALA AA 34 52.30 -18.46 41.68
CA ALA AA 34 51.24 -17.51 41.39
C ALA AA 34 51.11 -16.43 42.46
N LYS AA 35 51.67 -16.64 43.66
CA LYS AA 35 51.57 -15.62 44.71
C LYS AA 35 52.38 -14.38 44.37
N CYS AA 36 53.65 -14.56 43.96
CA CYS AA 36 54.43 -13.41 43.50
C CYS AA 36 53.91 -12.90 42.17
N GLU AA 37 53.24 -13.75 41.39
CA GLU AA 37 52.58 -13.29 40.17
C GLU AA 37 51.57 -12.21 40.50
N SER AA 38 50.64 -12.51 41.41
CA SER AA 38 49.59 -11.56 41.77
C SER AA 38 50.17 -10.33 42.45
N ALA AA 39 51.15 -10.52 43.35
CA ALA AA 39 51.68 -9.41 44.14
C ALA AA 39 52.34 -8.35 43.26
N PHE AA 40 53.11 -8.78 42.26
CA PHE AA 40 53.70 -7.81 41.34
C PHE AA 40 52.70 -7.32 40.30
N LEU AA 41 51.79 -8.19 39.86
CA LEU AA 41 50.67 -7.73 39.06
C LEU AA 41 49.74 -6.84 39.86
N SER AA 42 49.89 -6.82 41.19
CA SER AA 42 49.23 -5.85 42.05
C SER AA 42 50.21 -4.86 42.68
N LYS AA 43 51.46 -4.80 42.19
CA LYS AA 43 52.41 -3.73 42.50
C LYS AA 43 52.66 -3.62 44.01
N ARG AA 44 53.26 -4.67 44.55
CA ARG AA 44 53.61 -4.76 45.96
C ARG AA 44 55.04 -4.25 46.18
N ASN AA 45 55.36 -3.95 47.44
CA ASN AA 45 56.71 -3.65 47.89
C ASN AA 45 57.18 -4.75 48.83
N PRO AA 46 58.27 -5.46 48.53
CA PRO AA 46 58.64 -6.61 49.37
C PRO AA 46 59.31 -6.23 50.69
N ARG AA 47 59.80 -5.00 50.83
CA ARG AA 47 60.56 -4.60 52.01
C ARG AA 47 59.68 -4.17 53.18
N GLN AA 48 58.37 -4.39 53.11
CA GLN AA 48 57.43 -3.91 54.11
C GLN AA 48 56.51 -5.03 54.57
N ILE AA 49 56.99 -6.27 54.48
CA ILE AA 49 56.15 -7.46 54.64
C ILE AA 49 57.08 -8.66 54.82
N ASN AA 50 56.57 -9.72 55.43
CA ASN AA 50 57.36 -10.72 56.15
C ASN AA 50 57.53 -12.05 55.42
N TRP AA 51 57.77 -12.05 54.10
CA TRP AA 51 57.94 -13.33 53.42
C TRP AA 51 59.15 -13.43 52.51
N THR AA 52 59.99 -12.40 52.42
CA THR AA 52 61.13 -12.40 51.49
C THR AA 52 62.45 -12.38 52.23
N VAL AA 53 63.51 -12.74 51.51
CA VAL AA 53 64.85 -12.61 52.05
C VAL AA 53 65.47 -11.26 51.69
N LEU AA 54 64.76 -10.46 50.87
CA LEU AA 54 65.17 -9.08 50.62
C LEU AA 54 65.11 -8.29 51.92
N TYR AA 55 63.90 -8.16 52.49
CA TYR AA 55 63.74 -7.46 53.76
C TYR AA 55 64.42 -8.20 54.90
N ARG AA 56 64.52 -9.53 54.81
CA ARG AA 56 65.20 -10.28 55.85
C ARG AA 56 66.67 -9.91 55.93
N ARG AA 57 67.32 -9.78 54.77
CA ARG AA 57 68.69 -9.29 54.76
C ARG AA 57 68.76 -7.77 54.91
N LYS AA 58 67.65 -7.07 54.66
CA LYS AA 58 67.60 -5.64 54.96
C LYS AA 58 67.43 -5.37 56.45
N HIS AA 59 66.68 -6.24 57.15
CA HIS AA 59 66.46 -6.10 58.58
C HIS AA 59 67.15 -7.19 59.40
N LYS AA 60 68.22 -7.78 58.87
CA LYS AA 60 69.12 -8.66 59.62
C LYS AA 60 68.39 -9.89 60.18
N LYS AA 61 67.99 -10.75 59.23
CA LYS AA 61 67.27 -11.98 59.58
C LYS AA 61 68.02 -12.82 60.60
N GLY AA 62 69.35 -12.85 60.54
CA GLY AA 62 70.11 -13.73 61.39
C GLY AA 62 71.44 -13.15 61.86
N GLN AA 63 72.49 -13.94 61.71
CA GLN AA 63 73.82 -13.54 62.19
C GLN AA 63 74.78 -13.32 61.03
N LYS AA 70 85.50 -7.90 55.94
CA LYS AA 70 85.84 -8.43 57.26
C LYS AA 70 87.35 -8.63 57.40
N ARG AA 71 87.89 -9.54 56.60
CA ARG AA 71 89.31 -9.87 56.63
C ARG AA 71 90.04 -8.95 55.67
N THR AA 72 90.39 -7.76 56.15
CA THR AA 72 91.13 -6.79 55.35
C THR AA 72 92.62 -7.10 55.45
N ARG AA 73 93.27 -7.24 54.30
CA ARG AA 73 94.68 -7.60 54.24
C ARG AA 73 95.45 -6.56 53.43
N ARG AA 74 96.71 -6.38 53.80
CA ARG AA 74 97.62 -5.49 53.09
C ARG AA 74 98.83 -6.30 52.62
N ALA AA 75 99.48 -5.82 51.57
CA ALA AA 75 100.62 -6.51 50.99
C ALA AA 75 101.58 -5.49 50.39
N VAL AA 76 102.76 -5.36 50.97
CA VAL AA 76 103.82 -4.49 50.45
C VAL AA 76 105.13 -5.26 50.51
N LYS AA 77 105.89 -5.22 49.42
CA LYS AA 77 107.17 -5.91 49.34
C LYS AA 77 108.08 -5.17 48.38
N PHE AA 78 109.39 -5.41 48.53
CA PHE AA 78 110.41 -4.72 47.74
C PHE AA 78 111.51 -5.73 47.41
N GLN AA 79 111.41 -6.35 46.24
CA GLN AA 79 112.40 -7.31 45.78
C GLN AA 79 112.68 -7.17 44.29
N ARG AA 80 112.53 -5.97 43.74
CA ARG AA 80 112.70 -5.73 42.32
C ARG AA 80 113.80 -4.69 42.10
N ALA AA 81 114.54 -4.86 41.02
CA ALA AA 81 115.65 -3.99 40.67
C ALA AA 81 115.20 -2.94 39.66
N ILE AA 82 116.11 -2.01 39.35
CA ILE AA 82 115.84 -0.90 38.44
C ILE AA 82 116.82 -0.99 37.27
N THR AA 83 116.32 -0.71 36.07
CA THR AA 83 117.19 -0.65 34.89
C THR AA 83 118.23 0.44 35.06
N GLY AA 84 119.49 0.03 35.19
CA GLY AA 84 120.57 0.90 35.62
C GLY AA 84 121.31 0.40 36.84
N ALA AA 85 120.72 -0.55 37.57
CA ALA AA 85 121.36 -1.21 38.69
C ALA AA 85 120.81 -2.63 38.77
N SER AA 86 121.05 -3.31 39.89
CA SER AA 86 120.53 -4.64 40.11
C SER AA 86 120.13 -4.76 41.57
N LEU AA 87 119.68 -5.96 41.95
CA LEU AA 87 119.33 -6.20 43.34
C LEU AA 87 120.57 -6.10 44.24
N ALA AA 88 121.72 -6.58 43.75
CA ALA AA 88 122.95 -6.45 44.52
C ALA AA 88 123.37 -5.00 44.65
N ASP AA 89 123.19 -4.21 43.59
CA ASP AA 89 123.64 -2.81 43.61
C ASP AA 89 122.77 -1.96 44.53
N ILE AA 90 121.45 -2.15 44.49
CA ILE AA 90 120.58 -1.38 45.37
C ILE AA 90 120.78 -1.78 46.82
N MET AA 91 121.01 -3.06 47.09
CA MET AA 91 121.30 -3.50 48.44
C MET AA 91 122.65 -2.96 48.92
N ALA AA 92 123.66 -2.95 48.05
CA ALA AA 92 124.96 -2.42 48.43
C ALA AA 92 124.89 -0.92 48.71
N LYS AA 93 124.14 -0.18 47.89
CA LYS AA 93 124.02 1.26 48.10
C LYS AA 93 123.18 1.58 49.33
N ARG AA 94 122.20 0.74 49.65
CA ARG AA 94 121.34 0.99 50.81
C ARG AA 94 122.05 0.70 52.13
N ASN AA 95 123.03 -0.19 52.13
CA ASN AA 95 123.65 -0.68 53.35
C ASN AA 95 125.01 -0.05 53.62
N GLN AA 96 125.16 1.24 53.32
CA GLN AA 96 126.39 1.98 53.60
C GLN AA 96 126.30 2.78 54.90
N LYS AA 97 125.55 2.29 55.87
CA LYS AA 97 125.46 2.94 57.17
C LYS AA 97 126.77 3.03 57.95
N PRO AA 98 127.64 1.97 58.02
CA PRO AA 98 128.75 2.03 58.99
C PRO AA 98 129.86 3.02 58.65
N GLU AA 99 129.61 4.30 58.94
CA GLU AA 99 130.64 5.35 58.94
C GLU AA 99 131.36 5.47 57.60
N VAL AA 100 130.60 5.37 56.51
CA VAL AA 100 131.17 5.57 55.17
C VAL AA 100 130.43 6.62 54.36
N ARG AA 101 129.18 6.96 54.71
CA ARG AA 101 128.51 8.08 54.05
C ARG AA 101 129.19 9.40 54.38
N LYS AA 102 129.67 9.53 55.63
CA LYS AA 102 130.27 10.79 56.08
C LYS AA 102 131.57 11.08 55.35
N ALA AA 103 132.31 10.04 54.96
CA ALA AA 103 133.58 10.24 54.26
C ALA AA 103 133.37 10.91 52.92
N GLN AA 104 132.37 10.44 52.15
CA GLN AA 104 132.09 11.08 50.87
C GLN AA 104 131.33 12.38 51.03
N ARG AA 105 130.67 12.59 52.17
CA ARG AA 105 130.04 13.87 52.45
C ARG AA 105 131.09 14.96 52.64
N GLU AA 106 132.15 14.66 53.39
CA GLU AA 106 133.23 15.62 53.58
C GLU AA 106 134.02 15.81 52.28
N GLN AA 107 134.14 14.76 51.47
CA GLN AA 107 134.82 14.90 50.18
C GLN AA 107 134.07 15.87 49.27
N ALA AA 108 132.74 15.78 49.24
CA ALA AA 108 131.95 16.70 48.44
C ALA AA 108 131.96 18.11 49.03
N ILE AA 109 131.96 18.22 50.36
CA ILE AA 109 131.97 19.53 51.00
C ILE AA 109 133.28 20.25 50.72
N ARG AA 110 134.40 19.55 50.88
CA ARG AA 110 135.70 20.16 50.59
C ARG AA 110 135.88 20.38 49.09
N ALA AA 111 135.19 19.59 48.26
CA ALA AA 111 135.16 19.88 46.83
C ALA AA 111 134.45 21.20 46.55
N ALA AA 112 133.35 21.46 47.27
CA ALA AA 112 132.67 22.75 47.13
C ALA AA 112 133.50 23.86 47.75
N LYS AA 113 134.25 23.57 48.81
CA LYS AA 113 135.12 24.56 49.42
C LYS AA 113 136.24 24.99 48.47
N GLU AA 114 136.85 24.02 47.79
CA GLU AA 114 137.88 24.37 46.82
C GLU AA 114 137.28 24.92 45.54
N ALA AA 115 136.00 24.63 45.28
CA ALA AA 115 135.34 25.20 44.10
C ALA AA 115 135.13 26.69 44.26
N LYS AA 116 134.62 27.11 45.42
CA LYS AA 116 134.42 28.54 45.66
C LYS AA 116 135.75 29.25 45.87
N LYS AA 117 136.75 28.57 46.44
CA LYS AA 117 138.07 29.17 46.57
C LYS AA 117 138.70 29.42 45.21
N ALA AA 118 138.57 28.46 44.28
CA ALA AA 118 139.07 28.66 42.93
C ALA AA 118 138.30 29.76 42.21
N LYS AA 119 136.98 29.82 42.42
CA LYS AA 119 136.18 30.88 41.80
C LYS AA 119 136.57 32.25 42.33
N GLN AA 120 136.82 32.35 43.64
CA GLN AA 120 137.29 33.61 44.20
C GLN AA 120 138.68 33.96 43.68
N ALA AA 121 139.55 32.95 43.53
CA ALA AA 121 140.90 33.21 43.03
C ALA AA 121 140.88 33.69 41.59
N SER AA 122 140.04 33.07 40.75
CA SER AA 122 139.95 33.49 39.36
C SER AA 122 139.31 34.87 39.24
N LYS AA 123 138.36 35.18 40.12
CA LYS AA 123 137.71 36.49 40.10
C LYS AA 123 138.69 37.60 40.46
N LYS AA 124 139.54 37.36 41.45
CA LYS AA 124 140.50 38.36 41.89
C LYS AA 124 141.84 37.72 42.26
N LYS BA 1 -65.61 38.85 60.93
CA LYS BA 1 -65.91 39.46 62.21
C LYS BA 1 -66.79 38.55 63.06
N LYS BA 2 -66.23 38.00 64.13
CA LYS BA 2 -64.83 38.21 64.51
C LYS BA 2 -63.95 37.06 64.05
N LYS BA 3 -64.52 36.16 63.24
CA LYS BA 3 -63.79 34.99 62.76
C LYS BA 3 -62.92 35.40 61.58
N ILE BA 4 -61.60 35.36 61.79
CA ILE BA 4 -60.63 35.81 60.80
C ILE BA 4 -59.63 34.69 60.58
N ARG BA 5 -59.37 34.36 59.31
CA ARG BA 5 -58.34 33.39 58.96
C ARG BA 5 -57.03 34.14 58.76
N THR BA 6 -56.16 34.10 59.76
CA THR BA 6 -54.91 34.84 59.70
C THR BA 6 -53.81 34.09 58.96
N SER BA 7 -54.04 32.85 58.57
CA SER BA 7 -53.04 32.04 57.88
C SER BA 7 -53.64 31.44 56.62
N PRO BA 8 -52.84 31.28 55.57
CA PRO BA 8 -53.35 30.72 54.32
C PRO BA 8 -53.40 29.20 54.28
N THR BA 9 -53.12 28.53 55.40
CA THR BA 9 -53.16 27.08 55.49
C THR BA 9 -54.44 26.65 56.21
N PHE BA 10 -55.05 25.58 55.72
CA PHE BA 10 -56.20 24.97 56.37
C PHE BA 10 -55.72 23.71 57.08
N ARG BA 11 -55.89 23.68 58.40
CA ARG BA 11 -55.52 22.52 59.21
C ARG BA 11 -56.78 21.81 59.67
N ARG BA 12 -56.67 20.49 59.81
CA ARG BA 12 -57.79 19.71 60.28
C ARG BA 12 -58.14 20.10 61.71
N PRO BA 13 -59.38 20.47 61.99
CA PRO BA 13 -59.72 20.95 63.34
C PRO BA 13 -59.63 19.83 64.37
N LYS BA 14 -59.30 20.22 65.59
CA LYS BA 14 -59.14 19.26 66.67
C LYS BA 14 -60.51 18.77 67.14
N THR BA 15 -60.71 17.45 67.09
CA THR BA 15 -61.94 16.83 67.53
C THR BA 15 -61.61 15.83 68.64
N LEU BA 16 -62.51 15.72 69.62
CA LEU BA 16 -62.23 14.90 70.79
C LEU BA 16 -62.19 13.42 70.41
N ARG BA 17 -61.32 12.68 71.10
CA ARG BA 17 -61.17 11.25 70.94
C ARG BA 17 -61.54 10.60 72.26
N LEU BA 18 -62.71 9.98 72.31
CA LEU BA 18 -63.19 9.36 73.55
C LEU BA 18 -62.36 8.14 73.90
N ARG BA 19 -62.18 7.91 75.19
CA ARG BA 19 -61.46 6.73 75.66
C ARG BA 19 -62.30 5.48 75.45
N ARG BA 20 -61.62 4.35 75.30
CA ARG BA 20 -62.32 3.08 75.12
C ARG BA 20 -63.09 2.72 76.39
N GLN BA 21 -64.36 2.40 76.23
CA GLN BA 21 -65.23 1.94 77.32
C GLN BA 21 -65.95 0.68 76.87
N PRO BA 22 -65.22 -0.43 76.75
CA PRO BA 22 -65.81 -1.64 76.15
C PRO BA 22 -66.93 -2.21 77.00
N LYS BA 23 -67.90 -2.82 76.32
CA LYS BA 23 -69.01 -3.48 76.98
C LYS BA 23 -68.63 -4.81 77.61
N TYR BA 24 -67.46 -5.35 77.28
CA TYR BA 24 -66.99 -6.61 77.82
C TYR BA 24 -65.49 -6.65 77.67
N PRO BA 25 -64.75 -7.15 78.66
CA PRO BA 25 -63.31 -7.36 78.47
C PRO BA 25 -63.06 -8.41 77.40
N ARG BA 26 -62.03 -8.16 76.58
CA ARG BA 26 -61.72 -9.08 75.49
C ARG BA 26 -61.28 -10.44 76.03
N LYS BA 27 -60.45 -10.44 77.07
CA LYS BA 27 -60.11 -11.65 77.81
C LYS BA 27 -60.75 -11.56 79.18
N SER BA 28 -61.37 -12.67 79.62
CA SER BA 28 -62.18 -12.65 80.83
C SER BA 28 -61.35 -12.32 82.06
N ALA BA 29 -60.18 -12.92 82.19
CA ALA BA 29 -59.34 -12.73 83.35
C ALA BA 29 -57.90 -12.47 82.89
N PRO BA 30 -57.16 -11.62 83.60
CA PRO BA 30 -55.75 -11.41 83.25
C PRO BA 30 -54.95 -12.66 83.56
N ARG BA 31 -54.10 -13.07 82.62
CA ARG BA 31 -53.35 -14.29 82.79
C ARG BA 31 -52.31 -14.12 83.91
N ARG BA 32 -52.07 -15.21 84.63
CA ARG BA 32 -51.17 -15.19 85.77
C ARG BA 32 -49.76 -14.84 85.35
N ASN BA 33 -49.07 -14.09 86.19
CA ASN BA 33 -47.68 -13.72 85.93
C ASN BA 33 -46.83 -14.98 85.97
N LYS BA 34 -46.41 -15.45 84.79
CA LYS BA 34 -45.68 -16.70 84.70
C LYS BA 34 -44.27 -16.58 85.28
N LEU BA 35 -43.72 -15.37 85.29
CA LEU BA 35 -42.36 -15.14 85.75
C LEU BA 35 -42.39 -14.64 87.20
N ASP BA 36 -42.64 -15.57 88.11
CA ASP BA 36 -42.64 -15.25 89.54
C ASP BA 36 -41.22 -15.41 90.08
N HIS BA 37 -41.08 -15.36 91.40
CA HIS BA 37 -39.76 -15.49 92.01
C HIS BA 37 -39.17 -16.88 91.81
N TYR BA 38 -39.98 -17.93 91.98
CA TYR BA 38 -39.49 -19.28 91.78
C TYR BA 38 -39.19 -19.57 90.31
N ALA BA 39 -39.91 -18.92 89.41
CA ALA BA 39 -39.63 -19.08 87.98
C ALA BA 39 -38.37 -18.33 87.58
N ILE BA 40 -38.03 -17.26 88.30
CA ILE BA 40 -36.84 -16.49 87.97
C ILE BA 40 -35.59 -17.25 88.37
N ILE BA 41 -35.51 -17.69 89.63
CA ILE BA 41 -34.34 -18.39 90.14
C ILE BA 41 -34.54 -19.88 89.88
N LYS BA 42 -33.76 -20.45 88.98
CA LYS BA 42 -33.89 -21.86 88.67
C LYS BA 42 -33.15 -22.73 89.68
N PHE BA 43 -31.83 -22.56 89.76
CA PHE BA 43 -31.01 -23.32 90.71
C PHE BA 43 -29.69 -22.59 90.88
N PRO BA 44 -29.07 -22.67 92.05
CA PRO BA 44 -27.78 -22.01 92.25
C PRO BA 44 -26.62 -22.85 91.77
N LEU BA 45 -25.67 -22.23 91.08
CA LEU BA 45 -24.49 -22.93 90.60
C LEU BA 45 -23.63 -23.35 91.79
N THR BA 46 -23.05 -24.55 91.69
CA THR BA 46 -22.22 -25.12 92.74
C THR BA 46 -20.88 -25.58 92.17
N THR BA 47 -20.24 -24.71 91.40
CA THR BA 47 -18.97 -25.03 90.79
C THR BA 47 -17.83 -24.53 91.67
N GLU BA 48 -16.59 -24.81 91.25
CA GLU BA 48 -15.43 -24.31 91.98
C GLU BA 48 -15.38 -22.79 91.93
N SER BA 49 -15.69 -22.20 90.77
CA SER BA 49 -15.74 -20.75 90.67
C SER BA 49 -16.89 -20.17 91.50
N ALA BA 50 -18.02 -20.88 91.55
CA ALA BA 50 -19.13 -20.43 92.38
C ALA BA 50 -18.77 -20.44 93.86
N MET BA 51 -18.06 -21.48 94.31
CA MET BA 51 -17.60 -21.53 95.70
C MET BA 51 -16.56 -20.45 95.97
N LYS BA 52 -15.71 -20.15 94.98
CA LYS BA 52 -14.72 -19.10 95.16
C LYS BA 52 -15.39 -17.73 95.34
N LYS BA 53 -16.45 -17.47 94.59
CA LYS BA 53 -17.15 -16.19 94.72
C LYS BA 53 -17.90 -16.10 96.03
N ILE BA 54 -18.34 -17.23 96.59
CA ILE BA 54 -19.09 -17.20 97.85
C ILE BA 54 -18.20 -16.74 98.99
N GLU BA 55 -16.99 -17.29 99.08
CA GLU BA 55 -16.11 -16.95 100.20
C GLU BA 55 -15.46 -15.59 100.02
N ASP BA 56 -15.06 -15.23 98.81
CA ASP BA 56 -14.17 -14.09 98.59
C ASP BA 56 -14.96 -12.82 98.29
N ASN BA 57 -15.73 -12.84 97.22
CA ASN BA 57 -16.43 -11.65 96.75
C ASN BA 57 -17.78 -11.47 97.43
N ASN BA 58 -18.17 -12.39 98.32
CA ASN BA 58 -19.43 -12.30 99.06
C ASN BA 58 -20.63 -12.34 98.12
N THR BA 59 -20.52 -13.09 97.04
CA THR BA 59 -21.59 -13.21 96.06
C THR BA 59 -22.10 -14.64 95.98
N LEU BA 60 -23.38 -14.77 95.67
CA LEU BA 60 -23.99 -16.05 95.31
C LEU BA 60 -24.15 -16.11 93.81
N VAL BA 61 -23.92 -17.29 93.23
CA VAL BA 61 -24.03 -17.50 91.80
C VAL BA 61 -25.27 -18.34 91.54
N PHE BA 62 -26.21 -17.77 90.78
CA PHE BA 62 -27.44 -18.44 90.43
C PHE BA 62 -27.55 -18.58 88.92
N ILE BA 63 -28.32 -19.57 88.50
CA ILE BA 63 -28.75 -19.70 87.11
C ILE BA 63 -30.20 -19.28 87.06
N VAL BA 64 -30.49 -18.21 86.33
CA VAL BA 64 -31.79 -17.58 86.36
C VAL BA 64 -32.43 -17.67 84.98
N ASP BA 65 -33.72 -17.35 84.92
CA ASP BA 65 -34.43 -17.35 83.66
C ASP BA 65 -33.88 -16.28 82.73
N VAL BA 66 -33.88 -16.58 81.43
CA VAL BA 66 -33.27 -15.69 80.44
C VAL BA 66 -34.02 -14.37 80.36
N LYS BA 67 -35.34 -14.39 80.52
CA LYS BA 67 -36.13 -13.18 80.40
C LYS BA 67 -36.03 -12.27 81.62
N ALA BA 68 -35.42 -12.73 82.71
CA ALA BA 68 -35.34 -11.93 83.93
C ALA BA 68 -34.21 -10.92 83.83
N ASN BA 69 -34.49 -9.68 84.17
CA ASN BA 69 -33.48 -8.64 84.19
C ASN BA 69 -32.90 -8.49 85.59
N LYS BA 70 -31.99 -7.52 85.75
CA LYS BA 70 -31.29 -7.36 87.01
C LYS BA 70 -32.25 -6.94 88.13
N HIS BA 71 -33.23 -6.09 87.80
CA HIS BA 71 -34.19 -5.67 88.82
C HIS BA 71 -35.03 -6.83 89.32
N GLN BA 72 -35.46 -7.71 88.41
CA GLN BA 72 -36.24 -8.87 88.81
C GLN BA 72 -35.41 -9.84 89.62
N ILE BA 73 -34.14 -10.04 89.24
CA ILE BA 73 -33.27 -10.93 89.99
C ILE BA 73 -33.02 -10.38 91.39
N LYS BA 74 -32.79 -9.07 91.49
CA LYS BA 74 -32.58 -8.45 92.79
C LYS BA 74 -33.81 -8.58 93.67
N GLN BA 75 -34.99 -8.35 93.10
CA GLN BA 75 -36.22 -8.44 93.88
C GLN BA 75 -36.56 -9.88 94.23
N ALA BA 76 -36.25 -10.82 93.34
CA ALA BA 76 -36.53 -12.22 93.64
C ALA BA 76 -35.70 -12.70 94.82
N VAL BA 77 -34.37 -12.56 94.73
CA VAL BA 77 -33.47 -13.11 95.73
C VAL BA 77 -33.74 -12.52 97.10
N LYS BA 78 -34.12 -11.24 97.14
CA LYS BA 78 -34.54 -10.63 98.39
C LYS BA 78 -35.76 -11.33 98.97
N LYS BA 79 -36.69 -11.76 98.11
CA LYS BA 79 -37.96 -12.28 98.59
C LYS BA 79 -37.82 -13.72 99.08
N LEU BA 80 -37.27 -14.62 98.25
CA LEU BA 80 -37.31 -16.03 98.60
C LEU BA 80 -36.09 -16.49 99.38
N TYR BA 81 -35.16 -15.59 99.71
CA TYR BA 81 -34.03 -15.93 100.55
C TYR BA 81 -33.87 -15.01 101.75
N ASP BA 82 -34.66 -13.94 101.84
CA ASP BA 82 -34.68 -13.03 102.99
C ASP BA 82 -33.31 -12.39 103.24
N ILE BA 83 -32.68 -11.91 102.16
CA ILE BA 83 -31.39 -11.24 102.26
C ILE BA 83 -31.47 -9.94 101.47
N ASP BA 84 -30.50 -9.06 101.74
CA ASP BA 84 -30.34 -7.82 100.99
C ASP BA 84 -29.11 -7.94 100.10
N VAL BA 85 -29.26 -7.54 98.84
CA VAL BA 85 -28.18 -7.67 97.86
C VAL BA 85 -27.68 -6.28 97.51
N ALA BA 86 -26.41 -6.21 97.12
CA ALA BA 86 -25.78 -4.96 96.74
C ALA BA 86 -25.92 -4.69 95.24
N LYS BA 87 -25.40 -5.58 94.42
CA LYS BA 87 -25.52 -5.44 92.98
C LYS BA 87 -25.57 -6.81 92.33
N VAL BA 88 -26.18 -6.87 91.15
CA VAL BA 88 -26.39 -8.11 90.42
C VAL BA 88 -25.74 -7.98 89.05
N ASN BA 89 -24.85 -8.92 88.72
CA ASN BA 89 -24.17 -8.95 87.44
C ASN BA 89 -24.61 -10.18 86.67
N THR BA 90 -25.11 -9.99 85.46
CA THR BA 90 -25.69 -11.07 84.68
C THR BA 90 -24.94 -11.24 83.36
N LEU BA 91 -24.72 -12.50 82.98
CA LEU BA 91 -24.23 -12.85 81.67
C LEU BA 91 -25.07 -14.00 81.15
N ILE BA 92 -24.91 -14.31 79.87
CA ILE BA 92 -25.58 -15.44 79.25
C ILE BA 92 -24.52 -16.48 78.91
N ARG BA 93 -24.67 -17.67 79.47
CA ARG BA 93 -23.71 -18.73 79.27
C ARG BA 93 -23.72 -19.19 77.81
N PRO BA 94 -22.63 -19.82 77.35
CA PRO BA 94 -22.62 -20.34 75.97
C PRO BA 94 -23.74 -21.32 75.68
N ASP BA 95 -24.21 -22.05 76.69
CA ASP BA 95 -25.33 -22.96 76.53
C ASP BA 95 -26.68 -22.29 76.69
N GLY BA 96 -26.74 -20.95 76.55
CA GLY BA 96 -27.99 -20.24 76.47
C GLY BA 96 -28.68 -19.95 77.79
N GLU BA 97 -28.08 -20.30 78.92
CA GLU BA 97 -28.66 -20.03 80.23
C GLU BA 97 -28.08 -18.75 80.80
N LYS BA 98 -28.92 -17.97 81.48
CA LYS BA 98 -28.46 -16.75 82.11
C LYS BA 98 -27.89 -17.05 83.49
N LYS BA 99 -26.75 -16.45 83.78
CA LYS BA 99 -26.07 -16.62 85.06
C LYS BA 99 -25.99 -15.27 85.75
N ALA BA 100 -26.34 -15.23 87.03
CA ALA BA 100 -26.36 -13.99 87.80
C ALA BA 100 -25.39 -14.09 88.97
N TYR BA 101 -24.51 -13.10 89.10
CA TYR BA 101 -23.61 -12.99 90.23
C TYR BA 101 -24.21 -11.99 91.21
N VAL BA 102 -24.88 -12.50 92.24
CA VAL BA 102 -25.63 -11.68 93.17
C VAL BA 102 -24.74 -11.40 94.36
N ARG BA 103 -24.18 -10.19 94.42
CA ARG BA 103 -23.34 -9.78 95.54
C ARG BA 103 -24.23 -9.32 96.69
N LEU BA 104 -23.98 -9.87 97.88
CA LEU BA 104 -24.82 -9.58 99.03
C LEU BA 104 -24.41 -8.28 99.69
N ALA BA 105 -25.29 -7.78 100.54
CA ALA BA 105 -25.00 -6.57 101.30
C ALA BA 105 -23.85 -6.83 102.26
N PRO BA 106 -23.08 -5.79 102.62
CA PRO BA 106 -21.91 -6.01 103.50
C PRO BA 106 -22.25 -6.58 104.86
N ASP BA 107 -23.50 -6.43 105.32
CA ASP BA 107 -23.91 -6.96 106.61
C ASP BA 107 -24.45 -8.38 106.52
N TYR BA 108 -24.44 -8.99 105.34
CA TYR BA 108 -24.85 -10.36 105.15
C TYR BA 108 -23.64 -11.22 104.80
N ASP BA 109 -23.63 -12.45 105.31
CA ASP BA 109 -22.56 -13.41 105.05
C ASP BA 109 -23.03 -14.39 103.99
N ALA BA 110 -22.38 -14.37 102.83
CA ALA BA 110 -22.76 -15.28 101.75
C ALA BA 110 -22.53 -16.73 102.14
N LEU BA 111 -21.55 -16.99 102.99
CA LEU BA 111 -21.33 -18.35 103.48
C LEU BA 111 -22.49 -18.81 104.34
N ASP BA 112 -23.03 -17.94 105.18
CA ASP BA 112 -24.15 -18.32 106.03
C ASP BA 112 -25.38 -18.66 105.21
N VAL BA 113 -25.70 -17.84 104.21
CA VAL BA 113 -26.89 -18.10 103.40
C VAL BA 113 -26.64 -19.26 102.44
N ALA BA 114 -25.37 -19.55 102.12
CA ALA BA 114 -25.07 -20.74 101.35
C ALA BA 114 -25.43 -22.00 102.12
N ASN BA 115 -25.16 -22.01 103.43
CA ASN BA 115 -25.60 -23.12 104.26
C ASN BA 115 -27.12 -23.18 104.37
N LYS BA 116 -27.76 -22.03 104.53
CA LYS BA 116 -29.22 -22.00 104.66
C LYS BA 116 -29.88 -22.52 103.39
N ILE BA 117 -29.38 -22.12 102.22
CA ILE BA 117 -29.91 -22.62 100.97
C ILE BA 117 -29.61 -24.10 100.82
N GLY BA 118 -28.37 -24.50 101.11
CA GLY BA 118 -27.94 -25.86 100.96
C GLY BA 118 -26.99 -26.12 99.81
N ILE BA 119 -26.39 -25.08 99.24
CA ILE BA 119 -25.51 -25.23 98.09
C ILE BA 119 -24.07 -25.38 98.55
N ILE BA 120 -23.87 -25.67 99.82
CA ILE BA 120 -22.54 -25.73 100.38
C ILE BA 120 -21.76 -26.90 99.80
N MET CA 1 -66.66 -67.68 57.60
CA MET CA 1 -65.47 -66.86 57.82
C MET CA 1 -65.84 -65.40 58.03
N LYS CA 2 -64.83 -64.55 58.01
CA LYS CA 2 -65.03 -63.13 58.27
C LYS CA 2 -65.88 -62.50 57.18
N PHE CA 3 -66.93 -61.78 57.58
CA PHE CA 3 -67.77 -61.03 56.66
C PHE CA 3 -67.85 -59.55 56.97
N ASN CA 4 -67.33 -59.11 58.12
CA ASN CA 4 -67.42 -57.71 58.50
C ASN CA 4 -66.52 -56.88 57.60
N PRO CA 5 -67.04 -55.91 56.85
CA PRO CA 5 -66.19 -55.09 55.99
C PRO CA 5 -65.41 -54.00 56.71
N PHE CA 6 -65.39 -54.01 58.05
CA PHE CA 6 -64.67 -53.00 58.81
C PHE CA 6 -63.61 -53.61 59.73
N VAL CA 7 -63.40 -54.92 59.66
CA VAL CA 7 -62.25 -55.57 60.28
C VAL CA 7 -61.45 -56.21 59.16
N THR CA 8 -60.12 -56.14 59.27
CA THR CA 8 -59.26 -56.53 58.16
C THR CA 8 -58.73 -57.93 58.35
N SER CA 9 -58.44 -58.58 57.24
CA SER CA 9 -57.73 -59.85 57.21
C SER CA 9 -56.31 -59.70 56.68
N ASP CA 10 -55.84 -58.48 56.52
CA ASP CA 10 -54.50 -58.24 56.00
C ASP CA 10 -53.46 -58.71 57.01
N ARG CA 11 -52.48 -59.48 56.53
CA ARG CA 11 -51.42 -59.95 57.40
C ARG CA 11 -50.57 -58.79 57.91
N SER CA 12 -50.22 -57.85 57.03
CA SER CA 12 -49.39 -56.72 57.43
C SER CA 12 -50.14 -55.81 58.40
N LYS CA 13 -51.43 -55.59 58.16
CA LYS CA 13 -52.20 -54.74 59.07
C LYS CA 13 -52.39 -55.40 60.42
N ASN CA 14 -52.69 -56.70 60.44
CA ASN CA 14 -52.88 -57.39 61.70
C ASN CA 14 -51.60 -57.46 62.51
N ARG CA 15 -50.46 -57.66 61.84
CA ARG CA 15 -49.17 -57.68 62.54
C ARG CA 15 -48.84 -56.31 63.10
N LYS CA 16 -49.16 -55.25 62.35
CA LYS CA 16 -48.85 -53.90 62.81
C LYS CA 16 -49.63 -53.55 64.07
N ARG CA 17 -50.92 -53.90 64.12
CA ARG CA 17 -51.72 -53.61 65.30
C ARG CA 17 -51.24 -54.41 66.50
N HIS CA 18 -50.84 -55.66 66.29
CA HIS CA 18 -50.44 -56.51 67.41
C HIS CA 18 -49.12 -56.06 68.00
N PHE CA 19 -48.17 -55.65 67.16
CA PHE CA 19 -46.84 -55.28 67.65
C PHE CA 19 -46.79 -53.85 68.16
N ASN CA 20 -47.69 -52.98 67.71
CA ASN CA 20 -47.77 -51.62 68.20
C ASN CA 20 -48.97 -51.42 69.12
N ALA CA 21 -49.47 -52.50 69.69
CA ALA CA 21 -50.65 -52.41 70.54
C ALA CA 21 -50.33 -51.63 71.82
N PRO CA 22 -51.21 -50.73 72.24
CA PRO CA 22 -51.02 -50.06 73.53
C PRO CA 22 -51.19 -51.04 74.67
N SER CA 23 -50.81 -50.57 75.87
CA SER CA 23 -50.77 -51.45 77.02
C SER CA 23 -52.16 -51.96 77.41
N HIS CA 24 -53.17 -51.10 77.34
CA HIS CA 24 -54.49 -51.49 77.83
C HIS CA 24 -55.16 -52.53 76.95
N ILE CA 25 -54.73 -52.69 75.71
CA ILE CA 25 -55.15 -53.83 74.90
C ILE CA 25 -54.08 -54.91 74.82
N ARG CA 26 -52.83 -54.60 75.18
CA ARG CA 26 -51.85 -55.66 75.38
C ARG CA 26 -52.26 -56.57 76.52
N ARG CA 27 -52.99 -56.04 77.50
CA ARG CA 27 -53.50 -56.87 78.59
C ARG CA 27 -54.45 -57.93 78.06
N LYS CA 28 -55.32 -57.57 77.11
CA LYS CA 28 -56.23 -58.55 76.54
C LYS CA 28 -55.50 -59.53 75.63
N ILE CA 29 -54.49 -59.06 74.89
CA ILE CA 29 -53.75 -59.93 73.99
C ILE CA 29 -52.98 -60.99 74.75
N MET CA 30 -52.50 -60.66 75.95
CA MET CA 30 -51.71 -61.57 76.76
C MET CA 30 -52.55 -62.40 77.71
N SER CA 31 -53.78 -62.75 77.32
CA SER CA 31 -54.64 -63.58 78.14
C SER CA 31 -54.09 -65.01 78.20
N SER CA 32 -54.59 -65.77 79.17
CA SER CA 32 -54.19 -67.14 79.40
C SER CA 32 -55.41 -67.99 79.70
N PRO CA 33 -55.37 -69.28 79.37
CA PRO CA 33 -56.47 -70.16 79.73
C PRO CA 33 -56.47 -70.51 81.21
N LEU CA 34 -57.64 -70.92 81.68
CA LEU CA 34 -57.81 -71.37 83.05
C LEU CA 34 -57.77 -72.89 83.12
N SER CA 35 -57.42 -73.40 84.30
CA SER CA 35 -57.38 -74.84 84.50
C SER CA 35 -58.79 -75.41 84.49
N LYS CA 36 -58.86 -76.74 84.35
CA LYS CA 36 -60.15 -77.41 84.21
C LYS CA 36 -61.02 -77.22 85.44
N GLU CA 37 -60.42 -77.27 86.63
CA GLU CA 37 -61.18 -77.05 87.86
C GLU CA 37 -61.66 -75.61 87.95
N LEU CA 38 -60.80 -74.66 87.58
CA LEU CA 38 -61.21 -73.25 87.59
C LEU CA 38 -62.26 -72.99 86.53
N ARG CA 39 -62.10 -73.55 85.33
CA ARG CA 39 -63.09 -73.38 84.27
C ARG CA 39 -64.43 -73.98 84.65
N GLN CA 40 -64.42 -75.04 85.47
CA GLN CA 40 -65.67 -75.58 86.00
C GLN CA 40 -66.25 -74.68 87.08
N LYS CA 41 -65.39 -74.18 87.98
CA LYS CA 41 -65.88 -73.41 89.13
C LYS CA 41 -66.54 -72.11 88.67
N TYR CA 42 -65.84 -71.33 87.85
CA TYR CA 42 -66.46 -70.21 87.17
C TYR CA 42 -67.06 -70.73 85.87
N ASN CA 43 -67.44 -69.83 84.98
CA ASN CA 43 -67.92 -70.26 83.66
C ASN CA 43 -67.13 -69.59 82.55
N VAL CA 44 -65.90 -69.19 82.85
CA VAL CA 44 -65.04 -68.55 81.86
C VAL CA 44 -63.94 -69.51 81.47
N ARG CA 45 -63.37 -69.29 80.29
CA ARG CA 45 -62.36 -70.18 79.73
C ARG CA 45 -60.98 -69.54 79.68
N SER CA 46 -60.88 -68.30 79.20
CA SER CA 46 -59.62 -67.59 79.14
C SER CA 46 -59.68 -66.36 80.05
N MET CA 47 -58.52 -65.83 80.38
CA MET CA 47 -58.45 -64.72 81.32
C MET CA 47 -57.16 -63.92 81.11
N PRO CA 48 -57.24 -62.59 81.09
CA PRO CA 48 -56.01 -61.79 81.04
C PRO CA 48 -55.14 -62.05 82.26
N ILE CA 49 -53.84 -62.08 82.03
CA ILE CA 49 -52.89 -62.47 83.07
C ILE CA 49 -52.74 -61.33 84.08
N ARG CA 50 -52.39 -61.71 85.31
CA ARG CA 50 -52.34 -60.82 86.45
C ARG CA 50 -50.94 -60.92 87.07
N LYS CA 51 -50.68 -60.04 88.04
CA LYS CA 51 -49.36 -60.02 88.67
C LYS CA 51 -49.14 -61.27 89.52
N ASP CA 52 -50.11 -61.65 90.34
CA ASP CA 52 -49.90 -62.64 91.39
C ASP CA 52 -50.86 -63.82 91.27
N ASP CA 53 -51.03 -64.36 90.07
CA ASP CA 53 -51.82 -65.58 89.87
C ASP CA 53 -50.89 -66.74 89.60
N GLU CA 54 -51.16 -67.86 90.28
CA GLU CA 54 -50.30 -69.03 90.19
C GLU CA 54 -50.58 -69.81 88.92
N VAL CA 55 -49.55 -70.03 88.11
CA VAL CA 55 -49.68 -70.70 86.82
C VAL CA 55 -48.63 -71.80 86.71
N GLN CA 56 -48.85 -72.69 85.75
CA GLN CA 56 -47.88 -73.72 85.42
C GLN CA 56 -47.66 -73.74 83.91
N VAL CA 57 -46.40 -73.90 83.52
CA VAL CA 57 -46.05 -73.91 82.11
C VAL CA 57 -46.45 -75.24 81.48
N VAL CA 58 -47.00 -75.18 80.28
CA VAL CA 58 -47.45 -76.38 79.57
C VAL CA 58 -46.72 -76.61 78.26
N ARG CA 59 -45.99 -75.63 77.75
CA ARG CA 59 -45.22 -75.80 76.51
C ARG CA 59 -43.83 -75.20 76.71
N GLY CA 60 -42.85 -75.80 76.07
CA GLY CA 60 -41.49 -75.30 76.10
C GLY CA 60 -40.58 -76.17 76.95
N HIS CA 61 -39.43 -75.60 77.31
CA HIS CA 61 -38.44 -76.33 78.08
C HIS CA 61 -38.88 -76.53 79.53
N TYR CA 62 -39.79 -75.71 80.04
CA TYR CA 62 -40.17 -75.74 81.44
C TYR CA 62 -41.54 -76.36 81.67
N LYS CA 63 -41.92 -77.35 80.85
CA LYS CA 63 -43.16 -78.07 81.10
C LYS CA 63 -43.09 -78.79 82.42
N GLY CA 64 -44.21 -78.83 83.13
CA GLY CA 64 -44.27 -79.55 84.39
C GLY CA 64 -45.50 -79.15 85.16
N GLN CA 65 -45.74 -79.90 86.23
CA GLN CA 65 -46.88 -79.67 87.11
C GLN CA 65 -46.54 -78.75 88.28
N GLN CA 66 -45.32 -78.22 88.34
CA GLN CA 66 -44.94 -77.33 89.42
C GLN CA 66 -45.66 -76.00 89.27
N ILE CA 67 -46.45 -75.64 90.28
CA ILE CA 67 -47.25 -74.42 90.24
C ILE CA 67 -46.37 -73.25 90.67
N GLY CA 68 -46.19 -72.30 89.77
CA GLY CA 68 -45.35 -71.13 90.05
C GLY CA 68 -46.18 -69.86 90.02
N LYS CA 69 -45.81 -68.92 90.87
CA LYS CA 69 -46.49 -67.63 90.95
C LYS CA 69 -45.82 -66.65 89.99
N VAL CA 70 -46.65 -65.93 89.22
CA VAL CA 70 -46.13 -64.91 88.32
C VAL CA 70 -45.50 -63.79 89.15
N VAL CA 71 -44.37 -63.28 88.69
CA VAL CA 71 -43.67 -62.20 89.38
C VAL CA 71 -43.53 -60.94 88.56
N GLN CA 72 -43.82 -60.98 87.25
CA GLN CA 72 -43.73 -59.80 86.41
C GLN CA 72 -44.51 -60.06 85.13
N VAL CA 73 -45.21 -59.03 84.66
CA VAL CA 73 -45.97 -59.10 83.42
C VAL CA 73 -45.36 -58.06 82.48
N TYR CA 74 -44.41 -58.50 81.66
CA TYR CA 74 -43.66 -57.61 80.77
C TYR CA 74 -44.48 -57.42 79.50
N ARG CA 75 -45.43 -56.49 79.56
CA ARG CA 75 -46.32 -56.25 78.43
C ARG CA 75 -45.58 -55.69 77.23
N LYS CA 76 -44.48 -54.96 77.46
CA LYS CA 76 -43.69 -54.46 76.35
C LYS CA 76 -43.06 -55.60 75.56
N LYS CA 77 -42.55 -56.61 76.25
CA LYS CA 77 -41.91 -57.76 75.63
C LYS CA 77 -42.87 -58.92 75.39
N TYR CA 78 -44.15 -58.76 75.72
CA TYR CA 78 -45.18 -59.77 75.49
C TYR CA 78 -44.87 -61.08 76.20
N VAL CA 79 -44.22 -61.01 77.36
CA VAL CA 79 -43.82 -62.20 78.11
C VAL CA 79 -44.12 -61.97 79.58
N ILE CA 80 -44.08 -63.05 80.36
CA ILE CA 80 -44.25 -63.02 81.80
C ILE CA 80 -43.11 -63.77 82.46
N TYR CA 81 -42.88 -63.48 83.73
CA TYR CA 81 -41.85 -64.13 84.53
C TYR CA 81 -42.51 -64.88 85.67
N ILE CA 82 -42.11 -66.13 85.87
CA ILE CA 82 -42.66 -66.97 86.92
C ILE CA 82 -41.57 -67.25 87.95
N GLU CA 83 -41.98 -67.77 89.10
CA GLU CA 83 -41.12 -67.96 90.26
C GLU CA 83 -39.88 -68.80 89.96
N ARG CA 84 -40.08 -70.08 89.63
CA ARG CA 84 -38.98 -71.00 89.44
C ARG CA 84 -38.54 -71.12 87.99
N VAL CA 85 -39.19 -70.44 87.07
CA VAL CA 85 -38.80 -70.48 85.66
C VAL CA 85 -37.65 -69.49 85.47
N GLN CA 86 -36.43 -69.97 85.65
CA GLN CA 86 -35.25 -69.12 85.59
C GLN CA 86 -34.05 -69.96 85.19
N ARG CA 87 -32.98 -69.27 84.80
CA ARG CA 87 -31.74 -69.92 84.42
C ARG CA 87 -30.58 -69.14 85.00
N GLU CA 88 -29.43 -69.80 85.07
CA GLU CA 88 -28.20 -69.15 85.52
C GLU CA 88 -27.42 -68.66 84.31
N LYS CA 89 -27.07 -67.37 84.32
CA LYS CA 89 -26.24 -66.82 83.26
C LYS CA 89 -24.78 -67.12 83.58
N ALA CA 90 -23.86 -66.51 82.84
CA ALA CA 90 -22.44 -66.81 83.00
C ALA CA 90 -21.94 -66.39 84.39
N ASN CA 91 -22.33 -65.19 84.84
CA ASN CA 91 -21.83 -64.66 86.11
C ASN CA 91 -22.29 -65.48 87.30
N GLY CA 92 -23.33 -66.30 87.15
CA GLY CA 92 -23.88 -67.06 88.25
C GLY CA 92 -25.15 -66.47 88.82
N THR CA 93 -25.52 -65.26 88.43
CA THR CA 93 -26.78 -64.67 88.88
C THR CA 93 -27.94 -65.30 88.14
N THR CA 94 -29.10 -65.30 88.77
CA THR CA 94 -30.31 -65.86 88.19
C THR CA 94 -31.02 -64.80 87.36
N VAL CA 95 -31.58 -65.23 86.23
CA VAL CA 95 -32.43 -64.37 85.40
C VAL CA 95 -33.68 -65.15 85.04
N HIS CA 96 -34.83 -64.49 85.13
CA HIS CA 96 -36.07 -65.11 84.74
C HIS CA 96 -36.11 -65.32 83.22
N VAL CA 97 -36.84 -66.35 82.80
CA VAL CA 97 -36.99 -66.67 81.39
C VAL CA 97 -38.39 -66.28 80.98
N GLY CA 98 -38.49 -65.30 80.09
CA GLY CA 98 -39.80 -64.83 79.65
C GLY CA 98 -40.48 -65.86 78.79
N ILE CA 99 -41.71 -66.20 79.15
CA ILE CA 99 -42.53 -67.13 78.37
C ILE CA 99 -43.85 -66.45 78.03
N HIS CA 100 -44.43 -66.83 76.90
CA HIS CA 100 -45.66 -66.22 76.47
C HIS CA 100 -46.82 -66.71 77.34
N PRO CA 101 -47.74 -65.82 77.71
CA PRO CA 101 -48.86 -66.24 78.57
C PRO CA 101 -49.79 -67.23 77.93
N SER CA 102 -49.79 -67.35 76.60
CA SER CA 102 -50.62 -68.36 75.95
C SER CA 102 -50.14 -69.77 76.22
N LYS CA 103 -48.92 -69.95 76.71
CA LYS CA 103 -48.33 -71.25 76.98
C LYS CA 103 -48.36 -71.62 78.45
N VAL CA 104 -49.25 -71.01 79.23
CA VAL CA 104 -49.45 -71.35 80.64
C VAL CA 104 -50.93 -71.63 80.84
N VAL CA 105 -51.25 -72.24 81.99
CA VAL CA 105 -52.61 -72.36 82.46
C VAL CA 105 -52.66 -71.82 83.88
N ILE CA 106 -53.71 -71.08 84.19
CA ILE CA 106 -53.85 -70.43 85.50
C ILE CA 106 -54.54 -71.42 86.44
N THR CA 107 -53.88 -71.74 87.55
CA THR CA 107 -54.43 -72.65 88.54
C THR CA 107 -55.01 -71.93 89.75
N ARG CA 108 -54.73 -70.64 89.91
CA ARG CA 108 -55.33 -69.85 90.99
C ARG CA 108 -55.26 -68.39 90.58
N LEU CA 109 -56.41 -67.71 90.54
CA LEU CA 109 -56.44 -66.32 90.19
C LEU CA 109 -56.15 -65.45 91.41
N LYS CA 110 -55.76 -64.20 91.14
CA LYS CA 110 -55.63 -63.19 92.18
C LYS CA 110 -56.94 -62.41 92.21
N LEU CA 111 -57.75 -62.65 93.24
CA LEU CA 111 -59.11 -62.16 93.28
C LEU CA 111 -59.18 -60.83 94.02
N ASP CA 112 -59.56 -59.78 93.30
CA ASP CA 112 -60.01 -58.52 93.89
C ASP CA 112 -61.38 -58.20 93.33
N LYS CA 113 -61.91 -57.03 93.69
CA LYS CA 113 -63.25 -56.68 93.26
C LYS CA 113 -63.31 -56.42 91.76
N ASP CA 114 -62.20 -55.98 91.17
CA ASP CA 114 -62.18 -55.76 89.72
C ASP CA 114 -62.15 -57.07 88.96
N ARG CA 115 -61.30 -58.00 89.38
CA ARG CA 115 -61.23 -59.30 88.70
C ARG CA 115 -62.53 -60.07 88.86
N LYS CA 116 -63.16 -59.96 90.04
CA LYS CA 116 -64.44 -60.62 90.25
C LYS CA 116 -65.48 -60.08 89.30
N LYS CA 117 -65.51 -58.76 89.09
CA LYS CA 117 -66.51 -58.16 88.19
C LYS CA 117 -66.30 -58.63 86.76
N ILE CA 118 -65.06 -58.90 86.37
CA ILE CA 118 -64.81 -59.43 85.03
C ILE CA 118 -65.27 -60.88 84.94
N LEU CA 119 -65.08 -61.64 86.02
CA LEU CA 119 -65.47 -63.05 86.03
C LEU CA 119 -66.97 -63.21 85.84
N GLU CA 120 -67.77 -62.39 86.53
CA GLU CA 120 -69.21 -62.51 86.38
C GLU CA 120 -69.69 -61.93 85.07
N ARG CA 121 -68.98 -60.94 84.54
CA ARG CA 121 -69.31 -60.40 83.23
C ARG CA 121 -69.11 -61.45 82.15
N LYS CA 122 -67.99 -62.18 82.22
CA LYS CA 122 -67.74 -63.25 81.24
C LYS CA 122 -68.68 -64.43 81.46
N ALA CA 123 -68.97 -64.76 82.72
CA ALA CA 123 -69.89 -65.86 83.00
C ALA CA 123 -71.30 -65.53 82.52
N LYS CA 124 -71.75 -64.29 82.72
CA LYS CA 124 -73.08 -63.90 82.28
C LYS CA 124 -73.19 -63.93 80.76
N SER CA 125 -72.15 -63.44 80.07
CA SER CA 125 -72.18 -63.40 78.60
C SER CA 125 -72.20 -64.80 78.02
N ARG CA 126 -71.42 -65.72 78.58
CA ARG CA 126 -71.43 -67.09 78.10
C ARG CA 126 -72.78 -67.75 78.35
N GLN CA 127 -73.39 -67.48 79.51
CA GLN CA 127 -74.70 -68.05 79.81
C GLN CA 127 -75.76 -67.56 78.84
N VAL CA 128 -75.79 -66.25 78.57
CA VAL CA 128 -76.80 -65.72 77.65
C VAL CA 128 -76.57 -66.23 76.23
N GLY CA 129 -75.32 -66.57 75.90
CA GLY CA 129 -75.07 -67.23 74.63
C GLY CA 129 -75.64 -68.64 74.60
N LYS CA 130 -75.56 -69.34 75.74
CA LYS CA 130 -76.08 -70.70 75.81
C LYS CA 130 -77.59 -70.72 75.69
N GLU CA 131 -78.29 -69.80 76.35
CA GLU CA 131 -79.74 -69.76 76.25
C GLU CA 131 -80.23 -69.14 74.96
N LYS CA 132 -79.37 -68.42 74.24
CA LYS CA 132 -79.72 -68.00 72.88
C LYS CA 132 -79.62 -69.18 71.92
N GLY CA 133 -78.58 -69.99 72.05
CA GLY CA 133 -78.36 -71.12 71.17
C GLY CA 133 -78.85 -72.43 71.74
N LYS CA 134 -79.82 -72.37 72.64
CA LYS CA 134 -80.40 -73.57 73.24
C LYS CA 134 -81.13 -74.41 72.18
N GLY DA 1 -15.15 73.55 67.77
CA GLY DA 1 -14.09 73.34 68.75
C GLY DA 1 -14.25 72.07 69.54
N LYS DA 2 -13.87 72.11 70.82
CA LYS DA 2 -14.02 70.95 71.68
C LYS DA 2 -15.49 70.76 72.04
N PHE DA 3 -16.00 69.55 71.83
CA PHE DA 3 -17.40 69.25 72.07
C PHE DA 3 -17.64 68.24 73.18
N MET DA 4 -16.61 67.53 73.64
CA MET DA 4 -16.75 66.58 74.73
C MET DA 4 -16.84 67.36 76.05
N LYS DA 5 -17.99 67.98 76.25
CA LYS DA 5 -18.25 68.84 77.39
C LYS DA 5 -19.19 68.15 78.37
N PRO DA 6 -19.17 68.55 79.64
CA PRO DA 6 -20.13 68.00 80.60
C PRO DA 6 -21.56 68.26 80.18
N GLY DA 7 -22.43 67.30 80.43
CA GLY DA 7 -23.81 67.39 80.05
C GLY DA 7 -24.14 66.90 78.66
N LYS DA 8 -23.17 66.36 77.94
CA LYS DA 8 -23.38 65.86 76.58
C LYS DA 8 -23.61 64.35 76.62
N VAL DA 9 -24.67 63.91 75.95
CA VAL DA 9 -24.96 62.49 75.86
C VAL DA 9 -23.88 61.80 75.03
N VAL DA 10 -23.47 60.61 75.48
CA VAL DA 10 -22.48 59.81 74.77
C VAL DA 10 -23.01 58.40 74.63
N LEU DA 11 -22.31 57.60 73.83
CA LEU DA 11 -22.63 56.21 73.60
C LEU DA 11 -21.45 55.36 74.00
N VAL DA 12 -21.65 54.45 74.94
CA VAL DA 12 -20.58 53.58 75.41
C VAL DA 12 -20.35 52.49 74.37
N LEU DA 13 -19.10 52.37 73.91
CA LEU DA 13 -18.77 51.44 72.84
C LEU DA 13 -18.18 50.13 73.33
N ALA DA 14 -17.44 50.15 74.44
CA ALA DA 14 -16.78 48.96 74.95
C ALA DA 14 -16.99 48.86 76.46
N GLY DA 15 -16.87 47.65 76.97
CA GLY DA 15 -17.06 47.38 78.38
C GLY DA 15 -18.35 46.62 78.64
N ARG DA 16 -18.62 46.41 79.92
CA ARG DA 16 -19.83 45.71 80.33
C ARG DA 16 -21.09 46.48 79.91
N TYR DA 17 -21.01 47.81 79.88
CA TYR DA 17 -22.14 48.66 79.55
C TYR DA 17 -22.12 49.11 78.09
N SER DA 18 -21.68 48.24 77.19
CA SER DA 18 -21.58 48.59 75.78
C SER DA 18 -22.96 48.87 75.21
N GLY DA 19 -23.08 49.97 74.47
CA GLY DA 19 -24.33 50.36 73.85
C GLY DA 19 -25.27 51.15 74.72
N ARG DA 20 -24.92 51.37 75.98
CA ARG DA 20 -25.78 52.09 76.90
C ARG DA 20 -25.55 53.59 76.78
N LYS DA 21 -26.64 54.35 76.77
CA LYS DA 21 -26.53 55.80 76.74
C LYS DA 21 -25.95 56.31 78.05
N ALA DA 22 -25.23 57.43 77.97
CA ALA DA 22 -24.57 57.99 79.13
C ALA DA 22 -24.38 59.48 78.93
N VAL DA 23 -24.23 60.20 80.04
CA VAL DA 23 -23.96 61.63 80.03
C VAL DA 23 -22.63 61.89 80.72
N ILE DA 24 -21.84 62.80 80.14
CA ILE DA 24 -20.54 63.16 80.69
C ILE DA 24 -20.76 64.05 81.90
N VAL DA 25 -20.25 63.63 83.05
CA VAL DA 25 -20.28 64.46 84.25
C VAL DA 25 -19.09 65.41 84.27
N LYS DA 26 -17.90 64.90 83.97
CA LYS DA 26 -16.69 65.71 83.91
C LYS DA 26 -15.80 65.16 82.81
N ASN DA 27 -15.20 66.06 82.05
CA ASN DA 27 -14.25 65.69 81.00
C ASN DA 27 -12.86 66.14 81.40
N ILE DA 28 -11.88 65.27 81.22
CA ILE DA 28 -10.50 65.56 81.58
C ILE DA 28 -9.67 65.94 80.37
N ASP DA 29 -9.73 65.13 79.31
CA ASP DA 29 -9.18 65.34 77.97
C ASP DA 29 -7.70 65.72 77.96
N ASP DA 30 -7.01 65.56 79.09
CA ASP DA 30 -5.58 65.84 79.16
C ASP DA 30 -4.79 64.78 79.91
N GLY DA 31 -5.40 63.96 80.73
CA GLY DA 31 -4.67 63.00 81.54
C GLY DA 31 -4.50 63.45 82.98
N THR DA 32 -4.21 62.48 83.84
CA THR DA 32 -4.04 62.75 85.27
C THR DA 32 -2.77 62.11 85.82
N SER DA 33 -1.80 61.80 84.95
CA SER DA 33 -0.52 61.18 85.28
C SER DA 33 -0.70 59.74 85.75
N ASP DA 34 -1.95 59.30 85.89
CA ASP DA 34 -2.29 57.91 86.08
C ASP DA 34 -3.17 57.37 84.97
N ARG DA 35 -3.81 58.24 84.20
CA ARG DA 35 -4.53 57.88 82.98
C ARG DA 35 -3.98 58.77 81.89
N PRO DA 36 -2.85 58.40 81.29
CA PRO DA 36 -2.21 59.29 80.30
C PRO DA 36 -3.06 59.54 79.06
N TYR DA 37 -4.08 58.72 78.82
CA TYR DA 37 -5.01 58.96 77.72
C TYR DA 37 -5.97 60.09 78.10
N SER DA 38 -6.95 60.35 77.25
CA SER DA 38 -7.97 61.35 77.51
C SER DA 38 -9.24 60.62 77.96
N HIS DA 39 -9.59 60.82 79.23
CA HIS DA 39 -10.74 60.14 79.83
C HIS DA 39 -11.79 61.15 80.26
N ALA DA 40 -12.98 60.65 80.56
CA ALA DA 40 -14.06 61.48 81.05
C ALA DA 40 -14.94 60.66 81.98
N LEU DA 41 -15.24 61.21 83.15
CA LEU DA 41 -16.13 60.53 84.07
C LEU DA 41 -17.56 60.63 83.56
N VAL DA 42 -18.22 59.47 83.45
CA VAL DA 42 -19.54 59.38 82.85
C VAL DA 42 -20.47 58.69 83.84
N ALA DA 43 -21.75 59.10 83.81
CA ALA DA 43 -22.78 58.53 84.66
C ALA DA 43 -23.97 58.18 83.77
N GLY DA 44 -23.99 56.96 83.25
CA GLY DA 44 -25.06 56.49 82.40
C GLY DA 44 -26.06 55.64 83.15
N ILE DA 45 -26.91 54.97 82.37
CA ILE DA 45 -27.93 54.08 82.91
C ILE DA 45 -27.65 52.66 82.43
N ASP DA 46 -27.89 51.70 83.32
CA ASP DA 46 -27.66 50.28 83.02
C ASP DA 46 -28.94 49.64 82.49
N ARG DA 47 -29.99 49.66 83.30
CA ARG DA 47 -31.27 49.06 82.92
C ARG DA 47 -32.21 50.16 82.46
N TYR DA 48 -32.70 50.03 81.24
CA TYR DA 48 -33.61 51.01 80.69
C TYR DA 48 -34.99 50.88 81.30
N PRO DA 49 -35.71 51.98 81.45
CA PRO DA 49 -37.09 51.89 81.94
C PRO DA 49 -37.97 51.17 80.94
N ARG DA 50 -38.77 50.23 81.43
CA ARG DA 50 -39.63 49.45 80.56
C ARG DA 50 -40.73 50.31 79.97
N LYS DA 51 -41.18 49.92 78.77
CA LYS DA 51 -42.25 50.64 78.10
C LYS DA 51 -43.52 50.61 78.94
N VAL DA 52 -44.17 51.77 79.08
CA VAL DA 52 -45.40 51.88 79.83
C VAL DA 52 -46.52 52.28 78.89
N THR DA 53 -47.73 51.82 79.20
CA THR DA 53 -48.89 52.07 78.36
C THR DA 53 -50.09 52.39 79.24
N ALA DA 54 -51.19 52.78 78.58
CA ALA DA 54 -52.36 53.25 79.30
C ALA DA 54 -52.98 52.16 80.16
N ALA DA 55 -53.03 50.93 79.65
CA ALA DA 55 -53.69 49.83 80.34
C ALA DA 55 -52.69 49.03 81.17
N MET DA 56 -52.12 49.69 82.17
CA MET DA 56 -51.15 49.02 83.02
C MET DA 56 -51.46 49.15 84.51
N GLY DA 57 -51.97 50.27 84.96
CA GLY DA 57 -52.17 50.47 86.37
C GLY DA 57 -51.00 51.21 87.00
N LYS DA 58 -51.31 51.99 88.04
CA LYS DA 58 -50.30 52.88 88.63
C LYS DA 58 -49.17 52.09 89.28
N LYS DA 59 -49.49 51.00 89.98
CA LYS DA 59 -48.47 50.24 90.67
C LYS DA 59 -47.51 49.57 89.68
N LYS DA 60 -48.04 49.03 88.58
CA LYS DA 60 -47.18 48.42 87.58
C LYS DA 60 -46.36 49.48 86.85
N ILE DA 61 -46.94 50.65 86.60
CA ILE DA 61 -46.22 51.72 85.92
C ILE DA 61 -45.04 52.20 86.77
N ALA DA 62 -45.27 52.38 88.07
CA ALA DA 62 -44.19 52.81 88.96
C ALA DA 62 -43.09 51.76 89.03
N LYS DA 63 -43.47 50.48 89.08
CA LYS DA 63 -42.48 49.42 89.10
C LYS DA 63 -41.69 49.37 87.79
N ARG DA 64 -42.36 49.54 86.66
CA ARG DA 64 -41.70 49.44 85.37
C ARG DA 64 -40.83 50.66 85.07
N SER DA 65 -41.18 51.82 85.61
CA SER DA 65 -40.39 53.04 85.40
C SER DA 65 -39.30 53.20 86.45
N LYS DA 66 -38.49 52.16 86.61
CA LYS DA 66 -37.37 52.16 87.54
C LYS DA 66 -36.08 51.99 86.73
N ILE DA 67 -35.09 52.81 87.04
CA ILE DA 67 -33.86 52.91 86.26
C ILE DA 67 -32.70 52.46 87.14
N LYS DA 68 -31.88 51.56 86.61
CA LYS DA 68 -30.60 51.20 87.20
C LYS DA 68 -29.50 51.95 86.46
N SER DA 69 -28.63 52.62 87.21
CA SER DA 69 -27.62 53.50 86.63
C SER DA 69 -26.23 52.96 86.93
N PHE DA 70 -25.23 53.67 86.42
CA PHE DA 70 -23.84 53.35 86.66
C PHE DA 70 -22.99 54.60 86.51
N VAL DA 71 -21.80 54.56 87.11
CA VAL DA 71 -20.81 55.62 86.95
C VAL DA 71 -19.51 54.97 86.51
N LYS DA 72 -18.86 55.57 85.50
CA LYS DA 72 -17.61 55.04 84.99
C LYS DA 72 -16.71 56.20 84.60
N VAL DA 73 -15.49 55.84 84.15
CA VAL DA 73 -14.44 56.81 83.89
C VAL DA 73 -13.88 56.60 82.48
N TYR DA 74 -14.75 56.15 81.56
CA TYR DA 74 -14.42 55.67 80.22
C TYR DA 74 -13.36 56.48 79.46
N ASN DA 75 -12.52 55.78 78.71
CA ASN DA 75 -11.62 56.42 77.77
C ASN DA 75 -12.41 57.07 76.65
N TYR DA 76 -11.81 58.08 76.02
CA TYR DA 76 -12.47 58.78 74.91
C TYR DA 76 -12.70 57.83 73.74
N ASN DA 77 -11.74 56.96 73.45
CA ASN DA 77 -11.86 56.06 72.32
C ASN DA 77 -12.97 55.03 72.51
N HIS DA 78 -13.36 54.76 73.75
CA HIS DA 78 -14.47 53.86 74.03
C HIS DA 78 -15.79 54.59 74.22
N LEU DA 79 -15.80 55.91 74.04
CA LEU DA 79 -17.01 56.70 74.07
C LEU DA 79 -17.31 57.22 72.68
N MET DA 80 -18.56 57.09 72.26
CA MET DA 80 -19.01 57.67 71.00
C MET DA 80 -19.82 58.93 71.31
N PRO DA 81 -19.40 60.10 70.85
CA PRO DA 81 -20.14 61.32 71.17
C PRO DA 81 -21.46 61.36 70.44
N THR DA 82 -22.30 62.28 70.88
CA THR DA 82 -23.67 62.37 70.42
C THR DA 82 -24.12 63.82 70.53
N ARG DA 83 -24.85 64.29 69.51
CA ARG DA 83 -25.21 65.71 69.46
C ARG DA 83 -26.20 66.09 70.55
N TYR DA 84 -27.01 65.16 71.01
CA TYR DA 84 -27.97 65.48 72.07
C TYR DA 84 -27.25 65.72 73.38
N SER DA 85 -27.84 66.59 74.19
CA SER DA 85 -27.32 66.90 75.53
C SER DA 85 -28.48 66.91 76.51
N VAL DA 86 -28.20 66.44 77.73
CA VAL DA 86 -29.19 66.39 78.79
C VAL DA 86 -28.68 67.22 79.96
N ASP DA 87 -29.51 68.14 80.45
CA ASP DA 87 -29.15 69.01 81.57
C ASP DA 87 -29.77 68.44 82.83
N ILE DA 88 -29.17 67.37 83.34
CA ILE DA 88 -29.59 66.73 84.58
C ILE DA 88 -28.59 67.13 85.66
N PRO DA 89 -29.01 67.83 86.70
CA PRO DA 89 -28.07 68.40 87.68
C PRO DA 89 -27.55 67.37 88.69
N LEU DA 90 -26.51 66.64 88.27
CA LEU DA 90 -25.85 65.70 89.16
C LEU DA 90 -24.87 66.44 90.05
N ASP DA 91 -25.00 66.24 91.36
CA ASP DA 91 -24.12 66.91 92.32
C ASP DA 91 -22.70 66.38 92.13
N LYS DA 92 -21.76 67.31 91.99
CA LYS DA 92 -20.37 66.95 91.75
C LYS DA 92 -19.71 66.36 92.99
N THR DA 93 -20.10 66.82 94.19
CA THR DA 93 -19.49 66.32 95.42
C THR DA 93 -19.86 64.87 95.70
N VAL DA 94 -20.93 64.36 95.08
CA VAL DA 94 -21.30 62.96 95.22
C VAL DA 94 -20.79 62.12 94.06
N VAL DA 95 -20.95 62.61 92.84
CA VAL DA 95 -20.43 61.95 91.64
C VAL DA 95 -19.12 62.66 91.30
N ASN DA 96 -18.01 62.12 91.82
CA ASN DA 96 -16.69 62.68 91.55
C ASN DA 96 -15.73 61.55 91.19
N LYS DA 97 -14.50 61.92 90.92
CA LYS DA 97 -13.53 60.96 90.40
C LYS DA 97 -13.06 59.96 91.46
N ASP DA 98 -13.00 60.37 92.73
CA ASP DA 98 -12.46 59.49 93.75
C ASP DA 98 -13.43 58.38 94.14
N VAL DA 99 -14.64 58.38 93.57
CA VAL DA 99 -15.69 57.47 93.99
C VAL DA 99 -15.36 56.00 93.74
N PHE DA 100 -14.36 55.71 92.92
CA PHE DA 100 -13.98 54.35 92.61
C PHE DA 100 -13.08 53.71 93.66
N ARG DA 101 -12.71 54.46 94.70
CA ARG DA 101 -11.90 53.92 95.79
C ARG DA 101 -12.72 53.40 96.95
N ASP DA 102 -13.86 54.01 97.25
CA ASP DA 102 -14.72 53.57 98.33
C ASP DA 102 -16.00 52.98 97.74
N PRO DA 103 -16.24 51.68 97.89
CA PRO DA 103 -17.45 51.08 97.29
C PRO DA 103 -18.75 51.67 97.83
N ALA DA 104 -18.78 52.07 99.09
CA ALA DA 104 -19.99 52.70 99.63
C ALA DA 104 -20.22 54.07 99.00
N LEU DA 105 -19.15 54.81 98.75
CA LEU DA 105 -19.30 56.10 98.06
C LEU DA 105 -19.79 55.90 96.63
N LYS DA 106 -19.31 54.85 95.96
CA LYS DA 106 -19.80 54.55 94.61
C LYS DA 106 -21.28 54.20 94.65
N ARG DA 107 -21.72 53.49 95.70
CA ARG DA 107 -23.12 53.12 95.81
C ARG DA 107 -24.00 54.34 95.96
N LYS DA 108 -23.59 55.30 96.80
CA LYS DA 108 -24.38 56.52 96.96
C LYS DA 108 -24.23 57.43 95.75
N ALA DA 109 -23.16 57.28 94.98
CA ALA DA 109 -23.06 57.98 93.71
C ALA DA 109 -24.04 57.41 92.69
N ARG DA 110 -24.14 56.08 92.62
CA ARG DA 110 -25.09 55.45 91.72
C ARG DA 110 -26.52 55.72 92.16
N ARG DA 111 -26.76 55.78 93.48
CA ARG DA 111 -28.09 56.08 93.97
C ARG DA 111 -28.52 57.48 93.57
N GLU DA 112 -27.59 58.44 93.63
CA GLU DA 112 -27.90 59.80 93.23
C GLU DA 112 -28.18 59.90 91.74
N ALA DA 113 -27.38 59.21 90.92
CA ALA DA 113 -27.63 59.22 89.47
C ALA DA 113 -28.97 58.57 89.15
N LYS DA 114 -29.31 57.50 89.86
CA LYS DA 114 -30.55 56.79 89.60
C LYS DA 114 -31.77 57.66 89.90
N VAL DA 115 -31.78 58.36 91.04
CA VAL DA 115 -32.94 59.14 91.41
C VAL DA 115 -33.08 60.37 90.50
N LYS DA 116 -31.97 61.00 90.15
CA LYS DA 116 -32.02 62.15 89.25
C LYS DA 116 -32.51 61.74 87.87
N PHE DA 117 -32.05 60.60 87.37
CA PHE DA 117 -32.51 60.10 86.08
C PHE DA 117 -33.99 59.75 86.12
N GLU DA 118 -34.45 59.15 87.22
CA GLU DA 118 -35.86 58.76 87.33
C GLU DA 118 -36.78 59.98 87.31
N GLU DA 119 -36.39 61.06 88.00
CA GLU DA 119 -37.18 62.28 87.93
C GLU DA 119 -37.21 62.81 86.50
N ARG DA 120 -36.05 62.83 85.84
CA ARG DA 120 -36.00 63.31 84.46
C ARG DA 120 -36.75 62.38 83.51
N TYR DA 121 -36.77 61.08 83.81
CA TYR DA 121 -37.57 60.16 83.00
C TYR DA 121 -39.05 60.46 83.12
N LYS DA 122 -39.51 60.91 84.29
CA LYS DA 122 -40.85 61.43 84.40
C LYS DA 122 -40.99 62.71 83.57
N THR DA 123 -42.22 63.22 83.51
CA THR DA 123 -42.58 64.43 82.76
C THR DA 123 -42.33 64.28 81.27
N GLY DA 124 -42.00 63.08 80.79
CA GLY DA 124 -41.89 62.82 79.37
C GLY DA 124 -40.81 63.59 78.64
N LYS DA 125 -39.87 64.18 79.36
CA LYS DA 125 -38.83 64.97 78.74
C LYS DA 125 -37.63 64.11 78.38
N ASN DA 126 -36.95 64.49 77.31
CA ASN DA 126 -35.69 63.89 76.89
C ASN DA 126 -35.85 62.38 76.65
N LYS DA 127 -36.86 62.04 75.84
CA LYS DA 127 -37.22 60.64 75.67
C LYS DA 127 -36.14 59.84 74.98
N TRP DA 128 -35.30 60.49 74.17
CA TRP DA 128 -34.29 59.75 73.43
C TRP DA 128 -33.22 59.20 74.36
N PHE DA 129 -32.86 59.94 75.41
CA PHE DA 129 -31.81 59.49 76.30
C PHE DA 129 -32.22 58.23 77.05
N PHE DA 130 -33.49 58.11 77.40
CA PHE DA 130 -33.99 56.95 78.13
C PHE DA 130 -34.52 55.86 77.21
N GLN DA 131 -34.46 56.05 75.90
CA GLN DA 131 -34.82 54.99 74.97
C GLN DA 131 -33.62 54.06 74.76
N LYS DA 132 -33.86 52.77 74.83
CA LYS DA 132 -32.80 51.80 74.62
C LYS DA 132 -32.37 51.80 73.16
N LEU DA 133 -31.07 51.79 72.92
CA LEU DA 133 -30.55 51.69 71.57
C LEU DA 133 -30.73 50.27 71.05
N ARG DA 134 -31.35 50.14 69.88
CA ARG DA 134 -31.61 48.85 69.26
C ARG DA 134 -30.53 48.60 68.22
N PHE DA 135 -29.71 47.58 68.44
CA PHE DA 135 -28.63 47.25 67.53
C PHE DA 135 -28.36 45.75 67.54
N PRO EA 1 -51.81 -62.04 25.73
CA PRO EA 1 -50.74 -62.93 26.13
C PRO EA 1 -49.40 -62.56 25.52
N SER EA 2 -48.49 -62.03 26.34
CA SER EA 2 -47.17 -61.67 25.85
C SER EA 2 -46.28 -62.87 25.56
N ARG EA 3 -46.71 -64.07 25.97
CA ARG EA 3 -45.91 -65.27 25.74
C ARG EA 3 -46.06 -65.83 24.34
N LEU EA 4 -47.03 -65.35 23.57
CA LEU EA 4 -47.22 -65.77 22.18
C LEU EA 4 -46.76 -64.71 21.19
N ARG EA 5 -46.09 -63.66 21.66
CA ARG EA 5 -45.70 -62.56 20.79
C ARG EA 5 -44.38 -62.87 20.09
N LYS EA 6 -44.07 -62.04 19.09
CA LYS EA 6 -42.83 -62.19 18.34
C LYS EA 6 -41.62 -61.76 19.14
N THR EA 7 -41.81 -60.99 20.21
CA THR EA 7 -40.68 -60.49 20.99
C THR EA 7 -39.91 -61.62 21.64
N ARG EA 8 -40.62 -62.62 22.17
CA ARG EA 8 -39.95 -63.70 22.88
C ARG EA 8 -39.10 -64.55 21.93
N LYS EA 9 -39.52 -64.70 20.68
CA LYS EA 9 -38.73 -65.43 19.71
C LYS EA 9 -37.52 -64.63 19.24
N LEU EA 10 -37.54 -63.31 19.39
CA LEU EA 10 -36.44 -62.46 18.96
C LEU EA 10 -35.47 -62.15 20.09
N ARG EA 11 -35.61 -62.80 21.24
CA ARG EA 11 -34.77 -62.47 22.38
C ARG EA 11 -33.45 -63.21 22.34
N GLY EA 12 -32.79 -63.24 21.19
CA GLY EA 12 -31.42 -63.67 21.08
C GLY EA 12 -30.67 -62.96 19.98
N HIS EA 13 -31.37 -62.07 19.29
CA HIS EA 13 -30.91 -61.49 18.04
C HIS EA 13 -30.72 -60.00 18.22
N VAL EA 14 -29.58 -59.48 17.75
CA VAL EA 14 -29.16 -58.14 18.09
C VAL EA 14 -30.14 -57.11 17.53
N SER EA 15 -30.53 -57.26 16.27
CA SER EA 15 -31.31 -56.22 15.61
C SER EA 15 -32.79 -56.25 15.98
N HIS EA 16 -33.25 -57.29 16.68
CA HIS EA 16 -34.66 -57.44 17.07
C HIS EA 16 -35.59 -57.39 15.87
N GLY EA 17 -35.19 -58.03 14.77
CA GLY EA 17 -36.06 -58.15 13.63
C GLY EA 17 -36.33 -56.86 12.90
N HIS EA 18 -35.43 -55.88 12.99
CA HIS EA 18 -35.62 -54.59 12.34
C HIS EA 18 -34.47 -54.20 11.44
N GLY EA 19 -33.47 -55.04 11.27
CA GLY EA 19 -32.44 -54.77 10.29
C GLY EA 19 -31.15 -54.30 10.91
N ARG EA 20 -30.03 -54.67 10.29
CA ARG EA 20 -28.72 -54.22 10.71
C ARG EA 20 -28.31 -52.93 10.02
N ILE EA 21 -28.47 -52.90 8.69
CA ILE EA 21 -28.31 -51.63 7.96
C ILE EA 21 -29.37 -50.65 8.43
N GLY EA 22 -30.64 -50.99 8.19
CA GLY EA 22 -31.75 -50.44 8.95
C GLY EA 22 -31.77 -48.94 9.07
N LYS EA 23 -32.03 -48.46 10.28
CA LYS EA 23 -32.34 -49.31 11.43
C LYS EA 23 -33.75 -48.94 11.89
N HIS EA 24 -34.17 -49.46 13.04
CA HIS EA 24 -35.44 -49.01 13.59
C HIS EA 24 -35.22 -47.64 14.22
N ARG EA 25 -35.29 -46.60 13.39
CA ARG EA 25 -35.12 -45.25 13.86
C ARG EA 25 -36.45 -44.69 14.36
N LYS EA 26 -36.43 -43.43 14.78
CA LYS EA 26 -37.60 -42.86 15.44
C LYS EA 26 -38.73 -42.63 14.45
N HIS EA 27 -38.51 -41.75 13.48
CA HIS EA 27 -39.56 -41.40 12.51
C HIS EA 27 -38.92 -41.03 11.18
N PRO EA 28 -38.54 -42.02 10.38
CA PRO EA 28 -38.06 -41.72 9.03
C PRO EA 28 -39.23 -41.61 8.05
N GLY EA 29 -39.32 -40.48 7.36
CA GLY EA 29 -40.40 -40.25 6.43
C GLY EA 29 -41.53 -39.39 6.94
N GLY EA 30 -41.42 -38.84 8.15
CA GLY EA 30 -42.44 -37.97 8.70
C GLY EA 30 -43.29 -38.68 9.74
N ARG EA 31 -44.25 -37.93 10.26
CA ARG EA 31 -45.17 -38.41 11.28
C ARG EA 31 -46.59 -38.38 10.75
N GLY EA 32 -47.31 -39.47 10.95
CA GLY EA 32 -48.70 -39.52 10.51
C GLY EA 32 -48.80 -39.53 9.00
N ASN EA 33 -49.66 -38.67 8.46
CA ASN EA 33 -49.86 -38.55 7.02
C ASN EA 33 -48.97 -37.50 6.40
N ALA EA 34 -47.77 -37.31 6.93
CA ALA EA 34 -46.85 -36.32 6.41
C ALA EA 34 -46.42 -36.66 4.99
N GLY EA 35 -46.23 -35.62 4.19
CA GLY EA 35 -45.74 -35.79 2.83
C GLY EA 35 -46.68 -36.55 1.93
N GLY EA 36 -47.98 -36.36 2.10
CA GLY EA 36 -48.94 -37.01 1.22
C GLY EA 36 -48.87 -36.54 -0.22
N LEU EA 37 -48.27 -35.38 -0.45
CA LEU EA 37 -48.13 -34.83 -1.79
C LEU EA 37 -46.69 -34.80 -2.28
N HIS EA 38 -45.71 -35.11 -1.43
CA HIS EA 38 -44.32 -34.91 -1.79
C HIS EA 38 -43.54 -36.20 -1.93
N HIS EA 39 -43.43 -37.01 -0.87
CA HIS EA 39 -42.66 -38.25 -0.95
C HIS EA 39 -43.49 -39.49 -0.70
N HIS EA 40 -44.70 -39.36 -0.16
CA HIS EA 40 -45.67 -40.44 -0.12
C HIS EA 40 -46.75 -40.26 -1.18
N ARG EA 41 -46.46 -39.48 -2.23
CA ARG EA 41 -47.45 -39.18 -3.25
C ARG EA 41 -47.88 -40.44 -3.99
N ILE EA 42 -46.94 -41.33 -4.28
CA ILE EA 42 -47.27 -42.54 -5.02
C ILE EA 42 -48.22 -43.41 -4.21
N ASN EA 43 -47.96 -43.55 -2.91
CA ASN EA 43 -48.84 -44.34 -2.06
C ASN EA 43 -50.23 -43.72 -1.98
N PHE EA 44 -50.31 -42.40 -1.93
CA PHE EA 44 -51.60 -41.75 -1.74
C PHE EA 44 -52.44 -41.79 -3.01
N ASP EA 45 -51.84 -41.51 -4.16
CA ASP EA 45 -52.63 -41.49 -5.39
C ASP EA 45 -52.92 -42.88 -5.94
N LYS EA 46 -52.27 -43.91 -5.41
CA LYS EA 46 -52.47 -45.27 -5.88
C LYS EA 46 -53.49 -46.03 -5.03
N TYR EA 47 -53.51 -45.77 -3.73
CA TYR EA 47 -54.43 -46.46 -2.83
C TYR EA 47 -55.56 -45.59 -2.32
N HIS EA 48 -55.41 -44.26 -2.34
CA HIS EA 48 -56.48 -43.35 -1.92
C HIS EA 48 -56.64 -42.24 -2.95
N PRO EA 49 -57.15 -42.56 -4.15
CA PRO EA 49 -57.40 -41.50 -5.12
C PRO EA 49 -58.59 -40.66 -4.69
N GLY EA 50 -58.45 -39.34 -4.86
CA GLY EA 50 -59.46 -38.42 -4.41
C GLY EA 50 -59.21 -37.78 -3.08
N TYR EA 51 -58.03 -37.99 -2.49
CA TYR EA 51 -57.80 -37.54 -1.12
C TYR EA 51 -57.59 -36.04 -1.04
N PHE EA 52 -57.01 -35.42 -2.07
CA PHE EA 52 -56.63 -34.01 -2.03
C PHE EA 52 -57.58 -33.20 -2.88
N GLY EA 53 -58.22 -32.21 -2.29
CA GLY EA 53 -59.01 -31.23 -3.01
C GLY EA 53 -60.40 -31.07 -2.45
N LYS EA 54 -61.17 -30.24 -3.13
CA LYS EA 54 -62.54 -29.91 -2.75
C LYS EA 54 -63.52 -30.39 -3.81
N VAL EA 55 -64.70 -30.81 -3.36
CA VAL EA 55 -65.77 -31.23 -4.25
C VAL EA 55 -67.10 -30.87 -3.61
N GLY EA 56 -67.99 -30.27 -4.39
CA GLY EA 56 -69.35 -30.05 -3.95
C GLY EA 56 -69.53 -28.82 -3.09
N MET EA 57 -70.76 -28.62 -2.67
CA MET EA 57 -71.15 -27.46 -1.85
C MET EA 57 -71.14 -27.84 -0.38
N LYS EA 58 -70.69 -26.92 0.45
CA LYS EA 58 -70.77 -27.11 1.89
C LYS EA 58 -72.14 -26.66 2.40
N HIS EA 59 -72.66 -27.38 3.39
CA HIS EA 59 -73.96 -27.10 3.97
C HIS EA 59 -73.82 -27.10 5.49
N TYR EA 60 -73.73 -25.92 6.08
CA TYR EA 60 -73.54 -25.81 7.52
C TYR EA 60 -74.76 -26.30 8.28
N HIS EA 61 -74.52 -26.81 9.49
CA HIS EA 61 -75.57 -27.26 10.40
C HIS EA 61 -76.44 -28.34 9.76
N LEU EA 62 -75.80 -29.46 9.46
CA LEU EA 62 -76.53 -30.59 8.86
C LEU EA 62 -77.17 -31.41 9.97
N LYS EA 63 -78.49 -31.48 9.95
CA LYS EA 63 -79.25 -32.34 10.85
C LYS EA 63 -79.65 -33.58 10.04
N ARG EA 64 -79.06 -34.72 10.40
CA ARG EA 64 -79.36 -35.96 9.68
C ARG EA 64 -80.76 -36.46 9.97
N ASN EA 65 -81.45 -35.88 10.95
CA ASN EA 65 -82.77 -36.36 11.31
C ASN EA 65 -83.81 -36.01 10.24
N GLN EA 66 -83.70 -34.82 9.63
CA GLN EA 66 -84.68 -34.44 8.62
C GLN EA 66 -84.45 -35.16 7.30
N SER EA 67 -83.28 -35.76 7.09
CA SER EA 67 -83.02 -36.58 5.93
C SER EA 67 -83.19 -38.06 6.22
N PHE EA 68 -83.69 -38.41 7.40
CA PHE EA 68 -83.87 -39.81 7.78
C PHE EA 68 -84.96 -40.44 6.94
N CYS EA 69 -84.61 -41.50 6.21
CA CYS EA 69 -85.56 -42.20 5.36
C CYS EA 69 -85.06 -43.61 5.07
N PRO EA 70 -85.21 -44.55 6.00
CA PRO EA 70 -84.81 -45.93 5.73
C PRO EA 70 -85.68 -46.55 4.67
N THR EA 71 -85.08 -47.45 3.89
CA THR EA 71 -85.73 -48.05 2.74
C THR EA 71 -85.80 -49.55 2.89
N VAL EA 72 -86.87 -50.14 2.36
CA VAL EA 72 -87.05 -51.58 2.32
C VAL EA 72 -87.34 -51.98 0.88
N ASN EA 73 -87.02 -53.23 0.56
CA ASN EA 73 -87.24 -53.77 -0.77
C ASN EA 73 -88.46 -54.68 -0.77
N LEU EA 74 -88.96 -54.96 -1.96
CA LEU EA 74 -90.17 -55.78 -2.07
C LEU EA 74 -89.93 -57.23 -1.67
N ASP EA 75 -88.70 -57.72 -1.85
CA ASP EA 75 -88.41 -59.11 -1.51
C ASP EA 75 -88.56 -59.35 -0.01
N LYS EA 76 -88.16 -58.38 0.81
CA LYS EA 76 -88.29 -58.46 2.25
C LYS EA 76 -89.57 -57.82 2.77
N LEU EA 77 -90.47 -57.41 1.88
CA LEU EA 77 -91.67 -56.69 2.31
C LEU EA 77 -92.58 -57.58 3.14
N TRP EA 78 -92.75 -58.83 2.75
CA TRP EA 78 -93.68 -59.72 3.43
C TRP EA 78 -93.18 -60.21 4.78
N THR EA 79 -91.91 -59.96 5.11
CA THR EA 79 -91.40 -60.34 6.42
C THR EA 79 -91.82 -59.39 7.52
N LEU EA 80 -92.34 -58.21 7.16
CA LEU EA 80 -92.76 -57.25 8.19
C LEU EA 80 -93.98 -57.76 8.95
N VAL EA 81 -94.97 -58.26 8.22
CA VAL EA 81 -96.15 -58.82 8.85
C VAL EA 81 -95.88 -60.27 9.22
N SER EA 82 -96.71 -60.82 10.10
CA SER EA 82 -96.52 -62.19 10.53
C SER EA 82 -96.86 -63.16 9.41
N GLU EA 83 -96.34 -64.38 9.54
CA GLU EA 83 -96.66 -65.44 8.58
C GLU EA 83 -98.13 -65.82 8.64
N GLN EA 84 -98.79 -65.57 9.77
CA GLN EA 84 -100.22 -65.82 9.87
C GLN EA 84 -101.00 -64.94 8.90
N THR EA 85 -100.61 -63.67 8.78
CA THR EA 85 -101.22 -62.79 7.80
C THR EA 85 -100.94 -63.27 6.39
N ARG EA 86 -99.79 -63.90 6.18
CA ARG EA 86 -99.45 -64.43 4.87
C ARG EA 86 -100.38 -65.57 4.47
N VAL EA 87 -100.53 -66.58 5.34
CA VAL EA 87 -101.25 -67.79 4.95
C VAL EA 87 -102.75 -67.51 4.85
N ASN EA 88 -103.30 -66.72 5.76
CA ASN EA 88 -104.72 -66.43 5.73
C ASN EA 88 -105.09 -65.65 4.47
N ALA EA 89 -104.25 -64.69 4.08
CA ALA EA 89 -104.51 -63.94 2.85
C ALA EA 89 -104.44 -64.83 1.63
N ALA EA 90 -103.49 -65.77 1.59
CA ALA EA 90 -103.36 -66.66 0.45
C ALA EA 90 -104.56 -67.59 0.34
N LYS EA 91 -105.04 -68.11 1.46
CA LYS EA 91 -106.09 -69.13 1.46
C LYS EA 91 -107.48 -68.55 1.62
N ASN EA 92 -107.64 -67.23 1.65
CA ASN EA 92 -108.98 -66.67 1.74
C ASN EA 92 -109.73 -66.86 0.42
N LYS EA 93 -111.05 -66.68 0.49
CA LYS EA 93 -111.89 -66.82 -0.70
C LYS EA 93 -112.32 -65.48 -1.29
N THR EA 94 -112.47 -64.46 -0.46
CA THR EA 94 -112.87 -63.14 -0.95
C THR EA 94 -111.66 -62.44 -1.56
N GLY EA 95 -111.84 -61.16 -1.91
CA GLY EA 95 -110.74 -60.37 -2.41
C GLY EA 95 -109.96 -59.63 -1.34
N ALA EA 96 -110.14 -59.99 -0.08
CA ALA EA 96 -109.50 -59.28 1.02
C ALA EA 96 -107.99 -59.40 0.93
N ALA EA 97 -107.31 -58.28 1.17
CA ALA EA 97 -105.85 -58.24 1.15
C ALA EA 97 -105.34 -57.57 2.42
N PRO EA 98 -104.26 -58.08 3.00
CA PRO EA 98 -103.74 -57.49 4.22
C PRO EA 98 -103.05 -56.16 3.94
N ILE EA 99 -102.86 -55.39 5.02
CA ILE EA 99 -102.23 -54.09 4.94
C ILE EA 99 -100.87 -54.18 5.61
N ILE EA 100 -99.84 -53.74 4.90
CA ILE EA 100 -98.49 -53.68 5.43
C ILE EA 100 -98.16 -52.20 5.64
N ASP EA 101 -97.93 -51.82 6.88
CA ASP EA 101 -97.61 -50.45 7.25
C ASP EA 101 -96.12 -50.41 7.56
N VAL EA 102 -95.31 -50.09 6.54
CA VAL EA 102 -93.87 -50.09 6.71
C VAL EA 102 -93.41 -48.97 7.62
N VAL EA 103 -94.23 -47.93 7.81
CA VAL EA 103 -93.89 -46.88 8.76
C VAL EA 103 -93.89 -47.43 10.18
N ARG EA 104 -94.89 -48.25 10.51
CA ARG EA 104 -94.90 -48.92 11.81
C ARG EA 104 -93.73 -49.88 11.94
N SER EA 105 -93.36 -50.57 10.86
CA SER EA 105 -92.23 -51.48 10.88
C SER EA 105 -90.89 -50.77 10.90
N GLY EA 106 -90.86 -49.46 10.65
CA GLY EA 106 -89.65 -48.66 10.80
C GLY EA 106 -89.16 -48.00 9.53
N TYR EA 107 -89.60 -48.44 8.36
CA TYR EA 107 -89.12 -47.90 7.10
C TYR EA 107 -90.05 -46.81 6.60
N TYR EA 108 -89.54 -46.01 5.67
CA TYR EA 108 -90.32 -44.93 5.06
C TYR EA 108 -90.52 -45.12 3.56
N LYS EA 109 -89.51 -45.59 2.85
CA LYS EA 109 -89.56 -45.75 1.41
C LYS EA 109 -89.58 -47.23 1.05
N VAL EA 110 -90.41 -47.58 0.08
CA VAL EA 110 -90.51 -48.95 -0.41
C VAL EA 110 -89.80 -49.02 -1.76
N LEU EA 111 -88.77 -49.85 -1.85
CA LEU EA 111 -87.98 -50.00 -3.05
C LEU EA 111 -88.36 -51.28 -3.79
N GLY EA 112 -87.98 -51.34 -5.06
CA GLY EA 112 -88.51 -52.35 -5.95
C GLY EA 112 -87.62 -53.53 -6.26
N LYS EA 113 -86.58 -53.76 -5.46
CA LYS EA 113 -85.70 -54.90 -5.71
C LYS EA 113 -86.41 -56.20 -5.35
N GLY EA 114 -86.33 -57.17 -6.24
CA GLY EA 114 -86.95 -58.46 -6.03
C GLY EA 114 -88.29 -58.58 -6.71
N LYS EA 115 -89.00 -59.63 -6.34
CA LYS EA 115 -90.32 -59.92 -6.89
C LYS EA 115 -91.29 -60.23 -5.76
N LEU EA 116 -92.56 -60.03 -6.03
CA LEU EA 116 -93.58 -60.25 -5.04
C LEU EA 116 -94.34 -61.54 -5.30
N PRO EA 117 -94.79 -62.23 -4.26
CA PRO EA 117 -95.71 -63.34 -4.46
C PRO EA 117 -97.04 -62.85 -5.02
N LYS EA 118 -97.69 -63.70 -5.81
CA LYS EA 118 -98.88 -63.32 -6.55
C LYS EA 118 -100.08 -63.32 -5.62
N GLN EA 119 -100.22 -62.22 -4.86
CA GLN EA 119 -101.40 -62.01 -4.03
C GLN EA 119 -101.52 -60.52 -3.77
N PRO EA 120 -102.73 -59.96 -3.75
CA PRO EA 120 -102.88 -58.52 -3.51
C PRO EA 120 -102.51 -58.15 -2.08
N VAL EA 121 -102.04 -56.91 -1.92
CA VAL EA 121 -101.63 -56.41 -0.62
C VAL EA 121 -101.61 -54.89 -0.67
N ILE EA 122 -102.12 -54.25 0.38
CA ILE EA 122 -102.08 -52.81 0.52
C ILE EA 122 -100.81 -52.43 1.26
N VAL EA 123 -100.04 -51.50 0.69
CA VAL EA 123 -98.77 -51.08 1.26
C VAL EA 123 -98.88 -49.62 1.66
N LYS EA 124 -98.66 -49.35 2.95
CA LYS EA 124 -98.60 -47.99 3.46
C LYS EA 124 -97.15 -47.56 3.57
N ALA EA 125 -96.81 -46.41 2.99
CA ALA EA 125 -95.45 -45.93 3.05
C ALA EA 125 -95.44 -44.42 2.82
N LYS EA 126 -94.36 -43.79 3.28
CA LYS EA 126 -94.19 -42.37 3.04
C LYS EA 126 -93.84 -42.09 1.58
N PHE EA 127 -92.94 -42.88 1.01
CA PHE EA 127 -92.52 -42.73 -0.38
C PHE EA 127 -92.47 -44.09 -1.05
N PHE EA 128 -92.61 -44.07 -2.37
CA PHE EA 128 -92.55 -45.27 -3.18
C PHE EA 128 -91.59 -45.04 -4.34
N SER EA 129 -90.78 -46.05 -4.63
CA SER EA 129 -90.05 -46.04 -5.88
C SER EA 129 -91.00 -46.35 -7.03
N ARG EA 130 -90.60 -45.99 -8.25
CA ARG EA 130 -91.46 -46.23 -9.40
C ARG EA 130 -91.67 -47.71 -9.63
N ARG EA 131 -90.57 -48.48 -9.73
CA ARG EA 131 -90.68 -49.91 -10.02
C ARG EA 131 -91.34 -50.66 -8.88
N ALA EA 132 -91.17 -50.20 -7.64
CA ALA EA 132 -91.89 -50.78 -6.53
C ALA EA 132 -93.39 -50.60 -6.69
N GLU EA 133 -93.80 -49.43 -7.17
CA GLU EA 133 -95.22 -49.19 -7.42
C GLU EA 133 -95.75 -50.09 -8.53
N GLU EA 134 -95.01 -50.22 -9.64
CA GLU EA 134 -95.48 -51.04 -10.75
C GLU EA 134 -95.62 -52.51 -10.35
N LYS EA 135 -94.68 -53.02 -9.56
CA LYS EA 135 -94.72 -54.42 -9.16
C LYS EA 135 -95.88 -54.70 -8.21
N ILE EA 136 -96.18 -53.75 -7.32
CA ILE EA 136 -97.31 -53.93 -6.42
C ILE EA 136 -98.62 -53.89 -7.19
N LYS EA 137 -98.72 -53.00 -8.18
CA LYS EA 137 -99.90 -52.97 -9.04
C LYS EA 137 -100.01 -54.25 -9.84
N SER EA 138 -98.88 -54.79 -10.32
CA SER EA 138 -98.90 -55.96 -11.19
C SER EA 138 -99.44 -57.18 -10.46
N VAL EA 139 -99.07 -57.36 -9.20
CA VAL EA 139 -99.58 -58.50 -8.44
C VAL EA 139 -100.98 -58.27 -7.90
N GLY EA 140 -101.57 -57.10 -8.13
CA GLY EA 140 -102.93 -56.82 -7.74
C GLY EA 140 -103.09 -55.97 -6.50
N GLY EA 141 -102.01 -55.49 -5.91
CA GLY EA 141 -102.10 -54.66 -4.73
C GLY EA 141 -102.29 -53.19 -5.07
N ALA EA 142 -102.28 -52.37 -4.02
CA ALA EA 142 -102.42 -50.93 -4.16
C ALA EA 142 -101.43 -50.24 -3.23
N CYS EA 143 -100.96 -49.08 -3.65
CA CYS EA 143 -100.00 -48.29 -2.89
C CYS EA 143 -100.70 -47.03 -2.37
N VAL EA 144 -100.80 -46.91 -1.05
CA VAL EA 144 -101.37 -45.73 -0.42
C VAL EA 144 -100.27 -45.01 0.34
N LEU EA 145 -100.36 -43.69 0.38
CA LEU EA 145 -99.33 -42.85 0.98
C LEU EA 145 -99.79 -42.38 2.35
N VAL EA 146 -98.83 -42.29 3.26
CA VAL EA 146 -99.07 -41.75 4.60
C VAL EA 146 -98.01 -40.70 4.89
N ALA EA 147 -98.32 -39.84 5.85
CA ALA EA 147 -97.39 -38.79 6.23
C ALA EA 147 -96.88 -39.01 7.65
N ALA FA 1 -20.46 -39.03 -0.80
CA ALA FA 1 -20.72 -38.10 -1.89
C ALA FA 1 -21.21 -38.84 -3.13
N LYS FA 2 -20.29 -39.11 -4.05
CA LYS FA 2 -20.63 -39.80 -5.28
C LYS FA 2 -21.07 -41.23 -4.99
N SER FA 3 -22.01 -41.72 -5.80
CA SER FA 3 -22.54 -43.06 -5.66
C SER FA 3 -22.74 -43.66 -7.04
N LYS FA 4 -23.22 -44.89 -7.08
CA LYS FA 4 -23.50 -45.55 -8.35
C LYS FA 4 -24.78 -44.99 -8.95
N ASN FA 5 -24.80 -44.92 -10.29
CA ASN FA 5 -25.89 -44.26 -10.99
C ASN FA 5 -27.00 -45.23 -11.41
N HIS FA 6 -26.67 -46.20 -12.25
CA HIS FA 6 -27.67 -47.13 -12.77
C HIS FA 6 -27.02 -48.49 -13.00
N THR FA 7 -27.82 -49.55 -12.88
CA THR FA 7 -27.31 -50.90 -13.00
C THR FA 7 -28.42 -51.93 -13.20
N THR FA 8 -28.28 -52.78 -14.21
CA THR FA 8 -29.22 -53.86 -14.49
C THR FA 8 -28.69 -55.20 -13.97
N HIS FA 9 -27.51 -55.18 -13.34
CA HIS FA 9 -26.94 -56.40 -12.76
C HIS FA 9 -27.90 -56.99 -11.74
N ASN FA 10 -27.98 -58.32 -11.72
CA ASN FA 10 -28.81 -59.13 -10.84
C ASN FA 10 -30.30 -58.98 -11.13
N GLN FA 11 -30.67 -58.11 -12.08
CA GLN FA 11 -32.09 -57.96 -12.40
C GLN FA 11 -32.64 -59.19 -13.12
N SER FA 12 -31.88 -59.73 -14.08
CA SER FA 12 -32.33 -60.89 -14.83
C SER FA 12 -32.48 -62.09 -13.91
N ARG FA 13 -31.53 -62.29 -13.00
CA ARG FA 13 -31.67 -63.35 -12.00
C ARG FA 13 -32.86 -63.09 -11.09
N LYS FA 14 -33.09 -61.83 -10.74
CA LYS FA 14 -34.16 -61.50 -9.80
C LYS FA 14 -35.52 -61.87 -10.37
N TRP FA 15 -35.84 -61.39 -11.57
CA TRP FA 15 -37.17 -61.59 -12.11
C TRP FA 15 -37.33 -62.93 -12.83
N HIS FA 16 -36.29 -63.73 -12.90
CA HIS FA 16 -36.40 -65.12 -13.31
C HIS FA 16 -36.57 -66.06 -12.13
N ARG FA 17 -36.44 -65.57 -10.90
CA ARG FA 17 -36.61 -66.41 -9.73
C ARG FA 17 -38.04 -66.92 -9.63
N ASN FA 18 -39.02 -66.05 -9.89
CA ASN FA 18 -40.41 -66.44 -9.94
C ASN FA 18 -40.89 -66.70 -11.36
N GLY FA 19 -39.98 -66.70 -12.32
CA GLY FA 19 -40.31 -66.96 -13.71
C GLY FA 19 -40.95 -65.78 -14.40
N ILE FA 20 -40.79 -65.68 -15.71
CA ILE FA 20 -41.47 -64.68 -16.52
C ILE FA 20 -42.63 -65.39 -17.19
N LYS FA 21 -43.79 -65.33 -16.57
CA LYS FA 21 -44.95 -66.07 -17.05
C LYS FA 21 -45.61 -65.33 -18.20
N LYS FA 22 -45.83 -66.03 -19.30
CA LYS FA 22 -46.57 -65.47 -20.41
C LYS FA 22 -48.01 -65.18 -19.97
N PRO FA 23 -48.66 -64.17 -20.56
CA PRO FA 23 -50.00 -63.80 -20.10
C PRO FA 23 -50.98 -64.94 -20.28
N ARG FA 24 -51.92 -65.05 -19.34
CA ARG FA 24 -52.86 -66.16 -19.34
C ARG FA 24 -53.86 -66.00 -20.48
N SER FA 25 -53.55 -66.58 -21.63
CA SER FA 25 -54.48 -66.55 -22.75
C SER FA 25 -55.67 -67.46 -22.44
N GLN FA 26 -56.87 -66.96 -22.71
CA GLN FA 26 -58.08 -67.68 -22.37
C GLN FA 26 -59.04 -67.62 -23.54
N ARG FA 27 -59.93 -68.61 -23.60
CA ARG FA 27 -61.02 -68.57 -24.56
C ARG FA 27 -61.92 -67.38 -24.26
N TYR FA 28 -62.59 -66.88 -25.30
CA TYR FA 28 -63.52 -65.76 -25.18
C TYR FA 28 -62.82 -64.53 -24.63
N GLU FA 29 -61.92 -63.99 -25.44
CA GLU FA 29 -61.16 -62.80 -25.06
C GLU FA 29 -62.10 -61.60 -24.89
N SER FA 30 -61.60 -60.60 -24.19
CA SER FA 30 -62.40 -59.41 -23.91
C SER FA 30 -62.65 -58.61 -25.19
N LEU FA 31 -63.74 -57.86 -25.18
CA LEU FA 31 -64.16 -57.06 -26.32
C LEU FA 31 -63.90 -55.57 -26.12
N LYS FA 32 -63.03 -55.22 -25.18
CA LYS FA 32 -62.73 -53.83 -24.90
C LYS FA 32 -61.75 -53.30 -25.94
N GLY FA 33 -62.13 -52.20 -26.60
CA GLY FA 33 -61.30 -51.59 -27.61
C GLY FA 33 -61.72 -51.85 -29.04
N VAL FA 34 -62.65 -52.79 -29.27
CA VAL FA 34 -63.12 -53.05 -30.62
C VAL FA 34 -63.95 -51.87 -31.12
N ASP FA 35 -64.18 -51.84 -32.44
CA ASP FA 35 -64.87 -50.74 -33.09
C ASP FA 35 -66.27 -50.61 -32.50
N PRO FA 36 -66.63 -49.45 -31.96
CA PRO FA 36 -67.97 -49.30 -31.37
C PRO FA 36 -69.11 -49.49 -32.35
N LYS FA 37 -68.94 -49.07 -33.61
CA LYS FA 37 -69.98 -49.30 -34.60
C LYS FA 37 -70.14 -50.79 -34.87
N PHE FA 38 -69.03 -51.52 -34.95
CA PHE FA 38 -69.09 -52.97 -35.09
C PHE FA 38 -69.65 -53.61 -33.82
N LEU FA 39 -69.30 -53.05 -32.66
CA LEU FA 39 -69.75 -53.63 -31.39
C LEU FA 39 -71.27 -53.56 -31.26
N ARG FA 40 -71.84 -52.40 -31.56
CA ARG FA 40 -73.29 -52.24 -31.41
C ARG FA 40 -74.05 -53.07 -32.43
N ASN FA 41 -73.42 -53.39 -33.56
CA ASN FA 41 -74.01 -54.37 -34.48
C ASN FA 41 -74.12 -55.74 -33.83
N MET FA 42 -73.03 -56.21 -33.24
CA MET FA 42 -73.00 -57.55 -32.67
C MET FA 42 -73.99 -57.67 -31.52
N ARG FA 43 -74.16 -56.60 -30.74
CA ARG FA 43 -75.19 -56.60 -29.71
C ARG FA 43 -76.58 -56.73 -30.32
N PHE FA 44 -76.83 -56.04 -31.43
CA PHE FA 44 -78.11 -56.19 -32.13
C PHE FA 44 -78.27 -57.59 -32.71
N ALA FA 45 -77.19 -58.14 -33.28
CA ALA FA 45 -77.24 -59.50 -33.80
C ALA FA 45 -77.48 -60.51 -32.68
N LYS FA 46 -76.81 -60.32 -31.55
CA LYS FA 46 -77.02 -61.20 -30.40
C LYS FA 46 -78.42 -61.05 -29.82
N LYS FA 47 -78.91 -59.81 -29.74
CA LYS FA 47 -80.21 -59.57 -29.12
C LYS FA 47 -81.33 -60.20 -29.93
N HIS FA 48 -81.26 -60.11 -31.25
CA HIS FA 48 -82.29 -60.66 -32.12
C HIS FA 48 -82.02 -62.09 -32.52
N ASN FA 49 -81.03 -62.74 -31.90
CA ASN FA 49 -80.79 -64.16 -32.17
C ASN FA 49 -81.92 -65.04 -31.66
N LYS FA 50 -82.73 -64.55 -30.73
CA LYS FA 50 -83.80 -65.37 -30.16
C LYS FA 50 -84.87 -65.68 -31.20
N LYS FA 51 -85.06 -64.79 -32.18
CA LYS FA 51 -85.99 -65.07 -33.26
C LYS FA 51 -85.34 -65.96 -34.30
N GLY FA 52 -86.16 -66.63 -35.09
CA GLY FA 52 -85.62 -67.66 -35.96
C GLY FA 52 -85.13 -68.89 -35.23
N LEU FA 53 -85.42 -69.00 -33.94
CA LEU FA 53 -85.09 -70.22 -33.21
C LEU FA 53 -85.90 -71.39 -33.73
N LYS FA 54 -87.17 -71.15 -34.06
CA LYS FA 54 -88.01 -72.21 -34.61
C LYS FA 54 -87.46 -72.73 -35.93
N LYS FA 55 -86.94 -71.83 -36.77
CA LYS FA 55 -86.32 -72.27 -38.01
C LYS FA 55 -85.05 -73.07 -37.74
N MET FA 56 -84.32 -72.72 -36.67
CA MET FA 56 -83.09 -73.42 -36.35
C MET FA 56 -83.36 -74.87 -35.95
N GLN FA 57 -84.31 -75.07 -35.02
CA GLN FA 57 -84.57 -76.43 -34.55
C GLN FA 57 -85.30 -77.25 -35.60
N ALA FA 58 -86.06 -76.61 -36.48
CA ALA FA 58 -86.73 -77.33 -37.55
C ALA FA 58 -85.72 -77.96 -38.50
N ASN FA 59 -84.69 -77.20 -38.90
CA ASN FA 59 -83.64 -77.74 -39.74
C ASN FA 59 -82.74 -78.70 -38.96
N ASN FA 60 -82.52 -78.43 -37.68
CA ASN FA 60 -81.69 -79.30 -36.85
C ASN FA 60 -82.28 -80.69 -36.78
N ALA FA 61 -83.60 -80.79 -36.58
CA ALA FA 61 -84.26 -82.09 -36.61
C ALA FA 61 -84.22 -82.70 -38.00
N LYS FA 62 -84.36 -81.86 -39.04
CA LYS FA 62 -84.35 -82.37 -40.41
C LYS FA 62 -82.99 -82.98 -40.77
N ALA FA 63 -81.91 -82.28 -40.41
CA ALA FA 63 -80.58 -82.84 -40.63
C ALA FA 63 -80.31 -84.02 -39.73
N MET FA 64 -80.91 -84.05 -38.53
CA MET FA 64 -80.82 -85.23 -37.67
C MET FA 64 -81.45 -86.43 -38.36
N SER FA 65 -82.70 -86.29 -38.80
CA SER FA 65 -83.40 -87.41 -39.40
C SER FA 65 -82.70 -87.90 -40.66
N ALA FA 66 -82.18 -86.98 -41.47
CA ALA FA 66 -81.45 -87.36 -42.67
C ALA FA 66 -80.17 -88.11 -42.33
N ARG FA 67 -79.43 -87.64 -41.32
CA ARG FA 67 -78.20 -88.32 -40.95
C ARG FA 67 -78.48 -89.64 -40.24
N ALA FA 68 -79.54 -89.68 -39.41
CA ALA FA 68 -79.90 -90.92 -38.72
C ALA FA 68 -80.33 -91.99 -39.72
N GLU FA 69 -81.15 -91.62 -40.70
CA GLU FA 69 -81.60 -92.59 -41.69
C GLU FA 69 -80.47 -93.00 -42.63
N ALA FA 70 -79.51 -92.10 -42.86
CA ALA FA 70 -78.35 -92.47 -43.67
C ALA FA 70 -77.46 -93.47 -42.93
N ILE FA 71 -77.27 -93.27 -41.63
CA ILE FA 71 -76.48 -94.21 -40.85
C ILE FA 71 -77.22 -95.53 -40.68
N LYS FA 72 -78.50 -95.47 -40.36
CA LYS FA 72 -79.28 -96.67 -40.06
C LYS FA 72 -79.72 -97.43 -41.29
N ALA FA 73 -79.44 -96.93 -42.49
CA ALA FA 73 -79.74 -97.65 -43.72
C ALA FA 73 -78.71 -98.77 -43.89
N LEU FA 74 -78.90 -99.83 -43.12
CA LEU FA 74 -77.96 -100.95 -43.08
C LEU FA 74 -78.41 -102.03 -44.05
N VAL FA 75 -77.47 -102.50 -44.87
CA VAL FA 75 -77.66 -103.56 -45.87
C VAL FA 75 -78.95 -103.39 -46.68
N VAL FA 88 -48.71 -119.56 -38.43
CA VAL FA 88 -47.82 -120.56 -37.85
C VAL FA 88 -47.99 -120.61 -36.34
N SER FA 89 -47.19 -121.45 -35.67
CA SER FA 89 -47.27 -121.55 -34.22
C SER FA 89 -46.86 -120.26 -33.55
N ARG FA 90 -45.73 -119.67 -33.98
CA ARG FA 90 -45.25 -118.37 -33.52
C ARG FA 90 -45.05 -118.36 -32.00
N LYS FA 91 -44.04 -119.13 -31.59
CA LYS FA 91 -43.72 -119.38 -30.18
C LYS FA 91 -43.84 -118.16 -29.28
N LEU FA 92 -43.22 -117.04 -29.67
CA LEU FA 92 -43.29 -115.84 -28.84
C LEU FA 92 -44.73 -115.31 -28.76
N ASP FA 93 -45.46 -115.33 -29.87
CA ASP FA 93 -46.85 -114.91 -29.84
C ASP FA 93 -47.71 -115.91 -29.05
N ARG FA 94 -47.40 -117.20 -29.16
CA ARG FA 94 -48.15 -118.20 -28.41
C ARG FA 94 -47.98 -118.01 -26.91
N LEU FA 95 -46.75 -117.77 -26.46
CA LEU FA 95 -46.51 -117.57 -25.03
C LEU FA 95 -47.08 -116.25 -24.55
N ALA FA 96 -47.12 -115.25 -25.43
CA ALA FA 96 -47.78 -113.99 -25.10
C ALA FA 96 -49.27 -114.22 -24.87
N TYR FA 97 -49.90 -115.05 -25.70
CA TYR FA 97 -51.30 -115.40 -25.51
C TYR FA 97 -51.52 -116.19 -24.23
N ILE FA 98 -50.63 -117.15 -23.95
CA ILE FA 98 -50.81 -118.00 -22.78
C ILE FA 98 -50.65 -117.19 -21.49
N ALA FA 99 -49.66 -116.29 -21.46
CA ALA FA 99 -49.41 -115.50 -20.27
C ALA FA 99 -50.43 -114.40 -20.05
N HIS FA 100 -51.35 -114.20 -20.98
CA HIS FA 100 -52.42 -113.24 -20.76
C HIS FA 100 -53.33 -113.72 -19.63
N PRO FA 101 -53.62 -112.88 -18.64
CA PRO FA 101 -54.41 -113.35 -17.49
C PRO FA 101 -55.80 -113.84 -17.86
N LYS FA 102 -56.44 -113.25 -18.87
CA LYS FA 102 -57.78 -113.65 -19.27
C LYS FA 102 -57.81 -114.41 -20.59
N LEU FA 103 -56.99 -114.04 -21.56
CA LEU FA 103 -57.02 -114.71 -22.86
C LEU FA 103 -56.39 -116.10 -22.82
N GLY FA 104 -55.60 -116.40 -21.79
CA GLY FA 104 -54.93 -117.68 -21.73
C GLY FA 104 -55.30 -118.53 -20.54
N LYS FA 105 -56.50 -118.31 -19.99
CA LYS FA 105 -56.95 -119.12 -18.86
C LYS FA 105 -57.10 -120.58 -19.27
N ARG FA 106 -57.98 -120.85 -20.23
CA ARG FA 106 -58.18 -122.22 -20.69
C ARG FA 106 -56.95 -122.75 -21.41
N ALA FA 107 -56.18 -121.86 -22.04
CA ALA FA 107 -54.98 -122.29 -22.77
C ALA FA 107 -53.96 -122.93 -21.83
N ARG FA 108 -53.73 -122.30 -20.67
CA ARG FA 108 -52.80 -122.89 -19.71
C ARG FA 108 -53.46 -123.94 -18.83
N ALA FA 109 -54.78 -123.88 -18.65
CA ALA FA 109 -55.46 -124.93 -17.91
C ALA FA 109 -55.31 -126.28 -18.61
N ARG FA 110 -55.25 -126.26 -19.95
CA ARG FA 110 -55.04 -127.50 -20.70
C ARG FA 110 -53.66 -128.09 -20.41
N ILE FA 111 -52.63 -127.24 -20.35
CA ILE FA 111 -51.28 -127.74 -20.07
C ILE FA 111 -51.14 -128.08 -18.59
N ALA FA 112 -52.02 -127.54 -17.75
CA ALA FA 112 -52.06 -127.95 -16.35
C ALA FA 112 -52.58 -129.38 -16.24
N LYS FA 113 -53.66 -129.68 -16.97
CA LYS FA 113 -54.19 -131.04 -16.97
C LYS FA 113 -53.25 -132.00 -17.68
N GLY FA 114 -52.58 -131.55 -18.73
CA GLY FA 114 -51.65 -132.42 -19.43
C GLY FA 114 -50.44 -132.80 -18.58
N LEU FA 115 -49.95 -131.85 -17.77
CA LEU FA 115 -48.71 -132.07 -17.05
C LEU FA 115 -48.84 -133.10 -15.94
N ARG FA 116 -49.96 -133.07 -15.21
CA ARG FA 116 -50.13 -133.98 -14.07
C ARG FA 116 -51.43 -134.78 -14.24
N LEU FA 117 -51.38 -135.79 -15.10
CA LEU FA 117 -52.45 -136.73 -15.42
C LEU FA 117 -51.80 -137.80 -16.29
N CYS FA 118 -52.53 -138.88 -16.52
CA CYS FA 118 -51.98 -139.97 -17.33
C CYS FA 118 -53.09 -140.66 -18.10
N ARG FA 119 -52.79 -141.02 -19.34
CA ARG FA 119 -53.69 -141.79 -20.19
C ARG FA 119 -52.89 -142.39 -21.35
N PRO FA 120 -53.09 -143.68 -21.65
CA PRO FA 120 -52.32 -144.29 -22.73
C PRO FA 120 -52.93 -144.03 -24.10
N LYS FA 121 -52.37 -144.67 -25.12
CA LYS FA 121 -52.85 -144.58 -26.51
C LYS FA 121 -52.83 -143.14 -27.01
N LYS GA 1 -9.70 71.42 36.67
CA LYS GA 1 -8.63 72.08 37.43
C LYS GA 1 -8.70 71.70 38.90
N SER GA 2 -9.88 71.29 39.35
CA SER GA 2 -10.06 70.95 40.76
C SER GA 2 -9.34 69.66 41.13
N LEU GA 3 -9.25 68.73 40.17
CA LEU GA 3 -8.61 67.44 40.44
C LEU GA 3 -7.12 67.61 40.74
N GLU GA 4 -6.44 68.48 39.99
CA GLU GA 4 -5.02 68.72 40.23
C GLU GA 4 -4.79 69.76 41.32
N SER GA 5 -5.75 70.67 41.54
CA SER GA 5 -5.56 71.71 42.55
C SER GA 5 -5.51 71.12 43.94
N ILE GA 6 -6.36 70.14 44.24
CA ILE GA 6 -6.37 69.55 45.58
C ILE GA 6 -5.06 68.82 45.84
N ASN GA 7 -4.54 68.11 44.83
CA ASN GA 7 -3.25 67.46 44.97
C ASN GA 7 -2.14 68.49 45.16
N SER GA 8 -2.17 69.58 44.39
CA SER GA 8 -1.17 70.62 44.53
C SER GA 8 -1.28 71.33 45.88
N ARG GA 9 -2.51 71.59 46.33
CA ARG GA 9 -2.69 72.19 47.64
C ARG GA 9 -2.29 71.23 48.75
N LEU GA 10 -2.60 69.94 48.58
CA LEU GA 10 -2.16 68.94 49.55
C LEU GA 10 -0.64 68.85 49.59
N GLN GA 11 0.00 68.91 48.42
CA GLN GA 11 1.46 68.82 48.37
C GLN GA 11 2.11 69.97 49.10
N LEU GA 12 1.55 71.17 48.99
CA LEU GA 12 2.17 72.30 49.67
C LEU GA 12 1.83 72.28 51.16
N VAL GA 13 0.69 71.69 51.52
CA VAL GA 13 0.32 71.59 52.94
C VAL GA 13 1.40 70.83 53.70
N MET GA 14 1.89 69.75 53.11
CA MET GA 14 3.06 69.06 53.62
C MET GA 14 4.28 69.96 53.51
N LYS GA 15 5.27 69.73 54.38
CA LYS GA 15 6.51 70.49 54.53
C LYS GA 15 6.30 71.99 54.63
N SER GA 16 5.06 72.43 54.87
CA SER GA 16 4.78 73.81 55.23
C SER GA 16 3.77 73.96 56.36
N GLY GA 17 2.87 72.99 56.56
CA GLY GA 17 1.91 73.05 57.63
C GLY GA 17 1.83 71.73 58.36
N LYS GA 18 1.25 71.77 59.56
CA LYS GA 18 1.12 70.58 60.38
C LYS GA 18 -0.01 69.71 59.85
N TYR GA 19 0.26 68.41 59.77
CA TYR GA 19 -0.66 67.44 59.22
C TYR GA 19 -0.70 66.24 60.16
N VAL GA 20 -1.77 65.45 60.07
CA VAL GA 20 -1.89 64.21 60.83
C VAL GA 20 -2.49 63.15 59.92
N LEU GA 21 -1.85 61.98 59.84
CA LEU GA 21 -2.24 60.92 58.93
C LEU GA 21 -2.76 59.72 59.72
N GLY GA 22 -3.88 59.17 59.26
CA GLY GA 22 -4.44 57.96 59.86
C GLY GA 22 -5.76 58.18 60.55
N TYR GA 23 -6.55 57.11 60.69
CA TYR GA 23 -7.90 57.25 61.24
C TYR GA 23 -7.87 57.53 62.74
N LYS GA 24 -7.09 56.75 63.50
CA LYS GA 24 -7.10 56.89 64.95
C LYS GA 24 -6.61 58.24 65.39
N GLN GA 25 -5.53 58.72 64.77
CA GLN GA 25 -5.00 60.03 65.12
C GLN GA 25 -5.92 61.15 64.67
N THR GA 26 -6.60 60.97 63.53
CA THR GA 26 -7.56 61.97 63.07
C THR GA 26 -8.66 62.18 64.10
N LEU GA 27 -9.26 61.09 64.59
CA LEU GA 27 -10.30 61.20 65.60
C LEU GA 27 -9.80 61.89 66.85
N LYS GA 28 -8.52 61.68 67.20
CA LYS GA 28 -7.94 62.36 68.33
C LYS GA 28 -7.88 63.87 68.11
N MET GA 29 -7.54 64.28 66.88
CA MET GA 29 -7.41 65.71 66.61
C MET GA 29 -8.77 66.38 66.47
N ILE GA 30 -9.76 65.67 65.93
CA ILE GA 30 -11.10 66.25 65.78
C ILE GA 30 -11.71 66.54 67.14
N ARG GA 31 -11.69 65.55 68.03
CA ARG GA 31 -12.32 65.72 69.33
C ARG GA 31 -11.48 66.57 70.28
N GLN GA 32 -10.24 66.89 69.93
CA GLN GA 32 -9.47 67.88 70.66
C GLN GA 32 -9.65 69.29 70.13
N GLY GA 33 -10.37 69.45 69.03
CA GLY GA 33 -10.64 70.77 68.48
C GLY GA 33 -9.54 71.39 67.67
N LYS GA 34 -8.46 70.65 67.38
CA LYS GA 34 -7.32 71.18 66.66
C LYS GA 34 -7.28 70.72 65.21
N ALA GA 35 -8.36 70.16 64.68
CA ALA GA 35 -8.44 69.76 63.28
C ALA GA 35 -9.29 70.77 62.53
N LYS GA 36 -8.77 71.26 61.40
CA LYS GA 36 -9.46 72.27 60.60
C LYS GA 36 -10.13 71.70 59.37
N LEU GA 37 -9.47 70.79 58.67
CA LEU GA 37 -10.05 70.13 57.51
C LEU GA 37 -9.58 68.69 57.47
N VAL GA 38 -10.52 67.77 57.34
CA VAL GA 38 -10.21 66.36 57.21
C VAL GA 38 -10.60 65.91 55.81
N ILE GA 39 -9.89 64.91 55.31
CA ILE GA 39 -10.07 64.42 53.95
C ILE GA 39 -10.26 62.91 54.01
N LEU GA 40 -11.24 62.41 53.26
CA LEU GA 40 -11.56 60.99 53.23
C LEU GA 40 -11.43 60.48 51.81
N ALA GA 41 -10.74 59.35 51.64
CA ALA GA 41 -10.73 58.67 50.36
C ALA GA 41 -12.05 57.94 50.15
N ASN GA 42 -12.39 57.71 48.88
CA ASN GA 42 -13.58 56.92 48.56
C ASN GA 42 -13.41 55.45 48.88
N ASN GA 43 -12.19 55.00 49.17
CA ASN GA 43 -11.97 53.65 49.67
C ASN GA 43 -12.30 53.51 51.14
N CYS GA 44 -12.62 54.60 51.81
CA CYS GA 44 -12.92 54.55 53.23
C CYS GA 44 -14.13 53.66 53.47
N PRO GA 45 -14.11 52.81 54.49
CA PRO GA 45 -15.32 52.08 54.86
C PRO GA 45 -16.44 53.06 55.19
N ALA GA 46 -17.64 52.73 54.73
CA ALA GA 46 -18.73 53.70 54.81
C ALA GA 46 -19.13 53.98 56.24
N LEU GA 47 -18.99 52.99 57.13
CA LEU GA 47 -19.18 53.26 58.54
C LEU GA 47 -18.12 54.23 59.06
N ARG GA 48 -16.87 54.03 58.63
CA ARG GA 48 -15.81 54.97 59.00
C ARG GA 48 -16.06 56.35 58.42
N LYS GA 49 -16.59 56.42 57.20
CA LYS GA 49 -16.91 57.71 56.60
C LYS GA 49 -17.97 58.45 57.41
N SER GA 50 -19.02 57.74 57.81
CA SER GA 50 -20.09 58.37 58.57
C SER GA 50 -19.62 58.83 59.94
N GLU GA 51 -18.75 58.05 60.57
CA GLU GA 51 -18.23 58.41 61.89
C GLU GA 51 -17.42 59.69 61.82
N ILE GA 52 -16.58 59.83 60.80
CA ILE GA 52 -15.78 61.04 60.64
C ILE GA 52 -16.69 62.23 60.36
N GLU GA 53 -17.71 62.05 59.52
CA GLU GA 53 -18.61 63.14 59.19
C GLU GA 53 -19.40 63.60 60.42
N TYR GA 54 -19.85 62.65 61.24
CA TYR GA 54 -20.57 63.02 62.46
C TYR GA 54 -19.67 63.76 63.44
N TYR GA 55 -18.42 63.32 63.55
CA TYR GA 55 -17.47 64.01 64.42
C TYR GA 55 -17.23 65.44 63.93
N ALA GA 56 -17.04 65.62 62.63
CA ALA GA 56 -16.74 66.94 62.10
C ALA GA 56 -17.92 67.89 62.23
N MET GA 57 -19.14 67.39 62.03
CA MET GA 57 -20.31 68.24 62.21
C MET GA 57 -20.44 68.67 63.67
N LEU GA 58 -20.13 67.77 64.61
CA LEU GA 58 -20.07 68.14 66.01
C LEU GA 58 -18.98 69.16 66.29
N ALA GA 59 -17.81 69.00 65.66
CA ALA GA 59 -16.67 69.87 65.92
C ALA GA 59 -16.58 71.05 64.97
N LYS GA 60 -17.54 71.18 64.04
CA LYS GA 60 -17.60 72.30 63.09
C LYS GA 60 -16.32 72.41 62.26
N THR GA 61 -15.87 71.28 61.74
CA THR GA 61 -14.74 71.22 60.84
C THR GA 61 -15.18 70.73 59.47
N GLY GA 62 -14.38 71.03 58.45
CA GLY GA 62 -14.72 70.69 57.09
C GLY GA 62 -14.23 69.30 56.70
N VAL GA 63 -15.01 68.63 55.86
CA VAL GA 63 -14.70 67.30 55.37
C VAL GA 63 -14.55 67.37 53.86
N HIS GA 64 -13.42 66.90 53.35
CA HIS GA 64 -13.24 66.69 51.93
C HIS GA 64 -13.46 65.22 51.60
N HIS GA 65 -13.77 64.96 50.32
CA HIS GA 65 -14.18 63.66 49.82
C HIS GA 65 -13.31 63.24 48.66
N TYR GA 66 -11.99 63.23 48.89
CA TYR GA 66 -10.95 62.99 47.90
C TYR GA 66 -11.31 61.87 46.93
N SER GA 67 -10.97 62.07 45.66
CA SER GA 67 -11.47 61.27 44.55
C SER GA 67 -10.46 60.26 44.04
N GLY GA 68 -9.68 59.63 44.93
CA GLY GA 68 -8.77 58.59 44.52
C GLY GA 68 -9.07 57.25 45.17
N ASN GA 69 -8.18 56.86 46.08
CA ASN GA 69 -8.46 55.91 47.16
C ASN GA 69 -7.31 56.07 48.14
N ASN GA 70 -7.18 55.13 49.09
CA ASN GA 70 -6.13 55.24 50.09
C ASN GA 70 -4.75 55.20 49.44
N ILE GA 71 -4.63 54.55 48.28
CA ILE GA 71 -3.34 54.51 47.60
C ILE GA 71 -3.01 55.86 46.97
N GLU GA 72 -3.96 56.43 46.23
CA GLU GA 72 -3.69 57.70 45.58
C GLU GA 72 -3.68 58.85 46.58
N LEU GA 73 -4.39 58.71 47.70
CA LEU GA 73 -4.23 59.66 48.78
C LEU GA 73 -2.81 59.60 49.33
N GLY GA 74 -2.27 58.39 49.49
CA GLY GA 74 -0.90 58.26 49.95
C GLY GA 74 0.10 58.84 48.98
N THR GA 75 -0.11 58.63 47.69
CA THR GA 75 0.77 59.21 46.68
C THR GA 75 0.69 60.72 46.67
N ALA GA 76 -0.52 61.27 46.77
CA ALA GA 76 -0.68 62.71 46.88
C ALA GA 76 -0.07 63.23 48.18
N CYS GA 77 -0.09 62.40 49.23
CA CYS GA 77 0.49 62.80 50.50
C CYS GA 77 2.01 62.81 50.48
N GLY GA 78 2.64 62.27 49.44
CA GLY GA 78 4.08 62.14 49.41
C GLY GA 78 4.60 60.94 50.16
N LYS GA 79 3.72 60.12 50.73
CA LYS GA 79 4.11 58.96 51.50
C LYS GA 79 4.01 57.70 50.64
N TYR GA 80 4.72 56.67 51.06
CA TYR GA 80 4.74 55.39 50.36
C TYR GA 80 3.80 54.38 50.98
N TYR GA 81 2.90 54.81 51.86
CA TYR GA 81 1.93 53.94 52.49
C TYR GA 81 0.54 54.50 52.26
N ARG GA 82 -0.45 53.62 52.30
CA ARG GA 82 -1.83 54.06 52.12
C ARG GA 82 -2.29 54.83 53.35
N VAL GA 83 -2.86 56.00 53.13
CA VAL GA 83 -3.54 56.76 54.17
C VAL GA 83 -4.99 56.93 53.73
N CYS GA 84 -5.92 56.49 54.59
CA CYS GA 84 -7.33 56.56 54.25
C CYS GA 84 -7.95 57.89 54.65
N THR GA 85 -7.73 58.32 55.88
CA THR GA 85 -8.20 59.61 56.36
C THR GA 85 -7.05 60.37 56.96
N LEU GA 86 -6.96 61.66 56.65
CA LEU GA 86 -5.95 62.54 57.24
C LEU GA 86 -6.61 63.84 57.67
N ALA GA 87 -6.07 64.43 58.73
CA ALA GA 87 -6.58 65.66 59.31
C ALA GA 87 -5.53 66.75 59.18
N ILE GA 88 -5.93 67.89 58.64
CA ILE GA 88 -5.04 69.03 58.46
C ILE GA 88 -5.12 69.89 59.71
N ILE GA 89 -3.98 70.15 60.35
CA ILE GA 89 -3.97 70.96 61.55
C ILE GA 89 -3.94 72.43 61.22
N ASP GA 90 -3.01 72.85 60.37
CA ASP GA 90 -2.98 74.20 59.83
C ASP GA 90 -2.43 74.15 58.41
N PRO GA 91 -2.90 75.01 57.53
CA PRO GA 91 -2.36 75.02 56.16
C PRO GA 91 -1.24 76.02 55.98
N GLY GA 92 -0.66 76.05 54.77
CA GLY GA 92 0.33 77.05 54.42
C GLY GA 92 0.09 77.65 53.05
N ASP GA 93 -1.10 77.40 52.48
CA ASP GA 93 -1.43 77.88 51.14
C ASP GA 93 -2.85 78.41 51.01
N SER GA 94 -3.52 78.71 52.12
CA SER GA 94 -4.96 78.98 52.09
C SER GA 94 -5.70 77.82 51.44
N ASP GA 95 -5.39 76.61 51.91
CA ASP GA 95 -6.17 75.43 51.50
C ASP GA 95 -7.62 75.59 51.91
N ILE GA 96 -7.85 76.29 53.03
CA ILE GA 96 -9.18 76.36 53.60
C ILE GA 96 -10.16 77.00 52.60
N ILE GA 97 -11.29 76.34 52.40
CA ILE GA 97 -12.29 76.72 51.42
C ILE GA 97 -13.67 76.47 52.00
N ARG GA 98 -14.69 76.83 51.23
CA ARG GA 98 -16.08 76.60 51.63
C ARG GA 98 -16.96 76.57 50.39
N ASN HA 1 40.17 -55.43 83.99
CA ASN HA 1 38.82 -55.50 84.53
C ASN HA 1 37.84 -54.98 83.48
N GLU HA 2 36.65 -54.58 83.94
CA GLU HA 2 35.63 -54.00 83.09
C GLU HA 2 35.17 -52.64 83.62
N VAL HA 3 36.00 -52.00 84.42
CA VAL HA 3 35.76 -50.67 84.96
C VAL HA 3 36.82 -49.67 84.51
N VAL HA 4 37.66 -50.07 83.55
CA VAL HA 4 38.81 -49.28 83.15
C VAL HA 4 38.37 -47.98 82.50
N THR HA 5 39.11 -46.91 82.78
CA THR HA 5 38.87 -45.59 82.20
C THR HA 5 40.13 -45.17 81.46
N ARG HA 6 39.97 -44.71 80.22
CA ARG HA 6 41.10 -44.38 79.37
C ARG HA 6 40.88 -43.02 78.72
N GLU HA 7 41.98 -42.39 78.32
CA GLU HA 7 41.96 -41.10 77.65
C GLU HA 7 42.45 -41.26 76.21
N TYR HA 8 41.63 -40.84 75.26
CA TYR HA 8 41.94 -40.91 73.85
C TYR HA 8 41.96 -39.52 73.25
N THR HA 9 42.19 -39.45 71.93
CA THR HA 9 42.05 -38.21 71.18
C THR HA 9 41.57 -38.56 69.78
N ILE HA 10 40.37 -38.12 69.44
CA ILE HA 10 39.74 -38.48 68.17
C ILE HA 10 40.10 -37.43 67.13
N ASN HA 11 40.62 -37.88 66.00
CA ASN HA 11 40.79 -37.02 64.83
C ASN HA 11 39.42 -36.89 64.18
N ILE HA 12 38.63 -35.95 64.69
CA ILE HA 12 37.29 -35.71 64.15
C ILE HA 12 37.39 -35.27 62.69
N HIS HA 13 38.42 -34.47 62.37
CA HIS HA 13 38.60 -33.99 61.01
C HIS HA 13 38.73 -35.14 60.03
N LYS HA 14 39.46 -36.19 60.42
CA LYS HA 14 39.59 -37.36 59.56
C LYS HA 14 38.25 -38.08 59.40
N ARG HA 15 37.48 -38.19 60.47
CA ARG HA 15 36.22 -38.91 60.44
C ARG HA 15 35.06 -38.08 59.90
N ILE HA 16 35.26 -36.78 59.71
CA ILE HA 16 34.21 -35.89 59.25
C ILE HA 16 34.44 -35.38 57.83
N HIS HA 17 35.61 -35.63 57.26
CA HIS HA 17 35.99 -35.07 55.96
C HIS HA 17 35.05 -35.52 54.86
N GLY HA 18 34.26 -34.59 54.32
CA GLY HA 18 33.35 -34.85 53.22
C GLY HA 18 31.90 -34.56 53.52
N VAL HA 19 31.50 -34.57 54.79
CA VAL HA 19 30.09 -34.36 55.13
C VAL HA 19 29.69 -32.92 54.86
N GLY HA 20 28.42 -32.73 54.52
CA GLY HA 20 27.90 -31.41 54.23
C GLY HA 20 27.88 -30.52 55.47
N PHE HA 21 27.63 -29.24 55.23
CA PHE HA 21 27.75 -28.24 56.29
C PHE HA 21 26.72 -28.46 57.39
N LYS HA 22 25.48 -28.71 57.02
CA LYS HA 22 24.41 -28.81 58.01
C LYS HA 22 24.41 -30.14 58.76
N LYS HA 23 25.20 -31.12 58.31
CA LYS HA 23 25.25 -32.41 58.97
C LYS HA 23 26.61 -32.68 59.61
N ARG HA 24 27.50 -31.69 59.65
CA ARG HA 24 28.85 -31.94 60.13
C ARG HA 24 28.87 -32.20 61.63
N ALA HA 25 28.40 -31.23 62.43
CA ALA HA 25 28.39 -31.42 63.88
C ALA HA 25 27.57 -32.62 64.33
N PRO HA 26 26.36 -32.89 63.80
CA PRO HA 26 25.70 -34.15 64.16
C PRO HA 26 26.49 -35.38 63.77
N ARG HA 27 27.19 -35.34 62.63
CA ARG HA 27 28.00 -36.49 62.23
C ARG HA 27 29.15 -36.72 63.19
N ALA HA 28 29.80 -35.63 63.63
CA ALA HA 28 30.95 -35.76 64.52
C ALA HA 28 30.57 -36.43 65.83
N LEU HA 29 29.33 -36.26 66.26
CA LEU HA 29 28.90 -36.89 67.50
C LEU HA 29 28.50 -38.35 67.28
N LYS HA 30 28.12 -38.69 66.05
CA LYS HA 30 27.86 -40.10 65.74
C LYS HA 30 29.18 -40.87 65.62
N GLU HA 31 30.22 -40.23 65.09
CA GLU HA 31 31.51 -40.90 65.00
C GLU HA 31 32.16 -41.04 66.36
N ILE HA 32 31.94 -40.07 67.26
CA ILE HA 32 32.44 -40.19 68.62
C ILE HA 32 31.78 -41.37 69.32
N ARG HA 33 30.47 -41.53 69.15
CA ARG HA 33 29.79 -42.70 69.69
C ARG HA 33 30.31 -43.98 69.04
N LYS HA 34 30.53 -43.96 67.72
CA LYS HA 34 31.07 -45.13 67.03
C LYS HA 34 32.49 -45.43 67.50
N PHE HA 35 33.28 -44.39 67.76
CA PHE HA 35 34.63 -44.60 68.28
C PHE HA 35 34.61 -45.26 69.64
N ALA HA 36 33.70 -44.83 70.52
CA ALA HA 36 33.61 -45.40 71.85
C ALA HA 36 33.18 -46.86 71.79
N MET HA 37 32.23 -47.19 70.92
CA MET HA 37 31.79 -48.58 70.78
C MET HA 37 32.91 -49.47 70.26
N LYS HA 38 33.71 -48.95 69.33
CA LYS HA 38 34.81 -49.74 68.80
C LYS HA 38 35.92 -49.95 69.83
N GLU HA 39 36.31 -48.89 70.53
CA GLU HA 39 37.44 -48.99 71.44
C GLU HA 39 37.09 -49.79 72.68
N MET HA 40 35.94 -49.51 73.29
CA MET HA 40 35.43 -50.29 74.41
C MET HA 40 34.23 -51.09 73.93
N GLY HA 41 34.34 -52.41 74.01
CA GLY HA 41 33.39 -53.29 73.34
C GLY HA 41 32.02 -53.35 73.97
N THR HA 42 31.26 -52.25 73.89
CA THR HA 42 29.89 -52.27 74.36
C THR HA 42 29.08 -51.22 73.62
N PRO HA 43 27.84 -51.52 73.25
CA PRO HA 43 26.92 -50.45 72.82
C PRO HA 43 26.42 -49.64 74.01
N ASP HA 44 25.45 -48.76 73.77
CA ASP HA 44 24.88 -47.90 74.80
C ASP HA 44 25.98 -47.03 75.41
N VAL HA 45 26.42 -46.10 74.57
CA VAL HA 45 27.43 -45.09 74.93
C VAL HA 45 26.70 -43.80 75.25
N ARG HA 46 26.95 -43.25 76.44
CA ARG HA 46 26.35 -42.00 76.86
C ARG HA 46 27.40 -40.89 76.74
N ILE HA 47 27.06 -39.84 76.00
CA ILE HA 47 27.96 -38.73 75.74
C ILE HA 47 27.61 -37.59 76.69
N ASP HA 48 28.59 -37.12 77.45
CA ASP HA 48 28.36 -36.06 78.42
C ASP HA 48 27.93 -34.78 77.72
N THR HA 49 27.08 -34.01 78.40
CA THR HA 49 26.64 -32.73 77.84
C THR HA 49 27.80 -31.76 77.68
N ARG HA 50 28.86 -31.94 78.47
CA ARG HA 50 30.07 -31.14 78.26
C ARG HA 50 30.73 -31.48 76.92
N LEU HA 51 30.78 -32.77 76.57
CA LEU HA 51 31.33 -33.17 75.28
C LEU HA 51 30.47 -32.66 74.14
N ASN HA 52 29.14 -32.68 74.31
CA ASN HA 52 28.25 -32.11 73.31
C ASN HA 52 28.46 -30.61 73.17
N LYS HA 53 28.74 -29.92 74.27
CA LYS HA 53 29.05 -28.51 74.21
C LYS HA 53 30.33 -28.26 73.42
N ALA HA 54 31.35 -29.09 73.63
CA ALA HA 54 32.63 -28.87 72.98
C ALA HA 54 32.56 -29.10 71.48
N VAL HA 55 31.81 -30.13 71.07
CA VAL HA 55 31.67 -30.41 69.64
C VAL HA 55 30.96 -29.25 68.94
N TRP HA 56 29.91 -28.73 69.57
CA TRP HA 56 29.13 -27.62 69.03
C TRP HA 56 29.69 -26.26 69.42
N ALA HA 57 30.95 -26.19 69.85
CA ALA HA 57 31.51 -24.92 70.33
C ALA HA 57 31.60 -23.90 69.21
N LYS HA 58 32.00 -24.33 68.02
CA LYS HA 58 32.22 -23.42 66.89
C LYS HA 58 31.16 -23.58 65.81
N GLY HA 59 29.91 -23.76 66.20
CA GLY HA 59 28.84 -23.86 65.25
C GLY HA 59 28.64 -25.27 64.73
N ILE HA 60 27.81 -25.36 63.69
CA ILE HA 60 27.42 -26.65 63.17
C ILE HA 60 28.35 -27.19 62.08
N ARG HA 61 29.14 -26.32 61.44
CA ARG HA 61 29.97 -26.77 60.34
C ARG HA 61 31.47 -26.67 60.58
N ASN HA 62 31.92 -25.79 61.48
CA ASN HA 62 33.34 -25.70 61.82
C ASN HA 62 33.60 -26.50 63.09
N VAL HA 63 33.50 -27.82 62.98
CA VAL HA 63 33.75 -28.72 64.09
C VAL HA 63 35.25 -28.71 64.38
N PRO HA 64 35.68 -28.72 65.64
CA PRO HA 64 37.11 -28.80 65.93
C PRO HA 64 37.74 -30.04 65.33
N TYR HA 65 38.97 -29.89 64.84
CA TYR HA 65 39.64 -30.97 64.12
C TYR HA 65 39.91 -32.15 65.03
N ARG HA 66 40.35 -31.90 66.26
CA ARG HA 66 40.65 -32.94 67.21
C ARG HA 66 39.97 -32.64 68.53
N ILE HA 67 39.59 -33.70 69.23
CA ILE HA 67 39.00 -33.59 70.56
C ILE HA 67 39.68 -34.62 71.46
N ARG HA 68 39.91 -34.25 72.71
CA ARG HA 68 40.54 -35.13 73.68
C ARG HA 68 39.49 -35.53 74.70
N VAL HA 69 39.01 -36.77 74.59
CA VAL HA 69 37.95 -37.27 75.46
C VAL HA 69 38.54 -38.30 76.40
N ARG HA 70 37.73 -38.72 77.37
CA ARG HA 70 38.10 -39.74 78.34
C ARG HA 70 36.98 -40.75 78.42
N LEU HA 71 37.19 -41.93 77.82
CA LEU HA 71 36.19 -42.99 77.86
C LEU HA 71 36.24 -43.68 79.21
N SER HA 72 35.11 -43.69 79.92
CA SER HA 72 35.01 -44.30 81.23
C SER HA 72 34.01 -45.45 81.16
N ARG HA 73 34.53 -46.67 81.15
CA ARG HA 73 33.67 -47.84 81.21
C ARG HA 73 33.28 -48.12 82.66
N LYS HA 74 31.98 -48.29 82.90
CA LYS HA 74 31.49 -48.53 84.25
C LYS HA 74 30.28 -49.44 84.17
N ARG HA 75 29.99 -50.09 85.30
CA ARG HA 75 28.95 -51.10 85.35
C ARG HA 75 27.57 -50.46 85.33
N ASN HA 76 26.65 -51.07 84.57
CA ASN HA 76 25.26 -50.68 84.51
C ASN HA 76 24.42 -51.36 85.59
N GLU HA 77 25.04 -51.73 86.71
CA GLU HA 77 24.36 -52.47 87.77
C GLU HA 77 23.57 -51.51 88.66
N ASP HA 78 22.54 -50.91 88.06
CA ASP HA 78 21.54 -50.17 88.81
C ASP HA 78 20.12 -50.46 88.36
N GLU HA 79 19.91 -51.10 87.21
CA GLU HA 79 18.57 -51.43 86.74
C GLU HA 79 18.69 -52.61 85.78
N ASP HA 80 17.53 -53.21 85.49
CA ASP HA 80 17.47 -54.33 84.55
C ASP HA 80 17.69 -53.82 83.13
N SER HA 81 18.86 -54.12 82.57
CA SER HA 81 19.25 -53.66 81.26
C SER HA 81 19.77 -54.82 80.43
N PRO HA 82 19.61 -54.77 79.10
CA PRO HA 82 20.17 -55.83 78.26
C PRO HA 82 21.69 -55.85 78.25
N ASN HA 83 22.34 -54.75 78.62
CA ASN HA 83 23.79 -54.68 78.76
C ASN HA 83 24.15 -54.45 80.21
N LYS HA 84 25.21 -55.10 80.67
CA LYS HA 84 25.69 -54.92 82.03
C LYS HA 84 26.73 -53.81 82.15
N LEU HA 85 27.16 -53.23 81.02
CA LEU HA 85 28.26 -52.28 81.00
C LEU HA 85 27.90 -51.09 80.12
N TYR HA 86 28.52 -49.96 80.40
CA TYR HA 86 28.40 -48.80 79.53
C TYR HA 86 29.62 -47.91 79.66
N THR HA 87 29.85 -47.10 78.63
CA THR HA 87 30.95 -46.16 78.60
C THR HA 87 30.40 -44.75 78.67
N LEU HA 88 30.86 -43.98 79.64
CA LEU HA 88 30.54 -42.56 79.74
C LEU HA 88 31.75 -41.80 79.22
N VAL HA 89 31.59 -41.13 78.09
CA VAL HA 89 32.66 -40.36 77.48
C VAL HA 89 32.54 -38.92 77.94
N THR HA 90 33.63 -38.38 78.47
CA THR HA 90 33.68 -37.02 78.99
C THR HA 90 34.76 -36.24 78.27
N TYR HA 91 34.62 -34.91 78.30
CA TYR HA 91 35.52 -34.03 77.57
C TYR HA 91 36.65 -33.57 78.48
N VAL HA 92 37.88 -33.70 77.99
CA VAL HA 92 39.07 -33.31 78.73
C VAL HA 92 39.73 -32.16 77.98
N PRO HA 93 39.70 -30.95 78.53
CA PRO HA 93 40.31 -29.81 77.84
C PRO HA 93 41.82 -29.96 77.77
N VAL HA 94 42.39 -29.57 76.63
CA VAL HA 94 43.83 -29.61 76.41
C VAL HA 94 44.25 -28.35 75.68
N THR HA 95 45.39 -27.80 76.08
CA THR HA 95 45.92 -26.63 75.39
C THR HA 95 46.56 -27.01 74.05
N THR HA 96 47.05 -28.23 73.92
CA THR HA 96 47.71 -28.68 72.71
C THR HA 96 47.49 -30.16 72.52
N PHE HA 97 47.71 -30.63 71.30
CA PHE HA 97 47.51 -32.03 70.95
C PHE HA 97 48.79 -32.76 70.57
N LYS HA 98 49.91 -32.06 70.45
CA LYS HA 98 51.14 -32.69 70.01
C LYS HA 98 51.67 -33.63 71.09
N ASN HA 99 52.20 -34.78 70.66
CA ASN HA 99 52.75 -35.81 71.54
C ASN HA 99 51.75 -36.22 72.63
N LEU HA 100 50.51 -36.45 72.21
CA LEU HA 100 49.44 -36.89 73.11
C LEU HA 100 49.11 -38.33 72.79
N GLN HA 101 49.44 -39.23 73.70
CA GLN HA 101 49.25 -40.67 73.50
C GLN HA 101 48.08 -41.17 74.34
N THR HA 102 47.49 -42.27 73.90
CA THR HA 102 46.42 -42.91 74.66
C THR HA 102 46.99 -43.47 75.96
N VAL HA 103 46.45 -43.04 77.09
CA VAL HA 103 46.99 -43.37 78.40
C VAL HA 103 45.90 -43.95 79.28
N ASN HA 104 46.32 -44.71 80.29
CA ASN HA 104 45.42 -45.21 81.32
C ASN HA 104 45.46 -44.28 82.51
N VAL HA 105 44.30 -43.81 82.92
CA VAL HA 105 44.19 -42.92 84.08
C VAL HA 105 43.69 -43.74 85.27
N ASP HA 106 44.18 -43.39 86.45
CA ASP HA 106 43.86 -44.12 87.66
C ASP HA 106 42.52 -43.62 88.22
N GLU HA 107 42.19 -44.05 89.43
CA GLU HA 107 40.94 -43.66 90.07
C GLU HA 107 41.13 -42.44 90.97
N ALA IA 1 -27.71 -110.20 39.72
CA ALA IA 1 -27.83 -109.40 40.93
C ALA IA 1 -28.89 -108.31 40.76
N ALA IA 2 -28.51 -107.22 40.09
CA ALA IA 2 -29.44 -106.12 39.87
C ALA IA 2 -30.49 -106.52 38.84
N LEU IA 3 -31.58 -105.75 38.81
CA LEU IA 3 -32.67 -106.00 37.88
C LEU IA 3 -32.21 -105.74 36.46
N ARG IA 4 -32.06 -106.80 35.69
CA ARG IA 4 -31.67 -106.63 34.30
C ARG IA 4 -32.84 -106.08 33.48
N PRO IA 5 -32.58 -105.23 32.51
CA PRO IA 5 -33.69 -104.70 31.69
C PRO IA 5 -34.23 -105.73 30.72
N LEU IA 6 -35.27 -105.37 29.97
CA LEU IA 6 -35.79 -106.27 28.94
C LEU IA 6 -34.75 -106.54 27.88
N VAL IA 7 -34.18 -105.49 27.30
CA VAL IA 7 -33.12 -105.59 26.31
C VAL IA 7 -32.04 -104.59 26.67
N LYS IA 8 -30.80 -104.91 26.28
CA LYS IA 8 -29.65 -104.04 26.50
C LYS IA 8 -28.94 -103.85 25.16
N PRO IA 9 -29.46 -102.97 24.31
CA PRO IA 9 -28.78 -102.71 23.04
C PRO IA 9 -27.50 -101.92 23.26
N LYS IA 10 -26.63 -101.96 22.26
CA LYS IA 10 -25.42 -101.15 22.30
C LYS IA 10 -25.79 -99.69 22.13
N ILE IA 11 -25.45 -98.87 23.11
CA ILE IA 11 -25.76 -97.45 23.08
C ILE IA 11 -24.65 -96.72 22.34
N VAL IA 12 -25.00 -96.01 21.29
CA VAL IA 12 -24.04 -95.28 20.46
C VAL IA 12 -24.33 -93.80 20.64
N LYS IA 13 -23.31 -93.06 21.07
CA LYS IA 13 -23.39 -91.62 21.23
C LYS IA 13 -22.59 -90.95 20.12
N LYS IA 14 -23.26 -90.11 19.34
CA LYS IA 14 -22.56 -89.41 18.26
C LYS IA 14 -21.52 -88.44 18.80
N ARG IA 15 -21.74 -87.92 19.99
CA ARG IA 15 -20.76 -87.06 20.65
C ARG IA 15 -20.95 -87.18 22.16
N THR IA 16 -19.84 -87.29 22.88
CA THR IA 16 -19.87 -87.41 24.33
C THR IA 16 -19.51 -86.14 25.07
N LYS IA 17 -18.71 -85.27 24.46
CA LYS IA 17 -18.34 -84.02 25.12
C LYS IA 17 -19.51 -83.05 25.10
N LYS IA 18 -19.42 -82.05 25.96
CA LYS IA 18 -20.44 -81.01 26.00
C LYS IA 18 -20.19 -79.97 24.92
N PHE IA 19 -21.27 -79.32 24.50
CA PHE IA 19 -21.18 -78.18 23.57
C PHE IA 19 -21.04 -76.92 24.40
N ILE IA 20 -19.83 -76.41 24.50
CA ILE IA 20 -19.56 -75.25 25.34
C ILE IA 20 -19.74 -73.99 24.51
N ARG IA 21 -20.08 -72.90 25.18
CA ARG IA 21 -20.29 -71.62 24.51
C ARG IA 21 -18.98 -71.08 23.99
N HIS IA 22 -19.07 -70.36 22.87
CA HIS IA 22 -17.90 -69.68 22.31
C HIS IA 22 -17.38 -68.64 23.29
N GLN IA 23 -16.05 -68.66 23.49
CA GLN IA 23 -15.36 -67.72 24.39
C GLN IA 23 -15.84 -67.85 25.83
N SER IA 24 -16.35 -69.02 26.21
CA SER IA 24 -16.71 -69.25 27.60
C SER IA 24 -15.49 -69.48 28.47
N ASP IA 25 -14.34 -69.80 27.85
CA ASP IA 25 -13.10 -70.00 28.57
C ASP IA 25 -12.49 -68.68 29.05
N ARG IA 26 -12.49 -67.66 28.20
CA ARG IA 26 -11.77 -66.42 28.50
C ARG IA 26 -12.44 -65.58 29.58
N TYR IA 27 -13.73 -65.78 29.81
CA TYR IA 27 -14.46 -64.94 30.75
C TYR IA 27 -15.22 -65.79 31.74
N VAL IA 28 -15.40 -65.25 32.95
CA VAL IA 28 -16.26 -65.89 33.94
C VAL IA 28 -17.71 -65.44 33.78
N LYS IA 29 -17.94 -64.25 33.21
CA LYS IA 29 -19.30 -63.76 33.01
C LYS IA 29 -20.05 -64.57 31.96
N ILE IA 30 -19.35 -65.36 31.16
CA ILE IA 30 -19.96 -66.20 30.14
C ILE IA 30 -19.93 -67.63 30.65
N LYS IA 31 -21.10 -68.19 30.91
CA LYS IA 31 -21.19 -69.55 31.40
C LYS IA 31 -21.01 -70.54 30.26
N ARG IA 32 -20.81 -71.81 30.62
CA ARG IA 32 -20.62 -72.86 29.63
C ARG IA 32 -21.90 -73.20 28.88
N ASN IA 33 -23.04 -72.67 29.31
CA ASN IA 33 -24.30 -72.93 28.61
C ASN IA 33 -24.23 -72.42 27.18
N TRP IA 34 -24.69 -73.25 26.25
CA TRP IA 34 -24.54 -72.95 24.84
C TRP IA 34 -25.44 -71.80 24.41
N ARG IA 35 -24.88 -70.89 23.61
CA ARG IA 35 -25.64 -69.82 22.99
C ARG IA 35 -25.18 -69.66 21.55
N LYS IA 36 -26.13 -69.52 20.63
CA LYS IA 36 -25.78 -69.42 19.21
C LYS IA 36 -25.10 -68.08 18.95
N PRO IA 37 -23.91 -68.08 18.34
CA PRO IA 37 -23.20 -66.83 18.06
C PRO IA 37 -23.80 -66.10 16.86
N ARG IA 38 -24.49 -65.01 17.13
CA ARG IA 38 -25.06 -64.17 16.07
C ARG IA 38 -24.16 -62.96 15.83
N GLY IA 39 -22.95 -63.22 15.39
CA GLY IA 39 -21.96 -62.17 15.10
C GLY IA 39 -21.69 -62.08 13.62
N ILE IA 40 -21.50 -60.85 13.13
CA ILE IA 40 -21.22 -60.68 11.71
C ILE IA 40 -19.85 -61.23 11.36
N ASP IA 41 -18.87 -61.07 12.25
CA ASP IA 41 -17.51 -61.54 12.03
C ASP IA 41 -17.19 -62.82 12.78
N ASN IA 42 -18.18 -63.45 13.41
CA ASN IA 42 -17.91 -64.59 14.28
C ASN IA 42 -17.41 -65.77 13.46
N ARG IA 43 -16.23 -66.28 13.82
CA ARG IA 43 -15.62 -67.33 13.00
C ARG IA 43 -16.26 -68.69 13.26
N VAL IA 44 -16.74 -68.92 14.48
CA VAL IA 44 -17.42 -70.19 14.76
C VAL IA 44 -18.81 -70.21 14.13
N ARG IA 45 -19.48 -69.06 14.07
CA ARG IA 45 -20.75 -68.97 13.35
C ARG IA 45 -20.58 -69.32 11.89
N ARG IA 46 -19.52 -68.80 11.27
CA ARG IA 46 -19.20 -69.14 9.90
C ARG IA 46 -18.67 -70.55 9.76
N ARG IA 47 -18.37 -71.23 10.88
CA ARG IA 47 -17.93 -72.63 10.91
C ARG IA 47 -16.55 -72.79 10.26
N PHE IA 48 -15.59 -72.01 10.73
CA PHE IA 48 -14.21 -72.17 10.31
C PHE IA 48 -13.64 -73.47 10.88
N LYS IA 49 -12.54 -73.92 10.31
CA LYS IA 49 -11.91 -75.15 10.75
C LYS IA 49 -11.15 -74.93 12.05
N GLY IA 50 -11.21 -75.91 12.93
CA GLY IA 50 -10.54 -75.83 14.21
C GLY IA 50 -11.22 -75.00 15.26
N GLN IA 51 -12.48 -74.63 15.06
CA GLN IA 51 -13.21 -73.81 16.00
C GLN IA 51 -14.17 -74.66 16.83
N ILE IA 52 -14.89 -74.00 17.73
CA ILE IA 52 -15.84 -74.69 18.59
C ILE IA 52 -17.02 -75.17 17.75
N LEU IA 53 -17.38 -76.44 17.92
CA LEU IA 53 -18.44 -77.02 17.12
C LEU IA 53 -19.80 -76.48 17.50
N MET IA 54 -20.72 -76.52 16.54
CA MET IA 54 -22.11 -76.13 16.75
C MET IA 54 -22.95 -77.36 17.10
N PRO IA 55 -23.88 -77.25 18.04
CA PRO IA 55 -24.93 -78.26 18.16
C PRO IA 55 -25.94 -78.11 17.04
N ASN IA 56 -26.26 -79.21 16.37
CA ASN IA 56 -27.31 -79.21 15.37
C ASN IA 56 -27.96 -80.59 15.36
N ILE IA 57 -28.97 -80.75 14.51
CA ILE IA 57 -29.81 -81.94 14.54
C ILE IA 57 -29.09 -83.20 14.10
N GLY IA 58 -27.92 -83.07 13.49
CA GLY IA 58 -27.19 -84.25 13.05
C GLY IA 58 -26.66 -85.10 14.18
N TYR IA 59 -26.48 -84.52 15.36
CA TYR IA 59 -25.98 -85.24 16.52
C TYR IA 59 -27.08 -85.98 17.28
N GLY IA 60 -28.31 -85.97 16.78
CA GLY IA 60 -29.40 -86.60 17.50
C GLY IA 60 -29.16 -88.09 17.69
N SER IA 61 -29.40 -88.56 18.92
CA SER IA 61 -29.17 -89.96 19.24
C SER IA 61 -30.23 -90.84 18.60
N ASN IA 62 -29.91 -92.12 18.49
CA ASN IA 62 -30.85 -93.10 17.96
C ASN IA 62 -32.11 -93.12 18.80
N LYS IA 63 -33.26 -93.14 18.12
CA LYS IA 63 -34.55 -93.11 18.83
C LYS IA 63 -34.74 -94.36 19.69
N LYS IA 64 -34.12 -95.47 19.30
CA LYS IA 64 -34.21 -96.67 20.13
C LYS IA 64 -33.49 -96.49 21.45
N THR IA 65 -32.32 -95.87 21.43
CA THR IA 65 -31.50 -95.70 22.62
C THR IA 65 -31.53 -94.28 23.18
N LYS IA 66 -32.45 -93.44 22.71
CA LYS IA 66 -32.57 -92.10 23.26
C LYS IA 66 -33.06 -92.16 24.70
N HIS IA 67 -32.49 -91.30 25.53
CA HIS IA 67 -32.78 -91.19 26.96
C HIS IA 67 -32.50 -92.47 27.73
N MET IA 68 -31.74 -93.39 27.15
CA MET IA 68 -31.38 -94.62 27.85
C MET IA 68 -30.29 -94.35 28.86
N LEU IA 69 -30.49 -94.83 30.08
CA LEU IA 69 -29.43 -94.82 31.07
C LEU IA 69 -28.33 -95.79 30.65
N PRO IA 70 -27.11 -95.64 31.18
CA PRO IA 70 -26.02 -96.54 30.80
C PRO IA 70 -26.30 -98.01 31.06
N SER IA 71 -27.31 -98.33 31.86
CA SER IA 71 -27.73 -99.71 32.08
C SER IA 71 -29.17 -99.87 31.62
N GLY IA 72 -29.36 -100.01 30.31
CA GLY IA 72 -30.57 -100.56 29.71
C GLY IA 72 -31.92 -100.01 30.10
N PHE IA 73 -31.97 -98.94 30.87
CA PHE IA 73 -33.22 -98.48 31.46
C PHE IA 73 -33.50 -97.05 31.04
N ARG IA 74 -34.65 -96.55 31.46
CA ARG IA 74 -35.03 -95.16 31.23
C ARG IA 74 -35.55 -94.55 32.52
N LYS IA 75 -35.39 -93.25 32.63
CA LYS IA 75 -35.67 -92.53 33.87
C LYS IA 75 -37.15 -92.38 34.12
N PHE IA 76 -37.52 -92.37 35.40
CA PHE IA 76 -38.83 -91.86 35.81
C PHE IA 76 -38.71 -91.36 37.25
N LEU IA 77 -39.09 -90.12 37.48
CA LEU IA 77 -38.97 -89.53 38.80
C LEU IA 77 -40.23 -89.77 39.62
N VAL IA 78 -40.05 -90.31 40.82
CA VAL IA 78 -41.18 -90.61 41.71
C VAL IA 78 -41.04 -89.80 42.98
N HIS IA 79 -42.17 -89.53 43.61
CA HIS IA 79 -42.23 -88.79 44.87
C HIS IA 79 -42.84 -89.57 46.02
N ASN IA 80 -43.60 -90.61 45.74
CA ASN IA 80 -44.26 -91.38 46.78
C ASN IA 80 -44.54 -92.78 46.25
N VAL IA 81 -45.16 -93.61 47.10
CA VAL IA 81 -45.45 -94.99 46.72
C VAL IA 81 -46.49 -95.04 45.60
N LYS IA 82 -47.48 -94.15 45.65
CA LYS IA 82 -48.51 -94.14 44.61
C LYS IA 82 -47.93 -93.88 43.23
N GLU IA 83 -47.00 -92.93 43.13
CA GLU IA 83 -46.35 -92.66 41.85
C GLU IA 83 -45.35 -93.75 41.49
N LEU IA 84 -44.91 -94.55 42.46
CA LEU IA 84 -44.03 -95.68 42.14
C LEU IA 84 -44.80 -96.81 41.48
N GLU IA 85 -46.09 -96.94 41.79
CA GLU IA 85 -46.87 -98.07 41.29
C GLU IA 85 -47.23 -97.96 39.82
N VAL IA 86 -47.02 -96.80 39.18
CA VAL IA 86 -47.32 -96.69 37.76
C VAL IA 86 -46.30 -97.45 36.92
N LEU IA 87 -45.13 -97.76 37.48
CA LEU IA 87 -44.12 -98.55 36.79
C LEU IA 87 -44.24 -100.03 37.09
N LEU IA 88 -45.32 -100.45 37.74
CA LEU IA 88 -45.52 -101.86 38.03
C LEU IA 88 -45.57 -102.69 36.75
N MET IA 89 -46.17 -102.14 35.69
CA MET IA 89 -46.32 -102.88 34.46
C MET IA 89 -45.23 -102.62 33.43
N CYS IA 90 -44.44 -101.56 33.59
CA CYS IA 90 -43.30 -101.37 32.70
C CYS IA 90 -42.15 -102.25 33.15
N ASN IA 91 -41.56 -101.94 34.31
CA ASN IA 91 -40.83 -102.89 35.15
C ASN IA 91 -39.57 -103.46 34.50
N LYS IA 92 -39.37 -103.20 33.22
CA LYS IA 92 -38.24 -103.75 32.49
C LYS IA 92 -37.64 -102.77 31.50
N SER IA 93 -38.22 -101.58 31.35
CA SER IA 93 -37.67 -100.54 30.50
C SER IA 93 -37.66 -99.18 31.18
N TYR IA 94 -38.27 -99.02 32.35
CA TYR IA 94 -38.30 -97.76 33.07
C TYR IA 94 -38.00 -98.03 34.53
N CYS IA 95 -37.09 -97.26 35.10
CA CYS IA 95 -36.67 -97.42 36.48
C CYS IA 95 -36.98 -96.15 37.26
N ALA IA 96 -37.64 -96.31 38.40
CA ALA IA 96 -37.96 -95.16 39.23
C ALA IA 96 -36.71 -94.64 39.93
N GLU IA 97 -36.77 -93.38 40.34
CA GLU IA 97 -35.81 -92.88 41.30
C GLU IA 97 -36.43 -91.73 42.08
N ILE IA 98 -36.11 -91.68 43.36
CA ILE IA 98 -36.78 -90.80 44.31
C ILE IA 98 -36.25 -89.38 44.15
N ALA IA 99 -37.14 -88.41 44.33
CA ALA IA 99 -36.76 -87.01 44.23
C ALA IA 99 -35.85 -86.62 45.38
N HIS IA 100 -35.13 -85.50 45.19
CA HIS IA 100 -34.21 -85.01 46.21
C HIS IA 100 -34.92 -84.40 47.41
N ASN IA 101 -36.23 -84.21 47.33
CA ASN IA 101 -36.99 -83.60 48.41
C ASN IA 101 -37.56 -84.61 49.40
N VAL IA 102 -37.71 -85.87 48.98
CA VAL IA 102 -38.37 -86.86 49.83
C VAL IA 102 -37.47 -87.17 51.02
N SER IA 103 -38.06 -87.17 52.21
CA SER IA 103 -37.30 -87.34 53.44
C SER IA 103 -36.77 -88.77 53.55
N SER IA 104 -35.89 -88.97 54.54
CA SER IA 104 -35.26 -90.27 54.71
C SER IA 104 -36.25 -91.32 55.18
N LYS IA 105 -37.23 -90.92 56.00
CA LYS IA 105 -38.19 -91.88 56.52
C LYS IA 105 -39.21 -92.30 55.49
N ASN IA 106 -39.42 -91.50 54.44
CA ASN IA 106 -40.37 -91.87 53.39
C ASN IA 106 -39.68 -92.62 52.25
N ARG IA 107 -38.47 -92.22 51.88
CA ARG IA 107 -37.77 -92.90 50.80
C ARG IA 107 -37.32 -94.30 51.22
N LYS IA 108 -37.24 -94.57 52.52
CA LYS IA 108 -37.01 -95.95 52.96
C LYS IA 108 -38.20 -96.83 52.59
N ALA IA 109 -39.42 -96.31 52.71
CA ALA IA 109 -40.60 -97.07 52.34
C ALA IA 109 -40.69 -97.24 50.83
N ILE IA 110 -40.21 -96.26 50.07
CA ILE IA 110 -40.27 -96.34 48.62
C ILE IA 110 -39.37 -97.45 48.09
N VAL IA 111 -38.12 -97.49 48.57
CA VAL IA 111 -37.19 -98.50 48.09
C VAL IA 111 -37.58 -99.89 48.57
N GLU IA 112 -38.31 -99.97 49.69
CA GLU IA 112 -38.82 -101.27 50.13
C GLU IA 112 -39.93 -101.76 49.23
N ARG IA 113 -40.87 -100.86 48.88
CA ARG IA 113 -41.95 -101.23 47.98
C ARG IA 113 -41.45 -101.54 46.59
N ALA IA 114 -40.49 -100.75 46.10
CA ALA IA 114 -39.93 -101.00 44.78
C ALA IA 114 -39.19 -102.32 44.72
N ALA IA 115 -38.51 -102.68 45.81
CA ALA IA 115 -37.82 -103.97 45.86
C ALA IA 115 -38.81 -105.13 45.77
N GLN IA 116 -39.93 -105.04 46.49
CA GLN IA 116 -40.93 -106.10 46.43
C GLN IA 116 -41.74 -106.05 45.15
N LEU IA 117 -41.69 -104.94 44.42
CA LEU IA 117 -42.35 -104.82 43.13
C LEU IA 117 -41.42 -105.14 41.96
N ALA IA 118 -40.18 -105.52 42.25
CA ALA IA 118 -39.16 -105.81 41.23
C ALA IA 118 -38.94 -104.62 40.30
N ILE IA 119 -38.94 -103.41 40.87
CA ILE IA 119 -38.71 -102.18 40.12
C ILE IA 119 -37.34 -101.65 40.48
N ARG IA 120 -36.52 -101.36 39.47
CA ARG IA 120 -35.18 -100.86 39.71
C ARG IA 120 -35.22 -99.42 40.18
N VAL IA 121 -34.38 -99.09 41.16
CA VAL IA 121 -34.24 -97.74 41.68
C VAL IA 121 -32.79 -97.32 41.49
N THR IA 122 -32.58 -96.17 40.83
CA THR IA 122 -31.23 -95.72 40.52
C THR IA 122 -30.49 -95.21 41.74
N ASN IA 123 -31.19 -94.77 42.77
CA ASN IA 123 -30.58 -94.29 44.02
C ASN IA 123 -31.26 -94.98 45.20
N PRO IA 124 -31.03 -96.28 45.36
CA PRO IA 124 -31.74 -97.00 46.44
C PRO IA 124 -31.23 -96.66 47.82
N ASN IA 125 -29.93 -96.41 47.98
CA ASN IA 125 -29.35 -96.04 49.27
C ASN IA 125 -28.89 -94.59 49.15
N ALA IA 126 -29.79 -93.65 49.42
CA ALA IA 126 -29.53 -92.25 49.23
C ALA IA 126 -29.66 -91.42 50.49
N ARG IA 127 -30.02 -92.01 51.62
CA ARG IA 127 -30.07 -91.29 52.89
C ARG IA 127 -29.55 -92.15 54.04
N LEU IA 128 -28.65 -93.08 53.73
CA LEU IA 128 -28.15 -94.01 54.74
C LEU IA 128 -26.80 -94.59 54.32
N SER JA 1 11.66 -117.93 22.17
CA SER JA 1 13.08 -117.78 21.91
C SER JA 1 13.34 -117.19 20.52
N GLY JA 2 12.85 -115.98 20.31
CA GLY JA 2 13.05 -115.32 19.03
C GLY JA 2 12.15 -114.11 18.92
N ARG JA 3 12.46 -113.28 17.91
CA ARG JA 3 11.73 -112.02 17.76
C ARG JA 3 10.28 -112.27 17.33
N LEU JA 4 10.07 -113.09 16.31
CA LEU JA 4 8.77 -113.56 15.87
C LEU JA 4 7.81 -112.45 15.43
N TRP JA 5 8.29 -111.22 15.27
CA TRP JA 5 7.46 -110.18 14.66
C TRP JA 5 8.36 -109.24 13.87
N SER JA 6 7.74 -108.57 12.90
CA SER JA 6 8.46 -107.65 12.03
C SER JA 6 8.46 -106.25 12.63
N LYS JA 7 9.58 -105.56 12.45
CA LYS JA 7 9.77 -104.23 13.02
C LYS JA 7 9.11 -103.20 12.11
N ALA JA 8 8.17 -102.44 12.65
CA ALA JA 8 7.52 -101.35 11.95
C ALA JA 8 7.63 -100.08 12.78
N ILE JA 9 7.60 -98.94 12.10
CA ILE JA 9 7.74 -97.64 12.74
C ILE JA 9 6.46 -96.86 12.51
N PHE JA 10 5.86 -96.38 13.58
CA PHE JA 10 4.73 -95.46 13.50
C PHE JA 10 5.23 -94.15 12.92
N ALA JA 11 4.82 -93.85 11.68
CA ALA JA 11 5.32 -92.68 10.96
C ALA JA 11 4.33 -91.54 10.90
N GLY JA 12 3.15 -91.68 11.52
CA GLY JA 12 2.16 -90.62 11.48
C GLY JA 12 0.84 -91.10 10.94
N TYR JA 13 -0.22 -90.34 11.22
CA TYR JA 13 -1.56 -90.74 10.78
C TYR JA 13 -1.75 -90.42 9.31
N LYS JA 14 -2.77 -91.05 8.72
CA LYS JA 14 -3.19 -90.67 7.39
C LYS JA 14 -3.67 -89.24 7.41
N ARG JA 15 -3.23 -88.45 6.45
CA ARG JA 15 -3.44 -87.00 6.54
C ARG JA 15 -3.36 -86.38 5.16
N GLY JA 16 -3.97 -85.20 5.04
CA GLY JA 16 -3.67 -84.31 3.95
C GLY JA 16 -2.55 -83.41 4.41
N LEU JA 17 -2.52 -82.17 3.95
CA LEU JA 17 -1.51 -81.26 4.47
C LEU JA 17 -1.99 -80.57 5.74
N ARG JA 18 -3.22 -80.02 5.70
CA ARG JA 18 -3.79 -79.32 6.85
C ARG JA 18 -4.90 -80.11 7.53
N ASN JA 19 -5.17 -81.33 7.09
CA ASN JA 19 -6.18 -82.18 7.69
C ASN JA 19 -5.56 -83.51 8.05
N GLN JA 20 -5.72 -83.92 9.30
CA GLN JA 20 -5.10 -85.14 9.81
C GLN JA 20 -6.19 -86.08 10.29
N ARG JA 21 -6.33 -87.23 9.62
CA ARG JA 21 -7.34 -88.22 9.96
C ARG JA 21 -6.70 -89.23 10.91
N GLU JA 22 -7.07 -89.17 12.18
CA GLU JA 22 -6.36 -89.91 13.23
C GLU JA 22 -6.81 -91.35 13.37
N HIS JA 23 -7.83 -91.80 12.64
CA HIS JA 23 -8.30 -93.16 12.86
C HIS JA 23 -7.36 -94.20 12.27
N THR JA 24 -6.71 -93.93 11.14
CA THR JA 24 -5.76 -94.85 10.54
C THR JA 24 -4.35 -94.29 10.65
N ALA JA 25 -3.39 -95.18 10.89
CA ALA JA 25 -2.00 -94.80 11.11
C ALA JA 25 -1.11 -95.43 10.05
N LEU JA 26 -0.14 -94.66 9.56
CA LEU JA 26 0.76 -95.10 8.51
C LEU JA 26 2.01 -95.72 9.14
N LEU JA 27 2.11 -97.04 9.08
CA LEU JA 27 3.27 -97.75 9.58
C LEU JA 27 4.32 -97.88 8.49
N LYS JA 28 5.58 -97.87 8.89
CA LYS JA 28 6.71 -98.11 8.00
C LYS JA 28 7.36 -99.41 8.42
N ILE JA 29 7.01 -100.49 7.73
CA ILE JA 29 7.57 -101.79 8.05
C ILE JA 29 8.99 -101.86 7.53
N GLU JA 30 9.92 -102.24 8.41
CA GLU JA 30 11.31 -102.36 8.00
C GLU JA 30 11.48 -103.50 7.02
N GLY JA 31 12.20 -103.22 5.93
CA GLY JA 31 12.50 -104.21 4.92
C GLY JA 31 11.68 -104.08 3.65
N VAL JA 32 10.46 -103.54 3.74
CA VAL JA 32 9.64 -103.30 2.56
C VAL JA 32 9.85 -101.86 2.11
N TYR JA 33 10.27 -101.69 0.86
CA TYR JA 33 10.51 -100.36 0.32
C TYR JA 33 9.91 -100.20 -1.07
N ALA JA 34 9.02 -101.11 -1.45
CA ALA JA 34 8.27 -101.02 -2.69
C ALA JA 34 6.84 -101.43 -2.41
N ARG JA 35 5.93 -100.97 -3.26
CA ARG JA 35 4.52 -101.28 -3.04
C ARG JA 35 4.21 -102.75 -3.28
N ASP JA 36 4.96 -103.41 -4.17
CA ASP JA 36 4.66 -104.80 -4.51
C ASP JA 36 5.07 -105.77 -3.41
N GLU JA 37 5.92 -105.35 -2.49
CA GLU JA 37 6.37 -106.22 -1.40
C GLU JA 37 5.41 -106.24 -0.22
N THR JA 38 4.39 -105.39 -0.23
CA THR JA 38 3.55 -105.19 0.95
C THR JA 38 2.39 -106.17 1.04
N GLU JA 39 2.26 -107.12 0.10
CA GLU JA 39 1.13 -108.03 0.15
C GLU JA 39 1.19 -108.88 1.40
N PHE JA 40 2.37 -109.39 1.75
CA PHE JA 40 2.49 -110.35 2.85
C PHE JA 40 1.93 -109.81 4.15
N TYR JA 41 1.96 -108.50 4.34
CA TYR JA 41 1.51 -107.85 5.57
C TYR JA 41 0.11 -107.28 5.45
N LEU JA 42 -0.61 -107.61 4.37
CA LEU JA 42 -1.86 -106.91 4.07
C LEU JA 42 -2.97 -107.20 5.06
N GLY JA 43 -2.87 -108.27 5.84
CA GLY JA 43 -3.92 -108.57 6.79
C GLY JA 43 -3.37 -108.90 8.17
N LYS JA 44 -2.07 -108.71 8.35
CA LYS JA 44 -1.41 -109.09 9.58
C LYS JA 44 -1.86 -108.21 10.73
N ARG JA 45 -1.66 -108.70 11.94
CA ARG JA 45 -2.06 -108.00 13.16
C ARG JA 45 -0.86 -107.24 13.71
N CYS JA 46 -1.04 -105.95 13.95
CA CYS JA 46 0.01 -105.10 14.47
C CYS JA 46 -0.36 -104.59 15.85
N ALA JA 47 0.64 -104.48 16.72
CA ALA JA 47 0.44 -104.07 18.11
C ALA JA 47 1.43 -102.97 18.47
N TYR JA 48 0.96 -102.00 19.27
CA TYR JA 48 1.80 -100.96 19.82
C TYR JA 48 2.00 -101.26 21.30
N VAL JA 49 3.19 -101.76 21.64
CA VAL JA 49 3.49 -102.21 22.99
C VAL JA 49 4.25 -101.10 23.71
N TYR JA 50 3.67 -100.61 24.80
CA TYR JA 50 4.29 -99.57 25.60
C TYR JA 50 4.21 -99.97 27.07
N LYS JA 51 4.73 -99.10 27.93
CA LYS JA 51 4.77 -99.33 29.37
C LYS JA 51 4.24 -98.11 30.09
N ALA JA 52 3.68 -98.32 31.28
CA ALA JA 52 3.08 -97.25 32.06
C ALA JA 52 3.46 -97.43 33.52
N LYS JA 53 2.78 -96.68 34.39
CA LYS JA 53 3.11 -96.62 35.80
C LYS JA 53 2.35 -97.64 36.63
N ASN JA 54 1.08 -97.87 36.33
CA ASN JA 54 0.27 -98.82 37.08
C ASN JA 54 0.37 -100.20 36.47
N ASN JA 55 0.38 -101.21 37.34
CA ASN JA 55 0.34 -102.60 36.86
C ASN JA 55 -1.01 -102.90 36.25
N THR JA 56 -1.00 -103.71 35.19
CA THR JA 56 -2.22 -104.16 34.52
C THR JA 56 -2.16 -105.66 34.35
N VAL JA 57 -3.34 -106.29 34.28
CA VAL JA 57 -3.39 -107.74 34.13
C VAL JA 57 -2.80 -108.14 32.78
N THR JA 58 -2.07 -109.25 32.78
CA THR JA 58 -1.44 -109.76 31.58
C THR JA 58 -1.99 -111.16 31.31
N PRO JA 59 -2.51 -111.43 30.11
CA PRO JA 59 -3.08 -112.75 29.84
C PRO JA 59 -2.02 -113.84 29.92
N GLY JA 60 -2.31 -114.86 30.73
CA GLY JA 60 -1.36 -115.93 30.94
C GLY JA 60 -0.08 -115.49 31.63
N GLY JA 61 -0.19 -114.60 32.60
CA GLY JA 61 0.98 -114.14 33.32
C GLY JA 61 0.60 -113.22 34.46
N LYS JA 62 1.59 -112.91 35.29
CA LYS JA 62 1.40 -112.00 36.40
C LYS JA 62 1.25 -110.57 35.89
N PRO JA 63 0.59 -109.71 36.66
CA PRO JA 63 0.48 -108.30 36.25
C PRO JA 63 1.84 -107.64 36.14
N ASN JA 64 1.96 -106.75 35.15
CA ASN JA 64 3.19 -106.02 34.90
C ASN JA 64 2.83 -104.64 34.39
N LYS JA 65 3.83 -103.89 33.95
CA LYS JA 65 3.62 -102.53 33.47
C LYS JA 65 3.40 -102.44 31.97
N THR JA 66 3.34 -103.57 31.27
CA THR JA 66 3.20 -103.56 29.83
C THR JA 66 1.73 -103.40 29.44
N ARG JA 67 1.48 -102.50 28.49
CA ARG JA 67 0.16 -102.32 27.91
C ARG JA 67 0.27 -102.39 26.39
N VAL JA 68 -0.83 -102.73 25.74
CA VAL JA 68 -0.86 -102.93 24.30
C VAL JA 68 -2.10 -102.28 23.71
N ILE JA 69 -1.92 -101.56 22.62
CA ILE JA 69 -3.02 -101.09 21.78
C ILE JA 69 -3.00 -101.94 20.51
N TRP JA 70 -4.02 -102.77 20.34
CA TRP JA 70 -4.02 -103.72 19.23
C TRP JA 70 -4.50 -103.06 17.94
N GLY JA 71 -4.20 -103.72 16.83
CA GLY JA 71 -4.62 -103.22 15.54
C GLY JA 71 -4.31 -104.23 14.46
N LYS JA 72 -4.56 -103.82 13.22
CA LYS JA 72 -4.29 -104.67 12.07
C LYS JA 72 -3.99 -103.81 10.87
N VAL JA 73 -3.20 -104.35 9.95
CA VAL JA 73 -2.84 -103.65 8.72
C VAL JA 73 -3.99 -103.78 7.73
N THR JA 74 -4.45 -102.64 7.21
CA THR JA 74 -5.60 -102.60 6.31
C THR JA 74 -5.20 -102.62 4.84
N ARG JA 75 -4.31 -101.71 4.42
CA ARG JA 75 -3.93 -101.63 3.02
C ARG JA 75 -2.58 -100.96 2.91
N ALA JA 76 -2.01 -101.00 1.71
CA ALA JA 76 -0.73 -100.37 1.42
C ALA JA 76 -0.94 -98.93 0.99
N HIS JA 77 -0.12 -98.03 1.52
CA HIS JA 77 -0.28 -96.59 1.31
C HIS JA 77 0.93 -96.06 0.56
N GLY JA 78 0.95 -96.26 -0.75
CA GLY JA 78 1.66 -95.42 -1.69
C GLY JA 78 3.06 -95.85 -2.06
N ASN JA 79 3.20 -96.65 -3.11
CA ASN JA 79 4.37 -96.72 -3.97
C ASN JA 79 5.68 -97.13 -3.30
N SER JA 80 5.73 -97.19 -1.97
CA SER JA 80 6.97 -97.60 -1.29
C SER JA 80 6.61 -98.06 0.13
N GLY JA 81 6.50 -99.37 0.32
CA GLY JA 81 6.19 -99.90 1.64
C GLY JA 81 4.96 -99.24 2.21
N MET JA 82 5.10 -98.75 3.45
CA MET JA 82 4.18 -97.79 4.05
C MET JA 82 2.74 -98.30 4.04
N VAL JA 83 2.52 -99.37 4.78
CA VAL JA 83 1.15 -99.81 5.00
C VAL JA 83 0.47 -98.88 5.98
N ARG JA 84 -0.86 -98.86 5.92
CA ARG JA 84 -1.66 -98.11 6.88
C ARG JA 84 -2.53 -99.06 7.67
N ALA JA 85 -2.64 -98.81 8.98
CA ALA JA 85 -3.23 -99.74 9.90
C ALA JA 85 -4.36 -99.08 10.69
N LYS JA 86 -5.30 -99.90 11.12
CA LYS JA 86 -6.43 -99.48 11.94
C LYS JA 86 -6.29 -100.11 13.32
N PHE JA 87 -6.27 -99.28 14.35
CA PHE JA 87 -6.14 -99.76 15.72
C PHE JA 87 -7.48 -99.66 16.45
N ARG JA 88 -7.59 -100.43 17.53
CA ARG JA 88 -8.82 -100.40 18.33
C ARG JA 88 -9.05 -99.03 18.93
N SER JA 89 -7.99 -98.40 19.43
CA SER JA 89 -8.02 -97.01 19.86
C SER JA 89 -6.92 -96.27 19.11
N ASN JA 90 -7.21 -95.04 18.71
CA ASN JA 90 -6.27 -94.29 17.89
C ASN JA 90 -4.95 -94.11 18.61
N LEU JA 91 -3.86 -94.29 17.88
CA LEU JA 91 -2.54 -94.33 18.48
C LEU JA 91 -2.17 -92.95 19.04
N PRO JA 92 -1.56 -92.91 20.22
CA PRO JA 92 -1.14 -91.62 20.78
C PRO JA 92 -0.02 -91.01 19.95
N ALA JA 93 0.02 -89.67 19.96
CA ALA JA 93 1.00 -88.96 19.15
C ALA JA 93 2.42 -89.07 19.71
N LYS JA 94 2.56 -89.50 20.96
CA LYS JA 94 3.89 -89.72 21.52
C LYS JA 94 4.58 -90.93 20.92
N ALA JA 95 3.86 -91.76 20.17
CA ALA JA 95 4.39 -92.99 19.61
C ALA JA 95 4.99 -92.81 18.22
N ILE JA 96 4.98 -91.59 17.68
CA ILE JA 96 5.51 -91.37 16.34
C ILE JA 96 7.02 -91.56 16.36
N GLY JA 97 7.53 -92.38 15.46
CA GLY JA 97 8.93 -92.72 15.47
C GLY JA 97 9.31 -93.85 16.40
N HIS JA 98 8.34 -94.52 17.01
CA HIS JA 98 8.58 -95.64 17.90
C HIS JA 98 8.18 -96.94 17.21
N ARG JA 99 8.33 -98.05 17.93
CA ARG JA 99 8.24 -99.36 17.33
C ARG JA 99 6.81 -99.90 17.37
N ILE JA 100 6.37 -100.44 16.24
CA ILE JA 100 5.12 -101.19 16.13
C ILE JA 100 5.49 -102.58 15.64
N ARG JA 101 4.92 -103.61 16.27
CA ARG JA 101 5.23 -104.99 15.92
C ARG JA 101 4.14 -105.54 15.02
N VAL JA 102 4.53 -106.02 13.84
CA VAL JA 102 3.64 -106.75 12.95
C VAL JA 102 3.87 -108.23 13.20
N MET JA 103 2.84 -108.94 13.64
CA MET JA 103 3.00 -110.13 14.46
C MET JA 103 2.84 -111.45 13.71
N LEU JA 104 2.82 -111.42 12.38
CA LEU JA 104 2.64 -112.63 11.56
C LEU JA 104 1.34 -113.36 11.85
N TYR JA 105 0.38 -112.70 12.50
CA TYR JA 105 -0.94 -113.23 12.79
C TYR JA 105 -1.74 -113.16 11.49
N PRO JA 106 -3.06 -113.52 11.47
CA PRO JA 106 -3.53 -114.57 10.55
C PRO JA 106 -2.80 -114.62 9.22
N SER JA 107 -2.27 -115.80 8.92
CA SER JA 107 -1.25 -115.98 7.89
C SER JA 107 -1.83 -116.71 6.68
N ARG JA 108 -1.43 -116.25 5.50
CA ARG JA 108 -1.79 -116.90 4.24
C ARG JA 108 -0.61 -117.59 3.60
N ILE JA 109 0.51 -117.69 4.30
CA ILE JA 109 1.71 -118.34 3.77
C ILE JA 109 1.87 -119.70 4.44
N VAL KA 1 12.48 -1.77 73.91
CA VAL KA 1 11.27 -0.99 74.06
C VAL KA 1 10.08 -1.94 74.22
N GLN KA 2 9.05 -1.47 74.93
CA GLN KA 2 7.83 -2.24 75.15
C GLN KA 2 6.77 -1.74 74.18
N ARG KA 3 6.41 -2.59 73.22
CA ARG KA 3 5.41 -2.20 72.22
C ARG KA 3 4.01 -2.21 72.83
N LEU KA 4 3.12 -1.46 72.22
CA LEU KA 4 1.79 -1.23 72.77
C LEU KA 4 0.72 -2.01 72.01
N THR KA 5 -0.48 -1.98 72.57
CA THR KA 5 -1.68 -2.54 71.95
C THR KA 5 -2.85 -1.61 72.27
N TYR KA 6 -3.91 -1.73 71.48
CA TYR KA 6 -5.13 -0.99 71.75
C TYR KA 6 -5.82 -1.54 72.99
N ARG KA 7 -6.74 -0.75 73.54
CA ARG KA 7 -7.53 -1.16 74.69
C ARG KA 7 -8.98 -1.49 74.34
N ARG KA 8 -9.50 -0.97 73.24
CA ARG KA 8 -10.88 -1.22 72.82
C ARG KA 8 -10.88 -1.98 71.50
N ARG KA 9 -12.07 -2.40 71.10
CA ARG KA 9 -12.21 -3.27 69.94
C ARG KA 9 -12.21 -2.52 68.61
N LEU KA 10 -12.07 -1.19 68.63
CA LEU KA 10 -11.89 -0.43 67.41
C LEU KA 10 -10.40 -0.47 67.05
N SER KA 11 -10.07 -1.21 65.98
CA SER KA 11 -8.70 -1.51 65.64
C SER KA 11 -8.16 -0.64 64.51
N TYR KA 12 -8.88 0.39 64.10
CA TYR KA 12 -8.50 1.23 62.98
C TYR KA 12 -8.18 2.64 63.46
N ASN KA 13 -7.21 3.27 62.80
CA ASN KA 13 -6.70 4.58 63.21
C ASN KA 13 -7.68 5.68 62.80
N THR KA 14 -8.87 5.60 63.36
CA THR KA 14 -9.97 6.49 63.04
C THR KA 14 -9.93 7.71 63.96
N ALA KA 15 -10.51 8.82 63.50
CA ALA KA 15 -10.50 10.07 64.25
C ALA KA 15 -11.15 9.94 65.61
N SER KA 16 -12.01 8.95 65.82
CA SER KA 16 -12.56 8.67 67.14
C SER KA 16 -11.72 7.67 67.92
N ASN KA 17 -10.59 7.23 67.37
CA ASN KA 17 -9.72 6.25 68.03
C ASN KA 17 -8.36 6.86 68.37
N LYS KA 18 -8.27 8.18 68.48
CA LYS KA 18 -7.00 8.81 68.78
C LYS KA 18 -6.60 8.55 70.23
N THR KA 19 -5.32 8.27 70.45
CA THR KA 19 -4.80 7.88 71.74
C THR KA 19 -3.61 8.76 72.10
N ARG KA 20 -3.10 8.55 73.32
CA ARG KA 20 -1.88 9.19 73.76
C ARG KA 20 -1.19 8.29 74.77
N LEU KA 21 0.11 8.51 74.94
CA LEU KA 21 0.94 7.70 75.81
C LEU KA 21 0.80 8.14 77.25
N SER KA 22 0.88 7.17 78.17
CA SER KA 22 0.84 7.49 79.60
C SER KA 22 1.57 6.40 80.37
N ARG KA 23 2.25 6.81 81.44
CA ARG KA 23 2.99 5.91 82.30
C ARG KA 23 2.24 5.76 83.62
N THR KA 24 1.71 4.57 83.87
CA THR KA 24 0.97 4.28 85.08
C THR KA 24 1.93 4.11 86.26
N PRO KA 25 1.41 4.17 87.49
CA PRO KA 25 2.28 3.90 88.65
C PRO KA 25 2.90 2.51 88.64
N GLY KA 26 2.36 1.58 87.88
CA GLY KA 26 2.93 0.27 87.73
C GLY KA 26 4.10 0.17 86.79
N ASN KA 27 4.61 1.32 86.32
CA ASN KA 27 5.78 1.39 85.44
C ASN KA 27 5.54 0.65 84.12
N ARG KA 28 4.33 0.78 83.58
CA ARG KA 28 4.01 0.25 82.27
C ARG KA 28 3.42 1.36 81.43
N ILE KA 29 3.87 1.47 80.19
CA ILE KA 29 3.30 2.42 79.25
C ILE KA 29 1.97 1.87 78.75
N VAL KA 30 0.93 2.71 78.78
CA VAL KA 30 -0.41 2.28 78.39
C VAL KA 30 -1.03 3.34 77.50
N TYR KA 31 -2.06 2.94 76.77
CA TYR KA 31 -2.79 3.83 75.86
C TYR KA 31 -3.94 4.48 76.60
N LEU KA 32 -3.97 5.81 76.59
CA LEU KA 32 -5.07 6.58 77.15
C LEU KA 32 -5.81 7.27 76.01
N TYR KA 33 -7.12 7.04 75.91
CA TYR KA 33 -7.89 7.55 74.79
C TYR KA 33 -8.28 9.01 75.06
N THR KA 34 -7.90 9.90 74.17
CA THR KA 34 -8.11 11.32 74.35
C THR KA 34 -9.47 11.74 73.82
N LYS KA 35 -10.00 12.82 74.39
CA LYS KA 35 -11.17 13.47 73.82
C LYS KA 35 -10.75 14.39 72.68
N LYS KA 36 -11.68 14.66 71.79
CA LYS KA 36 -11.37 15.48 70.62
C LYS KA 36 -11.06 16.91 71.04
N VAL KA 37 -10.60 17.69 70.07
CA VAL KA 37 -10.25 19.08 70.30
C VAL KA 37 -11.48 19.95 70.10
N GLY KA 38 -11.78 20.79 71.07
CA GLY KA 38 -12.89 21.71 70.95
C GLY KA 38 -12.48 23.02 70.31
N LYS KA 39 -13.47 23.78 69.87
CA LYS KA 39 -13.27 25.06 69.22
C LYS KA 39 -14.04 26.15 69.95
N ALA KA 40 -13.41 27.30 70.13
CA ALA KA 40 -14.10 28.45 70.67
C ALA KA 40 -15.14 28.94 69.67
N PRO KA 41 -16.21 29.58 70.14
CA PRO KA 41 -17.26 30.03 69.22
C PRO KA 41 -16.75 31.03 68.21
N LYS KA 42 -17.27 30.91 66.98
CA LYS KA 42 -16.98 31.89 65.95
C LYS KA 42 -17.94 33.07 66.07
N SER KA 43 -17.47 34.24 65.65
CA SER KA 43 -18.26 35.45 65.80
C SER KA 43 -19.50 35.41 64.93
N ALA KA 44 -20.62 35.88 65.49
CA ALA KA 44 -21.89 35.88 64.77
C ALA KA 44 -21.90 36.88 63.62
N CYS KA 45 -20.91 37.79 63.56
CA CYS KA 45 -20.83 38.72 62.44
C CYS KA 45 -20.60 37.98 61.14
N GLY KA 46 -19.85 36.89 61.18
CA GLY KA 46 -19.50 36.18 59.98
C GLY KA 46 -18.39 36.79 59.17
N VAL KA 47 -17.69 37.79 59.71
CA VAL KA 47 -16.61 38.44 58.97
C VAL KA 47 -15.28 38.04 59.58
N CYS KA 48 -15.04 38.45 60.83
CA CYS KA 48 -13.72 38.24 61.43
C CYS KA 48 -13.47 36.76 61.66
N PRO KA 49 -12.27 36.26 61.33
CA PRO KA 49 -12.01 34.82 61.40
C PRO KA 49 -11.52 34.32 62.74
N GLY KA 50 -11.08 35.20 63.64
CA GLY KA 50 -10.62 34.76 64.94
C GLY KA 50 -11.77 34.27 65.80
N ARG KA 51 -11.54 33.16 66.49
CA ARG KA 51 -12.54 32.64 67.39
C ARG KA 51 -12.62 33.49 68.65
N LEU KA 52 -13.78 33.42 69.31
CA LEU KA 52 -14.08 34.32 70.41
C LEU KA 52 -13.18 34.04 71.62
N ARG KA 53 -12.92 35.08 72.39
CA ARG KA 53 -12.13 34.99 73.60
C ARG KA 53 -13.03 34.97 74.82
N GLY KA 54 -12.48 34.50 75.94
CA GLY KA 54 -13.24 34.40 77.17
C GLY KA 54 -14.16 33.21 77.25
N VAL KA 55 -14.17 32.35 76.24
CA VAL KA 55 -15.03 31.18 76.19
C VAL KA 55 -14.15 29.94 76.13
N ARG KA 56 -14.47 28.94 76.92
CA ARG KA 56 -13.70 27.70 76.91
C ARG KA 56 -13.96 26.94 75.62
N ALA KA 57 -12.89 26.46 74.99
CA ALA KA 57 -12.97 25.71 73.75
C ALA KA 57 -13.09 24.23 74.10
N VAL KA 58 -14.31 23.70 74.01
CA VAL KA 58 -14.60 22.33 74.40
C VAL KA 58 -15.58 21.71 73.40
N ARG KA 59 -15.81 20.42 73.58
CA ARG KA 59 -16.81 19.73 72.77
C ARG KA 59 -18.20 20.23 73.15
N PRO KA 60 -19.14 20.25 72.20
CA PRO KA 60 -20.44 20.88 72.46
C PRO KA 60 -21.23 20.27 73.59
N LYS KA 61 -21.17 18.96 73.78
CA LYS KA 61 -22.02 18.33 74.78
C LYS KA 61 -21.50 18.49 76.21
N VAL KA 62 -20.31 19.07 76.39
CA VAL KA 62 -19.83 19.38 77.73
C VAL KA 62 -20.15 20.81 78.14
N LEU KA 63 -20.56 21.66 77.20
CA LEU KA 63 -21.06 22.99 77.56
C LEU KA 63 -22.33 22.92 78.41
N MET KA 64 -23.01 21.77 78.40
CA MET KA 64 -24.18 21.59 79.25
C MET KA 64 -23.80 21.66 80.72
N ARG KA 65 -22.69 21.04 81.11
CA ARG KA 65 -22.26 21.01 82.50
C ARG KA 65 -21.33 22.15 82.86
N LEU KA 66 -20.91 22.96 81.90
CA LEU KA 66 -20.08 24.11 82.22
C LEU KA 66 -20.91 25.21 82.88
N SER KA 67 -20.24 26.01 83.70
CA SER KA 67 -20.90 27.15 84.33
C SER KA 67 -21.21 28.22 83.30
N LYS KA 68 -22.13 29.11 83.66
CA LYS KA 68 -22.58 30.13 82.72
C LYS KA 68 -21.46 31.11 82.36
N THR KA 69 -20.64 31.49 83.34
CA THR KA 69 -19.59 32.48 83.09
C THR KA 69 -18.55 31.98 82.10
N LYS KA 70 -18.25 30.68 82.12
CA LYS KA 70 -17.27 30.12 81.20
C LYS KA 70 -17.77 30.01 79.77
N LYS KA 71 -19.04 30.35 79.51
CA LYS KA 71 -19.59 30.25 78.16
C LYS KA 71 -19.88 31.61 77.53
N HIS KA 72 -19.55 32.70 78.19
CA HIS KA 72 -19.83 34.03 77.65
C HIS KA 72 -18.92 35.04 78.32
N VAL KA 73 -19.00 36.28 77.83
CA VAL KA 73 -18.31 37.40 78.45
C VAL KA 73 -19.35 38.47 78.79
N SER KA 74 -19.03 39.29 79.78
CA SER KA 74 -19.99 40.28 80.29
C SER KA 74 -20.00 41.48 79.35
N ARG KA 75 -20.78 41.34 78.27
CA ARG KA 75 -20.95 42.39 77.28
C ARG KA 75 -22.19 42.08 76.46
N ALA KA 76 -22.72 43.13 75.81
CA ALA KA 76 -23.77 42.92 74.83
C ALA KA 76 -23.28 42.01 73.72
N TYR KA 77 -24.09 41.01 73.36
CA TYR KA 77 -23.68 39.94 72.45
C TYR KA 77 -22.43 39.22 72.96
N GLY KA 78 -22.27 39.15 74.28
CA GLY KA 78 -21.09 38.54 74.86
C GLY KA 78 -21.06 37.04 74.61
N GLY KA 79 -19.99 36.55 74.02
CA GLY KA 79 -19.89 35.15 73.69
C GLY KA 79 -20.54 34.75 72.39
N SER KA 80 -21.23 35.66 71.73
CA SER KA 80 -21.83 35.41 70.43
C SER KA 80 -21.21 36.22 69.31
N MET KA 81 -20.87 37.48 69.58
CA MET KA 81 -20.26 38.34 68.58
C MET KA 81 -19.00 38.98 69.15
N CYS KA 82 -18.04 39.24 68.28
CA CYS KA 82 -16.76 39.81 68.69
C CYS KA 82 -16.95 41.23 69.20
N ALA KA 83 -15.98 41.68 70.00
CA ALA KA 83 -16.03 43.02 70.54
C ALA KA 83 -15.94 44.08 69.45
N LYS KA 84 -15.10 43.84 68.45
CA LYS KA 84 -14.90 44.82 67.38
C LYS KA 84 -16.18 45.03 66.59
N CYS KA 85 -16.89 43.95 66.26
CA CYS KA 85 -18.11 44.08 65.48
C CYS KA 85 -19.27 44.58 66.32
N VAL KA 86 -19.19 44.43 67.65
CA VAL KA 86 -20.21 45.03 68.51
C VAL KA 86 -20.09 46.54 68.47
N ARG KA 87 -18.87 47.07 68.57
CA ARG KA 87 -18.66 48.51 68.49
C ARG KA 87 -19.11 49.05 67.16
N ASP KA 88 -18.83 48.32 66.08
CA ASP KA 88 -19.28 48.75 64.75
C ASP KA 88 -20.79 48.78 64.67
N ARG KA 89 -21.45 47.77 65.25
CA ARG KA 89 -22.92 47.75 65.22
C ARG KA 89 -23.51 48.92 65.98
N ILE KA 90 -22.93 49.26 67.14
CA ILE KA 90 -23.40 50.40 67.91
C ILE KA 90 -23.22 51.69 67.12
N LYS KA 91 -22.05 51.84 66.49
CA LYS KA 91 -21.80 53.02 65.69
C LYS KA 91 -22.70 53.05 64.46
N ARG KA 92 -22.83 51.91 63.77
CA ARG KA 92 -23.64 51.86 62.56
C ARG KA 92 -25.11 52.10 62.88
N ALA KA 93 -25.63 51.49 63.94
CA ALA KA 93 -27.03 51.66 64.28
C ALA KA 93 -27.34 53.10 64.63
N PHE KA 94 -26.47 53.74 65.41
CA PHE KA 94 -26.72 55.12 65.83
C PHE KA 94 -26.66 56.07 64.64
N LEU KA 95 -25.66 55.92 63.78
CA LEU KA 95 -25.47 56.87 62.68
C LEU KA 95 -26.57 56.72 61.63
N ILE KA 96 -27.07 55.51 61.41
CA ILE KA 96 -28.18 55.33 60.47
C ILE KA 96 -29.43 56.00 61.01
N GLU KA 97 -29.69 55.86 62.31
CA GLU KA 97 -30.85 56.53 62.91
C GLU KA 97 -30.70 58.05 62.81
N GLU KA 98 -29.48 58.56 62.96
CA GLU KA 98 -29.25 59.98 62.77
C GLU KA 98 -29.54 60.41 61.34
N GLN KA 99 -29.13 59.59 60.37
CA GLN KA 99 -29.42 59.90 58.97
C GLN KA 99 -30.91 59.85 58.69
N LYS KA 100 -31.63 58.91 59.30
CA LYS KA 100 -33.08 58.86 59.14
C LYS KA 100 -33.73 60.10 59.72
N ILE KA 101 -33.13 60.66 60.77
CA ILE KA 101 -33.61 61.94 61.30
C ILE KA 101 -33.33 63.06 60.30
N VAL KA 102 -32.17 63.01 59.65
CA VAL KA 102 -31.77 64.06 58.72
C VAL KA 102 -32.70 64.11 57.51
N VAL KA 103 -33.02 62.95 56.93
CA VAL KA 103 -33.89 62.94 55.76
C VAL KA 103 -35.31 63.35 56.15
N LYS KA 104 -35.71 63.06 57.39
CA LYS KA 104 -37.02 63.51 57.85
C LYS KA 104 -37.07 65.03 57.99
N VAL KA 105 -36.01 65.63 58.55
CA VAL KA 105 -35.99 67.07 58.71
C VAL KA 105 -35.73 67.76 57.38
N LEU KA 106 -35.14 67.05 56.41
CA LEU KA 106 -35.00 67.62 55.08
C LEU KA 106 -36.34 67.68 54.36
N LYS KA 107 -37.17 66.64 54.51
CA LYS KA 107 -38.52 66.68 53.98
C LYS KA 107 -39.36 67.74 54.67
N ALA KA 108 -39.19 67.88 55.99
CA ALA KA 108 -39.96 68.87 56.74
C ALA KA 108 -39.62 70.29 56.29
N GLN KA 109 -38.33 70.57 56.06
CA GLN KA 109 -37.94 71.90 55.61
C GLN KA 109 -38.26 72.12 54.14
N ALA KA 110 -38.32 71.06 53.34
CA ALA KA 110 -38.67 71.18 51.93
C ALA KA 110 -40.17 71.08 51.68
N GLN KA 111 -40.97 70.85 52.71
CA GLN KA 111 -42.43 70.81 52.59
C GLN KA 111 -43.04 72.20 52.60
N SER KA 112 -42.24 73.25 52.84
CA SER KA 112 -42.77 74.61 52.92
C SER KA 112 -43.34 75.11 51.60
N GLN KA 113 -42.98 74.48 50.49
CA GLN KA 113 -43.46 74.88 49.17
C GLN KA 113 -44.60 73.98 48.74
N LYS KA 114 -45.70 74.58 48.29
CA LYS KA 114 -46.85 73.83 47.82
C LYS KA 114 -46.56 73.18 46.47
N ALA LA 1 -49.64 -39.18 101.56
CA ALA LA 1 -49.46 -37.73 101.49
C ALA LA 1 -49.46 -37.25 100.05
N LYS LA 2 -49.99 -38.08 99.15
CA LYS LA 2 -50.10 -37.71 97.75
C LYS LA 2 -51.41 -36.95 97.53
N ILE LA 3 -51.31 -35.76 96.96
CA ILE LA 3 -52.48 -34.91 96.77
C ILE LA 3 -53.17 -35.29 95.47
N LYS LA 4 -54.49 -35.17 95.47
CA LYS LA 4 -55.31 -35.43 94.31
C LYS LA 4 -56.03 -34.15 93.90
N ALA LA 5 -56.87 -34.27 92.88
CA ALA LA 5 -57.69 -33.13 92.48
C ALA LA 5 -59.03 -33.11 93.18
N ARG LA 6 -59.59 -34.28 93.50
CA ARG LA 6 -60.92 -34.34 94.08
C ARG LA 6 -60.98 -33.76 95.49
N ASP LA 7 -59.85 -33.74 96.20
CA ASP LA 7 -59.78 -33.09 97.50
C ASP LA 7 -59.24 -31.67 97.42
N LEU LA 8 -59.04 -31.15 96.21
CA LEU LA 8 -58.60 -29.77 96.01
C LEU LA 8 -59.72 -28.86 95.53
N ARG LA 9 -60.78 -29.41 94.95
CA ARG LA 9 -61.87 -28.58 94.43
C ARG LA 9 -62.62 -27.86 95.54
N GLY LA 10 -62.82 -28.51 96.67
CA GLY LA 10 -63.59 -27.91 97.74
C GLY LA 10 -62.89 -26.81 98.51
N LYS LA 11 -61.57 -26.73 98.40
CA LYS LA 11 -60.81 -25.76 99.17
C LYS LA 11 -61.04 -24.34 98.64
N LYS LA 12 -60.71 -23.37 99.48
CA LYS LA 12 -60.75 -21.97 99.10
C LYS LA 12 -59.47 -21.59 98.35
N LYS LA 13 -59.52 -20.46 97.65
CA LYS LA 13 -58.37 -20.05 96.85
C LYS LA 13 -57.19 -19.64 97.74
N GLU LA 14 -57.46 -19.22 98.97
CA GLU LA 14 -56.37 -18.79 99.86
C GLU LA 14 -55.51 -19.98 100.24
N GLU LA 15 -56.12 -21.07 100.70
CA GLU LA 15 -55.35 -22.27 101.03
C GLU LA 15 -54.78 -22.93 99.78
N LEU LA 16 -55.46 -22.79 98.64
CA LEU LA 16 -54.92 -23.33 97.41
C LEU LA 16 -53.66 -22.59 96.97
N LEU LA 17 -53.66 -21.26 97.09
CA LEU LA 17 -52.46 -20.50 96.78
C LEU LA 17 -51.35 -20.78 97.77
N LYS LA 18 -51.71 -21.05 99.03
CA LYS LA 18 -50.72 -21.46 100.01
C LYS LA 18 -50.11 -22.80 99.64
N GLN LA 19 -50.95 -23.78 99.30
CA GLN LA 19 -50.46 -25.11 98.94
C GLN LA 19 -49.57 -25.06 97.71
N LEU LA 20 -49.92 -24.21 96.74
CA LEU LA 20 -49.06 -24.01 95.59
C LEU LA 20 -47.72 -23.42 96.01
N ASP LA 21 -47.74 -22.53 97.00
CA ASP LA 21 -46.50 -21.92 97.47
C ASP LA 21 -45.59 -22.94 98.15
N ASP LA 22 -46.16 -23.83 98.98
CA ASP LA 22 -45.35 -24.85 99.62
C ASP LA 22 -44.77 -25.82 98.60
N LEU LA 23 -45.54 -26.13 97.56
CA LEU LA 23 -45.02 -27.00 96.51
C LEU LA 23 -43.91 -26.33 95.73
N LYS LA 24 -44.00 -25.01 95.54
CA LYS LA 24 -42.98 -24.30 94.79
C LYS LA 24 -41.68 -24.20 95.56
N VAL LA 25 -41.75 -23.95 96.87
CA VAL LA 25 -40.52 -23.90 97.67
C VAL LA 25 -39.95 -25.32 97.82
N GLU LA 26 -40.81 -26.33 97.79
CA GLU LA 26 -40.31 -27.71 97.79
C GLU LA 26 -39.57 -28.02 96.49
N LEU LA 27 -40.14 -27.60 95.36
CA LEU LA 27 -39.49 -27.86 94.08
C LEU LA 27 -38.15 -27.14 93.98
N SER LA 28 -38.06 -25.92 94.53
CA SER LA 28 -36.80 -25.20 94.52
C SER LA 28 -35.74 -25.94 95.32
N GLN LA 29 -36.10 -26.44 96.51
CA GLN LA 29 -35.14 -27.17 97.33
C GLN LA 29 -34.73 -28.48 96.66
N LEU LA 30 -35.65 -29.11 95.93
CA LEU LA 30 -35.32 -30.34 95.21
C LEU LA 30 -34.29 -30.06 94.11
N ARG LA 31 -34.42 -28.92 93.43
CA ARG LA 31 -33.44 -28.58 92.39
C ARG LA 31 -32.08 -28.27 92.98
N VAL LA 32 -32.04 -27.66 94.16
CA VAL LA 32 -30.78 -27.44 94.87
C VAL LA 32 -30.14 -28.77 95.22
N ALA LA 33 -30.94 -29.71 95.70
CA ALA LA 33 -30.42 -31.05 95.99
C ALA LA 33 -29.98 -31.75 94.71
N LYS LA 34 -30.66 -31.47 93.60
CA LYS LA 34 -30.28 -32.06 92.33
C LYS LA 34 -28.91 -31.58 91.88
N VAL LA 35 -28.63 -30.29 92.06
CA VAL LA 35 -27.36 -29.74 91.58
C VAL LA 35 -26.22 -30.07 92.53
N THR LA 36 -26.53 -30.46 93.76
CA THR LA 36 -25.51 -30.79 94.75
C THR LA 36 -25.36 -32.29 94.96
N GLY LA 37 -25.67 -33.10 93.96
CA GLY LA 37 -25.59 -34.54 94.09
C GLY LA 37 -26.90 -35.14 94.59
N GLY LA 38 -27.29 -34.78 95.80
CA GLY LA 38 -28.56 -35.24 96.34
C GLY LA 38 -28.61 -36.75 96.45
N ALA LA 39 -29.72 -37.33 96.00
CA ALA LA 39 -29.91 -38.77 96.05
C ALA LA 39 -30.94 -39.15 95.00
N ALA LA 40 -31.09 -40.47 94.81
CA ALA LA 40 -32.07 -40.96 93.85
C ALA LA 40 -33.49 -40.64 94.28
N SER LA 41 -33.77 -40.71 95.59
CA SER LA 41 -35.12 -40.45 96.07
C SER LA 41 -35.51 -39.00 95.85
N LYS LA 42 -34.57 -38.07 96.07
CA LYS LA 42 -34.86 -36.66 95.81
C LYS LA 42 -34.98 -36.40 94.31
N LEU LA 43 -34.13 -37.05 93.51
CA LEU LA 43 -34.15 -36.81 92.06
C LEU LA 43 -35.47 -37.23 91.45
N SER LA 44 -36.02 -38.36 91.90
CA SER LA 44 -37.32 -38.80 91.39
C SER LA 44 -38.45 -37.94 91.92
N LYS LA 45 -38.22 -37.23 93.03
CA LYS LA 45 -39.29 -36.44 93.64
C LYS LA 45 -39.56 -35.15 92.89
N ILE LA 46 -38.71 -34.78 91.92
CA ILE LA 46 -38.95 -33.56 91.18
C ILE LA 46 -40.20 -33.68 90.33
N ARG LA 47 -40.40 -34.84 89.70
CA ARG LA 47 -41.57 -35.03 88.84
C ARG LA 47 -42.87 -35.00 89.64
N VAL LA 48 -42.90 -35.65 90.81
CA VAL LA 48 -44.15 -35.69 91.58
C VAL LA 48 -44.49 -34.32 92.14
N VAL LA 49 -43.48 -33.50 92.45
CA VAL LA 49 -43.75 -32.13 92.88
C VAL LA 49 -44.22 -31.29 91.71
N ARG LA 50 -43.61 -31.45 90.53
CA ARG LA 50 -44.01 -30.68 89.36
C ARG LA 50 -45.45 -30.99 88.96
N LYS LA 51 -45.83 -32.27 88.98
CA LYS LA 51 -47.19 -32.63 88.63
C LYS LA 51 -48.18 -32.18 89.70
N SER LA 52 -47.75 -32.13 90.96
CA SER LA 52 -48.59 -31.56 92.01
C SER LA 52 -48.82 -30.08 91.78
N ILE LA 53 -47.78 -29.36 91.33
CA ILE LA 53 -47.93 -27.95 91.00
C ILE LA 53 -48.91 -27.77 89.86
N ALA LA 54 -48.81 -28.60 88.83
CA ALA LA 54 -49.78 -28.57 87.75
C ALA LA 54 -51.18 -28.93 88.23
N ARG LA 55 -51.27 -29.87 89.17
CA ARG LA 55 -52.57 -30.26 89.72
C ARG LA 55 -53.24 -29.11 90.43
N VAL LA 56 -52.48 -28.37 91.24
CA VAL LA 56 -53.04 -27.22 91.95
C VAL LA 56 -53.42 -26.13 90.97
N LEU LA 57 -52.57 -25.88 89.97
CA LEU LA 57 -52.81 -24.78 89.04
C LEU LA 57 -54.01 -25.05 88.15
N THR LA 58 -54.27 -26.31 87.81
CA THR LA 58 -55.48 -26.64 87.06
C THR LA 58 -56.73 -26.37 87.87
N VAL LA 59 -56.68 -26.72 89.16
CA VAL LA 59 -57.86 -26.59 90.01
C VAL LA 59 -58.25 -25.13 90.18
N ILE LA 60 -57.26 -24.26 90.43
CA ILE LA 60 -57.57 -22.85 90.59
C ILE LA 60 -58.00 -22.23 89.26
N ASN LA 61 -57.39 -22.67 88.16
CA ASN LA 61 -57.77 -22.14 86.85
C ASN LA 61 -59.17 -22.58 86.45
N GLN LA 62 -59.51 -23.85 86.69
CA GLN LA 62 -60.85 -24.33 86.38
C GLN LA 62 -61.89 -23.68 87.29
N THR LA 63 -61.55 -23.48 88.56
CA THR LA 63 -62.46 -22.82 89.48
C THR LA 63 -62.72 -21.38 89.07
N GLN LA 64 -61.65 -20.68 88.67
CA GLN LA 64 -61.80 -19.30 88.24
C GLN LA 64 -62.58 -19.19 86.94
N LYS LA 65 -62.33 -20.10 85.99
CA LYS LA 65 -63.04 -20.07 84.72
C LYS LA 65 -64.52 -20.39 84.91
N GLU LA 66 -64.84 -21.33 85.80
CA GLU LA 66 -66.24 -21.68 86.03
C GLU LA 66 -67.00 -20.53 86.68
N ASN LA 67 -66.35 -19.80 87.57
CA ASN LA 67 -66.99 -18.65 88.19
C ASN LA 67 -67.27 -17.56 87.17
N LEU LA 68 -66.32 -17.29 86.28
CA LEU LA 68 -66.52 -16.29 85.24
C LEU LA 68 -67.63 -16.70 84.28
N ARG LA 69 -67.70 -18.00 83.95
CA ARG LA 69 -68.79 -18.48 83.11
C ARG LA 69 -70.13 -18.31 83.79
N LYS LA 70 -70.19 -18.58 85.10
CA LYS LA 70 -71.42 -18.34 85.84
C LYS LA 70 -71.75 -16.86 85.90
N PHE LA 71 -70.73 -16.02 86.10
CA PHE LA 71 -70.96 -14.58 86.20
C PHE LA 71 -71.45 -13.99 84.89
N TYR LA 72 -70.86 -14.41 83.77
CA TYR LA 72 -71.23 -13.90 82.46
C TYR LA 72 -72.39 -14.66 81.83
N LYS LA 73 -72.95 -15.64 82.55
CA LYS LA 73 -74.10 -16.38 82.02
C LYS LA 73 -75.32 -15.47 81.98
N GLY LA 74 -75.85 -15.25 80.78
CA GLY LA 74 -77.00 -14.40 80.58
C GLY LA 74 -76.68 -13.01 80.07
N LYS LA 75 -75.45 -12.56 80.24
CA LYS LA 75 -75.06 -11.27 79.67
C LYS LA 75 -75.06 -11.34 78.15
N LYS LA 76 -75.32 -10.20 77.52
CA LYS LA 76 -75.40 -10.18 76.07
C LYS LA 76 -74.02 -10.38 75.44
N TYR LA 77 -73.00 -9.68 75.96
CA TYR LA 77 -71.65 -9.79 75.45
C TYR LA 77 -70.77 -10.51 76.46
N LYS LA 78 -70.04 -11.51 75.98
CA LYS LA 78 -69.16 -12.31 76.80
C LYS LA 78 -67.71 -12.17 76.31
N PRO LA 79 -66.73 -12.38 77.18
CA PRO LA 79 -65.34 -12.36 76.73
C PRO LA 79 -65.07 -13.46 75.72
N LEU LA 80 -64.06 -13.24 74.89
CA LEU LA 80 -63.82 -14.10 73.74
C LEU LA 80 -63.47 -15.52 74.15
N ASP LA 81 -62.74 -15.69 75.26
CA ASP LA 81 -62.41 -17.03 75.71
C ASP LA 81 -63.59 -17.72 76.40
N LEU LA 82 -64.68 -17.01 76.65
CA LEU LA 82 -65.87 -17.62 77.25
C LEU LA 82 -66.87 -18.08 76.20
N ARG LA 83 -67.05 -17.32 75.13
CA ARG LA 83 -67.98 -17.68 74.09
C ARG LA 83 -67.43 -18.87 73.30
N PRO LA 84 -68.31 -19.63 72.63
CA PRO LA 84 -67.86 -20.86 71.96
C PRO LA 84 -66.83 -20.60 70.88
N LYS LA 85 -66.02 -21.62 70.62
CA LYS LA 85 -64.82 -21.52 69.81
C LYS LA 85 -64.89 -22.30 68.49
N LYS LA 86 -65.87 -23.19 68.34
CA LYS LA 86 -65.83 -24.38 67.50
C LYS LA 86 -65.04 -24.27 66.20
N THR LA 87 -65.37 -23.30 65.35
CA THR LA 87 -64.70 -23.15 64.07
C THR LA 87 -65.07 -21.80 63.51
N ARG LA 88 -64.08 -21.11 62.91
CA ARG LA 88 -64.30 -19.79 62.35
C ARG LA 88 -65.45 -19.80 61.35
N ALA LA 89 -65.48 -20.79 60.47
CA ALA LA 89 -66.59 -20.92 59.53
C ALA LA 89 -67.90 -21.19 60.25
N MET LA 90 -67.88 -22.05 61.26
CA MET LA 90 -69.10 -22.39 61.98
C MET LA 90 -69.53 -21.29 62.94
N ARG LA 91 -68.72 -20.26 63.14
CA ARG LA 91 -69.13 -19.09 63.89
C ARG LA 91 -69.71 -17.99 63.00
N ARG LA 92 -69.32 -17.97 61.72
CA ARG LA 92 -69.87 -16.97 60.81
C ARG LA 92 -71.28 -17.33 60.37
N ARG LA 93 -71.61 -18.62 60.33
CA ARG LA 93 -72.87 -19.05 59.75
C ARG LA 93 -74.05 -18.63 60.62
N LEU LA 94 -75.23 -18.62 60.01
CA LEU LA 94 -76.45 -18.19 60.68
C LEU LA 94 -76.84 -19.19 61.77
N ASN LA 95 -77.40 -18.68 62.85
CA ASN LA 95 -77.87 -19.54 63.92
C ASN LA 95 -79.23 -20.14 63.55
N LYS LA 96 -79.83 -20.87 64.49
CA LYS LA 96 -81.05 -21.61 64.20
C LYS LA 96 -82.22 -20.67 63.92
N HIS LA 97 -82.22 -19.49 64.52
CA HIS LA 97 -83.32 -18.56 64.32
C HIS LA 97 -83.42 -18.07 62.88
N GLU LA 98 -82.41 -17.34 62.41
CA GLU LA 98 -82.51 -16.77 61.07
C GLU LA 98 -82.31 -17.81 59.98
N GLU LA 99 -81.87 -19.02 60.31
CA GLU LA 99 -81.83 -20.08 59.31
C GLU LA 99 -83.21 -20.64 59.04
N ASN LA 100 -84.13 -20.53 59.99
CA ASN LA 100 -85.43 -21.18 59.88
C ASN LA 100 -86.57 -20.23 59.56
N LEU LA 101 -86.43 -18.94 59.85
CA LEU LA 101 -87.53 -18.01 59.57
C LEU LA 101 -87.71 -17.85 58.07
N LYS LA 102 -88.96 -17.83 57.64
CA LYS LA 102 -89.32 -17.78 56.23
C LYS LA 102 -90.05 -16.48 55.92
N THR LA 103 -90.14 -16.17 54.64
CA THR LA 103 -90.87 -15.00 54.19
C THR LA 103 -92.37 -15.19 54.40
N LYS LA 104 -93.08 -14.08 54.44
CA LYS LA 104 -94.54 -14.14 54.54
C LYS LA 104 -95.15 -14.81 53.32
N LYS LA 105 -94.59 -14.55 52.14
CA LYS LA 105 -95.08 -15.19 50.92
C LYS LA 105 -94.78 -16.69 50.93
N GLN LA 106 -93.60 -17.06 51.44
CA GLN LA 106 -93.22 -18.48 51.44
C GLN LA 106 -94.11 -19.29 52.38
N GLN LA 107 -94.37 -18.78 53.59
CA GLN LA 107 -95.22 -19.52 54.51
C GLN LA 107 -96.67 -19.48 54.09
N ARG LA 108 -97.07 -18.45 53.34
CA ARG LA 108 -98.42 -18.44 52.76
C ARG LA 108 -98.58 -19.54 51.73
N LYS LA 109 -97.56 -19.75 50.90
CA LYS LA 109 -97.61 -20.83 49.92
C LYS LA 109 -97.60 -22.19 50.60
N GLU LA 110 -96.82 -22.33 51.67
CA GLU LA 110 -96.73 -23.61 52.37
C GLU LA 110 -98.07 -24.00 52.99
N ARG LA 111 -98.78 -23.03 53.58
CA ARG LA 111 -100.07 -23.33 54.17
C ARG LA 111 -101.11 -23.68 53.11
N LEU LA 112 -101.12 -22.94 52.00
CA LEU LA 112 -102.17 -23.13 51.00
C LEU LA 112 -101.98 -24.43 50.23
N TYR LA 113 -100.75 -24.78 49.89
CA TYR LA 113 -100.45 -25.95 49.06
C TYR LA 113 -99.41 -26.82 49.75
N PRO LA 114 -99.79 -27.56 50.79
CA PRO LA 114 -98.83 -28.46 51.45
C PRO LA 114 -98.72 -29.78 50.70
N LEU LA 115 -97.51 -30.34 50.72
CA LEU LA 115 -97.30 -31.64 50.08
C LEU LA 115 -98.11 -32.70 50.80
N ARG LA 116 -98.79 -33.54 50.03
CA ARG LA 116 -99.73 -34.51 50.58
C ARG LA 116 -99.15 -35.92 50.50
N LYS LA 117 -99.72 -36.81 51.31
CA LYS LA 117 -99.41 -38.23 51.27
C LYS LA 117 -100.40 -38.93 50.36
N TYR LA 118 -99.90 -39.66 49.37
CA TYR LA 118 -100.75 -40.26 48.36
C TYR LA 118 -100.10 -41.52 47.83
N ALA LA 119 -100.91 -42.32 47.13
CA ALA LA 119 -100.43 -43.53 46.49
C ALA LA 119 -101.26 -43.79 45.24
N VAL LA 120 -100.70 -44.60 44.35
CA VAL LA 120 -101.35 -44.94 43.09
C VAL LA 120 -101.52 -46.45 43.02
N LYS LA 121 -102.68 -46.87 42.52
CA LYS LA 121 -102.97 -48.30 42.36
C LYS LA 121 -102.29 -48.84 41.11
N ALA LA 122 -102.58 -50.09 40.77
CA ALA LA 122 -102.01 -50.71 39.59
C ALA LA 122 -103.07 -50.91 38.51
N ALA MA 1 -108.50 -43.69 -1.26
CA ALA MA 1 -109.21 -43.25 -2.45
C ALA MA 1 -108.38 -42.25 -3.24
N LEU MA 2 -108.57 -40.96 -2.95
CA LEU MA 2 -107.90 -39.89 -3.67
C LEU MA 2 -107.29 -38.92 -2.67
N ARG MA 3 -106.13 -38.37 -3.02
CA ARG MA 3 -105.44 -37.34 -2.25
C ARG MA 3 -105.15 -37.81 -0.82
N TYR MA 4 -104.29 -38.82 -0.75
CA TYR MA 4 -103.77 -39.27 0.53
C TYR MA 4 -102.85 -38.21 1.12
N PRO MA 5 -102.74 -38.14 2.45
CA PRO MA 5 -101.70 -37.31 3.06
C PRO MA 5 -100.33 -37.86 2.72
N MET MA 6 -99.34 -36.97 2.65
CA MET MA 6 -97.99 -37.37 2.32
C MET MA 6 -97.02 -36.32 2.85
N ALA MA 7 -95.73 -36.66 2.77
CA ALA MA 7 -94.68 -35.86 3.40
C ALA MA 7 -94.11 -34.78 2.49
N VAL MA 8 -94.64 -34.63 1.27
CA VAL MA 8 -94.13 -33.63 0.33
C VAL MA 8 -95.30 -32.84 -0.24
N GLY MA 9 -94.97 -31.70 -0.83
CA GLY MA 9 -95.96 -30.85 -1.46
C GLY MA 9 -96.33 -29.65 -0.61
N LEU MA 10 -97.30 -28.91 -1.11
CA LEU MA 10 -97.81 -27.76 -0.38
C LEU MA 10 -98.45 -28.17 0.94
N ASN MA 11 -99.24 -29.24 0.91
CA ASN MA 11 -99.95 -29.72 2.09
C ASN MA 11 -99.31 -31.05 2.50
N LYS MA 12 -98.37 -30.97 3.44
CA LYS MA 12 -97.69 -32.13 3.99
C LYS MA 12 -97.87 -32.17 5.49
N GLY MA 13 -98.11 -33.37 6.02
CA GLY MA 13 -98.31 -33.53 7.44
C GLY MA 13 -99.36 -34.56 7.80
N HIS MA 14 -99.49 -34.85 9.09
CA HIS MA 14 -100.37 -35.91 9.56
C HIS MA 14 -101.83 -35.48 9.66
N LYS MA 15 -102.14 -34.22 9.32
CA LYS MA 15 -103.51 -33.72 9.29
C LYS MA 15 -104.18 -33.84 10.66
N VAL MA 16 -103.54 -33.29 11.66
CA VAL MA 16 -104.10 -33.23 13.00
C VAL MA 16 -104.83 -31.91 13.15
N THR MA 17 -105.95 -31.92 13.88
CA THR MA 17 -106.74 -30.72 14.05
C THR MA 17 -106.05 -29.73 14.98
N LYS MA 18 -106.05 -28.46 14.57
CA LYS MA 18 -105.36 -27.42 15.32
C LYS MA 18 -106.15 -27.04 16.56
N ASN MA 19 -105.41 -26.72 17.63
CA ASN MA 19 -106.01 -26.28 18.89
C ASN MA 19 -105.97 -24.75 18.94
N VAL MA 20 -107.14 -24.13 18.85
CA VAL MA 20 -107.25 -22.68 18.86
C VAL MA 20 -107.35 -22.22 20.30
N SER MA 21 -106.40 -21.39 20.73
CA SER MA 21 -106.35 -20.93 22.10
C SER MA 21 -105.75 -19.53 22.15
N LYS MA 22 -105.97 -18.85 23.26
CA LYS MA 22 -105.42 -17.52 23.43
C LYS MA 22 -103.89 -17.59 23.46
N PRO MA 23 -103.20 -16.61 22.89
CA PRO MA 23 -101.74 -16.64 22.91
C PRO MA 23 -101.20 -16.39 24.31
N ARG MA 24 -99.97 -16.83 24.52
CA ARG MA 24 -99.34 -16.71 25.82
C ARG MA 24 -99.11 -15.24 26.17
N HIS MA 25 -99.03 -14.97 27.48
CA HIS MA 25 -98.88 -13.59 27.93
C HIS MA 25 -97.51 -13.02 27.64
N SER MA 26 -96.50 -13.86 27.39
CA SER MA 26 -95.20 -13.33 27.03
C SER MA 26 -95.18 -12.78 25.60
N ARG MA 27 -96.18 -13.12 24.79
CA ARG MA 27 -96.18 -12.69 23.40
C ARG MA 27 -96.56 -11.23 23.23
N ARG MA 28 -97.18 -10.61 24.24
CA ARG MA 28 -97.52 -9.20 24.16
C ARG MA 28 -96.41 -8.30 24.66
N ARG MA 29 -95.22 -8.83 24.91
CA ARG MA 29 -94.10 -8.01 25.34
C ARG MA 29 -93.81 -6.95 24.29
N GLY MA 30 -93.52 -5.74 24.74
CA GLY MA 30 -93.23 -4.65 23.85
C GLY MA 30 -94.43 -3.95 23.27
N ARG MA 31 -95.65 -4.40 23.58
CA ARG MA 31 -96.83 -3.67 23.14
C ARG MA 31 -96.90 -2.33 23.87
N LEU MA 32 -97.27 -1.29 23.13
CA LEU MA 32 -97.32 0.05 23.68
C LEU MA 32 -98.64 0.27 24.40
N THR MA 33 -98.58 0.66 25.67
CA THR MA 33 -99.77 0.93 26.46
C THR MA 33 -100.01 2.44 26.50
N LYS MA 34 -101.21 2.80 26.98
CA LYS MA 34 -101.59 4.21 27.05
C LYS MA 34 -100.71 4.99 28.01
N HIS MA 35 -100.48 4.44 29.21
CA HIS MA 35 -99.69 5.15 30.20
C HIS MA 35 -98.22 5.22 29.79
N THR MA 36 -97.68 4.14 29.24
CA THR MA 36 -96.29 4.14 28.80
C THR MA 36 -96.08 5.13 27.67
N LYS MA 37 -97.01 5.20 26.72
CA LYS MA 37 -96.93 6.17 25.65
C LYS MA 37 -96.99 7.59 26.21
N PHE MA 38 -97.86 7.83 27.19
CA PHE MA 38 -97.95 9.15 27.81
C PHE MA 38 -96.67 9.48 28.57
N VAL MA 39 -96.04 8.48 29.18
CA VAL MA 39 -94.77 8.73 29.87
C VAL MA 39 -93.69 9.09 28.84
N ARG MA 40 -93.63 8.33 27.75
CA ARG MA 40 -92.56 8.50 26.78
C ARG MA 40 -92.64 9.84 26.06
N ASP MA 41 -93.84 10.27 25.67
CA ASP MA 41 -93.95 11.54 24.97
C ASP MA 41 -93.70 12.72 25.91
N MET MA 42 -94.03 12.55 27.19
CA MET MA 42 -93.70 13.57 28.18
C MET MA 42 -92.19 13.74 28.32
N ILE MA 43 -91.46 12.63 28.37
CA ILE MA 43 -90.00 12.69 28.43
C ILE MA 43 -89.45 13.29 27.15
N ARG MA 44 -90.07 13.00 26.02
CA ARG MA 44 -89.69 13.64 24.76
C ARG MA 44 -89.87 15.15 24.84
N GLU MA 45 -90.95 15.60 25.48
CA GLU MA 45 -91.18 17.02 25.64
C GLU MA 45 -90.16 17.64 26.60
N VAL MA 46 -89.84 16.94 27.68
CA VAL MA 46 -88.88 17.46 28.65
C VAL MA 46 -87.47 17.48 28.06
N CYS MA 47 -87.06 16.39 27.42
CA CYS MA 47 -85.68 16.24 26.98
C CYS MA 47 -85.42 17.00 25.69
N GLY MA 48 -86.10 16.61 24.61
CA GLY MA 48 -85.84 17.14 23.28
C GLY MA 48 -85.41 16.05 22.33
N PHE MA 49 -84.47 16.38 21.45
CA PHE MA 49 -84.01 15.44 20.44
C PHE MA 49 -82.49 15.40 20.41
N ALA MA 50 -81.96 14.24 20.03
CA ALA MA 50 -80.53 14.04 19.91
C ALA MA 50 -80.00 14.84 18.72
N PRO MA 51 -78.71 15.19 18.75
CA PRO MA 51 -78.14 15.94 17.61
C PRO MA 51 -78.28 15.24 16.27
N TYR MA 52 -78.14 13.91 16.24
CA TYR MA 52 -78.33 13.20 14.99
C TYR MA 52 -79.80 13.16 14.58
N GLU MA 53 -80.71 13.19 15.55
CA GLU MA 53 -82.13 13.21 15.24
C GLU MA 53 -82.53 14.53 14.58
N ARG MA 54 -82.08 15.65 15.13
CA ARG MA 54 -82.44 16.93 14.56
C ARG MA 54 -81.68 17.23 13.27
N ARG MA 55 -80.49 16.65 13.10
CA ARG MA 55 -79.82 16.73 11.81
C ARG MA 55 -80.62 16.00 10.74
N ALA MA 56 -81.12 14.80 11.08
CA ALA MA 56 -81.98 14.08 10.14
C ALA MA 56 -83.29 14.80 9.92
N MET MA 57 -83.80 15.49 10.94
CA MET MA 57 -85.02 16.28 10.77
C MET MA 57 -84.80 17.42 9.79
N GLU MA 58 -83.61 18.03 9.81
CA GLU MA 58 -83.27 19.04 8.82
C GLU MA 58 -83.25 18.45 7.42
N LEU MA 59 -82.70 17.24 7.28
CA LEU MA 59 -82.67 16.58 5.98
C LEU MA 59 -84.09 16.26 5.50
N LEU MA 60 -84.96 15.82 6.40
CA LEU MA 60 -86.34 15.57 6.02
C LEU MA 60 -87.08 16.87 5.73
N LYS MA 61 -86.70 17.96 6.41
CA LYS MA 61 -87.32 19.26 6.13
C LYS MA 61 -87.00 19.72 4.71
N VAL MA 62 -85.73 19.55 4.29
CA VAL MA 62 -85.34 19.88 2.92
C VAL MA 62 -85.64 18.76 1.94
N SER MA 63 -86.31 17.70 2.39
CA SER MA 63 -86.89 16.66 1.54
C SER MA 63 -85.83 15.84 0.80
N LYS MA 64 -84.64 15.69 1.38
CA LYS MA 64 -83.66 14.72 0.89
C LYS MA 64 -83.94 13.40 1.61
N ASP MA 65 -85.01 12.73 1.17
CA ASP MA 65 -85.48 11.53 1.86
C ASP MA 65 -84.45 10.40 1.82
N LYS MA 66 -83.85 10.19 0.65
CA LYS MA 66 -82.88 9.10 0.51
C LYS MA 66 -81.64 9.35 1.37
N ARG MA 67 -81.15 10.59 1.38
CA ARG MA 67 -79.98 10.90 2.19
C ARG MA 67 -80.30 10.86 3.68
N ALA MA 68 -81.53 11.23 4.04
CA ALA MA 68 -81.94 11.12 5.44
C ALA MA 68 -81.97 9.66 5.89
N LEU MA 69 -82.51 8.77 5.04
CA LEU MA 69 -82.56 7.36 5.40
C LEU MA 69 -81.16 6.76 5.49
N LYS MA 70 -80.27 7.16 4.59
CA LYS MA 70 -78.89 6.66 4.64
C LYS MA 70 -78.17 7.16 5.87
N PHE MA 71 -78.37 8.43 6.23
CA PHE MA 71 -77.70 8.99 7.40
C PHE MA 71 -78.18 8.34 8.69
N ILE MA 72 -79.50 8.12 8.80
CA ILE MA 72 -80.06 7.46 9.98
C ILE MA 72 -79.56 6.03 10.07
N LYS MA 73 -79.50 5.33 8.93
CA LYS MA 73 -78.99 3.97 8.92
C LYS MA 73 -77.52 3.92 9.34
N LYS MA 74 -76.72 4.90 8.90
CA LYS MA 74 -75.34 4.96 9.34
C LYS MA 74 -75.26 5.20 10.84
N ARG MA 75 -76.15 6.02 11.38
CA ARG MA 75 -76.12 6.32 12.81
C ARG MA 75 -76.67 5.16 13.64
N VAL MA 76 -77.94 4.81 13.42
CA VAL MA 76 -78.58 3.81 14.26
C VAL MA 76 -77.99 2.43 13.98
N GLY MA 77 -77.89 2.04 12.71
CA GLY MA 77 -77.17 0.83 12.38
C GLY MA 77 -77.81 -0.11 11.38
N THR MA 78 -79.13 -0.24 11.37
CA THR MA 78 -79.81 -1.20 10.53
C THR MA 78 -80.90 -0.53 9.73
N HIS MA 79 -81.23 -1.15 8.59
CA HIS MA 79 -82.26 -0.60 7.70
C HIS MA 79 -83.63 -0.57 8.36
N ILE MA 80 -83.98 -1.64 9.08
CA ILE MA 80 -85.30 -1.74 9.69
C ILE MA 80 -85.47 -0.68 10.77
N ARG MA 81 -84.43 -0.48 11.60
CA ARG MA 81 -84.49 0.56 12.62
C ARG MA 81 -84.43 1.94 12.00
N ALA MA 82 -83.71 2.10 10.89
CA ALA MA 82 -83.66 3.38 10.22
C ALA MA 82 -85.01 3.74 9.62
N LYS MA 83 -85.70 2.76 9.04
CA LYS MA 83 -87.01 3.01 8.45
C LYS MA 83 -88.00 3.45 9.50
N ARG MA 84 -88.00 2.79 10.66
CA ARG MA 84 -88.89 3.18 11.75
C ARG MA 84 -88.53 4.55 12.29
N LYS MA 85 -87.24 4.83 12.43
CA LYS MA 85 -86.81 6.13 12.95
C LYS MA 85 -87.10 7.26 11.97
N ARG MA 86 -86.86 7.03 10.67
CA ARG MA 86 -87.17 8.05 9.69
C ARG MA 86 -88.67 8.29 9.60
N GLU MA 87 -89.47 7.22 9.73
CA GLU MA 87 -90.91 7.38 9.75
C GLU MA 87 -91.35 8.18 10.97
N GLU MA 88 -90.74 7.91 12.13
CA GLU MA 88 -91.08 8.65 13.33
C GLU MA 88 -90.70 10.13 13.21
N LEU MA 89 -89.51 10.41 12.67
CA LEU MA 89 -89.08 11.79 12.53
C LEU MA 89 -89.94 12.55 11.51
N SER MA 90 -90.39 11.86 10.47
CA SER MA 90 -91.32 12.47 9.54
C SER MA 90 -92.66 12.76 10.20
N ASN MA 91 -93.06 11.90 11.13
CA ASN MA 91 -94.33 12.11 11.83
C ASN MA 91 -94.27 13.34 12.72
N VAL MA 92 -93.17 13.50 13.47
CA VAL MA 92 -93.08 14.66 14.36
C VAL MA 92 -92.86 15.94 13.56
N LEU MA 93 -92.26 15.84 12.37
CA LEU MA 93 -92.12 17.00 11.51
C LEU MA 93 -93.48 17.43 10.97
N ALA MA 94 -94.31 16.46 10.58
CA ALA MA 94 -95.65 16.79 10.09
C ALA MA 94 -96.51 17.34 11.22
N ALA MA 95 -96.32 16.84 12.44
CA ALA MA 95 -97.11 17.32 13.58
C ALA MA 95 -96.80 18.78 13.88
N MET MA 96 -95.51 19.14 13.88
CA MET MA 96 -95.14 20.52 14.15
C MET MA 96 -95.46 21.43 12.97
N ARG MA 97 -95.48 20.89 11.76
CA ARG MA 97 -95.93 21.67 10.61
C ARG MA 97 -97.40 22.02 10.73
N LYS MA 98 -98.22 21.06 11.18
CA LYS MA 98 -99.64 21.33 11.39
C LYS MA 98 -99.86 22.28 12.55
N ALA MA 99 -99.08 22.12 13.63
CA ALA MA 99 -99.24 22.99 14.80
C ALA MA 99 -98.90 24.43 14.46
N ALA MA 100 -97.81 24.65 13.70
CA ALA MA 100 -97.48 26.00 13.29
C ALA MA 100 -98.47 26.56 12.29
N ALA MA 101 -99.08 25.69 11.47
CA ALA MA 101 -100.07 26.14 10.50
C ALA MA 101 -101.33 26.64 11.19
N LYS MA 102 -101.73 26.00 12.29
CA LYS MA 102 -102.92 26.41 13.02
C LYS MA 102 -102.55 27.23 14.26
N THR NA 1 -7.07 -13.77 39.92
CA THR NA 1 -7.39 -15.19 39.78
C THR NA 1 -8.84 -15.45 40.15
N LYS NA 2 -9.58 -16.09 39.24
CA LYS NA 2 -11.00 -16.34 39.47
C LYS NA 2 -11.25 -17.57 40.33
N GLY NA 3 -10.21 -18.31 40.71
CA GLY NA 3 -10.40 -19.55 41.43
C GLY NA 3 -10.12 -19.47 42.92
N THR NA 4 -9.00 -20.06 43.34
CA THR NA 4 -8.68 -20.16 44.76
C THR NA 4 -8.49 -18.78 45.38
N SER NA 5 -7.81 -17.88 44.68
CA SER NA 5 -7.52 -16.56 45.25
C SER NA 5 -8.80 -15.76 45.44
N SER NA 6 -9.73 -15.84 44.50
CA SER NA 6 -11.00 -15.13 44.64
C SER NA 6 -11.81 -15.68 45.80
N PHE NA 7 -11.73 -16.98 46.04
CA PHE NA 7 -12.48 -17.60 47.14
C PHE NA 7 -11.92 -17.18 48.50
N GLY NA 8 -10.76 -16.53 48.54
CA GLY NA 8 -10.18 -16.16 49.81
C GLY NA 8 -10.82 -14.96 50.48
N LYS NA 9 -11.55 -14.15 49.71
CA LYS NA 9 -12.04 -12.86 50.21
C LYS NA 9 -13.56 -12.82 50.32
N ARG NA 10 -14.20 -13.96 50.57
CA ARG NA 10 -15.64 -14.00 50.79
C ARG NA 10 -15.87 -14.10 52.29
N ARG NA 11 -16.20 -12.97 52.91
CA ARG NA 11 -16.45 -12.92 54.35
C ARG NA 11 -17.64 -12.04 54.71
N ASN NA 12 -18.44 -11.64 53.73
CA ASN NA 12 -19.60 -10.77 53.95
C ASN NA 12 -20.85 -11.55 53.60
N LYS NA 13 -21.63 -11.92 54.61
CA LYS NA 13 -22.83 -12.70 54.37
C LYS NA 13 -23.86 -11.88 53.62
N THR NA 14 -24.51 -12.52 52.64
CA THR NA 14 -25.60 -11.90 51.90
C THR NA 14 -26.97 -12.37 52.32
N HIS NA 15 -27.06 -13.45 53.10
CA HIS NA 15 -28.32 -13.99 53.56
C HIS NA 15 -28.24 -14.25 55.06
N THR NA 16 -29.38 -14.13 55.74
CA THR NA 16 -29.47 -14.40 57.16
C THR NA 16 -30.74 -15.21 57.41
N LEU NA 17 -30.98 -15.54 58.68
CA LEU NA 17 -32.11 -16.38 59.04
C LEU NA 17 -33.40 -15.58 58.94
N CYS NA 18 -34.32 -16.04 58.11
CA CYS NA 18 -35.61 -15.39 57.96
C CYS NA 18 -36.46 -15.64 59.21
N ARG NA 19 -37.09 -14.59 59.72
CA ARG NA 19 -37.87 -14.71 60.94
C ARG NA 19 -39.08 -15.61 60.72
N ARG NA 20 -39.79 -15.42 59.62
CA ARG NA 20 -40.71 -16.42 59.11
C ARG NA 20 -39.92 -17.51 58.42
N CYS NA 21 -40.44 -18.73 58.45
CA CYS NA 21 -39.94 -19.86 57.65
C CYS NA 21 -38.53 -20.33 58.04
N GLY NA 22 -37.88 -19.61 58.95
CA GLY NA 22 -36.61 -20.01 59.54
C GLY NA 22 -35.49 -20.48 58.64
N SER NA 23 -35.47 -20.02 57.40
CA SER NA 23 -34.43 -20.40 56.46
C SER NA 23 -33.41 -19.29 56.30
N LYS NA 24 -32.22 -19.67 55.84
CA LYS NA 24 -31.12 -18.72 55.64
C LYS NA 24 -31.17 -18.13 54.24
N ALA NA 25 -32.33 -17.54 53.91
CA ALA NA 25 -32.53 -16.95 52.59
C ALA NA 25 -32.93 -15.48 52.67
N TYR NA 26 -32.94 -14.89 53.86
CA TYR NA 26 -33.32 -13.49 54.03
C TYR NA 26 -32.19 -12.62 53.47
N HIS NA 27 -32.40 -12.07 52.28
CA HIS NA 27 -31.41 -11.19 51.68
C HIS NA 27 -31.28 -9.91 52.48
N LEU NA 28 -30.08 -9.63 52.97
CA LEU NA 28 -29.89 -8.51 53.90
C LEU NA 28 -30.08 -7.17 53.20
N GLN NA 29 -29.54 -7.03 51.98
CA GLN NA 29 -29.65 -5.76 51.27
C GLN NA 29 -31.06 -5.55 50.72
N LYS NA 30 -31.70 -6.61 50.24
CA LYS NA 30 -33.04 -6.48 49.67
C LYS NA 30 -34.15 -6.57 50.70
N SER NA 31 -33.85 -7.05 51.91
CA SER NA 31 -34.84 -7.25 52.96
C SER NA 31 -35.98 -8.16 52.50
N THR NA 32 -35.64 -9.17 51.71
CA THR NA 32 -36.60 -10.10 51.14
C THR NA 32 -36.07 -11.52 51.25
N CYS NA 33 -36.86 -12.41 51.82
CA CYS NA 33 -36.46 -13.81 51.90
C CYS NA 33 -36.52 -14.45 50.52
N GLY NA 34 -35.48 -15.20 50.17
CA GLY NA 34 -35.46 -15.87 48.88
C GLY NA 34 -36.32 -17.11 48.79
N LYS NA 35 -36.70 -17.68 49.94
CA LYS NA 35 -37.48 -18.91 49.97
C LYS NA 35 -38.96 -18.66 50.23
N CYS NA 36 -39.30 -17.82 51.21
CA CYS NA 36 -40.69 -17.54 51.53
C CYS NA 36 -41.13 -16.13 51.13
N GLY NA 37 -40.19 -15.23 50.84
CA GLY NA 37 -40.55 -13.88 50.45
C GLY NA 37 -41.16 -13.09 51.58
N TYR NA 38 -40.37 -12.74 52.59
CA TYR NA 38 -40.96 -12.11 53.76
C TYR NA 38 -40.58 -10.64 53.88
N PRO NA 39 -41.08 -9.79 53.02
CA PRO NA 39 -41.69 -8.54 53.48
C PRO NA 39 -43.20 -8.67 53.40
N ALA NA 40 -43.65 -9.74 52.74
CA ALA NA 40 -44.96 -9.80 52.12
C ALA NA 40 -45.93 -10.64 52.91
N LYS NA 41 -47.22 -10.37 52.71
CA LYS NA 41 -48.25 -11.09 53.44
C LYS NA 41 -48.43 -12.51 52.94
N ARG NA 42 -48.24 -12.75 51.64
CA ARG NA 42 -48.42 -14.06 51.05
C ARG NA 42 -47.07 -14.76 50.89
N LYS NA 43 -47.03 -16.03 51.27
CA LYS NA 43 -45.81 -16.80 51.15
C LYS NA 43 -45.48 -17.07 49.69
N ARG NA 44 -44.21 -17.33 49.44
CA ARG NA 44 -43.71 -17.57 48.09
C ARG NA 44 -43.81 -19.05 47.78
N LYS NA 45 -44.68 -19.40 46.83
CA LYS NA 45 -44.89 -20.79 46.45
C LYS NA 45 -45.17 -20.84 44.95
N TYR NA 46 -44.45 -21.70 44.25
CA TYR NA 46 -44.55 -21.81 42.79
C TYR NA 46 -44.84 -23.24 42.40
N ASN NA 47 -45.66 -23.41 41.36
CA ASN NA 47 -46.04 -24.74 40.91
C ASN NA 47 -44.98 -25.40 40.05
N TRP NA 48 -43.92 -24.71 39.67
CA TRP NA 48 -42.86 -25.32 38.89
C TRP NA 48 -41.86 -26.07 39.75
N SER NA 49 -42.08 -26.13 41.07
CA SER NA 49 -41.28 -26.96 41.96
C SER NA 49 -42.23 -27.64 42.94
N ALA NA 50 -42.70 -28.83 42.57
CA ALA NA 50 -43.54 -29.59 43.47
C ALA NA 50 -42.75 -30.12 44.65
N LYS NA 51 -41.43 -30.29 44.49
CA LYS NA 51 -40.59 -30.72 45.59
C LYS NA 51 -40.56 -29.67 46.70
N ALA NA 52 -40.36 -28.40 46.33
CA ALA NA 52 -40.31 -27.35 47.32
C ALA NA 52 -41.67 -27.14 47.99
N LYS NA 53 -42.75 -27.33 47.25
CA LYS NA 53 -44.07 -27.29 47.87
C LYS NA 53 -44.22 -28.39 48.90
N ARG NA 54 -43.75 -29.60 48.57
CA ARG NA 54 -43.91 -30.73 49.47
C ARG NA 54 -43.07 -30.57 50.74
N ARG NA 55 -41.89 -29.93 50.62
CA ARG NA 55 -41.00 -29.79 51.76
C ARG NA 55 -41.55 -28.90 52.85
N ASN NA 56 -42.55 -28.07 52.54
CA ASN NA 56 -43.00 -27.05 53.47
C ASN NA 56 -44.53 -26.98 53.58
N THR NA 57 -45.26 -27.82 52.86
CA THR NA 57 -46.70 -27.75 52.87
C THR NA 57 -47.26 -28.14 54.24
N THR NA 58 -48.58 -28.00 54.38
CA THR NA 58 -49.27 -28.39 55.59
C THR NA 58 -49.09 -29.89 55.83
N GLY NA 59 -48.72 -30.26 57.05
CA GLY NA 59 -48.46 -31.63 57.41
C GLY NA 59 -47.00 -31.95 57.63
N THR NA 60 -46.09 -31.03 57.29
CA THR NA 60 -44.67 -31.23 57.52
C THR NA 60 -44.21 -30.69 58.86
N GLY NA 61 -45.10 -30.08 59.63
CA GLY NA 61 -44.73 -29.52 60.92
C GLY NA 61 -45.51 -30.09 62.07
N ARG NA 62 -45.76 -29.27 63.09
CA ARG NA 62 -46.40 -29.75 64.30
C ARG NA 62 -47.90 -29.99 64.12
N MET NA 63 -48.57 -29.10 63.39
CA MET NA 63 -50.03 -29.08 63.31
C MET NA 63 -50.65 -29.05 64.71
N ARG NA 64 -50.26 -28.03 65.48
CA ARG NA 64 -50.75 -27.91 66.85
C ARG NA 64 -52.26 -27.74 66.89
N HIS NA 65 -52.81 -26.94 65.97
CA HIS NA 65 -54.24 -26.70 65.94
C HIS NA 65 -54.98 -27.73 65.10
N LEU NA 66 -54.40 -28.17 63.99
CA LEU NA 66 -55.13 -29.04 63.07
C LEU NA 66 -55.30 -30.45 63.64
N LYS NA 67 -54.33 -30.94 64.40
CA LYS NA 67 -54.48 -32.25 65.04
C LYS NA 67 -55.67 -32.24 65.99
N ILE NA 68 -55.83 -31.14 66.74
CA ILE NA 68 -56.99 -31.01 67.62
C ILE NA 68 -58.27 -30.86 66.81
N VAL NA 69 -58.20 -30.14 65.69
CA VAL NA 69 -59.39 -29.94 64.85
C VAL NA 69 -59.84 -31.26 64.24
N TYR NA 70 -58.90 -32.07 63.76
CA TYR NA 70 -59.26 -33.37 63.20
C TYR NA 70 -59.89 -34.26 64.25
N ARG NA 71 -59.34 -34.25 65.47
CA ARG NA 71 -59.92 -35.06 66.54
C ARG NA 71 -61.30 -34.54 66.94
N ARG NA 72 -61.45 -33.22 67.04
CA ARG NA 72 -62.73 -32.66 67.47
C ARG NA 72 -63.81 -32.84 66.42
N PHE NA 73 -63.42 -32.99 65.15
CA PHE NA 73 -64.40 -33.14 64.08
C PHE NA 73 -65.18 -34.44 64.21
N ARG NA 74 -64.55 -35.48 64.76
CA ARG NA 74 -65.21 -36.78 64.87
C ARG NA 74 -66.44 -36.69 65.77
N HIS NA 75 -66.35 -35.93 66.85
CA HIS NA 75 -67.46 -35.79 67.78
C HIS NA 75 -68.32 -34.56 67.51
N GLY NA 76 -68.05 -33.83 66.43
CA GLY NA 76 -68.91 -32.73 66.05
C GLY NA 76 -68.63 -31.41 66.72
N PHE NA 77 -67.39 -31.17 67.15
CA PHE NA 77 -66.98 -29.90 67.75
C PHE NA 77 -67.82 -29.55 68.97
N ARG NA 78 -68.02 -30.52 69.86
CA ARG NA 78 -68.80 -30.30 71.06
C ARG NA 78 -68.03 -29.45 72.05
N GLU NA 79 -68.74 -28.54 72.72
CA GLU NA 79 -68.14 -27.68 73.73
C GLU NA 79 -69.08 -27.53 74.90
N GLY NA 80 -68.51 -27.15 76.04
CA GLY NA 80 -69.29 -26.94 77.24
C GLY NA 80 -69.89 -28.20 77.82
N THR NA 81 -69.33 -29.37 77.50
CA THR NA 81 -69.85 -30.64 77.97
C THR NA 81 -68.83 -31.32 78.86
N THR NA 82 -69.32 -32.25 79.66
CA THR NA 82 -68.57 -33.01 80.64
C THR NA 82 -69.01 -34.46 80.54
N PRO NA 83 -68.09 -35.42 80.77
CA PRO NA 83 -68.39 -36.82 80.46
C PRO NA 83 -69.31 -37.54 81.45
N LYS NA 84 -70.16 -36.79 82.19
CA LYS NA 84 -71.09 -37.37 83.16
C LYS NA 84 -70.27 -38.03 84.26
N PRO NA 85 -69.76 -37.22 85.20
CA PRO NA 85 -68.87 -37.76 86.23
C PRO NA 85 -69.59 -38.75 87.13
N LYS NA 86 -68.84 -39.71 87.65
CA LYS NA 86 -69.35 -40.69 88.59
C LYS NA 86 -69.56 -40.07 89.96
N PRO OA 1 -9.17 13.87 93.95
CA PRO OA 1 -9.23 14.29 95.34
C PRO OA 1 -9.10 15.79 95.52
N ARG OA 2 -9.24 16.26 96.75
CA ARG OA 2 -9.12 17.67 97.08
C ARG OA 2 -8.11 17.84 98.21
N LYS OA 3 -7.28 18.86 98.10
CA LYS OA 3 -6.30 19.20 99.13
C LYS OA 3 -6.86 20.31 100.00
N ILE OA 4 -6.80 20.12 101.31
CA ILE OA 4 -7.28 21.09 102.28
C ILE OA 4 -6.08 21.86 102.82
N GLU OA 5 -6.12 23.18 102.71
CA GLU OA 5 -4.95 23.99 103.08
C GLU OA 5 -4.90 24.25 104.58
N GLU OA 6 -5.89 24.97 105.10
CA GLU OA 6 -5.85 25.39 106.48
C GLU OA 6 -6.43 24.28 107.36
N ILE OA 7 -6.68 24.60 108.62
CA ILE OA 7 -7.01 23.61 109.63
C ILE OA 7 -8.49 23.58 109.94
N LYS OA 8 -9.10 24.73 110.24
CA LYS OA 8 -10.47 24.77 110.74
C LYS OA 8 -11.47 24.18 109.74
N ASP OA 9 -11.27 24.45 108.44
CA ASP OA 9 -12.18 23.84 107.46
C ASP OA 9 -12.00 22.33 107.39
N PHE OA 10 -10.81 21.84 107.71
CA PHE OA 10 -10.62 20.39 107.81
C PHE OA 10 -11.45 19.82 108.96
N LEU OA 11 -11.56 20.53 110.08
CA LEU OA 11 -12.36 20.03 111.19
C LEU OA 11 -13.84 19.95 110.83
N LEU OA 12 -14.36 20.96 110.12
CA LEU OA 12 -15.78 20.92 109.78
C LEU OA 12 -16.07 19.92 108.67
N THR OA 13 -15.15 19.76 107.72
CA THR OA 13 -15.31 18.73 106.70
C THR OA 13 -15.16 17.34 107.30
N ALA OA 14 -14.42 17.22 108.41
CA ALA OA 14 -14.41 15.96 109.15
C ALA OA 14 -15.68 15.80 109.98
N ARG OA 15 -16.27 16.91 110.42
CA ARG OA 15 -17.44 16.84 111.29
C ARG OA 15 -18.74 16.65 110.52
N ARG OA 16 -18.73 16.78 109.20
CA ARG OA 16 -19.96 16.67 108.45
C ARG OA 16 -20.41 15.22 108.37
N LYS OA 17 -21.68 15.04 107.97
CA LYS OA 17 -22.35 13.75 108.11
C LYS OA 17 -21.72 12.67 107.25
N ASP OA 18 -21.33 13.01 106.02
CA ASP OA 18 -20.87 12.02 105.06
C ASP OA 18 -19.39 11.68 105.20
N ALA OA 19 -18.73 12.12 106.27
CA ALA OA 19 -17.34 11.75 106.52
C ALA OA 19 -17.31 10.37 107.14
N LYS OA 20 -16.92 9.36 106.35
CA LYS OA 20 -16.95 7.99 106.85
C LYS OA 20 -15.82 7.72 107.83
N SER OA 21 -14.62 8.21 107.53
CA SER OA 21 -13.45 7.91 108.36
C SER OA 21 -12.38 8.95 108.10
N VAL OA 22 -11.41 9.01 109.01
CA VAL OA 22 -10.20 9.80 108.82
C VAL OA 22 -9.01 8.87 108.94
N LYS OA 23 -8.10 8.96 107.98
CA LYS OA 23 -6.90 8.13 107.95
C LYS OA 23 -5.68 8.99 108.25
N ILE OA 24 -4.85 8.53 109.17
CA ILE OA 24 -3.67 9.26 109.62
C ILE OA 24 -2.45 8.59 109.02
N LYS OA 25 -1.67 9.34 108.25
CA LYS OA 25 -0.47 8.82 107.60
C LYS OA 25 0.73 9.60 108.09
N LYS OA 26 1.74 8.89 108.56
CA LYS OA 26 2.98 9.49 109.02
C LYS OA 26 4.06 9.25 107.96
N ASN OA 27 4.69 10.32 107.51
CA ASN OA 27 5.74 10.26 106.50
C ASN OA 27 7.03 10.81 107.08
N LYS OA 28 8.11 10.73 106.30
CA LYS OA 28 9.40 11.24 106.73
C LYS OA 28 9.42 12.76 106.80
N ASP OA 29 8.47 13.43 106.16
CA ASP OA 29 8.44 14.88 106.09
C ASP OA 29 7.17 15.49 106.68
N ASN OA 30 6.02 14.84 106.54
CA ASN OA 30 4.75 15.42 106.94
C ASN OA 30 3.85 14.33 107.50
N VAL OA 31 2.76 14.78 108.12
CA VAL OA 31 1.69 13.89 108.57
C VAL OA 31 0.44 14.26 107.78
N LYS OA 32 -0.11 13.30 107.06
CA LYS OA 32 -1.28 13.53 106.22
C LYS OA 32 -2.53 13.06 106.94
N PHE OA 33 -3.59 13.87 106.86
CA PHE OA 33 -4.88 13.57 107.45
C PHE OA 33 -5.88 13.45 106.30
N LYS OA 34 -6.33 12.23 106.02
CA LYS OA 34 -7.23 11.97 104.91
C LYS OA 34 -8.60 11.59 105.46
N VAL OA 35 -9.60 12.43 105.19
CA VAL OA 35 -10.98 12.17 105.60
C VAL OA 35 -11.77 11.80 104.37
N ARG OA 36 -12.40 10.63 104.40
CA ARG OA 36 -13.16 10.12 103.26
C ARG OA 36 -14.57 10.67 103.33
N CYS OA 37 -14.88 11.63 102.47
CA CYS OA 37 -16.24 12.14 102.37
C CYS OA 37 -16.97 11.38 101.26
N SER OA 38 -18.17 11.83 100.91
CA SER OA 38 -19.00 11.07 99.98
C SER OA 38 -18.51 11.19 98.55
N ARG OA 39 -17.84 12.29 98.20
CA ARG OA 39 -17.40 12.53 96.84
C ARG OA 39 -15.90 12.65 96.70
N TYR OA 40 -15.23 13.33 97.63
CA TYR OA 40 -13.79 13.53 97.58
C TYR OA 40 -13.12 12.94 98.81
N LEU OA 41 -11.82 12.72 98.69
CA LEU OA 41 -10.97 12.32 99.81
C LEU OA 41 -10.12 13.52 100.18
N TYR OA 42 -10.57 14.26 101.19
CA TYR OA 42 -9.90 15.50 101.58
C TYR OA 42 -8.65 15.17 102.38
N THR OA 43 -7.51 15.69 101.92
CA THR OA 43 -6.23 15.47 102.57
C THR OA 43 -5.69 16.80 103.10
N LEU OA 44 -5.23 16.78 104.35
CA LEU OA 44 -4.64 17.94 104.99
C LEU OA 44 -3.26 17.54 105.51
N VAL OA 45 -2.24 18.33 105.16
CA VAL OA 45 -0.85 17.98 105.41
C VAL OA 45 -0.26 18.97 106.40
N ILE OA 46 0.44 18.47 107.41
CA ILE OA 46 1.09 19.29 108.42
C ILE OA 46 2.56 18.89 108.48
N THR OA 47 3.43 19.88 108.64
CA THR OA 47 4.87 19.62 108.66
C THR OA 47 5.31 19.04 109.99
N ASP OA 48 5.12 19.77 111.09
CA ASP OA 48 5.69 19.38 112.37
C ASP OA 48 4.67 18.64 113.22
N LYS OA 49 5.17 18.00 114.28
CA LYS OA 49 4.44 16.93 114.96
C LYS OA 49 3.39 17.43 115.94
N GLU OA 50 3.67 18.52 116.67
CA GLU OA 50 2.77 18.95 117.74
C GLU OA 50 1.40 19.36 117.19
N LYS OA 51 1.38 19.97 116.00
CA LYS OA 51 0.11 20.32 115.37
C LYS OA 51 -0.70 19.08 115.03
N ALA OA 52 -0.02 18.05 114.52
CA ALA OA 52 -0.71 16.80 114.22
C ALA OA 52 -1.19 16.10 115.48
N GLU OA 53 -0.44 16.21 116.57
CA GLU OA 53 -0.88 15.63 117.84
C GLU OA 53 -2.15 16.31 118.32
N LYS OA 54 -2.14 17.64 118.43
CA LYS OA 54 -3.32 18.35 118.89
C LYS OA 54 -4.48 18.21 117.91
N LEU OA 55 -4.17 17.86 116.65
CA LEU OA 55 -5.24 17.50 115.71
C LEU OA 55 -5.84 16.15 116.07
N LYS OA 56 -5.00 15.17 116.39
CA LYS OA 56 -5.50 13.85 116.77
C LYS OA 56 -6.30 13.91 118.07
N GLN OA 57 -5.84 14.73 119.02
CA GLN OA 57 -6.58 14.89 120.27
C GLN OA 57 -7.94 15.52 120.03
N SER OA 58 -7.98 16.59 119.25
CA SER OA 58 -9.23 17.30 118.96
C SER OA 58 -9.91 16.74 117.72
N LEU OA 59 -10.12 15.44 117.71
CA LEU OA 59 -10.78 14.76 116.60
C LEU OA 59 -12.22 14.42 116.98
N PRO OA 60 -13.18 14.75 116.13
CA PRO OA 60 -14.58 14.55 116.50
C PRO OA 60 -14.88 13.09 116.71
N PRO OA 61 -15.65 12.75 117.76
CA PRO OA 61 -15.90 11.34 118.08
C PRO OA 61 -16.92 10.71 117.15
N GLY OA 62 -17.23 9.44 117.38
CA GLY OA 62 -18.20 8.74 116.56
C GLY OA 62 -17.80 8.57 115.12
N LEU OA 63 -16.49 8.61 114.83
CA LEU OA 63 -16.00 8.55 113.47
C LEU OA 63 -14.68 7.80 113.47
N ALA OA 64 -14.49 6.93 112.48
CA ALA OA 64 -13.32 6.06 112.45
C ALA OA 64 -12.04 6.87 112.29
N VAL OA 65 -11.01 6.49 113.06
CA VAL OA 65 -9.80 7.29 113.18
C VAL OA 65 -8.57 6.43 112.85
N LYS OA 66 -8.76 5.42 112.00
CA LYS OA 66 -7.73 4.43 111.69
C LYS OA 66 -6.45 5.09 111.21
N GLU OA 67 -5.33 4.65 111.78
CA GLU OA 67 -4.00 5.14 111.46
C GLU OA 67 -3.25 4.11 110.63
N LEU OA 68 -2.53 4.60 109.62
CA LEU OA 68 -2.02 3.73 108.55
C LEU OA 68 -0.98 2.74 109.06
N LYS OA 69 -0.21 3.10 110.09
CA LYS OA 69 0.85 2.23 110.57
C LYS OA 69 0.39 1.40 111.78
N SER PA 1 -17.01 -14.34 65.50
CA SER PA 1 -16.95 -12.94 65.89
C SER PA 1 -17.28 -12.78 67.36
N SER PA 2 -16.59 -11.87 68.04
CA SER PA 2 -16.93 -11.56 69.41
C SER PA 2 -18.18 -10.72 69.51
N HIS PA 3 -18.59 -10.09 68.42
CA HIS PA 3 -19.82 -9.31 68.35
C HIS PA 3 -20.89 -10.16 67.68
N LYS PA 4 -21.87 -10.59 68.46
CA LYS PA 4 -22.97 -11.40 67.93
C LYS PA 4 -24.28 -10.89 68.47
N THR PA 5 -25.34 -11.09 67.70
CA THR PA 5 -26.67 -10.74 68.15
C THR PA 5 -27.20 -11.80 69.10
N PHE PA 6 -28.31 -11.48 69.77
CA PHE PA 6 -28.87 -12.42 70.74
C PHE PA 6 -29.38 -13.69 70.08
N ARG PA 7 -30.09 -13.55 68.95
CA ARG PA 7 -30.65 -14.74 68.31
C ARG PA 7 -29.56 -15.59 67.67
N ILE PA 8 -28.45 -14.97 67.23
CA ILE PA 8 -27.33 -15.75 66.74
C ILE PA 8 -26.72 -16.57 67.87
N LYS PA 9 -26.52 -15.94 69.03
CA LYS PA 9 -25.94 -16.65 70.17
C LYS PA 9 -26.86 -17.76 70.66
N ARG PA 10 -28.17 -17.52 70.65
CA ARG PA 10 -29.11 -18.56 71.05
C ARG PA 10 -29.07 -19.73 70.08
N PHE PA 11 -28.93 -19.46 68.78
CA PHE PA 11 -28.82 -20.54 67.81
C PHE PA 11 -27.54 -21.34 68.03
N LEU PA 12 -26.43 -20.67 68.31
CA LEU PA 12 -25.19 -21.38 68.60
C LEU PA 12 -25.30 -22.19 69.87
N ALA PA 13 -26.11 -21.71 70.83
CA ALA PA 13 -26.29 -22.43 72.08
C ALA PA 13 -26.96 -23.77 71.86
N LYS PA 14 -28.04 -23.78 71.08
CA LYS PA 14 -28.74 -25.04 70.81
C LYS PA 14 -27.87 -26.00 70.03
N LYS PA 15 -27.16 -25.50 69.03
CA LYS PA 15 -26.27 -26.34 68.24
C LYS PA 15 -25.08 -26.83 69.05
N GLN PA 16 -24.82 -26.23 70.21
CA GLN PA 16 -23.72 -26.67 71.05
C GLN PA 16 -24.13 -27.82 71.95
N LYS PA 17 -25.25 -27.69 72.65
CA LYS PA 17 -25.67 -28.70 73.61
C LYS PA 17 -26.49 -29.82 72.99
N GLN PA 18 -26.80 -29.74 71.71
CA GLN PA 18 -27.37 -30.88 71.00
C GLN PA 18 -26.31 -31.70 70.27
N ASN PA 19 -25.05 -31.28 70.35
CA ASN PA 19 -23.93 -32.03 69.77
C ASN PA 19 -23.25 -32.81 70.89
N ARG PA 20 -23.90 -33.90 71.28
CA ARG PA 20 -23.46 -34.73 72.40
C ARG PA 20 -23.55 -36.19 71.99
N PRO PA 21 -22.75 -37.06 72.62
CA PRO PA 21 -22.90 -38.49 72.39
C PRO PA 21 -24.21 -38.99 72.99
N ILE PA 22 -24.68 -40.10 72.46
CA ILE PA 22 -25.89 -40.74 72.99
C ILE PA 22 -25.57 -41.29 74.38
N PRO PA 23 -26.53 -41.31 75.30
CA PRO PA 23 -26.28 -41.94 76.59
C PRO PA 23 -26.06 -43.44 76.45
N GLN PA 24 -25.28 -44.00 77.37
CA GLN PA 24 -24.95 -45.42 77.31
C GLN PA 24 -26.17 -46.29 77.55
N TRP PA 25 -27.09 -45.85 78.40
CA TRP PA 25 -28.26 -46.66 78.72
C TRP PA 25 -29.26 -46.74 77.56
N ILE PA 26 -29.08 -45.95 76.51
CA ILE PA 26 -29.94 -46.07 75.33
C ILE PA 26 -29.75 -47.42 74.66
N ARG PA 27 -28.51 -47.95 74.67
CA ARG PA 27 -28.25 -49.22 74.01
C ARG PA 27 -29.03 -50.36 74.65
N MET PA 28 -29.16 -50.34 75.98
CA MET PA 28 -29.83 -51.43 76.68
C MET PA 28 -31.34 -51.43 76.48
N LYS PA 29 -31.90 -50.38 75.88
CA LYS PA 29 -33.34 -50.32 75.66
C LYS PA 29 -33.78 -51.39 74.67
N THR PA 30 -34.96 -51.96 74.91
CA THR PA 30 -35.48 -53.01 74.04
C THR PA 30 -35.92 -52.39 72.71
N GLY PA 31 -35.53 -53.04 71.61
CA GLY PA 31 -35.81 -52.50 70.30
C GLY PA 31 -35.13 -51.17 70.08
N ASN PA 32 -33.85 -51.10 70.44
CA ASN PA 32 -33.13 -49.83 70.37
C ASN PA 32 -32.82 -49.46 68.92
N LYS PA 33 -32.04 -50.30 68.24
CA LYS PA 33 -31.65 -50.11 66.84
C LYS PA 33 -30.86 -48.81 66.63
N ILE PA 34 -30.34 -48.21 67.69
CA ILE PA 34 -29.55 -46.99 67.60
C ILE PA 34 -28.17 -47.31 68.17
N ARG PA 35 -27.13 -47.10 67.35
CA ARG PA 35 -25.76 -47.40 67.74
C ARG PA 35 -25.00 -46.17 68.21
N TYR PA 36 -25.02 -45.11 67.41
CA TYR PA 36 -24.27 -43.90 67.73
C TYR PA 36 -24.97 -42.70 67.12
N ASN PA 37 -24.68 -41.52 67.66
CA ASN PA 37 -25.26 -40.29 67.16
C ASN PA 37 -24.74 -40.00 65.76
N SER PA 38 -25.61 -40.11 64.76
CA SER PA 38 -25.24 -39.89 63.37
C SER PA 38 -25.38 -38.44 62.95
N LYS PA 39 -25.76 -37.54 63.86
CA LYS PA 39 -25.90 -36.12 63.55
C LYS PA 39 -24.87 -35.27 64.26
N ARG PA 40 -23.81 -35.87 64.79
CA ARG PA 40 -22.76 -35.11 65.45
C ARG PA 40 -22.01 -34.25 64.44
N ARG PA 41 -21.64 -33.06 64.86
CA ARG PA 41 -20.95 -32.09 64.01
C ARG PA 41 -19.66 -31.66 64.66
N HIS PA 42 -18.58 -31.65 63.87
CA HIS PA 42 -17.30 -31.12 64.29
C HIS PA 42 -17.11 -29.75 63.66
N TRP PA 43 -16.54 -28.82 64.44
CA TRP PA 43 -16.44 -27.43 64.02
C TRP PA 43 -15.51 -27.23 62.83
N ARG PA 44 -14.70 -28.22 62.49
CA ARG PA 44 -13.80 -28.13 61.35
C ARG PA 44 -14.24 -28.95 60.15
N ARG PA 45 -15.00 -30.02 60.36
CA ARG PA 45 -15.43 -30.85 59.25
C ARG PA 45 -16.55 -30.17 58.46
N THR PA 46 -17.68 -29.92 59.10
CA THR PA 46 -18.82 -29.29 58.46
C THR PA 46 -19.19 -28.03 59.24
N LYS PA 47 -19.17 -26.90 58.56
CA LYS PA 47 -19.51 -25.64 59.20
C LYS PA 47 -21.02 -25.55 59.39
N LEU PA 48 -21.44 -24.63 60.26
CA LEU PA 48 -22.84 -24.48 60.57
C LEU PA 48 -23.60 -23.93 59.38
N GLY PA 49 -24.93 -24.09 59.44
CA GLY PA 49 -25.78 -23.62 58.36
C GLY PA 49 -25.68 -22.11 58.16
N LEU PA 50 -25.65 -21.36 59.26
CA LEU PA 50 -25.61 -19.91 59.16
C LEU PA 50 -24.25 -19.46 58.64
N ILE QA 1 64.47 -42.06 -27.63
CA ILE QA 1 65.55 -42.48 -28.51
C ILE QA 1 65.52 -43.98 -28.71
N ILE QA 2 64.35 -44.59 -28.45
CA ILE QA 2 64.22 -46.03 -28.54
C ILE QA 2 64.35 -46.47 -29.99
N GLU QA 3 65.11 -47.55 -30.20
CA GLU QA 3 65.27 -48.10 -31.54
C GLU QA 3 63.91 -48.52 -32.10
N PRO QA 4 63.63 -48.23 -33.38
CA PRO QA 4 62.29 -48.50 -33.92
C PRO QA 4 61.86 -49.95 -33.83
N SER QA 5 62.78 -50.91 -33.87
CA SER QA 5 62.40 -52.30 -33.68
C SER QA 5 61.88 -52.54 -32.28
N LEU QA 6 62.49 -51.91 -31.28
CA LEU QA 6 61.98 -52.02 -29.92
C LEU QA 6 60.69 -51.23 -29.73
N ARG QA 7 60.52 -50.13 -30.47
CA ARG QA 7 59.25 -49.40 -30.43
C ARG QA 7 58.12 -50.26 -30.96
N GLN QA 8 58.35 -50.99 -32.05
CA GLN QA 8 57.33 -51.86 -32.61
C GLN QA 8 56.96 -52.97 -31.64
N LEU QA 9 57.96 -53.54 -30.95
CA LEU QA 9 57.69 -54.57 -29.97
C LEU QA 9 56.86 -54.03 -28.81
N ALA QA 10 57.19 -52.82 -28.34
CA ALA QA 10 56.42 -52.23 -27.24
C ALA QA 10 55.00 -51.91 -27.65
N GLN QA 11 54.81 -51.39 -28.87
CA GLN QA 11 53.46 -51.07 -29.34
C GLN QA 11 52.64 -52.33 -29.56
N LYS QA 12 53.30 -53.47 -29.74
CA LYS QA 12 52.57 -54.73 -29.89
C LYS QA 12 51.78 -55.05 -28.63
N TYR QA 13 52.31 -54.70 -27.46
CA TYR QA 13 51.63 -54.93 -26.19
C TYR QA 13 50.88 -53.71 -25.67
N ASN QA 14 51.12 -52.53 -26.22
CA ASN QA 14 50.60 -51.29 -25.64
C ASN QA 14 49.59 -50.57 -26.52
N CYS QA 15 49.78 -50.57 -27.84
CA CYS QA 15 48.92 -49.79 -28.72
C CYS QA 15 48.20 -50.62 -29.77
N ASP QA 16 48.79 -51.70 -30.26
CA ASP QA 16 48.16 -52.52 -31.30
C ASP QA 16 47.08 -53.38 -30.66
N LYS QA 17 45.95 -52.75 -30.37
CA LYS QA 17 44.87 -53.42 -29.66
C LYS QA 17 43.54 -52.81 -30.08
N MET QA 18 42.47 -53.56 -29.82
CA MET QA 18 41.11 -53.12 -30.10
C MET QA 18 40.41 -52.84 -28.78
N ILE QA 19 39.51 -51.86 -28.80
CA ILE QA 19 38.81 -51.41 -27.61
C ILE QA 19 37.31 -51.59 -27.80
N CYS QA 20 36.66 -52.22 -26.83
CA CYS QA 20 35.22 -52.34 -26.86
C CYS QA 20 34.57 -50.98 -26.65
N ARG QA 21 33.56 -50.67 -27.46
CA ARG QA 21 32.93 -49.36 -27.38
C ARG QA 21 31.91 -49.26 -26.26
N LYS QA 22 31.56 -50.37 -25.61
CA LYS QA 22 30.59 -50.37 -24.53
C LYS QA 22 31.20 -50.50 -23.15
N CYS QA 23 32.36 -51.17 -23.02
CA CYS QA 23 32.97 -51.39 -21.71
C CYS QA 23 34.46 -51.05 -21.70
N TYR QA 24 34.99 -50.52 -22.79
CA TYR QA 24 36.37 -50.01 -22.87
C TYR QA 24 37.42 -51.08 -22.60
N ALA QA 25 37.10 -52.35 -22.81
CA ALA QA 25 38.07 -53.41 -22.57
C ALA QA 25 39.17 -53.38 -23.61
N ARG QA 26 40.32 -53.95 -23.25
CA ARG QA 26 41.48 -54.04 -24.13
C ARG QA 26 41.52 -55.45 -24.73
N LEU QA 27 41.36 -55.53 -26.05
CA LEU QA 27 41.30 -56.81 -26.75
C LEU QA 27 42.40 -56.90 -27.78
N HIS QA 28 42.72 -58.13 -28.18
CA HIS QA 28 43.76 -58.38 -29.16
C HIS QA 28 43.37 -57.75 -30.50
N PRO QA 29 44.36 -57.38 -31.32
CA PRO QA 29 44.06 -56.61 -32.54
C PRO QA 29 43.14 -57.32 -33.52
N ARG QA 30 43.08 -58.64 -33.50
CA ARG QA 30 42.22 -59.39 -34.41
C ARG QA 30 40.87 -59.72 -33.82
N ALA QA 31 40.49 -59.10 -32.71
CA ALA QA 31 39.24 -59.41 -32.05
C ALA QA 31 38.06 -58.94 -32.89
N VAL QA 32 36.97 -59.70 -32.83
CA VAL QA 32 35.73 -59.35 -33.52
C VAL QA 32 34.64 -59.14 -32.48
N ASN QA 33 34.78 -59.79 -31.33
CA ASN QA 33 33.81 -59.69 -30.25
C ASN QA 33 34.53 -59.50 -28.93
N CYS QA 34 33.98 -58.66 -28.06
CA CYS QA 34 34.55 -58.49 -26.74
C CYS QA 34 34.42 -59.77 -25.93
N ARG QA 35 35.36 -59.98 -25.02
CA ARG QA 35 35.43 -61.21 -24.25
C ARG QA 35 34.73 -61.13 -22.90
N LYS QA 36 34.16 -59.98 -22.57
CA LYS QA 36 33.64 -59.73 -21.22
C LYS QA 36 32.12 -59.69 -21.25
N LYS QA 37 31.50 -60.45 -20.36
CA LYS QA 37 30.05 -60.62 -20.39
C LYS QA 37 29.31 -59.40 -19.89
N LYS QA 38 29.98 -58.42 -19.29
CA LYS QA 38 29.29 -57.23 -18.81
C LYS QA 38 28.80 -56.35 -19.96
N CYS QA 39 29.31 -56.53 -21.17
CA CYS QA 39 28.78 -55.85 -22.35
C CYS QA 39 28.05 -56.82 -23.28
N GLY QA 40 27.91 -58.09 -22.88
CA GLY QA 40 27.21 -59.05 -23.69
C GLY QA 40 27.98 -59.54 -24.89
N HIS QA 41 29.31 -59.53 -24.83
CA HIS QA 41 30.18 -59.95 -25.93
C HIS QA 41 29.86 -59.21 -27.22
N THR QA 42 29.63 -57.91 -27.10
CA THR QA 42 29.23 -57.13 -28.26
C THR QA 42 30.36 -57.03 -29.27
N ASN QA 43 29.99 -56.80 -30.53
CA ASN QA 43 30.95 -56.63 -31.62
C ASN QA 43 31.19 -55.17 -31.93
N ASN QA 44 30.76 -54.25 -31.07
CA ASN QA 44 31.02 -52.82 -31.23
C ASN QA 44 32.46 -52.55 -30.79
N LEU QA 45 33.39 -52.84 -31.68
CA LEU QA 45 34.80 -52.69 -31.41
C LEU QA 45 35.40 -51.58 -32.26
N ARG QA 46 36.38 -50.88 -31.69
CA ARG QA 46 37.11 -49.84 -32.38
C ARG QA 46 38.59 -50.02 -32.11
N PRO QA 47 39.46 -49.63 -33.05
CA PRO QA 47 40.90 -49.69 -32.79
C PRO QA 47 41.30 -48.71 -31.71
N LYS QA 48 42.32 -49.08 -30.94
CA LYS QA 48 42.87 -48.18 -29.94
C LYS QA 48 43.51 -46.98 -30.63
N LYS QA 49 43.22 -45.79 -30.13
CA LYS QA 49 43.63 -44.58 -30.83
C LYS QA 49 45.14 -44.39 -30.75
N LYS QA 50 45.75 -44.10 -31.89
CA LYS QA 50 47.19 -43.89 -31.96
C LYS QA 50 47.55 -42.47 -31.52
N VAL QA 51 48.81 -42.30 -31.11
CA VAL QA 51 49.28 -41.00 -30.61
C VAL QA 51 49.73 -40.06 -31.72
N LYS QA 52 49.74 -40.51 -32.97
CA LYS QA 52 50.18 -39.67 -34.08
C LYS QA 52 49.21 -38.52 -34.31
N MET RA 1 12.62 38.36 -16.86
CA MET RA 1 11.73 37.93 -15.80
C MET RA 1 11.64 39.01 -14.73
N ARG RA 2 10.42 39.30 -14.27
CA ARG RA 2 10.21 40.32 -13.26
C ARG RA 2 10.91 39.97 -11.96
N ALA RA 3 11.60 40.95 -11.38
CA ALA RA 3 12.44 40.68 -10.22
C ALA RA 3 11.64 40.24 -9.01
N LYS RA 4 10.39 40.68 -8.90
CA LYS RA 4 9.55 40.23 -7.79
C LYS RA 4 9.29 38.74 -7.87
N TRP RA 5 8.96 38.23 -9.06
CA TRP RA 5 8.72 36.80 -9.20
C TRP RA 5 10.02 36.01 -9.18
N ARG RA 6 11.14 36.65 -9.51
CA ARG RA 6 12.44 36.02 -9.30
C ARG RA 6 12.69 35.82 -7.81
N LYS RA 7 12.31 36.80 -6.99
CA LYS RA 7 12.36 36.63 -5.54
C LYS RA 7 11.43 35.52 -5.09
N LYS RA 8 10.19 35.51 -5.62
CA LYS RA 8 9.22 34.49 -5.21
C LYS RA 8 9.66 33.10 -5.60
N ARG RA 9 10.25 32.95 -6.79
CA ARG RA 9 10.80 31.66 -7.19
C ARG RA 9 11.92 31.23 -6.26
N MET RA 10 12.77 32.17 -5.87
CA MET RA 10 13.87 31.84 -4.97
C MET RA 10 13.36 31.43 -3.60
N ARG RA 11 12.29 32.09 -3.13
CA ARG RA 11 11.72 31.74 -1.83
C ARG RA 11 11.21 30.30 -1.81
N ARG RA 12 10.57 29.87 -2.90
CA ARG RA 12 10.16 28.48 -3.00
C ARG RA 12 11.37 27.55 -3.03
N LEU RA 13 12.45 27.99 -3.68
CA LEU RA 13 13.65 27.17 -3.76
C LEU RA 13 14.34 27.04 -2.42
N LYS RA 14 14.37 28.14 -1.63
CA LYS RA 14 14.93 28.06 -0.28
C LYS RA 14 14.05 27.20 0.63
N ARG RA 15 12.73 27.28 0.47
CA ARG RA 15 11.83 26.46 1.29
C ARG RA 15 12.02 24.98 0.98
N LYS RA 16 12.18 24.63 -0.29
CA LYS RA 16 12.45 23.24 -0.65
C LYS RA 16 13.81 22.80 -0.11
N ARG RA 17 14.81 23.66 -0.19
CA ARG RA 17 16.14 23.30 0.32
C ARG RA 17 16.12 23.12 1.82
N ARG RA 18 15.40 23.98 2.54
CA ARG RA 18 15.29 23.85 3.98
C ARG RA 18 14.58 22.55 4.36
N LYS RA 19 13.55 22.18 3.60
CA LYS RA 19 12.84 20.93 3.85
C LYS RA 19 13.76 19.73 3.65
N MET RA 20 14.57 19.74 2.60
CA MET RA 20 15.47 18.63 2.33
C MET RA 20 16.57 18.52 3.40
N ARG RA 21 17.13 19.66 3.80
CA ARG RA 21 18.18 19.64 4.81
C ARG RA 21 17.64 19.17 6.15
N GLN RA 22 16.44 19.62 6.52
CA GLN RA 22 15.83 19.16 7.77
C GLN RA 22 15.52 17.68 7.72
N ARG RA 23 15.17 17.17 6.53
CA ARG RA 23 14.91 15.75 6.38
C ARG RA 23 16.16 14.92 6.65
N SER RA 24 17.30 15.36 6.12
CA SER RA 24 18.56 14.65 6.31
C SER RA 24 19.35 15.26 7.46
N VAL SA 1 -48.12 -14.07 -33.77
CA VAL SA 1 -49.15 -14.84 -34.44
C VAL SA 1 -50.32 -13.90 -34.79
N ASN SA 2 -51.11 -14.29 -35.78
CA ASN SA 2 -52.20 -13.48 -36.30
C ASN SA 2 -53.44 -14.36 -36.44
N VAL SA 3 -54.58 -13.82 -36.02
CA VAL SA 3 -55.87 -14.48 -36.27
C VAL SA 3 -56.89 -13.43 -36.69
N PRO SA 4 -57.80 -13.80 -37.59
CA PRO SA 4 -58.80 -12.85 -38.05
C PRO SA 4 -59.88 -12.61 -37.01
N LYS SA 5 -60.48 -11.42 -37.09
CA LYS SA 5 -61.48 -11.01 -36.11
C LYS SA 5 -62.76 -11.81 -36.19
N THR SA 6 -62.98 -12.58 -37.26
CA THR SA 6 -64.18 -13.38 -37.39
C THR SA 6 -63.82 -14.73 -38.00
N ARG SA 7 -64.51 -15.77 -37.53
CA ARG SA 7 -64.27 -17.11 -38.03
C ARG SA 7 -65.57 -17.90 -37.96
N ARG SA 8 -65.67 -18.92 -38.79
CA ARG SA 8 -66.87 -19.74 -38.91
C ARG SA 8 -66.58 -21.09 -38.28
N THR SA 9 -67.12 -21.32 -37.09
CA THR SA 9 -66.85 -22.54 -36.33
C THR SA 9 -68.12 -22.98 -35.63
N PHE SA 10 -68.01 -24.08 -34.90
CA PHE SA 10 -69.18 -24.68 -34.25
C PHE SA 10 -69.70 -23.80 -33.13
N CYS SA 11 -71.02 -23.73 -33.01
CA CYS SA 11 -71.69 -23.08 -31.89
C CYS SA 11 -72.53 -24.14 -31.18
N LYS SA 12 -72.25 -24.36 -29.89
CA LYS SA 12 -72.92 -25.41 -29.15
C LYS SA 12 -74.40 -25.10 -28.91
N LYS SA 13 -74.79 -23.83 -28.96
CA LYS SA 13 -76.19 -23.49 -28.73
C LYS SA 13 -77.04 -23.76 -29.96
N CYS SA 14 -76.62 -23.26 -31.13
CA CYS SA 14 -77.33 -23.59 -32.36
C CYS SA 14 -77.08 -25.03 -32.79
N GLY SA 15 -76.00 -25.64 -32.33
CA GLY SA 15 -75.71 -27.01 -32.72
C GLY SA 15 -75.24 -27.15 -34.15
N LYS SA 16 -74.70 -26.09 -34.74
CA LYS SA 16 -74.23 -26.13 -36.12
C LYS SA 16 -73.20 -25.03 -36.30
N HIS SA 17 -72.47 -25.11 -37.41
CA HIS SA 17 -71.44 -24.11 -37.71
C HIS SA 17 -72.08 -22.76 -37.98
N GLN SA 18 -71.61 -21.74 -37.28
CA GLN SA 18 -72.07 -20.38 -37.45
C GLN SA 18 -70.86 -19.46 -37.44
N PRO SA 19 -70.95 -18.29 -38.07
CA PRO SA 19 -69.86 -17.33 -37.96
C PRO SA 19 -69.73 -16.85 -36.52
N HIS SA 20 -68.52 -16.50 -36.13
CA HIS SA 20 -68.23 -16.11 -34.76
C HIS SA 20 -67.38 -14.85 -34.74
N LYS SA 21 -67.67 -13.97 -33.80
CA LYS SA 21 -66.80 -12.82 -33.54
C LYS SA 21 -65.68 -13.24 -32.60
N VAL SA 22 -64.46 -12.84 -32.93
CA VAL SA 22 -63.27 -13.26 -32.21
C VAL SA 22 -62.68 -12.06 -31.49
N THR SA 23 -62.50 -12.20 -30.18
CA THR SA 23 -61.86 -11.17 -29.37
C THR SA 23 -60.98 -11.86 -28.33
N GLN SA 24 -59.86 -11.23 -28.01
CA GLN SA 24 -58.96 -11.76 -27.00
C GLN SA 24 -59.61 -11.67 -25.63
N TYR SA 25 -59.47 -12.73 -24.85
CA TYR SA 25 -60.05 -12.80 -23.52
C TYR SA 25 -59.10 -12.16 -22.51
N LYS SA 26 -59.62 -11.20 -21.75
CA LYS SA 26 -58.88 -10.52 -20.69
C LYS SA 26 -59.49 -10.90 -19.35
N LYS SA 27 -58.64 -11.26 -18.40
CA LYS SA 27 -59.11 -11.69 -17.09
C LYS SA 27 -59.88 -10.57 -16.39
N GLY SA 28 -61.04 -10.91 -15.84
CA GLY SA 28 -61.85 -9.94 -15.15
C GLY SA 28 -61.31 -9.60 -13.79
N LYS SA 29 -61.91 -8.57 -13.18
CA LYS SA 29 -61.47 -8.12 -11.87
C LYS SA 29 -62.02 -9.03 -10.78
N ASP SA 30 -61.24 -9.18 -9.71
CA ASP SA 30 -61.64 -10.03 -8.60
C ASP SA 30 -62.82 -9.42 -7.85
N SER SA 31 -63.73 -10.27 -7.40
CA SER SA 31 -65.02 -9.80 -6.90
C SER SA 31 -64.96 -9.30 -5.45
N LEU SA 32 -63.87 -9.55 -4.73
CA LEU SA 32 -63.67 -9.13 -3.34
C LEU SA 32 -64.63 -9.87 -2.40
N TYR SA 33 -65.55 -10.64 -2.96
CA TYR SA 33 -66.49 -11.42 -2.18
C TYR SA 33 -66.55 -12.87 -2.64
N ALA SA 34 -65.60 -13.31 -3.45
CA ALA SA 34 -65.42 -14.73 -3.69
C ALA SA 34 -64.96 -15.41 -2.41
N GLN SA 35 -65.33 -16.68 -2.28
CA GLN SA 35 -65.13 -17.37 -1.00
C GLN SA 35 -63.67 -17.46 -0.62
N GLY SA 36 -62.78 -17.62 -1.61
CA GLY SA 36 -61.36 -17.63 -1.32
C GLY SA 36 -60.84 -16.29 -0.87
N LYS SA 37 -61.32 -15.21 -1.48
CA LYS SA 37 -60.91 -13.87 -1.07
C LYS SA 37 -61.42 -13.54 0.32
N ARG SA 38 -62.64 -13.98 0.65
CA ARG SA 38 -63.15 -13.78 2.00
C ARG SA 38 -62.33 -14.56 3.02
N ARG SA 39 -61.97 -15.81 2.69
CA ARG SA 39 -61.12 -16.58 3.58
C ARG SA 39 -59.73 -15.99 3.69
N TYR SA 40 -59.20 -15.47 2.59
CA TYR SA 40 -57.89 -14.83 2.62
C TYR SA 40 -57.90 -13.58 3.50
N ASP SA 41 -58.95 -12.78 3.40
CA ASP SA 41 -59.04 -11.57 4.21
C ASP SA 41 -59.20 -11.92 5.69
N ARG SA 42 -60.01 -12.93 6.00
CA ARG SA 42 -60.19 -13.34 7.38
C ARG SA 42 -58.89 -13.90 7.96
N LYS SA 43 -58.16 -14.68 7.16
CA LYS SA 43 -56.90 -15.24 7.62
C LYS SA 43 -55.86 -14.15 7.83
N GLN SA 44 -55.79 -13.18 6.92
CA GLN SA 44 -54.77 -12.15 7.00
C GLN SA 44 -55.05 -11.14 8.10
N SER SA 45 -56.31 -10.98 8.48
CA SER SA 45 -56.67 -10.04 9.54
C SER SA 45 -56.10 -10.52 10.87
N GLY SA 46 -55.54 -9.58 11.63
CA GLY SA 46 -54.90 -9.89 12.88
C GLY SA 46 -53.39 -9.88 12.78
N TYR SA 47 -52.77 -10.61 13.70
CA TYR SA 47 -51.33 -10.76 13.71
C TYR SA 47 -50.93 -12.09 13.08
N GLY SA 48 -49.64 -12.24 12.84
CA GLY SA 48 -49.10 -13.40 12.14
C GLY SA 48 -48.48 -13.07 10.81
N GLY SA 49 -48.63 -11.84 10.33
CA GLY SA 49 -48.04 -11.47 9.07
C GLY SA 49 -48.68 -12.19 7.89
N GLN SA 50 -47.87 -12.42 6.87
CA GLN SA 50 -48.34 -13.16 5.70
C GLN SA 50 -48.66 -14.60 6.08
N THR SA 51 -49.80 -15.08 5.59
CA THR SA 51 -50.28 -16.41 5.92
C THR SA 51 -50.39 -17.35 4.72
N LYS SA 52 -50.23 -16.84 3.50
CA LYS SA 52 -50.29 -17.65 2.30
C LYS SA 52 -49.07 -17.35 1.44
N PRO SA 53 -48.59 -18.35 0.68
CA PRO SA 53 -47.36 -18.15 -0.09
C PRO SA 53 -47.50 -17.08 -1.16
N ILE SA 54 -46.39 -16.38 -1.40
CA ILE SA 54 -46.28 -15.39 -2.47
C ILE SA 54 -45.28 -15.93 -3.47
N PHE SA 55 -45.74 -16.16 -4.71
CA PHE SA 55 -45.03 -16.96 -5.71
C PHE SA 55 -43.62 -16.44 -6.01
N ARG SA 56 -43.53 -15.25 -6.59
CA ARG SA 56 -42.28 -14.51 -6.85
C ARG SA 56 -41.18 -15.38 -7.47
N LYS SA 57 -41.55 -16.23 -8.42
CA LYS SA 57 -40.56 -16.95 -9.22
C LYS SA 57 -40.63 -16.56 -10.70
N LYS SA 58 -41.79 -16.72 -11.34
CA LYS SA 58 -42.06 -16.22 -12.69
C LYS SA 58 -41.06 -16.75 -13.71
N ALA SA 59 -41.11 -18.07 -13.90
CA ALA SA 59 -40.26 -18.70 -14.90
C ALA SA 59 -40.75 -18.48 -16.32
N LYS SA 60 -42.06 -18.41 -16.53
CA LYS SA 60 -42.61 -18.27 -17.87
C LYS SA 60 -42.38 -16.86 -18.40
N THR SA 61 -42.36 -16.76 -19.74
CA THR SA 61 -42.28 -15.48 -20.42
C THR SA 61 -43.49 -15.18 -21.29
N THR SA 62 -44.36 -16.15 -21.54
CA THR SA 62 -45.52 -15.95 -22.38
C THR SA 62 -46.79 -16.34 -21.66
N LYS SA 63 -47.91 -16.32 -22.38
CA LYS SA 63 -49.19 -16.80 -21.87
C LYS SA 63 -49.93 -17.47 -23.00
N LYS SA 64 -50.80 -18.41 -22.64
CA LYS SA 64 -51.65 -19.07 -23.64
C LYS SA 64 -52.76 -18.10 -24.04
N ILE SA 65 -52.74 -17.67 -25.29
CA ILE SA 65 -53.74 -16.73 -25.77
C ILE SA 65 -55.10 -17.42 -25.83
N VAL SA 66 -56.13 -16.76 -25.33
CA VAL SA 66 -57.49 -17.28 -25.30
C VAL SA 66 -58.36 -16.37 -26.16
N LEU SA 67 -59.13 -16.97 -27.06
CA LEU SA 67 -60.02 -16.24 -27.94
C LEU SA 67 -61.46 -16.41 -27.48
N ARG SA 68 -62.22 -15.32 -27.51
CA ARG SA 68 -63.63 -15.35 -27.12
C ARG SA 68 -64.47 -15.40 -28.39
N LEU SA 69 -64.97 -16.59 -28.71
CA LEU SA 69 -65.83 -16.77 -29.88
C LEU SA 69 -67.27 -16.47 -29.49
N GLU SA 70 -67.83 -15.41 -30.02
CA GLU SA 70 -69.21 -15.02 -29.78
C GLU SA 70 -70.01 -15.25 -31.05
N CYS SA 71 -71.11 -15.98 -30.93
CA CYS SA 71 -71.97 -16.25 -32.09
C CYS SA 71 -72.61 -14.96 -32.56
N VAL SA 72 -72.49 -14.67 -33.86
CA VAL SA 72 -72.99 -13.41 -34.41
C VAL SA 72 -74.48 -13.43 -34.65
N GLU SA 73 -75.13 -14.55 -34.38
CA GLU SA 73 -76.56 -14.63 -34.61
C GLU SA 73 -77.26 -13.73 -33.60
N PRO SA 74 -78.41 -13.12 -33.96
CA PRO SA 74 -79.08 -12.20 -33.04
C PRO SA 74 -79.51 -12.78 -31.69
N ASN SA 75 -80.39 -13.79 -31.67
CA ASN SA 75 -80.95 -14.21 -30.39
C ASN SA 75 -79.99 -15.08 -29.57
N CYS SA 76 -79.20 -15.92 -30.24
CA CYS SA 76 -78.18 -16.72 -29.57
C CYS SA 76 -76.83 -16.01 -29.77
N ARG SA 77 -76.27 -15.54 -28.67
CA ARG SA 77 -74.95 -14.91 -28.68
C ARG SA 77 -74.05 -15.57 -27.65
N SER SA 78 -74.07 -16.89 -27.60
CA SER SA 78 -73.28 -17.63 -26.63
C SER SA 78 -71.79 -17.45 -26.92
N LYS SA 79 -71.01 -17.41 -25.84
CA LYS SA 79 -69.58 -17.16 -25.91
C LYS SA 79 -68.83 -18.42 -25.50
N ARG SA 80 -67.70 -18.66 -26.16
CA ARG SA 80 -66.87 -19.82 -25.88
C ARG SA 80 -65.42 -19.39 -25.75
N MET SA 81 -64.68 -20.08 -24.89
CA MET SA 81 -63.26 -19.84 -24.70
C MET SA 81 -62.47 -20.85 -25.51
N LEU SA 82 -61.70 -20.37 -26.47
CA LEU SA 82 -60.78 -21.22 -27.24
C LEU SA 82 -59.37 -20.76 -26.95
N ALA SA 83 -58.50 -21.72 -26.60
CA ALA SA 83 -57.12 -21.44 -26.24
C ALA SA 83 -56.20 -21.94 -27.34
N ILE SA 84 -55.17 -21.15 -27.64
CA ILE SA 84 -54.19 -21.53 -28.64
C ILE SA 84 -52.83 -21.64 -27.95
N LYS SA 85 -51.80 -21.98 -28.72
CA LYS SA 85 -50.48 -22.21 -28.15
C LYS SA 85 -49.88 -20.90 -27.66
N ARG SA 86 -48.81 -21.02 -26.87
CA ARG SA 86 -48.12 -19.86 -26.34
C ARG SA 86 -47.48 -19.05 -27.47
N CYS SA 87 -47.60 -17.73 -27.40
CA CYS SA 87 -47.06 -16.87 -28.43
C CYS SA 87 -46.61 -15.56 -27.80
N LYS SA 88 -45.38 -15.14 -28.12
CA LYS SA 88 -44.83 -13.91 -27.55
C LYS SA 88 -45.61 -12.69 -28.05
N HIS SA 89 -45.87 -12.62 -29.36
CA HIS SA 89 -46.56 -11.50 -29.96
C HIS SA 89 -47.85 -11.99 -30.61
N PHE SA 90 -48.98 -11.44 -30.18
CA PHE SA 90 -50.29 -11.85 -30.65
C PHE SA 90 -50.99 -10.65 -31.27
N GLU SA 91 -51.59 -10.86 -32.44
CA GLU SA 91 -52.27 -9.81 -33.18
C GLU SA 91 -53.65 -10.29 -33.60
N LEU SA 92 -54.63 -9.40 -33.53
CA LEU SA 92 -56.01 -9.70 -33.83
C LEU SA 92 -56.41 -9.00 -35.14
N GLY SA 93 -56.63 -9.79 -36.18
CA GLY SA 93 -57.07 -9.23 -37.45
C GLY SA 93 -56.08 -8.29 -38.10
N GLY SA 94 -54.81 -8.65 -38.11
CA GLY SA 94 -53.80 -7.84 -38.76
C GLY SA 94 -53.82 -8.02 -40.27
N ASP SA 95 -52.93 -7.31 -40.94
CA ASP SA 95 -52.84 -7.41 -42.39
C ASP SA 95 -52.38 -8.80 -42.80
N LYS SA 96 -52.82 -9.22 -43.98
CA LYS SA 96 -52.49 -10.56 -44.46
C LYS SA 96 -51.19 -10.54 -45.24
N LYS SA 97 -50.26 -11.42 -44.87
CA LYS SA 97 -48.93 -11.40 -45.46
C LYS SA 97 -48.95 -11.89 -46.90
N ARG SA 98 -47.96 -11.47 -47.67
CA ARG SA 98 -47.87 -11.84 -49.07
C ARG SA 98 -46.48 -12.34 -49.41
N LYS SA 99 -46.40 -13.17 -50.46
CA LYS SA 99 -45.17 -13.84 -50.88
C LYS SA 99 -44.52 -13.18 -52.08
N GLY SA 100 -45.29 -12.70 -53.04
CA GLY SA 100 -44.74 -12.18 -54.26
C GLY SA 100 -44.32 -10.72 -54.24
N GLN SA 101 -44.44 -10.05 -53.11
CA GLN SA 101 -44.16 -8.64 -53.05
C GLN SA 101 -42.70 -8.39 -52.68
N VAL SA 102 -42.26 -7.15 -52.88
CA VAL SA 102 -40.86 -6.79 -52.73
C VAL SA 102 -40.54 -6.56 -51.25
N ILE SA 103 -39.58 -7.32 -50.73
CA ILE SA 103 -39.10 -7.17 -49.36
C ILE SA 103 -37.59 -7.32 -49.38
N GLN SA 104 -36.87 -6.26 -49.00
CA GLN SA 104 -37.35 -4.94 -48.62
C GLN SA 104 -36.35 -3.89 -49.11
N PHE SA 105 -36.85 -2.68 -49.36
CA PHE SA 105 -35.99 -1.59 -49.81
C PHE SA 105 -35.09 -1.10 -48.69
N ALA TA 1 19.07 33.73 40.17
CA ALA TA 1 19.38 33.95 38.76
C ALA TA 1 18.18 33.60 37.88
N LYS TA 2 18.31 33.87 36.59
CA LYS TA 2 17.28 33.52 35.62
C LYS TA 2 17.29 32.01 35.42
N ARG TA 3 16.36 31.31 36.05
CA ARG TA 3 16.38 29.86 36.06
C ARG TA 3 15.82 29.24 34.79
N THR TA 4 14.99 29.96 34.05
CA THR TA 4 14.40 29.44 32.83
C THR TA 4 14.46 30.49 31.74
N LYS TA 5 14.46 30.04 30.49
CA LYS TA 5 14.53 30.96 29.37
C LYS TA 5 13.16 31.53 29.02
N LYS TA 6 12.19 30.66 28.73
CA LYS TA 6 10.88 31.13 28.30
C LYS TA 6 9.69 30.41 28.91
N VAL TA 7 9.86 29.26 29.56
CA VAL TA 7 8.70 28.54 30.07
C VAL TA 7 8.06 29.27 31.24
N GLY TA 8 8.87 29.77 32.16
CA GLY TA 8 8.30 30.46 33.32
C GLY TA 8 7.54 29.49 34.20
N ILE TA 9 6.27 29.83 34.49
CA ILE TA 9 5.50 29.06 35.45
C ILE TA 9 5.13 27.67 34.96
N VAL TA 10 5.14 27.45 33.65
CA VAL TA 10 4.71 26.16 33.12
C VAL TA 10 5.91 25.22 33.01
N GLY TA 11 7.02 25.60 33.64
CA GLY TA 11 8.14 24.67 33.76
C GLY TA 11 7.80 23.45 34.59
N LYS TA 12 6.79 23.54 35.45
CA LYS TA 12 6.34 22.39 36.23
C LYS TA 12 5.73 21.30 35.36
N TYR TA 13 5.28 21.63 34.15
CA TYR TA 13 4.70 20.65 33.26
C TYR TA 13 5.73 19.88 32.46
N GLY TA 14 7.01 20.17 32.64
CA GLY TA 14 8.04 19.42 31.95
C GLY TA 14 7.97 19.58 30.45
N THR TA 15 8.15 18.46 29.74
CA THR TA 15 8.14 18.44 28.29
C THR TA 15 6.83 17.93 27.73
N ARG TA 16 5.76 17.97 28.51
CA ARG TA 16 4.48 17.38 28.12
C ARG TA 16 3.53 18.43 27.56
N TYR TA 17 2.48 17.95 26.90
CA TYR TA 17 1.28 18.65 26.47
C TYR TA 17 1.50 19.57 25.27
N GLY TA 18 2.72 19.75 24.79
CA GLY TA 18 2.87 20.59 23.62
C GLY TA 18 3.21 22.02 23.98
N ALA TA 19 3.98 22.66 23.09
CA ALA TA 19 4.46 24.01 23.37
C ALA TA 19 3.33 25.03 23.34
N SER TA 20 2.43 24.93 22.37
CA SER TA 20 1.37 25.92 22.25
C SER TA 20 0.37 25.81 23.40
N LEU TA 21 0.07 24.58 23.83
CA LEU TA 21 -0.81 24.42 24.98
C LEU TA 21 -0.17 24.96 26.25
N ARG TA 22 1.11 24.65 26.46
CA ARG TA 22 1.79 25.15 27.66
C ARG TA 22 1.90 26.66 27.65
N LYS TA 23 2.16 27.26 26.48
CA LYS TA 23 2.19 28.71 26.38
C LYS TA 23 0.82 29.32 26.66
N MET TA 24 -0.25 28.67 26.16
CA MET TA 24 -1.59 29.18 26.38
C MET TA 24 -1.97 29.15 27.86
N VAL TA 25 -1.57 28.09 28.57
CA VAL TA 25 -1.84 28.01 30.00
C VAL TA 25 -0.98 28.99 30.78
N LYS TA 26 0.15 29.42 30.22
CA LYS TA 26 1.10 30.24 30.96
C LYS TA 26 0.48 31.56 31.41
N LYS TA 27 -0.19 32.27 30.50
CA LYS TA 27 -0.76 33.56 30.88
C LYS TA 27 -1.97 33.39 31.78
N ILE TA 28 -2.71 32.28 31.61
CA ILE TA 28 -3.87 32.04 32.47
C ILE TA 28 -3.43 31.65 33.87
N GLU TA 29 -2.43 30.77 33.97
CA GLU TA 29 -1.94 30.35 35.29
C GLU TA 29 -1.27 31.50 36.02
N ILE TA 30 -0.56 32.36 35.30
CA ILE TA 30 0.02 33.55 35.91
C ILE TA 30 -1.08 34.47 36.43
N SER TA 31 -2.12 34.67 35.63
CA SER TA 31 -3.19 35.58 36.01
C SER TA 31 -4.01 35.02 37.17
N GLN TA 32 -4.27 33.72 37.17
CA GLN TA 32 -5.12 33.15 38.20
C GLN TA 32 -4.40 33.02 39.54
N HIS TA 33 -3.08 32.89 39.54
CA HIS TA 33 -2.30 32.80 40.77
C HIS TA 33 -1.76 34.15 41.21
N ALA TA 34 -2.00 35.22 40.46
CA ALA TA 34 -1.48 36.51 40.82
C ALA TA 34 -2.26 37.11 41.98
N LYS TA 35 -1.67 38.11 42.62
CA LYS TA 35 -2.27 38.82 43.73
C LYS TA 35 -2.67 40.22 43.26
N TYR TA 36 -3.96 40.51 43.32
CA TYR TA 36 -4.49 41.79 42.88
C TYR TA 36 -4.70 42.71 44.07
N THR TA 37 -4.83 44.00 43.79
CA THR TA 37 -5.08 44.99 44.83
C THR TA 37 -6.57 45.06 45.11
N CYS TA 38 -6.95 44.88 46.37
CA CYS TA 38 -8.36 44.92 46.73
C CYS TA 38 -8.91 46.33 46.52
N SER TA 39 -10.09 46.41 45.91
CA SER TA 39 -10.72 47.69 45.63
C SER TA 39 -11.48 48.26 46.82
N PHE TA 40 -11.51 47.54 47.94
CA PHE TA 40 -12.19 48.01 49.14
C PHE TA 40 -11.24 48.40 50.26
N CYS TA 41 -10.06 47.79 50.33
CA CYS TA 41 -9.09 48.10 51.36
C CYS TA 41 -7.76 48.62 50.83
N GLY TA 42 -7.47 48.43 49.54
CA GLY TA 42 -6.26 48.93 48.95
C GLY TA 42 -5.05 48.03 49.08
N LYS TA 43 -5.18 46.92 49.80
CA LYS TA 43 -4.06 46.00 49.98
C LYS TA 43 -4.03 44.99 48.85
N THR TA 44 -2.81 44.57 48.49
CA THR TA 44 -2.62 43.56 47.45
C THR TA 44 -2.82 42.18 48.08
N LYS TA 45 -4.09 41.87 48.33
CA LYS TA 45 -4.46 40.59 48.91
C LYS TA 45 -5.62 39.91 48.20
N MET TA 46 -6.17 40.51 47.15
CA MET TA 46 -7.15 39.88 46.29
C MET TA 46 -6.56 38.62 45.68
N LYS TA 47 -7.06 37.45 46.08
CA LYS TA 47 -6.51 36.20 45.59
C LYS TA 47 -7.64 35.19 45.41
N ARG TA 48 -7.54 34.39 44.36
CA ARG TA 48 -8.60 33.45 44.03
C ARG TA 48 -8.74 32.37 45.09
N ARG TA 49 -9.99 32.00 45.37
CA ARG TA 49 -10.31 30.88 46.25
C ARG TA 49 -10.80 29.68 45.48
N ALA TA 50 -11.84 29.84 44.66
CA ALA TA 50 -12.28 28.81 43.73
C ALA TA 50 -12.42 29.46 42.36
N VAL TA 51 -12.98 28.74 41.39
CA VAL TA 51 -13.16 29.33 40.07
C VAL TA 51 -14.26 30.38 40.15
N GLY TA 52 -13.91 31.62 39.80
CA GLY TA 52 -14.85 32.71 39.83
C GLY TA 52 -15.03 33.39 41.17
N ILE TA 53 -14.41 32.87 42.23
CA ILE TA 53 -14.55 33.41 43.57
C ILE TA 53 -13.21 34.02 43.98
N TRP TA 54 -13.24 35.30 44.34
CA TRP TA 54 -12.04 36.02 44.75
C TRP TA 54 -12.23 36.49 46.18
N HIS TA 55 -11.25 36.19 47.04
CA HIS TA 55 -11.36 36.44 48.47
C HIS TA 55 -10.18 37.27 48.92
N CYS TA 56 -10.45 38.35 49.65
CA CYS TA 56 -9.38 39.18 50.18
C CYS TA 56 -8.85 38.61 51.49
N GLY TA 57 -7.70 39.11 51.91
CA GLY TA 57 -7.07 38.61 53.11
C GLY TA 57 -7.30 39.50 54.32
N SER TA 58 -7.17 40.81 54.13
CA SER TA 58 -7.29 41.73 55.26
C SER TA 58 -8.75 42.04 55.56
N CYS TA 59 -9.45 42.69 54.63
CA CYS TA 59 -10.86 42.97 54.82
C CYS TA 59 -11.75 41.78 54.48
N MET TA 60 -11.19 40.79 53.78
CA MET TA 60 -11.86 39.53 53.43
C MET TA 60 -13.28 39.75 52.88
N LYS TA 61 -13.37 40.68 51.94
CA LYS TA 61 -14.60 40.94 51.21
C LYS TA 61 -14.58 40.05 49.97
N THR TA 62 -15.28 38.92 50.04
CA THR TA 62 -15.32 37.99 48.91
C THR TA 62 -16.08 38.60 47.74
N VAL TA 63 -15.49 38.49 46.55
CA VAL TA 63 -16.02 39.08 45.34
C VAL TA 63 -16.16 37.99 44.28
N ALA TA 64 -17.27 38.01 43.54
CA ALA TA 64 -17.45 37.13 42.40
C ALA TA 64 -16.87 37.79 41.15
N GLY TA 65 -15.96 37.08 40.49
CA GLY TA 65 -15.30 37.63 39.32
C GLY TA 65 -15.09 36.63 38.21
N GLY TA 66 -14.06 36.83 37.40
CA GLY TA 66 -13.77 35.92 36.31
C GLY TA 66 -13.16 34.63 36.79
N ALA TA 67 -12.99 33.70 35.86
CA ALA TA 67 -12.40 32.41 36.19
C ALA TA 67 -10.92 32.55 36.56
N TRP TA 68 -10.18 33.32 35.78
CA TRP TA 68 -8.75 33.48 35.97
C TRP TA 68 -8.35 34.90 36.32
N THR TA 69 -8.96 35.90 35.69
CA THR TA 69 -8.70 37.27 36.06
C THR TA 69 -9.70 37.75 37.11
N TYR TA 70 -9.36 38.84 37.78
CA TYR TA 70 -10.24 39.38 38.80
C TYR TA 70 -11.57 39.82 38.22
N ASN TA 71 -11.54 40.55 37.12
CA ASN TA 71 -12.74 40.92 36.38
C ASN TA 71 -12.50 40.68 34.91
N THR TA 72 -13.49 40.10 34.24
CA THR TA 72 -13.41 39.86 32.81
C THR TA 72 -13.75 41.14 32.06
N THR TA 73 -13.11 41.33 30.90
CA THR TA 73 -13.37 42.50 30.09
C THR TA 73 -14.82 42.55 29.63
N SER TA 74 -15.48 41.40 29.54
CA SER TA 74 -16.90 41.39 29.21
C SER TA 74 -17.72 42.06 30.29
N ALA TA 75 -17.38 41.82 31.56
CA ALA TA 75 -18.15 42.42 32.65
C ALA TA 75 -17.84 43.90 32.81
N VAL TA 76 -16.61 44.33 32.55
CA VAL TA 76 -16.27 45.74 32.62
C VAL TA 76 -17.03 46.52 31.55
N THR TA 77 -17.12 45.95 30.35
CA THR TA 77 -17.97 46.53 29.31
C THR TA 77 -19.43 46.53 29.75
N VAL TA 78 -19.87 45.43 30.37
CA VAL TA 78 -21.25 45.32 30.84
C VAL TA 78 -21.56 46.36 31.91
N LYS TA 79 -20.67 46.51 32.88
CA LYS TA 79 -20.92 47.43 33.99
C LYS TA 79 -21.02 48.86 33.50
N SER TA 80 -20.16 49.26 32.56
CA SER TA 80 -20.22 50.60 32.00
C SER TA 80 -21.51 50.80 31.22
N ALA TA 81 -21.93 49.79 30.45
CA ALA TA 81 -23.15 49.91 29.66
C ALA TA 81 -24.38 50.01 30.56
N ILE TA 82 -24.41 49.23 31.64
CA ILE TA 82 -25.55 49.27 32.56
C ILE TA 82 -25.61 50.60 33.27
N ARG TA 83 -24.45 51.15 33.64
CA ARG TA 83 -24.42 52.47 34.26
C ARG TA 83 -24.91 53.54 33.29
N ARG TA 84 -24.50 53.46 32.03
CA ARG TA 84 -24.97 54.42 31.03
C ARG TA 84 -26.46 54.25 30.77
N LEU TA 85 -26.94 53.01 30.75
CA LEU TA 85 -28.36 52.77 30.53
C LEU TA 85 -29.21 53.33 31.66
N LYS TA 86 -28.75 53.17 32.91
CA LYS TA 86 -29.45 53.75 34.04
C LYS TA 86 -29.47 55.27 33.96
N GLU TA 87 -28.32 55.87 33.62
CA GLU TA 87 -28.24 57.33 33.53
C GLU TA 87 -29.12 57.85 32.41
N LEU TA 88 -29.19 57.13 31.29
CA LEU TA 88 -30.06 57.56 30.20
C LEU TA 88 -31.53 57.36 30.54
N LYS TA 89 -31.84 56.35 31.35
CA LYS TA 89 -33.23 56.13 31.74
C LYS TA 89 -33.70 57.20 32.73
N ASP TA 90 -32.90 57.51 33.74
CA ASP TA 90 -33.29 58.54 34.69
C ASP TA 90 -33.00 59.92 34.13
N GLN TA 91 -33.62 60.93 34.75
CA GLN TA 91 -33.42 62.32 34.36
C GLN TA 91 -33.31 63.21 35.59
N SER UA 1 -70.57 -90.66 25.75
CA SER UA 1 -69.92 -91.62 24.85
C SER UA 1 -68.46 -91.82 25.23
N ALA UA 2 -67.88 -92.95 24.82
CA ALA UA 2 -66.50 -93.24 25.17
C ALA UA 2 -65.53 -92.32 24.44
N HIS UA 3 -65.73 -92.15 23.13
CA HIS UA 3 -64.84 -91.29 22.35
C HIS UA 3 -65.01 -89.82 22.72
N LEU UA 4 -66.25 -89.42 23.03
CA LEU UA 4 -66.50 -88.04 23.43
C LEU UA 4 -65.79 -87.73 24.74
N GLN UA 5 -65.86 -88.64 25.71
CA GLN UA 5 -65.20 -88.40 26.98
C GLN UA 5 -63.68 -88.45 26.83
N TRP UA 6 -63.18 -89.31 25.94
CA TRP UA 6 -61.74 -89.40 25.75
C TRP UA 6 -61.17 -88.09 25.21
N MET UA 7 -61.87 -87.46 24.28
CA MET UA 7 -61.40 -86.20 23.72
C MET UA 7 -61.40 -85.09 24.76
N VAL UA 8 -62.15 -85.25 25.85
CA VAL UA 8 -62.15 -84.26 26.91
C VAL UA 8 -60.95 -84.46 27.82
N VAL UA 9 -60.66 -85.71 28.18
CA VAL UA 9 -59.67 -86.02 29.20
C VAL UA 9 -58.41 -86.65 28.61
N ARG UA 10 -58.19 -86.53 27.30
CA ARG UA 10 -56.96 -87.06 26.73
C ARG UA 10 -55.74 -86.30 27.21
N ASN UA 11 -55.90 -85.03 27.56
CA ASN UA 11 -54.79 -84.19 28.00
C ASN UA 11 -55.06 -83.43 29.28
N CYS UA 12 -56.29 -83.44 29.79
CA CYS UA 12 -56.66 -82.67 30.98
C CYS UA 12 -57.40 -83.58 31.95
N SER UA 13 -56.65 -84.28 32.79
CA SER UA 13 -57.23 -85.11 33.84
C SER UA 13 -56.31 -85.10 35.05
N SER UA 14 -56.89 -85.35 36.21
CA SER UA 14 -56.10 -85.37 37.43
C SER UA 14 -55.23 -86.60 37.53
N PHE UA 15 -55.58 -87.68 36.82
CA PHE UA 15 -54.79 -88.90 36.84
C PHE UA 15 -53.63 -88.87 35.85
N LEU UA 16 -53.49 -87.79 35.08
CA LEU UA 16 -52.48 -87.72 34.04
C LEU UA 16 -51.15 -87.30 34.65
N ILE UA 17 -50.14 -88.17 34.52
CA ILE UA 17 -48.78 -87.89 34.95
C ILE UA 17 -47.93 -87.74 33.70
N LYS UA 18 -47.44 -86.53 33.45
CA LYS UA 18 -46.53 -86.28 32.34
C LYS UA 18 -45.18 -85.88 32.92
N ARG UA 19 -44.40 -86.89 33.27
CA ARG UA 19 -43.03 -86.72 33.70
C ARG UA 19 -42.13 -86.85 32.47
N ASN UA 20 -40.83 -87.05 32.67
CA ASN UA 20 -39.85 -86.91 31.60
C ASN UA 20 -40.09 -87.88 30.45
N LYS UA 21 -40.64 -87.35 29.36
CA LYS UA 21 -40.88 -88.03 28.09
C LYS UA 21 -41.84 -89.21 28.20
N GLN UA 22 -42.53 -89.38 29.33
CA GLN UA 22 -43.47 -90.48 29.50
C GLN UA 22 -44.78 -89.96 30.04
N THR UA 23 -45.87 -90.58 29.61
CA THR UA 23 -47.21 -90.28 30.09
C THR UA 23 -47.75 -91.48 30.84
N TYR UA 24 -48.27 -91.26 32.05
CA TYR UA 24 -48.88 -92.30 32.83
C TYR UA 24 -50.23 -91.83 33.35
N SER UA 25 -51.11 -92.79 33.60
CA SER UA 25 -52.48 -92.53 34.01
C SER UA 25 -52.78 -93.40 35.22
N THR UA 26 -53.30 -92.79 36.27
CA THR UA 26 -53.47 -93.46 37.56
C THR UA 26 -54.94 -93.70 37.90
N GLU UA 27 -55.76 -94.01 36.91
CA GLU UA 27 -57.15 -94.35 37.20
C GLU UA 27 -57.22 -95.68 37.92
N PRO UA 28 -58.29 -95.91 38.69
CA PRO UA 28 -58.39 -97.18 39.43
C PRO UA 28 -58.36 -98.42 38.56
N ASN UA 29 -58.96 -98.40 37.37
CA ASN UA 29 -59.10 -99.58 36.54
C ASN UA 29 -58.32 -99.46 35.24
N ASN UA 30 -57.11 -98.94 35.31
CA ASN UA 30 -56.25 -98.76 34.15
C ASN UA 30 -55.15 -99.81 34.20
N LEU UA 31 -55.32 -100.89 33.46
CA LEU UA 31 -54.23 -101.84 33.28
C LEU UA 31 -53.11 -101.18 32.50
N LYS UA 32 -51.87 -101.58 32.82
CA LYS UA 32 -50.65 -101.07 32.21
C LYS UA 32 -50.37 -99.62 32.60
N ALA UA 33 -51.31 -99.00 33.34
CA ALA UA 33 -51.16 -97.67 33.92
C ALA UA 33 -50.71 -96.64 32.89
N ARG UA 34 -51.23 -96.76 31.68
CA ARG UA 34 -50.85 -95.89 30.58
C ARG UA 34 -52.02 -95.04 30.14
N ASN UA 35 -51.70 -93.88 29.57
CA ASN UA 35 -52.71 -92.93 29.11
C ASN UA 35 -53.04 -93.27 27.67
N SER UA 36 -54.16 -93.96 27.47
CA SER UA 36 -54.59 -94.32 26.12
C SER UA 36 -56.08 -94.59 26.15
N PHE UA 37 -56.69 -94.50 24.96
CA PHE UA 37 -58.12 -94.75 24.84
C PHE UA 37 -58.47 -96.19 25.19
N ARG UA 38 -57.64 -97.13 24.74
CA ARG UA 38 -57.92 -98.54 24.97
C ARG UA 38 -57.88 -98.90 26.45
N TYR UA 39 -56.89 -98.37 27.18
CA TYR UA 39 -56.64 -98.77 28.56
C TYR UA 39 -57.23 -97.83 29.59
N ASN UA 40 -57.98 -96.81 29.17
CA ASN UA 40 -58.57 -95.88 30.13
C ASN UA 40 -59.66 -96.60 30.92
N GLY UA 41 -59.61 -96.46 32.24
CA GLY UA 41 -60.51 -97.18 33.12
C GLY UA 41 -61.76 -96.46 33.55
N LEU UA 42 -62.10 -95.33 32.93
CA LEU UA 42 -63.26 -94.55 33.34
C LEU UA 42 -64.24 -94.25 32.23
N ILE UA 43 -63.82 -94.27 30.97
CA ILE UA 43 -64.64 -93.76 29.87
C ILE UA 43 -65.38 -94.85 29.11
N HIS UA 44 -65.06 -96.13 29.34
CA HIS UA 44 -65.64 -97.22 28.58
C HIS UA 44 -66.86 -97.79 29.29
N ARG UA 45 -67.79 -98.33 28.50
CA ARG UA 45 -68.98 -98.94 29.08
C ARG UA 45 -68.64 -100.21 29.85
N LYS UA 46 -67.58 -100.90 29.44
CA LYS UA 46 -67.09 -102.08 30.15
C LYS UA 46 -65.59 -101.97 30.30
N THR UA 47 -65.11 -102.08 31.55
CA THR UA 47 -63.68 -102.10 31.84
C THR UA 47 -63.40 -103.27 32.77
N VAL UA 48 -62.16 -103.73 32.74
CA VAL UA 48 -61.70 -104.79 33.64
C VAL UA 48 -60.36 -104.36 34.23
N GLY UA 49 -60.27 -104.39 35.56
CA GLY UA 49 -59.04 -104.05 36.24
C GLY UA 49 -58.67 -105.10 37.26
N VAL UA 50 -57.37 -105.23 37.48
CA VAL UA 50 -56.82 -106.20 38.43
C VAL UA 50 -56.06 -105.44 39.50
N GLU UA 51 -56.39 -105.70 40.76
CA GLU UA 51 -55.78 -105.02 41.89
C GLU UA 51 -55.38 -106.05 42.95
N PRO UA 52 -54.36 -105.75 43.74
CA PRO UA 52 -54.02 -106.63 44.86
C PRO UA 52 -55.13 -106.63 45.91
N ALA UA 53 -55.25 -107.75 46.61
CA ALA UA 53 -56.30 -107.89 47.62
C ALA UA 53 -56.02 -107.01 48.83
N ALA UA 54 -56.98 -106.96 49.73
CA ALA UA 54 -56.85 -106.12 50.93
C ALA UA 54 -55.65 -106.55 51.76
N ASP UA 55 -55.54 -107.84 52.04
CA ASP UA 55 -54.32 -108.39 52.61
C ASP UA 55 -53.36 -108.77 51.48
N GLY UA 56 -52.14 -109.11 51.85
CA GLY UA 56 -51.13 -109.43 50.86
C GLY UA 56 -51.24 -110.84 50.31
N LYS UA 57 -52.45 -111.27 49.96
CA LYS UA 57 -52.68 -112.60 49.41
C LYS UA 57 -53.75 -112.51 48.34
N GLY UA 58 -53.40 -112.90 47.12
CA GLY UA 58 -54.37 -112.95 46.04
C GLY UA 58 -54.63 -111.60 45.41
N VAL UA 59 -55.47 -111.63 44.37
CA VAL UA 59 -55.83 -110.44 43.61
C VAL UA 59 -57.34 -110.28 43.64
N VAL UA 60 -57.79 -109.06 43.33
CA VAL UA 60 -59.19 -108.79 43.10
C VAL UA 60 -59.35 -108.36 41.64
N VAL UA 61 -60.42 -108.81 41.00
CA VAL UA 61 -60.75 -108.46 39.63
C VAL UA 61 -62.07 -107.72 39.66
N VAL UA 62 -62.07 -106.49 39.15
CA VAL UA 62 -63.24 -105.62 39.18
C VAL UA 62 -63.77 -105.48 37.77
N ILE UA 63 -65.04 -105.79 37.58
CA ILE UA 63 -65.70 -105.77 36.28
C ILE UA 63 -66.83 -104.75 36.32
N LYS UA 64 -66.89 -103.88 35.33
CA LYS UA 64 -67.91 -102.85 35.27
C LYS UA 64 -69.14 -103.40 34.56
N ARG UA 65 -70.29 -103.29 35.21
CA ARG UA 65 -71.55 -103.78 34.66
C ARG UA 65 -72.18 -102.73 33.75
N ARG UA 66 -73.02 -103.20 32.84
CA ARG UA 66 -73.62 -102.35 31.82
C ARG UA 66 -74.88 -101.64 32.28
N SER UA 67 -75.41 -101.95 33.46
CA SER UA 67 -76.69 -101.39 33.86
C SER UA 67 -76.54 -99.98 34.42
N GLY UA 68 -75.84 -99.85 35.54
CA GLY UA 68 -75.72 -98.57 36.21
C GLY UA 68 -74.51 -97.75 35.79
N GLN UA 69 -74.52 -97.24 34.55
CA GLN UA 69 -73.38 -96.48 34.05
C GLN UA 69 -73.22 -95.17 34.80
N ARG UA 70 -74.32 -94.52 35.15
CA ARG UA 70 -74.29 -93.22 35.81
C ARG UA 70 -74.32 -93.33 37.33
N LYS UA 71 -74.27 -94.54 37.88
CA LYS UA 71 -74.27 -94.76 39.33
C LYS UA 71 -72.96 -95.44 39.70
N PRO UA 72 -71.92 -94.67 40.06
CA PRO UA 72 -70.62 -95.29 40.36
C PRO UA 72 -70.58 -96.08 41.65
N ALA UA 73 -71.59 -95.94 42.51
CA ALA UA 73 -71.63 -96.75 43.73
C ALA UA 73 -71.85 -98.22 43.41
N THR UA 74 -72.70 -98.53 42.44
CA THR UA 74 -73.06 -99.88 42.08
C THR UA 74 -72.51 -100.29 40.71
N SER UA 75 -71.55 -99.54 40.18
CA SER UA 75 -71.09 -99.75 38.81
C SER UA 75 -70.01 -100.82 38.70
N TYR UA 76 -69.39 -101.23 39.80
CA TYR UA 76 -68.29 -102.17 39.76
C TYR UA 76 -68.56 -103.33 40.72
N VAL UA 77 -68.39 -104.55 40.22
CA VAL UA 77 -68.48 -105.76 41.04
C VAL UA 77 -67.09 -106.37 41.15
N ARG UA 78 -66.63 -106.58 42.37
CA ARG UA 78 -65.27 -107.04 42.64
C ARG UA 78 -65.30 -108.45 43.20
N THR UA 79 -64.43 -109.30 42.70
CA THR UA 79 -64.27 -110.66 43.18
C THR UA 79 -62.80 -110.89 43.54
N THR UA 80 -62.57 -111.55 44.67
CA THR UA 80 -61.23 -111.84 45.15
C THR UA 80 -60.87 -113.28 44.82
N ILE UA 81 -59.74 -113.46 44.14
CA ILE UA 81 -59.25 -114.78 43.75
C ILE UA 81 -57.95 -115.03 44.50
N ASN UA 82 -57.93 -116.08 45.31
CA ASN UA 82 -56.80 -116.38 46.20
C ASN UA 82 -56.36 -117.83 46.05
N LYS UA 83 -56.18 -118.26 44.81
CA LYS UA 83 -55.71 -119.61 44.51
C LYS UA 83 -54.28 -119.55 43.98
N ASN UA 84 -53.77 -120.69 43.54
CA ASN UA 84 -52.42 -120.77 42.98
C ASN UA 84 -52.33 -119.95 41.69
N ALA UA 85 -51.09 -119.65 41.31
CA ALA UA 85 -50.84 -118.69 40.23
C ALA UA 85 -51.43 -119.18 38.91
N ARG UA 86 -51.26 -120.47 38.59
CA ARG UA 86 -51.81 -120.99 37.34
C ARG UA 86 -53.33 -120.93 37.34
N ALA UA 87 -53.96 -121.25 38.47
CA ALA UA 87 -55.41 -121.30 38.52
C ALA UA 87 -56.02 -119.90 38.40
N THR UA 88 -55.45 -118.91 39.10
CA THR UA 88 -56.03 -117.58 39.06
C THR UA 88 -55.80 -116.90 37.72
N LEU UA 89 -54.72 -117.25 37.01
CA LEU UA 89 -54.55 -116.77 35.65
C LEU UA 89 -55.61 -117.36 34.73
N SER UA 90 -55.93 -118.64 34.93
CA SER UA 90 -56.97 -119.29 34.13
C SER UA 90 -58.34 -118.69 34.41
N SER UA 91 -58.63 -118.37 35.67
CA SER UA 91 -59.91 -117.76 36.01
C SER UA 91 -60.04 -116.39 35.38
N ILE UA 92 -58.97 -115.60 35.40
CA ILE UA 92 -58.99 -114.28 34.77
C ILE UA 92 -59.13 -114.43 33.25
N ARG UA 93 -58.44 -115.41 32.67
CA ARG UA 93 -58.58 -115.65 31.24
C ARG UA 93 -60.01 -116.04 30.88
N HIS UA 94 -60.65 -116.85 31.73
CA HIS UA 94 -62.04 -117.21 31.48
C HIS UA 94 -62.97 -116.03 31.69
N MET UA 95 -62.65 -115.16 32.64
CA MET UA 95 -63.54 -114.04 32.96
C MET UA 95 -63.62 -113.05 31.82
N ILE UA 96 -62.57 -112.96 31.00
CA ILE UA 96 -62.54 -111.99 29.90
C ILE UA 96 -62.90 -112.67 28.59
N ARG UA 97 -62.19 -113.75 28.25
CA ARG UA 97 -62.35 -114.34 26.92
C ARG UA 97 -63.67 -115.08 26.78
N LYS UA 98 -64.02 -115.90 27.78
CA LYS UA 98 -65.26 -116.68 27.68
C LYS UA 98 -66.48 -115.78 27.71
N ASN UA 99 -66.47 -114.75 28.54
CA ASN UA 99 -67.57 -113.80 28.60
C ASN UA 99 -67.60 -112.84 27.44
N LYS UA 100 -66.56 -112.82 26.60
CA LYS UA 100 -66.37 -111.81 25.55
C LYS UA 100 -66.41 -110.40 26.12
N TYR UA 101 -65.93 -110.25 27.35
CA TYR UA 101 -65.92 -108.98 28.06
C TYR UA 101 -64.59 -108.30 27.77
N ARG UA 102 -64.58 -107.42 26.76
CA ARG UA 102 -63.40 -106.70 26.32
C ARG UA 102 -62.27 -107.67 25.98
N PRO UA 103 -62.37 -108.42 24.88
CA PRO UA 103 -61.36 -109.43 24.60
C PRO UA 103 -60.12 -108.84 23.92
N ASP UA 104 -59.69 -107.69 24.41
CA ASP UA 104 -58.41 -107.11 24.04
C ASP UA 104 -57.60 -106.69 25.25
N LEU UA 105 -58.19 -106.76 26.45
CA LEU UA 105 -57.49 -106.54 27.70
C LEU UA 105 -57.15 -107.84 28.41
N ARG UA 106 -57.29 -108.98 27.72
CA ARG UA 106 -57.12 -110.27 28.36
C ARG UA 106 -55.68 -110.48 28.82
N MET UA 107 -54.72 -110.31 27.91
CA MET UA 107 -53.33 -110.56 28.28
C MET UA 107 -52.78 -109.43 29.15
N ALA UA 108 -53.30 -108.22 28.99
CA ALA UA 108 -52.91 -107.14 29.89
C ALA UA 108 -53.35 -107.44 31.32
N ALA UA 109 -54.56 -107.96 31.48
CA ALA UA 109 -55.02 -108.36 32.82
C ALA UA 109 -54.26 -109.58 33.32
N ILE UA 110 -53.94 -110.52 32.43
CA ILE UA 110 -53.19 -111.70 32.83
C ILE UA 110 -51.78 -111.31 33.26
N ARG UA 111 -51.12 -110.44 32.49
CA ARG UA 111 -49.78 -110.00 32.85
C ARG UA 111 -49.78 -109.22 34.16
N ARG UA 112 -50.78 -108.36 34.34
CA ARG UA 112 -50.85 -107.60 35.59
C ARG UA 112 -51.13 -108.50 36.79
N ALA UA 113 -51.98 -109.51 36.60
CA ALA UA 113 -52.24 -110.46 37.68
C ALA UA 113 -50.97 -111.22 38.05
N SER UA 114 -50.21 -111.66 37.06
CA SER UA 114 -48.95 -112.36 37.32
C SER UA 114 -47.95 -111.44 38.02
N ALA UA 115 -47.91 -110.17 37.62
CA ALA UA 115 -47.02 -109.21 38.27
C ALA UA 115 -47.41 -109.00 39.72
N ILE UA 116 -48.72 -108.95 40.01
CA ILE UA 116 -49.18 -108.75 41.38
C ILE UA 116 -48.85 -109.97 42.23
N LEU UA 117 -49.09 -111.17 41.71
CA LEU UA 117 -48.79 -112.39 42.47
C LEU UA 117 -47.31 -112.53 42.73
N ARG UA 118 -46.49 -112.11 41.76
CA ARG UA 118 -45.03 -112.13 41.97
C ARG UA 118 -44.64 -111.21 43.10
N SER UA 119 -45.33 -110.08 43.26
CA SER UA 119 -45.04 -109.18 44.37
C SER UA 119 -45.47 -109.80 45.70
N GLN UA 120 -46.53 -110.60 45.69
CA GLN UA 120 -47.07 -111.12 46.93
C GLN UA 120 -46.22 -112.25 47.50
N LYS UA 121 -45.60 -113.05 46.65
CA LYS UA 121 -44.77 -114.13 47.15
C LYS UA 121 -43.54 -113.55 47.84
N PRO UA 122 -43.09 -114.14 48.95
CA PRO UA 122 -42.10 -113.47 49.80
C PRO UA 122 -40.74 -113.37 49.13
N VAL UA 123 -40.01 -112.32 49.50
CA VAL UA 123 -38.65 -112.13 49.00
C VAL UA 123 -37.74 -113.21 49.59
N MET UA 124 -36.71 -113.57 48.83
CA MET UA 124 -35.75 -114.59 49.24
C MET UA 124 -34.38 -113.94 49.40
N VAL UA 125 -33.73 -114.23 50.53
CA VAL UA 125 -32.42 -113.67 50.82
C VAL UA 125 -31.34 -114.70 50.50
N ASP VA 1 30.89 -65.96 -64.01
CA ASP VA 1 31.93 -65.83 -65.02
C ASP VA 1 33.13 -66.72 -64.69
N ARG VA 2 33.04 -67.44 -63.57
CA ARG VA 2 34.13 -68.32 -63.17
C ARG VA 2 34.28 -69.49 -64.13
N ALA VA 3 33.19 -70.19 -64.41
CA ALA VA 3 33.25 -71.36 -65.28
C ALA VA 3 33.64 -70.99 -66.70
N THR VA 4 33.12 -69.86 -67.19
CA THR VA 4 33.52 -69.37 -68.52
C THR VA 4 34.99 -69.02 -68.54
N TRP VA 5 35.51 -68.47 -67.44
CA TRP VA 5 36.94 -68.20 -67.34
C TRP VA 5 37.75 -69.49 -67.41
N LYS VA 6 37.33 -70.50 -66.64
CA LYS VA 6 38.09 -71.74 -66.57
C LYS VA 6 38.07 -72.49 -67.90
N SER VA 7 36.92 -72.54 -68.56
CA SER VA 7 36.83 -73.19 -69.86
C SER VA 7 37.66 -72.47 -70.90
N ASN VA 8 37.63 -71.13 -70.89
CA ASN VA 8 38.40 -70.35 -71.86
C ASN VA 8 39.90 -70.57 -71.67
N TYR VA 9 40.36 -70.64 -70.42
CA TYR VA 9 41.75 -71.00 -70.17
C TYR VA 9 42.04 -72.40 -70.69
N PHE VA 10 41.14 -73.35 -70.43
CA PHE VA 10 41.39 -74.74 -70.82
C PHE VA 10 41.51 -74.87 -72.33
N LEU VA 11 40.69 -74.12 -73.08
CA LEU VA 11 40.84 -74.10 -74.53
C LEU VA 11 42.14 -73.40 -74.93
N LYS VA 12 42.54 -72.37 -74.17
CA LYS VA 12 43.75 -71.63 -74.51
C LYS VA 12 45.00 -72.49 -74.36
N ILE VA 13 45.11 -73.21 -73.25
CA ILE VA 13 46.32 -73.97 -72.98
C ILE VA 13 46.45 -75.15 -73.94
N ILE VA 14 45.33 -75.82 -74.25
CA ILE VA 14 45.40 -77.00 -75.09
C ILE VA 14 45.76 -76.62 -76.53
N GLN VA 15 45.27 -75.48 -77.01
CA GLN VA 15 45.61 -75.07 -78.37
C GLN VA 15 47.05 -74.59 -78.46
N LEU VA 16 47.57 -73.97 -77.38
CA LEU VA 16 48.95 -73.54 -77.38
C LEU VA 16 49.90 -74.72 -77.25
N LEU VA 17 49.51 -75.73 -76.46
CA LEU VA 17 50.33 -76.93 -76.35
C LEU VA 17 50.31 -77.73 -77.65
N ASP VA 18 49.16 -77.79 -78.31
CA ASP VA 18 49.09 -78.44 -79.62
C ASP VA 18 49.84 -77.62 -80.68
N ASP VA 19 49.97 -76.32 -80.47
CA ASP VA 19 50.69 -75.48 -81.44
C ASP VA 19 52.19 -75.65 -81.28
N TYR VA 20 52.72 -75.29 -80.11
CA TYR VA 20 54.16 -75.30 -79.90
C TYR VA 20 54.60 -76.67 -79.41
N PRO VA 21 55.42 -77.40 -80.16
CA PRO VA 21 55.97 -78.67 -79.66
C PRO VA 21 57.27 -78.52 -78.90
N LYS VA 22 57.83 -77.31 -78.86
CA LYS VA 22 59.10 -77.04 -78.19
C LYS VA 22 58.85 -76.04 -77.07
N CYS VA 23 59.36 -76.36 -75.87
CA CYS VA 23 59.04 -75.64 -74.64
C CYS VA 23 60.12 -75.81 -73.59
N PHE VA 24 60.21 -74.78 -72.75
CA PHE VA 24 60.93 -74.81 -71.50
C PHE VA 24 59.94 -74.60 -70.35
N ILE VA 25 60.25 -75.21 -69.21
CA ILE VA 25 59.48 -75.02 -67.99
C ILE VA 25 60.25 -74.06 -67.10
N VAL VA 26 59.51 -73.15 -66.48
CA VAL VA 26 60.10 -72.01 -65.77
C VAL VA 26 59.41 -71.86 -64.43
N GLY VA 27 60.21 -71.71 -63.38
CA GLY VA 27 59.70 -71.39 -62.05
C GLY VA 27 59.70 -69.87 -61.85
N ALA VA 28 58.64 -69.38 -61.22
CA ALA VA 28 58.44 -67.94 -61.02
C ALA VA 28 58.88 -67.58 -59.61
N ASP VA 29 60.04 -66.94 -59.49
CA ASP VA 29 60.54 -66.45 -58.22
C ASP VA 29 59.89 -65.12 -57.89
N ASN VA 30 60.46 -64.37 -56.94
CA ASN VA 30 59.94 -63.06 -56.58
C ASN VA 30 60.25 -62.09 -57.70
N VAL VA 31 59.47 -62.17 -58.78
CA VAL VA 31 59.58 -61.29 -59.92
C VAL VA 31 58.34 -60.41 -59.97
N GLY VA 32 58.55 -59.10 -60.03
CA GLY VA 32 57.45 -58.15 -60.00
C GLY VA 32 56.71 -58.09 -61.31
N SER VA 33 55.66 -57.25 -61.31
CA SER VA 33 54.90 -57.04 -62.54
C SER VA 33 55.74 -56.32 -63.58
N LYS VA 34 56.70 -55.49 -63.15
CA LYS VA 34 57.58 -54.82 -64.10
C LYS VA 34 58.36 -55.82 -64.92
N GLN VA 35 58.98 -56.81 -64.26
CA GLN VA 35 59.71 -57.84 -64.98
C GLN VA 35 58.77 -58.67 -65.86
N MET VA 36 57.58 -59.01 -65.35
CA MET VA 36 56.67 -59.84 -66.11
C MET VA 36 56.25 -59.17 -67.40
N GLN VA 37 55.95 -57.86 -67.36
CA GLN VA 37 55.52 -57.16 -68.56
C GLN VA 37 56.68 -56.96 -69.53
N GLN VA 38 57.88 -56.65 -69.02
CA GLN VA 38 59.00 -56.40 -69.92
C GLN VA 38 59.61 -57.69 -70.45
N ILE VA 39 59.49 -58.80 -69.70
CA ILE VA 39 59.93 -60.07 -70.25
C ILE VA 39 58.90 -60.60 -71.24
N ARG VA 40 57.65 -60.16 -71.11
CA ARG VA 40 56.67 -60.41 -72.16
C ARG VA 40 57.00 -59.59 -73.40
N MET VA 41 57.54 -58.39 -73.20
CA MET VA 41 58.00 -57.57 -74.31
C MET VA 41 59.15 -58.22 -75.06
N SER VA 42 60.16 -58.68 -74.32
CA SER VA 42 61.37 -59.22 -74.94
C SER VA 42 61.14 -60.56 -75.61
N LEU VA 43 60.03 -61.23 -75.31
CA LEU VA 43 59.74 -62.53 -75.90
C LEU VA 43 58.60 -62.50 -76.90
N ARG VA 44 57.81 -61.42 -76.94
CA ARG VA 44 56.64 -61.37 -77.82
C ARG VA 44 57.00 -61.38 -79.29
N GLY VA 45 58.26 -61.11 -79.64
CA GLY VA 45 58.64 -61.10 -81.04
C GLY VA 45 58.56 -62.48 -81.69
N LYS VA 46 59.03 -63.49 -80.98
CA LYS VA 46 59.11 -64.84 -81.54
C LYS VA 46 58.77 -65.92 -80.52
N ALA VA 47 58.09 -65.58 -79.41
CA ALA VA 47 57.81 -66.54 -78.36
C ALA VA 47 56.55 -66.14 -77.61
N VAL VA 48 56.00 -67.11 -76.88
CA VAL VA 48 54.82 -66.89 -76.04
C VAL VA 48 55.08 -67.50 -74.67
N VAL VA 49 54.62 -66.79 -73.63
CA VAL VA 49 54.86 -67.17 -72.25
C VAL VA 49 53.49 -67.39 -71.58
N LEU VA 50 53.35 -68.52 -70.89
CA LEU VA 50 52.08 -68.88 -70.26
C LEU VA 50 52.34 -69.37 -68.84
N MET VA 51 51.63 -68.77 -67.89
CA MET VA 51 51.67 -69.21 -66.50
C MET VA 51 50.24 -69.18 -65.98
N GLY VA 52 49.83 -70.27 -65.33
CA GLY VA 52 48.50 -70.32 -64.76
C GLY VA 52 48.46 -71.13 -63.48
N LYS VA 53 47.28 -71.41 -62.97
CA LYS VA 53 47.15 -72.24 -61.78
C LYS VA 53 47.75 -73.61 -62.04
N ASN VA 54 48.52 -74.10 -61.07
CA ASN VA 54 49.23 -75.36 -61.27
C ASN VA 54 48.26 -76.51 -61.48
N THR VA 55 47.17 -76.55 -60.71
CA THR VA 55 46.15 -77.56 -60.94
C THR VA 55 45.46 -77.38 -62.28
N MET VA 56 45.20 -76.12 -62.66
CA MET VA 56 44.56 -75.86 -63.95
C MET VA 56 45.43 -76.33 -65.11
N MET VA 57 46.74 -76.09 -65.01
CA MET VA 57 47.65 -76.60 -66.03
C MET VA 57 47.71 -78.13 -66.00
N ARG VA 58 47.68 -78.71 -64.80
CA ARG VA 58 47.69 -80.17 -64.70
C ARG VA 58 46.45 -80.80 -65.31
N LYS VA 59 45.26 -80.33 -64.90
CA LYS VA 59 44.02 -80.95 -65.36
C LYS VA 59 43.85 -80.82 -66.86
N ALA VA 60 44.39 -79.74 -67.44
CA ALA VA 60 44.34 -79.56 -68.88
C ALA VA 60 45.16 -80.64 -69.59
N ILE VA 61 46.34 -80.97 -69.05
CA ILE VA 61 47.25 -81.90 -69.72
C ILE VA 61 47.08 -83.33 -69.25
N ARG VA 62 46.06 -83.63 -68.44
CA ARG VA 62 45.67 -85.01 -68.19
C ARG VA 62 44.25 -85.32 -68.66
N GLY VA 63 43.54 -84.34 -69.21
CA GLY VA 63 42.22 -84.57 -69.75
C GLY VA 63 42.17 -84.41 -71.26
N HIS VA 64 42.99 -83.50 -71.79
CA HIS VA 64 43.08 -83.26 -73.22
C HIS VA 64 44.43 -83.74 -73.76
N LEU VA 65 44.92 -84.85 -73.23
CA LEU VA 65 46.22 -85.40 -73.58
C LEU VA 65 46.15 -86.60 -74.53
N GLU VA 66 45.03 -87.33 -74.52
CA GLU VA 66 44.97 -88.63 -75.19
C GLU VA 66 45.25 -88.55 -76.68
N ASN VA 67 45.09 -87.38 -77.29
CA ASN VA 67 45.41 -87.24 -78.71
C ASN VA 67 46.92 -87.34 -78.95
N ASN VA 68 47.74 -86.94 -77.98
CA ASN VA 68 49.19 -87.04 -78.12
C ASN VA 68 49.84 -87.51 -76.84
N PRO VA 69 50.43 -88.70 -76.83
CA PRO VA 69 51.06 -89.22 -75.61
C PRO VA 69 52.40 -88.57 -75.30
N ALA VA 70 53.10 -89.11 -74.31
CA ALA VA 70 54.44 -88.77 -73.85
C ALA VA 70 54.51 -87.46 -73.08
N LEU VA 71 53.37 -86.80 -72.85
CA LEU VA 71 53.34 -85.61 -72.01
C LEU VA 71 53.15 -85.94 -70.53
N GLU VA 72 53.07 -87.23 -70.19
CA GLU VA 72 52.89 -87.64 -68.81
C GLU VA 72 54.11 -87.34 -67.95
N LYS VA 73 55.28 -87.11 -68.56
CA LYS VA 73 56.48 -86.78 -67.80
C LYS VA 73 56.38 -85.43 -67.11
N LEU VA 74 55.45 -84.58 -67.55
CA LEU VA 74 55.27 -83.30 -66.87
C LEU VA 74 54.66 -83.46 -65.48
N LEU VA 75 53.75 -84.43 -65.32
CA LEU VA 75 53.00 -84.59 -64.07
C LEU VA 75 53.86 -84.67 -62.81
N PRO VA 76 54.95 -85.44 -62.75
CA PRO VA 76 55.79 -85.42 -61.56
C PRO VA 76 56.84 -84.33 -61.53
N HIS VA 77 56.77 -83.35 -62.44
CA HIS VA 77 57.77 -82.29 -62.50
C HIS VA 77 57.21 -80.89 -62.45
N ILE VA 78 55.92 -80.68 -62.73
CA ILE VA 78 55.32 -79.35 -62.68
C ILE VA 78 54.75 -79.19 -61.28
N ARG VA 79 55.58 -78.73 -60.36
CA ARG VA 79 55.21 -78.54 -58.97
C ARG VA 79 55.63 -77.16 -58.51
N GLY VA 80 54.83 -76.56 -57.63
CA GLY VA 80 55.14 -75.25 -57.11
C GLY VA 80 54.79 -74.15 -58.09
N ASN VA 81 55.32 -72.96 -57.79
CA ASN VA 81 55.08 -71.77 -58.61
C ASN VA 81 55.92 -71.89 -59.88
N VAL VA 82 55.39 -72.62 -60.85
CA VAL VA 82 56.09 -72.89 -62.10
C VAL VA 82 55.14 -72.67 -63.28
N GLY VA 83 55.72 -72.47 -64.44
CA GLY VA 83 54.97 -72.27 -65.67
C GLY VA 83 55.78 -72.70 -66.87
N PHE VA 84 55.25 -72.39 -68.05
CA PHE VA 84 55.89 -72.75 -69.32
C PHE VA 84 56.22 -71.51 -70.14
N VAL VA 85 57.22 -71.65 -71.01
CA VAL VA 85 57.52 -70.66 -72.04
C VAL VA 85 57.68 -71.38 -73.37
N PHE VA 86 56.81 -71.05 -74.33
CA PHE VA 86 56.75 -71.71 -75.61
C PHE VA 86 57.59 -70.96 -76.64
N THR VA 87 58.48 -71.67 -77.33
CA THR VA 87 59.41 -71.06 -78.29
C THR VA 87 59.57 -71.98 -79.49
N LYS VA 88 60.03 -71.41 -80.60
CA LYS VA 88 60.28 -72.18 -81.82
C LYS VA 88 61.75 -72.24 -82.24
N GLU VA 89 62.61 -71.41 -81.66
CA GLU VA 89 64.03 -71.39 -81.98
C GLU VA 89 64.77 -72.38 -81.06
N ASP VA 90 66.10 -72.38 -81.14
CA ASP VA 90 66.86 -73.40 -80.45
C ASP VA 90 66.94 -73.12 -78.95
N LEU VA 91 67.47 -74.11 -78.22
CA LEU VA 91 67.45 -74.05 -76.77
C LEU VA 91 68.45 -73.04 -76.22
N THR VA 92 69.66 -73.02 -76.78
CA THR VA 92 70.69 -72.17 -76.20
C THR VA 92 70.48 -70.70 -76.55
N GLU VA 93 69.83 -70.41 -77.68
CA GLU VA 93 69.58 -69.02 -78.06
C GLU VA 93 68.46 -68.41 -77.22
N ILE VA 94 67.54 -69.22 -76.73
CA ILE VA 94 66.51 -68.68 -75.85
C ILE VA 94 67.00 -68.69 -74.41
N ARG VA 95 67.81 -69.68 -74.02
CA ARG VA 95 68.28 -69.76 -72.64
C ARG VA 95 69.27 -68.66 -72.31
N ASP VA 96 70.24 -68.42 -73.21
CA ASP VA 96 71.25 -67.41 -72.93
C ASP VA 96 70.64 -66.01 -72.91
N MET VA 97 69.61 -65.78 -73.74
CA MET VA 97 68.90 -64.51 -73.68
C MET VA 97 68.12 -64.39 -72.37
N LEU VA 98 67.51 -65.51 -71.92
CA LEU VA 98 66.68 -65.47 -70.73
C LEU VA 98 67.48 -65.18 -69.47
N LEU VA 99 68.70 -65.71 -69.37
CA LEU VA 99 69.51 -65.42 -68.20
C LEU VA 99 70.29 -64.12 -68.34
N ALA VA 100 70.22 -63.46 -69.49
CA ALA VA 100 70.93 -62.19 -69.69
C ALA VA 100 70.06 -60.98 -69.39
N ASN VA 101 68.80 -60.99 -69.80
CA ASN VA 101 67.90 -59.85 -69.53
C ASN VA 101 67.43 -59.94 -68.08
N LYS VA 102 68.34 -59.60 -67.17
CA LYS VA 102 68.07 -59.65 -65.74
C LYS VA 102 67.48 -58.32 -65.28
N VAL VA 103 67.02 -58.31 -64.02
CA VAL VA 103 66.35 -57.18 -63.42
C VAL VA 103 67.13 -56.76 -62.19
N PRO VA 104 67.60 -55.52 -62.09
CA PRO VA 104 68.19 -55.02 -60.83
C PRO VA 104 67.11 -54.56 -59.86
N ALA VA 105 66.39 -55.53 -59.32
CA ALA VA 105 65.24 -55.26 -58.47
C ALA VA 105 65.66 -54.63 -57.16
N ALA VA 106 64.80 -53.76 -56.62
CA ALA VA 106 65.05 -53.11 -55.36
C ALA VA 106 64.89 -54.10 -54.20
N ALA VA 107 65.43 -53.73 -53.05
CA ALA VA 107 65.38 -54.56 -51.85
C ALA VA 107 64.11 -54.21 -51.07
N ARG VA 108 63.06 -54.98 -51.30
CA ARG VA 108 61.83 -54.81 -50.53
C ARG VA 108 62.06 -55.22 -49.08
N ALA VA 109 61.41 -54.51 -48.17
CA ALA VA 109 61.57 -54.79 -46.75
C ALA VA 109 60.99 -56.15 -46.40
N GLY VA 110 61.60 -56.82 -45.43
CA GLY VA 110 61.14 -58.11 -44.99
C GLY VA 110 61.46 -59.27 -45.92
N ALA VA 111 62.48 -59.12 -46.76
CA ALA VA 111 62.84 -60.15 -47.73
C ALA VA 111 64.21 -60.73 -47.38
N ILE VA 112 64.36 -62.04 -47.63
CA ILE VA 112 65.62 -62.71 -47.39
C ILE VA 112 66.64 -62.24 -48.43
N ALA VA 113 67.87 -62.00 -47.97
CA ALA VA 113 68.93 -61.52 -48.85
C ALA VA 113 69.94 -62.62 -49.11
N PRO VA 114 69.92 -63.25 -50.29
CA PRO VA 114 70.88 -64.32 -50.58
C PRO VA 114 72.17 -63.80 -51.19
N CYS VA 115 72.13 -62.58 -51.72
CA CYS VA 115 73.31 -61.95 -52.33
C CYS VA 115 73.80 -60.83 -51.43
N GLU VA 116 75.09 -60.83 -51.15
CA GLU VA 116 75.69 -59.88 -50.22
C GLU VA 116 76.15 -58.64 -50.99
N VAL VA 117 75.61 -57.49 -50.61
CA VAL VA 117 75.97 -56.20 -51.21
C VAL VA 117 76.52 -55.29 -50.12
N THR VA 118 77.67 -54.70 -50.38
CA THR VA 118 78.34 -53.81 -49.44
C THR VA 118 78.64 -52.50 -50.13
N VAL VA 119 78.18 -51.40 -49.55
CA VAL VA 119 78.47 -50.08 -50.10
C VAL VA 119 79.93 -49.73 -49.80
N PRO VA 120 80.64 -49.08 -50.71
CA PRO VA 120 82.02 -48.67 -50.43
C PRO VA 120 82.07 -47.30 -49.77
N ALA VA 121 83.27 -46.79 -49.53
CA ALA VA 121 83.46 -45.44 -49.00
C ALA VA 121 83.55 -44.48 -50.17
N GLN VA 122 82.42 -43.85 -50.51
CA GLN VA 122 82.36 -42.98 -51.68
C GLN VA 122 81.40 -41.84 -51.39
N ASN VA 123 81.56 -40.75 -52.15
CA ASN VA 123 80.69 -39.59 -52.01
C ASN VA 123 79.32 -39.92 -52.59
N THR VA 124 78.33 -40.03 -51.72
CA THR VA 124 76.98 -40.38 -52.16
C THR VA 124 76.36 -39.27 -53.00
N GLY VA 125 76.65 -38.00 -52.69
CA GLY VA 125 76.10 -36.89 -53.41
C GLY VA 125 74.75 -36.41 -52.92
N LEU VA 126 74.18 -37.05 -51.92
CA LEU VA 126 72.91 -36.62 -51.37
C LEU VA 126 73.05 -35.28 -50.66
N GLY VA 127 71.93 -34.59 -50.47
CA GLY VA 127 71.92 -33.31 -49.81
C GLY VA 127 72.17 -33.44 -48.32
N PRO VA 128 72.58 -32.34 -47.67
CA PRO VA 128 72.93 -32.41 -46.25
C PRO VA 128 71.71 -32.43 -45.33
N GLU VA 129 70.72 -33.25 -45.69
CA GLU VA 129 69.56 -33.48 -44.86
C GLU VA 129 69.20 -34.97 -44.78
N LYS VA 130 69.93 -35.82 -45.49
CA LYS VA 130 69.72 -37.26 -45.46
C LYS VA 130 70.62 -37.96 -44.46
N THR VA 131 71.33 -37.19 -43.62
CA THR VA 131 72.21 -37.79 -42.62
C THR VA 131 71.44 -38.55 -41.54
N SER VA 132 70.13 -38.34 -41.44
CA SER VA 132 69.34 -39.06 -40.46
C SER VA 132 69.31 -40.55 -40.74
N PHE VA 133 69.25 -40.93 -42.03
CA PHE VA 133 69.24 -42.34 -42.39
C PHE VA 133 70.56 -43.02 -42.01
N PHE VA 134 71.68 -42.35 -42.28
CA PHE VA 134 72.99 -42.93 -41.94
C PHE VA 134 73.19 -42.99 -40.44
N GLN VA 135 72.67 -41.99 -39.71
CA GLN VA 135 72.74 -42.02 -38.25
C GLN VA 135 71.92 -43.17 -37.69
N ALA VA 136 70.74 -43.43 -38.26
CA ALA VA 136 69.89 -44.51 -37.77
C ALA VA 136 70.55 -45.87 -37.98
N LEU VA 137 71.19 -46.07 -39.13
CA LEU VA 137 71.83 -47.35 -39.41
C LEU VA 137 73.17 -47.51 -38.71
N GLY VA 138 73.75 -46.44 -38.20
CA GLY VA 138 74.99 -46.51 -37.44
C GLY VA 138 76.25 -46.17 -38.21
N ILE VA 139 76.14 -45.73 -39.45
CA ILE VA 139 77.30 -45.41 -40.28
C ILE VA 139 77.69 -43.96 -40.03
N THR VA 140 78.94 -43.76 -39.58
CA THR VA 140 79.42 -42.40 -39.37
C THR VA 140 79.69 -41.71 -40.70
N THR VA 141 79.33 -40.42 -40.77
CA THR VA 141 79.47 -39.64 -41.99
C THR VA 141 79.82 -38.21 -41.63
N LYS VA 142 80.50 -37.54 -42.54
CA LYS VA 142 80.75 -36.11 -42.46
C LYS VA 142 80.49 -35.48 -43.82
N ILE VA 143 80.01 -34.24 -43.80
CA ILE VA 143 79.64 -33.56 -45.04
C ILE VA 143 80.90 -33.07 -45.74
N SER VA 144 80.99 -33.32 -47.04
CA SER VA 144 82.13 -32.92 -47.86
C SER VA 144 81.63 -32.33 -49.16
N ARG VA 145 82.06 -31.10 -49.45
CA ARG VA 145 81.66 -30.36 -50.65
C ARG VA 145 80.14 -30.24 -50.76
N GLY VA 146 79.46 -30.13 -49.61
CA GLY VA 146 78.01 -30.09 -49.62
C GLY VA 146 77.34 -31.38 -50.04
N THR VA 147 78.06 -32.50 -49.98
CA THR VA 147 77.53 -33.81 -50.33
C THR VA 147 77.93 -34.82 -49.26
N ILE VA 148 77.10 -35.86 -49.11
CA ILE VA 148 77.35 -36.87 -48.08
C ILE VA 148 78.48 -37.79 -48.53
N GLU VA 149 79.44 -38.01 -47.64
CA GLU VA 149 80.59 -38.87 -47.93
C GLU VA 149 80.66 -39.98 -46.90
N ILE VA 150 80.91 -41.20 -47.37
CA ILE VA 150 81.07 -42.36 -46.51
C ILE VA 150 82.53 -42.46 -46.11
N LEU VA 151 82.79 -42.49 -44.80
CA LEU VA 151 84.17 -42.51 -44.31
C LEU VA 151 84.86 -43.82 -44.64
N SER VA 152 84.21 -44.94 -44.33
CA SER VA 152 84.82 -46.25 -44.49
C SER VA 152 83.78 -47.26 -44.93
N ASP VA 153 84.25 -48.33 -45.55
CA ASP VA 153 83.37 -49.41 -45.98
C ASP VA 153 82.75 -50.10 -44.76
N VAL VA 154 81.45 -50.34 -44.82
CA VAL VA 154 80.71 -50.98 -43.74
C VAL VA 154 79.98 -52.18 -44.30
N GLN VA 155 79.69 -53.15 -43.43
CA GLN VA 155 78.94 -54.33 -43.82
C GLN VA 155 77.45 -54.07 -43.69
N LEU VA 156 76.70 -54.25 -44.78
CA LEU VA 156 75.29 -53.87 -44.80
C LEU VA 156 74.39 -55.05 -44.43
N ILE VA 157 74.45 -56.13 -45.19
CA ILE VA 157 73.74 -57.37 -44.85
C ILE VA 157 74.68 -58.56 -45.03
N LYS VA 158 74.22 -59.70 -44.54
CA LYS VA 158 74.91 -60.97 -44.70
C LYS VA 158 74.00 -61.95 -45.44
N THR VA 159 74.60 -63.02 -45.95
CA THR VA 159 73.86 -64.00 -46.73
C THR VA 159 72.81 -64.69 -45.87
N GLY VA 160 71.58 -64.75 -46.39
CA GLY VA 160 70.48 -65.37 -45.67
C GLY VA 160 70.06 -64.63 -44.41
N ASP VA 161 70.01 -63.30 -44.47
CA ASP VA 161 69.67 -62.48 -43.31
C ASP VA 161 68.53 -61.52 -43.68
N LYS VA 162 67.62 -61.33 -42.74
CA LYS VA 162 66.50 -60.42 -42.95
C LYS VA 162 67.00 -58.98 -43.07
N VAL VA 163 66.37 -58.23 -43.96
CA VAL VA 163 66.71 -56.82 -44.18
C VAL VA 163 65.82 -55.96 -43.31
N GLY VA 164 66.36 -54.81 -42.89
CA GLY VA 164 65.60 -53.91 -42.04
C GLY VA 164 64.60 -53.08 -42.81
N ALA VA 165 63.67 -52.48 -42.05
CA ALA VA 165 62.64 -51.63 -42.65
C ALA VA 165 63.24 -50.34 -43.19
N SER VA 166 63.95 -49.59 -42.34
CA SER VA 166 64.64 -48.39 -42.78
C SER VA 166 65.91 -48.71 -43.56
N GLU VA 167 66.45 -49.92 -43.38
CA GLU VA 167 67.63 -50.33 -44.14
C GLU VA 167 67.30 -50.48 -45.62
N ALA VA 168 66.07 -50.93 -45.93
CA ALA VA 168 65.68 -51.15 -47.32
C ALA VA 168 65.69 -49.85 -48.12
N THR VA 169 65.24 -48.75 -47.51
CA THR VA 169 65.23 -47.47 -48.21
C THR VA 169 66.61 -46.81 -48.24
N LEU VA 170 67.57 -47.33 -47.47
CA LEU VA 170 68.94 -46.84 -47.59
C LEU VA 170 69.56 -47.27 -48.91
N LEU VA 171 69.28 -48.51 -49.34
CA LEU VA 171 69.74 -48.97 -50.65
C LEU VA 171 69.11 -48.16 -51.77
N ASN VA 172 67.80 -47.87 -51.65
CA ASN VA 172 67.12 -47.10 -52.68
C ASN VA 172 67.68 -45.69 -52.78
N MET VA 173 67.98 -45.07 -51.63
CA MET VA 173 68.50 -43.72 -51.65
C MET VA 173 69.92 -43.67 -52.20
N LEU VA 174 70.72 -44.69 -51.91
CA LEU VA 174 72.06 -44.77 -52.49
C LEU VA 174 72.04 -45.22 -53.95
N ASN VA 175 70.92 -45.75 -54.44
CA ASN VA 175 70.75 -46.21 -55.81
C ASN VA 175 71.79 -47.27 -56.19
N ILE VA 176 72.21 -48.08 -55.21
CA ILE VA 176 73.13 -49.18 -55.43
C ILE VA 176 72.32 -50.45 -55.62
N SER VA 177 72.74 -51.27 -56.57
CA SER VA 177 71.98 -52.47 -56.92
C SER VA 177 71.96 -53.45 -55.76
N PRO VA 178 70.80 -53.80 -55.22
CA PRO VA 178 70.74 -54.80 -54.14
C PRO VA 178 70.69 -56.21 -54.69
N PHE VA 179 70.49 -57.18 -53.81
CA PHE VA 179 70.23 -58.55 -54.25
C PHE VA 179 69.02 -58.60 -55.15
N SER VA 180 69.12 -59.37 -56.23
CA SER VA 180 68.04 -59.43 -57.20
C SER VA 180 68.13 -60.73 -57.98
N PHE VA 181 67.00 -61.09 -58.61
CA PHE VA 181 66.93 -62.26 -59.46
C PHE VA 181 65.77 -62.06 -60.44
N GLY VA 182 65.77 -62.86 -61.50
CA GLY VA 182 64.79 -62.73 -62.56
C GLY VA 182 64.07 -64.05 -62.81
N LEU VA 183 63.60 -64.18 -64.05
CA LEU VA 183 62.86 -65.37 -64.48
C LEU VA 183 63.83 -66.53 -64.60
N VAL VA 184 63.75 -67.47 -63.66
CA VAL VA 184 64.70 -68.57 -63.58
C VAL VA 184 64.12 -69.82 -64.25
N ILE VA 185 64.99 -70.60 -64.88
CA ILE VA 185 64.60 -71.77 -65.63
C ILE VA 185 64.69 -73.00 -64.74
N GLN VA 186 63.90 -74.04 -65.05
CA GLN VA 186 63.96 -75.28 -64.30
C GLN VA 186 64.40 -76.47 -65.14
N GLN VA 187 63.64 -76.84 -66.18
CA GLN VA 187 63.91 -78.04 -66.98
C GLN VA 187 63.36 -77.80 -68.38
N VAL VA 188 63.51 -78.80 -69.25
CA VAL VA 188 63.12 -78.70 -70.65
C VAL VA 188 62.16 -79.81 -71.03
N PHE VA 189 61.42 -79.59 -72.11
CA PHE VA 189 60.65 -80.63 -72.79
C PHE VA 189 60.87 -80.48 -74.29
N ASP VA 190 61.47 -81.51 -74.90
CA ASP VA 190 61.74 -81.52 -76.35
C ASP VA 190 61.10 -82.78 -76.94
N ASN VA 191 59.80 -82.69 -77.24
CA ASN VA 191 59.02 -83.79 -77.81
C ASN VA 191 59.16 -85.06 -76.99
N GLY VA 192 59.23 -84.91 -75.67
CA GLY VA 192 59.39 -86.04 -74.77
C GLY VA 192 60.80 -86.29 -74.30
N SER VA 193 61.49 -85.23 -73.85
CA SER VA 193 62.81 -85.38 -73.28
C SER VA 193 62.96 -84.42 -72.10
N ILE VA 194 63.79 -84.80 -71.13
CA ILE VA 194 64.01 -84.01 -69.92
C ILE VA 194 65.51 -83.72 -69.82
N TYR VA 195 65.84 -82.45 -69.59
CA TYR VA 195 67.22 -82.02 -69.46
C TYR VA 195 67.25 -80.76 -68.59
N ASN VA 196 68.38 -80.53 -67.95
CA ASN VA 196 68.51 -79.44 -66.97
C ASN VA 196 68.35 -78.06 -67.60
N PRO WA 1 78.53 -38.55 -65.48
CA PRO WA 1 77.26 -39.05 -66.05
C PRO WA 1 76.66 -38.08 -67.07
N ASN WA 2 77.16 -38.13 -68.30
CA ASN WA 2 76.69 -37.30 -69.41
C ASN WA 2 76.82 -35.81 -69.10
N GLU WA 3 77.81 -35.46 -68.27
CA GLU WA 3 78.18 -34.09 -67.89
C GLU WA 3 77.12 -33.41 -67.03
N ILE WA 4 75.95 -34.04 -66.87
CA ILE WA 4 74.87 -33.52 -66.06
C ILE WA 4 73.80 -34.60 -65.83
N LYS WA 5 73.11 -34.52 -64.70
CA LYS WA 5 72.00 -35.43 -64.40
C LYS WA 5 70.89 -34.58 -63.77
N VAL WA 6 69.97 -34.10 -64.61
CA VAL WA 6 68.95 -33.14 -64.20
C VAL WA 6 67.58 -33.67 -64.61
N VAL WA 7 67.45 -35.01 -64.63
CA VAL WA 7 66.34 -35.70 -65.27
C VAL WA 7 65.00 -35.47 -64.56
N TYR WA 8 65.00 -34.65 -63.51
CA TYR WA 8 63.76 -34.34 -62.81
C TYR WA 8 62.77 -33.64 -63.74
N LEU WA 9 61.49 -33.99 -63.60
CA LEU WA 9 60.44 -33.49 -64.46
C LEU WA 9 59.84 -32.21 -63.90
N ARG WA 10 59.05 -31.54 -64.74
CA ARG WA 10 58.39 -30.29 -64.38
C ARG WA 10 56.96 -30.33 -64.89
N CYS WA 11 56.08 -29.59 -64.21
CA CYS WA 11 54.65 -29.59 -64.54
C CYS WA 11 54.14 -28.18 -64.82
N THR WA 12 54.86 -27.42 -65.64
CA THR WA 12 54.46 -26.08 -66.02
C THR WA 12 54.21 -26.02 -67.52
N GLY WA 13 53.38 -25.05 -67.93
CA GLY WA 13 53.05 -24.91 -69.32
C GLY WA 13 52.04 -23.81 -69.52
N GLY WA 14 51.59 -23.67 -70.78
CA GLY WA 14 50.61 -22.66 -71.13
C GLY WA 14 51.12 -21.25 -70.98
N GLU WA 15 50.59 -20.53 -69.98
CA GLU WA 15 51.07 -19.18 -69.69
C GLU WA 15 52.51 -19.22 -69.22
N VAL WA 16 53.25 -18.15 -69.52
CA VAL WA 16 54.67 -18.08 -69.16
C VAL WA 16 54.84 -18.15 -67.64
N GLY WA 17 54.04 -17.38 -66.91
CA GLY WA 17 54.05 -17.45 -65.46
C GLY WA 17 55.26 -16.79 -64.83
N ALA WA 18 56.44 -17.40 -65.01
CA ALA WA 18 57.72 -16.90 -64.53
C ALA WA 18 57.76 -16.81 -63.01
N THR WA 19 57.01 -15.85 -62.45
CA THR WA 19 56.99 -15.65 -61.00
C THR WA 19 55.83 -16.36 -60.32
N SER WA 20 54.77 -16.72 -61.07
CA SER WA 20 53.65 -17.44 -60.52
C SER WA 20 53.81 -18.96 -60.62
N ALA WA 21 54.96 -19.43 -61.12
CA ALA WA 21 55.18 -20.84 -61.33
C ALA WA 21 55.80 -21.49 -60.09
N LEU WA 22 56.13 -22.78 -60.23
CA LEU WA 22 56.75 -23.57 -59.17
C LEU WA 22 58.27 -23.62 -59.30
N ALA WA 23 58.82 -22.94 -60.32
CA ALA WA 23 60.24 -23.05 -60.66
C ALA WA 23 61.20 -22.73 -59.51
N PRO WA 24 61.03 -21.66 -58.72
CA PRO WA 24 62.04 -21.37 -57.67
C PRO WA 24 62.16 -22.45 -56.59
N LYS WA 25 61.13 -23.28 -56.41
CA LYS WA 25 61.21 -24.32 -55.38
C LYS WA 25 62.15 -25.45 -55.78
N ILE WA 26 62.19 -25.81 -57.06
CA ILE WA 26 63.02 -26.90 -57.55
C ILE WA 26 64.20 -26.40 -58.38
N GLY WA 27 64.30 -25.10 -58.61
CA GLY WA 27 65.41 -24.53 -59.34
C GLY WA 27 66.79 -24.80 -58.76
N PRO WA 28 66.97 -24.62 -57.43
CA PRO WA 28 68.29 -24.92 -56.84
C PRO WA 28 68.72 -26.38 -56.85
N LEU WA 29 67.92 -27.26 -57.47
CA LEU WA 29 68.36 -28.64 -57.63
C LEU WA 29 69.51 -28.74 -58.63
N GLY WA 30 69.57 -27.85 -59.61
CA GLY WA 30 70.68 -27.80 -60.53
C GLY WA 30 71.52 -26.55 -60.37
N LEU WA 31 70.87 -25.48 -59.91
CA LEU WA 31 71.50 -24.20 -59.56
C LEU WA 31 72.06 -23.45 -60.77
N SER WA 32 72.02 -24.08 -61.94
CA SER WA 32 72.47 -23.47 -63.19
C SER WA 32 71.41 -22.60 -63.86
N PRO WA 33 70.14 -23.08 -64.05
CA PRO WA 33 69.18 -22.26 -64.82
C PRO WA 33 68.79 -20.95 -64.16
N LYS WA 34 68.33 -21.01 -62.91
CA LYS WA 34 67.84 -19.86 -62.15
C LYS WA 34 66.66 -19.24 -62.91
N LYS WA 35 66.42 -17.93 -62.71
CA LYS WA 35 65.27 -17.29 -63.34
C LYS WA 35 65.42 -17.20 -64.85
N VAL WA 36 66.63 -16.88 -65.34
CA VAL WA 36 66.84 -16.81 -66.78
C VAL WA 36 66.72 -18.20 -67.40
N GLY WA 37 67.04 -19.25 -66.64
CA GLY WA 37 66.80 -20.60 -67.12
C GLY WA 37 65.33 -20.92 -67.24
N ASP WA 38 64.51 -20.41 -66.30
CA ASP WA 38 63.07 -20.60 -66.40
C ASP WA 38 62.51 -19.90 -67.62
N ASP WA 39 63.08 -18.75 -67.99
CA ASP WA 39 62.63 -18.04 -69.18
C ASP WA 39 62.94 -18.83 -70.44
N ILE WA 40 64.13 -19.42 -70.52
CA ILE WA 40 64.52 -20.13 -71.73
C ILE WA 40 63.91 -21.53 -71.76
N ALA WA 41 63.61 -22.11 -70.60
CA ALA WA 41 62.90 -23.38 -70.55
C ALA WA 41 61.40 -23.24 -70.73
N LYS WA 42 60.90 -22.00 -70.80
CA LYS WA 42 59.51 -21.74 -71.12
C LYS WA 42 59.33 -21.12 -72.50
N ALA WA 43 60.38 -20.51 -73.06
CA ALA WA 43 60.27 -19.89 -74.37
C ALA WA 43 59.96 -20.91 -75.45
N THR WA 44 60.62 -22.07 -75.41
CA THR WA 44 60.35 -23.13 -76.37
C THR WA 44 59.25 -24.08 -75.90
N GLY WA 45 58.82 -23.97 -74.65
CA GLY WA 45 57.74 -24.79 -74.13
C GLY WA 45 56.40 -24.11 -74.00
N ASP WA 46 56.27 -22.88 -74.51
CA ASP WA 46 55.01 -22.14 -74.38
C ASP WA 46 53.89 -22.85 -75.13
N TRP WA 47 54.16 -23.29 -76.35
CA TRP WA 47 53.17 -23.94 -77.18
C TRP WA 47 53.55 -25.41 -77.39
N LYS WA 48 52.54 -26.20 -77.75
CA LYS WA 48 52.65 -27.66 -77.86
C LYS WA 48 53.17 -28.27 -76.55
N GLY WA 49 52.34 -28.17 -75.51
CA GLY WA 49 50.97 -27.68 -75.51
C GLY WA 49 50.74 -26.40 -74.73
N LEU WA 50 49.49 -25.95 -74.69
CA LEU WA 50 49.07 -24.77 -73.93
C LEU WA 50 48.34 -25.18 -72.66
N ARG WA 51 48.84 -26.21 -71.99
CA ARG WA 51 48.16 -26.84 -70.86
C ARG WA 51 49.21 -27.10 -69.79
N ILE WA 52 48.90 -28.00 -68.86
CA ILE WA 52 49.78 -28.29 -67.72
C ILE WA 52 51.17 -28.69 -68.21
N THR WA 53 51.23 -29.53 -69.24
CA THR WA 53 52.45 -29.80 -70.00
C THR WA 53 53.57 -30.35 -69.10
N VAL WA 54 53.33 -31.52 -68.53
CA VAL WA 54 54.38 -32.23 -67.82
C VAL WA 54 55.43 -32.72 -68.81
N LYS WA 55 56.71 -32.55 -68.46
CA LYS WA 55 57.76 -32.80 -69.42
C LYS WA 55 59.06 -33.15 -68.70
N LEU WA 56 59.97 -33.75 -69.46
CA LEU WA 56 61.34 -34.01 -69.03
C LEU WA 56 62.26 -32.96 -69.63
N THR WA 57 63.49 -32.90 -69.11
CA THR WA 57 64.47 -31.93 -69.61
C THR WA 57 65.88 -32.45 -69.35
N ILE WA 58 66.80 -32.02 -70.21
CA ILE WA 58 68.22 -32.29 -70.04
C ILE WA 58 68.97 -30.96 -70.09
N GLN WA 59 70.04 -30.86 -69.31
CA GLN WA 59 70.74 -29.59 -69.16
C GLN WA 59 71.85 -29.45 -70.20
N ASN WA 60 72.21 -28.20 -70.47
CA ASN WA 60 73.30 -27.83 -71.36
C ASN WA 60 74.19 -26.80 -70.68
N ARG WA 61 74.56 -27.09 -69.43
CA ARG WA 61 75.28 -26.18 -68.54
C ARG WA 61 74.44 -24.94 -68.25
N GLN WA 62 74.20 -24.11 -69.28
CA GLN WA 62 73.31 -22.97 -69.15
C GLN WA 62 71.96 -23.19 -69.82
N ALA WA 63 71.95 -23.73 -71.04
CA ALA WA 63 70.72 -23.97 -71.77
C ALA WA 63 70.02 -25.21 -71.24
N GLN WA 64 68.75 -25.35 -71.63
CA GLN WA 64 67.92 -26.47 -71.20
C GLN WA 64 67.11 -26.98 -72.38
N ILE WA 65 67.36 -28.21 -72.79
CA ILE WA 65 66.57 -28.86 -73.83
C ILE WA 65 65.40 -29.56 -73.15
N GLU WA 66 64.18 -29.14 -73.47
CA GLU WA 66 62.98 -29.68 -72.85
C GLU WA 66 62.30 -30.62 -73.84
N VAL WA 67 62.03 -31.85 -73.40
CA VAL WA 67 61.33 -32.85 -74.18
C VAL WA 67 60.00 -33.10 -73.49
N VAL WA 68 58.90 -32.96 -74.24
CA VAL WA 68 57.56 -33.16 -73.70
C VAL WA 68 57.08 -34.53 -74.14
N PRO WA 69 57.01 -35.52 -73.25
CA PRO WA 69 56.54 -36.85 -73.65
C PRO WA 69 55.07 -36.82 -74.06
N SER WA 70 54.72 -37.71 -74.99
CA SER WA 70 53.37 -37.78 -75.53
C SER WA 70 52.44 -38.47 -74.54
N ALA WA 71 52.16 -37.76 -73.44
CA ALA WA 71 51.17 -38.23 -72.48
C ALA WA 71 49.79 -38.16 -73.10
N SER WA 72 48.93 -39.12 -72.73
CA SER WA 72 47.63 -39.26 -73.37
C SER WA 72 46.74 -38.06 -73.06
N ALA WA 73 46.49 -37.80 -71.78
CA ALA WA 73 45.63 -36.69 -71.40
C ALA WA 73 46.25 -35.35 -71.80
N LEU WA 74 47.58 -35.28 -71.81
CA LEU WA 74 48.27 -34.06 -72.21
C LEU WA 74 48.00 -33.72 -73.66
N ILE WA 75 48.21 -34.69 -74.57
CA ILE WA 75 48.13 -34.38 -75.98
C ILE WA 75 46.68 -34.37 -76.46
N ILE WA 76 45.77 -35.01 -75.72
CA ILE WA 76 44.35 -34.89 -76.05
C ILE WA 76 43.86 -33.49 -75.72
N LYS WA 77 44.28 -32.95 -74.58
CA LYS WA 77 43.91 -31.57 -74.23
C LYS WA 77 44.58 -30.57 -75.15
N ALA WA 78 45.82 -30.84 -75.58
CA ALA WA 78 46.46 -29.98 -76.57
C ALA WA 78 45.72 -30.02 -77.90
N LEU WA 79 45.21 -31.20 -78.27
CA LEU WA 79 44.39 -31.32 -79.47
C LEU WA 79 43.09 -30.53 -79.32
N LYS WA 80 42.46 -30.61 -78.15
CA LYS WA 80 41.13 -30.05 -77.96
C LYS WA 80 41.17 -28.53 -77.97
N GLU WA 81 40.11 -27.93 -78.50
CA GLU WA 81 39.98 -26.48 -78.56
C GLU WA 81 38.58 -26.05 -78.13
N ILE WA 82 33.72 -33.16 -82.68
CA ILE WA 82 35.03 -33.22 -83.33
C ILE WA 82 35.43 -34.68 -83.52
N THR WA 83 35.96 -34.99 -84.71
CA THR WA 83 36.28 -36.36 -85.05
C THR WA 83 37.64 -36.78 -84.49
N PHE WA 84 38.71 -36.11 -84.92
CA PHE WA 84 40.11 -36.37 -84.60
C PHE WA 84 40.48 -37.86 -84.66
N ASP WA 85 39.79 -38.63 -85.50
CA ASP WA 85 40.15 -40.04 -85.66
C ASP WA 85 41.47 -40.19 -86.40
N GLU WA 86 41.64 -39.44 -87.50
CA GLU WA 86 42.92 -39.45 -88.18
C GLU WA 86 43.98 -38.69 -87.39
N ILE WA 87 43.57 -37.63 -86.67
CA ILE WA 87 44.54 -36.84 -85.91
C ILE WA 87 45.12 -37.67 -84.78
N VAL WA 88 44.28 -38.42 -84.07
CA VAL WA 88 44.80 -39.30 -83.04
C VAL WA 88 45.59 -40.44 -83.66
N ASN WA 89 45.27 -40.82 -84.90
CA ASN WA 89 46.00 -41.90 -85.58
C ASN WA 89 47.45 -41.50 -85.82
N ILE WA 90 47.69 -40.26 -86.25
CA ILE WA 90 49.05 -39.79 -86.42
C ILE WA 90 49.69 -39.47 -85.08
N ALA WA 91 48.88 -39.09 -84.08
CA ALA WA 91 49.42 -38.77 -82.77
C ALA WA 91 49.85 -40.02 -82.00
N ARG WA 92 49.55 -41.21 -82.50
CA ARG WA 92 49.97 -42.45 -81.85
C ARG WA 92 51.42 -42.82 -82.15
N GLN WA 93 52.03 -42.23 -83.18
CA GLN WA 93 53.29 -42.75 -83.70
C GLN WA 93 54.48 -42.37 -82.82
N MET WA 94 54.55 -41.11 -82.39
CA MET WA 94 55.76 -40.60 -81.74
C MET WA 94 55.79 -40.82 -80.23
N ARG WA 95 54.79 -41.50 -79.67
CA ARG WA 95 54.85 -41.86 -78.26
C ARG WA 95 55.71 -43.10 -78.08
N HIS WA 96 55.96 -43.47 -76.82
CA HIS WA 96 56.82 -44.61 -76.54
C HIS WA 96 56.22 -45.94 -77.01
N ARG WA 97 54.90 -45.99 -77.23
CA ARG WA 97 54.18 -47.08 -77.87
C ARG WA 97 54.15 -48.36 -77.02
N SER WA 98 54.88 -48.39 -75.89
CA SER WA 98 55.07 -49.63 -75.14
C SER WA 98 53.77 -50.24 -74.65
N LEU WA 99 53.09 -49.58 -73.70
CA LEU WA 99 51.68 -49.86 -73.35
C LEU WA 99 51.40 -51.35 -73.11
N ALA WA 100 52.42 -52.13 -72.78
CA ALA WA 100 52.32 -53.59 -72.65
C ALA WA 100 51.65 -54.20 -73.89
N ARG WA 101 52.32 -54.03 -75.03
CA ARG WA 101 51.72 -54.24 -76.33
C ARG WA 101 51.92 -55.66 -76.84
N GLU WA 102 51.00 -56.07 -77.70
CA GLU WA 102 51.17 -57.18 -78.63
C GLU WA 102 51.13 -56.72 -80.07
N LEU WA 103 50.33 -55.69 -80.37
CA LEU WA 103 50.20 -55.12 -81.69
C LEU WA 103 49.83 -53.64 -81.53
N SER WA 104 49.48 -53.00 -82.64
CA SER WA 104 49.01 -51.63 -82.57
C SER WA 104 47.63 -51.51 -81.96
N GLY WA 105 46.95 -52.64 -81.73
CA GLY WA 105 45.61 -52.61 -81.20
C GLY WA 105 45.52 -51.98 -79.82
N THR WA 106 46.48 -52.29 -78.95
CA THR WA 106 46.46 -51.75 -77.59
C THR WA 106 46.60 -50.24 -77.60
N ILE WA 107 47.38 -49.70 -78.54
CA ILE WA 107 47.62 -48.25 -78.57
C ILE WA 107 46.34 -47.52 -78.96
N LYS WA 108 45.66 -48.00 -80.00
CA LYS WA 108 44.43 -47.35 -80.44
C LYS WA 108 43.30 -47.58 -79.45
N GLU WA 109 43.25 -48.76 -78.84
CA GLU WA 109 42.16 -49.07 -77.91
C GLU WA 109 42.31 -48.29 -76.60
N ILE WA 110 43.52 -48.25 -76.04
CA ILE WA 110 43.73 -47.54 -74.78
C ILE WA 110 43.58 -46.05 -74.97
N LEU WA 111 44.11 -45.51 -76.07
CA LEU WA 111 43.94 -44.08 -76.33
C LEU WA 111 42.50 -43.75 -76.68
N GLY WA 112 41.83 -44.65 -77.41
CA GLY WA 112 40.39 -44.52 -77.59
C GLY WA 112 39.63 -44.63 -76.29
N THR WA 113 40.18 -45.38 -75.33
CA THR WA 113 39.66 -45.37 -73.98
C THR WA 113 40.10 -44.11 -73.22
N ALA WA 114 41.33 -43.66 -73.44
CA ALA WA 114 41.85 -42.51 -72.72
C ALA WA 114 41.15 -41.22 -73.14
N GLN WA 115 40.58 -41.17 -74.34
CA GLN WA 115 39.85 -40.00 -74.79
C GLN WA 115 38.42 -39.95 -74.27
N SER WA 116 38.07 -40.81 -73.31
CA SER WA 116 36.78 -40.72 -72.65
C SER WA 116 36.64 -39.44 -71.83
N VAL WA 117 37.77 -38.83 -71.46
CA VAL WA 117 37.73 -37.54 -70.77
C VAL WA 117 37.67 -36.36 -71.74
N GLY WA 118 37.80 -36.61 -73.04
CA GLY WA 118 37.75 -35.55 -74.03
C GLY WA 118 36.92 -35.91 -75.24
N CYS WA 119 35.86 -36.70 -75.03
CA CYS WA 119 34.86 -37.10 -76.02
C CYS WA 119 35.47 -37.76 -77.25
N ASN WA 120 34.65 -38.02 -78.27
CA ASN WA 120 35.11 -38.69 -79.48
C ASN WA 120 34.28 -38.21 -80.67
N VAL WA 121 34.27 -39.00 -81.74
CA VAL WA 121 33.52 -38.69 -82.95
C VAL WA 121 32.06 -38.43 -82.63
N ASP WA 122 31.57 -37.25 -83.05
CA ASP WA 122 30.18 -36.80 -83.01
C ASP WA 122 29.35 -37.30 -81.82
N GLY WA 123 28.35 -38.14 -82.08
CA GLY WA 123 27.34 -38.45 -81.09
C GLY WA 123 27.37 -39.85 -80.51
N ARG WA 124 28.55 -40.36 -80.21
CA ARG WA 124 28.71 -41.63 -79.50
C ARG WA 124 29.74 -41.45 -78.40
N HIS WA 125 29.73 -42.37 -77.45
CA HIS WA 125 30.73 -42.41 -76.40
C HIS WA 125 31.90 -43.28 -76.85
N PRO WA 126 33.17 -43.16 -76.11
CA PRO WA 126 34.27 -43.81 -76.80
C PRO WA 126 34.35 -45.22 -76.22
N HIS WA 127 33.21 -45.93 -76.21
CA HIS WA 127 33.21 -47.31 -75.74
C HIS WA 127 32.41 -48.21 -76.68
N ASP WA 128 31.43 -47.64 -77.37
CA ASP WA 128 30.60 -48.44 -78.25
C ASP WA 128 31.38 -48.87 -79.50
N ILE WA 129 32.16 -47.97 -80.07
CA ILE WA 129 33.01 -48.32 -81.21
C ILE WA 129 34.12 -49.26 -80.77
N ILE WA 130 34.53 -49.19 -79.49
CA ILE WA 130 35.75 -49.82 -79.02
C ILE WA 130 35.74 -51.33 -79.23
N ASP WA 131 34.60 -51.98 -79.00
CA ASP WA 131 34.53 -53.41 -79.24
C ASP WA 131 34.72 -53.72 -80.73
N ASP WA 132 33.98 -53.03 -81.59
CA ASP WA 132 34.08 -53.24 -83.04
C ASP WA 132 34.94 -52.17 -83.71
N ILE WA 133 36.22 -52.04 -83.32
CA ILE WA 133 37.15 -51.23 -84.10
C ILE WA 133 37.83 -52.13 -85.11
N ASN WA 134 37.69 -51.80 -86.40
CA ASN WA 134 38.30 -52.59 -87.46
C ASN WA 134 39.02 -51.77 -88.51
N SER WA 135 38.72 -50.47 -88.65
CA SER WA 135 39.32 -49.67 -89.70
C SER WA 135 40.70 -49.16 -89.28
N GLY WA 136 41.67 -49.31 -90.17
CA GLY WA 136 43.01 -48.82 -89.91
C GLY WA 136 43.74 -49.52 -88.79
N ALA WA 137 43.52 -50.82 -88.61
CA ALA WA 137 44.20 -51.55 -87.55
C ALA WA 137 45.68 -51.71 -87.86
N VAL WA 138 46.01 -52.14 -89.09
CA VAL WA 138 47.38 -52.41 -89.48
C VAL WA 138 47.99 -51.24 -90.24
N GLU WA 139 47.36 -50.06 -90.19
CA GLU WA 139 47.90 -48.92 -90.92
C GLU WA 139 49.16 -48.37 -90.28
N CYS WA 140 49.33 -48.55 -88.97
CA CYS WA 140 50.48 -48.01 -88.25
C CYS WA 140 51.73 -48.87 -88.43
N PRO WA 141 51.67 -50.21 -88.26
CA PRO WA 141 52.94 -50.90 -88.49
C PRO WA 141 53.24 -51.14 -89.97
N GLY YA 1 20.31 119.05 -7.93
CA GLY YA 1 21.56 119.32 -8.64
C GLY YA 1 22.38 120.42 -7.99
N ALA YA 2 23.70 120.26 -7.99
CA ALA YA 2 24.56 121.25 -7.38
C ALA YA 2 24.62 122.54 -8.21
N LEU YA 3 24.23 122.48 -9.47
CA LEU YA 3 24.41 123.60 -10.39
C LEU YA 3 23.07 124.27 -10.65
N ASP YA 4 23.04 125.60 -10.54
CA ASP YA 4 21.78 126.33 -10.60
C ASP YA 4 21.15 126.28 -11.99
N VAL YA 5 21.96 126.36 -13.04
CA VAL YA 5 21.39 126.37 -14.39
C VAL YA 5 20.98 124.97 -14.82
N LEU YA 6 21.43 123.93 -14.13
CA LEU YA 6 20.89 122.57 -14.30
C LEU YA 6 20.03 122.29 -13.08
N GLN YA 7 18.78 122.73 -13.13
CA GLN YA 7 17.86 122.61 -12.02
C GLN YA 7 16.58 122.00 -12.58
N MET YA 8 15.54 121.95 -11.76
CA MET YA 8 14.24 121.52 -12.24
C MET YA 8 13.78 122.42 -13.38
N LYS YA 9 13.74 123.73 -13.11
CA LYS YA 9 13.07 124.73 -13.96
C LYS YA 9 11.57 124.42 -14.02
N GLU YA 10 10.93 124.74 -12.88
CA GLU YA 10 9.60 124.32 -12.46
C GLU YA 10 8.51 124.36 -13.52
N GLU YA 11 8.69 125.16 -14.57
CA GLU YA 11 7.73 125.14 -15.67
C GLU YA 11 7.67 123.78 -16.37
N ASP YA 12 8.68 122.92 -16.19
CA ASP YA 12 8.63 121.60 -16.82
C ASP YA 12 7.98 120.53 -15.95
N VAL YA 13 8.03 120.66 -14.62
CA VAL YA 13 7.37 119.67 -13.76
C VAL YA 13 5.87 119.86 -13.82
N LEU YA 14 5.41 121.08 -14.11
CA LEU YA 14 4.04 121.29 -14.55
C LEU YA 14 3.72 120.37 -15.72
N LYS YA 15 4.64 120.25 -16.67
CA LYS YA 15 4.45 119.32 -17.79
C LYS YA 15 4.64 117.88 -17.34
N PHE YA 16 5.53 117.64 -16.37
CA PHE YA 16 5.72 116.29 -15.86
C PHE YA 16 4.41 115.73 -15.31
N LEU YA 17 3.76 116.47 -14.42
CA LEU YA 17 2.53 115.99 -13.81
C LEU YA 17 1.38 115.93 -14.81
N ALA YA 18 1.34 116.87 -15.75
CA ALA YA 18 0.22 116.96 -16.68
C ALA YA 18 0.13 115.73 -17.58
N ALA YA 19 1.26 115.27 -18.10
CA ALA YA 19 1.30 114.06 -18.90
C ALA YA 19 1.39 112.80 -18.04
N GLY YA 20 1.49 112.95 -16.73
CA GLY YA 20 1.56 111.81 -15.83
C GLY YA 20 2.98 111.54 -15.35
N THR YA 21 3.61 110.51 -15.91
CA THR YA 21 5.01 110.10 -15.67
C THR YA 21 5.39 110.01 -14.19
N HIS YA 22 4.40 109.95 -13.30
CA HIS YA 22 4.67 109.61 -11.92
C HIS YA 22 3.72 108.53 -11.41
N LEU YA 23 2.64 108.23 -12.13
CA LEU YA 23 1.80 107.08 -11.82
C LEU YA 23 2.42 105.86 -12.49
N GLY YA 24 3.07 105.02 -11.69
CA GLY YA 24 3.87 103.93 -12.22
C GLY YA 24 3.54 102.58 -11.63
N GLY YA 25 2.27 102.29 -11.41
CA GLY YA 25 1.86 101.03 -10.81
C GLY YA 25 2.19 99.84 -11.71
N THR YA 26 2.13 98.67 -11.10
CA THR YA 26 1.70 98.47 -9.73
C THR YA 26 2.82 97.93 -8.84
N ASN YA 27 3.50 96.88 -9.29
CA ASN YA 27 4.48 96.23 -8.45
C ASN YA 27 5.81 96.99 -8.46
N LEU YA 28 6.78 96.44 -7.75
CA LEU YA 28 8.07 97.05 -7.56
C LEU YA 28 9.13 96.05 -7.97
N ASP YA 29 10.33 96.56 -8.15
CA ASP YA 29 11.52 95.75 -8.34
C ASP YA 29 12.60 96.28 -7.40
N PHE YA 30 13.34 95.38 -6.80
CA PHE YA 30 14.34 95.71 -5.79
C PHE YA 30 15.50 96.54 -6.34
N GLN YA 31 15.60 96.73 -7.66
CA GLN YA 31 16.57 97.64 -8.24
C GLN YA 31 16.04 99.06 -8.42
N MET YA 32 14.75 99.30 -8.17
CA MET YA 32 14.18 100.65 -8.17
C MET YA 32 13.58 101.07 -6.85
N GLU YA 33 13.90 100.37 -5.75
CA GLU YA 33 13.60 100.92 -4.42
C GLU YA 33 14.35 102.21 -4.20
N GLN YA 34 15.49 102.38 -4.91
CA GLN YA 34 16.29 103.58 -4.78
C GLN YA 34 15.56 104.81 -5.31
N TYR YA 35 14.82 104.65 -6.39
CA TYR YA 35 14.16 105.78 -7.05
C TYR YA 35 12.67 105.87 -6.73
N ILE YA 36 12.10 104.88 -6.06
CA ILE YA 36 10.70 104.97 -5.64
C ILE YA 36 10.61 105.70 -4.30
N TYR YA 37 9.43 106.26 -4.02
CA TYR YA 37 9.21 107.00 -2.79
C TYR YA 37 8.14 106.36 -1.91
N LYS YA 38 6.93 106.15 -2.43
CA LYS YA 38 5.80 105.83 -1.57
C LYS YA 38 4.65 105.28 -2.42
N ARG YA 39 4.03 104.20 -1.96
CA ARG YA 39 2.85 103.66 -2.60
C ARG YA 39 1.61 104.41 -2.14
N LYS YA 40 0.93 105.07 -3.08
CA LYS YA 40 -0.33 105.72 -2.74
C LYS YA 40 -1.37 104.67 -2.39
N SER YA 41 -2.48 105.12 -1.80
CA SER YA 41 -3.50 104.21 -1.29
C SER YA 41 -4.18 103.40 -2.38
N ASP YA 42 -4.02 103.78 -3.65
CA ASP YA 42 -4.60 103.05 -4.77
C ASP YA 42 -3.68 101.96 -5.29
N GLY YA 43 -2.52 101.74 -4.66
CA GLY YA 43 -1.59 100.73 -5.10
C GLY YA 43 -0.65 101.17 -6.20
N ILE YA 44 -0.78 102.39 -6.71
CA ILE YA 44 0.07 102.89 -7.77
C ILE YA 44 1.24 103.63 -7.13
N TYR YA 45 2.45 103.18 -7.43
CA TYR YA 45 3.65 103.82 -6.88
C TYR YA 45 3.92 105.13 -7.59
N ILE YA 46 4.61 106.04 -6.90
CA ILE YA 46 5.04 107.30 -7.50
C ILE YA 46 6.56 107.36 -7.42
N ILE YA 47 7.18 107.75 -8.52
CA ILE YA 47 8.63 107.70 -8.68
C ILE YA 47 9.20 109.08 -8.38
N ASN YA 48 10.46 109.12 -7.96
CA ASN YA 48 11.15 110.37 -7.67
C ASN YA 48 11.40 111.10 -9.00
N LEU YA 49 10.70 112.22 -9.21
CA LEU YA 49 10.91 112.97 -10.44
C LEU YA 49 12.28 113.64 -10.46
N LYS YA 50 12.79 114.05 -9.30
CA LYS YA 50 14.16 114.57 -9.23
C LYS YA 50 15.17 113.51 -9.61
N ARG YA 51 15.08 112.32 -9.00
CA ARG YA 51 15.95 111.22 -9.40
C ARG YA 51 15.74 110.87 -10.86
N THR YA 52 14.50 110.93 -11.33
CA THR YA 52 14.22 110.78 -12.76
C THR YA 52 14.87 111.90 -13.55
N TRP YA 53 14.77 113.13 -13.07
CA TRP YA 53 15.41 114.26 -13.74
C TRP YA 53 16.91 114.09 -13.78
N GLU YA 54 17.49 113.61 -12.67
CA GLU YA 54 18.93 113.38 -12.65
C GLU YA 54 19.35 112.26 -13.58
N LYS YA 55 18.55 111.19 -13.63
CA LYS YA 55 18.86 110.09 -14.55
C LYS YA 55 18.84 110.57 -15.99
N LEU YA 56 17.97 111.52 -16.31
CA LEU YA 56 18.00 112.15 -17.63
C LEU YA 56 19.34 112.82 -17.87
N LEU YA 57 19.83 113.58 -16.89
CA LEU YA 57 21.13 114.22 -17.02
C LEU YA 57 22.25 113.19 -17.07
N LEU YA 58 22.11 112.11 -16.30
CA LEU YA 58 23.16 111.08 -16.26
C LEU YA 58 23.28 110.37 -17.60
N ALA YA 59 22.15 110.02 -18.22
CA ALA YA 59 22.20 109.46 -19.56
C ALA YA 59 22.62 110.51 -20.58
N ALA YA 60 22.32 111.78 -20.31
CA ALA YA 60 22.65 112.85 -21.23
C ALA YA 60 24.15 112.98 -21.41
N ARG YA 61 24.90 113.06 -20.31
CA ARG YA 61 26.34 113.23 -20.39
C ARG YA 61 27.00 111.99 -21.01
N ALA YA 62 26.33 110.84 -20.93
CA ALA YA 62 26.86 109.64 -21.56
C ALA YA 62 26.84 109.75 -23.08
N ILE YA 63 25.68 110.13 -23.65
CA ILE YA 63 25.55 110.14 -25.10
C ILE YA 63 26.33 111.30 -25.71
N VAL YA 64 26.25 112.49 -25.11
CA VAL YA 64 26.93 113.65 -25.67
C VAL YA 64 28.45 113.55 -25.57
N ALA YA 65 28.97 112.60 -24.79
CA ALA YA 65 30.39 112.30 -24.82
C ALA YA 65 30.80 111.62 -26.12
N ILE YA 66 29.86 111.07 -26.88
CA ILE YA 66 30.15 110.51 -28.19
C ILE YA 66 30.18 111.65 -29.20
N GLU YA 67 30.78 111.38 -30.36
CA GLU YA 67 31.12 112.40 -31.34
C GLU YA 67 30.09 112.54 -32.46
N ASN YA 68 29.81 111.46 -33.20
CA ASN YA 68 28.90 111.51 -34.33
C ASN YA 68 27.47 111.29 -33.83
N PRO YA 69 26.44 112.10 -34.28
CA PRO YA 69 25.15 111.62 -34.07
C PRO YA 69 24.76 110.28 -34.63
N ALA YA 70 25.29 109.90 -35.79
CA ALA YA 70 24.96 108.58 -36.32
C ALA YA 70 25.79 107.47 -35.72
N ASP YA 71 25.87 107.43 -34.38
CA ASP YA 71 26.43 106.31 -33.66
C ASP YA 71 25.60 105.88 -32.46
N VAL YA 72 24.73 106.75 -31.94
CA VAL YA 72 23.78 106.37 -30.90
C VAL YA 72 22.59 105.71 -31.58
N SER YA 73 22.30 104.48 -31.20
CA SER YA 73 21.20 103.71 -31.79
C SER YA 73 20.06 103.67 -30.78
N VAL YA 74 18.89 104.17 -31.19
CA VAL YA 74 17.72 104.29 -30.32
C VAL YA 74 16.63 103.39 -30.88
N ILE YA 75 16.18 102.43 -30.08
CA ILE YA 75 15.27 101.38 -30.54
C ILE YA 75 13.99 101.44 -29.72
N SER YA 76 12.85 101.47 -30.42
CA SER YA 76 11.54 101.33 -29.80
C SER YA 76 10.82 100.17 -30.47
N SER YA 77 10.40 99.19 -29.66
CA SER YA 77 9.72 98.01 -30.16
C SER YA 77 8.21 98.11 -30.08
N ARG YA 78 7.68 99.28 -29.71
CA ARG YA 78 6.25 99.46 -29.54
C ARG YA 78 5.82 100.76 -30.21
N ASN YA 79 4.58 100.76 -30.69
CA ASN YA 79 4.05 101.96 -31.35
C ASN YA 79 4.04 103.16 -30.41
N THR YA 80 3.76 102.93 -29.13
CA THR YA 80 3.82 104.01 -28.15
C THR YA 80 5.27 104.34 -27.83
N GLY YA 81 5.95 104.97 -28.77
CA GLY YA 81 7.36 105.24 -28.67
C GLY YA 81 8.06 105.15 -30.01
N GLN YA 82 7.43 104.45 -30.96
CA GLN YA 82 7.93 104.50 -32.33
C GLN YA 82 7.86 105.91 -32.89
N ARG YA 83 6.73 106.59 -32.65
CA ARG YA 83 6.58 107.95 -33.13
C ARG YA 83 7.63 108.87 -32.52
N ALA YA 84 7.87 108.71 -31.22
CA ALA YA 84 8.79 109.63 -30.53
C ALA YA 84 10.25 109.30 -30.84
N VAL YA 85 10.58 108.02 -31.02
CA VAL YA 85 11.98 107.65 -31.25
C VAL YA 85 12.45 108.12 -32.62
N LEU YA 86 11.53 108.21 -33.60
CA LEU YA 86 11.91 108.67 -34.92
C LEU YA 86 12.32 110.14 -34.90
N LYS YA 87 11.58 110.97 -34.17
CA LYS YA 87 11.89 112.40 -34.12
C LYS YA 87 13.10 112.68 -33.23
N PHE YA 88 13.44 111.76 -32.32
CA PHE YA 88 14.74 111.85 -31.67
C PHE YA 88 15.85 111.72 -32.71
N ALA YA 89 15.78 110.70 -33.54
CA ALA YA 89 16.79 110.52 -34.59
C ALA YA 89 16.77 111.69 -35.56
N ALA YA 90 15.59 112.28 -35.79
CA ALA YA 90 15.53 113.49 -36.60
C ALA YA 90 16.18 114.67 -35.89
N ALA YA 91 15.93 114.80 -34.57
CA ALA YA 91 16.43 115.97 -33.85
C ALA YA 91 17.94 115.89 -33.61
N THR YA 92 18.44 114.73 -33.20
CA THR YA 92 19.84 114.60 -32.83
C THR YA 92 20.69 113.94 -33.91
N GLY YA 93 20.09 113.49 -35.00
CA GLY YA 93 20.86 112.82 -36.03
C GLY YA 93 21.23 111.38 -35.73
N ALA YA 94 20.46 110.71 -34.87
CA ALA YA 94 20.75 109.33 -34.52
C ALA YA 94 20.27 108.38 -35.61
N THR YA 95 20.45 107.08 -35.37
CA THR YA 95 20.01 106.06 -36.31
C THR YA 95 18.76 105.40 -35.76
N PRO YA 96 17.59 105.60 -36.36
CA PRO YA 96 16.36 105.09 -35.76
C PRO YA 96 16.09 103.63 -36.11
N ILE YA 97 15.35 102.97 -35.23
CA ILE YA 97 14.79 101.65 -35.48
C ILE YA 97 13.33 101.70 -35.06
N ALA YA 98 12.43 101.35 -35.98
CA ALA YA 98 10.99 101.49 -35.78
C ALA YA 98 10.31 100.13 -35.90
N GLY YA 99 9.41 99.84 -34.97
CA GLY YA 99 8.60 98.64 -35.09
C GLY YA 99 9.40 97.39 -34.78
N ARG YA 100 9.24 96.37 -35.62
CA ARG YA 100 9.90 95.09 -35.40
C ARG YA 100 11.40 95.25 -35.56
N PHE YA 101 12.15 94.72 -34.59
CA PHE YA 101 13.61 94.73 -34.61
C PHE YA 101 14.06 93.30 -34.89
N THR YA 102 14.67 93.10 -36.06
CA THR YA 102 15.12 91.76 -36.39
C THR YA 102 16.39 91.42 -35.61
N PRO YA 103 16.53 90.18 -35.15
CA PRO YA 103 17.75 89.78 -34.45
C PRO YA 103 18.93 89.65 -35.43
N GLY YA 104 20.12 89.53 -34.85
CA GLY YA 104 21.32 89.48 -35.66
C GLY YA 104 21.75 90.81 -36.23
N THR YA 105 21.11 91.90 -35.82
CA THR YA 105 21.42 93.21 -36.39
C THR YA 105 22.72 93.79 -35.84
N PHE YA 106 23.23 93.25 -34.72
CA PHE YA 106 24.51 93.70 -34.18
C PHE YA 106 25.55 92.59 -34.10
N THR YA 107 25.17 91.33 -34.34
CA THR YA 107 26.10 90.21 -34.31
C THR YA 107 26.28 89.56 -35.67
N ASN YA 108 25.19 89.17 -36.32
CA ASN YA 108 25.27 88.62 -37.67
C ASN YA 108 25.69 89.74 -38.60
N GLN YA 109 26.61 89.45 -39.52
CA GLN YA 109 27.32 90.49 -40.24
C GLN YA 109 27.01 90.58 -41.72
N ILE YA 110 26.28 89.62 -42.30
CA ILE YA 110 26.12 89.58 -43.75
C ILE YA 110 24.99 90.45 -44.28
N GLN YA 111 24.10 90.94 -43.42
CA GLN YA 111 22.96 91.70 -43.91
C GLN YA 111 23.39 93.10 -44.34
N ALA YA 112 22.49 93.76 -45.07
CA ALA YA 112 22.65 95.18 -45.39
C ALA YA 112 22.18 96.08 -44.27
N ALA YA 113 21.48 95.54 -43.27
CA ALA YA 113 21.00 96.29 -42.13
C ALA YA 113 21.98 96.25 -40.96
N PHE YA 114 23.20 95.78 -41.17
CA PHE YA 114 24.18 95.71 -40.10
C PHE YA 114 24.51 97.09 -39.54
N ARG YA 115 24.61 97.17 -38.22
CA ARG YA 115 25.07 98.36 -37.53
C ARG YA 115 25.82 97.93 -36.28
N GLU YA 116 26.89 98.67 -35.96
CA GLU YA 116 27.72 98.38 -34.80
C GLU YA 116 27.82 99.65 -33.95
N PRO YA 117 26.73 100.01 -33.28
CA PRO YA 117 26.69 101.32 -32.60
C PRO YA 117 27.55 101.32 -31.36
N ARG YA 118 27.75 102.52 -30.83
CA ARG YA 118 28.49 102.71 -29.59
C ARG YA 118 27.59 102.78 -28.36
N LEU YA 119 26.28 102.82 -28.55
CA LEU YA 119 25.38 103.07 -27.43
C LEU YA 119 23.98 102.61 -27.80
N LEU YA 120 23.22 102.20 -26.78
CA LEU YA 120 21.86 101.70 -26.92
C LEU YA 120 20.96 102.43 -25.95
N VAL YA 121 19.71 102.69 -26.36
CA VAL YA 121 18.70 103.30 -25.51
C VAL YA 121 17.41 102.51 -25.63
N VAL YA 122 16.78 102.21 -24.49
CA VAL YA 122 15.63 101.31 -24.41
C VAL YA 122 14.42 102.09 -23.91
N THR YA 123 13.25 101.82 -24.48
CA THR YA 123 12.01 102.42 -24.03
C THR YA 123 11.20 101.51 -23.11
N ASP YA 124 11.39 100.19 -23.20
CA ASP YA 124 10.61 99.23 -22.42
C ASP YA 124 11.45 97.96 -22.38
N PRO YA 125 12.26 97.76 -21.34
CA PRO YA 125 13.14 96.57 -21.32
C PRO YA 125 12.40 95.26 -21.38
N ARG YA 126 11.15 95.20 -20.90
CA ARG YA 126 10.39 93.95 -20.96
C ARG YA 126 10.10 93.55 -22.40
N ALA YA 127 9.55 94.46 -23.19
CA ALA YA 127 9.19 94.19 -24.57
C ALA YA 127 10.31 94.55 -25.56
N ASP YA 128 11.44 95.01 -25.06
CA ASP YA 128 12.57 95.44 -25.87
C ASP YA 128 13.85 94.82 -25.29
N HIS YA 129 13.83 93.50 -25.12
CA HIS YA 129 14.95 92.79 -24.53
C HIS YA 129 15.99 92.37 -25.57
N GLN YA 130 15.57 92.21 -26.82
CA GLN YA 130 16.45 91.59 -27.83
C GLN YA 130 17.72 92.39 -28.10
N PRO YA 131 17.69 93.70 -28.36
CA PRO YA 131 18.97 94.41 -28.51
C PRO YA 131 19.77 94.51 -27.22
N LEU YA 132 19.11 94.47 -26.06
CA LEU YA 132 19.84 94.47 -24.80
C LEU YA 132 20.74 93.25 -24.69
N THR YA 133 20.19 92.07 -24.99
CA THR YA 133 20.99 90.86 -25.00
C THR YA 133 22.05 90.92 -26.11
N GLU YA 134 21.68 91.44 -27.27
CA GLU YA 134 22.63 91.55 -28.37
C GLU YA 134 23.72 92.56 -28.06
N ALA YA 135 23.38 93.65 -27.36
CA ALA YA 135 24.40 94.59 -26.91
C ALA YA 135 25.34 93.92 -25.92
N SER YA 136 24.82 93.03 -25.08
CA SER YA 136 25.67 92.26 -24.18
C SER YA 136 26.58 91.31 -24.95
N TYR YA 137 26.19 90.95 -26.18
CA TYR YA 137 27.08 90.13 -27.01
C TYR YA 137 28.17 90.98 -27.65
N VAL YA 138 27.88 92.23 -27.98
CA VAL YA 138 28.76 93.06 -28.79
C VAL YA 138 29.29 94.25 -28.00
N ASN YA 139 29.19 94.19 -26.67
CA ASN YA 139 29.89 95.05 -25.71
C ASN YA 139 29.70 96.54 -25.99
N LEU YA 140 28.45 96.98 -25.83
CA LEU YA 140 28.16 98.41 -25.83
C LEU YA 140 27.17 98.73 -24.71
N PRO YA 141 27.32 99.89 -24.07
CA PRO YA 141 26.44 100.23 -22.94
C PRO YA 141 25.02 100.53 -23.39
N THR YA 142 24.11 100.57 -22.41
CA THR YA 142 22.68 100.68 -22.67
C THR YA 142 22.04 101.71 -21.76
N ILE YA 143 20.96 102.32 -22.24
CA ILE YA 143 20.09 103.19 -21.46
C ILE YA 143 18.69 102.62 -21.56
N ALA YA 144 17.93 102.65 -20.46
CA ALA YA 144 16.56 102.16 -20.48
C ALA YA 144 15.59 103.21 -19.97
N LEU YA 145 14.41 103.25 -20.58
CA LEU YA 145 13.26 103.94 -20.01
C LEU YA 145 12.41 102.88 -19.32
N CYS YA 146 12.36 102.92 -18.00
CA CYS YA 146 11.81 101.82 -17.23
C CYS YA 146 10.73 102.32 -16.27
N ASN YA 147 9.62 101.57 -16.22
CA ASN YA 147 8.61 101.75 -15.20
C ASN YA 147 8.90 100.82 -14.03
N THR YA 148 8.14 100.99 -12.94
CA THR YA 148 8.39 100.29 -11.69
C THR YA 148 8.17 98.78 -11.79
N ASP YA 149 7.86 98.29 -12.99
CA ASP YA 149 7.68 96.86 -13.23
C ASP YA 149 8.85 96.21 -13.96
N SER YA 150 9.65 96.97 -14.71
CA SER YA 150 10.62 96.40 -15.64
C SER YA 150 11.86 95.90 -14.90
N PRO YA 151 12.41 94.77 -15.30
CA PRO YA 151 13.70 94.35 -14.75
C PRO YA 151 14.82 95.23 -15.29
N LEU YA 152 15.96 95.18 -14.59
CA LEU YA 152 17.09 96.04 -14.93
C LEU YA 152 18.31 95.20 -15.29
N ARG YA 153 18.11 94.17 -16.12
CA ARG YA 153 19.11 93.15 -16.39
C ARG YA 153 20.41 93.72 -16.94
N TYR YA 154 20.36 94.31 -18.13
CA TYR YA 154 21.55 94.86 -18.77
C TYR YA 154 21.51 96.38 -18.87
N VAL YA 155 20.61 97.03 -18.13
CA VAL YA 155 20.54 98.48 -18.17
C VAL YA 155 21.73 99.09 -17.43
N ASP YA 156 22.05 100.32 -17.79
CA ASP YA 156 23.19 100.98 -17.14
C ASP YA 156 22.84 102.31 -16.50
N ILE YA 157 22.08 103.16 -17.20
CA ILE YA 157 21.76 104.50 -16.73
C ILE YA 157 20.24 104.67 -16.80
N ALA YA 158 19.51 103.59 -16.56
CA ALA YA 158 18.08 103.52 -16.85
C ALA YA 158 17.29 104.63 -16.17
N ILE YA 159 16.44 105.31 -16.94
CA ILE YA 159 15.63 106.41 -16.44
C ILE YA 159 14.32 105.83 -15.91
N PRO YA 160 13.98 106.05 -14.64
CA PRO YA 160 12.74 105.51 -14.05
C PRO YA 160 11.52 106.41 -14.21
N CYS YA 161 10.91 106.40 -15.39
CA CYS YA 161 9.76 107.27 -15.65
C CYS YA 161 8.46 106.51 -15.88
N ASN YA 162 8.41 105.70 -16.93
CA ASN YA 162 7.18 105.08 -17.41
C ASN YA 162 7.54 104.24 -18.65
N ASN YA 163 6.70 103.23 -18.93
CA ASN YA 163 6.75 102.58 -20.24
C ASN YA 163 5.37 102.25 -20.76
N LYS YA 164 4.31 102.83 -20.20
CA LYS YA 164 2.94 102.50 -20.60
C LYS YA 164 2.15 103.70 -21.09
N GLY YA 165 2.23 104.84 -20.43
CA GLY YA 165 1.44 106.00 -20.82
C GLY YA 165 2.00 106.66 -22.07
N ALA YA 166 1.15 106.76 -23.09
CA ALA YA 166 1.58 107.38 -24.36
C ALA YA 166 1.89 108.86 -24.18
N HIS YA 167 1.07 109.57 -23.39
CA HIS YA 167 1.32 110.99 -23.14
C HIS YA 167 2.63 111.18 -22.39
N SER YA 168 2.91 110.30 -21.43
CA SER YA 168 4.22 110.32 -20.80
C SER YA 168 5.30 110.01 -21.83
N VAL YA 169 5.28 108.82 -22.42
CA VAL YA 169 6.39 108.33 -23.24
C VAL YA 169 6.75 109.33 -24.34
N GLY YA 170 5.74 109.93 -24.97
CA GLY YA 170 6.01 111.01 -25.90
C GLY YA 170 6.70 112.19 -25.24
N LEU YA 171 6.31 112.52 -24.01
CA LEU YA 171 6.95 113.63 -23.31
C LEU YA 171 8.41 113.29 -23.00
N MET YA 172 8.69 112.04 -22.58
CA MET YA 172 10.06 111.66 -22.13
C MET YA 172 11.02 111.82 -23.25
N TRP YA 173 10.65 111.38 -24.44
CA TRP YA 173 11.56 111.51 -25.57
C TRP YA 173 11.77 112.96 -25.95
N TRP YA 174 10.77 113.82 -25.68
CA TRP YA 174 10.93 115.24 -25.97
C TRP YA 174 11.88 115.91 -24.98
N MET YA 175 11.71 115.69 -23.66
CA MET YA 175 12.66 116.38 -22.79
C MET YA 175 14.05 115.83 -22.94
N LEU YA 176 14.18 114.56 -23.32
CA LEU YA 176 15.48 114.03 -23.70
C LEU YA 176 16.02 114.79 -24.92
N ALA YA 177 15.14 115.11 -25.87
CA ALA YA 177 15.57 115.79 -27.09
C ALA YA 177 16.05 117.20 -26.78
N ARG YA 178 15.34 117.93 -25.91
CA ARG YA 178 15.69 119.33 -25.69
C ARG YA 178 16.95 119.46 -24.84
N GLU YA 179 17.18 118.53 -23.91
CA GLU YA 179 18.40 118.65 -23.10
C GLU YA 179 19.63 118.36 -23.94
N VAL YA 180 19.63 117.26 -24.71
CA VAL YA 180 20.79 116.94 -25.55
C VAL YA 180 21.06 118.06 -26.54
N LEU YA 181 20.00 118.79 -26.91
CA LEU YA 181 20.15 119.90 -27.83
C LEU YA 181 20.61 121.18 -27.12
N ARG YA 182 20.62 121.19 -25.78
CA ARG YA 182 20.91 122.43 -25.06
C ARG YA 182 22.27 122.47 -24.38
N MET YA 183 22.87 121.34 -23.98
CA MET YA 183 24.27 121.43 -23.58
C MET YA 183 25.23 121.22 -24.73
N ARG YA 184 24.79 120.58 -25.81
CA ARG YA 184 25.40 120.80 -27.11
C ARG YA 184 24.96 122.17 -27.59
N GLY YA 185 25.87 122.92 -28.20
CA GLY YA 185 25.54 124.31 -28.41
C GLY YA 185 24.74 124.54 -29.68
N THR YA 186 23.42 124.52 -29.53
CA THR YA 186 22.48 124.92 -30.58
C THR YA 186 21.41 125.84 -29.99
N ILE YA 187 21.09 125.63 -28.72
CA ILE YA 187 20.02 126.34 -28.04
C ILE YA 187 20.65 127.35 -27.08
N SER YA 188 19.98 128.50 -26.92
CA SER YA 188 20.49 129.60 -26.11
C SER YA 188 20.56 129.28 -24.63
N ARG YA 189 19.96 128.17 -24.18
CA ARG YA 189 19.86 127.67 -22.81
C ARG YA 189 18.83 128.44 -21.99
N GLU YA 190 18.25 129.52 -22.52
CA GLU YA 190 17.21 130.26 -21.81
C GLU YA 190 15.90 130.29 -22.58
N HIS YA 191 15.94 130.57 -23.87
CA HIS YA 191 14.72 130.63 -24.66
C HIS YA 191 14.12 129.24 -24.81
N PRO YA 192 12.83 129.05 -24.50
CA PRO YA 192 12.23 127.72 -24.59
C PRO YA 192 12.17 127.22 -26.02
N TRP YA 193 12.26 125.90 -26.16
CA TRP YA 193 12.29 125.28 -27.48
C TRP YA 193 10.96 125.45 -28.20
N GLU YA 194 11.03 125.69 -29.50
CA GLU YA 194 9.83 125.81 -30.32
C GLU YA 194 9.09 124.49 -30.45
N VAL YA 195 9.78 123.36 -30.28
CA VAL YA 195 9.18 122.04 -30.40
C VAL YA 195 8.64 121.64 -29.04
N MET YA 196 7.38 121.20 -29.02
CA MET YA 196 6.64 120.79 -27.84
C MET YA 196 6.35 119.29 -27.88
N PRO YA 197 6.30 118.58 -26.56
CA PRO YA 197 5.93 117.21 -26.71
C PRO YA 197 4.93 116.63 -27.62
N ASP YA 198 3.90 117.40 -27.95
CA ASP YA 198 2.84 116.92 -28.82
C ASP YA 198 3.35 116.55 -30.20
N LEU YA 199 4.53 117.04 -30.60
CA LEU YA 199 5.22 116.45 -31.73
C LEU YA 199 5.59 115.01 -31.43
N TYR YA 200 6.23 114.77 -30.28
CA TYR YA 200 6.66 113.43 -29.90
C TYR YA 200 5.52 112.56 -29.39
N PHE YA 201 4.35 113.15 -29.16
CA PHE YA 201 3.22 112.41 -28.59
C PHE YA 201 2.70 111.39 -29.60
N TYR YA 202 2.67 110.12 -29.18
CA TYR YA 202 2.01 109.08 -29.96
C TYR YA 202 0.52 109.39 -30.04
N ARG YA 203 -0.03 109.35 -31.25
CA ARG YA 203 -1.44 109.59 -31.48
C ARG YA 203 -2.10 108.31 -32.01
N ASP YA 204 -3.31 108.04 -31.52
CA ASP YA 204 -4.07 106.86 -31.92
C ASP YA 204 -4.34 106.88 -33.42
N PRO YA 205 -4.10 105.76 -34.13
CA PRO YA 205 -4.51 105.69 -35.54
C PRO YA 205 -6.00 105.86 -35.81
N GLU YA 206 -6.84 105.96 -34.78
CA GLU YA 206 -8.26 106.22 -34.96
C GLU YA 206 -8.58 107.71 -35.06
N GLU YA 207 -7.58 108.58 -34.93
CA GLU YA 207 -7.79 110.02 -34.98
C GLU YA 207 -7.33 110.65 -36.28
N ILE YA 208 -6.62 109.90 -37.13
CA ILE YA 208 -6.03 110.48 -38.34
C ILE YA 208 -7.12 110.90 -39.33
N GLU YA 209 -8.11 110.04 -39.53
CA GLU YA 209 -9.13 110.25 -40.55
C GLU YA 209 -10.30 111.12 -40.07
N LYS YA 210 -10.28 111.58 -38.81
CA LYS YA 210 -11.35 112.42 -38.30
C LYS YA 210 -10.88 113.78 -37.84
N GLU YA 211 -9.82 113.86 -37.04
CA GLU YA 211 -9.39 115.15 -36.48
C GLU YA 211 -8.91 116.09 -37.56
N GLU YA 212 -8.16 115.58 -38.54
CA GLU YA 212 -7.70 116.43 -39.64
C GLU YA 212 -8.86 116.96 -40.46
N GLN YA 213 -9.86 116.12 -40.72
CA GLN YA 213 -11.06 116.59 -41.42
C GLN YA 213 -11.82 117.61 -40.58
N ALA YA 214 -11.90 117.38 -39.26
CA ALA YA 214 -12.54 118.36 -38.39
C ALA YA 214 -11.74 119.66 -38.35
N ALA YA 215 -10.41 119.56 -38.35
CA ALA YA 215 -9.57 120.76 -38.39
C ALA YA 215 -9.78 121.54 -39.69
N ALA YA 216 -9.87 120.82 -40.81
CA ALA YA 216 -10.15 121.48 -42.09
C ALA YA 216 -11.54 122.10 -42.10
N GLU YA 217 -12.51 121.42 -41.50
CA GLU YA 217 -13.86 121.96 -41.41
C GLU YA 217 -13.89 123.23 -40.55
N LYS YA 218 -13.15 123.23 -39.44
CA LYS YA 218 -13.10 124.41 -38.59
C LYS YA 218 -12.46 125.60 -39.32
N ALA YA 219 -11.38 125.35 -40.07
CA ALA YA 219 -10.71 126.42 -40.79
C ALA YA 219 -11.59 126.97 -41.91
N VAL YA 220 -12.32 126.10 -42.61
CA VAL YA 220 -13.13 126.55 -43.74
C VAL YA 220 -14.46 127.13 -43.30
N THR YA 221 -14.90 126.87 -42.07
CA THR YA 221 -16.17 127.39 -41.58
C THR YA 221 -15.95 128.42 -40.47
N VAL ZA 1 -56.39 38.68 -16.64
CA VAL ZA 1 -57.52 38.94 -17.55
C VAL ZA 1 -58.15 40.28 -17.20
N VAL ZA 2 -59.04 40.27 -16.21
CA VAL ZA 2 -59.71 41.51 -15.79
C VAL ZA 2 -58.69 42.43 -15.12
N ASP ZA 3 -58.64 43.68 -15.57
CA ASP ZA 3 -57.67 44.61 -15.06
C ASP ZA 3 -57.96 44.92 -13.59
N PRO ZA 4 -56.93 45.14 -12.78
CA PRO ZA 4 -57.16 45.36 -11.35
C PRO ZA 4 -57.66 46.75 -11.01
N PHE ZA 5 -57.39 47.74 -11.85
CA PHE ZA 5 -57.76 49.12 -11.55
C PHE ZA 5 -59.28 49.32 -11.55
N SER ZA 6 -60.03 48.41 -12.16
CA SER ZA 6 -61.48 48.47 -12.07
C SER ZA 6 -61.95 48.28 -10.63
N LYS ZA 7 -61.34 47.33 -9.92
CA LYS ZA 7 -61.65 47.16 -8.50
C LYS ZA 7 -61.02 48.26 -7.66
N LYS ZA 8 -59.91 48.83 -8.12
CA LYS ZA 8 -59.28 49.93 -7.40
C LYS ZA 8 -60.14 51.18 -7.46
N ASP ZA 9 -60.23 51.89 -6.33
CA ASP ZA 9 -61.04 53.09 -6.22
C ASP ZA 9 -60.17 54.25 -5.74
N TRP ZA 10 -60.44 55.44 -6.28
CA TRP ZA 10 -59.61 56.60 -6.06
C TRP ZA 10 -60.06 57.38 -4.83
N TYR ZA 11 -59.08 57.89 -4.08
CA TYR ZA 11 -59.31 58.69 -2.89
C TYR ZA 11 -58.75 60.09 -3.10
N ASP ZA 12 -58.99 60.96 -2.12
CA ASP ZA 12 -58.50 62.34 -2.15
C ASP ZA 12 -57.68 62.60 -0.90
N VAL ZA 13 -56.53 63.23 -1.07
CA VAL ZA 13 -55.60 63.52 0.01
C VAL ZA 13 -55.75 64.97 0.43
N LYS ZA 14 -55.93 65.20 1.72
CA LYS ZA 14 -56.10 66.54 2.26
C LYS ZA 14 -54.92 66.91 3.15
N ALA ZA 15 -54.45 68.14 3.01
CA ALA ZA 15 -53.27 68.64 3.69
C ALA ZA 15 -53.62 69.24 5.03
N PRO ZA 16 -52.66 69.30 5.95
CA PRO ZA 16 -52.83 70.08 7.18
C PRO ZA 16 -53.27 71.53 6.95
N ALA ZA 17 -53.81 72.15 8.00
CA ALA ZA 17 -54.37 73.48 7.89
C ALA ZA 17 -53.33 74.55 7.59
N MET ZA 18 -52.04 74.25 7.83
CA MET ZA 18 -50.99 75.24 7.60
C MET ZA 18 -50.88 75.60 6.11
N PHE ZA 19 -51.19 74.66 5.24
CA PHE ZA 19 -50.99 74.82 3.80
C PHE ZA 19 -52.28 75.36 3.18
N ASN ZA 20 -52.16 76.47 2.45
CA ASN ZA 20 -53.34 77.13 1.91
C ASN ZA 20 -54.04 76.28 0.86
N ILE ZA 21 -53.31 75.38 0.19
CA ILE ZA 21 -53.93 74.42 -0.71
C ILE ZA 21 -54.23 73.18 0.12
N ARG ZA 22 -55.43 72.62 -0.06
CA ARG ZA 22 -55.83 71.46 0.72
C ARG ZA 22 -55.64 70.17 -0.07
N ASN ZA 23 -55.94 70.21 -1.37
CA ASN ZA 23 -55.78 69.04 -2.22
C ASN ZA 23 -54.30 68.82 -2.55
N ILE ZA 24 -53.81 67.61 -2.30
CA ILE ZA 24 -52.43 67.25 -2.65
C ILE ZA 24 -52.49 66.41 -3.91
N GLY ZA 25 -53.20 65.29 -3.84
CA GLY ZA 25 -53.30 64.39 -4.96
C GLY ZA 25 -54.33 63.33 -4.71
N LYS ZA 26 -54.40 62.37 -5.63
CA LYS ZA 26 -55.35 61.28 -5.56
C LYS ZA 26 -54.59 59.96 -5.59
N THR ZA 27 -54.91 59.07 -4.64
CA THR ZA 27 -54.27 57.78 -4.54
C THR ZA 27 -55.34 56.69 -4.53
N LEU ZA 28 -55.20 55.70 -5.42
CA LEU ZA 28 -56.20 54.67 -5.61
C LEU ZA 28 -55.73 53.37 -4.99
N VAL ZA 29 -56.66 52.65 -4.36
CA VAL ZA 29 -56.38 51.43 -3.61
C VAL ZA 29 -57.48 50.41 -3.93
N THR ZA 30 -57.14 49.14 -3.78
CA THR ZA 30 -58.08 48.04 -4.00
C THR ZA 30 -59.23 48.11 -3.00
N ARG ZA 31 -60.41 47.67 -3.45
CA ARG ZA 31 -61.61 47.63 -2.61
C ARG ZA 31 -61.39 46.79 -1.37
N THR ZA 32 -62.14 47.11 -0.31
CA THR ZA 32 -62.11 46.35 0.93
C THR ZA 32 -62.77 45.00 0.68
N GLN ZA 33 -61.95 43.95 0.55
CA GLN ZA 33 -62.45 42.61 0.26
C GLN ZA 33 -61.81 41.62 1.22
N GLY ZA 34 -62.64 40.77 1.83
CA GLY ZA 34 -62.12 39.75 2.73
C GLY ZA 34 -61.44 40.37 3.93
N THR ZA 35 -60.25 39.82 4.26
CA THR ZA 35 -59.48 40.35 5.38
C THR ZA 35 -58.81 41.67 5.04
N LYS ZA 36 -58.56 41.93 3.76
CA LYS ZA 36 -57.92 43.19 3.35
C LYS ZA 36 -58.87 44.36 3.60
N ILE ZA 37 -58.36 45.40 4.24
CA ILE ZA 37 -59.12 46.59 4.56
C ILE ZA 37 -58.50 47.77 3.84
N ALA ZA 38 -59.32 48.54 3.13
CA ALA ZA 38 -58.81 49.74 2.48
C ALA ZA 38 -58.52 50.83 3.49
N SER ZA 39 -59.20 50.81 4.65
CA SER ZA 39 -58.98 51.84 5.65
C SER ZA 39 -57.57 51.80 6.20
N ASP ZA 40 -57.06 50.61 6.52
CA ASP ZA 40 -55.69 50.48 6.98
C ASP ZA 40 -54.68 50.30 5.85
N GLY ZA 41 -55.15 49.97 4.65
CA GLY ZA 41 -54.24 49.92 3.51
C GLY ZA 41 -53.69 51.29 3.15
N LEU ZA 42 -54.54 52.33 3.26
CA LEU ZA 42 -54.08 53.70 3.01
C LEU ZA 42 -53.08 54.15 4.07
N LYS ZA 43 -53.17 53.62 5.28
CA LYS ZA 43 -52.28 54.03 6.35
C LYS ZA 43 -50.85 53.62 6.04
N GLY ZA 44 -49.90 54.45 6.50
CA GLY ZA 44 -48.50 54.21 6.19
C GLY ZA 44 -48.10 54.56 4.77
N ARG ZA 45 -48.70 55.62 4.21
CA ARG ZA 45 -48.35 56.10 2.88
C ARG ZA 45 -47.83 57.53 3.01
N VAL ZA 46 -46.87 57.88 2.15
CA VAL ZA 46 -46.12 59.12 2.28
C VAL ZA 46 -46.11 59.85 0.94
N PHE ZA 47 -46.35 61.16 0.99
CA PHE ZA 47 -46.61 61.96 -0.21
C PHE ZA 47 -45.63 63.14 -0.22
N GLU ZA 48 -44.55 63.01 -0.98
CA GLU ZA 48 -43.54 64.05 -1.07
C GLU ZA 48 -43.98 65.09 -2.11
N VAL ZA 49 -44.23 66.32 -1.65
CA VAL ZA 49 -44.69 67.40 -2.51
C VAL ZA 49 -43.95 68.68 -2.16
N SER ZA 50 -43.72 69.51 -3.17
CA SER ZA 50 -42.98 70.75 -2.98
C SER ZA 50 -43.84 71.80 -2.26
N LEU ZA 51 -43.16 72.69 -1.53
CA LEU ZA 51 -43.88 73.76 -0.84
C LEU ZA 51 -44.48 74.76 -1.80
N ALA ZA 52 -43.85 74.99 -2.95
CA ALA ZA 52 -44.46 75.84 -3.97
C ALA ZA 52 -45.77 75.26 -4.47
N ASP ZA 53 -45.89 73.94 -4.47
CA ASP ZA 53 -47.19 73.31 -4.64
C ASP ZA 53 -48.03 73.39 -3.39
N LEU ZA 54 -47.40 73.26 -2.21
CA LEU ZA 54 -48.13 73.26 -0.95
C LEU ZA 54 -48.55 74.66 -0.51
N GLN ZA 55 -47.80 75.68 -0.91
CA GLN ZA 55 -48.07 77.05 -0.48
C GLN ZA 55 -48.30 77.94 -1.70
N ASN ZA 56 -48.46 79.25 -1.43
CA ASN ZA 56 -48.77 80.19 -2.50
C ASN ZA 56 -47.51 80.64 -3.23
N ASP ZA 57 -46.60 81.32 -2.53
CA ASP ZA 57 -45.42 81.91 -3.15
C ASP ZA 57 -44.18 81.72 -2.30
N GLU ZA 58 -44.09 80.62 -1.56
CA GLU ZA 58 -42.88 80.34 -0.80
C GLU ZA 58 -41.90 79.57 -1.69
N VAL ZA 59 -40.78 79.13 -1.11
CA VAL ZA 59 -39.74 78.50 -1.91
C VAL ZA 59 -40.21 77.14 -2.43
N ALA ZA 60 -39.60 76.72 -3.54
CA ALA ZA 60 -39.96 75.48 -4.20
C ALA ZA 60 -39.04 74.31 -3.87
N PHE ZA 61 -37.87 74.58 -3.31
CA PHE ZA 61 -36.84 73.56 -3.13
C PHE ZA 61 -36.96 72.82 -1.80
N ARG ZA 62 -38.16 72.72 -1.25
CA ARG ZA 62 -38.42 72.03 0.01
C ARG ZA 62 -39.62 71.12 -0.16
N LYS ZA 63 -39.57 69.93 0.41
CA LYS ZA 63 -40.65 68.97 0.29
C LYS ZA 63 -40.98 68.36 1.65
N PHE ZA 64 -42.23 67.94 1.82
CA PHE ZA 64 -42.73 67.36 3.05
C PHE ZA 64 -43.20 65.93 2.78
N LYS ZA 65 -43.01 65.05 3.77
CA LYS ZA 65 -43.19 63.62 3.54
C LYS ZA 65 -44.64 63.20 3.70
N LEU ZA 66 -45.36 63.79 4.67
CA LEU ZA 66 -46.83 63.76 4.74
C LEU ZA 66 -47.38 62.34 4.87
N ILE ZA 67 -47.13 61.74 6.03
CA ILE ZA 67 -47.79 60.48 6.40
C ILE ZA 67 -49.29 60.70 6.45
N THR ZA 68 -50.06 59.71 5.99
CA THR ZA 68 -51.50 59.70 6.13
C THR ZA 68 -51.89 58.73 7.23
N GLU ZA 69 -52.81 59.15 8.10
CA GLU ZA 69 -53.20 58.33 9.23
C GLU ZA 69 -54.63 57.79 9.12
N ASP ZA 70 -55.62 58.66 8.95
CA ASP ZA 70 -57.02 58.24 8.99
C ASP ZA 70 -57.72 58.66 7.71
N VAL ZA 71 -58.77 57.91 7.35
CA VAL ZA 71 -59.53 58.14 6.15
C VAL ZA 71 -61.02 58.06 6.46
N GLN ZA 72 -61.78 59.01 5.94
CA GLN ZA 72 -63.24 58.95 5.92
C GLN ZA 72 -63.71 59.27 4.51
N GLY ZA 73 -64.45 58.35 3.90
CA GLY ZA 73 -64.91 58.54 2.54
C GLY ZA 73 -63.75 58.68 1.58
N LYS ZA 74 -63.80 59.70 0.73
CA LYS ZA 74 -62.72 59.99 -0.20
C LYS ZA 74 -61.56 60.72 0.46
N ASN ZA 75 -61.80 61.42 1.58
CA ASN ZA 75 -60.78 62.25 2.20
C ASN ZA 75 -59.76 61.38 2.94
N CYS ZA 76 -58.48 61.72 2.77
CA CYS ZA 76 -57.39 61.06 3.49
C CYS ZA 76 -56.57 62.13 4.19
N LEU ZA 77 -56.61 62.12 5.51
CA LEU ZA 77 -55.93 63.15 6.30
C LEU ZA 77 -54.46 62.83 6.49
N THR ZA 78 -53.60 63.81 6.24
CA THR ZA 78 -52.16 63.68 6.35
C THR ZA 78 -51.65 64.49 7.53
N ASN ZA 79 -50.35 64.33 7.82
CA ASN ZA 79 -49.68 65.05 8.89
C ASN ZA 79 -48.19 65.02 8.61
N PHE ZA 80 -47.47 65.93 9.27
CA PHE ZA 80 -46.02 66.04 9.07
C PHE ZA 80 -45.31 64.75 9.42
N HIS ZA 81 -44.44 64.30 8.52
CA HIS ZA 81 -43.64 63.09 8.69
C HIS ZA 81 -42.16 63.33 8.47
N GLY ZA 82 -41.80 64.20 7.54
CA GLY ZA 82 -40.41 64.46 7.25
C GLY ZA 82 -40.28 65.63 6.30
N MET ZA 83 -39.05 66.11 6.18
CA MET ZA 83 -38.77 67.26 5.33
C MET ZA 83 -37.28 67.24 5.00
N ASP ZA 84 -36.97 67.30 3.71
CA ASP ZA 84 -35.58 67.29 3.26
C ASP ZA 84 -35.43 68.22 2.07
N LEU ZA 85 -34.31 68.93 2.05
CA LEU ZA 85 -33.94 69.71 0.88
C LEU ZA 85 -33.75 68.79 -0.33
N THR ZA 86 -34.22 69.23 -1.49
CA THR ZA 86 -34.11 68.41 -2.67
C THR ZA 86 -32.66 68.29 -3.11
N ARG ZA 87 -32.38 67.27 -3.92
CA ARG ZA 87 -31.00 66.93 -4.24
C ARG ZA 87 -30.30 68.04 -5.02
N ASP ZA 88 -30.98 68.60 -6.03
CA ASP ZA 88 -30.32 69.53 -6.95
C ASP ZA 88 -29.84 70.78 -6.25
N LYS ZA 89 -30.65 71.32 -5.33
CA LYS ZA 89 -30.17 72.44 -4.55
C LYS ZA 89 -29.09 72.01 -3.56
N MET ZA 90 -29.19 70.79 -3.02
CA MET ZA 90 -28.22 70.34 -2.02
C MET ZA 90 -26.81 70.27 -2.60
N CYS ZA 91 -26.67 69.70 -3.80
CA CYS ZA 91 -25.35 69.71 -4.44
C CYS ZA 91 -25.02 71.08 -5.01
N SER ZA 92 -25.98 72.01 -5.04
CA SER ZA 92 -25.69 73.37 -5.46
C SER ZA 92 -24.99 74.16 -4.36
N MET ZA 93 -25.36 73.94 -3.09
CA MET ZA 93 -24.74 74.70 -2.01
C MET ZA 93 -23.33 74.23 -1.72
N VAL ZA 94 -23.01 72.96 -1.98
CA VAL ZA 94 -21.66 72.49 -1.67
C VAL ZA 94 -20.70 73.09 -2.69
N LYS ZA 95 -19.90 74.06 -2.26
CA LYS ZA 95 -18.92 74.72 -3.10
C LYS ZA 95 -17.53 74.43 -2.55
N LYS ZA 96 -16.53 74.73 -3.36
CA LYS ZA 96 -15.15 74.48 -3.00
C LYS ZA 96 -14.55 75.70 -2.29
N TRP ZA 97 -13.43 75.46 -1.61
CA TRP ZA 97 -12.63 76.49 -0.95
C TRP ZA 97 -13.43 77.20 0.14
N GLN ZA 98 -14.38 76.47 0.73
CA GLN ZA 98 -15.19 76.98 1.83
C GLN ZA 98 -15.47 75.83 2.79
N THR ZA 99 -15.66 76.17 4.06
CA THR ZA 99 -15.88 75.17 5.11
C THR ZA 99 -17.37 74.97 5.32
N MET ZA 100 -17.83 73.73 5.21
CA MET ZA 100 -19.24 73.43 5.41
C MET ZA 100 -19.45 72.91 6.83
N ILE ZA 101 -20.65 73.16 7.35
CA ILE ZA 101 -20.99 72.81 8.73
C ILE ZA 101 -22.34 72.09 8.71
N GLU ZA 102 -22.42 70.96 9.40
CA GLU ZA 102 -23.65 70.19 9.52
C GLU ZA 102 -23.93 69.86 10.98
N ALA ZA 103 -25.22 69.81 11.34
CA ALA ZA 103 -25.61 69.56 12.71
C ALA ZA 103 -26.78 68.57 12.76
N HIS ZA 104 -26.82 67.79 13.83
CA HIS ZA 104 -27.94 66.89 14.10
C HIS ZA 104 -28.35 67.04 15.57
N VAL ZA 105 -29.63 66.77 15.84
CA VAL ZA 105 -30.20 66.96 17.17
C VAL ZA 105 -31.29 65.93 17.40
N ASP ZA 106 -31.60 65.70 18.67
CA ASP ZA 106 -32.72 64.86 19.09
C ASP ZA 106 -33.55 65.67 20.08
N VAL ZA 107 -34.54 66.40 19.59
CA VAL ZA 107 -35.33 67.32 20.40
C VAL ZA 107 -36.72 66.74 20.58
N LYS ZA 108 -37.29 66.96 21.75
CA LYS ZA 108 -38.65 66.54 22.07
C LYS ZA 108 -39.54 67.78 22.15
N THR ZA 109 -40.63 67.77 21.39
CA THR ZA 109 -41.53 68.91 21.36
C THR ZA 109 -42.38 68.96 22.63
N THR ZA 110 -43.18 70.02 22.75
CA THR ZA 110 -44.09 70.15 23.90
C THR ZA 110 -45.11 69.02 23.91
N ASP ZA 111 -45.69 68.71 22.75
CA ASP ZA 111 -46.66 67.62 22.67
C ASP ZA 111 -46.03 66.26 22.86
N GLY ZA 112 -44.72 66.13 22.64
CA GLY ZA 112 -44.03 64.87 22.82
C GLY ZA 112 -43.50 64.22 21.56
N TYR ZA 113 -43.53 64.92 20.42
CA TYR ZA 113 -43.03 64.38 19.17
C TYR ZA 113 -41.52 64.61 19.10
N LEU ZA 114 -40.76 63.53 19.06
CA LEU ZA 114 -39.30 63.60 19.00
C LEU ZA 114 -38.88 63.67 17.54
N LEU ZA 115 -38.11 64.70 17.19
CA LEU ZA 115 -37.76 64.97 15.81
C LEU ZA 115 -36.25 65.13 15.67
N ARG ZA 116 -35.72 64.60 14.57
CA ARG ZA 116 -34.30 64.73 14.23
C ARG ZA 116 -34.18 65.88 13.24
N LEU ZA 117 -33.76 67.03 13.73
CA LEU ZA 117 -33.70 68.27 12.95
C LEU ZA 117 -32.27 68.51 12.49
N PHE ZA 118 -32.07 68.59 11.18
CA PHE ZA 118 -30.75 68.81 10.59
C PHE ZA 118 -30.69 70.22 10.01
N CYS ZA 119 -29.57 70.90 10.26
CA CYS ZA 119 -29.35 72.24 9.72
C CYS ZA 119 -27.92 72.32 9.18
N VAL ZA 120 -27.75 73.08 8.09
CA VAL ZA 120 -26.49 73.16 7.38
C VAL ZA 120 -26.04 74.62 7.35
N GLY ZA 121 -24.74 74.82 7.12
CA GLY ZA 121 -24.16 76.14 7.03
C GLY ZA 121 -22.87 76.20 6.24
N PHE ZA 122 -22.73 77.21 5.40
CA PHE ZA 122 -21.55 77.40 4.57
C PHE ZA 122 -21.07 78.83 4.69
N THR ZA 123 -19.76 79.01 4.85
CA THR ZA 123 -19.19 80.34 5.03
C THR ZA 123 -19.30 81.17 3.75
N LYS ZA 124 -19.18 82.48 3.91
CA LYS ZA 124 -19.42 83.45 2.85
C LYS ZA 124 -18.22 84.38 2.75
N LYS ZA 125 -17.73 84.60 1.52
CA LYS ZA 125 -16.56 85.44 1.30
C LYS ZA 125 -16.97 86.86 0.99
N ARG ZA 126 -16.20 87.82 1.49
CA ARG ZA 126 -16.64 89.21 1.52
C ARG ZA 126 -16.58 89.82 0.11
N ASN ZA 127 -17.16 91.01 -0.02
CA ASN ZA 127 -17.18 91.68 -1.31
C ASN ZA 127 -15.78 92.18 -1.70
N ASN ZA 128 -14.95 92.52 -0.71
CA ASN ZA 128 -13.61 93.03 -0.97
C ASN ZA 128 -12.52 92.00 -0.69
N GLN ZA 129 -12.89 90.74 -0.47
CA GLN ZA 129 -11.91 89.71 -0.11
C GLN ZA 129 -10.98 89.40 -1.26
N ILE ZA 130 -9.69 89.24 -0.95
CA ILE ZA 130 -8.71 88.86 -1.95
C ILE ZA 130 -8.23 87.42 -1.78
N ARG ZA 131 -8.37 86.83 -0.60
CA ARG ZA 131 -7.94 85.45 -0.38
C ARG ZA 131 -8.85 84.50 -1.15
N LYS ZA 132 -8.25 83.48 -1.76
CA LYS ZA 132 -9.00 82.59 -2.64
C LYS ZA 132 -10.00 81.73 -1.87
N THR ZA 133 -9.57 81.15 -0.75
CA THR ZA 133 -10.38 80.20 -0.01
C THR ZA 133 -10.92 80.84 1.27
N SER ZA 134 -12.21 80.64 1.52
CA SER ZA 134 -12.85 81.13 2.74
C SER ZA 134 -12.90 79.98 3.74
N TYR ZA 135 -11.92 79.93 4.64
CA TYR ZA 135 -11.78 78.81 5.56
C TYR ZA 135 -11.98 79.27 6.99
N ALA ZA 136 -12.79 78.52 7.73
CA ALA ZA 136 -13.03 78.78 9.14
C ALA ZA 136 -12.24 77.79 9.99
N GLN ZA 137 -11.66 78.28 11.08
CA GLN ZA 137 -10.86 77.43 11.95
C GLN ZA 137 -11.74 76.45 12.71
N HIS ZA 138 -11.09 75.45 13.32
CA HIS ZA 138 -11.82 74.35 13.93
C HIS ZA 138 -12.64 74.81 15.13
N GLN ZA 139 -12.02 75.54 16.05
CA GLN ZA 139 -12.76 76.04 17.22
C GLN ZA 139 -13.85 77.01 16.82
N GLN ZA 140 -13.64 77.75 15.73
CA GLN ZA 140 -14.69 78.58 15.16
C GLN ZA 140 -15.87 77.75 14.68
N VAL ZA 141 -15.57 76.59 14.08
CA VAL ZA 141 -16.63 75.67 13.66
C VAL ZA 141 -17.36 75.13 14.88
N ARG ZA 142 -16.64 74.89 15.98
CA ARG ZA 142 -17.27 74.37 17.18
C ARG ZA 142 -18.30 75.35 17.75
N GLN ZA 143 -17.96 76.64 17.82
CA GLN ZA 143 -18.90 77.60 18.37
C GLN ZA 143 -20.07 77.86 17.43
N ILE ZA 144 -19.87 77.67 16.11
CA ILE ZA 144 -21.00 77.66 15.19
C ILE ZA 144 -21.93 76.51 15.54
N ARG ZA 145 -21.36 75.33 15.79
CA ARG ZA 145 -22.14 74.15 16.10
C ARG ZA 145 -22.90 74.30 17.41
N LYS ZA 146 -22.22 74.80 18.44
CA LYS ZA 146 -22.87 74.95 19.74
C LYS ZA 146 -23.94 76.05 19.71
N LYS ZA 147 -23.73 77.09 18.90
CA LYS ZA 147 -24.72 78.16 18.82
C LYS ZA 147 -25.97 77.69 18.09
N MET ZA 148 -25.82 77.05 16.94
CA MET ZA 148 -26.96 76.54 16.20
C MET ZA 148 -27.46 75.22 16.75
N MET ZA 149 -26.88 74.72 17.84
CA MET ZA 149 -27.48 73.62 18.57
C MET ZA 149 -28.44 74.14 19.64
N GLU ZA 150 -28.02 75.15 20.39
CA GLU ZA 150 -28.81 75.62 21.53
C GLU ZA 150 -30.00 76.47 21.08
N ILE ZA 151 -29.82 77.32 20.06
CA ILE ZA 151 -30.91 78.18 19.63
C ILE ZA 151 -32.01 77.35 18.98
N MET ZA 152 -31.61 76.28 18.28
CA MET ZA 152 -32.58 75.45 17.58
C MET ZA 152 -33.24 74.45 18.53
N THR ZA 153 -32.54 74.06 19.60
CA THR ZA 153 -33.15 73.19 20.60
C THR ZA 153 -34.20 73.94 21.39
N ARG ZA 154 -33.88 75.18 21.79
CA ARG ZA 154 -34.84 76.00 22.51
C ARG ZA 154 -36.07 76.31 21.65
N GLU ZA 155 -35.86 76.55 20.36
CA GLU ZA 155 -36.96 76.89 19.47
C GLU ZA 155 -37.96 75.76 19.34
N VAL ZA 156 -37.48 74.52 19.23
CA VAL ZA 156 -38.37 73.39 19.05
C VAL ZA 156 -38.95 72.93 20.39
N GLN ZA 157 -38.15 72.99 21.46
CA GLN ZA 157 -38.64 72.54 22.77
C GLN ZA 157 -39.76 73.45 23.27
N THR ZA 158 -39.64 74.76 23.07
CA THR ZA 158 -40.63 75.68 23.62
C THR ZA 158 -41.93 75.69 22.80
N ASN ZA 159 -41.86 75.28 21.54
CA ASN ZA 159 -43.00 75.39 20.63
C ASN ZA 159 -43.54 74.01 20.28
N ASP ZA 160 -44.75 74.02 19.72
CA ASP ZA 160 -45.45 72.80 19.33
C ASP ZA 160 -45.21 72.50 17.86
N LEU ZA 161 -45.76 71.36 17.41
CA LEU ZA 161 -45.71 71.02 15.98
C LEU ZA 161 -46.47 72.04 15.14
N LYS ZA 162 -47.52 72.64 15.70
CA LYS ZA 162 -48.23 73.72 15.01
C LYS ZA 162 -47.30 74.90 14.74
N GLU ZA 163 -46.54 75.30 15.76
CA GLU ZA 163 -45.63 76.44 15.57
C GLU ZA 163 -44.42 76.03 14.73
N VAL ZA 164 -43.95 74.79 14.89
CA VAL ZA 164 -42.76 74.35 14.17
C VAL ZA 164 -42.99 74.38 12.67
N VAL ZA 165 -44.17 73.90 12.23
CA VAL ZA 165 -44.42 73.78 10.80
C VAL ZA 165 -44.58 75.16 10.15
N ASN ZA 166 -45.33 76.06 10.79
CA ASN ZA 166 -45.58 77.36 10.17
C ASN ZA 166 -44.34 78.25 10.16
N LYS ZA 167 -43.34 77.94 10.98
CA LYS ZA 167 -42.04 78.60 10.86
C LYS ZA 167 -41.01 77.76 10.14
N LEU ZA 168 -41.34 76.51 9.80
CA LEU ZA 168 -40.52 75.74 8.87
C LEU ZA 168 -40.85 76.07 7.43
N ILE ZA 169 -42.06 76.58 7.19
CA ILE ZA 169 -42.45 76.97 5.83
C ILE ZA 169 -41.58 78.08 5.26
N PRO ZA 170 -41.37 79.21 5.94
CA PRO ZA 170 -40.52 80.26 5.37
C PRO ZA 170 -39.05 80.15 5.77
N ASP ZA 171 -38.68 79.12 6.55
CA ASP ZA 171 -37.33 78.94 7.05
C ASP ZA 171 -36.84 80.19 7.80
N SER ZA 172 -37.74 80.76 8.60
CA SER ZA 172 -37.36 81.87 9.47
C SER ZA 172 -36.34 81.43 10.52
N ILE ZA 173 -36.27 80.12 10.79
CA ILE ZA 173 -35.26 79.59 11.70
C ILE ZA 173 -33.87 79.74 11.09
N GLY ZA 174 -33.73 79.38 9.81
CA GLY ZA 174 -32.44 79.50 9.15
C GLY ZA 174 -31.93 80.92 9.09
N LYS ZA 175 -32.86 81.89 9.13
CA LYS ZA 175 -32.46 83.29 9.15
C LYS ZA 175 -31.85 83.67 10.50
N ASP ZA 176 -32.39 83.13 11.60
CA ASP ZA 176 -31.87 83.52 12.91
C ASP ZA 176 -30.57 82.79 13.23
N ILE ZA 177 -30.29 81.66 12.58
CA ILE ZA 177 -29.00 81.00 12.74
C ILE ZA 177 -27.88 81.91 12.21
N GLU ZA 178 -28.07 82.42 11.00
CA GLU ZA 178 -27.14 83.42 10.46
C GLU ZA 178 -27.13 84.68 11.32
N LYS ZA 179 -28.31 85.14 11.75
CA LYS ZA 179 -28.37 86.32 12.61
C LYS ZA 179 -27.65 86.08 13.93
N ALA ZA 180 -27.68 84.85 14.45
CA ALA ZA 180 -26.90 84.53 15.64
C ALA ZA 180 -25.43 84.34 15.32
N CYS ZA 181 -25.12 83.72 14.18
CA CYS ZA 181 -23.75 83.38 13.81
C CYS ZA 181 -23.09 84.44 12.94
N GLN ZA 182 -23.70 85.62 12.79
CA GLN ZA 182 -23.12 86.67 11.96
C GLN ZA 182 -21.85 87.24 12.58
N SER ZA 183 -21.74 87.20 13.90
CA SER ZA 183 -20.66 87.88 14.60
C SER ZA 183 -19.38 87.06 14.68
N ILE ZA 184 -19.41 85.81 14.26
CA ILE ZA 184 -18.27 84.91 14.37
C ILE ZA 184 -17.72 84.54 12.98
N TYR ZA 185 -18.60 84.14 12.07
CA TYR ZA 185 -18.20 83.90 10.68
C TYR ZA 185 -19.42 84.06 9.77
N PRO ZA 186 -19.37 84.97 8.80
CA PRO ZA 186 -20.54 85.23 7.95
C PRO ZA 186 -20.86 84.04 7.06
N LEU ZA 187 -22.08 83.52 7.20
CA LEU ZA 187 -22.54 82.37 6.43
C LEU ZA 187 -23.87 82.67 5.77
N HIS ZA 188 -24.00 82.33 4.49
CA HIS ZA 188 -25.12 82.83 3.69
C HIS ZA 188 -26.22 81.80 3.49
N ASP ZA 189 -25.90 80.61 2.97
CA ASP ZA 189 -26.92 79.63 2.62
C ASP ZA 189 -27.20 78.73 3.82
N VAL ZA 190 -28.08 79.20 4.68
CA VAL ZA 190 -28.48 78.47 5.88
C VAL ZA 190 -29.92 78.02 5.69
N PHE ZA 191 -30.11 76.70 5.60
CA PHE ZA 191 -31.43 76.10 5.58
C PHE ZA 191 -31.44 74.90 6.50
N VAL ZA 192 -32.61 74.59 7.04
CA VAL ZA 192 -32.76 73.35 7.79
C VAL ZA 192 -32.58 72.20 6.80
N ARG ZA 193 -31.61 71.33 7.09
CA ARG ZA 193 -31.22 70.33 6.10
C ARG ZA 193 -32.27 69.24 5.97
N LYS ZA 194 -32.54 68.52 7.06
CA LYS ZA 194 -33.46 67.40 7.02
C LYS ZA 194 -34.26 67.34 8.31
N VAL ZA 195 -35.53 66.97 8.19
CA VAL ZA 195 -36.41 66.70 9.32
C VAL ZA 195 -36.84 65.24 9.22
N LYS ZA 196 -36.59 64.48 10.28
CA LYS ZA 196 -36.97 63.07 10.31
C LYS ZA 196 -37.65 62.78 11.65
N MET ZA 197 -38.80 62.10 11.59
CA MET ZA 197 -39.51 61.73 12.80
C MET ZA 197 -38.79 60.60 13.52
N LEU ZA 198 -39.05 60.49 14.81
CA LEU ZA 198 -38.62 59.34 15.60
C LEU ZA 198 -39.79 58.63 16.27
N LYS ZA 199 -40.70 59.37 16.89
CA LYS ZA 199 -41.80 58.80 17.66
C LYS ZA 199 -43.05 59.63 17.47
N LYS ZA 200 -44.18 58.96 17.30
CA LYS ZA 200 -45.49 59.61 17.25
C LYS ZA 200 -46.27 59.26 18.50
N PRO ZA 201 -46.37 60.16 19.48
CA PRO ZA 201 -46.95 59.80 20.78
C PRO ZA 201 -48.46 59.69 20.75
N LYS ZA 202 -48.96 58.46 20.87
CA LYS ZA 202 -50.32 58.13 21.28
C LYS ZA 202 -51.41 58.42 20.25
N PHE ZA 203 -51.07 59.11 19.15
CA PHE ZA 203 -51.95 59.26 17.98
C PHE ZA 203 -53.33 59.81 18.38
N GLU ZA 204 -53.32 61.06 18.84
CA GLU ZA 204 -54.56 61.73 19.21
C GLU ZA 204 -55.35 62.09 17.96
N LEU ZA 205 -56.53 61.50 17.81
CA LEU ZA 205 -57.39 61.82 16.67
C LEU ZA 205 -57.85 63.26 16.71
N GLY ZA 206 -58.22 63.76 17.90
CA GLY ZA 206 -58.69 65.13 18.01
C GLY ZA 206 -57.60 66.15 17.72
N LYS ZA 207 -56.38 65.88 18.17
CA LYS ZA 207 -55.26 66.77 17.88
C LYS ZA 207 -54.92 66.77 16.40
N LEU ZA 208 -55.01 65.59 15.75
CA LEU ZA 208 -54.88 65.53 14.31
C LEU ZA 208 -55.99 66.32 13.61
N MET ZA 209 -57.22 66.21 14.11
CA MET ZA 209 -58.31 67.01 13.58
C MET ZA 209 -58.11 68.51 13.82
N GLU ZA 210 -57.62 68.87 15.02
CA GLU ZA 210 -57.27 70.26 15.28
C GLU ZA 210 -56.16 70.73 14.36
N LEU ZA 211 -55.16 69.88 14.13
CA LEU ZA 211 -54.07 70.22 13.22
C LEU ZA 211 -54.59 70.38 11.78
N HIS ZA 212 -55.55 69.54 11.39
CA HIS ZA 212 -56.11 69.63 10.04
C HIS ZA 212 -57.10 70.78 9.91
N GLY ZA 213 -57.81 71.14 10.97
CA GLY ZA 213 -58.81 72.19 10.90
C GLY ZA 213 -58.69 73.24 11.98
N GLU ZA 214 -59.81 73.57 12.61
CA GLU ZA 214 -59.84 74.58 13.66
C GLU ZA 214 -59.32 74.02 14.97
N GLU AB 1 42.99 92.24 -51.64
CA GLU AB 1 41.72 91.93 -52.26
C GLU AB 1 40.69 91.58 -51.19
N TRP AB 2 40.99 91.93 -49.94
CA TRP AB 2 40.10 91.67 -48.81
C TRP AB 2 39.38 92.97 -48.44
N MET AB 3 38.08 93.03 -48.74
CA MET AB 3 37.26 94.15 -48.34
C MET AB 3 36.58 93.80 -47.03
N PRO AB 4 36.97 94.38 -45.91
CA PRO AB 4 36.32 94.05 -44.64
C PRO AB 4 35.04 94.83 -44.42
N VAL AB 5 34.06 94.18 -43.80
CA VAL AB 5 32.84 94.88 -43.43
C VAL AB 5 32.67 94.83 -41.91
N THR AB 6 33.33 95.77 -41.23
CA THR AB 6 33.41 95.98 -39.78
C THR AB 6 34.15 97.29 -39.59
N LYS AB 7 33.81 98.02 -38.54
CA LYS AB 7 34.60 99.20 -38.20
C LYS AB 7 36.01 98.79 -37.85
N LEU AB 8 36.15 97.76 -37.02
CA LEU AB 8 37.46 97.34 -36.54
C LEU AB 8 38.28 96.71 -37.67
N GLY AB 9 37.63 95.91 -38.52
CA GLY AB 9 38.34 95.29 -39.64
C GLY AB 9 38.78 96.31 -40.69
N ARG AB 10 37.94 97.31 -40.95
CA ARG AB 10 38.38 98.41 -41.80
C ARG AB 10 39.56 99.13 -41.17
N LEU AB 11 39.50 99.37 -39.85
CA LEU AB 11 40.53 100.13 -39.17
C LEU AB 11 41.89 99.42 -39.22
N VAL AB 12 41.89 98.10 -39.12
CA VAL AB 12 43.16 97.38 -39.11
C VAL AB 12 43.67 97.15 -40.53
N LYS AB 13 42.77 97.16 -41.51
CA LYS AB 13 43.18 96.96 -42.89
C LYS AB 13 44.02 98.12 -43.40
N ASP AB 14 43.67 99.35 -43.02
CA ASP AB 14 44.29 100.53 -43.59
C ASP AB 14 45.38 101.14 -42.70
N MET AB 15 45.82 100.40 -41.67
CA MET AB 15 46.96 100.70 -40.79
C MET AB 15 46.74 101.79 -39.74
N LYS AB 16 45.55 101.87 -39.14
CA LYS AB 16 45.33 102.88 -38.09
C LYS AB 16 45.40 102.30 -36.68
N ILE AB 17 45.06 101.03 -36.51
CA ILE AB 17 45.11 100.38 -35.19
C ILE AB 17 46.08 99.22 -35.28
N LYS AB 18 47.10 99.24 -34.44
CA LYS AB 18 48.08 98.17 -34.30
C LYS AB 18 47.96 97.63 -32.87
N SER AB 19 48.92 96.78 -32.49
CA SER AB 19 49.04 96.30 -31.12
C SER AB 19 47.78 95.56 -30.68
N LEU AB 20 47.59 94.38 -31.28
CA LEU AB 20 46.49 93.46 -30.99
C LEU AB 20 46.25 93.28 -29.48
N GLU AB 21 47.28 93.53 -28.68
CA GLU AB 21 47.11 93.59 -27.23
C GLU AB 21 46.07 94.64 -26.84
N GLU AB 22 46.01 95.75 -27.57
CA GLU AB 22 45.06 96.81 -27.22
C GLU AB 22 43.62 96.39 -27.45
N ILE AB 23 43.34 95.73 -28.58
CA ILE AB 23 41.98 95.24 -28.82
C ILE AB 23 41.66 94.12 -27.84
N TYR AB 24 42.68 93.39 -27.37
CA TYR AB 24 42.48 92.43 -26.30
C TYR AB 24 42.08 93.15 -25.01
N LEU AB 25 42.68 94.32 -24.75
CA LEU AB 25 42.33 95.10 -23.57
C LEU AB 25 40.86 95.54 -23.63
N PHE AB 26 40.43 95.99 -24.80
CA PHE AB 26 39.06 96.48 -24.95
C PHE AB 26 38.06 95.36 -25.17
N SER AB 27 38.53 94.12 -25.39
CA SER AB 27 37.70 92.93 -25.47
C SER AB 27 36.65 92.99 -26.58
N LEU AB 28 36.89 93.80 -27.61
CA LEU AB 28 35.97 93.85 -28.73
C LEU AB 28 36.15 92.59 -29.61
N PRO AB 29 35.06 92.05 -30.16
CA PRO AB 29 35.14 90.74 -30.80
C PRO AB 29 35.79 90.80 -32.17
N ILE AB 30 36.61 89.79 -32.42
CA ILE AB 30 37.11 89.52 -33.77
C ILE AB 30 36.05 88.73 -34.50
N LYS AB 31 35.62 89.24 -35.66
CA LYS AB 31 34.60 88.57 -36.47
C LYS AB 31 35.07 88.36 -37.90
N GLU AB 32 36.38 88.25 -38.12
CA GLU AB 32 36.93 88.13 -39.46
C GLU AB 32 38.30 87.49 -39.33
N SER AB 33 38.63 86.56 -40.23
CA SER AB 33 39.88 85.81 -40.09
C SER AB 33 41.08 86.63 -40.54
N GLU AB 34 40.90 87.54 -41.50
CA GLU AB 34 42.02 88.28 -42.08
C GLU AB 34 42.63 89.28 -41.11
N ILE AB 35 41.91 89.62 -40.03
CA ILE AB 35 42.47 90.52 -39.02
C ILE AB 35 43.72 89.91 -38.41
N ILE AB 36 43.57 88.72 -37.84
CA ILE AB 36 44.72 88.03 -37.28
C ILE AB 36 45.65 87.55 -38.40
N ASP AB 37 45.11 87.34 -39.60
CA ASP AB 37 45.94 86.84 -40.69
C ASP AB 37 47.00 87.87 -41.08
N PHE AB 38 46.65 89.16 -41.10
CA PHE AB 38 47.66 90.18 -41.34
C PHE AB 38 48.47 90.45 -40.08
N PHE AB 39 47.79 90.59 -38.94
CA PHE AB 39 48.45 90.87 -37.67
C PHE AB 39 49.44 89.79 -37.27
N LEU AB 40 49.27 88.57 -37.77
CA LEU AB 40 50.05 87.45 -37.28
C LEU AB 40 50.50 86.55 -38.44
N GLY AB 41 50.50 87.05 -39.66
CA GLY AB 41 50.92 86.24 -40.79
C GLY AB 41 52.37 85.79 -40.67
N ALA AB 42 52.62 84.58 -41.18
CA ALA AB 42 53.92 83.90 -41.17
C ALA AB 42 54.47 83.66 -39.76
N SER AB 43 53.65 83.82 -38.73
CA SER AB 43 54.05 83.53 -37.37
C SER AB 43 53.18 82.48 -36.71
N LEU AB 44 52.21 81.93 -37.43
CA LEU AB 44 51.33 80.88 -36.92
C LEU AB 44 51.66 79.53 -37.56
N LYS AB 45 51.31 78.48 -36.84
CA LYS AB 45 51.42 77.12 -37.33
C LYS AB 45 50.11 76.39 -37.04
N ASP AB 46 49.54 75.76 -38.07
CA ASP AB 46 48.31 75.01 -37.93
C ASP AB 46 48.62 73.52 -37.85
N GLU AB 47 47.81 72.81 -37.07
CA GLU AB 47 47.97 71.37 -36.91
C GLU AB 47 46.61 70.75 -36.67
N VAL AB 48 46.18 69.88 -37.59
CA VAL AB 48 44.92 69.18 -37.42
C VAL AB 48 45.08 68.12 -36.34
N LEU AB 49 44.17 68.13 -35.36
CA LEU AB 49 44.25 67.13 -34.30
C LEU AB 49 43.55 65.83 -34.69
N LYS AB 50 42.32 65.94 -35.20
CA LYS AB 50 41.53 64.75 -35.52
C LYS AB 50 40.36 65.15 -36.41
N ILE AB 51 40.09 64.33 -37.42
CA ILE AB 51 38.87 64.44 -38.22
C ILE AB 51 37.93 63.36 -37.71
N MET AB 52 36.74 63.78 -37.29
CA MET AB 52 35.84 62.88 -36.58
C MET AB 52 34.59 62.65 -37.41
N PRO AB 53 34.23 61.39 -37.71
CA PRO AB 53 33.07 61.13 -38.58
C PRO AB 53 31.75 61.15 -37.82
N VAL AB 54 31.35 62.35 -37.41
CA VAL AB 54 30.04 62.54 -36.79
C VAL AB 54 28.95 62.31 -37.82
N GLN AB 55 27.96 61.50 -37.46
CA GLN AB 55 26.91 61.13 -38.40
C GLN AB 55 25.55 61.20 -37.73
N LYS AB 56 24.53 61.53 -38.51
CA LYS AB 56 23.14 61.50 -38.09
C LYS AB 56 22.39 60.48 -38.92
N GLN AB 57 21.38 59.87 -38.32
CA GLN AB 57 20.67 58.76 -38.96
C GLN AB 57 19.28 59.21 -39.39
N THR AB 58 18.94 58.91 -40.65
CA THR AB 58 17.67 59.33 -41.22
C THR AB 58 16.91 58.14 -41.80
N ARG AB 59 15.84 58.40 -42.54
CA ARG AB 59 15.04 57.33 -43.11
C ARG AB 59 15.86 56.49 -44.09
N ALA AB 60 16.61 57.15 -44.97
CA ALA AB 60 17.42 56.46 -45.97
C ALA AB 60 18.86 56.44 -45.49
N GLY AB 61 19.14 55.51 -44.57
CA GLY AB 61 20.50 55.37 -44.07
C GLY AB 61 20.87 56.49 -43.11
N GLN AB 62 22.16 56.80 -43.08
CA GLN AB 62 22.71 57.79 -42.17
C GLN AB 62 23.56 58.79 -42.94
N ARG AB 63 23.43 60.07 -42.58
CA ARG AB 63 24.21 61.14 -43.18
C ARG AB 63 25.46 61.39 -42.32
N THR AB 64 26.64 61.12 -42.88
CA THR AB 64 27.88 61.19 -42.13
C THR AB 64 28.63 62.46 -42.51
N ARG AB 65 28.76 63.38 -41.56
CA ARG AB 65 29.54 64.59 -41.74
C ARG AB 65 30.93 64.38 -41.16
N PHE AB 66 31.77 65.40 -41.30
CA PHE AB 66 33.13 65.37 -40.77
C PHE AB 66 33.33 66.56 -39.85
N LYS AB 67 33.66 66.29 -38.59
CA LYS AB 67 34.04 67.33 -37.65
C LYS AB 67 35.56 67.47 -37.68
N ALA AB 68 36.02 68.71 -37.79
CA ALA AB 68 37.45 68.99 -37.91
C ALA AB 68 37.95 69.71 -36.67
N PHE AB 69 39.17 69.36 -36.26
CA PHE AB 69 39.79 69.92 -35.08
C PHE AB 69 41.20 70.37 -35.47
N VAL AB 70 41.42 71.69 -35.49
CA VAL AB 70 42.73 72.25 -35.82
C VAL AB 70 43.10 73.26 -34.74
N ALA AB 71 44.40 73.45 -34.55
CA ALA AB 71 44.91 74.38 -33.54
C ALA AB 71 45.95 75.29 -34.17
N ILE AB 72 45.88 76.57 -33.83
CA ILE AB 72 46.78 77.58 -34.37
C ILE AB 72 47.26 78.48 -33.24
N GLY AB 73 48.33 79.22 -33.51
CA GLY AB 73 48.83 80.20 -32.57
C GLY AB 73 50.30 80.49 -32.83
N ASP AB 74 50.84 81.34 -31.97
CA ASP AB 74 52.27 81.64 -31.97
C ASP AB 74 52.82 81.41 -30.57
N TYR AB 75 54.11 81.10 -30.52
CA TYR AB 75 54.79 80.70 -29.31
C TYR AB 75 55.01 81.84 -28.33
N ASN AB 76 54.69 83.07 -28.71
CA ASN AB 76 54.92 84.23 -27.86
C ASN AB 76 53.71 84.65 -27.04
N GLY AB 77 52.60 83.92 -27.12
CA GLY AB 77 51.50 84.21 -26.22
C GLY AB 77 50.07 84.05 -26.74
N HIS AB 78 49.88 83.89 -28.04
CA HIS AB 78 48.54 83.77 -28.61
C HIS AB 78 48.35 82.36 -29.17
N VAL AB 79 47.15 81.81 -29.01
CA VAL AB 79 46.84 80.46 -29.46
C VAL AB 79 45.36 80.40 -29.82
N GLY AB 80 45.02 79.46 -30.70
CA GLY AB 80 43.65 79.35 -31.17
C GLY AB 80 43.29 77.92 -31.55
N LEU AB 81 42.01 77.60 -31.41
CA LEU AB 81 41.47 76.29 -31.74
C LEU AB 81 40.05 76.46 -32.28
N GLY AB 82 39.69 75.64 -33.24
CA GLY AB 82 38.39 75.73 -33.88
C GLY AB 82 37.79 74.36 -34.11
N VAL AB 83 36.46 74.32 -34.07
CA VAL AB 83 35.70 73.10 -34.30
C VAL AB 83 34.64 73.42 -35.34
N LYS AB 84 34.59 72.63 -36.41
CA LYS AB 84 33.63 72.86 -37.48
C LYS AB 84 33.14 71.53 -38.03
N CYS AB 85 31.82 71.40 -38.14
CA CYS AB 85 31.18 70.22 -38.71
C CYS AB 85 30.72 70.56 -40.12
N SER AB 86 31.20 69.80 -41.10
CA SER AB 86 30.87 70.05 -42.49
C SER AB 86 30.72 68.73 -43.22
N LYS AB 87 30.20 68.79 -44.45
CA LYS AB 87 29.84 67.61 -45.20
C LYS AB 87 31.03 66.86 -45.77
N GLU AB 88 32.23 67.43 -45.75
CA GLU AB 88 33.42 66.75 -46.23
C GLU AB 88 34.64 67.32 -45.51
N VAL AB 89 35.76 66.63 -45.68
CA VAL AB 89 36.97 66.92 -44.88
C VAL AB 89 37.50 68.30 -45.19
N ALA AB 90 37.61 68.66 -46.48
CA ALA AB 90 38.31 69.87 -46.87
C ALA AB 90 37.58 71.12 -46.39
N THR AB 91 36.25 71.16 -46.56
CA THR AB 91 35.49 72.30 -46.04
C THR AB 91 35.46 72.29 -44.52
N ALA AB 92 35.55 71.10 -43.91
CA ALA AB 92 35.55 71.03 -42.45
C ALA AB 92 36.81 71.66 -41.87
N ILE AB 93 37.98 71.28 -42.39
CA ILE AB 93 39.21 71.84 -41.87
C ILE AB 93 39.32 73.32 -42.20
N ARG AB 94 38.84 73.72 -43.38
CA ARG AB 94 38.84 75.14 -43.73
C ARG AB 94 37.95 75.94 -42.79
N GLY AB 95 36.76 75.43 -42.49
CA GLY AB 95 35.92 76.09 -41.51
C GLY AB 95 36.51 76.07 -40.12
N ALA AB 96 37.10 74.94 -39.73
CA ALA AB 96 37.75 74.86 -38.43
C ALA AB 96 38.94 75.80 -38.36
N ILE AB 97 39.70 75.91 -39.45
CA ILE AB 97 40.84 76.83 -39.47
C ILE AB 97 40.37 78.27 -39.27
N ILE AB 98 39.26 78.64 -39.93
CA ILE AB 98 38.70 79.97 -39.77
C ILE AB 98 38.29 80.20 -38.32
N LEU AB 99 37.53 79.26 -37.75
CA LEU AB 99 37.09 79.41 -36.37
C LEU AB 99 38.26 79.34 -35.39
N ALA AB 100 39.31 78.59 -35.73
CA ALA AB 100 40.53 78.63 -34.91
C ALA AB 100 41.17 80.01 -34.95
N LYS AB 101 41.26 80.61 -36.15
CA LYS AB 101 41.75 81.97 -36.26
C LYS AB 101 40.82 82.96 -35.58
N LEU AB 102 39.52 82.70 -35.63
CA LEU AB 102 38.54 83.59 -35.02
C LEU AB 102 38.67 83.60 -33.50
N SER AB 103 38.90 82.43 -32.89
CA SER AB 103 38.94 82.31 -31.44
C SER AB 103 40.41 82.20 -31.00
N ILE AB 104 41.03 83.36 -30.78
CA ILE AB 104 42.40 83.45 -30.30
C ILE AB 104 42.39 84.26 -29.01
N VAL AB 105 43.09 83.76 -28.00
CA VAL AB 105 43.22 84.49 -26.73
C VAL AB 105 44.71 84.63 -26.44
N PRO AB 106 45.16 85.75 -25.89
CA PRO AB 106 46.53 85.81 -25.36
C PRO AB 106 46.66 84.91 -24.15
N VAL AB 107 47.87 84.40 -23.94
CA VAL AB 107 48.18 83.60 -22.75
C VAL AB 107 49.14 84.39 -21.87
N ARG AB 108 48.98 84.23 -20.56
CA ARG AB 108 49.77 84.95 -19.58
C ARG AB 108 50.80 84.00 -18.98
N ARG AB 109 52.05 84.41 -19.01
CA ARG AB 109 53.13 83.66 -18.39
C ARG AB 109 53.57 84.36 -17.12
N GLY AB 110 53.79 83.58 -16.07
CA GLY AB 110 54.23 84.11 -14.79
C GLY AB 110 55.54 83.49 -14.33
N TYR AB 111 55.89 83.73 -13.07
CA TYR AB 111 57.16 83.27 -12.52
C TYR AB 111 56.91 82.41 -11.29
N TRP AB 112 57.56 81.25 -11.24
CA TRP AB 112 57.62 80.48 -10.00
C TRP AB 112 58.42 81.24 -8.95
N GLY AB 113 59.53 81.83 -9.35
CA GLY AB 113 60.38 82.57 -8.44
C GLY AB 113 61.65 83.00 -9.15
N ASN AB 114 62.38 83.91 -8.50
CA ASN AB 114 63.63 84.47 -9.03
C ASN AB 114 63.39 85.12 -10.39
N LYS AB 115 62.64 86.22 -10.34
CA LYS AB 115 62.10 86.90 -11.51
C LYS AB 115 63.23 87.62 -12.25
N ILE AB 116 63.97 86.85 -13.06
CA ILE AB 116 65.17 87.35 -13.70
C ILE AB 116 64.89 87.85 -15.12
N GLY AB 117 64.05 87.16 -15.88
CA GLY AB 117 63.84 87.49 -17.27
C GLY AB 117 62.43 87.29 -17.77
N LYS AB 118 62.29 86.59 -18.89
CA LYS AB 118 60.97 86.32 -19.44
C LYS AB 118 60.23 85.32 -18.55
N PRO AB 119 58.92 85.47 -18.40
CA PRO AB 119 58.15 84.51 -17.60
C PRO AB 119 57.92 83.20 -18.36
N HIS AB 120 57.68 82.14 -17.58
CA HIS AB 120 57.62 80.80 -18.14
C HIS AB 120 56.46 79.94 -17.65
N THR AB 121 55.77 80.31 -16.58
CA THR AB 121 54.73 79.48 -15.99
C THR AB 121 53.39 80.20 -16.02
N VAL AB 122 52.34 79.45 -15.68
CA VAL AB 122 51.05 80.10 -15.44
C VAL AB 122 51.18 80.99 -14.22
N PRO AB 123 50.52 82.17 -14.18
CA PRO AB 123 50.67 83.05 -13.01
C PRO AB 123 50.15 82.44 -11.74
N CYS AB 124 49.21 81.52 -11.85
CA CYS AB 124 48.63 80.87 -10.70
C CYS AB 124 48.13 79.51 -11.15
N LYS AB 125 47.66 78.74 -10.18
CA LYS AB 125 47.08 77.44 -10.49
C LYS AB 125 45.75 77.62 -11.20
N VAL AB 126 45.73 77.41 -12.51
CA VAL AB 126 44.59 77.73 -13.36
C VAL AB 126 44.00 76.43 -13.92
N THR AB 127 42.68 76.33 -13.91
CA THR AB 127 41.97 75.10 -14.24
C THR AB 127 40.85 75.39 -15.23
N GLY AB 128 40.77 74.57 -16.29
CA GLY AB 128 39.74 74.72 -17.29
C GLY AB 128 38.76 73.56 -17.29
N ARG AB 129 37.57 73.78 -17.86
CA ARG AB 129 36.51 72.79 -17.83
C ARG AB 129 35.80 72.74 -19.18
N CYS AB 130 35.46 71.52 -19.60
CA CYS AB 130 34.59 71.32 -20.76
C CYS AB 130 34.01 69.92 -20.67
N GLY AB 131 32.69 69.81 -20.65
CA GLY AB 131 32.07 68.51 -20.46
C GLY AB 131 32.40 67.98 -19.09
N SER AB 132 33.02 66.80 -19.05
CA SER AB 132 33.44 66.17 -17.80
C SER AB 132 34.95 66.09 -17.68
N VAL AB 133 35.67 66.96 -18.37
CA VAL AB 133 37.13 66.91 -18.44
C VAL AB 133 37.71 68.03 -17.58
N LEU AB 134 38.44 67.65 -16.54
CA LEU AB 134 39.14 68.58 -15.66
C LEU AB 134 40.60 68.64 -16.06
N VAL AB 135 41.10 69.83 -16.35
CA VAL AB 135 42.52 70.05 -16.62
C VAL AB 135 42.98 71.25 -15.81
N ARG AB 136 44.00 71.03 -14.97
CA ARG AB 136 44.57 72.05 -14.11
C ARG AB 136 46.00 72.34 -14.58
N LEU AB 137 46.44 73.59 -14.39
CA LEU AB 137 47.78 74.01 -14.79
C LEU AB 137 48.50 74.59 -13.57
N ILE AB 138 49.66 74.03 -13.25
CA ILE AB 138 50.40 74.38 -12.05
C ILE AB 138 51.75 74.96 -12.47
N PRO AB 139 52.18 76.07 -11.89
CA PRO AB 139 53.51 76.61 -12.22
C PRO AB 139 54.62 75.62 -11.94
N ALA AB 140 55.65 75.64 -12.79
CA ALA AB 140 56.76 74.73 -12.68
C ALA AB 140 58.08 75.51 -12.67
N PRO AB 141 59.13 74.96 -12.06
CA PRO AB 141 60.45 75.60 -12.16
C PRO AB 141 60.97 75.58 -13.60
N ARG AB 142 61.86 76.51 -13.87
CA ARG AB 142 62.37 76.71 -15.23
C ARG AB 142 63.13 75.49 -15.72
N GLY AB 143 63.04 75.24 -17.03
CA GLY AB 143 63.73 74.14 -17.64
C GLY AB 143 63.04 72.80 -17.53
N THR AB 144 61.90 72.73 -16.84
CA THR AB 144 61.20 71.46 -16.68
C THR AB 144 60.45 71.05 -17.93
N GLY AB 145 60.16 71.98 -18.84
CA GLY AB 145 59.30 71.69 -19.96
C GLY AB 145 57.85 71.66 -19.56
N ILE AB 146 57.03 71.10 -20.45
CA ILE AB 146 55.60 70.94 -20.21
C ILE AB 146 55.33 69.46 -19.99
N VAL AB 147 54.55 69.15 -18.95
CA VAL AB 147 54.31 67.77 -18.53
C VAL AB 147 52.81 67.56 -18.54
N SER AB 148 52.30 66.93 -19.60
CA SER AB 148 50.89 66.59 -19.71
C SER AB 148 50.70 65.60 -20.84
N ALA AB 149 49.44 65.35 -21.18
CA ALA AB 149 49.05 64.46 -22.25
C ALA AB 149 49.41 65.09 -23.60
N PRO AB 150 49.44 64.28 -24.67
CA PRO AB 150 49.75 64.86 -26.00
C PRO AB 150 48.84 66.01 -26.41
N VAL AB 151 47.55 65.95 -26.12
CA VAL AB 151 46.62 66.98 -26.56
C VAL AB 151 46.87 68.32 -25.85
N PRO AB 152 46.88 68.39 -24.50
CA PRO AB 152 47.21 69.69 -23.89
C PRO AB 152 48.64 70.13 -24.14
N LYS AB 153 49.55 69.20 -24.40
CA LYS AB 153 50.93 69.57 -24.65
C LYS AB 153 51.05 70.41 -25.92
N LYS AB 154 50.49 69.93 -27.02
CA LYS AB 154 50.59 70.66 -28.28
C LYS AB 154 49.77 71.95 -28.25
N LEU AB 155 48.76 72.01 -27.38
CA LEU AB 155 48.07 73.28 -27.19
C LEU AB 155 48.90 74.25 -26.36
N LEU AB 156 49.61 73.72 -25.35
CA LEU AB 156 50.37 74.60 -24.45
C LEU AB 156 51.64 75.10 -25.09
N MET AB 157 52.34 74.24 -25.85
CA MET AB 157 53.56 74.69 -26.51
C MET AB 157 53.23 75.69 -27.62
N MET AB 158 52.07 75.54 -28.28
CA MET AB 158 51.59 76.58 -29.16
C MET AB 158 51.16 77.83 -28.40
N ALA AB 159 50.66 77.67 -27.16
CA ALA AB 159 50.25 78.83 -26.38
C ALA AB 159 51.43 79.70 -26.01
N GLY AB 160 52.50 79.09 -25.52
CA GLY AB 160 53.70 79.84 -25.18
C GLY AB 160 54.19 79.63 -23.76
N ILE AB 161 53.64 78.65 -23.07
CA ILE AB 161 54.10 78.32 -21.72
C ILE AB 161 55.37 77.48 -21.83
N ASP AB 162 56.43 77.92 -21.15
CA ASP AB 162 57.70 77.24 -21.19
C ASP AB 162 57.80 76.12 -20.15
N ASP AB 163 57.28 76.36 -18.94
CA ASP AB 163 57.28 75.36 -17.89
C ASP AB 163 55.96 75.43 -17.14
N CYS AB 164 55.34 74.28 -16.91
CA CYS AB 164 54.06 74.20 -16.22
C CYS AB 164 53.76 72.75 -15.86
N TYR AB 165 53.17 72.55 -14.69
CA TYR AB 165 52.69 71.23 -14.30
C TYR AB 165 51.20 71.12 -14.62
N THR AB 166 50.79 69.91 -15.01
CA THR AB 166 49.43 69.71 -15.49
C THR AB 166 48.92 68.33 -15.09
N SER AB 167 47.66 68.27 -14.68
CA SER AB 167 46.98 67.02 -14.37
C SER AB 167 45.62 67.03 -15.04
N ALA AB 168 45.16 65.85 -15.46
CA ALA AB 168 43.88 65.72 -16.13
C ALA AB 168 43.02 64.67 -15.44
N ARG AB 169 41.72 64.96 -15.35
CA ARG AB 169 40.74 64.02 -14.82
C ARG AB 169 39.49 64.14 -15.67
N GLY AB 170 38.94 62.99 -16.07
CA GLY AB 170 37.72 62.91 -16.85
C GLY AB 170 37.90 61.95 -17.99
N CYS AB 171 37.00 62.03 -18.97
CA CYS AB 171 37.08 61.22 -20.18
C CYS AB 171 38.10 61.86 -21.11
N THR AB 172 39.37 61.57 -20.85
CA THR AB 172 40.46 62.11 -21.64
C THR AB 172 40.46 61.60 -23.07
N ALA AB 173 39.72 60.53 -23.36
CA ALA AB 173 39.61 59.97 -24.71
C ALA AB 173 38.55 60.67 -25.55
N THR AB 174 38.25 61.93 -25.23
CA THR AB 174 37.21 62.72 -25.89
C THR AB 174 37.82 64.01 -26.40
N LEU AB 175 38.89 63.90 -27.18
CA LEU AB 175 39.80 64.98 -27.55
C LEU AB 175 39.13 66.30 -27.91
N GLY AB 176 37.90 66.24 -28.42
CA GLY AB 176 37.14 67.45 -28.62
C GLY AB 176 36.88 68.17 -27.31
N ASN AB 177 36.42 67.44 -26.29
CA ASN AB 177 36.25 68.05 -24.98
C ASN AB 177 37.58 68.24 -24.27
N PHE AB 178 38.56 67.39 -24.58
CA PHE AB 178 39.88 67.50 -23.96
C PHE AB 178 40.55 68.82 -24.35
N ALA AB 179 40.57 69.12 -25.66
CA ALA AB 179 41.20 70.35 -26.12
C ALA AB 179 40.45 71.59 -25.62
N LYS AB 180 39.12 71.55 -25.63
CA LYS AB 180 38.34 72.70 -25.19
C LYS AB 180 38.50 72.95 -23.71
N ALA AB 181 38.65 71.89 -22.91
CA ALA AB 181 38.85 72.06 -21.47
C ALA AB 181 40.20 72.70 -21.19
N THR AB 182 41.24 72.30 -21.92
CA THR AB 182 42.54 72.90 -21.75
C THR AB 182 42.54 74.35 -22.22
N PHE AB 183 41.82 74.63 -23.32
CA PHE AB 183 41.75 75.99 -23.84
C PHE AB 183 41.06 76.92 -22.86
N ASP AB 184 40.01 76.44 -22.18
CA ASP AB 184 39.34 77.27 -21.19
C ASP AB 184 40.31 77.67 -20.08
N ALA AB 185 41.18 76.76 -19.67
CA ALA AB 185 42.24 77.11 -18.74
C ALA AB 185 43.20 78.13 -19.34
N ILE AB 186 43.54 77.96 -20.62
CA ILE AB 186 44.47 78.87 -21.29
C ILE AB 186 43.88 80.27 -21.38
N SER AB 187 42.59 80.36 -21.71
CA SER AB 187 41.97 81.67 -21.88
C SER AB 187 41.81 82.41 -20.56
N LYS AB 188 41.41 81.70 -19.50
CA LYS AB 188 41.14 82.39 -18.24
C LYS AB 188 42.41 82.71 -17.45
N THR AB 189 43.59 82.65 -18.06
CA THR AB 189 44.81 83.04 -17.35
C THR AB 189 44.75 84.50 -16.93
N TYR AB 190 44.22 85.36 -17.81
CA TYR AB 190 44.17 86.77 -17.49
C TYR AB 190 43.04 87.07 -16.49
N SER AB 191 41.93 86.34 -16.59
CA SER AB 191 40.76 86.64 -15.77
C SER AB 191 41.04 86.45 -14.28
N TYR AB 192 42.05 85.67 -13.94
CA TYR AB 192 42.46 85.56 -12.55
C TYR AB 192 43.30 86.77 -12.16
N LEU AB 193 43.08 87.26 -10.94
CA LEU AB 193 43.71 88.48 -10.46
C LEU AB 193 45.06 88.18 -9.81
N THR AB 194 46.00 89.09 -10.02
CA THR AB 194 47.32 89.01 -9.39
C THR AB 194 47.64 90.36 -8.76
N PRO AB 195 48.18 90.37 -7.54
CA PRO AB 195 48.37 91.64 -6.82
C PRO AB 195 49.26 92.65 -7.50
N ASP AB 196 50.11 92.23 -8.45
CA ASP AB 196 50.86 93.23 -9.21
C ASP AB 196 49.94 94.09 -10.08
N LEU AB 197 48.73 93.61 -10.35
CA LEU AB 197 47.73 94.38 -11.08
C LEU AB 197 46.79 95.15 -10.16
N TRP AB 198 47.09 95.22 -8.86
CA TRP AB 198 46.29 96.00 -7.94
C TRP AB 198 46.36 97.49 -8.23
N LYS AB 199 47.34 97.92 -9.02
CA LYS AB 199 47.45 99.32 -9.42
C LYS AB 199 46.18 99.78 -10.13
N GLU AB 200 45.74 100.99 -9.79
CA GLU AB 200 44.54 101.55 -10.41
C GLU AB 200 44.73 101.67 -11.92
N THR AB 201 43.74 101.20 -12.66
CA THR AB 201 43.83 101.19 -14.12
C THR AB 201 43.45 102.54 -14.69
N VAL AB 202 44.20 102.97 -15.70
CA VAL AB 202 43.91 104.20 -16.43
C VAL AB 202 43.10 103.82 -17.67
N PHE AB 203 42.04 104.58 -17.93
CA PHE AB 203 41.16 104.32 -19.07
C PHE AB 203 41.70 105.07 -20.28
N THR AB 204 42.35 104.34 -21.19
CA THR AB 204 42.85 104.95 -22.41
C THR AB 204 41.69 105.24 -23.37
N LYS AB 205 41.99 105.98 -24.43
CA LYS AB 205 40.97 106.32 -25.41
C LYS AB 205 40.51 105.06 -26.15
N SER AB 206 39.19 104.90 -26.26
CA SER AB 206 38.65 103.77 -26.99
C SER AB 206 38.97 103.90 -28.47
N PRO AB 207 39.30 102.79 -29.14
CA PRO AB 207 39.68 102.87 -30.57
C PRO AB 207 38.59 103.46 -31.44
N TYR AB 208 37.32 103.20 -31.12
CA TYR AB 208 36.23 103.78 -31.89
C TYR AB 208 36.15 105.28 -31.66
N GLN AB 209 36.26 105.72 -30.40
CA GLN AB 209 36.25 107.14 -30.11
C GLN AB 209 37.59 107.80 -30.41
N GLU AB 210 38.63 107.03 -30.70
CA GLU AB 210 39.92 107.57 -31.10
C GLU AB 210 39.96 107.86 -32.60
N PHE AB 211 39.35 107.00 -33.41
CA PHE AB 211 39.33 107.15 -34.87
C PHE AB 211 37.91 107.31 -35.37
N THR AB 212 37.09 108.04 -34.60
CA THR AB 212 35.70 108.26 -35.01
C THR AB 212 35.62 109.12 -36.26
N ASP AB 213 36.55 110.07 -36.42
CA ASP AB 213 36.55 110.88 -37.63
C ASP AB 213 36.97 110.06 -38.84
N HIS AB 214 37.86 109.07 -38.64
CA HIS AB 214 38.28 108.24 -39.76
C HIS AB 214 37.20 107.25 -40.17
N LEU AB 215 36.39 106.81 -39.21
CA LEU AB 215 35.32 105.88 -39.51
C LEU AB 215 34.32 106.50 -40.47
N VAL AB 216 34.02 107.78 -40.29
CA VAL AB 216 33.06 108.46 -41.16
C VAL AB 216 33.70 108.96 -42.45
N LYS AB 217 35.02 109.11 -42.51
CA LYS AB 217 35.62 109.60 -43.73
C LYS AB 217 36.11 108.50 -44.66
N THR AB 218 36.01 107.23 -44.26
CA THR AB 218 36.45 106.13 -45.10
C THR AB 218 35.47 104.96 -45.18
N HIS AB 219 34.58 104.79 -44.20
CA HIS AB 219 33.69 103.64 -44.15
C HIS AB 219 32.23 104.00 -44.40
N THR AB 220 31.78 105.15 -43.89
CA THR AB 220 30.38 105.57 -44.02
C THR AB 220 30.34 106.92 -44.73
N ARG AB 221 30.11 106.91 -46.03
CA ARG AB 221 29.91 105.69 -46.82
C ARG AB 221 31.01 105.54 -47.86
N VAL AB 222 31.18 106.59 -48.67
CA VAL AB 222 32.17 106.71 -49.76
C VAL AB 222 32.44 105.39 -50.49
N MET BB 1 19.55 58.91 -108.68
CA MET BB 1 18.24 59.23 -109.26
C MET BB 1 17.42 57.96 -109.32
N ALA BB 2 18.08 56.85 -109.68
CA ALA BB 2 17.39 55.56 -109.81
C ALA BB 2 16.85 55.09 -108.48
N VAL BB 3 17.65 55.17 -107.42
CA VAL BB 3 17.25 54.78 -106.08
C VAL BB 3 17.28 56.02 -105.23
N GLN BB 4 16.10 56.44 -104.76
CA GLN BB 4 15.97 57.60 -103.89
C GLN BB 4 15.31 57.16 -102.59
N ILE BB 5 15.70 57.83 -101.51
CA ILE BB 5 15.32 57.45 -100.16
C ILE BB 5 14.24 58.40 -99.65
N SER BB 6 13.20 57.84 -99.03
CA SER BB 6 12.09 58.64 -98.53
C SER BB 6 12.56 59.61 -97.44
N LYS BB 7 11.69 60.59 -97.15
CA LYS BB 7 12.07 61.68 -96.27
C LYS BB 7 12.33 61.21 -94.84
N LYS BB 8 11.43 60.38 -94.31
CA LYS BB 8 11.60 59.89 -92.95
C LYS BB 8 12.85 59.01 -92.83
N ARG BB 9 13.09 58.17 -93.84
CA ARG BB 9 14.28 57.33 -93.83
C ARG BB 9 15.55 58.15 -93.97
N LYS BB 10 15.53 59.17 -94.84
CA LYS BB 10 16.71 60.00 -95.05
C LYS BB 10 17.07 60.78 -93.79
N PHE BB 11 16.07 61.35 -93.10
CA PHE BB 11 16.34 62.08 -91.86
C PHE BB 11 16.87 61.14 -90.79
N VAL BB 12 16.35 59.91 -90.73
CA VAL BB 12 16.88 58.91 -89.82
C VAL BB 12 18.32 58.58 -90.16
N ALA BB 13 18.61 58.40 -91.46
CA ALA BB 13 19.96 58.07 -91.89
C ALA BB 13 20.93 59.20 -91.60
N ASP BB 14 20.47 60.44 -91.72
CA ASP BB 14 21.32 61.58 -91.37
C ASP BB 14 21.62 61.61 -89.87
N GLY BB 15 20.63 61.26 -89.04
CA GLY BB 15 20.86 61.19 -87.62
C GLY BB 15 21.85 60.11 -87.22
N ILE BB 16 21.76 58.95 -87.88
CA ILE BB 16 22.72 57.88 -87.63
C ILE BB 16 24.12 58.30 -88.06
N PHE BB 17 24.22 59.05 -89.15
CA PHE BB 17 25.51 59.55 -89.60
C PHE BB 17 26.13 60.50 -88.58
N LYS BB 18 25.32 61.38 -87.99
CA LYS BB 18 25.81 62.28 -86.96
C LYS BB 18 26.23 61.50 -85.71
N ALA BB 19 25.45 60.47 -85.35
CA ALA BB 19 25.79 59.66 -84.19
C ALA BB 19 27.12 58.94 -84.38
N GLU BB 20 27.36 58.42 -85.58
CA GLU BB 20 28.63 57.73 -85.84
C GLU BB 20 29.80 58.70 -85.81
N LEU BB 21 29.64 59.88 -86.39
CA LEU BB 21 30.71 60.87 -86.37
C LEU BB 21 31.03 61.29 -84.94
N ASN BB 22 30.00 61.47 -84.11
CA ASN BB 22 30.22 61.81 -82.70
C ASN BB 22 30.96 60.69 -81.98
N GLU BB 23 30.55 59.44 -82.19
CA GLU BB 23 31.14 58.33 -81.45
C GLU BB 23 32.55 58.03 -81.94
N PHE BB 24 32.78 58.07 -83.25
CA PHE BB 24 34.11 57.79 -83.78
C PHE BB 24 35.12 58.86 -83.37
N LEU BB 25 34.73 60.13 -83.46
CA LEU BB 25 35.65 61.20 -83.08
C LEU BB 25 35.88 61.22 -81.57
N THR BB 26 34.88 60.82 -80.78
CA THR BB 26 35.08 60.66 -79.35
C THR BB 26 36.08 59.57 -79.05
N ARG BB 27 35.98 58.43 -79.76
CA ARG BB 27 36.90 57.33 -79.52
C ARG BB 27 38.31 57.64 -79.99
N GLU BB 28 38.45 58.52 -80.98
CA GLU BB 28 39.76 58.86 -81.54
C GLU BB 28 40.37 60.08 -80.86
N LEU BB 29 39.63 61.20 -80.86
CA LEU BB 29 40.12 62.46 -80.33
C LEU BB 29 39.77 62.67 -78.86
N ALA BB 30 39.70 61.57 -78.08
CA ALA BB 30 39.41 61.70 -76.67
C ALA BB 30 40.48 62.51 -75.95
N GLU BB 31 41.76 62.18 -76.20
CA GLU BB 31 42.85 62.87 -75.52
C GLU BB 31 43.06 64.29 -76.02
N ASP BB 32 42.43 64.67 -77.13
CA ASP BB 32 42.50 66.03 -77.64
C ASP BB 32 41.34 66.91 -77.19
N GLY BB 33 40.41 66.37 -76.40
CA GLY BB 33 39.23 67.12 -76.01
C GLY BB 33 38.33 67.41 -77.18
N TYR BB 34 37.70 66.37 -77.71
CA TYR BB 34 36.93 66.49 -78.95
C TYR BB 34 35.74 67.45 -78.77
N SER BB 35 35.04 67.35 -77.64
CA SER BB 35 34.10 68.38 -77.19
C SER BB 35 32.91 68.62 -78.10
N GLY BB 36 32.73 67.80 -79.14
CA GLY BB 36 31.58 67.96 -80.01
C GLY BB 36 31.91 68.20 -81.47
N VAL BB 37 30.92 67.98 -82.34
CA VAL BB 37 31.09 68.17 -83.78
C VAL BB 37 29.85 68.87 -84.32
N GLU BB 38 30.00 69.46 -85.50
CA GLU BB 38 28.88 70.08 -86.21
C GLU BB 38 29.09 69.92 -87.70
N VAL BB 39 27.98 69.94 -88.44
CA VAL BB 39 28.00 69.71 -89.88
C VAL BB 39 27.33 70.88 -90.59
N ARG BB 40 28.04 71.49 -91.53
CA ARG BB 40 27.44 72.46 -92.45
C ARG BB 40 27.14 71.77 -93.77
N VAL BB 41 26.16 70.87 -93.71
CA VAL BB 41 25.87 69.99 -94.83
C VAL BB 41 25.13 70.76 -95.92
N THR BB 42 25.51 70.53 -97.16
CA THR BB 42 24.89 71.14 -98.33
C THR BB 42 24.70 70.06 -99.39
N PRO BB 43 23.64 70.13 -100.20
CA PRO BB 43 23.47 69.15 -101.28
C PRO BB 43 24.64 69.08 -102.25
N THR BB 44 25.40 70.15 -102.47
CA THR BB 44 26.57 70.02 -103.33
C THR BB 44 27.79 69.54 -102.55
N ARG BB 45 28.23 70.28 -101.54
CA ARG BB 45 29.40 69.88 -100.75
C ARG BB 45 29.17 69.99 -99.26
N THR BB 46 29.60 68.95 -98.54
CA THR BB 46 29.43 68.83 -97.10
C THR BB 46 30.78 69.01 -96.41
N GLU BB 47 30.76 69.60 -95.22
CA GLU BB 47 31.96 69.80 -94.42
C GLU BB 47 31.72 69.34 -93.00
N ILE BB 48 32.77 68.79 -92.38
CA ILE BB 48 32.72 68.31 -91.00
C ILE BB 48 33.57 69.26 -90.15
N ILE BB 49 32.94 69.87 -89.15
CA ILE BB 49 33.59 70.87 -88.31
C ILE BB 49 33.65 70.34 -86.89
N ILE BB 50 34.85 70.07 -86.41
CA ILE BB 50 35.07 69.57 -85.06
C ILE BB 50 35.33 70.75 -84.13
N LEU BB 51 34.92 70.59 -82.87
CA LEU BB 51 35.08 71.61 -81.84
C LEU BB 51 36.14 71.21 -80.82
N ALA BB 52 37.25 70.65 -81.30
CA ALA BB 52 38.30 70.15 -80.43
C ALA BB 52 38.94 71.30 -79.63
N THR BB 53 39.36 70.97 -78.41
CA THR BB 53 39.97 71.97 -77.54
C THR BB 53 41.33 72.41 -78.07
N ARG BB 54 42.26 71.48 -78.19
CA ARG BB 54 43.60 71.76 -78.72
C ARG BB 54 43.63 71.32 -80.17
N THR BB 55 43.57 72.30 -81.09
CA THR BB 55 43.61 71.98 -82.51
C THR BB 55 44.98 71.54 -82.97
N GLN BB 56 46.02 71.78 -82.16
CA GLN BB 56 47.37 71.36 -82.54
C GLN BB 56 47.50 69.84 -82.55
N ASN BB 57 46.73 69.14 -81.72
CA ASN BB 57 46.80 67.69 -81.69
C ASN BB 57 46.09 67.07 -82.89
N VAL BB 58 44.91 67.60 -83.24
CA VAL BB 58 44.18 67.08 -84.39
C VAL BB 58 44.81 67.54 -85.70
N LEU BB 59 45.62 68.59 -85.66
CA LEU BB 59 46.38 69.05 -86.82
C LEU BB 59 47.85 68.67 -86.57
N GLY BB 60 48.22 67.46 -86.97
CA GLY BB 60 49.55 66.95 -86.69
C GLY BB 60 50.62 67.52 -87.60
N GLU BB 61 51.55 66.68 -88.05
CA GLU BB 61 52.64 67.14 -88.90
C GLU BB 61 52.08 67.56 -90.26
N LYS BB 62 52.02 68.87 -90.49
CA LYS BB 62 51.50 69.45 -91.74
C LYS BB 62 50.09 68.95 -92.04
N GLY BB 63 49.26 68.86 -91.00
CA GLY BB 63 47.92 68.35 -91.16
C GLY BB 63 47.83 66.89 -91.53
N ARG BB 64 48.70 66.05 -90.94
CA ARG BB 64 48.64 64.62 -91.23
C ARG BB 64 47.41 63.97 -90.61
N ARG BB 65 47.09 64.35 -89.37
CA ARG BB 65 45.96 63.73 -88.68
C ARG BB 65 44.63 64.07 -89.33
N ILE BB 66 44.46 65.33 -89.73
CA ILE BB 66 43.20 65.73 -90.38
C ILE BB 66 43.10 65.09 -91.76
N ARG BB 67 44.23 64.91 -92.45
CA ARG BB 67 44.21 64.22 -93.73
C ARG BB 67 43.81 62.76 -93.57
N GLU BB 68 44.26 62.12 -92.49
CA GLU BB 68 43.84 60.75 -92.20
C GLU BB 68 42.35 60.67 -91.94
N LEU BB 69 41.81 61.62 -91.18
CA LEU BB 69 40.39 61.58 -90.82
C LEU BB 69 39.51 61.88 -92.02
N THR BB 70 39.90 62.82 -92.87
CA THR BB 70 39.16 63.08 -94.11
C THR BB 70 39.15 61.84 -94.99
N ALA BB 71 40.28 61.16 -95.09
CA ALA BB 71 40.37 59.94 -95.88
C ALA BB 71 39.50 58.84 -95.31
N VAL BB 72 39.42 58.75 -93.98
CA VAL BB 72 38.61 57.72 -93.34
C VAL BB 72 37.12 57.97 -93.61
N VAL BB 73 36.67 59.21 -93.44
CA VAL BB 73 35.25 59.52 -93.61
C VAL BB 73 34.82 59.32 -95.04
N GLN BB 74 35.65 59.73 -96.00
CA GLN BB 74 35.36 59.49 -97.41
C GLN BB 74 35.30 57.99 -97.69
N LYS BB 75 36.24 57.22 -97.13
CA LYS BB 75 36.26 55.79 -97.37
C LYS BB 75 35.11 55.08 -96.68
N ARG BB 76 34.61 55.63 -95.57
CA ARG BB 76 33.58 54.96 -94.78
C ARG BB 76 32.16 55.39 -95.19
N PHE BB 77 31.85 56.68 -95.07
CA PHE BB 77 30.46 57.13 -95.14
C PHE BB 77 29.99 57.40 -96.57
N GLY BB 78 30.24 56.45 -97.47
CA GLY BB 78 29.73 56.50 -98.83
C GLY BB 78 30.03 57.78 -99.59
N PHE BB 79 31.20 58.36 -99.36
CA PHE BB 79 31.37 59.66 -99.99
C PHE BB 79 32.38 59.59 -101.14
N PRO BB 80 32.14 60.35 -102.21
CA PRO BB 80 33.07 60.33 -103.33
C PRO BB 80 34.42 60.96 -102.97
N GLU BB 81 35.38 60.80 -103.88
CA GLU BB 81 36.70 61.38 -103.67
C GLU BB 81 36.65 62.89 -103.86
N GLY BB 82 37.31 63.62 -102.96
CA GLY BB 82 37.26 65.06 -102.97
C GLY BB 82 35.99 65.65 -102.42
N SER BB 83 35.09 64.82 -101.88
CA SER BB 83 33.78 65.32 -101.46
C SER BB 83 33.86 65.93 -100.06
N VAL BB 84 34.17 65.12 -99.06
CA VAL BB 84 34.08 65.53 -97.66
C VAL BB 84 35.42 66.09 -97.22
N GLU BB 85 35.36 67.18 -96.45
CA GLU BB 85 36.54 67.82 -95.91
C GLU BB 85 36.27 68.21 -94.46
N LEU BB 86 37.25 67.97 -93.60
CA LEU BB 86 37.10 68.17 -92.15
C LEU BB 86 37.65 69.54 -91.76
N TYR BB 87 36.87 70.26 -90.97
CA TYR BB 87 37.30 71.52 -90.38
C TYR BB 87 37.60 71.31 -88.90
N ALA BB 88 38.48 72.14 -88.36
CA ALA BB 88 38.82 72.11 -86.94
C ALA BB 88 38.67 73.52 -86.39
N GLU BB 89 37.98 73.63 -85.25
CA GLU BB 89 37.79 74.92 -84.60
C GLU BB 89 38.05 74.78 -83.10
N LYS BB 90 38.84 75.69 -82.56
CA LYS BB 90 39.06 75.72 -81.12
C LYS BB 90 37.78 76.16 -80.40
N VAL BB 91 37.48 75.51 -79.30
CA VAL BB 91 36.29 75.82 -78.53
C VAL BB 91 36.58 77.02 -77.63
N ALA BB 92 35.55 77.82 -77.36
CA ALA BB 92 35.66 78.96 -76.49
C ALA BB 92 35.15 78.60 -75.10
N THR BB 93 35.87 79.06 -74.07
CA THR BB 93 35.55 78.76 -72.67
C THR BB 93 35.46 77.26 -72.45
N ARG BB 94 36.62 76.61 -72.60
CA ARG BB 94 36.71 75.15 -72.40
C ARG BB 94 36.25 74.75 -71.01
N GLY BB 95 36.38 75.64 -70.03
CA GLY BB 95 35.85 75.40 -68.70
C GLY BB 95 34.33 75.31 -68.65
N LEU BB 96 33.65 75.72 -69.72
CA LEU BB 96 32.20 75.54 -69.83
C LEU BB 96 31.83 74.21 -70.49
N CYS BB 97 32.69 73.66 -71.33
CA CYS BB 97 32.37 72.44 -72.06
C CYS BB 97 32.37 71.25 -71.11
N ALA BB 98 31.19 70.65 -70.92
CA ALA BB 98 31.07 69.50 -70.03
C ALA BB 98 31.90 68.32 -70.54
N ILE BB 99 31.84 68.05 -71.85
CA ILE BB 99 32.55 66.92 -72.42
C ILE BB 99 34.05 67.10 -72.28
N ALA BB 100 34.55 68.30 -72.58
CA ALA BB 100 35.98 68.57 -72.44
C ALA BB 100 36.42 68.47 -70.99
N GLN BB 101 35.62 69.01 -70.06
CA GLN BB 101 35.98 68.97 -68.65
C GLN BB 101 35.87 67.56 -68.09
N ALA BB 102 34.80 66.82 -68.45
CA ALA BB 102 34.66 65.44 -68.00
C ALA BB 102 35.79 64.58 -68.54
N GLU BB 103 36.21 64.84 -69.78
CA GLU BB 103 37.40 64.18 -70.30
C GLU BB 103 38.64 64.60 -69.50
N SER BB 104 38.67 65.85 -69.04
CA SER BB 104 39.80 66.31 -68.24
C SER BB 104 39.88 65.58 -66.91
N LEU BB 105 38.72 65.33 -66.27
CA LEU BB 105 38.72 64.54 -65.04
C LEU BB 105 39.22 63.12 -65.30
N ARG BB 106 38.70 62.47 -66.34
CA ARG BB 106 39.08 61.09 -66.61
C ARG BB 106 40.52 60.99 -67.10
N TYR BB 107 41.03 62.06 -67.72
CA TYR BB 107 42.46 62.12 -68.03
C TYR BB 107 43.27 62.22 -66.76
N LYS BB 108 42.81 63.00 -65.79
CA LYS BB 108 43.49 63.10 -64.51
C LYS BB 108 43.43 61.79 -63.74
N LEU BB 109 42.27 61.12 -63.76
CA LEU BB 109 42.14 59.86 -63.02
C LEU BB 109 42.99 58.76 -63.64
N LEU BB 110 43.18 58.80 -64.96
CA LEU BB 110 44.10 57.87 -65.61
C LEU BB 110 45.54 58.13 -65.17
N GLY BB 111 45.89 59.41 -64.96
CA GLY BB 111 47.23 59.73 -64.51
C GLY BB 111 47.53 59.22 -63.12
N GLY BB 112 46.58 59.36 -62.19
CA GLY BB 112 46.75 58.84 -60.85
C GLY BB 112 46.52 59.84 -59.74
N LEU BB 113 45.88 60.96 -60.05
CA LEU BB 113 45.56 61.95 -59.03
C LEU BB 113 44.47 61.43 -58.09
N ALA BB 114 44.53 61.88 -56.83
CA ALA BB 114 43.50 61.52 -55.87
C ALA BB 114 42.15 62.07 -56.30
N VAL BB 115 41.11 61.24 -56.15
CA VAL BB 115 39.83 61.53 -56.80
C VAL BB 115 39.20 62.81 -56.21
N ARG BB 116 39.35 63.02 -54.91
CA ARG BB 116 38.79 64.23 -54.31
C ARG BB 116 39.48 65.47 -54.87
N ARG BB 117 40.82 65.52 -54.76
CA ARG BB 117 41.56 66.69 -55.21
C ARG BB 117 41.45 66.88 -56.71
N ALA BB 118 41.40 65.79 -57.48
CA ALA BB 118 41.26 65.91 -58.93
C ALA BB 118 39.91 66.52 -59.31
N CYS BB 119 38.84 66.11 -58.64
CA CYS BB 119 37.53 66.71 -58.91
C CYS BB 119 37.51 68.17 -58.46
N TYR BB 120 37.93 68.44 -57.22
CA TYR BB 120 37.92 69.81 -56.70
C TYR BB 120 38.71 70.76 -57.60
N GLY BB 121 39.77 70.25 -58.23
CA GLY BB 121 40.46 71.04 -59.24
C GLY BB 121 39.58 71.32 -60.45
N VAL BB 122 38.80 70.32 -60.89
CA VAL BB 122 37.97 70.52 -62.06
C VAL BB 122 36.81 71.44 -61.75
N LEU BB 123 36.29 71.41 -60.52
CA LEU BB 123 35.38 72.47 -60.12
C LEU BB 123 36.09 73.81 -60.21
N ARG BB 124 37.24 73.92 -59.54
CA ARG BB 124 37.96 75.19 -59.49
C ARG BB 124 38.26 75.73 -60.89
N PHE BB 125 38.58 74.84 -61.83
CA PHE BB 125 38.73 75.25 -63.22
C PHE BB 125 37.40 75.71 -63.80
N ILE BB 126 36.31 75.04 -63.43
CA ILE BB 126 35.03 75.30 -64.07
C ILE BB 126 34.39 76.60 -63.56
N MET BB 127 34.29 76.81 -62.23
CA MET BB 127 33.63 78.09 -61.90
C MET BB 127 34.56 79.28 -62.03
N GLU BB 128 35.85 79.05 -62.24
CA GLU BB 128 36.69 80.17 -62.65
C GLU BB 128 36.39 80.59 -64.08
N SER BB 129 36.02 79.63 -64.94
CA SER BB 129 35.64 79.97 -66.29
C SER BB 129 34.36 80.80 -66.31
N GLY BB 130 33.41 80.47 -65.43
CA GLY BB 130 32.19 81.25 -65.30
C GLY BB 130 30.94 80.48 -65.62
N ALA BB 131 30.12 80.24 -64.60
CA ALA BB 131 28.84 79.55 -64.74
C ALA BB 131 28.06 79.73 -63.44
N LYS BB 132 26.78 79.40 -63.49
CA LYS BB 132 25.93 79.48 -62.32
C LYS BB 132 26.02 78.25 -61.43
N GLY BB 133 26.68 77.18 -61.88
CA GLY BB 133 26.84 76.01 -61.06
C GLY BB 133 27.30 74.75 -61.78
N CYS BB 134 28.15 73.97 -61.11
CA CYS BB 134 28.68 72.74 -61.68
C CYS BB 134 28.47 71.59 -60.69
N GLU BB 135 28.43 70.38 -61.24
CA GLU BB 135 28.23 69.18 -60.42
C GLU BB 135 29.00 68.02 -61.02
N VAL BB 136 29.81 67.34 -60.21
CA VAL BB 136 30.53 66.15 -60.63
C VAL BB 136 30.04 64.98 -59.78
N VAL BB 137 29.96 63.81 -60.41
CA VAL BB 137 29.53 62.58 -59.76
C VAL BB 137 30.57 61.51 -60.05
N VAL BB 138 31.14 60.94 -58.99
CA VAL BB 138 32.12 59.86 -59.10
C VAL BB 138 31.46 58.58 -58.62
N SER BB 139 31.31 57.62 -59.51
CA SER BB 139 30.70 56.32 -59.20
C SER BB 139 31.70 55.22 -59.50
N GLY BB 140 31.95 54.37 -58.52
CA GLY BB 140 32.95 53.33 -58.63
C GLY BB 140 33.63 53.04 -57.30
N LYS BB 141 34.88 52.60 -57.34
CA LYS BB 141 35.59 52.24 -56.12
C LYS BB 141 37.05 52.67 -56.21
N LEU BB 142 37.63 52.99 -55.06
CA LEU BB 142 39.06 53.23 -54.92
C LEU BB 142 39.69 51.89 -54.51
N ARG BB 143 40.97 51.88 -54.12
CA ARG BB 143 41.61 50.67 -53.65
C ARG BB 143 40.84 50.10 -52.46
N GLY BB 144 40.21 48.96 -52.66
CA GLY BB 144 39.30 48.38 -51.70
C GLY BB 144 38.28 47.52 -52.44
N GLN BB 145 37.17 47.23 -51.74
CA GLN BB 145 36.11 46.41 -52.31
C GLN BB 145 34.79 47.15 -52.41
N ARG BB 146 34.31 47.73 -51.32
CA ARG BB 146 32.98 48.33 -51.31
C ARG BB 146 32.94 49.58 -52.19
N ALA BB 147 31.91 49.69 -53.01
CA ALA BB 147 31.75 50.79 -53.95
C ALA BB 147 30.84 51.85 -53.36
N LYS BB 148 31.15 53.11 -53.65
CA LYS BB 148 30.36 54.23 -53.16
C LYS BB 148 30.43 55.37 -54.16
N SER BB 149 29.51 56.31 -54.02
CA SER BB 149 29.38 57.44 -54.93
C SER BB 149 29.90 58.70 -54.24
N MET BB 150 30.79 59.42 -54.93
CA MET BB 150 31.32 60.69 -54.46
C MET BB 150 30.83 61.80 -55.37
N LYS BB 151 30.26 62.85 -54.77
CA LYS BB 151 29.59 63.91 -55.52
C LYS BB 151 29.99 65.26 -54.97
N PHE BB 152 30.20 66.23 -55.87
CA PHE BB 152 30.50 67.61 -55.50
C PHE BB 152 29.62 68.55 -56.31
N VAL BB 153 28.76 69.29 -55.62
CA VAL BB 153 27.82 70.22 -56.22
C VAL BB 153 28.10 71.61 -55.68
N ASP BB 154 28.21 72.59 -56.57
CA ASP BB 154 28.48 73.97 -56.17
C ASP BB 154 27.80 74.89 -57.17
N GLY BB 155 26.79 75.63 -56.72
CA GLY BB 155 26.14 76.64 -57.52
C GLY BB 155 24.69 76.30 -57.82
N LEU BB 156 24.10 77.07 -58.72
CA LEU BB 156 22.72 76.86 -59.13
C LEU BB 156 22.62 75.60 -59.98
N MET BB 157 21.79 74.66 -59.55
CA MET BB 157 21.59 73.40 -60.27
C MET BB 157 20.10 73.16 -60.48
N ILE BB 158 19.67 73.15 -61.76
CA ILE BB 158 18.31 72.80 -62.13
C ILE BB 158 18.28 71.30 -62.41
N HIS BB 159 17.18 70.66 -62.05
CA HIS BB 159 17.09 69.22 -62.20
C HIS BB 159 15.87 68.84 -63.03
N SER BB 160 14.80 69.62 -62.90
CA SER BB 160 13.51 69.27 -63.48
C SER BB 160 13.10 70.25 -64.56
N GLY BB 161 12.01 69.90 -65.24
CA GLY BB 161 11.36 70.81 -66.15
C GLY BB 161 12.02 70.91 -67.51
N ASP BB 162 11.41 71.76 -68.33
CA ASP BB 162 11.94 72.05 -69.67
C ASP BB 162 13.35 72.62 -69.62
N PRO BB 163 13.67 73.68 -68.87
CA PRO BB 163 14.94 74.40 -69.11
C PRO BB 163 16.19 73.57 -68.89
N VAL BB 164 16.09 72.38 -68.31
CA VAL BB 164 17.27 71.56 -68.03
C VAL BB 164 17.96 71.13 -69.31
N ASN BB 165 17.25 71.12 -70.44
CA ASN BB 165 17.79 70.56 -71.68
C ASN BB 165 18.88 71.46 -72.27
N TYR BB 166 18.65 72.76 -72.28
CA TYR BB 166 19.56 73.72 -72.93
C TYR BB 166 20.35 74.55 -71.93
N TYR BB 167 20.11 74.39 -70.64
CA TYR BB 167 20.82 75.15 -69.62
C TYR BB 167 21.98 74.39 -69.00
N VAL BB 168 21.81 73.09 -68.74
CA VAL BB 168 22.86 72.27 -68.19
C VAL BB 168 23.28 71.26 -69.25
N ASP BB 169 24.57 70.98 -69.32
CA ASP BB 169 25.14 70.10 -70.34
C ASP BB 169 25.51 68.77 -69.70
N THR BB 170 24.92 67.69 -70.20
CA THR BB 170 25.13 66.36 -69.67
C THR BB 170 26.19 65.64 -70.50
N ALA BB 171 27.14 65.01 -69.80
CA ALA BB 171 28.23 64.30 -70.47
C ALA BB 171 28.77 63.26 -69.50
N VAL BB 172 28.62 61.98 -69.85
CA VAL BB 172 29.02 60.88 -68.98
C VAL BB 172 30.14 60.12 -69.68
N ARG BB 173 31.28 60.02 -69.01
CA ARG BB 173 32.43 59.29 -69.52
C ARG BB 173 32.88 58.25 -68.51
N HIS BB 174 33.54 57.21 -69.02
CA HIS BB 174 33.98 56.10 -68.20
C HIS BB 174 35.49 56.16 -67.98
N VAL BB 175 35.93 55.50 -66.91
CA VAL BB 175 37.33 55.40 -66.56
C VAL BB 175 37.68 53.93 -66.39
N LEU BB 176 38.74 53.48 -67.07
CA LEU BB 176 39.22 52.10 -66.96
C LEU BB 176 40.36 52.08 -65.96
N LEU BB 177 40.17 51.36 -64.85
CA LEU BB 177 41.13 51.30 -63.76
C LEU BB 177 41.47 49.84 -63.45
N ARG BB 178 42.51 49.66 -62.65
CA ARG BB 178 42.88 48.32 -62.20
C ARG BB 178 41.84 47.74 -61.24
N GLN BB 179 41.29 48.60 -60.37
CA GLN BB 179 40.25 48.14 -59.45
C GLN BB 179 38.94 47.83 -60.15
N GLY BB 180 38.71 48.41 -61.31
CA GLY BB 180 37.49 48.19 -62.05
C GLY BB 180 37.23 49.36 -62.98
N VAL BB 181 35.97 49.75 -63.07
CA VAL BB 181 35.53 50.84 -63.93
C VAL BB 181 34.92 51.94 -63.07
N LEU BB 182 35.22 53.18 -63.41
CA LEU BB 182 34.58 54.34 -62.81
C LEU BB 182 33.90 55.16 -63.89
N GLY BB 183 32.65 55.54 -63.65
CA GLY BB 183 31.94 56.39 -64.57
C GLY BB 183 31.64 57.75 -63.98
N ILE BB 184 32.25 58.79 -64.52
CA ILE BB 184 32.08 60.14 -63.99
C ILE BB 184 30.99 60.84 -64.80
N LYS BB 185 30.19 61.64 -64.09
CA LYS BB 185 29.06 62.35 -64.67
C LYS BB 185 29.18 63.82 -64.27
N VAL BB 186 29.28 64.71 -65.27
CA VAL BB 186 29.37 66.14 -65.02
C VAL BB 186 28.17 66.82 -65.66
N LYS BB 187 27.62 67.80 -64.94
CA LYS BB 187 26.54 68.64 -65.43
C LYS BB 187 26.89 70.08 -65.10
N ILE BB 188 27.07 70.91 -66.14
CA ILE BB 188 27.51 72.28 -65.97
C ILE BB 188 26.43 73.22 -66.51
N MET BB 189 26.02 74.17 -65.68
CA MET BB 189 25.12 75.22 -66.11
C MET BB 189 25.81 76.17 -67.09
N LEU BB 190 25.00 76.78 -67.93
CA LEU BB 190 25.53 77.74 -68.88
C LEU BB 190 24.93 79.12 -68.63
N PRO BB 191 25.75 80.16 -68.59
CA PRO BB 191 25.25 81.48 -68.22
C PRO BB 191 24.43 82.10 -69.35
N TRP BB 192 23.76 83.21 -69.01
CA TRP BB 192 23.00 83.97 -70.00
C TRP BB 192 23.61 85.30 -70.41
N ASP BB 193 24.48 85.90 -69.58
CA ASP BB 193 25.08 87.19 -69.88
C ASP BB 193 25.77 87.22 -71.25
N PRO BB 194 26.29 86.09 -71.76
CA PRO BB 194 26.59 86.00 -73.20
C PRO BB 194 25.48 86.48 -74.12
N THR BB 195 24.28 85.89 -74.01
CA THR BB 195 23.12 86.26 -74.81
C THR BB 195 23.42 86.13 -76.31
N GLY BB 196 23.59 84.87 -76.72
CA GLY BB 196 23.88 84.53 -78.10
C GLY BB 196 25.29 84.00 -78.30
N LYS BB 197 26.18 84.22 -77.34
CA LYS BB 197 27.52 83.66 -77.35
C LYS BB 197 27.43 82.22 -76.85
N ILE BB 198 28.56 81.68 -76.37
CA ILE BB 198 28.62 80.33 -75.80
C ILE BB 198 27.52 80.07 -74.77
N GLY BB 199 26.95 81.14 -74.20
CA GLY BB 199 25.76 81.02 -73.38
C GLY BB 199 24.49 81.01 -74.21
N PRO BB 200 23.55 80.13 -73.86
CA PRO BB 200 22.36 79.92 -74.70
C PRO BB 200 21.36 81.07 -74.61
N LYS BB 201 20.16 80.87 -75.15
CA LYS BB 201 19.04 81.79 -75.08
C LYS BB 201 17.95 81.15 -74.23
N LYS BB 202 16.73 81.78 -74.27
CA LYS BB 202 15.43 81.43 -73.58
C LYS BB 202 15.55 81.02 -72.09
N PRO BB 203 15.57 81.98 -71.12
CA PRO BB 203 16.12 81.69 -69.75
C PRO BB 203 15.32 80.78 -68.98
N LEU BB 204 15.78 80.58 -67.75
CA LEU BB 204 14.94 80.15 -66.65
C LEU BB 204 13.77 81.12 -66.50
N PRO BB 205 12.53 80.63 -66.41
CA PRO BB 205 11.37 81.52 -66.34
C PRO BB 205 11.31 82.37 -65.08
N ASP BB 206 12.02 81.99 -64.02
CA ASP BB 206 11.97 82.74 -62.77
C ASP BB 206 13.03 83.85 -62.71
N HIS BB 207 13.14 84.62 -63.79
CA HIS BB 207 14.13 85.68 -63.90
C HIS BB 207 13.49 86.93 -64.49
N VAL BB 208 12.33 87.31 -63.94
CA VAL BB 208 11.62 88.49 -64.42
C VAL BB 208 12.47 89.72 -64.14
N SER BB 209 12.86 90.42 -65.20
CA SER BB 209 13.70 91.60 -65.11
C SER BB 209 12.86 92.84 -65.40
N ILE BB 210 13.09 93.89 -64.62
CA ILE BB 210 12.27 95.10 -64.62
C ILE BB 210 13.15 96.28 -64.99
N VAL BB 211 12.71 97.06 -65.96
CA VAL BB 211 13.43 98.25 -66.37
C VAL BB 211 13.31 99.32 -65.30
N GLU BB 212 14.37 100.12 -65.13
CA GLU BB 212 14.37 101.18 -64.13
C GLU BB 212 13.84 102.46 -64.74
N PRO BB 213 12.82 103.09 -64.16
CA PRO BB 213 12.24 104.30 -64.74
C PRO BB 213 12.96 105.57 -64.27
N LYS BB 214 12.69 106.65 -64.98
CA LYS BB 214 13.26 107.95 -64.68
C LYS BB 214 12.38 108.68 -63.66
N ASP BB 215 12.63 109.97 -63.45
CA ASP BB 215 11.85 110.74 -62.48
C ASP BB 215 10.48 111.11 -63.04
N GLU BB 216 10.47 111.93 -64.09
CA GLU BB 216 9.22 112.40 -64.74
C GLU BB 216 8.26 113.01 -63.73
N ILE BB 217 8.82 113.71 -62.74
CA ILE BB 217 8.04 114.15 -61.59
C ILE BB 217 7.13 115.32 -61.96
N LEU BB 218 7.63 116.25 -62.79
CA LEU BB 218 6.86 117.20 -63.59
C LEU BB 218 5.63 117.81 -62.90
N PRO BB 219 5.83 118.56 -61.81
CA PRO BB 219 4.69 119.21 -61.13
C PRO BB 219 4.50 120.69 -61.46
N THR BB 220 5.38 121.30 -62.26
CA THR BB 220 5.51 122.75 -62.31
C THR BB 220 4.30 123.39 -62.99
N THR BB 221 4.34 124.72 -63.06
CA THR BB 221 3.29 125.45 -63.76
C THR BB 221 3.34 125.10 -65.25
N PRO BB 222 2.18 125.01 -65.91
CA PRO BB 222 2.17 124.58 -67.31
C PRO BB 222 2.80 125.63 -68.22
N ILE BB 223 3.76 125.19 -69.02
CA ILE BB 223 4.42 126.03 -70.01
C ILE BB 223 4.30 125.34 -71.36
N SER BB 224 4.02 126.13 -72.39
CA SER BB 224 3.92 125.61 -73.75
C SER BB 224 5.12 126.06 -74.56
N GLU BB 225 5.83 125.10 -75.15
CA GLU BB 225 7.06 125.37 -75.89
C GLU BB 225 6.76 125.42 -77.39
N GLN BB 226 7.33 126.41 -78.07
CA GLN BB 226 7.16 126.58 -79.50
C GLN BB 226 8.37 125.97 -80.21
N LYS BB 227 8.11 125.02 -81.11
CA LYS BB 227 9.17 124.36 -81.86
C LYS BB 227 8.63 123.73 -83.14
N ALA CB 1 72.53 34.90 22.68
CA ALA CB 1 73.94 34.53 22.69
C ALA CB 1 74.26 33.65 23.88
N ARG CB 2 75.22 32.74 23.70
CA ARG CB 2 75.63 31.82 24.75
C ARG CB 2 76.76 32.36 25.60
N GLY CB 3 77.21 33.60 25.36
CA GLY CB 3 78.26 34.19 26.14
C GLY CB 3 78.72 35.53 25.57
N PRO CB 4 79.75 36.11 26.17
CA PRO CB 4 80.30 37.36 25.62
C PRO CB 4 80.91 37.15 24.25
N LYS CB 5 80.80 38.18 23.42
CA LYS CB 5 81.25 38.10 22.03
C LYS CB 5 82.71 38.51 21.92
N LYS CB 6 83.45 37.80 21.06
CA LYS CB 6 84.85 38.09 20.83
C LYS CB 6 85.14 38.41 19.36
N HIS CB 7 84.10 38.72 18.58
CA HIS CB 7 84.26 39.12 17.19
C HIS CB 7 83.60 40.47 16.97
N LEU CB 8 84.18 41.26 16.07
CA LEU CB 8 83.62 42.56 15.70
C LEU CB 8 83.69 42.70 14.19
N LYS CB 9 82.59 43.13 13.59
CA LYS CB 9 82.54 43.36 12.15
C LYS CB 9 83.21 44.69 11.82
N ARG CB 10 83.93 44.72 10.69
CA ARG CB 10 84.61 45.94 10.28
C ARG CB 10 83.61 47.05 10.00
N VAL CB 11 82.47 46.71 9.40
CA VAL CB 11 81.41 47.69 9.21
C VAL CB 11 80.77 48.06 10.55
N ALA CB 12 80.84 47.19 11.55
CA ALA CB 12 80.32 47.48 12.88
C ALA CB 12 81.34 48.19 13.76
N ALA CB 13 82.52 48.51 13.24
CA ALA CB 13 83.55 49.18 14.01
C ALA CB 13 83.15 50.63 14.29
N PRO CB 14 83.70 51.24 15.33
CA PRO CB 14 83.46 52.67 15.58
C PRO CB 14 83.96 53.54 14.44
N LYS CB 15 83.33 54.70 14.27
CA LYS CB 15 83.67 55.59 13.17
C LYS CB 15 85.07 56.16 13.32
N HIS CB 16 85.47 56.51 14.54
CA HIS CB 16 86.82 57.06 14.74
C HIS CB 16 87.91 56.00 14.57
N TRP CB 17 87.56 54.71 14.55
CA TRP CB 17 88.52 53.69 14.12
C TRP CB 17 88.89 53.88 12.67
N MET CB 18 87.89 54.19 11.85
CA MET CB 18 88.08 54.78 10.54
C MET CB 18 88.69 53.75 9.59
N LEU CB 19 88.02 52.61 9.51
CA LEU CB 19 88.44 51.49 8.70
C LEU CB 19 87.54 51.39 7.46
N ASP CB 20 88.15 50.97 6.36
CA ASP CB 20 87.46 50.92 5.08
C ASP CB 20 86.62 49.66 5.00
N LYS CB 21 86.08 49.37 3.81
CA LYS CB 21 85.14 48.28 3.63
C LYS CB 21 85.59 47.28 2.56
N LEU CB 22 86.88 47.23 2.25
CA LEU CB 22 87.39 46.30 1.24
C LEU CB 22 88.59 45.47 1.68
N THR CB 23 89.29 45.83 2.75
CA THR CB 23 90.46 45.06 3.17
C THR CB 23 90.08 43.67 3.64
N GLY CB 24 89.12 43.57 4.55
CA GLY CB 24 88.76 42.30 5.13
C GLY CB 24 87.34 42.27 5.62
N VAL CB 25 87.06 41.36 6.55
CA VAL CB 25 85.72 41.16 7.07
C VAL CB 25 85.60 41.63 8.52
N PHE CB 26 86.48 41.14 9.39
CA PHE CB 26 86.33 41.34 10.83
C PHE CB 26 87.16 42.51 11.32
N ALA CB 27 86.58 43.29 12.23
CA ALA CB 27 87.22 44.45 12.82
C ALA CB 27 88.34 44.01 13.77
N PRO CB 28 89.22 44.94 14.19
CA PRO CB 28 90.25 44.57 15.17
C PRO CB 28 89.73 43.88 16.42
N ARG CB 29 88.57 44.30 16.95
CA ARG CB 29 87.95 43.71 18.13
C ARG CB 29 88.96 43.69 19.28
N PRO CB 30 89.21 44.83 19.91
CA PRO CB 30 90.26 44.90 20.92
C PRO CB 30 89.91 44.07 22.15
N SER CB 31 90.94 43.57 22.80
CA SER CB 31 90.75 42.80 24.02
C SER CB 31 90.27 43.72 25.14
N THR CB 32 89.77 43.10 26.20
CA THR CB 32 89.34 43.86 27.37
C THR CB 32 90.53 44.54 28.02
N GLY CB 33 90.33 45.78 28.47
CA GLY CB 33 91.41 46.55 29.04
C GLY CB 33 90.93 47.79 29.79
N PRO CB 34 91.73 48.86 29.70
CA PRO CB 34 91.46 50.05 30.53
C PRO CB 34 90.34 50.95 30.02
N HIS CB 35 89.90 50.81 28.77
CA HIS CB 35 88.94 51.74 28.22
C HIS CB 35 87.90 51.00 27.39
N LYS CB 36 86.75 51.65 27.22
CA LYS CB 36 85.64 51.06 26.48
C LYS CB 36 86.02 50.86 25.01
N LEU CB 37 85.47 49.79 24.43
CA LEU CB 37 85.83 49.43 23.05
C LEU CB 37 85.34 50.49 22.06
N ARG CB 38 84.26 51.20 22.38
CA ARG CB 38 83.73 52.21 21.48
C ARG CB 38 84.43 53.55 21.60
N GLU CB 39 85.26 53.75 22.63
CA GLU CB 39 86.06 54.97 22.79
C GLU CB 39 87.53 54.62 22.98
N CYS CB 40 88.00 53.59 22.30
CA CYS CB 40 89.40 53.19 22.36
C CYS CB 40 89.95 53.05 20.95
N LEU CB 41 91.26 53.27 20.82
CA LEU CB 41 91.92 53.11 19.54
C LEU CB 41 92.81 51.87 19.60
N PRO CB 42 92.49 50.81 18.85
CA PRO CB 42 93.32 49.61 18.90
C PRO CB 42 94.74 49.88 18.43
N LEU CB 43 95.68 49.16 19.02
CA LEU CB 43 97.09 49.35 18.66
C LEU CB 43 97.37 48.94 17.23
N ILE CB 44 96.55 48.05 16.67
CA ILE CB 44 96.78 47.56 15.31
C ILE CB 44 96.54 48.68 14.30
N ILE CB 45 95.51 49.50 14.53
CA ILE CB 45 95.22 50.59 13.61
C ILE CB 45 96.06 51.82 13.90
N PHE CB 46 96.68 51.93 15.09
CA PHE CB 46 97.58 53.04 15.33
C PHE CB 46 99.00 52.76 14.83
N LEU CB 47 99.28 51.52 14.45
CA LEU CB 47 100.55 51.17 13.83
C LEU CB 47 100.40 50.79 12.35
N ARG CB 48 99.19 50.83 11.81
CA ARG CB 48 98.96 50.60 10.39
C ARG CB 48 98.26 51.75 9.71
N ASN CB 49 97.15 52.24 10.27
CA ASN CB 49 96.32 53.22 9.59
C ASN CB 49 96.94 54.61 9.62
N ARG CB 50 97.43 55.03 10.78
CA ARG CB 50 97.77 56.44 10.99
C ARG CB 50 99.17 56.79 10.48
N LEU CB 51 100.20 56.20 11.07
CA LEU CB 51 101.58 56.54 10.74
C LEU CB 51 102.15 55.65 9.64
N LYS CB 52 101.45 54.55 9.30
CA LYS CB 52 101.95 53.54 8.36
C LYS CB 52 103.25 52.92 8.88
N TYR CB 53 103.25 52.53 10.16
CA TYR CB 53 104.37 51.80 10.72
C TYR CB 53 104.47 50.40 10.10
N ALA CB 54 103.33 49.77 9.83
CA ALA CB 54 103.29 48.40 9.36
C ALA CB 54 102.31 48.28 8.19
N LEU CB 55 102.51 47.24 7.38
CA LEU CB 55 101.65 47.00 6.23
C LEU CB 55 100.51 46.02 6.53
N THR CB 56 100.74 45.01 7.35
CA THR CB 56 99.77 43.96 7.57
C THR CB 56 99.68 43.61 9.04
N GLY CB 57 98.70 42.78 9.38
CA GLY CB 57 98.53 42.34 10.75
C GLY CB 57 99.70 41.50 11.25
N ASP CB 58 100.26 40.66 10.37
CA ASP CB 58 101.48 39.94 10.71
C ASP CB 58 102.62 40.92 11.01
N GLU CB 59 102.74 41.98 10.20
CA GLU CB 59 103.69 43.04 10.53
C GLU CB 59 103.34 43.70 11.86
N VAL CB 60 102.05 43.98 12.08
CA VAL CB 60 101.61 44.58 13.33
C VAL CB 60 101.97 43.68 14.51
N LYS CB 61 101.80 42.37 14.35
CA LYS CB 61 102.19 41.45 15.40
C LYS CB 61 103.69 41.56 15.69
N LYS CB 62 104.54 41.34 14.68
CA LYS CB 62 105.97 41.27 14.89
C LYS CB 62 106.59 42.60 15.31
N ILE CB 63 105.85 43.70 15.24
CA ILE CB 63 106.35 44.97 15.75
C ILE CB 63 106.11 45.08 17.26
N CYS CB 64 104.93 44.67 17.72
CA CYS CB 64 104.57 44.86 19.12
C CYS CB 64 105.35 43.93 20.04
N MET CB 65 105.48 42.66 19.68
CA MET CB 65 106.18 41.70 20.53
C MET CB 65 107.68 41.71 20.33
N GLN CB 66 108.21 42.67 19.56
CA GLN CB 66 109.62 42.98 19.59
C GLN CB 66 109.97 43.92 20.75
N ARG CB 67 108.96 44.32 21.52
CA ARG CB 67 109.13 44.93 22.84
C ARG CB 67 109.76 46.33 22.78
N PHE CB 68 109.28 47.17 21.85
CA PHE CB 68 109.46 48.62 21.98
C PHE CB 68 108.11 49.32 21.77
N ILE CB 69 107.29 49.28 22.81
CA ILE CB 69 106.06 50.06 22.83
C ILE CB 69 105.68 50.20 24.30
N LYS CB 70 105.34 51.41 24.71
CA LYS CB 70 105.12 51.71 26.12
C LYS CB 70 103.89 52.57 26.23
N ILE CB 71 102.74 51.92 26.38
CA ILE CB 71 101.52 52.62 26.77
C ILE CB 71 101.66 53.01 28.23
N ASP CB 72 101.74 54.32 28.48
CA ASP CB 72 101.89 54.88 29.82
C ASP CB 72 103.19 54.44 30.48
N GLY CB 73 104.22 54.16 29.68
CA GLY CB 73 105.52 53.79 30.20
C GLY CB 73 105.71 52.34 30.53
N LYS CB 74 104.70 51.49 30.30
CA LYS CB 74 104.82 50.06 30.52
C LYS CB 74 104.58 49.30 29.22
N VAL CB 75 105.37 48.27 28.99
CA VAL CB 75 105.35 47.54 27.74
C VAL CB 75 104.18 46.57 27.73
N ARG CB 76 103.42 46.57 26.62
CA ARG CB 76 102.36 45.61 26.37
C ARG CB 76 102.60 44.99 25.00
N THR CB 77 102.31 43.70 24.87
CA THR CB 77 102.60 42.97 23.64
C THR CB 77 101.36 42.56 22.86
N ASP CB 78 100.16 42.71 23.43
CA ASP CB 78 98.95 42.33 22.71
C ASP CB 78 98.68 43.31 21.57
N ILE CB 79 98.36 42.78 20.40
CA ILE CB 79 98.20 43.61 19.21
C ILE CB 79 96.92 44.42 19.25
N THR CB 80 95.96 44.05 20.10
CA THR CB 80 94.67 44.73 20.17
C THR CB 80 94.40 45.24 21.59
N TYR CB 81 95.43 45.68 22.28
CA TYR CB 81 95.23 46.30 23.58
C TYR CB 81 94.56 47.66 23.39
N PRO CB 82 93.49 47.95 24.12
CA PRO CB 82 92.86 49.28 24.03
C PRO CB 82 93.68 50.32 24.74
N ALA CB 83 94.34 51.19 23.97
CA ALA CB 83 95.14 52.26 24.55
C ALA CB 83 94.27 53.22 25.35
N GLY CB 84 93.34 53.89 24.67
CA GLY CB 84 92.38 54.73 25.36
C GLY CB 84 92.52 56.22 25.13
N PHE CB 85 92.11 57.02 26.11
CA PHE CB 85 92.05 58.47 26.00
C PHE CB 85 93.00 59.07 27.02
N MET CB 86 93.81 60.04 26.57
CA MET CB 86 94.83 60.69 27.41
C MET CB 86 95.83 59.67 27.96
N ASP CB 87 96.39 58.87 27.06
CA ASP CB 87 97.40 57.88 27.38
C ASP CB 87 98.61 58.11 26.49
N VAL CB 88 99.79 57.83 27.04
CA VAL CB 88 101.05 58.10 26.35
C VAL CB 88 101.57 56.80 25.76
N ILE CB 89 101.75 56.77 24.44
CA ILE CB 89 102.33 55.64 23.73
C ILE CB 89 103.73 56.08 23.31
N SER CB 90 104.74 55.64 24.05
CA SER CB 90 106.11 56.10 23.88
C SER CB 90 106.96 54.94 23.38
N ILE CB 91 107.44 55.05 22.13
CA ILE CB 91 108.35 54.02 21.63
C ILE CB 91 109.70 54.10 22.36
N ASP CB 92 110.07 55.28 22.85
CA ASP CB 92 111.22 55.50 23.73
C ASP CB 92 112.55 55.08 23.13
N LYS CB 93 112.63 54.99 21.80
CA LYS CB 93 113.92 54.69 21.16
C LYS CB 93 114.18 55.58 19.95
N THR CB 94 113.13 56.20 19.40
CA THR CB 94 113.28 57.18 18.33
C THR CB 94 112.70 58.54 18.67
N GLY CB 95 112.13 58.70 19.86
CA GLY CB 95 111.59 59.98 20.27
C GLY CB 95 110.38 60.46 19.49
N GLU CB 96 109.43 59.56 19.21
CA GLU CB 96 108.15 59.95 18.65
C GLU CB 96 107.19 60.36 19.76
N ASN CB 97 106.95 59.45 20.72
CA ASN CB 97 106.21 59.75 21.95
C ASN CB 97 104.79 60.22 21.64
N PHE CB 98 103.99 59.33 21.05
CA PHE CB 98 102.61 59.64 20.74
C PHE CB 98 101.77 59.76 22.00
N ARG CB 99 100.72 60.58 21.92
CA ARG CB 99 99.70 60.68 22.95
C ARG CB 99 98.34 60.74 22.29
N LEU CB 100 97.41 59.91 22.75
CA LEU CB 100 96.10 59.79 22.12
C LEU CB 100 95.20 60.94 22.57
N ILE CB 101 94.84 61.81 21.62
CA ILE CB 101 94.03 63.00 21.88
C ILE CB 101 92.99 63.13 20.77
N TYR CB 102 91.75 63.44 21.15
CA TYR CB 102 90.70 63.67 20.16
C TYR CB 102 90.99 64.95 19.38
N ASP CB 103 90.65 64.93 18.09
CA ASP CB 103 90.81 66.09 17.22
C ASP CB 103 89.51 66.89 17.20
N THR CB 104 89.40 67.82 16.25
CA THR CB 104 88.18 68.60 16.11
C THR CB 104 87.00 67.72 15.70
N LYS CB 105 87.23 66.76 14.80
CA LYS CB 105 86.17 65.92 14.26
C LYS CB 105 85.89 64.69 15.11
N GLY CB 106 86.33 64.69 16.37
CA GLY CB 106 86.10 63.56 17.25
C GLY CB 106 86.78 62.28 16.83
N ARG CB 107 88.07 62.38 16.49
CA ARG CB 107 88.87 61.23 16.08
C ARG CB 107 90.20 61.27 16.82
N PHE CB 108 90.68 60.09 17.21
CA PHE CB 108 92.01 59.99 17.82
C PHE CB 108 93.07 60.24 16.76
N ALA CB 109 93.71 61.39 16.82
CA ALA CB 109 94.68 61.81 15.81
C ALA CB 109 96.10 61.70 16.34
N VAL CB 110 97.06 61.86 15.44
CA VAL CB 110 98.47 61.80 15.81
C VAL CB 110 98.89 63.16 16.37
N HIS CB 111 99.49 63.14 17.56
CA HIS CB 111 99.96 64.37 18.22
C HIS CB 111 101.14 63.97 19.11
N ARG CB 112 102.34 64.09 18.56
CA ARG CB 112 103.54 63.80 19.33
C ARG CB 112 103.73 64.85 20.42
N ILE CB 113 104.18 64.41 21.58
CA ILE CB 113 104.42 65.30 22.72
C ILE CB 113 105.83 65.06 23.24
N THR CB 114 106.34 66.07 23.95
CA THR CB 114 107.68 65.98 24.50
C THR CB 114 107.74 64.90 25.58
N PRO CB 115 108.92 64.29 25.77
CA PRO CB 115 109.07 63.33 26.88
C PRO CB 115 108.81 63.96 28.25
N GLU CB 116 109.04 65.27 28.39
CA GLU CB 116 108.69 65.95 29.64
C GLU CB 116 107.20 65.90 29.91
N GLU CB 117 106.39 66.17 28.88
CA GLU CB 117 104.94 65.99 29.03
C GLU CB 117 104.57 64.52 29.12
N ALA CB 118 105.37 63.65 28.48
CA ALA CB 118 105.10 62.22 28.51
C ALA CB 118 105.32 61.61 29.90
N LYS CB 119 106.04 62.32 30.79
CA LYS CB 119 106.26 61.79 32.13
C LYS CB 119 104.96 61.71 32.92
N TYR CB 120 104.14 62.75 32.84
CA TYR CB 120 102.90 62.80 33.60
C TYR CB 120 101.72 62.35 32.74
N LYS CB 121 100.58 62.16 33.41
CA LYS CB 121 99.34 61.75 32.77
C LYS CB 121 98.18 62.46 33.46
N LEU CB 122 97.12 62.73 32.70
CA LEU CB 122 95.92 63.33 33.24
C LEU CB 122 94.82 62.27 33.39
N CYS CB 123 94.17 62.28 34.55
CA CYS CB 123 93.13 61.31 34.87
C CYS CB 123 91.92 62.04 35.45
N LYS CB 124 90.75 61.74 34.92
CA LYS CB 124 89.49 62.21 35.47
C LYS CB 124 88.88 61.10 36.32
N VAL CB 125 88.66 61.39 37.59
CA VAL CB 125 88.20 60.37 38.54
C VAL CB 125 86.71 60.15 38.36
N ARG CB 126 86.26 58.94 38.71
CA ARG CB 126 84.86 58.58 38.71
C ARG CB 126 84.37 58.26 40.11
N LYS CB 127 84.94 57.27 40.78
CA LYS CB 127 84.36 56.72 42.00
C LYS CB 127 85.23 57.06 43.19
N ILE CB 128 84.62 57.66 44.20
CA ILE CB 128 85.23 57.88 45.50
C ILE CB 128 84.43 57.10 46.53
N PHE CB 129 85.14 56.34 47.36
CA PHE CB 129 84.52 55.54 48.42
C PHE CB 129 85.62 55.07 49.36
N VAL CB 130 85.19 54.62 50.54
CA VAL CB 130 86.08 54.15 51.58
C VAL CB 130 85.93 52.63 51.68
N GLY CB 131 87.05 51.94 51.82
CA GLY CB 131 87.05 50.49 51.97
C GLY CB 131 87.50 50.08 53.35
N THR CB 132 88.10 48.89 53.46
CA THR CB 132 88.40 48.35 54.78
C THR CB 132 89.42 49.21 55.52
N LYS CB 133 89.32 49.20 56.85
CA LYS CB 133 90.19 49.93 57.76
C LYS CB 133 90.12 51.45 57.57
N GLY CB 134 89.01 51.94 57.04
CA GLY CB 134 88.78 53.38 56.94
C GLY CB 134 89.72 54.15 56.04
N ILE CB 135 90.06 53.59 54.88
CA ILE CB 135 90.97 54.26 53.95
C ILE CB 135 90.20 54.68 52.71
N PRO CB 136 90.54 55.80 52.08
CA PRO CB 136 89.78 56.28 50.92
C PRO CB 136 90.34 55.78 49.59
N HIS CB 137 89.41 55.57 48.65
CA HIS CB 137 89.73 55.05 47.34
C HIS CB 137 89.25 56.00 46.26
N LEU CB 138 89.92 55.93 45.11
CA LEU CB 138 89.63 56.82 43.99
C LEU CB 138 89.87 56.04 42.70
N VAL CB 139 88.87 56.01 41.83
CA VAL CB 139 88.97 55.35 40.54
C VAL CB 139 88.74 56.38 39.45
N THR CB 140 89.60 56.35 38.43
CA THR CB 140 89.53 57.29 37.32
C THR CB 140 88.66 56.72 36.20
N HIS CB 141 88.70 57.37 35.03
CA HIS CB 141 87.95 56.88 33.89
C HIS CB 141 88.48 55.53 33.41
N ASP CB 142 89.80 55.34 33.45
CA ASP CB 142 90.38 54.04 33.17
C ASP CB 142 90.21 53.15 34.40
N ALA CB 143 90.87 51.99 34.40
CA ALA CB 143 90.79 51.05 35.50
C ALA CB 143 91.82 51.31 36.59
N ARG CB 144 92.36 52.53 36.66
CA ARG CB 144 93.36 52.89 37.64
C ARG CB 144 92.67 53.29 38.95
N THR CB 145 93.08 52.67 40.05
CA THR CB 145 92.59 53.04 41.37
C THR CB 145 93.75 53.05 42.35
N ILE CB 146 93.87 54.13 43.12
CA ILE CB 146 94.95 54.31 44.07
C ILE CB 146 94.36 54.75 45.41
N ARG CB 147 94.83 54.14 46.49
CA ARG CB 147 94.36 54.51 47.81
C ARG CB 147 95.05 55.76 48.31
N TYR CB 148 94.47 56.35 49.35
CA TYR CB 148 94.91 57.59 50.00
C TYR CB 148 95.01 58.75 49.01
N PRO CB 149 93.89 59.25 48.46
CA PRO CB 149 93.96 60.47 47.67
C PRO CB 149 93.75 61.71 48.53
N ASP CB 150 93.83 62.89 47.94
CA ASP CB 150 93.53 64.11 48.68
C ASP CB 150 92.04 64.16 49.01
N PRO CB 151 91.67 64.36 50.28
CA PRO CB 151 90.23 64.48 50.60
C PRO CB 151 89.56 65.66 49.93
N LEU CB 152 90.32 66.68 49.50
CA LEU CB 152 89.73 67.78 48.76
C LEU CB 152 89.29 67.39 47.36
N ILE CB 153 89.78 66.27 46.84
CA ILE CB 153 89.36 65.76 45.54
C ILE CB 153 87.99 65.12 45.66
N LYS CB 154 87.12 65.39 44.69
CA LYS CB 154 85.76 64.88 44.73
C LYS CB 154 85.38 64.19 43.41
N VAL CB 155 84.10 63.88 43.25
CA VAL CB 155 83.63 63.13 42.09
C VAL CB 155 83.78 63.97 40.82
N ASN CB 156 84.01 63.27 39.70
CA ASN CB 156 84.23 63.85 38.37
C ASN CB 156 85.19 65.03 38.40
N ASP CB 157 86.31 64.84 39.09
CA ASP CB 157 87.43 65.75 39.10
C ASP CB 157 88.59 65.15 38.32
N THR CB 158 89.56 65.99 37.97
CA THR CB 158 90.71 65.56 37.19
C THR CB 158 91.99 65.67 38.01
N ILE CB 159 92.87 64.69 37.85
CA ILE CB 159 94.12 64.61 38.61
C ILE CB 159 95.28 64.41 37.64
N GLN CB 160 96.42 65.00 37.96
CA GLN CB 160 97.65 64.83 37.18
C GLN CB 160 98.48 63.71 37.83
N ILE CB 161 98.81 62.69 37.05
CA ILE CB 161 99.44 61.47 37.56
C ILE CB 161 100.74 61.24 36.81
N ASP CB 162 101.81 60.99 37.55
CA ASP CB 162 103.08 60.62 36.95
C ASP CB 162 103.08 59.13 36.60
N LEU CB 163 103.59 58.82 35.41
CA LEU CB 163 103.65 57.42 34.98
C LEU CB 163 104.71 56.66 35.78
N GLU CB 164 104.55 55.34 35.80
CA GLU CB 164 105.44 54.38 36.46
C GLU CB 164 105.46 54.50 37.98
N THR CB 165 104.69 55.42 38.55
CA THR CB 165 104.68 55.63 40.00
C THR CB 165 103.30 55.44 40.62
N GLY CB 166 102.25 55.93 39.97
CA GLY CB 166 100.91 55.81 40.50
C GLY CB 166 100.53 56.82 41.55
N LYS CB 167 101.43 57.73 41.92
CA LYS CB 167 101.12 58.74 42.92
C LYS CB 167 100.45 59.94 42.26
N ILE CB 168 99.90 60.81 43.09
CA ILE CB 168 99.14 61.97 42.63
C ILE CB 168 100.04 63.20 42.69
N THR CB 169 100.24 63.84 41.54
CA THR CB 169 101.04 65.05 41.49
C THR CB 169 100.22 66.28 41.86
N ASP CB 170 99.13 66.52 41.14
CA ASP CB 170 98.23 67.63 41.43
C ASP CB 170 96.87 67.32 40.83
N PHE CB 171 95.86 68.07 41.27
CA PHE CB 171 94.50 67.88 40.81
C PHE CB 171 93.87 69.22 40.49
N ILE CB 172 92.87 69.19 39.60
CA ILE CB 172 92.10 70.37 39.25
C ILE CB 172 90.63 70.07 39.55
N LYS CB 173 89.99 70.98 40.29
CA LYS CB 173 88.61 70.80 40.69
C LYS CB 173 87.67 70.94 39.50
N PHE CB 174 86.44 70.49 39.69
CA PHE CB 174 85.36 70.72 38.73
C PHE CB 174 84.62 71.96 39.18
N ASP CB 175 85.08 73.13 38.71
CA ASP CB 175 84.48 74.40 39.06
C ASP CB 175 84.14 75.16 37.79
N THR CB 176 83.22 76.11 37.93
CA THR CB 176 82.78 76.91 36.80
C THR CB 176 83.93 77.79 36.31
N GLY CB 177 84.29 77.62 35.04
CA GLY CB 177 85.31 78.42 34.40
C GLY CB 177 86.56 77.67 33.96
N ASN CB 178 86.68 76.38 34.24
CA ASN CB 178 87.86 75.62 33.86
C ASN CB 178 87.74 75.11 32.41
N LEU CB 179 88.89 74.82 31.82
CA LEU CB 179 88.93 74.34 30.44
C LEU CB 179 88.70 72.83 30.40
N CYS CB 180 87.80 72.40 29.51
CA CYS CB 180 87.43 70.99 29.43
C CYS CB 180 87.40 70.52 27.98
N MET CB 181 87.55 69.22 27.81
CA MET CB 181 87.48 68.56 26.50
C MET CB 181 86.40 67.48 26.57
N VAL CB 182 85.44 67.55 25.65
CA VAL CB 182 84.30 66.64 25.67
C VAL CB 182 84.69 65.34 24.96
N THR CB 183 84.39 64.21 25.59
CA THR CB 183 84.80 62.89 25.11
C THR CB 183 83.59 61.98 24.86
N GLY CB 184 82.51 62.54 24.30
CA GLY CB 184 81.35 61.73 24.01
C GLY CB 184 80.32 62.37 23.10
N GLY CB 185 79.80 61.59 22.15
CA GLY CB 185 78.65 61.98 21.37
C GLY CB 185 78.96 62.82 20.15
N ALA CB 186 77.96 63.61 19.74
CA ALA CB 186 78.13 64.50 18.59
C ALA CB 186 79.13 65.60 18.88
N ASN CB 187 79.10 66.16 20.09
CA ASN CB 187 80.02 67.22 20.49
C ASN CB 187 81.37 66.68 20.94
N LEU CB 188 81.68 65.44 20.61
CA LEU CB 188 82.99 64.87 20.92
C LEU CB 188 84.09 65.65 20.23
N GLY CB 189 85.14 65.99 20.98
CA GLY CB 189 86.31 66.64 20.42
C GLY CB 189 86.31 68.15 20.44
N ARG CB 190 85.44 68.79 21.21
CA ARG CB 190 85.36 70.24 21.28
C ARG CB 190 85.91 70.72 22.61
N ILE CB 191 87.05 71.41 22.57
CA ILE CB 191 87.68 71.95 23.78
C ILE CB 191 87.04 73.30 24.10
N GLY CB 192 86.76 73.52 25.37
CA GLY CB 192 86.17 74.78 25.79
C GLY CB 192 86.15 74.89 27.30
N VAL CB 193 85.75 76.07 27.76
CA VAL CB 193 85.65 76.37 29.18
C VAL CB 193 84.21 76.15 29.63
N ILE CB 194 84.04 75.64 30.85
CA ILE CB 194 82.71 75.39 31.38
C ILE CB 194 82.09 76.71 31.83
N THR CB 195 80.89 76.98 31.35
CA THR CB 195 80.18 78.22 31.65
C THR CB 195 79.06 78.02 32.67
N ASN CB 196 78.16 77.07 32.42
CA ASN CB 196 77.02 76.82 33.28
C ASN CB 196 76.78 75.32 33.37
N ARG CB 197 76.36 74.87 34.55
CA ARG CB 197 75.92 73.50 34.74
C ARG CB 197 74.42 73.49 35.04
N GLU CB 198 73.74 72.43 34.61
CA GLU CB 198 72.33 72.26 34.90
C GLU CB 198 72.14 70.88 35.52
N ARG CB 199 71.82 70.86 36.81
CA ARG CB 199 71.71 69.61 37.54
C ARG CB 199 70.28 69.09 37.47
N HIS CB 200 70.15 67.82 37.09
CA HIS CB 200 68.85 67.15 37.05
C HIS CB 200 68.88 65.97 38.01
N PRO CB 201 68.27 66.09 39.18
CA PRO CB 201 68.14 64.92 40.07
C PRO CB 201 67.44 63.77 39.35
N GLY CB 202 68.01 62.59 39.45
CA GLY CB 202 67.53 61.44 38.70
C GLY CB 202 68.20 61.23 37.36
N SER CB 203 68.41 62.30 36.61
CA SER CB 203 69.01 62.23 35.29
C SER CB 203 70.48 62.65 35.35
N PHE CB 204 71.12 62.65 34.18
CA PHE CB 204 72.51 63.08 34.09
C PHE CB 204 72.59 64.60 33.99
N ASP CB 205 73.60 65.18 34.63
CA ASP CB 205 73.74 66.62 34.68
C ASP CB 205 74.22 67.17 33.35
N VAL CB 206 73.54 68.19 32.85
CA VAL CB 206 73.88 68.84 31.59
C VAL CB 206 74.78 70.02 31.88
N VAL CB 207 75.91 70.10 31.20
CA VAL CB 207 76.92 71.13 31.43
C VAL CB 207 77.07 71.97 30.17
N HIS CB 208 77.00 73.29 30.33
CA HIS CB 208 77.22 74.22 29.22
C HIS CB 208 78.70 74.58 29.16
N VAL CB 209 79.30 74.37 28.00
CA VAL CB 209 80.72 74.63 27.78
C VAL CB 209 80.88 75.52 26.56
N LYS CB 210 81.62 76.60 26.71
CA LYS CB 210 81.89 77.54 25.63
C LYS CB 210 83.35 77.44 25.21
N ASP CB 211 83.59 77.48 23.90
CA ASP CB 211 84.94 77.30 23.38
C ASP CB 211 85.63 78.67 23.26
N ALA CB 212 86.77 78.70 22.58
CA ALA CB 212 87.54 79.94 22.47
C ALA CB 212 86.89 80.93 21.52
N ASN CB 213 86.36 80.45 20.40
CA ASN CB 213 85.80 81.33 19.38
C ASN CB 213 84.46 81.93 19.78
N GLY CB 214 83.85 81.47 20.88
CA GLY CB 214 82.60 82.02 21.34
C GLY CB 214 81.39 81.14 21.07
N ASN CB 215 81.56 80.02 20.36
CA ASN CB 215 80.46 79.10 20.14
C ASN CB 215 80.05 78.43 21.44
N SER CB 216 78.75 78.24 21.63
CA SER CB 216 78.21 77.66 22.85
C SER CB 216 77.59 76.31 22.55
N PHE CB 217 78.03 75.28 23.29
CA PHE CB 217 77.45 73.95 23.16
C PHE CB 217 77.27 73.36 24.56
N ALA CB 218 76.38 72.38 24.65
CA ALA CB 218 76.06 71.72 25.91
C ALA CB 218 76.33 70.23 25.80
N THR CB 219 76.52 69.60 26.96
CA THR CB 219 76.73 68.16 27.02
C THR CB 219 76.36 67.66 28.41
N ARG CB 220 76.19 66.35 28.51
CA ARG CB 220 75.93 65.73 29.79
C ARG CB 220 77.21 65.71 30.64
N LEU CB 221 77.06 65.32 31.91
CA LEU CB 221 78.22 65.18 32.77
C LEU CB 221 79.08 63.99 32.41
N SER CB 222 78.55 63.03 31.63
CA SER CB 222 79.32 61.87 31.22
C SER CB 222 80.36 62.20 30.15
N ASN CB 223 80.32 63.39 29.57
CA ASN CB 223 81.23 63.79 28.51
C ASN CB 223 82.06 65.00 28.93
N ILE CB 224 82.56 64.99 30.17
CA ILE CB 224 83.29 66.10 30.75
C ILE CB 224 84.68 65.63 31.14
N PHE CB 225 85.70 66.38 30.73
CA PHE CB 225 87.09 66.07 31.06
C PHE CB 225 87.86 67.39 31.14
N VAL CB 226 88.03 67.90 32.36
CA VAL CB 226 88.76 69.15 32.55
C VAL CB 226 90.25 68.91 32.29
N ILE CB 227 90.86 69.79 31.49
CA ILE CB 227 92.24 69.60 31.07
C ILE CB 227 93.10 70.81 31.39
N GLY CB 228 92.68 71.60 32.37
CA GLY CB 228 93.45 72.77 32.76
C GLY CB 228 92.77 73.53 33.86
N LYS CB 229 93.42 74.60 34.30
CA LYS CB 229 92.89 75.49 35.35
C LYS CB 229 92.45 76.78 34.66
N GLY CB 230 91.15 76.95 34.52
CA GLY CB 230 90.58 78.20 34.09
C GLY CB 230 90.72 78.45 32.60
N ASN CB 231 91.92 78.84 32.17
CA ASN CB 231 92.16 79.23 30.79
C ASN CB 231 93.37 78.56 30.16
N LYS CB 232 94.23 77.91 30.95
CA LYS CB 232 95.46 77.34 30.42
C LYS CB 232 95.37 75.81 30.39
N PRO CB 233 95.38 75.19 29.22
CA PRO CB 233 95.43 73.72 29.17
C PRO CB 233 96.73 73.19 29.77
N TRP CB 234 96.63 72.05 30.43
CA TRP CB 234 97.79 71.41 31.04
C TRP CB 234 98.50 70.46 30.09
N ILE CB 235 98.00 70.31 28.86
CA ILE CB 235 98.64 69.49 27.85
C ILE CB 235 98.94 70.37 26.64
N SER CB 236 99.82 69.87 25.77
CA SER CB 236 100.09 70.53 24.49
C SER CB 236 98.92 70.22 23.56
N LEU CB 237 98.03 71.19 23.39
CA LEU CB 237 96.80 70.95 22.66
C LEU CB 237 97.09 70.65 21.19
N PRO CB 238 96.29 69.80 20.56
CA PRO CB 238 96.54 69.43 19.16
C PRO CB 238 96.29 70.58 18.22
N ARG CB 239 96.64 70.34 16.95
CA ARG CB 239 96.48 71.31 15.87
C ARG CB 239 95.02 71.73 15.72
N GLY CB 240 94.75 73.01 15.93
CA GLY CB 240 93.40 73.55 15.86
C GLY CB 240 92.81 73.93 17.21
N LYS CB 241 93.46 73.56 18.32
CA LYS CB 241 93.05 73.90 19.68
C LYS CB 241 91.66 73.35 20.01
N GLY CB 242 91.17 72.38 19.25
CA GLY CB 242 89.86 71.82 19.49
C GLY CB 242 88.73 72.81 19.32
N ILE CB 243 88.81 73.66 18.30
CA ILE CB 243 87.76 74.62 17.98
C ILE CB 243 86.98 74.11 16.78
N ARG CB 244 85.68 73.97 16.94
CA ARG CB 244 84.85 73.38 15.90
C ARG CB 244 84.62 74.40 14.80
N LEU CB 245 85.05 74.05 13.58
CA LEU CB 245 84.83 74.88 12.40
C LEU CB 245 83.81 74.22 11.51
N THR CB 246 82.85 75.00 11.03
CA THR CB 246 81.78 74.44 10.22
C THR CB 246 82.30 74.06 8.85
N ILE CB 247 81.37 73.60 8.01
CA ILE CB 247 81.76 73.11 6.70
C ILE CB 247 82.18 74.27 5.80
N ALA CB 248 81.55 75.43 5.96
CA ALA CB 248 81.98 76.62 5.22
C ALA CB 248 83.40 77.00 5.61
N GLU CB 249 83.74 76.92 6.90
CA GLU CB 249 85.09 77.24 7.34
C GLU CB 249 86.10 76.20 6.86
N GLU CB 250 85.71 74.92 6.84
CA GLU CB 250 86.64 73.88 6.41
C GLU CB 250 86.90 73.96 4.90
N ARG CB 251 85.91 74.42 4.12
CA ARG CB 251 86.13 74.62 2.71
C ARG CB 251 87.03 75.84 2.46
N ASP CB 252 86.85 76.88 3.27
CA ASP CB 252 87.64 78.10 3.11
C ASP CB 252 89.11 77.85 3.39
N LYS CB 253 89.41 77.09 4.45
CA LYS CB 253 90.80 76.88 4.84
C LYS CB 253 91.50 75.94 3.88
N ARG CB 254 90.79 74.95 3.32
CA ARG CB 254 91.40 74.05 2.34
C ARG CB 254 91.71 74.79 1.05
N LEU CB 255 90.83 75.71 0.63
CA LEU CB 255 91.13 76.52 -0.53
C LEU CB 255 92.33 77.43 -0.28
N ALA CB 256 92.38 78.04 0.92
CA ALA CB 256 93.51 78.91 1.25
C ALA CB 256 94.82 78.13 1.29
N ALA CB 257 94.78 76.89 1.81
CA ALA CB 257 95.99 76.07 1.81
C ALA CB 257 96.38 75.62 0.42
N LYS CB 258 95.39 75.25 -0.41
CA LYS CB 258 95.68 74.83 -1.77
C LYS CB 258 96.25 75.98 -2.60
N GLN CB 259 95.68 77.18 -2.45
CA GLN CB 259 96.17 78.33 -3.21
C GLN CB 259 97.57 78.73 -2.76
N SER CB 260 97.85 78.61 -1.46
CA SER CB 260 99.17 78.94 -0.95
C SER CB 260 100.23 77.96 -1.46
N SER CB 261 99.91 76.66 -1.46
CA SER CB 261 100.86 75.65 -1.89
C SER CB 261 100.85 75.41 -3.41
N GLY CB 262 99.94 76.05 -4.14
CA GLY CB 262 99.87 75.87 -5.58
C GLY CB 262 100.15 77.15 -6.34
N ASP DB 1 -46.28 69.31 -74.99
CA ASP DB 1 -46.09 70.29 -76.04
C ASP DB 1 -44.98 69.88 -77.00
N ILE DB 2 -43.90 69.33 -76.43
CA ILE DB 2 -42.72 68.98 -77.22
C ILE DB 2 -42.80 67.59 -77.84
N LYS DB 3 -43.76 66.76 -77.41
CA LYS DB 3 -44.06 65.47 -78.04
C LYS DB 3 -42.85 64.55 -78.06
N LEU DB 4 -42.45 64.12 -76.85
CA LEU DB 4 -41.44 63.09 -76.67
C LEU DB 4 -41.77 61.85 -77.49
N PHE DB 5 -40.90 61.53 -78.46
CA PHE DB 5 -41.07 60.41 -79.38
C PHE DB 5 -42.29 60.57 -80.28
N GLY DB 6 -42.57 61.80 -80.72
CA GLY DB 6 -43.63 62.05 -81.67
C GLY DB 6 -45.02 62.11 -81.09
N LYS DB 7 -45.18 61.86 -79.80
CA LYS DB 7 -46.47 61.93 -79.13
C LYS DB 7 -46.21 62.12 -77.64
N TRP DB 8 -47.23 61.88 -76.80
CA TRP DB 8 -47.09 61.96 -75.35
C TRP DB 8 -46.65 63.36 -74.92
N SER DB 9 -47.54 64.33 -75.16
CA SER DB 9 -47.28 65.72 -74.80
C SER DB 9 -47.01 65.84 -73.30
N THR DB 10 -45.96 66.60 -72.97
CA THR DB 10 -45.46 66.58 -71.60
C THR DB 10 -46.33 67.39 -70.65
N ASP DB 11 -47.18 68.28 -71.17
CA ASP DB 11 -47.93 69.19 -70.31
C ASP DB 11 -49.21 68.48 -69.85
N ASP DB 12 -49.06 67.28 -69.27
CA ASP DB 12 -50.20 66.65 -68.62
C ASP DB 12 -49.84 65.94 -67.33
N VAL DB 13 -48.56 65.79 -67.02
CA VAL DB 13 -48.13 64.99 -65.89
C VAL DB 13 -47.84 65.90 -64.70
N GLN DB 14 -48.21 65.42 -63.51
CA GLN DB 14 -47.89 66.11 -62.27
C GLN DB 14 -47.20 65.13 -61.34
N ILE DB 15 -46.44 65.69 -60.40
CA ILE DB 15 -45.62 64.92 -59.47
C ILE DB 15 -46.34 64.86 -58.13
N ASN DB 16 -46.39 63.65 -57.53
CA ASN DB 16 -47.15 63.46 -56.30
C ASN DB 16 -46.49 64.14 -55.11
N ASP DB 17 -45.19 63.97 -54.93
CA ASP DB 17 -44.50 64.40 -53.72
C ASP DB 17 -43.65 65.63 -54.01
N ILE DB 18 -43.72 66.63 -53.11
CA ILE DB 18 -42.92 67.84 -53.24
C ILE DB 18 -41.43 67.53 -53.08
N SER DB 19 -41.11 66.51 -52.28
CA SER DB 19 -39.70 66.21 -51.96
C SER DB 19 -38.89 65.92 -53.22
N LEU DB 20 -39.49 65.23 -54.20
CA LEU DB 20 -38.85 65.00 -55.48
C LEU DB 20 -39.51 65.78 -56.62
N GLN DB 21 -40.34 66.78 -56.29
CA GLN DB 21 -40.83 67.70 -57.31
C GLN DB 21 -39.67 68.49 -57.93
N ASP DB 22 -38.71 68.90 -57.09
CA ASP DB 22 -37.50 69.55 -57.58
C ASP DB 22 -36.57 68.59 -58.32
N TYR DB 23 -36.81 67.28 -58.23
CA TYR DB 23 -35.89 66.28 -58.77
C TYR DB 23 -36.46 65.48 -59.93
N ILE DB 24 -37.79 65.38 -60.08
CA ILE DB 24 -38.37 64.69 -61.23
C ILE DB 24 -38.16 65.52 -62.48
N ALA DB 25 -37.72 64.87 -63.56
CA ALA DB 25 -37.19 65.59 -64.72
C ALA DB 25 -38.01 65.40 -66.00
N VAL DB 26 -39.33 65.47 -65.93
CA VAL DB 26 -40.19 65.44 -67.10
C VAL DB 26 -40.96 66.75 -67.32
N LYS DB 27 -40.68 67.78 -66.53
CA LYS DB 27 -41.45 69.02 -66.62
C LYS DB 27 -41.09 69.76 -67.92
N GLU DB 28 -41.85 70.82 -68.19
CA GLU DB 28 -41.80 71.48 -69.50
C GLU DB 28 -40.44 72.11 -69.79
N LYS DB 29 -39.78 72.66 -68.76
CA LYS DB 29 -38.50 73.31 -68.97
C LYS DB 29 -37.44 72.32 -69.47
N TYR DB 30 -37.27 71.21 -68.76
CA TYR DB 30 -36.37 70.15 -69.20
C TYR DB 30 -37.14 69.05 -69.92
N ALA DB 31 -37.85 69.46 -70.96
CA ALA DB 31 -38.56 68.54 -71.84
C ALA DB 31 -37.90 68.57 -73.22
N LYS DB 32 -37.75 67.40 -73.83
CA LYS DB 32 -37.00 67.26 -75.06
C LYS DB 32 -37.77 66.39 -76.04
N TYR DB 33 -37.20 66.19 -77.23
CA TYR DB 33 -37.81 65.35 -78.25
C TYR DB 33 -37.36 63.90 -78.17
N LEU DB 34 -36.12 63.65 -77.78
CA LEU DB 34 -35.58 62.31 -77.68
C LEU DB 34 -34.68 62.21 -76.45
N PRO DB 35 -34.63 61.05 -75.79
CA PRO DB 35 -33.75 60.88 -74.62
C PRO DB 35 -32.30 60.62 -75.03
N HIS DB 36 -31.69 61.62 -75.66
CA HIS DB 36 -30.34 61.45 -76.21
C HIS DB 36 -29.73 62.84 -76.36
N SER DB 37 -28.77 63.17 -75.49
CA SER DB 37 -28.08 64.45 -75.57
C SER DB 37 -26.79 64.37 -74.76
N ALA DB 38 -25.65 64.53 -75.42
CA ALA DB 38 -24.35 64.57 -74.74
C ALA DB 38 -24.15 65.97 -74.14
N GLY DB 39 -24.93 66.25 -73.09
CA GLY DB 39 -25.03 67.57 -72.51
C GLY DB 39 -24.07 67.88 -71.39
N ARG DB 40 -23.05 67.03 -71.16
CA ARG DB 40 -22.08 67.21 -70.08
C ARG DB 40 -22.78 67.32 -68.72
N TYR DB 41 -23.46 66.23 -68.36
CA TYR DB 41 -24.32 66.16 -67.19
C TYR DB 41 -23.68 65.41 -66.03
N ALA DB 42 -22.35 65.29 -66.02
CA ALA DB 42 -21.64 64.63 -64.93
C ALA DB 42 -20.37 65.35 -64.54
N ALA DB 43 -20.22 66.62 -64.92
CA ALA DB 43 -19.04 67.39 -64.53
C ALA DB 43 -19.12 67.82 -63.07
N LYS DB 44 -20.29 68.27 -62.62
CA LYS DB 44 -20.49 68.77 -61.27
C LYS DB 44 -21.65 68.02 -60.62
N ARG DB 45 -21.77 68.17 -59.31
CA ARG DB 45 -22.88 67.57 -58.58
C ARG DB 45 -24.20 68.21 -59.00
N PHE DB 46 -25.27 67.39 -58.97
CA PHE DB 46 -26.63 67.76 -59.32
C PHE DB 46 -26.79 68.13 -60.79
N ARG DB 47 -25.82 67.82 -61.64
CA ARG DB 47 -26.03 67.92 -63.07
C ARG DB 47 -26.91 66.77 -63.57
N LYS DB 48 -26.98 65.68 -62.79
CA LYS DB 48 -27.97 64.65 -63.08
C LYS DB 48 -29.38 65.09 -62.72
N ALA DB 49 -29.51 66.13 -61.89
CA ALA DB 49 -30.84 66.65 -61.57
C ALA DB 49 -31.48 67.33 -62.77
N GLN DB 50 -30.71 68.14 -63.49
CA GLN DB 50 -31.20 68.75 -64.73
C GLN DB 50 -31.21 67.77 -65.89
N CYS DB 51 -30.47 66.67 -65.77
CA CYS DB 51 -30.52 65.61 -66.77
C CYS DB 51 -31.91 64.99 -66.80
N PRO DB 52 -32.49 64.75 -67.97
CA PRO DB 52 -33.87 64.25 -68.02
C PRO DB 52 -33.97 62.80 -67.52
N ILE DB 53 -35.10 62.51 -66.87
CA ILE DB 53 -35.28 61.19 -66.27
C ILE DB 53 -35.41 60.12 -67.35
N VAL DB 54 -35.85 60.48 -68.55
CA VAL DB 54 -35.87 59.52 -69.64
C VAL DB 54 -34.45 59.16 -70.07
N GLU DB 55 -33.57 60.16 -70.11
CA GLU DB 55 -32.15 59.88 -70.34
C GLU DB 55 -31.55 59.09 -69.18
N ARG DB 56 -32.07 59.31 -67.97
CA ARG DB 56 -31.62 58.55 -66.81
C ARG DB 56 -31.96 57.08 -66.96
N LEU DB 57 -33.14 56.77 -67.50
CA LEU DB 57 -33.53 55.38 -67.67
C LEU DB 57 -32.64 54.66 -68.68
N THR DB 58 -32.41 55.26 -69.85
CA THR DB 58 -31.62 54.58 -70.88
C THR DB 58 -30.16 54.51 -70.48
N ASN DB 59 -29.66 55.51 -69.76
CA ASN DB 59 -28.27 55.46 -69.30
C ASN DB 59 -28.10 54.43 -68.18
N SER DB 60 -29.13 54.23 -67.35
CA SER DB 60 -29.11 53.13 -66.40
C SER DB 60 -29.42 51.81 -67.09
N MET DB 61 -30.02 51.86 -68.27
CA MET DB 61 -30.23 50.67 -69.10
C MET DB 61 -28.93 50.22 -69.75
N MET DB 62 -27.87 51.03 -69.66
CA MET DB 62 -26.58 50.66 -70.23
C MET DB 62 -25.90 49.60 -69.37
N MET DB 63 -26.56 48.48 -69.09
CA MET DB 63 -26.10 47.64 -67.99
C MET DB 63 -26.29 46.16 -68.32
N HIS DB 64 -25.30 45.57 -68.99
CA HIS DB 64 -25.03 44.16 -68.81
C HIS DB 64 -23.55 43.82 -68.88
N GLY DB 65 -22.68 44.80 -69.15
CA GLY DB 65 -21.31 44.55 -69.49
C GLY DB 65 -21.09 44.24 -70.96
N ARG DB 66 -22.11 43.74 -71.64
CA ARG DB 66 -22.05 43.49 -73.08
C ARG DB 66 -22.73 44.57 -73.90
N ASN DB 67 -23.61 45.36 -73.29
CA ASN DB 67 -24.26 46.51 -73.94
C ASN DB 67 -23.95 47.72 -73.07
N ASN DB 68 -22.95 48.50 -73.47
CA ASN DB 68 -22.48 49.60 -72.64
C ASN DB 68 -22.44 50.94 -73.35
N GLY DB 69 -22.74 51.00 -74.64
CA GLY DB 69 -22.73 52.28 -75.34
C GLY DB 69 -23.90 52.47 -76.29
N LYS DB 70 -24.71 51.43 -76.48
CA LYS DB 70 -25.70 51.43 -77.55
C LYS DB 70 -26.85 52.37 -77.23
N LYS DB 71 -26.64 53.67 -77.31
CA LYS DB 71 -27.71 54.60 -77.00
C LYS DB 71 -28.83 54.51 -78.02
N LEU DB 72 -28.47 54.38 -79.31
CA LEU DB 72 -29.49 54.27 -80.37
C LEU DB 72 -30.34 53.03 -80.19
N MET DB 73 -29.73 51.93 -79.74
CA MET DB 73 -30.50 50.74 -79.41
C MET DB 73 -31.42 50.99 -78.22
N THR DB 74 -30.91 51.70 -77.21
CA THR DB 74 -31.64 51.81 -75.96
C THR DB 74 -32.70 52.90 -76.05
N VAL DB 75 -32.49 53.91 -76.89
CA VAL DB 75 -33.54 54.91 -77.11
C VAL DB 75 -34.70 54.25 -77.86
N ARG DB 76 -34.38 53.34 -78.79
CA ARG DB 76 -35.42 52.61 -79.50
C ARG DB 76 -36.17 51.67 -78.56
N ILE DB 77 -35.45 50.98 -77.68
CA ILE DB 77 -36.08 49.97 -76.83
C ILE DB 77 -37.01 50.60 -75.82
N VAL DB 78 -36.65 51.78 -75.30
CA VAL DB 78 -37.53 52.45 -74.36
C VAL DB 78 -38.74 53.02 -75.09
N LYS DB 79 -38.56 53.47 -76.34
CA LYS DB 79 -39.68 53.92 -77.16
C LYS DB 79 -40.71 52.82 -77.34
N HIS DB 80 -40.25 51.58 -77.53
CA HIS DB 80 -41.15 50.44 -77.52
C HIS DB 80 -41.83 50.28 -76.17
N ALA DB 81 -41.06 50.45 -75.08
CA ALA DB 81 -41.61 50.29 -73.74
C ALA DB 81 -42.70 51.32 -73.46
N PHE DB 82 -42.49 52.56 -73.91
CA PHE DB 82 -43.54 53.57 -73.78
C PHE DB 82 -44.75 53.22 -74.63
N GLU DB 83 -44.51 52.69 -75.83
CA GLU DB 83 -45.60 52.28 -76.70
C GLU DB 83 -46.41 51.15 -76.07
N ILE DB 84 -45.71 50.17 -75.47
CA ILE DB 84 -46.41 49.10 -74.79
C ILE DB 84 -47.18 49.64 -73.58
N ILE DB 85 -46.52 50.45 -72.76
CA ILE DB 85 -47.14 50.88 -71.51
C ILE DB 85 -48.33 51.79 -71.76
N HIS DB 86 -48.29 52.58 -72.84
CA HIS DB 86 -49.46 53.36 -73.21
C HIS DB 86 -50.58 52.45 -73.73
N LEU DB 87 -50.20 51.32 -74.33
CA LEU DB 87 -51.20 50.42 -74.91
C LEU DB 87 -52.01 49.70 -73.83
N LEU DB 88 -51.33 49.13 -72.83
CA LEU DB 88 -52.02 48.28 -71.87
C LEU DB 88 -52.38 49.01 -70.57
N THR DB 89 -52.12 50.31 -70.48
CA THR DB 89 -52.58 51.12 -69.37
C THR DB 89 -53.52 52.24 -69.79
N GLY DB 90 -53.22 52.93 -70.89
CA GLY DB 90 -54.09 53.95 -71.41
C GLY DB 90 -53.76 55.38 -71.03
N GLU DB 91 -52.62 55.61 -70.37
CA GLU DB 91 -52.24 56.97 -70.01
C GLU DB 91 -50.84 57.30 -70.50
N ASN DB 92 -50.32 58.45 -70.10
CA ASN DB 92 -49.00 58.88 -70.53
C ASN DB 92 -47.93 57.95 -69.99
N PRO DB 93 -47.02 57.44 -70.82
CA PRO DB 93 -45.85 56.72 -70.30
C PRO DB 93 -45.02 57.54 -69.33
N LEU DB 94 -45.01 58.86 -69.49
CA LEU DB 94 -44.32 59.71 -68.52
C LEU DB 94 -45.06 59.72 -67.19
N GLN DB 95 -46.40 59.68 -67.22
CA GLN DB 95 -47.18 59.77 -65.99
C GLN DB 95 -47.02 58.52 -65.12
N VAL DB 96 -47.00 57.34 -65.76
CA VAL DB 96 -46.77 56.12 -64.99
C VAL DB 96 -45.32 56.03 -64.54
N LEU DB 97 -44.39 56.56 -65.35
CA LEU DB 97 -42.97 56.50 -65.01
C LEU DB 97 -42.68 57.27 -63.72
N VAL DB 98 -43.18 58.50 -63.61
CA VAL DB 98 -42.93 59.29 -62.40
C VAL DB 98 -43.65 58.66 -61.20
N ASN DB 99 -44.85 58.13 -61.42
CA ASN DB 99 -45.57 57.46 -60.34
C ASN DB 99 -44.84 56.20 -59.89
N ALA DB 100 -44.29 55.44 -60.84
CA ALA DB 100 -43.50 54.27 -60.49
C ALA DB 100 -42.22 54.68 -59.77
N ILE DB 101 -41.59 55.77 -60.21
CA ILE DB 101 -40.38 56.26 -59.56
C ILE DB 101 -40.67 56.66 -58.12
N ILE DB 102 -41.79 57.36 -57.91
CA ILE DB 102 -42.17 57.78 -56.56
C ILE DB 102 -42.41 56.58 -55.66
N ASN DB 103 -43.10 55.55 -56.18
CA ASN DB 103 -43.49 54.41 -55.38
C ASN DB 103 -42.39 53.36 -55.24
N SER DB 104 -41.30 53.46 -56.00
CA SER DB 104 -40.23 52.48 -55.91
C SER DB 104 -39.01 53.00 -55.16
N GLY DB 105 -38.88 54.31 -54.97
CA GLY DB 105 -37.76 54.87 -54.26
C GLY DB 105 -37.80 54.53 -52.78
N PRO DB 106 -36.78 53.82 -52.31
CA PRO DB 106 -36.71 53.49 -50.88
C PRO DB 106 -36.53 54.73 -50.04
N ARG DB 107 -37.11 54.71 -48.84
CA ARG DB 107 -37.14 55.87 -47.95
C ARG DB 107 -36.09 55.79 -46.85
N GLU DB 108 -36.00 54.66 -46.16
CA GLU DB 108 -35.04 54.48 -45.07
C GLU DB 108 -34.06 53.39 -45.44
N ASP DB 109 -32.77 53.70 -45.37
CA ASP DB 109 -31.70 52.78 -45.68
C ASP DB 109 -30.86 52.53 -44.44
N SER DB 110 -29.98 51.53 -44.53
CA SER DB 110 -29.08 51.17 -43.44
C SER DB 110 -27.65 51.25 -43.95
N THR DB 111 -26.85 52.15 -43.38
CA THR DB 111 -25.45 52.34 -43.74
C THR DB 111 -24.69 52.80 -42.50
N ARG DB 112 -23.93 51.91 -41.86
CA ARG DB 112 -23.09 52.28 -40.73
C ARG DB 112 -21.84 51.40 -40.74
N ILE DB 113 -20.99 51.57 -39.72
CA ILE DB 113 -19.62 51.10 -39.78
C ILE DB 113 -19.34 50.02 -38.73
N GLY DB 114 -20.04 50.07 -37.60
CA GLY DB 114 -19.77 49.16 -36.50
C GLY DB 114 -20.27 47.75 -36.77
N ARG DB 115 -20.30 46.96 -35.70
CA ARG DB 115 -20.73 45.57 -35.79
C ARG DB 115 -22.19 45.50 -36.24
N ALA DB 116 -22.40 44.99 -37.46
CA ALA DB 116 -23.70 45.04 -38.10
C ALA DB 116 -24.66 44.02 -37.50
N GLY DB 117 -25.96 44.35 -37.57
CA GLY DB 117 -27.01 43.43 -37.17
C GLY DB 117 -27.28 42.39 -38.24
N THR DB 118 -27.74 42.83 -39.41
CA THR DB 118 -27.89 41.96 -40.57
C THR DB 118 -27.17 42.48 -41.80
N VAL DB 119 -27.20 43.78 -42.06
CA VAL DB 119 -26.44 44.37 -43.16
C VAL DB 119 -25.56 45.47 -42.58
N ARG DB 120 -26.19 46.50 -42.00
CA ARG DB 120 -25.50 47.49 -41.17
C ARG DB 120 -26.37 47.73 -39.94
N ARG DB 121 -25.91 48.62 -39.05
CA ARG DB 121 -26.57 48.77 -37.75
C ARG DB 121 -27.70 49.80 -37.77
N GLN DB 122 -27.39 51.06 -38.06
CA GLN DB 122 -28.38 52.11 -37.89
C GLN DB 122 -29.21 52.30 -39.15
N ALA DB 123 -30.37 52.92 -38.98
CA ALA DB 123 -31.26 53.27 -40.08
C ALA DB 123 -31.09 54.75 -40.40
N VAL DB 124 -30.79 55.05 -41.66
CA VAL DB 124 -30.57 56.41 -42.12
C VAL DB 124 -31.51 56.69 -43.29
N ASP DB 125 -32.23 57.80 -43.22
CA ASP DB 125 -33.09 58.19 -44.32
C ASP DB 125 -32.26 58.58 -45.54
N VAL DB 126 -32.90 58.56 -46.71
CA VAL DB 126 -32.23 58.82 -47.96
C VAL DB 126 -32.58 60.22 -48.43
N SER DB 127 -31.70 60.79 -49.25
CA SER DB 127 -32.03 62.05 -49.89
C SER DB 127 -32.79 61.80 -51.18
N PRO DB 128 -33.67 62.72 -51.60
CA PRO DB 128 -34.46 62.46 -52.82
C PRO DB 128 -33.68 62.71 -54.10
N LEU DB 129 -32.43 62.26 -54.13
CA LEU DB 129 -31.67 62.06 -55.35
C LEU DB 129 -31.26 60.61 -55.49
N ARG DB 130 -30.69 60.02 -54.43
CA ARG DB 130 -30.48 58.57 -54.39
C ARG DB 130 -31.81 57.83 -54.40
N ARG DB 131 -32.88 58.49 -53.97
CA ARG DB 131 -34.22 57.91 -54.10
C ARG DB 131 -34.56 57.65 -55.56
N VAL DB 132 -34.33 58.65 -56.41
CA VAL DB 132 -34.55 58.47 -57.85
C VAL DB 132 -33.48 57.57 -58.44
N ASN DB 133 -32.25 57.68 -57.97
CA ASN DB 133 -31.16 56.87 -58.50
C ASN DB 133 -31.42 55.38 -58.26
N GLN DB 134 -31.83 55.02 -57.05
CA GLN DB 134 -32.08 53.61 -56.74
C GLN DB 134 -33.33 53.11 -57.43
N ALA DB 135 -34.35 53.96 -57.55
CA ALA DB 135 -35.58 53.55 -58.22
C ALA DB 135 -35.31 53.18 -59.67
N ILE DB 136 -34.52 54.00 -60.37
CA ILE DB 136 -34.18 53.71 -61.76
C ILE DB 136 -33.24 52.52 -61.86
N TRP DB 137 -32.31 52.39 -60.91
CA TRP DB 137 -31.43 51.22 -60.93
C TRP DB 137 -32.21 49.95 -60.65
N LEU DB 138 -33.17 50.02 -59.73
CA LEU DB 138 -33.94 48.84 -59.36
C LEU DB 138 -34.82 48.36 -60.51
N LEU DB 139 -35.43 49.27 -61.26
CA LEU DB 139 -36.29 48.85 -62.35
C LEU DB 139 -35.47 48.30 -63.51
N CYS DB 140 -34.26 48.81 -63.70
CA CYS DB 140 -33.40 48.33 -64.76
C CYS DB 140 -32.92 46.91 -64.50
N THR DB 141 -32.41 46.65 -63.29
CA THR DB 141 -31.90 45.31 -63.00
C THR DB 141 -33.02 44.30 -62.83
N GLY DB 142 -34.18 44.73 -62.32
CA GLY DB 142 -35.28 43.81 -62.13
C GLY DB 142 -35.82 43.26 -63.44
N ALA DB 143 -36.04 44.13 -64.42
CA ALA DB 143 -36.46 43.67 -65.74
C ALA DB 143 -35.35 42.88 -66.41
N ARG DB 144 -34.09 43.27 -66.17
CA ARG DB 144 -32.96 42.56 -66.75
C ARG DB 144 -32.94 41.10 -66.32
N GLU DB 145 -33.13 40.84 -65.02
CA GLU DB 145 -33.19 39.48 -64.52
C GLU DB 145 -34.57 38.86 -64.66
N ALA DB 146 -35.55 39.60 -65.18
CA ALA DB 146 -36.83 39.02 -65.54
C ALA DB 146 -36.87 38.56 -66.99
N ALA DB 147 -36.10 39.20 -67.87
CA ALA DB 147 -36.03 38.84 -69.28
C ALA DB 147 -34.80 38.03 -69.61
N PHE DB 148 -34.06 37.55 -68.61
CA PHE DB 148 -32.79 36.89 -68.86
C PHE DB 148 -32.98 35.57 -69.61
N ARG DB 149 -34.00 34.80 -69.26
CA ARG DB 149 -34.12 33.44 -69.78
C ARG DB 149 -35.56 33.13 -70.19
N ASN DB 150 -36.26 34.10 -70.77
CA ASN DB 150 -37.61 33.88 -71.28
C ASN DB 150 -37.73 34.46 -72.67
N ILE DB 151 -38.81 34.07 -73.36
CA ILE DB 151 -39.10 34.65 -74.67
C ILE DB 151 -39.64 36.07 -74.53
N LYS DB 152 -40.11 36.45 -73.35
CA LYS DB 152 -40.59 37.80 -73.15
C LYS DB 152 -39.46 38.80 -73.35
N THR DB 153 -39.68 39.75 -74.25
CA THR DB 153 -38.66 40.73 -74.55
C THR DB 153 -38.45 41.66 -73.35
N ILE DB 154 -37.22 42.16 -73.24
CA ILE DB 154 -36.85 43.04 -72.13
C ILE DB 154 -37.67 44.33 -72.18
N ALA DB 155 -38.02 44.81 -73.38
CA ALA DB 155 -38.88 45.99 -73.48
C ALA DB 155 -40.23 45.75 -72.80
N GLU DB 156 -40.78 44.55 -72.97
CA GLU DB 156 -41.97 44.18 -72.20
C GLU DB 156 -41.66 44.11 -70.71
N CYS DB 157 -40.49 43.58 -70.35
CA CYS DB 157 -40.15 43.43 -68.94
C CYS DB 157 -39.94 44.79 -68.28
N LEU DB 158 -39.44 45.78 -69.03
CA LEU DB 158 -39.47 47.15 -68.53
C LEU DB 158 -40.90 47.63 -68.33
N ALA DB 159 -41.78 47.30 -69.28
CA ALA DB 159 -43.16 47.81 -69.22
C ALA DB 159 -43.92 47.23 -68.03
N ASP DB 160 -43.87 45.90 -67.86
CA ASP DB 160 -44.65 45.28 -66.79
C ASP DB 160 -44.05 45.59 -65.42
N GLU DB 161 -42.72 45.69 -65.33
CA GLU DB 161 -42.11 46.16 -64.08
C GLU DB 161 -42.52 47.59 -63.78
N LEU DB 162 -42.68 48.41 -64.82
CA LEU DB 162 -43.12 49.79 -64.63
C LEU DB 162 -44.55 49.85 -64.11
N ILE DB 163 -45.45 49.04 -64.69
CA ILE DB 163 -46.85 49.11 -64.27
C ILE DB 163 -47.03 48.49 -62.89
N ASN DB 164 -46.26 47.46 -62.57
CA ASN DB 164 -46.40 46.81 -61.27
C ASN DB 164 -45.83 47.69 -60.16
N ALA DB 165 -44.71 48.35 -60.43
CA ALA DB 165 -44.16 49.29 -59.45
C ALA DB 165 -45.03 50.52 -59.29
N ALA DB 166 -45.72 50.92 -60.36
CA ALA DB 166 -46.62 52.07 -60.27
C ALA DB 166 -47.80 51.78 -59.37
N LYS DB 167 -48.49 50.66 -59.59
CA LYS DB 167 -49.67 50.34 -58.78
C LYS DB 167 -49.28 49.88 -57.38
N GLY DB 168 -48.30 48.98 -57.29
CA GLY DB 168 -47.90 48.40 -56.01
C GLY DB 168 -48.60 47.06 -55.82
N SER DB 169 -47.91 45.97 -56.11
CA SER DB 169 -48.53 44.66 -56.06
C SER DB 169 -47.64 43.55 -55.52
N SER DB 170 -46.44 43.87 -55.04
CA SER DB 170 -45.46 42.88 -54.56
C SER DB 170 -45.09 41.88 -55.65
N ASN DB 171 -45.12 42.32 -56.92
CA ASN DB 171 -44.66 41.51 -58.03
C ASN DB 171 -43.43 42.07 -58.72
N SER DB 172 -43.31 43.39 -58.80
CA SER DB 172 -42.14 44.03 -59.41
C SER DB 172 -40.95 43.92 -58.48
N TYR DB 173 -39.77 43.72 -59.08
CA TYR DB 173 -38.53 43.68 -58.31
C TYR DB 173 -38.24 45.03 -57.68
N ALA DB 174 -38.74 46.11 -58.30
CA ALA DB 174 -38.50 47.45 -57.76
C ALA DB 174 -39.16 47.64 -56.41
N ILE DB 175 -40.46 47.36 -56.32
CA ILE DB 175 -41.18 47.56 -55.07
C ILE DB 175 -40.77 46.50 -54.05
N LYS DB 176 -40.46 45.28 -54.51
CA LYS DB 176 -40.11 44.20 -53.61
C LYS DB 176 -38.83 44.50 -52.84
N LYS DB 177 -37.81 45.02 -53.53
CA LYS DB 177 -36.54 45.31 -52.87
C LYS DB 177 -36.67 46.51 -51.95
N LYS DB 178 -37.49 47.50 -52.32
CA LYS DB 178 -37.59 48.71 -51.51
C LYS DB 178 -38.35 48.45 -50.21
N ASP DB 179 -39.38 47.58 -50.24
CA ASP DB 179 -40.07 47.26 -48.99
C ASP DB 179 -39.21 46.41 -48.07
N GLU DB 180 -38.39 45.52 -48.66
CA GLU DB 180 -37.42 44.78 -47.85
C GLU DB 180 -36.40 45.72 -47.24
N LEU DB 181 -35.95 46.72 -47.99
CA LEU DB 181 -35.02 47.71 -47.46
C LEU DB 181 -35.67 48.53 -46.36
N GLU DB 182 -36.94 48.88 -46.52
CA GLU DB 182 -37.65 49.61 -45.48
C GLU DB 182 -37.83 48.75 -44.23
N ARG DB 183 -38.16 47.47 -44.41
CA ARG DB 183 -38.31 46.57 -43.28
C ARG DB 183 -36.98 46.36 -42.56
N VAL DB 184 -35.89 46.20 -43.32
CA VAL DB 184 -34.58 46.03 -42.71
C VAL DB 184 -34.19 47.27 -41.91
N ALA DB 185 -34.44 48.45 -42.49
CA ALA DB 185 -34.19 49.69 -41.75
C ALA DB 185 -35.10 49.82 -40.54
N LYS DB 186 -36.35 49.36 -40.67
CA LYS DB 186 -37.29 49.43 -39.55
C LYS DB 186 -36.82 48.57 -38.38
N SER DB 187 -36.39 47.34 -38.66
CA SER DB 187 -35.86 46.49 -37.61
C SER DB 187 -34.55 47.04 -37.04
N ASN DB 188 -33.72 47.63 -37.92
CA ASN DB 188 -32.43 48.19 -37.52
C ASN DB 188 -32.53 49.65 -37.09
N ARG DB 189 -33.69 50.08 -36.62
CA ARG DB 189 -33.90 51.46 -36.19
C ARG DB 189 -33.01 51.80 -35.00
N MET EB 1 89.82 -21.65 27.41
CA MET EB 1 89.81 -20.38 28.13
C MET EB 1 91.22 -19.97 28.53
N LYS EB 2 91.63 -18.77 28.12
CA LYS EB 2 92.97 -18.28 28.38
C LYS EB 2 92.99 -17.48 29.67
N LEU EB 3 93.96 -17.77 30.53
CA LEU EB 3 94.16 -17.07 31.79
C LEU EB 3 95.55 -16.46 31.81
N ASN EB 4 95.65 -15.21 32.25
CA ASN EB 4 96.92 -14.49 32.31
C ASN EB 4 97.42 -14.47 33.74
N ILE EB 5 98.62 -14.99 33.95
CA ILE EB 5 99.21 -15.12 35.29
C ILE EB 5 100.01 -13.86 35.58
N SER EB 6 99.72 -13.19 36.70
CA SER EB 6 100.39 -11.96 37.08
C SER EB 6 100.98 -12.10 38.48
N PHE EB 7 102.27 -11.86 38.60
CA PHE EB 7 102.98 -11.96 39.89
C PHE EB 7 103.65 -10.64 40.20
N PRO EB 8 103.28 -9.96 41.29
CA PRO EB 8 103.87 -8.65 41.59
C PRO EB 8 105.38 -8.69 41.84
N ALA EB 9 105.89 -9.77 42.42
CA ALA EB 9 107.30 -9.79 42.83
C ALA EB 9 108.24 -9.86 41.62
N THR EB 10 107.85 -10.60 40.58
CA THR EB 10 108.73 -10.85 39.46
C THR EB 10 108.17 -10.39 38.11
N GLY EB 11 106.88 -10.08 38.01
CA GLY EB 11 106.31 -9.72 36.73
C GLY EB 11 106.32 -10.89 35.77
N CYS EB 12 106.71 -10.62 34.53
CA CYS EB 12 106.80 -11.63 33.46
C CYS EB 12 105.48 -12.38 33.29
N GLN EB 13 104.41 -11.62 33.05
CA GLN EB 13 103.08 -12.21 32.96
C GLN EB 13 102.97 -13.07 31.71
N LYS EB 14 102.28 -14.21 31.86
CA LYS EB 14 102.18 -15.21 30.80
C LYS EB 14 100.78 -15.80 30.80
N LEU EB 15 100.40 -16.36 29.65
CA LEU EB 15 99.07 -16.92 29.46
C LEU EB 15 99.06 -18.42 29.79
N ILE EB 16 97.89 -18.89 30.24
CA ILE EB 16 97.59 -20.32 30.29
C ILE EB 16 96.18 -20.51 29.73
N GLU EB 17 96.05 -21.44 28.78
CA GLU EB 17 94.78 -21.70 28.12
C GLU EB 17 94.25 -23.04 28.59
N VAL EB 18 93.11 -23.03 29.27
CA VAL EB 18 92.54 -24.22 29.89
C VAL EB 18 91.26 -24.61 29.16
N ASP EB 19 90.94 -25.91 29.23
CA ASP EB 19 89.79 -26.45 28.52
C ASP EB 19 88.89 -27.25 29.45
N ASP EB 20 89.49 -27.87 30.48
CA ASP EB 20 88.71 -28.68 31.41
C ASP EB 20 87.82 -27.81 32.28
N GLU EB 21 86.56 -28.22 32.43
CA GLU EB 21 85.62 -27.45 33.23
C GLU EB 21 85.89 -27.56 34.73
N ARG EB 22 86.62 -28.60 35.16
CA ARG EB 22 86.88 -28.78 36.58
C ARG EB 22 87.76 -27.65 37.13
N LYS EB 23 88.78 -27.25 36.36
CA LYS EB 23 89.62 -26.14 36.79
C LYS EB 23 88.85 -24.83 36.79
N LEU EB 24 87.95 -24.64 35.81
CA LEU EB 24 87.15 -23.42 35.77
C LEU EB 24 86.15 -23.36 36.92
N ARG EB 25 85.75 -24.51 37.45
CA ARG EB 25 84.77 -24.54 38.53
C ARG EB 25 85.29 -23.88 39.80
N THR EB 26 86.61 -23.84 39.99
CA THR EB 26 87.17 -23.15 41.15
C THR EB 26 86.98 -21.64 41.05
N PHE EB 27 87.07 -21.09 39.84
CA PHE EB 27 86.88 -19.66 39.62
C PHE EB 27 85.43 -19.28 39.34
N TYR EB 28 84.54 -20.25 39.17
CA TYR EB 28 83.14 -19.96 38.88
C TYR EB 28 82.45 -19.32 40.08
N GLU EB 29 81.32 -18.66 39.81
CA GLU EB 29 80.41 -18.04 40.77
C GLU EB 29 81.13 -17.28 41.88
N LYS EB 30 82.25 -16.63 41.54
CA LYS EB 30 83.06 -15.92 42.51
C LYS EB 30 83.22 -14.48 42.08
N ARG EB 31 83.37 -13.60 43.07
CA ARG EB 31 83.43 -12.16 42.83
C ARG EB 31 84.87 -11.67 42.75
N MET EB 32 85.04 -10.49 42.16
CA MET EB 32 86.34 -9.85 42.06
C MET EB 32 86.87 -9.52 43.46
N ALA EB 33 88.18 -9.63 43.62
CA ALA EB 33 88.89 -9.42 44.89
C ALA EB 33 88.39 -10.41 45.95
N THR EB 34 88.56 -11.69 45.65
CA THR EB 34 88.25 -12.78 46.56
C THR EB 34 89.38 -13.79 46.50
N GLU EB 35 89.90 -14.18 47.67
CA GLU EB 35 91.05 -15.06 47.71
C GLU EB 35 90.63 -16.52 47.52
N VAL EB 36 91.42 -17.25 46.73
CA VAL EB 36 91.13 -18.65 46.42
C VAL EB 36 92.42 -19.28 45.90
N ALA EB 37 92.48 -20.60 45.94
CA ALA EB 37 93.63 -21.35 45.45
C ALA EB 37 93.20 -22.25 44.29
N ALA EB 38 94.04 -22.31 43.26
CA ALA EB 38 93.81 -23.12 42.07
C ALA EB 38 94.85 -24.22 41.94
N ASP EB 39 95.16 -24.88 43.05
CA ASP EB 39 96.21 -25.89 43.08
C ASP EB 39 95.89 -27.13 42.26
N ALA EB 40 94.64 -27.31 41.86
CA ALA EB 40 94.23 -28.49 41.08
C ALA EB 40 94.77 -28.50 39.66
N LEU EB 41 95.63 -27.58 39.22
CA LEU EB 41 96.21 -27.64 37.87
C LEU EB 41 97.54 -28.36 38.02
N GLY EB 42 97.45 -29.69 38.01
CA GLY EB 42 98.65 -30.51 38.06
C GLY EB 42 99.42 -30.33 39.36
N GLU EB 43 100.69 -30.72 39.31
CA GLU EB 43 101.59 -30.63 40.44
C GLU EB 43 102.52 -29.43 40.37
N GLU EB 44 102.34 -28.55 39.39
CA GLU EB 44 103.15 -27.35 39.25
C GLU EB 44 102.47 -26.09 39.77
N TRP EB 45 101.27 -26.21 40.34
CA TRP EB 45 100.54 -25.07 40.87
C TRP EB 45 100.23 -25.19 42.35
N LYS EB 46 100.79 -26.18 43.04
CA LYS EB 46 100.45 -26.41 44.43
C LYS EB 46 100.94 -25.25 45.30
N GLY EB 47 100.14 -24.92 46.32
CA GLY EB 47 100.48 -23.85 47.24
C GLY EB 47 100.29 -22.46 46.70
N TYR EB 48 99.64 -22.30 45.55
CA TYR EB 48 99.45 -21.00 44.93
C TYR EB 48 98.01 -20.53 45.17
N VAL EB 49 97.85 -19.57 46.08
CA VAL EB 49 96.57 -18.90 46.29
C VAL EB 49 96.59 -17.62 45.47
N VAL EB 50 95.50 -17.37 44.73
CA VAL EB 50 95.50 -16.35 43.70
C VAL EB 50 94.23 -15.50 43.82
N ARG EB 51 94.39 -14.18 43.73
CA ARG EB 51 93.28 -13.24 43.70
C ARG EB 51 92.99 -12.89 42.24
N ILE EB 52 91.84 -13.34 41.74
CA ILE EB 52 91.42 -12.94 40.40
C ILE EB 52 91.20 -11.43 40.38
N SER EB 53 91.65 -10.79 39.31
CA SER EB 53 91.66 -9.34 39.23
C SER EB 53 90.79 -8.75 38.14
N GLY EB 54 90.52 -9.49 37.06
CA GLY EB 54 89.72 -8.94 35.98
C GLY EB 54 89.40 -10.00 34.96
N GLY EB 55 88.84 -9.56 33.85
CA GLY EB 55 88.47 -10.50 32.80
C GLY EB 55 87.83 -9.79 31.63
N ASN EB 56 87.27 -10.59 30.72
CA ASN EB 56 86.58 -10.09 29.55
C ASN EB 56 85.48 -11.07 29.15
N ASP EB 57 84.35 -10.52 28.70
CA ASP EB 57 83.23 -11.34 28.27
C ASP EB 57 83.57 -12.09 26.98
N LYS EB 58 82.77 -13.12 26.67
CA LYS EB 58 82.94 -13.86 25.43
C LYS EB 58 82.85 -12.96 24.20
N GLN EB 59 82.15 -11.84 24.29
CA GLN EB 59 82.12 -10.83 23.25
C GLN EB 59 83.17 -9.76 23.43
N GLY EB 60 83.98 -9.83 24.48
CA GLY EB 60 85.06 -8.89 24.68
C GLY EB 60 84.72 -7.67 25.51
N PHE EB 61 83.71 -7.75 26.39
CA PHE EB 61 83.31 -6.58 27.14
C PHE EB 61 84.02 -6.50 28.49
N PRO EB 62 84.29 -5.29 28.98
CA PRO EB 62 85.10 -5.13 30.19
C PRO EB 62 84.43 -5.67 31.45
N MET EB 63 85.27 -6.05 32.40
CA MET EB 63 84.87 -6.70 33.64
C MET EB 63 84.95 -5.67 34.77
N LYS EB 64 83.79 -5.25 35.26
CA LYS EB 64 83.67 -4.11 36.17
C LYS EB 64 83.10 -4.52 37.52
N GLN EB 65 83.69 -4.00 38.60
CA GLN EB 65 83.24 -4.27 39.95
C GLN EB 65 81.90 -3.60 40.23
N GLY EB 66 81.29 -3.99 41.35
CA GLY EB 66 80.09 -3.36 41.84
C GLY EB 66 78.80 -3.94 41.30
N VAL EB 67 78.82 -4.46 40.07
CA VAL EB 67 77.57 -4.83 39.39
C VAL EB 67 76.85 -5.93 40.14
N LEU EB 68 77.59 -6.94 40.62
CA LEU EB 68 77.04 -8.04 41.42
C LEU EB 68 75.96 -8.81 40.66
N THR EB 69 76.15 -8.97 39.36
CA THR EB 69 75.21 -9.72 38.52
C THR EB 69 75.95 -10.21 37.30
N HIS EB 70 76.07 -11.53 37.15
CA HIS EB 70 76.72 -12.09 35.98
C HIS EB 70 75.92 -11.76 34.73
N GLY EB 71 76.60 -11.23 33.71
CA GLY EB 71 75.97 -10.80 32.49
C GLY EB 71 76.35 -9.37 32.17
N ARG EB 72 75.65 -8.79 31.21
CA ARG EB 72 75.98 -7.48 30.67
C ARG EB 72 74.91 -6.47 31.06
N VAL EB 73 75.32 -5.40 31.72
CA VAL EB 73 74.46 -4.28 32.04
C VAL EB 73 75.11 -3.00 31.54
N ARG EB 74 74.27 -1.99 31.31
CA ARG EB 74 74.73 -0.70 30.82
C ARG EB 74 74.74 0.31 31.96
N LEU EB 75 75.88 0.97 32.13
CA LEU EB 75 76.07 1.95 33.20
C LEU EB 75 76.48 3.28 32.60
N LEU EB 76 75.91 4.37 33.11
CA LEU EB 76 76.26 5.71 32.67
C LEU EB 76 77.63 6.06 33.24
N LEU EB 77 78.68 5.66 32.51
CA LEU EB 77 80.04 5.79 33.01
C LEU EB 77 80.48 7.24 33.00
N SER EB 78 81.06 7.70 34.11
CA SER EB 78 81.57 9.04 34.26
C SER EB 78 83.11 9.03 34.14
N LYS EB 79 83.72 10.17 34.43
CA LYS EB 79 85.17 10.29 34.37
C LYS EB 79 85.82 9.44 35.46
N GLY EB 80 86.76 8.59 35.04
CA GLY EB 80 87.54 7.81 35.99
C GLY EB 80 86.76 6.81 36.82
N HIS EB 81 85.54 6.45 36.40
CA HIS EB 81 84.73 5.54 37.19
C HIS EB 81 85.25 4.10 37.05
N SER EB 82 85.14 3.54 35.85
CA SER EB 82 85.70 2.24 35.48
C SER EB 82 85.50 2.04 33.99
N CYS EB 83 86.52 1.48 33.34
CA CYS EB 83 86.45 1.04 31.94
C CYS EB 83 86.02 2.16 31.00
N TYR EB 84 86.37 3.39 31.35
CA TYR EB 84 85.95 4.53 30.56
C TYR EB 84 86.97 5.66 30.61
N ARG EB 85 87.09 6.38 29.50
CA ARG EB 85 87.87 7.61 29.42
C ARG EB 85 87.01 8.71 28.81
N PRO EB 86 87.20 9.96 29.22
CA PRO EB 86 86.37 11.04 28.65
C PRO EB 86 87.00 11.69 27.44
N ARG EB 87 86.20 11.94 26.41
CA ARG EB 87 86.69 12.74 25.28
C ARG EB 87 86.76 14.21 25.65
N ARG EB 88 85.82 14.69 26.46
CA ARG EB 88 85.82 16.05 26.94
C ARG EB 88 85.46 16.04 28.43
N THR EB 89 85.79 17.14 29.11
CA THR EB 89 85.56 17.23 30.53
C THR EB 89 84.07 17.15 30.85
N GLY EB 90 83.73 16.31 31.82
CA GLY EB 90 82.36 16.12 32.23
C GLY EB 90 81.54 15.18 31.36
N GLU EB 91 82.13 14.63 30.30
CA GLU EB 91 81.38 13.78 29.38
C GLU EB 91 80.83 12.56 30.08
N ARG EB 92 79.56 12.25 29.80
CA ARG EB 92 78.89 11.09 30.35
C ARG EB 92 78.37 10.22 29.21
N LYS EB 93 78.47 8.91 29.36
CA LYS EB 93 77.99 7.98 28.35
C LYS EB 93 77.64 6.66 29.00
N ARG EB 94 76.76 5.92 28.35
CA ARG EB 94 76.32 4.62 28.84
C ARG EB 94 77.04 3.53 28.07
N LYS EB 95 77.76 2.67 28.80
CA LYS EB 95 78.49 1.56 28.18
C LYS EB 95 78.18 0.27 28.92
N SER EB 96 78.37 -0.84 28.22
CA SER EB 96 78.09 -2.16 28.74
C SER EB 96 79.28 -2.69 29.55
N VAL EB 97 78.98 -3.28 30.70
CA VAL EB 97 80.00 -3.81 31.60
C VAL EB 97 79.58 -5.21 32.04
N ARG EB 98 80.56 -5.97 32.52
CA ARG EB 98 80.37 -7.35 32.97
C ARG EB 98 80.43 -7.41 34.48
N GLY EB 99 79.45 -8.08 35.09
CA GLY EB 99 79.39 -8.17 36.53
C GLY EB 99 80.49 -9.03 37.12
N CYS EB 100 80.69 -8.88 38.43
CA CYS EB 100 81.79 -9.55 39.10
C CYS EB 100 81.57 -11.04 39.31
N ILE EB 101 80.38 -11.56 39.03
CA ILE EB 101 80.10 -12.98 39.21
C ILE EB 101 80.65 -13.72 37.99
N VAL EB 102 81.76 -14.44 38.18
CA VAL EB 102 82.37 -15.20 37.11
C VAL EB 102 81.52 -16.43 36.81
N ASP EB 103 81.45 -16.81 35.54
CA ASP EB 103 80.67 -17.95 35.10
C ASP EB 103 81.40 -18.59 33.92
N ALA EB 104 80.67 -19.38 33.12
CA ALA EB 104 81.29 -20.02 31.96
C ALA EB 104 81.48 -19.08 30.78
N ASN EB 105 80.71 -17.99 30.70
CA ASN EB 105 80.66 -17.17 29.50
C ASN EB 105 81.53 -15.92 29.64
N LEU EB 106 82.84 -16.14 29.64
CA LEU EB 106 83.84 -15.08 29.53
C LEU EB 106 84.85 -15.45 28.45
N SER EB 107 85.79 -14.54 28.19
CA SER EB 107 86.94 -14.80 27.32
C SER EB 107 88.22 -14.97 28.10
N VAL EB 108 88.56 -14.00 28.95
CA VAL EB 108 89.76 -14.04 29.78
C VAL EB 108 89.33 -13.85 31.22
N LEU EB 109 90.20 -14.25 32.13
CA LEU EB 109 90.00 -14.02 33.57
C LEU EB 109 91.37 -13.67 34.16
N ASN EB 110 91.60 -12.37 34.35
CA ASN EB 110 92.86 -11.92 34.93
C ASN EB 110 92.95 -12.36 36.39
N LEU EB 111 94.05 -13.03 36.74
CA LEU EB 111 94.24 -13.57 38.07
C LEU EB 111 95.66 -13.27 38.54
N VAL EB 112 95.79 -12.78 39.78
CA VAL EB 112 97.05 -12.31 40.33
C VAL EB 112 97.34 -13.06 41.61
N ILE EB 113 98.53 -13.65 41.71
CA ILE EB 113 98.94 -14.40 42.89
C ILE EB 113 99.41 -13.43 43.96
N VAL EB 114 99.29 -13.84 45.22
CA VAL EB 114 99.72 -13.02 46.34
C VAL EB 114 100.89 -13.65 47.11
N LYS EB 115 101.10 -14.96 47.01
CA LYS EB 115 102.23 -15.60 47.67
C LYS EB 115 102.68 -16.80 46.85
N LYS EB 116 103.95 -17.16 47.01
CA LYS EB 116 104.54 -18.23 46.22
C LYS EB 116 104.04 -19.60 46.67
N GLY EB 117 104.10 -20.56 45.76
CA GLY EB 117 103.69 -21.92 46.00
C GLY EB 117 104.85 -22.83 46.37
N GLU EB 118 104.64 -24.12 46.14
CA GLU EB 118 105.66 -25.11 46.50
C GLU EB 118 106.85 -25.10 45.56
N LYS EB 119 106.61 -24.91 44.26
CA LYS EB 119 107.68 -24.97 43.27
C LYS EB 119 107.49 -23.85 42.26
N ASP EB 120 108.61 -23.36 41.72
CA ASP EB 120 108.57 -22.28 40.74
C ASP EB 120 107.86 -22.72 39.47
N ILE EB 121 106.91 -21.90 39.01
CA ILE EB 121 106.25 -22.15 37.74
C ILE EB 121 107.18 -21.75 36.60
N PRO EB 122 107.45 -22.63 35.64
CA PRO EB 122 108.41 -22.30 34.58
C PRO EB 122 107.94 -21.13 33.73
N GLY EB 123 108.82 -20.15 33.55
CA GLY EB 123 108.53 -18.99 32.75
C GLY EB 123 107.72 -17.92 33.43
N LEU EB 124 107.37 -18.08 34.70
CA LEU EB 124 106.57 -17.10 35.42
C LEU EB 124 107.31 -16.49 36.61
N THR EB 125 107.84 -17.32 37.51
CA THR EB 125 108.40 -16.85 38.77
C THR EB 125 109.92 -16.71 38.73
N ASP EB 126 110.52 -16.76 37.55
CA ASP EB 126 111.95 -16.61 37.39
C ASP EB 126 112.23 -15.56 36.32
N THR EB 127 113.50 -15.17 36.20
CA THR EB 127 113.98 -14.16 35.25
C THR EB 127 113.21 -12.85 35.43
N THR EB 128 113.36 -12.26 36.62
CA THR EB 128 112.58 -11.09 37.01
C THR EB 128 112.89 -9.90 36.11
N VAL EB 129 111.84 -9.25 35.62
CA VAL EB 129 111.98 -8.04 34.82
C VAL EB 129 112.18 -6.87 35.78
N PRO EB 130 113.29 -6.15 35.68
CA PRO EB 130 113.54 -5.03 36.60
C PRO EB 130 112.73 -3.80 36.23
N ARG EB 131 112.60 -2.91 37.20
CA ARG EB 131 111.83 -1.68 37.02
C ARG EB 131 112.52 -0.77 36.02
N ARG EB 132 111.74 -0.22 35.09
CA ARG EB 132 112.34 0.58 34.02
C ARG EB 132 112.90 1.90 34.55
N LEU EB 133 112.14 2.61 35.37
CA LEU EB 133 112.51 3.94 35.86
C LEU EB 133 112.44 3.97 37.37
N GLY EB 134 113.53 4.39 38.02
CA GLY EB 134 113.60 4.43 39.46
C GLY EB 134 113.00 5.69 40.06
N PRO EB 135 113.53 6.12 41.21
CA PRO EB 135 112.95 7.27 41.92
C PRO EB 135 113.34 8.57 41.23
N LYS EB 136 112.35 9.35 40.82
CA LYS EB 136 112.62 10.66 40.27
C LYS EB 136 112.53 11.76 41.31
N ARG EB 137 111.47 11.77 42.11
CA ARG EB 137 111.30 12.79 43.16
C ARG EB 137 112.41 12.67 44.19
N ALA EB 138 112.94 13.82 44.62
CA ALA EB 138 113.98 13.81 45.64
C ALA EB 138 113.41 13.77 47.04
N SER EB 139 112.43 12.90 47.27
CA SER EB 139 112.07 12.42 48.60
C SER EB 139 111.81 10.93 48.48
N ARG EB 140 111.47 10.48 47.27
CA ARG EB 140 111.43 9.05 46.99
C ARG EB 140 112.82 8.48 46.89
N ILE EB 141 113.81 9.31 46.53
CA ILE EB 141 115.20 8.88 46.51
C ILE EB 141 115.66 8.52 47.92
N ARG EB 142 115.35 9.38 48.89
CA ARG EB 142 115.80 9.13 50.26
C ARG EB 142 114.98 8.03 50.92
N LYS EB 143 113.72 7.85 50.51
CA LYS EB 143 112.93 6.74 51.03
C LYS EB 143 113.50 5.40 50.58
N LEU EB 144 113.94 5.32 49.32
CA LEU EB 144 114.46 4.07 48.79
C LEU EB 144 115.85 3.76 49.33
N PHE EB 145 116.72 4.76 49.40
CA PHE EB 145 118.12 4.55 49.75
C PHE EB 145 118.42 4.81 51.22
N ASN EB 146 117.38 5.02 52.04
CA ASN EB 146 117.52 5.28 53.48
C ASN EB 146 118.42 6.49 53.74
N LEU EB 147 118.26 7.52 52.90
CA LEU EB 147 119.00 8.77 53.05
C LEU EB 147 118.30 9.65 54.08
N SER EB 148 119.06 10.12 55.07
CA SER EB 148 118.51 10.97 56.12
C SER EB 148 118.54 12.44 55.73
N LYS EB 149 119.73 12.99 55.48
CA LYS EB 149 119.84 14.40 55.11
C LYS EB 149 121.18 14.66 54.43
N GLU EB 150 121.14 15.01 53.15
CA GLU EB 150 122.28 15.54 52.41
C GLU EB 150 123.46 14.57 52.34
N ASP EB 151 123.16 13.29 52.10
CA ASP EB 151 124.19 12.31 51.74
C ASP EB 151 124.23 12.14 50.22
N ASP EB 152 124.46 13.25 49.51
CA ASP EB 152 124.61 13.28 48.06
C ASP EB 152 123.36 12.76 47.35
N VAL EB 153 122.27 13.50 47.48
CA VAL EB 153 121.04 13.19 46.76
C VAL EB 153 121.27 13.26 45.26
N ARG EB 154 122.20 14.12 44.81
CA ARG EB 154 122.46 14.27 43.38
C ARG EB 154 123.07 13.01 42.78
N GLN EB 155 123.99 12.36 43.50
CA GLN EB 155 124.71 11.21 42.97
C GLN EB 155 124.07 9.88 43.36
N TYR EB 156 122.94 9.89 44.06
CA TYR EB 156 122.26 8.68 44.49
C TYR EB 156 121.10 8.31 43.56
N VAL EB 157 121.26 8.54 42.26
CA VAL EB 157 120.23 8.25 41.28
C VAL EB 157 120.68 7.10 40.39
N VAL EB 158 119.74 6.58 39.61
CA VAL EB 158 119.96 5.42 38.76
C VAL EB 158 120.40 5.86 37.37
N ARG EB 159 121.43 5.21 36.84
CA ARG EB 159 122.04 5.54 35.55
C ARG EB 159 121.70 4.43 34.55
N LYS EB 160 120.79 4.73 33.62
CA LYS EB 160 120.30 3.80 32.62
C LYS EB 160 121.31 3.57 31.48
N PRO EB 161 121.40 2.06 30.80
CA PRO EB 161 122.62 2.08 30.08
C PRO EB 161 122.05 2.17 28.62
N LEU EB 162 122.42 3.24 27.94
CA LEU EB 162 122.14 3.40 26.52
C LEU EB 162 123.27 2.78 25.72
N ASN EB 163 123.01 1.62 25.12
CA ASN EB 163 124.02 0.82 24.45
C ASN EB 163 123.52 0.39 23.07
N LYS EB 164 122.99 1.34 22.32
CA LYS EB 164 122.58 1.06 20.94
C LYS EB 164 123.81 0.78 20.08
N GLU EB 165 123.70 -0.21 19.20
CA GLU EB 165 124.84 -0.65 18.40
C GLU EB 165 125.29 0.40 17.39
N GLY EB 166 124.43 1.35 17.03
CA GLY EB 166 124.76 2.38 16.08
C GLY EB 166 125.36 3.63 16.66
N LYS EB 167 125.71 3.63 17.94
CA LYS EB 167 126.24 4.82 18.59
C LYS EB 167 127.13 4.39 19.75
N LYS EB 168 127.74 5.38 20.40
CA LYS EB 168 128.58 5.17 21.58
C LYS EB 168 127.71 4.99 22.83
N PRO EB 169 128.21 4.25 23.82
CA PRO EB 169 127.46 4.10 25.08
C PRO EB 169 127.37 5.41 25.85
N ARG EB 170 126.27 5.57 26.59
CA ARG EB 170 126.02 6.76 27.40
C ARG EB 170 124.97 6.42 28.45
N THR EB 171 124.63 7.42 29.29
CA THR EB 171 123.78 7.24 30.45
C THR EB 171 122.78 8.39 30.60
N LYS EB 172 121.89 8.24 31.58
CA LYS EB 172 120.77 9.15 31.77
C LYS EB 172 120.40 9.21 33.25
N ALA EB 173 119.68 10.26 33.58
CA ALA EB 173 119.23 10.55 34.94
C ALA EB 173 118.09 11.57 34.86
N PRO EB 174 117.15 11.68 35.88
CA PRO EB 174 116.02 12.50 35.61
C PRO EB 174 116.18 13.91 36.19
N LYS EB 175 115.09 14.68 36.10
CA LYS EB 175 115.04 16.03 36.65
C LYS EB 175 114.49 15.86 38.06
N ILE EB 176 115.40 15.65 39.02
CA ILE EB 176 114.98 15.38 40.37
C ILE EB 176 114.33 16.63 40.95
N GLN EB 177 113.10 16.48 41.41
CA GLN EB 177 112.29 17.59 41.87
C GLN EB 177 112.00 17.41 43.35
N ARG EB 178 111.41 18.46 43.93
CA ARG EB 178 111.26 18.59 45.38
C ARG EB 178 112.60 18.45 46.09
N LEU EB 179 113.63 19.03 45.50
CA LEU EB 179 114.98 19.05 46.05
C LEU EB 179 115.24 20.45 46.59
N VAL EB 180 115.97 20.52 47.71
CA VAL EB 180 116.39 21.82 48.23
C VAL EB 180 117.39 22.42 47.25
N THR EB 181 116.94 23.42 46.49
CA THR EB 181 117.73 23.98 45.41
C THR EB 181 117.94 25.46 45.64
N PRO EB 182 119.13 26.00 45.33
CA PRO EB 182 119.33 27.45 45.48
C PRO EB 182 118.39 28.29 44.65
N ARG EB 183 117.92 27.77 43.51
CA ARG EB 183 116.98 28.53 42.70
C ARG EB 183 115.60 28.61 43.37
N VAL EB 184 115.20 27.57 44.11
CA VAL EB 184 113.95 27.63 44.83
C VAL EB 184 114.09 28.55 46.04
N LEU EB 185 115.24 28.51 46.71
CA LEU EB 185 115.50 29.42 47.81
C LEU EB 185 115.52 30.87 47.31
N GLN EB 186 115.99 31.10 46.09
CA GLN EB 186 116.05 32.48 45.59
C GLN EB 186 114.65 32.99 45.28
N HIS EB 187 113.77 32.13 44.77
CA HIS EB 187 112.36 32.47 44.61
C HIS EB 187 111.69 32.75 45.97
N LYS EB 188 111.99 31.93 46.98
CA LYS EB 188 111.43 32.15 48.30
C LYS EB 188 111.91 33.47 48.89
N ARG EB 189 113.21 33.76 48.76
CA ARG EB 189 113.73 35.05 49.22
C ARG EB 189 113.18 36.19 48.38
N ARG EB 190 112.91 35.95 47.09
CA ARG EB 190 112.24 36.94 46.27
C ARG EB 190 110.84 37.22 46.79
N ARG EB 191 110.12 36.16 47.18
CA ARG EB 191 108.83 36.36 47.83
C ARG EB 191 108.99 37.09 49.16
N ILE EB 192 110.02 36.73 49.93
CA ILE EB 192 110.30 37.43 51.19
C ILE EB 192 110.62 38.88 50.91
N ALA EB 193 111.51 39.14 49.93
CA ALA EB 193 111.87 40.51 49.59
C ALA EB 193 110.68 41.27 49.02
N LEU EB 194 109.78 40.57 48.32
CA LEU EB 194 108.54 41.19 47.88
C LEU EB 194 107.69 41.61 49.08
N LYS EB 195 107.63 40.75 50.10
CA LYS EB 195 106.84 41.08 51.29
C LYS EB 195 107.42 42.29 52.02
N LYS EB 196 108.74 42.48 51.94
CA LYS EB 196 109.35 43.65 52.58
C LYS EB 196 108.87 44.94 51.92
N GLN EB 197 108.97 45.01 50.58
CA GLN EB 197 108.60 46.23 49.88
C GLN EB 197 107.11 46.48 49.88
N ARG EB 198 106.30 45.42 49.95
CA ARG EB 198 104.86 45.61 50.09
C ARG EB 198 104.51 46.26 51.42
N THR EB 199 105.12 45.77 52.51
CA THR EB 199 104.94 46.40 53.81
C THR EB 199 105.54 47.80 53.84
N LYS EB 200 106.73 47.96 53.24
CA LYS EB 200 107.39 49.26 53.24
C LYS EB 200 106.60 50.30 52.45
N LYS EB 201 106.02 49.90 51.32
CA LYS EB 201 105.19 50.82 50.55
C LYS EB 201 103.89 51.14 51.28
N ASN EB 202 103.37 50.17 52.04
CA ASN EB 202 102.11 50.38 52.75
C ASN EB 202 102.27 51.37 53.89
N LYS EB 203 103.33 51.22 54.69
CA LYS EB 203 103.54 52.13 55.82
C LYS EB 203 103.88 53.53 55.33
N GLU EB 204 104.57 53.63 54.20
CA GLU EB 204 104.94 54.95 53.66
C GLU EB 204 103.73 55.69 53.14
N GLU EB 205 102.84 55.00 52.42
CA GLU EB 205 101.64 55.65 51.91
C GLU EB 205 100.68 56.03 53.03
N ALA EB 206 100.57 55.17 54.05
CA ALA EB 206 99.72 55.48 55.19
C ALA EB 206 100.27 56.66 55.99
N ALA EB 207 101.59 56.70 56.18
CA ALA EB 207 102.19 57.79 56.95
C ALA EB 207 102.07 59.12 56.23
N GLU EB 208 102.31 59.14 54.91
CA GLU EB 208 102.23 60.39 54.17
C GLU EB 208 100.79 60.88 54.06
N TYR EB 209 99.81 59.96 54.06
CA TYR EB 209 98.41 60.38 54.10
C TYR EB 209 98.06 61.01 55.44
N ALA EB 210 98.56 60.42 56.53
CA ALA EB 210 98.30 60.97 57.86
C ALA EB 210 98.89 62.36 58.01
N LYS EB 211 100.10 62.57 57.48
CA LYS EB 211 100.69 63.91 57.47
C LYS EB 211 99.91 64.85 56.55
N LEU EB 212 99.51 64.37 55.38
CA LEU EB 212 98.71 65.19 54.47
C LEU EB 212 97.35 65.49 55.07
N LEU EB 213 96.72 64.49 55.70
CA LEU EB 213 95.45 64.74 56.38
C LEU EB 213 95.64 65.64 57.59
N ALA EB 214 96.81 65.61 58.21
CA ALA EB 214 97.10 66.56 59.29
C ALA EB 214 97.31 67.96 58.73
N LYS EB 215 98.02 68.07 57.60
CA LYS EB 215 98.15 69.36 56.92
C LYS EB 215 96.78 69.84 56.45
N ARG EB 216 95.97 68.95 55.90
CA ARG EB 216 94.60 69.28 55.58
C ARG EB 216 93.78 69.35 56.87
N MET EB 217 92.54 69.84 56.74
CA MET EB 217 91.59 70.02 57.84
C MET EB 217 92.06 71.13 58.77
N LYS EB 218 93.30 71.60 58.57
CA LYS EB 218 93.79 72.78 59.29
C LYS EB 218 93.20 74.04 58.69
N GLU EB 219 93.01 74.06 57.36
CA GLU EB 219 92.30 75.16 56.73
C GLU EB 219 90.82 75.14 57.10
N ALA EB 220 90.28 73.96 57.44
CA ALA EB 220 88.91 73.89 57.93
C ALA EB 220 88.82 74.39 59.37
N LYS EB 221 89.79 74.02 60.20
CA LYS EB 221 89.85 74.56 61.56
C LYS EB 221 90.11 76.06 61.53
N GLU EB 222 90.96 76.52 60.61
CA GLU EB 222 91.18 77.95 60.44
C GLU EB 222 89.91 78.65 59.96
N LYS EB 223 89.16 78.01 59.05
CA LYS EB 223 87.92 78.59 58.57
C LYS EB 223 86.90 78.72 59.70
N ARG EB 224 86.78 77.69 60.54
CA ARG EB 224 85.92 77.81 61.71
C ARG EB 224 86.44 78.89 62.65
N GLN EB 225 87.75 78.91 62.90
CA GLN EB 225 88.33 79.93 63.77
C GLN EB 225 88.16 81.33 63.19
N GLU EB 226 88.29 81.48 61.86
CA GLU EB 226 88.06 82.78 61.23
C GLU EB 226 86.63 83.23 61.42
N GLN EB 227 85.67 82.34 61.21
CA GLN EB 227 84.27 82.65 61.51
C GLN EB 227 84.10 82.97 62.99
N ILE EB 228 84.79 82.22 63.84
CA ILE EB 228 84.74 82.45 65.29
C ILE EB 228 85.31 83.82 65.62
N ALA EB 229 86.42 84.19 64.99
CA ALA EB 229 87.00 85.51 65.22
C ALA EB 229 86.11 86.61 64.66
N LYS EB 230 85.51 86.36 63.48
CA LYS EB 230 84.70 87.39 62.84
C LYS EB 230 83.46 87.74 63.67
N ARG EB 231 82.81 86.74 64.27
CA ARG EB 231 81.64 87.04 65.09
C ARG EB 231 82.03 87.70 66.41
N ARG EB 232 83.30 87.60 66.82
CA ARG EB 232 83.77 88.40 67.94
C ARG EB 232 84.16 89.80 67.51
N ARG EB 233 84.81 89.93 66.34
CA ARG EB 233 85.28 91.23 65.88
C ARG EB 233 84.11 92.17 65.58
N LEU EB 234 83.08 91.66 64.91
CA LEU EB 234 81.93 92.46 64.51
C LEU EB 234 80.73 91.99 65.33
N SER EB 235 80.58 92.57 66.51
CA SER EB 235 79.41 92.33 67.35
C SER EB 235 78.80 93.62 67.88
N SER EB 236 79.29 94.78 67.44
CA SER EB 236 78.79 96.06 67.91
C SER EB 236 78.40 96.96 66.75
N LEU EB 237 79.05 96.76 65.61
CA LEU EB 237 78.78 97.59 64.43
C LEU EB 237 78.10 96.76 63.33
N SER FB 1 48.86 122.87 56.78
CA SER FB 1 47.61 122.83 56.05
C SER FB 1 46.62 121.88 56.72
N ALA FB 2 45.39 121.86 56.21
CA ALA FB 2 44.32 121.01 56.74
C ALA FB 2 44.10 119.85 55.78
N LYS FB 3 44.25 118.63 56.29
CA LYS FB 3 44.22 117.42 55.47
C LYS FB 3 43.45 116.30 56.18
N ILE FB 4 42.29 116.64 56.76
CA ILE FB 4 41.60 115.67 57.61
C ILE FB 4 41.01 114.53 56.78
N VAL FB 5 40.44 114.83 55.62
CA VAL FB 5 39.82 113.80 54.79
C VAL FB 5 40.61 113.62 53.50
N LYS FB 6 41.59 112.71 53.53
CA LYS FB 6 42.42 112.46 52.36
C LYS FB 6 43.09 111.09 52.44
N PRO FB 7 42.50 110.06 51.85
CA PRO FB 7 43.22 108.81 51.66
C PRO FB 7 44.19 108.90 50.49
N ASN FB 8 45.26 108.12 50.58
CA ASN FB 8 46.23 107.97 49.50
C ASN FB 8 46.83 106.57 49.62
N GLY FB 9 47.97 106.35 48.96
CA GLY FB 9 48.59 105.04 49.04
C GLY FB 9 49.11 104.76 50.43
N GLU FB 10 50.24 105.37 50.82
CA GLU FB 10 50.51 105.50 52.24
C GLU FB 10 50.83 106.95 52.63
N LYS FB 11 51.88 107.53 52.04
CA LYS FB 11 52.35 108.90 52.30
C LYS FB 11 51.75 110.01 51.45
N PRO FB 12 51.67 109.88 50.12
CA PRO FB 12 51.86 111.06 49.25
C PRO FB 12 50.71 112.05 49.32
N ASP FB 13 51.06 113.33 49.33
CA ASP FB 13 50.14 114.44 49.14
C ASP FB 13 50.88 115.44 48.26
N GLU FB 14 50.70 115.29 46.95
CA GLU FB 14 51.51 116.02 45.96
C GLU FB 14 50.87 117.38 45.72
N PHE FB 15 51.30 118.35 46.54
CA PHE FB 15 50.73 119.71 46.64
C PHE FB 15 49.23 119.71 46.41
N GLU FB 16 48.52 118.93 47.24
CA GLU FB 16 47.07 118.81 47.15
C GLU FB 16 46.36 119.98 47.81
N SER FB 17 47.06 121.10 48.00
CA SER FB 17 46.49 122.26 48.68
C SER FB 17 45.34 122.89 47.91
N GLY FB 18 45.16 122.53 46.65
CA GLY FB 18 44.13 123.16 45.85
C GLY FB 18 42.75 122.56 46.01
N ILE FB 19 42.64 121.24 46.10
CA ILE FB 19 41.36 120.55 46.01
C ILE FB 19 40.95 119.93 47.35
N SER FB 20 41.91 119.47 48.16
CA SER FB 20 41.55 118.80 49.41
C SER FB 20 41.00 119.81 50.42
N GLN FB 21 41.71 120.93 50.59
CA GLN FB 21 41.27 121.95 51.53
C GLN FB 21 40.05 122.69 51.01
N ALA FB 22 39.89 122.75 49.69
CA ALA FB 22 38.67 123.31 49.11
C ALA FB 22 37.45 122.50 49.54
N LEU FB 23 37.57 121.17 49.54
CA LEU FB 23 36.51 120.33 50.08
C LEU FB 23 36.33 120.58 51.56
N LEU FB 24 37.43 120.85 52.28
CA LEU FB 24 37.34 121.12 53.71
C LEU FB 24 36.64 122.44 53.98
N GLU FB 25 36.91 123.46 53.15
CA GLU FB 25 36.22 124.74 53.27
C GLU FB 25 34.95 124.80 52.43
N LEU FB 26 34.56 123.67 51.80
CA LEU FB 26 33.28 123.51 51.12
C LEU FB 26 32.13 123.27 52.12
N GLU FB 27 32.49 123.36 53.39
CA GLU FB 27 31.57 123.32 54.51
C GLU FB 27 30.59 124.50 54.43
N MET FB 28 29.66 124.56 55.40
CA MET FB 28 28.59 125.57 55.48
C MET FB 28 27.98 125.85 54.10
N ASN FB 29 27.46 124.79 53.49
CA ASN FB 29 26.98 124.82 52.12
C ASN FB 29 25.47 124.63 52.08
N SER FB 30 24.93 124.50 50.86
CA SER FB 30 23.49 124.41 50.65
C SER FB 30 23.03 122.95 50.74
N ASP FB 31 23.23 122.38 51.93
CA ASP FB 31 22.72 121.05 52.29
C ASP FB 31 23.33 119.95 51.42
N LEU FB 32 24.65 119.90 51.36
CA LEU FB 32 25.36 118.80 50.73
C LEU FB 32 26.29 118.06 51.67
N LYS FB 33 26.72 118.68 52.78
CA LYS FB 33 27.66 118.03 53.69
C LYS FB 33 27.00 116.90 54.46
N ALA FB 34 25.67 116.82 54.46
CA ALA FB 34 24.98 115.71 55.08
C ALA FB 34 25.33 114.39 54.41
N GLN FB 35 25.62 114.43 53.11
CA GLN FB 35 26.05 113.25 52.37
C GLN FB 35 27.53 113.27 52.03
N LEU FB 36 28.18 114.43 52.11
CA LEU FB 36 29.59 114.57 51.74
C LEU FB 36 30.54 114.28 52.88
N ARG FB 37 30.06 114.25 54.13
CA ARG FB 37 30.94 114.02 55.27
C ARG FB 37 31.40 112.57 55.38
N GLU FB 38 30.71 111.65 54.73
CA GLU FB 38 31.04 110.23 54.80
C GLU FB 38 31.81 109.74 53.57
N LEU FB 39 32.24 110.65 52.70
CA LEU FB 39 32.98 110.27 51.50
C LEU FB 39 34.37 110.89 51.51
N ASN FB 40 35.31 110.21 50.86
CA ASN FB 40 36.71 110.62 50.84
C ASN FB 40 37.26 110.44 49.44
N ILE FB 41 38.50 110.91 49.25
CA ILE FB 41 39.14 110.97 47.93
C ILE FB 41 40.32 110.02 47.92
N THR FB 42 40.25 109.01 47.05
CA THR FB 42 41.39 108.09 46.91
C THR FB 42 42.59 108.80 46.29
N ALA FB 43 42.38 109.49 45.17
CA ALA FB 43 43.45 110.17 44.46
C ALA FB 43 42.83 111.17 43.50
N ALA FB 44 43.68 111.99 42.89
CA ALA FB 44 43.21 112.96 41.90
C ALA FB 44 44.39 113.42 41.06
N LYS FB 45 44.07 114.03 39.91
CA LYS FB 45 45.07 114.58 39.01
C LYS FB 45 44.50 115.81 38.33
N GLU FB 46 45.40 116.66 37.84
CA GLU FB 46 45.07 117.93 37.20
C GLU FB 46 45.70 118.01 35.82
N ILE FB 47 45.54 116.95 35.03
CA ILE FB 47 46.28 116.80 33.78
C ILE FB 47 45.69 117.68 32.70
N GLU FB 48 46.57 118.32 31.92
CA GLU FB 48 46.17 119.15 30.79
C GLU FB 48 45.95 118.29 29.56
N VAL FB 49 44.87 118.58 28.84
CA VAL FB 49 44.53 117.88 27.60
C VAL FB 49 44.40 118.91 26.49
N GLY FB 50 45.10 118.68 25.38
CA GLY FB 50 45.01 119.55 24.23
C GLY FB 50 45.76 120.86 24.42
N GLY FB 51 45.02 121.97 24.37
CA GLY FB 51 45.62 123.28 24.53
C GLY FB 51 45.81 123.67 25.98
N GLY FB 52 45.41 124.88 26.33
CA GLY FB 52 45.54 125.36 27.70
C GLY FB 52 44.45 124.92 28.65
N ARG FB 53 43.48 124.14 28.18
CA ARG FB 53 42.38 123.69 29.03
C ARG FB 53 42.84 122.56 29.94
N LYS FB 54 42.54 122.68 31.23
CA LYS FB 54 42.93 121.71 32.23
C LYS FB 54 41.73 120.87 32.64
N ALA FB 55 41.96 119.57 32.85
CA ALA FB 55 40.93 118.65 33.31
C ALA FB 55 41.32 118.11 34.66
N ILE FB 56 40.45 118.26 35.65
CA ILE FB 56 40.66 117.71 36.98
C ILE FB 56 39.92 116.37 37.06
N ILE FB 57 40.66 115.32 37.37
CA ILE FB 57 40.13 113.97 37.44
C ILE FB 57 40.38 113.44 38.86
N ILE FB 58 39.33 112.98 39.51
CA ILE FB 58 39.37 112.63 40.92
C ILE FB 58 38.99 111.15 41.07
N PHE FB 59 39.85 110.40 41.77
CA PHE FB 59 39.63 108.98 42.01
C PHE FB 59 38.89 108.79 43.32
N VAL FB 60 37.79 108.05 43.29
CA VAL FB 60 36.98 107.80 44.47
C VAL FB 60 36.92 106.30 44.71
N PRO FB 61 36.72 105.87 45.96
CA PRO FB 61 36.71 104.43 46.25
C PRO FB 61 35.55 103.70 45.60
N VAL FB 62 35.77 102.40 45.35
CA VAL FB 62 34.75 101.58 44.70
C VAL FB 62 33.48 101.43 45.54
N PRO FB 63 33.54 101.07 46.84
CA PRO FB 63 32.28 100.97 47.59
C PRO FB 63 31.54 102.28 47.72
N GLN FB 64 32.24 103.41 47.59
CA GLN FB 64 31.62 104.73 47.62
C GLN FB 64 31.47 105.32 46.23
N LEU FB 65 31.63 104.51 45.18
CA LEU FB 65 31.35 104.97 43.83
C LEU FB 65 29.90 105.39 43.67
N LYS FB 66 28.97 104.51 44.07
CA LYS FB 66 27.56 104.81 43.97
C LYS FB 66 27.19 106.00 44.86
N SER FB 67 27.76 106.04 46.08
CA SER FB 67 27.52 107.16 46.97
C SER FB 67 28.00 108.47 46.36
N PHE FB 68 29.13 108.43 45.66
CA PHE FB 68 29.56 109.58 44.88
C PHE FB 68 28.56 109.87 43.76
N GLN FB 69 28.08 108.82 43.10
CA GLN FB 69 27.26 109.00 41.90
C GLN FB 69 25.89 109.60 42.22
N LYS FB 70 25.33 109.27 43.38
CA LYS FB 70 23.99 109.75 43.72
C LYS FB 70 23.93 111.27 43.73
N ILE FB 71 24.99 111.92 44.19
CA ILE FB 71 25.04 113.37 44.30
C ILE FB 71 26.13 113.98 43.42
N GLN FB 72 26.66 113.20 42.47
CA GLN FB 72 27.73 113.72 41.62
C GLN FB 72 27.25 114.86 40.73
N VAL FB 73 26.03 114.74 40.18
CA VAL FB 73 25.52 115.72 39.22
C VAL FB 73 25.40 117.11 39.82
N ARG FB 74 25.33 117.21 41.15
CA ARG FB 74 25.22 118.51 41.80
C ARG FB 74 26.60 119.11 42.11
N LEU FB 75 27.44 118.35 42.82
CA LEU FB 75 28.68 118.92 43.34
C LEU FB 75 29.75 119.13 42.28
N VAL FB 76 29.61 118.51 41.10
CA VAL FB 76 30.55 118.78 40.02
C VAL FB 76 30.44 120.22 39.57
N ARG FB 77 29.24 120.80 39.68
CA ARG FB 77 29.10 122.22 39.48
C ARG FB 77 29.98 122.99 40.46
N GLU FB 78 29.80 122.74 41.75
CA GLU FB 78 30.48 123.53 42.77
C GLU FB 78 31.99 123.49 42.61
N LEU FB 79 32.52 122.34 42.19
CA LEU FB 79 33.95 122.24 41.92
C LEU FB 79 34.36 123.12 40.73
N GLU FB 80 33.46 123.31 39.77
CA GLU FB 80 33.73 124.24 38.68
C GLU FB 80 33.72 125.69 39.15
N LYS FB 81 32.86 126.02 40.13
CA LYS FB 81 32.82 127.40 40.61
C LYS FB 81 34.12 127.77 41.34
N LYS FB 82 34.66 126.87 42.15
CA LYS FB 82 35.92 127.15 42.82
C LYS FB 82 37.11 127.08 41.88
N PHE FB 83 37.00 126.32 40.79
CA PHE FB 83 38.07 126.16 39.80
C PHE FB 83 37.47 126.41 38.42
N SER FB 84 37.45 127.67 38.01
CA SER FB 84 36.91 128.03 36.71
C SER FB 84 37.85 127.60 35.59
N GLY FB 85 37.28 127.24 34.45
CA GLY FB 85 38.04 126.79 33.31
C GLY FB 85 38.54 125.37 33.38
N LYS FB 86 38.13 124.60 34.38
CA LYS FB 86 38.58 123.23 34.58
C LYS FB 86 37.38 122.28 34.55
N HIS FB 87 37.55 121.15 33.86
CA HIS FB 87 36.49 120.16 33.74
C HIS FB 87 36.69 119.05 34.75
N VAL FB 88 35.62 118.67 35.45
CA VAL FB 88 35.69 117.75 36.57
C VAL FB 88 34.91 116.48 36.24
N VAL FB 89 35.42 115.35 36.74
CA VAL FB 89 34.77 114.05 36.54
C VAL FB 89 35.27 113.11 37.63
N PHE FB 90 34.51 112.05 37.89
CA PHE FB 90 34.82 111.09 38.94
C PHE FB 90 34.95 109.70 38.36
N ILE FB 91 36.02 109.01 38.73
CA ILE FB 91 36.29 107.65 38.29
C ILE FB 91 36.68 106.82 39.52
N ALA FB 92 37.08 105.58 39.31
CA ALA FB 92 37.40 104.67 40.41
C ALA FB 92 38.82 104.14 40.30
N GLN FB 93 39.43 103.91 41.46
CA GLN FB 93 40.66 103.11 41.52
C GLN FB 93 40.26 101.65 41.74
N ARG FB 94 40.94 100.76 41.00
CA ARG FB 94 40.52 99.36 41.01
C ARG FB 94 41.67 98.36 41.10
N ARG FB 95 42.93 98.82 41.18
CA ARG FB 95 44.15 97.99 41.28
C ARG FB 95 44.12 96.79 40.35
N ILE FB 96 44.20 97.07 39.04
CA ILE FB 96 44.01 96.08 37.98
C ILE FB 96 44.95 94.89 38.22
N LEU FB 97 44.39 93.68 38.17
CA LEU FB 97 45.16 92.46 38.40
C LEU FB 97 45.71 91.94 37.08
N PRO FB 98 47.02 91.76 36.95
CA PRO FB 98 47.59 91.28 35.69
C PRO FB 98 47.18 89.85 35.40
N LYS FB 99 47.31 89.48 34.13
CA LYS FB 99 47.02 88.12 33.70
C LYS FB 99 48.09 87.17 34.22
N PRO FB 100 47.72 86.14 35.01
CA PRO FB 100 48.73 85.23 35.55
C PRO FB 100 49.39 84.36 34.48
N THR FB 101 50.69 84.54 34.29
CA THR FB 101 51.44 83.74 33.33
C THR FB 101 51.92 82.46 34.02
N ARG FB 102 52.82 81.73 33.36
CA ARG FB 102 53.31 80.46 33.88
C ARG FB 102 54.42 80.64 34.91
N LYS FB 103 55.01 81.82 35.02
CA LYS FB 103 56.09 82.08 35.97
C LYS FB 103 55.57 82.81 37.20
N LYS FB 107 52.92 83.38 48.17
CA LYS FB 107 53.05 82.29 47.21
C LYS FB 107 51.69 81.62 46.97
N ASN FB 108 50.69 82.03 47.74
CA ASN FB 108 49.35 81.47 47.66
C ASN FB 108 48.40 82.54 47.13
N LYS FB 109 47.71 82.24 46.04
CA LYS FB 109 46.81 83.19 45.40
C LYS FB 109 45.49 82.51 45.07
N GLN FB 110 44.44 83.33 44.94
CA GLN FB 110 43.09 82.86 44.70
C GLN FB 110 42.71 83.12 43.25
N LYS FB 111 41.48 82.71 42.89
CA LYS FB 111 40.97 82.97 41.55
C LYS FB 111 40.85 84.47 41.30
N ARG FB 112 41.30 84.91 40.14
CA ARG FB 112 41.19 86.30 39.75
C ARG FB 112 39.74 86.60 39.37
N PRO FB 113 39.08 87.55 40.02
CA PRO FB 113 37.72 87.92 39.61
C PRO FB 113 37.73 88.62 38.26
N ARG FB 114 36.62 88.49 37.54
CA ARG FB 114 36.52 89.13 36.24
C ARG FB 114 36.37 90.65 36.37
N SER FB 115 35.87 91.13 37.50
CA SER FB 115 35.82 92.56 37.75
C SER FB 115 37.20 93.17 37.92
N ARG FB 116 38.20 92.37 38.29
CA ARG FB 116 39.56 92.86 38.45
C ARG FB 116 40.37 92.78 37.17
N THR FB 117 39.81 92.25 36.09
CA THR FB 117 40.50 92.23 34.80
C THR FB 117 40.35 93.57 34.11
N LEU FB 118 41.38 93.93 33.33
CA LEU FB 118 41.43 95.28 32.76
C LEU FB 118 40.45 95.46 31.61
N THR FB 119 40.13 94.38 30.89
CA THR FB 119 39.16 94.51 29.80
C THR FB 119 37.74 94.74 30.33
N ALA FB 120 37.49 94.40 31.60
CA ALA FB 120 36.21 94.67 32.23
C ALA FB 120 36.27 95.89 33.14
N VAL FB 121 37.41 96.57 33.20
CA VAL FB 121 37.51 97.79 34.00
C VAL FB 121 37.62 98.99 33.07
N HIS FB 122 38.10 98.76 31.84
CA HIS FB 122 38.19 99.85 30.88
C HIS FB 122 36.80 100.32 30.45
N ASP FB 123 35.90 99.38 30.17
CA ASP FB 123 34.53 99.75 29.86
C ASP FB 123 33.81 100.31 31.08
N ALA FB 124 34.11 99.78 32.27
CA ALA FB 124 33.54 100.34 33.49
C ALA FB 124 33.99 101.78 33.70
N ILE FB 125 35.25 102.09 33.38
CA ILE FB 125 35.71 103.47 33.38
C ILE FB 125 34.97 104.26 32.31
N LEU FB 126 34.78 103.67 31.13
CA LEU FB 126 34.05 104.33 30.06
C LEU FB 126 32.61 104.63 30.44
N GLU FB 127 32.05 103.90 31.41
CA GLU FB 127 30.67 104.10 31.81
C GLU FB 127 30.53 105.24 32.82
N ASP FB 128 31.36 105.23 33.87
CA ASP FB 128 31.24 106.23 34.93
C ASP FB 128 32.03 107.51 34.65
N LEU FB 129 32.85 107.52 33.60
CA LEU FB 129 33.44 108.78 33.13
C LEU FB 129 32.41 109.66 32.44
N VAL FB 130 31.36 109.06 31.89
CA VAL FB 130 30.31 109.81 31.22
C VAL FB 130 29.04 109.73 32.05
N PHE FB 131 29.21 109.63 33.37
CA PHE FB 131 28.11 109.26 34.27
C PHE FB 131 26.82 110.06 34.12
N PRO FB 132 26.83 111.37 33.80
CA PRO FB 132 25.54 112.03 33.50
C PRO FB 132 24.74 111.32 32.42
N SER FB 133 25.41 110.77 31.42
CA SER FB 133 24.79 109.88 30.45
C SER FB 133 25.18 108.44 30.78
N GLU FB 134 24.84 107.51 29.89
CA GLU FB 134 25.30 106.13 30.03
C GLU FB 134 25.45 105.52 28.65
N ILE FB 135 26.25 104.46 28.57
CA ILE FB 135 26.55 103.85 27.28
C ILE FB 135 25.34 103.09 26.77
N VAL FB 136 25.10 103.21 25.46
CA VAL FB 136 24.03 102.46 24.79
C VAL FB 136 24.53 101.66 23.60
N GLY FB 137 25.66 102.03 22.98
CA GLY FB 137 26.21 101.26 21.88
C GLY FB 137 27.72 101.38 21.85
N LYS FB 138 28.34 100.45 21.12
CA LYS FB 138 29.77 100.48 20.87
C LYS FB 138 30.00 100.23 19.39
N ARG FB 139 30.88 101.04 18.79
CA ARG FB 139 31.11 101.04 17.34
C ARG FB 139 32.60 100.92 17.05
N ILE FB 140 33.21 99.90 17.64
CA ILE FB 140 34.63 99.56 17.48
C ILE FB 140 35.02 99.68 16.01
N ARG FB 141 36.10 100.43 15.73
CA ARG FB 141 36.48 100.77 14.36
C ARG FB 141 37.98 100.67 14.16
N VAL FB 142 38.41 100.29 12.96
CA VAL FB 142 39.83 100.17 12.62
C VAL FB 142 40.18 101.23 11.60
N LYS FB 143 41.24 101.99 11.88
CA LYS FB 143 41.69 103.06 10.98
C LYS FB 143 42.80 102.61 10.05
N LEU FB 144 42.63 101.48 9.36
CA LEU FB 144 43.47 101.00 8.25
C LEU FB 144 44.88 100.57 8.64
N ASP FB 145 45.30 100.69 9.91
CA ASP FB 145 46.67 100.33 10.26
C ASP FB 145 46.79 99.55 11.56
N GLY FB 146 45.68 99.06 12.11
CA GLY FB 146 45.71 98.31 13.34
C GLY FB 146 45.63 99.13 14.61
N SER FB 147 45.70 100.46 14.50
CA SER FB 147 45.53 101.32 15.67
C SER FB 147 44.09 101.22 16.18
N ARG FB 148 43.93 101.22 17.50
CA ARG FB 148 42.66 100.91 18.11
C ARG FB 148 41.89 102.18 18.42
N LEU FB 149 40.85 102.44 17.63
CA LEU FB 149 39.96 103.58 17.80
C LEU FB 149 38.59 103.04 18.19
N ILE FB 150 38.09 103.46 19.34
CA ILE FB 150 36.84 102.94 19.86
C ILE FB 150 35.81 104.06 19.94
N LYS FB 151 34.54 103.72 19.71
CA LYS FB 151 33.47 104.70 19.60
C LYS FB 151 32.35 104.36 20.58
N VAL FB 152 31.67 105.40 21.05
CA VAL FB 152 30.61 105.26 22.04
C VAL FB 152 29.36 105.95 21.51
N HIS FB 153 28.24 105.23 21.52
CA HIS FB 153 26.93 105.81 21.21
C HIS FB 153 26.27 106.19 22.53
N LEU FB 154 26.23 107.48 22.81
CA LEU FB 154 25.81 107.98 24.13
C LEU FB 154 24.29 108.00 24.21
N ASP FB 155 23.77 108.61 25.28
CA ASP FB 155 22.36 108.50 25.62
C ASP FB 155 21.47 109.23 24.63
N LYS FB 156 21.85 110.45 24.24
CA LYS FB 156 21.07 111.43 23.49
C LYS FB 156 19.91 112.01 24.30
N ALA FB 157 19.67 111.53 25.52
CA ALA FB 157 18.60 112.09 26.33
C ALA FB 157 19.05 113.38 27.01
N GLN FB 158 20.05 113.27 27.89
CA GLN FB 158 20.59 114.44 28.59
C GLN FB 158 21.89 114.91 27.92
N GLN FB 159 21.75 115.35 26.66
CA GLN FB 159 22.90 115.87 25.93
C GLN FB 159 23.28 117.27 26.36
N ASN FB 160 22.38 118.00 27.01
CA ASN FB 160 22.73 119.33 27.50
C ASN FB 160 23.72 119.24 28.66
N ASN FB 161 23.69 118.13 29.40
CA ASN FB 161 24.61 117.97 30.53
C ASN FB 161 26.04 117.76 30.06
N VAL FB 162 26.24 116.92 29.03
CA VAL FB 162 27.57 116.67 28.49
C VAL FB 162 27.55 116.87 26.98
N GLU FB 163 28.13 117.99 26.53
CA GLU FB 163 28.54 118.15 25.14
C GLU FB 163 29.90 118.82 25.00
N HIS FB 164 30.37 119.58 25.99
CA HIS FB 164 31.69 120.20 25.98
C HIS FB 164 32.73 119.34 26.66
N LYS FB 165 32.31 118.38 27.48
CA LYS FB 165 33.20 117.47 28.16
C LYS FB 165 33.56 116.26 27.31
N VAL FB 166 33.04 116.17 26.09
CA VAL FB 166 33.39 115.09 25.18
C VAL FB 166 34.88 115.14 24.86
N GLU FB 167 35.39 116.35 24.57
CA GLU FB 167 36.82 116.52 24.33
C GLU FB 167 37.63 116.20 25.59
N THR FB 168 37.13 116.64 26.74
CA THR FB 168 37.83 116.36 28.00
C THR FB 168 37.86 114.86 28.28
N PHE FB 169 36.75 114.16 28.01
CA PHE FB 169 36.76 112.71 28.14
C PHE FB 169 37.71 112.08 27.13
N SER FB 170 37.85 112.70 25.96
CA SER FB 170 38.67 112.13 24.90
C SER FB 170 40.14 112.10 25.31
N GLY FB 171 40.65 113.22 25.80
CA GLY FB 171 42.06 113.27 26.19
C GLY FB 171 42.38 112.42 27.41
N VAL FB 172 41.48 112.42 28.40
CA VAL FB 172 41.78 111.71 29.64
C VAL FB 172 41.74 110.20 29.44
N TYR FB 173 40.82 109.70 28.61
CA TYR FB 173 40.80 108.28 28.30
C TYR FB 173 42.04 107.89 27.49
N LYS FB 174 42.52 108.81 26.65
CA LYS FB 174 43.81 108.63 26.00
C LYS FB 174 44.93 108.50 27.02
N LYS FB 175 44.79 109.17 28.17
CA LYS FB 175 45.84 109.13 29.17
C LYS FB 175 45.70 107.93 30.12
N LEU FB 176 44.52 107.73 30.68
CA LEU FB 176 44.36 106.69 31.68
C LEU FB 176 44.19 105.29 31.09
N THR FB 177 43.95 105.17 29.79
CA THR FB 177 43.75 103.87 29.18
C THR FB 177 44.72 103.66 28.02
N GLY FB 178 44.98 104.72 27.26
CA GLY FB 178 45.90 104.65 26.14
C GLY FB 178 45.25 104.45 24.79
N LYS FB 179 43.92 104.38 24.73
CA LYS FB 179 43.20 104.19 23.47
C LYS FB 179 42.43 105.46 23.13
N ASP FB 180 42.58 105.91 21.89
CA ASP FB 180 41.90 107.12 21.44
C ASP FB 180 40.39 106.91 21.39
N VAL FB 181 39.65 107.99 21.64
CA VAL FB 181 38.20 107.93 21.75
C VAL FB 181 37.59 109.22 21.21
N ASN FB 182 36.47 109.09 20.51
CA ASN FB 182 35.61 110.21 20.15
C ASN FB 182 34.17 109.81 20.41
N PHE FB 183 33.41 110.68 21.07
CA PHE FB 183 32.05 110.40 21.46
C PHE FB 183 31.07 110.97 20.44
N GLU FB 184 29.97 110.25 20.23
CA GLU FB 184 28.94 110.68 19.31
C GLU FB 184 27.57 110.44 19.95
N PHE FB 185 26.60 111.24 19.53
CA PHE FB 185 25.23 111.10 19.99
C PHE FB 185 24.36 110.66 18.82
N PRO FB 186 23.85 109.43 18.83
CA PRO FB 186 23.06 108.95 17.68
C PRO FB 186 21.68 109.55 17.64
N GLU FB 187 20.86 109.07 16.72
CA GLU FB 187 19.48 109.50 16.59
C GLU FB 187 18.61 108.71 17.59
N PHE FB 188 17.29 108.75 17.40
CA PHE FB 188 16.36 108.19 18.37
C PHE FB 188 16.43 106.66 18.38
N GLN FB 189 16.47 106.09 19.57
CA GLN FB 189 16.56 104.64 19.69
C GLN FB 189 15.23 104.02 20.10
N GLY GB 1 64.22 20.60 33.90
CA GLY GB 1 63.89 20.53 35.32
C GLY GB 1 62.98 21.64 35.78
N ILE GB 2 63.11 22.03 37.06
CA ILE GB 2 62.28 23.08 37.62
C ILE GB 2 62.63 24.41 36.97
N SER GB 3 61.60 25.15 36.57
CA SER GB 3 61.77 26.41 35.85
C SER GB 3 61.02 27.52 36.58
N ARG GB 4 61.65 28.70 36.61
CA ARG GB 4 61.08 29.87 37.27
C ARG GB 4 60.63 30.93 36.28
N ASP GB 5 60.43 30.55 35.02
CA ASP GB 5 60.21 31.55 33.99
C ASP GB 5 58.90 32.30 34.19
N ASN GB 6 58.88 33.54 33.71
CA ASN GB 6 57.66 34.32 33.63
C ASN GB 6 57.00 34.23 32.26
N TRP GB 7 57.59 33.50 31.32
CA TRP GB 7 56.98 33.26 30.02
C TRP GB 7 56.25 31.92 29.96
N HIS GB 8 56.08 31.25 31.10
CA HIS GB 8 55.22 30.08 31.21
C HIS GB 8 53.86 30.41 31.80
N LYS GB 9 53.61 31.67 32.14
CA LYS GB 9 52.44 32.06 32.91
C LYS GB 9 51.46 32.82 32.02
N ARG GB 10 50.38 33.30 32.64
CA ARG GB 10 49.40 34.13 31.96
C ARG GB 10 49.74 35.60 32.15
N ARG GB 11 49.35 36.40 31.17
CA ARG GB 11 49.60 37.84 31.24
C ARG GB 11 48.57 38.51 32.15
N LYS GB 12 48.75 39.82 32.33
CA LYS GB 12 47.80 40.60 33.15
C LYS GB 12 46.42 40.57 32.53
N THR GB 13 46.36 40.70 31.19
CA THR GB 13 45.07 40.62 30.49
C THR GB 13 44.41 39.26 30.70
N GLY GB 14 45.18 38.19 30.59
CA GLY GB 14 44.64 36.85 30.78
C GLY GB 14 44.95 35.92 29.62
N GLY GB 15 45.56 36.45 28.58
CA GLY GB 15 45.84 35.66 27.39
C GLY GB 15 46.91 34.62 27.63
N LYS GB 16 46.98 33.67 26.70
CA LYS GB 16 47.95 32.59 26.74
C LYS GB 16 49.16 32.97 25.91
N ARG GB 17 50.34 32.84 26.50
CA ARG GB 17 51.58 33.22 25.83
C ARG GB 17 52.30 31.97 25.35
N LYS GB 18 52.72 31.99 24.09
CA LYS GB 18 53.48 30.85 23.58
C LYS GB 18 54.97 31.08 23.78
N PRO GB 19 55.72 30.03 24.08
CA PRO GB 19 57.17 30.20 24.26
C PRO GB 19 57.90 30.33 22.94
N TYR GB 20 58.80 31.30 22.87
CA TYR GB 20 59.65 31.45 21.70
C TYR GB 20 60.97 30.70 21.82
N HIS GB 21 61.38 30.34 23.04
CA HIS GB 21 62.50 29.44 23.23
C HIS GB 21 62.13 28.39 24.26
N LYS GB 22 62.87 27.28 24.23
CA LYS GB 22 62.72 26.22 25.22
C LYS GB 22 63.39 26.66 26.52
N LYS GB 23 63.54 25.73 27.46
CA LYS GB 23 64.12 26.06 28.75
C LYS GB 23 65.58 26.47 28.61
N ARG GB 24 66.00 27.43 29.43
CA ARG GB 24 67.36 27.97 29.43
C ARG GB 24 68.04 27.65 30.75
N LYS GB 25 69.35 27.89 30.78
CA LYS GB 25 70.13 27.59 31.98
C LYS GB 25 69.81 28.55 33.12
N TYR GB 26 69.80 29.85 32.84
CA TYR GB 26 69.80 30.84 33.92
C TYR GB 26 68.45 30.98 34.62
N GLU GB 27 67.39 30.36 34.10
CA GLU GB 27 66.09 30.35 34.76
C GLU GB 27 65.90 29.14 35.66
N LEU GB 28 66.97 28.39 35.92
CA LEU GB 28 66.87 27.11 36.58
C LEU GB 28 66.37 27.24 38.01
N GLY GB 29 65.81 26.14 38.51
CA GLY GB 29 65.53 26.01 39.92
C GLY GB 29 66.18 24.73 40.44
N ARG GB 30 66.28 24.64 41.75
CA ARG GB 30 66.92 23.51 42.40
C ARG GB 30 66.02 22.98 43.51
N PRO GB 31 66.15 21.71 43.86
CA PRO GB 31 65.25 21.12 44.87
C PRO GB 31 65.36 21.82 46.22
N ALA GB 32 64.22 21.90 46.91
CA ALA GB 32 64.15 22.57 48.19
C ALA GB 32 64.93 21.81 49.25
N ALA GB 33 65.39 22.54 50.27
CA ALA GB 33 66.22 21.94 51.31
C ALA GB 33 65.40 20.99 52.19
N ASN GB 34 64.24 21.45 52.67
CA ASN GB 34 63.44 20.74 53.67
C ASN GB 34 64.30 20.42 54.90
N THR GB 35 64.86 21.49 55.48
CA THR GB 35 65.82 21.34 56.56
C THR GB 35 65.16 20.72 57.79
N LYS GB 36 65.86 19.77 58.41
CA LYS GB 36 65.42 19.11 59.61
C LYS GB 36 66.35 19.47 60.77
N ILE GB 37 66.12 18.84 61.91
CA ILE GB 37 66.86 19.10 63.15
C ILE GB 37 67.53 17.79 63.55
N GLY GB 38 68.81 17.65 63.24
CA GLY GB 38 69.58 16.48 63.59
C GLY GB 38 71.06 16.77 63.56
N PRO GB 39 71.88 15.74 63.36
CA PRO GB 39 73.33 15.97 63.22
C PRO GB 39 73.62 16.86 62.02
N ARG GB 40 74.72 17.61 62.12
CA ARG GB 40 75.04 18.62 61.12
C ARG GB 40 75.28 17.99 59.76
N ARG GB 41 74.35 18.20 58.84
CA ARG GB 41 74.45 17.71 57.47
C ARG GB 41 74.20 18.88 56.53
N ILE GB 42 75.24 19.29 55.80
CA ILE GB 42 75.17 20.39 54.85
C ILE GB 42 75.62 19.86 53.49
N HIS GB 43 74.78 20.06 52.48
CA HIS GB 43 75.06 19.58 51.13
C HIS GB 43 75.45 20.76 50.26
N THR GB 44 76.65 20.70 49.68
CA THR GB 44 77.18 21.80 48.90
C THR GB 44 76.86 21.61 47.42
N VAL GB 45 76.33 22.66 46.80
CA VAL GB 45 76.05 22.67 45.37
C VAL GB 45 76.77 23.85 44.74
N ARG GB 46 76.99 23.76 43.43
CA ARG GB 46 77.68 24.78 42.67
C ARG GB 46 76.68 25.43 41.72
N VAL GB 47 76.57 26.75 41.79
CA VAL GB 47 75.53 27.49 41.07
C VAL GB 47 76.15 28.36 39.99
N ARG GB 48 75.30 29.09 39.27
CA ARG GB 48 75.77 30.01 38.23
C ARG GB 48 76.73 31.05 38.81
N GLY GB 49 77.85 31.25 38.13
CA GLY GB 49 78.85 32.21 38.55
C GLY GB 49 80.05 31.64 39.26
N GLY GB 50 80.09 30.32 39.48
CA GLY GB 50 81.21 29.70 40.15
C GLY GB 50 81.19 29.78 41.66
N ASN GB 51 80.15 30.38 42.24
CA ASN GB 51 80.05 30.46 43.69
C ASN GB 51 79.57 29.11 44.26
N LYS GB 52 79.45 29.04 45.57
CA LYS GB 52 79.06 27.82 46.26
C LYS GB 52 77.87 28.09 47.16
N LYS GB 53 76.85 27.25 47.06
CA LYS GB 53 75.65 27.35 47.87
C LYS GB 53 75.57 26.17 48.83
N TYR GB 54 75.07 26.42 50.03
CA TYR GB 54 75.04 25.42 51.10
C TYR GB 54 73.60 25.01 51.35
N ARG GB 55 73.19 23.90 50.72
CA ARG GB 55 71.88 23.33 51.00
C ARG GB 55 71.91 22.66 52.37
N ALA GB 56 71.28 23.31 53.35
CA ALA GB 56 71.23 22.79 54.71
C ALA GB 56 70.05 21.82 54.84
N LEU GB 57 70.35 20.56 55.12
CA LEU GB 57 69.32 19.55 55.30
C LEU GB 57 69.05 19.24 56.76
N ARG GB 58 70.08 19.27 57.61
CA ARG GB 58 69.92 19.04 59.04
C ARG GB 58 70.89 19.93 59.78
N LEU GB 59 70.39 20.69 60.75
CA LEU GB 59 71.23 21.57 61.55
C LEU GB 59 70.85 21.42 63.02
N ASP GB 60 71.86 21.47 63.89
CA ASP GB 60 71.66 21.28 65.33
C ASP GB 60 72.05 22.47 66.18
N VAL GB 61 73.01 23.29 65.75
CA VAL GB 61 73.47 24.43 66.53
C VAL GB 61 73.57 25.63 65.61
N GLY GB 62 73.01 26.77 66.05
CA GLY GB 62 73.12 28.01 65.31
C GLY GB 62 73.50 29.16 66.24
N ASN GB 63 73.83 30.29 65.63
CA ASN GB 63 74.22 31.50 66.36
C ASN GB 63 73.00 32.40 66.50
N PHE GB 64 72.48 32.51 67.71
CA PHE GB 64 71.33 33.37 67.99
C PHE GB 64 71.69 34.36 69.09
N SER GB 65 71.32 35.61 68.87
CA SER GB 65 71.69 36.70 69.76
C SER GB 65 70.53 37.09 70.67
N TRP GB 66 70.85 37.40 71.93
CA TRP GB 66 69.83 37.88 72.85
C TRP GB 66 69.24 39.20 72.39
N GLY GB 67 70.07 40.10 71.87
CA GLY GB 67 69.59 41.37 71.38
C GLY GB 67 69.57 42.45 72.43
N SER GB 68 68.68 42.30 73.42
CA SER GB 68 68.56 43.29 74.49
C SER GB 68 69.75 43.27 75.44
N GLU GB 69 70.62 42.25 75.36
CA GLU GB 69 71.82 42.20 76.18
C GLU GB 69 73.09 42.08 75.34
N CYS GB 70 72.98 42.11 74.01
CA CYS GB 70 74.12 42.00 73.09
C CYS GB 70 74.95 40.75 73.36
N CYS GB 71 74.26 39.62 73.58
CA CYS GB 71 74.90 38.34 73.88
C CYS GB 71 74.55 37.36 72.76
N THR GB 72 75.55 37.00 71.97
CA THR GB 72 75.40 36.00 70.91
C THR GB 72 76.27 34.80 71.25
N ARG GB 73 75.66 33.63 71.37
CA ARG GB 73 76.38 32.40 71.68
C ARG GB 73 75.89 31.28 70.79
N LYS GB 74 76.79 30.35 70.50
CA LYS GB 74 76.45 29.15 69.74
C LYS GB 74 75.51 28.29 70.58
N THR GB 75 74.24 28.21 70.19
CA THR GB 75 73.22 27.57 70.99
C THR GB 75 72.56 26.45 70.20
N ARG GB 76 72.08 25.43 70.94
CA ARG GB 76 71.57 24.21 70.33
C ARG GB 76 70.14 24.41 69.85
N ILE GB 77 69.86 23.96 68.64
CA ILE GB 77 68.49 23.97 68.13
C ILE GB 77 67.75 22.77 68.71
N ILE GB 78 66.55 23.00 69.24
CA ILE GB 78 65.82 21.91 69.87
C ILE GB 78 64.63 21.52 69.01
N ASP GB 79 63.68 22.44 68.84
CA ASP GB 79 62.49 22.13 68.05
C ASP GB 79 61.83 23.43 67.62
N VAL GB 80 60.96 23.30 66.61
CA VAL GB 80 60.19 24.42 66.07
C VAL GB 80 58.79 24.35 66.67
N VAL GB 81 58.30 25.49 67.16
CA VAL GB 81 57.03 25.55 67.87
C VAL GB 81 55.96 26.30 67.07
N TYR GB 82 56.34 27.33 66.32
CA TYR GB 82 55.38 28.09 65.53
C TYR GB 82 56.01 28.53 64.22
N ASN GB 83 55.25 28.39 63.13
CA ASN GB 83 55.69 28.80 61.80
C ASN GB 83 54.58 29.62 61.16
N ALA GB 84 54.94 30.76 60.59
CA ALA GB 84 53.95 31.65 59.98
C ALA GB 84 53.49 31.14 58.61
N SER GB 85 54.33 30.39 57.90
CA SER GB 85 54.01 30.00 56.53
C SER GB 85 53.03 28.82 56.49
N ASN GB 86 53.45 27.68 57.02
CA ASN GB 86 52.65 26.46 56.92
C ASN GB 86 52.75 25.67 58.22
N ASN GB 87 51.62 25.14 58.68
CA ASN GB 87 51.61 24.26 59.83
C ASN GB 87 52.26 22.91 59.51
N GLU GB 88 52.42 22.58 58.23
CA GLU GB 88 53.22 21.41 57.86
C GLU GB 88 54.66 21.59 58.29
N LEU GB 89 55.20 22.80 58.16
CA LEU GB 89 56.58 23.07 58.51
C LEU GB 89 56.84 22.77 59.99
N VAL GB 90 55.90 23.15 60.86
CA VAL GB 90 56.07 22.87 62.28
C VAL GB 90 55.76 21.41 62.59
N ARG GB 91 55.03 20.73 61.70
CA ARG GB 91 54.71 19.32 61.95
C ARG GB 91 55.92 18.43 61.68
N THR GB 92 56.48 18.49 60.48
CA THR GB 92 57.67 17.73 60.17
C THR GB 92 58.95 18.45 60.59
N LYS GB 93 58.82 19.46 61.45
CA LYS GB 93 59.96 20.07 62.14
C LYS GB 93 60.97 20.66 61.13
N THR GB 94 60.52 21.68 60.42
CA THR GB 94 61.27 22.27 59.33
C THR GB 94 61.73 23.68 59.71
N LEU GB 95 63.03 23.93 59.56
CA LEU GB 95 63.60 25.26 59.80
C LEU GB 95 63.50 26.08 58.53
N VAL GB 96 62.87 27.25 58.62
CA VAL GB 96 62.77 28.17 57.49
C VAL GB 96 63.41 29.49 57.89
N LYS GB 97 63.37 30.49 56.99
CA LYS GB 97 63.99 31.77 57.30
C LYS GB 97 63.38 32.43 58.52
N ASN GB 98 62.06 32.37 58.65
CA ASN GB 98 61.33 33.10 59.67
C ASN GB 98 60.56 32.17 60.60
N CYS GB 99 61.17 31.07 61.02
CA CYS GB 99 60.53 30.15 61.94
C CYS GB 99 61.09 30.34 63.35
N ILE GB 100 60.27 29.97 64.34
CA ILE GB 100 60.55 30.27 65.73
C ILE GB 100 60.88 28.96 66.43
N VAL GB 101 62.01 28.96 67.14
CA VAL GB 101 62.61 27.74 67.64
C VAL GB 101 63.04 27.93 69.09
N LEU GB 102 63.09 26.83 69.83
CA LEU GB 102 63.43 26.83 71.24
C LEU GB 102 64.94 26.71 71.41
N ILE GB 103 65.51 27.53 72.28
CA ILE GB 103 66.95 27.61 72.50
C ILE GB 103 67.24 27.29 73.95
N ASP GB 104 68.17 26.37 74.18
CA ASP GB 104 68.63 26.09 75.54
C ASP GB 104 69.27 27.33 76.14
N SER GB 105 68.79 27.74 77.31
CA SER GB 105 69.17 29.01 77.91
C SER GB 105 70.43 28.91 78.76
N THR GB 106 71.12 27.77 78.74
CA THR GB 106 72.32 27.60 79.56
C THR GB 106 73.45 28.57 79.19
N PRO GB 107 73.83 28.75 77.91
CA PRO GB 107 74.87 29.77 77.64
C PRO GB 107 74.44 31.17 78.00
N TYR GB 108 73.16 31.50 77.85
CA TYR GB 108 72.70 32.83 78.22
C TYR GB 108 72.72 33.03 79.73
N ARG GB 109 72.34 32.00 80.48
CA ARG GB 109 72.42 32.09 81.94
C ARG GB 109 73.87 32.13 82.41
N GLN GB 110 74.76 31.43 81.72
CA GLN GB 110 76.17 31.44 82.09
C GLN GB 110 76.78 32.82 81.91
N TRP GB 111 76.44 33.51 80.82
CA TRP GB 111 76.90 34.89 80.65
C TRP GB 111 76.25 35.81 81.68
N TYR GB 112 74.98 35.56 82.01
CA TYR GB 112 74.31 36.35 83.03
C TYR GB 112 75.00 36.19 84.39
N GLU GB 113 75.51 35.00 84.67
CA GLU GB 113 76.28 34.79 85.90
C GLU GB 113 77.60 35.56 85.87
N SER GB 114 78.31 35.50 84.74
CA SER GB 114 79.62 36.12 84.65
C SER GB 114 79.56 37.63 84.42
N HIS GB 115 78.38 38.18 84.10
CA HIS GB 115 78.24 39.63 83.90
C HIS GB 115 77.61 40.31 85.12
N TYR GB 116 76.41 39.87 85.51
CA TYR GB 116 75.66 40.53 86.56
C TYR GB 116 75.81 39.86 87.93
N ALA GB 117 76.27 38.62 87.98
CA ALA GB 117 76.46 37.86 89.22
C ALA GB 117 75.16 37.76 90.01
N LEU GB 118 74.05 37.57 89.31
CA LEU GB 118 72.74 37.40 89.91
C LEU GB 118 72.15 36.07 89.45
N PRO GB 119 71.69 35.23 90.38
CA PRO GB 119 71.17 33.91 89.98
C PRO GB 119 69.90 34.05 89.14
N LEU GB 120 69.91 33.42 87.96
CA LEU GB 120 68.82 33.54 87.00
C LEU GB 120 68.36 32.14 86.60
N GLY GB 121 67.05 31.91 86.66
CA GLY GB 121 66.48 30.65 86.22
C GLY GB 121 66.64 29.50 87.18
N ARG GB 122 67.14 29.74 88.38
CA ARG GB 122 67.30 28.68 89.37
C ARG GB 122 66.05 28.58 90.24
N LYS GB 123 65.90 27.42 90.89
CA LYS GB 123 64.68 27.13 91.64
C LYS GB 123 64.78 27.60 93.09
N LYS GB 124 65.74 27.07 93.84
CA LYS GB 124 65.92 27.45 95.24
C LYS GB 124 67.36 27.72 95.61
N GLY GB 125 68.32 27.50 94.72
CA GLY GB 125 69.72 27.78 95.00
C GLY GB 125 70.38 26.68 95.81
N ALA GB 126 71.70 26.85 95.98
CA ALA GB 126 72.54 25.93 96.76
C ALA GB 126 72.47 24.50 96.25
N LYS GB 127 72.26 24.33 94.94
CA LYS GB 127 72.24 23.02 94.31
C LYS GB 127 73.35 22.83 93.30
N LEU GB 128 74.25 23.80 93.17
CA LEU GB 128 75.37 23.75 92.23
C LEU GB 128 76.62 24.28 92.93
N THR GB 129 76.80 23.87 94.19
CA THR GB 129 77.70 24.55 95.12
C THR GB 129 79.15 24.68 94.67
N PRO GB 130 79.82 23.63 94.11
CA PRO GB 130 81.28 23.77 93.84
C PRO GB 130 81.64 24.81 92.79
N GLU GB 131 80.66 25.42 92.15
CA GLU GB 131 80.91 26.51 91.21
C GLU GB 131 80.18 27.80 91.57
N GLU GB 132 78.94 27.71 92.03
CA GLU GB 132 78.18 28.92 92.35
C GLU GB 132 78.75 29.64 93.56
N GLU GB 133 79.34 28.88 94.50
CA GLU GB 133 79.84 29.49 95.73
C GLU GB 133 80.98 30.47 95.47
N GLU GB 134 81.71 30.29 94.36
CA GLU GB 134 82.79 31.19 94.01
C GLU GB 134 82.32 32.36 93.15
N ILE GB 135 81.43 32.09 92.18
CA ILE GB 135 81.04 33.13 91.22
C ILE GB 135 80.16 34.20 91.87
N LEU GB 136 79.38 33.85 92.89
CA LEU GB 136 78.52 34.84 93.51
C LEU GB 136 79.28 35.79 94.42
N ASN GB 137 80.29 35.30 95.13
CA ASN GB 137 81.04 36.12 96.07
C ASN GB 137 82.28 36.73 95.43
N LYS GB 138 83.21 35.87 94.98
CA LYS GB 138 84.45 36.24 94.30
C LYS GB 138 85.42 37.01 95.19
N LYS GB 139 85.01 37.33 96.41
CA LYS GB 139 85.78 38.09 97.42
C LYS GB 139 86.62 39.21 96.79
N ARG GB 140 85.97 40.01 95.94
CA ARG GB 140 86.67 41.02 95.17
C ARG GB 140 86.83 42.31 95.97
N SER GB 141 87.49 43.29 95.35
CA SER GB 141 87.80 44.54 96.01
C SER GB 141 86.61 45.50 95.96
N LYS GB 142 86.78 46.67 96.59
CA LYS GB 142 85.68 47.62 96.70
C LYS GB 142 85.31 48.22 95.35
N LYS GB 143 86.31 48.54 94.52
CA LYS GB 143 86.03 49.13 93.21
C LYS GB 143 85.31 48.15 92.30
N ILE GB 144 85.72 46.88 92.33
CA ILE GB 144 85.05 45.86 91.51
C ILE GB 144 83.64 45.60 92.03
N GLN GB 145 83.47 45.55 93.34
CA GLN GB 145 82.14 45.33 93.92
C GLN GB 145 81.20 46.47 93.58
N LYS GB 146 81.70 47.70 93.56
CA LYS GB 146 80.88 48.84 93.16
C LYS GB 146 80.46 48.74 91.70
N LYS GB 147 81.37 48.27 90.84
CA LYS GB 147 81.03 48.08 89.43
C LYS GB 147 79.95 47.01 89.27
N TYR GB 148 80.06 45.91 90.02
CA TYR GB 148 79.04 44.87 89.98
C TYR GB 148 77.72 45.34 90.59
N ASP GB 149 77.79 46.20 91.60
CA ASP GB 149 76.57 46.77 92.17
C ASP GB 149 75.86 47.65 91.16
N GLU GB 150 76.62 48.42 90.37
CA GLU GB 150 76.03 49.20 89.29
C GLU GB 150 75.42 48.29 88.22
N ARG GB 151 76.12 47.19 87.89
CA ARG GB 151 75.59 46.24 86.91
C ARG GB 151 74.35 45.55 87.44
N LYS GB 152 74.30 45.29 88.75
CA LYS GB 152 73.09 44.73 89.35
C LYS GB 152 71.93 45.71 89.27
N LYS GB 153 72.21 47.01 89.44
CA LYS GB 153 71.16 48.01 89.32
C LYS GB 153 70.61 48.06 87.90
N ASN GB 154 71.51 47.99 86.90
CA ASN GB 154 71.07 48.00 85.51
C ASN GB 154 70.37 46.70 85.11
N ALA GB 155 70.57 45.62 85.86
CA ALA GB 155 70.04 44.32 85.50
C ALA GB 155 68.63 44.14 86.04
N LYS GB 156 67.68 43.89 85.13
CA LYS GB 156 66.32 43.53 85.51
C LYS GB 156 65.69 42.81 84.34
N ILE GB 157 65.50 41.50 84.48
CA ILE GB 157 65.03 40.66 83.40
C ILE GB 157 63.50 40.71 83.35
N SER GB 158 62.94 40.51 82.16
CA SER GB 158 61.51 40.53 81.94
C SER GB 158 60.84 39.27 82.48
N SER GB 159 59.52 39.35 82.69
CA SER GB 159 58.76 38.22 83.21
C SER GB 159 58.73 37.07 82.22
N LEU GB 160 58.61 37.37 80.93
CA LEU GB 160 58.70 36.35 79.89
C LEU GB 160 60.07 35.66 79.90
N LEU GB 161 61.14 36.44 80.09
CA LEU GB 161 62.49 35.88 79.98
C LEU GB 161 62.79 34.94 81.14
N GLU GB 162 62.41 35.35 82.36
CA GLU GB 162 62.69 34.54 83.54
C GLU GB 162 61.97 33.20 83.48
N GLU GB 163 60.75 33.17 82.94
CA GLU GB 163 59.99 31.93 82.87
C GLU GB 163 60.60 30.98 81.85
N GLN GB 164 61.08 31.51 80.73
CA GLN GB 164 61.77 30.69 79.75
C GLN GB 164 63.11 30.21 80.28
N PHE GB 165 63.80 31.04 81.07
CA PHE GB 165 65.03 30.59 81.72
C PHE GB 165 64.73 29.55 82.80
N GLN GB 166 63.61 29.71 83.51
CA GLN GB 166 63.23 28.72 84.52
C GLN GB 166 62.87 27.39 83.88
N GLN GB 167 62.18 27.42 82.73
CA GLN GB 167 61.95 26.21 81.97
C GLN GB 167 63.21 25.73 81.24
N GLY GB 168 64.20 26.61 81.09
CA GLY GB 168 65.45 26.26 80.45
C GLY GB 168 65.48 26.46 78.96
N LYS GB 169 64.33 26.69 78.32
CA LYS GB 169 64.23 26.81 76.87
C LYS GB 169 63.75 28.21 76.52
N LEU GB 170 64.43 28.84 75.56
CA LEU GB 170 64.07 30.16 75.06
C LEU GB 170 63.61 30.04 73.61
N LEU GB 171 62.40 30.51 73.32
CA LEU GB 171 61.90 30.48 71.95
C LEU GB 171 62.49 31.65 71.18
N ALA GB 172 63.22 31.34 70.10
CA ALA GB 172 63.97 32.33 69.35
C ALA GB 172 63.59 32.23 67.88
N CYS GB 173 63.68 33.36 67.18
CA CYS GB 173 63.31 33.44 65.77
C CYS GB 173 64.55 33.39 64.90
N ILE GB 174 64.50 32.53 63.87
CA ILE GB 174 65.59 32.49 62.89
C ILE GB 174 65.51 33.72 62.00
N ALA GB 175 66.68 34.17 61.54
CA ALA GB 175 66.76 35.24 60.56
C ALA GB 175 67.55 34.87 59.32
N SER GB 176 68.26 33.74 59.33
CA SER GB 176 69.07 33.32 58.19
C SER GB 176 68.25 32.42 57.28
N ARG GB 177 68.82 32.09 56.12
CA ARG GB 177 68.11 31.30 55.12
C ARG GB 177 68.60 29.86 55.14
N PRO GB 178 67.82 28.91 55.63
CA PRO GB 178 68.27 27.51 55.61
C PRO GB 178 68.18 26.97 54.19
N GLY GB 179 69.20 26.20 53.81
CA GLY GB 179 69.38 25.79 52.44
C GLY GB 179 70.09 26.79 51.58
N GLN GB 180 70.40 27.97 52.09
CA GLN GB 180 71.10 28.99 51.32
C GLN GB 180 72.47 29.31 51.88
N CYS GB 181 72.55 29.71 53.16
CA CYS GB 181 73.82 30.06 53.77
C CYS GB 181 74.46 28.92 54.55
N GLY GB 182 73.71 27.87 54.85
CA GLY GB 182 74.24 26.74 55.60
C GLY GB 182 74.35 26.95 57.09
N ARG GB 183 73.85 28.07 57.61
CA ARG GB 183 73.91 28.36 59.02
C ARG GB 183 72.58 28.97 59.46
N ALA GB 184 72.10 28.55 60.63
CA ALA GB 184 70.88 29.10 61.21
C ALA GB 184 71.25 30.24 62.14
N ASP GB 185 70.72 31.43 61.86
CA ASP GB 185 71.01 32.63 62.64
C ASP GB 185 69.70 33.36 62.93
N GLY GB 186 69.70 34.13 64.01
CA GLY GB 186 68.50 34.87 64.35
C GLY GB 186 68.62 35.52 65.73
N TYR GB 187 67.46 35.79 66.32
CA TYR GB 187 67.36 36.53 67.57
C TYR GB 187 66.39 35.83 68.49
N VAL GB 188 66.58 36.04 69.79
CA VAL GB 188 65.61 35.61 70.78
C VAL GB 188 64.38 36.52 70.70
N LEU GB 189 63.23 36.01 71.10
CA LEU GB 189 62.01 36.80 71.11
C LEU GB 189 61.84 37.48 72.45
N GLU GB 190 61.66 38.80 72.43
CA GLU GB 190 61.55 39.60 73.64
C GLU GB 190 60.33 40.50 73.57
N GLY GB 191 59.66 40.64 74.71
CA GLY GB 191 58.60 41.62 74.88
C GLY GB 191 57.36 41.42 74.02
N LYS GB 192 57.14 42.38 73.13
CA LYS GB 192 55.91 42.45 72.35
C LYS GB 192 55.85 41.38 71.26
N GLU GB 193 56.96 41.13 70.57
CA GLU GB 193 56.97 40.11 69.53
C GLU GB 193 56.84 38.72 70.14
N LEU GB 194 57.34 38.52 71.36
CA LEU GB 194 57.09 37.25 72.03
C LEU GB 194 55.61 37.13 72.39
N GLU GB 195 54.98 38.21 72.83
CA GLU GB 195 53.60 38.13 73.28
C GLU GB 195 52.68 37.69 72.14
N PHE GB 196 52.83 38.29 70.96
CA PHE GB 196 52.03 37.88 69.81
C PHE GB 196 52.33 36.44 69.42
N TYR GB 197 53.60 36.05 69.47
CA TYR GB 197 53.99 34.68 69.15
C TYR GB 197 53.47 33.70 70.20
N LEU GB 198 53.54 34.07 71.47
CA LEU GB 198 52.98 33.24 72.53
C LEU GB 198 51.46 33.14 72.40
N ARG GB 199 50.81 34.23 71.99
CA ARG GB 199 49.37 34.20 71.78
C ARG GB 199 49.01 33.26 70.64
N LYS GB 200 49.80 33.24 69.58
CA LYS GB 200 49.58 32.30 68.49
C LYS GB 200 49.79 30.86 68.94
N ILE GB 201 50.83 30.62 69.73
CA ILE GB 201 51.09 29.27 70.24
C ILE GB 201 49.99 28.83 71.19
N LYS GB 202 49.55 29.73 72.08
CA LYS GB 202 48.45 29.41 72.98
C LYS GB 202 47.16 29.15 72.21
N ALA GB 203 46.89 29.96 71.19
CA ALA GB 203 45.70 29.74 70.36
C ALA GB 203 45.82 28.44 69.57
N ARG GB 204 47.03 28.09 69.14
CA ARG GB 204 47.24 26.86 68.40
C ARG GB 204 46.90 25.64 69.26
N LYS GB 205 47.50 25.55 70.45
CA LYS GB 205 47.26 24.43 71.36
C LYS GB 205 47.42 24.95 72.79
N GLY GB 206 46.29 25.24 73.43
CA GLY GB 206 46.30 25.76 74.78
C GLY GB 206 45.04 26.54 75.12
N PRO HB 1 79.74 37.58 6.66
CA PRO HB 1 80.23 36.78 5.54
C PRO HB 1 81.20 37.53 4.63
N VAL HB 2 80.83 37.66 3.35
CA VAL HB 2 81.73 38.24 2.36
C VAL HB 2 81.89 39.74 2.61
N ALA HB 3 82.97 40.30 2.09
CA ALA HB 3 83.30 41.71 2.22
C ALA HB 3 83.10 42.45 0.90
N ARG HB 4 82.08 42.05 0.13
CA ARG HB 4 81.80 42.69 -1.14
C ARG HB 4 81.07 44.02 -0.92
N SER HB 5 81.07 44.86 -1.96
CA SER HB 5 80.63 46.24 -1.81
C SER HB 5 79.10 46.36 -1.87
N TRP HB 6 78.47 45.71 -2.85
CA TRP HB 6 77.04 45.81 -3.17
C TRP HB 6 76.47 47.22 -3.08
N VAL HB 7 77.20 48.21 -3.58
CA VAL HB 7 76.72 49.59 -3.65
C VAL HB 7 76.70 49.98 -5.13
N CYS HB 8 75.51 49.88 -5.75
CA CYS HB 8 75.37 50.19 -7.16
C CYS HB 8 74.10 51.01 -7.37
N ARG HB 9 74.05 51.69 -8.52
CA ARG HB 9 72.89 52.48 -8.91
C ARG HB 9 72.92 52.67 -10.42
N LYS HB 10 71.73 52.59 -11.03
CA LYS HB 10 71.61 52.83 -12.46
C LYS HB 10 71.95 54.27 -12.81
N THR HB 11 72.43 54.46 -14.04
CA THR HB 11 72.86 55.79 -14.51
C THR HB 11 72.03 56.27 -15.70
N TYR HB 12 70.89 55.65 -15.96
CA TYR HB 12 70.05 56.07 -17.08
C TYR HB 12 68.58 55.88 -16.72
N VAL HB 13 67.72 56.63 -17.39
CA VAL HB 13 66.28 56.57 -17.20
C VAL HB 13 65.62 56.38 -18.55
N THR HB 14 64.93 55.26 -18.73
CA THR HB 14 64.23 54.97 -19.97
C THR HB 14 62.89 55.72 -20.02
N PRO HB 15 62.40 56.04 -21.21
CA PRO HB 15 61.15 56.80 -21.31
C PRO HB 15 59.95 56.00 -20.84
N ARG HB 16 58.94 56.73 -20.37
CA ARG HB 16 57.73 56.15 -19.83
C ARG HB 16 56.65 55.97 -20.90
N ARG HB 17 56.52 56.93 -21.80
CA ARG HB 17 55.61 56.80 -22.94
C ARG HB 17 56.42 56.41 -24.16
N PRO HB 18 56.23 55.22 -24.72
CA PRO HB 18 57.11 54.76 -25.80
C PRO HB 18 56.58 55.05 -27.19
N PHE HB 19 57.48 55.00 -28.18
CA PHE HB 19 57.20 55.20 -29.60
C PHE HB 19 56.42 56.49 -29.86
N GLU HB 20 56.90 57.59 -29.29
CA GLU HB 20 56.39 58.92 -29.58
C GLU HB 20 57.31 59.57 -30.60
N LYS HB 21 56.75 59.96 -31.76
CA LYS HB 21 57.57 60.44 -32.86
C LYS HB 21 58.31 61.72 -32.51
N SER HB 22 57.68 62.60 -31.73
CA SER HB 22 58.34 63.85 -31.33
C SER HB 22 59.59 63.58 -30.52
N ARG HB 23 59.52 62.63 -29.58
CA ARG HB 23 60.71 62.24 -28.83
C ARG HB 23 61.69 61.48 -29.70
N LEU HB 24 61.19 60.74 -30.69
CA LEU HB 24 62.07 59.97 -31.56
C LEU HB 24 62.97 60.87 -32.39
N ASP HB 25 62.40 61.92 -32.98
CA ASP HB 25 63.22 62.84 -33.76
C ASP HB 25 64.10 63.69 -32.87
N GLN HB 26 63.58 64.08 -31.69
CA GLN HB 26 64.33 64.95 -30.79
C GLN HB 26 65.61 64.26 -30.31
N GLU HB 27 65.49 63.02 -29.85
CA GLU HB 27 66.68 62.28 -29.42
C GLU HB 27 67.58 61.94 -30.61
N LEU HB 28 66.98 61.57 -31.75
CA LEU HB 28 67.77 61.27 -32.94
C LEU HB 28 68.56 62.49 -33.39
N LYS HB 29 68.02 63.69 -33.18
CA LYS HB 29 68.77 64.91 -33.46
C LYS HB 29 70.01 65.00 -32.57
N LEU HB 30 69.85 64.62 -31.30
CA LEU HB 30 70.96 64.73 -30.35
C LEU HB 30 72.05 63.71 -30.64
N ILE HB 31 71.66 62.46 -30.91
CA ILE HB 31 72.65 61.41 -31.11
C ILE HB 31 73.46 61.66 -32.38
N GLY HB 32 72.79 62.09 -33.45
CA GLY HB 32 73.49 62.37 -34.69
C GLY HB 32 74.42 63.57 -34.58
N GLU HB 33 73.99 64.62 -33.87
CA GLU HB 33 74.79 65.81 -33.71
C GLU HB 33 75.88 65.67 -32.65
N TYR HB 34 75.89 64.57 -31.90
CA TYR HB 34 76.89 64.37 -30.85
C TYR HB 34 77.65 63.06 -31.02
N GLY HB 35 77.37 62.28 -32.06
CA GLY HB 35 78.13 61.08 -32.36
C GLY HB 35 78.08 60.01 -31.30
N LEU HB 36 76.87 59.70 -30.82
CA LEU HB 36 76.67 58.67 -29.83
C LEU HB 36 76.20 57.38 -30.48
N ARG HB 37 76.25 56.29 -29.70
CA ARG HB 37 75.91 54.97 -30.20
C ARG HB 37 74.41 54.67 -30.15
N ASN HB 38 73.75 54.99 -29.04
CA ASN HB 38 72.36 54.61 -28.86
C ASN HB 38 71.68 55.65 -27.98
N LYS HB 39 70.36 55.48 -27.80
CA LYS HB 39 69.60 56.36 -26.93
C LYS HB 39 69.91 56.15 -25.46
N ARG HB 40 70.66 55.12 -25.10
CA ARG HB 40 71.07 54.95 -23.71
C ARG HB 40 71.89 56.14 -23.23
N GLU HB 41 72.80 56.62 -24.08
CA GLU HB 41 73.69 57.71 -23.69
C GLU HB 41 72.92 59.00 -23.44
N VAL HB 42 71.95 59.31 -24.29
CA VAL HB 42 71.20 60.57 -24.13
C VAL HB 42 70.27 60.48 -22.93
N TRP HB 43 69.82 59.26 -22.58
CA TRP HB 43 69.03 59.11 -21.36
C TRP HB 43 69.91 59.28 -20.13
N ARG HB 44 71.18 58.90 -20.24
CA ARG HB 44 72.10 59.04 -19.10
C ARG HB 44 72.32 60.50 -18.74
N VAL HB 45 72.68 61.32 -19.72
CA VAL HB 45 72.88 62.74 -19.45
C VAL HB 45 71.55 63.39 -19.10
N LYS HB 46 70.43 62.83 -19.57
CA LYS HB 46 69.13 63.34 -19.16
C LYS HB 46 68.90 63.08 -17.68
N PHE HB 47 69.34 61.93 -17.19
CA PHE HB 47 69.28 61.67 -15.76
C PHE HB 47 70.17 62.64 -14.99
N THR HB 48 71.34 62.95 -15.54
CA THR HB 48 72.22 63.92 -14.88
C THR HB 48 71.60 65.31 -14.86
N LEU HB 49 70.96 65.74 -15.97
CA LEU HB 49 70.32 67.07 -15.93
C LEU HB 49 69.20 67.10 -14.92
N ALA HB 50 68.43 66.02 -14.84
CA ALA HB 50 67.32 65.97 -13.89
C ALA HB 50 67.83 65.92 -12.46
N LYS HB 51 68.98 65.29 -12.24
CA LYS HB 51 69.53 65.20 -10.89
C LYS HB 51 70.00 66.57 -10.40
N ILE HB 52 70.77 67.29 -11.23
CA ILE HB 52 71.27 68.60 -10.81
C ILE HB 52 70.13 69.60 -10.68
N ARG HB 53 69.14 69.51 -11.56
CA ARG HB 53 67.97 70.38 -11.44
C ARG HB 53 67.20 70.08 -10.17
N LYS HB 54 67.13 68.79 -9.79
CA LYS HB 54 66.50 68.43 -8.52
C LYS HB 54 67.26 69.03 -7.34
N ALA HB 55 68.60 68.99 -7.39
CA ALA HB 55 69.39 69.66 -6.36
C ALA HB 55 69.21 71.16 -6.40
N ALA HB 56 69.15 71.74 -7.60
CA ALA HB 56 68.96 73.17 -7.73
C ALA HB 56 67.60 73.60 -7.21
N ARG HB 57 66.56 72.82 -7.51
CA ARG HB 57 65.22 73.15 -7.01
C ARG HB 57 65.12 72.86 -5.52
N GLU HB 58 65.91 71.93 -4.99
CA GLU HB 58 65.95 71.70 -3.56
C GLU HB 58 66.56 72.89 -2.83
N LEU HB 59 67.62 73.47 -3.39
CA LEU HB 59 68.20 74.68 -2.82
C LEU HB 59 67.25 75.85 -2.95
N LEU HB 60 66.57 75.98 -4.09
CA LEU HB 60 65.69 77.11 -4.34
C LEU HB 60 64.50 77.10 -3.39
N THR HB 61 63.91 75.93 -3.13
CA THR HB 61 62.82 75.85 -2.18
C THR HB 61 63.32 75.95 -0.74
N LEU HB 62 64.61 75.73 -0.50
CA LEU HB 62 65.16 75.88 0.83
C LEU HB 62 65.27 77.36 1.19
N ASP HB 63 65.32 77.62 2.50
CA ASP HB 63 65.38 78.98 3.00
C ASP HB 63 66.69 79.66 2.60
N GLU HB 64 66.60 80.96 2.31
CA GLU HB 64 67.79 81.76 2.04
C GLU HB 64 68.62 81.89 3.31
N LYS HB 65 69.93 82.05 3.11
CA LYS HB 65 70.93 82.21 4.18
C LYS HB 65 71.01 80.97 5.08
N ASP HB 66 70.64 79.81 4.56
CA ASP HB 66 70.88 78.57 5.28
C ASP HB 66 72.30 78.09 4.99
N PRO HB 67 73.10 77.81 6.03
CA PRO HB 67 74.50 77.42 5.79
C PRO HB 67 74.64 76.18 4.93
N ARG HB 68 73.75 75.21 5.07
CA ARG HB 68 73.76 74.05 4.19
C ARG HB 68 73.43 74.45 2.75
N ARG HB 69 72.45 75.34 2.58
CA ARG HB 69 72.10 75.81 1.24
C ARG HB 69 73.25 76.55 0.59
N LEU HB 70 73.92 77.44 1.34
CA LEU HB 70 75.04 78.18 0.77
C LEU HB 70 76.25 77.28 0.58
N PHE HB 71 76.39 76.25 1.42
CA PHE HB 71 77.37 75.21 1.14
C PHE HB 71 77.09 74.55 -0.20
N GLU HB 72 75.85 74.13 -0.42
CA GLU HB 72 75.55 73.43 -1.66
C GLU HB 72 75.63 74.40 -2.82
N GLY HB 73 75.18 75.63 -2.61
CA GLY HB 73 75.25 76.67 -3.63
C GLY HB 73 76.66 76.81 -4.17
N ASN HB 74 77.64 76.86 -3.28
CA ASN HB 74 79.03 76.92 -3.73
C ASN HB 74 79.49 75.60 -4.32
N ALA HB 75 79.00 74.47 -3.78
CA ALA HB 75 79.52 73.17 -4.19
C ALA HB 75 79.17 72.83 -5.64
N LEU HB 76 77.89 72.95 -6.01
CA LEU HB 76 77.51 72.63 -7.39
C LEU HB 76 77.92 73.72 -8.37
N LEU HB 77 77.95 74.98 -7.94
CA LEU HB 77 78.43 76.04 -8.83
C LEU HB 77 79.89 75.83 -9.18
N ARG HB 78 80.70 75.42 -8.20
CA ARG HB 78 82.11 75.15 -8.47
C ARG HB 78 82.28 73.93 -9.37
N ARG HB 79 81.50 72.88 -9.13
CA ARG HB 79 81.61 71.69 -9.97
C ARG HB 79 81.02 71.92 -11.36
N LEU HB 80 80.06 72.84 -11.48
CA LEU HB 80 79.54 73.18 -12.80
C LEU HB 80 80.55 73.99 -13.60
N VAL HB 81 81.22 74.94 -12.95
CA VAL HB 81 82.28 75.71 -13.62
C VAL HB 81 83.43 74.79 -13.99
N ARG HB 82 83.79 73.88 -13.08
CA ARG HB 82 84.86 72.92 -13.37
C ARG HB 82 84.47 71.99 -14.51
N ILE HB 83 83.22 71.54 -14.55
CA ILE HB 83 82.78 70.66 -15.63
C ILE HB 83 82.53 71.43 -16.93
N GLY HB 84 82.44 72.76 -16.87
CA GLY HB 84 82.44 73.59 -18.06
C GLY HB 84 81.11 73.85 -18.71
N VAL HB 85 80.00 73.68 -17.99
CA VAL HB 85 78.67 73.93 -18.54
C VAL HB 85 78.07 75.23 -18.04
N LEU HB 86 78.69 75.91 -17.08
CA LEU HB 86 78.18 77.16 -16.55
C LEU HB 86 79.21 78.26 -16.76
N ASP HB 87 78.74 79.45 -17.15
CA ASP HB 87 79.63 80.57 -17.42
C ASP HB 87 80.31 81.06 -16.15
N GLU HB 88 81.49 81.65 -16.32
CA GLU HB 88 82.26 82.18 -15.20
C GLU HB 88 81.54 83.31 -14.47
N GLY HB 89 80.64 84.01 -15.15
CA GLY HB 89 79.87 85.06 -14.49
C GLY HB 89 78.48 84.62 -14.10
N LYS HB 90 78.06 83.47 -14.61
CA LYS HB 90 76.71 82.96 -14.39
C LYS HB 90 76.71 82.14 -13.10
N MET HB 91 76.54 82.84 -11.98
CA MET HB 91 76.78 82.30 -10.64
C MET HB 91 75.57 82.49 -9.74
N LYS HB 92 74.39 82.09 -10.21
CA LYS HB 92 73.21 82.06 -9.36
C LYS HB 92 72.50 80.72 -9.51
N LEU HB 93 71.66 80.41 -8.52
CA LEU HB 93 70.98 79.11 -8.51
C LEU HB 93 69.87 79.04 -9.54
N ASP HB 94 69.28 80.16 -9.91
CA ASP HB 94 68.21 80.15 -10.91
C ASP HB 94 68.72 79.83 -12.30
N TYR HB 95 69.99 80.10 -12.59
CA TYR HB 95 70.51 79.93 -13.94
C TYR HB 95 70.86 78.49 -14.27
N ILE HB 96 70.96 77.62 -13.26
CA ILE HB 96 71.13 76.20 -13.51
C ILE HB 96 69.88 75.65 -14.21
N LEU HB 97 68.71 76.20 -13.86
CA LEU HB 97 67.45 75.71 -14.40
C LEU HB 97 67.35 75.94 -15.90
N GLY HB 98 68.04 76.95 -16.41
CA GLY HB 98 68.07 77.20 -17.84
C GLY HB 98 69.06 76.38 -18.62
N LEU HB 99 69.83 75.53 -17.96
CA LEU HB 99 70.85 74.74 -18.64
C LEU HB 99 70.21 73.59 -19.41
N LYS HB 100 70.72 73.35 -20.61
CA LYS HB 100 70.23 72.29 -21.49
C LYS HB 100 71.36 71.29 -21.73
N ILE HB 101 71.04 70.08 -22.21
CA ILE HB 101 72.11 69.07 -22.31
C ILE HB 101 73.05 69.26 -23.51
N GLU HB 102 72.88 70.32 -24.30
CA GLU HB 102 73.83 70.67 -25.37
C GLU HB 102 75.23 70.97 -24.83
N ASP HB 103 75.33 71.81 -23.79
CA ASP HB 103 76.64 72.13 -23.23
C ASP HB 103 77.25 70.90 -22.56
N PHE HB 104 76.42 70.12 -21.87
CA PHE HB 104 76.91 68.90 -21.24
C PHE HB 104 77.42 67.90 -22.27
N LEU HB 105 76.68 67.70 -23.35
CA LEU HB 105 77.16 66.81 -24.41
C LEU HB 105 78.29 67.44 -25.22
N GLU HB 106 78.44 68.76 -25.16
CA GLU HB 106 79.57 69.43 -25.79
C GLU HB 106 80.86 69.26 -24.98
N ARG HB 107 80.75 69.23 -23.66
CA ARG HB 107 81.93 69.16 -22.78
C ARG HB 107 82.61 67.80 -22.80
N ARG HB 108 82.15 66.85 -23.62
CA ARG HB 108 82.74 65.53 -23.67
C ARG HB 108 83.96 65.52 -24.59
N LEU HB 109 84.84 64.54 -24.36
CA LEU HB 109 86.10 64.46 -25.09
C LEU HB 109 85.87 64.23 -26.59
N GLN HB 110 84.82 63.49 -26.95
CA GLN HB 110 84.57 63.18 -28.35
C GLN HB 110 84.25 64.44 -29.14
N THR HB 111 83.35 65.28 -28.62
CA THR HB 111 83.03 66.53 -29.30
C THR HB 111 84.14 67.55 -29.15
N GLN HB 112 84.92 67.47 -28.07
CA GLN HB 112 86.00 68.42 -27.87
C GLN HB 112 87.12 68.20 -28.89
N VAL HB 113 87.56 66.96 -29.06
CA VAL HB 113 88.58 66.66 -30.06
C VAL HB 113 88.05 66.92 -31.48
N PHE HB 114 86.74 66.84 -31.67
CA PHE HB 114 86.16 67.27 -32.94
C PHE HB 114 86.21 68.79 -33.09
N LYS HB 115 86.25 69.51 -31.97
CA LYS HB 115 86.22 70.98 -32.02
C LYS HB 115 87.63 71.56 -32.08
N LEU HB 116 88.60 70.92 -31.45
CA LEU HB 116 89.97 71.44 -31.45
C LEU HB 116 90.65 71.32 -32.81
N GLY HB 117 90.06 70.59 -33.75
CA GLY HB 117 90.68 70.38 -35.05
C GLY HB 117 91.62 69.20 -35.13
N LEU HB 118 91.87 68.52 -34.02
CA LEU HB 118 92.71 67.32 -34.03
C LEU HB 118 92.02 66.14 -34.71
N ALA HB 119 90.71 66.20 -34.89
CA ALA HB 119 89.98 65.08 -35.50
C ALA HB 119 88.70 65.60 -36.11
N LYS HB 120 88.60 65.58 -37.43
CA LYS HB 120 87.37 65.86 -38.13
C LYS HB 120 86.41 64.66 -37.98
N SER HB 121 85.15 64.87 -38.38
CA SER HB 121 84.16 63.81 -38.47
C SER HB 121 83.96 63.11 -37.12
N ILE HB 122 83.30 63.83 -36.21
CA ILE HB 122 83.17 63.49 -34.79
C ILE HB 122 82.93 62.01 -34.52
N HIS HB 123 82.25 61.31 -35.44
CA HIS HB 123 82.17 59.85 -35.36
C HIS HB 123 83.56 59.23 -35.45
N HIS HB 124 84.36 59.67 -36.42
CA HIS HB 124 85.74 59.21 -36.54
C HIS HB 124 86.60 59.69 -35.37
N ALA HB 125 86.25 60.84 -34.79
CA ALA HB 125 86.91 61.28 -33.57
C ALA HB 125 86.62 60.30 -32.42
N ARG HB 126 85.40 59.78 -32.36
CA ARG HB 126 85.06 58.81 -31.33
C ARG HB 126 85.83 57.51 -31.50
N VAL HB 127 85.90 57.00 -32.73
CA VAL HB 127 86.65 55.76 -32.96
C VAL HB 127 88.15 56.00 -32.76
N LEU HB 128 88.61 57.24 -32.95
CA LEU HB 128 89.99 57.57 -32.58
C LEU HB 128 90.21 57.42 -31.09
N ILE HB 129 89.22 57.84 -30.28
CA ILE HB 129 89.30 57.69 -28.84
C ILE HB 129 89.31 56.21 -28.47
N ARG HB 130 88.42 55.42 -29.08
CA ARG HB 130 88.34 54.00 -28.77
C ARG HB 130 89.61 53.25 -29.17
N GLN HB 131 90.34 53.77 -30.14
CA GLN HB 131 91.61 53.17 -30.58
C GLN HB 131 92.79 53.58 -29.71
N ARG HB 132 92.54 54.32 -28.63
CA ARG HB 132 93.58 54.83 -27.74
C ARG HB 132 94.58 55.70 -28.51
N HIS HB 133 94.06 56.73 -29.18
CA HIS HB 133 94.88 57.64 -29.96
C HIS HB 133 94.99 59.04 -29.36
N ILE HB 134 93.97 59.49 -28.63
CA ILE HB 134 93.95 60.83 -28.05
C ILE HB 134 94.10 60.71 -26.54
N ARG HB 135 94.96 61.55 -25.98
CA ARG HB 135 95.26 61.52 -24.55
C ARG HB 135 95.04 62.87 -23.91
N VAL HB 136 94.82 62.84 -22.60
CA VAL HB 136 94.97 64.03 -21.76
C VAL HB 136 96.47 64.19 -21.52
N ARG HB 137 96.87 65.30 -20.90
CA ARG HB 137 98.25 65.77 -20.78
C ARG HB 137 99.29 64.65 -20.61
N LYS HB 138 98.99 63.66 -19.76
CA LYS HB 138 99.87 62.51 -19.61
C LYS HB 138 99.17 61.16 -19.64
N GLN HB 139 97.84 61.11 -19.68
CA GLN HB 139 97.11 59.86 -19.58
C GLN HB 139 96.26 59.62 -20.83
N VAL HB 140 96.33 58.39 -21.34
CA VAL HB 140 95.56 58.01 -22.52
C VAL HB 140 94.14 57.63 -22.08
N VAL HB 141 93.15 58.27 -22.69
CA VAL HB 141 91.74 58.04 -22.38
C VAL HB 141 91.09 57.38 -23.59
N ASN HB 142 90.43 56.24 -23.38
CA ASN HB 142 89.80 55.49 -24.46
C ASN HB 142 88.28 55.46 -24.31
N ILE HB 143 87.70 56.46 -23.65
CA ILE HB 143 86.26 56.55 -23.47
C ILE HB 143 85.76 57.86 -24.08
N PRO HB 144 84.94 57.80 -25.12
CA PRO HB 144 84.45 59.05 -25.75
C PRO HB 144 83.63 59.93 -24.81
N SER HB 145 82.95 59.35 -23.84
CA SER HB 145 82.12 60.10 -22.91
C SER HB 145 82.92 60.81 -21.83
N PHE HB 146 84.25 60.90 -21.98
CA PHE HB 146 85.10 61.63 -21.06
C PHE HB 146 84.76 63.11 -21.10
N ILE HB 147 84.09 63.62 -20.07
CA ILE HB 147 83.76 65.04 -19.99
C ILE HB 147 84.96 65.76 -19.40
N VAL HB 148 85.57 66.63 -20.20
CA VAL HB 148 86.81 67.29 -19.82
C VAL HB 148 86.50 68.49 -18.94
N ARG HB 149 87.50 68.91 -18.16
CA ARG HB 149 87.43 70.12 -17.36
C ARG HB 149 88.15 71.25 -18.08
N LEU HB 150 88.06 72.44 -17.49
CA LEU HB 150 88.66 73.62 -18.12
C LEU HB 150 90.18 73.51 -18.18
N ASP HB 151 90.80 72.97 -17.13
CA ASP HB 151 92.25 72.81 -17.14
C ASP HB 151 92.69 71.74 -18.13
N SER HB 152 91.88 70.70 -18.33
CA SER HB 152 92.23 69.62 -19.24
C SER HB 152 91.77 69.87 -20.67
N GLN HB 153 91.11 71.00 -20.94
CA GLN HB 153 90.63 71.29 -22.29
C GLN HB 153 91.79 71.54 -23.25
N LYS HB 154 92.79 72.30 -22.83
CA LYS HB 154 93.90 72.65 -23.69
C LYS HB 154 94.98 71.58 -23.75
N HIS HB 155 94.86 70.51 -22.95
CA HIS HB 155 95.87 69.47 -22.89
C HIS HB 155 95.42 68.18 -23.60
N ILE HB 156 94.46 68.29 -24.51
CA ILE HB 156 93.95 67.15 -25.26
C ILE HB 156 94.76 67.03 -26.55
N ASP HB 157 95.65 66.03 -26.60
CA ASP HB 157 96.48 65.80 -27.78
C ASP HB 157 96.55 64.30 -28.04
N PHE HB 158 97.23 63.94 -29.13
CA PHE HB 158 97.38 62.55 -29.52
C PHE HB 158 98.42 61.84 -28.66
N SER HB 159 98.30 60.53 -28.60
CA SER HB 159 99.25 59.72 -27.82
C SER HB 159 100.56 59.55 -28.58
N LEU HB 160 101.64 59.41 -27.82
CA LEU HB 160 102.97 59.27 -28.42
C LEU HB 160 103.09 57.96 -29.19
N ARG HB 161 102.54 56.88 -28.65
CA ARG HB 161 102.60 55.59 -29.35
C ARG HB 161 101.71 55.55 -30.58
N SER HB 162 100.76 56.48 -30.69
CA SER HB 162 99.89 56.54 -31.85
C SER HB 162 100.66 57.02 -33.07
N PRO HB 163 100.19 56.69 -34.28
CA PRO HB 163 100.81 57.27 -35.48
C PRO HB 163 100.26 58.64 -35.79
N TYR HB 164 100.10 59.46 -34.75
CA TYR HB 164 99.70 60.86 -34.88
C TYR HB 164 100.51 61.79 -33.99
N GLY HB 165 101.14 61.29 -32.93
CA GLY HB 165 102.11 62.03 -32.15
C GLY HB 165 103.52 61.61 -32.52
N GLY HB 166 104.09 60.71 -31.74
CA GLY HB 166 105.40 60.15 -32.05
C GLY HB 166 105.39 59.18 -33.21
N GLY HB 167 106.32 58.22 -33.19
CA GLY HB 167 106.43 57.27 -34.28
C GLY HB 167 105.61 56.01 -34.10
N ARG HB 168 106.17 54.86 -34.50
CA ARG HB 168 105.54 53.55 -34.45
C ARG HB 168 104.18 53.55 -35.15
N PRO HB 169 104.15 53.59 -36.50
CA PRO HB 169 102.88 53.64 -37.21
C PRO HB 169 102.07 52.35 -37.09
N GLY HB 170 100.92 52.31 -37.76
CA GLY HB 170 100.05 51.16 -37.66
C GLY HB 170 100.64 49.91 -38.31
N ARG HB 171 100.11 48.76 -37.89
CA ARG HB 171 100.59 47.49 -38.39
C ARG HB 171 100.30 47.33 -39.88
N VAL HB 172 99.22 47.95 -40.38
CA VAL HB 172 98.92 47.90 -41.81
C VAL HB 172 99.99 48.66 -42.59
N LYS HB 173 100.48 49.78 -42.03
CA LYS HB 173 101.57 50.51 -42.65
C LYS HB 173 102.84 49.65 -42.71
N ARG HB 174 103.15 48.96 -41.62
CA ARG HB 174 104.33 48.10 -41.60
C ARG HB 174 104.16 46.91 -42.55
N LYS HB 175 102.95 46.36 -42.63
CA LYS HB 175 102.67 45.31 -43.59
C LYS HB 175 102.78 45.82 -45.02
N ASN HB 176 102.29 47.03 -45.27
CA ASN HB 176 102.42 47.62 -46.60
C ASN HB 176 103.87 47.93 -46.93
N ALA HB 177 104.65 48.37 -45.94
CA ALA HB 177 106.05 48.67 -46.18
C ALA HB 177 106.85 47.42 -46.50
N LYS HB 178 106.59 46.33 -45.78
CA LYS HB 178 107.36 45.10 -46.01
C LYS HB 178 106.98 44.44 -47.32
N LYS HB 179 105.74 44.63 -47.78
CA LYS HB 179 105.34 44.11 -49.08
C LYS HB 179 105.99 44.91 -50.20
N GLY HB 180 106.07 46.23 -50.05
CA GLY HB 180 106.72 47.04 -51.05
C GLY HB 180 108.22 46.79 -51.14
N GLN HB 181 108.88 46.64 -49.99
CA GLN HB 181 110.31 46.36 -49.98
C GLN HB 181 110.63 44.92 -50.35
N GLY HB 182 109.63 44.03 -50.31
CA GLY HB 182 109.83 42.66 -50.73
C GLY HB 182 109.48 42.45 -52.19
N GLY HB 183 108.79 43.43 -52.78
CA GLY HB 183 108.42 43.38 -54.18
C GLY HB 183 109.49 43.85 -55.14
N ALA HB 184 110.63 44.31 -54.63
CA ALA HB 184 111.73 44.80 -55.46
C ALA HB 184 113.04 44.50 -54.77
N GLY HB 185 114.11 44.46 -55.56
CA GLY HB 185 115.43 44.18 -55.04
C GLY HB 185 116.04 45.34 -54.27
N MET IB 1 48.27 33.15 -91.31
CA MET IB 1 47.23 32.76 -92.26
C MET IB 1 47.82 32.24 -93.55
N LEU IB 2 47.13 31.31 -94.20
CA LEU IB 2 47.55 30.71 -95.47
C LEU IB 2 47.10 31.54 -96.67
N MET IB 3 46.83 32.83 -96.48
CA MET IB 3 46.35 33.69 -97.55
C MET IB 3 47.48 33.98 -98.54
N PRO IB 4 47.17 34.08 -99.84
CA PRO IB 4 48.22 34.08 -100.87
C PRO IB 4 49.00 35.38 -100.94
N LYS IB 5 50.20 35.29 -101.53
CA LYS IB 5 51.11 36.43 -101.57
C LYS IB 5 50.52 37.60 -102.36
N LYS IB 6 49.85 37.31 -103.49
CA LYS IB 6 49.32 38.36 -104.34
C LYS IB 6 48.30 39.23 -103.61
N ASN IB 7 47.44 38.61 -102.80
CA ASN IB 7 46.45 39.37 -102.06
C ASN IB 7 47.10 40.22 -100.97
N ARG IB 8 48.20 39.75 -100.39
CA ARG IB 8 48.87 40.51 -99.35
C ARG IB 8 49.58 41.74 -99.92
N ILE IB 9 50.33 41.56 -101.01
CA ILE IB 9 50.99 42.70 -101.64
C ILE IB 9 49.96 43.65 -102.21
N ALA IB 10 48.80 43.12 -102.62
CA ALA IB 10 47.69 43.99 -102.99
C ALA IB 10 47.18 44.76 -101.77
N ILE IB 11 46.89 44.06 -100.68
CA ILE IB 11 46.30 44.74 -99.52
C ILE IB 11 47.27 45.76 -98.95
N TYR IB 12 48.56 45.63 -99.25
CA TYR IB 12 49.52 46.63 -98.81
C TYR IB 12 49.62 47.81 -99.78
N GLU IB 13 49.32 47.61 -101.06
CA GLU IB 13 49.44 48.74 -101.99
C GLU IB 13 48.25 49.69 -101.88
N LEU IB 14 47.06 49.19 -101.51
CA LEU IB 14 45.99 50.13 -101.19
C LEU IB 14 46.26 50.82 -99.86
N LEU IB 15 46.89 50.13 -98.91
CA LEU IB 15 47.25 50.76 -97.64
C LEU IB 15 48.29 51.86 -97.85
N PHE IB 16 49.24 51.64 -98.76
CA PHE IB 16 50.22 52.68 -99.02
C PHE IB 16 49.70 53.75 -99.97
N LYS IB 17 48.78 53.39 -100.88
CA LYS IB 17 48.18 54.41 -101.74
C LYS IB 17 47.19 55.27 -100.97
N GLU IB 18 46.71 54.78 -99.83
CA GLU IB 18 45.82 55.55 -98.96
C GLU IB 18 46.13 55.09 -97.54
N GLY IB 19 46.85 55.93 -96.78
CA GLY IB 19 47.40 55.56 -95.50
C GLY IB 19 46.42 55.12 -94.43
N VAL IB 20 45.12 55.19 -94.72
CA VAL IB 20 44.07 54.76 -93.81
C VAL IB 20 43.31 53.61 -94.45
N MET IB 21 42.79 52.73 -93.61
CA MET IB 21 42.01 51.57 -94.03
C MET IB 21 40.74 51.53 -93.21
N VAL IB 22 39.62 51.14 -93.84
CA VAL IB 22 38.33 51.02 -93.17
C VAL IB 22 37.69 49.70 -93.57
N ALA IB 23 37.17 48.95 -92.59
CA ALA IB 23 36.49 47.69 -92.86
C ALA IB 23 35.49 47.42 -91.75
N LYS IB 24 34.41 46.72 -92.09
CA LYS IB 24 33.37 46.41 -91.12
C LYS IB 24 33.76 45.16 -90.35
N LYS IB 25 33.33 45.08 -89.09
CA LYS IB 25 33.70 43.96 -88.24
C LYS IB 25 32.92 42.70 -88.60
N ASP IB 26 33.46 41.92 -89.53
CA ASP IB 26 32.85 40.67 -89.95
C ASP IB 26 33.84 39.90 -90.80
N VAL IB 27 33.94 38.60 -90.56
CA VAL IB 27 34.87 37.74 -91.28
C VAL IB 27 34.09 36.94 -92.31
N HIS IB 28 32.98 37.50 -92.79
CA HIS IB 28 32.07 36.75 -93.66
C HIS IB 28 31.70 37.55 -94.91
N MET IB 29 32.65 38.35 -95.44
CA MET IB 29 32.58 38.90 -96.79
C MET IB 29 33.51 38.14 -97.72
N PRO IB 30 32.98 37.54 -98.79
CA PRO IB 30 33.88 36.99 -99.81
C PRO IB 30 34.75 38.04 -100.48
N LYS IB 31 34.34 39.32 -100.49
CA LYS IB 31 35.08 40.36 -101.15
C LYS IB 31 35.06 41.66 -100.33
N HIS IB 32 36.20 42.32 -100.27
CA HIS IB 32 36.28 43.65 -99.68
C HIS IB 32 35.65 44.67 -100.62
N PRO IB 33 35.00 45.71 -100.07
CA PRO IB 33 34.39 46.74 -100.93
C PRO IB 33 35.41 47.55 -101.70
N GLU IB 34 36.48 48.00 -101.03
CA GLU IB 34 37.46 48.87 -101.66
C GLU IB 34 38.38 48.12 -102.62
N LEU IB 35 38.46 46.80 -102.51
CA LEU IB 35 39.29 46.00 -103.40
C LEU IB 35 38.48 45.44 -104.57
N ALA IB 36 37.46 44.63 -104.27
CA ALA IB 36 36.51 44.10 -105.25
C ALA IB 36 37.14 43.22 -106.32
N ASP IB 37 37.95 43.81 -107.20
CA ASP IB 37 38.33 43.13 -108.44
C ASP IB 37 39.32 42.00 -108.20
N LYS IB 38 40.25 42.16 -107.27
CA LYS IB 38 41.34 41.21 -107.10
C LYS IB 38 40.98 40.04 -106.19
N ASN IB 39 39.75 39.98 -105.69
CA ASN IB 39 39.24 38.86 -104.89
C ASN IB 39 40.07 38.67 -103.60
N VAL IB 40 40.07 39.71 -102.78
CA VAL IB 40 40.67 39.68 -101.45
C VAL IB 40 39.55 39.91 -100.45
N PRO IB 41 39.20 38.92 -99.63
CA PRO IB 41 38.00 39.04 -98.78
C PRO IB 41 38.21 39.91 -97.54
N ASN IB 42 37.18 40.00 -96.69
CA ASN IB 42 37.26 40.80 -95.49
C ASN IB 42 38.13 40.13 -94.43
N LEU IB 43 38.21 38.80 -94.47
CA LEU IB 43 39.01 38.08 -93.48
C LEU IB 43 40.48 38.44 -93.60
N HIS IB 44 40.99 38.50 -94.83
CA HIS IB 44 42.41 38.71 -95.04
C HIS IB 44 42.81 40.17 -94.77
N VAL IB 45 41.93 41.12 -95.07
CA VAL IB 45 42.26 42.51 -94.86
C VAL IB 45 42.30 42.85 -93.37
N MET IB 46 41.38 42.28 -92.58
CA MET IB 46 41.32 42.66 -91.18
C MET IB 46 42.47 42.06 -90.37
N LYS IB 47 42.88 40.83 -90.70
CA LYS IB 47 43.96 40.19 -89.97
C LYS IB 47 45.33 40.66 -90.43
N ALA IB 48 45.47 41.06 -91.69
CA ALA IB 48 46.75 41.60 -92.15
C ALA IB 48 47.09 42.88 -91.42
N MET IB 49 46.11 43.78 -91.28
CA MET IB 49 46.32 44.98 -90.48
C MET IB 49 46.45 44.63 -89.00
N GLN IB 50 45.80 43.55 -88.56
CA GLN IB 50 45.99 43.08 -87.18
C GLN IB 50 47.41 42.59 -86.98
N SER IB 51 47.97 41.90 -87.99
CA SER IB 51 49.37 41.50 -87.91
C SER IB 51 50.29 42.72 -87.90
N LEU IB 52 49.96 43.75 -88.68
CA LEU IB 52 50.71 44.98 -88.65
C LEU IB 52 50.59 45.68 -87.29
N LYS IB 53 49.40 45.61 -86.68
CA LYS IB 53 49.19 46.24 -85.38
C LYS IB 53 50.03 45.57 -84.30
N SER IB 54 50.13 44.24 -84.33
CA SER IB 54 51.01 43.54 -83.41
C SER IB 54 52.47 43.91 -83.65
N ARG IB 55 52.84 44.09 -84.91
CA ARG IB 55 54.17 44.59 -85.25
C ARG IB 55 54.34 46.05 -84.87
N GLY IB 56 53.25 46.76 -84.54
CA GLY IB 56 53.31 48.16 -84.19
C GLY IB 56 53.35 49.12 -85.36
N TYR IB 57 53.04 48.65 -86.56
CA TYR IB 57 53.15 49.49 -87.76
C TYR IB 57 51.86 50.25 -88.07
N VAL IB 58 50.76 49.98 -87.38
CA VAL IB 58 49.49 50.62 -87.67
C VAL IB 58 48.72 50.83 -86.36
N LYS IB 59 47.97 51.93 -86.29
CA LYS IB 59 47.15 52.26 -85.14
C LYS IB 59 45.68 52.06 -85.49
N GLU IB 60 44.93 51.44 -84.59
CA GLU IB 60 43.55 51.03 -84.84
C GLU IB 60 42.58 51.83 -83.99
N GLN IB 61 41.51 52.30 -84.63
CA GLN IB 61 40.41 52.98 -83.96
C GLN IB 61 39.10 52.34 -84.40
N PHE IB 62 38.19 52.11 -83.45
CA PHE IB 62 37.01 51.32 -83.71
C PHE IB 62 35.74 52.08 -83.32
N ALA IB 63 34.81 52.17 -84.27
CA ALA IB 63 33.44 52.59 -84.02
C ALA IB 63 32.58 51.34 -83.77
N TRP IB 64 31.27 51.47 -83.89
CA TRP IB 64 30.33 50.36 -83.71
C TRP IB 64 30.78 49.07 -84.39
N ARG IB 65 30.91 49.10 -85.72
CA ARG IB 65 31.32 47.91 -86.47
C ARG IB 65 32.48 48.13 -87.42
N HIS IB 66 32.98 49.34 -87.57
CA HIS IB 66 33.99 49.64 -88.59
C HIS IB 66 35.30 50.05 -87.94
N PHE IB 67 36.38 49.35 -88.30
CA PHE IB 67 37.71 49.76 -87.89
C PHE IB 67 38.23 50.84 -88.82
N TYR IB 68 39.18 51.63 -88.31
CA TYR IB 68 39.67 52.82 -89.00
C TYR IB 68 41.19 52.92 -88.93
N TRP IB 69 41.90 51.86 -89.31
CA TRP IB 69 43.35 51.82 -89.18
C TRP IB 69 44.03 53.00 -89.87
N TYR IB 70 45.17 53.42 -89.32
CA TYR IB 70 46.06 54.40 -89.94
C TYR IB 70 47.50 53.94 -89.85
N LEU IB 71 48.24 54.02 -90.96
CA LEU IB 71 49.66 53.73 -90.93
C LEU IB 71 50.42 54.79 -90.15
N THR IB 72 51.51 54.38 -89.52
CA THR IB 72 52.34 55.25 -88.70
C THR IB 72 53.73 55.41 -89.33
N ASN IB 73 54.60 56.14 -88.63
CA ASN IB 73 55.97 56.32 -89.09
C ASN IB 73 56.73 55.02 -89.12
N GLU IB 74 56.53 54.17 -88.10
CA GLU IB 74 57.17 52.86 -88.09
C GLU IB 74 56.71 52.00 -89.25
N GLY IB 75 55.46 52.20 -89.70
CA GLY IB 75 54.98 51.48 -90.87
C GLY IB 75 55.37 52.09 -92.19
N ILE IB 76 55.93 53.30 -92.18
CA ILE IB 76 56.28 53.96 -93.45
C ILE IB 76 57.41 53.21 -94.13
N GLN IB 77 58.52 52.98 -93.42
CA GLN IB 77 59.69 52.39 -94.06
C GLN IB 77 59.58 50.88 -94.20
N TYR IB 78 58.80 50.22 -93.34
CA TYR IB 78 58.57 48.80 -93.51
C TYR IB 78 57.79 48.51 -94.78
N LEU IB 79 56.74 49.30 -95.05
CA LEU IB 79 55.94 49.10 -96.26
C LEU IB 79 56.72 49.50 -97.51
N ARG IB 80 57.58 50.52 -97.40
CA ARG IB 80 58.42 50.90 -98.53
C ARG IB 80 59.38 49.78 -98.90
N ASP IB 81 60.03 49.18 -97.90
CA ASP IB 81 60.98 48.11 -98.17
C ASP IB 81 60.27 46.83 -98.57
N TYR IB 82 59.06 46.59 -98.06
CA TYR IB 82 58.29 45.42 -98.47
C TYR IB 82 57.94 45.48 -99.96
N LEU IB 83 57.61 46.67 -100.45
CA LEU IB 83 57.34 46.88 -101.87
C LEU IB 83 58.58 47.31 -102.64
N HIS IB 84 59.74 47.35 -101.98
CA HIS IB 84 61.01 47.76 -102.58
C HIS IB 84 60.92 49.18 -103.15
N LEU IB 85 60.70 50.13 -102.24
CA LEU IB 85 60.57 51.53 -102.58
C LEU IB 85 61.67 52.35 -101.92
N PRO IB 86 62.42 53.15 -102.66
CA PRO IB 86 63.35 54.08 -102.02
C PRO IB 86 62.63 55.11 -101.25
N PRO IB 87 63.23 55.72 -100.21
CA PRO IB 87 62.52 56.68 -99.37
C PRO IB 87 62.24 58.01 -100.05
N GLU IB 88 61.47 57.98 -101.14
CA GLU IB 88 61.03 59.20 -101.81
C GLU IB 88 59.56 59.20 -102.17
N ILE IB 89 58.91 58.04 -102.26
CA ILE IB 89 57.49 57.95 -102.54
C ILE IB 89 56.73 57.87 -101.23
N VAL IB 90 55.71 58.71 -101.09
CA VAL IB 90 55.02 58.87 -99.80
C VAL IB 90 53.54 58.56 -99.97
N PRO IB 91 52.85 58.10 -98.91
CA PRO IB 91 51.42 57.81 -99.01
C PRO IB 91 50.55 59.04 -99.19
N ALA IB 92 49.23 58.84 -99.23
CA ALA IB 92 48.29 59.91 -99.53
C ALA IB 92 48.04 60.85 -98.36
N THR IB 93 48.58 60.56 -97.18
CA THR IB 93 48.27 61.33 -95.99
C THR IB 93 49.35 62.32 -95.59
N LEU IB 94 50.51 62.32 -96.25
CA LEU IB 94 51.64 63.12 -95.75
C LEU IB 94 51.70 64.51 -96.40
N ARG IB 95 51.94 64.57 -97.70
CA ARG IB 95 52.09 65.86 -98.37
C ARG IB 95 51.10 66.09 -99.49
N ARG IB 96 51.03 65.17 -100.46
CA ARG IB 96 50.32 65.37 -101.73
C ARG IB 96 50.66 66.72 -102.35
N SER IB 97 49.96 67.77 -101.92
CA SER IB 97 50.19 69.13 -102.40
C SER IB 97 51.11 69.94 -101.50
N ARG IB 98 50.97 69.79 -100.18
CA ARG IB 98 51.80 70.52 -99.23
C ARG IB 98 52.55 69.56 -98.32
N ALA JB 1 41.55 46.60 62.52
CA ALA JB 1 41.87 46.40 63.93
C ALA JB 1 43.18 47.08 64.29
N ASP JB 2 44.08 46.34 64.94
CA ASP JB 2 45.38 46.84 65.31
C ASP JB 2 46.41 46.47 64.26
N ILE JB 3 47.69 46.68 64.56
CA ILE JB 3 48.75 46.38 63.62
C ILE JB 3 48.84 44.88 63.33
N GLN JB 4 48.78 44.05 64.37
CA GLN JB 4 49.01 42.61 64.23
C GLN JB 4 47.69 41.92 63.92
N THR JB 5 47.53 41.51 62.66
CA THR JB 5 46.32 40.81 62.24
C THR JB 5 46.63 39.65 61.29
N GLU JB 6 47.85 39.12 61.31
CA GLU JB 6 48.26 38.10 60.37
C GLU JB 6 48.96 36.98 61.11
N ARG JB 7 49.46 36.00 60.34
CA ARG JB 7 50.16 34.86 60.92
C ARG JB 7 51.60 35.18 61.29
N ALA JB 8 52.09 36.36 60.94
CA ALA JB 8 53.47 36.74 61.23
C ALA JB 8 53.52 38.11 61.88
N TYR JB 9 54.47 38.29 62.77
CA TYR JB 9 54.70 39.58 63.41
C TYR JB 9 55.24 40.57 62.39
N GLN JB 10 54.68 41.78 62.39
CA GLN JB 10 55.04 42.81 61.43
C GLN JB 10 55.87 43.89 62.11
N LYS JB 11 57.06 44.15 61.56
CA LYS JB 11 57.97 45.14 62.12
C LYS JB 11 58.95 45.56 61.03
N GLN JB 12 59.58 46.72 61.26
CA GLN JB 12 60.58 47.24 60.33
C GLN JB 12 61.96 46.71 60.71
N PRO JB 13 62.74 46.24 59.74
CA PRO JB 13 64.00 45.55 60.07
C PRO JB 13 65.14 46.47 60.51
N THR JB 14 64.90 47.76 60.71
CA THR JB 14 65.95 48.68 61.16
C THR JB 14 65.67 49.26 62.53
N ILE JB 15 64.67 48.76 63.25
CA ILE JB 15 64.25 49.30 64.53
C ILE JB 15 64.31 48.19 65.58
N PHE JB 16 64.97 48.47 66.69
CA PHE JB 16 65.10 47.53 67.81
C PHE JB 16 64.26 48.07 68.96
N GLN JB 17 63.09 47.44 69.18
CA GLN JB 17 62.15 47.96 70.17
C GLN JB 17 62.62 47.70 71.60
N ASN JB 18 63.11 46.49 71.87
CA ASN JB 18 63.46 46.08 73.23
C ASN JB 18 64.79 46.72 73.62
N LYS JB 19 64.73 48.02 73.91
CA LYS JB 19 65.93 48.82 74.18
C LYS JB 19 66.19 48.93 75.68
N LYS JB 20 66.32 47.78 76.32
CA LYS JB 20 66.73 47.67 77.72
C LYS JB 20 65.86 48.52 78.64
N ARG JB 21 64.58 48.15 78.70
CA ARG JB 21 63.61 48.91 79.48
C ARG JB 21 63.76 48.52 80.95
N VAL JB 22 64.38 49.43 81.72
CA VAL JB 22 64.71 49.22 83.12
C VAL JB 22 64.13 50.41 83.89
N LEU JB 23 63.97 50.23 85.21
CA LEU JB 23 63.27 51.20 86.07
C LEU JB 23 63.72 52.65 85.87
N LEU JB 24 64.90 52.89 85.29
CA LEU JB 24 65.24 54.24 84.87
C LEU JB 24 64.29 54.74 83.78
N GLY JB 25 63.68 53.85 83.03
CA GLY JB 25 62.63 54.21 82.08
C GLY JB 25 61.26 53.97 82.71
N GLU JB 26 60.33 54.86 82.39
CA GLU JB 26 59.03 54.84 83.05
C GLU JB 26 58.12 53.78 82.43
N THR JB 27 56.98 53.57 83.08
CA THR JB 27 56.02 52.51 82.75
C THR JB 27 54.60 53.06 82.68
N GLY JB 28 54.36 54.10 81.86
CA GLY JB 28 55.20 54.64 80.81
C GLY JB 28 55.07 56.13 80.59
N LYS JB 29 54.91 56.53 79.33
CA LYS JB 29 54.80 55.60 78.21
C LYS JB 29 56.06 55.62 77.35
N GLU JB 30 56.47 54.43 76.88
CA GLU JB 30 57.62 54.29 76.00
C GLU JB 30 57.12 54.03 74.58
N LYS JB 31 57.60 54.83 73.64
CA LYS JB 31 57.21 54.71 72.25
C LYS JB 31 58.27 53.96 71.45
N LEU JB 32 57.85 53.35 70.35
CA LEU JB 32 58.85 52.69 69.53
C LEU JB 32 59.36 53.64 68.45
N PRO JB 33 60.65 53.58 68.12
CA PRO JB 33 61.15 54.39 67.00
C PRO JB 33 60.52 53.95 65.69
N ARG JB 34 60.14 54.93 64.88
CA ARG JB 34 59.44 54.69 63.62
C ARG JB 34 60.33 55.11 62.46
N TYR JB 35 60.42 54.26 61.45
CA TYR JB 35 61.24 54.52 60.28
C TYR JB 35 60.44 55.29 59.25
N TYR JB 36 60.84 56.53 59.00
CA TYR JB 36 60.31 57.32 57.90
C TYR JB 36 61.46 57.77 57.01
N LYS JB 37 61.19 57.88 55.72
CA LYS JB 37 62.22 58.16 54.73
C LYS JB 37 61.79 59.27 53.80
N ASN JB 38 62.78 59.98 53.26
CA ASN JB 38 62.57 61.00 52.25
C ASN JB 38 63.19 60.54 50.94
N ILE JB 39 62.52 60.86 49.84
CA ILE JB 39 62.95 60.46 48.51
C ILE JB 39 63.16 61.72 47.69
N GLY JB 40 64.02 61.60 46.67
CA GLY JB 40 64.40 62.75 45.85
C GLY JB 40 63.30 63.30 44.98
N LEU JB 41 63.68 64.09 43.97
CA LEU JB 41 62.77 64.82 43.09
C LEU JB 41 61.89 65.79 43.86
N GLY JB 42 62.30 66.17 45.08
CA GLY JB 42 61.55 67.13 45.87
C GLY JB 42 60.29 66.61 46.50
N PHE JB 43 60.05 65.30 46.47
CA PHE JB 43 58.80 64.75 46.98
C PHE JB 43 58.79 64.76 48.49
N LYS JB 44 57.64 65.12 49.06
CA LYS JB 44 57.49 65.30 50.50
C LYS JB 44 56.90 64.03 51.12
N THR JB 45 57.53 63.56 52.19
CA THR JB 45 56.99 62.43 52.95
C THR JB 45 55.79 62.91 53.77
N PRO JB 46 54.62 62.31 53.61
CA PRO JB 46 53.43 62.81 54.32
C PRO JB 46 53.52 62.56 55.81
N LYS JB 47 52.80 63.38 56.57
CA LYS JB 47 52.83 63.25 58.03
C LYS JB 47 52.26 61.93 58.49
N GLU JB 48 51.30 61.36 57.76
CA GLU JB 48 50.75 60.07 58.12
C GLU JB 48 51.81 58.98 58.05
N ALA JB 49 52.65 59.00 57.01
CA ALA JB 49 53.75 58.06 56.93
C ALA JB 49 54.82 58.36 57.98
N ILE JB 50 54.92 59.62 58.41
CA ILE JB 50 55.90 59.98 59.43
C ILE JB 50 55.50 59.41 60.79
N GLU JB 51 54.24 59.57 61.17
CA GLU JB 51 53.78 59.22 62.51
C GLU JB 51 52.77 58.08 62.53
N GLY JB 52 52.75 57.25 61.48
CA GLY JB 52 51.85 56.12 61.45
C GLY JB 52 52.37 54.93 62.24
N THR JB 53 51.46 53.98 62.48
CA THR JB 53 51.77 52.76 63.20
C THR JB 53 51.77 51.52 62.31
N TYR JB 54 51.34 51.65 61.05
CA TYR JB 54 51.34 50.53 60.12
C TYR JB 54 52.78 50.16 59.72
N ILE JB 55 52.93 48.93 59.25
CA ILE JB 55 54.18 48.46 58.66
C ILE JB 55 53.91 48.08 57.21
N ASP JB 56 54.79 48.51 56.32
CA ASP JB 56 54.67 48.19 54.90
C ASP JB 56 56.06 48.14 54.30
N LYS JB 57 56.47 46.97 53.81
CA LYS JB 57 57.76 46.81 53.17
C LYS JB 57 57.80 47.36 51.76
N LYS JB 58 56.66 47.75 51.19
CA LYS JB 58 56.58 48.28 49.84
C LYS JB 58 56.11 49.73 49.77
N CYS JB 59 55.66 50.30 50.88
CA CYS JB 59 55.26 51.70 50.89
C CYS JB 59 56.48 52.58 50.62
N PRO JB 60 56.31 53.69 49.90
CA PRO JB 60 57.47 54.53 49.54
C PRO JB 60 58.20 55.13 50.73
N PHE JB 61 57.57 55.25 51.90
CA PHE JB 61 58.15 55.99 53.00
C PHE JB 61 58.52 55.14 54.22
N THR JB 62 58.07 53.90 54.30
CA THR JB 62 58.43 53.01 55.40
C THR JB 62 58.91 51.66 54.91
N GLY JB 63 59.48 51.61 53.71
CA GLY JB 63 59.97 50.36 53.16
C GLY JB 63 61.29 50.54 52.43
N ASN JB 64 61.95 49.42 52.19
CA ASN JB 64 63.17 49.37 51.39
C ASN JB 64 62.70 49.40 49.94
N VAL JB 65 62.41 50.61 49.46
CA VAL JB 65 62.04 50.84 48.07
C VAL JB 65 62.86 52.02 47.56
N SER JB 66 63.35 51.89 46.34
CA SER JB 66 64.11 52.95 45.70
C SER JB 66 63.43 53.27 44.37
N ILE JB 67 62.82 54.45 44.30
CA ILE JB 67 62.16 54.89 43.07
C ILE JB 67 63.24 55.42 42.14
N ARG JB 68 63.49 54.70 41.05
CA ARG JB 68 64.46 55.09 40.05
C ARG JB 68 63.83 54.95 38.67
N GLY JB 69 64.33 55.73 37.72
CA GLY JB 69 63.78 55.68 36.38
C GLY JB 69 62.84 56.81 36.04
N ARG JB 70 61.54 56.54 36.11
CA ARG JB 70 60.53 57.44 35.57
C ARG JB 70 59.47 57.77 36.61
N ILE JB 71 58.96 59.00 36.54
CA ILE JB 71 57.85 59.47 37.36
C ILE JB 71 56.70 59.82 36.42
N LEU JB 72 55.49 59.37 36.75
CA LEU JB 72 54.38 59.45 35.81
C LEU JB 72 53.08 59.69 36.57
N SER JB 73 52.20 60.50 35.98
CA SER JB 73 50.95 60.90 36.62
C SER JB 73 49.77 60.12 36.06
N GLY JB 74 48.86 59.73 36.95
CA GLY JB 74 47.69 58.95 36.56
C GLY JB 74 46.47 59.35 37.35
N VAL JB 75 45.36 58.66 37.07
CA VAL JB 75 44.07 58.91 37.70
C VAL JB 75 43.57 57.60 38.31
N VAL JB 76 43.11 57.69 39.57
CA VAL JB 76 42.66 56.50 40.29
C VAL JB 76 41.42 55.93 39.61
N THR JB 77 41.40 54.59 39.44
CA THR JB 77 40.32 53.91 38.73
C THR JB 77 39.30 53.29 39.68
N LYS JB 78 39.73 52.40 40.57
CA LYS JB 78 38.83 51.74 41.51
C LYS JB 78 39.54 51.48 42.82
N MET JB 79 38.79 51.59 43.93
CA MET JB 79 39.37 51.50 45.26
C MET JB 79 39.65 50.08 45.73
N LYS JB 80 39.11 49.07 45.04
CA LYS JB 80 39.30 47.69 45.46
C LYS JB 80 40.69 47.21 45.08
N MET JB 81 40.93 45.89 45.11
CA MET JB 81 42.28 45.34 44.95
C MET JB 81 43.19 45.88 46.05
N GLN JB 82 42.93 45.37 47.25
CA GLN JB 82 43.51 45.87 48.49
C GLN JB 82 45.03 46.05 48.41
N ARG JB 83 45.51 47.08 49.10
CA ARG JB 83 46.92 47.38 49.33
C ARG JB 83 47.66 47.79 48.06
N THR JB 84 46.98 47.68 46.91
CA THR JB 84 47.46 48.27 45.66
C THR JB 84 46.28 49.00 45.04
N ILE JB 85 46.42 49.45 43.79
CA ILE JB 85 45.32 50.12 43.10
C ILE JB 85 45.65 50.20 41.61
N VAL JB 86 44.64 50.16 40.76
CA VAL JB 86 44.85 50.31 39.32
C VAL JB 86 44.52 51.75 38.94
N ILE JB 87 45.30 52.29 38.00
CA ILE JB 87 45.13 53.65 37.54
C ILE JB 87 45.02 53.64 36.02
N ARG JB 88 44.46 54.71 35.48
CA ARG JB 88 44.16 54.82 34.06
C ARG JB 88 45.11 55.83 33.42
N ARG JB 89 45.62 55.49 32.23
CA ARG JB 89 46.52 56.37 31.49
C ARG JB 89 45.96 56.58 30.10
N ASP JB 90 45.65 57.83 29.76
CA ASP JB 90 45.16 58.21 28.44
C ASP JB 90 46.25 59.02 27.73
N TYR JB 91 46.66 58.56 26.55
CA TYR JB 91 47.71 59.21 25.79
C TYR JB 91 47.28 59.31 24.33
N LEU JB 92 47.97 60.18 23.60
CA LEU JB 92 47.73 60.36 22.18
C LEU JB 92 48.93 59.84 21.39
N HIS JB 93 48.65 58.96 20.42
CA HIS JB 93 49.66 58.51 19.47
C HIS JB 93 49.35 59.11 18.11
N TYR JB 94 50.35 59.71 17.48
CA TYR JB 94 50.18 60.29 16.17
C TYR JB 94 50.07 59.20 15.11
N ILE JB 95 49.22 59.44 14.12
CA ILE JB 95 49.11 58.58 12.95
C ILE JB 95 49.58 59.40 11.76
N ARG JB 96 50.61 58.91 11.08
CA ARG JB 96 51.24 59.71 10.04
C ARG JB 96 50.38 59.73 8.77
N LYS JB 97 49.68 58.63 8.47
CA LYS JB 97 48.95 58.54 7.21
C LYS JB 97 47.83 59.57 7.13
N TYR JB 98 46.97 59.61 8.14
CA TYR JB 98 45.83 60.53 8.15
C TYR JB 98 46.14 61.82 8.90
N ASN JB 99 47.32 61.93 9.49
CA ASN JB 99 47.77 63.14 10.18
C ASN JB 99 46.80 63.57 11.28
N ARG JB 100 46.15 62.61 11.91
CA ARG JB 100 45.20 62.87 12.98
C ARG JB 100 45.56 62.02 14.18
N PHE JB 101 44.82 62.20 15.26
CA PHE JB 101 45.14 61.57 16.53
C PHE JB 101 44.29 60.35 16.77
N GLU JB 102 44.81 59.44 17.58
CA GLU JB 102 44.08 58.27 18.06
C GLU JB 102 44.51 58.05 19.51
N LYS JB 103 43.59 58.26 20.45
CA LYS JB 103 43.94 58.18 21.86
C LYS JB 103 43.68 56.76 22.36
N ARG JB 104 44.73 56.12 22.82
CA ARG JB 104 44.67 54.76 23.36
C ARG JB 104 44.91 54.81 24.86
N HIS JB 105 45.03 53.63 25.46
CA HIS JB 105 45.26 53.52 26.89
C HIS JB 105 46.08 52.28 27.19
N LYS JB 106 46.93 52.38 28.21
CA LYS JB 106 47.64 51.24 28.78
C LYS JB 106 47.61 51.42 30.30
N ASN JB 107 46.56 50.91 30.92
CA ASN JB 107 46.42 51.00 32.37
C ASN JB 107 47.31 49.95 33.05
N MET JB 108 47.72 50.27 34.28
CA MET JB 108 48.54 49.35 35.05
C MET JB 108 48.23 49.51 36.54
N SER JB 109 48.12 48.37 37.23
CA SER JB 109 47.90 48.40 38.67
C SER JB 109 49.16 48.86 39.40
N VAL JB 110 48.96 49.58 40.50
CA VAL JB 110 50.07 50.17 41.24
C VAL JB 110 49.83 50.00 42.73
N HIS JB 111 50.92 49.83 43.47
CA HIS JB 111 50.87 49.68 44.92
C HIS JB 111 50.56 51.03 45.56
N LEU JB 112 49.51 51.07 46.37
CA LEU JB 112 49.09 52.29 47.05
C LEU JB 112 49.47 52.19 48.52
N SER JB 113 50.24 53.17 48.99
CA SER JB 113 50.63 53.19 50.39
C SER JB 113 49.43 53.49 51.27
N PRO JB 114 49.31 52.83 52.43
CA PRO JB 114 48.20 53.14 53.33
C PRO JB 114 48.31 54.50 54.01
N CYS JB 115 49.44 55.20 53.89
CA CYS JB 115 49.54 56.55 54.43
C CYS JB 115 48.61 57.49 53.69
N PHE JB 116 48.37 57.22 52.41
CA PHE JB 116 47.46 58.03 51.59
C PHE JB 116 46.02 57.64 51.92
N ARG JB 117 45.62 57.95 53.16
CA ARG JB 117 44.28 57.62 53.62
C ARG JB 117 43.22 58.42 52.85
N ASP JB 118 43.49 59.71 52.64
CA ASP JB 118 42.51 60.60 52.00
C ASP JB 118 42.71 60.55 50.49
N VAL JB 119 42.22 59.47 49.90
CA VAL JB 119 42.22 59.29 48.44
C VAL JB 119 40.80 59.01 47.99
N GLN JB 120 40.53 59.30 46.73
CA GLN JB 120 39.20 59.15 46.16
C GLN JB 120 39.31 58.74 44.69
N ILE JB 121 38.19 58.29 44.13
CA ILE JB 121 38.17 57.84 42.75
C ILE JB 121 38.25 59.03 41.81
N GLY JB 122 39.16 58.97 40.84
CA GLY JB 122 39.24 59.97 39.80
C GLY JB 122 40.22 61.10 40.04
N ASP JB 123 40.97 61.06 41.13
CA ASP JB 123 41.92 62.11 41.44
C ASP JB 123 43.26 61.86 40.75
N ILE JB 124 44.02 62.93 40.55
CA ILE JB 124 45.29 62.85 39.85
C ILE JB 124 46.38 62.39 40.82
N VAL JB 125 47.08 61.31 40.46
CA VAL JB 125 48.13 60.73 41.28
C VAL JB 125 49.37 60.54 40.41
N THR JB 126 50.52 61.01 40.91
CA THR JB 126 51.79 60.79 40.23
C THR JB 126 52.47 59.55 40.79
N VAL JB 127 53.06 58.77 39.88
CA VAL JB 127 53.53 57.43 40.18
C VAL JB 127 55.01 57.32 39.80
N GLY JB 128 55.78 56.63 40.63
CA GLY JB 128 57.18 56.40 40.36
C GLY JB 128 57.56 54.94 40.22
N GLU JB 129 58.38 54.64 39.21
CA GLU JB 129 58.86 53.28 38.98
C GLU JB 129 59.69 52.79 40.16
N CYS JB 130 59.64 51.48 40.41
CA CYS JB 130 60.44 50.88 41.47
C CYS JB 130 60.77 49.45 41.08
N ARG JB 131 61.38 48.72 42.03
CA ARG JB 131 61.71 47.32 41.79
C ARG JB 131 60.44 46.49 41.74
N PRO JB 132 60.48 45.29 41.12
CA PRO JB 132 59.27 44.46 41.05
C PRO JB 132 58.69 44.10 42.39
N LEU JB 133 57.49 44.60 42.67
CA LEU JB 133 56.77 44.31 43.90
C LEU JB 133 55.89 43.07 43.77
N SER JB 134 55.14 42.96 42.68
CA SER JB 134 54.32 41.80 42.41
C SER JB 134 54.43 41.48 40.91
N LYS JB 135 53.52 40.63 40.44
CA LYS JB 135 53.66 40.08 39.08
C LYS JB 135 53.53 41.16 38.01
N THR JB 136 52.53 42.04 38.13
CA THR JB 136 52.30 43.09 37.15
C THR JB 136 52.55 44.49 37.70
N VAL JB 137 53.06 44.60 38.93
CA VAL JB 137 53.30 45.89 39.56
C VAL JB 137 54.79 46.18 39.56
N ARG JB 138 55.17 47.36 39.07
CA ARG JB 138 56.55 47.82 39.10
C ARG JB 138 56.63 49.29 39.51
N PHE JB 139 55.56 49.82 40.08
CA PHE JB 139 55.43 51.25 40.33
C PHE JB 139 54.89 51.46 41.74
N ASN JB 140 55.05 52.69 42.24
CA ASN JB 140 54.55 53.05 43.55
C ASN JB 140 54.05 54.50 43.53
N VAL JB 141 53.06 54.77 44.38
CA VAL JB 141 52.42 56.08 44.42
C VAL JB 141 53.37 57.09 45.04
N LEU JB 142 53.52 58.24 44.40
CA LEU JB 142 54.40 59.30 44.89
C LEU JB 142 53.62 60.36 45.67
N LYS JB 143 52.63 61.00 45.04
CA LYS JB 143 51.76 61.91 45.78
C LYS JB 143 50.36 61.85 45.20
N VAL JB 144 49.41 62.30 46.00
CA VAL JB 144 47.98 62.25 45.68
C VAL JB 144 47.47 63.69 45.58
N THR JB 145 46.78 63.99 44.49
CA THR JB 145 46.20 65.31 44.25
C THR JB 145 44.74 65.15 43.88
N LYS JB 146 43.87 65.84 44.61
CA LYS JB 146 42.43 65.69 44.40
C LYS JB 146 41.99 66.31 43.09
N ALA JB 147 40.87 65.83 42.57
CA ALA JB 147 40.34 66.25 41.27
C ALA JB 147 39.12 67.14 41.52
N ALA JB 148 39.37 68.44 41.66
CA ALA JB 148 38.33 69.47 41.79
C ALA JB 148 37.39 69.16 42.94
N GLY JB 149 37.96 68.78 44.08
CA GLY JB 149 37.17 68.44 45.24
C GLY JB 149 37.34 69.41 46.40
N THR JB 150 38.01 68.95 47.46
CA THR JB 150 38.35 69.68 48.68
C THR JB 150 37.13 70.03 49.53
N LYS JB 151 35.92 69.69 49.09
CA LYS JB 151 34.72 69.88 49.91
C LYS JB 151 33.65 68.92 49.42
N LYS JB 152 32.86 68.39 50.36
CA LYS JB 152 31.84 67.41 50.06
C LYS JB 152 30.48 67.93 50.50
N GLN JB 153 29.47 67.71 49.66
CA GLN JB 153 28.12 68.19 49.93
C GLN JB 153 27.27 67.10 50.60
N VAL KB 1 85.64 37.57 -114.73
CA VAL KB 1 84.40 36.98 -114.22
C VAL KB 1 83.49 38.09 -113.68
N MET KB 2 84.02 39.31 -113.66
CA MET KB 2 83.26 40.45 -113.17
C MET KB 2 82.06 40.74 -114.08
N ASP KB 3 82.24 40.58 -115.39
CA ASP KB 3 81.16 40.88 -116.33
C ASP KB 3 80.00 39.91 -116.18
N VAL KB 4 80.25 38.70 -115.71
CA VAL KB 4 79.20 37.69 -115.57
C VAL KB 4 78.60 37.69 -114.17
N ASN KB 5 79.44 37.71 -113.14
CA ASN KB 5 78.95 37.55 -111.77
C ASN KB 5 78.11 38.74 -111.33
N THR KB 6 78.61 39.96 -111.56
CA THR KB 6 77.89 41.14 -111.10
C THR KB 6 76.62 41.38 -111.92
N ALA KB 7 76.68 41.12 -113.23
CA ALA KB 7 75.49 41.23 -114.06
C ALA KB 7 74.43 40.21 -113.67
N LEU KB 8 74.87 38.99 -113.34
CA LEU KB 8 73.93 37.99 -112.84
C LEU KB 8 73.30 38.42 -111.53
N GLN KB 9 74.10 38.99 -110.63
CA GLN KB 9 73.60 39.40 -109.32
C GLN KB 9 72.55 40.50 -109.45
N GLU KB 10 72.80 41.49 -110.31
CA GLU KB 10 71.87 42.59 -110.42
C GLU KB 10 70.60 42.18 -111.16
N VAL KB 11 70.69 41.17 -112.03
CA VAL KB 11 69.51 40.78 -112.82
C VAL KB 11 68.65 39.81 -112.04
N LEU KB 12 69.25 38.99 -111.16
CA LEU KB 12 68.44 38.16 -110.28
C LEU KB 12 67.79 39.01 -109.20
N LYS KB 13 68.51 40.01 -108.69
CA LYS KB 13 67.94 40.91 -107.70
C LYS KB 13 66.80 41.74 -108.30
N THR KB 14 66.97 42.23 -109.53
CA THR KB 14 65.93 43.02 -110.17
C THR KB 14 64.67 42.20 -110.39
N ALA KB 15 64.81 40.95 -110.85
CA ALA KB 15 63.65 40.10 -111.05
C ALA KB 15 63.03 39.67 -109.73
N LEU KB 16 63.85 39.43 -108.70
CA LEU KB 16 63.32 39.05 -107.40
C LEU KB 16 62.46 40.15 -106.79
N ILE KB 17 62.69 41.40 -107.19
CA ILE KB 17 61.93 42.52 -106.63
C ILE KB 17 60.45 42.38 -106.97
N HIS KB 18 60.13 42.05 -108.23
CA HIS KB 18 58.75 42.05 -108.69
C HIS KB 18 58.46 40.85 -109.57
N ASP KB 19 58.93 39.67 -109.16
CA ASP KB 19 58.62 38.43 -109.87
C ASP KB 19 58.97 37.25 -108.98
N GLY KB 20 58.13 36.21 -109.04
CA GLY KB 20 58.46 34.94 -108.44
C GLY KB 20 59.56 34.26 -109.21
N LEU KB 21 60.73 34.09 -108.58
CA LEU KB 21 61.93 33.66 -109.26
C LEU KB 21 61.98 32.16 -109.49
N ALA KB 22 60.88 31.43 -109.29
CA ALA KB 22 60.80 29.99 -109.49
C ALA KB 22 61.89 29.25 -108.72
N ARG KB 23 62.10 29.67 -107.46
CA ARG KB 23 63.14 29.11 -106.62
C ARG KB 23 62.67 27.75 -106.09
N GLY KB 24 63.33 26.69 -106.53
CA GLY KB 24 62.99 25.34 -106.17
C GLY KB 24 63.14 24.43 -107.37
N ILE KB 25 62.62 23.22 -107.24
CA ILE KB 25 62.67 22.22 -108.31
C ILE KB 25 61.37 22.16 -109.09
N ARG KB 26 60.23 22.17 -108.38
CA ARG KB 26 58.94 22.01 -109.04
C ARG KB 26 58.65 23.17 -109.98
N GLU KB 27 58.74 24.40 -109.46
CA GLU KB 27 58.35 25.57 -110.25
C GLU KB 27 59.39 25.90 -111.32
N ALA KB 28 60.66 25.60 -111.06
CA ALA KB 28 61.68 25.71 -112.10
C ALA KB 28 61.42 24.73 -113.23
N ALA KB 29 61.02 23.51 -112.89
CA ALA KB 29 60.68 22.52 -113.92
C ALA KB 29 59.47 22.96 -114.73
N LYS KB 30 58.46 23.55 -114.07
CA LYS KB 30 57.31 24.08 -114.78
C LYS KB 30 57.72 25.23 -115.70
N ALA KB 31 58.60 26.10 -115.22
CA ALA KB 31 59.08 27.20 -116.06
C ALA KB 31 59.84 26.68 -117.27
N LEU KB 32 60.71 25.68 -117.06
CA LEU KB 32 61.43 25.07 -118.18
C LEU KB 32 60.46 24.39 -119.15
N ASP KB 33 59.43 23.74 -118.62
CA ASP KB 33 58.45 23.08 -119.48
C ASP KB 33 57.68 24.08 -120.33
N LYS KB 34 57.38 25.25 -119.77
CA LYS KB 34 56.80 26.33 -120.56
C LYS KB 34 57.84 26.84 -121.56
N ARG KB 35 57.42 26.98 -122.82
CA ARG KB 35 58.34 27.39 -123.88
C ARG KB 35 58.41 28.92 -123.99
N GLN KB 36 58.60 29.57 -122.84
CA GLN KB 36 58.81 31.01 -122.80
C GLN KB 36 59.84 31.41 -121.75
N ALA KB 37 60.50 30.45 -121.11
CA ALA KB 37 61.37 30.75 -119.98
C ALA KB 37 62.65 31.42 -120.44
N HIS KB 38 63.14 32.36 -119.63
CA HIS KB 38 64.40 33.04 -119.84
C HIS KB 38 65.50 32.26 -119.12
N LEU KB 39 66.66 32.91 -118.89
CA LEU KB 39 67.86 32.23 -118.40
C LEU KB 39 67.59 31.40 -117.15
N CYS KB 40 68.36 30.32 -117.02
CA CYS KB 40 68.27 29.39 -115.89
C CYS KB 40 69.62 29.29 -115.20
N VAL KB 41 69.59 28.86 -113.94
CA VAL KB 41 70.77 28.83 -113.07
C VAL KB 41 70.92 27.43 -112.50
N LEU KB 42 72.16 26.95 -112.41
CA LEU KB 42 72.48 25.64 -111.85
C LEU KB 42 73.48 25.83 -110.71
N ALA KB 43 73.39 24.97 -109.70
CA ALA KB 43 74.33 24.94 -108.59
C ALA KB 43 75.19 23.69 -108.69
N SER KB 44 76.51 23.87 -108.74
CA SER KB 44 77.44 22.77 -108.96
C SER KB 44 77.60 21.86 -107.75
N ASN KB 45 77.02 22.21 -106.61
CA ASN KB 45 77.16 21.42 -105.39
C ASN KB 45 75.93 20.59 -105.07
N CYS KB 46 75.20 20.14 -106.09
CA CYS KB 46 74.14 19.15 -105.91
C CYS KB 46 74.72 17.78 -106.20
N ASP KB 47 74.68 16.90 -105.20
CA ASP KB 47 75.33 15.60 -105.29
C ASP KB 47 74.42 14.50 -105.84
N GLU KB 48 73.17 14.82 -106.18
CA GLU KB 48 72.29 13.85 -106.81
C GLU KB 48 72.47 13.90 -108.31
N PRO KB 49 72.80 12.78 -108.97
CA PRO KB 49 72.98 12.82 -110.43
C PRO KB 49 71.74 13.24 -111.19
N MET KB 50 70.55 12.88 -110.68
CA MET KB 50 69.31 13.34 -111.30
C MET KB 50 69.16 14.85 -111.15
N TYR KB 51 69.59 15.40 -110.01
CA TYR KB 51 69.58 16.85 -109.83
C TYR KB 51 70.55 17.52 -110.80
N VAL KB 52 71.72 16.91 -111.02
CA VAL KB 52 72.70 17.49 -111.93
C VAL KB 52 72.15 17.55 -113.35
N LYS KB 53 71.42 16.50 -113.76
CA LYS KB 53 70.95 16.39 -115.14
C LYS KB 53 69.64 17.12 -115.41
N LEU KB 54 68.83 17.38 -114.39
CA LEU KB 54 67.44 17.77 -114.58
C LEU KB 54 67.29 19.08 -115.34
N VAL KB 55 67.75 20.18 -114.75
CA VAL KB 55 67.51 21.50 -115.33
C VAL KB 55 68.34 21.69 -116.60
N GLU KB 56 69.55 21.12 -116.63
CA GLU KB 56 70.40 21.28 -117.81
C GLU KB 56 69.80 20.55 -119.01
N ALA KB 57 69.20 19.37 -118.78
CA ALA KB 57 68.53 18.67 -119.88
C ALA KB 57 67.33 19.45 -120.36
N LEU KB 58 66.53 19.98 -119.44
CA LEU KB 58 65.35 20.75 -119.82
C LEU KB 58 65.73 22.02 -120.57
N CYS KB 59 66.77 22.72 -120.11
CA CYS KB 59 67.20 23.94 -120.77
C CYS KB 59 67.83 23.66 -122.12
N ALA KB 60 68.65 22.60 -122.22
CA ALA KB 60 69.26 22.26 -123.49
C ALA KB 60 68.22 21.75 -124.48
N GLU KB 61 67.20 21.05 -123.99
CA GLU KB 61 66.16 20.54 -124.89
C GLU KB 61 65.36 21.67 -125.51
N HIS KB 62 64.93 22.64 -124.70
CA HIS KB 62 64.06 23.65 -125.27
C HIS KB 62 64.81 24.79 -125.96
N GLN KB 63 65.38 25.73 -125.20
CA GLN KB 63 66.20 26.77 -125.82
C GLN KB 63 67.29 27.35 -124.91
N ILE KB 64 67.31 27.00 -123.63
CA ILE KB 64 67.90 27.88 -122.63
C ILE KB 64 69.35 27.51 -122.38
N ASN KB 65 70.17 28.54 -122.10
CA ASN KB 65 71.56 28.38 -121.73
C ASN KB 65 71.69 28.13 -120.23
N LEU KB 66 72.94 27.99 -119.77
CA LEU KB 66 73.21 27.61 -118.39
C LEU KB 66 74.23 28.54 -117.77
N ILE KB 67 74.08 28.80 -116.47
CA ILE KB 67 75.02 29.58 -115.68
C ILE KB 67 75.45 28.74 -114.48
N LYS KB 68 76.75 28.64 -114.26
CA LYS KB 68 77.31 27.80 -113.20
C LYS KB 68 77.56 28.58 -111.93
N VAL KB 69 77.16 28.00 -110.79
CA VAL KB 69 77.35 28.59 -109.47
C VAL KB 69 78.02 27.55 -108.58
N ASP KB 70 78.89 28.00 -107.68
CA ASP KB 70 79.73 27.09 -106.92
C ASP KB 70 78.92 26.19 -106.00
N ASP KB 71 78.05 26.76 -105.16
CA ASP KB 71 77.35 25.97 -104.17
C ASP KB 71 75.94 26.48 -103.95
N ASN KB 72 75.09 25.61 -103.39
CA ASN KB 72 73.69 25.95 -103.20
C ASN KB 72 73.51 27.05 -102.15
N LYS KB 73 74.34 27.05 -101.11
CA LYS KB 73 74.23 28.08 -100.07
C LYS KB 73 74.57 29.45 -100.62
N LYS KB 74 75.52 29.52 -101.56
CA LYS KB 74 75.96 30.82 -102.07
C LYS KB 74 74.87 31.50 -102.89
N LEU KB 75 74.26 30.78 -103.83
CA LEU KB 75 73.19 31.39 -104.61
C LEU KB 75 71.90 31.52 -103.82
N GLY KB 76 71.72 30.69 -102.78
CA GLY KB 76 70.59 30.86 -101.90
C GLY KB 76 70.65 32.17 -101.14
N GLU KB 77 71.85 32.60 -100.76
CA GLU KB 77 72.03 33.92 -100.17
C GLU KB 77 71.71 35.01 -101.17
N TRP KB 78 72.12 34.82 -102.44
CA TRP KB 78 71.90 35.85 -103.44
C TRP KB 78 70.44 35.92 -103.86
N VAL KB 79 69.77 34.78 -104.00
CA VAL KB 79 68.36 34.79 -104.37
C VAL KB 79 67.50 35.38 -103.26
N GLY KB 80 68.02 35.46 -102.04
CA GLY KB 80 67.37 36.17 -100.96
C GLY KB 80 66.77 35.32 -99.87
N LEU KB 81 66.92 33.99 -99.94
CA LEU KB 81 66.35 33.10 -98.92
C LEU KB 81 67.23 33.16 -97.67
N CYS KB 82 67.07 34.26 -96.92
CA CYS KB 82 67.81 34.46 -95.69
C CYS KB 82 67.07 35.51 -94.86
N LYS KB 83 67.12 35.35 -93.54
CA LYS KB 83 66.55 36.36 -92.65
C LYS KB 83 67.34 37.66 -92.77
N ILE KB 84 66.63 38.77 -92.84
CA ILE KB 84 67.28 40.07 -93.02
C ILE KB 84 67.77 40.54 -91.65
N ASP KB 85 69.06 40.38 -91.40
CA ASP KB 85 69.70 40.88 -90.18
C ASP KB 85 71.01 41.62 -90.43
N ARG KB 86 71.70 41.34 -91.53
CA ARG KB 86 72.94 42.02 -91.92
C ARG KB 86 74.05 41.83 -90.91
N GLU KB 87 73.91 42.45 -89.74
CA GLU KB 87 74.92 42.33 -88.69
C GLU KB 87 74.86 40.98 -87.98
N GLY KB 88 73.81 40.19 -88.21
CA GLY KB 88 73.70 38.86 -87.67
C GLY KB 88 74.27 37.81 -88.60
N LYS KB 89 73.65 36.64 -88.60
CA LYS KB 89 74.07 35.54 -89.47
C LYS KB 89 72.96 35.23 -90.46
N PRO KB 90 73.02 35.76 -91.69
CA PRO KB 90 72.05 35.36 -92.71
C PRO KB 90 72.39 34.04 -93.38
N ARG KB 91 73.57 33.48 -93.13
CA ARG KB 91 74.04 32.27 -93.79
C ARG KB 91 73.56 31.00 -93.11
N LYS KB 92 72.48 31.08 -92.33
CA LYS KB 92 71.92 29.90 -91.68
C LYS KB 92 70.73 29.31 -92.43
N VAL KB 93 69.99 30.13 -93.16
CA VAL KB 93 68.83 29.65 -93.90
C VAL KB 93 69.30 28.91 -95.15
N VAL KB 94 68.59 27.84 -95.50
CA VAL KB 94 68.91 27.03 -96.67
C VAL KB 94 68.65 27.83 -97.93
N GLY KB 95 69.18 27.37 -99.06
CA GLY KB 95 68.99 28.07 -100.32
C GLY KB 95 68.46 27.21 -101.44
N CYS KB 96 68.58 27.69 -102.67
CA CYS KB 96 68.11 26.99 -103.85
C CYS KB 96 69.25 26.22 -104.50
N SER KB 97 68.93 25.56 -105.61
CA SER KB 97 69.97 24.99 -106.47
C SER KB 97 69.71 25.34 -107.93
N CYS KB 98 68.45 25.49 -108.30
CA CYS KB 98 68.06 25.78 -109.68
C CYS KB 98 67.05 26.91 -109.68
N VAL KB 99 67.40 28.04 -110.30
CA VAL KB 99 66.56 29.22 -110.36
C VAL KB 99 66.43 29.65 -111.81
N VAL KB 100 65.20 29.90 -112.24
CA VAL KB 100 64.91 30.41 -113.58
C VAL KB 100 64.49 31.87 -113.43
N VAL KB 101 65.29 32.78 -113.98
CA VAL KB 101 65.00 34.20 -113.94
C VAL KB 101 64.27 34.54 -115.25
N LYS KB 102 62.95 34.71 -115.16
CA LYS KB 102 62.11 34.88 -116.34
C LYS KB 102 61.30 36.19 -116.27
N ASP KB 103 61.90 37.26 -115.76
CA ASP KB 103 61.24 38.54 -115.66
C ASP KB 103 61.89 39.60 -116.54
N TYR KB 104 63.20 39.84 -116.35
CA TYR KB 104 63.94 40.88 -117.06
C TYR KB 104 63.27 42.25 -116.88
N GLY KB 105 63.15 42.65 -115.62
CA GLY KB 105 62.48 43.91 -115.31
C GLY KB 105 63.22 45.12 -115.85
N LYS KB 106 64.53 45.16 -115.64
CA LYS KB 106 65.36 46.29 -116.05
C LYS KB 106 66.39 45.84 -117.08
N GLU KB 107 67.15 46.80 -117.59
CA GLU KB 107 68.18 46.55 -118.60
C GLU KB 107 69.48 47.26 -118.24
N SER KB 108 69.78 47.38 -116.95
CA SER KB 108 71.02 48.05 -116.54
C SER KB 108 72.25 47.25 -116.94
N GLN KB 109 72.26 45.95 -116.61
CA GLN KB 109 73.37 45.08 -116.99
C GLN KB 109 72.90 43.76 -117.56
N ALA KB 110 71.65 43.69 -118.04
CA ALA KB 110 71.18 42.49 -118.72
C ALA KB 110 71.90 42.25 -120.05
N LYS KB 111 72.51 43.28 -120.62
CA LYS KB 111 73.26 43.11 -121.86
C LYS KB 111 74.48 42.24 -121.67
N ASP KB 112 75.10 42.28 -120.48
CA ASP KB 112 76.27 41.44 -120.22
C ASP KB 112 75.89 39.96 -120.22
N VAL KB 113 74.76 39.61 -119.61
CA VAL KB 113 74.33 38.21 -119.64
C VAL KB 113 73.77 37.85 -121.00
N ILE KB 114 73.36 38.85 -121.79
CA ILE KB 114 73.03 38.59 -123.19
C ILE KB 114 74.28 38.22 -123.97
N GLU KB 115 75.38 38.93 -123.72
CA GLU KB 115 76.64 38.59 -124.35
C GLU KB 115 77.14 37.22 -123.89
N GLU KB 116 76.91 36.89 -122.61
CA GLU KB 116 77.25 35.56 -122.12
C GLU KB 116 76.44 34.49 -122.84
N TYR KB 117 75.16 34.76 -123.08
CA TYR KB 117 74.34 33.87 -123.91
C TYR KB 117 74.90 33.78 -125.32
N PHE KB 118 75.32 34.91 -125.89
CA PHE KB 118 75.84 34.91 -127.25
C PHE KB 118 77.16 34.16 -127.34
N LYS KB 119 78.05 34.35 -126.38
CA LYS KB 119 79.35 33.68 -126.45
C LYS KB 119 79.24 32.21 -126.08
N CYS KB 120 78.26 31.83 -125.26
CA CYS KB 120 78.09 30.42 -124.93
C CYS KB 120 77.53 29.65 -126.13
N LYS KB 121 76.64 30.26 -126.90
CA LYS KB 121 76.12 29.64 -128.10
C LYS KB 121 77.07 29.74 -129.28
N LYS KB 122 78.14 30.53 -129.17
CA LYS KB 122 79.13 30.64 -130.22
C LYS KB 122 80.01 29.39 -130.25
N GLY LB 1 18.65 72.75 16.56
CA GLY LB 1 17.21 72.82 16.73
C GLY LB 1 16.73 72.12 17.98
N ARG LB 2 15.43 71.88 18.05
CA ARG LB 2 14.84 71.20 19.20
C ARG LB 2 15.35 69.76 19.29
N MET LB 3 15.41 69.24 20.51
CA MET LB 3 15.99 67.92 20.73
C MET LB 3 15.12 66.79 20.19
N HIS LB 4 13.92 66.63 20.76
CA HIS LB 4 13.04 65.54 20.37
C HIS LB 4 11.94 66.01 19.42
N ALA LB 5 12.24 67.04 18.63
CA ALA LB 5 11.31 67.56 17.63
C ALA LB 5 12.11 68.30 16.57
N PRO LB 6 11.68 68.24 15.31
CA PRO LB 6 12.37 69.00 14.27
C PRO LB 6 11.83 70.42 14.17
N GLY LB 7 12.67 71.41 14.42
CA GLY LB 7 12.22 72.79 14.36
C GLY LB 7 13.29 73.81 14.70
N LYS LB 8 13.21 74.98 14.07
CA LYS LB 8 14.12 76.08 14.32
C LYS LB 8 13.34 77.32 14.73
N GLY LB 9 12.36 77.15 15.61
CA GLY LB 9 11.53 78.25 16.06
C GLY LB 9 12.31 79.31 16.83
N LEU LB 10 12.20 80.56 16.39
CA LEU LB 10 12.92 81.67 17.01
C LEU LB 10 11.93 82.44 17.87
N SER LB 11 11.90 82.13 19.16
CA SER LB 11 11.03 82.82 20.11
C SER LB 11 11.68 82.72 21.48
N GLN LB 12 12.26 83.82 21.94
CA GLN LB 12 12.94 83.86 23.23
C GLN LB 12 12.88 85.28 23.76
N SER LB 13 13.69 85.54 24.80
CA SER LB 13 13.82 86.86 25.37
C SER LB 13 14.89 87.66 24.63
N ALA LB 14 14.77 89.00 24.69
CA ALA LB 14 15.69 89.91 24.02
C ALA LB 14 16.14 90.98 25.00
N LEU LB 15 17.22 90.70 25.72
CA LEU LB 15 17.67 91.61 26.77
C LEU LB 15 18.20 92.90 26.17
N PRO LB 16 17.71 94.05 26.62
CA PRO LB 16 18.20 95.33 26.10
C PRO LB 16 19.65 95.58 26.52
N TYR LB 17 20.31 96.44 25.74
CA TYR LB 17 21.67 96.86 26.07
C TYR LB 17 21.76 97.66 27.35
N ARG LB 18 20.64 98.23 27.83
CA ARG LB 18 20.66 99.01 29.05
C ARG LB 18 20.78 98.08 30.26
N ARG LB 19 21.91 98.19 30.97
CA ARG LB 19 22.15 97.40 32.17
C ARG LB 19 21.81 98.14 33.46
N SER LB 20 21.96 99.46 33.47
CA SER LB 20 21.72 100.23 34.67
C SER LB 20 20.23 100.28 35.01
N VAL LB 21 19.94 100.60 36.26
CA VAL LB 21 18.55 100.62 36.75
C VAL LB 21 17.81 101.77 36.08
N PRO LB 22 16.58 101.54 35.59
CA PRO LB 22 15.79 102.65 35.05
C PRO LB 22 15.47 103.67 36.12
N THR LB 23 15.35 104.93 35.69
CA THR LB 23 15.13 106.03 36.64
C THR LB 23 13.75 105.98 37.28
N TRP LB 24 12.77 105.36 36.63
CA TRP LB 24 11.44 105.29 37.20
C TRP LB 24 11.32 104.27 38.32
N LEU LB 25 12.15 103.22 38.31
CA LEU LB 25 12.04 102.13 39.27
C LEU LB 25 12.57 102.60 40.61
N LYS LB 26 11.65 103.08 41.45
CA LYS LB 26 11.98 103.49 42.81
C LYS LB 26 11.66 102.34 43.76
N LEU LB 27 12.54 101.34 43.74
CA LEU LB 27 12.37 100.13 44.53
C LEU LB 27 13.75 99.53 44.73
N THR LB 28 14.21 99.47 45.97
CA THR LB 28 15.62 99.29 46.26
C THR LB 28 16.03 97.81 46.22
N SER LB 29 17.32 97.56 46.50
CA SER LB 29 17.87 96.22 46.41
C SER LB 29 17.28 95.31 47.49
N ASP LB 30 17.29 95.78 48.74
CA ASP LB 30 16.76 94.97 49.84
C ASP LB 30 15.27 94.71 49.67
N ASP LB 31 14.54 95.63 49.04
CA ASP LB 31 13.15 95.39 48.71
C ASP LB 31 13.00 94.24 47.73
N VAL LB 32 13.91 94.16 46.75
CA VAL LB 32 13.88 93.06 45.79
C VAL LB 32 14.10 91.72 46.49
N LYS LB 33 15.04 91.68 47.43
CA LYS LB 33 15.34 90.42 48.11
C LYS LB 33 14.13 89.93 48.91
N GLU LB 34 13.51 90.83 49.68
CA GLU LB 34 12.42 90.40 50.56
C GLU LB 34 11.16 90.05 49.77
N GLN LB 35 10.89 90.75 48.67
CA GLN LB 35 9.73 90.39 47.85
C GLN LB 35 9.96 89.06 47.16
N ILE LB 36 11.22 88.76 46.80
CA ILE LB 36 11.54 87.45 46.25
C ILE LB 36 11.39 86.38 47.33
N TYR LB 37 11.83 86.69 48.56
CA TYR LB 37 11.71 85.75 49.66
C TYR LB 37 10.24 85.44 49.95
N LYS LB 38 9.40 86.49 50.02
CA LYS LB 38 7.99 86.28 50.34
C LYS LB 38 7.29 85.48 49.26
N LEU LB 39 7.59 85.75 48.00
CA LEU LB 39 7.05 84.95 46.91
C LEU LB 39 7.57 83.51 46.97
N ALA LB 40 8.84 83.34 47.33
CA ALA LB 40 9.40 82.00 47.47
C ALA LB 40 8.77 81.27 48.65
N LYS LB 41 8.45 81.99 49.73
CA LYS LB 41 7.76 81.37 50.85
C LYS LB 41 6.37 80.89 50.43
N LYS LB 42 5.72 81.62 49.52
CA LYS LB 42 4.44 81.16 48.98
C LYS LB 42 4.63 79.87 48.19
N GLY LB 43 5.71 79.76 47.43
CA GLY LB 43 5.99 78.53 46.72
C GLY LB 43 5.98 78.64 45.22
N LEU LB 44 6.37 79.79 44.69
CA LEU LB 44 6.42 80.00 43.24
C LEU LB 44 7.82 79.72 42.72
N THR LB 45 7.87 79.08 41.54
CA THR LB 45 9.13 78.75 40.90
C THR LB 45 9.87 80.01 40.48
N PRO LB 46 11.20 79.95 40.35
CA PRO LB 46 11.96 81.15 39.98
C PRO LB 46 11.54 81.78 38.67
N SER LB 47 11.01 80.99 37.74
CA SER LB 47 10.38 81.57 36.55
C SER LB 47 9.17 82.40 36.93
N GLN LB 48 8.38 81.93 37.90
CA GLN LB 48 7.20 82.67 38.32
C GLN LB 48 7.57 83.91 39.12
N ILE LB 49 8.71 83.88 39.81
CA ILE LB 49 9.18 85.07 40.52
C ILE LB 49 9.53 86.18 39.53
N GLY LB 50 10.23 85.81 38.45
CA GLY LB 50 10.64 86.82 37.49
C GLY LB 50 9.48 87.44 36.75
N VAL LB 51 8.52 86.62 36.32
CA VAL LB 51 7.38 87.14 35.56
C VAL LB 51 6.48 88.00 36.45
N ILE LB 52 6.33 87.63 37.72
CA ILE LB 52 5.53 88.44 38.65
C ILE LB 52 6.23 89.77 38.93
N LEU LB 53 7.55 89.73 39.15
CA LEU LB 53 8.31 90.96 39.30
C LEU LB 53 8.27 91.79 38.03
N ARG LB 54 8.18 91.15 36.87
CA ARG LB 54 8.10 91.86 35.61
C ARG LB 54 6.70 92.44 35.37
N ASP LB 55 5.66 91.70 35.75
CA ASP LB 55 4.30 92.15 35.45
C ASP LB 55 3.81 93.20 36.44
N SER LB 56 3.71 92.82 37.72
CA SER LB 56 3.14 93.73 38.71
C SER LB 56 4.18 94.72 39.23
N HIS LB 57 5.34 94.22 39.63
CA HIS LB 57 6.37 95.08 40.20
C HIS LB 57 7.22 95.79 39.15
N GLY LB 58 7.17 95.36 37.90
CA GLY LB 58 7.84 96.07 36.82
C GLY LB 58 9.34 96.12 36.92
N VAL LB 59 9.96 95.04 37.41
CA VAL LB 59 11.42 94.92 37.43
C VAL LB 59 11.83 94.14 36.19
N ALA LB 60 12.96 94.56 35.59
CA ALA LB 60 13.40 93.96 34.33
C ALA LB 60 14.14 92.65 34.57
N GLN LB 61 15.29 92.72 35.25
CA GLN LB 61 16.07 91.55 35.60
C GLN LB 61 16.60 91.74 37.01
N VAL LB 62 16.45 90.71 37.84
CA VAL LB 62 16.90 90.80 39.23
C VAL LB 62 18.42 90.90 39.28
N ARG LB 63 19.11 90.18 38.38
CA ARG LB 63 20.57 90.28 38.31
C ARG LB 63 21.00 91.70 37.97
N PHE LB 64 20.22 92.40 37.15
CA PHE LB 64 20.52 93.79 36.86
C PHE LB 64 20.29 94.66 38.09
N VAL LB 65 19.15 94.48 38.76
CA VAL LB 65 18.78 95.36 39.86
C VAL LB 65 19.67 95.13 41.07
N THR LB 66 19.92 93.87 41.42
CA THR LB 66 20.63 93.52 42.66
C THR LB 66 22.09 93.18 42.44
N GLY LB 67 22.43 92.50 41.35
CA GLY LB 67 23.76 91.99 41.13
C GLY LB 67 23.86 90.49 41.26
N ASN LB 68 22.80 89.82 41.71
CA ASN LB 68 22.76 88.37 41.85
C ASN LB 68 21.46 87.86 41.26
N LYS LB 69 21.50 86.65 40.72
CA LYS LB 69 20.32 86.05 40.12
C LYS LB 69 19.37 85.52 41.19
N ILE LB 70 18.16 85.16 40.75
CA ILE LB 70 17.11 84.77 41.69
C ILE LB 70 17.50 83.54 42.49
N LEU LB 71 18.08 82.53 41.82
CA LEU LB 71 18.48 81.31 42.51
C LEU LB 71 19.59 81.57 43.52
N ARG LB 72 20.54 82.44 43.18
CA ARG LB 72 21.61 82.79 44.12
C ARG LB 72 21.05 83.47 45.36
N ILE LB 73 20.02 84.29 45.18
CA ILE LB 73 19.37 84.95 46.32
C ILE LB 73 18.71 83.92 47.23
N LEU LB 74 18.02 82.94 46.63
CA LEU LB 74 17.30 81.96 47.43
C LEU LB 74 18.24 80.98 48.11
N LYS LB 75 19.27 80.52 47.40
CA LYS LB 75 20.21 79.55 47.96
C LYS LB 75 20.95 80.13 49.16
N SER LB 76 21.35 81.40 49.07
CA SER LB 76 22.03 82.04 50.20
C SER LB 76 21.09 82.20 51.39
N LYS LB 77 19.80 82.48 51.13
CA LYS LB 77 18.84 82.60 52.22
C LYS LB 77 18.58 81.25 52.87
N GLY LB 78 18.12 80.28 52.10
CA GLY LB 78 17.93 78.95 52.64
C GLY LB 78 16.63 78.26 52.31
N LEU LB 79 15.83 78.84 51.42
CA LEU LB 79 14.56 78.22 51.02
C LEU LB 79 14.55 77.82 49.55
N ALA LB 80 15.72 77.67 48.93
CA ALA LB 80 15.77 77.14 47.58
C ALA LB 80 15.47 75.64 47.59
N PRO LB 81 14.68 75.16 46.63
CA PRO LB 81 14.28 73.75 46.66
C PRO LB 81 15.43 72.81 46.33
N ASP LB 82 15.31 71.58 46.84
CA ASP LB 82 16.33 70.58 46.57
C ASP LB 82 16.24 70.06 45.13
N LEU LB 83 15.03 69.79 44.66
CA LEU LB 83 14.84 69.27 43.31
C LEU LB 83 14.86 70.43 42.32
N PRO LB 84 15.75 70.40 41.32
CA PRO LB 84 15.86 71.53 40.39
C PRO LB 84 14.58 71.76 39.60
N GLU LB 85 14.34 73.03 39.26
CA GLU LB 85 13.05 73.45 38.74
C GLU LB 85 12.75 72.81 37.38
N ASP LB 86 13.70 72.88 36.45
CA ASP LB 86 13.49 72.30 35.13
C ASP LB 86 13.38 70.78 35.21
N LEU LB 87 14.23 70.16 36.03
CA LEU LB 87 14.15 68.71 36.17
C LEU LB 87 12.82 68.30 36.80
N TYR LB 88 12.45 68.96 37.90
CA TYR LB 88 11.27 68.57 38.69
C TYR LB 88 10.01 68.54 37.84
N HIS LB 89 9.84 69.53 36.95
CA HIS LB 89 8.68 69.54 36.06
C HIS LB 89 8.71 68.35 35.11
N LEU LB 90 9.90 67.96 34.66
CA LEU LB 90 10.02 66.82 33.76
C LEU LB 90 9.63 65.51 34.46
N ILE LB 91 9.99 65.38 35.74
CA ILE LB 91 9.49 64.23 36.51
C ILE LB 91 7.97 64.29 36.62
N LYS LB 92 7.41 65.48 36.87
CA LYS LB 92 5.96 65.61 36.98
C LYS LB 92 5.27 65.23 35.68
N LYS LB 93 5.80 65.68 34.54
CA LYS LB 93 5.23 65.32 33.25
C LYS LB 93 5.40 63.83 32.98
N ALA LB 94 6.54 63.25 33.39
CA ALA LB 94 6.78 61.83 33.17
C ALA LB 94 5.77 60.98 33.94
N VAL LB 95 5.49 61.36 35.20
CA VAL LB 95 4.52 60.60 35.99
C VAL LB 95 3.11 60.81 35.46
N ALA LB 96 2.79 62.05 35.04
CA ALA LB 96 1.44 62.36 34.61
C ALA LB 96 1.06 61.57 33.35
N VAL LB 97 1.98 61.48 32.39
CA VAL LB 97 1.70 60.75 31.16
C VAL LB 97 1.92 59.24 31.32
N ARG LB 98 2.75 58.81 32.28
CA ARG LB 98 2.86 57.38 32.54
C ARG LB 98 1.64 56.85 33.27
N LYS LB 99 0.98 57.70 34.07
CA LYS LB 99 -0.31 57.34 34.62
C LYS LB 99 -1.36 57.26 33.53
N HIS LB 100 -1.30 58.18 32.56
CA HIS LB 100 -2.20 58.15 31.42
C HIS LB 100 -1.98 56.90 30.57
N LEU LB 101 -0.71 56.54 30.34
CA LEU LB 101 -0.42 55.28 29.65
C LEU LB 101 -0.90 54.10 30.48
N GLU LB 102 -0.78 54.18 31.80
CA GLU LB 102 -1.34 53.14 32.64
C GLU LB 102 -2.86 53.10 32.52
N ARG LB 103 -3.50 54.24 32.30
CA ARG LB 103 -4.94 54.26 32.07
C ARG LB 103 -5.28 53.72 30.68
N ASN LB 104 -4.56 54.17 29.65
CA ASN LB 104 -4.79 53.77 28.26
C ASN LB 104 -3.46 53.31 27.68
N ARG LB 105 -3.19 52.01 27.72
CA ARG LB 105 -1.92 51.49 27.25
C ARG LB 105 -1.75 51.68 25.74
N LYS LB 106 -2.85 51.81 25.01
CA LYS LB 106 -2.81 51.89 23.55
C LYS LB 106 -2.05 53.10 23.04
N ASP LB 107 -1.86 54.12 23.87
CA ASP LB 107 -1.35 55.41 23.42
C ASP LB 107 0.14 55.23 23.10
N LYS LB 108 0.39 54.61 21.94
CA LYS LB 108 1.76 54.44 21.48
C LYS LB 108 2.43 55.76 21.18
N ASP LB 109 1.65 56.79 20.82
CA ASP LB 109 2.22 58.13 20.76
C ASP LB 109 2.75 58.54 22.13
N ALA LB 110 1.92 58.41 23.17
CA ALA LB 110 2.35 58.79 24.51
C ALA LB 110 3.52 57.95 25.00
N LYS LB 111 3.62 56.70 24.56
CA LYS LB 111 4.77 55.88 24.90
C LYS LB 111 6.05 56.44 24.30
N PHE LB 112 5.98 56.93 23.05
CA PHE LB 112 7.14 57.63 22.51
C PHE LB 112 7.38 58.92 23.28
N ARG LB 113 6.33 59.66 23.64
CA ARG LB 113 6.54 60.89 24.40
C ARG LB 113 7.16 60.56 25.75
N LEU LB 114 6.90 59.35 26.27
CA LEU LB 114 7.53 58.92 27.51
C LEU LB 114 9.04 58.77 27.36
N ILE LB 115 9.48 57.94 26.40
CA ILE LB 115 10.91 57.59 26.33
C ILE LB 115 11.75 58.83 26.05
N LEU LB 116 11.24 59.75 25.21
CA LEU LB 116 11.98 60.99 25.00
C LEU LB 116 12.01 61.84 26.26
N ILE LB 117 10.92 61.88 27.02
CA ILE LB 117 10.93 62.56 28.31
C ILE LB 117 11.92 61.88 29.26
N GLU LB 118 11.88 60.55 29.30
CA GLU LB 118 12.85 59.81 30.11
C GLU LB 118 14.27 60.06 29.64
N SER LB 119 14.47 60.14 28.32
CA SER LB 119 15.80 60.46 27.79
C SER LB 119 16.23 61.85 28.23
N ARG LB 120 15.32 62.82 28.17
CA ARG LB 120 15.66 64.19 28.58
C ARG LB 120 15.93 64.25 30.07
N ILE LB 121 15.19 63.47 30.86
CA ILE LB 121 15.41 63.43 32.31
C ILE LB 121 16.81 62.92 32.62
N HIS LB 122 17.23 61.86 31.94
CA HIS LB 122 18.58 61.33 32.12
C HIS LB 122 19.64 62.36 31.71
N ARG LB 123 19.39 63.06 30.61
CA ARG LB 123 20.37 64.03 30.11
C ARG LB 123 20.62 65.15 31.10
N LEU LB 124 19.54 65.67 31.70
CA LEU LB 124 19.72 66.70 32.73
C LEU LB 124 20.28 66.10 34.01
N ALA LB 125 19.98 64.83 34.29
CA ALA LB 125 20.55 64.17 35.45
C ALA LB 125 22.07 64.06 35.36
N ARG LB 126 22.57 63.74 34.16
CA ARG LB 126 24.02 63.72 33.96
C ARG LB 126 24.63 65.10 34.14
N TYR LB 127 23.94 66.13 33.62
CA TYR LB 127 24.43 67.50 33.78
C TYR LB 127 24.41 67.93 35.25
N TYR LB 128 23.31 67.64 35.95
CA TYR LB 128 23.21 68.06 37.35
C TYR LB 128 24.20 67.31 38.23
N LYS LB 129 24.52 66.06 37.86
CA LYS LB 129 25.54 65.32 38.60
C LYS LB 129 26.94 65.81 38.27
N THR LB 130 27.22 66.10 37.00
CA THR LB 130 28.54 66.58 36.61
C THR LB 130 28.84 67.94 37.21
N LYS LB 131 27.82 68.79 37.35
CA LYS LB 131 27.96 70.06 38.02
C LYS LB 131 27.75 69.95 39.53
N ARG LB 132 27.55 68.74 40.04
CA ARG LB 132 27.43 68.43 41.46
C ARG LB 132 26.24 69.11 42.13
N VAL LB 133 25.19 69.42 41.37
CA VAL LB 133 23.96 69.93 41.98
C VAL LB 133 23.26 68.82 42.75
N LEU LB 134 23.22 67.62 42.18
CA LEU LB 134 22.65 66.43 42.79
C LEU LB 134 23.76 65.48 43.24
N PRO LB 135 23.51 64.67 44.26
CA PRO LB 135 24.50 63.68 44.66
C PRO LB 135 24.72 62.67 43.55
N PRO LB 136 25.95 62.12 43.43
CA PRO LB 136 26.25 61.20 42.32
C PRO LB 136 25.52 59.86 42.37
N ASN LB 137 24.64 59.64 43.36
CA ASN LB 137 23.91 58.38 43.46
C ASN LB 137 22.41 58.56 43.31
N TRP LB 138 21.94 59.72 42.83
CA TRP LB 138 20.52 59.96 42.60
C TRP LB 138 20.17 59.40 41.23
N LYS LB 139 19.71 58.15 41.20
CA LYS LB 139 19.34 57.49 39.96
C LYS LB 139 17.84 57.61 39.72
N TYR LB 140 17.47 57.97 38.50
CA TYR LB 140 16.06 58.11 38.18
C TYR LB 140 15.42 56.73 38.12
N GLU LB 141 14.30 56.59 38.82
CA GLU LB 141 13.53 55.36 38.86
C GLU LB 141 12.09 55.68 38.55
N SER LB 142 11.44 54.84 37.73
CA SER LB 142 10.10 55.16 37.25
C SER LB 142 9.02 54.88 38.29
N SER LB 143 9.36 54.16 39.37
CA SER LB 143 8.35 53.73 40.32
C SER LB 143 8.12 54.74 41.45
N THR LB 144 9.18 55.18 42.13
CA THR LB 144 9.01 56.09 43.25
C THR LB 144 9.13 57.56 42.86
N ALA LB 145 9.37 57.86 41.59
CA ALA LB 145 9.33 59.25 41.13
C ALA LB 145 7.92 59.81 41.22
N SER LB 146 6.91 58.94 41.29
CA SER LB 146 5.54 59.39 41.47
C SER LB 146 5.36 60.11 42.80
N ALA LB 147 6.11 59.69 43.82
CA ALA LB 147 6.07 60.35 45.11
C ALA LB 147 7.18 61.37 45.32
N LEU LB 148 8.30 61.23 44.59
CA LEU LB 148 9.33 62.27 44.65
C LEU LB 148 8.80 63.60 44.15
N VAL LB 149 8.05 63.56 43.05
CA VAL LB 149 7.36 64.74 42.51
C VAL LB 149 5.96 64.76 43.09
N ALA LB 150 5.38 65.96 43.15
CA ALA LB 150 4.02 66.17 43.62
C ALA LB 150 3.75 65.53 44.97
N GLU MB 1 -63.21 58.97 -21.85
CA GLU MB 1 -64.14 59.92 -21.23
C GLU MB 1 -65.48 59.90 -21.95
N GLN MB 2 -66.45 59.19 -21.39
CA GLN MB 2 -66.31 58.42 -20.15
C GLN MB 2 -65.87 56.99 -20.45
N VAL MB 3 -65.27 56.33 -19.46
CA VAL MB 3 -64.52 55.10 -19.71
C VAL MB 3 -64.97 53.89 -18.90
N ILE MB 4 -65.62 54.02 -17.73
CA ILE MB 4 -66.19 55.06 -16.86
C ILE MB 4 -65.50 55.09 -15.50
N SER MB 5 -65.52 53.95 -14.79
CA SER MB 5 -65.02 53.91 -13.42
C SER MB 5 -63.50 53.94 -13.34
N LEU MB 6 -62.81 53.69 -14.46
CA LEU MB 6 -61.35 53.73 -14.46
C LEU MB 6 -60.88 55.18 -14.38
N GLY MB 7 -60.14 55.50 -13.33
CA GLY MB 7 -59.67 56.85 -13.11
C GLY MB 7 -60.56 57.61 -12.15
N PRO MB 8 -60.03 58.67 -11.56
CA PRO MB 8 -60.82 59.48 -10.62
C PRO MB 8 -61.76 60.42 -11.37
N GLN MB 9 -62.45 61.25 -10.60
CA GLN MB 9 -63.41 62.21 -11.14
C GLN MB 9 -62.82 63.61 -10.95
N VAL MB 10 -62.10 64.08 -11.96
CA VAL MB 10 -61.43 65.38 -11.91
C VAL MB 10 -62.19 66.34 -12.82
N ALA MB 11 -61.82 67.62 -12.72
CA ALA MB 11 -62.42 68.66 -13.53
C ALA MB 11 -61.67 68.87 -14.84
N GLU MB 12 -62.25 69.67 -15.73
CA GLU MB 12 -61.66 69.88 -17.05
C GLU MB 12 -60.39 70.72 -16.96
N GLY MB 13 -60.43 71.81 -16.20
CA GLY MB 13 -59.34 72.76 -16.19
C GLY MB 13 -58.12 72.37 -15.39
N GLU MB 14 -58.18 71.24 -14.67
CA GLU MB 14 -57.08 70.77 -13.86
C GLU MB 14 -56.56 69.44 -14.39
N ASN MB 15 -55.39 69.04 -13.91
CA ASN MB 15 -54.76 67.80 -14.31
C ASN MB 15 -54.36 66.99 -13.09
N VAL MB 16 -54.66 65.68 -13.14
CA VAL MB 16 -54.27 64.77 -12.09
C VAL MB 16 -52.78 64.49 -12.21
N PHE MB 17 -52.09 64.46 -11.06
CA PHE MB 17 -50.64 64.32 -11.02
C PHE MB 17 -50.26 62.95 -10.47
N GLY MB 18 -49.33 62.29 -11.16
CA GLY MB 18 -48.72 61.07 -10.66
C GLY MB 18 -47.21 61.23 -10.58
N VAL MB 19 -46.48 60.15 -10.40
CA VAL MB 19 -45.02 60.20 -10.39
C VAL MB 19 -44.49 59.06 -11.24
N CYS MB 20 -43.36 59.30 -11.90
CA CYS MB 20 -42.67 58.28 -12.69
C CYS MB 20 -41.26 58.13 -12.14
N HIS MB 21 -40.93 56.92 -11.71
CA HIS MB 21 -39.57 56.63 -11.25
C HIS MB 21 -38.76 56.04 -12.40
N ILE MB 22 -38.47 56.92 -13.36
CA ILE MB 22 -37.76 56.52 -14.56
C ILE MB 22 -36.35 56.08 -14.17
N PHE MB 23 -36.02 54.83 -14.48
CA PHE MB 23 -34.75 54.22 -14.11
C PHE MB 23 -34.00 53.96 -15.41
N ALA MB 24 -32.85 54.62 -15.57
CA ALA MB 24 -32.03 54.49 -16.76
C ALA MB 24 -30.61 54.14 -16.32
N SER MB 25 -30.38 52.85 -16.11
CA SER MB 25 -29.05 52.34 -15.83
C SER MB 25 -28.41 51.93 -17.14
N PHE MB 26 -27.30 51.21 -17.07
CA PHE MB 26 -26.65 50.68 -18.25
C PHE MB 26 -27.13 49.25 -18.49
N ASN MB 27 -27.22 48.89 -19.78
CA ASN MB 27 -27.76 47.64 -20.30
C ASN MB 27 -29.28 47.56 -20.20
N ASP MB 28 -29.92 48.52 -19.52
CA ASP MB 28 -31.37 48.45 -19.30
C ASP MB 28 -31.94 49.85 -19.07
N THR MB 29 -33.26 49.95 -19.19
CA THR MB 29 -34.00 51.17 -18.86
C THR MB 29 -35.38 50.78 -18.34
N PHE MB 30 -35.84 51.51 -17.32
CA PHE MB 30 -37.14 51.28 -16.71
C PHE MB 30 -37.97 52.56 -16.77
N VAL MB 31 -39.26 52.41 -17.08
CA VAL MB 31 -40.18 53.55 -17.20
C VAL MB 31 -41.28 53.31 -16.18
N HIS MB 32 -40.91 52.75 -15.03
CA HIS MB 32 -41.87 52.48 -13.97
C HIS MB 32 -42.57 53.74 -13.50
N VAL MB 33 -43.91 53.68 -13.40
CA VAL MB 33 -44.72 54.77 -12.89
C VAL MB 33 -45.66 54.22 -11.82
N THR MB 34 -46.15 55.13 -10.98
CA THR MB 34 -47.07 54.79 -9.90
C THR MB 34 -47.70 56.10 -9.41
N ASP MB 35 -48.42 56.02 -8.30
CA ASP MB 35 -48.93 57.21 -7.64
C ASP MB 35 -47.83 57.88 -6.83
N LEU MB 36 -48.14 59.08 -6.33
CA LEU MB 36 -47.22 59.77 -5.43
C LEU MB 36 -46.93 58.98 -4.17
N SER MB 37 -47.83 58.06 -3.80
CA SER MB 37 -47.55 57.14 -2.70
C SER MB 37 -46.36 56.25 -3.01
N GLY MB 38 -46.31 55.69 -4.23
CA GLY MB 38 -45.32 54.71 -4.59
C GLY MB 38 -45.64 53.31 -4.16
N LYS MB 39 -46.76 53.10 -3.47
CA LYS MB 39 -47.17 51.77 -3.02
C LYS MB 39 -48.00 51.03 -4.05
N GLU MB 40 -48.77 51.76 -4.86
CA GLU MB 40 -49.63 51.18 -5.87
C GLU MB 40 -49.22 51.69 -7.24
N THR MB 41 -48.99 50.77 -8.18
CA THR MB 41 -48.40 51.10 -9.46
C THR MB 41 -49.42 50.91 -10.58
N ILE MB 42 -49.31 51.77 -11.60
CA ILE MB 42 -50.17 51.70 -12.77
C ILE MB 42 -49.57 50.74 -13.77
N CYS MB 43 -48.36 51.04 -14.25
CA CYS MB 43 -47.72 50.18 -15.24
C CYS MB 43 -46.22 50.43 -15.23
N ARG MB 44 -45.46 49.39 -15.57
CA ARG MB 44 -44.04 49.51 -15.81
C ARG MB 44 -43.70 48.74 -17.07
N VAL MB 45 -43.04 49.41 -18.01
CA VAL MB 45 -42.65 48.82 -19.28
C VAL MB 45 -41.20 49.19 -19.54
N THR MB 46 -40.40 48.19 -19.89
CA THR MB 46 -38.95 48.34 -19.98
C THR MB 46 -38.48 48.13 -21.40
N GLY MB 47 -37.19 48.39 -21.63
CA GLY MB 47 -36.60 48.11 -22.92
C GLY MB 47 -36.59 46.62 -23.25
N GLY MB 48 -36.51 45.77 -22.22
CA GLY MB 48 -36.56 44.34 -22.46
C GLY MB 48 -37.88 43.90 -23.06
N MET MB 49 -38.98 44.55 -22.67
CA MET MB 49 -40.26 44.29 -23.31
C MET MB 49 -40.24 44.68 -24.78
N LYS MB 50 -39.62 45.84 -25.09
CA LYS MB 50 -39.77 46.41 -26.42
C LYS MB 50 -38.84 45.75 -27.43
N VAL MB 51 -37.60 45.46 -27.04
CA VAL MB 51 -36.62 44.87 -27.95
C VAL MB 51 -36.38 43.43 -27.52
N LYS MB 52 -35.88 42.63 -28.46
CA LYS MB 52 -35.54 41.24 -28.24
C LYS MB 52 -34.12 40.96 -28.72
N ALA MB 53 -33.20 41.86 -28.36
CA ALA MB 53 -31.82 41.77 -28.80
C ALA MB 53 -30.82 41.55 -27.67
N ASP MB 54 -31.25 41.68 -26.41
CA ASP MB 54 -30.43 41.50 -25.20
C ASP MB 54 -29.29 42.51 -25.11
N ARG MB 55 -29.19 43.47 -26.03
CA ARG MB 55 -28.10 44.44 -26.06
C ARG MB 55 -28.60 45.86 -25.88
N ASP MB 56 -29.62 46.26 -26.64
CA ASP MB 56 -30.08 47.64 -26.68
C ASP MB 56 -31.30 47.87 -25.81
N GLU MB 57 -31.39 47.17 -24.68
CA GLU MB 57 -32.46 47.47 -23.72
C GLU MB 57 -32.29 48.84 -23.09
N SER MB 58 -31.08 49.38 -23.09
CA SER MB 58 -30.82 50.73 -22.62
C SER MB 58 -30.81 51.76 -23.74
N SER MB 59 -31.09 51.34 -24.97
CA SER MB 59 -31.01 52.23 -26.12
C SER MB 59 -32.08 53.31 -26.04
N PRO MB 60 -31.83 54.48 -26.63
CA PRO MB 60 -32.88 55.49 -26.74
C PRO MB 60 -34.11 55.01 -27.48
N TYR MB 61 -33.93 54.11 -28.47
CA TYR MB 61 -35.09 53.55 -29.16
C TYR MB 61 -35.97 52.73 -28.21
N ALA MB 62 -35.35 51.86 -27.42
CA ALA MB 62 -36.11 51.03 -26.49
C ALA MB 62 -36.74 51.87 -25.39
N ALA MB 63 -36.01 52.85 -24.88
CA ALA MB 63 -36.53 53.69 -23.80
C ALA MB 63 -37.71 54.54 -24.28
N MET MB 64 -37.62 55.07 -25.49
CA MET MB 64 -38.70 55.91 -26.00
C MET MB 64 -39.94 55.07 -26.37
N LEU MB 65 -39.72 53.84 -26.85
CA LEU MB 65 -40.84 52.94 -27.08
C LEU MB 65 -41.53 52.56 -25.77
N ALA MB 66 -40.73 52.28 -24.72
CA ALA MB 66 -41.32 51.93 -23.43
C ALA MB 66 -42.07 53.10 -22.83
N ALA MB 67 -41.56 54.32 -23.01
CA ALA MB 67 -42.23 55.50 -22.48
C ALA MB 67 -43.57 55.75 -23.16
N GLN MB 68 -43.64 55.50 -24.48
CA GLN MB 68 -44.90 55.70 -25.20
C GLN MB 68 -45.97 54.73 -24.73
N ASP MB 69 -45.59 53.46 -24.52
CA ASP MB 69 -46.56 52.48 -24.05
C ASP MB 69 -47.02 52.79 -22.64
N VAL MB 70 -46.12 53.30 -21.81
CA VAL MB 70 -46.51 53.76 -20.47
C VAL MB 70 -47.47 54.92 -20.58
N ALA MB 71 -47.19 55.88 -21.48
CA ALA MB 71 -48.05 57.04 -21.64
C ALA MB 71 -49.44 56.64 -22.15
N GLN MB 72 -49.49 55.74 -23.14
CA GLN MB 72 -50.77 55.35 -23.71
C GLN MB 72 -51.60 54.54 -22.71
N ARG MB 73 -50.93 53.77 -21.84
CA ARG MB 73 -51.66 53.05 -20.80
C ARG MB 73 -52.10 54.00 -19.69
N CYS MB 74 -51.23 54.93 -19.29
CA CYS MB 74 -51.58 55.88 -18.23
C CYS MB 74 -52.70 56.80 -18.66
N LYS MB 75 -52.65 57.33 -19.88
CA LYS MB 75 -53.74 58.16 -20.38
C LYS MB 75 -55.02 57.36 -20.53
N GLU MB 76 -54.92 56.04 -20.75
CA GLU MB 76 -56.09 55.18 -20.77
C GLU MB 76 -56.71 55.05 -19.38
N LEU MB 77 -55.87 54.97 -18.35
CA LEU MB 77 -56.37 54.79 -16.99
C LEU MB 77 -56.92 56.08 -16.38
N GLY MB 78 -56.55 57.23 -16.93
CA GLY MB 78 -57.07 58.50 -16.45
C GLY MB 78 -56.05 59.42 -15.84
N ILE MB 79 -54.84 58.95 -15.55
CA ILE MB 79 -53.79 59.84 -15.07
C ILE MB 79 -53.20 60.58 -16.25
N THR MB 80 -53.13 61.92 -16.13
CA THR MB 80 -52.78 62.77 -17.26
C THR MB 80 -51.52 63.61 -17.07
N ALA MB 81 -50.86 63.53 -15.91
CA ALA MB 81 -49.61 64.25 -15.70
C ALA MB 81 -48.79 63.51 -14.66
N LEU MB 82 -47.47 63.59 -14.81
CA LEU MB 82 -46.57 62.81 -13.95
C LEU MB 82 -45.45 63.70 -13.42
N HIS MB 83 -45.17 63.56 -12.13
CA HIS MB 83 -43.91 64.03 -11.59
C HIS MB 83 -42.80 63.07 -12.00
N ILE MB 84 -41.58 63.57 -12.10
CA ILE MB 84 -40.47 62.82 -12.65
C ILE MB 84 -39.41 62.64 -11.58
N LYS MB 85 -38.96 61.39 -11.41
CA LYS MB 85 -37.90 61.04 -10.46
C LYS MB 85 -36.88 60.20 -11.21
N LEU MB 86 -35.88 60.85 -11.80
CA LEU MB 86 -34.84 60.12 -12.52
C LEU MB 86 -34.03 59.27 -11.54
N ARG MB 87 -33.71 58.05 -11.97
CA ARG MB 87 -32.97 57.11 -11.13
C ARG MB 87 -31.88 56.47 -11.95
N ALA MB 88 -30.63 56.66 -11.54
CA ALA MB 88 -29.51 55.96 -12.13
C ALA MB 88 -29.23 54.70 -11.30
N THR MB 89 -28.09 54.06 -11.54
CA THR MB 89 -27.75 52.87 -10.77
C THR MB 89 -27.49 53.20 -9.31
N GLY MB 90 -26.76 54.28 -9.04
CA GLY MB 90 -26.54 54.71 -7.68
C GLY MB 90 -25.57 53.82 -6.92
N GLY MB 91 -25.51 54.07 -5.61
CA GLY MB 91 -24.59 53.32 -4.76
C GLY MB 91 -23.15 53.63 -5.11
N ASN MB 92 -22.28 52.65 -4.87
CA ASN MB 92 -20.89 52.79 -5.26
C ASN MB 92 -20.71 52.75 -6.77
N ARG MB 93 -21.72 52.34 -7.52
CA ARG MB 93 -21.64 52.23 -8.96
C ARG MB 93 -21.79 53.62 -9.60
N THR MB 94 -21.98 53.65 -10.91
CA THR MB 94 -22.03 54.92 -11.64
C THR MB 94 -23.28 55.71 -11.26
N LYS MB 95 -23.08 56.99 -10.90
CA LYS MB 95 -24.18 57.85 -10.49
C LYS MB 95 -24.87 58.53 -11.66
N THR MB 96 -24.31 58.47 -12.86
CA THR MB 96 -24.90 59.15 -14.00
C THR MB 96 -26.01 58.30 -14.63
N PRO MB 97 -27.10 58.92 -15.08
CA PRO MB 97 -28.13 58.16 -15.79
C PRO MB 97 -27.61 57.62 -17.11
N GLY MB 98 -28.20 56.50 -17.54
CA GLY MB 98 -27.74 55.81 -18.72
C GLY MB 98 -28.13 56.49 -20.02
N PRO MB 99 -28.23 55.71 -21.10
CA PRO MB 99 -28.54 56.30 -22.40
C PRO MB 99 -30.02 56.54 -22.65
N GLY MB 100 -30.90 55.95 -21.84
CA GLY MB 100 -32.33 56.06 -22.04
C GLY MB 100 -33.06 57.04 -21.16
N ALA MB 101 -32.34 57.89 -20.42
CA ALA MB 101 -33.00 58.83 -19.51
C ALA MB 101 -33.76 59.90 -20.28
N GLN MB 102 -33.05 60.70 -21.07
CA GLN MB 102 -33.69 61.81 -21.76
C GLN MB 102 -34.52 61.35 -22.95
N SER MB 103 -34.22 60.20 -23.53
CA SER MB 103 -35.04 59.67 -24.62
C SER MB 103 -36.43 59.29 -24.12
N ALA MB 104 -36.50 58.65 -22.96
CA ALA MB 104 -37.80 58.38 -22.34
C ALA MB 104 -38.44 59.67 -21.85
N LEU MB 105 -37.63 60.65 -21.47
CA LEU MB 105 -38.16 61.95 -21.06
C LEU MB 105 -38.84 62.65 -22.24
N ARG MB 106 -38.17 62.67 -23.39
CA ARG MB 106 -38.75 63.30 -24.58
C ARG MB 106 -39.96 62.55 -25.08
N ALA MB 107 -39.90 61.21 -25.04
CA ALA MB 107 -41.02 60.40 -25.52
C ALA MB 107 -42.28 60.62 -24.68
N LEU MB 108 -42.12 60.71 -23.35
CA LEU MB 108 -43.26 61.00 -22.49
C LEU MB 108 -43.80 62.40 -22.77
N ALA MB 109 -42.91 63.37 -23.00
CA ALA MB 109 -43.36 64.74 -23.26
C ALA MB 109 -44.07 64.85 -24.59
N ARG MB 110 -43.56 64.19 -25.63
CA ARG MB 110 -44.14 64.27 -26.96
C ARG MB 110 -45.28 63.28 -27.19
N SER MB 111 -45.57 62.42 -26.21
CA SER MB 111 -46.72 61.53 -26.33
C SER MB 111 -48.03 62.25 -26.04
N GLY MB 112 -47.97 63.41 -25.39
CA GLY MB 112 -49.18 64.11 -24.97
C GLY MB 112 -49.37 64.06 -23.47
N MET MB 113 -48.26 64.07 -22.75
CA MET MB 113 -48.26 63.98 -21.29
C MET MB 113 -47.60 65.21 -20.70
N LYS MB 114 -48.15 65.69 -19.59
CA LYS MB 114 -47.69 66.91 -18.97
C LYS MB 114 -46.66 66.61 -17.89
N ILE MB 115 -45.72 67.55 -17.72
CA ILE MB 115 -44.54 67.36 -16.89
C ILE MB 115 -44.61 68.31 -15.70
N GLY MB 116 -44.44 67.76 -14.49
CA GLY MB 116 -44.48 68.56 -13.28
C GLY MB 116 -43.11 68.80 -12.67
N ARG MB 117 -42.84 68.14 -11.54
CA ARG MB 117 -41.58 68.31 -10.83
C ARG MB 117 -40.61 67.19 -11.19
N ILE MB 118 -39.38 67.56 -11.53
CA ILE MB 118 -38.33 66.61 -11.90
C ILE MB 118 -37.22 66.71 -10.87
N GLU MB 119 -36.78 65.56 -10.37
CA GLU MB 119 -35.70 65.52 -9.39
C GLU MB 119 -35.05 64.14 -9.39
N ASP MB 120 -33.73 64.11 -9.53
CA ASP MB 120 -33.00 62.85 -9.48
C ASP MB 120 -32.96 62.32 -8.04
N VAL MB 121 -33.02 61.00 -7.90
CA VAL MB 121 -33.01 60.36 -6.60
C VAL MB 121 -31.94 59.26 -6.67
N THR MB 122 -30.91 59.51 -7.47
CA THR MB 122 -29.79 58.58 -7.57
C THR MB 122 -29.15 58.39 -6.20
N PRO MB 123 -29.10 57.17 -5.66
CA PRO MB 123 -28.63 56.97 -4.28
C PRO MB 123 -27.15 57.27 -4.15
N ILE MB 124 -26.82 58.19 -3.23
CA ILE MB 124 -25.45 58.63 -3.02
C ILE MB 124 -24.97 58.05 -1.69
N PRO MB 125 -24.07 57.06 -1.70
CA PRO MB 125 -23.54 56.54 -0.45
C PRO MB 125 -22.61 57.54 0.22
N SER MB 126 -22.52 57.44 1.54
CA SER MB 126 -21.62 58.31 2.32
C SER MB 126 -20.30 57.61 2.54
N ASP MB 127 -19.59 57.36 1.43
CA ASP MB 127 -18.30 56.67 1.41
C ASP MB 127 -18.41 55.31 2.09
N SER MB 128 -19.20 54.44 1.49
CA SER MB 128 -19.52 53.16 2.10
C SER MB 128 -19.41 52.05 1.06
N THR MB 129 -19.48 50.80 1.55
CA THR MB 129 -19.55 49.56 0.76
C THR MB 129 -18.58 49.55 -0.42
N ARG MB 130 -17.28 49.51 -0.10
CA ARG MB 130 -16.18 49.57 -1.07
C ARG MB 130 -16.49 48.82 -2.35
N ARG MB 131 -16.27 49.50 -3.48
CA ARG MB 131 -16.79 49.10 -4.78
C ARG MB 131 -16.14 47.80 -5.27
N LYS MB 132 -16.93 47.02 -6.02
CA LYS MB 132 -16.48 45.80 -6.67
C LYS MB 132 -15.62 46.18 -7.88
N GLY MB 133 -14.38 46.55 -7.59
CA GLY MB 133 -13.42 46.76 -8.66
C GLY MB 133 -12.05 46.19 -8.39
N GLY MB 134 -11.79 45.82 -7.15
CA GLY MB 134 -10.44 45.50 -6.73
C GLY MB 134 -9.60 46.76 -6.61
N ARG MB 135 -8.35 46.57 -6.19
CA ARG MB 135 -7.46 47.72 -6.07
C ARG MB 135 -7.01 48.22 -7.43
N ARG MB 136 -6.64 47.31 -8.32
CA ARG MB 136 -6.13 47.68 -9.64
C ARG MB 136 -7.22 47.97 -10.65
N GLY MB 137 -8.48 47.71 -10.32
CA GLY MB 137 -9.59 48.07 -11.18
C GLY MB 137 -9.77 47.11 -12.34
N ARG MB 138 -10.84 47.35 -13.09
CA ARG MB 138 -11.15 46.54 -14.26
C ARG MB 138 -10.33 47.02 -15.44
N ARG MB 139 -9.50 46.13 -15.98
CA ARG MB 139 -8.60 46.44 -17.09
C ARG MB 139 -9.08 45.66 -18.31
N LEU MB 140 -9.59 46.37 -19.31
CA LEU MB 140 -10.10 45.73 -20.52
C LEU MB 140 -9.03 45.65 -21.59
N THR NB 1 -2.39 0.11 -101.10
CA THR NB 1 -2.99 1.17 -101.90
C THR NB 1 -2.98 2.49 -101.14
N TYR NB 2 -2.80 3.59 -101.87
CA TYR NB 2 -2.81 4.92 -101.28
C TYR NB 2 -4.03 5.73 -101.69
N ARG NB 3 -4.29 5.86 -102.99
CA ARG NB 3 -5.46 6.55 -103.51
C ARG NB 3 -6.26 5.64 -104.45
N GLY NB 4 -6.27 4.35 -104.18
CA GLY NB 4 -6.90 3.40 -105.06
C GLY NB 4 -6.07 2.94 -106.23
N VAL NB 5 -4.77 3.25 -106.25
CA VAL NB 5 -3.84 2.78 -107.27
C VAL NB 5 -2.77 1.94 -106.58
N ASP NB 6 -2.51 0.76 -107.13
CA ASP NB 6 -1.63 -0.20 -106.49
C ASP NB 6 -0.18 0.29 -106.50
N LEU NB 7 0.63 -0.29 -105.61
CA LEU NB 7 2.02 0.13 -105.45
C LEU NB 7 2.86 -0.18 -106.68
N ASP NB 8 2.55 -1.27 -107.39
CA ASP NB 8 3.31 -1.60 -108.59
C ASP NB 8 3.18 -0.50 -109.63
N GLN NB 9 1.98 0.04 -109.81
CA GLN NB 9 1.84 1.21 -110.67
C GLN NB 9 2.58 2.41 -110.09
N LEU NB 10 2.57 2.55 -108.76
CA LEU NB 10 3.24 3.68 -108.13
C LEU NB 10 4.74 3.69 -108.40
N LEU NB 11 5.34 2.50 -108.50
CA LEU NB 11 6.79 2.42 -108.73
C LEU NB 11 7.17 2.98 -110.09
N ASP NB 12 6.42 2.62 -111.13
CA ASP NB 12 6.66 3.19 -112.43
C ASP NB 12 6.04 4.59 -112.59
N MET NB 13 5.29 5.07 -111.60
CA MET NB 13 4.70 6.39 -111.68
C MET NB 13 5.75 7.45 -111.37
N SER NB 14 5.84 8.47 -112.21
CA SER NB 14 6.86 9.49 -112.11
C SER NB 14 6.45 10.61 -111.13
N TYR NB 15 7.27 11.65 -111.07
CA TYR NB 15 7.03 12.76 -110.15
C TYR NB 15 5.83 13.60 -110.59
N GLU NB 16 5.73 13.90 -111.88
CA GLU NB 16 4.71 14.83 -112.36
C GLU NB 16 3.30 14.25 -112.20
N GLN NB 17 3.16 12.94 -112.32
CA GLN NB 17 1.88 12.30 -112.08
C GLN NB 17 1.70 11.90 -110.63
N LEU NB 18 2.76 11.98 -109.81
CA LEU NB 18 2.61 11.90 -108.37
C LEU NB 18 2.22 13.25 -107.77
N MET NB 19 2.16 14.30 -108.59
CA MET NB 19 1.73 15.63 -108.14
C MET NB 19 0.35 15.58 -107.49
N GLN NB 20 -0.65 15.20 -108.28
CA GLN NB 20 -2.02 15.13 -107.79
C GLN NB 20 -2.27 13.88 -106.95
N LEU NB 21 -1.29 12.97 -106.91
CA LEU NB 21 -1.42 11.79 -106.09
C LEU NB 21 -1.25 12.14 -104.63
N TYR NB 22 -0.28 13.00 -104.34
CA TYR NB 22 0.07 13.36 -102.98
C TYR NB 22 -0.96 14.33 -102.40
N SER NB 23 -0.74 14.73 -101.16
CA SER NB 23 -1.55 15.75 -100.52
C SER NB 23 -1.07 17.12 -101.00
N ALA NB 24 -1.63 18.19 -100.42
CA ALA NB 24 -1.25 19.53 -100.83
C ALA NB 24 0.21 19.83 -100.45
N ARG NB 25 0.63 19.39 -99.26
CA ARG NB 25 1.97 19.72 -98.79
C ARG NB 25 3.04 18.95 -99.56
N GLN NB 26 2.83 17.65 -99.77
CA GLN NB 26 3.85 16.85 -100.44
C GLN NB 26 3.99 17.25 -101.90
N ARG NB 27 2.88 17.59 -102.57
CA ARG NB 27 2.96 18.08 -103.94
C ARG NB 27 3.72 19.39 -104.02
N ARG NB 28 3.44 20.31 -103.09
CA ARG NB 28 4.19 21.57 -103.05
C ARG NB 28 5.64 21.32 -102.70
N ARG NB 29 5.90 20.30 -101.87
CA ARG NB 29 7.29 19.94 -101.57
C ARG NB 29 8.02 19.45 -102.82
N LEU NB 30 7.38 18.59 -103.61
CA LEU NB 30 7.98 18.09 -104.83
C LEU NB 30 7.95 19.10 -105.96
N ASN NB 31 7.05 20.08 -105.90
CA ASN NB 31 7.13 21.20 -106.84
C ASN NB 31 8.42 21.98 -106.65
N ARG NB 32 8.83 22.18 -105.41
CA ARG NB 32 10.17 22.65 -105.11
C ARG NB 32 11.18 21.59 -105.56
N GLY NB 33 12.25 22.04 -106.22
CA GLY NB 33 13.30 21.14 -106.65
C GLY NB 33 13.96 20.43 -105.49
N LEU NB 34 14.10 19.10 -105.59
CA LEU NB 34 14.64 18.33 -104.48
C LEU NB 34 16.13 18.61 -104.34
N ARG NB 35 16.58 18.89 -103.13
CA ARG NB 35 17.93 19.35 -102.91
C ARG NB 35 18.92 18.18 -102.97
N ARG NB 36 20.20 18.51 -102.86
CA ARG NB 36 21.26 17.53 -103.09
C ARG NB 36 21.33 16.49 -101.98
N LYS NB 37 21.07 16.91 -100.74
CA LYS NB 37 21.21 15.99 -99.61
C LYS NB 37 20.22 14.83 -99.71
N GLN NB 38 18.97 15.12 -100.07
CA GLN NB 38 17.97 14.06 -100.20
C GLN NB 38 18.24 13.20 -101.43
N HIS NB 39 18.69 13.81 -102.52
CA HIS NB 39 19.02 13.04 -103.72
C HIS NB 39 20.17 12.08 -103.43
N SER NB 40 21.12 12.50 -102.60
CA SER NB 40 22.15 11.58 -102.14
C SER NB 40 21.54 10.43 -101.34
N LEU NB 41 20.58 10.73 -100.47
CA LEU NB 41 19.90 9.68 -99.72
C LEU NB 41 19.12 8.77 -100.65
N LEU NB 42 18.52 9.34 -101.69
CA LEU NB 42 17.87 8.52 -102.71
C LEU NB 42 18.87 7.64 -103.43
N LYS NB 43 20.05 8.19 -103.75
CA LYS NB 43 21.07 7.41 -104.44
C LYS NB 43 21.58 6.26 -103.58
N ARG NB 44 21.80 6.52 -102.29
CA ARG NB 44 22.34 5.48 -101.41
C ARG NB 44 21.30 4.41 -101.11
N LEU NB 45 20.03 4.79 -100.98
CA LEU NB 45 19.00 3.80 -100.69
C LEU NB 45 18.77 2.88 -101.88
N ARG NB 46 18.89 3.41 -103.10
CA ARG NB 46 18.83 2.56 -104.29
C ARG NB 46 20.00 1.58 -104.32
N LYS NB 47 21.20 2.06 -103.96
CA LYS NB 47 22.36 1.18 -103.90
C LYS NB 47 22.21 0.12 -102.83
N ALA NB 48 21.69 0.51 -101.66
CA ALA NB 48 21.43 -0.46 -100.60
C ALA NB 48 20.35 -1.46 -101.02
N LYS NB 49 19.31 -0.98 -101.72
CA LYS NB 49 18.28 -1.87 -102.22
C LYS NB 49 18.82 -2.84 -103.26
N LYS NB 50 19.74 -2.38 -104.12
CA LYS NB 50 20.31 -3.27 -105.12
C LYS NB 50 21.31 -4.25 -104.51
N GLU NB 51 22.14 -3.77 -103.58
CA GLU NB 51 23.18 -4.62 -102.99
C GLU NB 51 22.65 -5.54 -101.91
N ALA NB 52 21.36 -5.44 -101.57
CA ALA NB 52 20.80 -6.27 -100.52
C ALA NB 52 20.74 -7.73 -100.97
N PRO NB 53 20.96 -8.69 -100.07
CA PRO NB 53 20.70 -10.08 -100.40
C PRO NB 53 19.22 -10.29 -100.67
N PRO NB 54 18.88 -11.26 -101.52
CA PRO NB 54 17.46 -11.48 -101.84
C PRO NB 54 16.70 -12.02 -100.64
N MET NB 55 15.38 -11.83 -100.68
CA MET NB 55 14.42 -12.12 -99.60
C MET NB 55 14.94 -11.71 -98.23
N GLU NB 56 15.66 -10.59 -98.16
CA GLU NB 56 16.16 -10.05 -96.90
C GLU NB 56 16.14 -8.53 -96.97
N LYS NB 57 16.21 -7.91 -95.80
CA LYS NB 57 16.19 -6.46 -95.69
C LYS NB 57 17.50 -5.85 -96.21
N PRO NB 58 17.45 -4.66 -96.79
CA PRO NB 58 18.68 -3.96 -97.14
C PRO NB 58 19.44 -3.51 -95.90
N GLU NB 59 20.71 -3.19 -96.10
CA GLU NB 59 21.53 -2.70 -94.99
C GLU NB 59 21.06 -1.32 -94.55
N VAL NB 60 21.51 -0.92 -93.36
CA VAL NB 60 21.01 0.33 -92.78
C VAL NB 60 21.55 1.51 -93.54
N VAL NB 61 20.68 2.45 -93.87
CA VAL NB 61 21.08 3.77 -94.29
C VAL NB 61 20.90 4.68 -93.10
N LYS NB 62 21.82 5.62 -92.93
CA LYS NB 62 21.86 6.48 -91.77
C LYS NB 62 21.73 7.92 -92.23
N THR NB 63 20.88 8.69 -91.54
CA THR NB 63 20.57 10.03 -92.00
C THR NB 63 20.25 10.93 -90.81
N HIS NB 64 20.61 12.20 -90.95
CA HIS NB 64 20.22 13.24 -90.01
C HIS NB 64 18.98 14.00 -90.47
N LEU NB 65 18.63 13.93 -91.75
CA LEU NB 65 17.52 14.70 -92.30
C LEU NB 65 16.23 13.90 -92.10
N ARG NB 66 15.50 14.24 -91.05
CA ARG NB 66 14.16 13.70 -90.83
C ARG NB 66 13.10 14.60 -91.45
N ASP NB 67 13.31 15.01 -92.72
CA ASP NB 67 12.47 16.05 -93.31
C ASP NB 67 12.18 15.81 -94.79
N MET NB 68 12.24 14.57 -95.26
CA MET NB 68 12.13 14.25 -96.68
C MET NB 68 10.78 13.58 -96.97
N ILE NB 69 10.31 13.76 -98.21
CA ILE NB 69 9.02 13.20 -98.63
C ILE NB 69 9.26 11.77 -99.10
N ILE NB 70 8.40 10.85 -98.69
CA ILE NB 70 8.65 9.45 -98.98
C ILE NB 70 7.96 9.10 -100.29
N LEU NB 71 8.71 8.55 -101.21
CA LEU NB 71 8.19 8.06 -102.47
C LEU NB 71 7.91 6.57 -102.37
N PRO NB 72 7.04 6.03 -103.23
CA PRO NB 72 6.75 4.59 -103.16
C PRO NB 72 7.95 3.69 -103.42
N GLU NB 73 9.02 4.20 -104.04
CA GLU NB 73 10.20 3.38 -104.29
C GLU NB 73 10.90 2.97 -103.00
N MET NB 74 10.84 3.80 -101.95
CA MET NB 74 11.56 3.50 -100.71
C MET NB 74 11.03 2.27 -99.98
N VAL NB 75 9.95 1.65 -100.46
CA VAL NB 75 9.32 0.55 -99.73
C VAL NB 75 10.31 -0.57 -99.50
N GLY NB 76 10.20 -1.23 -98.35
CA GLY NB 76 11.11 -2.30 -97.98
C GLY NB 76 12.54 -1.88 -97.72
N SER NB 77 12.73 -0.80 -96.98
CA SER NB 77 14.05 -0.35 -96.55
C SER NB 77 14.06 -0.17 -95.05
N MET NB 78 15.22 -0.36 -94.43
CA MET NB 78 15.38 -0.03 -93.01
C MET NB 78 16.42 1.07 -92.88
N VAL NB 79 16.00 2.18 -92.25
CA VAL NB 79 16.71 3.45 -92.29
C VAL NB 79 16.91 3.94 -90.87
N GLY NB 80 18.14 4.33 -90.55
CA GLY NB 80 18.40 4.97 -89.27
C GLY NB 80 18.32 6.48 -89.38
N VAL NB 81 17.18 7.06 -89.01
CA VAL NB 81 17.01 8.51 -89.04
C VAL NB 81 17.31 9.05 -87.65
N TYR NB 82 17.70 10.32 -87.60
CA TYR NB 82 18.15 10.94 -86.37
C TYR NB 82 16.98 11.35 -85.49
N ASN NB 83 17.26 11.51 -84.19
CA ASN NB 83 16.35 12.15 -83.26
C ASN NB 83 17.06 13.09 -82.31
N GLY NB 84 18.38 13.18 -82.38
CA GLY NB 84 19.16 13.95 -81.43
C GLY NB 84 20.15 13.07 -80.68
N LYS NB 85 19.71 11.88 -80.28
CA LYS NB 85 20.54 10.95 -79.50
C LYS NB 85 20.92 9.70 -80.28
N THR NB 86 19.94 8.97 -80.80
CA THR NB 86 20.16 7.67 -81.40
C THR NB 86 19.59 7.64 -82.82
N PHE NB 87 20.17 6.79 -83.64
CA PHE NB 87 19.67 6.56 -84.99
C PHE NB 87 18.52 5.56 -84.90
N ASN NB 88 17.30 6.07 -84.79
CA ASN NB 88 16.13 5.20 -84.68
C ASN NB 88 15.91 4.46 -85.99
N GLN NB 89 15.70 3.15 -85.89
CA GLN NB 89 15.46 2.32 -87.06
C GLN NB 89 13.97 2.28 -87.37
N VAL NB 90 13.62 2.67 -88.59
CA VAL NB 90 12.24 2.65 -89.06
C VAL NB 90 12.20 1.96 -90.42
N GLU NB 91 11.35 0.95 -90.53
CA GLU NB 91 11.18 0.23 -91.78
C GLU NB 91 10.08 0.87 -92.60
N ILE NB 92 10.24 0.82 -93.93
CA ILE NB 92 9.34 1.52 -94.85
C ILE NB 92 8.21 0.56 -95.19
N LYS NB 93 7.17 0.59 -94.37
CA LYS NB 93 5.93 -0.11 -94.69
C LYS NB 93 5.26 0.58 -95.87
N PRO NB 94 4.59 -0.17 -96.76
CA PRO NB 94 4.01 0.44 -97.97
C PRO NB 94 3.10 1.64 -97.73
N GLU NB 95 2.29 1.62 -96.66
CA GLU NB 95 1.35 2.72 -96.41
C GLU NB 95 2.01 3.81 -95.56
N MET NB 96 3.06 4.40 -96.10
CA MET NB 96 3.74 5.47 -95.40
C MET NB 96 4.26 6.50 -96.40
N ILE NB 97 3.65 6.55 -97.59
CA ILE NB 97 4.14 7.42 -98.67
C ILE NB 97 3.98 8.88 -98.30
N GLY NB 98 2.80 9.27 -97.83
CA GLY NB 98 2.55 10.66 -97.52
C GLY NB 98 2.87 11.05 -96.10
N HIS NB 99 4.00 10.59 -95.58
CA HIS NB 99 4.41 10.90 -94.21
C HIS NB 99 5.88 11.33 -94.24
N TYR NB 100 6.43 11.59 -93.06
CA TYR NB 100 7.80 12.07 -92.92
C TYR NB 100 8.57 11.18 -91.96
N LEU NB 101 9.87 11.07 -92.20
CA LEU NB 101 10.72 10.24 -91.35
C LEU NB 101 10.76 10.75 -89.92
N GLY NB 102 10.54 12.05 -89.73
CA GLY NB 102 10.50 12.61 -88.40
C GLY NB 102 9.23 12.30 -87.63
N GLU NB 103 8.21 11.78 -88.30
CA GLU NB 103 6.94 11.43 -87.67
C GLU NB 103 6.96 10.03 -87.06
N PHE NB 104 8.11 9.35 -87.09
CA PHE NB 104 8.22 7.99 -86.55
C PHE NB 104 9.40 7.79 -85.62
N SER NB 105 10.38 8.69 -85.61
CA SER NB 105 11.43 8.69 -84.61
C SER NB 105 11.07 9.77 -83.59
N ILE NB 106 10.57 9.34 -82.44
CA ILE NB 106 10.09 10.29 -81.44
C ILE NB 106 11.27 11.11 -80.91
N THR NB 107 11.00 12.39 -80.65
CA THR NB 107 12.02 13.30 -80.17
C THR NB 107 12.09 13.39 -78.66
N TYR NB 108 11.17 12.73 -77.96
CA TYR NB 108 11.11 12.76 -76.51
C TYR NB 108 10.64 11.42 -75.99
N LYS NB 109 11.31 10.91 -74.96
CA LYS NB 109 10.59 9.74 -74.49
C LYS NB 109 9.57 10.15 -73.44
N PRO NB 110 8.41 9.48 -73.39
CA PRO NB 110 7.27 10.03 -72.64
C PRO NB 110 7.53 10.12 -71.14
N VAL NB 111 6.92 11.13 -70.53
CA VAL NB 111 6.93 11.31 -69.09
C VAL NB 111 5.81 10.46 -68.50
N LYS NB 112 6.13 9.61 -67.53
CA LYS NB 112 5.08 8.84 -66.88
C LYS NB 112 4.40 9.68 -65.80
N HIS NB 113 5.11 9.91 -64.68
CA HIS NB 113 5.11 11.15 -63.89
C HIS NB 113 5.93 10.96 -62.61
N GLY NB 114 6.07 12.03 -61.83
CA GLY NB 114 6.77 11.96 -60.55
C GLY NB 114 6.06 12.66 -59.41
N ARG NB 115 6.79 12.90 -58.31
CA ARG NB 115 6.22 13.49 -57.10
C ARG NB 115 6.76 14.89 -56.89
N PRO NB 116 5.90 15.91 -56.83
CA PRO NB 116 6.39 17.28 -56.66
C PRO NB 116 7.13 17.48 -55.35
N GLY NB 117 8.07 18.43 -55.38
CA GLY NB 117 8.78 18.83 -54.18
C GLY NB 117 8.21 20.10 -53.58
N ILE NB 118 8.91 21.22 -53.74
CA ILE NB 118 8.46 22.48 -53.17
C ILE NB 118 7.26 23.03 -53.93
N GLY NB 119 7.21 22.80 -55.24
CA GLY NB 119 6.22 23.44 -56.08
C GLY NB 119 4.82 22.89 -55.88
N ALA NB 120 3.87 23.59 -56.49
CA ALA NB 120 2.44 23.25 -56.44
C ALA NB 120 1.93 23.20 -54.99
N THR NB 121 2.02 24.34 -54.31
CA THR NB 121 1.56 24.44 -52.93
C THR NB 121 0.05 24.55 -52.87
N SER OB 1 -34.48 91.24 -107.26
CA SER OB 1 -35.22 89.99 -107.39
C SER OB 1 -34.28 88.83 -107.69
N LYS OB 2 -33.15 89.13 -108.32
CA LYS OB 2 -32.15 88.13 -108.71
C LYS OB 2 -30.77 88.54 -108.21
N GLY OB 3 -30.70 88.95 -106.94
CA GLY OB 3 -29.46 89.39 -106.36
C GLY OB 3 -28.61 88.24 -105.85
N PRO OB 4 -27.43 88.06 -106.45
CA PRO OB 4 -26.56 86.96 -106.02
C PRO OB 4 -25.63 87.37 -104.89
N LEU OB 5 -24.72 86.46 -104.51
CA LEU OB 5 -23.72 86.69 -103.47
C LEU OB 5 -24.37 87.04 -102.12
N GLN OB 6 -25.32 86.20 -101.72
CA GLN OB 6 -25.99 86.30 -100.42
C GLN OB 6 -25.87 84.93 -99.75
N SER OB 7 -24.78 84.72 -99.02
CA SER OB 7 -24.48 83.40 -98.49
C SER OB 7 -23.61 83.53 -97.25
N VAL OB 8 -23.57 82.45 -96.47
CA VAL OB 8 -22.65 82.30 -95.35
C VAL OB 8 -22.25 80.83 -95.27
N GLN OB 9 -21.02 80.58 -94.85
CA GLN OB 9 -20.47 79.23 -94.77
C GLN OB 9 -20.00 78.98 -93.35
N VAL OB 10 -20.81 78.25 -92.57
CA VAL OB 10 -20.54 77.98 -91.17
C VAL OB 10 -20.49 76.48 -90.94
N PHE OB 11 -19.48 76.02 -90.20
CA PHE OB 11 -19.23 74.60 -90.00
C PHE OB 11 -19.61 74.17 -88.59
N GLY OB 12 -19.71 72.86 -88.41
CA GLY OB 12 -19.98 72.28 -87.11
C GLY OB 12 -18.94 71.24 -86.75
N ARG OB 13 -18.74 71.07 -85.44
CA ARG OB 13 -17.64 70.27 -84.93
C ARG OB 13 -18.11 69.51 -83.69
N LYS OB 14 -18.23 68.18 -83.81
CA LYS OB 14 -18.50 67.32 -82.64
C LYS OB 14 -17.44 66.22 -82.61
N LYS OB 15 -16.27 66.58 -82.09
CA LYS OB 15 -15.22 65.71 -81.56
C LYS OB 15 -14.54 64.81 -82.59
N THR OB 16 -15.15 64.61 -83.77
CA THR OB 16 -14.38 64.25 -84.96
C THR OB 16 -15.06 64.84 -86.20
N ALA OB 17 -16.37 65.05 -86.11
CA ALA OB 17 -17.20 65.27 -87.29
C ALA OB 17 -17.17 66.73 -87.72
N THR OB 18 -16.90 66.96 -89.01
CA THR OB 18 -16.91 68.28 -89.61
C THR OB 18 -18.09 68.36 -90.56
N ALA OB 19 -19.07 69.20 -90.23
CA ALA OB 19 -20.23 69.43 -91.08
C ALA OB 19 -20.34 70.93 -91.35
N VAL OB 20 -20.27 71.30 -92.64
CA VAL OB 20 -20.25 72.69 -93.06
C VAL OB 20 -21.55 73.00 -93.79
N ALA OB 21 -22.21 74.07 -93.39
CA ALA OB 21 -23.45 74.52 -94.00
C ALA OB 21 -23.18 75.74 -94.86
N HIS OB 22 -23.86 75.82 -96.02
CA HIS OB 22 -23.68 76.89 -96.98
C HIS OB 22 -25.05 77.50 -97.28
N CYS OB 23 -25.37 78.63 -96.64
CA CYS OB 23 -26.68 79.23 -96.79
C CYS OB 23 -26.84 79.86 -98.17
N LYS OB 24 -28.10 80.01 -98.59
CA LYS OB 24 -28.42 80.56 -99.91
C LYS OB 24 -29.86 81.03 -99.91
N ARG OB 25 -30.11 82.16 -100.57
CA ARG OB 25 -31.47 82.65 -100.75
C ARG OB 25 -32.23 81.67 -101.66
N GLY OB 26 -33.34 81.14 -101.17
CA GLY OB 26 -34.07 80.16 -101.92
C GLY OB 26 -35.47 79.94 -101.38
N ASN OB 27 -36.05 78.81 -101.77
CA ASN OB 27 -37.44 78.47 -101.44
C ASN OB 27 -37.54 77.38 -100.38
N GLY OB 28 -36.66 77.39 -99.38
CA GLY OB 28 -36.75 76.41 -98.32
C GLY OB 28 -36.27 75.02 -98.67
N LEU OB 29 -34.96 74.88 -98.90
CA LEU OB 29 -34.35 73.60 -99.21
C LEU OB 29 -33.22 73.29 -98.24
N ILE OB 30 -33.17 72.05 -97.78
CA ILE OB 30 -32.05 71.56 -96.97
C ILE OB 30 -31.64 70.18 -97.47
N LYS OB 31 -30.34 69.96 -97.57
CA LYS OB 31 -29.78 68.66 -97.91
C LYS OB 31 -28.50 68.45 -97.11
N VAL OB 32 -28.34 67.26 -96.56
CA VAL OB 32 -27.14 66.87 -95.83
C VAL OB 32 -26.46 65.76 -96.63
N ASN OB 33 -25.24 66.05 -97.10
CA ASN OB 33 -24.47 65.12 -97.94
C ASN OB 33 -25.27 64.66 -99.16
N GLY OB 34 -26.09 65.56 -99.71
CA GLY OB 34 -26.91 65.25 -100.86
C GLY OB 34 -28.22 64.56 -100.55
N ARG OB 35 -28.61 64.47 -99.28
CA ARG OB 35 -29.84 63.80 -98.89
C ARG OB 35 -30.68 64.72 -98.02
N PRO OB 36 -32.02 64.61 -98.09
CA PRO OB 36 -32.88 65.44 -97.24
C PRO OB 36 -32.87 64.97 -95.80
N LEU OB 37 -33.52 65.70 -94.88
CA LEU OB 37 -33.46 65.34 -93.47
C LEU OB 37 -34.28 64.11 -93.13
N GLU OB 38 -35.19 63.69 -94.01
CA GLU OB 38 -36.04 62.56 -93.73
C GLU OB 38 -35.48 61.25 -94.25
N MET OB 39 -34.33 61.29 -94.95
CA MET OB 39 -33.69 60.12 -95.54
C MET OB 39 -32.26 59.97 -95.02
N ILE OB 40 -32.09 59.95 -93.71
CA ILE OB 40 -30.78 60.16 -93.08
C ILE OB 40 -30.28 58.92 -92.36
N GLU OB 41 -29.17 59.09 -91.65
CA GLU OB 41 -28.48 58.17 -90.74
C GLU OB 41 -29.50 57.60 -89.75
N PRO OB 42 -29.18 56.53 -88.94
CA PRO OB 42 -30.19 55.52 -88.57
C PRO OB 42 -31.56 55.97 -88.08
N ARG OB 43 -31.79 57.27 -87.91
CA ARG OB 43 -33.08 57.91 -87.65
C ARG OB 43 -33.52 57.73 -86.21
N THR OB 44 -32.72 57.07 -85.37
CA THR OB 44 -32.99 57.11 -83.94
C THR OB 44 -32.81 58.51 -83.39
N LEU OB 45 -32.08 59.36 -84.08
CA LEU OB 45 -31.98 60.76 -83.74
C LEU OB 45 -32.60 61.63 -84.82
N GLN OB 46 -33.64 61.11 -85.49
CA GLN OB 46 -34.30 61.85 -86.56
C GLN OB 46 -34.92 63.13 -86.02
N TYR OB 47 -35.60 63.04 -84.88
CA TYR OB 47 -36.18 64.22 -84.25
C TYR OB 47 -35.11 65.19 -83.78
N LYS OB 48 -33.91 64.67 -83.47
CA LYS OB 48 -32.81 65.56 -83.08
C LYS OB 48 -32.27 66.35 -84.26
N LEU OB 49 -32.50 65.88 -85.49
CA LEU OB 49 -32.07 66.64 -86.65
C LEU OB 49 -32.93 67.88 -86.82
N LEU OB 50 -34.24 67.70 -87.02
CA LEU OB 50 -35.16 68.82 -87.23
C LEU OB 50 -35.65 69.41 -85.92
N GLU OB 51 -34.97 69.13 -84.80
CA GLU OB 51 -35.25 69.84 -83.57
C GLU OB 51 -35.07 71.34 -83.73
N PRO OB 52 -34.00 71.86 -84.34
CA PRO OB 52 -34.01 73.28 -84.71
C PRO OB 52 -35.11 73.65 -85.69
N VAL OB 53 -35.41 72.75 -86.64
CA VAL OB 53 -36.45 73.06 -87.63
C VAL OB 53 -37.81 73.17 -86.95
N LEU OB 54 -38.11 72.25 -86.04
CA LEU OB 54 -39.38 72.28 -85.33
C LEU OB 54 -39.45 73.48 -84.38
N LEU OB 55 -38.40 73.68 -83.60
CA LEU OB 55 -38.43 74.68 -82.53
C LEU OB 55 -38.14 76.09 -83.00
N LEU OB 56 -37.75 76.28 -84.25
CA LEU OB 56 -37.60 77.62 -84.83
C LEU OB 56 -38.74 77.97 -85.77
N GLY OB 57 -39.01 77.12 -86.76
CA GLY OB 57 -40.11 77.34 -87.67
C GLY OB 57 -39.71 77.40 -89.13
N LYS OB 58 -40.63 76.98 -90.01
CA LYS OB 58 -40.36 77.04 -91.44
C LYS OB 58 -40.37 78.48 -91.96
N GLU OB 59 -40.96 79.42 -91.21
CA GLU OB 59 -40.98 80.81 -91.64
C GLU OB 59 -39.57 81.39 -91.72
N ARG OB 60 -38.73 81.06 -90.74
CA ARG OB 60 -37.32 81.44 -90.80
C ARG OB 60 -36.51 80.51 -91.68
N PHE OB 61 -37.12 79.44 -92.20
CA PHE OB 61 -36.50 78.56 -93.18
C PHE OB 61 -36.79 79.05 -94.59
N ALA OB 62 -38.04 79.44 -94.88
CA ALA OB 62 -38.53 79.52 -96.24
C ALA OB 62 -37.67 80.41 -97.14
N GLY OB 63 -36.94 81.36 -96.56
CA GLY OB 63 -36.01 82.18 -97.33
C GLY OB 63 -34.57 81.70 -97.25
N VAL OB 64 -34.36 80.45 -96.87
CA VAL OB 64 -33.02 79.91 -96.63
C VAL OB 64 -32.91 78.56 -97.32
N ASP OB 65 -31.78 78.33 -98.00
CA ASP OB 65 -31.56 77.15 -98.83
C ASP OB 65 -30.19 76.55 -98.57
N ILE OB 66 -29.86 76.30 -97.30
CA ILE OB 66 -28.54 75.79 -96.96
C ILE OB 66 -28.30 74.42 -97.60
N ARG OB 67 -27.01 74.12 -97.82
CA ARG OB 67 -26.56 72.80 -98.24
C ARG OB 67 -25.38 72.42 -97.36
N VAL OB 68 -25.27 71.13 -97.04
CA VAL OB 68 -24.36 70.65 -96.00
C VAL OB 68 -23.41 69.62 -96.59
N ARG OB 69 -22.11 69.79 -96.32
CA ARG OB 69 -21.09 68.80 -96.63
C ARG OB 69 -20.50 68.28 -95.32
N VAL OB 70 -20.23 66.98 -95.27
CA VAL OB 70 -19.86 66.30 -94.03
C VAL OB 70 -18.61 65.45 -94.27
N LYS OB 71 -17.68 65.51 -93.32
CA LYS OB 71 -16.52 64.62 -93.33
C LYS OB 71 -16.16 64.27 -91.89
N GLY OB 72 -15.74 63.03 -91.69
CA GLY OB 72 -15.25 62.59 -90.39
C GLY OB 72 -16.36 62.21 -89.43
N GLY OB 73 -15.94 61.85 -88.22
CA GLY OB 73 -16.87 61.59 -87.13
C GLY OB 73 -17.56 60.25 -87.22
N GLY OB 74 -18.31 59.93 -86.17
CA GLY OB 74 -19.21 58.82 -86.16
C GLY OB 74 -20.63 59.26 -86.48
N HIS OB 75 -21.55 58.29 -86.46
CA HIS OB 75 -22.95 58.59 -86.78
C HIS OB 75 -23.55 59.57 -85.78
N VAL OB 76 -23.33 59.33 -84.49
CA VAL OB 76 -23.81 60.27 -83.47
C VAL OB 76 -23.02 61.56 -83.53
N ALA OB 77 -21.72 61.48 -83.81
CA ALA OB 77 -20.94 62.70 -84.00
C ALA OB 77 -21.42 63.48 -85.21
N GLN OB 78 -21.83 62.78 -86.28
CA GLN OB 78 -22.26 63.46 -87.49
C GLN OB 78 -23.62 64.11 -87.31
N ILE OB 79 -24.57 63.42 -86.66
CA ILE OB 79 -25.88 64.01 -86.45
C ILE OB 79 -25.79 65.18 -85.47
N TYR OB 80 -24.84 65.13 -84.53
CA TYR OB 80 -24.59 66.31 -83.73
C TYR OB 80 -23.96 67.42 -84.57
N ALA OB 81 -23.12 67.03 -85.53
CA ALA OB 81 -22.41 68.02 -86.33
C ALA OB 81 -23.35 68.80 -87.23
N ILE OB 82 -24.32 68.12 -87.87
CA ILE OB 82 -25.13 68.83 -88.86
C ILE OB 82 -26.14 69.76 -88.18
N ARG OB 83 -26.63 69.39 -86.99
CA ARG OB 83 -27.62 70.23 -86.33
C ARG OB 83 -26.99 71.46 -85.71
N GLN OB 84 -25.76 71.34 -85.22
CA GLN OB 84 -25.04 72.53 -84.77
C GLN OB 84 -24.58 73.37 -85.95
N SER OB 85 -24.39 72.76 -87.11
CA SER OB 85 -24.00 73.51 -88.30
C SER OB 85 -25.15 74.36 -88.82
N ILE OB 86 -26.35 73.76 -88.91
CA ILE OB 86 -27.49 74.49 -89.45
C ILE OB 86 -27.92 75.61 -88.51
N SER OB 87 -27.85 75.37 -87.19
CA SER OB 87 -28.23 76.39 -86.23
C SER OB 87 -27.26 77.56 -86.27
N LYS OB 88 -25.95 77.26 -86.30
CA LYS OB 88 -24.95 78.32 -86.34
C LYS OB 88 -24.99 79.08 -87.66
N ALA OB 89 -25.20 78.36 -88.77
CA ALA OB 89 -25.27 79.03 -90.07
C ALA OB 89 -26.53 79.89 -90.18
N LEU OB 90 -27.65 79.42 -89.63
CA LEU OB 90 -28.89 80.20 -89.68
C LEU OB 90 -28.75 81.50 -88.89
N VAL OB 91 -28.16 81.43 -87.69
CA VAL OB 91 -28.04 82.63 -86.87
C VAL OB 91 -26.96 83.55 -87.43
N ALA OB 92 -25.93 82.99 -88.06
CA ALA OB 92 -24.92 83.82 -88.71
C ALA OB 92 -25.49 84.53 -89.93
N TYR OB 93 -26.27 83.82 -90.74
CA TYR OB 93 -26.92 84.45 -91.88
C TYR OB 93 -27.95 85.49 -91.43
N TYR OB 94 -28.70 85.16 -90.38
CA TYR OB 94 -29.70 86.10 -89.86
C TYR OB 94 -29.09 87.21 -89.02
N GLN OB 95 -27.76 87.21 -88.85
CA GLN OB 95 -27.08 88.34 -88.23
C GLN OB 95 -26.49 89.27 -89.30
N LYS OB 96 -25.88 88.71 -90.34
CA LYS OB 96 -25.16 89.47 -91.34
C LYS OB 96 -26.03 89.97 -92.48
N TYR OB 97 -27.19 89.34 -92.71
CA TYR OB 97 -28.03 89.69 -93.85
C TYR OB 97 -29.42 90.18 -93.47
N VAL OB 98 -29.81 90.09 -92.20
CA VAL OB 98 -31.05 90.68 -91.70
C VAL OB 98 -30.75 91.19 -90.28
N ASP OB 99 -31.74 91.88 -89.70
CA ASP OB 99 -31.52 92.60 -88.45
C ASP OB 99 -31.19 91.65 -87.30
N GLU OB 100 -30.43 92.17 -86.33
CA GLU OB 100 -30.16 91.44 -85.11
C GLU OB 100 -31.39 91.29 -84.22
N ALA OB 101 -32.44 92.07 -84.46
CA ALA OB 101 -33.69 91.87 -83.73
C ALA OB 101 -34.25 90.48 -84.00
N SER OB 102 -34.18 90.03 -85.26
CA SER OB 102 -34.51 88.65 -85.56
C SER OB 102 -33.45 87.69 -85.04
N LYS OB 103 -32.17 88.09 -85.15
CA LYS OB 103 -31.09 87.23 -84.65
C LYS OB 103 -31.18 87.04 -83.14
N LYS OB 104 -31.46 88.10 -82.41
CA LYS OB 104 -31.59 87.97 -80.95
C LYS OB 104 -32.86 87.23 -80.57
N GLU OB 105 -33.95 87.45 -81.30
CA GLU OB 105 -35.21 86.78 -81.00
C GLU OB 105 -35.19 85.31 -81.36
N ILE OB 106 -34.21 84.84 -82.13
CA ILE OB 106 -34.08 83.41 -82.38
C ILE OB 106 -32.97 82.85 -81.50
N LYS OB 107 -32.01 83.70 -81.11
CA LYS OB 107 -30.87 83.21 -80.35
C LYS OB 107 -31.24 82.88 -78.90
N ASP OB 108 -32.25 83.55 -78.35
CA ASP OB 108 -32.67 83.24 -77.00
C ASP OB 108 -33.46 81.93 -76.95
N ILE OB 109 -34.23 81.65 -78.01
CA ILE OB 109 -35.03 80.43 -78.02
C ILE OB 109 -34.17 79.20 -78.32
N LEU OB 110 -32.97 79.39 -78.86
CA LEU OB 110 -32.09 78.24 -79.06
C LEU OB 110 -31.12 78.05 -77.91
N ILE OB 111 -30.71 79.14 -77.26
CA ILE OB 111 -29.78 79.02 -76.13
C ILE OB 111 -30.44 78.26 -74.98
N GLN OB 112 -31.74 78.49 -74.78
CA GLN OB 112 -32.46 77.89 -73.67
C GLN OB 112 -32.48 76.37 -73.79
N TYR OB 113 -32.73 75.85 -74.99
CA TYR OB 113 -32.87 74.42 -75.20
C TYR OB 113 -31.63 73.89 -75.89
N ASP OB 114 -30.88 73.04 -75.20
CA ASP OB 114 -29.69 72.39 -75.75
C ASP OB 114 -28.69 73.43 -76.26
N ARG OB 115 -28.06 74.11 -75.30
CA ARG OB 115 -27.11 75.18 -75.59
C ARG OB 115 -26.04 74.79 -76.60
N THR OB 116 -25.76 73.48 -76.75
CA THR OB 116 -24.67 73.01 -77.59
C THR OB 116 -24.87 73.23 -79.09
N LEU OB 117 -26.07 73.60 -79.55
CA LEU OB 117 -26.26 73.87 -80.98
C LEU OB 117 -25.46 75.08 -81.48
N LEU OB 118 -25.04 76.00 -80.61
CA LEU OB 118 -24.19 77.10 -81.05
C LEU OB 118 -22.78 77.06 -80.50
N VAL OB 119 -22.53 76.28 -79.45
CA VAL OB 119 -21.19 76.11 -78.90
C VAL OB 119 -20.86 74.63 -78.93
N ALA OB 120 -19.77 74.29 -79.60
CA ALA OB 120 -19.40 72.89 -79.76
C ALA OB 120 -18.93 72.32 -78.42
N ASP OB 121 -18.97 71.00 -78.32
CA ASP OB 121 -18.49 70.31 -77.14
C ASP OB 121 -16.97 70.46 -77.05
N PRO OB 122 -16.42 71.02 -75.97
CA PRO OB 122 -14.97 71.23 -75.88
C PRO OB 122 -14.17 70.01 -75.49
N ARG OB 123 -14.78 68.82 -75.40
CA ARG OB 123 -14.06 67.60 -75.07
C ARG OB 123 -14.02 66.69 -76.28
N ARG OB 124 -12.83 66.26 -76.66
CA ARG OB 124 -12.64 65.36 -77.81
C ARG OB 124 -12.40 63.92 -77.35
N CYS OB 125 -11.34 63.69 -76.58
CA CYS OB 125 -10.96 62.37 -76.08
C CYS OB 125 -9.85 62.54 -75.07
N GLU OB 126 -9.40 61.42 -74.51
CA GLU OB 126 -8.23 61.38 -73.63
C GLU OB 126 -7.33 60.25 -74.09
N SER OB 127 -6.03 60.54 -74.15
CA SER OB 127 -5.06 59.57 -74.68
C SER OB 127 -4.93 58.36 -73.77
N LYS OB 128 -4.54 57.24 -74.36
CA LYS OB 128 -4.30 56.02 -73.60
C LYS OB 128 -2.91 56.03 -72.99
N LYS OB 129 -2.82 55.60 -71.74
CA LYS OB 129 -1.55 55.51 -71.04
C LYS OB 129 -0.91 54.14 -71.27
N PHE OB 130 0.38 54.03 -70.91
CA PHE OB 130 1.16 52.82 -71.15
C PHE OB 130 1.09 51.84 -69.98
N GLY OB 131 0.02 51.87 -69.20
CA GLY OB 131 -0.10 50.97 -68.07
C GLY OB 131 -1.35 50.10 -68.09
N GLY OB 132 -2.32 50.45 -68.93
CA GLY OB 132 -3.57 49.73 -68.97
C GLY OB 132 -4.18 49.68 -70.36
N PRO OB 133 -5.27 48.92 -70.50
CA PRO OB 133 -5.92 48.78 -71.80
C PRO OB 133 -6.71 50.00 -72.24
N GLY OB 134 -7.03 50.91 -71.34
CA GLY OB 134 -7.79 52.09 -71.69
C GLY OB 134 -7.04 53.38 -71.48
N ALA OB 135 -7.75 54.50 -71.54
CA ALA OB 135 -7.10 55.80 -71.40
C ALA OB 135 -6.60 56.03 -69.99
N ARG OB 136 -7.38 55.63 -68.99
CA ARG OB 136 -7.07 55.96 -67.61
C ARG OB 136 -7.06 54.74 -66.69
N ALA OB 137 -7.65 53.63 -67.12
CA ALA OB 137 -7.58 52.40 -66.34
C ALA OB 137 -6.17 51.84 -66.31
N ARG OB 138 -5.91 51.00 -65.31
CA ARG OB 138 -4.63 50.31 -65.16
C ARG OB 138 -4.85 48.81 -65.25
N TYR OB 139 -3.78 48.10 -65.59
CA TYR OB 139 -3.86 46.66 -65.75
C TYR OB 139 -4.01 45.97 -64.40
N GLN OB 140 -4.64 44.80 -64.42
CA GLN OB 140 -4.88 44.05 -63.20
C GLN OB 140 -3.57 43.56 -62.60
N LYS OB 141 -3.35 43.87 -61.32
CA LYS OB 141 -2.13 43.49 -60.62
C LYS OB 141 -2.44 42.44 -59.57
N SER OB 142 -1.52 41.51 -59.39
CA SER OB 142 -1.65 40.46 -58.40
C SER OB 142 -0.28 40.18 -57.80
N TYR OB 143 -0.22 40.06 -56.46
CA TYR OB 143 1.02 39.77 -55.79
C TYR OB 143 1.22 38.28 -55.51
N ARG OB 144 0.20 37.47 -55.74
CA ARG OB 144 0.25 36.05 -55.41
C ARG OB 144 1.11 35.28 -56.41
N MET PB 1 -9.37 77.03 -55.80
CA MET PB 1 -8.83 75.83 -56.42
C MET PB 1 -7.34 76.03 -56.58
N GLY PB 2 -6.61 75.93 -55.46
CA GLY PB 2 -5.16 75.90 -55.48
C GLY PB 2 -4.49 77.07 -56.16
N ARG PB 3 -5.20 78.18 -56.33
CA ARG PB 3 -4.66 79.35 -57.03
C ARG PB 3 -3.84 80.19 -56.07
N VAL PB 4 -2.77 79.58 -55.55
CA VAL PB 4 -1.86 80.24 -54.65
C VAL PB 4 -0.66 80.73 -55.44
N ARG PB 5 -0.35 82.01 -55.30
CA ARG PB 5 0.67 82.67 -56.11
C ARG PB 5 2.03 82.53 -55.46
N THR PB 6 3.02 82.11 -56.26
CA THR PB 6 4.34 81.75 -55.76
C THR PB 6 5.16 83.00 -55.44
N LYS PB 7 6.32 82.77 -54.80
CA LYS PB 7 7.23 83.87 -54.44
C LYS PB 7 7.58 84.70 -55.66
N THR PB 8 7.81 84.06 -56.80
CA THR PB 8 8.26 84.77 -57.99
C THR PB 8 7.24 85.81 -58.44
N VAL PB 9 5.98 85.40 -58.60
CA VAL PB 9 4.97 86.33 -59.11
C VAL PB 9 4.54 87.30 -58.03
N LYS PB 10 4.60 86.90 -56.76
CA LYS PB 10 4.26 87.83 -55.68
C LYS PB 10 5.34 88.89 -55.52
N LYS PB 11 6.62 88.48 -55.56
CA LYS PB 11 7.71 89.43 -55.52
C LYS PB 11 7.68 90.34 -56.76
N ALA PB 12 7.42 89.76 -57.94
CA ALA PB 12 7.44 90.55 -59.16
C ALA PB 12 6.37 91.63 -59.15
N ALA PB 13 5.17 91.28 -58.66
CA ALA PB 13 4.12 92.29 -58.51
C ALA PB 13 4.50 93.35 -57.49
N ARG PB 14 5.14 92.94 -56.39
CA ARG PB 14 5.51 93.90 -55.36
C ARG PB 14 6.59 94.87 -55.86
N VAL PB 15 7.59 94.36 -56.57
CA VAL PB 15 8.68 95.22 -57.04
C VAL PB 15 8.19 96.13 -58.16
N ILE PB 16 7.36 95.62 -59.07
CA ILE PB 16 6.89 96.45 -60.18
C ILE PB 16 6.01 97.59 -59.68
N ILE PB 17 5.37 97.43 -58.52
CA ILE PB 17 4.52 98.51 -58.05
C ILE PB 17 5.31 99.51 -57.19
N GLU PB 18 6.34 99.04 -56.48
CA GLU PB 18 7.20 99.98 -55.75
C GLU PB 18 8.17 100.71 -56.67
N LYS PB 19 8.42 100.19 -57.87
CA LYS PB 19 9.34 100.82 -58.81
C LYS PB 19 8.64 101.68 -59.84
N TYR PB 20 7.41 101.34 -60.19
CA TYR PB 20 6.73 101.90 -61.34
C TYR PB 20 5.47 102.61 -60.84
N TYR PB 21 5.63 103.89 -60.46
CA TYR PB 21 4.59 104.68 -59.79
C TYR PB 21 4.02 105.84 -60.61
N THR PB 22 4.52 106.11 -61.81
CA THR PB 22 3.94 107.22 -62.57
C THR PB 22 3.20 106.80 -63.83
N ARG PB 23 3.31 105.54 -64.23
CA ARG PB 23 2.65 105.05 -65.44
C ARG PB 23 2.05 103.66 -65.19
N LEU PB 24 1.65 103.43 -63.95
CA LEU PB 24 1.00 102.22 -63.47
C LEU PB 24 -0.50 102.32 -63.68
N GLY PB 25 -1.14 101.16 -63.89
CA GLY PB 25 -2.57 101.11 -64.10
C GLY PB 25 -3.32 100.42 -62.97
N ASN PB 26 -4.60 100.13 -63.19
CA ASN PB 26 -5.42 99.48 -62.16
C ASN PB 26 -6.26 98.33 -62.67
N ASP PB 27 -6.46 98.17 -63.98
CA ASP PB 27 -7.29 97.11 -64.53
C ASP PB 27 -6.43 96.08 -65.24
N PHE PB 28 -7.05 94.93 -65.53
CA PHE PB 28 -6.29 93.76 -65.98
C PHE PB 28 -5.64 93.99 -67.34
N HIS PB 29 -6.42 94.46 -68.32
CA HIS PB 29 -5.91 94.54 -69.69
C HIS PB 29 -4.82 95.60 -69.84
N THR PB 30 -4.96 96.71 -69.11
CA THR PB 30 -3.92 97.74 -69.18
C THR PB 30 -2.69 97.34 -68.37
N ASN PB 31 -2.89 96.58 -67.29
CA ASN PB 31 -1.75 96.18 -66.46
C ASN PB 31 -0.91 95.10 -67.15
N LYS PB 32 -1.57 94.16 -67.83
CA LYS PB 32 -0.81 93.16 -68.58
C LYS PB 32 -0.10 93.80 -69.77
N ARG PB 33 -0.73 94.79 -70.39
CA ARG PB 33 -0.11 95.46 -71.53
C ARG PB 33 1.07 96.31 -71.09
N VAL PB 34 0.93 97.03 -69.97
CA VAL PB 34 2.04 97.85 -69.50
C VAL PB 34 3.19 96.96 -69.02
N CYS PB 35 2.87 95.86 -68.34
CA CYS PB 35 3.90 94.95 -67.84
C CYS PB 35 4.64 94.26 -68.98
N GLU PB 36 4.05 94.23 -70.18
CA GLU PB 36 4.70 93.60 -71.32
C GLU PB 36 5.97 94.34 -71.73
N GLU PB 37 5.98 95.66 -71.58
CA GLU PB 37 7.12 96.45 -72.00
C GLU PB 37 7.90 97.07 -70.84
N ILE PB 38 7.41 96.97 -69.61
CA ILE PB 38 8.18 97.46 -68.48
C ILE PB 38 8.80 96.33 -67.68
N ALA PB 39 8.64 95.10 -68.15
CA ALA PB 39 9.22 93.92 -67.51
C ALA PB 39 9.41 92.85 -68.57
N ILE PB 40 10.55 92.15 -68.48
CA ILE PB 40 10.86 91.07 -69.41
C ILE PB 40 10.39 89.78 -68.74
N ILE PB 41 9.15 89.40 -69.01
CA ILE PB 41 8.55 88.19 -68.47
C ILE PB 41 8.52 87.14 -69.58
N PRO PB 42 9.35 86.10 -69.50
CA PRO PB 42 9.41 85.14 -70.61
C PRO PB 42 8.35 84.05 -70.51
N SER PB 43 7.10 84.43 -70.23
CA SER PB 43 6.02 83.47 -70.06
C SER PB 43 4.64 84.11 -70.14
N LYS PB 44 3.85 83.70 -71.14
CA LYS PB 44 2.52 84.27 -71.32
C LYS PB 44 1.65 84.05 -70.09
N LYS PB 45 1.77 82.90 -69.44
CA LYS PB 45 1.01 82.63 -68.23
C LYS PB 45 1.47 83.52 -67.09
N LEU PB 46 2.78 83.80 -67.00
CA LEU PB 46 3.27 84.64 -65.92
C LEU PB 46 2.95 86.11 -66.12
N ARG PB 47 2.74 86.55 -67.37
CA ARG PB 47 2.41 87.95 -67.59
C ARG PB 47 1.01 88.28 -67.10
N ASN PB 48 0.03 87.41 -67.39
CA ASN PB 48 -1.31 87.64 -66.85
C ASN PB 48 -1.44 87.13 -65.43
N LYS PB 49 -0.48 86.33 -64.95
CA LYS PB 49 -0.44 86.00 -63.53
C LYS PB 49 -0.10 87.23 -62.69
N ILE PB 50 0.98 87.94 -63.08
CA ILE PB 50 1.34 89.14 -62.36
C ILE PB 50 0.32 90.25 -62.63
N ALA PB 51 -0.30 90.24 -63.82
CA ALA PB 51 -1.38 91.18 -64.09
C ALA PB 51 -2.57 90.91 -63.20
N GLY PB 52 -2.89 89.64 -62.96
CA GLY PB 52 -3.99 89.31 -62.07
C GLY PB 52 -3.72 89.74 -60.63
N TYR PB 53 -2.49 89.54 -60.16
CA TYR PB 53 -2.19 89.90 -58.78
C TYR PB 53 -1.98 91.40 -58.62
N VAL PB 54 -1.41 92.07 -59.63
CA VAL PB 54 -1.24 93.52 -59.55
C VAL PB 54 -2.60 94.20 -59.42
N THR PB 55 -3.57 93.73 -60.21
CA THR PB 55 -4.92 94.29 -60.12
C THR PB 55 -5.52 94.11 -58.73
N HIS PB 56 -5.33 92.93 -58.14
CA HIS PB 56 -5.85 92.69 -56.81
C HIS PB 56 -5.15 93.57 -55.78
N LEU PB 57 -3.82 93.73 -55.90
CA LEU PB 57 -3.10 94.57 -54.96
C LEU PB 57 -3.23 96.05 -55.28
N MET PB 58 -3.55 96.42 -56.52
CA MET PB 58 -3.91 97.81 -56.80
C MET PB 58 -5.20 98.19 -56.07
N LYS PB 59 -6.20 97.30 -56.09
CA LYS PB 59 -7.41 97.53 -55.31
C LYS PB 59 -7.12 97.49 -53.82
N ARG PB 60 -6.09 96.75 -53.41
CA ARG PB 60 -5.74 96.69 -51.99
C ARG PB 60 -5.07 97.98 -51.53
N ILE PB 61 -4.13 98.50 -52.31
CA ILE PB 61 -3.33 99.65 -51.91
C ILE PB 61 -3.86 100.96 -52.48
N GLN PB 62 -5.04 100.95 -53.09
CA GLN PB 62 -5.63 102.18 -53.58
C GLN PB 62 -6.08 103.11 -52.45
N ARG PB 63 -6.10 102.64 -51.21
CA ARG PB 63 -6.56 103.45 -50.10
C ARG PB 63 -5.60 103.40 -48.91
N GLY PB 64 -4.84 102.32 -48.78
CA GLY PB 64 -4.06 102.09 -47.58
C GLY PB 64 -2.59 101.83 -47.84
N PRO PB 65 -1.76 101.96 -46.79
CA PRO PB 65 -0.32 101.75 -46.92
C PRO PB 65 0.05 100.28 -46.82
N VAL PB 66 0.48 99.69 -47.94
CA VAL PB 66 0.91 98.31 -48.02
C VAL PB 66 2.14 98.29 -48.93
N ARG PB 67 3.02 97.31 -48.71
CA ARG PB 67 4.25 97.17 -49.47
C ARG PB 67 3.98 97.15 -50.97
N GLY PB 68 4.79 97.88 -51.73
CA GLY PB 68 5.93 98.64 -51.25
C GLY PB 68 7.23 97.89 -51.35
N ILE PB 69 8.32 98.48 -50.85
CA ILE PB 69 8.33 99.81 -50.26
C ILE PB 69 8.96 100.77 -51.24
N SER PB 70 8.16 101.74 -51.69
CA SER PB 70 8.59 102.66 -52.73
C SER PB 70 9.35 103.84 -52.14
N ILE PB 71 9.85 104.70 -53.03
CA ILE PB 71 10.60 105.88 -52.62
C ILE PB 71 9.81 107.17 -52.77
N LYS PB 72 8.80 107.20 -53.65
CA LYS PB 72 8.00 108.41 -53.89
C LYS PB 72 6.66 108.35 -53.18
N LEU PB 73 6.50 107.47 -52.20
CA LEU PB 73 5.27 107.38 -51.42
C LEU PB 73 5.48 107.58 -49.93
N GLN PB 74 6.52 106.97 -49.36
CA GLN PB 74 6.67 106.99 -47.90
C GLN PB 74 7.07 108.36 -47.38
N GLU PB 75 7.78 109.16 -48.18
CA GLU PB 75 8.12 110.52 -47.74
C GLU PB 75 6.92 111.45 -47.87
N GLU PB 76 6.05 111.21 -48.85
CA GLU PB 76 4.82 111.98 -48.96
C GLU PB 76 3.89 111.69 -47.80
N GLU PB 77 3.76 110.40 -47.44
CA GLU PB 77 2.93 110.03 -46.30
C GLU PB 77 3.55 110.48 -44.98
N ARG PB 78 4.88 110.46 -44.89
CA ARG PB 78 5.55 110.91 -43.66
C ARG PB 78 5.33 112.40 -43.43
N GLU PB 79 5.34 113.18 -44.52
CA GLU PB 79 4.99 114.60 -44.39
C GLU PB 79 3.55 114.78 -43.92
N ARG PB 80 2.67 113.86 -44.31
CA ARG PB 80 1.31 113.87 -43.78
C ARG PB 80 1.28 113.45 -42.33
N ARG PB 81 2.19 112.55 -41.93
CA ARG PB 81 2.21 112.06 -40.56
C ARG PB 81 2.71 113.11 -39.57
N ASP PB 82 3.76 113.85 -39.94
CA ASP PB 82 4.28 114.88 -39.04
C ASP PB 82 3.38 116.11 -38.99
N ASN PB 83 2.37 116.19 -39.85
CA ASN PB 83 1.48 117.34 -39.89
C ASN PB 83 0.51 117.30 -38.72
N TYR PB 84 -0.42 118.27 -38.69
CA TYR PB 84 -1.40 118.44 -37.62
C TYR PB 84 -0.73 118.51 -36.25
N VAL PB 85 0.24 119.40 -36.14
CA VAL PB 85 0.72 119.80 -34.81
C VAL PB 85 -0.36 120.61 -34.11
N PRO PB 86 -0.75 120.26 -32.89
CA PRO PB 86 -1.87 120.97 -32.24
C PRO PB 86 -1.58 122.46 -32.08
N GLU PB 87 -2.64 123.26 -32.26
CA GLU PB 87 -2.49 124.71 -32.17
C GLU PB 87 -2.15 125.15 -30.75
N VAL PB 88 -2.53 124.36 -29.75
CA VAL PB 88 -2.20 124.63 -28.37
C VAL PB 88 -1.59 123.36 -27.77
N SER PB 89 -0.82 123.54 -26.70
CA SER PB 89 -0.20 122.41 -26.04
C SER PB 89 -1.25 121.47 -25.47
N ALA PB 90 -1.02 120.16 -25.61
CA ALA PB 90 -1.95 119.20 -25.06
C ALA PB 90 -1.84 119.08 -23.55
N LEU PB 91 -0.80 119.66 -22.94
CA LEU PB 91 -0.65 119.70 -21.49
C LEU PB 91 -0.44 121.16 -21.08
N ASP PB 92 -1.56 121.89 -21.00
CA ASP PB 92 -1.56 123.25 -20.47
C ASP PB 92 -2.84 123.55 -19.70
N GLN PB 93 -3.55 122.53 -19.22
CA GLN PB 93 -4.91 122.66 -18.73
C GLN PB 93 -5.00 123.46 -17.43
N GLU PB 94 -3.84 123.86 -16.88
CA GLU PB 94 -3.70 124.73 -15.72
C GLU PB 94 -4.43 124.21 -14.47
N ILE PB 95 -4.84 122.94 -14.48
CA ILE PB 95 -5.33 122.27 -13.28
C ILE PB 95 -4.89 120.81 -13.34
N ILE PB 96 -4.11 120.38 -12.37
CA ILE PB 96 -3.54 119.03 -12.35
C ILE PB 96 -4.01 118.33 -11.08
N GLU PB 97 -4.53 117.12 -11.24
CA GLU PB 97 -4.96 116.31 -10.10
C GLU PB 97 -3.74 115.80 -9.34
N VAL PB 98 -3.51 116.35 -8.16
CA VAL PB 98 -2.33 116.05 -7.36
C VAL PB 98 -2.80 115.40 -6.06
N ASP PB 99 -2.49 114.12 -5.89
CA ASP PB 99 -2.88 113.40 -4.69
C ASP PB 99 -2.04 113.87 -3.51
N PRO PB 100 -2.51 113.65 -2.27
CA PRO PB 100 -1.77 114.17 -1.10
C PRO PB 100 -0.33 113.69 -1.00
N ASP PB 101 -0.06 112.45 -1.41
CA ASP PB 101 1.32 111.97 -1.42
C ASP PB 101 2.17 112.75 -2.40
N THR PB 102 1.62 113.04 -3.59
CA THR PB 102 2.34 113.85 -4.56
C THR PB 102 2.53 115.28 -4.05
N LYS PB 103 1.58 115.78 -3.27
CA LYS PB 103 1.78 117.08 -2.62
C LYS PB 103 2.96 117.01 -1.66
N GLU PB 104 3.09 115.89 -0.95
CA GLU PB 104 4.16 115.76 0.04
C GLU PB 104 5.53 115.71 -0.62
N MET PB 105 5.67 114.96 -1.72
CA MET PB 105 6.99 114.90 -2.34
C MET PB 105 7.33 116.23 -3.02
N LEU PB 106 6.35 116.85 -3.68
CA LEU PB 106 6.58 118.18 -4.26
C LEU PB 106 7.01 119.17 -3.18
N LYS PB 107 6.50 119.00 -1.95
CA LYS PB 107 6.93 119.84 -0.84
C LYS PB 107 8.39 119.59 -0.49
N LEU PB 108 8.81 118.32 -0.45
CA LEU PB 108 10.19 118.02 -0.06
C LEU PB 108 11.17 118.17 -1.22
N LEU PB 109 10.68 118.38 -2.44
CA LEU PB 109 11.55 118.80 -3.54
C LEU PB 109 11.52 120.32 -3.75
N ASP PB 110 10.90 121.06 -2.83
CA ASP PB 110 11.01 122.52 -2.64
C ASP PB 110 10.25 123.36 -3.66
N PHE PB 111 9.36 122.77 -4.46
CA PHE PB 111 8.51 123.55 -5.36
C PHE PB 111 7.08 123.03 -5.31
N GLY PB 112 6.57 122.79 -4.11
CA GLY PB 112 5.21 122.33 -3.94
C GLY PB 112 4.27 123.37 -3.38
N SER PB 113 4.64 124.66 -3.53
CA SER PB 113 3.81 125.72 -2.96
C SER PB 113 3.70 126.95 -3.86
N LEU PB 114 4.03 126.82 -5.16
CA LEU PB 114 4.03 128.00 -6.02
C LEU PB 114 3.39 127.76 -7.38
N SER PB 115 2.78 126.61 -7.61
CA SER PB 115 2.08 126.33 -8.87
C SER PB 115 0.60 126.12 -8.56
N ASN PB 116 -0.16 125.72 -9.57
CA ASN PB 116 -1.57 125.44 -9.37
C ASN PB 116 -1.77 124.30 -8.37
N LEU PB 117 -1.34 123.09 -8.74
CA LEU PB 117 -1.28 121.93 -7.86
C LEU PB 117 -2.61 121.70 -7.14
N GLN PB 118 -3.65 121.44 -7.93
CA GLN PB 118 -4.96 121.14 -7.37
C GLN PB 118 -4.92 119.80 -6.64
N VAL PB 119 -5.45 119.77 -5.43
CA VAL PB 119 -5.39 118.59 -4.58
C VAL PB 119 -6.60 117.71 -4.85
N THR PB 120 -6.43 116.41 -4.63
CA THR PB 120 -7.48 115.43 -4.78
C THR PB 120 -7.60 114.61 -3.51
N GLN PB 121 -8.82 114.26 -3.14
CA GLN PB 121 -9.03 113.40 -1.98
C GLN PB 121 -8.59 111.97 -2.31
N PRO PB 122 -7.98 111.27 -1.36
CA PRO PB 122 -7.58 109.88 -1.62
C PRO PB 122 -8.78 108.99 -1.88
N THR PB 123 -8.57 108.00 -2.75
CA THR PB 123 -9.65 107.09 -3.12
C THR PB 123 -10.11 106.27 -1.93
N VAL PB 124 -9.15 105.79 -1.11
CA VAL PB 124 -9.27 104.98 0.10
C VAL PB 124 -10.03 103.68 -0.12
N GLY PB 125 -9.71 102.67 0.68
CA GLY PB 125 -10.31 101.36 0.53
C GLY PB 125 -9.29 100.30 0.19
N MET PB 126 -8.32 100.66 -0.65
CA MET PB 126 -7.27 99.75 -1.13
C MET PB 126 -7.90 98.52 -1.79
N ASN PB 127 -8.67 98.77 -2.84
CA ASN PB 127 -9.43 97.75 -3.54
C ASN PB 127 -8.79 97.37 -4.87
N PHE PB 128 -7.46 97.45 -4.97
CA PHE PB 128 -6.74 97.04 -6.15
C PHE PB 128 -6.42 95.55 -6.06
N LYS PB 129 -5.56 95.05 -6.96
CA LYS PB 129 -5.07 93.68 -6.94
C LYS PB 129 -6.23 92.68 -7.00
N THR PB 130 -6.84 92.63 -8.19
CA THR PB 130 -8.03 91.88 -8.58
C THR PB 130 -8.02 90.45 -8.02
N PRO PB 131 -9.21 89.85 -7.79
CA PRO PB 131 -9.28 88.59 -7.05
C PRO PB 131 -8.40 87.49 -7.62
N ARG PB 132 -7.77 86.73 -6.73
CA ARG PB 132 -6.76 85.75 -7.10
C ARG PB 132 -7.43 84.43 -7.47
N GLY PB 133 -7.14 83.93 -8.67
CA GLY PB 133 -7.65 82.67 -9.10
C GLY PB 133 -9.11 82.72 -9.50
N PRO PB 134 -9.67 81.57 -9.86
CA PRO PB 134 -11.10 81.53 -10.20
C PRO PB 134 -11.98 81.85 -9.00
N VAL PB 135 -13.16 82.42 -9.30
CA VAL PB 135 -14.13 82.86 -8.30
C VAL PB 135 -13.50 83.81 -7.29
N MET QB 1 -49.00 27.62 -89.39
CA MET QB 1 -49.96 28.37 -90.19
C MET QB 1 -51.02 27.44 -90.79
N SER QB 2 -50.73 26.14 -90.78
CA SER QB 2 -51.68 25.15 -91.27
C SER QB 2 -52.82 24.99 -90.28
N LEU QB 3 -53.97 24.53 -90.79
CA LEU QB 3 -55.20 24.53 -90.01
C LEU QB 3 -55.20 23.48 -88.90
N VAL QB 4 -54.29 22.50 -88.95
CA VAL QB 4 -54.19 21.45 -87.94
C VAL QB 4 -52.75 20.90 -87.96
N ILE QB 5 -52.40 20.08 -86.97
CA ILE QB 5 -51.21 19.25 -87.09
C ILE QB 5 -51.49 18.40 -88.33
N PRO QB 6 -50.61 18.37 -89.33
CA PRO QB 6 -50.83 17.48 -90.47
C PRO QB 6 -50.96 16.04 -89.99
N GLU QB 7 -51.92 15.33 -90.57
CA GLU QB 7 -52.12 13.93 -90.18
C GLU QB 7 -50.90 13.08 -90.53
N LYS QB 8 -50.03 13.58 -91.40
CA LYS QB 8 -48.79 12.94 -91.79
C LYS QB 8 -47.60 13.46 -91.00
N PHE QB 9 -47.79 14.49 -90.18
CA PHE QB 9 -46.71 15.09 -89.40
C PHE QB 9 -45.99 14.06 -88.55
N GLN QB 10 -44.67 13.98 -88.74
CA GLN QB 10 -43.82 13.03 -88.03
C GLN QB 10 -42.95 13.82 -87.05
N HIS QB 11 -43.24 13.65 -85.75
CA HIS QB 11 -42.48 14.36 -84.74
C HIS QB 11 -41.02 13.91 -84.71
N ILE QB 12 -40.75 12.63 -84.89
CA ILE QB 12 -39.38 12.11 -84.99
C ILE QB 12 -39.23 11.45 -86.35
N LEU QB 13 -38.09 11.68 -86.99
CA LEU QB 13 -37.75 11.02 -88.24
C LEU QB 13 -36.55 10.09 -88.02
N ARG QB 14 -36.39 9.11 -88.89
CA ARG QB 14 -35.40 8.05 -88.74
C ARG QB 14 -34.59 7.87 -90.03
N VAL QB 15 -34.06 8.96 -90.57
CA VAL QB 15 -33.18 8.86 -91.72
C VAL QB 15 -31.85 8.23 -91.29
N LEU QB 16 -31.24 7.48 -92.20
CA LEU QB 16 -29.98 6.75 -91.97
C LEU QB 16 -30.19 5.81 -90.80
N ASN QB 17 -29.33 5.80 -89.78
CA ASN QB 17 -29.46 4.91 -88.64
C ASN QB 17 -29.59 5.69 -87.33
N THR QB 18 -30.06 6.93 -87.40
CA THR QB 18 -30.31 7.74 -86.22
C THR QB 18 -31.69 8.37 -86.32
N ASN QB 19 -32.20 8.82 -85.18
CA ASN QB 19 -33.49 9.48 -85.10
C ASN QB 19 -33.31 10.97 -84.83
N ILE QB 20 -34.12 11.79 -85.50
CA ILE QB 20 -34.02 13.24 -85.42
C ILE QB 20 -35.40 13.84 -85.12
N ASP QB 21 -35.43 14.79 -84.20
CA ASP QB 21 -36.63 15.57 -83.93
C ASP QB 21 -37.10 16.28 -85.19
N GLY QB 22 -38.41 16.24 -85.41
CA GLY QB 22 -39.02 16.94 -86.52
C GLY QB 22 -39.70 18.25 -86.18
N ARG QB 23 -39.49 18.78 -84.97
CA ARG QB 23 -40.09 20.06 -84.60
C ARG QB 23 -39.29 21.26 -85.10
N ARG QB 24 -38.11 21.04 -85.65
CA ARG QB 24 -37.27 22.11 -86.15
C ARG QB 24 -37.37 22.20 -87.66
N LYS QB 25 -36.52 23.02 -88.26
CA LYS QB 25 -36.47 23.18 -89.71
C LYS QB 25 -35.51 22.16 -90.30
N ILE QB 26 -35.67 21.90 -91.61
CA ILE QB 26 -34.88 20.86 -92.29
C ILE QB 26 -33.39 21.17 -92.21
N ALA QB 27 -33.02 22.44 -92.44
CA ALA QB 27 -31.61 22.81 -92.60
C ALA QB 27 -30.82 22.66 -91.32
N PHE QB 28 -31.48 22.43 -90.19
CA PHE QB 28 -30.81 22.17 -88.93
C PHE QB 28 -31.24 20.87 -88.27
N ALA QB 29 -32.32 20.26 -88.75
CA ALA QB 29 -32.71 18.93 -88.26
C ALA QB 29 -31.82 17.85 -88.84
N ILE QB 30 -31.75 17.76 -90.17
CA ILE QB 30 -31.02 16.69 -90.84
C ILE QB 30 -29.51 16.85 -90.64
N THR QB 31 -29.11 17.88 -89.88
CA THR QB 31 -27.74 18.02 -89.42
C THR QB 31 -27.41 17.14 -88.22
N ALA QB 32 -28.41 16.58 -87.55
CA ALA QB 32 -28.15 15.84 -86.32
C ALA QB 32 -27.47 14.50 -86.60
N ILE QB 33 -27.79 13.86 -87.73
CA ILE QB 33 -27.09 12.66 -88.12
C ILE QB 33 -25.62 13.01 -88.32
N LYS QB 34 -24.73 12.19 -87.75
CA LYS QB 34 -23.31 12.49 -87.71
C LYS QB 34 -22.75 12.63 -89.12
N GLY QB 35 -22.22 13.82 -89.42
CA GLY QB 35 -21.66 14.11 -90.71
C GLY QB 35 -22.30 15.26 -91.46
N VAL QB 36 -23.40 15.83 -90.98
CA VAL QB 36 -24.09 16.92 -91.66
C VAL QB 36 -23.98 18.19 -90.82
N GLY QB 37 -23.56 19.28 -91.45
CA GLY QB 37 -23.65 20.60 -90.87
C GLY QB 37 -24.79 21.40 -91.46
N ARG QB 38 -24.95 22.62 -90.94
CA ARG QB 38 -26.04 23.48 -91.39
C ARG QB 38 -25.90 23.81 -92.88
N ARG QB 39 -24.66 24.06 -93.33
CA ARG QB 39 -24.46 24.39 -94.74
C ARG QB 39 -24.62 23.17 -95.63
N TYR QB 40 -24.25 21.98 -95.12
CA TYR QB 40 -24.50 20.76 -95.87
C TYR QB 40 -25.99 20.52 -96.05
N ALA QB 41 -26.77 20.76 -94.99
CA ALA QB 41 -28.21 20.65 -95.12
C ALA QB 41 -28.75 21.66 -96.11
N HIS QB 42 -28.21 22.89 -96.07
CA HIS QB 42 -28.68 23.93 -96.98
C HIS QB 42 -28.42 23.56 -98.43
N VAL QB 43 -27.24 23.01 -98.74
CA VAL QB 43 -26.92 22.70 -100.13
C VAL QB 43 -27.73 21.51 -100.63
N VAL QB 44 -27.97 20.51 -99.77
CA VAL QB 44 -28.73 19.35 -100.23
C VAL QB 44 -30.21 19.68 -100.38
N LEU QB 45 -30.74 20.55 -99.52
CA LEU QB 45 -32.14 20.92 -99.64
C LEU QB 45 -32.37 21.81 -100.85
N ARG QB 46 -31.41 22.68 -101.17
CA ARG QB 46 -31.58 23.55 -102.33
C ARG QB 46 -31.40 22.80 -103.64
N LYS QB 47 -30.59 21.73 -103.63
CA LYS QB 47 -30.56 20.83 -104.77
C LYS QB 47 -31.71 19.83 -104.74
N ALA QB 48 -32.38 19.69 -103.60
CA ALA QB 48 -33.63 18.93 -103.55
C ALA QB 48 -34.84 19.76 -103.94
N ASP QB 49 -34.68 21.08 -104.04
CA ASP QB 49 -35.75 22.02 -104.36
C ASP QB 49 -36.91 21.88 -103.37
N ILE QB 50 -36.57 22.01 -102.09
CA ILE QB 50 -37.55 21.96 -101.01
C ILE QB 50 -37.51 23.27 -100.25
N ASP QB 51 -38.59 23.53 -99.50
CA ASP QB 51 -38.78 24.82 -98.87
C ASP QB 51 -37.80 25.06 -97.73
N LEU QB 52 -37.46 26.33 -97.52
CA LEU QB 52 -36.62 26.77 -96.41
C LEU QB 52 -37.44 27.25 -95.21
N THR QB 53 -38.74 27.46 -95.37
CA THR QB 53 -39.55 27.91 -94.25
C THR QB 53 -40.15 26.73 -93.49
N LYS QB 54 -40.52 25.67 -94.19
CA LYS QB 54 -41.32 24.59 -93.62
C LYS QB 54 -40.53 23.76 -92.61
N ARG QB 55 -41.26 23.22 -91.64
CA ARG QB 55 -40.68 22.45 -90.56
C ARG QB 55 -40.40 21.01 -91.00
N ALA QB 56 -39.69 20.27 -90.14
CA ALA QB 56 -39.23 18.93 -90.51
C ALA QB 56 -40.33 17.89 -90.44
N GLY QB 57 -41.30 18.05 -89.54
CA GLY QB 57 -42.36 17.07 -89.42
C GLY QB 57 -43.29 17.04 -90.63
N GLU QB 58 -43.62 18.22 -91.17
CA GLU QB 58 -44.49 18.30 -92.34
C GLU QB 58 -43.83 17.71 -93.59
N LEU QB 59 -42.49 17.61 -93.60
CA LEU QB 59 -41.77 17.02 -94.72
C LEU QB 59 -42.19 15.56 -94.90
N THR QB 60 -42.40 15.16 -96.15
CA THR QB 60 -43.03 13.89 -96.48
C THR QB 60 -42.00 12.83 -96.86
N GLU QB 61 -42.50 11.60 -97.07
CA GLU QB 61 -41.63 10.47 -97.34
C GLU QB 61 -40.90 10.63 -98.67
N ASP QB 62 -41.58 11.12 -99.70
CA ASP QB 62 -40.96 11.27 -101.02
C ASP QB 62 -39.79 12.24 -100.95
N GLU QB 63 -39.95 13.35 -100.23
CA GLU QB 63 -38.84 14.28 -100.05
C GLU QB 63 -37.80 13.71 -99.08
N VAL QB 64 -38.20 12.83 -98.17
CA VAL QB 64 -37.23 12.15 -97.31
C VAL QB 64 -36.30 11.28 -98.14
N GLU QB 65 -36.88 10.47 -99.03
CA GLU QB 65 -36.06 9.61 -99.88
C GLU QB 65 -35.28 10.43 -100.90
N ARG QB 66 -35.81 11.60 -101.27
CA ARG QB 66 -35.10 12.46 -102.21
C ARG QB 66 -33.81 13.00 -101.61
N VAL QB 67 -33.90 13.55 -100.39
CA VAL QB 67 -32.73 14.23 -99.81
C VAL QB 67 -31.64 13.22 -99.45
N ILE QB 68 -32.02 12.04 -98.93
CA ILE QB 68 -31.02 11.07 -98.52
C ILE QB 68 -30.24 10.54 -99.73
N THR QB 69 -30.90 10.42 -100.88
CA THR QB 69 -30.20 10.03 -102.11
C THR QB 69 -29.18 11.09 -102.49
N ILE QB 70 -29.52 12.37 -102.30
CA ILE QB 70 -28.57 13.44 -102.55
C ILE QB 70 -27.41 13.37 -101.57
N MET QB 71 -27.69 13.14 -100.28
CA MET QB 71 -26.62 12.99 -99.31
C MET QB 71 -25.76 11.76 -99.58
N GLN QB 72 -26.41 10.65 -99.96
CA GLN QB 72 -25.66 9.41 -100.19
C GLN QB 72 -24.88 9.46 -101.50
N ASN QB 73 -25.46 10.03 -102.56
CA ASN QB 73 -24.83 10.11 -103.87
C ASN QB 73 -24.84 11.56 -104.33
N PRO QB 74 -23.93 12.39 -103.81
CA PRO QB 74 -23.94 13.81 -104.16
C PRO QB 74 -23.12 14.18 -105.38
N ARG QB 75 -22.20 13.29 -105.79
CA ARG QB 75 -21.32 13.61 -106.91
C ARG QB 75 -22.09 13.71 -108.22
N GLN QB 76 -23.20 12.99 -108.35
CA GLN QB 76 -24.02 13.07 -109.54
C GLN QB 76 -25.02 14.22 -109.50
N TYR QB 77 -25.07 14.99 -108.42
CA TYR QB 77 -26.03 16.07 -108.27
C TYR QB 77 -25.37 17.44 -108.25
N LYS QB 78 -24.17 17.55 -108.83
CA LYS QB 78 -23.49 18.81 -109.15
C LYS QB 78 -23.10 19.62 -107.91
N ILE QB 79 -23.06 19.01 -106.74
CA ILE QB 79 -22.51 19.68 -105.57
C ILE QB 79 -20.99 19.73 -105.77
N PRO QB 80 -20.30 20.75 -105.27
CA PRO QB 80 -18.89 20.93 -105.62
C PRO QB 80 -17.99 19.86 -105.03
N ASP QB 81 -16.85 19.67 -105.71
CA ASP QB 81 -15.84 18.70 -105.26
C ASP QB 81 -15.18 19.12 -103.95
N TRP QB 82 -15.35 20.37 -103.51
CA TRP QB 82 -14.74 20.85 -102.29
C TRP QB 82 -15.70 20.83 -101.10
N PHE QB 83 -16.74 20.01 -101.16
CA PHE QB 83 -17.70 19.88 -100.07
C PHE QB 83 -17.63 18.54 -99.35
N LEU QB 84 -17.30 17.47 -100.07
CA LEU QB 84 -17.32 16.13 -99.49
C LEU QB 84 -16.29 15.99 -98.38
N ASN QB 85 -16.68 15.31 -97.30
CA ASN QB 85 -15.75 15.07 -96.20
C ASN QB 85 -14.58 14.22 -96.66
N ARG QB 86 -14.86 13.15 -97.40
CA ARG QB 86 -13.84 12.17 -97.77
C ARG QB 86 -13.36 12.41 -99.19
N GLN QB 87 -12.61 13.50 -99.35
CA GLN QB 87 -11.89 13.77 -100.59
C GLN QB 87 -10.52 13.10 -100.52
N LYS QB 88 -10.19 12.31 -101.54
CA LYS QB 88 -8.90 11.62 -101.63
C LYS QB 88 -8.67 10.72 -100.41
N ASP QB 89 -9.50 9.69 -100.31
CA ASP QB 89 -9.50 8.81 -99.14
C ASP QB 89 -8.16 8.11 -98.98
N VAL QB 90 -7.85 7.76 -97.72
CA VAL QB 90 -6.57 7.13 -97.38
C VAL QB 90 -6.40 5.75 -97.98
N LYS QB 91 -7.49 5.12 -98.42
CA LYS QB 91 -7.42 3.77 -98.98
C LYS QB 91 -7.84 3.69 -100.43
N ASP QB 92 -8.91 4.38 -100.83
CA ASP QB 92 -9.44 4.29 -102.18
C ASP QB 92 -9.27 5.54 -103.01
N GLY QB 93 -9.09 6.70 -102.40
CA GLY QB 93 -8.92 7.93 -103.14
C GLY QB 93 -10.14 8.43 -103.88
N LYS QB 94 -11.32 7.92 -103.54
CA LYS QB 94 -12.56 8.33 -104.20
C LYS QB 94 -13.29 9.35 -103.33
N TYR QB 95 -13.81 10.38 -103.99
CA TYR QB 95 -14.60 11.39 -103.29
C TYR QB 95 -15.89 10.76 -102.77
N SER QB 96 -16.18 10.99 -101.49
CA SER QB 96 -17.38 10.43 -100.88
C SER QB 96 -17.74 11.27 -99.66
N GLN QB 97 -18.94 11.05 -99.16
CA GLN QB 97 -19.46 11.77 -98.00
C GLN QB 97 -19.89 10.77 -96.95
N VAL QB 98 -19.00 10.50 -95.99
CA VAL QB 98 -19.32 9.59 -94.89
C VAL QB 98 -20.34 10.25 -93.97
N LEU QB 99 -21.43 9.52 -93.69
CA LEU QB 99 -22.59 10.16 -93.06
C LEU QB 99 -23.24 9.32 -91.96
N ALA QB 100 -22.54 8.31 -91.45
CA ALA QB 100 -23.18 7.34 -90.57
C ALA QB 100 -22.10 6.71 -89.69
N ASN QB 101 -22.40 5.54 -89.12
CA ASN QB 101 -21.37 4.73 -88.48
C ASN QB 101 -20.20 4.44 -89.42
N GLY QB 102 -20.43 4.55 -90.74
CA GLY QB 102 -19.31 4.56 -91.66
C GLY QB 102 -18.35 5.70 -91.38
N LEU QB 103 -18.89 6.90 -91.13
CA LEU QB 103 -18.04 8.01 -90.73
C LEU QB 103 -17.32 7.71 -89.42
N ASP QB 104 -18.04 7.12 -88.47
CA ASP QB 104 -17.44 6.81 -87.18
C ASP QB 104 -16.33 5.78 -87.31
N ASN QB 105 -16.53 4.77 -88.16
CA ASN QB 105 -15.52 3.72 -88.31
C ASN QB 105 -14.42 4.07 -89.31
N LYS QB 106 -14.67 5.00 -90.24
CA LYS QB 106 -13.58 5.51 -91.06
C LYS QB 106 -12.69 6.45 -90.27
N LEU QB 107 -13.26 7.15 -89.27
CA LEU QB 107 -12.44 7.84 -88.29
C LEU QB 107 -11.59 6.84 -87.51
N ARG QB 108 -12.20 5.71 -87.15
CA ARG QB 108 -11.44 4.61 -86.55
C ARG QB 108 -10.41 4.06 -87.53
N GLU QB 109 -10.78 3.94 -88.80
CA GLU QB 109 -9.89 3.36 -89.80
C GLU QB 109 -8.66 4.24 -90.01
N ASP QB 110 -8.83 5.56 -90.04
CA ASP QB 110 -7.70 6.46 -90.25
C ASP QB 110 -6.71 6.38 -89.10
N LEU QB 111 -7.20 6.34 -87.85
CA LEU QB 111 -6.31 6.34 -86.71
C LEU QB 111 -5.55 5.01 -86.61
N GLU QB 112 -6.24 3.89 -86.83
CA GLU QB 112 -5.55 2.60 -86.82
C GLU QB 112 -4.60 2.47 -88.01
N ARG QB 113 -4.87 3.20 -89.10
CA ARG QB 113 -3.88 3.32 -90.17
C ARG QB 113 -2.66 4.10 -89.69
N LEU QB 114 -2.89 5.16 -88.91
CA LEU QB 114 -1.77 5.84 -88.26
C LEU QB 114 -1.14 4.97 -87.20
N LYS QB 115 -1.95 4.16 -86.51
CA LYS QB 115 -1.43 3.30 -85.46
C LYS QB 115 -0.56 2.17 -86.02
N LYS QB 116 -1.01 1.55 -87.12
CA LYS QB 116 -0.27 0.43 -87.68
C LYS QB 116 1.09 0.85 -88.22
N ILE QB 117 1.22 2.11 -88.66
CA ILE QB 117 2.51 2.62 -89.11
C ILE QB 117 3.30 3.28 -87.99
N ARG QB 118 2.72 3.39 -86.79
CA ARG QB 118 3.38 3.98 -85.62
C ARG QB 118 3.76 5.45 -85.88
N ALA QB 119 2.83 6.19 -86.48
CA ALA QB 119 3.07 7.61 -86.72
C ALA QB 119 2.90 8.43 -85.45
N HIS QB 120 3.53 9.60 -85.44
CA HIS QB 120 3.44 10.48 -84.28
C HIS QB 120 2.02 10.94 -84.04
N ARG QB 121 1.27 11.19 -85.11
CA ARG QB 121 -0.12 11.60 -84.97
C ARG QB 121 -0.95 10.50 -84.32
N GLY QB 122 -0.80 9.27 -84.79
CA GLY QB 122 -1.54 8.17 -84.20
C GLY QB 122 -1.04 7.78 -82.82
N LEU QB 123 0.27 7.90 -82.60
CA LEU QB 123 0.85 7.51 -81.31
C LEU QB 123 0.40 8.47 -80.21
N ARG QB 124 0.37 9.77 -80.50
CA ARG QB 124 -0.14 10.74 -79.52
C ARG QB 124 -1.61 10.51 -79.25
N HIS QB 125 -2.37 10.08 -80.27
CA HIS QB 125 -3.75 9.69 -80.05
C HIS QB 125 -3.84 8.47 -79.14
N PHE QB 126 -2.88 7.55 -79.27
CA PHE QB 126 -2.85 6.38 -78.39
C PHE QB 126 -2.66 6.78 -76.95
N TRP QB 127 -1.80 7.77 -76.69
CA TRP QB 127 -1.68 8.34 -75.35
C TRP QB 127 -2.95 9.05 -74.91
N GLY QB 128 -3.74 9.56 -75.85
CA GLY QB 128 -4.85 10.41 -75.50
C GLY QB 128 -4.50 11.87 -75.31
N LEU QB 129 -3.22 12.23 -75.48
CA LEU QB 129 -2.79 13.61 -75.35
C LEU QB 129 -3.06 14.40 -76.63
N ARG QB 130 -2.93 15.71 -76.53
CA ARG QB 130 -3.17 16.58 -77.66
C ARG QB 130 -2.12 16.34 -78.75
N VAL QB 131 -2.55 16.44 -80.01
CA VAL QB 131 -1.74 15.99 -81.13
C VAL QB 131 -1.32 17.13 -82.06
N ARG QB 132 -1.98 18.28 -82.02
CA ARG QB 132 -1.74 19.36 -82.97
C ARG QB 132 -0.80 20.42 -82.41
N GLY QB 133 0.20 20.01 -81.63
CA GLY QB 133 1.12 20.97 -81.06
C GLY QB 133 0.54 21.78 -79.93
N GLN QB 134 -0.59 21.37 -79.39
CA GLN QB 134 -1.22 22.07 -78.28
C GLN QB 134 -0.35 21.97 -77.03
N HIS QB 135 -0.33 23.04 -76.26
CA HIS QB 135 0.44 23.07 -75.02
C HIS QB 135 -0.38 22.39 -73.92
N THR QB 136 0.06 21.20 -73.51
CA THR QB 136 -0.70 20.36 -72.58
C THR QB 136 -0.19 20.46 -71.15
N LYS QB 137 0.75 21.37 -70.87
CA LYS QB 137 1.24 21.51 -69.51
C LYS QB 137 0.22 22.18 -68.60
N THR QB 138 -0.65 23.02 -69.16
CA THR QB 138 -1.57 23.84 -68.39
C THR QB 138 -3.03 23.68 -68.83
N THR QB 139 -3.30 22.80 -69.80
CA THR QB 139 -4.64 22.64 -70.33
C THR QB 139 -4.92 21.16 -70.53
N GLY QB 140 -6.20 20.83 -70.61
CA GLY QB 140 -6.59 19.44 -70.74
C GLY QB 140 -6.44 18.64 -69.48
N ARG QB 141 -6.31 19.30 -68.33
CA ARG QB 141 -6.17 18.60 -67.06
C ARG QB 141 -7.46 17.92 -66.64
N ARG QB 142 -8.62 18.50 -66.98
CA ARG QB 142 -9.90 18.02 -66.47
C ARG QB 142 -10.29 16.67 -67.07
N GLY QB 143 -9.72 16.30 -68.21
CA GLY QB 143 -9.86 14.93 -68.69
C GLY QB 143 -9.06 13.92 -67.91
N ARG QB 144 -8.12 14.37 -67.08
CA ARG QB 144 -7.38 13.51 -66.17
C ARG QB 144 -7.86 13.61 -64.74
N THR QB 145 -8.41 14.75 -64.33
CA THR QB 145 -8.91 14.93 -62.98
C THR QB 145 -10.17 15.78 -62.97
N PRO RB 1 -41.36 67.61 -110.35
CA PRO RB 1 -40.15 67.70 -109.54
C PRO RB 1 -39.55 66.33 -109.23
N GLY RB 2 -38.24 66.21 -109.36
CA GLY RB 2 -37.58 64.94 -109.08
C GLY RB 2 -37.94 63.88 -110.11
N VAL RB 3 -37.74 62.62 -109.72
CA VAL RB 3 -37.24 62.23 -108.41
C VAL RB 3 -35.98 61.37 -108.56
N THR RB 4 -34.91 61.75 -107.85
CA THR RB 4 -33.65 61.05 -107.90
C THR RB 4 -33.51 60.11 -106.71
N VAL RB 5 -32.47 59.27 -106.77
CA VAL RB 5 -32.20 58.33 -105.69
C VAL RB 5 -31.77 59.07 -104.43
N LYS RB 6 -31.16 60.25 -104.59
CA LYS RB 6 -30.62 60.99 -103.45
C LYS RB 6 -31.68 61.49 -102.49
N ASP RB 7 -32.97 61.46 -102.87
CA ASP RB 7 -34.05 61.94 -102.04
C ASP RB 7 -35.10 60.86 -101.78
N VAL RB 8 -34.70 59.59 -101.78
CA VAL RB 8 -35.60 58.47 -101.51
C VAL RB 8 -34.98 57.59 -100.43
N ASN RB 9 -35.70 56.53 -100.07
CA ASN RB 9 -35.18 55.51 -99.17
C ASN RB 9 -34.31 54.53 -99.95
N GLN RB 10 -33.09 54.31 -99.45
CA GLN RB 10 -32.17 53.41 -100.15
C GLN RB 10 -32.60 51.95 -100.03
N GLN RB 11 -33.13 51.54 -98.88
CA GLN RB 11 -33.46 50.14 -98.69
C GLN RB 11 -34.76 49.76 -99.40
N GLU RB 12 -35.67 50.72 -99.57
CA GLU RB 12 -36.80 50.46 -100.46
C GLU RB 12 -36.35 50.45 -101.92
N PHE RB 13 -35.29 51.20 -102.23
CA PHE RB 13 -34.74 51.19 -103.58
C PHE RB 13 -34.00 49.90 -103.87
N VAL RB 14 -33.33 49.32 -102.88
CA VAL RB 14 -32.60 48.07 -103.10
C VAL RB 14 -33.59 46.92 -103.31
N ARG RB 15 -34.81 47.06 -102.79
CA ARG RB 15 -35.84 46.06 -103.03
C ARG RB 15 -36.51 46.28 -104.39
N ALA RB 16 -36.71 47.55 -104.77
CA ALA RB 16 -37.33 47.84 -106.06
C ALA RB 16 -36.42 47.48 -107.22
N LEU RB 17 -35.14 47.83 -107.13
CA LEU RB 17 -34.19 47.48 -108.19
C LEU RB 17 -33.96 45.97 -108.26
N ALA RB 18 -33.94 45.29 -107.11
CA ALA RB 18 -33.86 43.84 -107.12
C ALA RB 18 -35.08 43.24 -107.78
N ALA RB 19 -36.26 43.81 -107.52
CA ALA RB 19 -37.48 43.33 -108.16
C ALA RB 19 -37.41 43.52 -109.66
N PHE RB 20 -36.97 44.70 -110.12
CA PHE RB 20 -36.88 44.95 -111.55
C PHE RB 20 -35.87 44.04 -112.23
N LEU RB 21 -34.79 43.70 -111.52
CA LEU RB 21 -33.76 42.85 -112.09
C LEU RB 21 -34.29 41.44 -112.37
N LYS RB 22 -35.05 40.87 -111.43
CA LYS RB 22 -35.58 39.53 -111.63
C LYS RB 22 -36.78 39.51 -112.57
N LYS RB 23 -37.57 40.59 -112.62
CA LYS RB 23 -38.72 40.62 -113.52
C LYS RB 23 -38.24 40.72 -114.96
N SER RB 24 -37.53 41.79 -115.30
CA SER RB 24 -36.89 41.93 -116.61
C SER RB 24 -35.60 41.12 -116.57
N GLY RB 25 -35.77 39.80 -116.68
CA GLY RB 25 -34.67 38.89 -116.45
C GLY RB 25 -33.68 38.79 -117.60
N LYS RB 26 -32.51 39.41 -117.41
CA LYS RB 26 -31.40 39.24 -118.33
C LYS RB 26 -30.07 39.13 -117.60
N LEU RB 27 -30.07 39.11 -116.28
CA LEU RB 27 -28.83 38.97 -115.51
C LEU RB 27 -28.22 37.59 -115.72
N LYS RB 28 -26.90 37.55 -115.80
CA LYS RB 28 -26.17 36.29 -115.94
C LYS RB 28 -25.84 35.76 -114.55
N VAL RB 29 -26.41 34.62 -114.20
CA VAL RB 29 -26.15 33.96 -112.92
C VAL RB 29 -25.30 32.73 -113.21
N PRO RB 30 -24.13 32.57 -112.57
CA PRO RB 30 -23.29 31.39 -112.82
C PRO RB 30 -23.92 30.10 -112.35
N GLU RB 31 -23.21 28.98 -112.52
CA GLU RB 31 -23.79 27.67 -112.27
C GLU RB 31 -23.68 27.21 -110.83
N TRP RB 32 -22.99 27.96 -109.96
CA TRP RB 32 -22.90 27.61 -108.54
C TRP RB 32 -23.81 28.49 -107.69
N VAL RB 33 -25.03 28.71 -108.17
CA VAL RB 33 -26.07 29.39 -107.39
C VAL RB 33 -26.22 28.76 -106.02
N ASP RB 34 -26.09 27.43 -105.94
CA ASP RB 34 -26.32 26.71 -104.70
C ASP RB 34 -25.17 26.92 -103.70
N THR RB 35 -23.93 26.82 -104.15
CA THR RB 35 -22.77 26.83 -103.25
C THR RB 35 -21.93 28.08 -103.53
N VAL RB 36 -21.99 29.04 -102.60
CA VAL RB 36 -21.25 30.29 -102.73
C VAL RB 36 -20.42 30.50 -101.47
N LYS RB 37 -21.09 30.40 -100.32
CA LYS RB 37 -20.62 30.73 -98.97
C LYS RB 37 -20.53 32.24 -98.77
N LEU RB 38 -20.66 33.02 -99.86
CA LEU RB 38 -20.99 34.44 -99.81
C LEU RB 38 -20.11 35.21 -98.82
N ALA RB 39 -18.85 35.42 -99.24
CA ALA RB 39 -17.86 36.03 -98.37
C ALA RB 39 -17.55 35.15 -97.17
N LYS RB 40 -16.76 34.10 -97.43
CA LYS RB 40 -16.42 32.99 -96.54
C LYS RB 40 -16.15 33.39 -95.09
N HIS RB 41 -15.73 34.63 -94.86
CA HIS RB 41 -15.65 35.14 -93.50
C HIS RB 41 -16.98 35.00 -92.77
N LYS RB 42 -18.08 35.04 -93.51
CA LYS RB 42 -19.40 34.68 -93.00
C LYS RB 42 -19.85 33.37 -93.63
N GLU RB 43 -20.38 32.48 -92.80
CA GLU RB 43 -20.80 31.14 -93.22
C GLU RB 43 -22.25 31.19 -93.70
N LEU RB 44 -22.86 30.01 -93.89
CA LEU RB 44 -24.31 29.87 -94.01
C LEU RB 44 -24.86 30.66 -95.20
N ALA RB 45 -24.56 30.12 -96.40
CA ALA RB 45 -25.00 30.61 -97.69
C ALA RB 45 -26.42 31.15 -97.62
N PRO RB 46 -26.72 32.28 -98.27
CA PRO RB 46 -27.77 33.17 -97.80
C PRO RB 46 -29.16 32.56 -97.76
N TYR RB 47 -29.99 33.09 -96.87
CA TYR RB 47 -31.37 32.66 -96.74
C TYR RB 47 -32.15 32.88 -98.02
N ASP RB 48 -32.00 34.06 -98.63
CA ASP RB 48 -32.78 34.42 -99.81
C ASP RB 48 -32.14 33.86 -101.07
N GLU RB 49 -32.97 33.36 -101.98
CA GLU RB 49 -32.51 32.84 -103.26
C GLU RB 49 -32.47 33.91 -104.34
N ASN RB 50 -32.83 35.14 -104.03
CA ASN RB 50 -32.73 36.26 -104.96
C ASN RB 50 -31.54 37.17 -104.64
N TRP RB 51 -30.64 36.73 -103.76
CA TRP RB 51 -29.53 37.57 -103.31
C TRP RB 51 -28.57 37.94 -104.42
N PHE RB 52 -28.44 37.11 -105.47
CA PHE RB 52 -27.59 37.49 -106.58
C PHE RB 52 -28.17 38.70 -107.30
N TYR RB 53 -29.49 38.81 -107.32
CA TYR RB 53 -30.11 40.02 -107.86
C TYR RB 53 -29.95 41.19 -106.90
N THR RB 54 -30.04 40.95 -105.58
CA THR RB 54 -29.84 42.04 -104.64
C THR RB 54 -28.37 42.46 -104.60
N ARG RB 55 -27.46 41.50 -104.79
CA ARG RB 55 -26.04 41.86 -104.84
C ARG RB 55 -25.73 42.63 -106.11
N ALA RB 56 -26.37 42.29 -107.22
CA ALA RB 56 -26.28 43.11 -108.42
C ALA RB 56 -26.95 44.46 -108.23
N ALA RB 57 -28.07 44.47 -107.51
CA ALA RB 57 -28.79 45.72 -107.29
C ALA RB 57 -28.08 46.61 -106.28
N SER RB 58 -27.50 46.01 -105.24
CA SER RB 58 -26.81 46.80 -104.22
C SER RB 58 -25.56 47.45 -104.79
N THR RB 59 -24.80 46.72 -105.61
CA THR RB 59 -23.58 47.29 -106.20
C THR RB 59 -23.92 48.33 -107.25
N ALA RB 60 -25.15 48.34 -107.75
CA ALA RB 60 -25.59 49.42 -108.64
C ALA RB 60 -25.64 50.74 -107.88
N ARG RB 61 -26.12 50.72 -106.65
CA ARG RB 61 -26.15 51.93 -105.83
C ARG RB 61 -24.74 52.41 -105.53
N HIS RB 62 -23.86 51.49 -105.13
CA HIS RB 62 -22.50 51.87 -104.74
C HIS RB 62 -21.75 52.50 -105.91
N LEU RB 63 -21.87 51.92 -107.10
CA LEU RB 63 -21.23 52.49 -108.27
C LEU RB 63 -21.87 53.82 -108.66
N TYR RB 64 -23.19 53.95 -108.45
CA TYR RB 64 -23.82 55.26 -108.59
C TYR RB 64 -23.35 56.23 -107.51
N LEU RB 65 -23.22 55.74 -106.27
CA LEU RB 65 -22.81 56.62 -105.18
C LEU RB 65 -21.35 57.03 -105.31
N ARG RB 66 -20.46 56.07 -105.59
CA ARG RB 66 -19.04 56.35 -105.73
C ARG RB 66 -18.56 55.69 -107.02
N GLY RB 67 -18.32 56.50 -108.05
CA GLY RB 67 -17.87 55.97 -109.32
C GLY RB 67 -16.39 55.62 -109.31
N GLY RB 68 -15.96 55.03 -110.42
CA GLY RB 68 -14.60 54.53 -110.51
C GLY RB 68 -14.31 53.41 -109.54
N ALA RB 69 -15.32 52.61 -109.20
CA ALA RB 69 -15.18 51.54 -108.23
C ALA RB 69 -14.97 50.21 -108.93
N GLY RB 70 -14.12 49.37 -108.35
CA GLY RB 70 -13.78 48.10 -108.96
C GLY RB 70 -14.13 46.90 -108.09
N VAL RB 71 -13.56 45.75 -108.44
CA VAL RB 71 -13.86 44.52 -107.70
C VAL RB 71 -13.29 44.60 -106.29
N GLY RB 72 -12.02 45.00 -106.16
CA GLY RB 72 -11.40 45.04 -104.85
C GLY RB 72 -11.96 46.13 -103.96
N SER RB 73 -12.45 47.22 -104.56
CA SER RB 73 -13.05 48.29 -103.79
C SER RB 73 -14.30 47.82 -103.06
N MET RB 74 -15.23 47.19 -103.80
CA MET RB 74 -16.49 46.76 -103.21
C MET RB 74 -16.41 45.38 -102.57
N THR RB 75 -15.32 44.64 -102.78
CA THR RB 75 -15.08 43.46 -101.95
C THR RB 75 -14.88 43.87 -100.50
N LYS RB 76 -14.19 45.00 -100.28
CA LYS RB 76 -14.07 45.56 -98.94
C LYS RB 76 -15.44 46.00 -98.41
N ILE RB 77 -16.33 46.44 -99.30
CA ILE RB 77 -17.66 46.90 -98.89
C ILE RB 77 -18.45 45.75 -98.30
N TYR RB 78 -18.51 44.63 -99.00
CA TYR RB 78 -19.35 43.51 -98.61
C TYR RB 78 -18.65 42.55 -97.67
N GLY RB 79 -17.40 42.81 -97.31
CA GLY RB 79 -16.78 42.13 -96.21
C GLY RB 79 -17.23 42.70 -94.88
N GLY RB 80 -16.81 42.06 -93.80
CA GLY RB 80 -17.22 42.51 -92.48
C GLY RB 80 -16.63 41.74 -91.32
N ARG RB 81 -17.46 41.46 -90.32
CA ARG RB 81 -17.02 40.85 -89.07
C ARG RB 81 -16.73 39.38 -89.31
N GLN RB 82 -15.45 39.03 -89.42
CA GLN RB 82 -15.02 37.64 -89.53
C GLN RB 82 -14.85 37.08 -88.13
N ARG RB 83 -15.78 36.23 -87.70
CA ARG RB 83 -15.65 35.56 -86.42
C ARG RB 83 -14.53 34.53 -86.50
N ASN RB 84 -13.39 34.83 -85.87
CA ASN RB 84 -12.26 33.92 -85.86
C ASN RB 84 -12.50 32.69 -84.98
N GLY RB 85 -13.51 32.72 -84.12
CA GLY RB 85 -13.74 31.64 -83.20
C GLY RB 85 -13.22 31.94 -81.81
N VAL RB 86 -12.08 31.33 -81.45
CA VAL RB 86 -11.46 31.59 -80.15
C VAL RB 86 -10.63 32.87 -80.18
N MET RB 87 -10.01 33.19 -81.32
CA MET RB 87 -9.27 34.44 -81.45
C MET RB 87 -10.24 35.62 -81.40
N PRO RB 88 -9.76 36.80 -81.01
CA PRO RB 88 -10.60 37.99 -81.07
C PRO RB 88 -11.06 38.27 -82.50
N SER RB 89 -12.30 38.75 -82.61
CA SER RB 89 -12.92 38.93 -83.92
C SER RB 89 -12.18 39.98 -84.75
N HIS RB 90 -12.07 39.72 -86.04
CA HIS RB 90 -11.34 40.57 -86.96
C HIS RB 90 -12.25 41.00 -88.12
N PHE RB 91 -11.66 41.70 -89.08
CA PHE RB 91 -12.36 42.15 -90.27
C PHE RB 91 -11.64 41.63 -91.50
N SER RB 92 -12.41 41.19 -92.49
CA SER RB 92 -11.86 40.74 -93.75
C SER RB 92 -12.84 41.07 -94.87
N ARG RB 93 -12.33 41.07 -96.10
CA ARG RB 93 -13.10 41.50 -97.26
C ARG RB 93 -14.14 40.45 -97.64
N GLY RB 94 -14.89 40.74 -98.70
CA GLY RB 94 -15.93 39.85 -99.19
C GLY RB 94 -15.37 38.73 -100.04
N SER RB 95 -16.20 38.26 -100.97
CA SER RB 95 -15.82 37.19 -101.90
C SER RB 95 -15.51 37.82 -103.25
N LYS RB 96 -14.30 37.57 -103.75
CA LYS RB 96 -13.85 38.24 -104.97
C LYS RB 96 -14.61 37.75 -106.20
N SER RB 97 -14.90 36.45 -106.25
CA SER RB 97 -15.55 35.89 -107.45
C SER RB 97 -16.97 36.43 -107.62
N VAL RB 98 -17.74 36.48 -106.54
CA VAL RB 98 -19.09 37.04 -106.64
C VAL RB 98 -19.02 38.53 -106.91
N ALA RB 99 -18.01 39.21 -106.38
CA ALA RB 99 -17.79 40.62 -106.72
C ALA RB 99 -17.40 40.77 -108.19
N ARG RB 100 -16.58 39.84 -108.68
CA ARG RB 100 -16.18 39.86 -110.09
C ARG RB 100 -17.36 39.59 -111.00
N ARG RB 101 -18.09 38.51 -110.76
CA ARG RB 101 -19.10 38.06 -111.71
C ARG RB 101 -20.33 38.95 -111.69
N VAL RB 102 -20.70 39.49 -110.52
CA VAL RB 102 -21.89 40.33 -110.45
C VAL RB 102 -21.67 41.64 -111.20
N LEU RB 103 -20.42 42.12 -111.25
CA LEU RB 103 -20.11 43.29 -112.06
C LEU RB 103 -19.98 42.93 -113.53
N GLN RB 104 -19.40 41.77 -113.84
CA GLN RB 104 -19.38 41.29 -115.21
C GLN RB 104 -20.78 40.99 -115.71
N ALA RB 105 -21.67 40.55 -114.82
CA ALA RB 105 -23.08 40.43 -115.18
C ALA RB 105 -23.66 41.80 -115.51
N LEU RB 106 -23.33 42.82 -114.71
CA LEU RB 106 -23.78 44.17 -115.01
C LEU RB 106 -23.23 44.65 -116.35
N GLU RB 107 -21.96 44.32 -116.64
CA GLU RB 107 -21.43 44.62 -117.96
C GLU RB 107 -22.21 43.89 -119.05
N GLY RB 108 -22.71 42.70 -118.74
CA GLY RB 108 -23.43 41.92 -119.74
C GLY RB 108 -24.72 42.57 -120.18
N LEU RB 109 -25.52 43.05 -119.23
CA LEU RB 109 -26.76 43.72 -119.59
C LEU RB 109 -26.63 45.25 -119.64
N LYS RB 110 -25.39 45.75 -119.73
CA LYS RB 110 -24.91 46.97 -120.40
C LYS RB 110 -24.99 48.32 -119.65
N MET RB 111 -25.61 48.41 -118.47
CA MET RB 111 -25.71 49.71 -117.81
C MET RB 111 -24.40 50.22 -117.27
N VAL RB 112 -23.39 49.38 -117.10
CA VAL RB 112 -22.11 49.79 -116.51
C VAL RB 112 -21.03 49.69 -117.57
N GLU RB 113 -20.02 50.54 -117.45
CA GLU RB 113 -18.91 50.59 -118.40
C GLU RB 113 -17.61 50.76 -117.64
N LYS RB 114 -16.53 50.32 -118.28
CA LYS RB 114 -15.20 50.49 -117.71
C LYS RB 114 -14.74 51.94 -117.89
N ASP RB 115 -14.16 52.50 -116.83
CA ASP RB 115 -13.65 53.86 -116.88
C ASP RB 115 -12.31 53.92 -117.60
N GLN RB 116 -11.86 55.13 -117.88
CA GLN RB 116 -10.50 55.32 -118.39
C GLN RB 116 -9.47 54.95 -117.34
N ASP RB 117 -9.74 55.25 -116.07
CA ASP RB 117 -8.91 54.85 -114.95
C ASP RB 117 -9.42 53.53 -114.40
N GLY RB 118 -8.92 53.13 -113.22
CA GLY RB 118 -9.39 51.92 -112.60
C GLY RB 118 -10.82 52.03 -112.12
N GLY RB 119 -11.51 50.89 -112.09
CA GLY RB 119 -12.91 50.85 -111.68
C GLY RB 119 -13.85 50.96 -112.85
N ARG RB 120 -15.14 50.80 -112.54
CA ARG RB 120 -16.20 50.86 -113.54
C ARG RB 120 -17.30 51.80 -113.09
N LYS RB 121 -17.81 52.58 -114.04
CA LYS RB 121 -18.88 53.55 -113.78
C LYS RB 121 -20.10 53.19 -114.62
N LEU RB 122 -21.27 53.50 -114.08
CA LEU RB 122 -22.52 53.26 -114.77
C LEU RB 122 -22.61 54.11 -116.03
N THR RB 123 -23.12 53.51 -117.11
CA THR RB 123 -23.33 54.23 -118.35
C THR RB 123 -24.48 55.22 -118.18
N PRO RB 124 -24.72 56.10 -119.17
CA PRO RB 124 -26.00 56.81 -119.20
C PRO RB 124 -27.19 55.87 -119.18
N GLN RB 125 -27.02 54.64 -119.69
CA GLN RB 125 -28.07 53.64 -119.58
C GLN RB 125 -28.32 53.30 -118.11
N GLY RB 126 -27.26 53.23 -117.31
CA GLY RB 126 -27.46 53.02 -115.89
C GLY RB 126 -28.11 54.21 -115.21
N GLN RB 127 -27.90 55.41 -115.75
CA GLN RB 127 -28.33 56.62 -115.05
C GLN RB 127 -29.84 56.78 -115.09
N ARG RB 128 -30.48 56.49 -116.24
CA ARG RB 128 -31.92 56.72 -116.29
C ARG RB 128 -32.73 55.49 -115.89
N ASP RB 129 -32.11 54.32 -115.80
CA ASP RB 129 -32.78 53.19 -115.18
C ASP RB 129 -32.90 53.39 -113.67
N LEU RB 130 -31.79 53.77 -113.04
CA LEU RB 130 -31.78 53.97 -111.60
C LEU RB 130 -32.72 55.11 -111.21
N ASP RB 131 -32.70 56.20 -111.98
CA ASP RB 131 -33.56 57.34 -111.65
C ASP RB 131 -35.03 57.00 -111.87
N ARG RB 132 -35.34 56.20 -112.90
CA ARG RB 132 -36.73 55.84 -113.17
C ARG RB 132 -37.29 54.96 -112.05
N ILE RB 133 -36.52 53.97 -111.61
CA ILE RB 133 -36.97 53.10 -110.53
C ILE RB 133 -36.99 53.86 -109.21
N ALA RB 134 -36.04 54.79 -109.01
CA ALA RB 134 -36.05 55.60 -107.80
C ALA RB 134 -37.32 56.45 -107.72
N GLY RB 135 -37.75 57.02 -108.85
CA GLY RB 135 -39.02 57.71 -108.87
C GLY RB 135 -40.20 56.77 -108.65
N GLN RB 136 -40.09 55.53 -109.13
CA GLN RB 136 -41.13 54.54 -108.91
C GLN RB 136 -41.29 54.23 -107.43
N VAL RB 137 -40.16 54.08 -106.72
CA VAL RB 137 -40.24 53.73 -105.30
C VAL RB 137 -40.64 54.93 -104.47
N ALA RB 138 -40.38 56.15 -104.95
CA ALA RB 138 -40.79 57.34 -104.21
C ALA RB 138 -42.29 57.57 -104.35
N ALA RB 139 -42.82 57.42 -105.56
CA ALA RB 139 -44.26 57.58 -105.77
C ALA RB 139 -45.04 56.52 -105.00
N ALA RB 140 -44.52 55.29 -104.97
CA ALA RB 140 -45.16 54.24 -104.18
C ALA RB 140 -45.06 54.54 -102.69
N ASN RB 141 -43.93 55.11 -102.25
CA ASN RB 141 -43.77 55.43 -100.84
C ASN RB 141 -44.60 56.63 -100.43
N LYS RB 142 -44.65 57.66 -101.27
CA LYS RB 142 -45.42 58.86 -100.92
C LYS RB 142 -46.92 58.59 -100.97
N LYS RB 143 -47.36 57.58 -101.71
CA LYS RB 143 -48.77 57.24 -101.82
C LYS RB 143 -48.98 55.74 -101.85
CA ALA SB 1 13.65 81.41 -121.21
C ALA SB 1 12.93 81.33 -119.87
N ILE SB 2 11.63 81.67 -119.89
CA ILE SB 2 10.86 81.66 -118.65
C ILE SB 2 10.69 80.22 -118.16
N HIS SB 3 10.47 80.07 -116.85
CA HIS SB 3 10.58 78.79 -116.19
C HIS SB 3 9.90 78.86 -114.84
N ARG SB 4 9.11 77.84 -114.52
CA ARG SB 4 8.59 77.64 -113.17
C ARG SB 4 9.46 76.58 -112.50
N ILE SB 5 9.98 76.90 -111.32
CA ILE SB 5 10.82 75.99 -110.55
C ILE SB 5 10.21 75.85 -109.17
N ARG SB 6 9.95 74.60 -108.78
CA ARG SB 6 9.50 74.30 -107.42
C ARG SB 6 10.74 74.09 -106.56
N ILE SB 7 10.94 74.97 -105.59
CA ILE SB 7 12.04 74.86 -104.63
C ILE SB 7 11.45 74.46 -103.29
N THR SB 8 11.86 73.30 -102.79
CA THR SB 8 11.33 72.75 -101.56
C THR SB 8 12.43 72.67 -100.51
N LEU SB 9 12.02 72.77 -99.24
CA LEU SB 9 12.92 72.76 -98.10
C LEU SB 9 12.33 71.89 -97.02
N THR SB 10 13.17 71.11 -96.33
CA THR SB 10 12.69 70.36 -95.18
C THR SB 10 13.67 70.52 -94.03
N SER SB 11 13.16 70.45 -92.81
CA SER SB 11 13.98 70.60 -91.62
C SER SB 11 13.25 69.95 -90.44
N ARG SB 12 13.95 69.87 -89.31
CA ARG SB 12 13.38 69.36 -88.08
C ARG SB 12 12.97 70.46 -87.12
N ASN SB 13 13.46 71.68 -87.31
CA ASN SB 13 13.14 72.81 -86.45
C ASN SB 13 12.33 73.84 -87.22
N VAL SB 14 11.27 74.34 -86.59
CA VAL SB 14 10.39 75.31 -87.24
C VAL SB 14 11.08 76.64 -87.43
N LYS SB 15 11.87 77.08 -86.44
CA LYS SB 15 12.42 78.42 -86.46
C LYS SB 15 13.39 78.62 -87.63
N SER SB 16 14.30 77.67 -87.83
CA SER SB 16 15.26 77.78 -88.93
C SER SB 16 14.55 77.71 -90.28
N LEU SB 17 13.60 76.80 -90.42
CA LEU SB 17 12.86 76.67 -91.68
C LEU SB 17 12.08 77.94 -91.99
N GLU SB 18 11.43 78.52 -90.98
CA GLU SB 18 10.68 79.74 -91.22
C GLU SB 18 11.59 80.90 -91.58
N LYS SB 19 12.83 80.87 -91.09
CA LYS SB 19 13.77 81.95 -91.40
C LYS SB 19 14.20 81.92 -92.85
N VAL SB 20 14.62 80.73 -93.35
CA VAL SB 20 15.04 80.63 -94.74
C VAL SB 20 13.86 80.80 -95.68
N CYS SB 21 12.68 80.31 -95.28
CA CYS SB 21 11.49 80.64 -96.04
C CYS SB 21 11.34 82.16 -96.13
N ALA SB 22 11.52 82.85 -95.01
CA ALA SB 22 11.44 84.30 -95.00
C ALA SB 22 12.57 84.94 -95.80
N ASP SB 23 13.77 84.35 -95.74
CA ASP SB 23 14.90 84.95 -96.47
C ASP SB 23 14.73 84.74 -97.96
N LEU SB 24 14.33 83.54 -98.37
CA LEU SB 24 14.15 83.26 -99.78
C LEU SB 24 13.01 84.08 -100.38
N ILE SB 25 11.87 84.25 -99.67
CA ILE SB 25 10.78 84.97 -100.34
C ILE SB 25 11.08 86.45 -100.41
N ARG SB 26 11.70 87.01 -99.35
CA ARG SB 26 12.05 88.42 -99.36
C ARG SB 26 13.13 88.72 -100.40
N GLY SB 27 13.95 87.72 -100.73
CA GLY SB 27 14.82 87.86 -101.89
C GLY SB 27 14.04 87.94 -103.18
N ALA SB 28 12.96 87.15 -103.30
CA ALA SB 28 12.15 87.18 -104.52
C ALA SB 28 11.49 88.54 -104.71
N LYS SB 29 11.00 89.14 -103.62
CA LYS SB 29 10.39 90.46 -103.72
C LYS SB 29 11.41 91.51 -104.12
N GLU SB 30 12.63 91.40 -103.61
CA GLU SB 30 13.65 92.41 -103.90
C GLU SB 30 14.17 92.30 -105.33
N LYS SB 31 13.99 91.15 -105.97
CA LYS SB 31 14.35 90.99 -107.37
C LYS SB 31 13.14 90.95 -108.30
N ASN SB 32 11.94 91.21 -107.76
CA ASN SB 32 10.73 91.41 -108.54
C ASN SB 32 10.40 90.18 -109.41
N LEU SB 33 10.08 89.09 -108.72
CA LEU SB 33 9.61 87.88 -109.38
C LEU SB 33 8.14 87.63 -109.03
N LYS SB 34 7.56 86.67 -109.75
CA LYS SB 34 6.21 86.20 -109.48
C LYS SB 34 6.31 85.00 -108.53
N VAL SB 35 5.81 85.15 -107.31
CA VAL SB 35 6.04 84.19 -106.23
C VAL SB 35 4.72 83.84 -105.58
N LYS SB 36 4.53 82.55 -105.30
CA LYS SB 36 3.40 82.08 -104.51
C LYS SB 36 3.81 81.94 -103.05
N GLY SB 37 2.84 82.10 -102.15
CA GLY SB 37 3.09 81.98 -100.74
C GLY SB 37 3.31 80.55 -100.30
N PRO SB 38 3.77 80.36 -99.06
CA PRO SB 38 4.07 79.00 -98.56
C PRO SB 38 2.82 78.28 -98.10
N VAL SB 39 2.45 77.23 -98.84
CA VAL SB 39 1.36 76.35 -98.42
C VAL SB 39 1.93 75.29 -97.48
N ARG SB 40 1.18 74.99 -96.41
CA ARG SB 40 1.70 74.19 -95.31
C ARG SB 40 1.11 72.78 -95.35
N MET SB 41 2.00 71.78 -95.40
CA MET SB 41 1.64 70.38 -95.31
C MET SB 41 1.50 69.99 -93.84
N PRO SB 42 0.77 68.92 -93.54
CA PRO SB 42 0.77 68.42 -92.16
C PRO SB 42 2.12 67.80 -91.80
N THR SB 43 2.71 68.26 -90.69
CA THR SB 43 4.03 67.80 -90.29
C THR SB 43 3.98 66.36 -89.82
N LYS SB 44 4.92 65.55 -90.29
CA LYS SB 44 4.99 64.15 -89.89
C LYS SB 44 5.73 64.02 -88.57
N THR SB 45 5.13 63.29 -87.63
CA THR SB 45 5.72 63.04 -86.33
C THR SB 45 6.03 61.57 -86.17
N LEU SB 46 7.28 61.26 -85.83
CA LEU SB 46 7.73 59.90 -85.62
C LEU SB 46 7.62 59.56 -84.14
N ARG SB 47 6.93 58.46 -83.82
CA ARG SB 47 6.56 58.18 -82.45
C ARG SB 47 7.04 56.81 -81.98
N ILE SB 48 8.32 56.51 -82.20
CA ILE SB 48 8.88 55.24 -81.74
C ILE SB 48 8.85 55.18 -80.22
N THR SB 49 8.45 54.03 -79.68
CA THR SB 49 8.36 53.82 -78.25
C THR SB 49 9.27 52.67 -77.82
N THR SB 50 9.90 52.82 -76.66
CA THR SB 50 10.79 51.80 -76.13
C THR SB 50 10.54 51.54 -74.66
N ARG SB 51 10.89 50.34 -74.23
CA ARG SB 51 10.57 49.85 -72.89
C ARG SB 51 11.26 50.67 -71.80
N LYS SB 52 12.26 51.47 -72.16
CA LYS SB 52 13.03 52.39 -71.34
C LYS SB 52 14.03 51.66 -70.45
N THR SB 53 13.99 50.33 -70.39
CA THR SB 53 14.89 49.59 -69.52
C THR SB 53 15.60 48.50 -70.30
N PRO SB 54 16.88 48.24 -69.98
CA PRO SB 54 17.57 47.14 -70.67
C PRO SB 54 17.10 45.77 -70.22
N CYS SB 55 16.79 45.62 -68.93
CA CYS SB 55 16.41 44.33 -68.36
C CYS SB 55 14.90 44.17 -68.38
N GLY SB 56 14.40 43.15 -67.70
CA GLY SB 56 12.99 42.91 -67.54
C GLY SB 56 12.40 43.36 -66.22
N GLU SB 57 13.14 44.11 -65.42
CA GLU SB 57 12.64 44.63 -64.15
C GLU SB 57 12.18 46.07 -64.34
N GLY SB 58 10.99 46.37 -63.84
CA GLY SB 58 10.45 47.71 -63.99
C GLY SB 58 9.03 47.80 -63.46
N SER SB 59 8.33 48.83 -63.92
CA SER SB 59 6.93 49.05 -63.57
C SER SB 59 6.05 49.11 -64.80
N LYS SB 60 6.38 48.31 -65.81
CA LYS SB 60 5.70 48.34 -67.12
C LYS SB 60 5.72 49.74 -67.71
N THR SB 61 6.86 50.41 -67.57
CA THR SB 61 7.02 51.77 -68.07
C THR SB 61 7.46 51.74 -69.53
N TRP SB 62 7.06 52.76 -70.27
CA TRP SB 62 7.33 52.86 -71.70
C TRP SB 62 7.88 54.23 -72.01
N ASP SB 63 8.93 54.28 -72.83
CA ASP SB 63 9.52 55.54 -73.27
C ASP SB 63 8.85 56.00 -74.54
N ARG SB 64 8.64 57.31 -74.66
CA ARG SB 64 8.02 57.93 -75.83
C ARG SB 64 8.98 58.93 -76.45
N PHE SB 65 9.08 58.91 -77.78
CA PHE SB 65 10.00 59.78 -78.50
C PHE SB 65 9.29 60.40 -79.70
N GLN SB 66 9.64 61.65 -80.01
CA GLN SB 66 8.99 62.40 -81.06
C GLN SB 66 10.03 63.05 -81.97
N MET SB 67 9.80 62.95 -83.27
CA MET SB 67 10.61 63.65 -84.27
C MET SB 67 9.65 64.26 -85.28
N ARG SB 68 9.64 65.58 -85.37
CA ARG SB 68 8.73 66.30 -86.25
C ARG SB 68 9.47 66.71 -87.51
N ILE SB 69 9.03 66.19 -88.66
CA ILE SB 69 9.58 66.61 -89.94
C ILE SB 69 8.75 67.78 -90.45
N HIS SB 70 9.43 68.87 -90.80
CA HIS SB 70 8.79 70.02 -91.41
C HIS SB 70 9.40 70.22 -92.79
N LYS SB 71 8.62 69.95 -93.83
CA LYS SB 71 9.04 70.06 -95.22
C LYS SB 71 8.24 71.18 -95.89
N ARG SB 72 8.94 72.21 -96.37
CA ARG SB 72 8.29 73.31 -97.05
C ARG SB 72 8.62 73.29 -98.54
N LEU SB 73 7.85 74.07 -99.30
CA LEU SB 73 8.05 74.16 -100.73
C LEU SB 73 7.56 75.51 -101.23
N ILE SB 74 8.19 75.98 -102.31
CA ILE SB 74 7.93 77.29 -102.89
C ILE SB 74 8.11 77.19 -104.39
N ASP SB 75 7.26 77.90 -105.15
CA ASP SB 75 7.36 77.93 -106.59
C ASP SB 75 7.58 79.37 -107.06
N LEU SB 76 8.53 79.53 -107.96
CA LEU SB 76 8.82 80.82 -108.58
C LEU SB 76 8.59 80.71 -110.08
N HIS SB 77 8.59 81.85 -110.76
CA HIS SB 77 8.29 81.92 -112.19
C HIS SB 77 9.36 82.72 -112.91
N SER SB 78 10.62 82.36 -112.68
CA SER SB 78 11.76 83.04 -113.27
C SER SB 78 12.81 82.01 -113.67
N PRO SB 79 13.68 82.35 -114.63
CA PRO SB 79 14.69 81.39 -115.09
C PRO SB 79 15.68 80.99 -114.00
N SER SB 80 16.37 79.88 -114.26
CA SER SB 80 17.32 79.36 -113.28
C SER SB 80 18.55 80.26 -113.15
N GLU SB 81 18.89 80.97 -114.23
CA GLU SB 81 20.10 81.79 -114.23
C GLU SB 81 20.03 82.97 -113.27
N ILE SB 82 18.82 83.36 -112.84
CA ILE SB 82 18.65 84.45 -111.90
C ILE SB 82 18.26 83.96 -110.50
N VAL SB 83 17.66 82.77 -110.39
CA VAL SB 83 17.21 82.29 -109.09
C VAL SB 83 18.20 81.35 -108.41
N LYS SB 84 19.17 80.81 -109.16
CA LYS SB 84 20.07 79.80 -108.58
C LYS SB 84 21.00 80.41 -107.53
N GLN SB 85 21.52 81.61 -107.78
CA GLN SB 85 22.55 82.16 -106.91
C GLN SB 85 22.00 82.55 -105.55
N ILE SB 86 20.71 82.86 -105.47
CA ILE SB 86 20.13 83.31 -104.21
C ILE SB 86 19.50 82.15 -103.44
N THR SB 87 19.17 81.05 -104.11
CA THR SB 87 18.88 79.82 -103.40
C THR SB 87 20.16 79.11 -102.94
N SER SB 88 21.32 79.61 -103.37
CA SER SB 88 22.60 79.02 -102.98
C SER SB 88 23.33 79.80 -101.91
N ILE SB 89 23.08 81.11 -101.78
CA ILE SB 89 23.71 81.87 -100.71
C ILE SB 89 23.15 81.46 -99.36
N SER SB 90 21.86 81.15 -99.28
CA SER SB 90 21.24 80.66 -98.06
C SER SB 90 21.46 79.15 -97.95
N ILE SB 91 21.93 78.70 -96.79
CA ILE SB 91 22.26 77.29 -96.61
C ILE SB 91 21.37 76.68 -95.52
N GLU SB 92 21.49 77.21 -94.28
CA GLU SB 92 20.81 76.66 -93.10
C GLU SB 92 21.07 75.16 -92.99
N PRO SB 93 22.27 74.75 -92.55
CA PRO SB 93 22.66 73.33 -92.59
C PRO SB 93 21.66 72.36 -91.94
N GLY SB 94 20.74 72.87 -91.14
CA GLY SB 94 19.66 72.04 -90.64
C GLY SB 94 18.56 71.75 -91.64
N VAL SB 95 18.58 72.42 -92.79
CA VAL SB 95 17.57 72.22 -93.82
C VAL SB 95 18.22 71.61 -95.06
N GLU SB 96 17.38 71.11 -95.96
CA GLU SB 96 17.83 70.51 -97.21
C GLU SB 96 17.06 71.15 -98.37
N VAL SB 97 17.73 71.26 -99.52
CA VAL SB 97 17.18 71.92 -100.70
C VAL SB 97 17.04 70.92 -101.84
N GLU SB 98 15.85 70.87 -102.46
CA GLU SB 98 15.63 70.19 -103.73
C GLU SB 98 15.03 71.16 -104.73
N VAL SB 99 15.31 70.92 -106.00
CA VAL SB 99 14.81 71.74 -107.10
C VAL SB 99 14.25 70.82 -108.18
N THR SB 100 13.13 71.22 -108.77
CA THR SB 100 12.50 70.47 -109.85
C THR SB 100 12.14 71.43 -110.99
N ILE SB 101 12.22 70.91 -112.21
CA ILE SB 101 11.98 71.71 -113.41
C ILE SB 101 10.49 71.81 -113.70
N ALA SB 102 10.13 72.70 -114.64
CA ALA SB 102 8.74 72.89 -115.03
C ALA SB 102 8.16 71.63 -115.65
N ASP SB 103 8.95 70.95 -116.49
CA ASP SB 103 8.46 69.75 -117.17
C ASP SB 103 8.14 68.64 -116.17
N ALA SB 104 8.96 68.49 -115.13
CA ALA SB 104 8.77 67.52 -114.06
C ALA SB 104 8.65 66.08 -114.57
N MET TB 1 53.75 91.46 -13.68
CA MET TB 1 54.92 92.06 -14.33
C MET TB 1 55.88 92.63 -13.29
N GLN TB 2 56.78 93.50 -13.74
CA GLN TB 2 57.76 94.19 -12.90
C GLN TB 2 58.65 93.17 -12.17
N ASN TB 3 59.45 92.45 -12.96
CA ASN TB 3 60.37 91.47 -12.40
C ASN TB 3 61.52 92.17 -11.66
N ASP TB 4 62.47 91.36 -11.17
CA ASP TB 4 63.57 91.90 -10.38
C ASP TB 4 64.42 92.88 -11.20
N ALA TB 5 64.55 92.64 -12.51
CA ALA TB 5 65.26 93.59 -13.36
C ALA TB 5 64.54 94.93 -13.42
N GLY TB 6 63.23 94.94 -13.16
CA GLY TB 6 62.42 96.14 -13.19
C GLY TB 6 61.67 96.36 -14.48
N GLU TB 7 61.78 95.43 -15.43
CA GLU TB 7 61.15 95.60 -16.74
C GLU TB 7 59.70 95.17 -16.70
N PHE TB 8 58.83 95.94 -17.37
CA PHE TB 8 57.41 95.65 -17.45
C PHE TB 8 57.19 94.64 -18.57
N VAL TB 9 57.38 93.37 -18.27
CA VAL TB 9 57.26 92.31 -19.27
C VAL TB 9 55.81 91.83 -19.24
N ASP TB 10 54.99 92.48 -20.06
CA ASP TB 10 53.59 92.10 -20.24
C ASP TB 10 53.03 92.79 -21.49
N LEU TB 11 52.37 92.03 -22.35
CA LEU TB 11 51.85 92.60 -23.57
C LEU TB 11 50.74 93.58 -23.28
N TYR TB 12 49.91 93.26 -22.30
CA TYR TB 12 48.90 94.19 -21.87
C TYR TB 12 48.35 93.71 -20.55
N VAL TB 13 47.91 94.71 -19.80
CA VAL TB 13 47.22 94.62 -18.52
C VAL TB 13 45.73 94.81 -18.74
N PRO TB 14 44.86 93.88 -18.40
CA PRO TB 14 43.48 94.00 -18.61
C PRO TB 14 42.81 95.12 -17.77
N ARG TB 15 41.59 95.47 -18.14
CA ARG TB 15 40.90 96.54 -17.45
C ARG TB 15 40.39 95.98 -16.14
N LYS TB 16 40.28 96.85 -15.13
CA LYS TB 16 39.76 96.51 -13.82
C LYS TB 16 38.45 97.26 -13.62
N CYS TB 17 37.50 96.61 -12.95
CA CYS TB 17 36.18 97.17 -12.75
C CYS TB 17 36.24 98.40 -11.86
N SER TB 18 35.40 99.38 -12.17
CA SER TB 18 35.25 100.51 -11.25
C SER TB 18 34.41 100.15 -10.04
N ALA TB 19 33.70 99.03 -10.06
CA ALA TB 19 32.85 98.61 -8.95
C ALA TB 19 33.30 97.31 -8.30
N SER TB 20 33.42 96.23 -9.08
CA SER TB 20 33.78 94.94 -8.53
C SER TB 20 35.29 94.71 -8.47
N ASN TB 21 36.07 95.61 -9.08
CA ASN TB 21 37.54 95.51 -9.12
C ASN TB 21 37.98 94.16 -9.69
N ARG TB 22 37.23 93.65 -10.65
CA ARG TB 22 37.51 92.36 -11.26
C ARG TB 22 38.17 92.56 -12.61
N ILE TB 23 39.03 91.60 -12.98
CA ILE TB 23 39.76 91.66 -14.24
C ILE TB 23 38.80 91.58 -15.42
N ILE TB 24 39.01 92.46 -16.40
CA ILE TB 24 38.30 92.38 -17.67
C ILE TB 24 39.04 91.40 -18.57
N GLY TB 25 38.37 90.31 -18.93
CA GLY TB 25 39.01 89.29 -19.74
C GLY TB 25 39.23 89.73 -21.17
N ALA TB 26 40.08 88.96 -21.86
CA ALA TB 26 40.35 89.23 -23.26
C ALA TB 26 39.12 89.00 -24.12
N LYS TB 27 38.27 88.05 -23.75
CA LYS TB 27 37.07 87.71 -24.50
C LYS TB 27 35.79 88.12 -23.77
N ASP TB 28 35.89 89.13 -22.92
CA ASP TB 28 34.74 89.62 -22.15
C ASP TB 28 33.88 90.50 -23.06
N HIS TB 29 33.01 89.84 -23.84
CA HIS TB 29 32.17 90.55 -24.80
C HIS TB 29 30.97 91.20 -24.15
N ALA TB 30 30.78 91.06 -22.85
CA ALA TB 30 29.85 91.93 -22.15
C ALA TB 30 30.55 93.15 -21.57
N SER TB 31 31.87 93.11 -21.44
CA SER TB 31 32.61 94.21 -20.84
C SER TB 31 32.48 95.48 -21.68
N ILE TB 32 32.13 96.58 -21.01
CA ILE TB 32 31.84 97.84 -21.67
C ILE TB 32 32.81 98.89 -21.16
N GLN TB 33 32.85 100.02 -21.88
CA GLN TB 33 33.65 101.17 -21.48
C GLN TB 33 32.88 102.43 -21.85
N MET TB 34 32.65 103.28 -20.87
CA MET TB 34 31.79 104.45 -21.02
C MET TB 34 32.61 105.72 -21.05
N ASN TB 35 31.92 106.83 -21.31
CA ASN TB 35 32.47 108.17 -21.16
C ASN TB 35 31.34 109.09 -20.70
N VAL TB 36 31.56 109.76 -19.58
CA VAL TB 36 30.58 110.67 -18.99
C VAL TB 36 31.10 112.09 -19.19
N ALA TB 37 30.30 112.92 -19.86
CA ALA TB 37 30.75 114.26 -20.23
C ALA TB 37 30.60 115.24 -19.08
N GLU TB 38 31.53 116.18 -19.00
CA GLU TB 38 31.48 117.26 -18.03
C GLU TB 38 31.05 118.55 -18.71
N VAL TB 39 30.54 119.49 -17.92
CA VAL TB 39 30.11 120.78 -18.41
C VAL TB 39 30.67 121.87 -17.50
N ASP TB 40 30.79 123.07 -18.05
CA ASP TB 40 31.20 124.22 -17.27
C ASP TB 40 30.06 124.68 -16.36
N LYS TB 41 30.41 125.36 -15.28
CA LYS TB 41 29.44 125.69 -14.25
C LYS TB 41 28.57 126.88 -14.59
N VAL TB 42 28.93 127.68 -15.59
CA VAL TB 42 28.19 128.91 -15.87
C VAL TB 42 27.02 128.63 -16.80
N THR TB 43 27.30 128.13 -18.00
CA THR TB 43 26.27 127.90 -19.00
C THR TB 43 25.96 126.43 -19.24
N GLY TB 44 26.69 125.51 -18.62
CA GLY TB 44 26.42 124.09 -18.73
C GLY TB 44 26.62 123.52 -20.11
N ARG TB 45 27.73 123.88 -20.76
CA ARG TB 45 28.06 123.36 -22.08
C ARG TB 45 29.35 122.54 -22.01
N PHE TB 46 29.56 121.73 -23.05
CA PHE TB 46 30.71 120.85 -23.12
C PHE TB 46 32.00 121.66 -23.05
N ASN TB 47 32.93 121.22 -22.20
CA ASN TB 47 34.14 121.97 -21.89
C ASN TB 47 35.37 121.47 -22.66
N GLY TB 48 35.52 120.17 -22.85
CA GLY TB 48 36.69 119.64 -23.50
C GLY TB 48 37.18 118.33 -22.89
N GLN TB 49 36.51 117.89 -21.83
CA GLN TB 49 36.97 116.74 -21.05
C GLN TB 49 35.78 115.88 -20.64
N PHE TB 50 36.07 114.65 -20.27
CA PHE TB 50 35.05 113.69 -19.84
C PHE TB 50 35.62 112.81 -18.75
N LYS TB 51 34.73 112.12 -18.04
CA LYS TB 51 35.10 111.12 -17.05
C LYS TB 51 34.59 109.77 -17.54
N THR TB 52 35.46 108.76 -17.52
CA THR TB 52 35.16 107.47 -18.13
C THR TB 52 35.16 106.38 -17.08
N TYR TB 53 34.18 105.48 -17.16
CA TYR TB 53 34.08 104.34 -16.25
C TYR TB 53 34.09 103.05 -17.05
N ALA TB 54 34.04 101.93 -16.33
CA ALA TB 54 34.00 100.62 -16.98
C ALA TB 54 33.25 99.64 -16.09
N ILE TB 55 32.36 98.87 -16.71
CA ILE TB 55 31.54 97.87 -16.04
C ILE TB 55 31.86 96.52 -16.67
N CYS TB 56 32.17 95.52 -15.84
CA CYS TB 56 32.58 94.26 -16.42
C CYS TB 56 31.40 93.43 -16.89
N GLY TB 57 31.74 92.25 -17.42
CA GLY TB 57 30.72 91.34 -17.86
C GLY TB 57 29.81 90.88 -16.73
N ALA TB 58 30.39 90.48 -15.61
CA ALA TB 58 29.59 89.96 -14.51
C ALA TB 58 28.59 91.00 -14.00
N ILE TB 59 29.10 92.08 -13.41
CA ILE TB 59 28.27 93.06 -12.70
C ILE TB 59 27.11 93.55 -13.57
N ARG TB 60 27.31 93.60 -14.88
CA ARG TB 60 26.22 94.07 -15.72
C ARG TB 60 25.21 92.99 -16.08
N ARG TB 61 25.34 91.77 -15.54
CA ARG TB 61 24.36 90.73 -15.82
C ARG TB 61 23.32 90.51 -14.72
N MET TB 62 23.68 90.60 -13.44
CA MET TB 62 22.61 90.48 -12.45
C MET TB 62 21.84 91.78 -12.25
N GLY TB 63 22.27 92.88 -12.86
CA GLY TB 63 21.46 94.07 -12.91
C GLY TB 63 21.85 95.20 -11.99
N GLU TB 64 22.99 95.13 -11.32
CA GLU TB 64 23.46 96.24 -10.50
C GLU TB 64 24.42 97.15 -11.26
N SER TB 65 24.38 97.12 -12.59
CA SER TB 65 25.19 98.03 -13.39
C SER TB 65 24.83 99.48 -13.12
N ASP TB 66 23.53 99.76 -12.93
CA ASP TB 66 23.12 101.13 -12.65
C ASP TB 66 23.68 101.63 -11.33
N ASP TB 67 23.40 100.90 -10.24
CA ASP TB 67 23.83 101.35 -8.92
C ASP TB 67 25.34 101.50 -8.83
N SER TB 68 26.09 100.70 -9.59
CA SER TB 68 27.52 100.90 -9.67
C SER TB 68 27.86 102.19 -10.40
N ILE TB 69 27.14 102.48 -11.49
CA ILE TB 69 27.43 103.66 -12.30
C ILE TB 69 27.12 104.93 -11.52
N LEU TB 70 25.96 104.97 -10.86
CA LEU TB 70 25.59 106.14 -10.07
C LEU TB 70 26.57 106.35 -8.92
N ARG TB 71 26.97 105.27 -8.26
CA ARG TB 71 27.86 105.39 -7.11
C ARG TB 71 29.21 105.97 -7.50
N LEU TB 72 29.79 105.52 -8.60
CA LEU TB 72 31.08 106.07 -9.00
C LEU TB 72 30.91 107.49 -9.50
N ALA TB 73 29.75 107.81 -10.10
CA ALA TB 73 29.47 109.19 -10.48
C ALA TB 73 29.45 110.10 -9.27
N LYS TB 74 28.82 109.66 -8.18
CA LYS TB 74 28.85 110.42 -6.93
C LYS TB 74 30.28 110.52 -6.39
N ALA TB 75 31.06 109.45 -6.54
CA ALA TB 75 32.42 109.45 -6.01
C ALA TB 75 33.32 110.43 -6.77
N ASP TB 76 33.15 110.54 -8.08
CA ASP TB 76 34.06 111.31 -8.91
C ASP TB 76 33.58 112.72 -9.22
N GLY TB 77 32.41 113.13 -8.73
CA GLY TB 77 32.03 114.52 -8.85
C GLY TB 77 30.83 114.84 -9.73
N ILE TB 78 29.84 113.95 -9.78
CA ILE TB 78 28.61 114.27 -10.51
C ILE TB 78 27.89 115.41 -9.80
N VAL TB 79 27.11 116.18 -10.56
CA VAL TB 79 26.46 117.38 -10.05
C VAL TB 79 25.34 117.07 -9.06
N SER TB 80 24.96 115.80 -8.92
CA SER TB 80 23.81 115.44 -8.10
C SER TB 80 24.03 115.74 -6.63
N LYS TB 81 24.86 114.92 -6.00
CA LYS TB 81 25.36 115.08 -4.64
C LYS TB 81 24.27 115.03 -3.57
N ASN TB 82 23.00 114.95 -3.98
CA ASN TB 82 21.91 115.02 -3.01
C ASN TB 82 20.71 114.15 -3.35
N PHE TB 83 20.75 113.35 -4.42
CA PHE TB 83 19.57 112.65 -4.91
C PHE TB 83 19.05 111.61 -3.92
N VAL UB 1 26.43 72.24 16.50
CA VAL UB 1 25.64 73.39 16.08
C VAL UB 1 26.52 74.40 15.36
N ARG UB 2 27.35 75.10 16.13
CA ARG UB 2 28.29 76.09 15.60
C ARG UB 2 29.66 75.80 16.20
N MET UB 3 30.42 74.93 15.52
CA MET UB 3 31.68 74.41 16.03
C MET UB 3 32.90 75.24 15.62
N ASN UB 4 32.85 75.88 14.46
CA ASN UB 4 33.97 76.68 13.96
C ASN UB 4 33.40 78.03 13.57
N VAL UB 5 33.38 78.96 14.54
CA VAL UB 5 32.90 80.32 14.29
C VAL UB 5 33.77 81.00 13.24
N LEU UB 6 35.08 80.75 13.29
CA LEU UB 6 35.99 81.32 12.29
C LEU UB 6 35.69 80.80 10.89
N ALA UB 7 35.23 79.55 10.78
CA ALA UB 7 34.88 79.01 9.47
C ALA UB 7 33.61 79.67 8.93
N ASP UB 8 32.61 79.85 9.79
CA ASP UB 8 31.36 80.48 9.35
C ASP UB 8 31.59 81.91 8.91
N ALA UB 9 32.44 82.64 9.62
CA ALA UB 9 32.72 84.03 9.27
C ALA UB 9 33.51 84.14 7.98
N LEU UB 10 34.58 83.35 7.86
CA LEU UB 10 35.53 83.57 6.77
C LEU UB 10 34.97 83.10 5.43
N LYS UB 11 34.09 82.08 5.46
CA LYS UB 11 33.44 81.68 4.21
C LYS UB 11 32.28 82.61 3.86
N SER UB 12 31.70 83.28 4.85
CA SER UB 12 30.64 84.24 4.57
C SER UB 12 31.19 85.46 3.83
N ILE UB 13 32.41 85.89 4.18
CA ILE UB 13 33.02 86.97 3.41
C ILE UB 13 33.44 86.48 2.04
N ASN UB 14 33.69 85.18 1.89
CA ASN UB 14 34.00 84.63 0.57
C ASN UB 14 32.82 84.74 -0.37
N ASN UB 15 31.62 84.45 0.14
CA ASN UB 15 30.42 84.60 -0.67
C ASN UB 15 30.13 86.07 -0.96
N ALA UB 16 30.58 86.97 -0.09
CA ALA UB 16 30.39 88.39 -0.32
C ALA UB 16 31.29 88.90 -1.44
N GLU UB 17 32.57 88.51 -1.42
CA GLU UB 17 33.48 88.98 -2.46
C GLU UB 17 33.22 88.29 -3.79
N LYS UB 18 32.79 87.03 -3.76
CA LYS UB 18 32.41 86.34 -4.99
C LYS UB 18 31.22 87.01 -5.64
N ARG UB 19 30.23 87.41 -4.84
CA ARG UB 19 29.07 88.12 -5.36
C ARG UB 19 29.31 89.62 -5.49
N GLY UB 20 30.44 90.12 -5.00
CA GLY UB 20 30.79 91.52 -5.18
C GLY UB 20 30.12 92.50 -4.24
N LYS UB 21 29.66 92.04 -3.08
CA LYS UB 21 29.05 92.95 -2.11
C LYS UB 21 30.11 93.89 -1.53
N ARG UB 22 29.66 95.10 -1.18
CA ARG UB 22 30.60 96.08 -0.64
C ARG UB 22 30.83 95.91 0.86
N GLN UB 23 29.78 95.53 1.60
CA GLN UB 23 29.86 95.37 3.05
C GLN UB 23 29.25 94.04 3.45
N VAL UB 24 30.00 93.27 4.24
CA VAL UB 24 29.58 91.95 4.69
C VAL UB 24 29.44 91.98 6.21
N LEU UB 25 28.44 91.27 6.72
CA LEU UB 25 28.22 91.14 8.16
C LEU UB 25 28.47 89.70 8.57
N ILE UB 26 29.42 89.51 9.49
CA ILE UB 26 29.61 88.22 10.15
C ILE UB 26 28.97 88.31 11.53
N ARG UB 27 28.26 87.28 11.92
CA ARG UB 27 27.45 87.38 13.13
C ARG UB 27 28.27 87.20 14.41
N PRO UB 28 29.07 86.12 14.58
CA PRO UB 28 29.84 86.00 15.84
C PRO UB 28 31.22 86.61 15.74
N CYS UB 29 31.63 87.35 16.78
CA CYS UB 29 32.95 87.96 16.83
C CYS UB 29 33.76 87.38 17.98
N SER UB 30 35.05 87.17 17.74
CA SER UB 30 35.94 86.59 18.72
C SER UB 30 37.32 87.23 18.56
N LYS UB 31 38.18 87.00 19.56
CA LYS UB 31 39.52 87.57 19.52
C LYS UB 31 40.32 87.03 18.35
N VAL UB 32 40.18 85.73 18.06
CA VAL UB 32 40.88 85.18 16.91
C VAL UB 32 40.36 85.80 15.62
N ILE UB 33 39.06 86.11 15.58
CA ILE UB 33 38.48 86.72 14.38
C ILE UB 33 39.03 88.13 14.18
N VAL UB 34 39.13 88.91 15.26
CA VAL UB 34 39.60 90.29 15.10
C VAL UB 34 41.09 90.32 14.77
N ARG UB 35 41.86 89.34 15.25
CA ARG UB 35 43.26 89.27 14.84
C ARG UB 35 43.41 88.57 13.51
N PHE UB 36 42.47 87.69 13.16
CA PHE UB 36 42.32 87.30 11.76
C PHE UB 36 42.25 88.58 10.96
N LEU UB 37 41.20 89.38 11.21
CA LEU UB 37 40.89 90.51 10.33
C LEU UB 37 42.07 91.47 10.23
N THR UB 38 42.88 91.57 11.28
CA THR UB 38 44.02 92.47 11.26
C THR UB 38 45.06 92.07 10.23
N VAL UB 39 45.35 90.76 10.11
CA VAL UB 39 46.47 90.36 9.26
C VAL UB 39 46.13 90.49 7.77
N MET UB 40 44.87 90.26 7.37
CA MET UB 40 44.57 90.53 5.95
C MET UB 40 44.44 92.02 5.68
N MET UB 41 44.10 92.82 6.70
CA MET UB 41 44.17 94.26 6.53
C MET UB 41 45.61 94.71 6.26
N LYS UB 42 46.56 94.19 7.03
CA LYS UB 42 47.96 94.54 6.81
C LYS UB 42 48.47 93.98 5.48
N HIS UB 43 47.89 92.88 5.01
CA HIS UB 43 48.20 92.38 3.68
C HIS UB 43 47.43 93.12 2.59
N GLY UB 44 46.44 93.92 2.96
CA GLY UB 44 45.71 94.75 2.02
C GLY UB 44 44.59 94.07 1.28
N TYR UB 45 44.33 92.79 1.54
CA TYR UB 45 43.34 92.03 0.79
C TYR UB 45 41.91 92.35 1.21
N ILE UB 46 41.70 93.27 2.17
CA ILE UB 46 40.37 93.63 2.63
C ILE UB 46 40.40 95.07 3.12
N GLY UB 47 39.23 95.71 3.12
CA GLY UB 47 39.09 97.06 3.62
C GLY UB 47 38.74 97.11 5.09
N GLU UB 48 38.49 98.32 5.57
CA GLU UB 48 38.28 98.56 7.00
C GLU UB 48 37.07 97.79 7.52
N PHE UB 49 37.20 97.23 8.71
CA PHE UB 49 36.11 96.54 9.37
C PHE UB 49 35.80 97.22 10.69
N GLU UB 50 34.59 96.98 11.19
CA GLU UB 50 34.14 97.59 12.43
C GLU UB 50 33.20 96.63 13.15
N ILE UB 51 33.30 96.62 14.47
CA ILE UB 51 32.69 95.59 15.31
C ILE UB 51 31.45 96.16 15.99
N ILE UB 52 30.31 95.50 15.76
CA ILE UB 52 29.04 95.93 16.36
C ILE UB 52 28.93 95.18 17.68
N ASP UB 53 29.58 95.72 18.71
CA ASP UB 53 29.72 95.01 19.98
C ASP UB 53 28.49 95.24 20.84
N ASP UB 54 27.48 94.41 20.61
CA ASP UB 54 26.38 94.34 21.56
C ASP UB 54 26.84 93.60 22.81
N HIS UB 55 25.95 93.49 23.79
CA HIS UB 55 26.34 92.95 25.10
C HIS UB 55 26.72 91.48 25.04
N ARG UB 56 26.23 90.75 24.05
CA ARG UB 56 26.64 89.37 23.83
C ARG UB 56 27.90 89.37 22.98
N ALA UB 57 28.27 88.21 22.44
CA ALA UB 57 29.33 88.17 21.44
C ALA UB 57 28.87 88.99 20.23
N GLY UB 58 29.52 90.12 19.99
CA GLY UB 58 29.06 91.05 18.98
C GLY UB 58 29.27 90.54 17.58
N LYS UB 59 28.93 91.39 16.62
CA LYS UB 59 29.08 91.11 15.20
C LYS UB 59 30.20 91.97 14.63
N ILE UB 60 30.61 91.63 13.41
CA ILE UB 60 31.63 92.40 12.70
C ILE UB 60 31.15 92.64 11.27
N VAL UB 61 31.20 93.90 10.85
CA VAL UB 61 30.87 94.29 9.47
C VAL UB 61 32.14 94.83 8.82
N VAL UB 62 32.43 94.34 7.62
CA VAL UB 62 33.69 94.63 6.94
C VAL UB 62 33.39 95.24 5.58
N ASN UB 63 34.16 96.27 5.22
CA ASN UB 63 34.12 96.84 3.89
C ASN UB 63 35.00 96.00 2.98
N LEU UB 64 34.40 95.28 2.03
CA LEU UB 64 35.21 94.48 1.12
C LEU UB 64 35.92 95.36 0.12
N THR UB 65 36.96 94.79 -0.51
CA THR UB 65 37.74 95.49 -1.50
C THR UB 65 37.75 94.82 -2.87
N GLY UB 66 37.24 93.60 -2.98
CA GLY UB 66 36.97 92.98 -4.27
C GLY UB 66 38.12 92.25 -4.92
N ARG UB 67 39.36 92.50 -4.48
CA ARG UB 67 40.52 91.86 -5.09
C ARG UB 67 40.86 90.52 -4.44
N LEU UB 68 40.02 90.04 -3.53
CA LEU UB 68 40.23 88.78 -2.83
C LEU UB 68 39.60 87.64 -3.64
N ASN UB 69 40.30 86.51 -3.69
CA ASN UB 69 39.89 85.39 -4.54
C ASN UB 69 39.02 84.39 -3.78
N LYS UB 70 39.56 83.74 -2.76
CA LYS UB 70 38.85 82.68 -2.07
C LYS UB 70 39.27 82.68 -0.60
N CYS UB 71 38.30 82.45 0.28
CA CYS UB 71 38.47 82.62 1.72
C CYS UB 71 38.07 81.35 2.46
N GLY UB 72 38.60 80.20 2.03
CA GLY UB 72 38.35 78.96 2.71
C GLY UB 72 39.09 78.85 4.04
N VAL UB 73 38.75 77.79 4.79
CA VAL UB 73 39.30 77.55 6.11
C VAL UB 73 39.81 76.12 6.19
N ILE UB 74 40.99 75.94 6.77
CA ILE UB 74 41.45 74.60 7.19
C ILE UB 74 41.00 74.45 8.63
N SER UB 75 39.75 74.02 8.80
CA SER UB 75 39.13 73.98 10.12
C SER UB 75 39.84 73.05 11.11
N PRO UB 76 40.14 71.77 10.78
CA PRO UB 76 40.90 70.97 11.75
C PRO UB 76 42.31 71.48 11.88
N ARG UB 77 42.64 72.04 13.05
CA ARG UB 77 43.89 72.77 13.21
C ARG UB 77 45.08 71.83 13.24
N PHE UB 78 45.57 71.47 12.06
CA PHE UB 78 46.79 70.67 11.98
C PHE UB 78 47.98 71.50 12.42
N ASP UB 79 48.79 70.95 13.32
CA ASP UB 79 49.98 71.65 13.77
C ASP UB 79 50.97 71.80 12.63
N VAL UB 80 51.55 73.00 12.51
CA VAL UB 80 52.51 73.29 11.45
C VAL UB 80 53.85 73.61 12.09
N GLN UB 81 54.87 72.83 11.73
CA GLN UB 81 56.23 73.05 12.18
C GLN UB 81 56.95 73.92 11.15
N LEU UB 82 58.27 74.03 11.27
CA LEU UB 82 59.08 74.69 10.25
C LEU UB 82 59.52 73.74 9.15
N LYS UB 83 59.15 72.46 9.24
CA LYS UB 83 59.52 71.47 8.24
C LYS UB 83 58.34 70.98 7.41
N ASP UB 84 57.10 71.28 7.82
CA ASP UB 84 55.92 70.94 7.04
C ASP UB 84 55.19 72.15 6.50
N LEU UB 85 55.66 73.37 6.79
CA LEU UB 85 55.04 74.56 6.21
C LEU UB 85 55.37 74.70 4.73
N GLU UB 86 56.46 74.08 4.28
CA GLU UB 86 56.80 74.11 2.86
C GLU UB 86 55.78 73.33 2.04
N LYS UB 87 55.40 72.13 2.49
CA LYS UB 87 54.40 71.35 1.77
C LYS UB 87 53.04 72.05 1.81
N TRP UB 88 52.73 72.72 2.92
CA TRP UB 88 51.44 73.39 3.05
C TRP UB 88 51.32 74.52 2.04
N GLN UB 89 52.39 75.27 1.83
CA GLN UB 89 52.38 76.36 0.86
C GLN UB 89 52.20 75.83 -0.56
N ASN UB 90 52.89 74.75 -0.90
CA ASN UB 90 52.75 74.18 -2.24
C ASN UB 90 51.36 73.60 -2.47
N ASN UB 91 50.78 72.97 -1.45
CA ASN UB 91 49.47 72.37 -1.59
C ASN UB 91 48.36 73.41 -1.68
N LEU UB 92 48.51 74.55 -1.02
CA LEU UB 92 47.42 75.51 -0.90
C LEU UB 92 47.66 76.81 -1.66
N LEU UB 93 48.79 77.48 -1.42
CA LEU UB 93 49.00 78.81 -1.97
C LEU UB 93 49.00 78.78 -3.50
N PRO UB 94 48.27 79.66 -4.16
CA PRO UB 94 48.19 79.60 -5.64
C PRO UB 94 49.53 79.77 -6.31
N SER UB 95 50.41 80.60 -5.76
CA SER UB 95 51.74 80.79 -6.29
C SER UB 95 52.64 81.27 -5.17
N ARG UB 96 53.94 81.20 -5.40
CA ARG UB 96 54.89 81.76 -4.45
C ARG UB 96 54.94 83.27 -4.50
N GLN UB 97 54.13 83.90 -5.35
CA GLN UB 97 54.14 85.35 -5.53
C GLN UB 97 53.10 86.05 -4.66
N PHE UB 98 51.98 85.39 -4.38
CA PHE UB 98 50.94 85.98 -3.53
C PHE UB 98 50.24 84.84 -2.78
N GLY UB 99 49.18 85.20 -2.06
CA GLY UB 99 48.50 84.24 -1.21
C GLY UB 99 49.19 84.11 0.13
N PHE UB 100 48.43 84.20 1.21
CA PHE UB 100 49.01 84.19 2.55
C PHE UB 100 48.33 83.14 3.40
N ILE UB 101 49.13 82.42 4.18
CA ILE UB 101 48.66 81.35 5.06
C ILE UB 101 48.63 81.89 6.48
N VAL UB 102 47.47 81.82 7.13
CA VAL UB 102 47.29 82.33 8.48
C VAL UB 102 47.44 81.18 9.45
N LEU UB 103 48.40 81.30 10.37
CA LEU UB 103 48.67 80.27 11.36
C LEU UB 103 48.95 80.92 12.71
N THR UB 104 48.71 80.15 13.77
CA THR UB 104 49.06 80.56 15.13
C THR UB 104 50.41 79.98 15.54
N THR UB 105 51.22 80.81 16.17
CA THR UB 105 52.30 80.33 17.01
C THR UB 105 51.98 80.75 18.43
N SER UB 106 52.94 80.53 19.33
CA SER UB 106 52.81 81.03 20.69
C SER UB 106 52.87 82.56 20.76
N ALA UB 107 53.28 83.23 19.69
CA ALA UB 107 53.42 84.69 19.67
C ALA UB 107 52.25 85.39 19.00
N GLY UB 108 51.14 84.68 18.76
CA GLY UB 108 50.00 85.25 18.08
C GLY UB 108 49.76 84.58 16.74
N ILE UB 109 49.19 85.34 15.81
CA ILE UB 109 48.99 84.85 14.44
C ILE UB 109 49.70 85.79 13.47
N MET UB 110 49.99 85.27 12.29
CA MET UB 110 50.80 85.96 11.29
C MET UB 110 50.70 85.18 9.98
N ASP UB 111 51.35 85.70 8.95
CA ASP UB 111 51.49 84.98 7.69
C ASP UB 111 52.74 84.11 7.70
N HIS UB 112 52.82 83.19 6.74
CA HIS UB 112 53.90 82.21 6.72
C HIS UB 112 55.26 82.86 6.54
N GLU UB 113 55.32 84.01 5.85
CA GLU UB 113 56.61 84.61 5.53
C GLU UB 113 57.31 85.09 6.79
N GLU UB 114 56.62 85.86 7.64
CA GLU UB 114 57.21 86.29 8.90
C GLU UB 114 57.15 85.20 9.96
N ALA UB 115 56.30 84.18 9.79
CA ALA UB 115 56.36 83.02 10.66
C ALA UB 115 57.69 82.30 10.49
N ARG UB 116 58.13 82.13 9.24
CA ARG UB 116 59.44 81.54 8.98
C ARG UB 116 60.55 82.50 9.37
N ARG UB 117 60.32 83.81 9.25
CA ARG UB 117 61.33 84.78 9.68
C ARG UB 117 61.55 84.72 11.19
N LYS UB 118 60.47 84.58 11.96
CA LYS UB 118 60.59 84.41 13.40
C LYS UB 118 60.95 82.98 13.79
N HIS UB 119 60.97 82.05 12.83
CA HIS UB 119 61.40 80.66 13.05
C HIS UB 119 60.58 79.97 14.14
N THR UB 120 59.29 80.27 14.19
CA THR UB 120 58.41 79.69 15.19
C THR UB 120 57.23 79.00 14.51
N GLY UB 121 56.81 77.86 15.06
CA GLY UB 121 55.75 77.07 14.50
C GLY UB 121 54.60 76.87 15.49
N GLY UB 122 53.50 76.34 14.98
CA GLY UB 122 52.30 76.17 15.77
C GLY UB 122 51.17 75.54 15.00
N LYS UB 123 49.97 76.11 15.09
CA LYS UB 123 48.78 75.59 14.44
C LYS UB 123 48.34 76.50 13.31
N ILE UB 124 47.88 75.89 12.22
CA ILE UB 124 47.38 76.65 11.06
C ILE UB 124 45.88 76.90 11.26
N LEU UB 125 45.42 78.05 10.76
CA LEU UB 125 44.02 78.46 10.97
C LEU UB 125 43.25 78.58 9.67
N GLY UB 126 43.69 79.42 8.74
CA GLY UB 126 42.90 79.74 7.57
C GLY UB 126 43.78 80.36 6.52
N PHE UB 127 43.16 80.74 5.41
CA PHE UB 127 43.92 81.19 4.25
C PHE UB 127 43.06 82.07 3.37
N PHE UB 128 43.72 82.74 2.43
CA PHE UB 128 43.10 83.63 1.46
C PHE UB 128 44.14 83.90 0.39
N PHE UB 129 43.68 84.39 -0.76
CA PHE UB 129 44.58 84.81 -1.82
C PHE UB 129 43.86 85.72 -2.81
N GLY VB 1 29.67 63.50 4.97
CA GLY VB 1 30.78 63.00 4.18
C GLY VB 1 31.71 62.10 4.97
N LYS VB 2 32.86 62.66 5.37
CA LYS VB 2 33.84 61.93 6.15
C LYS VB 2 34.22 62.72 7.39
N CYS VB 3 34.60 62.00 8.45
CA CYS VB 3 35.05 62.66 9.67
C CYS VB 3 36.38 63.37 9.44
N ARG VB 4 36.50 64.56 10.02
CA ARG VB 4 37.66 65.42 9.79
C ARG VB 4 38.09 66.06 11.10
N GLY VB 5 37.99 65.31 12.21
CA GLY VB 5 38.44 65.82 13.50
C GLY VB 5 39.92 65.58 13.74
N LEU VB 6 40.41 66.11 14.86
CA LEU VB 6 41.81 65.90 15.20
C LEU VB 6 42.04 64.49 15.73
N ARG VB 7 41.16 63.99 16.59
CA ARG VB 7 41.27 62.63 17.09
C ARG VB 7 40.20 61.81 16.37
N THR VB 8 40.54 61.38 15.16
CA THR VB 8 39.72 60.35 14.51
C THR VB 8 40.56 59.41 13.64
N ALA VB 9 41.89 59.47 13.71
CA ALA VB 9 42.74 58.78 12.74
C ALA VB 9 42.51 57.28 12.75
N ARG VB 10 42.25 56.70 13.93
CA ARG VB 10 41.93 55.28 14.01
C ARG VB 10 40.63 54.98 13.27
N LYS VB 11 39.64 55.86 13.38
CA LYS VB 11 38.33 55.61 12.80
C LYS VB 11 38.40 55.52 11.28
N LEU VB 12 39.01 56.51 10.63
CA LEU VB 12 39.15 56.42 9.18
C LEU VB 12 40.18 55.37 8.80
N ARG VB 13 41.05 55.00 9.73
CA ARG VB 13 41.86 53.80 9.53
C ARG VB 13 40.97 52.57 9.54
N SER VB 14 40.06 52.48 10.52
CA SER VB 14 39.17 51.32 10.57
C SER VB 14 38.27 51.25 9.35
N HIS VB 15 37.89 52.40 8.78
CA HIS VB 15 36.97 52.38 7.65
C HIS VB 15 37.63 51.89 6.37
N ARG VB 16 38.85 52.37 6.08
CA ARG VB 16 39.51 51.94 4.85
C ARG VB 16 39.88 50.47 4.90
N ARG VB 17 40.33 49.99 6.07
CA ARG VB 17 40.67 48.57 6.19
C ARG VB 17 39.45 47.67 6.05
N ASP VB 18 38.25 48.19 6.27
CA ASP VB 18 37.05 47.42 5.98
C ASP VB 18 36.68 47.53 4.50
N GLN VB 19 36.64 48.76 3.97
CA GLN VB 19 36.17 48.98 2.62
C GLN VB 19 37.17 48.54 1.56
N LYS VB 20 38.41 48.28 1.95
CA LYS VB 20 39.42 47.91 0.96
C LYS VB 20 39.18 46.54 0.35
N TRP VB 21 38.42 45.69 1.04
CA TRP VB 21 38.23 44.31 0.58
C TRP VB 21 37.41 44.24 -0.70
N HIS VB 22 36.49 45.20 -0.91
CA HIS VB 22 35.53 45.09 -1.99
C HIS VB 22 36.17 45.21 -3.37
N ASP VB 23 37.41 45.69 -3.44
CA ASP VB 23 38.13 45.66 -4.71
C ASP VB 23 38.39 44.21 -5.12
N LYS VB 24 38.35 43.97 -6.43
CA LYS VB 24 38.74 42.66 -6.95
C LYS VB 24 40.21 42.39 -6.67
N GLN VB 25 41.07 43.37 -6.98
CA GLN VB 25 42.51 43.19 -6.84
C GLN VB 25 42.90 42.96 -5.38
N TYR VB 26 42.33 43.75 -4.47
CA TYR VB 26 42.62 43.61 -3.05
C TYR VB 26 42.11 42.28 -2.51
N LYS VB 27 40.91 41.88 -2.95
CA LYS VB 27 40.34 40.63 -2.46
C LYS VB 27 41.12 39.42 -2.97
N LYS VB 28 41.36 39.37 -4.28
CA LYS VB 28 41.92 38.16 -4.90
C LYS VB 28 43.31 37.83 -4.38
N ALA VB 29 44.08 38.84 -4.00
CA ALA VB 29 45.45 38.61 -3.56
C ALA VB 29 45.57 38.43 -2.05
N HIS VB 30 44.48 38.59 -1.31
CA HIS VB 30 44.56 38.55 0.15
C HIS VB 30 43.55 37.59 0.78
N LEU VB 31 42.73 36.90 -0.02
CA LEU VB 31 41.71 36.03 0.55
C LEU VB 31 42.17 34.58 0.69
N GLY VB 32 43.00 34.09 -0.23
CA GLY VB 32 43.60 32.78 -0.09
C GLY VB 32 42.98 31.66 -0.91
N THR VB 33 41.65 31.59 -0.96
CA THR VB 33 40.99 30.49 -1.68
C THR VB 33 41.12 30.63 -3.18
N ALA VB 34 41.27 31.86 -3.68
CA ALA VB 34 41.62 32.07 -5.08
C ALA VB 34 43.02 31.52 -5.36
N LEU VB 35 43.95 31.74 -4.45
CA LEU VB 35 45.25 31.09 -4.52
C LEU VB 35 45.10 29.58 -4.41
N LYS VB 36 44.23 29.12 -3.51
CA LYS VB 36 44.05 27.68 -3.32
C LYS VB 36 43.50 27.01 -4.58
N ALA VB 37 42.49 27.63 -5.20
CA ALA VB 37 41.96 27.11 -6.45
C ALA VB 37 42.84 27.43 -7.65
N ASN VB 38 43.84 28.29 -7.49
CA ASN VB 38 44.74 28.60 -8.58
C ASN VB 38 45.57 27.37 -8.93
N PRO VB 39 45.57 26.91 -10.18
CA PRO VB 39 46.32 25.71 -10.52
C PRO VB 39 47.82 25.82 -10.27
N PHE VB 40 48.39 27.01 -10.43
CA PHE VB 40 49.82 27.17 -10.24
C PHE VB 40 50.21 27.31 -8.78
N GLY VB 41 49.26 27.58 -7.90
CA GLY VB 41 49.57 27.79 -6.49
C GLY VB 41 50.47 28.98 -6.23
N GLY VB 42 50.32 30.05 -7.02
CA GLY VB 42 51.15 31.23 -6.87
C GLY VB 42 52.37 31.29 -7.76
N ALA VB 43 52.50 30.39 -8.72
CA ALA VB 43 53.66 30.35 -9.61
C ALA VB 43 53.32 30.98 -10.96
N SER VB 44 54.37 31.19 -11.76
CA SER VB 44 54.24 31.68 -13.12
C SER VB 44 54.54 30.63 -14.18
N HIS VB 45 55.49 29.74 -13.92
CA HIS VB 45 55.78 28.61 -14.78
C HIS VB 45 55.85 27.36 -13.92
N ALA VB 46 55.41 26.23 -14.49
CA ALA VB 46 55.40 24.97 -13.75
C ALA VB 46 55.33 23.82 -14.74
N LYS VB 47 55.74 22.64 -14.28
CA LYS VB 47 55.87 21.47 -15.14
C LYS VB 47 54.62 20.60 -15.02
N GLY VB 48 53.99 20.30 -16.15
CA GLY VB 48 52.84 19.43 -16.18
C GLY VB 48 52.93 18.46 -17.35
N ILE VB 49 52.23 17.34 -17.22
CA ILE VB 49 52.31 16.26 -18.19
C ILE VB 49 50.97 16.13 -18.92
N VAL VB 50 51.04 15.98 -20.24
CA VAL VB 50 49.82 15.97 -21.06
C VAL VB 50 49.28 14.55 -21.15
N LEU VB 51 48.01 14.45 -21.56
CA LEU VB 51 47.38 13.15 -21.72
C LEU VB 51 46.77 12.98 -23.11
N GLU VB 52 46.28 14.08 -23.69
CA GLU VB 52 45.56 14.00 -24.95
C GLU VB 52 45.55 15.37 -25.61
N LYS VB 53 45.56 15.35 -26.95
CA LYS VB 53 45.47 16.58 -27.74
C LYS VB 53 44.00 16.93 -27.95
N VAL VB 54 43.62 18.15 -27.59
CA VAL VB 54 42.22 18.58 -27.65
C VAL VB 54 42.10 19.87 -28.45
N GLY VB 55 40.90 20.13 -28.91
CA GLY VB 55 40.60 21.37 -29.62
C GLY VB 55 39.31 21.97 -29.11
N VAL VB 56 39.29 23.30 -29.04
CA VAL VB 56 38.20 24.04 -28.42
C VAL VB 56 37.53 24.92 -29.45
N GLU VB 57 36.20 24.85 -29.53
CA GLU VB 57 35.43 25.71 -30.41
C GLU VB 57 35.46 27.16 -29.90
N ALA VB 58 35.49 28.11 -30.84
CA ALA VB 58 35.60 29.52 -30.48
C ALA VB 58 34.23 30.10 -30.16
N LYS VB 59 34.16 31.43 -30.05
CA LYS VB 59 32.93 32.12 -29.69
C LYS VB 59 31.97 32.16 -30.88
N GLN VB 60 30.84 32.84 -30.69
CA GLN VB 60 29.81 32.93 -31.72
C GLN VB 60 30.27 33.63 -33.00
N PRO VB 61 30.83 34.86 -32.96
CA PRO VB 61 31.17 35.51 -34.24
C PRO VB 61 32.23 34.79 -35.04
N ASN VB 62 33.18 34.14 -34.37
CA ASN VB 62 34.23 33.41 -35.04
C ASN VB 62 33.80 31.96 -35.28
N SER VB 63 34.62 31.22 -36.01
CA SER VB 63 34.47 29.76 -36.13
C SER VB 63 35.88 29.20 -36.29
N ALA VB 64 36.49 28.84 -35.15
CA ALA VB 64 37.88 28.40 -35.14
C ALA VB 64 38.09 27.44 -33.99
N ILE VB 65 38.71 26.30 -34.27
CA ILE VB 65 38.99 25.30 -33.26
C ILE VB 65 40.43 25.48 -32.82
N ARG VB 66 40.63 25.87 -31.56
CA ARG VB 66 41.95 26.13 -31.03
C ARG VB 66 42.50 24.87 -30.37
N LYS VB 67 43.62 24.39 -30.90
CA LYS VB 67 44.23 23.17 -30.39
C LYS VB 67 44.84 23.45 -29.01
N CYS VB 68 44.61 22.52 -28.07
CA CYS VB 68 45.05 22.65 -26.69
C CYS VB 68 45.36 21.27 -26.14
N VAL VB 69 45.89 21.23 -24.92
CA VAL VB 69 46.31 19.98 -24.28
C VAL VB 69 45.71 19.90 -22.88
N ARG VB 70 45.10 18.76 -22.57
CA ARG VB 70 44.65 18.49 -21.20
C ARG VB 70 45.83 18.00 -20.38
N VAL VB 71 46.23 18.79 -19.39
CA VAL VB 71 47.50 18.59 -18.69
C VAL VB 71 47.23 18.43 -17.20
N GLN VB 72 47.99 17.54 -16.57
CA GLN VB 72 48.05 17.42 -15.11
C GLN VB 72 49.45 17.81 -14.65
N LEU VB 73 49.53 18.45 -13.50
CA LEU VB 73 50.80 18.96 -13.01
C LEU VB 73 51.42 17.92 -12.08
N ILE VB 74 52.69 18.14 -11.73
CA ILE VB 74 53.38 17.19 -10.85
C ILE VB 74 52.84 17.29 -9.44
N LYS VB 75 52.83 18.50 -8.87
CA LYS VB 75 52.21 18.73 -7.57
C LYS VB 75 50.72 19.00 -7.76
N ASN VB 76 49.92 18.53 -6.81
CA ASN VB 76 48.46 18.71 -6.78
C ASN VB 76 47.87 18.61 -8.19
N GLY VB 77 48.15 17.49 -8.83
CA GLY VB 77 47.98 17.37 -10.26
C GLY VB 77 46.54 17.24 -10.73
N LYS VB 78 45.79 18.32 -10.66
CA LYS VB 78 44.46 18.36 -11.26
C LYS VB 78 44.57 18.71 -12.74
N LYS VB 79 43.44 18.77 -13.42
CA LYS VB 79 43.40 18.96 -14.86
C LYS VB 79 43.05 20.40 -15.21
N ILE VB 80 43.77 20.95 -16.18
CA ILE VB 80 43.53 22.28 -16.72
C ILE VB 80 43.69 22.23 -18.24
N THR VB 81 43.40 23.33 -18.91
CA THR VB 81 43.52 23.44 -20.36
C THR VB 81 44.51 24.55 -20.70
N ALA VB 82 45.50 24.22 -21.51
CA ALA VB 82 46.57 25.15 -21.86
C ALA VB 82 46.70 25.24 -23.37
N PHE VB 83 46.61 26.46 -23.89
CA PHE VB 83 46.66 26.69 -25.34
C PHE VB 83 48.08 26.56 -25.88
N VAL VB 84 48.19 26.18 -27.13
CA VAL VB 84 49.48 26.20 -27.86
C VAL VB 84 49.45 27.36 -28.85
N PRO VB 85 50.21 28.43 -28.60
CA PRO VB 85 50.14 29.62 -29.49
C PRO VB 85 51.12 29.61 -30.65
N ASN VB 86 50.83 28.79 -31.66
CA ASN VB 86 51.61 28.76 -32.89
C ASN VB 86 50.80 28.08 -33.99
N ASP VB 87 51.46 27.76 -35.11
CA ASP VB 87 50.79 27.23 -36.28
C ASP VB 87 50.64 25.72 -36.20
N GLY VB 88 51.76 25.00 -36.11
CA GLY VB 88 51.72 23.55 -36.13
C GLY VB 88 52.49 22.91 -34.99
N CYS VB 89 52.42 23.52 -33.80
CA CYS VB 89 53.12 22.99 -32.65
C CYS VB 89 52.41 21.80 -31.99
N LEU VB 90 51.20 21.46 -32.46
CA LEU VB 90 50.50 20.30 -31.91
C LEU VB 90 51.16 18.99 -32.33
N ASN VB 91 51.77 18.95 -33.51
CA ASN VB 91 52.48 17.75 -33.94
C ASN VB 91 53.76 17.56 -33.14
N PHE VB 92 54.37 18.64 -32.67
CA PHE VB 92 55.58 18.53 -31.86
C PHE VB 92 55.27 18.04 -30.45
N ILE VB 93 54.13 18.45 -29.90
CA ILE VB 93 53.71 18.03 -28.57
C ILE VB 93 52.84 16.79 -28.71
N GLU VB 94 53.39 15.63 -28.35
CA GLU VB 94 52.69 14.36 -28.48
C GLU VB 94 52.17 13.90 -27.12
N GLU VB 95 51.60 12.70 -27.10
CA GLU VB 95 51.02 12.14 -25.89
C GLU VB 95 52.09 11.95 -24.83
N ASN VB 96 51.75 12.29 -23.59
CA ASN VB 96 52.59 12.07 -22.42
C ASN VB 96 53.95 12.77 -22.57
N ASP VB 97 53.91 14.09 -22.69
CA ASP VB 97 55.10 14.91 -22.75
C ASP VB 97 55.06 15.96 -21.65
N GLU VB 98 56.14 16.04 -20.87
CA GLU VB 98 56.24 17.06 -19.85
C GLU VB 98 56.36 18.43 -20.50
N VAL VB 99 55.48 19.35 -20.11
CA VAL VB 99 55.42 20.68 -20.70
C VAL VB 99 55.35 21.70 -19.58
N LEU VB 100 56.06 22.82 -19.75
CA LEU VB 100 56.17 23.83 -18.69
C LEU VB 100 55.06 24.86 -18.86
N VAL VB 101 53.90 24.54 -18.29
CA VAL VB 101 52.73 25.40 -18.44
C VAL VB 101 53.00 26.76 -17.79
N ALA VB 102 52.60 27.83 -18.47
CA ALA VB 102 52.75 29.19 -17.98
C ALA VB 102 51.43 29.94 -18.15
N GLY VB 103 51.37 31.14 -17.59
CA GLY VB 103 50.15 31.90 -17.62
C GLY VB 103 49.80 32.40 -19.02
N PHE VB 104 48.51 32.66 -19.21
CA PHE VB 104 48.00 33.18 -20.48
C PHE VB 104 48.16 34.69 -20.61
N GLY VB 105 48.47 35.39 -19.52
CA GLY VB 105 48.68 36.82 -19.54
C GLY VB 105 47.62 37.62 -18.82
N ARG VB 106 46.37 37.15 -18.81
CA ARG VB 106 45.34 37.94 -18.16
C ARG VB 106 44.80 37.27 -16.90
N LYS VB 107 45.71 36.68 -16.12
CA LYS VB 107 45.47 36.31 -14.72
C LYS VB 107 44.26 35.38 -14.58
N GLY VB 108 44.37 34.22 -15.20
CA GLY VB 108 43.29 33.24 -15.13
C GLY VB 108 42.01 33.65 -15.83
N HIS VB 109 42.12 34.23 -17.03
CA HIS VB 109 40.96 34.64 -17.81
C HIS VB 109 41.15 34.14 -19.23
N ALA VB 110 40.06 33.70 -19.84
CA ALA VB 110 40.05 33.31 -21.24
C ALA VB 110 40.55 34.44 -22.12
N VAL VB 111 41.44 34.10 -23.06
CA VAL VB 111 42.03 35.05 -24.00
C VAL VB 111 41.28 34.95 -25.31
N GLY VB 112 40.61 36.03 -25.70
CA GLY VB 112 39.88 36.03 -26.96
C GLY VB 112 38.72 35.06 -26.97
N ASP VB 113 38.45 34.51 -28.14
CA ASP VB 113 37.29 33.64 -28.36
C ASP VB 113 37.50 32.22 -27.84
N ILE VB 114 38.62 31.92 -27.20
CA ILE VB 114 38.85 30.60 -26.62
C ILE VB 114 38.13 30.52 -25.28
N PRO VB 115 37.16 29.64 -25.10
CA PRO VB 115 36.45 29.57 -23.82
C PRO VB 115 37.10 28.61 -22.82
N GLY VB 116 37.31 29.08 -21.59
CA GLY VB 116 37.76 28.24 -20.51
C GLY VB 116 39.24 27.94 -20.48
N VAL VB 117 40.04 28.58 -21.32
CA VAL VB 117 41.47 28.33 -21.38
C VAL VB 117 42.19 29.54 -20.82
N ARG VB 118 42.88 29.35 -19.69
CA ARG VB 118 43.60 30.42 -19.02
C ARG VB 118 45.10 30.18 -19.00
N PHE VB 119 45.60 29.34 -19.91
CA PHE VB 119 47.03 29.04 -19.99
C PHE VB 119 47.42 28.93 -21.46
N LYS VB 120 48.61 29.43 -21.78
CA LYS VB 120 49.27 29.10 -23.04
C LYS VB 120 50.41 28.15 -22.73
N VAL VB 121 50.35 26.95 -23.30
CA VAL VB 121 51.38 25.95 -23.02
C VAL VB 121 52.67 26.39 -23.70
N VAL VB 122 53.79 26.23 -23.00
CA VAL VB 122 55.11 26.52 -23.54
C VAL VB 122 56.06 25.47 -22.99
N LYS VB 123 57.21 25.33 -23.68
CA LYS VB 123 58.35 24.53 -23.21
C LYS VB 123 57.96 23.06 -23.05
N VAL VB 124 57.73 22.43 -24.19
CA VAL VB 124 57.55 20.99 -24.32
C VAL VB 124 58.87 20.30 -23.97
N ALA VB 125 58.88 18.96 -23.94
CA ALA VB 125 60.03 18.14 -23.60
C ALA VB 125 61.33 18.76 -24.10
N ASN VB 126 62.37 18.66 -23.28
CA ASN VB 126 63.25 19.77 -22.91
C ASN VB 126 63.62 20.75 -24.01
N VAL VB 127 63.64 20.33 -25.28
CA VAL VB 127 63.79 21.30 -26.36
C VAL VB 127 62.63 22.28 -26.31
N SER VB 128 62.94 23.57 -26.42
CA SER VB 128 61.95 24.60 -26.18
C SER VB 128 60.95 24.67 -27.33
N LEU VB 129 59.75 25.16 -27.02
CA LEU VB 129 58.71 25.30 -28.04
C LEU VB 129 59.08 26.35 -29.08
N LEU VB 130 59.67 27.47 -28.64
CA LEU VB 130 60.13 28.48 -29.59
C LEU VB 130 61.26 27.94 -30.46
N ALA VB 131 62.14 27.13 -29.88
CA ALA VB 131 63.19 26.50 -30.66
C ALA VB 131 62.59 25.56 -31.71
N LEU VB 132 61.55 24.82 -31.34
CA LEU VB 132 60.91 23.89 -32.28
C LEU VB 132 60.21 24.64 -33.41
N TYR VB 133 59.53 25.74 -33.09
CA TYR VB 133 58.78 26.46 -34.12
C TYR VB 133 59.71 27.14 -35.12
N LYS VB 134 60.76 27.80 -34.64
CA LYS VB 134 61.72 28.43 -35.54
C LYS VB 134 62.60 27.42 -36.26
N GLY VB 135 62.57 26.15 -35.87
CA GLY VB 135 63.50 25.18 -36.41
C GLY VB 135 64.89 25.25 -35.83
N LYS VB 136 65.09 26.03 -34.75
CA LYS VB 136 66.41 26.14 -34.15
C LYS VB 136 66.90 24.80 -33.63
N LYS VB 137 66.03 24.06 -32.95
CA LYS VB 137 66.36 22.74 -32.45
C LYS VB 137 65.18 21.81 -32.72
N GLU VB 138 65.48 20.57 -33.11
CA GLU VB 138 64.45 19.59 -33.43
C GLU VB 138 64.13 18.75 -32.19
N ARG VB 139 63.28 17.75 -32.38
CA ARG VB 139 62.83 16.92 -31.27
C ARG VB 139 63.98 16.09 -30.73
N PRO VB 140 63.95 15.75 -29.42
CA PRO VB 140 65.04 14.95 -28.85
C PRO VB 140 64.97 13.50 -29.29
N ARG VB 141 65.32 13.24 -30.55
CA ARG VB 141 65.28 11.89 -31.10
C ARG VB 141 66.62 11.20 -30.94
N ASN WB 1 116.97 49.93 -20.67
CA ASN WB 1 118.07 50.61 -20.01
C ASN WB 1 118.22 52.04 -20.54
N ASP WB 2 117.75 52.27 -21.76
CA ASP WB 2 117.89 53.58 -22.38
C ASP WB 2 117.07 54.63 -21.64
N THR WB 3 115.79 54.35 -21.40
CA THR WB 3 114.92 55.24 -20.62
C THR WB 3 114.09 54.42 -19.63
N VAL WB 4 114.67 54.22 -18.46
CA VAL WB 4 114.00 53.60 -17.31
C VAL WB 4 114.38 54.42 -16.09
N THR WB 5 113.44 55.19 -15.57
CA THR WB 5 113.69 56.10 -14.46
C THR WB 5 112.93 55.62 -13.23
N ILE WB 6 113.60 55.66 -12.09
CA ILE WB 6 113.04 55.26 -10.81
C ILE WB 6 112.78 56.52 -10.01
N ARG WB 7 111.52 56.74 -9.63
CA ARG WB 7 111.10 57.92 -8.88
C ARG WB 7 110.54 57.50 -7.52
N THR WB 8 110.98 58.20 -6.47
CA THR WB 8 110.66 57.89 -5.07
C THR WB 8 109.74 58.94 -4.47
N ARG WB 9 108.66 58.48 -3.84
CA ARG WB 9 107.80 59.35 -3.07
C ARG WB 9 107.34 58.62 -1.81
N LYS WB 10 106.88 59.43 -0.85
CA LYS WB 10 106.46 58.97 0.48
C LYS WB 10 107.53 58.10 1.14
N PHE WB 11 108.76 58.59 1.12
CA PHE WB 11 109.91 57.83 1.60
C PHE WB 11 110.14 58.10 3.08
N MET WB 12 110.27 57.03 3.86
CA MET WB 12 110.50 57.14 5.29
C MET WB 12 111.37 55.98 5.76
N THR WB 13 112.38 56.31 6.57
CA THR WB 13 113.15 55.31 7.30
C THR WB 13 112.55 55.12 8.68
N ASN WB 14 112.63 53.90 9.19
CA ASN WB 14 111.97 53.59 10.44
C ASN WB 14 112.75 52.53 11.20
N ARG WB 15 112.97 52.75 12.49
CA ARG WB 15 113.69 51.79 13.31
C ARG WB 15 112.76 50.73 13.88
N LEU WB 16 111.47 50.82 13.59
CA LEU WB 16 110.48 49.88 14.12
C LEU WB 16 110.69 48.49 13.53
N LEU WB 17 110.82 48.40 12.20
CA LEU WB 17 111.18 47.15 11.55
C LEU WB 17 112.65 47.14 11.15
N GLN WB 18 113.46 48.05 11.70
CA GLN WB 18 114.79 48.37 11.17
C GLN WB 18 114.67 48.66 9.67
N ARG WB 19 113.87 49.67 9.37
CA ARG WB 19 113.11 49.74 8.14
C ARG WB 19 113.41 51.04 7.39
N LYS WB 20 113.24 50.98 6.07
CA LYS WB 20 113.01 52.17 5.25
C LYS WB 20 111.99 51.81 4.18
N GLN WB 21 110.76 52.28 4.36
CA GLN WB 21 109.63 51.92 3.52
C GLN WB 21 109.29 53.06 2.58
N MET WB 22 108.78 52.70 1.39
CA MET WB 22 108.68 53.60 0.26
C MET WB 22 107.51 53.18 -0.63
N VAL WB 23 107.12 54.09 -1.52
CA VAL WB 23 106.47 53.72 -2.78
C VAL WB 23 107.28 54.36 -3.89
N ILE WB 24 107.42 53.65 -5.02
CA ILE WB 24 108.32 54.04 -6.08
C ILE WB 24 107.60 53.93 -7.43
N ASP WB 25 107.80 54.93 -8.28
CA ASP WB 25 107.22 54.98 -9.61
C ASP WB 25 108.31 54.80 -10.65
N VAL WB 26 108.06 53.94 -11.64
CA VAL WB 26 109.00 53.66 -12.72
C VAL WB 26 108.36 54.06 -14.03
N LEU WB 27 109.07 54.85 -14.83
CA LEU WB 27 108.57 55.34 -16.11
C LEU WB 27 109.23 54.56 -17.24
N HIS WB 28 108.43 53.77 -17.96
CA HIS WB 28 108.89 53.00 -19.12
C HIS WB 28 107.96 53.30 -20.28
N PRO WB 29 108.27 54.33 -21.08
CA PRO WB 29 107.32 54.73 -22.13
C PRO WB 29 107.21 53.74 -23.28
N GLY WB 30 108.34 53.20 -23.76
CA GLY WB 30 108.32 52.35 -24.93
C GLY WB 30 108.38 50.87 -24.65
N LYS WB 31 108.95 50.50 -23.50
CA LYS WB 31 109.13 49.10 -23.13
C LYS WB 31 108.02 48.67 -22.18
N ALA WB 32 108.02 47.38 -21.85
CA ALA WB 32 107.03 46.82 -20.95
C ALA WB 32 107.32 47.23 -19.50
N THR WB 33 106.53 46.69 -18.57
CA THR WB 33 106.80 46.92 -17.16
C THR WB 33 108.13 46.29 -16.77
N VAL WB 34 108.94 47.06 -16.07
CA VAL WB 34 110.31 46.64 -15.74
C VAL WB 34 110.26 45.46 -14.78
N PRO WB 35 111.07 44.42 -14.98
CA PRO WB 35 111.05 43.28 -14.06
C PRO WB 35 111.54 43.66 -12.67
N LYS WB 36 111.10 42.87 -11.68
CA LYS WB 36 111.40 43.16 -10.29
C LYS WB 36 112.90 43.15 -10.02
N THR WB 37 113.63 42.19 -10.61
CA THR WB 37 115.06 42.08 -10.35
C THR WB 37 115.82 43.31 -10.86
N GLU WB 38 115.45 43.82 -12.04
CA GLU WB 38 116.10 45.02 -12.54
C GLU WB 38 115.71 46.26 -11.73
N ILE WB 39 114.48 46.29 -11.21
CA ILE WB 39 114.10 47.32 -10.25
C ILE WB 39 115.01 47.26 -9.03
N ARG WB 40 115.28 46.04 -8.55
CA ARG WB 40 116.19 45.85 -7.43
C ARG WB 40 117.58 46.35 -7.76
N GLU WB 41 118.05 46.10 -8.98
CA GLU WB 41 119.38 46.57 -9.38
C GLU WB 41 119.44 48.09 -9.43
N LYS WB 42 118.49 48.71 -10.12
CA LYS WB 42 118.51 50.17 -10.28
C LYS WB 42 118.34 50.88 -8.94
N LEU WB 43 117.44 50.38 -8.10
CA LEU WB 43 117.23 50.99 -6.79
C LEU WB 43 118.47 50.84 -5.91
N ALA WB 44 119.13 49.69 -5.97
CA ALA WB 44 120.36 49.50 -5.22
C ALA WB 44 121.47 50.41 -5.72
N LYS WB 45 121.47 50.70 -7.03
CA LYS WB 45 122.46 51.62 -7.58
C LYS WB 45 122.31 53.02 -6.98
N MET WB 46 121.07 53.49 -6.85
CA MET WB 46 120.83 54.79 -6.24
C MET WB 46 120.94 54.73 -4.71
N TYR WB 47 120.66 53.57 -4.11
CA TYR WB 47 120.60 53.45 -2.66
C TYR WB 47 121.84 52.75 -2.08
N LYS WB 48 122.98 52.87 -2.76
CA LYS WB 48 124.32 52.49 -2.28
C LYS WB 48 124.31 51.22 -1.44
N THR WB 49 123.61 50.20 -1.94
CA THR WB 49 123.44 48.95 -1.21
C THR WB 49 123.61 47.79 -2.18
N THR WB 50 124.06 46.66 -1.64
CA THR WB 50 124.18 45.46 -2.45
C THR WB 50 122.80 44.96 -2.85
N PRO WB 51 122.59 44.60 -4.14
CA PRO WB 51 121.25 44.23 -4.64
C PRO WB 51 120.84 42.79 -4.34
N ASP WB 52 121.04 42.36 -3.09
CA ASP WB 52 120.56 41.08 -2.61
C ASP WB 52 119.71 41.19 -1.36
N VAL WB 53 119.58 42.39 -0.80
CA VAL WB 53 118.86 42.65 0.44
C VAL WB 53 117.50 43.26 0.09
N ILE WB 54 117.49 43.99 -1.02
CA ILE WB 54 116.30 44.68 -1.51
C ILE WB 54 115.16 43.71 -1.82
N PHE WB 55 113.95 44.10 -1.43
CA PHE WB 55 112.73 43.37 -1.74
C PHE WB 55 111.78 44.28 -2.53
N VAL WB 56 110.88 43.67 -3.30
CA VAL WB 56 109.91 44.42 -4.11
C VAL WB 56 108.63 43.62 -4.24
N PHE WB 57 107.49 44.33 -4.26
CA PHE WB 57 106.19 43.72 -4.44
C PHE WB 57 105.18 44.81 -4.80
N GLY WB 58 104.02 44.38 -5.29
CA GLY WB 58 102.93 45.29 -5.59
C GLY WB 58 103.16 46.26 -6.73
N PHE WB 59 103.68 45.79 -7.85
CA PHE WB 59 103.96 46.66 -9.00
C PHE WB 59 102.75 46.65 -9.94
N ARG WB 60 102.04 47.77 -10.00
CA ARG WB 60 100.90 47.94 -10.89
C ARG WB 60 101.19 49.02 -11.92
N THR WB 61 100.65 48.85 -13.11
CA THR WB 61 100.85 49.77 -14.22
C THR WB 61 99.55 50.47 -14.57
N HIS WB 62 99.62 51.78 -14.78
CA HIS WB 62 98.45 52.58 -15.12
C HIS WB 62 97.99 52.28 -16.55
N PHE WB 63 96.82 52.79 -16.88
CA PHE WB 63 96.27 52.62 -18.22
C PHE WB 63 97.12 53.36 -19.25
N GLY WB 64 97.41 52.71 -20.37
CA GLY WB 64 98.25 53.28 -21.39
C GLY WB 64 99.74 53.12 -21.18
N GLY WB 65 100.15 52.40 -20.13
CA GLY WB 65 101.56 52.22 -19.85
C GLY WB 65 102.19 53.45 -19.24
N GLY WB 66 103.51 53.41 -19.14
CA GLY WB 66 104.26 54.52 -18.59
C GLY WB 66 104.63 54.34 -17.13
N LYS WB 67 103.91 55.03 -16.25
CA LYS WB 67 104.21 54.97 -14.83
C LYS WB 67 103.81 53.61 -14.25
N THR WB 68 104.66 53.11 -13.34
CA THR WB 68 104.41 51.87 -12.63
C THR WB 68 104.65 52.11 -11.15
N THR WB 69 103.57 52.20 -10.37
CA THR WB 69 103.68 52.42 -8.94
C THR WB 69 103.93 51.08 -8.25
N GLY WB 70 105.03 51.01 -7.49
CA GLY WB 70 105.38 49.80 -6.77
C GLY WB 70 105.88 50.11 -5.38
N PHE WB 71 106.16 49.05 -4.63
CA PHE WB 71 106.64 49.16 -3.26
C PHE WB 71 108.04 48.55 -3.18
N GLY WB 72 109.05 49.40 -3.11
CA GLY WB 72 110.40 48.94 -2.87
C GLY WB 72 110.68 48.69 -1.41
N MET WB 73 111.64 47.82 -1.14
CA MET WB 73 111.83 47.34 0.23
C MET WB 73 113.29 46.93 0.41
N ILE WB 74 114.06 47.79 1.07
CA ILE WB 74 115.49 47.57 1.29
C ILE WB 74 115.73 47.46 2.79
N TYR WB 75 116.38 46.36 3.21
CA TYR WB 75 116.73 46.19 4.62
C TYR WB 75 118.15 46.73 4.87
N ASP WB 76 118.65 46.46 6.08
CA ASP WB 76 120.02 46.79 6.43
C ASP WB 76 120.95 45.58 6.42
N SER WB 77 120.44 44.39 6.74
CA SER WB 77 121.25 43.18 6.77
C SER WB 77 120.38 41.99 6.40
N LEU WB 78 121.03 40.90 5.98
CA LEU WB 78 120.32 39.66 5.70
C LEU WB 78 119.66 39.10 6.96
N ASP WB 79 120.30 39.30 8.12
CA ASP WB 79 119.78 38.73 9.36
C ASP WB 79 118.42 39.32 9.72
N TYR WB 80 118.28 40.65 9.62
CA TYR WB 80 116.98 41.27 9.83
C TYR WB 80 116.00 40.88 8.73
N ALA WB 81 116.48 40.79 7.49
CA ALA WB 81 115.61 40.45 6.38
C ALA WB 81 115.10 39.02 6.48
N LYS WB 82 115.93 38.11 7.01
CA LYS WB 82 115.48 36.73 7.19
C LYS WB 82 114.58 36.58 8.41
N LYS WB 83 114.82 37.36 9.46
CA LYS WB 83 114.08 37.18 10.71
C LYS WB 83 112.67 37.73 10.59
N ASN WB 84 112.54 39.04 10.37
CA ASN WB 84 111.24 39.71 10.33
C ASN WB 84 110.83 39.88 8.88
N GLU WB 85 110.08 38.90 8.36
CA GLU WB 85 109.66 38.92 6.96
C GLU WB 85 108.55 37.91 6.70
N PRO WB 86 107.52 38.27 5.93
CA PRO WB 86 106.64 37.25 5.37
C PRO WB 86 107.41 36.34 4.42
N LYS WB 87 107.07 35.06 4.43
CA LYS WB 87 107.93 34.04 3.83
C LYS WB 87 107.84 33.99 2.30
N HIS WB 88 106.85 34.65 1.69
CA HIS WB 88 106.71 34.51 0.24
C HIS WB 88 107.76 35.31 -0.52
N ARG WB 89 108.26 36.41 0.05
CA ARG WB 89 109.32 37.16 -0.61
C ARG WB 89 110.60 36.34 -0.71
N LEU WB 90 110.97 35.65 0.35
CA LEU WB 90 112.12 34.76 0.30
C LEU WB 90 111.84 33.53 -0.56
N ALA WB 91 110.57 33.23 -0.83
CA ALA WB 91 110.25 32.15 -1.75
C ALA WB 91 110.42 32.58 -3.20
N ARG WB 92 110.09 33.83 -3.52
CA ARG WB 92 110.17 34.30 -4.90
C ARG WB 92 111.60 34.36 -5.38
N HIS WB 93 112.48 35.00 -4.62
CA HIS WB 93 113.92 34.93 -4.83
C HIS WB 93 114.47 34.07 -3.69
N GLY WB 94 115.05 32.93 -4.03
CA GLY WB 94 115.30 31.89 -3.06
C GLY WB 94 116.17 32.28 -1.88
N LEU WB 95 115.52 32.49 -0.73
CA LEU WB 95 116.20 32.72 0.53
C LEU WB 95 115.61 31.79 1.59
N TYR WB 96 114.32 31.50 1.44
CA TYR WB 96 113.63 30.48 2.23
C TYR WB 96 112.93 29.54 1.25
N GLU WB 97 113.05 28.24 1.49
CA GLU WB 97 112.51 27.23 0.58
C GLU WB 97 111.22 26.69 1.15
N LYS WB 98 110.15 26.75 0.35
CA LYS WB 98 108.83 26.27 0.73
C LYS WB 98 108.48 25.07 -0.14
N LYS WB 99 108.75 23.87 0.36
CA LYS WB 99 108.43 22.62 -0.32
C LYS WB 99 107.68 21.75 0.69
N LYS WB 100 106.37 21.89 0.74
CA LYS WB 100 105.55 21.15 1.68
C LYS WB 100 104.44 20.40 0.97
N THR WB 101 103.52 19.81 1.74
CA THR WB 101 102.42 19.04 1.20
C THR WB 101 101.15 19.89 1.15
N SER WB 102 100.14 19.37 0.46
CA SER WB 102 98.85 20.03 0.38
C SER WB 102 98.14 19.99 1.72
N ARG WB 103 97.41 21.07 2.02
CA ARG WB 103 96.63 21.12 3.26
C ARG WB 103 95.53 20.07 3.26
N LYS WB 104 95.12 19.60 2.09
CA LYS WB 104 94.21 18.46 2.02
C LYS WB 104 94.84 17.22 2.64
N GLN WB 105 96.11 16.96 2.29
CA GLN WB 105 96.84 15.88 2.92
C GLN WB 105 97.14 16.19 4.39
N ARG WB 106 97.36 17.47 4.69
CA ARG WB 106 97.66 17.86 6.07
C ARG WB 106 96.43 17.70 6.97
N LYS WB 107 95.24 17.91 6.43
CA LYS WB 107 94.04 17.64 7.22
C LYS WB 107 93.76 16.16 7.35
N GLU WB 108 94.16 15.37 6.34
CA GLU WB 108 94.02 13.92 6.42
C GLU WB 108 94.94 13.34 7.50
N ARG WB 109 96.18 13.82 7.58
CA ARG WB 109 97.08 13.34 8.64
C ARG WB 109 96.64 13.86 9.99
N LYS WB 110 96.03 15.05 10.04
CA LYS WB 110 95.53 15.58 11.30
C LYS WB 110 94.34 14.79 11.81
N ASN WB 111 93.46 14.35 10.91
CA ASN WB 111 92.34 13.52 11.34
C ASN WB 111 92.78 12.10 11.67
N ARG WB 112 93.78 11.59 10.95
CA ARG WB 112 94.24 10.23 11.20
C ARG WB 112 95.07 10.15 12.49
N MET WB 113 95.80 11.22 12.83
CA MET WB 113 96.52 11.21 14.10
C MET WB 113 95.55 11.31 15.28
N LYS WB 114 94.38 11.89 15.06
CA LYS WB 114 93.34 11.87 16.10
C LYS WB 114 92.81 10.47 16.31
N LYS WB 115 92.66 9.71 15.22
CA LYS WB 115 92.08 8.36 15.31
C LYS WB 115 93.00 7.42 16.08
N VAL WB 116 94.31 7.50 15.83
CA VAL WB 116 95.28 6.61 16.47
C VAL WB 116 95.87 7.33 17.67
N ARG WB 117 95.81 6.68 18.84
CA ARG WB 117 96.09 7.34 20.12
C ARG WB 117 97.27 6.68 20.81
N GLY WB 118 98.01 7.50 21.57
CA GLY WB 118 98.92 7.02 22.59
C GLY WB 118 100.32 6.64 22.15
N THR WB 119 100.47 5.47 21.54
CA THR WB 119 101.79 4.91 21.30
C THR WB 119 102.54 5.76 20.27
N ALA WB 120 103.80 6.07 20.57
CA ALA WB 120 104.58 6.97 19.73
C ALA WB 120 104.78 6.40 18.33
N LYS WB 121 105.11 5.11 18.24
CA LYS WB 121 105.30 4.49 16.93
C LYS WB 121 103.99 4.48 16.14
N ALA WB 122 102.87 4.31 16.83
CA ALA WB 122 101.58 4.24 16.15
C ALA WB 122 101.19 5.58 15.53
N ASN WB 123 101.36 6.67 16.29
CA ASN WB 123 100.96 7.98 15.79
C ASN WB 123 101.95 8.54 14.77
N VAL WB 124 103.21 8.13 14.81
CA VAL WB 124 104.16 8.53 13.77
C VAL WB 124 104.22 7.53 12.63
N GLY WB 125 103.56 6.37 12.76
CA GLY WB 125 103.54 5.39 11.71
C GLY WB 125 102.17 5.24 11.07
N ALA WB 126 101.22 6.05 11.54
CA ALA WB 126 99.86 6.01 10.99
C ALA WB 126 99.82 6.46 9.54
N GLY WB 127 100.75 7.31 9.13
CA GLY WB 127 100.85 7.78 7.76
C GLY WB 127 101.74 6.95 6.86
N LYS WB 128 102.22 5.79 7.32
CA LYS WB 128 103.11 4.96 6.52
C LYS WB 128 102.33 4.15 5.50
N LYS WB 129 101.42 3.29 5.97
CA LYS WB 129 100.66 2.43 5.06
C LYS WB 129 99.74 3.20 4.12
N PRO WB 130 98.89 4.15 4.58
CA PRO WB 130 98.05 4.86 3.58
C PRO WB 130 98.78 6.04 2.92
N LYS WB 131 99.56 5.72 1.90
CA LYS WB 131 100.27 6.74 1.14
C LYS WB 131 99.46 7.18 -0.08
N ARG XB 1 -42.04 25.23 -64.71
CA ARG XB 1 -40.98 25.92 -65.43
C ARG XB 1 -39.75 25.02 -65.56
N ASP XB 2 -39.91 23.91 -66.28
CA ASP XB 2 -38.77 23.07 -66.64
C ASP XB 2 -38.54 23.02 -68.13
N LYS XB 3 -39.51 22.54 -68.92
CA LYS XB 3 -39.33 22.34 -70.35
C LYS XB 3 -40.70 22.39 -71.01
N LEU XB 4 -40.97 23.43 -71.80
CA LEU XB 4 -42.20 23.43 -72.60
C LEU XB 4 -41.98 22.63 -73.89
N ASN XB 5 -41.13 23.15 -74.78
CA ASN XB 5 -40.42 22.43 -75.82
C ASN XB 5 -41.23 21.54 -76.77
N ASN XB 6 -42.58 21.64 -76.80
CA ASN XB 6 -43.33 20.86 -77.78
C ASN XB 6 -44.49 21.66 -78.37
N LEU XB 7 -44.20 22.46 -79.40
CA LEU XB 7 -45.24 23.19 -80.13
C LEU XB 7 -44.73 23.57 -81.51
N VAL XB 8 -45.21 22.90 -82.55
CA VAL XB 8 -45.20 23.42 -83.90
C VAL XB 8 -46.55 23.10 -84.53
N LEU XB 9 -47.09 24.07 -85.28
CA LEU XB 9 -48.31 23.92 -86.08
C LEU XB 9 -49.47 23.37 -85.26
N PHE XB 10 -49.87 24.15 -84.25
CA PHE XB 10 -50.70 23.74 -83.11
C PHE XB 10 -52.06 23.17 -83.47
N ASP XB 11 -52.77 22.63 -82.49
CA ASP XB 11 -53.95 21.80 -82.70
C ASP XB 11 -55.24 22.62 -82.64
N LYS XB 12 -56.35 21.93 -82.93
CA LYS XB 12 -57.62 22.59 -83.24
C LYS XB 12 -58.12 23.45 -82.08
N ALA XB 13 -57.88 23.02 -80.85
CA ALA XB 13 -58.33 23.81 -79.70
C ALA XB 13 -57.58 25.14 -79.63
N THR XB 14 -56.35 25.19 -80.16
CA THR XB 14 -55.51 26.37 -80.00
C THR XB 14 -56.00 27.53 -80.86
N TYR XB 15 -56.36 27.28 -82.12
CA TYR XB 15 -56.81 28.35 -83.00
C TYR XB 15 -58.07 29.01 -82.47
N ASP XB 16 -59.06 28.20 -82.08
CA ASP XB 16 -60.27 28.73 -81.48
C ASP XB 16 -59.95 29.59 -80.26
N LYS XB 17 -58.95 29.16 -79.47
CA LYS XB 17 -58.45 30.01 -78.40
C LYS XB 17 -57.83 31.28 -78.97
N LEU XB 18 -57.03 31.16 -80.03
CA LEU XB 18 -56.42 32.35 -80.63
C LEU XB 18 -57.46 33.19 -81.37
N CYS XB 19 -58.36 32.54 -82.12
CA CYS XB 19 -59.30 33.27 -82.96
C CYS XB 19 -60.38 33.98 -82.15
N LYS XB 20 -60.63 33.54 -80.91
CA LYS XB 20 -61.69 34.11 -80.10
C LYS XB 20 -61.20 34.79 -78.83
N GLU XB 21 -59.90 34.78 -78.57
CA GLU XB 21 -59.41 35.50 -77.40
C GLU XB 21 -58.27 36.47 -77.70
N VAL XB 22 -57.36 36.11 -78.62
CA VAL XB 22 -56.14 36.90 -78.80
C VAL XB 22 -56.42 38.34 -79.25
N PRO XB 23 -57.25 38.60 -80.27
CA PRO XB 23 -57.47 39.99 -80.67
C PRO XB 23 -58.37 40.80 -79.75
N ASN XB 24 -58.68 40.30 -78.54
CA ASN XB 24 -59.59 41.00 -77.65
C ASN XB 24 -58.89 41.93 -76.66
N TYR XB 25 -57.59 41.74 -76.41
CA TYR XB 25 -56.88 42.57 -75.45
C TYR XB 25 -55.89 43.49 -76.15
N LYS XB 26 -55.26 44.34 -75.35
CA LYS XB 26 -54.49 45.47 -75.87
C LYS XB 26 -53.09 45.04 -76.30
N LEU XB 27 -52.28 44.58 -75.35
CA LEU XB 27 -50.93 44.14 -75.65
C LEU XB 27 -50.99 42.78 -76.33
N ILE XB 28 -50.79 42.77 -77.64
CA ILE XB 28 -50.71 41.54 -78.41
C ILE XB 28 -49.38 41.54 -79.16
N THR XB 29 -48.61 40.48 -78.99
CA THR XB 29 -47.23 40.43 -79.43
C THR XB 29 -46.78 38.99 -79.41
N PRO XB 30 -45.97 38.54 -80.38
CA PRO XB 30 -45.53 37.14 -80.40
C PRO XB 30 -44.87 36.67 -79.12
N ALA XB 31 -44.14 37.54 -78.42
CA ALA XB 31 -43.54 37.15 -77.15
C ALA XB 31 -44.59 37.01 -76.06
N VAL XB 32 -45.50 37.97 -75.95
CA VAL XB 32 -46.53 37.92 -74.92
C VAL XB 32 -47.49 36.76 -75.18
N VAL XB 33 -47.85 36.54 -76.44
CA VAL XB 33 -48.71 35.41 -76.79
C VAL XB 33 -47.99 34.09 -76.49
N SER XB 34 -46.66 34.06 -76.70
CA SER XB 34 -45.90 32.86 -76.39
C SER XB 34 -45.99 32.51 -74.91
N GLU XB 35 -45.90 33.52 -74.05
CA GLU XB 35 -46.12 33.29 -72.63
C GLU XB 35 -47.58 32.97 -72.33
N ARG XB 36 -48.49 33.37 -73.22
CA ARG XB 36 -49.91 33.26 -72.88
C ARG XB 36 -50.41 31.82 -72.95
N LEU XB 37 -50.47 31.21 -74.15
CA LEU XB 37 -50.96 29.83 -74.14
C LEU XB 37 -49.82 28.82 -73.94
N LYS XB 38 -49.03 28.54 -74.98
CA LYS XB 38 -47.75 27.88 -74.82
C LYS XB 38 -46.80 28.16 -75.99
N ILE XB 39 -47.25 28.97 -76.95
CA ILE XB 39 -46.79 28.88 -78.33
C ILE XB 39 -45.29 29.22 -78.44
N ARG XB 40 -44.62 28.57 -79.41
CA ARG XB 40 -43.17 28.67 -79.55
C ARG XB 40 -42.71 30.11 -79.76
N GLY XB 41 -43.30 30.81 -80.74
CA GLY XB 41 -42.96 32.20 -80.98
C GLY XB 41 -42.66 32.56 -82.41
N SER XB 42 -41.95 31.69 -83.13
CA SER XB 42 -41.92 31.82 -84.59
C SER XB 42 -43.29 31.57 -85.17
N LEU XB 43 -44.02 30.60 -84.60
CA LEU XB 43 -45.40 30.38 -84.95
C LEU XB 43 -46.26 31.59 -84.61
N ALA XB 44 -45.96 32.25 -83.49
CA ALA XB 44 -46.73 33.41 -83.06
C ALA XB 44 -46.61 34.55 -84.05
N ARG XB 45 -45.41 34.76 -84.59
CA ARG XB 45 -45.24 35.74 -85.65
C ARG XB 45 -46.06 35.36 -86.88
N ALA XB 46 -46.02 34.08 -87.26
CA ALA XB 46 -46.76 33.63 -88.43
C ALA XB 46 -48.27 33.70 -88.19
N ALA XB 47 -48.71 33.26 -87.02
CA ALA XB 47 -50.14 33.27 -86.72
C ALA XB 47 -50.68 34.69 -86.64
N LEU XB 48 -49.93 35.60 -86.01
CA LEU XB 48 -50.42 36.96 -85.85
C LEU XB 48 -50.41 37.73 -87.16
N GLN XB 49 -49.30 37.63 -87.92
CA GLN XB 49 -49.21 38.36 -89.18
C GLN XB 49 -50.22 37.85 -90.19
N GLU XB 50 -50.63 36.59 -90.08
CA GLU XB 50 -51.76 36.10 -90.88
C GLU XB 50 -53.03 36.83 -90.48
N LEU XB 51 -53.19 37.10 -89.18
CA LEU XB 51 -54.39 37.78 -88.73
C LEU XB 51 -54.37 39.25 -89.14
N LEU XB 52 -53.16 39.83 -89.25
CA LEU XB 52 -53.02 41.17 -89.82
C LEU XB 52 -53.50 41.20 -91.26
N SER XB 53 -53.13 40.19 -92.05
CA SER XB 53 -53.59 40.12 -93.44
C SER XB 53 -55.10 39.92 -93.51
N LYS XB 54 -55.66 39.18 -92.56
CA LYS XB 54 -57.12 39.09 -92.46
C LYS XB 54 -57.73 40.44 -92.16
N GLY XB 55 -57.08 41.23 -91.32
CA GLY XB 55 -57.49 42.60 -91.07
C GLY XB 55 -58.34 42.78 -89.83
N LEU XB 56 -57.89 42.23 -88.70
CA LEU XB 56 -58.63 42.35 -87.45
C LEU XB 56 -57.86 43.03 -86.32
N ILE XB 57 -56.54 43.18 -86.41
CA ILE XB 57 -55.80 44.03 -85.48
C ILE XB 57 -54.92 44.98 -86.30
N LYS XB 58 -54.52 46.06 -85.64
CA LYS XB 58 -53.79 47.14 -86.30
C LYS XB 58 -52.44 47.37 -85.63
N LEU XB 59 -51.45 47.72 -86.45
CA LEU XB 59 -50.08 47.89 -86.01
C LEU XB 59 -49.86 49.23 -85.33
N VAL XB 60 -48.83 49.29 -84.49
CA VAL XB 60 -48.39 50.55 -83.88
C VAL XB 60 -46.89 50.72 -84.12
N SER XB 61 -46.10 49.70 -83.81
CA SER XB 61 -44.64 49.85 -83.80
C SER XB 61 -44.01 49.51 -85.14
N LYS XB 62 -44.13 48.25 -85.58
CA LYS XB 62 -43.50 47.75 -86.81
C LYS XB 62 -41.98 47.92 -86.74
N HIS XB 63 -41.37 47.13 -85.86
CA HIS XB 63 -39.91 47.07 -85.78
C HIS XB 63 -39.42 45.63 -85.60
N ARG XB 64 -38.12 45.47 -85.35
CA ARG XB 64 -37.52 44.13 -85.43
C ARG XB 64 -37.72 43.33 -84.14
N ALA XB 65 -37.13 43.78 -83.04
CA ALA XB 65 -37.14 43.00 -81.81
C ALA XB 65 -38.46 43.09 -81.06
N GLN XB 66 -39.30 44.07 -81.38
CA GLN XB 66 -40.58 44.24 -80.70
C GLN XB 66 -41.59 44.83 -81.68
N VAL XB 67 -42.46 44.00 -82.22
CA VAL XB 67 -43.56 44.44 -83.07
C VAL XB 67 -44.84 44.32 -82.25
N ILE XB 68 -45.62 45.40 -82.20
CA ILE XB 68 -46.77 45.52 -81.33
C ILE XB 68 -48.01 45.79 -82.18
N TYR XB 69 -49.13 45.19 -81.77
CA TYR XB 69 -50.42 45.45 -82.39
C TYR XB 69 -51.41 45.82 -81.29
N THR XB 70 -52.58 46.31 -81.71
CA THR XB 70 -53.61 46.69 -80.76
C THR XB 70 -54.96 46.15 -81.25
N ARG XB 71 -55.87 45.99 -80.30
CA ARG XB 71 -57.18 45.42 -80.61
C ARG XB 71 -58.04 46.42 -81.38
N ASN XB 72 -59.11 45.90 -81.97
CA ASN XB 72 -60.04 46.73 -82.74
C ASN XB 72 -60.78 47.69 -81.82
N THR XB 73 -61.07 48.87 -82.35
CA THR XB 73 -61.82 49.87 -81.58
C THR XB 73 -63.26 49.42 -81.37
N LYS XB 74 -63.78 49.69 -80.18
CA LYS XB 74 -65.12 49.28 -79.79
C LYS XB 74 -65.97 50.52 -79.56
N GLY XB 75 -67.16 50.53 -80.15
CA GLY XB 75 -68.08 51.65 -80.00
C GLY XB 75 -68.43 52.32 -81.31
N THR YB 1 15.03 59.32 -15.47
CA THR YB 1 14.91 60.77 -15.44
C THR YB 1 13.61 61.20 -14.78
N LYS YB 2 13.68 62.28 -14.00
CA LYS YB 2 12.50 62.80 -13.31
C LYS YB 2 11.59 63.52 -14.30
N LYS YB 3 10.38 63.01 -14.49
CA LYS YB 3 9.49 63.57 -15.49
C LYS YB 3 8.94 64.91 -15.06
N ARG YB 4 8.50 65.03 -13.81
CA ARG YB 4 7.90 66.25 -13.30
C ARG YB 4 8.41 66.51 -11.89
N ARG YB 5 8.54 67.80 -11.54
CA ARG YB 5 9.12 68.17 -10.25
C ARG YB 5 8.31 67.58 -9.10
N ASN YB 6 7.05 67.98 -8.95
CA ASN YB 6 6.12 67.17 -8.19
C ASN YB 6 5.87 65.89 -8.95
N ASN YB 7 5.62 64.82 -8.22
CA ASN YB 7 5.61 63.49 -8.84
C ASN YB 7 4.27 63.13 -9.48
N GLY YB 8 3.47 64.11 -9.87
CA GLY YB 8 2.15 63.85 -10.40
C GLY YB 8 1.05 63.92 -9.37
N ARG YB 9 1.34 64.41 -8.17
CA ARG YB 9 0.40 64.50 -7.08
C ARG YB 9 0.63 65.82 -6.36
N ALA YB 10 -0.45 66.37 -5.78
CA ALA YB 10 -0.27 67.62 -5.04
C ALA YB 10 0.11 67.36 -3.59
N LYS YB 11 1.07 66.45 -3.39
CA LYS YB 11 1.50 66.05 -2.06
C LYS YB 11 2.89 66.62 -1.82
N LYS YB 12 3.02 67.45 -0.81
CA LYS YB 12 4.30 68.09 -0.59
C LYS YB 12 4.75 68.10 0.87
N GLY YB 13 3.85 68.07 1.84
CA GLY YB 13 4.25 68.01 3.24
C GLY YB 13 3.69 66.83 3.98
N ARG YB 14 2.68 66.18 3.41
CA ARG YB 14 2.03 65.04 4.02
C ARG YB 14 2.84 63.77 3.77
N GLY YB 15 2.38 62.66 4.35
CA GLY YB 15 3.05 61.39 4.18
C GLY YB 15 2.20 60.35 3.49
N HIS YB 16 0.88 60.47 3.64
CA HIS YB 16 -0.04 59.50 3.04
C HIS YB 16 -1.32 60.20 2.65
N VAL YB 17 -1.88 59.81 1.51
CA VAL YB 17 -3.13 60.35 1.00
C VAL YB 17 -4.06 59.20 0.67
N GLN YB 18 -5.29 59.25 1.17
CA GLN YB 18 -6.22 58.15 1.02
C GLN YB 18 -6.72 58.07 -0.41
N PRO YB 19 -6.94 56.85 -0.92
CA PRO YB 19 -7.34 56.69 -2.32
C PRO YB 19 -8.86 56.64 -2.49
N ILE YB 20 -9.28 56.96 -3.71
CA ILE YB 20 -10.68 56.90 -4.11
C ILE YB 20 -10.74 56.14 -5.43
N ARG YB 21 -11.66 55.18 -5.53
CA ARG YB 21 -11.76 54.35 -6.72
C ARG YB 21 -12.10 55.18 -7.95
N CYS YB 22 -11.57 54.76 -9.09
CA CYS YB 22 -11.82 55.47 -10.34
C CYS YB 22 -13.29 55.34 -10.72
N THR YB 23 -13.89 56.46 -11.11
CA THR YB 23 -15.31 56.45 -11.46
C THR YB 23 -15.59 55.69 -12.74
N ASN YB 24 -14.56 55.38 -13.53
CA ASN YB 24 -14.72 54.65 -14.77
C ASN YB 24 -14.28 53.19 -14.69
N CYS YB 25 -13.15 52.91 -14.05
CA CYS YB 25 -12.60 51.56 -14.01
C CYS YB 25 -12.39 51.02 -12.60
N ALA YB 26 -12.75 51.78 -11.57
CA ALA YB 26 -12.71 51.33 -10.17
C ALA YB 26 -11.30 50.99 -9.70
N ARG YB 27 -10.35 51.88 -9.98
CA ARG YB 27 -8.98 51.76 -9.51
C ARG YB 27 -8.73 52.86 -8.48
N CYS YB 28 -8.26 52.46 -7.29
CA CYS YB 28 -8.05 53.41 -6.22
C CYS YB 28 -6.77 54.20 -6.50
N VAL YB 29 -6.90 55.51 -6.64
CA VAL YB 29 -5.76 56.39 -6.85
C VAL YB 29 -5.83 57.45 -5.75
N PRO YB 30 -4.69 57.94 -5.25
CA PRO YB 30 -4.74 58.98 -4.22
C PRO YB 30 -5.38 60.26 -4.72
N LYS YB 31 -6.02 60.98 -3.80
CA LYS YB 31 -6.73 62.21 -4.16
C LYS YB 31 -5.80 63.27 -4.72
N ASP YB 32 -4.51 63.20 -4.37
CA ASP YB 32 -3.55 64.16 -4.88
C ASP YB 32 -3.14 63.81 -6.30
N LYS YB 33 -3.08 62.52 -6.61
CA LYS YB 33 -2.78 62.01 -7.94
C LYS YB 33 -4.03 61.85 -8.79
N ALA YB 34 -5.21 62.14 -8.24
CA ALA YB 34 -6.46 61.89 -8.94
C ALA YB 34 -6.73 62.96 -10.00
N ILE YB 35 -7.61 62.62 -10.94
CA ILE YB 35 -8.10 63.54 -11.95
C ILE YB 35 -9.56 63.80 -11.65
N LYS YB 36 -9.90 65.05 -11.34
CA LYS YB 36 -11.23 65.42 -10.90
C LYS YB 36 -11.88 66.34 -11.92
N LYS YB 37 -13.10 66.00 -12.34
CA LYS YB 37 -13.92 66.86 -13.17
C LYS YB 37 -15.31 66.96 -12.55
N PHE YB 38 -15.90 68.15 -12.63
CA PHE YB 38 -17.21 68.42 -12.07
C PHE YB 38 -18.13 68.80 -13.22
N VAL YB 39 -19.11 67.95 -13.50
CA VAL YB 39 -20.04 68.16 -14.61
C VAL YB 39 -21.31 68.79 -14.05
N ILE YB 40 -21.68 69.94 -14.62
CA ILE YB 40 -22.88 70.66 -14.21
C ILE YB 40 -23.84 70.69 -15.39
N ARG YB 41 -23.79 69.64 -16.21
CA ARG YB 41 -24.69 69.56 -17.35
C ARG YB 41 -26.13 69.40 -16.89
N ASN YB 42 -27.04 70.09 -17.58
CA ASN YB 42 -28.44 70.09 -17.17
C ASN YB 42 -29.07 68.72 -17.46
N ILE YB 43 -30.32 68.56 -17.03
CA ILE YB 43 -30.99 67.27 -17.07
C ILE YB 43 -31.78 67.06 -18.36
N VAL YB 44 -31.75 68.02 -19.29
CA VAL YB 44 -32.54 67.92 -20.52
C VAL YB 44 -31.70 67.99 -21.78
N GLU YB 45 -30.40 68.34 -21.70
CA GLU YB 45 -29.57 68.56 -22.88
C GLU YB 45 -30.15 69.66 -23.76
N ALA YB 46 -29.95 70.89 -23.29
CA ALA YB 46 -30.67 72.11 -23.64
C ALA YB 46 -31.02 72.28 -25.12
N ALA YB 47 -30.33 71.58 -26.02
CA ALA YB 47 -30.70 71.59 -27.43
C ALA YB 47 -32.11 71.06 -27.67
N ALA YB 48 -32.70 70.37 -26.69
CA ALA YB 48 -34.05 69.84 -26.81
C ALA YB 48 -34.86 70.11 -25.55
N VAL YB 49 -34.82 71.34 -25.03
CA VAL YB 49 -35.66 71.72 -23.88
C VAL YB 49 -37.02 72.24 -24.28
N ARG YB 50 -37.27 72.48 -25.56
CA ARG YB 50 -38.51 73.13 -25.97
C ARG YB 50 -39.72 72.23 -25.71
N ASP YB 51 -39.59 70.92 -25.96
CA ASP YB 51 -40.71 70.02 -25.75
C ASP YB 51 -41.06 69.89 -24.26
N ILE YB 52 -40.05 69.83 -23.41
CA ILE YB 52 -40.30 69.71 -21.97
C ILE YB 52 -40.87 71.01 -21.41
N SER YB 53 -40.36 72.15 -21.88
CA SER YB 53 -40.88 73.44 -21.44
C SER YB 53 -42.34 73.61 -21.85
N GLU YB 54 -42.70 73.16 -23.04
CA GLU YB 54 -44.11 73.13 -23.44
C GLU YB 54 -44.90 72.14 -22.60
N ALA YB 55 -44.25 71.04 -22.18
CA ALA YB 55 -44.91 70.04 -21.34
C ALA YB 55 -44.90 70.42 -19.87
N SER YB 56 -44.23 71.50 -19.49
CA SER YB 56 -44.16 71.91 -18.09
C SER YB 56 -45.46 72.56 -17.67
N VAL YB 57 -46.00 72.12 -16.53
CA VAL YB 57 -47.21 72.74 -15.98
C VAL YB 57 -46.94 74.10 -15.37
N PHE YB 58 -45.67 74.47 -15.20
CA PHE YB 58 -45.29 75.79 -14.70
C PHE YB 58 -44.52 76.53 -15.78
N ASP YB 59 -44.89 77.79 -16.00
CA ASP YB 59 -44.25 78.58 -17.06
C ASP YB 59 -42.84 78.97 -16.66
N ALA YB 60 -42.71 79.76 -15.59
CA ALA YB 60 -41.40 80.17 -15.09
C ALA YB 60 -40.83 79.10 -14.16
N TYR YB 61 -40.56 77.93 -14.76
CA TYR YB 61 -40.06 76.77 -14.05
C TYR YB 61 -38.62 76.53 -14.49
N VAL YB 62 -37.67 76.76 -13.59
CA VAL YB 62 -36.27 76.53 -13.91
C VAL YB 62 -35.97 75.04 -13.92
N LEU YB 63 -35.08 74.63 -14.81
CA LEU YB 63 -34.73 73.22 -14.94
C LEU YB 63 -33.57 72.90 -14.00
N PRO YB 64 -33.70 71.92 -13.12
CA PRO YB 64 -32.62 71.62 -12.18
C PRO YB 64 -31.50 70.85 -12.84
N LYS YB 65 -30.27 71.31 -12.60
CA LYS YB 65 -29.09 70.72 -13.19
C LYS YB 65 -28.66 69.47 -12.42
N LEU YB 66 -27.83 68.66 -13.06
CA LEU YB 66 -27.26 67.46 -12.45
C LEU YB 66 -25.81 67.74 -12.05
N TYR YB 67 -25.47 67.39 -10.82
CA TYR YB 67 -24.16 67.68 -10.24
C TYR YB 67 -23.51 66.35 -9.85
N VAL YB 68 -22.56 65.89 -10.64
CA VAL YB 68 -21.82 64.66 -10.37
C VAL YB 68 -20.33 65.01 -10.28
N LYS YB 69 -19.69 64.59 -9.19
CA LYS YB 69 -18.27 64.78 -9.00
C LYS YB 69 -17.55 63.50 -9.42
N LEU YB 70 -16.62 63.62 -10.36
CA LEU YB 70 -15.97 62.47 -10.97
C LEU YB 70 -14.49 62.44 -10.60
N HIS YB 71 -14.01 61.25 -10.25
CA HIS YB 71 -12.60 61.00 -10.00
C HIS YB 71 -12.10 59.96 -11.01
N TYR YB 72 -11.02 60.30 -11.71
CA TYR YB 72 -10.50 59.48 -12.81
C TYR YB 72 -9.06 59.09 -12.52
N CYS YB 73 -8.74 57.82 -12.71
CA CYS YB 73 -7.35 57.41 -12.80
C CYS YB 73 -6.75 57.93 -14.09
N VAL YB 74 -5.45 58.24 -14.06
CA VAL YB 74 -4.85 58.91 -15.20
C VAL YB 74 -4.77 58.00 -16.42
N SER YB 75 -4.78 56.67 -16.20
CA SER YB 75 -4.89 55.76 -17.34
C SER YB 75 -6.27 55.84 -17.96
N CYS YB 76 -7.31 55.92 -17.12
CA CYS YB 76 -8.67 56.09 -17.64
C CYS YB 76 -8.88 57.49 -18.20
N ALA YB 77 -8.22 58.49 -17.61
CA ALA YB 77 -8.36 59.86 -18.10
C ALA YB 77 -7.84 60.00 -19.52
N ILE YB 78 -6.71 59.36 -19.83
CA ILE YB 78 -6.17 59.42 -21.18
C ILE YB 78 -7.12 58.73 -22.16
N HIS YB 79 -7.69 57.59 -21.76
CA HIS YB 79 -8.59 56.85 -22.64
C HIS YB 79 -9.92 57.58 -22.84
N SER YB 80 -10.39 58.28 -21.81
CA SER YB 80 -11.70 58.95 -21.88
C SER YB 80 -11.62 60.36 -22.42
N LYS YB 81 -10.43 60.83 -22.80
CA LYS YB 81 -10.23 62.10 -23.51
C LYS YB 81 -10.70 63.30 -22.67
N VAL YB 82 -10.06 63.47 -21.52
CA VAL YB 82 -10.21 64.67 -20.72
C VAL YB 82 -8.92 65.48 -20.66
N VAL YB 83 -7.79 64.82 -20.44
CA VAL YB 83 -6.47 65.43 -20.55
C VAL YB 83 -5.68 64.70 -21.62
N ARG YB 84 -4.56 65.29 -22.04
CA ARG YB 84 -3.81 64.80 -23.18
C ARG YB 84 -2.31 64.94 -22.93
N ASN YB 85 -1.54 64.20 -23.74
CA ASN YB 85 -0.09 64.34 -23.74
C ASN YB 85 0.28 65.74 -24.21
N ARG YB 86 1.26 66.34 -23.53
CA ARG YB 86 1.72 67.69 -23.84
C ARG YB 86 3.23 67.68 -23.98
N SER YB 87 3.75 68.74 -24.59
CA SER YB 87 5.19 68.90 -24.72
C SER YB 87 5.81 69.27 -23.38
N ARG YB 88 7.14 69.22 -23.32
CA ARG YB 88 7.85 69.42 -22.06
C ARG YB 88 7.59 70.81 -21.49
N GLU YB 89 7.71 71.84 -22.32
CA GLU YB 89 7.44 73.20 -21.85
C GLU YB 89 5.96 73.40 -21.57
N ALA YB 90 5.09 72.85 -22.43
CA ALA YB 90 3.66 72.93 -22.22
C ALA YB 90 3.19 72.05 -21.07
N ARG YB 91 4.04 71.16 -20.55
CA ARG YB 91 3.64 70.33 -19.42
C ARG YB 91 3.43 71.17 -18.17
N LYS YB 92 4.35 72.09 -17.89
CA LYS YB 92 4.35 72.82 -16.62
C LYS YB 92 3.50 74.09 -16.68
N ASP YB 93 2.25 73.94 -17.10
CA ASP YB 93 1.27 75.01 -16.98
C ASP YB 93 0.06 74.47 -16.23
N ARG YB 94 -0.49 75.30 -15.35
CA ARG YB 94 -1.55 74.87 -14.45
C ARG YB 94 -2.88 75.55 -14.68
N THR YB 95 -2.96 76.49 -15.61
CA THR YB 95 -4.21 77.16 -15.90
C THR YB 95 -5.18 76.20 -16.57
N PRO YB 96 -6.44 76.15 -16.16
CA PRO YB 96 -7.43 75.31 -16.84
C PRO YB 96 -7.68 75.80 -18.26
N PRO YB 97 -8.16 74.94 -19.15
CA PRO YB 97 -8.44 75.38 -20.52
C PRO YB 97 -9.51 76.41 -20.52
N PRO YB 98 -9.47 77.38 -21.46
CA PRO YB 98 -10.47 78.44 -21.51
C PRO YB 98 -11.85 77.90 -21.81
N ARG YB 99 -12.87 78.61 -21.30
CA ARG YB 99 -14.25 78.17 -21.40
C ARG YB 99 -14.87 78.42 -22.77
N PHE YB 100 -14.17 79.11 -23.67
CA PHE YB 100 -14.66 79.44 -25.00
C PHE YB 100 -15.97 80.24 -24.93
N ARG YB 101 -15.91 81.38 -24.25
CA ARG YB 101 -17.09 82.23 -24.12
C ARG YB 101 -17.57 82.80 -25.45
N PRO YB 102 -16.73 83.41 -26.30
CA PRO YB 102 -17.33 83.95 -27.53
C PRO YB 102 -17.60 82.87 -28.58
N PRO ZB 1 21.42 94.86 -4.66
CA PRO ZB 1 22.34 95.98 -4.42
C PRO ZB 1 23.66 95.51 -3.80
N LEU ZB 2 24.77 95.88 -4.42
CA LEU ZB 2 26.08 95.48 -3.91
C LEU ZB 2 26.60 96.39 -2.79
N ALA ZB 3 25.94 97.51 -2.54
CA ALA ZB 3 26.45 98.52 -1.61
C ALA ZB 3 25.38 98.94 -0.61
N LYS ZB 4 24.73 97.96 0.00
CA LYS ZB 4 23.82 98.26 1.10
C LYS ZB 4 24.60 98.76 2.30
N ASP ZB 5 24.08 99.81 2.95
CA ASP ZB 5 24.77 100.43 4.08
C ASP ZB 5 24.25 99.78 5.37
N LEU ZB 6 24.88 98.67 5.74
CA LEU ZB 6 24.55 97.98 6.99
C LEU ZB 6 25.07 98.70 8.21
N LEU ZB 7 25.91 99.73 8.04
CA LEU ZB 7 26.50 100.41 9.18
C LEU ZB 7 25.43 101.05 10.04
N HIS ZB 8 24.47 101.70 9.39
CA HIS ZB 8 23.33 102.29 10.08
C HIS ZB 8 22.15 102.05 9.14
N PRO ZB 9 21.22 101.19 9.47
CA PRO ZB 9 19.97 101.22 8.73
C PRO ZB 9 19.05 102.48 8.98
N SER ZB 10 18.01 102.58 8.19
CA SER ZB 10 17.01 103.58 8.53
C SER ZB 10 16.35 103.11 9.82
N PRO ZB 11 16.05 104.01 10.74
CA PRO ZB 11 15.34 103.58 11.96
C PRO ZB 11 14.03 102.88 11.64
N GLU ZB 12 13.42 103.22 10.50
CA GLU ZB 12 12.29 102.45 10.00
C GLU ZB 12 12.70 101.03 9.65
N GLU ZB 13 13.88 100.86 9.03
CA GLU ZB 13 14.33 99.52 8.64
C GLU ZB 13 14.68 98.67 9.85
N GLU ZB 14 15.29 99.27 10.88
CA GLU ZB 14 15.59 98.53 12.10
C GLU ZB 14 14.30 98.09 12.79
N LYS ZB 15 13.31 98.98 12.86
CA LYS ZB 15 12.02 98.61 13.41
C LYS ZB 15 11.29 97.62 12.51
N ARG ZB 16 11.50 97.71 11.20
CA ARG ZB 16 10.90 96.76 10.28
C ARG ZB 16 11.45 95.35 10.50
N LYS ZB 17 12.75 95.25 10.78
CA LYS ZB 17 13.40 93.96 10.94
C LYS ZB 17 12.88 93.23 12.18
N HIS ZB 18 13.29 91.97 12.31
CA HIS ZB 18 12.90 91.14 13.44
C HIS ZB 18 13.43 91.74 14.75
N LYS ZB 19 12.89 91.23 15.87
CA LYS ZB 19 13.45 91.59 17.16
C LYS ZB 19 14.89 91.09 17.29
N LYS ZB 20 15.21 89.96 16.66
CA LYS ZB 20 16.59 89.54 16.47
C LYS ZB 20 17.11 90.16 15.17
N LYS ZB 21 18.27 89.72 14.72
CA LYS ZB 21 18.88 90.12 13.46
C LYS ZB 21 19.11 91.63 13.34
N ARG ZB 22 18.96 92.37 14.42
CA ARG ZB 22 19.20 93.80 14.39
C ARG ZB 22 20.70 94.08 14.54
N LEU ZB 23 21.05 95.35 14.33
CA LEU ZB 23 22.44 95.77 14.54
C LEU ZB 23 22.84 95.58 16.00
N VAL ZB 24 22.05 96.14 16.90
CA VAL ZB 24 22.21 95.94 18.35
C VAL ZB 24 20.86 95.52 18.89
N GLN ZB 25 20.86 94.50 19.74
CA GLN ZB 25 19.61 93.91 20.19
C GLN ZB 25 18.83 94.88 21.07
N SER ZB 26 17.51 94.91 20.87
CA SER ZB 26 16.60 95.80 21.56
C SER ZB 26 15.26 95.10 21.73
N PRO ZB 27 14.56 95.33 22.83
CA PRO ZB 27 13.28 94.66 23.07
C PRO ZB 27 12.11 95.40 22.46
N ASN ZB 28 11.14 94.62 21.98
CA ASN ZB 28 9.90 95.16 21.45
C ASN ZB 28 8.87 95.47 22.54
N SER ZB 29 9.18 95.13 23.79
CA SER ZB 29 8.30 95.37 24.92
C SER ZB 29 8.75 96.60 25.71
N TYR ZB 30 7.89 97.05 26.60
CA TYR ZB 30 8.15 98.26 27.38
C TYR ZB 30 7.32 98.22 28.65
N PHE ZB 31 7.49 99.24 29.49
CA PHE ZB 31 6.78 99.39 30.75
C PHE ZB 31 6.01 100.70 30.73
N MET ZB 32 4.77 100.68 31.25
CA MET ZB 32 3.89 101.84 31.20
C MET ZB 32 3.26 102.09 32.58
N ASP ZB 33 2.90 103.36 32.80
CA ASP ZB 33 2.21 103.79 34.02
C ASP ZB 33 0.72 103.55 33.85
N VAL ZB 34 0.25 102.40 34.31
CA VAL ZB 34 -1.17 102.08 34.25
C VAL ZB 34 -1.89 102.83 35.37
N LYS ZB 35 -2.88 103.64 35.00
CA LYS ZB 35 -3.69 104.38 35.96
C LYS ZB 35 -5.15 104.03 35.71
N CYS ZB 36 -5.81 103.51 36.74
CA CYS ZB 36 -7.20 103.12 36.58
C CYS ZB 36 -8.14 104.16 37.17
N PRO ZB 37 -9.30 104.36 36.56
CA PRO ZB 37 -10.25 105.36 37.08
C PRO ZB 37 -10.73 105.02 38.48
N GLY ZB 38 -10.95 106.05 39.28
CA GLY ZB 38 -11.40 105.89 40.64
C GLY ZB 38 -10.32 105.56 41.65
N CYS ZB 39 -9.06 105.45 41.21
CA CYS ZB 39 -7.95 105.11 42.08
C CYS ZB 39 -6.91 106.23 42.05
N TYR ZB 40 -5.84 106.04 42.80
CA TYR ZB 40 -4.77 107.02 42.90
C TYR ZB 40 -3.41 106.44 42.56
N LYS ZB 41 -3.14 105.20 42.96
CA LYS ZB 41 -1.81 104.64 42.78
C LYS ZB 41 -1.56 104.32 41.30
N ILE ZB 42 -0.27 104.26 40.96
CA ILE ZB 42 0.18 104.01 39.60
C ILE ZB 42 1.02 102.74 39.61
N THR ZB 43 0.71 101.80 38.74
CA THR ZB 43 1.41 100.53 38.64
C THR ZB 43 2.40 100.55 37.49
N THR ZB 44 3.09 99.43 37.31
CA THR ZB 44 4.14 99.24 36.29
C THR ZB 44 3.88 97.98 35.48
N VAL ZB 45 2.67 97.84 34.98
CA VAL ZB 45 2.27 96.65 34.22
C VAL ZB 45 3.20 96.46 33.02
N PHE ZB 46 3.65 95.22 32.83
CA PHE ZB 46 4.43 94.89 31.65
C PHE ZB 46 3.54 94.89 30.41
N SER ZB 47 4.12 95.31 29.28
CA SER ZB 47 3.35 95.42 28.05
C SER ZB 47 2.89 94.03 27.57
N HIS ZB 48 3.82 93.09 27.52
CA HIS ZB 48 3.50 91.72 27.09
C HIS ZB 48 3.25 90.83 28.30
N ALA ZB 49 2.24 91.22 29.08
CA ALA ZB 49 1.97 90.55 30.35
C ALA ZB 49 1.32 89.18 30.12
N GLN ZB 50 1.81 88.18 30.85
CA GLN ZB 50 1.20 86.86 30.87
C GLN ZB 50 0.22 86.69 32.03
N THR ZB 51 0.25 87.60 33.01
CA THR ZB 51 -0.55 87.48 34.22
C THR ZB 51 -1.54 88.64 34.32
N VAL ZB 52 -2.64 88.41 35.01
CA VAL ZB 52 -3.61 89.45 35.29
C VAL ZB 52 -3.06 90.32 36.42
N VAL ZB 53 -2.85 91.60 36.14
CA VAL ZB 53 -2.30 92.52 37.13
C VAL ZB 53 -3.45 93.14 37.91
N LEU ZB 54 -3.29 93.20 39.23
CA LEU ZB 54 -4.28 93.77 40.13
C LEU ZB 54 -3.63 94.85 40.97
N CYS ZB 55 -4.27 96.01 41.04
CA CYS ZB 55 -3.77 97.08 41.88
C CYS ZB 55 -3.97 96.74 43.35
N VAL ZB 56 -3.03 97.19 44.18
CA VAL ZB 56 -3.13 96.98 45.62
C VAL ZB 56 -4.30 97.76 46.21
N GLY ZB 57 -4.58 98.95 45.68
CA GLY ZB 57 -5.65 99.78 46.20
C GLY ZB 57 -7.04 99.37 45.73
N CYS ZB 58 -7.28 99.41 44.43
CA CYS ZB 58 -8.60 99.14 43.88
C CYS ZB 58 -8.74 97.69 43.48
N SER ZB 59 -9.92 97.12 43.73
CA SER ZB 59 -10.20 95.71 43.47
C SER ZB 59 -10.78 95.50 42.07
N THR ZB 60 -10.08 96.00 41.05
CA THR ZB 60 -10.46 95.78 39.67
C THR ZB 60 -9.23 95.36 38.87
N VAL ZB 61 -9.45 94.51 37.87
CA VAL ZB 61 -8.35 94.02 37.05
C VAL ZB 61 -7.83 95.13 36.15
N LEU ZB 62 -6.57 94.98 35.73
CA LEU ZB 62 -5.89 95.98 34.91
C LEU ZB 62 -5.60 95.52 33.50
N CYS ZB 63 -5.23 94.25 33.30
CA CYS ZB 63 -4.93 93.74 31.97
C CYS ZB 63 -5.38 92.29 31.87
N GLN ZB 64 -5.65 91.85 30.64
CA GLN ZB 64 -6.04 90.48 30.37
C GLN ZB 64 -4.97 89.80 29.53
N PRO ZB 65 -4.55 88.59 29.89
CA PRO ZB 65 -3.44 87.93 29.18
C PRO ZB 65 -3.87 87.42 27.82
N THR ZB 66 -3.15 87.82 26.78
CA THR ZB 66 -3.38 87.32 25.43
C THR ZB 66 -2.09 86.77 24.86
N GLY ZB 67 -2.08 86.47 23.55
CA GLY ZB 67 -0.93 85.84 22.96
C GLY ZB 67 0.31 86.73 22.97
N GLY ZB 68 0.16 87.98 22.55
CA GLY ZB 68 1.31 88.84 22.42
C GLY ZB 68 1.39 90.03 23.35
N LYS ZB 69 0.26 90.67 23.65
CA LYS ZB 69 0.26 91.91 24.39
C LYS ZB 69 -0.87 91.91 25.42
N ALA ZB 70 -0.67 92.64 26.50
CA ALA ZB 70 -1.67 92.75 27.55
C ALA ZB 70 -2.81 93.64 27.08
N ARG ZB 71 -4.00 93.07 26.95
CA ARG ZB 71 -5.18 93.83 26.56
C ARG ZB 71 -5.72 94.54 27.80
N LEU ZB 72 -5.63 95.87 27.81
CA LEU ZB 72 -6.09 96.64 28.94
C LEU ZB 72 -7.61 96.58 29.05
N THR ZB 73 -8.11 96.96 30.23
CA THR ZB 73 -9.54 96.99 30.49
C THR ZB 73 -10.15 98.25 29.91
N GLU ZB 74 -11.37 98.59 30.35
CA GLU ZB 74 -11.99 99.86 29.98
C GLU ZB 74 -11.02 101.02 30.23
N GLY ZB 75 -11.18 102.08 29.45
CA GLY ZB 75 -10.15 103.08 29.19
C GLY ZB 75 -9.24 103.46 30.34
N CYS ZB 76 -7.94 103.26 30.12
CA CYS ZB 76 -6.92 103.50 31.13
C CYS ZB 76 -5.86 104.43 30.54
N SER ZB 77 -5.50 105.47 31.29
CA SER ZB 77 -4.49 106.43 30.86
C SER ZB 77 -3.10 105.85 31.15
N PHE ZB 78 -2.74 104.83 30.37
CA PHE ZB 78 -1.43 104.21 30.48
C PHE ZB 78 -0.39 105.14 29.84
N ARG ZB 79 0.69 105.41 30.59
CA ARG ZB 79 1.73 106.32 30.14
C ARG ZB 79 3.07 105.61 30.18
N ARG ZB 80 3.69 105.45 29.02
CA ARG ZB 80 5.03 104.88 28.94
C ARG ZB 80 6.05 105.87 29.47
N LYS ZB 81 7.22 105.34 29.84
CA LYS ZB 81 8.28 106.14 30.43
C LYS ZB 81 9.58 105.91 29.68
N GLN ZB 82 10.25 107.00 29.29
CA GLN ZB 82 11.62 107.03 28.75
C GLN ZB 82 11.86 105.93 27.70
N HIS ZB 83 10.83 105.60 26.93
CA HIS ZB 83 10.90 104.61 25.86
C HIS ZB 83 11.36 103.24 26.34
N ARG AC 1 -52.14 54.92 -34.47
CA ARG AC 1 -51.10 54.66 -33.48
C ARG AC 1 -49.73 55.07 -34.00
N VAL AC 2 -49.43 54.69 -35.24
CA VAL AC 2 -48.15 55.02 -35.86
C VAL AC 2 -48.13 56.50 -36.22
N GLN AC 3 -46.94 57.09 -36.18
CA GLN AC 3 -46.78 58.48 -36.57
C GLN AC 3 -46.84 58.60 -38.09
N PRO AC 4 -47.64 59.50 -38.64
CA PRO AC 4 -47.73 59.63 -40.10
C PRO AC 4 -46.45 60.19 -40.69
N ILE AC 5 -46.26 59.90 -41.98
CA ILE AC 5 -45.10 60.38 -42.70
C ILE AC 5 -45.16 61.91 -42.80
N LYS AC 6 -43.99 62.54 -42.74
CA LYS AC 6 -43.91 63.99 -42.78
C LYS AC 6 -42.78 64.43 -43.70
N LEU AC 7 -42.92 65.64 -44.22
CA LEU AC 7 -41.95 66.24 -45.13
C LEU AC 7 -41.25 67.38 -44.42
N ALA AC 8 -39.93 67.50 -44.63
CA ALA AC 8 -39.15 68.49 -43.90
C ALA AC 8 -38.14 69.18 -44.80
N ARG AC 9 -38.09 70.51 -44.72
CA ARG AC 9 -37.14 71.31 -45.48
C ARG AC 9 -35.77 71.31 -44.79
N VAL AC 10 -34.74 71.57 -45.58
CA VAL AC 10 -33.34 71.40 -45.18
C VAL AC 10 -32.68 72.77 -45.03
N THR AC 11 -32.17 73.04 -43.83
CA THR AC 11 -31.40 74.24 -43.53
C THR AC 11 -29.92 73.88 -43.69
N LYS AC 12 -29.02 74.74 -43.20
CA LYS AC 12 -27.58 74.55 -43.35
C LYS AC 12 -27.13 73.20 -42.77
N VAL AC 13 -26.24 72.53 -43.51
CA VAL AC 13 -25.76 71.22 -43.14
C VAL AC 13 -24.68 71.37 -42.08
N LEU AC 14 -24.78 70.58 -41.01
CA LEU AC 14 -23.81 70.68 -39.92
C LEU AC 14 -22.47 70.06 -40.30
N GLY AC 15 -22.46 69.07 -41.19
CA GLY AC 15 -21.22 68.49 -41.65
C GLY AC 15 -21.32 67.01 -41.98
N ARG AC 16 -20.31 66.49 -42.66
CA ARG AC 16 -20.29 65.08 -43.02
C ARG AC 16 -19.98 64.22 -41.79
N THR AC 17 -20.47 62.99 -41.83
CA THR AC 17 -20.29 62.04 -40.74
C THR AC 17 -20.22 60.65 -41.37
N GLY AC 18 -20.36 59.60 -40.56
CA GLY AC 18 -20.30 58.24 -41.04
C GLY AC 18 -18.91 57.65 -41.10
N SER AC 19 -17.87 58.43 -40.77
CA SER AC 19 -16.48 58.00 -40.77
C SER AC 19 -15.98 57.55 -42.14
N GLN AC 20 -16.86 57.62 -43.15
CA GLN AC 20 -16.47 57.45 -44.54
C GLN AC 20 -17.10 58.49 -45.46
N GLY AC 21 -17.86 59.44 -44.90
CA GLY AC 21 -18.45 60.50 -45.69
C GLY AC 21 -19.77 60.18 -46.36
N GLN AC 22 -20.32 58.99 -46.13
CA GLN AC 22 -21.61 58.65 -46.73
C GLN AC 22 -22.79 59.17 -45.93
N CYS AC 23 -22.54 59.84 -44.80
CA CYS AC 23 -23.61 60.38 -43.96
C CYS AC 23 -23.32 61.86 -43.68
N THR AC 24 -24.37 62.67 -43.68
CA THR AC 24 -24.24 64.11 -43.49
C THR AC 24 -25.34 64.61 -42.55
N GLN AC 25 -24.94 65.38 -41.55
CA GLN AC 25 -25.91 66.00 -40.65
C GLN AC 25 -26.64 67.13 -41.37
N VAL AC 26 -27.93 67.30 -41.07
CA VAL AC 26 -28.83 68.09 -41.88
C VAL AC 26 -29.39 69.30 -41.12
N ARG AC 27 -29.86 69.07 -39.89
CA ARG AC 27 -30.67 70.04 -39.15
C ARG AC 27 -31.93 70.39 -39.94
N VAL AC 28 -32.79 69.36 -40.04
CA VAL AC 28 -33.99 69.49 -40.85
C VAL AC 28 -35.08 70.22 -40.08
N GLU AC 29 -36.02 70.82 -40.83
CA GLU AC 29 -37.19 71.45 -40.25
C GLU AC 29 -38.40 71.13 -41.12
N PHE AC 30 -39.54 70.88 -40.46
CA PHE AC 30 -40.73 70.36 -41.13
C PHE AC 30 -41.55 71.42 -41.86
N MET AC 31 -41.00 72.64 -42.02
CA MET AC 31 -41.65 73.81 -42.63
C MET AC 31 -43.13 73.94 -42.26
N ASP AC 32 -43.48 73.58 -41.03
CA ASP AC 32 -44.81 73.83 -40.49
C ASP AC 32 -44.79 74.93 -39.45
N ASP AC 33 -43.92 74.81 -38.45
CA ASP AC 33 -43.55 75.90 -37.56
C ASP AC 33 -42.10 76.24 -37.86
N THR AC 34 -41.86 77.50 -38.24
CA THR AC 34 -40.50 77.91 -38.62
C THR AC 34 -39.54 77.86 -37.44
N SER AC 35 -40.04 77.93 -36.22
CA SER AC 35 -39.20 77.80 -35.02
C SER AC 35 -39.05 76.35 -34.58
N ARG AC 36 -39.60 75.40 -35.33
CA ARG AC 36 -39.55 73.98 -35.00
C ARG AC 36 -38.58 73.27 -35.93
N SER AC 37 -37.65 72.51 -35.36
CA SER AC 37 -36.65 71.80 -36.14
C SER AC 37 -36.00 70.71 -35.29
N ILE AC 38 -35.65 69.61 -35.95
CA ILE AC 38 -34.90 68.52 -35.32
C ILE AC 38 -33.81 68.08 -36.28
N ILE AC 39 -32.59 67.92 -35.75
CA ILE AC 39 -31.45 67.53 -36.56
C ILE AC 39 -31.62 66.09 -37.02
N ARG AC 40 -31.00 65.77 -38.15
CA ARG AC 40 -31.06 64.43 -38.73
C ARG AC 40 -29.83 64.20 -39.59
N ASN AC 41 -29.46 62.94 -39.73
CA ASN AC 41 -28.33 62.54 -40.57
C ASN AC 41 -28.86 61.82 -41.79
N VAL AC 42 -28.45 62.26 -42.98
CA VAL AC 42 -28.92 61.72 -44.24
C VAL AC 42 -27.72 61.20 -45.03
N LYS AC 43 -28.02 60.32 -45.98
CA LYS AC 43 -27.00 59.74 -46.85
C LYS AC 43 -27.11 60.32 -48.25
N GLY AC 44 -25.97 60.38 -48.93
CA GLY AC 44 -25.91 60.91 -50.27
C GLY AC 44 -25.82 62.43 -50.29
N PRO AC 45 -25.82 63.01 -51.49
CA PRO AC 45 -25.80 64.48 -51.59
C PRO AC 45 -27.04 65.09 -50.96
N VAL AC 46 -26.85 66.28 -50.38
CA VAL AC 46 -27.86 66.88 -49.52
C VAL AC 46 -28.61 68.01 -50.22
N ARG AC 47 -27.90 68.88 -50.95
CA ARG AC 47 -28.48 70.05 -51.61
C ARG AC 47 -29.28 70.90 -50.63
N GLU AC 48 -28.54 71.52 -49.70
CA GLU AC 48 -29.12 72.36 -48.65
C GLU AC 48 -30.12 73.35 -49.22
N GLY AC 49 -31.37 73.21 -48.77
CA GLY AC 49 -32.48 73.96 -49.33
C GLY AC 49 -33.53 73.11 -50.02
N ASP AC 50 -33.33 71.79 -50.06
CA ASP AC 50 -34.31 70.89 -50.66
C ASP AC 50 -35.26 70.37 -49.58
N VAL AC 51 -36.10 69.41 -49.94
CA VAL AC 51 -37.09 68.84 -49.03
C VAL AC 51 -37.01 67.32 -49.13
N LEU AC 52 -36.97 66.65 -47.98
CA LEU AC 52 -36.96 65.20 -47.92
C LEU AC 52 -38.01 64.72 -46.92
N THR AC 53 -38.31 63.43 -46.99
CA THR AC 53 -39.30 62.81 -46.14
C THR AC 53 -38.64 62.10 -44.97
N LEU AC 54 -39.40 61.90 -43.90
CA LEU AC 54 -38.94 61.18 -42.72
C LEU AC 54 -40.10 60.36 -42.17
N LEU AC 55 -39.85 59.08 -41.93
CA LEU AC 55 -40.91 58.19 -41.47
C LEU AC 55 -41.27 58.47 -40.01
N GLU AC 56 -40.29 58.83 -39.18
CA GLU AC 56 -40.54 59.15 -37.79
C GLU AC 56 -39.75 60.40 -37.39
N SER AC 57 -40.32 61.14 -36.45
CA SER AC 57 -39.72 62.42 -36.05
C SER AC 57 -38.47 62.22 -35.19
N GLU AC 58 -38.61 61.55 -34.05
CA GLU AC 58 -37.51 61.41 -33.10
C GLU AC 58 -36.94 59.99 -33.18
N ARG AC 59 -35.71 59.88 -33.69
CA ARG AC 59 -34.99 58.61 -33.68
C ARG AC 59 -33.73 58.70 -32.84
N GLU AC 60 -32.82 59.61 -33.17
CA GLU AC 60 -31.56 59.79 -32.46
C GLU AC 60 -30.89 61.06 -32.96
N ALA AC 61 -30.30 61.81 -32.03
CA ALA AC 61 -29.58 63.02 -32.36
C ALA AC 61 -28.25 63.05 -31.63
N ARG AC 62 -27.19 63.45 -32.33
CA ARG AC 62 -25.88 63.60 -31.72
C ARG AC 62 -25.12 64.71 -32.43
N ARG AC 63 -24.18 65.31 -31.71
CA ARG AC 63 -23.47 66.49 -32.18
C ARG AC 63 -22.07 66.10 -32.66
N LEU AC 64 -21.58 66.81 -33.67
CA LEU AC 64 -20.26 66.57 -34.22
C LEU AC 64 -19.19 67.34 -33.47
N GLY BC 1 35.87 25.66 -92.01
CA GLY BC 1 36.38 25.07 -93.23
C GLY BC 1 35.63 23.82 -93.67
N HIS BC 2 35.43 23.67 -94.97
CA HIS BC 2 35.90 24.60 -96.01
C HIS BC 2 34.87 25.70 -96.27
N GLN BC 3 35.10 26.47 -97.34
CA GLN BC 3 34.19 27.55 -97.70
C GLN BC 3 32.84 27.05 -98.17
N GLN BC 4 32.69 25.76 -98.43
CA GLN BC 4 31.42 25.17 -98.82
C GLN BC 4 30.54 24.81 -97.64
N LEU BC 5 31.05 24.95 -96.40
CA LEU BC 5 30.22 24.75 -95.23
C LEU BC 5 30.37 25.81 -94.14
N TYR BC 6 31.41 26.65 -94.20
CA TYR BC 6 31.62 27.64 -93.15
C TYR BC 6 30.48 28.65 -93.11
N TRP BC 7 30.01 29.11 -94.27
CA TRP BC 7 28.93 30.06 -94.39
C TRP BC 7 27.84 29.51 -95.31
N SER BC 8 27.68 28.18 -95.33
CA SER BC 8 26.79 27.54 -96.30
C SER BC 8 25.32 27.78 -95.97
N HIS BC 9 24.98 27.81 -94.68
CA HIS BC 9 23.61 28.07 -94.30
C HIS BC 9 23.19 29.45 -94.80
N PRO BC 10 21.98 29.60 -95.33
CA PRO BC 10 21.59 30.89 -95.92
C PRO BC 10 21.44 31.97 -94.86
N ARG BC 11 22.20 33.05 -95.01
CA ARG BC 11 22.13 34.19 -94.08
C ARG BC 11 21.05 35.18 -94.51
N LYS BC 12 19.88 34.62 -94.79
CA LYS BC 12 18.69 35.38 -95.12
C LYS BC 12 17.88 35.60 -93.84
N PHE BC 13 16.60 35.95 -94.04
CA PHE BC 13 15.62 36.36 -93.03
C PHE BC 13 15.79 35.72 -91.66
N GLY BC 14 15.74 36.51 -90.61
CA GLY BC 14 15.85 35.99 -89.26
C GLY BC 14 16.80 36.81 -88.43
N GLN BC 15 16.82 36.56 -87.12
CA GLN BC 15 17.71 37.29 -86.24
C GLN BC 15 19.19 36.99 -86.51
N GLY BC 16 19.48 35.96 -87.30
CA GLY BC 16 20.86 35.77 -87.75
C GLY BC 16 21.30 36.84 -88.72
N SER BC 17 20.47 37.11 -89.74
CA SER BC 17 20.82 38.15 -90.70
C SER BC 17 20.73 39.54 -90.06
N ARG BC 18 19.63 39.82 -89.37
CA ARG BC 18 19.48 41.10 -88.71
C ARG BC 18 20.44 41.20 -87.53
N SER BC 19 21.05 42.38 -87.38
CA SER BC 19 21.98 42.62 -86.29
C SER BC 19 21.97 44.10 -85.98
N CYS BC 20 22.05 44.43 -84.70
CA CYS BC 20 22.14 45.82 -84.30
C CYS BC 20 23.43 46.43 -84.86
N ARG BC 21 23.28 47.55 -85.58
CA ARG BC 21 24.44 48.17 -86.19
C ARG BC 21 25.36 48.84 -85.18
N VAL BC 22 25.02 48.80 -83.89
CA VAL BC 22 25.86 49.38 -82.84
C VAL BC 22 26.68 48.28 -82.17
N CYS BC 23 25.99 47.33 -81.53
CA CYS BC 23 26.64 46.37 -80.65
C CYS BC 23 26.56 44.94 -81.19
N SER BC 24 26.22 44.76 -82.46
CA SER BC 24 26.16 43.46 -83.12
C SER BC 24 25.17 42.51 -82.47
N ASN BC 25 24.24 43.02 -81.68
CA ASN BC 25 23.27 42.16 -81.01
C ASN BC 25 22.14 41.78 -81.98
N ARG BC 26 21.41 40.73 -81.60
CA ARG BC 26 20.30 40.24 -82.40
C ARG BC 26 18.97 40.27 -81.64
N HIS BC 27 18.87 41.10 -80.60
CA HIS BC 27 17.65 41.19 -79.82
C HIS BC 27 17.21 42.63 -79.67
N GLY BC 28 15.91 42.82 -79.60
CA GLY BC 28 15.34 44.16 -79.42
C GLY BC 28 15.54 45.08 -80.61
N LEU BC 29 15.47 44.55 -81.83
CA LEU BC 29 15.70 45.37 -83.01
C LEU BC 29 14.43 46.04 -83.47
N ILE BC 30 14.59 47.23 -84.04
CA ILE BC 30 13.51 48.00 -84.62
C ILE BC 30 13.86 48.25 -86.08
N ARG BC 31 12.97 47.86 -86.99
CA ARG BC 31 13.21 48.01 -88.41
C ARG BC 31 12.37 49.12 -89.05
N LYS BC 32 11.71 49.95 -88.26
CA LYS BC 32 11.08 51.15 -88.81
C LYS BC 32 12.14 52.07 -89.37
N TYR BC 33 11.77 52.85 -90.39
CA TYR BC 33 12.52 54.01 -90.86
C TYR BC 33 13.98 53.70 -91.18
N GLY BC 34 14.35 52.42 -91.16
CA GLY BC 34 15.75 52.04 -91.23
C GLY BC 34 16.59 52.42 -90.03
N LEU BC 35 16.11 52.19 -88.80
CA LEU BC 35 17.02 52.30 -87.66
C LEU BC 35 17.96 51.11 -87.62
N ASN BC 36 17.42 49.88 -87.57
CA ASN BC 36 18.21 48.65 -87.44
C ASN BC 36 19.15 48.71 -86.24
N MET BC 37 18.65 49.22 -85.12
CA MET BC 37 19.42 49.34 -83.89
C MET BC 37 18.63 48.70 -82.75
N CYS BC 38 19.36 48.14 -81.78
CA CYS BC 38 18.71 47.57 -80.62
C CYS BC 38 18.13 48.67 -79.74
N ARG BC 39 17.22 48.26 -78.84
CA ARG BC 39 16.47 49.22 -78.04
C ARG BC 39 17.38 50.05 -77.14
N GLN BC 40 18.34 49.39 -76.49
CA GLN BC 40 19.18 50.10 -75.53
C GLN BC 40 20.16 51.04 -76.23
N CYS BC 41 20.77 50.59 -77.33
CA CYS BC 41 21.70 51.46 -78.05
C CYS BC 41 20.96 52.63 -78.69
N PHE BC 42 19.71 52.39 -79.12
CA PHE BC 42 18.92 53.48 -79.67
C PHE BC 42 18.62 54.53 -78.60
N ARG BC 43 18.33 54.08 -77.37
CA ARG BC 43 18.09 55.01 -76.28
C ARG BC 43 19.34 55.82 -75.96
N GLN BC 44 20.51 55.20 -76.06
CA GLN BC 44 21.76 55.92 -75.85
C GLN BC 44 21.98 56.99 -76.92
N TYR BC 45 21.70 56.67 -78.18
CA TYR BC 45 21.97 57.55 -79.29
C TYR BC 45 20.73 58.31 -79.76
N ALA BC 46 19.65 58.32 -78.97
CA ALA BC 46 18.43 59.01 -79.38
C ALA BC 46 18.67 60.51 -79.48
N LYS BC 47 19.47 61.07 -78.57
CA LYS BC 47 19.77 62.51 -78.63
C LYS BC 47 20.60 62.86 -79.87
N ASP BC 48 21.49 61.95 -80.30
CA ASP BC 48 22.30 62.23 -81.47
C ASP BC 48 21.47 62.23 -82.74
N ILE BC 49 20.52 61.30 -82.86
CA ILE BC 49 19.67 61.25 -84.05
C ILE BC 49 18.75 62.46 -84.10
N GLY BC 50 18.10 62.76 -82.97
CA GLY BC 50 17.22 63.91 -82.91
C GLY BC 50 15.84 63.58 -82.38
N PHE BC 51 15.67 62.38 -81.82
CA PHE BC 51 14.38 61.96 -81.27
C PHE BC 51 14.22 62.61 -79.89
N ILE BC 52 13.82 63.87 -79.92
CA ILE BC 52 13.62 64.62 -78.68
C ILE BC 52 12.37 64.10 -77.99
N LYS BC 53 12.50 63.80 -76.69
CA LYS BC 53 11.38 63.32 -75.89
C LYS BC 53 10.44 64.50 -75.63
N LEU BC 54 9.63 64.80 -76.65
CA LEU BC 54 8.70 65.92 -76.53
C LEU BC 54 7.63 65.64 -75.49
N ASP BC 55 7.05 64.44 -75.52
CA ASP BC 55 6.05 64.04 -74.53
C ASP BC 55 6.11 62.55 -74.24
N VAL CC 1 36.84 14.86 -27.77
CA VAL CC 1 36.95 15.95 -28.73
C VAL CC 1 36.39 15.49 -30.09
N HIS CC 2 36.14 16.47 -30.97
CA HIS CC 2 35.52 16.20 -32.25
C HIS CC 2 36.48 15.58 -33.27
N GLY CC 3 37.77 15.52 -32.97
CA GLY CC 3 38.74 14.88 -33.83
C GLY CC 3 38.97 15.56 -35.17
N SER CC 4 38.99 16.89 -35.19
CA SER CC 4 39.26 17.65 -36.40
C SER CC 4 40.64 18.29 -36.39
N LEU CC 5 41.50 17.91 -35.44
CA LEU CC 5 42.81 18.53 -35.28
C LEU CC 5 43.85 18.04 -36.30
N ALA CC 6 43.42 17.34 -37.35
CA ALA CC 6 44.34 16.86 -38.37
C ALA CC 6 44.74 17.95 -39.35
N ARG CC 7 44.02 19.07 -39.38
CA ARG CC 7 44.33 20.18 -40.26
C ARG CC 7 45.23 21.22 -39.60
N ALA CC 8 45.81 20.90 -38.45
CA ALA CC 8 46.67 21.85 -37.74
C ALA CC 8 47.88 22.23 -38.59
N GLY CC 9 48.16 23.53 -38.64
CA GLY CC 9 49.28 24.03 -39.42
C GLY CC 9 49.17 23.81 -40.90
N LYS CC 10 47.95 23.89 -41.46
CA LYS CC 10 47.77 23.61 -42.88
C LYS CC 10 48.38 24.70 -43.75
N VAL CC 11 48.34 25.95 -43.30
CA VAL CC 11 48.88 27.04 -44.11
C VAL CC 11 50.40 26.97 -44.16
N ARG CC 12 51.05 26.64 -43.04
CA ARG CC 12 52.50 26.54 -43.04
C ARG CC 12 53.00 25.39 -43.92
N GLY CC 13 52.27 24.28 -43.93
CA GLY CC 13 52.61 23.20 -44.85
C GLY CC 13 52.38 23.57 -46.30
N GLN CC 14 51.30 24.30 -46.58
CA GLN CC 14 50.95 24.66 -47.94
C GLN CC 14 51.72 25.88 -48.46
N THR CC 15 52.36 26.64 -47.59
CA THR CC 15 53.08 27.83 -48.03
C THR CC 15 54.35 27.41 -48.77
N PRO CC 16 54.55 27.87 -50.00
CA PRO CC 16 55.80 27.54 -50.71
C PRO CC 16 57.01 28.17 -50.03
N LYS CC 17 58.13 27.48 -50.15
CA LYS CC 17 59.37 27.87 -49.48
C LYS CC 17 60.24 28.65 -50.46
N VAL CC 18 60.22 29.97 -50.33
CA VAL CC 18 61.11 30.84 -51.09
C VAL CC 18 62.27 31.24 -50.17
N ALA CC 19 63.47 30.84 -50.53
CA ALA CC 19 64.63 31.07 -49.69
C ALA CC 19 65.00 32.55 -49.67
N LYS CC 20 65.48 33.00 -48.51
CA LYS CC 20 65.99 34.36 -48.38
C LYS CC 20 67.26 34.52 -49.22
N GLN CC 21 67.36 35.64 -49.93
CA GLN CC 21 68.53 35.90 -50.73
C GLN CC 21 69.59 36.62 -49.92
N GLU CC 22 70.83 36.50 -50.37
CA GLU CC 22 71.96 37.08 -49.65
C GLU CC 22 71.94 38.60 -49.76
N LYS CC 23 72.12 39.27 -48.62
CA LYS CC 23 72.19 40.72 -48.55
C LYS CC 23 73.56 41.15 -48.03
N LYS CC 24 73.74 42.46 -47.93
CA LYS CC 24 74.96 43.02 -47.40
C LYS CC 24 75.04 42.81 -45.89
N LYS CC 25 76.23 42.99 -45.34
CA LYS CC 25 76.41 43.03 -43.89
C LYS CC 25 75.87 44.36 -43.41
N LYS CC 26 74.60 44.38 -43.01
CA LYS CC 26 73.90 45.63 -42.75
C LYS CC 26 74.50 46.36 -41.56
N LYS CC 27 74.58 47.69 -41.68
CA LYS CC 27 75.18 48.50 -40.64
C LYS CC 27 74.37 48.39 -39.35
N THR CC 28 75.09 48.35 -38.22
CA THR CC 28 74.46 48.18 -36.91
C THR CC 28 75.20 49.05 -35.89
N GLY CC 29 74.50 49.38 -34.81
CA GLY CC 29 75.10 50.19 -33.78
C GLY CC 29 75.12 51.65 -34.20
N ARG CC 30 76.31 52.27 -34.07
CA ARG CC 30 76.46 53.68 -34.43
C ARG CC 30 76.35 53.89 -35.93
N ALA CC 31 76.84 52.94 -36.73
CA ALA CC 31 76.75 53.07 -38.19
C ALA CC 31 75.30 53.06 -38.66
N LYS CC 32 74.48 52.19 -38.07
CA LYS CC 32 73.04 52.20 -38.36
C LYS CC 32 72.41 53.49 -37.88
N ARG CC 33 72.84 53.99 -36.72
CA ARG CC 33 72.41 55.30 -36.24
C ARG CC 33 72.83 56.39 -37.23
N ARG CC 34 74.07 56.34 -37.70
CA ARG CC 34 74.56 57.34 -38.63
C ARG CC 34 73.77 57.31 -39.94
N MET CC 35 73.48 56.11 -40.45
CA MET CC 35 72.70 55.97 -41.67
C MET CC 35 71.27 56.46 -41.48
N GLN CC 36 70.66 56.17 -40.33
CA GLN CC 36 69.28 56.58 -40.11
C GLN CC 36 69.19 58.08 -39.83
N TYR CC 37 70.26 58.68 -39.31
CA TYR CC 37 70.31 60.13 -39.18
C TYR CC 37 70.27 60.79 -40.54
N ASN CC 38 71.03 60.24 -41.49
CA ASN CC 38 71.20 60.88 -42.78
C ASN CC 38 69.93 60.77 -43.63
N ARG CC 39 69.27 59.61 -43.61
CA ARG CC 39 68.14 59.39 -44.50
C ARG CC 39 66.89 60.14 -44.05
N ARG CC 40 66.75 60.37 -42.75
CA ARG CC 40 65.51 60.94 -42.24
C ARG CC 40 65.57 62.45 -42.04
N PHE CC 41 66.73 63.01 -41.73
CA PHE CC 41 66.82 64.41 -41.35
C PHE CC 41 67.67 65.24 -42.32
N VAL CC 42 68.91 64.84 -42.57
CA VAL CC 42 69.79 65.62 -43.46
C VAL CC 42 69.54 65.09 -44.86
N ASN CC 43 68.46 65.58 -45.46
CA ASN CC 43 68.04 65.19 -46.80
C ASN CC 43 66.93 66.14 -47.24
N VAL CC 44 66.94 66.49 -48.52
CA VAL CC 44 65.92 67.34 -49.12
C VAL CC 44 65.33 66.61 -50.31
N VAL CC 45 64.01 66.45 -50.32
CA VAL CC 45 63.29 65.80 -51.40
C VAL CC 45 62.35 66.82 -52.03
N PRO CC 46 62.70 67.36 -53.20
CA PRO CC 46 61.83 68.35 -53.85
C PRO CC 46 60.47 67.79 -54.25
N THR CC 47 60.38 66.49 -54.52
CA THR CC 47 59.12 65.89 -54.97
C THR CC 47 58.09 65.91 -53.84
N PHE CC 48 56.85 66.24 -54.20
CA PHE CC 48 55.76 66.30 -53.25
C PHE CC 48 55.12 64.92 -53.13
N GLY CC 49 53.94 64.86 -52.51
CA GLY CC 49 53.29 63.61 -52.19
C GLY CC 49 52.69 63.62 -50.81
N LYS CC 50 52.73 64.80 -50.18
CA LYS CC 50 52.19 65.02 -48.83
C LYS CC 50 52.90 64.12 -47.80
N LYS CC 51 54.23 64.18 -47.80
CA LYS CC 51 55.08 63.57 -46.78
C LYS CC 51 54.84 62.06 -46.69
N LYS CC 52 55.20 61.38 -47.78
CA LYS CC 52 55.08 59.93 -47.83
C LYS CC 52 56.01 59.29 -46.81
N GLY CC 53 55.57 58.18 -46.23
CA GLY CC 53 56.31 57.49 -45.20
C GLY CC 53 57.55 56.80 -45.73
N PRO CC 54 58.40 56.33 -44.82
CA PRO CC 54 59.64 55.66 -45.26
C PRO CC 54 59.41 54.38 -46.04
N ASN CC 55 58.25 53.76 -45.91
CA ASN CC 55 57.91 52.54 -46.61
C ASN CC 55 56.70 52.75 -47.51
N ALA CC 56 56.69 53.85 -48.24
CA ALA CC 56 55.58 54.15 -49.13
C ALA CC 56 55.55 53.15 -50.28
N ASN CC 57 54.44 52.42 -50.39
CA ASN CC 57 54.27 51.42 -51.44
C ASN CC 57 53.58 52.03 -52.66
N SER CC 58 54.23 53.05 -53.22
CA SER CC 58 53.70 53.73 -54.40
C SER CC 58 53.98 52.92 -55.66
N TYR DC 1 36.53 15.27 -73.44
CA TYR DC 1 36.55 14.59 -72.14
C TYR DC 1 35.74 13.30 -72.19
N THR DC 2 34.65 13.31 -72.98
CA THR DC 2 33.85 12.10 -73.15
C THR DC 2 34.63 11.02 -73.88
N THR DC 3 35.48 11.42 -74.84
CA THR DC 3 36.36 10.54 -75.60
C THR DC 3 35.60 9.40 -76.26
N PRO DC 4 34.72 9.69 -77.24
CA PRO DC 4 34.00 8.59 -77.90
C PRO DC 4 34.86 7.80 -78.86
N LYS DC 5 35.98 8.37 -79.32
CA LYS DC 5 36.91 7.66 -80.19
C LYS DC 5 38.35 7.74 -79.69
N LYS DC 6 38.58 8.32 -78.51
CA LYS DC 6 39.86 8.40 -77.81
C LYS DC 6 40.84 9.35 -78.48
N ASN DC 7 40.48 9.86 -79.65
CA ASN DC 7 41.28 10.83 -80.41
C ASN DC 7 40.50 11.19 -81.66
N LYS DC 8 40.95 12.26 -82.32
CA LYS DC 8 40.50 12.62 -83.67
C LYS DC 8 41.77 12.85 -84.49
N HIS DC 9 42.31 11.78 -85.04
CA HIS DC 9 43.58 11.86 -85.77
C HIS DC 9 43.38 12.59 -87.10
N LYS DC 10 44.24 13.56 -87.36
CA LYS DC 10 44.16 14.35 -88.57
C LYS DC 10 45.23 13.91 -89.56
N ARG DC 11 45.21 14.52 -90.75
CA ARG DC 11 46.07 14.10 -91.84
C ARG DC 11 47.51 14.53 -91.63
N LYS DC 12 48.44 13.67 -92.02
CA LYS DC 12 49.85 14.00 -92.09
C LYS DC 12 50.34 13.77 -93.51
N LYS DC 13 51.18 14.67 -94.00
CA LYS DC 13 51.64 14.60 -95.38
C LYS DC 13 52.53 13.38 -95.61
N VAL DC 14 52.46 12.84 -96.83
CA VAL DC 14 53.24 11.66 -97.18
C VAL DC 14 54.73 11.98 -97.30
N LYS DC 15 55.08 13.25 -97.53
CA LYS DC 15 56.46 13.71 -97.62
C LYS DC 15 57.22 13.00 -98.75
N LEU DC 16 56.74 13.21 -99.97
CA LEU DC 16 57.44 12.72 -101.15
C LEU DC 16 58.55 13.70 -101.52
N ALA DC 17 59.79 13.19 -101.57
CA ALA DC 17 60.95 14.05 -101.69
C ALA DC 17 61.38 14.33 -103.13
N VAL DC 18 60.86 13.60 -104.11
CA VAL DC 18 61.23 13.79 -105.50
C VAL DC 18 59.98 13.73 -106.38
N LEU DC 19 60.01 14.48 -107.48
CA LEU DC 19 58.93 14.48 -108.46
C LEU DC 19 59.13 13.37 -109.49
N LYS DC 20 60.25 13.40 -110.21
CA LYS DC 20 60.61 12.49 -111.30
C LYS DC 20 59.43 12.23 -112.24
N TYR DC 21 58.89 13.34 -112.77
CA TYR DC 21 57.82 13.25 -113.76
C TYR DC 21 58.33 12.88 -115.15
N TYR DC 22 59.64 12.92 -115.37
CA TYR DC 22 60.21 12.51 -116.65
C TYR DC 22 61.67 12.12 -116.43
N LYS DC 23 62.23 11.42 -117.41
CA LYS DC 23 63.64 11.02 -117.38
C LYS DC 23 64.35 11.41 -118.68
N VAL DC 24 65.59 10.97 -118.83
CA VAL DC 24 66.36 11.16 -120.06
C VAL DC 24 66.97 9.83 -120.45
N ASP DC 25 67.24 9.69 -121.75
CA ASP DC 25 67.86 8.48 -122.29
C ASP DC 25 68.88 8.88 -123.34
N GLU DC 26 69.85 7.99 -123.55
CA GLU DC 26 70.95 8.12 -124.53
C GLU DC 26 71.54 9.54 -124.55
N ASN DC 27 72.05 9.95 -123.39
CA ASN DC 27 72.75 11.23 -123.23
C ASN DC 27 71.82 12.41 -123.51
N GLY DC 28 70.55 12.26 -123.15
CA GLY DC 28 69.63 13.39 -123.17
C GLY DC 28 68.52 13.37 -124.20
N LYS DC 29 67.31 13.02 -123.76
CA LYS DC 29 66.12 13.18 -124.58
C LYS DC 29 64.94 13.39 -123.64
N ILE DC 30 63.87 13.98 -124.17
CA ILE DC 30 62.68 14.24 -123.37
C ILE DC 30 61.73 13.05 -123.49
N SER DC 31 61.24 12.58 -122.34
CA SER DC 31 60.26 11.50 -122.31
C SER DC 31 59.47 11.65 -121.02
N ARG DC 32 58.28 12.22 -121.12
CA ARG DC 32 57.46 12.50 -119.94
C ARG DC 32 56.85 11.20 -119.44
N LEU DC 33 57.16 10.84 -118.19
CA LEU DC 33 56.61 9.63 -117.59
C LEU DC 33 55.11 9.74 -117.37
N ARG DC 34 54.56 10.95 -117.38
CA ARG DC 34 53.13 11.20 -117.26
C ARG DC 34 52.62 11.84 -118.55
N ARG DC 35 51.34 12.18 -118.55
CA ARG DC 35 50.68 12.88 -119.64
C ARG DC 35 50.74 14.39 -119.39
N GLU DC 36 49.95 15.15 -120.15
CA GLU DC 36 49.82 16.58 -119.96
C GLU DC 36 48.38 16.95 -119.60
N CYS DC 37 48.23 18.03 -118.85
CA CYS DC 37 46.90 18.48 -118.45
C CYS DC 37 46.13 18.98 -119.67
N PRO DC 38 44.89 18.54 -119.86
CA PRO DC 38 44.11 18.99 -121.03
C PRO DC 38 43.33 20.27 -120.82
N SER DC 39 43.61 21.04 -119.77
CA SER DC 39 42.93 22.30 -119.53
C SER DC 39 43.72 23.45 -120.15
N ASP DC 40 43.03 24.59 -120.30
CA ASP DC 40 43.66 25.77 -120.90
C ASP DC 40 44.72 26.37 -119.98
N GLU DC 41 44.62 26.16 -118.67
CA GLU DC 41 45.65 26.66 -117.76
C GLU DC 41 46.93 25.84 -117.85
N CYS DC 42 46.83 24.56 -118.21
CA CYS DC 42 47.96 23.65 -118.25
C CYS DC 42 48.18 23.09 -119.65
N GLY DC 43 48.11 23.94 -120.67
CA GLY DC 43 48.31 23.50 -122.04
C GLY DC 43 49.71 22.96 -122.26
N ALA DC 44 49.81 21.63 -122.39
CA ALA DC 44 51.09 20.92 -122.44
C ALA DC 44 52.00 21.29 -121.27
N GLY DC 45 51.39 21.63 -120.13
CA GLY DC 45 52.11 22.15 -119.00
C GLY DC 45 52.11 21.27 -117.77
N VAL DC 46 51.23 21.59 -116.81
CA VAL DC 46 51.19 20.89 -115.55
C VAL DC 46 50.80 19.43 -115.75
N PHE DC 47 51.31 18.56 -114.88
CA PHE DC 47 51.02 17.14 -114.92
C PHE DC 47 49.76 16.85 -114.10
N MET DC 48 49.51 15.57 -113.82
CA MET DC 48 48.35 15.14 -113.05
C MET DC 48 48.76 13.94 -112.21
N ALA DC 49 47.81 13.42 -111.44
CA ALA DC 49 48.08 12.26 -110.61
C ALA DC 49 48.18 11.00 -111.45
N SER DC 50 48.70 9.94 -110.83
CA SER DC 50 48.84 8.62 -111.45
C SER DC 50 48.17 7.61 -110.53
N HIS DC 51 46.87 7.41 -110.73
CA HIS DC 51 46.11 6.45 -109.94
C HIS DC 51 46.09 5.10 -110.65
N PHE DC 52 45.36 4.14 -110.07
CA PHE DC 52 45.33 2.80 -110.63
C PHE DC 52 44.46 2.73 -111.89
N ASP DC 53 43.50 3.64 -112.04
CA ASP DC 53 42.59 3.58 -113.18
C ASP DC 53 42.45 4.92 -113.91
N ARG DC 54 42.58 6.02 -113.19
CA ARG DC 54 42.24 7.33 -113.74
C ARG DC 54 43.41 8.30 -113.63
N HIS DC 55 43.34 9.35 -114.44
CA HIS DC 55 44.25 10.48 -114.38
C HIS DC 55 43.50 11.68 -113.83
N TYR DC 56 43.96 12.21 -112.71
CA TYR DC 56 43.32 13.34 -112.05
C TYR DC 56 44.33 14.46 -111.87
N CYS DC 57 43.94 15.68 -112.27
CA CYS DC 57 44.79 16.84 -112.17
C CYS DC 57 44.49 17.60 -110.88
N GLY DC 58 45.53 17.86 -110.09
CA GLY DC 58 45.35 18.48 -108.80
C GLY DC 58 45.10 19.98 -108.83
N LYS DC 59 45.27 20.62 -109.99
CA LYS DC 59 45.06 22.06 -110.08
C LYS DC 59 43.64 22.42 -110.50
N CYS DC 60 43.22 21.94 -111.68
CA CYS DC 60 41.90 22.25 -112.20
C CYS DC 60 40.83 21.23 -111.83
N CYS DC 61 41.24 20.09 -111.25
CA CYS DC 61 40.31 19.08 -110.72
C CYS DC 61 39.37 18.55 -111.81
N LEU DC 62 39.96 17.93 -112.83
CA LEU DC 62 39.21 17.18 -113.82
C LEU DC 62 39.84 15.81 -113.97
N THR DC 63 39.00 14.81 -114.25
CA THR DC 63 39.43 13.42 -114.28
C THR DC 63 39.14 12.81 -115.65
N TYR DC 64 39.85 11.72 -115.94
CA TYR DC 64 39.71 10.99 -117.20
C TYR DC 64 40.20 9.58 -116.97
N CYS DC 65 39.29 8.60 -117.04
CA CYS DC 65 39.60 7.21 -116.77
C CYS DC 65 39.38 6.37 -118.02
N PHE DC 66 40.22 5.37 -118.23
CA PHE DC 66 40.06 4.44 -119.34
C PHE DC 66 39.26 3.25 -118.85
N ASN DC 67 37.93 3.36 -118.91
CA ASN DC 67 37.04 2.32 -118.45
C ASN DC 67 36.90 1.21 -119.50
N THR EC 1 -33.07 126.44 -66.41
CA THR EC 1 -34.17 125.48 -66.38
C THR EC 1 -33.81 124.19 -67.10
N GLU EC 2 -32.65 124.18 -67.75
CA GLU EC 2 -32.21 123.02 -68.50
C GLU EC 2 -31.89 121.86 -67.56
N GLN EC 3 -32.35 120.68 -67.95
CA GLN EC 3 -32.15 119.47 -67.15
C GLN EC 3 -31.64 118.35 -68.03
N MET EC 4 -30.54 117.73 -67.63
CA MET EC 4 -29.98 116.58 -68.34
C MET EC 4 -30.49 115.31 -67.65
N THR EC 5 -31.66 114.86 -68.08
CA THR EC 5 -32.29 113.67 -67.51
C THR EC 5 -31.85 112.42 -68.28
N LEU EC 6 -32.08 111.26 -67.66
CA LEU EC 6 -31.69 109.99 -68.25
C LEU EC 6 -32.70 109.59 -69.32
N ARG EC 7 -32.26 109.56 -70.57
CA ARG EC 7 -33.12 109.14 -71.67
C ARG EC 7 -32.88 107.67 -72.01
N GLY EC 8 -33.03 106.83 -70.99
CA GLY EC 8 -32.96 105.40 -71.18
C GLY EC 8 -31.56 104.85 -71.35
N THR EC 9 -31.50 103.54 -71.56
CA THR EC 9 -30.23 102.82 -71.65
C THR EC 9 -30.32 101.77 -72.75
N LEU EC 10 -29.26 101.67 -73.54
CA LEU EC 10 -29.21 100.71 -74.65
C LEU EC 10 -28.65 99.39 -74.14
N LYS EC 11 -29.51 98.37 -74.08
CA LYS EC 11 -29.09 97.02 -73.71
C LYS EC 11 -28.58 96.31 -74.95
N GLY EC 12 -27.42 95.67 -74.82
CA GLY EC 12 -26.70 95.23 -76.00
C GLY EC 12 -25.45 94.41 -75.71
N HIS EC 13 -24.35 94.78 -76.36
CA HIS EC 13 -23.09 94.02 -76.28
C HIS EC 13 -22.70 93.72 -74.84
N ASN EC 14 -22.09 92.55 -74.64
CA ASN EC 14 -21.84 92.00 -73.32
C ASN EC 14 -20.54 92.49 -72.70
N GLY EC 15 -20.04 93.66 -73.10
CA GLY EC 15 -18.78 94.12 -72.56
C GLY EC 15 -18.62 95.62 -72.43
N TRP EC 16 -17.37 96.03 -72.22
CA TRP EC 16 -16.99 97.42 -72.05
C TRP EC 16 -17.23 98.19 -73.35
N VAL EC 17 -17.16 99.51 -73.25
CA VAL EC 17 -17.25 100.40 -74.40
C VAL EC 17 -15.98 101.22 -74.46
N THR EC 18 -15.37 101.29 -75.64
CA THR EC 18 -14.15 102.06 -75.81
C THR EC 18 -14.36 103.40 -76.51
N GLN EC 19 -15.32 103.49 -77.43
CA GLN EC 19 -15.60 104.74 -78.12
C GLN EC 19 -16.98 104.66 -78.77
N ILE EC 20 -17.66 105.81 -78.82
CA ILE EC 20 -18.95 105.94 -79.48
C ILE EC 20 -18.82 107.05 -80.53
N ALA EC 21 -19.37 106.80 -81.72
CA ALA EC 21 -19.26 107.73 -82.84
C ALA EC 21 -20.64 108.12 -83.36
N THR EC 22 -20.82 109.40 -83.66
CA THR EC 22 -22.09 109.92 -84.15
C THR EC 22 -21.90 110.62 -85.49
N THR EC 23 -23.01 110.78 -86.21
CA THR EC 23 -23.01 111.45 -87.50
C THR EC 23 -24.08 112.54 -87.52
N PRO EC 24 -23.74 113.73 -87.99
CA PRO EC 24 -24.77 114.78 -88.13
C PRO EC 24 -25.67 114.52 -89.33
N GLN EC 25 -25.12 113.88 -90.35
CA GLN EC 25 -25.90 113.61 -91.56
C GLN EC 25 -26.99 112.58 -91.32
N PHE EC 26 -26.74 111.59 -90.46
CA PHE EC 26 -27.69 110.53 -90.16
C PHE EC 26 -28.04 110.62 -88.68
N PRO EC 27 -29.04 111.42 -88.32
CA PRO EC 27 -29.44 111.48 -86.90
C PRO EC 27 -30.02 110.17 -86.39
N ASP EC 28 -30.51 109.32 -87.29
CA ASP EC 28 -31.18 108.08 -86.92
C ASP EC 28 -30.24 106.88 -86.84
N MET EC 29 -28.92 107.11 -86.91
CA MET EC 29 -27.97 106.01 -86.92
C MET EC 29 -26.76 106.34 -86.04
N ILE EC 30 -26.38 105.41 -85.19
CA ILE EC 30 -25.31 105.59 -84.21
C ILE EC 30 -24.45 104.34 -84.21
N LEU EC 31 -23.15 104.53 -83.91
CA LEU EC 31 -22.22 103.41 -83.78
C LEU EC 31 -21.45 103.54 -82.47
N SER EC 32 -21.06 102.39 -81.93
CA SER EC 32 -20.26 102.33 -80.71
C SER EC 32 -19.34 101.13 -80.75
N ALA EC 33 -18.21 101.25 -80.08
CA ALA EC 33 -17.22 100.18 -80.02
C ALA EC 33 -17.33 99.42 -78.70
N SER EC 34 -17.15 98.11 -78.76
CA SER EC 34 -17.39 97.23 -77.63
C SER EC 34 -16.15 96.39 -77.32
N ARG EC 35 -16.26 95.61 -76.24
CA ARG EC 35 -15.19 94.74 -75.75
C ARG EC 35 -15.30 93.32 -76.28
N ASP EC 36 -16.44 92.93 -76.84
CA ASP EC 36 -16.65 91.57 -77.31
C ASP EC 36 -16.29 91.40 -78.78
N LYS EC 37 -15.29 92.14 -79.27
CA LYS EC 37 -14.76 92.01 -80.63
C LYS EC 37 -15.80 92.37 -81.69
N THR EC 38 -16.69 93.31 -81.38
CA THR EC 38 -17.76 93.67 -82.29
C THR EC 38 -17.98 95.18 -82.27
N ILE EC 39 -18.53 95.67 -83.38
CA ILE EC 39 -19.03 97.05 -83.48
C ILE EC 39 -20.48 96.96 -83.91
N ILE EC 40 -21.38 97.47 -83.07
CA ILE EC 40 -22.82 97.34 -83.27
C ILE EC 40 -23.39 98.73 -83.50
N MET EC 41 -24.06 98.92 -84.63
CA MET EC 41 -24.68 100.20 -84.93
C MET EC 41 -26.15 100.18 -84.56
N TRP EC 42 -26.64 101.31 -84.05
CA TRP EC 42 -27.99 101.41 -83.51
C TRP EC 42 -28.79 102.46 -84.24
N LYS EC 43 -30.10 102.23 -84.32
CA LYS EC 43 -31.06 103.23 -84.77
C LYS EC 43 -31.98 103.55 -83.60
N LEU EC 44 -31.92 104.77 -83.10
CA LEU EC 44 -32.75 105.15 -81.97
C LEU EC 44 -34.20 105.27 -82.42
N THR EC 45 -35.08 104.48 -81.80
CA THR EC 45 -36.46 104.40 -82.22
C THR EC 45 -37.38 105.36 -81.47
N ARG EC 46 -36.93 105.88 -80.33
CA ARG EC 46 -37.71 106.80 -79.49
C ARG EC 46 -39.07 106.19 -79.14
N ASP EC 47 -39.02 104.92 -78.71
CA ASP EC 47 -40.21 104.18 -78.34
C ASP EC 47 -40.06 103.63 -76.94
N GLU EC 48 -41.19 103.38 -76.28
CA GLU EC 48 -41.17 102.91 -74.90
C GLU EC 48 -40.47 101.56 -74.80
N THR EC 49 -39.61 101.43 -73.79
CA THR EC 49 -38.82 100.24 -73.43
C THR EC 49 -37.73 99.91 -74.44
N ASN EC 50 -37.62 100.64 -75.55
CA ASN EC 50 -36.50 100.46 -76.47
C ASN EC 50 -36.24 101.79 -77.17
N TYR EC 51 -35.23 102.51 -76.69
CA TYR EC 51 -34.84 103.79 -77.26
C TYR EC 51 -33.77 103.64 -78.32
N GLY EC 52 -33.43 102.41 -78.69
CA GLY EC 52 -32.46 102.12 -79.74
C GLY EC 52 -32.37 100.64 -80.01
N ILE EC 53 -32.30 100.26 -81.28
CA ILE EC 53 -32.25 98.84 -81.65
C ILE EC 53 -31.05 98.62 -82.57
N PRO EC 54 -30.37 97.49 -82.49
CA PRO EC 54 -29.25 97.22 -83.40
C PRO EC 54 -29.74 96.86 -84.80
N GLN EC 55 -28.86 97.10 -85.77
CA GLN EC 55 -29.15 96.74 -87.15
C GLN EC 55 -28.02 95.95 -87.77
N ARG EC 56 -26.79 96.16 -87.31
CA ARG EC 56 -25.64 95.45 -87.86
C ARG EC 56 -24.53 95.42 -86.82
N ALA EC 57 -23.99 94.23 -86.59
CA ALA EC 57 -22.87 94.03 -85.67
C ALA EC 57 -21.62 93.76 -86.52
N LEU EC 58 -20.76 94.76 -86.63
CA LEU EC 58 -19.57 94.66 -87.45
C LEU EC 58 -18.45 93.96 -86.67
N ARG EC 59 -17.88 92.92 -87.27
CA ARG EC 59 -16.81 92.15 -86.66
C ARG EC 59 -15.77 91.82 -87.72
N GLY EC 60 -14.64 91.27 -87.28
CA GLY EC 60 -13.54 91.02 -88.18
C GLY EC 60 -12.20 91.37 -87.56
N HIS EC 61 -12.20 91.70 -86.28
CA HIS EC 61 -11.00 92.01 -85.53
C HIS EC 61 -10.74 90.90 -84.51
N SER EC 62 -9.50 90.38 -84.50
CA SER EC 62 -9.14 89.35 -83.53
C SER EC 62 -9.13 89.89 -82.11
N HIS EC 63 -8.96 91.20 -81.96
CA HIS EC 63 -8.97 91.87 -80.67
C HIS EC 63 -10.03 92.96 -80.70
N PHE EC 64 -10.62 93.25 -79.55
CA PHE EC 64 -11.72 94.21 -79.53
C PHE EC 64 -11.23 95.61 -79.88
N VAL EC 65 -12.14 96.40 -80.45
CA VAL EC 65 -11.78 97.70 -80.97
C VAL EC 65 -11.46 98.67 -79.84
N SER EC 66 -10.77 99.75 -80.18
CA SER EC 66 -10.42 100.80 -79.23
C SER EC 66 -11.01 102.15 -79.58
N ASP EC 67 -11.33 102.40 -80.84
CA ASP EC 67 -11.91 103.67 -81.25
C ASP EC 67 -12.75 103.45 -82.51
N VAL EC 68 -13.61 104.41 -82.80
CA VAL EC 68 -14.47 104.35 -83.98
C VAL EC 68 -14.89 105.77 -84.36
N VAL EC 69 -14.78 106.10 -85.66
CA VAL EC 69 -15.14 107.42 -86.18
C VAL EC 69 -15.95 107.24 -87.45
N ILE EC 70 -17.04 108.02 -87.57
CA ILE EC 70 -17.90 108.00 -88.74
C ILE EC 70 -17.37 108.99 -89.77
N SER EC 71 -17.36 108.58 -91.04
CA SER EC 71 -17.00 109.49 -92.12
C SER EC 71 -18.03 110.60 -92.23
N SER EC 72 -17.58 111.78 -92.68
CA SER EC 72 -18.47 112.92 -92.78
C SER EC 72 -19.29 112.89 -94.06
N ASP EC 73 -19.87 111.73 -94.38
CA ASP EC 73 -20.95 111.63 -95.35
C ASP EC 73 -22.03 110.64 -94.96
N GLY EC 74 -21.79 109.77 -93.98
CA GLY EC 74 -22.82 108.88 -93.48
C GLY EC 74 -22.80 107.46 -94.01
N GLN EC 75 -21.71 106.99 -94.60
CA GLN EC 75 -21.70 105.64 -95.12
C GLN EC 75 -20.43 104.85 -94.76
N PHE EC 76 -19.34 105.55 -94.46
CA PHE EC 76 -18.09 104.90 -94.05
C PHE EC 76 -17.87 105.05 -92.55
N ALA EC 77 -17.12 104.10 -92.00
CA ALA EC 77 -16.69 104.15 -90.61
C ALA EC 77 -15.30 103.53 -90.53
N LEU EC 78 -14.48 104.09 -89.64
CA LEU EC 78 -13.12 103.61 -89.42
C LEU EC 78 -12.93 103.30 -87.95
N SER EC 79 -12.26 102.19 -87.66
CA SER EC 79 -12.10 101.73 -86.29
C SER EC 79 -10.69 101.23 -86.05
N GLY EC 80 -10.17 101.50 -84.86
CA GLY EC 80 -8.88 100.99 -84.42
C GLY EC 80 -9.09 99.95 -83.33
N SER EC 81 -8.33 98.86 -83.42
CA SER EC 81 -8.43 97.75 -82.50
C SER EC 81 -7.04 97.38 -82.00
N TRP EC 82 -7.02 96.63 -80.89
CA TRP EC 82 -5.75 96.23 -80.29
C TRP EC 82 -5.10 95.05 -81.00
N ASP EC 83 -5.55 94.71 -82.20
CA ASP EC 83 -4.88 93.70 -83.01
C ASP EC 83 -3.80 94.29 -83.91
N GLY EC 84 -3.55 95.59 -83.82
CA GLY EC 84 -2.60 96.25 -84.67
C GLY EC 84 -3.11 96.60 -86.05
N THR EC 85 -4.41 96.48 -86.29
CA THR EC 85 -4.99 96.71 -87.61
C THR EC 85 -6.12 97.72 -87.52
N LEU EC 86 -6.31 98.46 -88.62
CA LEU EC 86 -7.41 99.39 -88.78
C LEU EC 86 -8.28 98.91 -89.94
N ARG EC 87 -9.59 98.91 -89.76
CA ARG EC 87 -10.51 98.38 -90.75
C ARG EC 87 -11.50 99.45 -91.18
N LEU EC 88 -11.65 99.63 -92.49
CA LEU EC 88 -12.58 100.59 -93.07
C LEU EC 88 -13.93 99.90 -93.25
N TRP EC 89 -14.87 100.19 -92.34
CA TRP EC 89 -16.19 99.59 -92.39
C TRP EC 89 -17.13 100.47 -93.19
N ASP EC 90 -17.73 99.92 -94.23
CA ASP EC 90 -18.84 100.56 -94.91
C ASP EC 90 -20.14 99.93 -94.41
N LEU EC 91 -21.11 100.78 -94.06
CA LEU EC 91 -22.25 100.34 -93.28
C LEU EC 91 -23.24 99.50 -94.08
N THR EC 92 -23.15 99.52 -95.41
CA THR EC 92 -24.00 98.67 -96.23
C THR EC 92 -23.44 97.25 -96.24
N THR EC 93 -24.32 96.28 -95.95
CA THR EC 93 -24.01 94.84 -96.00
C THR EC 93 -22.89 94.41 -95.06
N GLY EC 94 -22.43 95.31 -94.20
CA GLY EC 94 -21.46 94.97 -93.17
C GLY EC 94 -20.13 94.41 -93.66
N THR EC 95 -19.53 95.07 -94.64
CA THR EC 95 -18.30 94.60 -95.25
C THR EC 95 -17.18 95.59 -94.96
N THR EC 96 -16.01 95.06 -94.60
CA THR EC 96 -14.83 95.89 -94.39
C THR EC 96 -14.19 96.22 -95.73
N THR EC 97 -14.07 97.51 -96.04
CA THR EC 97 -13.55 97.91 -97.34
C THR EC 97 -12.04 97.70 -97.43
N ARG EC 98 -11.29 98.11 -96.40
CA ARG EC 98 -9.85 98.07 -96.46
C ARG EC 98 -9.26 97.93 -95.06
N ARG EC 99 -8.23 97.10 -94.94
CA ARG EC 99 -7.55 96.87 -93.67
C ARG EC 99 -6.18 97.55 -93.71
N PHE EC 100 -5.86 98.30 -92.66
CA PHE EC 100 -4.61 99.04 -92.55
C PHE EC 100 -3.64 98.28 -91.66
N VAL EC 101 -2.41 98.11 -92.13
CA VAL EC 101 -1.37 97.38 -91.40
C VAL EC 101 -0.09 98.19 -91.45
N GLY EC 102 0.72 98.05 -90.39
CA GLY EC 102 1.99 98.73 -90.29
C GLY EC 102 2.37 99.00 -88.85
N HIS EC 103 1.41 98.84 -87.96
CA HIS EC 103 1.62 99.09 -86.54
C HIS EC 103 2.09 97.79 -85.88
N THR EC 104 3.33 97.81 -85.37
CA THR EC 104 3.89 96.62 -84.74
C THR EC 104 3.14 96.24 -83.48
N LYS EC 105 2.76 97.23 -82.68
CA LYS EC 105 2.01 97.00 -81.45
C LYS EC 105 0.55 97.38 -81.65
N ASP EC 106 -0.24 97.23 -80.60
CA ASP EC 106 -1.69 97.35 -80.70
C ASP EC 106 -2.11 98.79 -80.99
N VAL EC 107 -3.09 98.93 -81.87
CA VAL EC 107 -3.58 100.25 -82.29
C VAL EC 107 -4.55 100.79 -81.24
N LEU EC 108 -4.37 102.05 -80.85
CA LEU EC 108 -5.19 102.68 -79.83
C LEU EC 108 -6.19 103.68 -80.39
N SER EC 109 -5.77 104.56 -81.30
CA SER EC 109 -6.61 105.69 -81.69
C SER EC 109 -6.67 105.84 -83.21
N VAL EC 110 -7.83 106.33 -83.67
CA VAL EC 110 -8.06 106.65 -85.07
C VAL EC 110 -8.78 107.99 -85.15
N ALA EC 111 -8.75 108.59 -86.34
CA ALA EC 111 -9.47 109.82 -86.58
C ALA EC 111 -9.66 110.02 -88.09
N PHE EC 112 -10.66 110.80 -88.45
CA PHE EC 112 -11.01 111.07 -89.83
C PHE EC 112 -10.93 112.58 -90.09
N SER EC 113 -10.40 112.94 -91.25
CA SER EC 113 -10.17 114.34 -91.59
C SER EC 113 -11.48 115.01 -92.01
N SER EC 114 -11.39 116.33 -92.21
CA SER EC 114 -12.56 117.09 -92.63
C SER EC 114 -12.96 116.74 -94.07
N ASP EC 115 -11.98 116.68 -94.96
CA ASP EC 115 -12.23 116.39 -96.37
C ASP EC 115 -12.26 114.89 -96.67
N ASN EC 116 -12.03 114.06 -95.65
CA ASN EC 116 -12.13 112.60 -95.76
C ASN EC 116 -11.13 112.03 -96.76
N ARG EC 117 -9.86 112.41 -96.60
CA ARG EC 117 -8.78 111.83 -97.39
C ARG EC 117 -7.71 111.17 -96.53
N GLN EC 118 -7.23 111.84 -95.49
CA GLN EC 118 -6.07 111.37 -94.74
C GLN EC 118 -6.51 110.74 -93.42
N ILE EC 119 -5.81 109.68 -93.03
CA ILE EC 119 -6.13 108.90 -91.84
C ILE EC 119 -4.93 108.95 -90.90
N VAL EC 120 -5.18 109.28 -89.64
CA VAL EC 120 -4.14 109.24 -88.62
C VAL EC 120 -4.44 108.08 -87.68
N SER EC 121 -3.36 107.51 -87.11
CA SER EC 121 -3.48 106.38 -86.21
C SER EC 121 -2.46 106.51 -85.10
N GLY EC 122 -2.91 106.35 -83.86
CA GLY EC 122 -2.02 106.29 -82.72
C GLY EC 122 -2.09 104.93 -82.06
N SER EC 123 -0.95 104.36 -81.70
CA SER EC 123 -0.88 102.99 -81.24
C SER EC 123 0.09 102.90 -80.07
N ARG EC 124 0.41 101.68 -79.67
CA ARG EC 124 1.32 101.42 -78.56
C ARG EC 124 2.78 101.33 -79.00
N ASP EC 125 3.06 101.53 -80.29
CA ASP EC 125 4.39 101.36 -80.83
C ASP EC 125 5.22 102.64 -80.80
N LYS EC 126 4.79 103.64 -80.02
CA LYS EC 126 5.54 104.89 -79.83
C LYS EC 126 5.83 105.59 -81.14
N THR EC 127 4.87 105.56 -82.06
CA THR EC 127 5.04 106.22 -83.35
C THR EC 127 3.67 106.66 -83.87
N ILE EC 128 3.68 107.65 -84.75
CA ILE EC 128 2.48 108.21 -85.37
C ILE EC 128 2.53 107.90 -86.85
N LYS EC 129 1.42 107.35 -87.38
CA LYS EC 129 1.31 107.01 -88.78
C LYS EC 129 0.18 107.80 -89.42
N LEU EC 130 0.39 108.22 -90.67
CA LEU EC 130 -0.63 108.85 -91.48
C LEU EC 130 -0.95 107.96 -92.67
N TRP EC 131 -2.24 107.80 -92.95
CA TRP EC 131 -2.70 106.89 -93.98
C TRP EC 131 -3.64 107.60 -94.94
N ASN EC 132 -3.69 107.10 -96.16
CA ASN EC 132 -4.63 107.59 -97.17
C ASN EC 132 -5.83 106.64 -97.24
N THR EC 133 -6.73 106.93 -98.17
CA THR EC 133 -7.91 106.08 -98.36
C THR EC 133 -7.56 104.73 -98.94
N LEU EC 134 -6.42 104.62 -99.64
CA LEU EC 134 -6.03 103.34 -100.22
C LEU EC 134 -5.57 102.35 -99.15
N GLY EC 135 -4.90 102.84 -98.11
CA GLY EC 135 -4.44 102.00 -97.03
C GLY EC 135 -2.93 101.84 -96.92
N VAL EC 136 -2.15 102.78 -97.44
CA VAL EC 136 -0.69 102.71 -97.39
C VAL EC 136 -0.19 103.90 -96.57
N CYS EC 137 0.65 103.61 -95.59
CA CYS EC 137 1.21 104.67 -94.76
C CYS EC 137 2.14 105.56 -95.57
N LYS EC 138 2.04 106.86 -95.33
CA LYS EC 138 2.82 107.87 -96.06
C LYS EC 138 4.03 108.35 -95.28
N TYR EC 139 3.87 108.64 -93.99
CA TYR EC 139 4.98 109.01 -93.12
C TYR EC 139 4.89 108.21 -91.83
N THR EC 140 6.06 107.82 -91.31
CA THR EC 140 6.15 107.13 -90.02
C THR EC 140 7.17 107.90 -89.18
N VAL EC 141 6.69 108.91 -88.46
CA VAL EC 141 7.57 109.78 -87.70
C VAL EC 141 8.09 109.03 -86.47
N GLN EC 142 9.41 109.07 -86.28
CA GLN EC 142 10.05 108.43 -85.14
C GLN EC 142 11.11 109.37 -84.58
N ASP EC 143 11.62 109.01 -83.40
CA ASP EC 143 12.73 109.69 -82.73
C ASP EC 143 12.37 111.11 -82.30
N GLU EC 144 11.14 111.54 -82.58
CA GLU EC 144 10.64 112.82 -82.10
C GLU EC 144 9.20 112.72 -81.60
N SER EC 145 8.58 111.55 -81.69
CA SER EC 145 7.24 111.33 -81.17
C SER EC 145 7.31 111.04 -79.67
N HIS EC 146 6.22 110.55 -79.11
CA HIS EC 146 6.18 110.23 -77.69
C HIS EC 146 7.16 109.10 -77.38
N SER EC 147 7.83 109.21 -76.22
CA SER EC 147 8.72 108.17 -75.75
C SER EC 147 7.97 107.01 -75.12
N GLU EC 148 6.64 107.05 -75.12
CA GLU EC 148 5.80 106.00 -74.55
C GLU EC 148 4.60 105.85 -75.47
N TRP EC 149 3.54 105.22 -74.96
CA TRP EC 149 2.33 104.95 -75.74
C TRP EC 149 1.70 106.25 -76.25
N VAL EC 150 0.76 106.09 -77.17
CA VAL EC 150 0.04 107.21 -77.78
C VAL EC 150 -1.46 106.99 -77.57
N SER EC 151 -2.10 107.94 -76.92
CA SER EC 151 -3.53 107.89 -76.64
C SER EC 151 -4.32 108.57 -77.77
N CYS EC 152 -5.57 108.92 -77.51
CA CYS EC 152 -6.51 109.38 -78.53
C CYS EC 152 -5.95 110.50 -79.41
N VAL EC 153 -6.01 110.29 -80.72
CA VAL EC 153 -5.54 111.24 -81.71
C VAL EC 153 -6.72 111.68 -82.55
N ARG EC 154 -6.89 112.99 -82.73
CA ARG EC 154 -8.03 113.56 -83.43
C ARG EC 154 -7.56 114.30 -84.68
N PHE EC 155 -8.50 114.98 -85.34
CA PHE EC 155 -8.24 115.71 -86.57
C PHE EC 155 -8.77 117.13 -86.48
N SER EC 156 -8.27 117.98 -87.37
CA SER EC 156 -8.69 119.37 -87.43
C SER EC 156 -10.07 119.48 -88.09
N PRO EC 157 -11.04 120.13 -87.44
CA PRO EC 157 -12.35 120.29 -88.07
C PRO EC 157 -12.41 121.39 -89.12
N ASN EC 158 -11.41 122.27 -89.15
CA ASN EC 158 -11.38 123.37 -90.11
C ASN EC 158 -10.43 123.05 -91.26
N SER EC 159 -10.79 123.53 -92.45
CA SER EC 159 -9.94 123.36 -93.62
C SER EC 159 -8.64 124.14 -93.46
N SER EC 160 -8.72 125.34 -92.91
CA SER EC 160 -7.53 126.17 -92.73
C SER EC 160 -6.71 125.69 -91.54
N ASN EC 161 -5.38 125.69 -91.71
CA ASN EC 161 -4.40 125.29 -90.72
C ASN EC 161 -4.70 123.89 -90.16
N PRO EC 162 -4.49 122.84 -90.96
CA PRO EC 162 -4.75 121.48 -90.45
C PRO EC 162 -3.66 121.06 -89.48
N ILE EC 163 -4.07 120.49 -88.35
CA ILE EC 163 -3.16 120.10 -87.28
C ILE EC 163 -3.48 118.69 -86.85
N ILE EC 164 -2.51 118.06 -86.19
CA ILE EC 164 -2.67 116.73 -85.63
C ILE EC 164 -2.45 116.84 -84.13
N VAL EC 165 -3.50 116.56 -83.36
CA VAL EC 165 -3.41 116.52 -81.90
C VAL EC 165 -3.26 115.07 -81.47
N SER EC 166 -2.14 114.75 -80.82
CA SER EC 166 -1.77 113.38 -80.53
C SER EC 166 -1.56 113.24 -79.02
N CYS EC 167 -2.55 112.68 -78.34
CA CYS EC 167 -2.43 112.39 -76.92
C CYS EC 167 -1.40 111.28 -76.71
N GLY EC 168 -0.80 111.27 -75.52
CA GLY EC 168 0.25 110.30 -75.26
C GLY EC 168 0.38 109.99 -73.78
N TRP EC 169 0.95 108.82 -73.51
CA TRP EC 169 1.23 108.35 -72.15
C TRP EC 169 2.47 109.01 -71.56
N ASP EC 170 3.11 109.94 -72.27
CA ASP EC 170 4.34 110.57 -71.84
C ASP EC 170 4.11 111.89 -71.10
N LYS EC 171 2.97 112.03 -70.41
CA LYS EC 171 2.64 113.19 -69.58
C LYS EC 171 2.54 114.48 -70.39
N LEU EC 172 2.38 114.38 -71.71
CA LEU EC 172 2.30 115.57 -72.55
C LEU EC 172 1.64 115.20 -73.87
N VAL EC 173 1.21 116.22 -74.60
CA VAL EC 173 0.56 116.06 -75.90
C VAL EC 173 1.33 116.88 -76.92
N LYS EC 174 1.64 116.26 -78.05
CA LYS EC 174 2.37 116.91 -79.13
C LYS EC 174 1.41 117.35 -80.22
N VAL EC 175 1.77 118.42 -80.92
CA VAL EC 175 0.98 118.99 -82.00
C VAL EC 175 1.81 118.97 -83.27
N TRP EC 176 1.21 118.44 -84.34
CA TRP EC 176 1.88 118.31 -85.62
C TRP EC 176 1.05 118.98 -86.70
N ASN EC 177 1.71 119.35 -87.79
CA ASN EC 177 1.04 119.92 -88.96
C ASN EC 177 0.78 118.83 -89.98
N LEU EC 178 0.26 119.24 -91.14
CA LEU EC 178 -0.06 118.31 -92.21
C LEU EC 178 0.81 118.48 -93.45
N ALA EC 179 1.12 119.73 -93.82
CA ALA EC 179 1.91 119.96 -95.03
C ALA EC 179 3.31 119.37 -94.91
N ASN EC 180 3.94 119.52 -93.74
CA ASN EC 180 5.28 118.99 -93.52
C ASN EC 180 5.34 117.89 -92.47
N CYS EC 181 4.30 117.73 -91.65
CA CYS EC 181 4.25 116.72 -90.59
C CYS EC 181 5.44 116.88 -89.64
N LYS EC 182 5.48 118.03 -88.97
CA LYS EC 182 6.56 118.36 -88.05
C LYS EC 182 5.96 118.83 -86.73
N LEU EC 183 6.75 118.72 -85.66
CA LEU EC 183 6.30 119.16 -84.35
C LEU EC 183 6.14 120.67 -84.36
N LYS EC 184 4.99 121.14 -83.87
CA LYS EC 184 4.64 122.55 -83.91
C LYS EC 184 4.60 123.18 -82.54
N THR EC 185 3.78 122.66 -81.62
CA THR EC 185 3.75 123.18 -80.27
C THR EC 185 3.72 122.00 -79.30
N ASN EC 186 4.44 122.15 -78.18
CA ASN EC 186 4.56 121.11 -77.17
C ASN EC 186 3.94 121.63 -75.87
N HIS EC 187 2.94 120.93 -75.38
CA HIS EC 187 2.26 121.29 -74.13
C HIS EC 187 2.75 120.37 -73.03
N ILE EC 188 3.41 120.94 -72.02
CA ILE EC 188 3.96 120.18 -70.91
C ILE EC 188 3.43 120.78 -69.61
N GLY EC 189 3.27 119.93 -68.60
CA GLY EC 189 2.78 120.37 -67.31
C GLY EC 189 1.86 119.37 -66.63
N HIS EC 190 1.50 118.30 -67.35
CA HIS EC 190 0.60 117.30 -66.81
C HIS EC 190 1.29 116.48 -65.73
N THR EC 191 0.62 116.31 -64.60
CA THR EC 191 1.12 115.49 -63.49
C THR EC 191 0.54 114.08 -63.57
N GLY EC 192 0.81 113.43 -64.68
CA GLY EC 192 0.31 112.08 -64.92
C GLY EC 192 0.15 111.84 -66.41
N TYR EC 193 -0.10 110.57 -66.76
CA TYR EC 193 -0.24 110.23 -68.15
C TYR EC 193 -1.57 110.74 -68.69
N LEU EC 194 -1.73 110.65 -70.01
CA LEU EC 194 -2.86 111.27 -70.70
C LEU EC 194 -3.60 110.23 -71.53
N ASN EC 195 -4.92 110.41 -71.64
CA ASN EC 195 -5.77 109.41 -72.29
C ASN EC 195 -6.63 109.96 -73.42
N THR EC 196 -7.16 111.17 -73.29
CA THR EC 196 -8.11 111.67 -74.29
C THR EC 196 -7.97 113.17 -74.46
N VAL EC 197 -7.83 113.60 -75.71
CA VAL EC 197 -7.78 115.02 -76.06
C VAL EC 197 -8.91 115.29 -77.04
N THR EC 198 -9.55 116.46 -76.90
CA THR EC 198 -10.64 116.85 -77.77
C THR EC 198 -10.36 118.23 -78.37
N VAL EC 199 -11.04 118.49 -79.49
CA VAL EC 199 -10.87 119.73 -80.25
C VAL EC 199 -12.23 120.39 -80.40
N SER EC 200 -12.27 121.70 -80.18
CA SER EC 200 -13.51 122.46 -80.33
C SER EC 200 -13.95 122.47 -81.80
N PRO EC 201 -15.24 122.73 -82.06
CA PRO EC 201 -15.68 122.82 -83.46
C PRO EC 201 -14.92 123.85 -84.27
N ASP EC 202 -14.49 124.94 -83.65
CA ASP EC 202 -13.53 125.85 -84.26
C ASP EC 202 -12.12 125.48 -83.82
N GLY EC 203 -11.16 125.65 -84.72
CA GLY EC 203 -9.78 125.34 -84.42
C GLY EC 203 -9.09 126.40 -83.59
N SER EC 204 -9.64 126.70 -82.41
CA SER EC 204 -9.09 127.73 -81.54
C SER EC 204 -8.89 127.21 -80.12
N LEU EC 205 -9.72 126.27 -79.69
CA LEU EC 205 -9.70 125.75 -78.33
C LEU EC 205 -9.54 124.23 -78.35
N CYS EC 206 -8.83 123.70 -77.36
CA CYS EC 206 -8.64 122.27 -77.23
C CYS EC 206 -8.51 121.91 -75.75
N ALA EC 207 -8.83 120.66 -75.43
CA ALA EC 207 -8.78 120.16 -74.06
C ALA EC 207 -8.02 118.85 -74.01
N SER EC 208 -7.35 118.59 -72.89
CA SER EC 208 -6.54 117.39 -72.70
C SER EC 208 -6.96 116.69 -71.42
N GLY EC 209 -6.87 115.36 -71.43
CA GLY EC 209 -7.29 114.59 -70.28
C GLY EC 209 -6.40 113.38 -70.06
N GLY EC 210 -6.43 112.88 -68.83
CA GLY EC 210 -5.62 111.72 -68.48
C GLY EC 210 -5.74 111.23 -67.05
N LYS EC 211 -4.63 110.70 -66.52
CA LYS EC 211 -4.64 110.08 -65.20
C LYS EC 211 -4.79 111.11 -64.08
N ASP EC 212 -4.16 112.27 -64.24
CA ASP EC 212 -4.05 113.23 -63.14
C ASP EC 212 -5.40 113.79 -62.70
N GLY EC 213 -6.44 113.66 -63.52
CA GLY EC 213 -7.78 113.98 -63.12
C GLY EC 213 -8.26 115.38 -63.44
N GLN EC 214 -7.41 116.23 -63.99
CA GLN EC 214 -7.78 117.60 -64.34
C GLN EC 214 -7.83 117.71 -65.86
N ALA EC 215 -8.97 118.15 -66.39
CA ALA EC 215 -9.15 118.33 -67.82
C ALA EC 215 -8.70 119.75 -68.17
N MET EC 216 -7.63 119.87 -68.94
CA MET EC 216 -7.06 121.18 -69.17
C MET EC 216 -7.79 121.90 -70.28
N LEU EC 217 -7.45 123.18 -70.45
CA LEU EC 217 -8.03 124.03 -71.50
C LEU EC 217 -6.87 124.71 -72.21
N TRP EC 218 -6.58 124.29 -73.44
CA TRP EC 218 -5.44 124.78 -74.19
C TRP EC 218 -5.88 125.38 -75.51
N ASP EC 219 -4.93 126.05 -76.16
CA ASP EC 219 -5.18 126.72 -77.43
C ASP EC 219 -4.19 126.21 -78.47
N LEU EC 220 -4.70 125.92 -79.67
CA LEU EC 220 -3.90 125.36 -80.75
C LEU EC 220 -3.45 126.41 -81.76
N ASN EC 221 -3.81 127.67 -81.58
CA ASN EC 221 -3.42 128.71 -82.53
C ASN EC 221 -2.06 129.31 -82.21
N GLU EC 222 -1.89 129.85 -80.99
CA GLU EC 222 -0.64 130.47 -80.60
C GLU EC 222 0.14 129.67 -79.56
N GLY EC 223 -0.48 128.71 -78.89
CA GLY EC 223 0.26 127.84 -77.99
C GLY EC 223 0.42 128.38 -76.58
N LYS EC 224 -0.68 128.62 -75.89
CA LYS EC 224 -0.63 129.10 -74.51
C LYS EC 224 -1.65 128.36 -73.67
N HIS EC 225 -1.42 128.36 -72.35
CA HIS EC 225 -2.39 127.84 -71.41
C HIS EC 225 -3.37 128.94 -71.02
N LEU EC 226 -4.67 128.62 -71.06
CA LEU EC 226 -5.72 129.59 -70.76
C LEU EC 226 -6.25 129.46 -69.35
N TYR EC 227 -6.66 128.26 -68.93
CA TYR EC 227 -7.25 128.08 -67.60
C TYR EC 227 -6.97 126.67 -67.11
N THR EC 228 -6.99 126.52 -65.79
CA THR EC 228 -6.81 125.23 -65.14
C THR EC 228 -8.05 124.89 -64.33
N LEU EC 229 -8.53 123.65 -64.49
CA LEU EC 229 -9.69 123.17 -63.74
C LEU EC 229 -9.48 121.70 -63.40
N ASP EC 230 -10.06 121.27 -62.29
CA ASP EC 230 -9.83 119.95 -61.72
C ASP EC 230 -11.09 119.10 -61.75
N GLY EC 231 -10.88 117.77 -61.66
CA GLY EC 231 -11.97 116.83 -61.56
C GLY EC 231 -11.82 115.95 -60.34
N GLY EC 232 -12.89 115.23 -60.02
CA GLY EC 232 -12.91 114.42 -58.82
C GLY EC 232 -11.94 113.25 -58.87
N ASP EC 233 -11.85 112.57 -60.00
CA ASP EC 233 -11.05 111.37 -60.13
C ASP EC 233 -10.50 111.30 -61.55
N ILE EC 234 -10.03 110.12 -61.95
CA ILE EC 234 -9.49 109.94 -63.29
C ILE EC 234 -10.56 110.24 -64.34
N ILE EC 235 -10.13 110.80 -65.46
CA ILE EC 235 -11.02 111.20 -66.54
C ILE EC 235 -10.65 110.39 -67.77
N ASN EC 236 -11.66 109.78 -68.42
CA ASN EC 236 -11.44 108.88 -69.53
C ASN EC 236 -11.79 109.45 -70.89
N ALA EC 237 -12.62 110.50 -70.95
CA ALA EC 237 -13.04 111.03 -72.24
C ALA EC 237 -13.33 112.52 -72.12
N LEU EC 238 -13.31 113.20 -73.27
CA LEU EC 238 -13.61 114.62 -73.34
C LEU EC 238 -14.26 114.91 -74.69
N CYS EC 239 -15.31 115.73 -74.68
CA CYS EC 239 -15.99 116.11 -75.91
C CYS EC 239 -16.59 117.50 -75.75
N PHE EC 240 -16.69 118.21 -76.87
CA PHE EC 240 -17.20 119.57 -76.91
C PHE EC 240 -18.64 119.54 -77.40
N SER EC 241 -19.51 120.31 -76.73
CA SER EC 241 -20.90 120.39 -77.15
C SER EC 241 -21.00 121.12 -78.49
N PRO EC 242 -21.93 120.72 -79.36
CA PRO EC 242 -22.00 121.32 -80.71
C PRO EC 242 -22.38 122.79 -80.73
N ASN EC 243 -23.52 123.14 -80.12
CA ASN EC 243 -24.02 124.50 -80.19
C ASN EC 243 -23.41 125.39 -79.09
N ARG EC 244 -23.66 125.04 -77.83
CA ARG EC 244 -23.00 125.69 -76.72
C ARG EC 244 -21.59 125.14 -76.58
N TYR EC 245 -20.73 125.88 -75.89
CA TYR EC 245 -19.39 125.39 -75.60
C TYR EC 245 -19.47 124.14 -74.72
N TRP EC 246 -19.92 124.32 -73.47
CA TRP EC 246 -20.38 123.26 -72.57
C TRP EC 246 -19.49 122.02 -72.59
N LEU EC 247 -18.23 122.22 -72.21
CA LEU EC 247 -17.27 121.13 -72.17
C LEU EC 247 -17.70 120.08 -71.15
N CYS EC 248 -17.60 118.81 -71.54
CA CYS EC 248 -17.99 117.69 -70.70
C CYS EC 248 -16.87 116.64 -70.68
N ALA EC 249 -16.77 115.93 -69.56
CA ALA EC 249 -15.73 114.94 -69.35
C ALA EC 249 -16.31 113.67 -68.75
N ALA EC 250 -15.59 112.57 -68.95
CA ALA EC 250 -15.95 111.28 -68.37
C ALA EC 250 -15.09 111.04 -67.13
N THR EC 251 -15.49 111.66 -66.02
CA THR EC 251 -14.72 111.60 -64.77
C THR EC 251 -15.07 110.34 -64.02
N GLY EC 252 -14.46 109.23 -64.45
CA GLY EC 252 -14.69 107.94 -63.86
C GLY EC 252 -16.13 107.51 -63.98
N PRO EC 253 -16.77 107.19 -62.85
CA PRO EC 253 -18.20 106.88 -62.83
C PRO EC 253 -19.08 108.12 -62.73
N SER EC 254 -18.75 109.15 -63.50
CA SER EC 254 -19.47 110.41 -63.45
C SER EC 254 -19.24 111.17 -64.75
N ILE EC 255 -20.20 112.00 -65.11
CA ILE EC 255 -20.10 112.91 -66.24
C ILE EC 255 -20.22 114.33 -65.71
N LYS EC 256 -19.14 115.09 -65.79
CA LYS EC 256 -19.12 116.49 -65.36
C LYS EC 256 -19.10 117.36 -66.60
N ILE EC 257 -20.11 118.21 -66.75
CA ILE EC 257 -20.20 119.16 -67.84
C ILE EC 257 -20.07 120.56 -67.26
N TRP EC 258 -19.17 121.36 -67.83
CA TRP EC 258 -18.92 122.70 -67.36
C TRP EC 258 -18.83 123.64 -68.55
N ASP EC 259 -19.18 124.90 -68.33
CA ASP EC 259 -19.07 125.92 -69.36
C ASP EC 259 -17.71 126.61 -69.26
N LEU EC 260 -17.18 127.00 -70.41
CA LEU EC 260 -15.88 127.67 -70.44
C LEU EC 260 -15.95 129.04 -69.77
N GLU EC 261 -16.91 129.86 -70.17
CA GLU EC 261 -17.11 131.15 -69.52
C GLU EC 261 -17.82 130.97 -68.18
N GLY EC 262 -18.78 130.04 -68.13
CA GLY EC 262 -19.45 129.70 -66.89
C GLY EC 262 -18.62 128.73 -66.08
N LYS EC 263 -17.63 129.27 -65.36
CA LYS EC 263 -16.58 128.46 -64.73
C LYS EC 263 -17.13 127.44 -63.76
N ILE EC 264 -18.35 127.62 -63.25
CA ILE EC 264 -19.01 126.64 -62.40
C ILE EC 264 -19.28 125.36 -63.21
N ILE EC 265 -19.53 124.26 -62.51
CA ILE EC 265 -19.91 123.02 -63.17
C ILE EC 265 -21.40 123.09 -63.49
N VAL EC 266 -21.75 122.90 -64.76
CA VAL EC 266 -23.16 122.95 -65.16
C VAL EC 266 -23.93 121.82 -64.52
N ASP EC 267 -23.38 120.61 -64.56
CA ASP EC 267 -24.00 119.46 -63.92
C ASP EC 267 -22.97 118.36 -63.75
N GLU EC 268 -23.13 117.58 -62.69
CA GLU EC 268 -22.32 116.39 -62.43
C GLU EC 268 -23.24 115.19 -62.60
N LEU EC 269 -23.28 114.68 -63.83
CA LEU EC 269 -24.19 113.59 -64.16
C LEU EC 269 -23.74 112.30 -63.46
N LYS EC 270 -24.52 111.87 -62.47
CA LYS EC 270 -24.25 110.66 -61.70
C LYS EC 270 -25.31 109.62 -61.98
N GLN EC 271 -24.88 108.38 -62.19
CA GLN EC 271 -25.80 107.29 -62.46
C GLN EC 271 -26.61 106.96 -61.21
N GLU EC 272 -27.81 106.43 -61.44
CA GLU EC 272 -28.72 106.07 -60.35
C GLU EC 272 -28.06 105.06 -59.42
N VAL EC 273 -28.29 105.26 -58.13
CA VAL EC 273 -27.66 104.45 -57.09
C VAL EC 273 -28.61 103.34 -56.60
N ILE EC 274 -29.63 103.00 -57.40
CA ILE EC 274 -30.59 101.99 -57.01
C ILE EC 274 -29.89 100.65 -56.78
N SER EC 275 -30.35 99.93 -55.76
CA SER EC 275 -29.76 98.66 -55.32
C SER EC 275 -28.28 98.83 -54.96
N THR EC 276 -28.08 99.61 -53.89
CA THR EC 276 -26.74 99.92 -53.41
C THR EC 276 -25.98 98.64 -53.03
N SER EC 277 -24.71 98.58 -53.42
CA SER EC 277 -23.84 97.47 -53.11
C SER EC 277 -22.72 97.84 -52.14
N SER EC 278 -21.94 98.86 -52.47
CA SER EC 278 -20.84 99.38 -51.65
C SER EC 278 -19.77 98.34 -51.37
N LYS EC 279 -19.74 97.25 -52.14
CA LYS EC 279 -18.72 96.22 -52.02
C LYS EC 279 -17.83 96.13 -53.24
N ALA EC 280 -17.95 97.07 -54.18
CA ALA EC 280 -17.19 97.01 -55.42
C ALA EC 280 -17.05 98.41 -55.98
N GLU EC 281 -16.13 98.56 -56.91
CA GLU EC 281 -15.91 99.84 -57.56
C GLU EC 281 -17.11 100.20 -58.44
N PRO EC 282 -17.56 101.46 -58.41
CA PRO EC 282 -18.61 101.88 -59.34
C PRO EC 282 -18.11 101.83 -60.78
N PRO EC 283 -18.99 101.62 -61.74
CA PRO EC 283 -18.54 101.45 -63.13
C PRO EC 283 -18.12 102.78 -63.74
N GLN EC 284 -16.88 102.84 -64.21
CA GLN EC 284 -16.36 104.05 -64.83
C GLN EC 284 -17.04 104.30 -66.18
N CYS EC 285 -16.94 105.53 -66.65
CA CYS EC 285 -17.36 105.90 -67.99
C CYS EC 285 -16.12 106.02 -68.86
N THR EC 286 -15.91 105.05 -69.74
CA THR EC 286 -14.71 105.05 -70.57
C THR EC 286 -14.83 106.07 -71.70
N SER EC 287 -16.03 106.24 -72.25
CA SER EC 287 -16.20 107.13 -73.40
C SER EC 287 -17.64 107.64 -73.43
N LEU EC 288 -17.84 108.71 -74.20
CA LEU EC 288 -19.14 109.32 -74.36
C LEU EC 288 -19.24 109.92 -75.76
N ALA EC 289 -20.44 110.32 -76.14
CA ALA EC 289 -20.65 110.94 -77.44
C ALA EC 289 -21.90 111.81 -77.40
N TRP EC 290 -21.82 112.96 -78.05
CA TRP EC 290 -22.98 113.82 -78.28
C TRP EC 290 -23.77 113.27 -79.47
N SER EC 291 -24.76 114.02 -79.94
CA SER EC 291 -25.50 113.68 -81.15
C SER EC 291 -25.28 114.69 -82.26
N ALA EC 292 -24.18 115.45 -82.19
CA ALA EC 292 -23.80 116.48 -83.15
C ALA EC 292 -24.84 117.60 -83.26
N ASP EC 293 -25.76 117.69 -82.31
CA ASP EC 293 -26.73 118.78 -82.29
C ASP EC 293 -26.98 119.32 -80.89
N GLY EC 294 -26.36 118.75 -79.85
CA GLY EC 294 -26.56 119.23 -78.50
C GLY EC 294 -27.87 118.83 -77.86
N GLN EC 295 -28.61 117.90 -78.46
CA GLN EC 295 -29.91 117.49 -77.96
C GLN EC 295 -29.86 116.23 -77.11
N THR EC 296 -29.07 115.23 -77.52
CA THR EC 296 -28.94 113.98 -76.78
C THR EC 296 -27.48 113.60 -76.66
N LEU EC 297 -27.08 113.13 -75.48
CA LEU EC 297 -25.72 112.68 -75.23
C LEU EC 297 -25.76 111.19 -74.89
N PHE EC 298 -24.87 110.44 -75.53
CA PHE EC 298 -24.76 109.00 -75.32
C PHE EC 298 -23.44 108.70 -74.62
N ALA EC 299 -23.50 107.87 -73.58
CA ALA EC 299 -22.33 107.56 -72.76
C ALA EC 299 -22.19 106.06 -72.65
N GLY EC 300 -21.08 105.53 -73.16
CA GLY EC 300 -20.78 104.11 -73.05
C GLY EC 300 -19.87 103.86 -71.87
N TYR EC 301 -20.32 102.98 -70.97
CA TYR EC 301 -19.67 102.76 -69.69
C TYR EC 301 -18.84 101.49 -69.72
N THR EC 302 -18.18 101.21 -68.59
CA THR EC 302 -17.42 99.98 -68.44
C THR EC 302 -18.31 98.75 -68.38
N ASP EC 303 -19.57 98.92 -68.01
CA ASP EC 303 -20.50 97.80 -67.94
C ASP EC 303 -20.97 97.44 -69.36
N ASN EC 304 -21.95 96.55 -69.44
CA ASN EC 304 -22.43 96.03 -70.72
C ASN EC 304 -23.55 96.87 -71.31
N LEU EC 305 -23.81 98.06 -70.77
CA LEU EC 305 -24.92 98.89 -71.21
C LEU EC 305 -24.42 100.28 -71.60
N VAL EC 306 -25.13 100.89 -72.54
CA VAL EC 306 -24.84 102.25 -73.01
C VAL EC 306 -26.06 103.11 -72.73
N ARG EC 307 -25.83 104.27 -72.14
CA ARG EC 307 -26.89 105.12 -71.61
C ARG EC 307 -26.95 106.44 -72.36
N VAL EC 308 -28.12 107.09 -72.29
CA VAL EC 308 -28.40 108.30 -73.05
C VAL EC 308 -28.84 109.40 -72.09
N TRP EC 309 -28.19 110.56 -72.20
CA TRP EC 309 -28.63 111.78 -71.52
C TRP EC 309 -29.36 112.68 -72.52
N GLN EC 310 -30.47 113.27 -72.08
CA GLN EC 310 -31.25 114.20 -72.89
C GLN EC 310 -31.40 115.51 -72.14
N VAL EC 311 -31.18 116.63 -72.83
CA VAL EC 311 -31.35 117.95 -72.23
C VAL EC 311 -32.82 118.36 -72.35
N THR EC 312 -33.44 118.67 -71.22
CA THR EC 312 -34.85 118.99 -71.15
C THR EC 312 -35.06 120.34 -70.47
N ILE EC 313 -36.13 121.02 -70.89
CA ILE EC 313 -36.50 122.40 -70.49
C ILE EC 313 -35.33 123.28 -70.07
MG MG FC . 10.56 -37.72 48.54
MG MG GC . -36.01 -49.73 7.41
MG MG HC . 43.54 -34.75 24.03
MG MG IC . -15.50 -45.49 -5.30
MG MG JC . -6.03 -48.42 67.89
MG MG KC . -49.95 -35.35 -37.99
MG MG LC . -26.86 17.27 -5.71
MG MG MC . -85.63 -41.89 36.64
MG MG NC . -69.51 -60.48 66.26
MG MG OC . -80.65 -52.92 15.56
MG MG PC . -71.59 -57.58 -19.54
MG MG QC . -26.36 -82.74 0.38
MG MG RC . -29.86 -79.36 49.87
MG MG SC . -46.85 20.68 60.73
MG MG TC . 40.35 -10.04 67.22
MG MG UC . 34.48 -8.62 61.31
MG MG VC . 1.91 11.85 84.39
MG MG WC . 3.89 45.70 68.48
MG MG XC . 44.45 7.81 52.08
MG MG YC . -36.82 15.32 30.12
MG MG ZC . 50.06 -37.39 61.86
MG MG AD . -23.20 -17.97 20.99
MG MG BD . -30.26 -15.25 29.27
MG MG CD . -12.79 13.60 22.23
MG MG DD . -18.57 -51.79 30.40
MG MG ED . -73.08 -57.84 35.41
MG MG FD . -67.35 -34.80 -48.16
MG MG GD . 50.26 -73.56 -31.78
MG MG HD . -15.12 -49.96 -10.89
MG MG ID . -88.96 -16.73 32.75
MG MG JD . 7.57 0.69 99.05
MG MG KD . -64.42 -21.93 -6.95
MG MG LD . -19.13 21.83 -1.46
MG MG MD . 1.74 12.48 17.67
MG MG ND . -24.32 -7.13 48.70
MG MG OD . -5.78 -5.87 36.00
MG MG PD . 8.74 -3.71 42.52
MG MG QD . -19.32 -49.49 15.10
MG MG RD . 3.44 -13.86 14.14
MG MG SD . -30.98 -58.26 48.97
MG MG TD . -11.02 -48.77 25.74
MG MG UD . -23.35 -58.07 33.53
MG MG VD . -37.49 -56.11 30.92
MG MG WD . -10.84 -11.04 74.73
MG MG XD . -7.38 -13.71 77.83
MG MG YD . -6.16 -26.23 74.04
MG MG ZD . -0.10 -41.27 61.18
MG MG AE . 11.42 -32.10 60.94
MG MG BE . 15.46 -28.05 55.29
MG MG CE . -14.52 -32.35 71.28
MG MG DE . -23.50 -7.34 80.32
MG MG EE . -12.51 -24.32 56.17
MG MG FE . -8.52 -26.76 46.38
MG MG GE . 36.20 -18.71 29.07
MG MG HE . 41.46 -20.73 41.41
MG MG IE . -30.14 -106.80 13.25
MG MG JE . -71.34 -71.85 -15.88
MG MG KE . 11.08 -24.76 27.38
MG MG LE . 6.59 -22.39 31.47
MG MG ME . 18.23 -10.79 29.03
MG MG NE . -16.41 -16.26 36.27
MG MG OE . -15.48 -51.52 -38.77
MG MG PE . 18.07 -61.97 -17.23
MG MG QE . 27.68 -49.32 -9.28
MG MG RE . 9.68 -44.99 46.69
MG MG SE . 12.07 -45.57 41.38
MG MG TE . -18.00 5.32 65.96
MG MG UE . -21.97 3.61 65.17
MG MG VE . -31.41 4.40 63.16
MG MG WE . -29.32 -0.85 64.35
MG MG XE . 38.36 -11.28 76.21
MG MG YE . 2.98 11.88 91.18
MG MG ZE . 10.48 -6.22 99.60
MG MG AF . 0.24 -11.79 65.71
MG MG BF . 1.80 -26.11 57.61
MG MG CF . -2.14 -21.38 54.11
MG MG DF . 39.31 -15.23 29.44
MG MG EF . 25.24 -13.92 17.01
MG MG FF . 24.82 -15.83 13.42
MG MG GF . 24.58 -20.85 12.20
MG MG HF . 22.36 -9.98 11.48
MG MG IF . 21.18 9.45 25.32
MG MG JF . -10.98 15.82 3.08
MG MG KF . -26.02 13.70 -2.01
MG MG LF . -23.96 13.18 -3.55
MG MG MF . -49.23 14.37 -0.13
MG MG NF . 1.85 11.79 -5.99
MG MG OF . 5.73 2.37 -3.23
MG MG PF . 13.94 2.09 2.83
MG MG QF . 7.26 -57.38 11.63
MG MG RF . -9.14 -38.14 11.05
MG MG SF . -26.74 -3.55 15.80
MG MG TF . -37.21 -4.31 2.04
MG MG UF . -28.46 -38.57 -26.05
MG MG VF . -55.59 -36.15 -59.07
MG MG WF . -50.22 -32.45 -55.74
MG MG XF . -65.40 -37.77 -37.61
MG MG YF . -6.63 -40.04 1.72
MG MG ZF . 7.63 -41.21 -14.96
MG MG AG . 9.07 -38.29 -18.37
MG MG BG . 31.18 -33.65 -39.39
MG MG CG . 48.21 -37.29 -16.27
MG MG DG . 32.42 -49.58 9.75
MG MG EG . 24.71 -38.01 3.35
MG MG FG . 5.05 -17.73 16.70
MG MG GG . 9.11 -51.53 38.28
MG MG HG . 33.75 -63.47 14.88
MG MG IG . 38.92 -19.73 51.12
MG MG JG . 49.99 -34.81 42.20
MG MG KG . 46.61 -61.78 -2.20
MG MG LG . 45.55 -66.06 -7.71
MG MG MG . 39.81 -63.20 -16.38
MG MG NG . -41.05 -30.91 -4.20
MG MG OG . -31.62 -20.06 13.48
MG MG PG . -26.97 -118.72 -41.17
MG MG QG . -36.99 -125.82 -40.52
MG MG RG . -5.67 -115.17 -27.21
MG MG SG . -20.13 -5.45 46.08
MG MG TG . -45.45 -47.69 18.71
MG MG UG . 4.96 -14.34 37.65
MG MG VG . -31.29 -6.85 23.57
MG MG WG . 11.81 12.76 -4.38
MG MG XG . -18.31 -70.36 -1.63
MG MG YG . 7.37 -4.83 4.62
MG MG ZG . -16.18 -42.05 -49.98
MG MG AH . -37.93 -33.73 11.48
MG MG BH . -41.11 -29.24 11.91
MG MG CH . -36.38 -26.63 13.35
MG MG DH . -58.30 -26.40 19.14
MG MG EH . -51.18 -23.65 35.92
MG MG FH . -57.58 -16.41 50.60
MG MG GH . -74.04 -22.92 43.47
MG MG HH . -76.36 -19.54 39.82
MG MG IH . -70.47 -44.39 12.40
MG MG JH . -92.59 -9.59 48.15
MG MG KH . -61.09 -68.74 72.26
MG MG LH . -48.90 -69.18 63.55
MG MG MH . -54.16 -70.07 63.53
MG MG NH . -37.86 -46.84 41.04
MG MG OH . -34.96 -47.92 47.61
MG MG PH . -33.42 -43.96 46.56
MG MG QH . -17.28 -24.82 49.79
MG MG RH . -26.55 -69.79 61.56
MG MG SH . -23.14 -63.84 58.57
MG MG TH . -5.19 -13.84 15.41
MG MG UH . -13.39 -9.89 18.29
MG MG VH . -12.38 -4.88 19.58
MG MG WH . -24.73 -59.15 22.35
MG MG XH . -36.92 -42.36 24.83
MG MG YH . -33.21 -35.30 26.08
MG MG ZH . -17.30 -37.34 16.05
MG MG AI . -8.06 -44.08 16.66
MG MG BI . 2.03 -41.67 18.17
MG MG CI . 7.92 -39.58 19.26
MG MG DI . 8.08 -36.13 9.42
MG MG EI . -2.71 -40.12 20.68
MG MG FI . 5.32 -32.01 22.61
MG MG GI . -3.59 -52.21 9.49
MG MG HI . -14.77 -57.85 13.64
MG MG II . -18.63 -60.26 7.44
MG MG JI . -23.84 -55.70 4.51
MG MG KI . -28.37 -46.81 3.99
MG MG LI . -27.80 -46.15 -5.12
MG MG MI . -17.66 -32.95 19.15
MG MG NI . -24.04 -45.16 8.86
MG MG OI . -14.87 -47.83 4.43
MG MG PI . -12.26 -43.56 1.92
MG MG QI . -26.86 -66.75 -2.63
MG MG RI . -31.97 -73.17 1.40
MG MG SI . -30.44 -74.79 7.16
MG MG TI . -31.24 -64.01 11.93
MG MG UI . -39.51 -56.82 11.21
MG MG VI . -37.10 -21.27 17.57
MG MG WI . -32.33 -10.63 13.05
MG MG XI . -48.55 -20.58 15.25
MG MG YI . -83.47 -48.26 15.40
MG MG ZI . -80.36 -17.62 4.62
MG MG AJ . -28.51 -60.24 35.05
MG MG BJ . -37.92 -38.48 52.33
MG MG CJ . -26.62 -74.57 61.99
MG MG DJ . -6.20 -96.76 -5.83
MG MG EJ . -92.66 -1.63 46.78
MG MG FJ . -14.56 -90.57 3.80
MG MG GJ . -7.05 -73.36 1.41
MG MG HJ . 3.03 -78.92 -1.54
MG MG IJ . 1.38 -67.58 -3.97
MG MG JJ . 6.58 -88.27 2.62
MG MG KJ . -15.60 -73.01 -10.59
MG MG LJ . -51.21 -53.02 6.29
MG MG MJ . 5.17 9.69 39.13
MG MG NJ . 8.91 5.77 38.28
MG MG OJ . 3.62 7.77 36.31
MG MG PJ . 5.25 -0.82 26.20
MG MG QJ . 3.93 -10.80 25.42
MG MG RJ . 1.30 4.40 24.78
MG MG SJ . 0.79 -11.72 29.75
MG MG TJ . -4.59 -13.34 29.66
MG MG UJ . -15.07 0.28 1.90
MG MG VJ . -3.35 17.36 16.44
MG MG WJ . -12.89 9.12 22.50
MG MG XJ . -23.87 -85.17 25.65
MG MG YJ . -38.78 -33.12 -9.63
MG MG ZJ . -31.66 -33.67 2.71
MG MG AK . -28.26 -55.62 -27.32
MG MG BK . -30.36 -51.62 -29.14
MG MG CK . -26.69 -48.56 -34.04
MG MG DK . 22.21 -16.25 65.55
MG MG EK . 19.05 -13.77 62.13
MG MG FK . 18.34 -14.65 56.80
MG MG GK . -17.81 -44.52 15.81
MG MG HK . -64.12 0.24 69.08
MG MG IK . -7.38 -71.88 46.46
MG MG JK . -10.86 -44.97 -24.14
MG MG KK . -26.02 -41.54 -23.81
C18 HMT LK . -3.47 -36.86 15.93
O3 HMT LK . -4.73 -36.47 15.39
C2 HMT LK . -4.80 -36.59 14.00
C1 HMT LK . -4.07 -37.58 13.33
C9 HMT LK . -3.99 -37.32 11.88
C12 HMT LK . -4.91 -38.26 11.22
C11 HMT LK . -4.19 -38.94 10.11
C10 HMT LK . -2.71 -38.81 10.46
N1 HMT LK . -2.60 -37.56 11.31
C8 HMT LK . -1.52 -36.92 12.09
C7 HMT LK . -1.74 -35.46 12.43
C6 HMT LK . -2.42 -34.65 11.28
C16 HMT LK . -1.64 -33.70 10.59
C15 HMT LK . -2.21 -32.94 9.55
O2 HMT LK . -1.67 -31.94 8.69
C17 HMT LK . -2.68 -31.55 7.78
O1 HMT LK . -3.83 -32.26 8.14
C14 HMT LK . -3.52 -33.13 9.21
C13 HMT LK . -4.29 -34.08 9.90
C5 HMT LK . -3.76 -34.85 10.95
C4 HMT LK . -4.57 -35.86 11.70
C3 HMT LK . -5.04 -35.41 13.18
O4 HMT LK . -4.33 -34.32 13.63
C19 HMT LK . -5.14 -33.20 14.14
O5 HMT LK . -6.29 -33.36 14.40
C20 HMT LK . -4.49 -31.84 14.32
C21 HMT LK . -3.74 -31.48 13.09
C22 HMT LK . -4.68 -30.81 12.09
O8 HMT LK . -5.76 -31.21 11.95
O7 HMT LK . -4.24 -29.72 11.37
C23 HMT LK . -5.06 -29.41 10.26
O6 HMT LK . -5.51 -30.85 14.57
C24 HMT LK . -3.50 -31.89 15.53
C25 HMT LK . -4.20 -32.59 16.76
C26 HMT LK . -3.10 -32.95 17.81
C27 HMT LK . -3.80 -33.42 19.18
C28 HMT LK . -2.72 -33.95 20.14
C29 HMT LK . -4.51 -32.19 19.84
O9 HMT LK . -4.76 -34.44 18.92
C1 3HE MK . -50.46 -17.97 -8.48
C2 3HE MK . -51.12 -18.33 -9.80
C3 3HE MK . -51.13 -19.84 -10.02
C4 3HE MK . -51.78 -20.58 -8.84
C5 3HE MK . -51.07 -20.20 -7.51
C6 3HE MK . -51.10 -18.68 -7.31
O2 3HE MK . -51.62 -21.52 -0.54
C12 3HE MK . -51.38 -22.07 -1.56
N 3HE MK . -51.76 -23.40 -1.86
C11 3HE MK . -51.44 -24.01 -3.09
O1 3HE MK . -51.15 -25.15 -3.19
C10 3HE MK . -51.55 -23.07 -4.31
C13 3HE MK . -50.65 -21.43 -2.72
C9 3HE MK . -51.48 -21.56 -4.00
C8 3HE MK . -50.84 -20.84 -5.13
C7 3HE MK . -51.76 -20.88 -6.34
O3 3HE MK . -52.96 -20.23 -6.05
O 3HE MK . -52.69 -21.34 -8.93
C14 3HE MK . -51.91 -20.15 -11.29
C 3HE MK . -50.58 -16.43 -8.26
MG MG NK . -13.59 -71.86 -15.45
MG MG OK . -23.22 -55.04 -69.41
MG MG PK . -13.71 -71.34 -34.61
MG MG QK . -15.24 -68.37 49.95
MG MG RK . -39.03 -68.67 44.87
MG MG SK . -72.36 26.97 55.87
MG MG TK . -54.96 -37.93 84.94
MG MG UK . -17.92 -0.57 12.19
MG MG VK . -1.39 -33.78 47.21
MG MG WK . 26.10 -26.16 13.57
MG MG XK . -16.73 -69.08 31.72
MG MG YK . -16.12 34.29 80.53
ZN ZN ZK . -16.75 40.61 63.67
ZN ZN AL . -38.44 -16.65 54.73
ZN ZN BL . 33.16 -55.15 -24.06
ZN ZN CL . -74.96 -19.59 -31.77
ZN ZN DL . -9.51 43.84 50.79
MG MG EL . 21.50 53.09 -8.85
MG MG FL . 9.46 58.40 -22.00
MG MG GL . 5.14 56.57 2.10
MG MG HL . 34.80 55.97 -8.98
MG MG IL . 87.90 29.83 31.00
MG MG JL . 70.74 37.55 13.13
MG MG KL . 69.31 26.63 21.39
MG MG LL . 70.29 20.38 22.10
MG MG ML . 57.74 31.29 11.50
MG MG NL . 60.83 37.29 6.19
MG MG OL . 79.74 40.42 -34.19
MG MG PL . 54.22 41.23 -42.98
MG MG QL . 51.58 50.29 -9.05
MG MG RL . 26.49 59.11 24.71
MG MG SL . 35.05 77.74 21.07
MG MG TL . -29.58 37.73 -16.52
MG MG UL . 1.07 45.89 10.60
MG MG VL . 30.75 43.82 -8.76
MG MG WL . 6.92 70.14 -63.01
MG MG XL . -26.72 27.50 -86.53
MG MG YL . -11.74 50.78 -74.13
MG MG ZL . 0.80 44.35 -19.70
MG MG AM . 0.26 45.15 -20.28
MG MG BM . -6.11 49.64 -22.60
MG MG CM . -7.91 35.70 13.66
MG MG DM . 1.28 41.78 -17.53
MG MG EM . -18.62 38.16 -6.81
MG MG FM . 29.38 65.97 10.00
MG MG GM . 109.99 20.72 40.63
ZN ZN HM . -9.95 54.09 -14.45
#